data_7NQH
#
_entry.id   7NQH
#
_cell.length_a   1.00
_cell.length_b   1.00
_cell.length_c   1.00
_cell.angle_alpha   90.00
_cell.angle_beta   90.00
_cell.angle_gamma   90.00
#
_symmetry.space_group_name_H-M   'P 1'
#
loop_
_entity.id
_entity.type
_entity.pdbx_description
1 polymer 'Mitochondrial ribosomal protein L12'
2 polymer 'Mitochondrial ribosomal protein L27'
3 polymer 'Mitochondrial ribosomal protein L28'
4 polymer 'Mitochondrial ribosomal protein L47'
5 polymer 'tRNA(Phe) in LSU'
6 polymer uL2m
7 polymer ICT1
8 polymer 'Mitochondrial ribosomal protein L4'
9 polymer 'Mitochondrial ribosomal protein L9'
10 polymer 'Mitochondrial ribosomal protein L10'
11 polymer 'Mitochondrial ribosomal protein L11'
12 polymer 'Peptide chain release factor 1-like, mitochondrial'
13 polymer uL13m
14 polymer uL14m
15 polymer uL15m
16 polymer uL16m
17 polymer bL17m
18 polymer 'Mitochondrial ribosomal protein L18'
19 polymer 'Mitochondrial ribosomal protein L19'
20 polymer 'Mitochondrial ribosomal protein L20'
21 polymer 'Mitochondrial ribosomal protein L21'
22 polymer uL22m
23 polymer uL23m
24 polymer uL24m
25 polymer 'Mitochondrial ribosomal protein L37'
26 polymer 'Mitochondrial ribosomal protein L38'
27 polymer uL30m
28 polymer 'Mitochondrial ribosomal protein L39'
29 polymer mL40
30 polymer 'Mitochondrial ribosomal protein L41'
31 polymer mL42
32 polymer 'Mitochondrial ribosomal protein L43'
33 polymer mL44
34 polymer 'Mitochondrial ribosomal protein L45'
35 polymer 'Mitochondrial ribosomal protein L46'
36 polymer '39S ribosomal protein L48, mitochondrial'
37 polymer Mrpl34
38 polymer 'Mitochondrial ribosomal protein L50'
39 polymer 'Mitochondrial ribosomal protein L51'
40 polymer mL52
41 polymer mL53
42 polymer mL54
43 polymer 'Mitochondrial ribosomal protein L57'
44 polymer 'mL62 (ICT1)'
45 polymer mL64
46 polymer '39S ribosomal protein S30, mitochondrial'
47 polymer 'Mitochondrial ribosomal protein S18A'
48 polymer '12S rRNA'
49 polymer bL31m
50 polymer bL32m
51 polymer bL33m
52 polymer 'Mitochondrial ribosomal protein L34'
53 polymer 'Mitochondrial ribosomal protein S2'
54 polymer 'Mitochondrial ribosomal protein S24'
55 polymer 'Mitochondrial ribosomal protein S5'
56 polymer bS6m
57 polymer '28S ribosomal protein S7, mitochondrial'
58 polymer uS9m
59 polymer 'Mitochondrial ribosomal protein S10'
60 polymer uS11m
61 polymer 'Mitochondrial ribosomal protein S12'
62 polymer 'Mitochondrial ribosomal protein S14'
63 polymer uS15m
64 polymer '28S ribosomal protein S16, mitochondrial'
65 polymer uS17m
66 polymer 'Mitochondrial ribosomal protein S18C'
67 polymer bS21m
68 polymer tRNAMet
69 polymer mRNA
70 polymer unknown
71 polymer 'Mitochondrial ribosomal protein S22'
72 polymer mS23
73 polymer 'Mitochondrial ribosomal protein S25'
74 polymer 'Mitochondrial ribosomal protein S26'
75 polymer 'Mitochondrial ribosomal protein L35'
76 polymer 'Mitochondrial ribosomal protein S27'
77 polymer 'Mitoribosomal protein ms28, mrps28'
78 polymer 'Death associated protein 3'
79 polymer 'Mitochondrial ribosomal protein S31'
80 polymer mS33
81 polymer mS34
82 polymer 'Mitochondrial ribosomal protein S35'
83 polymer mS37
84 polymer 'Aurora kinase A interacting protein 1'
85 polymer 'Pentatricopeptide repeat domain 3'
86 polymer '28S ribosomal protein S18b, mitochondrial'
87 polymer 'Ribosomal protein'
88 polymer '16S rRNA'
89 non-polymer 'MAGNESIUM ION'
90 non-polymer 'ZINC ION'
91 non-polymer SPERMINE
92 non-polymer "GUANOSINE-5'-TRIPHOSPHATE"
93 non-polymer "GUANOSINE-5'-MONOPHOSPHATE"
94 water water
#
loop_
_entity_poly.entity_id
_entity_poly.type
_entity_poly.pdbx_seq_one_letter_code
_entity_poly.pdbx_strand_id
1 'polypeptide(L)'
;MLPAAASSLWGPCFGLRAAALRVARHQGPRLCGVRLMRCSSHRKGEALAGAPLDNAPKEYPPKIQQLVQDIASLTLLEIS
DLNELLKKTLKIQDVGFMPMGAVAPGAPPAAAAPEAAEEDLPKRKEQTHFTVRLTEAKPVDKVKLIKEIKSHIQGINLVQ
AKKLVESLPQEIKANVPKAEAEKIKAALEAVGGTVVLE
;
CL,DL,EL,FL,GL,HL
2 'polypeptide(L)'
;MALAVLALRTRAAVTALLSPPQAAALAVRYASKKTGGSSKNLGGKSPGKRFGIKKMEGHYVHAGNILATQRHFRWHPGAH
VGLGKNKCLYALEEGVVRYTKEVYVPNPSNSEAVDLVTRLPQGAVLYKTFVHVVPAKPEGTFKLVAML
;
B0
3 'polypeptide(L)'
;MPLHKVPVGLWKQLRLWEGIYSRLPRHYLRSLEEARTPTPVHYRPHGAKFKINPKNWQRERVEDVPIPVHYPPESQLGLW
GGEGWVLGHRYVNNDKLSKRVRKVWKPQLFQRELYSEILDKRFTVTVTMRTLDLIDQACGFDFYILKTPKEDLCSKFGMD
LKRGMLLRLARQDPQLHPDDPARRAAIYDRYKAFVIPEAEAEWVGLTLDEAVEKQRLLEEKDPIPLFKIFVEELLGQLQQ
QALSEPAVVQTRASRK
;
B1
4 'polypeptide(L)'
;MAAAGLAVFCRRVSAALKACRLLIRPQAPPSTSCRFSPSLLPKNTPNVTSFHQFRIFHTTFSRRGLEEFFDDPKNWGEEK
VKSGASWTCQQLRNKSNEDLHKLWYVLLKERNMLLTLEQEAKRQRLPMPSPERLEKVVDSMDALDKVVQEREDALRLLQT
GQEKARPGAWRRDIFGRIIWHKFKQWPIPWYLNKKYNRKRFFAMPYVERFVRMRIEKQARIKARKRSLERKKEKFLQEKF
PHLSETQKSSHV
;
B2
5 'polyribonucleotide' GUUAAUGUAGCUUAAAUUAUCAAAGCAAGGCACUGAAAAUGCCUAGAUGAGCCUCACAGCUCCAUAAACACCA BB
6 'polypeptide(L)'
;MALRVLTRALSSLSLTPRIAVAPGLNLLPAVQVTNNVLLTLPSGLMSLPCRPILTSVALSATSVSWKSRTKYTVMPVKMR
KSGGRNHTGQIQVHGIGGGHKQRYRMIDFLRFRPEHESKPGPFEEKVIAVRYDPCRSADIALVAGGNRKRWIIATENMKA
GDTVLNSDHIGRMAVAAREGDAHPLGALPVGTLINNVESEPGRGAQYIRAAGTCGVLLRKVNGTAIIQLPSKRQMQVLET
CIATVGRVSNVDHNKRVIGKAGRNRWLGKRPNSGLWQRKGGWAGRKIRPLPPMKSYVKLPSAAAQS
;
BD
7 'polypeptide(L)'
;MAPAALLPSWGQRGAAAGGGGKAWEGRRRNALKAEWRGAQRCSGRALLGLTMPGWGLLGRAGARVLGCGADGLGASRGLG
NRTDICLLVRSLHGKSVTWWDEHLSEENVPFVKQLVSDENKAQLASKLCPLKDEPWPIHPWEPGSSRVGLIALKLGMMPL
WTKDGQKHVVTLLQVQDCHVLKYTPKENHNGRMAALTVGGKTVSHFHKSASILEFYQELGLPPKQKVKIFNVTENAVIKP
GTPLYAAHFRPGQYVDVTAKTIGKGFQGVMRRWGFKGQPATHGQTKTHRRPGAISTGDVARVWPGTKMPGQLGNIDRTAF
GLKVWRINTKHNIIYVNGSVPGHKNCLVKIKDSKLPAYKDFCKNLPFPTYFPDGDEEALPEDLYDENVCQPGAPSITFT
;
BE
8 'polypeptide(L)'
;MLQLVRAGARTWFRPSGCRGLNTLAEEAVQQAEKPESVASLGLQPPVLRKCELPVPAHRRPVQAWIESLRGYEQERVGLT
ELHPDVFSTAPRLDILHQVAIWQKNFKRISYAKTKTRAEVRGGGRKPWVQKGSGRARHGSIRSPIWRGGGVAHGPRGPTS
YYYMLPMKVRVQGLKVALTVKLAQDDLHIVDSLELPTADPQYLIELARYRRWGDSVLLVDLEHEDMPQNVVAATSGLKTF
NLVPAVGLNVHSMLKHQTLVLTLPTVAFLEEKLLWHNSRYTPLYPFRLPYCDFP
;
BF
9 'polypeptide(L)'
;MAAAACTAAGGGLLRAGLERLLRGGVRALLRPRLEGVTPRSERAFSLSLSRSTVIVERWWKVPLAGEGRKPRLHRRHRVY
KLVEDTKHRPKDNLELVLTQSVEELGVRGDLVSVKKSVGRNRLLPQGLAVYASPENKKLFEEEKLLRQEGKLEKLQTKAG
EATVKFLRRCHLEVGMKNNVKWELNPEIVARHFLRNLGVVVAPHALKLPEEPITQRGEYWCEVTVNGLDTVRVPMSVVNF
ERPKTKRYKYWLAQQAAKGDVPTSSQMI
;
BI
10 'polypeptide(L)'
;MAAVVAGMLRGGLLPQAGRLPTFQTVRYGSKAVTRHRRVMHFERQKLMAVTEYIPPKPTINPRCLPPPPTPPQEETGLVR
LLRREIAAVFRDNRMIAVCQHVALSAEDKLLLRHQLRKHKILMKIFPNQVLKPFLEESKYQNLLPLFVGHNLLLVSEEPK
VKEMVRILKGIPFLPLLGGCIDDTILSRQGFINYSKLPSLALVQGELVGGLTFLTAQTYSMLQHQPRQLTALLDQYVKQQ
QEGHPAVPASGQPEPPDPVPDP
;
BJ
11 'polypeptide(L)'
;MSKLSRATRALKKPEASGMIRAIVRAGQARPGPPLGPILGQRGVSINQFCKEFNEKTKDIKEGIPLPTKIFVKPDRTFEI
KIGQPTVSYFLKAAAGIEKGARHTGKEVAGLVTLKHVYEIARVKAQDDAFALQDVPLSSVVRSIIGSARSLGIRVVKDLS
SEELAAFQKERALFLAAQREADLAAQAEAAKK
;
BK
12 'polypeptide(L)'
;SGGSGSGLSSGSPPLEELFTRGGPLRTFLERQAGSEAHLKVRRPELLAVIKLLNEKERELRETEHLLHDENEDLRKLAEN
EITLCQKEITQLKHQIILLLVPSEETDENDLILEVTAGVGGQEAMLFTSEIFDMYQQYAAFKRWHFETLEYFPSELGGLR
HASASIGGSEAYRHMKFEGGVHRVQRVPKTEKQGRVHTSTMTVAILPQPTEINLVINPKDLRIDTKRASGAGGQHVNTTD
SAVRIVHLPTGVVSECQQERSQLKNKELAMTKLRAKLYSMHLEEEINKRQNARKIQIGSKGRSEKIRTYNFPQNRVTDHR
INKTLHDLETFMQGDYLLDELVQSLKEYADYESLVEIISQKV
;
BL
13 'polypeptide(L)'
;MSSFSKAPQQWATFARVWYLLDGKMQPPGKLAAMASVKLQGLHKPVYHQLSDCGDHVVIMNTRHIAFSGNKWEQKVYSSH
TGYPGGFRQVTAAQLHQKDPVAIVKLAIYGMLPKNLHRRTMMQRLHLFPDEDIPEDILKNLVEELPQPRKVPRRLDEYTQ
EEIEAFPRVWSPPEDYRL
;
BN
14 'polypeptide(L)'
;MAFCTGLRGPFAQVSRALSQRCFSTTGSLSAIQKMTRVRVVDNSALGTTPYHRPPRCIHVYNKTGVGKVGDRILLAIRGQ
KKKALIVGHRMPGPRMTPRFDSNNVVLLEDNGNPVGTRIKTPIPSSLRQREGEFSKVLAIAQNFV
;
BO
15 'polypeptide(L)'
;MGGPVQGGGPRALDLLRALPRVSLANLKPNPGSRKPERRPRGRRRGRKCGRGHKGERQRGTRPRLGFEGGQTPFYLRIPK
YGFNEGHSFRHQYQPLSLNRLQYLIDLGRVDPTQPIDLTQLVNGRGVTIQPSKRDYGVQLVEEGADTFKAKVNIEVQMAS
ELAIAAIEKNGGVVTTAFYDPRSLEILCKPVPFFLRGQPIPKRMLPPEALVPYYTDAKNRGYLADPARFPEARLELARKY
GYVLPDITKDELFKMLSTRKDPRQIFFGLAPGWVVNMADKKILKPTDENLLKYYSS
;
BP
16 'polypeptide(L)'
;MWRLLARACAPLLRAPLSDSWAAPSATAGFKTLLPVPTFEDVAIPEKPKLRFVERVPLVPKVRRERKNLSDIRGPSTEAT
EFTEGRFAILALGGGYLHWGHFEMMRLTINRSMDPKNMFALWRVPAPFKPITRKGMGQRMGGGKGAIDHYVTPVKAGRLI
VEMGGRCEFKEVQGFLDLVAHKLPFPAKAVSRETLEKMRKDQEERERNNQNPWTFERIATANMLGIRKVLSPYDLTHKGR
YWGKFYTPERV
;
BQ
17 'polypeptide(L)'
;MRLSVAAAISHGRVFRRLGLGPESRIHLLQNLLTGLVRHERIEASWARVDELRGYAEKLIDYGKLGDTNERAMRMADFWL
TEKDLIPKLFQVLAPRFQGQNGGYTRMLQIPNRNEQDRAKMAVIEYKGNCLPPLPLPRRDSNLTLLNQLLQGLRQDQEAS
SHTAQTPAV
;
BR
18 'polypeptide(L)'
;MALRSRFWALLSICRNPGCRAAALSTSCKPATNPETDPVENEAVAPEFTNRNPRNLELLAVARKERGWGTVWPSREFWHR
LRVIRTQHHIEALVEHRNGQVVVSASTREWAIKKHLYSTRNVVACESVGRVLAERCLEAGINFMVYHPTPWEAASDSIKR
LQHAMTEGGVVLREPRRIYE
;
BS
19 'polypeptide(L)'
;MAASITRGSWAAVGLGQSFPPTRALLPAPASVICRTLAGSGRQQVTGSSEPGAFQPPPKPVIVDKRRPQRPETRFLSPEF
IPPRGRTNPLKFQIERKDMLERRKILHIPEFYVGSILRVTTADPYASAKTSQFLGICIQRSGSGLGATFILRNTIEGQGV
EICFELYNPRIQEIQVVKLEKRLDNSLLYLRDALPEYSTFDVNMKPITQEFNQEVPVNQLKVKMKPKPWSKRWERPKFNI
KGIRFDLCLTEEQMREAQKWSQPWLEFDMMREYDTSKIEAAIWDEIEASKNS
;
BT
20 'polypeptide(L)'
;MVFLTVPLWLRSRVTDRYWRVQEVLKHARHFRGRKNRCYRLAVRAVTRAFVKCTRARRLKKRSLRTLWINRITAASQEHG
LKYPAFIINLIKCQVELNRKVLADLAIYEPKTFKSLAALAKRRREEGFAAALGDGKEPDGIFSRVVQHR
;
BU
21 'polypeptide(L)'
;MAAAVAASVLQGTFGRLVSAYSRSVLRTSRPGTAPPWSAPRRLSSQHTSSLRGCVPKTSLGSPPWPDIVLPDPVEETRHH
AEVVGQVNELIAAGRYGRLFAVVHFAGHQWKVTAEDLILIENELDVACGERIRLEKVLLVGADNFTLLGKPLLGKELVRV
EATVIEKTESWPKINMKFQKRKNYQRKRITVNPQTVLRINSIEIAPCLC
;
BV
22 'polypeptide(L)'
;MAAAVLERLGGLWMQNLRGKLALRLLSSHSILPQSHIHTSASVEISRKWEKKNKIVYPPQLPGEPRRPAEIYHCRRQIKY
SKDKMWYLAKLIRGMSIDQALAQLEFSDKKGAQIIKEVLLEAQDMAVRDHNVEFRSNLYVAESTSGRGQYLKRIRYHGRG
RFGIMEKVFCHYFVKLVEGPPPPREAPKTAVAHAREYIQELRNRTITHAL
;
BW
23 'polypeptide(L)'
;MARNVLYPLYQLGNPQLRVFRTNFFIQLVRPGTAQPEDTVQFRIPMEMTRVDLRNYLERIYNVPVAAVRTRVQYGSNRRR
DHRNIRIKKPDYKVAYVQLALGQTFTFPDLFPERKGASVDVDVRDQVLEDQRQKHSPDPRRGGVPGWFGL
;
BX
24 'polypeptide(L)'
;MRLSALLALASKVTLPPNYRYGMSRPGSLSDKRKNPPGTRRRRVPVEPISDEDWHLFCGDKVEILEGKDAGKQGKVVQVI
RQRNWVVVEGLNTHYRYVGKTVDYRGTMIPSEAPLLHNQVKLVDPTDRKPTDVEWRFTEAGERVRVSTRSGRIIPKPEFP
RADGIVPETWIDGPKDTSVEDALEKTYVPRLKTLEEEVMEAMGIQETRRHKKVYWY
;
BY
25 'polypeptide(L)'
;MALASGPARRALARLGRLGLGGCGAPRRGAYEWGVRSTRKPEPPPLDRVYEIPGLEPITYAGKMHFMPGLARPVFPPWDP
GWTHPKFRRLPPLHEHPLYKDQACYVFHQRCRLLEGVKQALWLTKTQLIEGLPEKVLRLADDPRNHIENQDERVLNAISH
ARLWHSTEDIPKRETYCPVIVDSLIQLCKSQILKHPSLARRICAQNNTLSATWNRESILLQVHGSSGARLNAKDPLPPVA
SQEEVEATKNHVLETFYPISPTMGLQECNVYDVNDDTGFQEGYPYPCPHTLYFLESANLRPRRFQPDQLRAKMILFAFGS
ALAQARLLYGNDSKVLEQPVVVQSVGTDGRLFQFLVLQLNTTDLASDEGVKNLAWVDSDQLLYQHFWCLPVIKKKVVVEP
VGPIGFQPETFRKFLALYLHGAV
;
Ba
26 'polypeptide(L)'
;MAAPWWRAALCASRRWRGFSTSAALSRRAAPLGPMPNEDIDVSDLERLKKYRSFDRYRRRAEQEARKPHWWRTYREHFGE
ESGPKDRVDIGLPPPKVSRTQQLLERKQALRELRANVEEERAARLQTARIPLEAVRAEWERTCGPYHKQRLAEYCGLYRD
LFHGATFVPRVPLHVAYAVGEDDLMPVYHGNEVTPTEAAQAPEVTYEADEGSLWTLLLTNLDGHLLEPDAEYVHWLVTNI
PGNRVTEGQETCPYLPPFPARGSGFHRFAFLLFKQDKRIDFSGDTRPSPCYQLAQRTFHTFDFYKKHQDAMTPAGLAFFQ
CRWDDSVTRVFHQLLDMREPVFEFVRPPPYHPKQKRFPHRQPLRYLDRYRDSHEPTYGIY
;
Bb
27 'polypeptide(L)'
;HPPRQDFLVRRQPHRNRTVTKGMESLICTDWIRHKFTRSRIPDKVFQPSPEDHEKYGGDPQYPHKLHIVTRIKSTKRRPY
WEKDIIKMLGLEKAHTPQVHKNIPSVNAKLKVVKHLIRIKPLKLPQGLPTEEDMANTCLKSNGELVVRWLLNPANQEARK
S
;
B3
28 'polypeptide(L)'
;MAMGAWGLRLWRAVPRGEAGWRLIATSPASQLSPTELIEMQNDLFNKEKNRQLSLTPRTEKIEVKHVGKTDPGTVFVMNK
NISTPYSCAMHLSEWYCRKSILALVDGQPWDMYKPLTKSCEIKFLTFKDDDPGEVNKAYWRSCAMMMGCVIERAFKDEYV
VSLVRAPEVPVIAGAFCYDVVLDKRLDEWMPTKENLHSFTKDARALIYKDLPFETLEVEAKVALEIFQHNKYKLDFIEEK
ASQNPERIVKLHRFGDFIDVSEGPLIPRTSICFQYEVSAVHNLQTQSSLVRRFQGLSLPVHLRAHFTIWNKLLERSRKMV
TEDKTKPTEESAST
;
Bc
29 'polypeptide(L)'
;MAAAALGAASRTLRPASRLVGAWPTQTRDAHERGSLFSFWGLVPMRAEPLRKKKKVDPKKDQAAKDRLKKRIRRLEKASQ
ELIPIEDFITPVKFLNKERQRPPVELPFEESERRALLLKRWSLYKQREHEMERSAIRSLLEAQEEALQELRLSSPELHAE
ATKRDPSLFPFERQGPDYTPPISDYQPPEGRYQDITKVYTQVEFKK
;
Bd
30 'polypeptide(L)'
;MGLLSGAARALVRGADRMSKWTSKRGPRTFCKGRGAKGTGFHGRDGKFVQIKEMIPELVVPELAGFKLKPYVNYRAPEGT
DTPLTAKQLFLETAAPAIEKDFKAGTFDPEHLEKYGFEPTQEGKLFQLYPKNFPR
;
Be
31 'polypeptide(L)'
;MALAAVKWVISSRTILKHLFPIQNSASYCVCHKSTYSSLPDDYNCKVELALTSDGRTIVCYHPSVDIPYEHTKPIPRPDP
VHNIEETHDLVLKTRLEEKGEHLEQGPMIEQLSKMFFTTKHRWYPRGQYHRRRRKPNPPKDR
;
Bf
32 'polypeptide(L)'
;MTARGTASRFLTSVLHNGLGRYVQQLQRLSFSLSRDAPSSRGAREFVEREVTDFARRNPGVVIYVNPRPCCVPRVVAEYL
NGAVREESIHCKSVEEIAALVQKLADQSGLDVIRIRKPFHTDSPSIQGQWHPFTNKPTTLGGLRPREVQDPAPAQVQAQ
;
Bg
33 'polypeptide(L)'
;MASGLVRLLQWGPRRLLAPAAPTLAPPVRGAKKGFRAAYRFQKELERWRLLRCPPPPVRRSEKPNWDYHAEIQAFGHRLQ
ETFSLDLLKTAFVNSCYIKSEEAKRQKLGIDKEAALLNLKDNQELSEQGISFSQTCLTQFFEDAFPDLPTEGVTSLVDFL
TSEEVVCHVARNLAVEQLALSAEFPVPPPVLRQTFFAVIGALLQSSGPERTALFIRDFLITQMTGKELFEMWTITNPMGL
LVEELKKRKISAPESRLTRQSGSTTALPVYFVGLYCDRKLIAEGPGETVLVAEEEAARVALRKLFGFTENRRPWDYSKPK
EHVRAEKTITAS
;
Bh
34 'polypeptide(L)'
;MAAPVTRGLSCLPRVLGWWSRQPVLVTQSTAVVPVRTKKRFTPPTYQPKYKSEKEFVEHARKAGLVIPHERLERPIHLAC
TAGIFDAYVPPEGDARISSLSKEGLAQRAERLKKNVASQLSIRKIRESDPNFKIKDFPEKAKDIFIEAHLCLNNSDHDRL
HTLVTENCFPDMVWDIRYKTVRWSFVESLEPPQVVQVRCSSLMNQGNIYGQVTVRMHTRQTLAIYDRFGRLMYGQEDVPR
DVLEYVVFEKHLVDPYGSWRMHGKIIPPWAPPKQPILKTVMIPGPQLKPWEEFEEPQGEVHKPQPA
;
Bi
35 'polypeptide(L)'
;MAAPVRRTMLRVVRGWRRFEGPWAHSLGSRNLALAVAPSSSSSPWRLLGALCLQRPPLVTKPLTPLQEEMADLLQQIEIE
RSLYSDHELRALDEAQQLAKKKSDLYEEEDEQNILLAQDLEDMWEQKFLHFKLGARLTEADKKDDRTSLHRKLDRNLILL
VREKLGDQDIWMLPQSDWQPGETLRQTAERTLATLSENNMEAKFLGNAPCGHYKFKFPQAMRTETSLGAKVFFFKALLLT
GDFSQAGKKGHHVWVSKEELGDYLKPKYLAQVRRFLLDL
;
Bj
36 'polypeptide(L)'
;MSEAAGTKVLRELNASRSDIVTGPDQGRSVSIFRPPGIAAAWADLQLARLHTTRQQRMNGALGKALCLRNDTVLKQALSL
IRVRASGESPICSAGGILLSTSRHYRSKPTHGIGRYKHLVKAQEPKKKKGKVEVRPINLGTDYEYGVLNIHLIAYDMALA
ESYAQYVHNLCNHLAIKVEESYAMPTKTMEVLQLQEQGSKMFLDAVLTTHERVVQISGLSATFAEIFLEIIHSNLPEGVK
LSVREHTEEDFKGRFKARPELEELLAKLN
;
Bk
37 'polypeptide(L)'
;MAATVLCGVLRAWRTGVPLGCGLRRLSQTQGTPEYPSFVESVDEYHFVERLLPPASIPRPPKHEHYPTPSGWQPPRDPAP
SLPYFVRRSRMHNIPVYRDITHGNRQMTVIRKVEGDIWALQKDVEDFLSPLLGKTPVTQVNEVTGTLRVKGYFDQQLKAW
LLEKGF
;
Bl
38 'polypeptide(L)'
;MVRLRGKRECLTLSLRLIGWSWRVTAGGGRCFVSKFSSKMAARWVSGLARRSLTCAVSGAPRREFWSPFRKEKQPVVAET
VEEVKKEPILVCPPIQSRTYIPPEDLQSRLESHVKEVFGSSVPSNWQDISLEDVHLKFSFLARLANDLRHAVPNSRLHQM
CRVRDVLDFYNVPVQDRSKFDELIASNLPHNLKITWGY
;
Bm
39 'polypeptide(L)'
;MAGSLSWVTGRGLWGRLPLTCRSFSLGIPRLFHVRVTLPPRKVVDRWNEKRAMFGVYDNIGILGNFEKHPKELIKGPIWL
RGWKGNELQRCIRKKRMVGNRMFIDDLHNLNKRISYLYKHFNRHGKYR
;
Bn
40 'polypeptide(L)'
;MAAWGILLSTGVRRLHCGTAAQAGSQWRLQQGFAANPSGYGPLTELPDWSYADGRPAPPMKGQLRRKAQREKFARRVVLL
SQEMDAGLQAWQLRQQEKLQEEEGKQKNALKSKGALLQNPQPSQ
;
Bo
41 'polypeptide(L)'
;MAAALARLGLRAVKQVRVQFCPFEKNVESTRTFLQAVSSEKVRCTNLNCSVIADVRHDGSEPCVDVLFGDGHRLIMRGAH
LTAQEMLTAFASHIQARGAAGSGDKPSASTGR
;
Bp
42 'polypeptide(L)'
;MAARRLFGAARSWAAWRAWELSDAAVSGRLHVRNYAKRPVIKGGKGGKGAVVGEALKDPEVCTDPFRLTTHAMGVNIYKE
GQDVVLKPDSEYPEWLFEMNVGPPKKLEELDPETREYWRLLRKHNIWRHNRLSKNRKF
;
Bq
43 'polypeptide(L)'
;MFLTALLRRNRIPGRQWIGKHRRPRPVSAQAKQNMIRRLETEAENQYWLSRPFLTAEQERGHAAVRRAAAFQALKAAQAA
RFPAHRRLEEQLGHLLVTRKWS
;
Bt
44 'polypeptide(L)'
;MAAARCLRWGLNRAGAWLLPSPTRYPRRALHKQVEGTEFQSIYSLDKLYPESRGSDTAWRLPDDAKQANDIPVDRLTISY
CRSSGPGGQNVNKVNSKAEVRFHLASADWIAEPVRLKLAVKHKNRINRSGELILTSECSRYQFRNLADCLQKLRDMIAEA
SQPAKEPSREDAELRRSRIENMNRERLRKKRISSAIKTSRRVDVD
;
Bu
45 'polypeptide(L)'
;MAAPVQQARTLLRLVTTLGQGSRGYRARPPPRRSQEPRWPDPDDPLTPRWQLSPRYAAKQFARHGAASGVAAGSLWPSQE
QLRELEAEEREWYPSLAAMQESLRVQQLAEEQKRQAREQLIEECMAKMPQMIENWRQQQQERREKEQADKDRRARLQAEA
QERLGYHVDPRSARFQELLQDMEKQHRKRLKEEKQRKKKEARAAAMAAAAAQDPADSETPSS
;
Bv
46 'polypeptide(L)'
;MAAARCWRFPLRGAGLSLHTAAKAAVTAPEVTGPDVPATPVARYPPIVASLTAKSKAARQRRVEQWQATVHAAKSVDEKL
RILTKMQFMKYVVYPQTFALNADNWYQSFTKTVFLSGLPPTPAKLEPEPTLDITALREAVCDCLLQEHFFLRRKKRAPVI
QDREAIASPFLDQLVASLTGLLSVHNPVLAAAALDCKRPVHFFWLRGEEIIPRGHRKGRVDALRYQINDKPHNQIRISRQ
LPEFVPLDYSIPIEVPVMSCKPDKLPLFKRQYENTIFIGSKTADPLCYGHTQFHLLPDKLKREKLLKQNCADQIEVVFRA
NAIASLFAWTGAQAMYQGFWSEADVTRPFVSQGVITDGKYFSFFCYQLNTLALTAQADQNNPRKNICWGTQSKPLYETIE
DNNVKGFNDDVLLQLVQFLLNRPKEDKSQLLEN
;
Bw
47 'polypeptide(L)'
;MVGLNVLVSGCGRLLRGLLAGPAATSWARPPSRGFREVVEILDGKTTIIEGRITETPQESPNPPNPTGQCPICRWNLKHK
YNYEDVLLLSQFIRPHGGMLPRRITGLCQEEHLKIEECVKMAHRAGLLPNHRPKLPEGFVPKSKPRLNRYLTRWSPRSVK
PIYNKGHRWNKVRMPVGSPLLKDNVSYSGRPLLLYH
;
Bx
48 'polyribonucleotide'
;ACACAGGUUUGGUCCUGGCCUUUCUAUUAAUUCUUAAUAAAAUUACACAUGCAAGUAUCCGCGCCCCGGUGAGAAUGCCC
UCCAGAUCUUAAAGAUCAAAAGGAGCAGGUAUCAAGCACACCUAUAACGGUAGCUCAUAACGCCUUGCUCAACCACACCC
CCACGGGAAACAGCAGUGAUAAAAAUUAAGCCAUGAACGAAAGUUUGACUAAGUUAUAUUAAUUAGAGUUGGUAAAUCUC
GUGCCAGCCACCGCGGUCAUACGAUUAACCCAAAUUAAUAGAUCCACGGCGUAAAGAGUGUUUAAGAAAAAAAAUCACAA
UAGAGUUAAAUUAUAACUAAGCUGUAAAAAGCCCUAGUUAAAAUAAAAUAACCCACGAAAGUGACUCUAAUAAUCCUGAC
ACACGAUAGCUAGGACCCAAACUGGGAUUAGAUACCCCACUAUGCCUAGCCCUAAACCCAAAUAGUUACAUAACAAAACU
AUUCGCCAGAGUACUACUCGCAACUGCCUAAAACUCAAAGGACUUGGCGGUGCUUCACAUCCACCUAGAGGAGCCUGUUC
UAUAAUCGAUAAACCCCGAUAGACCUUACCAACCCUUGCCAAUUCAGCCUAUAUACCGCCAUCUUCAGCAAACCCUAAAA
AGGAACAAUAGUAAGCACAAUCAUAGCACAUAAAAACGUUAGGUCAAGGUGUAGCUUAUGGGUUGGAAAGAAAUGGGCUA
CAUUUUCUACAUAAGAAUAUCCACCACACGAAAGUUUUUAUGAAACUAAAAACCAAAGGAGGAUUUAGCAGUAAAUCAAG
AAUAGAGUGCUUGAUUGAAUAAGGCCAUGAAGCACGCACACACCGCCCGUCACCCUCCUCAAGCAUGUAGUAAUAAAAAU
AACCUAUAUUCAAUUACACAACCAUGCAAGAAGAGACAAGUCGUAACAAGGUAAGCAUACUGGAAAGUGUGCUUGGAUUA
CC
;
AA
49 'polypeptide(L)'
;MAAKGSLLRLLWQRVVTGAAPESCRHLYTSSWRADCNRALLTRLHRQTYARLYPVLLVKQDGSTIHIRYREPRRMLTMPV
DLDSLSPEERRARFRKREAKFKEKKEEPELSDDFDVEQYKRFWTKK
;
B4
50 'polypeptide(L)'
;MASAMLVLVVPPWPAARGLLRNWWEQLQRKLQHNRLGLPLHPWGPALAVQGPAICTEPANDTNGSKAISSLLDSVFWMAA
PKNRRSIEVNRCRRRNPQKLIKVKNNIDVCPECGHLKQKHILCGYCYEKVRKETAEIRRQMGKQEGGPFRAPTTETVVLY
SGETPSEQDQGKRIIERERKRPSWFTQN
;
B5
51 'polypeptide(L)' MFLSAVTFAKSKSKTILVKMMSQAGTGFSFNTKRSRLREKLTLLHYDPVVKKKVLFVEQKKIRSL B6
52 'polypeptide(L)'
;MAFLARSVGRLLDPVSRSAALVGGRWLQPQAWLGFPDTWGLPAMQQTRGKARGNEYQPSNIKRKHKHGWVRRLRTPTGVQ
VILRRMHKGRKSLSH
;
B7
53 'polypeptide(L)'
;MASGPLLPRLLGAGAPRRPLRLHLVPTATPGPAGPTGRTLGSNAAPAAREPELGNDLRDRILSEPLKHADFFNLKELFSV
RSLFDARVHLGHKAGCRHRFMEPYLFGSRLGQDIIDLEQTAAHLQLALNFTAHVAYREGIILFVSRHRQFAHLIETTARD
CGEYAHTRYFKGGLLTNAPLLLGPGVRLPDLIIFLHTLNNVFEPHVAVRDAAKMNIPTVGIVDTNCNPALITYPVPGNDD
SPPAVRLFCRLFQVAISRAKEKRRQVEALYRLQGPAGAERGPAAPPPPE
;
AB
54 'polypeptide(L)'
;MVASVCGGGLRPLVLSWSRELPCAWRALHISAVCAKNRAARVRVSKGDKPVTYEEAHAPHYIAHRKGWLSLHTGNLDGED
HAAERTVEDVFLRKFMLGTFPGCLADQLVLKRRANQLEICALVLRQLPPHKFYFLVGYSETLLSHFYKCPVHLHLQTVPS
KVVYKYI
;
AC
55 'polypeptide(L)'
;MAAAVRAAGFFPGLFGASAGNLWSRQLYLNTFPAASILTSKTFPSNGPLSPPGTRDNHHFTSLACALQTQCSISSPSNWM
GQQYRSYSFFTKLTADELWKGALAESGAGARKGRGKRTKKKRRKDLNRGQIIGEGRHGFLWPGLNIPLMRNGAVQTIAQR
SKEDQEKVEADMVQQREEWDRRRKMKVKRERGWSGNTWGGVSLGPPDPGPNGETYDDFDTRILEVRNVFNMTAKEGRKRS
VRVLVAVGNGKGAAGFAIGKATERADAFRKAKNRAVHYLHYIERYEDHTIYHDISLKFKRTHIKMKKQPRGYGLHCHRAI
MTICRLIGIKDLYAKVSGSVNMLNLTRGLFLGLSRQETHQQLADKKSLHVVEFREECGPLPIVVASPQGALRKDPEPEDE
VPDITLDWEDVKAAQGMKRSVWSGLKRAAT
;
AE
56 'polypeptide(L)'
;MRRKAWKVPAGSRTIRSKRGGSGSCRVGGVCSSRWQLAEGTRGAALLQWLPGQGAGPRAGCRPQRAGLSRGRGAAALRRG
RGVARGGAWLGEGAWRPVCAAARAFKPGLARPERAFAAWEPSGPAVRQVSAVPALFHPGRRFREEPRAVHSGMPRYELAL
ILKAMQRPETAAALKRTLEALMDRGAVVRNLENLGERMLPYKISAHNQRHSRGGYFLVDFYAPATTVESMMEHLSRDIDV
IRPNIVKHPLTQEVKECEGIVPVPLEEKLYSTKKRK
;
AF
57 'polypeptide(L)'
;MAAPAVKAARGWSCSALGVRIAVLRFPGLTQVRWSRYGPEYKDPQIDKEYYRKPLAEQTEEEKYERDFKKTQLIKAAPAT
KTSSVFEDPVISKFTNMMMKGGNKVLARSLMTQTLEAVKRKQFAKYHAASAEEQATIERNPYTIFHQALKNCEPVIGLVP
ILKGGHFYQVPVPLADRRRRFLAMKWMIAECREKKHRRVLMPEKLSQELLEAFHNQGPVIKRKHDMHKMAEANRALAHYR
;
AG
58 'polypeptide(L)'
;MAAPCVFCGAAVSYRLFLGCRVSFARGQVLWKAAAPELQAGARCQILRLRHTAVVTTKKNVAASRRETYTVDFIKKQIEE
FNIGKRHLANMMGEDPETFTQEDIDRAIAYLFPSGLFEKRARPIMKHPEEIFPKQRAIQWGEDGRPFHFLFYTGKQSYYS
LMHDTYGKLLDVEKHHNQLRAKDLLAEKTKILKDPIGSRWLIKEELEEMLVEKLSDQDYAQFIRLLERLSALPCGATEED
FVNRFRRSIPIQSKKQLIEPLQYDEQGMAFSRGEGKRKTAKAEVVVYGQGSGRIDVNGVDYLLYFPVTQDREQLMFPLHF
LDRLGKHDMTCAVSGGGRSAQAGAVRLAMARALCSFVTEDEVEWMRQAGLLTADPRVRERKKPGQEGARRKFTWKKR
;
AI
59 'polypeptide(L)'
;MAARTAFGALARRLWQGSRNFSVSSSRSSTAKNGGFLLTTMKWVQFSNLHVDVPKDMTKPEITISDEPDTLYKRLSVLVK
GHDKAVLDSYEYFAVLAAKELGISIKVHEPPRKIERFTLLKSVHIFKKHRVQYEMRTLYRCLELEHLTGSTADVYLEYIQ
RNLPEGVAMEVTKTKLEQLPEHIRKPIWETMPEEKEESKS
;
AJ
60 'polypeptide(L)'
;MQVVRNAGSRLLQSWAWPPKTRIVAGLPASTIHRSAPHLQDAAAKLDIEDKEEARTPSHSSFSIYPPIPGQENSLRWAGK
KFEEIPIAHIKASYNNTQIQVVSAAHQPLAHASCGTEGFRNAKKGTGIAAQTAGIAAAAKATGKGVTHVRVVVKGLGPGR
LSAIKGLTMGGLEVISITDNTPIPHNGCRPRKARRL
;
AK
61 'polypeptide(L)'
;MSWSGLLRGLGTSLNCGLALVPRPWATRPMATLNQMHRLGPPKHPPGKMGPTAGRPQLKGVVLRTFIRKPKKPNSANRKC
CRVRLSTGREAVCFIPGEGHSLQEHHVVLVQGGRTQDLPGVKLTVVRGKYDCGHVQKKK
;
AL
62 'polypeptide(L)'
;MAASMLGFLLRTVRQMVPSSASGQVRSYYVDWKMLRDVKRRKMAYEYADERLRINSLRKNTILPKDLQEVADEEIASLPR
DSCPVRIRNRCVMTSRPRGVKRRWRLSRIVFRHLADHGQLSGVQRAMW
;
AN
63 'polypeptide(L)'
;MLRAAWRALSSIRTQAVTQAPVLGLPGGGCARFPSVQRALPSRPAGLILRAARGYAAQKPVQPNQDDPPPSMLLLDYQNV
PGIHKVDDVVKRLLSLEMANQKEKLKIKKMQLMNKVLENPEDTSSLEARIVALTVKIRNYEEHMQKHRKDKAHKRFLLMS
IDQRKKMLKNLRETNYAVFEKICKELGIEYTFPPPYHRKAHRRWVTKKALCTQVFREVQKLKKQKRALRAAAVAAHKQG
;
AO
64 'polypeptide(L)'
;MVQLTTVLCRAYRGGHLTIRLALGGCTNRPFYRIVAAHSKCPRDGRFVEQLGSYDPLPNSHGEKLVALNFDRIRHWIGCG
AHLSKPVEKLLGLSGFYPLHPMMITNAERLRRKRAREVLLASQKTDTEATETKAS
;
AP
65 'polypeptide(L)'
;MSIARSSVHAKWVVGKVIGTAMQKTAKVRVTRLVLDPYLLKYFNKRKTYFAHDALQQCTVGDIVLLKALPVPRTKHVKHE
LAEIIFKVGQVIDPVTGKPCAGTTYLESPISPESTRLTKNLEALQLSSTQ
;
AQ
66 'polypeptide(L)'
;MAAVVSLCSRLGRRKSTDFVNAAVCLTDPGTHAVLWRSCSQYKQVASNEDLPVPMENPYKEPLKKCILCEKHVDYKNVQL
LSQFISPFTGCIYGRHITGLCGKKQKEITKAIKRAQILGFMPVTYKDPAYLKDPKVCNIKYRE
;
AR
67 'polypeptide(L)'
;MANHLKFIARTVMVQEGNVEGAYRTLNRILTMDGLIEDIKRRRYYEKPCRRRQRESYETCRRIYNMEMARKINFLMRKNR
ADPWQGC
;
AU
68 'polyribonucleotide' AGUAAGGUCAGCUAAAUAAGCUAUCGGGCCCAUACCCCGAAAAUGUUGGUUAUACCCUUCCCGUACUACCA AV
69 'polyribonucleotide' AUGUAACAC AX
70 'polypeptide(L)'
;(UNK)(UNK)(UNK)(UNK)(UNK)(UNK)(UNK)(UNK)(UNK)(UNK)(UNK)(UNK)(UNK)(UNK)(UNK)(UNK)
(UNK)(UNK)
;
AZ
71 'polypeptide(L)'
;MPHEPRETRNLSLPLPALVARIIMATLKASALLRSLQTNSCGTGRVCFPVRARPRPRALLQPLPGASGTGTLCRGLGSES
ESGNSEIRKPTFMDEEVQNILIKMTGLDLQKIFKPALQELKPPTYKLMTQAQLEEATKQAVEAAKVRLKMPPVLEERAPI
NDVLAEDKILEGTETAKYVFTDISYSIPHRERFIVVREPSGTLRKASWEERDRMIQVYFPREGRRILTPVIFKEENLQTM
YSQDQHVDVLNLCVAQFEPDSAEYIKIHHHTYEDIDKCGKYDLLRSTRHFGGMAWYFVNKKKIDGLLIDQIQRDLVSDAT
SLVHLYHILHPDGQSAQEAKKQGAEGLHLIKVFAKTEAQKGAYIELTLQAYQEAFITHSAAS
;
Aa
72 'polypeptide(L)'
;MAGSRLETVGSIFSRTRDLIRAGVLKEKPLWLDIYNAFPPLREPVFRRPRLRYGKAKAAVQDIFYHEDRIRAKFYSAYGS
GPKAFDLFNPNFKSTCQRFVEKYIELQRLGETDEEKLFVEAGKALLAEGVTLRRVGEARTQQEGSPISRKSEPTGIKPQT
AVEENQPWKEVPQDQPLEAPEKESKGLPPP
;
Ab
73 'polypeptide(L)'
;MPMKGRFPIRRTLQYLGQGDVVFKDSVKVMTVNYNTHGELGEGARKFVFFNIPQIQYKNPWVQITMFKNMTPSPFLRFYL
DSGEQVLVDVESKSNKEIVEHIRKILGKNEETLEKEEQEKKQLSHPAHFGPRKYCLRECMCEVEGQVPCPGLVPLPKEMT
GKYKAALKATAQD
;
Ac
74 'polypeptide(L)'
;MLRVLGGLGARPAGRLPAPLLLPTRGRKTRHDPPAKSKAGRVATPPAVDPTEFFVLTERYRQYRQTVRALRLEFMSEVRK
KLHEARAGVQAERKAQEDAAEHRELMAWNQAENQRLHELRLARLRQEALEQERRQAEEAVLQAREAQAWAQLKEQEVLQL
QEEAKTFITRENLEARVEEALDSPKSYNWAITREGLVVRPQQKGS
;
Ad
75 'polypeptide(L)'
;MAASAFAGAVRAATGILRPLHILASSAYQNCAKNACLSSVLSSRHFSHIQTSALLSAPRLITSVRNLMCGPTAPVLNRVA
PLLPHVLKPPVRTVTYFSSRKGKRKTVKAVIYRFLRLHSGLWLRRKAGYKKKLWKKTAARKRRLREFVFCNKTQSKLLDK
MTTSFWKRRNWYADDPYQKYQDRTNLKV
;
B8
76 'polypeptide(L)'
;MLSRAAPTEGTGGGRRSVDSTPPPRLPATPAPAFPLVCSKMASSIVRRGILRARKVSLPQLSLAGRRCLLSAAYVDSHKW
EARDKEDCHLADLASLMDKTYERKLPVSSLTISRFVDNIASREDIDHAEYYLYKFRHSPNCWYLRDWTIHTWIRQCLKYG
AQDKALYTLKNKVQYGIFPDNYTFNLLMDYFIKKENYKDALSVVFEIMMQEAFEVPSTQLLSLYVLYHCLAEKTDLSWEE
ERNFGASLLLPGLKQKNSVGLSSQLYGYALLGKVELQQGLRAVYCNMPLLWQPGYLHRALQVMEKVASSPEDGQLCGEAL
DVLDRVLKAVTAPAQGTSEEQPQEGEESQRSEELVEQLDVEETEQSKLPQYLERFEALRSKLQALGKVESESLLTLSTQL
AKAQLPTCEAEDIAVYEQRLQQWHGERVRLIQREQEQRERARQDYEARRAAKASA
;
Ae
77 'polypeptide(L)'
;MAALCRTRAVTAKSHFLRVFFFSRPCRGTGTESGSGSESSESTEPKQRPGGFASALERHSELQQKAEFGRMRGSPKNVES
FASMLRHSPLTQMGPAKNKLVIGQIFHIVEDDLYIDFGGKFHCVCKRPEVDGEKYQKGTRVRLRLLDLELTSRFLGATTD
TTILEADAVLLGLQESKDSKSKEERHEK
;
Af
78 'polypeptide(L)'
;MAQLLANLTSIQVMLKGVTRLISRVHKLDPGHVLYMGTQAPQSLAAHLDNQVPVKSPRAISRTSEDDPAKHREQHEGQHY
NISLQELKTVFPHGLPPRFAMQVKTFNEACLMVRKPALELLHYLKNTNFAHPAVRYVLYGEKGTGKTLSLCHILHFCAKQ
NWLILHIPDAHIWVKNCRDLLQSNYNKQRFDQPLEASTWLKNFKTANEHFLSQIKVQEKYVWNKRESTEKGRPLGEVVEQ
GIMRVRNATDAVGIVLKELKRQSSLGIFHLLVAVDGVNALWGRTTLKREDKSPIAPEELALIHNLRKMVKNDWQGGAIVL
TVSQTGSLFKPRNAYLPQELLGKEGFDALDPFIPILVSNYNPKEFESCIQYYLENNWLQHEKAHTEEGKKELLFLSNRNP
GQLERLCAYL
;
Ag
79 'polypeptide(L)'
;MLPRVSAVIPLRPLSRLPLCSGGPEASAAAILLLDSLRGTVRTENNIQRYFGTNNLVYSKKDEQSGPTCEISKETESKGS
VKENSKKDLLNIIKGMKVELSTVNVQTTKPSNKRQLKNLETAIGRIKKAPEDTPQKRSESLSSELVAAVSAVADSLPFDR
RMTKSELLRQLQKHEEDSR(UNK)QKDGEKPKISFSNIISDMKVARSATARVSTRPVHQIQFDEGTDDFADQEKTLNLKK
SFRKNIFKGRRLNIFEPQAVTEEAPETEAVPSLWDIEFAKQLAAVTERPFQNGFEEMIQWTKEGKLWEFPINNEAGFDDD
GSEFHEHIFLDKYLQDFPKQGPIRHFMELVTCGLSKNPYLSVKQKVEHIEWFRNYFNEKRVILKESGIQLN
;
Ah
80 'polypeptide(L)'
;MSSLSEYAVRMSRLSARLFGEVARPTDSKSMKVVKLFSEQPLAKRKETYDWYPNHNTYFALMGTLRFLGLYRDEHQDFRD
EQLRLKKLRGKGKPRKGEGKRAMKKK
;
Ai
81 'polypeptide(L)'
;MARKKVRPRLIAELARRVRALREQRERPRDSQRYALDYETMMRPHSGNRLPMRAWADVRHESRLLQLLNRLPLFGLGRLV
TRKSWLWQHDEPCYWRLTRVRPDYAAENLDHGKAWGILTFKGKTESEAREIEQVMYHDWRLVPKHEEEAFTAFTLVPEDT
PLSVPYPPLLRAMILAQRQKYGDTSTEEPMLNLERARIDPWDYPAKLEAKTKTKGAAV
;
Aj
82 'polypeptide(L)'
;MAATSLPAWLILKSRAGTFRAFSTAMSPATRSPRPALRTTERTSKPERALRRKALPPRTEKMAVDQDWPSVYPVAAPFKP
SAVPLPVRMGYPVKRGVPMAKEGNLELLKIPNFLHLTPVAIKRHCEALKDFCTEWPAALDSDEKCEKHFPIEIDTADYVS
AGPSIRNPKARVVTLRVKLSSLNLDDHAKKKLIKLVGDRYCKSTDVLTIKTDRCPLKRQNYDYAVYLLTVLYHESWKTEE
WEKKKTEADMEEYIWENSTSEKNILETLLQIKAAEKNLELSKEELLGTKEVEDYRKSVVSLKNEGDNENTLSQYKESVKR
LLNLA
;
Ak
83 'polypeptide(L)'
;MATPSLRGRLARLGNPRRPILKPNKPLILANHVGERRREKGEATCITEMSVMMACWKQNEFRDEACRKEIQDFFDCASRA
EAARKMRSIQENLGELGSLPPKKLNKLLHRFPNKPHVS
;
Am
84 'polypeptide(L)'
;MFLVRLTSQLLRAVPGAGRSGSPRVSEVLGRHACRPRYSTQPPGPSGIASLPGKHVHPELEEMLVPRKMSISPLESWLTI
RYLLPRLGAGTPGTVSPAQLYQCPPSQVGEGVKQGDKEVRDTPQMQCKNILKIRRRKMNHHKYRKLVKRTRFLRRKVREG
RLRQKQVKFERDLKRIWQKAGLKEAPAGWQTPKIYLKNQ
;
An
85 'polypeptide(L)'
;MAAVASARWLGVRSGLCLPLTGRRVGPCGRTPRSRFYSGSAAHPEVEGANVTGIEEVVIPKKKTWDKVAILQALASTVHR
DSTAAPYVFQDDPYLIPTSSVESHSFLLAKKSGENAAKFIINSYPKYFQKDIAEPHIPCLMPEYFEPQIEDVSEAALQER
IKLRKVKASVDMFDQLLQAGTTVSLETTNSLLDLLCYYGNQEPSANYNFQQREQSEELEEATEADNEKSKTKAGHHLGVT
WRTKNNAERIFALMPEKNAHSYCTMIRGMVKHQAPTQALNLYTVLLNNRLRADVYTFNSLIEATALVVNEKFEEKWNNIL
DLLKQMVTQNVKPNLQTFNTILKCLRRFYAFGKLPALQTLREMKAIGIEPSLATYHYVIQLFYQHESPSKGSSLIIYDIM
NEVMGKRFSPRDPDDDMFFQSAMRVCSSLRDLELAYQVHGLLNTGDNWKLIGSDHRRNFYYSKFFNLLCFMEQIDVTLKW
YKDLIPSVFFPHSQTMIDLLQALDVANRLDMVPQIWKVLFCFSQDSKEYGHTFRNELKEEILMLMARDQHPPELQVAFAD
CAADIKSTYESQDARQTAPEWPASSLNYVAVLFLRAGRTQEAWKMLGLFRKHNKIPRAELLNEFLDSAKASSSPAQAIEL
VKLASAFSLPVCEGLTRRVMAEFTLTQEQREALGELTALTSDSSSDSDSDSDSDISEGK
;
Ao
86 'polypeptide(L)'
;MAASILNVLLRRLPGVSPFRGAYGVQVLLQTLCTKAPPEDDSLPQVPISPYKDEPWKYLDSEEYQNRYGSRPVWADYRRN
HKGGIPPQRTRKMCIRGNKVAGNPCPICRDQKLHVDFRNVKLLEQFVCAHTGIIFHAPYTGVCMKQHKKLTQAIQKARDH
GLLRYHIPQVEPRDLDFSTTHGAVSSTPPAPTLVSGDPWYPWYSWKQPPERELSRLRRLYQGRLREESGPPPELMPEVPL
TAPAEASSTEPGAPQSAL
;
Ap
87 'polypeptide(L)'
;MATAFLRTVLSAVGPLLHLGGRPLSTFAAGPPRAALAVGAQPSPAAALLSARPLLGPQPALGFKTKGVLKKRCRDCYLVK
RRGRWFIYCKTNPKHKQRQM
;
B9
88 'polyribonucleotide'
;ACCAAAGCUAGCUCAACAUACUAAACAAAUACAAAAAUACACCAAAAUAAAAUAAAACAUUCACCUAACAUUAAAGUAUA
GGAGAUAGAAAUUUUUAUCCUGACGCUAUAGAGAUAGUACCGUAAGGGAAAGAUGAAAGAAUAAAAUAAAAGUAAAAAAA
AGCAAAGAUUACCCCUUCUACCUUUUGCAUAAUGGUUUAACCAGAAAAAAUCUAACAAAGAGAACUUUAGCUAGAUACCC
CGAAACCAGACGAGCUACCCAUGAGCAGUUUAAAAGAACCAACUCAUCUAUGUGGCAAAAUAGUGAGAAGACUUGUAGGU
AGAGGUGAAAAGCCUAACGAGCCUGGUGAUAGCUGGUUGUCCGAGAAAGAAUUUUAGUUCAACCUUAAAAAUACCCCAAA
AACCCUAAAUUCCAAUGUAUUUUUAAGAGAUAGUCUAAAAAGGUACAGCUUUUUAGAAACGGAUACAACCUUGACUAGAG
AGUAAAAUCUUAAUACUACCAUAGUAGGCCUAAAAGCAGCCAUCAAUUGAGAAAGCGUUAAAGCUCAACAAAUUCACCAA
CAUAAUCCCAAAAACUAAUAACAAACUCCUAGCCCAAUACCGGACUAAUCUAUUGAAACAUAGAAGCAAUAAUGUUAAUA
UGAGUAACAAGAAGCCUUUCUCCUCGCACACGCUUACAUCAGUAACUAAUAAUAUACUGAUAAUUAACAACCAAUAAACC
AAAACAACACUAAAACGUUUAUUAAUUACAUUGUUAACCCAACACAGGAGUGCACCAAGGAAAGAUUAAAAGAAGUAAAA
GGAACUCGGCAAACACAAACCCCGCCUGUUUACCAAAAACAUCACCUCUAGCAUUACUAGUAUUAGAGGCAAUGCCUGCC
CAGUGACACCAGUUUAACGGCCGCGGUAUUCUGACCGUGCAAAGGUAGCAUAAUCACUUGUUCUCCAAAUAAGGACUUGU
AUGAAUGGCCACACGAGGGUUUUACUGUCUCUUACUUCCAAUCAGUGAAAUUAACCUUCCCGUGAAGAGGCGGGAAUAAA
AAAAUAAGACGAGAAGACCCUAUGGAGCUUUAAUUAACUAUUCCAAAAGUUAAACAACUCAACCACAAAGGGAUAAAACA
UAACUUAACAUGGACUAGCAAUUUCGGUUGGGGUGACCUCGGAGUACAAAAAACCCUCCGAGUGAUUUUAAUCUAGACAA
ACCAGUCAAAAUAACCAUAACAUCACUUAUUGAUCCAAAAUUUUGAUCAACGGAACAAGUUACCCUAGGGAUAACAGCGC
AAUCCUGUUCUAGAGUUCCUAUCGACAAUAGGGUUUACGACCUCGAUGUUGGAUCAGGACACCCAAAUGGUGCAACCGCU
AUUAAAGGUUCGUUUGUUCAACGAUUAAAGUCCUACGUGAUCUGAGUUCAGACCGGAGCAAUCCAGGUCGGUUUCUAUCU
AUUAUAAAUUUCUCCCAGUACGAAAGGACAAGAGAAAUGGGACCAACCUCACAAACGCGUCUCAGAGAUAAUUAAUGAUU
UAAUCUUAACCUAAUUAACUCAUAAUAAAUCCAGCCCUAGAACAGGGCACA
;
BA
#
loop_
_chem_comp.id
_chem_comp.type
_chem_comp.name
_chem_comp.formula
5GP non-polymer GUANOSINE-5'-MONOPHOSPHATE 'C10 H14 N5 O8 P'
A RNA linking ADENOSINE-5'-MONOPHOSPHATE 'C10 H14 N5 O7 P'
C RNA linking CYTIDINE-5'-MONOPHOSPHATE 'C9 H14 N3 O8 P'
G RNA linking GUANOSINE-5'-MONOPHOSPHATE 'C10 H14 N5 O8 P'
GTP non-polymer GUANOSINE-5'-TRIPHOSPHATE 'C10 H16 N5 O14 P3'
MG non-polymer 'MAGNESIUM ION' 'Mg 2'
SPM non-polymer SPERMINE 'C10 H26 N4'
U RNA linking URIDINE-5'-MONOPHOSPHATE 'C9 H13 N2 O9 P'
ZN non-polymer 'ZINC ION' 'Zn 2'
#
# COMPACT_ATOMS: atom_id res chain seq x y z
N GLU A 46 -23.64 -87.71 -79.46
CA GLU A 46 -23.65 -89.04 -78.87
C GLU A 46 -23.62 -88.96 -77.35
N ALA A 47 -23.61 -90.12 -76.70
CA ALA A 47 -23.61 -90.20 -75.25
C ALA A 47 -22.72 -91.35 -74.82
N LEU A 48 -22.36 -91.34 -73.53
CA LEU A 48 -21.47 -92.34 -72.96
C LEU A 48 -22.28 -93.45 -72.29
N ALA A 49 -21.57 -94.40 -71.69
CA ALA A 49 -22.21 -95.55 -71.07
C ALA A 49 -22.84 -95.17 -69.73
N GLY A 50 -23.68 -96.08 -69.22
CA GLY A 50 -24.41 -95.87 -67.99
C GLY A 50 -23.72 -96.33 -66.73
N ALA A 51 -22.56 -96.99 -66.84
CA ALA A 51 -21.67 -97.42 -65.76
C ALA A 51 -22.37 -98.32 -64.74
N PRO A 52 -22.71 -99.55 -65.11
CA PRO A 52 -23.29 -100.48 -64.13
C PRO A 52 -22.27 -100.90 -63.09
N LEU A 53 -22.77 -101.42 -61.97
CA LEU A 53 -21.92 -101.65 -60.81
C LEU A 53 -21.99 -103.13 -60.43
N ASP A 54 -21.40 -103.46 -59.28
CA ASP A 54 -21.15 -104.86 -58.92
C ASP A 54 -22.35 -105.48 -58.21
N ASN A 55 -23.37 -104.68 -57.89
CA ASN A 55 -24.51 -105.20 -57.15
C ASN A 55 -25.37 -106.13 -58.02
N ALA A 56 -25.66 -105.71 -59.24
CA ALA A 56 -26.39 -106.53 -60.19
C ALA A 56 -25.68 -106.52 -61.54
N PRO A 57 -24.43 -106.98 -61.61
CA PRO A 57 -23.74 -107.02 -62.91
C PRO A 57 -24.10 -108.26 -63.71
N LYS A 58 -24.88 -108.08 -64.77
CA LYS A 58 -25.28 -109.18 -65.63
C LYS A 58 -25.21 -108.82 -67.11
N GLU A 59 -25.07 -107.55 -67.45
CA GLU A 59 -25.18 -107.08 -68.83
C GLU A 59 -23.80 -107.04 -69.48
N TYR A 60 -23.49 -108.04 -70.28
CA TYR A 60 -22.32 -107.99 -71.16
C TYR A 60 -22.63 -107.14 -72.37
N PRO A 61 -21.62 -106.48 -72.96
CA PRO A 61 -21.84 -105.66 -74.16
C PRO A 61 -22.27 -106.51 -75.34
N PRO A 62 -23.12 -105.96 -76.23
CA PRO A 62 -23.56 -106.75 -77.40
C PRO A 62 -22.47 -106.91 -78.44
N LYS A 63 -21.43 -106.06 -78.42
CA LYS A 63 -20.33 -106.19 -79.36
C LYS A 63 -19.58 -107.50 -79.14
N ILE A 64 -19.39 -107.89 -77.88
CA ILE A 64 -18.72 -109.14 -77.55
C ILE A 64 -19.53 -110.34 -78.03
N GLN A 65 -20.86 -110.29 -77.84
CA GLN A 65 -21.72 -111.38 -78.28
C GLN A 65 -21.77 -111.49 -79.80
N GLN A 66 -21.83 -110.35 -80.50
CA GLN A 66 -21.83 -110.40 -81.96
C GLN A 66 -20.48 -110.81 -82.52
N LEU A 67 -19.37 -110.51 -81.83
CA LEU A 67 -18.07 -111.02 -82.25
C LEU A 67 -17.95 -112.52 -82.02
N VAL A 68 -18.54 -113.02 -80.93
CA VAL A 68 -18.59 -114.46 -80.68
C VAL A 68 -19.40 -115.17 -81.76
N GLN A 69 -20.55 -114.61 -82.14
CA GLN A 69 -21.36 -115.20 -83.20
C GLN A 69 -20.67 -115.14 -84.56
N ASP A 70 -20.00 -114.02 -84.87
CA ASP A 70 -19.25 -113.91 -86.11
C ASP A 70 -18.05 -114.84 -86.16
N ILE A 71 -17.43 -115.13 -85.01
CA ILE A 71 -16.41 -116.18 -84.96
C ILE A 71 -17.05 -117.54 -85.21
N ALA A 72 -18.14 -117.85 -84.50
CA ALA A 72 -18.75 -119.17 -84.53
C ALA A 72 -19.43 -119.51 -85.85
N SER A 73 -19.70 -118.50 -86.69
CA SER A 73 -20.24 -118.75 -88.03
C SER A 73 -19.16 -119.05 -89.06
N LEU A 74 -17.98 -119.51 -88.65
CA LEU A 74 -16.88 -119.76 -89.57
C LEU A 74 -16.43 -121.22 -89.52
N THR A 75 -15.84 -121.68 -90.64
CA THR A 75 -15.31 -123.04 -90.73
C THR A 75 -13.88 -123.10 -90.21
N LEU A 76 -13.32 -124.31 -90.20
CA LEU A 76 -12.01 -124.54 -89.59
C LEU A 76 -10.86 -124.01 -90.44
N LEU A 77 -11.01 -123.97 -91.77
CA LEU A 77 -10.03 -123.29 -92.61
C LEU A 77 -9.96 -121.80 -92.27
N GLU A 78 -11.12 -121.19 -92.05
CA GLU A 78 -11.16 -119.81 -91.58
C GLU A 78 -10.69 -119.66 -90.14
N ILE A 79 -10.83 -120.71 -89.31
CA ILE A 79 -10.22 -120.72 -87.97
C ILE A 79 -8.71 -120.65 -88.07
N SER A 80 -8.13 -121.47 -88.95
CA SER A 80 -6.67 -121.47 -89.14
C SER A 80 -6.18 -120.16 -89.74
N ASP A 81 -6.92 -119.61 -90.71
CA ASP A 81 -6.55 -118.32 -91.29
C ASP A 81 -6.65 -117.19 -90.26
N LEU A 82 -7.69 -117.22 -89.43
CA LEU A 82 -7.88 -116.24 -88.37
C LEU A 82 -6.77 -116.33 -87.33
N ASN A 83 -6.38 -117.55 -86.97
CA ASN A 83 -5.34 -117.75 -85.98
C ASN A 83 -3.98 -117.33 -86.52
N GLU A 84 -3.71 -117.59 -87.80
CA GLU A 84 -2.46 -117.13 -88.41
C GLU A 84 -2.42 -115.61 -88.51
N LEU A 85 -3.54 -114.97 -88.90
CA LEU A 85 -3.57 -113.52 -89.00
C LEU A 85 -3.53 -112.85 -87.64
N LEU A 86 -3.98 -113.54 -86.58
CA LEU A 86 -3.87 -112.97 -85.25
C LEU A 86 -2.51 -113.21 -84.63
N LYS A 87 -1.87 -114.33 -84.96
CA LYS A 87 -0.50 -114.58 -84.48
C LYS A 87 0.50 -113.66 -85.18
N LYS A 88 0.23 -113.31 -86.44
CA LYS A 88 1.11 -112.39 -87.15
C LYS A 88 0.99 -110.97 -86.59
N THR A 89 -0.23 -110.53 -86.29
CA THR A 89 -0.42 -109.17 -85.77
C THR A 89 0.01 -109.08 -84.31
N LEU A 90 -0.31 -110.09 -83.50
CA LEU A 90 0.03 -110.07 -82.09
C LEU A 90 0.90 -111.27 -81.73
N ILE B 64 -13.33 -111.91 -90.59
CA ILE B 64 -12.00 -112.07 -90.02
C ILE B 64 -11.34 -110.72 -89.82
N GLN B 65 -11.26 -109.94 -90.91
CA GLN B 65 -10.68 -108.61 -90.86
C GLN B 65 -11.50 -107.65 -90.01
N GLN B 66 -12.83 -107.76 -90.11
CA GLN B 66 -13.71 -106.99 -89.24
C GLN B 66 -13.55 -107.41 -87.77
N LEU B 67 -13.33 -108.69 -87.52
CA LEU B 67 -13.05 -109.18 -86.17
C LEU B 67 -11.75 -108.60 -85.63
N VAL B 68 -10.70 -108.56 -86.45
CA VAL B 68 -9.42 -107.99 -86.03
C VAL B 68 -9.56 -106.49 -85.75
N GLN B 69 -10.28 -105.76 -86.61
CA GLN B 69 -10.52 -104.34 -86.36
C GLN B 69 -11.34 -104.10 -85.10
N ASP B 70 -12.36 -104.93 -84.86
CA ASP B 70 -13.18 -104.80 -83.68
C ASP B 70 -12.43 -105.12 -82.39
N ILE B 71 -11.61 -106.18 -82.37
CA ILE B 71 -10.87 -106.50 -81.15
C ILE B 71 -9.70 -105.53 -80.97
N ALA B 72 -9.28 -104.85 -82.03
CA ALA B 72 -8.35 -103.73 -81.85
C ALA B 72 -9.06 -102.51 -81.28
N SER B 73 -10.34 -102.31 -81.60
CA SER B 73 -11.07 -101.14 -81.14
C SER B 73 -11.56 -101.27 -79.70
N LEU B 74 -11.62 -102.47 -79.13
CA LEU B 74 -12.15 -102.63 -77.78
C LEU B 74 -11.11 -102.24 -76.74
N THR B 75 -11.59 -101.95 -75.53
CA THR B 75 -10.71 -101.59 -74.42
C THR B 75 -10.38 -102.83 -73.58
N LEU B 76 -9.68 -102.61 -72.46
CA LEU B 76 -9.19 -103.71 -71.64
C LEU B 76 -10.32 -104.52 -71.02
N LEU B 77 -11.35 -103.84 -70.51
CA LEU B 77 -12.49 -104.54 -69.91
C LEU B 77 -13.24 -105.38 -70.93
N GLU B 78 -13.41 -104.84 -72.15
CA GLU B 78 -14.12 -105.57 -73.20
C GLU B 78 -13.35 -106.77 -73.72
N ILE B 79 -12.03 -106.61 -73.97
CA ILE B 79 -11.23 -107.75 -74.42
C ILE B 79 -11.09 -108.80 -73.31
N SER B 80 -11.02 -108.36 -72.05
CA SER B 80 -10.91 -109.33 -70.97
C SER B 80 -12.24 -110.06 -70.70
N ASP B 81 -13.37 -109.38 -70.89
CA ASP B 81 -14.66 -110.05 -70.83
C ASP B 81 -14.81 -111.04 -71.98
N LEU B 82 -14.28 -110.68 -73.16
CA LEU B 82 -14.23 -111.62 -74.28
C LEU B 82 -13.36 -112.83 -73.96
N ASN B 83 -12.22 -112.60 -73.28
CA ASN B 83 -11.34 -113.68 -72.86
C ASN B 83 -12.01 -114.60 -71.85
N GLU B 84 -12.71 -114.04 -70.86
CA GLU B 84 -13.42 -114.86 -69.87
C GLU B 84 -14.57 -115.64 -70.50
N LEU B 85 -15.31 -115.02 -71.43
CA LEU B 85 -16.39 -115.74 -72.12
C LEU B 85 -15.87 -116.84 -73.02
N LEU B 86 -14.77 -116.63 -73.75
CA LEU B 86 -14.16 -117.69 -74.55
C LEU B 86 -13.51 -118.77 -73.70
N LYS B 87 -13.01 -118.43 -72.51
CA LYS B 87 -12.51 -119.47 -71.61
C LYS B 87 -13.64 -120.31 -71.04
N LYS B 88 -14.77 -119.69 -70.71
CA LYS B 88 -15.91 -120.43 -70.18
C LYS B 88 -16.60 -121.26 -71.26
N THR B 89 -16.62 -120.77 -72.50
CA THR B 89 -17.30 -121.50 -73.57
C THR B 89 -16.42 -122.62 -74.10
N LEU B 90 -15.24 -122.29 -74.63
CA LEU B 90 -14.36 -123.29 -75.23
C LEU B 90 -13.64 -124.09 -74.15
N ILE C 64 -21.22 -134.64 -86.87
CA ILE C 64 -20.57 -134.91 -85.60
C ILE C 64 -20.60 -136.39 -85.28
N GLN C 65 -21.81 -136.95 -85.21
CA GLN C 65 -21.99 -138.37 -84.94
C GLN C 65 -21.46 -139.23 -86.08
N GLN C 66 -21.63 -138.77 -87.32
CA GLN C 66 -21.05 -139.44 -88.47
C GLN C 66 -19.52 -139.38 -88.43
N LEU C 67 -18.96 -138.26 -87.95
CA LEU C 67 -17.52 -138.17 -87.74
C LEU C 67 -17.03 -139.14 -86.66
N VAL C 68 -17.79 -139.28 -85.57
CA VAL C 68 -17.43 -140.23 -84.53
C VAL C 68 -17.44 -141.66 -85.06
N GLN C 69 -18.48 -142.01 -85.83
CA GLN C 69 -18.59 -143.36 -86.40
C GLN C 69 -17.51 -143.62 -87.45
N ASP C 70 -17.12 -142.60 -88.21
CA ASP C 70 -16.10 -142.79 -89.24
C ASP C 70 -14.69 -142.83 -88.66
N ILE C 71 -14.40 -142.07 -87.62
CA ILE C 71 -13.12 -142.19 -86.92
C ILE C 71 -13.04 -143.53 -86.18
N ALA C 72 -14.16 -144.03 -85.66
CA ALA C 72 -14.18 -145.31 -84.95
C ALA C 72 -13.91 -146.52 -85.83
N SER C 73 -13.94 -146.35 -87.16
CA SER C 73 -13.66 -147.46 -88.07
C SER C 73 -12.20 -147.55 -88.50
N LEU C 74 -11.31 -146.74 -87.92
CA LEU C 74 -9.93 -146.72 -88.33
C LEU C 74 -9.03 -147.44 -87.34
N THR C 75 -7.92 -147.98 -87.84
CA THR C 75 -6.91 -148.61 -87.00
C THR C 75 -6.06 -147.54 -86.30
N LEU C 76 -5.22 -147.98 -85.36
CA LEU C 76 -4.51 -147.05 -84.49
C LEU C 76 -3.39 -146.33 -85.21
N LEU C 77 -2.78 -146.99 -86.20
CA LEU C 77 -1.80 -146.31 -87.05
C LEU C 77 -2.45 -145.20 -87.86
N GLU C 78 -3.68 -145.42 -88.32
CA GLU C 78 -4.43 -144.37 -89.00
C GLU C 78 -4.87 -143.26 -88.05
N ILE C 79 -5.13 -143.59 -86.79
CA ILE C 79 -5.42 -142.56 -85.78
C ILE C 79 -4.20 -141.69 -85.52
N SER C 80 -3.01 -142.30 -85.38
CA SER C 80 -1.78 -141.52 -85.24
C SER C 80 -1.47 -140.73 -86.50
N ASP C 81 -1.80 -141.27 -87.68
CA ASP C 81 -1.63 -140.54 -88.93
C ASP C 81 -2.54 -139.32 -89.02
N LEU C 82 -3.79 -139.44 -88.58
CA LEU C 82 -4.69 -138.29 -88.64
C LEU C 82 -4.34 -137.26 -87.58
N ASN C 83 -3.80 -137.72 -86.44
CA ASN C 83 -3.27 -136.78 -85.44
C ASN C 83 -2.06 -136.03 -85.98
N GLU C 84 -1.17 -136.72 -86.69
CA GLU C 84 -0.01 -136.09 -87.30
C GLU C 84 -0.42 -135.11 -88.39
N LEU C 85 -1.43 -135.46 -89.19
CA LEU C 85 -1.93 -134.56 -90.22
C LEU C 85 -2.62 -133.33 -89.64
N LEU C 86 -3.37 -133.50 -88.54
CA LEU C 86 -3.98 -132.36 -87.86
C LEU C 86 -2.94 -131.45 -87.23
N LYS C 87 -1.87 -132.02 -86.65
CA LYS C 87 -0.78 -131.20 -86.12
C LYS C 87 0.00 -130.51 -87.22
N LYS C 88 0.09 -131.13 -88.40
CA LYS C 88 0.74 -130.50 -89.54
C LYS C 88 -0.09 -129.34 -90.09
N THR C 89 -1.41 -129.55 -90.17
CA THR C 89 -2.27 -128.54 -90.80
C THR C 89 -2.55 -127.39 -89.85
N LEU C 90 -3.14 -127.67 -88.69
CA LEU C 90 -3.58 -126.60 -87.81
C LEU C 90 -2.49 -126.15 -86.84
N LYS C 91 -1.81 -127.12 -86.21
CA LYS C 91 -0.77 -126.91 -85.20
C LYS C 91 -1.23 -126.03 -84.03
N ILE D 64 -9.02 -140.88 -94.03
CA ILE D 64 -8.23 -139.99 -93.19
C ILE D 64 -8.34 -138.56 -93.71
N GLN D 65 -7.99 -138.37 -94.98
CA GLN D 65 -8.06 -137.06 -95.62
C GLN D 65 -9.51 -136.58 -95.74
N GLN D 66 -10.43 -137.51 -96.03
CA GLN D 66 -11.85 -137.20 -96.00
C GLN D 66 -12.33 -136.81 -94.61
N LEU D 67 -11.79 -137.45 -93.57
CA LEU D 67 -12.10 -137.07 -92.20
C LEU D 67 -11.59 -135.67 -91.86
N VAL D 68 -10.38 -135.34 -92.33
CA VAL D 68 -9.83 -134.00 -92.14
C VAL D 68 -10.69 -132.95 -92.85
N GLN D 69 -11.13 -133.26 -94.09
CA GLN D 69 -12.01 -132.35 -94.82
C GLN D 69 -13.38 -132.19 -94.15
N ASP D 70 -13.97 -133.27 -93.64
CA ASP D 70 -15.25 -133.19 -92.97
C ASP D 70 -15.16 -132.48 -91.63
N ILE D 71 -14.04 -132.61 -90.92
CA ILE D 71 -13.81 -131.82 -89.72
C ILE D 71 -13.62 -130.34 -90.08
N ALA D 72 -12.90 -130.07 -91.18
CA ALA D 72 -12.67 -128.71 -91.66
C ALA D 72 -13.94 -128.02 -92.13
N SER D 73 -14.95 -128.77 -92.55
CA SER D 73 -16.20 -128.20 -93.03
C SER D 73 -17.19 -127.87 -91.92
N LEU D 74 -16.79 -127.91 -90.65
CA LEU D 74 -17.71 -127.67 -89.54
C LEU D 74 -17.45 -126.31 -88.88
N THR D 75 -18.44 -125.83 -88.14
CA THR D 75 -18.35 -124.56 -87.42
C THR D 75 -17.86 -124.77 -85.99
N LEU D 76 -17.76 -123.66 -85.26
CA LEU D 76 -17.18 -123.67 -83.92
C LEU D 76 -18.04 -124.45 -82.93
N LEU D 77 -19.36 -124.26 -83.00
CA LEU D 77 -20.27 -124.98 -82.10
C LEU D 77 -20.26 -126.47 -82.39
N GLU D 78 -20.17 -126.84 -83.67
CA GLU D 78 -20.09 -128.24 -84.05
C GLU D 78 -18.79 -128.90 -83.60
N ILE D 79 -17.66 -128.20 -83.73
CA ILE D 79 -16.38 -128.74 -83.23
C ILE D 79 -16.38 -128.81 -81.71
N SER D 80 -16.99 -127.84 -81.02
CA SER D 80 -17.08 -127.87 -79.56
C SER D 80 -17.97 -129.02 -79.08
N ASP D 81 -19.08 -129.26 -79.78
CA ASP D 81 -19.94 -130.39 -79.44
C ASP D 81 -19.27 -131.72 -79.75
N LEU D 82 -18.49 -131.78 -80.83
CA LEU D 82 -17.69 -132.97 -81.12
C LEU D 82 -16.66 -133.24 -80.02
N ASN D 83 -16.03 -132.18 -79.52
CA ASN D 83 -15.06 -132.34 -78.43
C ASN D 83 -15.74 -132.74 -77.13
N GLU D 84 -16.94 -132.22 -76.86
CA GLU D 84 -17.69 -132.63 -75.67
C GLU D 84 -18.13 -134.09 -75.78
N LEU D 85 -18.54 -134.53 -76.97
CA LEU D 85 -18.91 -135.93 -77.16
C LEU D 85 -17.69 -136.84 -77.07
N LEU D 86 -16.53 -136.37 -77.54
CA LEU D 86 -15.30 -137.15 -77.37
C LEU D 86 -14.83 -137.19 -75.92
N LYS D 87 -15.08 -136.13 -75.15
CA LYS D 87 -14.82 -136.17 -73.71
C LYS D 87 -15.74 -137.16 -73.01
N LYS D 88 -17.01 -137.21 -73.43
CA LYS D 88 -17.95 -138.15 -72.82
C LYS D 88 -17.63 -139.59 -73.19
N THR D 89 -17.16 -139.81 -74.43
CA THR D 89 -16.87 -141.17 -74.86
C THR D 89 -15.51 -141.64 -74.35
N LEU D 90 -14.44 -140.96 -74.75
CA LEU D 90 -13.10 -141.33 -74.33
C LEU D 90 -12.46 -140.21 -73.50
N ILE E 64 -10.00 -159.23 -77.72
CA ILE E 64 -9.14 -158.37 -76.91
C ILE E 64 -8.86 -159.02 -75.56
N GLN E 65 -9.58 -160.11 -75.28
CA GLN E 65 -9.37 -160.85 -74.03
C GLN E 65 -8.01 -161.52 -74.00
N GLN E 66 -7.55 -162.04 -75.15
CA GLN E 66 -6.20 -162.55 -75.26
C GLN E 66 -5.15 -161.46 -75.07
N LEU E 67 -5.44 -160.23 -75.50
CA LEU E 67 -4.53 -159.12 -75.23
C LEU E 67 -4.51 -158.74 -73.75
N VAL E 68 -5.66 -158.85 -73.07
CA VAL E 68 -5.70 -158.63 -71.62
C VAL E 68 -4.85 -159.68 -70.90
N GLN E 69 -4.98 -160.95 -71.30
CA GLN E 69 -4.16 -162.03 -70.74
C GLN E 69 -2.68 -161.83 -71.03
N ASP E 70 -2.34 -161.42 -72.26
CA ASP E 70 -0.95 -161.19 -72.62
C ASP E 70 -0.33 -160.00 -71.89
N ILE E 71 -1.11 -158.94 -71.65
CA ILE E 71 -0.62 -157.82 -70.86
C ILE E 71 -0.44 -158.23 -69.39
N ALA E 72 -1.41 -158.95 -68.82
CA ALA E 72 -1.33 -159.34 -67.42
C ALA E 72 -0.29 -160.43 -67.16
N SER E 73 0.13 -161.17 -68.18
CA SER E 73 1.08 -162.26 -68.01
C SER E 73 2.55 -161.82 -68.13
N LEU E 74 2.80 -160.55 -68.43
CA LEU E 74 4.18 -160.10 -68.62
C LEU E 74 4.70 -159.40 -67.38
N THR E 75 6.03 -159.33 -67.27
CA THR E 75 6.70 -158.79 -66.09
C THR E 75 6.86 -157.28 -66.21
N LEU E 76 7.50 -156.68 -65.20
CA LEU E 76 7.60 -155.23 -65.12
C LEU E 76 8.51 -154.65 -66.20
N LEU E 77 9.65 -155.30 -66.45
CA LEU E 77 10.56 -154.83 -67.50
C LEU E 77 9.94 -155.00 -68.88
N GLU E 78 9.18 -156.06 -69.11
CA GLU E 78 8.49 -156.24 -70.38
C GLU E 78 7.36 -155.23 -70.57
N ILE E 79 6.65 -154.87 -69.50
CA ILE E 79 5.63 -153.82 -69.60
C ILE E 79 6.27 -152.45 -69.82
N SER E 80 7.43 -152.19 -69.21
CA SER E 80 8.15 -150.94 -69.48
C SER E 80 8.68 -150.89 -70.92
N ASP E 81 9.11 -152.03 -71.46
CA ASP E 81 9.52 -152.09 -72.85
C ASP E 81 8.33 -151.91 -73.79
N LEU E 82 7.15 -152.42 -73.40
CA LEU E 82 5.92 -152.14 -74.13
C LEU E 82 5.59 -150.65 -74.11
N ASN E 83 5.79 -150.00 -72.97
CA ASN E 83 5.57 -148.55 -72.86
C ASN E 83 6.51 -147.78 -73.78
N GLU E 84 7.79 -148.18 -73.81
CA GLU E 84 8.76 -147.51 -74.67
C GLU E 84 8.45 -147.72 -76.14
N LEU E 85 8.07 -148.95 -76.53
CA LEU E 85 7.72 -149.22 -77.91
C LEU E 85 6.42 -148.52 -78.33
N LEU E 86 5.45 -148.42 -77.44
CA LEU E 86 4.21 -147.70 -77.75
C LEU E 86 4.41 -146.19 -77.82
N LYS E 87 5.33 -145.63 -77.03
CA LYS E 87 5.67 -144.22 -77.18
C LYS E 87 6.48 -143.97 -78.45
N LYS E 88 7.33 -144.92 -78.85
CA LYS E 88 8.12 -144.74 -80.06
C LYS E 88 7.27 -144.89 -81.31
N THR E 89 6.31 -145.81 -81.31
CA THR E 89 5.49 -146.04 -82.48
C THR E 89 4.48 -144.92 -82.70
N LEU E 90 3.82 -144.48 -81.63
CA LEU E 90 2.77 -143.47 -81.74
C LEU E 90 3.21 -142.16 -81.07
N ILE F 64 6.29 -159.78 -77.63
CA ILE F 64 6.11 -158.36 -77.39
C ILE F 64 5.81 -157.60 -78.68
N GLN F 65 6.51 -157.94 -79.77
CA GLN F 65 6.26 -157.31 -81.06
C GLN F 65 4.92 -157.75 -81.64
N GLN F 66 4.57 -159.02 -81.45
CA GLN F 66 3.25 -159.52 -81.82
C GLN F 66 2.15 -158.86 -81.00
N LEU F 67 2.40 -158.59 -79.71
CA LEU F 67 1.45 -157.85 -78.88
C LEU F 67 1.26 -156.42 -79.37
N VAL F 68 2.36 -155.75 -79.76
CA VAL F 68 2.27 -154.40 -80.31
C VAL F 68 1.50 -154.39 -81.64
N GLN F 69 1.77 -155.37 -82.51
CA GLN F 69 1.05 -155.47 -83.79
C GLN F 69 -0.44 -155.76 -83.59
N ASP F 70 -0.78 -156.66 -82.66
CA ASP F 70 -2.17 -156.95 -82.37
C ASP F 70 -2.88 -155.80 -81.68
N ILE F 71 -2.16 -154.98 -80.91
CA ILE F 71 -2.75 -153.75 -80.40
C ILE F 71 -3.02 -152.76 -81.53
N ALA F 72 -2.04 -152.54 -82.41
CA ALA F 72 -2.16 -151.55 -83.47
C ALA F 72 -3.13 -151.95 -84.58
N SER F 73 -3.46 -153.25 -84.70
CA SER F 73 -4.38 -153.69 -85.74
C SER F 73 -5.84 -153.48 -85.39
N LEU F 74 -6.15 -153.03 -84.18
CA LEU F 74 -7.54 -152.90 -83.75
C LEU F 74 -8.09 -151.53 -84.08
N THR F 75 -9.42 -151.42 -84.14
CA THR F 75 -10.09 -150.12 -84.18
C THR F 75 -10.13 -149.53 -82.79
N LEU F 76 -10.54 -148.25 -82.71
CA LEU F 76 -10.49 -147.55 -81.43
C LEU F 76 -11.61 -147.99 -80.49
N LEU F 77 -12.68 -148.56 -81.01
CA LEU F 77 -13.71 -149.13 -80.14
C LEU F 77 -13.18 -150.35 -79.39
N GLU F 78 -12.38 -151.17 -80.09
CA GLU F 78 -11.75 -152.33 -79.46
C GLU F 78 -10.74 -151.93 -78.40
N ILE F 79 -9.93 -150.90 -78.64
CA ILE F 79 -9.00 -150.48 -77.58
C ILE F 79 -9.74 -149.69 -76.50
N SER F 80 -10.92 -149.14 -76.81
CA SER F 80 -11.74 -148.50 -75.78
C SER F 80 -12.28 -149.54 -74.81
N ASP F 81 -12.79 -150.67 -75.33
CA ASP F 81 -13.18 -151.78 -74.49
C ASP F 81 -12.00 -152.40 -73.76
N LEU F 82 -10.83 -152.46 -74.43
CA LEU F 82 -9.61 -152.96 -73.80
C LEU F 82 -9.17 -152.09 -72.62
N ASN F 83 -9.21 -150.77 -72.80
CA ASN F 83 -8.82 -149.86 -71.73
C ASN F 83 -9.87 -149.82 -70.62
N GLU F 84 -11.14 -150.01 -70.96
CA GLU F 84 -12.17 -150.11 -69.93
C GLU F 84 -12.01 -151.38 -69.10
N LEU F 85 -11.60 -152.48 -69.74
CA LEU F 85 -11.28 -153.71 -69.01
C LEU F 85 -10.01 -153.57 -68.18
N LEU F 86 -9.00 -152.85 -68.68
CA LEU F 86 -7.76 -152.66 -67.94
C LEU F 86 -7.90 -151.68 -66.79
N LYS F 87 -8.82 -150.72 -66.88
CA LYS F 87 -9.04 -149.78 -65.79
C LYS F 87 -9.68 -150.44 -64.57
N LYS F 88 -10.50 -151.47 -64.79
CA LYS F 88 -11.15 -152.19 -63.69
C LYS F 88 -10.19 -153.07 -62.91
N THR F 89 -9.06 -153.45 -63.51
CA THR F 89 -8.02 -154.32 -62.94
C THR F 89 -8.55 -155.64 -62.38
N SER G 39 -15.89 10.38 -30.32
CA SER G 39 -14.81 9.40 -30.19
C SER G 39 -13.64 9.76 -31.11
N LYS G 40 -13.27 8.83 -32.01
CA LYS G 40 -12.16 9.08 -32.91
C LYS G 40 -12.62 9.75 -34.20
N ASN G 41 -13.81 9.38 -34.70
CA ASN G 41 -14.34 9.94 -35.92
C ASN G 41 -15.32 11.05 -35.62
N LEU G 42 -15.04 12.24 -36.14
CA LEU G 42 -15.85 13.42 -35.88
C LEU G 42 -16.22 14.09 -37.20
N GLY G 43 -17.29 14.87 -37.17
CA GLY G 43 -17.67 15.66 -38.32
C GLY G 43 -18.34 14.87 -39.42
N GLY G 44 -18.86 13.68 -39.10
CA GLY G 44 -19.55 12.92 -40.11
C GLY G 44 -20.96 13.37 -40.40
N LYS G 45 -21.45 14.38 -39.70
CA LYS G 45 -22.81 14.87 -39.86
C LYS G 45 -22.80 16.04 -40.85
N SER G 46 -23.49 15.86 -41.96
CA SER G 46 -23.66 16.90 -42.98
C SER G 46 -24.89 16.57 -43.80
N PRO G 47 -25.80 17.52 -43.96
CA PRO G 47 -26.99 17.25 -44.78
C PRO G 47 -26.64 17.25 -46.26
N GLY G 48 -27.55 16.66 -47.04
CA GLY G 48 -27.35 16.60 -48.47
C GLY G 48 -27.54 17.96 -49.13
N LYS G 49 -26.82 18.15 -50.23
CA LYS G 49 -26.88 19.39 -51.00
C LYS G 49 -27.98 19.37 -52.04
N ARG G 50 -28.78 18.30 -52.10
CA ARG G 50 -29.90 18.11 -53.03
C ARG G 50 -29.44 18.18 -54.48
N PHE G 51 -28.24 17.66 -54.74
CA PHE G 51 -27.76 17.57 -56.11
C PHE G 51 -28.50 16.48 -56.85
N GLY G 52 -28.99 16.78 -58.04
CA GLY G 52 -29.68 15.79 -58.82
C GLY G 52 -30.36 16.40 -60.03
N ILE G 53 -31.23 15.62 -60.63
CA ILE G 53 -31.93 15.97 -61.86
C ILE G 53 -33.26 16.60 -61.48
N LYS G 54 -33.58 17.75 -62.09
CA LYS G 54 -34.80 18.47 -61.76
C LYS G 54 -35.88 18.27 -62.83
N LYS G 55 -35.53 18.50 -64.09
CA LYS G 55 -36.48 18.41 -65.19
C LYS G 55 -36.15 17.21 -66.07
N MET G 56 -37.20 16.53 -66.53
CA MET G 56 -37.07 15.33 -67.35
C MET G 56 -37.24 15.69 -68.82
N GLU G 57 -37.16 14.66 -69.66
CA GLU G 57 -37.56 14.82 -71.06
C GLU G 57 -39.07 14.98 -71.14
N GLY G 58 -39.51 15.94 -71.94
CA GLY G 58 -40.92 16.22 -72.10
C GLY G 58 -41.44 17.33 -71.23
N HIS G 59 -40.70 17.72 -70.20
CA HIS G 59 -41.12 18.83 -69.36
C HIS G 59 -40.92 20.15 -70.09
N TYR G 60 -41.92 21.03 -69.96
CA TYR G 60 -41.90 22.35 -70.58
C TYR G 60 -41.30 23.33 -69.58
N VAL G 61 -40.24 24.02 -70.01
CA VAL G 61 -39.53 24.97 -69.15
C VAL G 61 -39.49 26.32 -69.85
N HIS G 62 -39.24 27.35 -69.06
CA HIS G 62 -39.03 28.70 -69.57
C HIS G 62 -37.57 29.08 -69.44
N ALA G 63 -37.23 30.28 -69.88
CA ALA G 63 -35.86 30.75 -69.81
C ALA G 63 -35.47 31.03 -68.37
N GLY G 64 -34.35 30.43 -67.94
CA GLY G 64 -33.82 30.63 -66.61
C GLY G 64 -34.09 29.49 -65.64
N ASN G 65 -34.95 28.54 -66.00
CA ASN G 65 -35.22 27.41 -65.13
C ASN G 65 -34.01 26.49 -65.06
N ILE G 66 -33.62 26.13 -63.84
CA ILE G 66 -32.50 25.23 -63.63
C ILE G 66 -32.94 23.82 -63.98
N LEU G 67 -32.30 23.23 -64.99
CA LEU G 67 -32.72 21.91 -65.46
C LEU G 67 -32.12 20.81 -64.61
N ALA G 68 -30.87 20.98 -64.19
CA ALA G 68 -30.20 20.02 -63.33
C ALA G 68 -29.09 20.73 -62.57
N THR G 69 -28.78 20.21 -61.39
CA THR G 69 -27.61 20.64 -60.64
C THR G 69 -26.78 19.42 -60.32
N GLN G 70 -25.46 19.60 -60.29
CA GLN G 70 -24.57 18.46 -60.24
C GLN G 70 -23.29 18.84 -59.52
N ARG G 71 -22.56 17.84 -59.07
CA ARG G 71 -21.36 18.05 -58.27
C ARG G 71 -20.12 18.02 -59.15
N HIS G 72 -19.88 16.88 -59.80
CA HIS G 72 -18.96 16.79 -60.92
C HIS G 72 -19.77 16.71 -62.20
N PHE G 73 -19.10 16.74 -63.34
CA PHE G 73 -19.78 16.82 -64.61
C PHE G 73 -20.44 15.48 -64.95
N ARG G 74 -21.72 15.36 -64.61
CA ARG G 74 -22.51 14.17 -64.90
C ARG G 74 -23.37 14.37 -66.14
N TRP G 75 -24.16 15.44 -66.20
CA TRP G 75 -24.82 15.86 -67.43
C TRP G 75 -24.13 17.10 -67.96
N HIS G 76 -23.78 17.08 -69.24
CA HIS G 76 -23.15 18.24 -69.86
C HIS G 76 -24.20 19.15 -70.49
N PRO G 77 -23.96 20.46 -70.56
CA PRO G 77 -24.93 21.33 -71.26
C PRO G 77 -24.80 21.18 -72.76
N GLY G 78 -25.94 21.20 -73.44
CA GLY G 78 -26.02 21.12 -74.88
C GLY G 78 -26.54 22.41 -75.48
N ALA G 79 -27.47 22.27 -76.42
CA ALA G 79 -28.05 23.42 -77.09
C ALA G 79 -29.07 24.11 -76.18
N HIS G 80 -28.97 25.45 -76.11
CA HIS G 80 -29.87 26.33 -75.37
C HIS G 80 -29.90 26.01 -73.87
N VAL G 81 -28.78 25.53 -73.33
CA VAL G 81 -28.66 25.23 -71.90
C VAL G 81 -27.39 25.89 -71.40
N GLY G 82 -27.52 26.80 -70.44
CA GLY G 82 -26.36 27.52 -69.93
C GLY G 82 -25.64 26.76 -68.83
N LEU G 83 -24.48 27.29 -68.46
CA LEU G 83 -23.65 26.72 -67.40
C LEU G 83 -23.32 27.82 -66.39
N GLY G 84 -23.71 27.59 -65.13
CA GLY G 84 -23.27 28.46 -64.04
C GLY G 84 -21.98 27.96 -63.41
N LYS G 85 -21.38 28.81 -62.58
CA LYS G 85 -20.07 28.51 -62.03
C LYS G 85 -20.08 27.39 -60.98
N ASN G 86 -21.25 27.05 -60.45
CA ASN G 86 -21.40 25.85 -59.64
C ASN G 86 -21.89 24.65 -60.45
N LYS G 87 -21.64 24.65 -61.76
CA LYS G 87 -21.87 23.55 -62.69
C LYS G 87 -23.34 23.19 -62.83
N CYS G 88 -24.25 24.10 -62.52
CA CYS G 88 -25.68 23.86 -62.71
C CYS G 88 -26.05 24.11 -64.16
N LEU G 89 -27.06 23.39 -64.64
CA LEU G 89 -27.54 23.53 -66.01
C LEU G 89 -28.89 24.22 -65.99
N TYR G 90 -28.98 25.35 -66.69
CA TYR G 90 -30.17 26.18 -66.70
C TYR G 90 -30.61 26.42 -68.13
N ALA G 91 -31.91 26.39 -68.36
CA ALA G 91 -32.45 26.54 -69.70
C ALA G 91 -32.31 27.98 -70.19
N LEU G 92 -31.76 28.14 -71.39
CA LEU G 92 -31.58 29.45 -72.00
C LEU G 92 -32.78 29.91 -72.81
N GLU G 93 -33.54 28.98 -73.39
CA GLU G 93 -34.73 29.32 -74.16
C GLU G 93 -35.91 28.53 -73.62
N GLU G 94 -37.11 29.03 -73.93
CA GLU G 94 -38.35 28.41 -73.50
C GLU G 94 -38.72 27.27 -74.43
N GLY G 95 -38.91 26.08 -73.88
CA GLY G 95 -39.25 24.94 -74.72
C GLY G 95 -39.20 23.64 -73.96
N VAL G 96 -38.94 22.57 -74.68
CA VAL G 96 -39.04 21.19 -74.17
C VAL G 96 -37.64 20.63 -73.97
N VAL G 97 -37.41 20.02 -72.81
CA VAL G 97 -36.11 19.50 -72.44
C VAL G 97 -35.91 18.13 -73.07
N ARG G 98 -34.72 17.89 -73.62
CA ARG G 98 -34.34 16.60 -74.17
C ARG G 98 -33.01 16.15 -73.57
N TYR G 99 -32.83 14.84 -73.44
CA TYR G 99 -31.58 14.25 -72.97
C TYR G 99 -31.02 13.34 -74.05
N THR G 100 -29.72 13.48 -74.33
CA THR G 100 -29.17 12.99 -75.58
C THR G 100 -27.75 12.46 -75.32
N LYS G 101 -27.32 11.47 -76.09
CA LYS G 101 -25.94 11.00 -76.05
C LYS G 101 -25.21 11.42 -77.33
N GLU G 102 -24.15 12.22 -77.18
CA GLU G 102 -23.27 12.56 -78.31
C GLU G 102 -21.81 12.45 -77.93
N VAL G 103 -20.97 12.93 -78.84
CA VAL G 103 -19.51 12.75 -78.73
C VAL G 103 -18.94 13.89 -77.90
N TYR G 104 -17.78 13.65 -77.31
CA TYR G 104 -17.11 14.64 -76.48
C TYR G 104 -15.86 15.13 -77.17
N VAL G 105 -15.89 16.38 -77.64
CA VAL G 105 -14.72 17.03 -78.23
C VAL G 105 -14.32 18.17 -77.31
N PRO G 106 -13.35 17.97 -76.41
CA PRO G 106 -13.11 18.97 -75.36
C PRO G 106 -12.35 20.18 -75.87
N ASN G 107 -12.25 21.18 -75.00
CA ASN G 107 -11.50 22.39 -75.27
C ASN G 107 -10.01 22.07 -75.36
N PRO G 108 -9.32 22.52 -76.42
CA PRO G 108 -7.87 22.29 -76.49
C PRO G 108 -7.06 23.00 -75.40
N SER G 109 -7.61 24.01 -74.75
CA SER G 109 -6.92 24.65 -73.65
C SER G 109 -6.96 23.82 -72.37
N ASN G 110 -7.79 22.79 -72.31
CA ASN G 110 -7.90 21.94 -71.13
C ASN G 110 -6.90 20.81 -71.26
N SER G 111 -5.81 20.89 -70.49
CA SER G 111 -4.63 20.06 -70.72
C SER G 111 -4.90 18.59 -70.36
N GLU G 112 -5.59 18.34 -69.25
CA GLU G 112 -5.89 16.97 -68.85
C GLU G 112 -6.85 16.31 -69.83
N ALA G 113 -7.82 17.07 -70.32
CA ALA G 113 -8.77 16.53 -71.29
C ALA G 113 -8.10 16.21 -72.62
N VAL G 114 -7.24 17.11 -73.11
CA VAL G 114 -6.59 16.86 -74.40
C VAL G 114 -5.52 15.77 -74.25
N ASP G 115 -4.98 15.58 -73.05
CA ASP G 115 -4.08 14.47 -72.80
C ASP G 115 -4.84 13.14 -72.79
N LEU G 116 -6.05 13.14 -72.23
CA LEU G 116 -6.91 11.96 -72.29
C LEU G 116 -7.30 11.63 -73.72
N VAL G 117 -7.54 12.66 -74.54
CA VAL G 117 -7.73 12.48 -75.98
C VAL G 117 -6.51 11.86 -76.65
N THR G 118 -5.30 12.34 -76.30
CA THR G 118 -4.08 11.82 -76.91
C THR G 118 -3.85 10.35 -76.56
N ARG G 119 -4.19 9.96 -75.33
CA ARG G 119 -3.98 8.56 -74.94
C ARG G 119 -5.06 7.59 -75.43
N LEU G 120 -6.13 8.03 -76.09
CA LEU G 120 -7.13 7.07 -76.58
C LEU G 120 -6.62 6.35 -77.82
N PRO G 121 -6.97 5.07 -77.99
CA PRO G 121 -6.63 4.36 -79.22
C PRO G 121 -7.51 4.81 -80.38
N GLN G 122 -7.10 4.43 -81.60
CA GLN G 122 -7.64 4.99 -82.83
C GLN G 122 -9.08 4.62 -83.12
N GLY G 123 -9.60 3.54 -82.56
CA GLY G 123 -10.99 3.19 -82.81
C GLY G 123 -11.93 3.79 -81.78
N ALA G 124 -11.37 4.40 -80.75
CA ALA G 124 -12.16 4.88 -79.62
C ALA G 124 -12.54 6.34 -79.79
N VAL G 125 -13.80 6.65 -79.51
CA VAL G 125 -14.29 8.02 -79.41
C VAL G 125 -15.01 8.17 -78.08
N LEU G 126 -14.88 9.36 -77.48
CA LEU G 126 -15.57 9.63 -76.22
C LEU G 126 -17.04 9.91 -76.46
N TYR G 127 -17.90 9.34 -75.64
CA TYR G 127 -19.32 9.66 -75.64
C TYR G 127 -19.73 10.15 -74.26
N LYS G 128 -20.51 11.24 -74.26
CA LYS G 128 -21.09 11.78 -73.04
C LYS G 128 -22.56 12.09 -73.29
N THR G 129 -23.24 12.48 -72.22
CA THR G 129 -24.66 12.83 -72.26
C THR G 129 -24.81 14.35 -72.17
N PHE G 130 -25.87 14.85 -72.78
CA PHE G 130 -26.11 16.27 -72.94
C PHE G 130 -27.58 16.57 -72.70
N VAL G 131 -27.84 17.80 -72.26
CA VAL G 131 -29.19 18.31 -72.02
C VAL G 131 -29.45 19.42 -73.01
N HIS G 132 -30.56 19.33 -73.73
CA HIS G 132 -30.93 20.33 -74.72
C HIS G 132 -32.32 20.87 -74.44
N VAL G 133 -32.62 22.03 -75.01
CA VAL G 133 -33.95 22.61 -74.99
C VAL G 133 -34.31 22.93 -76.44
N VAL G 134 -35.27 22.19 -76.99
CA VAL G 134 -35.78 22.53 -78.32
C VAL G 134 -36.69 23.74 -78.17
N PRO G 135 -36.55 24.75 -79.02
CA PRO G 135 -37.41 25.94 -78.91
C PRO G 135 -38.82 25.65 -79.39
N ALA G 136 -39.80 26.14 -78.63
CA ALA G 136 -41.22 25.96 -78.99
C ALA G 136 -41.75 27.21 -79.66
N LYS G 137 -41.63 28.35 -78.97
CA LYS G 137 -42.11 29.60 -79.53
C LYS G 137 -41.17 30.10 -80.62
N PRO G 138 -41.67 30.78 -81.65
CA PRO G 138 -40.78 31.41 -82.61
C PRO G 138 -40.12 32.67 -82.02
N GLU G 139 -39.15 33.20 -82.77
CA GLU G 139 -38.42 34.39 -82.32
C GLU G 139 -39.32 35.61 -82.29
N GLY G 140 -40.19 35.75 -83.28
CA GLY G 140 -41.10 36.88 -83.30
C GLY G 140 -42.03 36.79 -84.48
N THR G 141 -42.93 37.76 -84.57
CA THR G 141 -43.91 37.84 -85.64
C THR G 141 -43.93 39.25 -86.20
N PHE G 142 -44.48 39.38 -87.40
CA PHE G 142 -44.58 40.66 -88.09
C PHE G 142 -46.04 41.10 -88.08
N LYS G 143 -46.32 42.23 -87.43
CA LYS G 143 -47.67 42.77 -87.35
C LYS G 143 -47.74 44.14 -88.01
N LEU G 144 -48.85 44.38 -88.71
CA LEU G 144 -49.10 45.66 -89.37
C LEU G 144 -49.46 46.68 -88.30
N VAL G 145 -48.63 47.71 -88.15
CA VAL G 145 -48.82 48.70 -87.10
C VAL G 145 -49.47 49.97 -87.65
N ALA G 146 -49.15 50.32 -88.90
CA ALA G 146 -49.67 51.54 -89.51
C ALA G 146 -49.64 51.40 -91.01
N MET G 147 -50.73 51.80 -91.66
CA MET G 147 -50.81 51.85 -93.12
C MET G 147 -50.77 53.31 -93.55
N LEU G 148 -49.79 53.65 -94.36
CA LEU G 148 -49.59 55.04 -94.76
C LEU G 148 -49.74 55.22 -96.26
N PRO H 2 -71.22 49.88 -0.58
CA PRO H 2 -71.43 51.32 -0.41
C PRO H 2 -70.14 52.12 -0.57
N LEU H 3 -70.25 53.42 -0.78
CA LEU H 3 -69.11 54.31 -0.91
C LEU H 3 -69.28 55.54 -0.02
N HIS H 4 -68.20 56.29 0.16
CA HIS H 4 -68.31 57.62 0.75
C HIS H 4 -68.96 58.58 -0.23
N LYS H 5 -69.61 59.62 0.31
CA LYS H 5 -70.06 60.72 -0.53
C LYS H 5 -68.91 61.66 -0.90
N VAL H 6 -68.00 61.92 0.03
CA VAL H 6 -66.88 62.83 -0.19
C VAL H 6 -65.60 62.00 -0.32
N PRO H 7 -64.66 62.39 -1.19
CA PRO H 7 -63.38 61.66 -1.28
C PRO H 7 -62.58 61.72 0.01
N VAL H 8 -61.81 60.65 0.24
CA VAL H 8 -60.95 60.53 1.43
C VAL H 8 -59.82 61.55 1.42
N GLY H 9 -59.34 61.96 0.25
CA GLY H 9 -58.29 62.97 0.18
C GLY H 9 -58.72 64.35 0.62
N LEU H 10 -60.03 64.60 0.72
CA LEU H 10 -60.57 65.87 1.17
C LEU H 10 -60.85 65.90 2.67
N TRP H 11 -60.66 64.78 3.36
CA TRP H 11 -61.01 64.65 4.78
C TRP H 11 -60.15 65.51 5.69
N LYS H 12 -58.96 65.89 5.23
CA LYS H 12 -58.19 66.90 5.94
C LYS H 12 -58.71 68.30 5.65
N GLN H 13 -59.23 68.53 4.43
CA GLN H 13 -59.66 69.85 4.04
C GLN H 13 -60.96 70.25 4.74
N LEU H 14 -61.96 69.36 4.74
CA LEU H 14 -63.19 69.73 5.44
C LEU H 14 -63.11 69.53 6.95
N ARG H 15 -62.03 68.94 7.47
CA ARG H 15 -61.76 69.03 8.89
C ARG H 15 -61.45 70.46 9.31
N LEU H 16 -60.77 71.22 8.45
CA LEU H 16 -60.52 72.65 8.67
C LEU H 16 -61.77 73.50 8.54
N TRP H 17 -62.83 72.99 7.91
CA TRP H 17 -64.06 73.77 7.70
C TRP H 17 -65.04 73.67 8.86
N GLU H 18 -64.74 72.92 9.90
CA GLU H 18 -65.67 72.71 11.00
C GLU H 18 -64.97 72.87 12.34
N GLY H 19 -65.75 73.27 13.34
CA GLY H 19 -65.27 73.32 14.71
C GLY H 19 -64.45 74.57 15.02
N ILE H 20 -63.39 74.35 15.80
CA ILE H 20 -62.47 75.41 16.22
C ILE H 20 -61.73 76.00 15.03
N TYR H 21 -61.40 75.17 14.04
CA TYR H 21 -60.67 75.58 12.84
C TYR H 21 -61.44 76.59 12.00
N SER H 22 -62.77 76.58 12.06
CA SER H 22 -63.55 77.54 11.28
C SER H 22 -63.48 78.94 11.87
N ARG H 23 -63.31 79.04 13.19
CA ARG H 23 -63.21 80.31 13.88
C ARG H 23 -61.77 80.83 13.90
N LEU H 24 -60.85 80.09 13.32
CA LEU H 24 -59.47 80.54 13.19
C LEU H 24 -59.42 81.69 12.18
N PRO H 25 -58.49 82.64 12.33
CA PRO H 25 -58.51 83.84 11.48
C PRO H 25 -58.28 83.58 10.00
N ARG H 26 -58.94 84.40 9.17
CA ARG H 26 -59.01 84.18 7.74
C ARG H 26 -57.67 84.41 7.05
N HIS H 27 -56.86 85.35 7.55
CA HIS H 27 -55.54 85.56 6.97
C HIS H 27 -54.62 84.37 7.23
N TYR H 28 -54.74 83.75 8.41
CA TYR H 28 -54.00 82.54 8.70
C TYR H 28 -54.48 81.37 7.84
N LEU H 29 -55.80 81.28 7.63
CA LEU H 29 -56.35 80.25 6.76
C LEU H 29 -55.90 80.42 5.31
N ARG H 30 -55.84 81.66 4.83
CA ARG H 30 -55.38 81.98 3.49
C ARG H 30 -53.89 81.76 3.30
N SER H 31 -53.08 82.01 4.34
CA SER H 31 -51.67 81.66 4.26
C SER H 31 -51.45 80.15 4.33
N LEU H 32 -52.32 79.43 5.05
CA LEU H 32 -52.16 77.98 5.18
C LEU H 32 -52.64 77.24 3.94
N GLU H 33 -53.67 77.73 3.25
CA GLU H 33 -54.27 76.96 2.17
C GLU H 33 -53.39 76.98 0.91
N GLU H 34 -52.60 78.03 0.74
CA GLU H 34 -51.79 78.17 -0.46
C GLU H 34 -50.55 77.31 -0.35
N ALA H 35 -50.48 76.25 -1.17
CA ALA H 35 -49.33 75.36 -1.21
C ALA H 35 -48.48 75.72 -2.42
N ARG H 36 -47.64 76.74 -2.26
CA ARG H 36 -46.75 77.17 -3.33
C ARG H 36 -45.50 76.31 -3.34
N THR H 37 -44.98 76.04 -4.54
CA THR H 37 -43.79 75.21 -4.70
C THR H 37 -42.55 75.93 -4.16
N PRO H 38 -41.63 75.20 -3.53
CA PRO H 38 -40.43 75.85 -2.98
C PRO H 38 -39.42 76.18 -4.07
N THR H 39 -38.37 76.89 -3.66
CA THR H 39 -37.25 77.18 -4.53
C THR H 39 -36.49 75.89 -4.83
N PRO H 40 -36.17 75.61 -6.10
CA PRO H 40 -35.40 74.39 -6.41
C PRO H 40 -34.00 74.43 -5.82
N VAL H 41 -33.73 73.48 -4.93
CA VAL H 41 -32.47 73.43 -4.19
C VAL H 41 -31.55 72.33 -4.71
N HIS H 42 -32.01 71.07 -4.66
CA HIS H 42 -31.17 69.97 -5.10
C HIS H 42 -31.20 69.81 -6.62
N TYR H 43 -32.39 69.60 -7.18
CA TYR H 43 -32.51 69.46 -8.63
C TYR H 43 -32.31 70.81 -9.31
N ARG H 44 -31.66 70.80 -10.48
CA ARG H 44 -31.43 72.02 -11.24
C ARG H 44 -32.48 72.11 -12.34
N PRO H 45 -33.38 73.08 -12.31
CA PRO H 45 -34.48 73.09 -13.28
C PRO H 45 -34.05 73.67 -14.62
N HIS H 46 -34.92 73.47 -15.61
CA HIS H 46 -34.75 74.03 -16.94
C HIS H 46 -35.72 75.19 -17.14
N GLY H 47 -35.23 76.27 -17.74
CA GLY H 47 -36.02 77.47 -17.93
C GLY H 47 -37.18 77.35 -18.90
N ALA H 48 -36.95 76.72 -20.04
CA ALA H 48 -37.95 76.72 -21.10
C ALA H 48 -39.04 75.68 -20.84
N LYS H 49 -40.29 76.08 -21.13
CA LYS H 49 -41.41 75.17 -21.04
C LYS H 49 -41.47 74.22 -22.23
N PHE H 50 -41.01 74.68 -23.39
CA PHE H 50 -40.92 73.87 -24.60
C PHE H 50 -39.45 73.75 -24.99
N LYS H 51 -39.05 72.54 -25.40
CA LYS H 51 -37.67 72.27 -25.75
C LYS H 51 -37.62 71.44 -27.03
N ILE H 52 -36.51 71.52 -27.73
CA ILE H 52 -36.31 70.72 -28.92
C ILE H 52 -35.65 69.40 -28.53
N ASN H 53 -36.27 68.30 -28.95
CA ASN H 53 -35.71 66.97 -28.74
C ASN H 53 -34.43 66.83 -29.58
N PRO H 54 -33.30 66.43 -29.01
CA PRO H 54 -32.09 66.28 -29.83
C PRO H 54 -32.14 65.14 -30.81
N LYS H 55 -32.66 63.98 -30.40
CA LYS H 55 -32.74 62.84 -31.30
C LYS H 55 -33.87 63.00 -32.32
N ASN H 56 -35.01 63.52 -31.87
CA ASN H 56 -36.22 63.52 -32.71
C ASN H 56 -36.26 64.76 -33.60
N TRP H 57 -35.56 65.83 -33.20
CA TRP H 57 -35.59 67.15 -33.85
C TRP H 57 -37.02 67.70 -33.95
N GLN H 58 -37.76 67.61 -32.84
CA GLN H 58 -39.13 68.08 -32.80
C GLN H 58 -39.36 68.90 -31.53
N ARG H 59 -40.34 69.80 -31.62
CA ARG H 59 -40.83 70.53 -30.46
C ARG H 59 -41.50 69.58 -29.48
N GLU H 60 -41.19 69.73 -28.19
CA GLU H 60 -41.82 68.94 -27.15
C GLU H 60 -42.03 69.80 -25.91
N ARG H 61 -43.02 69.43 -25.11
CA ARG H 61 -43.26 70.12 -23.84
C ARG H 61 -42.49 69.40 -22.74
N VAL H 62 -41.78 70.15 -21.90
CA VAL H 62 -40.97 69.59 -20.84
C VAL H 62 -41.36 70.26 -19.52
N GLU H 63 -41.44 69.47 -18.46
CA GLU H 63 -41.97 69.91 -17.18
C GLU H 63 -40.95 69.63 -16.07
N ASP H 64 -40.85 70.58 -15.14
CA ASP H 64 -40.02 70.45 -13.95
C ASP H 64 -40.76 69.60 -12.93
N VAL H 65 -40.15 68.49 -12.52
CA VAL H 65 -40.71 67.62 -11.49
C VAL H 65 -39.80 67.70 -10.27
N PRO H 66 -40.31 68.07 -9.10
CA PRO H 66 -39.45 68.24 -7.92
C PRO H 66 -38.97 66.91 -7.37
N ILE H 67 -37.71 66.88 -6.95
CA ILE H 67 -37.11 65.70 -6.33
C ILE H 67 -37.51 65.70 -4.85
N PRO H 68 -38.11 64.63 -4.34
CA PRO H 68 -38.50 64.60 -2.93
C PRO H 68 -37.29 64.57 -2.00
N VAL H 69 -37.33 65.43 -0.98
CA VAL H 69 -36.25 65.56 -0.01
C VAL H 69 -36.83 65.32 1.37
N HIS H 70 -36.09 64.59 2.21
CA HIS H 70 -36.53 64.24 3.55
C HIS H 70 -35.96 65.24 4.55
N TYR H 71 -36.83 65.74 5.44
CA TYR H 71 -36.41 66.65 6.49
C TYR H 71 -36.44 65.92 7.84
N PRO H 72 -35.30 65.69 8.47
CA PRO H 72 -35.30 65.03 9.78
C PRO H 72 -35.81 65.96 10.85
N PRO H 73 -36.23 65.42 12.01
CA PRO H 73 -36.63 66.30 13.12
C PRO H 73 -35.51 67.16 13.69
N GLU H 74 -34.24 66.79 13.48
CA GLU H 74 -33.10 67.63 13.87
C GLU H 74 -33.03 68.91 13.04
N SER H 75 -33.50 68.88 11.79
CA SER H 75 -33.45 70.05 10.91
C SER H 75 -34.35 71.19 11.38
N GLN H 76 -35.39 70.90 12.16
CA GLN H 76 -36.27 71.95 12.65
C GLN H 76 -35.63 72.77 13.77
N LEU H 77 -34.58 72.26 14.41
CA LEU H 77 -33.87 73.04 15.42
C LEU H 77 -32.89 74.05 14.82
N GLY H 78 -32.59 73.93 13.53
CA GLY H 78 -31.71 74.84 12.85
C GLY H 78 -32.29 75.37 11.55
N LEU H 79 -31.42 76.06 10.81
CA LEU H 79 -31.76 76.62 9.50
C LEU H 79 -30.89 75.92 8.46
N TRP H 80 -31.47 75.01 7.70
CA TRP H 80 -30.70 74.20 6.76
C TRP H 80 -30.71 74.77 5.35
N GLY H 81 -31.35 75.91 5.12
CA GLY H 81 -31.41 76.48 3.80
C GLY H 81 -32.45 75.88 2.88
N GLY H 82 -33.41 75.13 3.41
CA GLY H 82 -34.42 74.52 2.60
C GLY H 82 -34.06 73.16 2.04
N GLU H 83 -32.98 72.56 2.49
CA GLU H 83 -32.53 71.25 2.03
C GLU H 83 -32.52 70.26 3.19
N GLY H 84 -32.26 69.01 2.86
CA GLY H 84 -32.21 67.97 3.87
C GLY H 84 -31.59 66.71 3.31
N TRP H 85 -31.96 65.58 3.89
CA TRP H 85 -31.48 64.30 3.41
C TRP H 85 -32.18 63.93 2.11
N VAL H 86 -31.39 63.51 1.13
CA VAL H 86 -31.92 63.08 -0.17
C VAL H 86 -31.86 61.56 -0.21
N LEU H 87 -33.01 60.92 -0.26
CA LEU H 87 -33.12 59.47 -0.32
C LEU H 87 -33.42 59.05 -1.75
N GLY H 88 -32.68 58.08 -2.25
CA GLY H 88 -32.94 57.64 -3.60
C GLY H 88 -32.14 56.41 -3.97
N HIS H 89 -32.02 56.19 -5.27
CA HIS H 89 -31.27 55.06 -5.81
C HIS H 89 -30.19 55.56 -6.76
N ARG H 90 -29.21 54.69 -6.99
CA ARG H 90 -28.07 55.04 -7.83
C ARG H 90 -27.54 53.79 -8.49
N TYR H 91 -26.76 53.98 -9.55
CA TYR H 91 -26.10 52.89 -10.25
C TYR H 91 -24.59 52.99 -10.03
N VAL H 92 -23.97 51.86 -9.72
CA VAL H 92 -22.53 51.86 -9.53
C VAL H 92 -21.82 51.99 -10.86
N ASN H 93 -20.72 52.75 -10.86
CA ASN H 93 -19.86 53.10 -12.00
C ASN H 93 -20.60 53.83 -13.11
N ASN H 94 -21.77 54.42 -12.82
CA ASN H 94 -22.63 55.20 -13.72
C ASN H 94 -23.09 54.43 -14.94
N ASP H 95 -23.07 53.10 -14.91
CA ASP H 95 -23.62 52.32 -16.01
C ASP H 95 -25.03 51.86 -15.65
N LYS H 96 -25.93 51.86 -16.63
CA LYS H 96 -27.31 51.47 -16.38
C LYS H 96 -27.44 50.00 -16.01
N LEU H 97 -26.67 49.13 -16.67
CA LEU H 97 -26.79 47.68 -16.47
C LEU H 97 -26.14 47.19 -15.19
N SER H 98 -25.62 48.06 -14.34
CA SER H 98 -24.93 47.66 -13.13
C SER H 98 -25.92 47.51 -11.98
N LYS H 99 -25.38 47.39 -10.76
CA LYS H 99 -26.19 47.15 -9.57
C LYS H 99 -26.99 48.39 -9.19
N ARG H 100 -28.22 48.17 -8.75
CA ARG H 100 -29.05 49.23 -8.18
C ARG H 100 -28.81 49.33 -6.68
N VAL H 101 -28.54 50.55 -6.22
CA VAL H 101 -28.05 50.81 -4.87
C VAL H 101 -28.94 51.84 -4.19
N ARG H 102 -29.38 51.55 -2.97
CA ARG H 102 -30.02 52.57 -2.16
C ARG H 102 -28.97 53.55 -1.64
N LYS H 103 -29.23 54.84 -1.81
CA LYS H 103 -28.25 55.87 -1.49
C LYS H 103 -28.91 57.04 -0.78
N VAL H 104 -28.28 57.48 0.31
CA VAL H 104 -28.67 58.66 1.06
C VAL H 104 -27.59 59.72 0.89
N TRP H 105 -28.01 60.96 0.68
CA TRP H 105 -27.11 62.11 0.59
C TRP H 105 -27.44 63.06 1.74
N LYS H 106 -26.41 63.44 2.50
CA LYS H 106 -26.65 64.28 3.67
C LYS H 106 -25.94 65.60 3.53
N PRO H 107 -26.55 66.71 3.95
CA PRO H 107 -25.87 68.00 3.88
C PRO H 107 -24.76 68.11 4.91
N GLN H 108 -23.78 68.95 4.62
CA GLN H 108 -22.68 69.21 5.55
C GLN H 108 -23.12 70.27 6.55
N LEU H 109 -22.89 70.02 7.83
CA LEU H 109 -23.41 70.86 8.90
C LEU H 109 -22.27 71.53 9.65
N PHE H 110 -22.53 72.77 10.08
CA PHE H 110 -21.56 73.55 10.84
C PHE H 110 -22.26 74.26 11.99
N GLN H 111 -21.53 74.44 13.08
CA GLN H 111 -22.02 75.16 14.26
C GLN H 111 -21.53 76.61 14.18
N ARG H 112 -22.42 77.51 13.81
CA ARG H 112 -22.10 78.92 13.66
C ARG H 112 -23.06 79.76 14.51
N GLU H 113 -22.54 80.86 15.05
CA GLU H 113 -23.34 81.78 15.83
C GLU H 113 -23.75 82.96 14.95
N LEU H 114 -25.03 83.34 15.03
CA LEU H 114 -25.59 84.36 14.17
C LEU H 114 -26.18 85.49 15.01
N TYR H 115 -25.93 86.73 14.58
CA TYR H 115 -26.38 87.91 15.29
C TYR H 115 -27.60 88.48 14.58
N SER H 116 -28.70 88.59 15.32
CA SER H 116 -29.91 89.24 14.82
C SER H 116 -30.01 90.61 15.45
N GLU H 117 -30.10 91.65 14.62
CA GLU H 117 -30.10 93.02 15.13
C GLU H 117 -31.42 93.37 15.79
N ILE H 118 -32.51 92.74 15.35
CA ILE H 118 -33.83 93.01 15.92
C ILE H 118 -33.92 92.47 17.35
N LEU H 119 -33.45 91.24 17.57
CA LEU H 119 -33.53 90.64 18.89
C LEU H 119 -32.33 90.95 19.77
N ASP H 120 -31.24 91.42 19.19
CA ASP H 120 -29.97 91.73 19.87
C ASP H 120 -29.44 90.52 20.65
N LYS H 121 -29.51 89.36 19.98
CA LYS H 121 -29.14 88.10 20.61
C LYS H 121 -28.28 87.30 19.65
N ARG H 122 -27.40 86.49 20.22
CA ARG H 122 -26.53 85.60 19.46
C ARG H 122 -27.04 84.17 19.64
N PHE H 123 -27.53 83.58 18.55
CA PHE H 123 -28.06 82.23 18.56
C PHE H 123 -27.05 81.27 17.95
N THR H 124 -26.69 80.23 18.70
CA THR H 124 -25.82 79.18 18.18
C THR H 124 -26.67 78.19 17.39
N VAL H 125 -26.68 78.34 16.08
CA VAL H 125 -27.55 77.59 15.20
C VAL H 125 -26.72 76.68 14.31
N THR H 126 -27.09 75.41 14.23
CA THR H 126 -26.52 74.51 13.23
C THR H 126 -27.03 74.95 11.85
N VAL H 127 -26.10 75.35 10.99
CA VAL H 127 -26.43 75.96 9.71
C VAL H 127 -25.72 75.22 8.59
N THR H 128 -26.07 75.59 7.37
CA THR H 128 -25.48 75.03 6.17
C THR H 128 -24.79 76.15 5.39
N MET H 129 -23.81 75.78 4.56
CA MET H 129 -23.17 76.72 3.65
C MET H 129 -24.16 77.36 2.68
N ARG H 130 -25.21 76.64 2.28
CA ARG H 130 -26.26 77.24 1.48
C ARG H 130 -27.03 78.30 2.27
N THR H 131 -27.25 78.06 3.56
CA THR H 131 -27.89 79.06 4.42
C THR H 131 -27.03 80.30 4.55
N LEU H 132 -25.71 80.12 4.71
CA LEU H 132 -24.82 81.26 4.81
C LEU H 132 -24.72 82.02 3.48
N ASP H 133 -24.71 81.30 2.35
CA ASP H 133 -24.77 81.93 1.03
C ASP H 133 -26.08 82.69 0.82
N LEU H 134 -27.20 82.16 1.28
CA LEU H 134 -28.47 82.88 1.20
C LEU H 134 -28.51 84.10 2.10
N ILE H 135 -27.86 84.04 3.26
CA ILE H 135 -27.71 85.23 4.11
C ILE H 135 -26.91 86.31 3.39
N ASP H 136 -25.78 85.91 2.78
CA ASP H 136 -24.93 86.86 2.09
C ASP H 136 -25.59 87.42 0.83
N GLN H 137 -26.42 86.61 0.17
CA GLN H 137 -27.17 87.05 -1.00
C GLN H 137 -28.33 87.97 -0.64
N ALA H 138 -29.04 87.67 0.45
CA ALA H 138 -30.17 88.47 0.89
C ALA H 138 -29.76 89.68 1.71
N CYS H 139 -28.46 89.86 1.94
CA CYS H 139 -27.80 91.04 2.52
C CYS H 139 -28.14 91.24 3.99
N GLY H 140 -28.34 90.17 4.75
CA GLY H 140 -28.53 90.28 6.19
C GLY H 140 -29.10 89.00 6.73
N PHE H 141 -28.83 88.74 8.01
CA PHE H 141 -29.49 87.62 8.67
C PHE H 141 -30.97 87.92 8.90
N ASP H 142 -31.26 89.13 9.40
CA ASP H 142 -32.64 89.57 9.58
C ASP H 142 -33.33 89.71 8.23
N PHE H 143 -32.61 90.22 7.23
CA PHE H 143 -33.13 90.32 5.87
C PHE H 143 -33.44 88.96 5.29
N TYR H 144 -32.55 87.97 5.56
CA TYR H 144 -32.75 86.61 5.09
C TYR H 144 -33.97 85.97 5.70
N ILE H 145 -34.19 86.17 7.00
CA ILE H 145 -35.37 85.58 7.63
C ILE H 145 -36.65 86.26 7.15
N LEU H 146 -36.63 87.60 7.06
CA LEU H 146 -37.85 88.30 6.70
C LEU H 146 -38.15 88.28 5.21
N LYS H 147 -37.18 87.91 4.36
CA LYS H 147 -37.37 87.92 2.92
C LYS H 147 -37.70 86.55 2.34
N THR H 148 -37.20 85.46 2.94
CA THR H 148 -37.44 84.13 2.43
C THR H 148 -38.69 83.53 3.06
N PRO H 149 -39.62 83.02 2.25
CA PRO H 149 -40.91 82.56 2.78
C PRO H 149 -40.83 81.22 3.49
N LYS H 150 -42.02 80.70 3.81
CA LYS H 150 -42.15 79.48 4.61
C LYS H 150 -41.61 78.26 3.87
N GLU H 151 -42.00 78.08 2.60
CA GLU H 151 -41.60 76.88 1.86
C GLU H 151 -40.13 76.91 1.47
N ASP H 152 -39.51 78.09 1.47
CA ASP H 152 -38.07 78.17 1.24
C ASP H 152 -37.28 78.01 2.53
N LEU H 153 -37.83 78.47 3.66
CA LEU H 153 -37.11 78.38 4.93
C LEU H 153 -37.19 76.97 5.50
N CYS H 154 -38.39 76.40 5.56
CA CYS H 154 -38.72 75.04 5.98
C CYS H 154 -38.31 74.73 7.42
N SER H 155 -38.21 75.72 8.31
CA SER H 155 -37.80 75.48 9.68
C SER H 155 -38.78 76.10 10.66
N LYS H 156 -39.15 75.32 11.68
CA LYS H 156 -40.00 75.84 12.74
C LYS H 156 -39.27 76.90 13.56
N PHE H 157 -37.96 76.73 13.77
CA PHE H 157 -37.16 77.76 14.42
C PHE H 157 -37.09 79.02 13.58
N GLY H 158 -36.98 78.88 12.26
CA GLY H 158 -37.00 80.05 11.39
C GLY H 158 -38.33 80.78 11.39
N MET H 159 -39.43 80.02 11.39
CA MET H 159 -40.76 80.61 11.55
C MET H 159 -40.95 81.30 12.89
N ASP H 160 -40.44 80.71 13.98
CA ASP H 160 -40.49 81.34 15.29
C ASP H 160 -39.66 82.61 15.36
N LEU H 161 -38.48 82.60 14.73
CA LEU H 161 -37.64 83.80 14.66
C LEU H 161 -38.33 84.91 13.86
N LYS H 162 -38.93 84.55 12.72
CA LYS H 162 -39.67 85.50 11.90
C LYS H 162 -40.87 86.06 12.65
N ARG H 163 -41.59 85.19 13.39
CA ARG H 163 -42.73 85.63 14.18
C ARG H 163 -42.31 86.58 15.29
N GLY H 164 -41.20 86.28 15.97
CA GLY H 164 -40.68 87.14 17.02
C GLY H 164 -40.23 88.50 16.54
N MET H 165 -39.45 88.56 15.46
CA MET H 165 -39.03 89.86 14.97
C MET H 165 -40.13 90.63 14.25
N LEU H 166 -41.07 89.94 13.60
CA LEU H 166 -42.21 90.61 12.99
C LEU H 166 -43.13 91.18 14.04
N LEU H 167 -43.32 90.46 15.15
CA LEU H 167 -44.05 91.00 16.29
C LEU H 167 -43.32 92.17 16.93
N ARG H 168 -41.99 92.11 17.01
CA ARG H 168 -41.19 93.22 17.51
C ARG H 168 -41.36 94.47 16.66
N LEU H 169 -41.32 94.32 15.33
CA LEU H 169 -41.53 95.42 14.41
C LEU H 169 -42.97 95.95 14.46
N ALA H 170 -43.94 95.07 14.70
CA ALA H 170 -45.32 95.52 14.79
C ALA H 170 -45.61 96.28 16.08
N ARG H 171 -45.09 95.79 17.22
CA ARG H 171 -45.34 96.47 18.49
C ARG H 171 -44.52 97.73 18.66
N GLN H 172 -43.33 97.79 18.03
CA GLN H 172 -42.36 98.87 18.22
C GLN H 172 -42.01 99.03 19.70
N ASP H 173 -41.43 97.98 20.24
CA ASP H 173 -41.21 97.87 21.68
C ASP H 173 -39.99 98.67 22.12
N PRO H 174 -40.01 99.29 23.30
CA PRO H 174 -38.84 100.04 23.77
C PRO H 174 -37.73 99.16 24.32
N GLN H 175 -37.91 97.83 24.37
CA GLN H 175 -36.95 96.95 25.03
C GLN H 175 -35.81 96.49 24.12
N LEU H 176 -35.72 97.00 22.89
CA LEU H 176 -34.59 96.70 22.03
C LEU H 176 -33.33 97.36 22.58
N HIS H 177 -33.38 98.69 22.73
CA HIS H 177 -32.27 99.46 23.30
C HIS H 177 -32.89 100.55 24.17
N PRO H 178 -33.05 100.28 25.47
CA PRO H 178 -33.67 101.29 26.36
C PRO H 178 -32.85 102.56 26.55
N ASP H 179 -31.55 102.52 26.25
CA ASP H 179 -30.70 103.69 26.48
C ASP H 179 -30.41 104.48 25.19
N ASP H 180 -30.71 103.92 24.03
CA ASP H 180 -30.30 104.51 22.75
C ASP H 180 -31.48 104.61 21.79
N PRO H 181 -32.31 105.65 21.91
CA PRO H 181 -33.43 105.81 20.96
C PRO H 181 -33.01 106.11 19.53
N ALA H 182 -31.89 106.80 19.32
CA ALA H 182 -31.38 107.04 17.98
C ALA H 182 -30.97 105.74 17.30
N ARG H 183 -30.29 104.87 18.05
CA ARG H 183 -29.94 103.54 17.55
C ARG H 183 -31.18 102.70 17.29
N ARG H 184 -32.19 102.81 18.17
CA ARG H 184 -33.43 102.05 17.99
C ARG H 184 -34.15 102.47 16.71
N ALA H 185 -34.25 103.78 16.47
CA ALA H 185 -34.85 104.27 15.23
C ALA H 185 -34.03 103.90 14.02
N ALA H 186 -32.69 103.88 14.15
CA ALA H 186 -31.83 103.47 13.04
C ALA H 186 -32.00 102.00 12.70
N ILE H 187 -32.22 101.14 13.70
CA ILE H 187 -32.47 99.72 13.43
C ILE H 187 -33.83 99.53 12.75
N TYR H 188 -34.88 100.16 13.29
CA TYR H 188 -36.20 99.94 12.68
C TYR H 188 -36.41 100.70 11.37
N ASP H 189 -35.51 101.62 11.00
CA ASP H 189 -35.69 102.33 9.73
C ASP H 189 -35.40 101.42 8.53
N ARG H 190 -34.46 100.49 8.68
CA ARG H 190 -34.01 99.71 7.53
C ARG H 190 -35.02 98.63 7.13
N TYR H 191 -35.77 98.09 8.08
CA TYR H 191 -36.72 97.02 7.81
C TYR H 191 -38.16 97.50 7.78
N LYS H 192 -38.40 98.73 7.32
CA LYS H 192 -39.76 99.25 7.28
C LYS H 192 -40.59 98.67 6.15
N ALA H 193 -39.97 97.95 5.22
CA ALA H 193 -40.71 97.38 4.10
C ALA H 193 -41.55 96.18 4.53
N PHE H 194 -41.15 95.51 5.61
CA PHE H 194 -41.84 94.31 6.07
C PHE H 194 -42.74 94.55 7.27
N VAL H 195 -43.16 95.80 7.52
CA VAL H 195 -44.02 96.08 8.66
C VAL H 195 -45.45 95.64 8.34
N ILE H 196 -46.00 94.80 9.21
CA ILE H 196 -47.35 94.27 9.06
C ILE H 196 -48.05 94.48 10.40
N PRO H 197 -49.39 94.73 10.40
CA PRO H 197 -50.07 94.97 11.69
C PRO H 197 -50.14 93.79 12.64
N GLU H 198 -50.60 94.10 13.86
CA GLU H 198 -50.42 93.27 15.04
C GLU H 198 -51.19 91.95 14.98
N ALA H 199 -52.44 91.99 14.48
CA ALA H 199 -53.24 90.78 14.38
C ALA H 199 -52.73 89.83 13.30
N GLU H 200 -51.91 90.34 12.37
CA GLU H 200 -51.29 89.50 11.36
C GLU H 200 -49.93 88.99 11.81
N ALA H 201 -49.19 89.79 12.58
CA ALA H 201 -47.79 89.50 12.88
C ALA H 201 -47.60 88.38 13.89
N GLU H 202 -48.62 88.04 14.69
CA GLU H 202 -48.47 87.03 15.71
C GLU H 202 -48.99 85.66 15.31
N TRP H 203 -49.27 85.43 14.03
CA TRP H 203 -49.73 84.14 13.55
C TRP H 203 -48.87 83.56 12.44
N VAL H 204 -47.77 84.21 12.09
CA VAL H 204 -47.02 83.82 10.89
C VAL H 204 -46.14 82.61 11.18
N GLY H 205 -45.76 82.40 12.44
CA GLY H 205 -44.88 81.31 12.78
C GLY H 205 -45.54 80.18 13.54
N LEU H 206 -46.86 80.13 13.50
CA LEU H 206 -47.62 79.16 14.29
C LEU H 206 -47.99 77.95 13.44
N THR H 207 -47.85 76.76 14.03
CA THR H 207 -48.37 75.55 13.42
C THR H 207 -49.87 75.44 13.68
N LEU H 208 -50.47 74.37 13.15
CA LEU H 208 -51.91 74.19 13.31
C LEU H 208 -52.29 73.86 14.75
N ASP H 209 -51.48 73.04 15.43
CA ASP H 209 -51.76 72.69 16.82
C ASP H 209 -51.57 73.90 17.75
N GLU H 210 -50.52 74.70 17.49
CA GLU H 210 -50.31 75.92 18.25
C GLU H 210 -51.42 76.94 17.99
N ALA H 211 -51.91 77.02 16.75
CA ALA H 211 -52.99 77.92 16.42
C ALA H 211 -54.30 77.49 17.07
N VAL H 212 -54.56 76.19 17.12
CA VAL H 212 -55.76 75.67 17.77
C VAL H 212 -55.70 75.91 19.27
N GLU H 213 -54.52 75.71 19.88
CA GLU H 213 -54.36 75.98 21.31
C GLU H 213 -54.50 77.47 21.61
N LYS H 214 -53.97 78.32 20.73
CA LYS H 214 -54.10 79.78 20.91
C LYS H 214 -55.54 80.23 20.79
N GLN H 215 -56.28 79.71 19.81
CA GLN H 215 -57.70 80.03 19.67
C GLN H 215 -58.53 79.50 20.83
N ARG H 216 -58.22 78.30 21.33
CA ARG H 216 -58.92 77.77 22.50
C ARG H 216 -58.63 78.60 23.74
N LEU H 217 -57.40 79.08 23.88
CA LEU H 217 -57.06 79.93 25.03
C LEU H 217 -57.73 81.29 24.94
N LEU H 218 -57.83 81.87 23.73
CA LEU H 218 -58.49 83.15 23.58
C LEU H 218 -60.00 83.04 23.75
N GLU H 219 -60.59 81.92 23.33
CA GLU H 219 -62.03 81.70 23.49
C GLU H 219 -62.36 80.99 24.80
N GLU H 220 -61.37 80.74 25.65
CA GLU H 220 -61.60 80.08 26.93
C GLU H 220 -62.35 81.00 27.87
N LYS H 221 -63.63 80.71 28.08
CA LYS H 221 -64.47 81.47 28.99
C LYS H 221 -65.09 80.50 29.98
N ASP H 222 -65.14 80.91 31.25
CA ASP H 222 -65.95 80.19 32.22
C ASP H 222 -67.42 80.38 31.87
N PRO H 223 -68.29 79.40 32.11
CA PRO H 223 -69.69 79.56 31.76
C PRO H 223 -70.39 80.56 32.68
N ILE H 224 -71.17 81.44 32.08
CA ILE H 224 -71.92 82.45 32.84
C ILE H 224 -73.02 81.76 33.62
N PRO H 225 -73.18 82.04 34.91
CA PRO H 225 -74.27 81.43 35.69
C PRO H 225 -75.64 81.86 35.19
N LEU H 226 -76.62 80.97 35.34
CA LEU H 226 -77.98 81.28 34.92
C LEU H 226 -78.64 82.35 35.78
N PHE H 227 -78.10 82.61 36.99
CA PHE H 227 -78.61 83.70 37.83
C PHE H 227 -78.44 85.05 37.13
N LYS H 228 -77.30 85.29 36.49
CA LYS H 228 -77.05 86.56 35.82
C LYS H 228 -78.01 86.76 34.64
N ILE H 229 -78.23 85.67 33.88
CA ILE H 229 -79.15 85.72 32.73
C ILE H 229 -80.58 85.97 33.20
N PHE H 230 -80.98 85.30 34.29
CA PHE H 230 -82.32 85.47 34.81
C PHE H 230 -82.53 86.85 35.43
N VAL H 231 -81.50 87.40 36.08
CA VAL H 231 -81.58 88.77 36.60
C VAL H 231 -81.71 89.78 35.47
N GLU H 232 -80.94 89.61 34.39
CA GLU H 232 -81.06 90.51 33.24
C GLU H 232 -82.43 90.39 32.56
N GLU H 233 -82.96 89.17 32.45
CA GLU H 233 -84.29 88.98 31.88
C GLU H 233 -85.37 89.60 32.76
N LEU H 234 -85.25 89.46 34.08
CA LEU H 234 -86.23 90.03 34.98
C LEU H 234 -86.15 91.56 35.01
N LEU H 235 -84.94 92.11 34.89
CA LEU H 235 -84.79 93.56 34.80
C LEU H 235 -85.37 94.10 33.50
N GLY H 236 -85.19 93.37 32.40
CA GLY H 236 -85.81 93.77 31.14
C GLY H 236 -87.33 93.72 31.20
N GLN H 237 -87.87 92.69 31.85
CA GLN H 237 -89.32 92.57 32.04
C GLN H 237 -89.85 93.69 32.92
N LEU H 238 -89.14 94.03 33.99
CA LEU H 238 -89.56 95.10 34.89
C LEU H 238 -89.46 96.47 34.24
N GLN H 239 -88.43 96.71 33.43
CA GLN H 239 -88.35 97.95 32.65
C GLN H 239 -89.44 98.06 31.61
N GLN H 240 -89.79 96.96 30.93
CA GLN H 240 -90.91 96.94 30.00
C GLN H 240 -92.25 97.19 30.70
N GLN H 241 -92.46 96.62 31.89
CA GLN H 241 -93.67 96.91 32.64
C GLN H 241 -93.71 98.33 33.18
N ALA H 242 -92.55 98.91 33.52
CA ALA H 242 -92.51 100.28 34.02
C ALA H 242 -92.71 101.30 32.92
N LEU H 243 -92.23 101.02 31.71
CA LEU H 243 -92.41 101.93 30.58
C LEU H 243 -93.77 101.82 29.93
N SER H 244 -94.56 100.80 30.29
CA SER H 244 -95.89 100.61 29.73
C SER H 244 -96.99 101.24 30.57
N GLU H 245 -96.65 101.90 31.67
CA GLU H 245 -97.64 102.57 32.51
C GLU H 245 -97.44 104.08 32.47
N GLY I 65 -82.89 46.90 69.22
CA GLY I 65 -83.38 47.48 67.98
C GLY I 65 -83.08 46.63 66.77
N LEU I 66 -82.87 45.34 66.99
CA LEU I 66 -82.57 44.39 65.93
C LEU I 66 -83.81 43.77 65.30
N GLU I 67 -84.98 44.03 65.87
CA GLU I 67 -86.23 43.45 65.35
C GLU I 67 -86.77 44.19 64.14
N GLU I 68 -86.25 45.38 63.82
CA GLU I 68 -86.73 46.17 62.70
C GLU I 68 -86.39 45.53 61.36
N PHE I 69 -85.36 44.68 61.32
CA PHE I 69 -85.07 43.82 60.18
C PHE I 69 -86.17 42.81 59.88
N PHE I 70 -87.07 42.54 60.82
CA PHE I 70 -88.17 41.63 60.60
C PHE I 70 -89.49 42.41 60.68
N ASP I 71 -90.54 41.79 60.18
CA ASP I 71 -91.87 42.36 60.30
C ASP I 71 -92.42 42.13 61.71
N ASP I 72 -93.60 42.69 61.95
CA ASP I 72 -94.30 42.38 63.20
C ASP I 72 -94.74 40.93 63.20
N PRO I 73 -94.76 40.26 64.37
CA PRO I 73 -94.99 38.80 64.41
C PRO I 73 -96.38 38.34 63.96
N LYS I 74 -97.35 39.26 63.89
CA LYS I 74 -98.67 38.90 63.42
C LYS I 74 -98.68 38.63 61.91
N ASN I 75 -97.72 39.21 61.20
CA ASN I 75 -97.68 39.14 59.74
C ASN I 75 -96.69 38.10 59.21
N TRP I 76 -96.14 37.25 60.08
CA TRP I 76 -95.08 36.34 59.65
C TRP I 76 -95.64 35.18 58.82
N GLY I 77 -96.80 34.65 59.22
CA GLY I 77 -97.33 33.46 58.58
C GLY I 77 -98.43 33.71 57.57
N GLU I 78 -98.58 34.94 57.11
CA GLU I 78 -99.63 35.30 56.17
C GLU I 78 -99.10 35.25 54.74
N GLU I 79 -99.87 34.60 53.86
CA GLU I 79 -99.47 34.38 52.47
C GLU I 79 -99.46 35.66 51.65
N LYS I 80 -100.41 36.56 51.87
CA LYS I 80 -100.52 37.79 51.10
C LYS I 80 -100.42 38.99 52.03
N VAL I 81 -99.52 39.92 51.71
CA VAL I 81 -99.31 41.12 52.49
C VAL I 81 -99.68 42.31 51.62
N LYS I 82 -100.79 42.96 51.93
CA LYS I 82 -101.20 44.14 51.18
C LYS I 82 -100.36 45.35 51.60
N SER I 83 -100.18 46.28 50.68
CA SER I 83 -99.40 47.48 50.91
C SER I 83 -99.87 48.55 49.94
N GLY I 84 -99.49 49.79 50.23
CA GLY I 84 -99.91 50.92 49.42
C GLY I 84 -99.06 51.09 48.18
N ALA I 85 -99.35 52.17 47.46
CA ALA I 85 -98.66 52.46 46.21
C ALA I 85 -97.26 53.01 46.49
N SER I 86 -96.44 53.00 45.43
CA SER I 86 -95.13 53.60 45.50
C SER I 86 -95.24 55.13 45.51
N TRP I 87 -94.18 55.77 46.00
CA TRP I 87 -94.17 57.22 46.11
C TRP I 87 -93.98 57.87 44.74
N THR I 88 -94.88 58.78 44.39
CA THR I 88 -94.87 59.45 43.10
C THR I 88 -93.96 60.68 43.16
N CYS I 89 -93.36 61.02 42.01
CA CYS I 89 -92.42 62.13 41.90
C CYS I 89 -93.06 63.47 42.28
N GLN I 90 -94.31 63.68 41.88
CA GLN I 90 -95.01 64.91 42.23
C GLN I 90 -95.30 64.99 43.72
N GLN I 91 -95.49 63.83 44.36
CA GLN I 91 -95.64 63.81 45.81
C GLN I 91 -94.31 64.05 46.52
N LEU I 92 -93.20 63.64 45.90
CA LEU I 92 -91.89 63.95 46.45
C LEU I 92 -91.55 65.44 46.35
N ARG I 93 -92.00 66.10 45.27
CA ARG I 93 -91.63 67.50 45.08
C ARG I 93 -92.31 68.44 46.08
N ASN I 94 -93.41 68.00 46.71
CA ASN I 94 -94.12 68.86 47.64
C ASN I 94 -93.47 68.90 49.02
N LYS I 95 -92.58 67.96 49.31
CA LYS I 95 -92.01 67.86 50.65
C LYS I 95 -90.75 68.71 50.77
N SER I 96 -90.39 69.01 52.03
CA SER I 96 -89.19 69.78 52.32
C SER I 96 -87.98 68.85 52.37
N ASN I 97 -86.78 69.45 52.49
CA ASN I 97 -85.55 68.67 52.42
C ASN I 97 -85.36 67.81 53.67
N GLU I 98 -85.76 68.32 54.83
CA GLU I 98 -85.71 67.52 56.05
C GLU I 98 -86.68 66.36 55.99
N ASP I 99 -87.83 66.57 55.34
CA ASP I 99 -88.79 65.50 55.12
C ASP I 99 -88.21 64.42 54.22
N LEU I 100 -87.48 64.80 53.18
CA LEU I 100 -86.82 63.83 52.31
C LEU I 100 -85.71 63.09 53.05
N HIS I 101 -84.97 63.80 53.91
CA HIS I 101 -83.90 63.18 54.70
C HIS I 101 -84.44 62.14 55.67
N LYS I 102 -85.59 62.41 56.28
CA LYS I 102 -86.19 61.43 57.18
C LYS I 102 -86.85 60.29 56.41
N LEU I 103 -87.47 60.61 55.26
CA LEU I 103 -88.14 59.60 54.45
C LEU I 103 -87.16 58.63 53.83
N TRP I 104 -85.91 59.06 53.61
CA TRP I 104 -84.89 58.15 53.11
C TRP I 104 -84.60 57.02 54.10
N TYR I 105 -84.49 57.35 55.39
CA TYR I 105 -84.26 56.31 56.39
C TYR I 105 -85.52 55.48 56.67
N VAL I 106 -86.69 56.12 56.59
CA VAL I 106 -87.96 55.40 56.72
C VAL I 106 -88.09 54.35 55.62
N LEU I 107 -87.72 54.70 54.40
CA LEU I 107 -87.71 53.74 53.31
C LEU I 107 -86.57 52.73 53.45
N LEU I 108 -85.44 53.16 54.02
CA LEU I 108 -84.25 52.33 54.12
C LEU I 108 -84.47 51.14 55.05
N LYS I 109 -85.10 51.39 56.20
CA LYS I 109 -85.37 50.30 57.15
C LYS I 109 -86.36 49.28 56.56
N GLU I 110 -87.36 49.77 55.82
CA GLU I 110 -88.33 48.88 55.18
C GLU I 110 -87.68 48.07 54.06
N ARG I 111 -86.76 48.68 53.31
CA ARG I 111 -86.06 47.94 52.26
C ARG I 111 -85.13 46.89 52.85
N ASN I 112 -84.47 47.20 53.97
CA ASN I 112 -83.64 46.21 54.64
C ASN I 112 -84.47 45.04 55.15
N MET I 113 -85.66 45.33 55.70
CA MET I 113 -86.57 44.27 56.14
C MET I 113 -87.05 43.42 54.96
N LEU I 114 -87.35 44.06 53.83
CA LEU I 114 -87.83 43.33 52.66
C LEU I 114 -86.73 42.46 52.05
N LEU I 115 -85.49 42.95 52.04
CA LEU I 115 -84.38 42.13 51.56
C LEU I 115 -84.10 40.96 52.49
N THR I 116 -84.24 41.17 53.81
CA THR I 116 -84.08 40.09 54.77
C THR I 116 -85.17 39.03 54.58
N LEU I 117 -86.40 39.46 54.36
CA LEU I 117 -87.50 38.53 54.12
C LEU I 117 -87.34 37.80 52.80
N GLU I 118 -86.81 38.47 51.77
CA GLU I 118 -86.55 37.82 50.48
C GLU I 118 -85.48 36.74 50.62
N GLN I 119 -84.41 37.04 51.37
CA GLN I 119 -83.36 36.04 51.60
C GLN I 119 -83.87 34.86 52.42
N GLU I 120 -84.72 35.13 53.41
CA GLU I 120 -85.28 34.03 54.21
C GLU I 120 -86.27 33.18 53.41
N ALA I 121 -87.04 33.80 52.51
CA ALA I 121 -87.92 33.05 51.63
C ALA I 121 -87.14 32.21 50.63
N LYS I 122 -85.99 32.72 50.17
CA LYS I 122 -85.11 31.92 49.33
C LYS I 122 -84.51 30.76 50.12
N ARG I 123 -84.20 30.99 51.40
CA ARG I 123 -83.59 29.95 52.23
C ARG I 123 -84.56 28.82 52.55
N GLN I 124 -85.77 29.14 52.99
CA GLN I 124 -86.71 28.13 53.47
C GLN I 124 -87.62 27.57 52.38
N ARG I 125 -87.33 27.86 51.10
CA ARG I 125 -88.02 27.28 49.93
C ARG I 125 -89.52 27.56 49.93
N LEU I 126 -89.90 28.76 50.37
CA LEU I 126 -91.27 29.20 50.33
C LEU I 126 -91.35 30.52 49.56
N PRO I 127 -92.45 30.78 48.85
CA PRO I 127 -92.56 32.03 48.10
C PRO I 127 -92.64 33.24 49.02
N MET I 128 -92.07 34.34 48.56
CA MET I 128 -92.06 35.58 49.34
C MET I 128 -93.47 36.17 49.34
N PRO I 129 -94.00 36.55 50.50
CA PRO I 129 -95.37 37.08 50.55
C PRO I 129 -95.45 38.47 49.94
N SER I 130 -96.07 38.55 48.75
CA SER I 130 -96.25 39.74 47.92
C SER I 130 -94.94 40.47 47.67
N PRO I 131 -94.08 39.97 46.77
CA PRO I 131 -92.75 40.59 46.58
C PRO I 131 -92.78 41.91 45.82
N GLU I 132 -93.96 42.46 45.49
CA GLU I 132 -94.02 43.74 44.80
C GLU I 132 -93.73 44.91 45.72
N ARG I 133 -93.69 44.66 47.03
CA ARG I 133 -93.37 45.71 48.00
C ARG I 133 -91.95 46.23 47.80
N LEU I 134 -91.01 45.32 47.52
CA LEU I 134 -89.63 45.72 47.25
C LEU I 134 -89.52 46.54 45.98
N GLU I 135 -90.31 46.19 44.96
CA GLU I 135 -90.35 46.96 43.71
C GLU I 135 -90.89 48.37 43.95
N LYS I 136 -91.95 48.48 44.75
CA LYS I 136 -92.51 49.79 45.08
C LYS I 136 -91.53 50.62 45.91
N VAL I 137 -90.81 49.97 46.84
CA VAL I 137 -89.84 50.67 47.67
C VAL I 137 -88.67 51.18 46.84
N VAL I 138 -88.16 50.36 45.92
CA VAL I 138 -87.01 50.78 45.11
C VAL I 138 -87.44 51.85 44.08
N ASP I 139 -88.71 51.81 43.66
CA ASP I 139 -89.26 52.89 42.86
C ASP I 139 -89.32 54.20 43.65
N SER I 140 -89.68 54.10 44.94
CA SER I 140 -89.71 55.28 45.81
C SER I 140 -88.30 55.83 46.04
N MET I 141 -87.32 54.94 46.18
CA MET I 141 -85.93 55.36 46.33
C MET I 141 -85.42 56.06 45.07
N ASP I 142 -85.76 55.52 43.90
CA ASP I 142 -85.39 56.16 42.63
C ASP I 142 -86.04 57.52 42.50
N ALA I 143 -87.30 57.63 42.92
CA ALA I 143 -88.02 58.92 42.86
C ALA I 143 -87.40 59.95 43.80
N LEU I 144 -87.04 59.55 45.02
CA LEU I 144 -86.51 60.51 45.98
C LEU I 144 -85.10 60.94 45.58
N ASP I 145 -84.29 59.99 45.09
CA ASP I 145 -82.97 60.31 44.56
C ASP I 145 -83.07 61.24 43.37
N LYS I 146 -84.09 61.02 42.52
CA LYS I 146 -84.31 61.86 41.36
C LYS I 146 -84.68 63.29 41.75
N VAL I 147 -85.59 63.46 42.71
CA VAL I 147 -86.02 64.82 43.06
C VAL I 147 -84.93 65.57 43.82
N VAL I 148 -84.12 64.85 44.62
CA VAL I 148 -82.95 65.47 45.24
C VAL I 148 -81.95 65.90 44.17
N GLN I 149 -81.81 65.09 43.10
CA GLN I 149 -80.87 65.45 42.04
C GLN I 149 -81.40 66.64 41.23
N GLU I 150 -82.73 66.74 41.06
CA GLU I 150 -83.31 67.95 40.45
C GLU I 150 -83.03 69.18 41.28
N ARG I 151 -83.22 69.09 42.60
CA ARG I 151 -82.95 70.25 43.46
C ARG I 151 -81.48 70.65 43.42
N GLU I 152 -80.57 69.67 43.46
CA GLU I 152 -79.15 69.96 43.46
C GLU I 152 -78.66 70.51 42.12
N ASP I 153 -79.06 69.92 40.99
CA ASP I 153 -78.53 70.42 39.73
C ASP I 153 -79.21 71.73 39.32
N ALA I 154 -80.46 71.94 39.74
CA ALA I 154 -81.08 73.24 39.54
C ALA I 154 -80.38 74.33 40.35
N LEU I 155 -80.06 74.04 41.62
CA LEU I 155 -79.39 75.03 42.45
C LEU I 155 -77.98 75.31 41.95
N ARG I 156 -77.31 74.28 41.43
CA ARG I 156 -75.98 74.49 40.86
C ARG I 156 -76.05 75.25 39.54
N LEU I 157 -77.13 75.09 38.77
CA LEU I 157 -77.33 75.91 37.58
C LEU I 157 -77.58 77.38 37.92
N LEU I 158 -78.29 77.65 39.01
CA LEU I 158 -78.38 79.04 39.48
C LEU I 158 -77.04 79.59 39.95
N GLN I 159 -76.30 78.85 40.79
CA GLN I 159 -75.09 79.42 41.37
C GLN I 159 -73.93 79.49 40.38
N THR I 160 -73.52 78.35 39.83
CA THR I 160 -72.35 78.32 38.95
C THR I 160 -72.73 78.22 37.48
N GLY I 161 -73.76 77.42 37.17
CA GLY I 161 -74.17 77.21 35.81
C GLY I 161 -73.54 76.02 35.12
N GLN I 162 -72.65 75.29 35.79
CA GLN I 162 -72.05 74.10 35.21
C GLN I 162 -73.03 72.95 35.21
N GLU I 163 -73.09 72.25 34.07
CA GLU I 163 -74.12 71.22 33.87
C GLU I 163 -73.82 69.92 34.62
N LYS I 164 -72.55 69.60 34.85
CA LYS I 164 -72.18 68.30 35.41
C LYS I 164 -71.54 68.48 36.77
N ALA I 165 -71.81 67.53 37.68
CA ALA I 165 -71.28 67.57 39.04
C ALA I 165 -69.77 67.33 39.11
N ARG I 166 -69.22 66.58 38.15
CA ARG I 166 -67.80 66.25 38.17
C ARG I 166 -67.11 66.95 37.00
N PRO I 167 -65.96 67.57 37.22
CA PRO I 167 -65.22 68.16 36.10
C PRO I 167 -64.72 67.09 35.14
N GLY I 168 -64.68 67.44 33.85
CA GLY I 168 -64.24 66.49 32.84
C GLY I 168 -63.89 67.20 31.56
N ALA I 169 -63.21 66.48 30.68
CA ALA I 169 -62.77 67.02 29.41
C ALA I 169 -63.00 66.00 28.31
N TRP I 170 -63.29 66.51 27.10
CA TRP I 170 -63.36 65.67 25.93
C TRP I 170 -61.95 65.44 25.40
N ARG I 171 -61.49 64.19 25.45
CA ARG I 171 -60.09 63.88 25.22
C ARG I 171 -59.96 62.90 24.06
N ARG I 172 -58.81 62.97 23.41
CA ARG I 172 -58.40 62.05 22.35
C ARG I 172 -57.37 61.11 22.98
N ASP I 173 -57.76 59.86 23.21
CA ASP I 173 -56.87 58.89 23.83
C ASP I 173 -55.93 58.29 22.79
N ILE I 174 -55.12 57.32 23.22
CA ILE I 174 -54.18 56.66 22.31
C ILE I 174 -54.90 55.75 21.33
N PHE I 175 -56.13 55.37 21.62
CA PHE I 175 -56.87 54.42 20.80
C PHE I 175 -57.58 55.12 19.65
N GLY I 176 -57.53 56.45 19.59
CA GLY I 176 -58.18 57.22 18.57
C GLY I 176 -59.59 57.67 18.89
N ARG I 177 -60.17 57.19 19.97
CA ARG I 177 -61.56 57.49 20.27
C ARG I 177 -61.69 58.85 20.97
N ILE I 178 -62.92 59.34 21.03
CA ILE I 178 -63.25 60.54 21.81
C ILE I 178 -63.87 60.08 23.12
N ILE I 179 -63.22 60.44 24.23
CA ILE I 179 -63.60 59.93 25.54
C ILE I 179 -63.86 61.09 26.49
N TRP I 180 -64.95 61.00 27.24
CA TRP I 180 -65.26 61.98 28.28
C TRP I 180 -64.47 61.60 29.52
N HIS I 181 -63.27 62.17 29.66
CA HIS I 181 -62.38 61.86 30.77
C HIS I 181 -62.80 62.68 31.99
N LYS I 182 -63.31 61.99 33.01
CA LYS I 182 -63.64 62.63 34.27
C LYS I 182 -62.38 62.84 35.09
N PHE I 183 -62.34 63.95 35.82
CA PHE I 183 -61.15 64.29 36.59
C PHE I 183 -61.18 63.60 37.95
N LYS I 184 -60.04 63.60 38.63
CA LYS I 184 -59.91 63.00 39.94
C LYS I 184 -59.27 63.99 40.89
N GLN I 185 -59.38 63.71 42.18
CA GLN I 185 -58.83 64.58 43.22
C GLN I 185 -57.41 64.15 43.55
N TRP I 186 -56.46 65.09 43.44
CA TRP I 186 -55.07 64.83 43.75
C TRP I 186 -54.53 65.95 44.61
N PRO I 187 -53.63 65.67 45.55
CA PRO I 187 -53.04 66.74 46.36
C PRO I 187 -51.93 67.50 45.66
N ILE I 188 -51.47 67.01 44.51
CA ILE I 188 -50.33 67.58 43.79
C ILE I 188 -50.78 67.91 42.38
N PRO I 189 -50.14 68.90 41.73
CA PRO I 189 -50.57 69.29 40.38
C PRO I 189 -50.26 68.23 39.32
N TRP I 190 -50.72 68.52 38.10
CA TRP I 190 -50.67 67.55 37.02
C TRP I 190 -49.26 67.34 36.48
N TYR I 191 -48.43 68.40 36.44
CA TYR I 191 -47.09 68.26 35.88
C TYR I 191 -46.14 67.55 36.85
N LEU I 192 -46.48 67.50 38.13
CA LEU I 192 -45.62 66.92 39.15
C LEU I 192 -46.02 65.49 39.49
N ASN I 193 -47.15 65.01 38.98
CA ASN I 193 -47.67 63.70 39.31
C ASN I 193 -46.96 62.63 38.50
N LYS I 194 -46.36 61.66 39.19
CA LYS I 194 -45.63 60.58 38.53
C LYS I 194 -46.55 59.69 37.71
N LYS I 195 -47.73 59.39 38.26
CA LYS I 195 -48.67 58.48 37.59
C LYS I 195 -49.33 59.14 36.40
N TYR I 196 -49.50 60.47 36.44
CA TYR I 196 -50.34 61.12 35.44
C TYR I 196 -49.57 61.45 34.17
N ASN I 197 -48.27 61.74 34.26
CA ASN I 197 -47.52 62.10 33.06
C ASN I 197 -47.26 60.91 32.16
N ARG I 198 -47.23 59.70 32.70
CA ARG I 198 -47.06 58.53 31.83
C ARG I 198 -48.36 58.14 31.13
N LYS I 199 -49.50 58.71 31.53
CA LYS I 199 -50.69 58.65 30.70
C LYS I 199 -50.49 59.51 29.47
N ARG I 200 -51.03 59.05 28.34
CA ARG I 200 -50.92 59.75 27.07
C ARG I 200 -52.33 60.08 26.58
N PHE I 201 -52.61 61.36 26.38
CA PHE I 201 -53.85 61.79 25.75
C PHE I 201 -53.49 62.46 24.43
N PHE I 202 -53.24 61.65 23.40
CA PHE I 202 -53.09 62.08 22.01
C PHE I 202 -53.11 60.85 21.12
N ALA I 203 -53.31 61.05 19.82
CA ALA I 203 -53.32 59.95 18.86
C ALA I 203 -52.12 60.07 17.94
N MET I 204 -51.45 58.94 17.73
CA MET I 204 -50.28 58.84 16.87
C MET I 204 -50.72 58.78 15.40
N PRO I 205 -49.81 59.07 14.45
CA PRO I 205 -50.21 59.01 13.03
C PRO I 205 -50.61 57.64 12.52
N TYR I 206 -50.18 56.55 13.16
CA TYR I 206 -50.59 55.23 12.68
C TYR I 206 -52.01 54.88 13.12
N VAL I 207 -52.56 55.64 14.06
CA VAL I 207 -53.88 55.34 14.61
C VAL I 207 -54.97 55.73 13.61
N GLU I 208 -54.65 56.62 12.68
CA GLU I 208 -55.65 57.19 11.77
C GLU I 208 -56.25 56.16 10.82
N ARG I 209 -55.45 55.16 10.43
CA ARG I 209 -55.97 54.08 9.59
C ARG I 209 -57.01 53.25 10.35
N PHE I 210 -56.75 52.98 11.63
CA PHE I 210 -57.69 52.22 12.44
C PHE I 210 -58.94 53.04 12.78
N VAL I 211 -58.77 54.35 12.98
CA VAL I 211 -59.90 55.26 13.18
C VAL I 211 -60.80 55.26 11.95
N ARG I 212 -60.17 55.34 10.77
CA ARG I 212 -60.91 55.27 9.51
C ARG I 212 -61.63 53.94 9.36
N MET I 213 -60.96 52.83 9.68
CA MET I 213 -61.58 51.51 9.58
C MET I 213 -62.75 51.33 10.54
N ARG I 214 -62.66 51.93 11.74
CA ARG I 214 -63.78 51.93 12.67
C ARG I 214 -64.97 52.67 12.07
N ILE I 215 -64.71 53.83 11.46
CA ILE I 215 -65.74 54.60 10.75
C ILE I 215 -66.37 53.75 9.65
N GLU I 216 -65.52 52.99 8.93
CA GLU I 216 -65.97 52.28 7.74
C GLU I 216 -66.90 51.15 8.16
N LYS I 217 -66.54 50.50 9.28
CA LYS I 217 -67.31 49.39 9.82
C LYS I 217 -68.69 49.83 10.29
N GLN I 218 -68.76 50.92 11.08
CA GLN I 218 -70.08 51.36 11.54
C GLN I 218 -70.93 51.90 10.39
N ALA I 219 -70.28 52.47 9.37
CA ALA I 219 -71.03 52.91 8.18
C ALA I 219 -71.65 51.72 7.45
N ARG I 220 -70.90 50.61 7.34
CA ARG I 220 -71.44 49.40 6.74
C ARG I 220 -72.60 48.83 7.57
N ILE I 221 -72.47 48.86 8.90
CA ILE I 221 -73.49 48.31 9.79
C ILE I 221 -74.82 49.08 9.65
N LYS I 222 -74.74 50.42 9.65
CA LYS I 222 -75.96 51.21 9.46
C LYS I 222 -76.52 51.10 8.05
N ALA I 223 -75.64 50.88 7.05
CA ALA I 223 -76.12 50.65 5.69
C ALA I 223 -76.96 49.37 5.59
N ARG I 224 -76.46 48.28 6.20
CA ARG I 224 -77.23 47.04 6.21
C ARG I 224 -78.49 47.13 7.05
N LYS I 225 -78.46 47.89 8.15
CA LYS I 225 -79.66 48.05 8.97
C LYS I 225 -80.76 48.82 8.22
N ARG I 226 -80.36 49.87 7.49
CA ARG I 226 -81.32 50.64 6.69
C ARG I 226 -81.91 49.79 5.57
N SER I 227 -81.05 49.01 4.88
CA SER I 227 -81.54 48.14 3.82
C SER I 227 -82.43 47.03 4.36
N LEU I 228 -82.14 46.56 5.57
CA LEU I 228 -82.96 45.54 6.22
C LEU I 228 -84.36 46.07 6.54
N GLU I 229 -84.43 47.28 7.08
CA GLU I 229 -85.73 47.87 7.39
C GLU I 229 -86.53 48.17 6.12
N ARG I 230 -85.84 48.58 5.05
CA ARG I 230 -86.49 48.79 3.76
C ARG I 230 -87.05 47.48 3.20
N LYS I 231 -86.30 46.38 3.34
CA LYS I 231 -86.76 45.09 2.88
C LYS I 231 -87.95 44.58 3.69
N LYS I 232 -87.95 44.82 5.00
CA LYS I 232 -89.10 44.43 5.84
C LYS I 232 -90.35 45.23 5.48
N GLU I 233 -90.18 46.53 5.19
CA GLU I 233 -91.31 47.35 4.75
C GLU I 233 -91.88 46.85 3.42
N LYS I 234 -90.99 46.49 2.49
CA LYS I 234 -91.41 45.91 1.21
C LYS I 234 -92.14 44.59 1.40
N PHE I 235 -91.62 43.73 2.29
CA PHE I 235 -92.21 42.43 2.51
C PHE I 235 -93.59 42.53 3.15
N LEU I 236 -93.75 43.45 4.11
CA LEU I 236 -95.07 43.65 4.71
C LEU I 236 -96.07 44.24 3.73
N GLN I 237 -95.63 45.19 2.90
CA GLN I 237 -96.53 45.78 1.91
C GLN I 237 -96.95 44.76 0.86
N GLU I 238 -96.04 43.87 0.45
CA GLU I 238 -96.41 42.81 -0.47
C GLU I 238 -97.24 41.72 0.20
N LYS I 239 -97.05 41.48 1.50
CA LYS I 239 -97.82 40.45 2.19
C LYS I 239 -99.27 40.86 2.39
N PHE I 240 -99.51 42.09 2.84
CA PHE I 240 -100.86 42.55 3.15
C PHE I 240 -101.22 43.76 2.28
N PRO I 241 -101.89 43.53 1.14
CA PRO I 241 -102.25 44.64 0.23
C PRO I 241 -103.60 45.27 0.58
N HIS I 242 -103.69 45.84 1.78
CA HIS I 242 -104.91 46.52 2.20
C HIS I 242 -105.03 47.92 1.63
N LEU I 243 -103.98 48.43 0.98
CA LEU I 243 -104.00 49.77 0.38
C LEU I 243 -104.77 49.75 -0.94
N ILE K 91 -24.37 39.89 24.91
CA ILE K 91 -22.99 39.53 25.16
C ILE K 91 -22.09 40.34 24.25
N GLN K 92 -21.18 41.11 24.85
CA GLN K 92 -20.21 41.89 24.09
C GLN K 92 -18.79 41.38 24.34
N VAL K 93 -18.52 40.91 25.55
CA VAL K 93 -17.26 40.23 25.87
C VAL K 93 -17.60 38.79 26.24
N HIS K 94 -17.01 37.84 25.53
CA HIS K 94 -17.31 36.44 25.76
C HIS K 94 -16.52 35.89 26.94
N GLY K 95 -17.01 34.78 27.49
CA GLY K 95 -16.32 34.03 28.52
C GLY K 95 -16.18 34.71 29.86
N ILE K 96 -17.21 35.43 30.31
CA ILE K 96 -17.23 36.08 31.60
C ILE K 96 -18.55 35.78 32.29
N GLY K 97 -18.47 35.22 33.49
CA GLY K 97 -19.66 35.01 34.29
C GLY K 97 -19.52 33.81 35.19
N GLY K 98 -20.50 33.68 36.08
CA GLY K 98 -20.54 32.54 37.00
C GLY K 98 -19.43 32.52 38.03
N GLY K 99 -19.07 33.68 38.58
CA GLY K 99 -17.99 33.75 39.54
C GLY K 99 -18.47 33.81 40.98
N HIS K 100 -17.50 33.87 41.89
CA HIS K 100 -17.80 34.01 43.30
C HIS K 100 -18.31 35.42 43.59
N LYS K 101 -19.08 35.56 44.66
CA LYS K 101 -19.58 36.87 45.05
C LYS K 101 -18.44 37.72 45.60
N GLN K 102 -18.30 38.93 45.04
CA GLN K 102 -17.22 39.83 45.39
C GLN K 102 -17.78 41.18 45.79
N ARG K 103 -17.32 41.71 46.92
CA ARG K 103 -17.53 43.11 47.23
C ARG K 103 -16.39 43.93 46.65
N TYR K 104 -16.72 45.16 46.26
CA TYR K 104 -15.74 46.07 45.67
C TYR K 104 -15.27 47.04 46.74
N ARG K 105 -13.95 47.23 46.82
CA ARG K 105 -13.34 48.16 47.75
C ARG K 105 -13.11 49.48 47.04
N MET K 106 -13.50 50.58 47.68
CA MET K 106 -13.27 51.90 47.10
C MET K 106 -11.79 52.24 47.23
N ILE K 107 -11.09 52.25 46.09
CA ILE K 107 -9.64 52.41 46.06
C ILE K 107 -9.35 53.83 45.63
N ASP K 108 -8.57 54.56 46.43
CA ASP K 108 -8.22 55.93 46.09
C ASP K 108 -6.95 55.91 45.25
N PHE K 109 -7.04 56.43 44.03
CA PHE K 109 -5.95 56.40 43.06
C PHE K 109 -5.04 57.61 43.16
N LEU K 110 -5.58 58.76 43.58
CA LEU K 110 -4.80 59.99 43.69
C LEU K 110 -3.97 59.90 44.97
N ARG K 111 -2.65 59.83 44.81
CA ARG K 111 -1.78 59.61 45.96
C ARG K 111 -1.69 60.85 46.84
N PHE K 112 -1.61 62.03 46.23
CA PHE K 112 -1.57 63.29 46.99
C PHE K 112 -2.97 63.88 47.03
N ARG K 113 -3.65 63.70 48.15
CA ARG K 113 -4.99 64.26 48.37
C ARG K 113 -5.04 64.83 49.77
N PRO K 114 -4.88 66.14 49.91
CA PRO K 114 -5.02 66.77 51.23
C PRO K 114 -6.47 66.74 51.70
N GLU K 115 -6.64 66.73 53.02
CA GLU K 115 -7.99 66.72 53.59
C GLU K 115 -8.69 68.06 53.37
N HIS K 116 -8.05 69.15 53.78
CA HIS K 116 -8.59 70.48 53.65
C HIS K 116 -7.66 71.34 52.80
N GLU K 117 -8.22 72.38 52.19
CA GLU K 117 -7.43 73.29 51.37
C GLU K 117 -6.74 74.38 52.19
N SER K 118 -6.92 74.39 53.51
CA SER K 118 -6.22 75.35 54.36
C SER K 118 -4.74 75.03 54.43
N LYS K 119 -4.38 73.74 54.47
CA LYS K 119 -2.99 73.33 54.50
C LYS K 119 -2.68 72.45 53.29
N PRO K 120 -2.18 73.02 52.19
CA PRO K 120 -1.87 72.20 51.01
C PRO K 120 -0.49 71.55 51.05
N GLY K 121 0.17 71.50 52.20
CA GLY K 121 1.51 70.99 52.30
C GLY K 121 1.60 69.48 52.18
N PRO K 122 2.81 68.95 52.08
CA PRO K 122 3.01 67.50 52.10
C PRO K 122 2.61 66.91 53.45
N PHE K 123 2.14 65.67 53.44
CA PHE K 123 1.67 65.06 54.67
C PHE K 123 2.23 63.64 54.82
N GLU K 124 2.01 63.07 55.99
CA GLU K 124 2.53 61.77 56.36
C GLU K 124 1.43 60.97 57.03
N GLU K 125 1.24 59.73 56.57
CA GLU K 125 0.15 58.88 57.01
C GLU K 125 0.69 57.56 57.51
N LYS K 126 -0.20 56.76 58.11
CA LYS K 126 0.17 55.51 58.74
C LYS K 126 -0.62 54.35 58.14
N VAL K 127 0.09 53.26 57.87
CA VAL K 127 -0.47 52.06 57.26
C VAL K 127 -0.87 51.11 58.37
N ILE K 128 -2.14 50.68 58.36
CA ILE K 128 -2.65 49.83 59.43
C ILE K 128 -2.58 48.36 59.04
N ALA K 129 -3.11 48.00 57.88
CA ALA K 129 -3.17 46.59 57.50
C ALA K 129 -3.08 46.47 55.99
N VAL K 130 -2.66 45.28 55.55
CA VAL K 130 -2.56 44.93 54.13
C VAL K 130 -3.43 43.70 53.91
N ARG K 131 -4.42 43.83 53.03
CA ARG K 131 -5.40 42.78 52.80
C ARG K 131 -5.45 42.40 51.33
N TYR K 132 -6.07 41.25 51.07
CA TYR K 132 -6.30 40.79 49.71
C TYR K 132 -7.55 41.45 49.14
N ASP K 133 -7.48 41.80 47.86
CA ASP K 133 -8.61 42.40 47.17
C ASP K 133 -9.04 41.50 46.02
N PRO K 134 -10.31 41.10 45.97
CA PRO K 134 -10.74 40.19 44.90
C PRO K 134 -10.89 40.86 43.54
N CYS K 135 -10.95 42.19 43.50
CA CYS K 135 -11.19 42.88 42.23
C CYS K 135 -9.93 42.92 41.35
N ARG K 136 -8.76 43.08 41.96
CA ARG K 136 -7.52 43.18 41.20
C ARG K 136 -6.53 42.12 41.67
N SER K 137 -5.44 41.99 40.91
CA SER K 137 -4.41 41.02 41.25
C SER K 137 -3.54 41.52 42.39
N ALA K 138 -3.52 42.83 42.65
CA ALA K 138 -2.68 43.38 43.70
C ALA K 138 -3.30 43.15 45.08
N ASP K 139 -2.50 43.45 46.10
CA ASP K 139 -2.96 43.47 47.48
C ASP K 139 -3.01 44.93 47.94
N ILE K 140 -4.07 45.27 48.67
CA ILE K 140 -4.31 46.66 49.02
C ILE K 140 -3.93 46.89 50.48
N ALA K 141 -3.84 48.17 50.86
CA ALA K 141 -3.47 48.55 52.21
C ALA K 141 -4.36 49.69 52.69
N LEU K 142 -4.75 49.63 53.96
CA LEU K 142 -5.56 50.69 54.55
C LEU K 142 -4.63 51.74 55.15
N VAL K 143 -4.81 52.99 54.74
CA VAL K 143 -3.91 54.08 55.08
C VAL K 143 -4.73 55.17 55.76
N ALA K 144 -4.36 55.52 56.99
CA ALA K 144 -5.13 56.47 57.78
C ALA K 144 -4.30 57.68 58.15
N GLY K 145 -4.89 58.86 57.98
CA GLY K 145 -4.28 60.10 58.44
C GLY K 145 -5.35 61.15 58.59
N GLY K 146 -5.14 62.05 59.54
CA GLY K 146 -6.09 63.13 59.79
C GLY K 146 -7.41 62.66 60.37
N ASN K 147 -8.47 62.70 59.56
CA ASN K 147 -9.78 62.23 59.96
C ASN K 147 -10.37 61.22 58.97
N ARG K 148 -9.57 60.70 58.06
CA ARG K 148 -10.04 59.84 56.97
C ARG K 148 -9.09 58.66 56.75
N LYS K 149 -9.63 57.61 56.14
CA LYS K 149 -8.86 56.47 55.67
C LYS K 149 -9.06 56.30 54.17
N ARG K 150 -8.03 55.79 53.49
CA ARG K 150 -8.15 55.41 52.09
C ARG K 150 -7.54 54.03 51.90
N TRP K 151 -8.16 53.24 51.02
CA TRP K 151 -7.53 52.04 50.53
C TRP K 151 -6.61 52.40 49.37
N ILE K 152 -5.32 52.08 49.50
CA ILE K 152 -4.35 52.35 48.44
C ILE K 152 -3.76 51.02 47.97
N ILE K 153 -3.09 51.08 46.83
CA ILE K 153 -2.39 49.92 46.30
C ILE K 153 -1.05 49.80 47.03
N ALA K 154 -0.80 48.62 47.61
CA ALA K 154 0.35 48.43 48.47
C ALA K 154 1.59 48.11 47.66
N THR K 155 2.74 48.56 48.18
CA THR K 155 4.03 48.26 47.57
C THR K 155 4.51 46.91 48.17
N GLU K 156 5.71 46.47 47.78
CA GLU K 156 6.16 45.11 48.01
C GLU K 156 6.30 44.77 49.49
N ASN K 157 6.98 45.61 50.27
CA ASN K 157 7.23 45.33 51.68
C ASN K 157 6.46 46.24 52.61
N MET K 158 5.30 46.76 52.20
CA MET K 158 4.44 47.48 53.13
C MET K 158 3.78 46.51 54.08
N LYS K 159 3.97 46.72 55.37
CA LYS K 159 3.46 45.83 56.40
C LYS K 159 2.53 46.59 57.33
N ALA K 160 2.03 45.89 58.34
CA ALA K 160 1.10 46.48 59.28
C ALA K 160 1.80 47.48 60.19
N GLY K 161 1.20 48.66 60.31
CA GLY K 161 1.76 49.73 61.13
C GLY K 161 3.03 50.32 60.55
N ASP K 162 2.90 50.99 59.40
CA ASP K 162 4.05 51.55 58.70
C ASP K 162 3.81 53.05 58.56
N THR K 163 4.84 53.78 58.13
CA THR K 163 4.73 55.23 57.95
C THR K 163 5.06 55.58 56.50
N VAL K 164 4.16 56.32 55.86
CA VAL K 164 4.24 56.59 54.42
C VAL K 164 4.09 58.09 54.20
N LEU K 165 5.03 58.69 53.46
CA LEU K 165 5.04 60.13 53.23
C LEU K 165 4.57 60.45 51.81
N ASN K 166 3.63 61.38 51.69
CA ASN K 166 3.14 61.87 50.41
C ASN K 166 3.51 63.34 50.27
N SER K 167 4.02 63.71 49.09
CA SER K 167 4.53 65.06 48.88
C SER K 167 4.36 65.48 47.42
N ASP K 168 4.40 66.79 47.20
CA ASP K 168 4.45 67.36 45.85
C ASP K 168 5.71 68.18 45.62
N HIS K 169 6.58 68.29 46.62
CA HIS K 169 7.69 69.23 46.60
C HIS K 169 8.78 68.68 45.70
N ILE K 170 9.12 69.42 44.65
CA ILE K 170 10.24 69.08 43.77
C ILE K 170 11.48 69.81 44.27
N GLY K 171 12.62 69.13 44.27
CA GLY K 171 13.82 69.71 44.84
C GLY K 171 15.03 69.42 43.96
N ARG K 172 16.00 70.32 44.06
CA ARG K 172 17.23 70.21 43.28
C ARG K 172 18.29 69.35 43.97
N MET K 173 18.11 68.99 45.23
CA MET K 173 18.84 67.90 45.87
C MET K 173 18.09 66.57 45.80
N ALA K 174 16.98 66.53 45.06
CA ALA K 174 16.07 65.38 44.92
C ALA K 174 15.58 64.86 46.27
N VAL K 175 15.19 63.59 46.33
CA VAL K 175 14.76 62.98 47.58
C VAL K 175 15.43 61.63 47.70
N ALA K 176 15.57 61.16 48.94
CA ALA K 176 15.96 59.78 49.19
C ALA K 176 14.71 58.92 49.23
N ALA K 177 14.52 58.12 48.18
CA ALA K 177 13.25 57.42 47.98
C ALA K 177 13.20 56.15 48.83
N ARG K 178 12.17 56.05 49.65
CA ARG K 178 11.87 54.81 50.34
C ARG K 178 10.86 54.01 49.51
N GLU K 179 10.32 52.94 50.08
CA GLU K 179 9.42 52.08 49.31
C GLU K 179 7.98 52.55 49.41
N GLY K 180 7.68 53.41 50.39
CA GLY K 180 6.31 53.83 50.59
C GLY K 180 5.97 55.19 50.02
N ASP K 181 6.97 56.05 49.84
CA ASP K 181 6.71 57.48 49.61
C ASP K 181 6.12 57.75 48.23
N ALA K 182 5.27 58.76 48.17
CA ALA K 182 4.73 59.28 46.92
C ALA K 182 5.33 60.65 46.68
N HIS K 183 6.03 60.80 45.55
CA HIS K 183 6.73 62.01 45.18
C HIS K 183 6.46 62.31 43.71
N PRO K 184 6.58 63.57 43.30
CA PRO K 184 6.53 63.88 41.86
C PRO K 184 7.76 63.33 41.15
N LEU K 185 7.62 63.14 39.84
CA LEU K 185 8.66 62.47 39.07
C LEU K 185 9.88 63.37 38.88
N GLY K 186 9.72 64.69 39.05
CA GLY K 186 10.86 65.58 38.95
C GLY K 186 11.80 65.49 40.13
N ALA K 187 11.32 65.02 41.28
CA ALA K 187 12.14 64.92 42.48
C ALA K 187 12.80 63.57 42.65
N LEU K 188 12.49 62.61 41.82
CA LEU K 188 13.04 61.28 42.02
C LEU K 188 14.40 61.14 41.35
N PRO K 189 15.26 60.24 41.86
CA PRO K 189 16.52 59.96 41.17
C PRO K 189 16.31 59.25 39.85
N VAL K 190 17.39 59.17 39.06
CA VAL K 190 17.33 58.66 37.70
C VAL K 190 16.96 57.19 37.61
N GLY K 191 17.60 56.32 38.39
CA GLY K 191 17.30 54.90 38.37
C GLY K 191 16.17 54.46 39.25
N THR K 192 15.08 55.21 39.34
CA THR K 192 14.03 54.91 40.29
C THR K 192 12.97 53.98 39.68
N LEU K 193 12.66 52.92 40.42
CA LEU K 193 11.54 52.03 40.09
C LEU K 193 10.27 52.60 40.68
N ILE K 194 9.23 52.72 39.86
CA ILE K 194 8.00 53.42 40.23
C ILE K 194 6.79 52.58 39.88
N ASN K 195 5.67 52.95 40.49
CA ASN K 195 4.36 52.34 40.24
C ASN K 195 3.27 53.38 40.48
N ASN K 196 2.09 53.10 39.92
CA ASN K 196 0.91 53.98 39.95
C ASN K 196 1.24 55.37 39.37
N VAL K 197 1.60 55.35 38.09
CA VAL K 197 2.09 56.52 37.38
C VAL K 197 0.90 57.36 36.91
N GLU K 198 0.90 58.63 37.29
CA GLU K 198 -0.12 59.59 36.95
C GLU K 198 0.14 60.18 35.56
N SER K 199 -0.91 60.30 34.75
CA SER K 199 -0.79 60.67 33.35
C SER K 199 -0.70 62.18 33.13
N GLU K 200 -1.68 62.92 33.65
CA GLU K 200 -1.84 64.36 33.61
C GLU K 200 -1.84 64.91 35.03
N PRO K 201 -1.24 66.07 35.28
CA PRO K 201 -1.17 66.59 36.67
C PRO K 201 -2.54 66.91 37.24
N GLY K 202 -2.95 66.11 38.22
CA GLY K 202 -4.27 66.19 38.80
C GLY K 202 -5.23 65.12 38.32
N ARG K 203 -4.85 64.33 37.30
CA ARG K 203 -5.75 63.32 36.78
C ARG K 203 -5.87 62.11 37.70
N GLY K 204 -4.76 61.68 38.27
CA GLY K 204 -4.78 60.48 39.10
C GLY K 204 -4.01 59.34 38.46
N ALA K 205 -3.67 58.35 39.28
CA ALA K 205 -2.86 57.24 38.83
C ALA K 205 -3.67 56.29 37.97
N GLN K 206 -3.14 55.99 36.77
CA GLN K 206 -3.82 55.10 35.84
C GLN K 206 -2.97 53.91 35.45
N TYR K 207 -1.68 54.13 35.23
CA TYR K 207 -0.82 53.08 34.71
C TYR K 207 -0.01 52.42 35.82
N ILE K 208 0.48 51.21 35.53
CA ILE K 208 1.30 50.36 36.41
C ILE K 208 0.56 50.08 37.72
N ARG K 209 -0.46 49.24 37.64
CA ARG K 209 -1.33 48.90 38.76
C ARG K 209 -1.36 47.42 39.09
N ALA K 210 -0.99 46.55 38.15
CA ALA K 210 -1.08 45.11 38.38
C ALA K 210 0.01 44.64 39.33
N ALA K 211 -0.18 43.44 39.86
CA ALA K 211 0.70 42.92 40.90
C ALA K 211 2.07 42.59 40.36
N GLY K 212 3.11 43.13 41.01
CA GLY K 212 4.47 42.86 40.65
C GLY K 212 5.03 43.69 39.52
N THR K 213 4.22 44.52 38.87
CA THR K 213 4.67 45.31 37.74
C THR K 213 5.21 46.64 38.22
N CYS K 214 6.37 47.04 37.66
CA CYS K 214 6.96 48.32 38.00
C CYS K 214 7.59 48.92 36.76
N GLY K 215 7.42 50.23 36.58
CA GLY K 215 8.11 50.96 35.56
C GLY K 215 9.41 51.54 36.11
N VAL K 216 10.21 52.09 35.21
CA VAL K 216 11.50 52.66 35.61
C VAL K 216 11.66 54.04 34.98
N LEU K 217 12.06 55.01 35.79
CA LEU K 217 12.37 56.33 35.26
C LEU K 217 13.65 56.25 34.41
N LEU K 218 13.67 56.93 33.27
CA LEU K 218 14.81 56.85 32.38
C LEU K 218 15.69 58.10 32.47
N ARG K 219 15.11 59.27 32.19
CA ARG K 219 15.84 60.52 32.21
C ARG K 219 14.85 61.67 32.39
N LYS K 220 15.38 62.83 32.79
CA LYS K 220 14.59 64.04 32.97
C LYS K 220 15.27 65.15 32.17
N VAL K 221 14.63 65.59 31.09
CA VAL K 221 15.19 66.64 30.24
C VAL K 221 14.14 67.74 30.10
N ASN K 222 14.61 68.99 30.05
CA ASN K 222 13.81 70.23 29.84
C ASN K 222 12.51 70.31 30.66
N GLY K 223 12.60 69.87 31.91
CA GLY K 223 11.41 69.83 32.76
C GLY K 223 10.36 68.84 32.30
N THR K 224 10.78 67.66 31.84
CA THR K 224 9.87 66.64 31.34
C THR K 224 10.45 65.28 31.71
N ALA K 225 9.62 64.40 32.24
CA ALA K 225 10.04 63.07 32.68
C ALA K 225 9.71 62.04 31.62
N ILE K 226 10.62 61.08 31.43
CA ILE K 226 10.41 59.97 30.52
C ILE K 226 10.58 58.68 31.32
N ILE K 227 9.58 57.81 31.27
CA ILE K 227 9.61 56.55 32.00
C ILE K 227 9.47 55.41 31.00
N GLN K 228 9.78 54.21 31.47
CA GLN K 228 9.66 52.98 30.71
C GLN K 228 8.63 52.10 31.41
N LEU K 229 7.59 51.71 30.65
CA LEU K 229 6.45 50.98 31.15
C LEU K 229 6.80 49.48 31.25
N PRO K 230 5.97 48.69 31.94
CA PRO K 230 6.17 47.22 31.91
C PRO K 230 6.03 46.59 30.55
N SER K 231 5.37 47.23 29.60
CA SER K 231 5.36 46.79 28.21
C SER K 231 6.55 47.31 27.40
N LYS K 232 7.59 47.82 28.10
CA LYS K 232 8.83 48.32 27.51
C LYS K 232 8.60 49.46 26.53
N ARG K 233 7.60 50.30 26.79
CA ARG K 233 7.30 51.45 25.95
C ARG K 233 7.59 52.72 26.73
N GLN K 234 8.17 53.71 26.06
CA GLN K 234 8.54 54.96 26.69
C GLN K 234 7.37 55.93 26.74
N MET K 235 7.18 56.52 27.92
CA MET K 235 6.09 57.45 28.22
C MET K 235 6.68 58.79 28.61
N GLN K 236 6.24 59.85 27.95
CA GLN K 236 6.67 61.21 28.20
C GLN K 236 5.57 61.96 28.94
N VAL K 237 5.92 62.48 30.12
CA VAL K 237 4.96 62.99 31.08
C VAL K 237 5.54 64.26 31.69
N LEU K 238 4.66 65.14 32.17
CA LEU K 238 5.10 66.30 32.93
C LEU K 238 5.73 65.85 34.25
N GLU K 239 6.76 66.59 34.67
CA GLU K 239 7.57 66.19 35.82
C GLU K 239 6.86 66.37 37.16
N THR K 240 5.75 67.11 37.19
CA THR K 240 5.02 67.35 38.42
C THR K 240 3.96 66.29 38.71
N CYS K 241 3.89 65.24 37.91
CA CYS K 241 2.97 64.14 38.17
C CYS K 241 3.49 63.26 39.29
N ILE K 242 2.62 62.95 40.24
CA ILE K 242 2.98 62.18 41.44
C ILE K 242 3.02 60.70 41.08
N ALA K 243 4.08 60.03 41.54
CA ALA K 243 4.21 58.58 41.35
C ALA K 243 4.77 57.97 42.64
N THR K 244 4.45 56.71 42.85
CA THR K 244 4.86 55.98 44.04
C THR K 244 6.03 55.06 43.72
N VAL K 245 7.07 55.13 44.55
CA VAL K 245 8.33 54.43 44.30
C VAL K 245 8.18 52.98 44.76
N GLY K 246 8.49 52.05 43.88
CA GLY K 246 8.57 50.66 44.26
C GLY K 246 7.79 49.78 43.31
N ARG K 247 7.79 48.48 43.61
CA ARG K 247 7.06 47.49 42.85
C ARG K 247 5.81 47.09 43.62
N VAL K 248 4.72 46.83 42.88
CA VAL K 248 3.46 46.43 43.47
C VAL K 248 3.59 45.06 44.15
N SER K 249 2.86 44.90 45.26
CA SER K 249 2.94 43.69 46.07
C SER K 249 2.37 42.48 45.34
N ASN K 250 2.50 41.32 45.99
CA ASN K 250 2.17 39.99 45.45
C ASN K 250 2.92 39.74 44.14
N VAL K 251 4.25 39.67 44.29
CA VAL K 251 5.15 39.45 43.17
C VAL K 251 4.96 38.07 42.54
N ASP K 252 4.67 37.06 43.35
CA ASP K 252 4.51 35.69 42.87
C ASP K 252 3.12 35.41 42.29
N HIS K 253 2.38 36.45 41.90
CA HIS K 253 1.11 36.25 41.21
C HIS K 253 1.30 35.65 39.83
N ASN K 254 2.43 35.93 39.18
CA ASN K 254 2.70 35.35 37.87
C ASN K 254 3.00 33.85 38.00
N LYS K 255 3.66 33.46 39.09
CA LYS K 255 3.99 32.06 39.33
C LYS K 255 2.87 31.30 40.04
N ARG K 256 1.72 31.94 40.27
CA ARG K 256 0.59 31.25 40.86
C ARG K 256 0.02 30.25 39.86
N VAL K 257 -0.17 29.01 40.32
CA VAL K 257 -0.62 27.92 39.47
C VAL K 257 -2.11 27.70 39.74
N ILE K 258 -2.87 27.49 38.68
CA ILE K 258 -4.29 27.16 38.81
C ILE K 258 -4.43 25.64 38.71
N GLY K 259 -5.03 25.03 39.73
CA GLY K 259 -5.02 23.58 39.81
C GLY K 259 -5.99 22.88 38.88
N LYS K 260 -7.08 23.53 38.51
CA LYS K 260 -8.18 22.85 37.83
C LYS K 260 -9.06 23.88 37.13
N ALA K 261 -9.99 23.38 36.33
CA ALA K 261 -10.97 24.25 35.67
C ALA K 261 -11.96 24.81 36.67
N GLY K 262 -12.14 24.12 37.80
CA GLY K 262 -13.00 24.62 38.86
C GLY K 262 -12.50 25.93 39.45
N ARG K 263 -11.18 26.11 39.51
CA ARG K 263 -10.63 27.37 39.99
C ARG K 263 -10.89 28.50 39.00
N ASN K 264 -10.84 28.20 37.70
CA ASN K 264 -11.21 29.19 36.69
C ASN K 264 -12.67 29.60 36.81
N ARG K 265 -13.54 28.63 37.07
CA ARG K 265 -14.96 28.96 37.26
C ARG K 265 -15.18 29.69 38.58
N TRP K 266 -14.32 29.47 39.57
CA TRP K 266 -14.38 30.27 40.81
C TRP K 266 -13.99 31.72 40.55
N LEU K 267 -12.92 31.95 39.79
CA LEU K 267 -12.57 33.31 39.39
C LEU K 267 -13.57 33.94 38.43
N GLY K 268 -14.35 33.14 37.71
CA GLY K 268 -15.40 33.66 36.86
C GLY K 268 -15.13 33.60 35.37
N LYS K 269 -14.14 32.84 34.94
CA LYS K 269 -13.80 32.72 33.53
C LYS K 269 -14.52 31.49 32.96
N ARG K 270 -15.52 31.75 32.11
CA ARG K 270 -16.25 30.69 31.43
C ARG K 270 -15.34 30.01 30.40
N PRO K 271 -15.58 28.73 30.09
CA PRO K 271 -14.72 28.03 29.13
C PRO K 271 -14.86 28.59 27.72
N ASN K 272 -13.79 28.42 26.95
CA ASN K 272 -13.75 28.87 25.56
C ASN K 272 -14.68 28.00 24.71
N SER K 273 -15.04 28.53 23.55
CA SER K 273 -15.98 27.86 22.66
C SER K 273 -15.31 26.64 22.01
N GLY K 274 -16.14 25.67 21.65
CA GLY K 274 -15.64 24.44 21.08
C GLY K 274 -15.44 24.51 19.58
N LEU K 275 -15.69 25.67 18.99
CA LEU K 275 -15.53 25.84 17.55
C LEU K 275 -14.06 25.81 17.16
N TRP K 276 -13.75 25.00 16.16
CA TRP K 276 -12.39 24.90 15.63
C TRP K 276 -12.23 25.95 14.54
N GLN K 277 -11.38 26.93 14.79
CA GLN K 277 -11.11 28.00 13.84
C GLN K 277 -9.71 27.84 13.30
N ARG K 278 -9.60 27.77 11.97
CA ARG K 278 -8.29 27.68 11.33
C ARG K 278 -7.56 29.01 11.48
N LYS K 279 -6.26 28.95 11.76
CA LYS K 279 -5.47 30.15 11.92
C LYS K 279 -5.31 30.88 10.60
N GLY K 280 -5.45 32.20 10.64
CA GLY K 280 -5.28 33.03 9.47
C GLY K 280 -3.86 33.52 9.33
N GLY K 281 -3.73 34.68 8.66
CA GLY K 281 -2.41 35.28 8.52
C GLY K 281 -1.97 36.05 9.75
N TRP K 282 -2.90 36.30 10.67
CA TRP K 282 -2.57 37.05 11.89
C TRP K 282 -1.68 36.24 12.83
N ALA K 283 -1.77 34.91 12.76
CA ALA K 283 -0.97 34.05 13.61
C ALA K 283 0.47 34.03 13.15
N GLY K 284 1.35 33.63 14.04
CA GLY K 284 2.77 33.56 13.75
C GLY K 284 3.53 34.50 14.67
N ARG K 285 4.85 34.31 14.66
CA ARG K 285 5.74 35.10 15.51
C ARG K 285 6.06 36.39 14.76
N LYS K 286 5.40 37.48 15.13
CA LYS K 286 5.61 38.77 14.50
C LYS K 286 6.72 39.51 15.22
N ILE K 287 7.78 39.82 14.48
CA ILE K 287 8.88 40.66 14.97
C ILE K 287 8.61 42.07 14.46
N ARG K 288 8.26 42.97 15.38
CA ARG K 288 7.98 44.35 15.05
C ARG K 288 8.94 45.26 15.78
N PRO K 289 9.39 46.36 15.18
CA PRO K 289 10.17 47.35 15.92
C PRO K 289 9.32 48.01 17.00
N LEU K 290 10.00 48.53 18.02
CA LEU K 290 9.34 49.14 19.16
C LEU K 290 8.61 50.41 18.73
N PRO K 291 7.34 50.57 19.11
CA PRO K 291 6.59 51.80 18.77
C PRO K 291 7.20 53.00 19.47
N PRO K 292 7.06 54.20 18.89
CA PRO K 292 7.74 55.38 19.44
C PRO K 292 7.14 55.83 20.77
N MET K 293 7.82 56.81 21.37
CA MET K 293 7.49 57.29 22.70
C MET K 293 6.14 58.00 22.71
N LYS K 294 5.25 57.56 23.60
CA LYS K 294 3.94 58.18 23.73
C LYS K 294 4.03 59.36 24.68
N SER K 295 3.65 60.54 24.19
CA SER K 295 3.88 61.79 24.92
C SER K 295 2.55 62.44 25.25
N TYR K 296 2.37 62.83 26.51
CA TYR K 296 1.21 63.59 26.94
C TYR K 296 1.53 65.03 27.29
N VAL K 297 2.74 65.50 26.96
CA VAL K 297 3.08 66.91 27.14
C VAL K 297 2.67 67.67 25.89
N LYS K 298 1.79 68.65 26.06
CA LYS K 298 1.24 69.40 24.94
C LYS K 298 2.17 70.56 24.59
N LEU K 299 2.79 70.49 23.43
CA LEU K 299 3.69 71.55 22.99
C LEU K 299 2.88 72.71 22.40
N PRO K 300 3.02 73.93 22.95
CA PRO K 300 2.31 75.10 22.42
C PRO K 300 2.83 75.56 21.06
N HIS L 93 -94.91 -28.71 21.56
CA HIS L 93 -94.81 -29.13 22.95
C HIS L 93 -93.42 -28.85 23.52
N GLY L 94 -93.34 -27.84 24.39
CA GLY L 94 -92.10 -27.52 25.06
C GLY L 94 -91.86 -28.41 26.27
N LYS L 95 -91.53 -29.68 26.01
CA LYS L 95 -91.33 -30.64 27.08
C LYS L 95 -90.03 -30.36 27.83
N SER L 96 -90.12 -30.37 29.16
CA SER L 96 -88.95 -30.13 29.98
C SER L 96 -88.06 -31.36 30.02
N VAL L 97 -86.79 -31.14 30.37
CA VAL L 97 -85.84 -32.23 30.47
C VAL L 97 -86.09 -33.01 31.77
N THR L 98 -85.76 -34.31 31.75
CA THR L 98 -85.94 -35.15 32.91
C THR L 98 -84.78 -36.13 33.00
N TRP L 99 -84.60 -36.69 34.19
CA TRP L 99 -83.60 -37.71 34.45
C TRP L 99 -84.19 -38.78 35.36
N TRP L 100 -83.37 -39.78 35.70
CA TRP L 100 -83.86 -40.90 36.49
C TRP L 100 -84.08 -40.55 37.94
N ASP L 101 -83.43 -39.49 38.44
CA ASP L 101 -83.48 -39.18 39.87
C ASP L 101 -84.41 -38.00 40.15
N GLU L 102 -85.15 -37.53 39.15
CA GLU L 102 -86.03 -36.39 39.34
C GLU L 102 -87.25 -36.77 40.16
N HIS L 103 -88.03 -37.72 39.68
CA HIS L 103 -89.32 -38.04 40.27
C HIS L 103 -89.25 -39.14 41.32
N LEU L 104 -88.06 -39.55 41.72
CA LEU L 104 -87.92 -40.60 42.72
C LEU L 104 -87.80 -40.00 44.11
N SER L 105 -88.45 -40.64 45.08
CA SER L 105 -88.43 -40.21 46.47
C SER L 105 -87.37 -40.99 47.24
N GLU L 106 -87.02 -40.48 48.43
CA GLU L 106 -85.97 -41.06 49.27
C GLU L 106 -86.25 -42.48 49.73
N GLU L 107 -87.51 -42.88 49.79
CA GLU L 107 -87.81 -44.26 50.18
C GLU L 107 -87.64 -45.19 48.99
N ASN L 108 -87.74 -44.65 47.78
CA ASN L 108 -87.67 -45.47 46.57
C ASN L 108 -86.32 -45.43 45.88
N VAL L 109 -85.45 -44.46 46.19
CA VAL L 109 -84.11 -44.43 45.59
C VAL L 109 -83.26 -45.65 45.94
N PRO L 110 -83.13 -46.08 47.22
CA PRO L 110 -82.41 -47.34 47.44
C PRO L 110 -83.15 -48.57 46.94
N PHE L 111 -84.47 -48.49 46.77
CA PHE L 111 -85.21 -49.58 46.13
C PHE L 111 -84.83 -49.72 44.66
N VAL L 112 -84.66 -48.59 43.97
CA VAL L 112 -84.22 -48.62 42.58
C VAL L 112 -82.77 -49.04 42.50
N LYS L 113 -81.95 -48.57 43.44
CA LYS L 113 -80.52 -48.91 43.47
C LYS L 113 -80.30 -50.40 43.76
N GLN L 114 -81.19 -51.00 44.54
CA GLN L 114 -81.11 -52.43 44.79
C GLN L 114 -81.75 -53.22 43.65
N PRO L 143 -53.76 -72.35 10.45
CA PRO L 143 -52.44 -71.72 10.43
C PRO L 143 -52.52 -70.19 10.38
N GLY L 144 -53.44 -69.66 9.56
CA GLY L 144 -53.59 -68.22 9.43
C GLY L 144 -54.75 -67.64 10.19
N SER L 145 -55.27 -68.38 11.16
CA SER L 145 -56.43 -67.93 11.91
C SER L 145 -56.05 -66.86 12.93
N SER L 146 -57.06 -66.11 13.37
CA SER L 146 -56.88 -65.04 14.34
C SER L 146 -57.84 -65.26 15.50
N ARG L 147 -57.43 -64.82 16.69
CA ARG L 147 -58.18 -65.10 17.90
C ARG L 147 -59.08 -63.91 18.27
N VAL L 148 -59.87 -64.12 19.33
CA VAL L 148 -60.69 -63.03 19.86
C VAL L 148 -59.90 -62.27 20.93
N GLY L 149 -59.93 -60.94 20.83
CA GLY L 149 -59.26 -60.09 21.77
C GLY L 149 -60.10 -59.75 22.98
N LEU L 150 -59.54 -58.88 23.82
CA LEU L 150 -60.11 -58.57 25.12
C LEU L 150 -60.20 -57.06 25.30
N ILE L 151 -61.04 -56.64 26.25
CA ILE L 151 -61.08 -55.28 26.74
C ILE L 151 -60.76 -55.32 28.22
N ALA L 152 -59.71 -54.63 28.63
CA ALA L 152 -59.25 -54.65 30.00
C ALA L 152 -59.15 -53.24 30.56
N LEU L 153 -58.70 -53.14 31.80
CA LEU L 153 -58.55 -51.86 32.49
C LEU L 153 -57.09 -51.74 32.94
N LYS L 154 -56.44 -50.65 32.52
CA LYS L 154 -55.05 -50.42 32.88
C LYS L 154 -54.94 -49.99 34.33
N LEU L 155 -54.48 -50.89 35.18
CA LEU L 155 -54.47 -50.66 36.63
C LEU L 155 -53.30 -49.75 37.01
N GLY L 156 -52.09 -50.14 36.64
CA GLY L 156 -50.91 -49.39 37.00
C GLY L 156 -49.67 -50.02 36.42
N MET L 157 -48.54 -49.77 37.07
CA MET L 157 -47.26 -50.29 36.63
C MET L 157 -46.47 -50.88 37.80
N MET L 158 -45.67 -51.90 37.50
CA MET L 158 -44.87 -52.63 38.48
C MET L 158 -43.48 -52.92 37.91
N PRO L 159 -42.47 -53.06 38.76
CA PRO L 159 -41.21 -53.65 38.31
C PRO L 159 -41.33 -55.16 38.22
N LEU L 160 -40.44 -55.76 37.45
CA LEU L 160 -40.32 -57.21 37.37
C LEU L 160 -38.87 -57.52 37.07
N TRP L 161 -38.41 -58.70 37.48
CA TRP L 161 -37.02 -59.06 37.28
C TRP L 161 -36.91 -60.43 36.60
N THR L 162 -35.84 -60.58 35.83
CA THR L 162 -35.59 -61.82 35.11
C THR L 162 -34.43 -62.58 35.75
N LYS L 163 -34.31 -63.86 35.37
CA LYS L 163 -33.32 -64.74 35.99
C LYS L 163 -31.89 -64.42 35.57
N ASP L 164 -31.72 -63.66 34.49
CA ASP L 164 -30.38 -63.18 34.13
C ASP L 164 -30.02 -61.86 34.81
N GLY L 165 -30.89 -61.34 35.66
CA GLY L 165 -30.59 -60.16 36.45
C GLY L 165 -31.18 -58.86 35.96
N GLN L 166 -31.74 -58.83 34.75
CA GLN L 166 -32.27 -57.58 34.21
C GLN L 166 -33.64 -57.25 34.80
N LYS L 167 -34.00 -55.98 34.71
CA LYS L 167 -35.25 -55.46 35.25
C LYS L 167 -36.11 -54.93 34.12
N HIS L 168 -37.34 -55.43 34.04
CA HIS L 168 -38.32 -54.95 33.08
C HIS L 168 -39.48 -54.30 33.83
N VAL L 169 -40.35 -53.64 33.08
CA VAL L 169 -41.50 -52.93 33.64
C VAL L 169 -42.76 -53.55 33.06
N VAL L 170 -43.70 -53.90 33.94
CA VAL L 170 -44.96 -54.50 33.51
C VAL L 170 -46.10 -53.53 33.80
N THR L 171 -46.98 -53.42 32.82
CA THR L 171 -48.23 -52.68 32.96
C THR L 171 -49.33 -53.68 33.29
N LEU L 172 -50.17 -53.32 34.25
CA LEU L 172 -51.21 -54.18 34.79
C LEU L 172 -52.49 -53.95 34.01
N LEU L 173 -53.01 -54.99 33.37
CA LEU L 173 -54.28 -54.89 32.65
C LEU L 173 -55.27 -55.85 33.28
N GLN L 174 -56.29 -55.31 33.95
CA GLN L 174 -57.28 -56.11 34.66
C GLN L 174 -58.53 -56.24 33.80
N VAL L 175 -58.92 -57.49 33.52
CA VAL L 175 -60.22 -57.75 32.93
C VAL L 175 -61.25 -57.84 34.04
N GLN L 176 -62.31 -57.03 33.95
CA GLN L 176 -63.34 -56.99 34.97
C GLN L 176 -64.64 -57.63 34.46
N ASP L 177 -65.18 -57.13 33.35
CA ASP L 177 -66.35 -57.73 32.70
C ASP L 177 -66.10 -57.69 31.21
N CYS L 178 -65.82 -58.85 30.62
CA CYS L 178 -65.58 -58.96 29.19
C CYS L 178 -66.55 -60.00 28.64
N HIS L 179 -67.39 -59.58 27.70
CA HIS L 179 -68.37 -60.47 27.09
C HIS L 179 -68.45 -60.17 25.61
N VAL L 180 -68.56 -61.22 24.80
CA VAL L 180 -68.83 -60.99 23.38
C VAL L 180 -70.30 -60.60 23.21
N LEU L 181 -70.53 -59.56 22.40
CA LEU L 181 -71.86 -58.95 22.32
C LEU L 181 -72.65 -59.44 21.11
N LYS L 182 -72.12 -59.26 19.90
CA LYS L 182 -72.81 -59.68 18.69
C LYS L 182 -71.79 -60.11 17.66
N TYR L 183 -72.26 -60.84 16.65
CA TYR L 183 -71.39 -61.41 15.62
C TYR L 183 -71.85 -60.91 14.27
N THR L 184 -70.96 -60.25 13.55
CA THR L 184 -71.22 -59.79 12.19
C THR L 184 -70.55 -60.73 11.19
N PRO L 185 -71.28 -61.24 10.18
CA PRO L 185 -70.70 -62.26 9.28
C PRO L 185 -69.60 -61.75 8.37
N LYS L 186 -68.98 -62.67 7.63
CA LYS L 186 -67.85 -62.32 6.77
C LYS L 186 -68.30 -61.45 5.60
N GLU L 187 -69.40 -61.83 4.95
CA GLU L 187 -69.86 -61.13 3.75
C GLU L 187 -70.59 -59.83 4.06
N ASN L 188 -70.92 -59.58 5.34
CA ASN L 188 -71.61 -58.37 5.73
C ASN L 188 -70.70 -57.35 6.39
N HIS L 189 -69.44 -57.69 6.66
CA HIS L 189 -68.56 -56.78 7.37
C HIS L 189 -67.40 -56.29 6.50
N ASN L 190 -66.55 -57.21 6.05
CA ASN L 190 -65.37 -56.83 5.28
C ASN L 190 -65.16 -57.71 4.05
N GLY L 191 -65.64 -58.94 4.06
CA GLY L 191 -65.44 -59.83 2.94
C GLY L 191 -64.22 -60.73 3.07
N ARG L 192 -63.44 -60.54 4.13
CA ARG L 192 -62.29 -61.41 4.38
C ARG L 192 -62.41 -62.13 5.72
N MET L 193 -62.61 -61.37 6.79
CA MET L 193 -62.74 -61.92 8.13
C MET L 193 -63.98 -61.36 8.81
N ALA L 194 -64.62 -62.16 9.65
CA ALA L 194 -65.84 -61.74 10.31
C ALA L 194 -65.51 -60.78 11.46
N ALA L 195 -66.55 -60.18 12.03
CA ALA L 195 -66.40 -59.19 13.09
C ALA L 195 -67.07 -59.68 14.35
N LEU L 196 -66.36 -59.60 15.47
CA LEU L 196 -66.91 -59.94 16.78
C LEU L 196 -66.90 -58.70 17.66
N THR L 197 -68.02 -58.47 18.34
CA THR L 197 -68.22 -57.25 19.11
C THR L 197 -68.03 -57.55 20.59
N VAL L 198 -67.11 -56.82 21.22
CA VAL L 198 -66.71 -57.06 22.60
C VAL L 198 -66.92 -55.79 23.42
N GLY L 199 -67.61 -55.93 24.57
CA GLY L 199 -67.82 -54.81 25.46
C GLY L 199 -66.86 -54.77 26.62
N GLY L 200 -66.80 -53.62 27.28
CA GLY L 200 -65.88 -53.36 28.37
C GLY L 200 -66.54 -53.43 29.72
N LYS L 201 -66.03 -52.62 30.66
CA LYS L 201 -66.46 -52.65 32.05
C LYS L 201 -67.89 -52.15 32.19
N THR L 202 -68.55 -52.63 33.24
CA THR L 202 -69.99 -52.49 33.37
C THR L 202 -70.36 -51.15 34.00
N VAL L 203 -71.27 -50.43 33.33
CA VAL L 203 -71.69 -49.09 33.76
C VAL L 203 -73.18 -49.06 34.05
N SER L 204 -73.69 -47.89 34.42
CA SER L 204 -75.04 -47.76 34.94
C SER L 204 -76.08 -47.83 33.81
N HIS L 205 -77.28 -48.29 34.18
CA HIS L 205 -78.40 -48.33 33.26
C HIS L 205 -78.93 -46.95 32.94
N PHE L 206 -78.88 -46.02 33.90
CA PHE L 206 -79.65 -44.79 33.81
C PHE L 206 -78.99 -43.74 32.94
N HIS L 207 -77.71 -43.86 32.64
CA HIS L 207 -77.00 -42.86 31.88
C HIS L 207 -76.64 -43.32 30.46
N LYS L 208 -77.24 -44.40 29.99
CA LYS L 208 -77.07 -44.86 28.62
C LYS L 208 -78.30 -44.49 27.80
N SER L 209 -78.26 -44.80 26.50
CA SER L 209 -79.29 -44.40 25.57
C SER L 209 -80.33 -45.50 25.42
N ALA L 210 -81.50 -45.12 24.88
CA ALA L 210 -82.66 -46.00 24.86
C ALA L 210 -82.46 -47.20 23.94
N SER L 211 -81.88 -46.97 22.76
CA SER L 211 -81.62 -48.07 21.83
C SER L 211 -80.54 -49.01 22.37
N ILE L 212 -79.56 -48.44 23.09
CA ILE L 212 -78.50 -49.25 23.69
C ILE L 212 -79.06 -50.15 24.78
N LEU L 213 -79.93 -49.59 25.63
CA LEU L 213 -80.57 -50.41 26.67
C LEU L 213 -81.54 -51.42 26.07
N GLU L 214 -82.16 -51.09 24.93
CA GLU L 214 -83.07 -52.04 24.29
C GLU L 214 -82.30 -53.22 23.72
N PHE L 215 -81.16 -52.96 23.06
CA PHE L 215 -80.41 -54.05 22.46
C PHE L 215 -79.68 -54.88 23.53
N TYR L 216 -79.22 -54.23 24.60
CA TYR L 216 -78.68 -55.01 25.73
C TYR L 216 -79.77 -55.70 26.55
N GLN L 217 -81.01 -55.24 26.50
CA GLN L 217 -82.11 -55.97 27.13
C GLN L 217 -82.43 -57.23 26.33
N GLU L 218 -82.40 -57.13 25.00
CA GLU L 218 -82.49 -58.32 24.17
C GLU L 218 -81.30 -59.25 24.34
N LEU L 219 -80.10 -58.70 24.56
CA LEU L 219 -78.90 -59.52 24.71
C LEU L 219 -78.90 -60.25 26.06
N GLY L 220 -79.21 -59.54 27.14
CA GLY L 220 -79.26 -60.12 28.47
C GLY L 220 -78.20 -59.68 29.45
N LEU L 221 -77.48 -58.59 29.17
CA LEU L 221 -76.38 -58.18 30.05
C LEU L 221 -76.49 -56.70 30.43
N PRO L 222 -75.92 -56.30 31.56
CA PRO L 222 -75.94 -54.88 31.97
C PRO L 222 -75.08 -54.02 31.05
N PRO L 223 -75.28 -52.69 31.04
CA PRO L 223 -74.55 -51.82 30.11
C PRO L 223 -73.05 -51.82 30.30
N LYS L 224 -72.33 -51.77 29.19
CA LYS L 224 -70.88 -51.74 29.14
C LYS L 224 -70.39 -50.33 28.83
N GLN L 225 -69.11 -50.09 29.09
CA GLN L 225 -68.56 -48.75 28.88
C GLN L 225 -68.16 -48.53 27.43
N LYS L 226 -67.20 -49.32 26.94
CA LYS L 226 -66.66 -49.15 25.59
C LYS L 226 -66.92 -50.40 24.77
N VAL L 227 -67.27 -50.22 23.51
CA VAL L 227 -67.65 -51.30 22.60
C VAL L 227 -66.67 -51.31 21.45
N LYS L 228 -66.04 -52.47 21.21
CA LYS L 228 -65.00 -52.57 20.21
C LYS L 228 -65.28 -53.74 19.27
N ILE L 229 -64.65 -53.69 18.10
CA ILE L 229 -64.85 -54.65 17.02
C ILE L 229 -63.52 -55.35 16.75
N PHE L 230 -63.56 -56.68 16.69
CA PHE L 230 -62.38 -57.50 16.45
C PHE L 230 -62.54 -58.26 15.15
N ASN L 231 -61.48 -58.31 14.34
CA ASN L 231 -61.48 -59.08 13.12
C ASN L 231 -61.04 -60.51 13.40
N VAL L 232 -61.95 -61.46 13.19
CA VAL L 232 -61.79 -62.84 13.62
C VAL L 232 -62.15 -63.75 12.45
N THR L 233 -61.32 -64.76 12.19
CA THR L 233 -61.61 -65.74 11.15
C THR L 233 -62.77 -66.65 11.56
N GLU L 234 -63.43 -67.25 10.56
CA GLU L 234 -64.68 -67.97 10.78
C GLU L 234 -64.52 -69.23 11.63
N ASN L 235 -63.31 -69.77 11.76
CA ASN L 235 -63.10 -70.94 12.60
C ASN L 235 -62.88 -70.58 14.06
N ALA L 236 -62.82 -69.30 14.38
CA ALA L 236 -62.65 -68.83 15.75
C ALA L 236 -63.85 -68.07 16.27
N VAL L 237 -65.04 -68.30 15.71
CA VAL L 237 -66.21 -67.54 16.13
C VAL L 237 -66.67 -68.01 17.50
N ILE L 238 -67.18 -67.07 18.29
CA ILE L 238 -67.69 -67.34 19.63
C ILE L 238 -69.15 -66.91 19.66
N LYS L 239 -70.03 -67.78 20.24
CA LYS L 239 -71.45 -67.49 20.39
C LYS L 239 -71.64 -66.27 21.28
N PRO L 240 -72.49 -65.32 20.87
CA PRO L 240 -72.62 -64.06 21.62
C PRO L 240 -73.22 -64.27 23.00
N GLY L 241 -72.81 -63.41 23.93
CA GLY L 241 -73.19 -63.55 25.32
C GLY L 241 -72.24 -64.39 26.14
N THR L 242 -71.04 -64.67 25.62
CA THR L 242 -70.05 -65.50 26.27
C THR L 242 -69.00 -64.64 26.98
N PRO L 243 -68.75 -64.89 28.26
CA PRO L 243 -67.70 -64.15 28.97
C PRO L 243 -66.31 -64.61 28.57
N LEU L 244 -65.34 -63.76 28.89
CA LEU L 244 -63.94 -63.98 28.57
C LEU L 244 -63.08 -63.63 29.78
N TYR L 245 -61.92 -64.27 29.88
CA TYR L 245 -61.04 -64.14 31.03
C TYR L 245 -59.60 -63.95 30.57
N ALA L 246 -58.76 -63.50 31.52
CA ALA L 246 -57.35 -63.23 31.24
C ALA L 246 -56.54 -64.48 30.92
N ALA L 247 -57.04 -65.66 31.31
CA ALA L 247 -56.42 -66.92 30.90
C ALA L 247 -56.66 -67.22 29.42
N HIS L 248 -57.43 -66.39 28.72
CA HIS L 248 -57.39 -66.33 27.26
C HIS L 248 -55.98 -66.06 26.74
N PHE L 249 -55.19 -65.30 27.48
CA PHE L 249 -53.78 -65.09 27.18
C PHE L 249 -52.92 -65.95 28.11
N ARG L 250 -51.99 -66.68 27.53
CA ARG L 250 -51.04 -67.57 28.22
C ARG L 250 -49.74 -66.84 28.50
N PRO L 251 -49.01 -67.21 29.55
CA PRO L 251 -47.74 -66.54 29.85
C PRO L 251 -46.67 -66.86 28.82
N GLY L 252 -46.24 -65.82 28.11
CA GLY L 252 -45.29 -65.95 27.02
C GLY L 252 -46.03 -65.91 25.70
N GLN L 253 -46.11 -64.71 25.12
CA GLN L 253 -46.92 -64.38 23.95
C GLN L 253 -46.63 -62.93 23.62
N TYR L 254 -47.08 -62.46 22.47
CA TYR L 254 -46.89 -61.06 22.09
C TYR L 254 -48.24 -60.48 21.71
N VAL L 255 -48.55 -59.30 22.26
CA VAL L 255 -49.86 -58.69 22.15
C VAL L 255 -49.70 -57.29 21.55
N ASP L 256 -50.80 -56.81 20.97
CA ASP L 256 -50.93 -55.45 20.47
C ASP L 256 -51.98 -54.75 21.34
N VAL L 257 -51.69 -53.50 21.69
CA VAL L 257 -52.46 -52.76 22.68
C VAL L 257 -52.94 -51.46 22.06
N THR L 258 -54.26 -51.25 22.05
CA THR L 258 -54.86 -50.07 21.44
C THR L 258 -55.67 -49.31 22.48
N ALA L 259 -55.43 -48.00 22.57
CA ALA L 259 -56.17 -47.17 23.51
C ALA L 259 -56.13 -45.71 23.08
N LYS L 260 -57.03 -44.92 23.66
CA LYS L 260 -56.95 -43.48 23.56
C LYS L 260 -55.81 -42.99 24.45
N THR L 261 -54.87 -42.24 23.87
CA THR L 261 -53.71 -41.79 24.62
C THR L 261 -54.07 -40.64 25.55
N ILE L 262 -53.08 -40.21 26.35
CA ILE L 262 -53.29 -39.12 27.29
C ILE L 262 -53.48 -37.83 26.53
N GLY L 263 -54.66 -37.23 26.65
CA GLY L 263 -54.98 -36.05 25.88
C GLY L 263 -54.35 -34.81 26.48
N LYS L 264 -53.45 -34.17 25.74
CA LYS L 264 -52.77 -32.98 26.22
C LYS L 264 -53.41 -31.70 25.71
N GLY L 265 -54.53 -31.79 24.99
CA GLY L 265 -55.28 -30.63 24.57
C GLY L 265 -54.62 -29.85 23.44
N PHE L 266 -55.00 -28.58 23.36
CA PHE L 266 -54.44 -27.68 22.36
C PHE L 266 -53.02 -27.29 22.76
N GLN L 267 -52.04 -28.01 22.24
CA GLN L 267 -50.65 -27.81 22.61
C GLN L 267 -49.92 -27.07 21.51
N GLY L 268 -48.85 -26.39 21.89
CA GLY L 268 -48.02 -25.67 20.94
C GLY L 268 -47.20 -26.61 20.09
N VAL L 269 -46.50 -26.01 19.12
CA VAL L 269 -45.78 -26.82 18.14
C VAL L 269 -44.53 -27.44 18.75
N MET L 270 -43.98 -26.83 19.81
CA MET L 270 -42.78 -27.33 20.46
C MET L 270 -43.06 -28.64 21.18
N ARG L 271 -44.18 -28.71 21.88
CA ARG L 271 -44.55 -29.94 22.57
C ARG L 271 -45.23 -30.92 21.63
N ARG L 272 -45.98 -30.44 20.64
CA ARG L 272 -46.72 -31.33 19.75
C ARG L 272 -45.82 -32.04 18.75
N TRP L 273 -44.85 -31.34 18.15
CA TRP L 273 -44.05 -31.93 17.09
C TRP L 273 -42.58 -32.10 17.46
N GLY L 274 -42.10 -31.37 18.45
CA GLY L 274 -40.72 -31.46 18.86
C GLY L 274 -39.78 -30.48 18.21
N PHE L 275 -40.28 -29.32 17.76
CA PHE L 275 -39.45 -28.34 17.07
C PHE L 275 -38.47 -27.69 18.05
N LYS L 276 -37.26 -27.44 17.59
CA LYS L 276 -36.34 -26.61 18.34
C LYS L 276 -36.85 -25.18 18.35
N GLY L 277 -36.74 -24.52 19.49
CA GLY L 277 -37.16 -23.14 19.60
C GLY L 277 -36.03 -22.16 19.35
N GLN L 278 -36.42 -20.92 19.16
CA GLN L 278 -35.53 -19.78 19.05
C GLN L 278 -34.92 -19.46 20.42
N PRO L 279 -33.74 -18.83 20.45
CA PRO L 279 -33.10 -18.55 21.75
C PRO L 279 -33.87 -17.55 22.59
N ALA L 280 -33.52 -17.50 23.88
CA ALA L 280 -34.32 -16.74 24.83
C ALA L 280 -33.70 -15.40 25.18
N THR L 281 -32.37 -15.28 25.12
CA THR L 281 -31.71 -14.12 25.69
C THR L 281 -31.07 -13.20 24.67
N HIS L 282 -30.94 -13.60 23.41
CA HIS L 282 -30.10 -12.88 22.47
C HIS L 282 -30.85 -11.83 21.66
N GLY L 283 -31.89 -11.24 22.23
CA GLY L 283 -32.60 -10.15 21.60
C GLY L 283 -33.94 -10.50 21.00
N GLN L 284 -34.31 -11.78 20.98
CA GLN L 284 -35.52 -12.24 20.31
C GLN L 284 -36.76 -11.71 21.02
N THR L 285 -37.67 -11.14 20.25
CA THR L 285 -38.86 -10.45 20.78
C THR L 285 -40.10 -11.24 20.40
N LYS L 286 -40.80 -11.76 21.42
CA LYS L 286 -42.07 -12.48 21.31
C LYS L 286 -41.99 -13.67 20.37
N THR L 287 -40.97 -14.50 20.47
CA THR L 287 -40.66 -15.46 19.42
C THR L 287 -40.35 -16.86 19.96
N HIS L 288 -40.09 -16.99 21.27
CA HIS L 288 -39.33 -18.10 21.84
C HIS L 288 -39.96 -19.48 21.66
N ARG L 289 -41.24 -19.58 21.32
CA ARG L 289 -41.87 -20.89 21.18
C ARG L 289 -42.60 -21.04 19.86
N ARG L 290 -42.65 -19.97 19.06
CA ARG L 290 -43.33 -19.97 17.77
C ARG L 290 -42.59 -20.83 16.75
N PRO L 291 -43.32 -21.47 15.79
CA PRO L 291 -42.65 -22.33 14.80
C PRO L 291 -41.72 -21.61 13.85
N GLY L 292 -41.99 -20.34 13.58
CA GLY L 292 -41.19 -19.60 12.63
C GLY L 292 -41.81 -19.58 11.24
N ALA L 293 -40.96 -19.79 10.24
CA ALA L 293 -41.43 -19.87 8.87
C ALA L 293 -42.22 -21.15 8.65
N ILE L 294 -43.40 -21.04 8.03
CA ILE L 294 -44.27 -22.19 7.85
C ILE L 294 -44.34 -22.66 6.41
N SER L 295 -43.95 -21.85 5.44
CA SER L 295 -44.04 -22.23 4.04
C SER L 295 -43.01 -21.45 3.23
N THR L 296 -43.20 -21.46 1.92
CA THR L 296 -42.20 -20.97 0.97
C THR L 296 -42.79 -19.76 0.25
N GLY L 297 -41.92 -18.80 -0.13
CA GLY L 297 -42.40 -17.54 -0.69
C GLY L 297 -43.05 -17.67 -2.07
N ASP L 298 -42.57 -18.57 -2.91
CA ASP L 298 -43.04 -18.63 -4.30
C ASP L 298 -44.43 -19.26 -4.37
N VAL L 299 -44.68 -20.31 -3.57
CA VAL L 299 -45.89 -21.11 -3.74
C VAL L 299 -47.16 -20.38 -3.33
N ALA L 300 -47.02 -19.26 -2.60
CA ALA L 300 -48.07 -18.33 -2.20
C ALA L 300 -49.17 -18.99 -1.36
N ARG L 301 -48.88 -20.10 -0.69
CA ARG L 301 -49.82 -20.79 0.17
C ARG L 301 -49.00 -21.58 1.18
N VAL L 302 -49.68 -22.40 1.97
CA VAL L 302 -49.02 -23.31 2.90
C VAL L 302 -49.56 -24.71 2.66
N TRP L 303 -48.67 -25.69 2.72
CA TRP L 303 -49.00 -27.04 2.31
C TRP L 303 -49.91 -27.72 3.33
N PRO L 304 -50.75 -28.66 2.90
CA PRO L 304 -51.59 -29.41 3.86
C PRO L 304 -50.81 -30.27 4.85
N GLY L 305 -49.58 -30.64 4.54
CA GLY L 305 -48.76 -31.41 5.45
C GLY L 305 -47.93 -30.60 6.41
N THR L 306 -48.26 -29.33 6.61
CA THR L 306 -47.47 -28.46 7.46
C THR L 306 -47.73 -28.74 8.93
N LYS L 307 -46.67 -28.93 9.69
CA LYS L 307 -46.78 -29.13 11.14
C LYS L 307 -47.16 -27.82 11.80
N MET L 308 -48.28 -27.81 12.50
CA MET L 308 -48.91 -26.59 12.99
C MET L 308 -49.51 -26.89 14.35
N PRO L 309 -49.57 -25.91 15.25
CA PRO L 309 -50.18 -26.14 16.57
C PRO L 309 -51.66 -26.49 16.49
N GLY L 310 -52.10 -27.33 17.42
CA GLY L 310 -53.46 -27.82 17.40
C GLY L 310 -53.67 -28.84 18.51
N GLN L 311 -54.67 -29.69 18.31
CA GLN L 311 -55.03 -30.69 19.31
C GLN L 311 -53.98 -31.80 19.35
N LEU L 312 -53.54 -32.15 20.56
CA LEU L 312 -52.56 -33.21 20.76
C LEU L 312 -53.03 -34.12 21.89
N GLY L 313 -53.01 -35.43 21.64
CA GLY L 313 -53.10 -36.41 22.68
C GLY L 313 -54.30 -37.33 22.63
N ASN L 314 -55.49 -36.80 22.37
CA ASN L 314 -56.71 -37.62 22.41
C ASN L 314 -56.89 -38.29 21.06
N ILE L 315 -56.13 -39.36 20.82
CA ILE L 315 -56.23 -40.11 19.57
C ILE L 315 -55.98 -41.58 19.90
N ASP L 316 -56.36 -42.47 18.99
CA ASP L 316 -56.28 -43.91 19.19
C ASP L 316 -54.93 -44.40 18.70
N ARG L 317 -54.12 -44.92 19.62
CA ARG L 317 -52.79 -45.40 19.28
C ARG L 317 -52.62 -46.85 19.74
N THR L 318 -51.74 -47.55 19.02
CA THR L 318 -51.49 -48.97 19.25
C THR L 318 -50.00 -49.18 19.45
N ALA L 319 -49.63 -49.78 20.58
CA ALA L 319 -48.29 -50.28 20.80
C ALA L 319 -48.21 -51.73 20.34
N PHE L 320 -47.13 -52.08 19.67
CA PHE L 320 -46.97 -53.37 19.02
C PHE L 320 -45.91 -54.20 19.74
N GLY L 321 -46.12 -55.51 19.72
CA GLY L 321 -45.11 -56.46 20.19
C GLY L 321 -44.82 -56.41 21.67
N LEU L 322 -45.88 -56.32 22.49
CA LEU L 322 -45.69 -56.28 23.94
C LEU L 322 -45.68 -57.70 24.48
N LYS L 323 -44.67 -58.04 25.27
CA LYS L 323 -44.54 -59.39 25.79
C LYS L 323 -45.33 -59.54 27.10
N VAL L 324 -46.00 -60.67 27.26
CA VAL L 324 -46.71 -60.98 28.50
C VAL L 324 -45.79 -61.83 29.38
N TRP L 325 -45.74 -61.50 30.68
CA TRP L 325 -44.87 -62.20 31.60
C TRP L 325 -45.66 -63.10 32.55
N ARG L 326 -46.81 -62.62 33.03
CA ARG L 326 -47.52 -63.31 34.10
C ARG L 326 -49.01 -63.02 34.05
N ILE L 327 -49.80 -64.07 34.30
CA ILE L 327 -51.26 -64.00 34.36
C ILE L 327 -51.70 -64.32 35.78
N ASN L 328 -52.47 -63.42 36.38
CA ASN L 328 -53.07 -63.63 37.70
C ASN L 328 -54.52 -64.05 37.51
N THR L 329 -54.87 -65.24 38.03
CA THR L 329 -56.15 -65.86 37.72
C THR L 329 -57.35 -65.23 38.41
N LYS L 330 -57.27 -64.94 39.71
CA LYS L 330 -58.48 -64.58 40.47
C LYS L 330 -58.94 -63.17 40.14
N HIS L 331 -58.03 -62.22 40.00
CA HIS L 331 -58.39 -60.87 39.63
C HIS L 331 -58.31 -60.65 38.12
N ASN L 332 -57.88 -61.66 37.37
CA ASN L 332 -57.79 -61.66 35.90
C ASN L 332 -56.90 -60.52 35.41
N ILE L 333 -55.63 -60.58 35.80
CA ILE L 333 -54.68 -59.52 35.52
C ILE L 333 -53.60 -60.05 34.57
N ILE L 334 -53.40 -59.34 33.47
CA ILE L 334 -52.34 -59.60 32.50
C ILE L 334 -51.21 -58.64 32.78
N TYR L 335 -49.96 -59.14 32.79
CA TYR L 335 -48.81 -58.25 32.96
C TYR L 335 -48.18 -58.13 31.58
N VAL L 336 -48.19 -56.92 31.00
CA VAL L 336 -47.58 -56.73 29.70
C VAL L 336 -46.27 -55.97 29.87
N ASN L 337 -45.32 -56.19 28.97
CA ASN L 337 -44.01 -55.57 29.04
C ASN L 337 -44.04 -54.22 28.33
N GLY L 338 -43.46 -53.21 28.97
CA GLY L 338 -43.34 -51.92 28.35
C GLY L 338 -44.44 -50.95 28.77
N SER L 339 -44.64 -49.96 27.90
CA SER L 339 -45.62 -48.91 28.16
C SER L 339 -46.87 -49.12 27.34
N VAL L 340 -48.01 -49.07 28.03
CA VAL L 340 -49.34 -49.13 27.42
C VAL L 340 -49.79 -47.70 27.15
N PRO L 341 -50.19 -47.38 25.92
CA PRO L 341 -50.73 -46.03 25.63
C PRO L 341 -52.02 -45.77 26.38
N GLY L 342 -52.17 -44.54 26.86
CA GLY L 342 -53.35 -44.17 27.60
C GLY L 342 -53.04 -44.01 29.07
N HIS L 343 -53.90 -43.24 29.73
CA HIS L 343 -53.78 -42.98 31.16
C HIS L 343 -54.22 -44.20 31.97
N LYS L 344 -53.95 -44.16 33.27
CA LYS L 344 -54.37 -45.24 34.14
C LYS L 344 -55.88 -45.25 34.28
N ASN L 345 -56.43 -46.44 34.51
CA ASN L 345 -57.85 -46.77 34.68
C ASN L 345 -58.70 -46.46 33.44
N CYS L 346 -58.13 -46.53 32.23
CA CYS L 346 -58.96 -46.47 31.04
C CYS L 346 -59.23 -47.87 30.53
N LEU L 347 -60.01 -47.96 29.45
CA LEU L 347 -60.24 -49.26 28.82
C LEU L 347 -59.28 -49.47 27.67
N VAL L 348 -58.75 -50.69 27.59
CA VAL L 348 -57.64 -51.05 26.71
C VAL L 348 -58.06 -52.24 25.84
N LYS L 349 -57.85 -52.09 24.53
CA LYS L 349 -58.18 -53.13 23.56
C LYS L 349 -56.93 -53.98 23.32
N ILE L 350 -57.00 -55.25 23.68
CA ILE L 350 -55.86 -56.16 23.60
C ILE L 350 -56.13 -57.18 22.50
N LYS L 351 -55.18 -57.36 21.61
CA LYS L 351 -55.26 -58.44 20.62
C LYS L 351 -53.89 -59.11 20.55
N ASP L 352 -53.81 -60.17 19.76
CA ASP L 352 -52.52 -60.82 19.53
C ASP L 352 -51.68 -59.98 18.58
N SER L 353 -50.37 -60.24 18.58
CA SER L 353 -49.46 -59.45 17.75
C SER L 353 -49.66 -59.80 16.28
N LYS L 354 -49.86 -58.76 15.47
CA LYS L 354 -49.97 -58.91 14.02
C LYS L 354 -48.65 -58.64 13.32
N LEU L 355 -47.54 -58.60 14.06
CA LEU L 355 -46.23 -58.49 13.45
C LEU L 355 -45.92 -59.77 12.68
N PRO L 356 -45.19 -59.67 11.55
CA PRO L 356 -44.93 -60.87 10.73
C PRO L 356 -44.10 -61.94 11.43
N ALA L 357 -43.27 -61.56 12.41
CA ALA L 357 -42.44 -62.54 13.09
C ALA L 357 -43.23 -63.37 14.09
N TYR L 358 -44.42 -62.91 14.48
CA TYR L 358 -45.23 -63.57 15.49
C TYR L 358 -46.56 -64.08 14.94
N LYS L 359 -46.57 -64.50 13.66
CA LYS L 359 -47.83 -64.89 13.02
C LYS L 359 -48.31 -66.26 13.48
N ASP L 360 -47.39 -67.22 13.60
CA ASP L 360 -47.74 -68.62 13.80
C ASP L 360 -47.61 -69.05 15.26
N PHE L 361 -47.94 -68.18 16.21
CA PHE L 361 -47.82 -68.55 17.61
C PHE L 361 -49.22 -68.87 18.16
N CYS L 362 -50.15 -69.24 17.29
CA CYS L 362 -51.52 -69.51 17.69
C CYS L 362 -51.73 -70.96 18.12
N LYS L 363 -50.77 -71.84 17.80
CA LYS L 363 -51.03 -73.28 17.91
C LYS L 363 -51.02 -73.80 19.34
N ASN L 364 -50.20 -73.24 20.22
CA ASN L 364 -50.15 -73.71 21.60
C ASN L 364 -51.01 -72.89 22.55
N LEU L 365 -52.11 -72.33 22.07
CA LEU L 365 -53.05 -71.55 22.85
C LEU L 365 -54.41 -72.26 22.92
N PRO L 366 -55.20 -72.05 23.98
CA PRO L 366 -56.52 -72.69 24.06
C PRO L 366 -57.51 -72.07 23.09
N PHE L 367 -57.53 -72.58 21.86
CA PHE L 367 -58.08 -71.84 20.72
C PHE L 367 -59.35 -72.51 20.18
N PRO L 368 -60.39 -72.63 21.00
CA PRO L 368 -61.67 -72.02 20.62
C PRO L 368 -61.72 -70.63 21.22
N THR L 369 -61.41 -70.63 22.51
CA THR L 369 -61.15 -69.54 23.45
C THR L 369 -60.88 -70.23 24.78
N TYR L 370 -60.58 -69.46 25.82
CA TYR L 370 -60.42 -70.05 27.15
C TYR L 370 -61.78 -70.47 27.72
N PHE L 371 -61.88 -71.73 28.09
CA PHE L 371 -63.08 -72.27 28.74
C PHE L 371 -62.70 -72.83 30.11
N PRO L 372 -63.04 -72.13 31.19
CA PRO L 372 -62.79 -72.69 32.53
C PRO L 372 -63.69 -73.85 32.88
N ASP L 373 -64.89 -73.92 32.28
CA ASP L 373 -65.83 -74.98 32.61
C ASP L 373 -65.46 -76.30 31.96
N GLY L 374 -64.94 -76.24 30.73
CA GLY L 374 -64.67 -77.47 29.99
C GLY L 374 -63.46 -78.24 30.48
N ASP L 375 -62.52 -77.55 31.13
CA ASP L 375 -61.33 -78.23 31.63
C ASP L 375 -61.64 -79.10 32.84
N GLU L 376 -62.43 -78.58 33.78
CA GLU L 376 -62.76 -79.18 35.08
C GLU L 376 -61.53 -79.49 35.94
N GLU L 377 -60.44 -78.74 35.76
CA GLU L 377 -59.36 -78.68 36.74
C GLU L 377 -59.03 -77.21 36.97
N ALA L 378 -58.50 -76.89 38.14
CA ALA L 378 -58.18 -75.51 38.44
C ALA L 378 -56.80 -75.14 37.90
N LEU L 379 -56.73 -73.96 37.26
CA LEU L 379 -55.44 -73.40 36.88
C LEU L 379 -54.69 -72.90 38.12
N PRO L 380 -53.37 -72.80 38.05
CA PRO L 380 -52.63 -72.20 39.15
C PRO L 380 -52.95 -70.72 39.32
N GLU L 381 -52.66 -70.19 40.51
CA GLU L 381 -52.99 -68.82 40.88
C GLU L 381 -52.26 -67.81 40.00
N ASP L 382 -50.97 -68.02 39.80
CA ASP L 382 -50.12 -67.12 39.06
C ASP L 382 -49.34 -67.91 38.03
N LEU L 383 -49.53 -67.60 36.76
CA LEU L 383 -48.88 -68.28 35.66
C LEU L 383 -47.73 -67.42 35.16
N TYR L 384 -46.53 -68.01 35.12
CA TYR L 384 -45.31 -67.26 34.89
C TYR L 384 -44.72 -67.63 33.54
N ASP L 385 -43.95 -66.70 32.99
CA ASP L 385 -43.00 -67.04 31.93
C ASP L 385 -41.77 -67.65 32.60
N GLU L 386 -41.05 -68.49 31.84
CA GLU L 386 -39.96 -69.26 32.45
C GLU L 386 -38.74 -68.41 32.82
N ASN L 387 -38.66 -67.18 32.32
CA ASN L 387 -37.53 -66.32 32.66
C ASN L 387 -37.79 -65.42 33.86
N VAL L 388 -39.01 -65.41 34.41
CA VAL L 388 -39.37 -64.46 35.45
C VAL L 388 -38.81 -64.94 36.78
N CYS L 389 -38.15 -64.05 37.51
CA CYS L 389 -37.87 -64.29 38.92
C CYS L 389 -39.16 -64.20 39.72
N GLN L 390 -39.54 -65.28 40.34
CA GLN L 390 -40.78 -65.34 41.10
C GLN L 390 -40.65 -64.61 42.42
N PRO L 391 -41.76 -64.17 43.01
CA PRO L 391 -41.73 -63.77 44.43
C PRO L 391 -41.33 -64.90 45.36
N GLY L 392 -41.66 -66.14 45.03
CA GLY L 392 -41.09 -67.29 45.71
C GLY L 392 -39.98 -67.88 44.86
N ALA L 393 -38.76 -67.52 45.21
CA ALA L 393 -37.59 -67.84 44.40
C ALA L 393 -36.42 -68.22 45.31
N PRO L 394 -35.40 -68.91 44.80
CA PRO L 394 -34.23 -69.22 45.63
C PRO L 394 -33.29 -68.05 45.89
N SER L 395 -33.67 -66.80 45.57
CA SER L 395 -32.87 -65.58 45.75
C SER L 395 -31.55 -65.71 45.00
N ILE L 396 -31.64 -65.68 43.66
CA ILE L 396 -30.66 -66.29 42.76
C ILE L 396 -29.25 -65.74 42.95
N THR L 397 -28.27 -66.63 42.81
CA THR L 397 -26.86 -66.31 42.91
C THR L 397 -26.16 -66.84 41.67
N PHE L 398 -25.00 -66.27 41.36
CA PHE L 398 -24.29 -66.62 40.14
C PHE L 398 -23.21 -67.65 40.41
N THR L 399 -22.68 -68.22 39.34
CA THR L 399 -21.61 -69.21 39.44
C THR L 399 -20.70 -69.13 38.22
N PRO M 45 -119.63 66.55 -41.16
CA PRO M 45 -118.41 67.09 -41.78
C PRO M 45 -117.30 66.05 -41.86
N PRO M 46 -116.85 65.73 -43.06
CA PRO M 46 -115.75 64.76 -43.22
C PRO M 46 -114.43 65.34 -42.75
N VAL M 47 -113.70 64.56 -41.96
CA VAL M 47 -112.36 64.93 -41.50
C VAL M 47 -111.36 64.08 -42.28
N LEU M 48 -110.58 64.74 -43.14
CA LEU M 48 -109.64 64.04 -44.02
C LEU M 48 -108.25 64.65 -43.85
N ARG M 49 -107.23 63.83 -44.07
CA ARG M 49 -105.84 64.24 -43.94
C ARG M 49 -105.05 63.76 -45.14
N LYS M 50 -104.38 64.68 -45.83
CA LYS M 50 -103.50 64.34 -46.92
C LYS M 50 -102.07 64.21 -46.41
N CYS M 51 -101.28 63.38 -47.08
CA CYS M 51 -99.89 63.18 -46.70
C CYS M 51 -99.07 64.45 -46.96
N GLU M 52 -98.33 64.87 -45.96
CA GLU M 52 -97.56 66.11 -46.00
C GLU M 52 -96.14 65.92 -46.50
N LEU M 53 -95.79 64.74 -46.97
CA LEU M 53 -94.45 64.41 -47.42
C LEU M 53 -94.53 63.85 -48.83
N PRO M 54 -93.48 64.01 -49.64
CA PRO M 54 -93.52 63.49 -51.01
C PRO M 54 -93.49 61.97 -51.04
N VAL M 55 -94.58 61.39 -51.53
CA VAL M 55 -94.71 59.95 -51.70
C VAL M 55 -94.00 59.57 -52.99
N PRO M 56 -93.25 58.47 -53.03
CA PRO M 56 -92.62 58.03 -54.28
C PRO M 56 -93.65 57.64 -55.33
N ALA M 57 -93.24 57.76 -56.60
CA ALA M 57 -94.17 57.63 -57.71
C ALA M 57 -94.63 56.19 -57.92
N HIS M 58 -93.81 55.21 -57.55
CA HIS M 58 -94.15 53.81 -57.79
C HIS M 58 -95.06 53.22 -56.71
N ARG M 59 -95.30 53.93 -55.62
CA ARG M 59 -96.10 53.42 -54.52
C ARG M 59 -97.23 54.41 -54.23
N ARG M 60 -98.46 53.88 -54.14
CA ARG M 60 -99.59 54.69 -53.75
C ARG M 60 -99.68 54.78 -52.22
N PRO M 61 -100.17 55.91 -51.68
CA PRO M 61 -100.27 56.04 -50.23
C PRO M 61 -101.35 55.16 -49.62
N VAL M 62 -101.20 54.85 -48.34
CA VAL M 62 -102.13 53.97 -47.63
C VAL M 62 -103.11 54.83 -46.83
N GLN M 63 -104.39 54.48 -46.95
CA GLN M 63 -105.46 55.22 -46.30
C GLN M 63 -105.98 54.48 -45.07
N PRO M 91 -92.71 43.91 -44.12
CA PRO M 91 -92.57 43.62 -42.68
C PRO M 91 -91.26 42.91 -42.35
N ARG M 92 -90.63 43.31 -41.26
CA ARG M 92 -89.34 42.75 -40.86
C ARG M 92 -89.46 42.23 -39.43
N LEU M 93 -89.88 40.97 -39.29
CA LEU M 93 -89.95 40.34 -37.97
C LEU M 93 -88.59 40.11 -37.34
N ASP M 94 -87.54 39.95 -38.16
CA ASP M 94 -86.18 39.85 -37.64
C ASP M 94 -85.75 41.16 -36.98
N ILE M 95 -86.03 42.29 -37.64
CA ILE M 95 -85.69 43.59 -37.07
C ILE M 95 -86.59 43.90 -35.88
N LEU M 96 -87.84 43.40 -35.90
CA LEU M 96 -88.72 43.50 -34.74
C LEU M 96 -88.13 42.77 -33.53
N HIS M 97 -87.60 41.56 -33.78
CA HIS M 97 -86.94 40.79 -32.73
C HIS M 97 -85.70 41.50 -32.21
N GLN M 98 -84.90 42.08 -33.11
CA GLN M 98 -83.68 42.77 -32.71
C GLN M 98 -83.98 43.99 -31.84
N VAL M 99 -84.98 44.79 -32.23
CA VAL M 99 -85.33 45.97 -31.45
C VAL M 99 -85.97 45.58 -30.11
N ALA M 100 -86.81 44.54 -30.08
CA ALA M 100 -87.42 44.09 -28.83
C ALA M 100 -86.38 43.56 -27.85
N ILE M 101 -85.43 42.76 -28.35
CA ILE M 101 -84.38 42.20 -27.51
C ILE M 101 -83.44 43.30 -27.03
N TRP M 102 -83.16 44.28 -27.89
CA TRP M 102 -82.32 45.41 -27.51
C TRP M 102 -82.98 46.25 -26.42
N GLN M 103 -84.29 46.49 -26.54
CA GLN M 103 -85.02 47.25 -25.53
C GLN M 103 -85.10 46.49 -24.21
N LYS M 104 -85.18 45.16 -24.29
CA LYS M 104 -85.16 44.35 -23.07
C LYS M 104 -83.79 44.39 -22.41
N ASN M 105 -82.72 44.46 -23.21
CA ASN M 105 -81.40 44.12 -22.70
C ASN M 105 -80.57 45.33 -22.34
N PHE M 106 -80.78 46.49 -22.99
CA PHE M 106 -79.79 47.57 -22.87
C PHE M 106 -79.90 48.28 -21.52
N LYS M 107 -81.07 48.20 -20.87
CA LYS M 107 -81.23 48.80 -19.56
C LYS M 107 -80.76 47.89 -18.45
N ARG M 108 -80.41 46.64 -18.77
CA ARG M 108 -80.11 45.66 -17.74
C ARG M 108 -78.71 45.85 -17.18
N ILE M 109 -78.64 46.06 -15.87
CA ILE M 109 -77.39 46.00 -15.13
C ILE M 109 -77.57 44.91 -14.07
N SER M 110 -76.85 43.81 -14.21
CA SER M 110 -77.03 42.65 -13.36
C SER M 110 -76.30 42.88 -12.03
N TYR M 111 -77.06 42.81 -10.94
CA TYR M 111 -76.53 43.06 -9.60
C TYR M 111 -76.30 41.73 -8.91
N ALA M 112 -75.17 41.10 -9.20
CA ALA M 112 -74.83 39.80 -8.62
C ALA M 112 -73.32 39.70 -8.48
N LYS M 113 -72.84 39.85 -7.26
CA LYS M 113 -71.41 39.72 -6.96
C LYS M 113 -71.23 38.63 -5.92
N THR M 114 -70.45 37.62 -6.25
CA THR M 114 -70.05 36.60 -5.29
C THR M 114 -68.57 36.78 -4.97
N LYS M 115 -68.16 36.19 -3.86
CA LYS M 115 -66.81 36.40 -3.34
C LYS M 115 -65.90 35.26 -3.76
N THR M 116 -64.85 35.59 -4.51
CA THR M 116 -63.81 34.63 -4.83
C THR M 116 -62.91 34.41 -3.61
N ARG M 117 -62.00 33.45 -3.73
CA ARG M 117 -61.17 33.01 -2.61
C ARG M 117 -60.22 34.08 -2.10
N ALA M 118 -59.96 35.13 -2.87
CA ALA M 118 -59.23 36.28 -2.35
C ALA M 118 -60.11 37.14 -1.44
N GLU M 119 -61.42 37.21 -1.73
CA GLU M 119 -62.31 38.10 -1.01
C GLU M 119 -62.98 37.46 0.21
N VAL M 120 -62.80 36.15 0.41
CA VAL M 120 -63.36 35.50 1.60
C VAL M 120 -62.52 35.89 2.82
N ARG M 121 -63.19 35.94 3.98
CA ARG M 121 -62.68 36.61 5.17
C ARG M 121 -61.39 36.00 5.70
N GLY M 122 -61.30 34.68 5.75
CA GLY M 122 -60.15 34.06 6.36
C GLY M 122 -59.40 33.14 5.42
N GLY M 123 -58.84 32.08 5.99
CA GLY M 123 -58.13 31.08 5.21
C GLY M 123 -56.82 31.53 4.62
N GLY M 124 -55.97 32.14 5.43
CA GLY M 124 -54.66 32.56 4.98
C GLY M 124 -53.51 31.65 5.37
N ARG M 125 -53.78 30.46 5.88
CA ARG M 125 -52.75 29.58 6.39
C ARG M 125 -53.05 28.14 5.98
N LYS M 126 -51.99 27.38 5.76
CA LYS M 126 -52.10 25.95 5.49
C LYS M 126 -52.61 25.24 6.75
N PRO M 127 -53.68 24.44 6.66
CA PRO M 127 -54.24 23.84 7.88
C PRO M 127 -53.42 22.70 8.42
N TRP M 128 -52.70 21.99 7.55
CA TRP M 128 -51.82 20.90 7.98
C TRP M 128 -50.61 20.87 7.06
N VAL M 129 -49.69 19.95 7.34
CA VAL M 129 -48.49 19.84 6.54
C VAL M 129 -48.80 19.21 5.19
N GLN M 130 -47.88 19.39 4.24
CA GLN M 130 -48.08 18.85 2.90
C GLN M 130 -47.96 17.33 2.87
N LYS M 131 -46.94 16.80 3.52
CA LYS M 131 -46.62 15.38 3.44
C LYS M 131 -46.59 14.76 4.84
N GLY M 132 -47.06 13.52 4.92
CA GLY M 132 -47.03 12.75 6.14
C GLY M 132 -48.31 12.77 6.94
N SER M 133 -49.26 13.65 6.59
CA SER M 133 -50.51 13.72 7.33
C SER M 133 -51.42 12.52 7.01
N GLY M 134 -51.47 12.12 5.75
CA GLY M 134 -52.32 11.03 5.31
C GLY M 134 -53.59 11.48 4.61
N ARG M 135 -53.97 12.74 4.73
CA ARG M 135 -55.13 13.29 4.06
C ARG M 135 -54.67 14.07 2.82
N ALA M 136 -55.64 14.64 2.11
CA ALA M 136 -55.35 15.34 0.87
C ALA M 136 -54.63 16.65 1.14
N ARG M 137 -53.84 17.08 0.15
CA ARG M 137 -53.07 18.30 0.26
C ARG M 137 -53.96 19.51 0.00
N HIS M 138 -53.76 20.56 0.79
CA HIS M 138 -54.58 21.75 0.66
C HIS M 138 -53.74 22.98 1.04
N GLY M 139 -54.14 24.12 0.49
CA GLY M 139 -53.48 25.38 0.77
C GLY M 139 -54.33 26.25 1.66
N SER M 140 -55.05 27.19 1.06
CA SER M 140 -56.07 27.93 1.80
C SER M 140 -57.24 27.01 2.09
N ILE M 141 -57.95 27.29 3.18
CA ILE M 141 -59.15 26.53 3.54
C ILE M 141 -60.35 27.18 2.88
N ARG M 142 -60.12 28.28 2.16
CA ARG M 142 -61.15 29.00 1.45
C ARG M 142 -61.12 28.75 -0.05
N SER M 143 -60.49 27.66 -0.47
CA SER M 143 -60.47 27.28 -1.88
C SER M 143 -61.88 26.81 -2.28
N PRO M 144 -62.21 26.85 -3.59
CA PRO M 144 -63.56 26.42 -4.01
C PRO M 144 -63.87 24.95 -3.79
N ILE M 145 -62.88 24.11 -3.52
CA ILE M 145 -63.16 22.71 -3.18
C ILE M 145 -63.86 22.60 -1.83
N TRP M 146 -63.45 23.42 -0.87
CA TRP M 146 -63.93 23.30 0.51
C TRP M 146 -65.38 23.74 0.63
N ARG M 147 -65.95 23.44 1.80
CA ARG M 147 -67.34 23.75 2.13
C ARG M 147 -67.60 25.24 2.14
N GLY M 148 -66.96 25.96 3.05
CA GLY M 148 -67.15 27.40 3.18
C GLY M 148 -66.29 28.26 2.31
N GLY M 149 -65.65 27.70 1.29
CA GLY M 149 -64.74 28.43 0.44
C GLY M 149 -65.45 29.32 -0.56
N GLY M 150 -64.65 30.04 -1.33
CA GLY M 150 -65.19 30.98 -2.29
C GLY M 150 -65.69 30.28 -3.55
N VAL M 151 -66.30 31.08 -4.41
CA VAL M 151 -66.85 30.59 -5.67
C VAL M 151 -65.80 30.80 -6.75
N ALA M 152 -65.57 29.76 -7.56
CA ALA M 152 -64.43 29.75 -8.49
C ALA M 152 -64.60 30.78 -9.60
N HIS M 153 -65.75 30.80 -10.26
CA HIS M 153 -65.96 31.84 -11.26
C HIS M 153 -67.09 32.77 -10.87
N GLY M 154 -68.31 32.23 -10.73
CA GLY M 154 -69.47 32.96 -10.26
C GLY M 154 -69.87 34.17 -11.07
N PRO M 155 -70.91 34.87 -10.60
CA PRO M 155 -71.18 36.23 -11.11
C PRO M 155 -70.29 37.23 -10.41
N ARG M 156 -69.59 38.05 -11.21
CA ARG M 156 -68.53 38.91 -10.70
C ARG M 156 -68.93 40.37 -10.88
N GLY M 157 -69.28 41.02 -9.78
CA GLY M 157 -69.53 42.44 -9.76
C GLY M 157 -70.84 42.83 -10.40
N PRO M 158 -71.15 44.12 -10.39
CA PRO M 158 -72.28 44.60 -11.19
C PRO M 158 -71.92 44.53 -12.67
N THR M 159 -72.69 43.74 -13.42
CA THR M 159 -72.42 43.48 -14.82
C THR M 159 -73.38 44.30 -15.68
N SER M 160 -72.82 45.09 -16.58
CA SER M 160 -73.59 46.00 -17.41
C SER M 160 -73.74 45.42 -18.81
N TYR M 161 -74.98 45.33 -19.27
CA TYR M 161 -75.29 44.86 -20.62
C TYR M 161 -75.78 46.06 -21.40
N TYR M 162 -74.86 46.81 -22.00
CA TYR M 162 -75.23 48.02 -22.73
C TYR M 162 -74.66 47.95 -24.14
N TYR M 163 -75.56 47.90 -25.12
CA TYR M 163 -75.15 48.02 -26.51
C TYR M 163 -76.20 48.85 -27.23
N MET M 164 -75.77 49.53 -28.29
CA MET M 164 -76.64 50.41 -29.06
C MET M 164 -76.84 49.83 -30.45
N LEU M 165 -78.05 49.36 -30.72
CA LEU M 165 -78.46 49.06 -32.07
C LEU M 165 -78.51 50.36 -32.85
N PRO M 166 -78.03 50.40 -34.09
CA PRO M 166 -77.86 51.69 -34.78
C PRO M 166 -79.18 52.34 -35.17
N MET M 167 -79.06 53.63 -35.54
CA MET M 167 -80.19 54.54 -35.63
C MET M 167 -81.17 54.14 -36.72
N LYS M 168 -80.63 53.75 -37.89
CA LYS M 168 -81.48 53.33 -39.00
C LYS M 168 -82.17 52.01 -38.71
N VAL M 169 -81.53 51.11 -37.97
CA VAL M 169 -82.18 49.85 -37.58
C VAL M 169 -83.31 50.11 -36.60
N ARG M 170 -83.12 51.05 -35.66
CA ARG M 170 -84.20 51.39 -34.73
C ARG M 170 -85.38 52.07 -35.45
N VAL M 171 -85.08 52.96 -36.41
CA VAL M 171 -86.11 53.62 -37.19
C VAL M 171 -86.87 52.59 -38.04
N GLN M 172 -86.14 51.66 -38.65
CA GLN M 172 -86.76 50.61 -39.43
C GLN M 172 -87.59 49.67 -38.58
N GLY M 173 -87.17 49.42 -37.34
CA GLY M 173 -87.96 48.60 -36.43
C GLY M 173 -89.28 49.26 -36.05
N LEU M 174 -89.24 50.58 -35.81
CA LEU M 174 -90.48 51.32 -35.58
C LEU M 174 -91.39 51.30 -36.81
N LYS M 175 -90.79 51.44 -38.00
CA LYS M 175 -91.54 51.42 -39.25
C LYS M 175 -92.25 50.09 -39.46
N VAL M 176 -91.54 48.99 -39.24
CA VAL M 176 -92.13 47.68 -39.51
C VAL M 176 -93.11 47.31 -38.41
N ALA M 177 -92.92 47.85 -37.20
CA ALA M 177 -93.89 47.64 -36.13
C ALA M 177 -95.21 48.33 -36.45
N LEU M 178 -95.14 49.57 -36.94
CA LEU M 178 -96.35 50.29 -37.34
C LEU M 178 -97.00 49.64 -38.56
N THR M 179 -96.18 49.10 -39.47
CA THR M 179 -96.69 48.42 -40.65
C THR M 179 -97.43 47.13 -40.29
N VAL M 180 -96.86 46.36 -39.36
CA VAL M 180 -97.50 45.12 -38.90
C VAL M 180 -98.79 45.43 -38.16
N LYS M 181 -98.80 46.45 -37.30
CA LYS M 181 -100.02 46.78 -36.57
C LYS M 181 -101.08 47.39 -37.48
N LEU M 182 -100.68 48.01 -38.59
CA LEU M 182 -101.66 48.47 -39.57
C LEU M 182 -102.23 47.29 -40.36
N ALA M 183 -101.37 46.34 -40.74
CA ALA M 183 -101.82 45.23 -41.57
C ALA M 183 -102.59 44.18 -40.79
N GLN M 184 -102.43 44.12 -39.47
CA GLN M 184 -103.13 43.13 -38.65
C GLN M 184 -104.41 43.67 -38.03
N ASP M 185 -104.90 44.81 -38.52
CA ASP M 185 -106.14 45.49 -38.13
C ASP M 185 -106.15 45.92 -36.67
N ASP M 186 -104.98 46.08 -36.02
CA ASP M 186 -104.91 46.51 -34.64
C ASP M 186 -104.54 47.98 -34.49
N LEU M 187 -104.40 48.71 -35.59
CA LEU M 187 -104.06 50.13 -35.55
C LEU M 187 -105.30 50.94 -35.88
N HIS M 188 -105.71 51.82 -34.96
CA HIS M 188 -106.92 52.61 -35.12
C HIS M 188 -106.58 54.09 -34.99
N ILE M 189 -107.10 54.88 -35.93
CA ILE M 189 -106.87 56.32 -35.91
C ILE M 189 -108.08 57.01 -35.29
N VAL M 190 -107.84 57.81 -34.26
CA VAL M 190 -108.89 58.55 -33.57
C VAL M 190 -108.58 60.04 -33.64
N ASP M 191 -109.56 60.82 -34.11
CA ASP M 191 -109.39 62.24 -34.35
C ASP M 191 -109.46 63.01 -33.04
N SER M 192 -108.32 63.56 -32.61
CA SER M 192 -108.16 64.60 -31.60
C SER M 192 -108.41 64.16 -30.16
N LEU M 193 -108.90 62.92 -29.97
CA LEU M 193 -108.89 62.19 -28.68
C LEU M 193 -109.65 62.94 -27.57
N GLU M 194 -110.97 63.04 -27.69
CA GLU M 194 -111.77 63.55 -26.59
C GLU M 194 -112.74 62.49 -26.09
N LEU M 195 -113.14 62.63 -24.82
CA LEU M 195 -114.09 61.75 -24.18
C LEU M 195 -115.20 62.55 -23.55
N PRO M 196 -116.45 62.07 -23.59
CA PRO M 196 -117.55 62.80 -22.92
C PRO M 196 -117.46 62.77 -21.41
N THR M 197 -116.73 61.83 -20.81
CA THR M 197 -116.67 61.70 -19.36
C THR M 197 -115.35 61.07 -18.97
N ALA M 198 -115.05 61.14 -17.67
CA ALA M 198 -113.82 60.58 -17.12
C ALA M 198 -114.01 59.19 -16.53
N ASP M 199 -115.17 58.58 -16.75
CA ASP M 199 -115.43 57.24 -16.23
C ASP M 199 -114.68 56.21 -17.07
N PRO M 200 -113.82 55.36 -16.47
CA PRO M 200 -113.12 54.35 -17.27
C PRO M 200 -114.02 53.24 -17.78
N GLN M 201 -115.21 53.08 -17.19
CA GLN M 201 -116.15 52.06 -17.66
C GLN M 201 -116.65 52.43 -19.06
N TYR M 202 -116.68 53.72 -19.38
CA TYR M 202 -116.99 54.15 -20.74
C TYR M 202 -115.93 53.68 -21.73
N LEU M 203 -114.66 53.75 -21.36
CA LEU M 203 -113.60 53.24 -22.23
C LEU M 203 -113.67 51.73 -22.37
N ILE M 204 -114.00 51.03 -21.28
CA ILE M 204 -114.15 49.57 -21.33
C ILE M 204 -115.30 49.17 -22.24
N GLU M 205 -116.44 49.87 -22.13
CA GLU M 205 -117.58 49.53 -22.99
C GLU M 205 -117.35 49.94 -24.44
N LEU M 206 -116.58 51.02 -24.67
CA LEU M 206 -116.21 51.39 -26.03
C LEU M 206 -115.31 50.34 -26.67
N ALA M 207 -114.32 49.86 -25.93
CA ALA M 207 -113.44 48.80 -26.41
C ALA M 207 -114.19 47.48 -26.62
N ARG M 208 -115.12 47.14 -25.74
CA ARG M 208 -115.87 45.89 -25.89
C ARG M 208 -116.86 45.98 -27.06
N TYR M 209 -117.43 47.16 -27.31
CA TYR M 209 -118.34 47.31 -28.44
C TYR M 209 -117.59 47.31 -29.76
N ARG M 210 -116.42 47.95 -29.82
CA ARG M 210 -115.66 47.96 -31.05
C ARG M 210 -114.79 46.73 -31.23
N ARG M 211 -114.70 45.89 -30.19
CA ARG M 211 -113.83 44.71 -30.11
C ARG M 211 -112.37 45.08 -30.41
N TRP M 212 -111.84 45.92 -29.52
CA TRP M 212 -110.47 46.40 -29.59
C TRP M 212 -109.49 45.52 -28.84
N GLY M 213 -109.81 44.25 -28.63
CA GLY M 213 -108.94 43.38 -27.88
C GLY M 213 -109.00 43.66 -26.40
N ASP M 214 -107.95 43.24 -25.70
CA ASP M 214 -107.90 43.44 -24.25
C ASP M 214 -107.22 44.75 -23.89
N SER M 215 -106.06 45.03 -24.47
CA SER M 215 -105.24 46.17 -24.08
C SER M 215 -105.17 47.21 -25.19
N VAL M 216 -105.21 48.47 -24.77
CA VAL M 216 -105.21 49.61 -25.68
C VAL M 216 -104.10 50.57 -25.29
N LEU M 217 -103.23 50.89 -26.25
CA LEU M 217 -102.20 51.90 -26.09
C LEU M 217 -102.61 53.16 -26.86
N LEU M 218 -103.03 54.17 -26.13
CA LEU M 218 -103.42 55.46 -26.70
C LEU M 218 -102.18 56.35 -26.73
N VAL M 219 -101.96 57.05 -27.83
CA VAL M 219 -100.84 58.00 -27.90
C VAL M 219 -101.39 59.42 -27.98
N ASP M 220 -100.59 60.38 -27.52
CA ASP M 220 -100.85 61.81 -27.66
C ASP M 220 -99.55 62.50 -28.04
N LEU M 221 -99.65 63.72 -28.58
CA LEU M 221 -98.47 64.40 -29.11
C LEU M 221 -97.54 64.87 -28.00
N GLU M 222 -98.11 65.49 -26.96
CA GLU M 222 -97.30 66.10 -25.93
C GLU M 222 -97.91 65.75 -24.58
N HIS M 223 -97.05 65.76 -23.53
CA HIS M 223 -97.48 65.34 -22.20
C HIS M 223 -98.44 66.36 -21.58
N GLU M 224 -98.13 67.66 -21.72
CA GLU M 224 -98.92 68.68 -21.06
C GLU M 224 -100.19 69.05 -21.81
N ASP M 225 -100.32 68.64 -23.07
CA ASP M 225 -101.49 68.94 -23.87
C ASP M 225 -102.58 67.87 -23.75
N MET M 226 -102.39 66.90 -22.88
CA MET M 226 -103.30 65.76 -22.81
C MET M 226 -104.58 66.14 -22.08
N PRO M 227 -105.76 65.78 -22.60
CA PRO M 227 -107.01 66.19 -21.96
C PRO M 227 -107.26 65.47 -20.64
N GLN M 228 -107.80 66.22 -19.67
CA GLN M 228 -107.92 65.77 -18.30
C GLN M 228 -108.93 64.64 -18.14
N ASN M 229 -109.98 64.60 -18.96
CA ASN M 229 -110.94 63.50 -18.92
C ASN M 229 -110.28 62.18 -19.32
N VAL M 230 -109.47 62.21 -20.38
CA VAL M 230 -108.78 61.01 -20.83
C VAL M 230 -107.72 60.58 -19.81
N VAL M 231 -107.01 61.55 -19.23
CA VAL M 231 -105.97 61.26 -18.24
C VAL M 231 -106.58 60.63 -16.98
N ALA M 232 -107.69 61.20 -16.49
CA ALA M 232 -108.36 60.67 -15.31
C ALA M 232 -109.02 59.33 -15.61
N ALA M 233 -109.41 59.10 -16.87
CA ALA M 233 -110.01 57.82 -17.23
C ALA M 233 -108.97 56.72 -17.33
N THR M 234 -107.75 57.05 -17.76
CA THR M 234 -106.74 56.01 -17.96
C THR M 234 -105.80 55.82 -16.79
N SER M 235 -105.74 56.76 -15.83
CA SER M 235 -104.79 56.63 -14.73
C SER M 235 -105.15 55.51 -13.76
N GLY M 236 -106.41 55.07 -13.75
CA GLY M 236 -106.82 53.94 -12.95
C GLY M 236 -107.05 52.65 -13.68
N LEU M 237 -106.64 52.55 -14.95
CA LEU M 237 -106.88 51.37 -15.77
C LEU M 237 -105.57 50.64 -16.03
N LYS M 238 -105.65 49.30 -16.04
CA LYS M 238 -104.44 48.49 -16.23
C LYS M 238 -104.18 48.22 -17.70
N THR M 239 -105.18 47.73 -18.43
CA THR M 239 -105.00 47.39 -19.83
C THR M 239 -105.01 48.60 -20.75
N PHE M 240 -105.43 49.76 -20.26
CA PHE M 240 -105.44 50.99 -21.04
C PHE M 240 -104.29 51.87 -20.60
N ASN M 241 -103.36 52.15 -21.52
CA ASN M 241 -102.21 52.96 -21.18
C ASN M 241 -102.08 54.11 -22.15
N LEU M 242 -101.92 55.32 -21.62
CA LEU M 242 -101.76 56.53 -22.40
C LEU M 242 -100.30 56.99 -22.34
N VAL M 243 -99.71 57.24 -23.50
CA VAL M 243 -98.29 57.57 -23.57
C VAL M 243 -98.15 58.80 -24.47
N PRO M 244 -97.18 59.68 -24.24
CA PRO M 244 -96.86 60.69 -25.25
C PRO M 244 -96.22 60.05 -26.48
N ALA M 245 -96.19 60.84 -27.56
CA ALA M 245 -95.67 60.35 -28.85
C ALA M 245 -94.17 60.07 -28.81
N VAL M 246 -93.42 60.74 -27.93
CA VAL M 246 -92.00 60.46 -27.80
C VAL M 246 -91.74 59.15 -27.07
N GLY M 247 -92.72 58.64 -26.32
CA GLY M 247 -92.59 57.39 -25.61
C GLY M 247 -93.14 56.17 -26.31
N LEU M 248 -93.37 56.24 -27.61
CA LEU M 248 -93.92 55.10 -28.34
C LEU M 248 -92.81 54.24 -28.92
N ASN M 249 -92.87 52.93 -28.66
CA ASN M 249 -91.80 52.04 -29.11
C ASN M 249 -92.30 50.61 -29.24
N VAL M 250 -91.41 49.76 -29.77
CA VAL M 250 -91.76 48.44 -30.29
C VAL M 250 -92.20 47.51 -29.17
N HIS M 251 -91.55 47.60 -28.01
CA HIS M 251 -91.96 46.80 -26.85
C HIS M 251 -93.38 47.16 -26.40
N SER M 252 -93.71 48.46 -26.45
CA SER M 252 -95.05 48.89 -26.06
C SER M 252 -96.10 48.43 -27.07
N MET M 253 -95.80 48.53 -28.37
CA MET M 253 -96.78 48.07 -29.37
C MET M 253 -96.94 46.56 -29.37
N LEU M 254 -95.88 45.80 -29.13
CA LEU M 254 -96.01 44.36 -29.03
C LEU M 254 -96.60 43.91 -27.69
N LYS M 255 -96.55 44.76 -26.66
CA LYS M 255 -97.20 44.45 -25.41
C LYS M 255 -98.71 44.70 -25.48
N HIS M 256 -99.12 45.82 -26.06
CA HIS M 256 -100.52 46.21 -26.11
C HIS M 256 -101.19 45.63 -27.34
N GLN M 257 -102.39 45.10 -27.17
CA GLN M 257 -103.08 44.38 -28.25
C GLN M 257 -103.62 45.32 -29.32
N THR M 258 -103.84 46.59 -29.00
CA THR M 258 -104.40 47.55 -29.95
C THR M 258 -103.67 48.88 -29.78
N LEU M 259 -103.29 49.51 -30.89
CA LEU M 259 -102.64 50.81 -30.88
C LEU M 259 -103.59 51.86 -31.42
N VAL M 260 -103.63 53.02 -30.76
CA VAL M 260 -104.51 54.12 -31.11
C VAL M 260 -103.67 55.36 -31.36
N LEU M 261 -103.73 55.88 -32.58
CA LEU M 261 -102.97 57.05 -33.02
C LEU M 261 -103.91 58.22 -33.26
N THR M 262 -103.45 59.42 -32.88
CA THR M 262 -104.18 60.65 -33.18
C THR M 262 -103.58 61.24 -34.46
N LEU M 263 -104.38 62.04 -35.21
CA LEU M 263 -103.92 62.57 -36.49
C LEU M 263 -102.67 63.47 -36.41
N PRO M 264 -102.54 64.42 -35.45
CA PRO M 264 -101.24 65.11 -35.33
C PRO M 264 -100.09 64.21 -34.93
N THR M 265 -100.34 63.12 -34.18
CA THR M 265 -99.27 62.18 -33.88
C THR M 265 -98.85 61.42 -35.13
N VAL M 266 -99.81 61.15 -36.01
CA VAL M 266 -99.51 60.51 -37.30
C VAL M 266 -98.65 61.44 -38.15
N ALA M 267 -99.02 62.72 -38.19
CA ALA M 267 -98.26 63.70 -38.97
C ALA M 267 -96.87 63.95 -38.37
N PHE M 268 -96.74 63.83 -37.05
CA PHE M 268 -95.44 63.98 -36.41
C PHE M 268 -94.55 62.76 -36.66
N LEU M 269 -95.12 61.57 -36.51
CA LEU M 269 -94.36 60.33 -36.62
C LEU M 269 -93.93 60.07 -38.06
N GLU M 270 -94.78 60.44 -39.03
CA GLU M 270 -94.44 60.25 -40.43
C GLU M 270 -93.22 61.07 -40.82
N GLU M 271 -93.17 62.33 -40.36
CA GLU M 271 -92.00 63.17 -40.59
C GLU M 271 -90.77 62.62 -39.87
N LYS M 272 -90.94 62.24 -38.60
CA LYS M 272 -89.80 61.83 -37.77
C LYS M 272 -89.22 60.49 -38.23
N LEU M 273 -90.01 59.67 -38.91
CA LEU M 273 -89.48 58.41 -39.41
C LEU M 273 -89.04 58.51 -40.88
N LEU M 274 -89.70 59.37 -41.66
CA LEU M 274 -89.36 59.46 -43.08
C LEU M 274 -88.21 60.43 -43.32
N TRP M 275 -87.77 61.14 -42.28
CA TRP M 275 -86.58 61.98 -42.43
C TRP M 275 -85.31 61.14 -42.62
N HIS M 276 -85.26 59.94 -42.05
CA HIS M 276 -84.00 59.20 -41.97
C HIS M 276 -83.60 58.57 -43.29
N ASN M 277 -84.51 58.49 -44.27
CA ASN M 277 -84.17 57.86 -45.54
C ASN M 277 -83.29 58.75 -46.40
N SER M 278 -83.45 60.07 -46.30
CA SER M 278 -82.68 61.01 -47.11
C SER M 278 -81.66 61.79 -46.29
N ARG M 279 -81.21 61.24 -45.17
CA ARG M 279 -80.30 61.95 -44.27
C ARG M 279 -78.86 61.53 -44.47
N TYR M 280 -77.94 62.34 -43.95
CA TYR M 280 -76.53 62.00 -43.95
C TYR M 280 -76.15 61.26 -42.67
N THR M 281 -74.89 60.91 -42.58
CA THR M 281 -74.30 60.49 -41.33
C THR M 281 -73.88 61.71 -40.51
N PRO M 282 -74.06 61.69 -39.20
CA PRO M 282 -73.75 62.87 -38.40
C PRO M 282 -72.24 63.08 -38.25
N LEU M 283 -71.79 64.27 -38.66
CA LEU M 283 -70.43 64.69 -38.35
C LEU M 283 -70.30 64.94 -36.85
N TYR M 284 -71.25 65.66 -36.28
CA TYR M 284 -71.37 65.87 -34.84
C TYR M 284 -72.84 65.61 -34.51
N PRO M 285 -73.21 65.34 -33.24
CA PRO M 285 -74.60 64.96 -32.94
C PRO M 285 -75.61 66.05 -33.24
N PHE M 286 -76.84 65.62 -33.51
CA PHE M 286 -77.89 66.47 -34.04
C PHE M 286 -78.46 67.44 -33.02
N ARG M 287 -78.07 67.34 -31.74
CA ARG M 287 -78.39 68.39 -30.78
C ARG M 287 -77.62 69.68 -31.09
N LEU M 288 -76.46 69.56 -31.73
CA LEU M 288 -75.73 70.71 -32.25
C LEU M 288 -76.45 71.23 -33.49
N PRO M 289 -76.42 72.54 -33.75
CA PRO M 289 -77.32 73.11 -34.75
C PRO M 289 -76.85 73.00 -36.21
N TYR M 290 -77.58 72.18 -36.97
CA TYR M 290 -77.34 72.00 -38.39
C TYR M 290 -78.03 73.12 -39.16
N CYS M 291 -77.87 73.08 -40.49
CA CYS M 291 -78.48 74.08 -41.35
C CYS M 291 -80.00 73.88 -41.44
N ASP M 292 -80.42 72.73 -41.97
CA ASP M 292 -81.85 72.45 -42.12
C ASP M 292 -82.44 71.68 -40.93
N PHE M 293 -81.62 71.33 -39.95
CA PHE M 293 -82.11 70.63 -38.77
C PHE M 293 -82.04 71.54 -37.54
N PRO M 294 -83.04 71.49 -36.66
CA PRO M 294 -83.01 72.23 -35.39
C PRO M 294 -81.95 71.71 -34.42
N THR N 53 -24.48 71.05 -0.40
CA THR N 53 -25.65 70.84 -1.25
C THR N 53 -25.27 70.03 -2.49
N VAL N 54 -25.88 68.86 -2.64
CA VAL N 54 -25.65 68.02 -3.81
C VAL N 54 -26.68 68.35 -4.86
N ILE N 55 -26.34 68.11 -6.13
CA ILE N 55 -27.27 68.29 -7.24
C ILE N 55 -27.35 66.97 -7.99
N VAL N 56 -28.54 66.36 -7.97
CA VAL N 56 -28.78 65.08 -8.60
C VAL N 56 -29.93 65.25 -9.59
N GLU N 57 -29.99 64.35 -10.57
CA GLU N 57 -31.11 64.33 -11.50
C GLU N 57 -31.54 62.90 -11.77
N ARG N 58 -32.80 62.76 -12.17
CA ARG N 58 -33.40 61.45 -12.37
C ARG N 58 -32.82 60.76 -13.61
N TRP N 59 -32.61 59.45 -13.50
CA TRP N 59 -32.13 58.69 -14.66
C TRP N 59 -33.25 58.43 -15.65
N TRP N 60 -34.49 58.30 -15.17
CA TRP N 60 -35.63 57.93 -15.99
C TRP N 60 -36.51 59.15 -16.24
N LYS N 61 -37.11 59.21 -17.42
CA LYS N 61 -37.91 60.37 -17.81
C LYS N 61 -39.31 60.25 -17.24
N VAL N 62 -39.74 61.27 -16.49
CA VAL N 62 -41.07 61.27 -15.87
C VAL N 62 -42.12 61.59 -16.92
N PRO N 63 -43.25 60.87 -16.98
CA PRO N 63 -44.33 61.25 -17.89
C PRO N 63 -45.00 62.55 -17.46
N LEU N 64 -45.62 63.26 -18.40
CA LEU N 64 -46.08 64.62 -18.19
C LEU N 64 -47.47 64.66 -17.56
N ALA N 65 -47.80 65.79 -16.97
CA ALA N 65 -49.15 66.11 -16.50
C ALA N 65 -49.32 67.62 -16.60
N GLY N 66 -49.97 68.08 -17.66
CA GLY N 66 -49.92 69.49 -18.01
C GLY N 66 -51.11 70.34 -17.62
N GLU N 67 -52.04 69.80 -16.83
CA GLU N 67 -53.16 70.57 -16.33
C GLU N 67 -52.93 71.10 -14.93
N GLY N 68 -51.68 71.41 -14.57
CA GLY N 68 -51.35 71.77 -13.21
C GLY N 68 -51.33 70.59 -12.26
N ARG N 69 -51.24 69.38 -12.78
CA ARG N 69 -51.43 68.16 -12.00
C ARG N 69 -50.10 67.65 -11.45
N LYS N 70 -50.16 67.02 -10.28
CA LYS N 70 -48.99 66.32 -9.76
C LYS N 70 -48.71 65.09 -10.61
N PRO N 71 -47.48 64.92 -11.10
CA PRO N 71 -47.21 63.80 -12.02
C PRO N 71 -47.11 62.48 -11.28
N ARG N 72 -47.30 61.40 -12.04
CA ARG N 72 -47.29 60.05 -11.49
C ARG N 72 -45.85 59.59 -11.31
N LEU N 73 -45.48 59.26 -10.08
CA LEU N 73 -44.12 58.82 -9.76
C LEU N 73 -44.09 57.32 -9.55
N HIS N 74 -43.05 56.69 -10.09
CA HIS N 74 -42.80 55.26 -9.99
C HIS N 74 -41.50 55.06 -9.22
N ARG N 75 -41.25 53.83 -8.79
CA ARG N 75 -40.04 53.48 -8.04
C ARG N 75 -38.78 53.69 -8.88
N ARG N 76 -38.88 53.54 -10.20
CA ARG N 76 -37.70 53.75 -11.05
C ARG N 76 -37.31 55.22 -11.18
N HIS N 77 -38.19 56.14 -10.81
CA HIS N 77 -37.90 57.56 -10.84
C HIS N 77 -37.10 58.03 -9.63
N ARG N 78 -36.86 57.14 -8.65
CA ARG N 78 -36.01 57.44 -7.52
C ARG N 78 -34.53 57.18 -7.81
N VAL N 79 -34.21 56.69 -9.00
CA VAL N 79 -32.83 56.45 -9.39
C VAL N 79 -32.21 57.79 -9.77
N TYR N 80 -31.31 58.28 -8.92
CA TYR N 80 -30.70 59.59 -9.06
C TYR N 80 -29.24 59.44 -9.43
N LYS N 81 -28.75 60.35 -10.28
CA LYS N 81 -27.33 60.44 -10.54
C LYS N 81 -26.82 61.83 -10.16
N LEU N 82 -25.63 61.83 -9.55
CA LEU N 82 -25.04 63.05 -8.98
C LEU N 82 -24.28 63.78 -10.07
N VAL N 83 -24.85 64.90 -10.53
CA VAL N 83 -24.20 65.61 -11.63
C VAL N 83 -23.35 66.76 -11.13
N GLU N 84 -23.56 67.21 -9.90
CA GLU N 84 -22.88 68.39 -9.41
C GLU N 84 -22.88 68.37 -7.89
N ASP N 85 -21.77 68.79 -7.30
CA ASP N 85 -21.66 69.04 -5.88
C ASP N 85 -21.19 70.48 -5.73
N THR N 86 -21.93 71.26 -4.94
CA THR N 86 -21.66 72.70 -4.84
C THR N 86 -20.38 72.99 -4.09
N LYS N 87 -20.00 72.10 -3.17
CA LYS N 87 -18.79 72.30 -2.37
C LYS N 87 -17.51 72.04 -3.15
N HIS N 88 -17.59 71.45 -4.35
CA HIS N 88 -16.42 71.18 -5.16
C HIS N 88 -16.17 72.24 -6.24
N ARG N 89 -17.02 73.26 -6.33
CA ARG N 89 -16.75 74.35 -7.25
C ARG N 89 -15.69 75.27 -6.68
N PRO N 90 -14.96 76.00 -7.54
CA PRO N 90 -14.15 77.11 -7.04
C PRO N 90 -15.03 78.21 -6.48
N LYS N 91 -14.84 78.51 -5.19
CA LYS N 91 -15.72 79.42 -4.47
C LYS N 91 -15.50 80.86 -4.92
N ASP N 92 -16.61 81.59 -5.03
CA ASP N 92 -16.57 82.99 -5.42
C ASP N 92 -16.14 83.86 -4.24
N ASN N 93 -15.90 85.13 -4.50
CA ASN N 93 -15.46 86.08 -3.49
C ASN N 93 -16.64 86.92 -3.03
N LEU N 94 -16.49 87.53 -1.86
CA LEU N 94 -17.52 88.37 -1.28
C LEU N 94 -17.08 89.83 -1.33
N GLU N 95 -17.96 90.69 -1.81
CA GLU N 95 -17.69 92.12 -1.92
C GLU N 95 -18.26 92.83 -0.71
N LEU N 96 -17.39 93.56 0.01
CA LEU N 96 -17.77 94.24 1.24
C LEU N 96 -17.32 95.69 1.17
N VAL N 97 -17.88 96.51 2.05
CA VAL N 97 -17.49 97.90 2.20
C VAL N 97 -17.00 98.08 3.63
N LEU N 98 -15.94 98.87 3.80
CA LEU N 98 -15.21 98.91 5.06
C LEU N 98 -15.74 100.03 5.97
N THR N 99 -16.04 99.67 7.22
CA THR N 99 -16.40 100.64 8.24
C THR N 99 -15.26 100.96 9.19
N GLN N 100 -14.08 100.37 8.98
CA GLN N 100 -12.89 100.71 9.74
C GLN N 100 -11.69 100.39 8.86
N SER N 101 -10.58 101.06 9.12
CA SER N 101 -9.36 100.90 8.34
C SER N 101 -8.73 99.56 8.70
N VAL N 102 -8.88 98.58 7.81
CA VAL N 102 -8.32 97.24 8.01
C VAL N 102 -6.89 97.26 7.46
N GLU N 103 -5.98 96.58 8.17
CA GLU N 103 -4.55 96.61 7.90
C GLU N 103 -4.15 96.10 6.52
N GLU N 104 -4.91 95.15 5.98
CA GLU N 104 -4.55 94.60 4.67
C GLU N 104 -5.52 95.04 3.59
N LEU N 105 -6.78 95.30 3.95
CA LEU N 105 -7.81 95.55 2.95
C LEU N 105 -7.73 96.99 2.42
N GLY N 106 -7.97 97.97 3.29
CA GLY N 106 -7.91 99.35 2.85
C GLY N 106 -8.43 100.30 3.90
N VAL N 107 -8.68 101.53 3.45
CA VAL N 107 -9.07 102.63 4.33
C VAL N 107 -10.56 102.56 4.62
N ARG N 108 -10.99 103.42 5.53
CA ARG N 108 -12.41 103.61 5.84
C ARG N 108 -13.18 104.06 4.59
N GLY N 109 -14.30 103.39 4.34
CA GLY N 109 -15.13 103.72 3.20
C GLY N 109 -14.54 103.24 1.89
N ASP N 110 -14.26 101.96 1.79
CA ASP N 110 -13.65 101.37 0.60
C ASP N 110 -14.36 100.07 0.26
N LEU N 111 -14.37 99.73 -1.03
CA LEU N 111 -14.98 98.49 -1.50
C LEU N 111 -13.86 97.47 -1.72
N VAL N 112 -14.02 96.29 -1.14
CA VAL N 112 -13.00 95.24 -1.22
C VAL N 112 -13.68 93.95 -1.65
N SER N 113 -12.91 93.08 -2.30
CA SER N 113 -13.32 91.73 -2.65
C SER N 113 -12.44 90.76 -1.88
N VAL N 114 -13.02 90.10 -0.89
CA VAL N 114 -12.24 89.28 0.04
C VAL N 114 -12.90 87.91 0.09
N LYS N 115 -12.13 86.87 0.44
CA LYS N 115 -12.66 85.51 0.47
C LYS N 115 -13.68 85.34 1.59
N LYS N 116 -14.62 84.43 1.35
CA LYS N 116 -15.89 84.46 2.07
C LYS N 116 -15.76 83.93 3.49
N SER N 117 -14.75 83.09 3.76
CA SER N 117 -14.55 82.56 5.12
C SER N 117 -14.14 83.65 6.09
N VAL N 118 -13.12 84.44 5.72
CA VAL N 118 -12.67 85.51 6.60
C VAL N 118 -13.63 86.70 6.51
N GLY N 119 -14.41 86.76 5.43
CA GLY N 119 -15.50 87.72 5.38
C GLY N 119 -16.60 87.42 6.39
N ARG N 120 -16.94 86.15 6.55
CA ARG N 120 -18.05 85.77 7.41
C ARG N 120 -17.62 85.64 8.87
N ASN N 121 -16.36 85.33 9.11
CA ASN N 121 -15.93 84.97 10.46
C ASN N 121 -15.38 86.14 11.27
N ARG N 122 -14.82 87.16 10.62
CA ARG N 122 -14.14 88.24 11.33
C ARG N 122 -14.87 89.56 11.15
N LEU N 123 -15.05 90.02 9.91
CA LEU N 123 -15.49 91.38 9.61
C LEU N 123 -16.95 91.60 10.01
N LEU N 124 -17.83 90.69 9.61
CA LEU N 124 -19.23 90.80 9.99
C LEU N 124 -19.51 90.63 11.48
N PRO N 125 -18.98 89.63 12.21
CA PRO N 125 -19.25 89.60 13.65
C PRO N 125 -18.56 90.70 14.42
N GLN N 126 -17.42 91.20 13.94
CA GLN N 126 -16.74 92.27 14.66
C GLN N 126 -17.12 93.66 14.17
N GLY N 127 -18.03 93.78 13.20
CA GLY N 127 -18.47 95.08 12.75
C GLY N 127 -17.48 95.81 11.86
N LEU N 128 -16.46 95.10 11.37
CA LEU N 128 -15.41 95.72 10.57
C LEU N 128 -15.84 96.05 9.14
N ALA N 129 -16.85 95.35 8.61
CA ALA N 129 -17.27 95.58 7.23
C ALA N 129 -18.75 95.24 7.09
N VAL N 130 -19.38 95.84 6.08
CA VAL N 130 -20.81 95.74 5.83
C VAL N 130 -21.00 95.23 4.40
N TYR N 131 -22.06 94.45 4.19
CA TYR N 131 -22.53 94.00 2.89
C TYR N 131 -22.73 95.14 1.90
N ALA N 132 -22.69 94.77 0.61
CA ALA N 132 -22.65 95.72 -0.49
C ALA N 132 -24.03 96.03 -1.07
N SER N 133 -25.08 96.07 -0.24
CA SER N 133 -26.42 96.45 -0.66
C SER N 133 -26.42 97.90 -1.13
N PRO N 134 -27.27 98.25 -2.11
CA PRO N 134 -27.32 99.65 -2.59
C PRO N 134 -27.75 100.65 -1.51
N GLU N 135 -28.56 100.22 -0.55
CA GLU N 135 -28.97 101.09 0.55
C GLU N 135 -27.78 101.46 1.43
N ASN N 136 -26.88 100.51 1.71
CA ASN N 136 -25.64 100.81 2.40
C ASN N 136 -24.59 101.43 1.50
N LYS N 137 -24.73 101.30 0.18
CA LYS N 137 -23.80 101.91 -0.75
C LYS N 137 -24.04 103.41 -0.89
N LYS N 138 -25.31 103.83 -0.92
CA LYS N 138 -25.60 105.25 -1.12
C LYS N 138 -25.24 106.09 0.11
N LEU N 139 -25.26 105.48 1.30
CA LEU N 139 -24.82 106.19 2.50
C LEU N 139 -23.33 106.50 2.44
N PHE N 140 -22.53 105.54 2.01
CA PHE N 140 -21.10 105.80 1.85
C PHE N 140 -20.78 106.63 0.62
N GLU N 141 -21.66 106.64 -0.39
CA GLU N 141 -21.53 107.62 -1.47
C GLU N 141 -21.73 109.04 -0.96
N GLU N 142 -22.71 109.23 -0.08
CA GLU N 142 -22.91 110.52 0.58
C GLU N 142 -21.72 110.88 1.46
N GLU N 143 -21.16 109.88 2.16
CA GLU N 143 -19.98 110.10 2.98
C GLU N 143 -18.76 110.49 2.14
N LYS N 144 -18.60 109.85 0.97
CA LYS N 144 -17.51 110.20 0.05
C LYS N 144 -17.72 111.58 -0.55
N LEU N 145 -18.97 111.96 -0.82
CA LEU N 145 -19.26 113.31 -1.31
C LEU N 145 -18.95 114.37 -0.27
N LEU N 146 -19.26 114.11 1.00
CA LEU N 146 -19.02 115.09 2.06
C LEU N 146 -17.59 115.05 2.60
N ARG N 147 -16.83 114.00 2.32
CA ARG N 147 -15.46 113.91 2.82
C ARG N 147 -14.52 114.79 2.02
N GLN N 148 -14.68 114.84 0.69
CA GLN N 148 -13.80 115.62 -0.15
C GLN N 148 -14.12 117.11 -0.11
N GLU N 149 -15.31 117.49 0.35
CA GLU N 149 -15.65 118.92 0.43
C GLU N 149 -14.91 119.59 1.58
N GLY N 150 -14.83 118.92 2.73
CA GLY N 150 -14.14 119.46 3.88
C GLY N 150 -14.05 118.48 5.03
N GLY O 29 -35.51 -7.86 -32.83
CA GLY O 29 -35.16 -7.97 -34.23
C GLY O 29 -33.82 -8.63 -34.47
N SER O 30 -33.83 -9.71 -35.23
CA SER O 30 -32.62 -10.46 -35.54
C SER O 30 -32.09 -10.06 -36.92
N LYS O 31 -30.85 -10.45 -37.19
CA LYS O 31 -30.23 -10.15 -38.47
C LYS O 31 -30.80 -11.06 -39.57
N ALA O 32 -30.39 -10.78 -40.81
CA ALA O 32 -30.83 -11.58 -41.95
C ALA O 32 -30.23 -12.98 -41.91
N VAL O 33 -28.97 -13.09 -41.53
CA VAL O 33 -28.28 -14.36 -41.42
C VAL O 33 -27.87 -14.57 -39.96
N THR O 34 -28.41 -15.61 -39.33
CA THR O 34 -28.06 -15.95 -37.97
C THR O 34 -27.66 -17.42 -37.91
N ARG O 35 -27.46 -17.91 -36.69
CA ARG O 35 -27.13 -19.31 -36.47
C ARG O 35 -28.28 -20.12 -35.85
N HIS O 36 -29.33 -19.45 -35.37
CA HIS O 36 -30.41 -20.14 -34.68
C HIS O 36 -31.55 -20.56 -35.60
N ARG O 37 -31.27 -20.75 -36.89
CA ARG O 37 -32.09 -21.29 -37.98
C ARG O 37 -33.15 -20.27 -38.47
N ARG O 38 -33.40 -19.18 -37.72
CA ARG O 38 -34.32 -18.09 -38.11
C ARG O 38 -35.71 -18.61 -38.44
N VAL O 39 -36.44 -19.01 -37.39
CA VAL O 39 -37.82 -19.46 -37.44
C VAL O 39 -38.69 -18.48 -38.24
N MET O 40 -39.53 -19.04 -39.13
CA MET O 40 -40.08 -18.27 -40.22
C MET O 40 -41.45 -17.66 -39.87
N HIS O 41 -41.87 -16.72 -40.71
CA HIS O 41 -43.25 -16.24 -40.69
C HIS O 41 -44.18 -17.35 -41.12
N PHE O 42 -45.42 -17.32 -40.61
CA PHE O 42 -46.33 -18.44 -40.79
C PHE O 42 -46.80 -18.58 -42.23
N GLU O 43 -46.97 -17.46 -42.93
CA GLU O 43 -47.29 -17.51 -44.35
C GLU O 43 -46.15 -18.10 -45.16
N ARG O 44 -44.90 -17.79 -44.79
CA ARG O 44 -43.76 -18.40 -45.46
C ARG O 44 -43.65 -19.89 -45.13
N GLN O 45 -44.01 -20.29 -43.90
CA GLN O 45 -44.04 -21.70 -43.56
C GLN O 45 -45.09 -22.45 -44.38
N LYS O 46 -46.25 -21.83 -44.58
CA LYS O 46 -47.28 -22.39 -45.46
C LYS O 46 -46.79 -22.49 -46.89
N LEU O 47 -46.01 -21.48 -47.33
CA LEU O 47 -45.40 -21.49 -48.66
C LEU O 47 -44.43 -22.65 -48.84
N MET O 48 -43.57 -22.87 -47.84
CA MET O 48 -42.62 -23.99 -47.84
C MET O 48 -43.36 -25.32 -47.87
N ALA O 49 -44.42 -25.43 -47.07
CA ALA O 49 -45.20 -26.66 -46.99
C ALA O 49 -45.95 -26.97 -48.27
N VAL O 50 -46.51 -25.96 -48.94
CA VAL O 50 -47.23 -26.24 -50.20
C VAL O 50 -46.24 -26.50 -51.32
N THR O 51 -45.04 -25.90 -51.25
CA THR O 51 -44.04 -26.10 -52.30
C THR O 51 -42.95 -27.10 -51.92
N GLU O 52 -43.22 -28.03 -51.00
CA GLU O 52 -42.33 -29.18 -50.83
C GLU O 52 -42.29 -30.04 -52.10
N TYR O 53 -41.17 -30.72 -52.29
CA TYR O 53 -41.01 -31.63 -53.41
C TYR O 53 -41.80 -32.92 -53.19
N ILE O 54 -42.50 -33.36 -54.24
CA ILE O 54 -43.18 -34.65 -54.24
C ILE O 54 -42.66 -35.48 -55.41
N PRO O 55 -42.33 -36.75 -55.19
CA PRO O 55 -41.72 -37.56 -56.26
C PRO O 55 -42.77 -38.11 -57.20
N PRO O 56 -42.38 -38.46 -58.43
CA PRO O 56 -43.31 -39.21 -59.29
C PRO O 56 -43.48 -40.63 -58.80
N LYS O 57 -44.74 -41.07 -58.72
CA LYS O 57 -45.08 -42.39 -58.20
C LYS O 57 -45.70 -43.16 -59.35
N PRO O 58 -45.05 -44.20 -59.87
CA PRO O 58 -45.61 -44.94 -61.00
C PRO O 58 -46.80 -45.78 -60.60
N THR O 59 -47.59 -46.14 -61.62
CA THR O 59 -48.87 -46.83 -61.39
C THR O 59 -48.65 -48.24 -60.85
N ILE O 60 -47.71 -48.98 -61.43
CA ILE O 60 -47.39 -50.33 -60.99
C ILE O 60 -45.91 -50.37 -60.66
N ASN O 61 -45.56 -51.02 -59.56
CA ASN O 61 -44.18 -51.07 -59.07
C ASN O 61 -43.29 -51.82 -60.06
N PRO O 62 -42.22 -51.20 -60.56
CA PRO O 62 -41.38 -51.87 -61.57
C PRO O 62 -40.61 -53.07 -61.08
N ARG O 63 -40.44 -53.25 -59.77
CA ARG O 63 -39.71 -54.41 -59.28
C ARG O 63 -40.54 -55.68 -59.43
N CYS O 64 -41.78 -55.67 -58.94
CA CYS O 64 -42.66 -56.81 -59.15
C CYS O 64 -43.54 -56.66 -60.38
N LEU O 65 -43.17 -55.76 -61.31
CA LEU O 65 -43.54 -55.91 -62.71
C LEU O 65 -42.78 -57.10 -63.30
N PRO O 66 -43.23 -57.64 -64.43
CA PRO O 66 -42.41 -58.61 -65.18
C PRO O 66 -41.07 -58.02 -65.58
N PRO O 67 -40.01 -58.82 -65.58
CA PRO O 67 -38.64 -58.29 -65.54
C PRO O 67 -38.25 -57.62 -66.84
N PRO O 68 -37.23 -56.75 -66.81
CA PRO O 68 -36.68 -56.20 -68.05
C PRO O 68 -36.03 -57.27 -68.90
N PRO O 69 -35.85 -57.03 -70.20
CA PRO O 69 -35.19 -58.01 -71.08
C PRO O 69 -33.77 -58.31 -70.65
N THR O 70 -33.37 -59.56 -70.89
CA THR O 70 -32.17 -60.12 -70.30
C THR O 70 -30.92 -59.52 -70.91
N PRO O 71 -30.03 -58.92 -70.12
CA PRO O 71 -28.76 -58.43 -70.67
C PRO O 71 -27.83 -59.59 -70.98
N PRO O 72 -27.21 -59.60 -72.16
CA PRO O 72 -26.35 -60.72 -72.53
C PRO O 72 -24.94 -60.61 -71.95
N GLN O 73 -24.67 -61.48 -70.97
CA GLN O 73 -23.37 -61.52 -70.32
C GLN O 73 -22.31 -62.03 -71.28
N GLU O 74 -21.16 -61.35 -71.30
CA GLU O 74 -20.06 -61.67 -72.19
C GLU O 74 -19.04 -62.53 -71.47
N GLU O 75 -18.68 -63.65 -72.10
CA GLU O 75 -17.62 -64.50 -71.57
C GLU O 75 -16.28 -63.83 -71.79
N THR O 76 -15.46 -63.80 -70.75
CA THR O 76 -14.21 -63.07 -70.81
C THR O 76 -13.07 -64.01 -71.22
N GLY O 77 -11.87 -63.44 -71.32
CA GLY O 77 -10.68 -64.18 -71.70
C GLY O 77 -10.29 -65.27 -70.73
N LEU O 78 -10.49 -65.04 -69.43
CA LEU O 78 -10.22 -66.07 -68.43
C LEU O 78 -11.17 -67.25 -68.59
N VAL O 79 -12.46 -66.96 -68.86
CA VAL O 79 -13.45 -68.02 -69.06
C VAL O 79 -13.13 -68.81 -70.32
N ARG O 80 -12.77 -68.13 -71.41
CA ARG O 80 -12.43 -68.84 -72.64
C ARG O 80 -11.14 -69.65 -72.49
N LEU O 81 -10.17 -69.13 -71.74
CA LEU O 81 -8.93 -69.85 -71.49
C LEU O 81 -9.18 -71.13 -70.68
N LEU O 82 -10.01 -71.04 -69.64
CA LEU O 82 -10.36 -72.25 -68.90
C LEU O 82 -11.21 -73.21 -69.73
N ARG O 83 -12.04 -72.70 -70.64
CA ARG O 83 -12.81 -73.59 -71.52
C ARG O 83 -11.89 -74.38 -72.46
N ARG O 84 -10.91 -73.72 -73.07
CA ARG O 84 -10.01 -74.47 -73.95
C ARG O 84 -9.05 -75.33 -73.15
N GLU O 85 -8.76 -74.95 -71.90
CA GLU O 85 -7.96 -75.82 -71.03
C GLU O 85 -8.71 -77.11 -70.69
N ILE O 86 -10.00 -77.00 -70.36
CA ILE O 86 -10.81 -78.20 -70.10
C ILE O 86 -10.97 -79.04 -71.37
N ALA O 87 -11.13 -78.39 -72.53
CA ALA O 87 -11.20 -79.11 -73.80
C ALA O 87 -9.91 -79.86 -74.09
N ALA O 88 -8.75 -79.23 -73.82
CA ALA O 88 -7.48 -79.88 -74.05
C ALA O 88 -7.24 -81.05 -73.08
N VAL O 89 -7.57 -80.88 -71.80
CA VAL O 89 -7.29 -81.94 -70.83
C VAL O 89 -8.27 -83.09 -71.01
N PHE O 90 -9.46 -82.80 -71.57
CA PHE O 90 -10.38 -83.88 -71.90
C PHE O 90 -10.10 -84.47 -73.28
N ARG O 91 -9.29 -83.80 -74.09
CA ARG O 91 -8.94 -84.34 -75.40
C ARG O 91 -7.73 -85.27 -75.31
N ASP O 92 -6.58 -84.74 -74.89
CA ASP O 92 -5.32 -85.43 -75.17
C ASP O 92 -5.03 -86.56 -74.19
N ASN O 93 -5.69 -86.54 -73.03
CA ASN O 93 -5.36 -87.50 -71.98
C ASN O 93 -6.16 -88.79 -72.10
N ARG O 94 -5.59 -89.87 -71.55
CA ARG O 94 -6.27 -91.16 -71.55
C ARG O 94 -7.02 -91.40 -70.24
N MET O 95 -6.42 -91.08 -69.10
CA MET O 95 -7.07 -91.30 -67.81
C MET O 95 -7.43 -89.96 -67.21
N ILE O 96 -8.73 -89.76 -66.97
CA ILE O 96 -9.24 -88.62 -66.22
C ILE O 96 -10.01 -89.20 -65.04
N ALA O 97 -9.57 -88.86 -63.83
CA ALA O 97 -10.15 -89.39 -62.61
C ALA O 97 -10.69 -88.24 -61.78
N VAL O 98 -11.84 -88.46 -61.16
CA VAL O 98 -12.42 -87.45 -60.27
C VAL O 98 -12.09 -87.84 -58.84
N CYS O 99 -11.91 -86.85 -57.97
CA CYS O 99 -11.59 -87.08 -56.58
C CYS O 99 -12.35 -86.07 -55.74
N GLN O 100 -12.79 -86.48 -54.55
CA GLN O 100 -13.32 -85.52 -53.59
C GLN O 100 -12.16 -84.83 -52.89
N HIS O 101 -11.96 -83.55 -53.20
CA HIS O 101 -10.80 -82.83 -52.69
C HIS O 101 -10.98 -82.52 -51.21
N VAL O 102 -9.96 -82.85 -50.42
CA VAL O 102 -9.98 -82.70 -48.97
C VAL O 102 -8.89 -81.71 -48.57
N ALA O 103 -9.24 -80.77 -47.69
CA ALA O 103 -8.27 -79.84 -47.15
C ALA O 103 -7.30 -80.59 -46.23
N LEU O 104 -6.01 -80.52 -46.57
CA LEU O 104 -4.98 -81.26 -45.87
C LEU O 104 -4.03 -80.27 -45.22
N SER O 105 -2.97 -80.81 -44.60
CA SER O 105 -1.80 -80.01 -44.32
C SER O 105 -1.14 -79.64 -45.65
N ALA O 106 -0.52 -78.45 -45.68
CA ALA O 106 0.11 -77.99 -46.91
C ALA O 106 1.35 -78.82 -47.23
N GLU O 107 2.06 -79.28 -46.20
CA GLU O 107 3.16 -80.22 -46.40
C GLU O 107 2.66 -81.53 -46.98
N ASP O 108 1.51 -82.01 -46.50
CA ASP O 108 0.90 -83.23 -47.04
C ASP O 108 0.44 -83.04 -48.49
N LYS O 109 -0.11 -81.86 -48.82
CA LYS O 109 -0.46 -81.53 -50.19
C LYS O 109 0.75 -81.53 -51.12
N LEU O 110 1.85 -80.90 -50.70
CA LEU O 110 3.01 -80.82 -51.59
C LEU O 110 3.73 -82.17 -51.69
N LEU O 111 3.73 -82.95 -50.60
CA LEU O 111 4.24 -84.32 -50.66
C LEU O 111 3.36 -85.18 -51.57
N LEU O 112 2.05 -84.93 -51.58
CA LEU O 112 1.15 -85.63 -52.50
C LEU O 112 1.46 -85.26 -53.95
N ARG O 113 1.74 -83.96 -54.21
CA ARG O 113 2.13 -83.54 -55.56
C ARG O 113 3.43 -84.19 -56.00
N HIS O 114 4.40 -84.31 -55.09
CA HIS O 114 5.65 -84.98 -55.43
C HIS O 114 5.47 -86.48 -55.63
N GLN O 115 4.59 -87.12 -54.86
CA GLN O 115 4.37 -88.55 -55.00
C GLN O 115 3.59 -88.87 -56.28
N LEU O 116 2.72 -87.97 -56.72
CA LEU O 116 2.14 -88.07 -58.06
C LEU O 116 3.11 -87.70 -59.17
N ARG O 117 4.10 -86.84 -58.91
CA ARG O 117 5.17 -86.59 -59.88
C ARG O 117 6.07 -87.81 -60.04
N LYS O 118 6.14 -88.65 -59.01
CA LYS O 118 6.93 -89.89 -59.08
C LYS O 118 6.42 -90.85 -60.15
N HIS O 119 5.14 -90.76 -60.53
CA HIS O 119 4.64 -91.57 -61.63
C HIS O 119 3.76 -90.70 -62.55
N LYS O 120 4.14 -89.43 -62.75
CA LYS O 120 3.82 -88.57 -63.89
C LYS O 120 2.33 -88.16 -63.94
N ILE O 121 1.48 -88.66 -63.05
CA ILE O 121 0.10 -88.20 -62.92
C ILE O 121 0.06 -86.78 -62.35
N LEU O 122 -0.69 -85.91 -63.02
CA LEU O 122 -0.87 -84.53 -62.60
C LEU O 122 -2.24 -84.36 -61.95
N MET O 123 -2.47 -83.20 -61.36
CA MET O 123 -3.74 -82.89 -60.73
C MET O 123 -4.03 -81.40 -60.78
N LYS O 124 -5.28 -81.06 -61.10
CA LYS O 124 -5.75 -79.68 -61.13
C LYS O 124 -7.09 -79.52 -60.41
N ILE O 125 -7.45 -78.27 -60.17
CA ILE O 125 -8.77 -77.88 -59.71
C ILE O 125 -9.36 -76.95 -60.76
N PHE O 126 -10.55 -77.27 -61.25
CA PHE O 126 -11.23 -76.40 -62.18
C PHE O 126 -12.53 -75.90 -61.55
N PRO O 127 -12.82 -74.60 -61.66
CA PRO O 127 -14.09 -74.07 -61.14
C PRO O 127 -15.31 -74.68 -61.82
N ASN O 128 -16.33 -74.96 -61.02
CA ASN O 128 -17.53 -75.57 -61.54
C ASN O 128 -18.37 -74.61 -62.36
N GLN O 129 -18.21 -73.30 -62.15
CA GLN O 129 -18.97 -72.29 -62.89
C GLN O 129 -18.65 -72.33 -64.38
N VAL O 130 -17.41 -72.63 -64.72
CA VAL O 130 -17.04 -72.84 -66.12
C VAL O 130 -16.90 -74.31 -66.47
N LEU O 131 -16.93 -75.21 -65.48
CA LEU O 131 -16.82 -76.63 -65.77
C LEU O 131 -18.16 -77.25 -66.16
N LYS O 132 -19.20 -77.07 -65.32
CA LYS O 132 -20.48 -77.75 -65.41
C LYS O 132 -21.27 -77.52 -66.71
N PRO O 133 -21.36 -76.31 -67.29
CA PRO O 133 -22.02 -76.23 -68.61
C PRO O 133 -21.23 -76.89 -69.72
N PHE O 134 -19.90 -76.79 -69.71
CA PHE O 134 -19.08 -77.42 -70.74
C PHE O 134 -19.19 -78.95 -70.68
N LEU O 135 -19.14 -79.51 -69.47
CA LEU O 135 -19.32 -80.95 -69.32
C LEU O 135 -20.78 -81.36 -69.39
N GLU O 136 -21.71 -80.41 -69.42
CA GLU O 136 -23.09 -80.77 -69.71
C GLU O 136 -23.33 -80.86 -71.21
N GLU O 137 -22.71 -79.97 -72.00
CA GLU O 137 -22.77 -80.11 -73.45
C GLU O 137 -21.85 -81.21 -73.98
N SER O 138 -20.82 -81.59 -73.25
CA SER O 138 -19.87 -82.58 -73.74
C SER O 138 -20.45 -83.99 -73.63
N LYS O 139 -19.64 -84.97 -74.05
CA LYS O 139 -20.04 -86.37 -74.02
C LYS O 139 -19.94 -86.98 -72.62
N TYR O 140 -19.35 -86.26 -71.66
CA TYR O 140 -19.16 -86.74 -70.30
C TYR O 140 -20.24 -86.23 -69.35
N GLN O 141 -21.49 -86.15 -69.80
CA GLN O 141 -22.57 -85.61 -69.00
C GLN O 141 -22.91 -86.46 -67.78
N ASN O 142 -22.55 -87.74 -67.79
CA ASN O 142 -22.86 -88.63 -66.67
C ASN O 142 -22.02 -88.36 -65.43
N LEU O 143 -20.99 -87.51 -65.52
CA LEU O 143 -20.16 -87.17 -64.38
C LEU O 143 -20.69 -85.96 -63.59
N LEU O 144 -21.86 -85.44 -63.95
CA LEU O 144 -22.40 -84.27 -63.25
C LEU O 144 -22.73 -84.46 -61.77
N PRO O 145 -23.26 -85.60 -61.26
CA PRO O 145 -23.45 -85.69 -59.80
C PRO O 145 -22.16 -85.74 -58.99
N LEU O 146 -21.03 -86.08 -59.62
CA LEU O 146 -19.76 -86.08 -58.90
C LEU O 146 -19.15 -84.68 -58.81
N PHE O 147 -19.70 -83.74 -59.56
CA PHE O 147 -19.16 -82.39 -59.66
C PHE O 147 -20.05 -81.32 -59.04
N VAL O 148 -21.08 -81.72 -58.28
CA VAL O 148 -21.93 -80.75 -57.60
C VAL O 148 -21.15 -80.07 -56.48
N GLY O 149 -20.30 -80.82 -55.78
CA GLY O 149 -19.56 -80.32 -54.65
C GLY O 149 -18.09 -80.08 -54.96
N HIS O 150 -17.29 -80.09 -53.90
CA HIS O 150 -15.86 -79.85 -53.99
C HIS O 150 -15.18 -81.04 -54.68
N ASN O 151 -14.22 -80.76 -55.56
CA ASN O 151 -13.71 -81.79 -56.43
C ASN O 151 -12.24 -81.54 -56.79
N LEU O 152 -11.64 -82.51 -57.46
CA LEU O 152 -10.24 -82.51 -57.88
C LEU O 152 -10.10 -83.41 -59.10
N LEU O 153 -9.24 -83.03 -60.04
CA LEU O 153 -9.08 -83.76 -61.29
C LEU O 153 -7.68 -84.37 -61.37
N LEU O 154 -7.63 -85.69 -61.60
CA LEU O 154 -6.39 -86.46 -61.73
C LEU O 154 -6.19 -86.81 -63.21
N VAL O 155 -4.99 -86.56 -63.71
CA VAL O 155 -4.71 -86.51 -65.16
C VAL O 155 -3.54 -87.43 -65.48
N SER O 156 -3.75 -88.36 -66.42
CA SER O 156 -2.68 -89.27 -66.85
C SER O 156 -2.70 -89.51 -68.35
N GLU O 157 -1.53 -89.35 -68.97
CA GLU O 157 -1.15 -90.15 -70.14
C GLU O 157 -0.77 -91.53 -69.67
N GLU O 158 -1.02 -92.55 -70.52
CA GLU O 158 -0.63 -93.96 -70.34
C GLU O 158 -1.13 -94.51 -69.01
N PRO O 159 -2.41 -94.87 -68.91
CA PRO O 159 -3.04 -95.13 -67.61
C PRO O 159 -2.54 -96.40 -66.94
N LYS O 160 -2.06 -96.26 -65.70
CA LYS O 160 -1.59 -97.37 -64.88
C LYS O 160 -1.96 -97.05 -63.43
N VAL O 161 -2.81 -97.89 -62.82
CA VAL O 161 -3.58 -97.43 -61.67
C VAL O 161 -3.28 -98.24 -60.39
N LYS O 162 -2.41 -99.27 -60.46
CA LYS O 162 -1.78 -99.78 -59.24
C LYS O 162 -1.06 -98.72 -58.44
N GLU O 163 -0.25 -97.89 -59.08
CA GLU O 163 0.58 -96.98 -58.29
C GLU O 163 -0.20 -95.74 -57.89
N MET O 164 -1.42 -95.56 -58.43
CA MET O 164 -2.28 -94.48 -57.96
C MET O 164 -3.21 -94.96 -56.83
N VAL O 165 -3.76 -96.17 -56.94
CA VAL O 165 -4.54 -96.73 -55.83
C VAL O 165 -3.62 -97.05 -54.64
N ARG O 166 -2.33 -97.31 -54.87
CA ARG O 166 -1.38 -97.48 -53.77
C ARG O 166 -1.23 -96.17 -53.00
N ILE O 167 -1.29 -95.04 -53.69
CA ILE O 167 -1.32 -93.75 -53.02
C ILE O 167 -2.64 -93.57 -52.26
N LEU O 168 -3.75 -93.87 -52.92
CA LEU O 168 -5.06 -93.55 -52.35
C LEU O 168 -5.47 -94.48 -51.21
N LYS O 169 -4.81 -95.63 -51.05
CA LYS O 169 -5.03 -96.49 -49.89
C LYS O 169 -4.08 -96.17 -48.73
N GLY O 170 -2.97 -95.48 -48.99
CA GLY O 170 -2.07 -95.13 -47.92
C GLY O 170 -2.63 -94.06 -47.01
N ILE O 171 -3.54 -93.23 -47.53
CA ILE O 171 -4.24 -92.23 -46.75
C ILE O 171 -5.74 -92.53 -46.83
N PRO O 172 -6.44 -92.69 -45.70
CA PRO O 172 -7.76 -93.32 -45.75
C PRO O 172 -8.90 -92.39 -46.13
N PHE O 173 -8.68 -91.08 -46.17
CA PHE O 173 -9.77 -90.13 -46.30
C PHE O 173 -9.68 -89.27 -47.56
N LEU O 174 -9.20 -89.83 -48.66
CA LEU O 174 -9.31 -89.21 -49.99
C LEU O 174 -10.17 -90.13 -50.83
N PRO O 175 -11.47 -89.85 -50.96
CA PRO O 175 -12.35 -90.74 -51.74
C PRO O 175 -12.06 -90.70 -53.22
N LEU O 176 -12.15 -91.88 -53.84
CA LEU O 176 -12.18 -91.97 -55.30
C LEU O 176 -13.63 -92.19 -55.71
N LEU O 177 -14.21 -91.18 -56.37
CA LEU O 177 -15.64 -91.21 -56.65
C LEU O 177 -15.90 -92.02 -57.92
N GLY O 178 -15.24 -91.64 -59.01
CA GLY O 178 -15.38 -92.30 -60.28
C GLY O 178 -14.22 -92.03 -61.20
N GLY O 179 -14.53 -91.80 -62.46
CA GLY O 179 -13.53 -91.47 -63.45
C GLY O 179 -13.87 -92.08 -64.78
N CYS O 180 -13.06 -91.72 -65.78
CA CYS O 180 -13.24 -92.23 -67.14
C CYS O 180 -11.88 -92.61 -67.72
N ILE O 181 -11.73 -93.89 -68.05
CA ILE O 181 -10.52 -94.41 -68.68
C ILE O 181 -10.92 -94.97 -70.04
N ASP O 182 -10.33 -94.41 -71.11
CA ASP O 182 -10.48 -94.84 -72.50
C ASP O 182 -11.94 -94.83 -72.95
N ASP O 183 -12.56 -93.65 -72.74
CA ASP O 183 -13.92 -93.32 -73.15
C ASP O 183 -14.98 -94.22 -72.50
N THR O 184 -14.66 -94.81 -71.35
CA THR O 184 -15.59 -95.62 -70.60
C THR O 184 -15.65 -95.09 -69.17
N ILE O 185 -16.86 -94.91 -68.63
CA ILE O 185 -17.03 -94.35 -67.30
C ILE O 185 -17.07 -95.49 -66.29
N LEU O 186 -16.26 -95.39 -65.24
CA LEU O 186 -16.11 -96.44 -64.25
C LEU O 186 -16.31 -95.86 -62.85
N SER O 187 -16.70 -96.74 -61.93
CA SER O 187 -16.88 -96.37 -60.52
C SER O 187 -15.58 -96.66 -59.76
N ARG O 188 -15.63 -96.59 -58.42
CA ARG O 188 -14.45 -96.92 -57.63
C ARG O 188 -14.15 -98.41 -57.69
N GLN O 189 -15.19 -99.25 -57.55
CA GLN O 189 -14.99 -100.68 -57.72
C GLN O 189 -14.66 -101.06 -59.16
N GLY O 190 -15.18 -100.32 -60.13
CA GLY O 190 -14.74 -100.49 -61.51
C GLY O 190 -13.27 -100.15 -61.71
N PHE O 191 -12.81 -99.07 -61.07
CA PHE O 191 -11.39 -98.73 -61.04
C PHE O 191 -10.56 -99.82 -60.36
N ILE O 192 -11.11 -100.42 -59.31
CA ILE O 192 -10.41 -101.51 -58.61
C ILE O 192 -10.29 -102.74 -59.51
N ASN O 193 -11.37 -103.11 -60.20
CA ASN O 193 -11.32 -104.25 -61.12
C ASN O 193 -10.38 -104.00 -62.30
N TYR O 194 -10.43 -102.78 -62.84
CA TYR O 194 -9.50 -102.37 -63.90
C TYR O 194 -8.06 -102.31 -63.41
N SER O 195 -7.88 -102.10 -62.10
CA SER O 195 -6.56 -102.12 -61.52
C SER O 195 -6.01 -103.53 -61.42
N LYS O 196 -6.82 -104.46 -60.91
CA LYS O 196 -6.39 -105.86 -60.85
C LYS O 196 -6.25 -106.50 -62.24
N LEU O 197 -6.90 -105.93 -63.25
CA LEU O 197 -6.81 -106.48 -64.58
C LEU O 197 -5.44 -106.18 -65.20
N PRO O 198 -4.77 -107.17 -65.80
CA PRO O 198 -3.44 -106.93 -66.39
C PRO O 198 -3.46 -106.07 -67.65
N SER O 199 -2.27 -105.88 -68.24
CA SER O 199 -2.10 -104.92 -69.31
C SER O 199 -2.49 -105.50 -70.67
N LEU O 200 -2.39 -104.64 -71.69
CA LEU O 200 -2.77 -104.97 -73.07
C LEU O 200 -1.95 -106.12 -73.64
N ALA O 201 -0.64 -106.14 -73.40
CA ALA O 201 0.21 -107.18 -73.95
C ALA O 201 -0.12 -108.55 -73.37
N LEU O 202 -0.33 -108.63 -72.05
CA LEU O 202 -0.68 -109.89 -71.42
C LEU O 202 -2.08 -110.36 -71.80
N VAL O 203 -3.04 -109.41 -71.88
CA VAL O 203 -4.41 -109.77 -72.24
C VAL O 203 -4.49 -110.26 -73.69
N GLN O 204 -3.80 -109.57 -74.61
CA GLN O 204 -3.78 -110.02 -75.99
C GLN O 204 -2.90 -111.24 -76.22
N GLY O 205 -1.96 -111.52 -75.31
CA GLY O 205 -1.21 -112.77 -75.37
C GLY O 205 -2.04 -113.94 -74.92
N GLU O 206 -2.88 -113.74 -73.91
CA GLU O 206 -3.81 -114.78 -73.47
C GLU O 206 -5.00 -114.94 -74.42
N LEU O 207 -5.31 -113.91 -75.21
CA LEU O 207 -6.41 -114.00 -76.18
C LEU O 207 -6.13 -115.05 -77.26
N VAL O 208 -4.91 -115.08 -77.80
CA VAL O 208 -4.56 -116.07 -78.82
C VAL O 208 -4.40 -117.45 -78.22
N GLY O 209 -4.11 -117.56 -76.92
CA GLY O 209 -4.09 -118.84 -76.26
C GLY O 209 -5.48 -119.38 -75.99
N GLY O 210 -6.42 -118.48 -75.75
CA GLY O 210 -7.80 -118.87 -75.53
C GLY O 210 -8.56 -119.15 -76.81
N LEU O 211 -8.15 -118.53 -77.91
CA LEU O 211 -8.81 -118.77 -79.19
C LEU O 211 -8.36 -120.06 -79.86
N THR O 212 -7.08 -120.43 -79.69
CA THR O 212 -6.56 -121.69 -80.21
C THR O 212 -6.73 -122.84 -79.23
N PHE O 213 -7.37 -122.58 -78.09
CA PHE O 213 -7.61 -123.61 -77.07
C PHE O 213 -8.50 -124.73 -77.54
N LEU O 214 -9.44 -124.47 -78.46
CA LEU O 214 -10.28 -125.54 -79.01
C LEU O 214 -9.46 -126.54 -79.83
N THR O 215 -8.58 -126.03 -80.70
CA THR O 215 -7.70 -126.90 -81.47
C THR O 215 -6.70 -127.63 -80.57
N ALA O 216 -6.16 -126.92 -79.57
CA ALA O 216 -5.23 -127.55 -78.63
C ALA O 216 -5.90 -128.63 -77.80
N GLN O 217 -7.13 -128.41 -77.36
CA GLN O 217 -7.90 -129.41 -76.63
C GLN O 217 -8.27 -130.59 -77.50
N THR O 218 -8.60 -130.34 -78.78
CA THR O 218 -8.91 -131.42 -79.72
C THR O 218 -7.70 -132.32 -79.93
N TYR O 219 -6.52 -131.72 -80.15
CA TYR O 219 -5.29 -132.49 -80.29
C TYR O 219 -4.88 -133.19 -79.00
N SER O 220 -5.05 -132.55 -77.85
CA SER O 220 -4.68 -133.16 -76.58
C SER O 220 -5.60 -134.30 -76.19
N MET O 221 -6.86 -134.29 -76.64
CA MET O 221 -7.72 -135.44 -76.44
C MET O 221 -7.51 -136.53 -77.47
N LEU O 222 -7.15 -136.18 -78.71
CA LEU O 222 -6.86 -137.21 -79.71
C LEU O 222 -5.54 -137.90 -79.44
N GLN O 223 -4.62 -137.24 -78.73
CA GLN O 223 -3.38 -137.87 -78.30
C GLN O 223 -3.54 -138.56 -76.94
N HIS O 224 -4.68 -138.36 -76.26
CA HIS O 224 -4.86 -138.86 -74.91
C HIS O 224 -5.13 -140.37 -74.86
N GLN O 225 -5.68 -140.96 -75.92
CA GLN O 225 -5.98 -142.39 -75.96
C GLN O 225 -4.75 -143.29 -75.86
N PRO O 226 -3.60 -143.02 -76.53
CA PRO O 226 -2.38 -143.74 -76.14
C PRO O 226 -1.89 -143.37 -74.76
N ARG O 227 -2.12 -142.13 -74.31
CA ARG O 227 -1.68 -141.71 -72.99
C ARG O 227 -2.45 -142.37 -71.86
N GLN O 228 -3.72 -142.72 -72.09
CA GLN O 228 -4.46 -143.50 -71.08
C GLN O 228 -3.88 -144.90 -70.92
N LEU O 229 -3.49 -145.54 -72.02
CA LEU O 229 -2.85 -146.85 -71.94
C LEU O 229 -1.47 -146.75 -71.30
N THR O 230 -0.74 -145.66 -71.59
CA THR O 230 0.54 -145.41 -70.94
C THR O 230 0.37 -145.22 -69.43
N ALA O 231 -0.65 -144.47 -69.03
CA ALA O 231 -0.94 -144.27 -67.62
C ALA O 231 -1.37 -145.56 -66.93
N LEU O 232 -2.15 -146.41 -67.60
CA LEU O 232 -2.54 -147.69 -67.04
C LEU O 232 -1.36 -148.63 -66.85
N LEU O 233 -0.47 -148.69 -67.85
CA LEU O 233 0.71 -149.54 -67.74
C LEU O 233 1.67 -149.02 -66.67
N ASP O 234 1.85 -147.71 -66.58
CA ASP O 234 2.65 -147.12 -65.51
C ASP O 234 2.03 -147.29 -64.14
N GLN O 235 0.69 -147.29 -64.05
CA GLN O 235 0.01 -147.57 -62.79
C GLN O 235 0.23 -149.02 -62.36
N TYR O 236 0.21 -149.96 -63.32
CA TYR O 236 0.50 -151.36 -62.98
C TYR O 236 1.95 -151.56 -62.57
N VAL O 237 2.90 -150.86 -63.23
CA VAL O 237 4.29 -150.89 -62.81
C VAL O 237 4.49 -150.30 -61.41
N LYS O 238 3.79 -149.19 -61.11
CA LYS O 238 3.84 -148.60 -59.77
C LYS O 238 3.23 -149.53 -58.73
N GLN O 239 2.16 -150.24 -59.07
CA GLN O 239 1.55 -151.20 -58.16
C GLN O 239 2.49 -152.38 -57.88
N GLN O 240 3.13 -152.91 -58.92
CA GLN O 240 4.11 -153.98 -58.73
C GLN O 240 5.54 -153.46 -58.86
N SER P 17 7.85 -79.25 -31.18
CA SER P 17 7.34 -78.12 -30.42
C SER P 17 7.36 -76.85 -31.26
N GLY P 18 8.14 -76.85 -32.34
CA GLY P 18 8.16 -75.70 -33.21
C GLY P 18 9.20 -75.85 -34.32
N MET P 19 9.27 -74.81 -35.15
CA MET P 19 10.16 -74.73 -36.29
C MET P 19 11.01 -73.47 -36.21
N ILE P 20 12.29 -73.60 -36.56
CA ILE P 20 13.23 -72.48 -36.57
C ILE P 20 13.91 -72.45 -37.93
N ARG P 21 13.91 -71.27 -38.56
CA ARG P 21 14.63 -71.05 -39.81
C ARG P 21 15.86 -70.22 -39.50
N ALA P 22 17.05 -70.81 -39.67
CA ALA P 22 18.31 -70.16 -39.27
C ALA P 22 19.29 -70.18 -40.43
N ILE P 23 19.71 -69.01 -40.87
CA ILE P 23 20.76 -68.90 -41.89
C ILE P 23 22.10 -68.78 -41.16
N VAL P 24 22.89 -69.85 -41.18
CA VAL P 24 24.14 -69.94 -40.46
C VAL P 24 25.28 -70.11 -41.47
N ARG P 25 26.37 -69.38 -41.27
CA ARG P 25 27.54 -69.50 -42.11
C ARG P 25 28.18 -70.88 -41.91
N ALA P 26 28.89 -71.37 -42.94
CA ALA P 26 29.39 -72.73 -43.02
C ALA P 26 30.38 -73.11 -41.92
N GLY P 27 31.51 -72.41 -41.85
CA GLY P 27 32.53 -72.77 -40.89
C GLY P 27 32.43 -72.11 -39.54
N GLN P 28 31.43 -71.26 -39.31
CA GLN P 28 31.26 -70.55 -38.05
C GLN P 28 29.90 -70.88 -37.46
N ALA P 29 29.88 -71.75 -36.46
CA ALA P 29 28.68 -72.05 -35.69
C ALA P 29 29.01 -71.92 -34.22
N ARG P 30 28.50 -70.86 -33.59
CA ARG P 30 28.95 -70.47 -32.27
C ARG P 30 27.81 -70.54 -31.26
N PRO P 31 28.11 -70.80 -29.97
CA PRO P 31 27.09 -70.72 -28.90
C PRO P 31 26.81 -69.28 -28.45
N GLY P 32 26.35 -68.46 -29.38
CA GLY P 32 26.05 -67.07 -29.12
C GLY P 32 24.95 -66.57 -30.03
N PRO P 33 24.74 -65.26 -30.06
CA PRO P 33 23.69 -64.69 -30.94
C PRO P 33 24.07 -64.83 -32.39
N PRO P 34 23.08 -65.05 -33.29
CA PRO P 34 21.65 -65.19 -33.02
C PRO P 34 21.23 -66.61 -32.63
N LEU P 35 22.18 -67.55 -32.66
CA LEU P 35 21.85 -68.93 -32.35
C LEU P 35 21.61 -69.14 -30.86
N GLY P 36 22.10 -68.24 -30.02
CA GLY P 36 21.95 -68.34 -28.58
C GLY P 36 20.53 -68.12 -28.10
N PRO P 37 20.03 -66.88 -28.19
CA PRO P 37 18.68 -66.59 -27.65
C PRO P 37 17.54 -67.23 -28.44
N ILE P 38 17.76 -67.66 -29.68
CA ILE P 38 16.69 -68.25 -30.47
C ILE P 38 16.53 -69.71 -30.11
N LEU P 39 17.63 -70.48 -30.17
CA LEU P 39 17.58 -71.91 -29.90
C LEU P 39 17.57 -72.23 -28.41
N GLY P 40 18.09 -71.34 -27.56
CA GLY P 40 18.08 -71.57 -26.13
C GLY P 40 16.74 -71.27 -25.50
N GLN P 41 15.90 -70.52 -26.22
CA GLN P 41 14.53 -70.25 -25.76
C GLN P 41 13.67 -71.51 -25.84
N ARG P 42 13.93 -72.38 -26.83
CA ARG P 42 13.19 -73.63 -26.96
C ARG P 42 13.60 -74.67 -25.93
N GLY P 43 14.75 -74.49 -25.27
CA GLY P 43 15.23 -75.45 -24.30
C GLY P 43 16.14 -76.53 -24.86
N VAL P 44 16.66 -76.34 -26.06
CA VAL P 44 17.52 -77.33 -26.72
C VAL P 44 18.98 -76.96 -26.46
N SER P 45 19.82 -77.97 -26.24
CA SER P 45 21.25 -77.75 -26.05
C SER P 45 21.89 -77.19 -27.31
N ILE P 46 22.67 -76.12 -27.15
CA ILE P 46 23.26 -75.44 -28.29
C ILE P 46 24.49 -76.18 -28.80
N ASN P 47 25.27 -76.80 -27.90
CA ASN P 47 26.54 -77.41 -28.27
C ASN P 47 26.35 -78.65 -29.13
N GLN P 48 25.30 -79.44 -28.86
CA GLN P 48 25.02 -80.61 -29.68
C GLN P 48 24.64 -80.23 -31.11
N PHE P 49 23.81 -79.19 -31.25
CA PHE P 49 23.47 -78.69 -32.58
C PHE P 49 24.68 -78.11 -33.29
N CYS P 50 25.55 -77.41 -32.56
CA CYS P 50 26.75 -76.85 -33.16
C CYS P 50 27.69 -77.95 -33.65
N LYS P 51 27.83 -79.02 -32.85
CA LYS P 51 28.67 -80.15 -33.23
C LYS P 51 28.11 -80.86 -34.47
N GLU P 52 26.79 -81.10 -34.50
CA GLU P 52 26.22 -81.81 -35.63
C GLU P 52 26.20 -80.96 -36.89
N PHE P 53 25.96 -79.66 -36.74
CA PHE P 53 26.00 -78.74 -37.87
C PHE P 53 27.40 -78.63 -38.46
N ASN P 54 28.41 -78.55 -37.58
CA ASN P 54 29.80 -78.50 -38.04
C ASN P 54 30.21 -79.81 -38.70
N GLU P 55 29.72 -80.94 -38.17
CA GLU P 55 30.04 -82.24 -38.76
C GLU P 55 29.39 -82.40 -40.13
N LYS P 56 28.14 -81.96 -40.29
CA LYS P 56 27.47 -82.09 -41.58
C LYS P 56 27.98 -81.08 -42.59
N THR P 57 28.49 -79.93 -42.12
CA THR P 57 28.80 -78.81 -43.00
C THR P 57 30.28 -78.76 -43.36
N LYS P 58 31.16 -79.35 -42.55
CA LYS P 58 32.61 -79.24 -42.71
C LYS P 58 33.15 -79.87 -43.99
N ASP P 59 32.37 -80.70 -44.68
CA ASP P 59 32.77 -81.22 -45.98
C ASP P 59 32.70 -80.16 -47.08
N ILE P 60 32.00 -79.05 -46.85
CA ILE P 60 31.93 -77.96 -47.80
C ILE P 60 32.95 -76.91 -47.39
N LYS P 61 33.98 -76.72 -48.22
CA LYS P 61 35.04 -75.77 -47.94
C LYS P 61 34.81 -74.42 -48.62
N GLU P 62 33.62 -74.21 -49.20
CA GLU P 62 33.36 -73.00 -49.96
C GLU P 62 33.08 -71.78 -49.09
N GLY P 63 32.80 -71.97 -47.80
CA GLY P 63 32.51 -70.85 -46.92
C GLY P 63 31.23 -70.13 -47.24
N ILE P 64 30.10 -70.83 -47.28
CA ILE P 64 28.87 -70.32 -47.86
C ILE P 64 27.77 -70.39 -46.81
N PRO P 65 26.91 -69.38 -46.67
CA PRO P 65 25.83 -69.45 -45.68
C PRO P 65 24.74 -70.42 -46.09
N LEU P 66 24.16 -71.10 -45.11
CA LEU P 66 23.16 -72.12 -45.32
C LEU P 66 21.90 -71.80 -44.53
N PRO P 67 20.74 -71.72 -45.18
CA PRO P 67 19.48 -71.70 -44.43
C PRO P 67 19.08 -73.11 -44.02
N THR P 68 18.87 -73.30 -42.71
CA THR P 68 18.62 -74.61 -42.13
C THR P 68 17.30 -74.58 -41.36
N LYS P 69 16.64 -75.73 -41.35
CA LYS P 69 15.36 -75.92 -40.68
C LYS P 69 15.62 -76.75 -39.42
N ILE P 70 15.30 -76.18 -38.26
CA ILE P 70 15.44 -76.84 -36.98
C ILE P 70 14.04 -77.18 -36.49
N PHE P 71 13.72 -78.47 -36.41
CA PHE P 71 12.43 -78.89 -35.87
C PHE P 71 12.61 -79.25 -34.40
N VAL P 72 12.26 -78.32 -33.52
CA VAL P 72 12.41 -78.53 -32.08
C VAL P 72 11.21 -79.34 -31.60
N LYS P 73 11.50 -80.38 -30.83
CA LYS P 73 10.53 -81.39 -30.44
C LYS P 73 10.05 -81.18 -29.01
N PRO P 74 8.85 -81.68 -28.66
CA PRO P 74 8.34 -81.50 -27.28
C PRO P 74 9.17 -82.16 -26.19
N ASP P 75 9.98 -83.17 -26.51
CA ASP P 75 10.89 -83.76 -25.55
C ASP P 75 12.25 -83.09 -25.54
N ARG P 76 12.34 -81.85 -26.01
CA ARG P 76 13.49 -80.94 -26.03
C ARG P 76 14.65 -81.44 -26.88
N THR P 77 14.46 -82.49 -27.69
CA THR P 77 15.45 -82.85 -28.69
C THR P 77 15.17 -82.11 -29.99
N PHE P 78 15.97 -82.40 -31.02
CA PHE P 78 15.91 -81.61 -32.24
C PHE P 78 16.25 -82.48 -33.45
N GLU P 79 15.81 -82.03 -34.61
CA GLU P 79 16.16 -82.61 -35.90
C GLU P 79 16.63 -81.50 -36.82
N ILE P 80 17.55 -81.83 -37.72
CA ILE P 80 18.19 -80.83 -38.58
C ILE P 80 18.17 -81.32 -40.02
N LYS P 81 17.80 -80.43 -40.94
CA LYS P 81 17.83 -80.70 -42.38
C LYS P 81 18.50 -79.52 -43.06
N ILE P 82 19.44 -79.80 -43.96
CA ILE P 82 20.23 -78.76 -44.62
C ILE P 82 19.68 -78.53 -46.02
N GLY P 83 19.50 -77.26 -46.38
CA GLY P 83 19.03 -76.87 -47.69
C GLY P 83 20.10 -76.20 -48.53
N GLN P 84 19.67 -75.72 -49.69
CA GLN P 84 20.59 -75.05 -50.61
C GLN P 84 20.88 -73.63 -50.14
N PRO P 85 22.04 -73.07 -50.49
CA PRO P 85 22.39 -71.73 -49.99
C PRO P 85 21.57 -70.60 -50.61
N THR P 86 21.96 -69.37 -50.26
CA THR P 86 21.13 -68.20 -50.53
C THR P 86 21.44 -67.58 -51.89
N VAL P 87 20.40 -67.01 -52.49
CA VAL P 87 20.51 -66.37 -53.80
C VAL P 87 21.40 -65.13 -53.71
N SER P 88 21.35 -64.43 -52.57
CA SER P 88 22.15 -63.22 -52.38
C SER P 88 23.65 -63.52 -52.42
N TYR P 89 24.09 -64.54 -51.68
CA TYR P 89 25.49 -64.93 -51.71
C TYR P 89 25.87 -65.56 -53.04
N PHE P 90 24.93 -66.30 -53.65
CA PHE P 90 25.14 -66.87 -54.99
C PHE P 90 25.46 -65.79 -56.02
N LEU P 91 24.61 -64.76 -56.11
CA LEU P 91 24.81 -63.76 -57.12
C LEU P 91 25.90 -62.76 -56.75
N LYS P 92 26.17 -62.59 -55.45
CA LYS P 92 27.32 -61.78 -55.04
C LYS P 92 28.63 -62.45 -55.41
N ALA P 93 28.73 -63.77 -55.23
CA ALA P 93 29.89 -64.52 -55.70
C ALA P 93 29.98 -64.60 -57.21
N ALA P 94 28.83 -64.57 -57.91
CA ALA P 94 28.84 -64.57 -59.37
C ALA P 94 29.30 -63.22 -59.92
N ALA P 95 28.85 -62.12 -59.33
CA ALA P 95 29.16 -60.78 -59.83
C ALA P 95 30.43 -60.19 -59.22
N GLY P 96 31.00 -60.81 -58.21
CA GLY P 96 32.23 -60.31 -57.63
C GLY P 96 32.09 -59.08 -56.78
N ILE P 97 30.90 -58.79 -56.26
CA ILE P 97 30.70 -57.64 -55.38
C ILE P 97 30.56 -58.15 -53.95
N GLU P 98 30.89 -57.30 -52.97
CA GLU P 98 30.87 -57.68 -51.57
C GLU P 98 29.52 -57.39 -50.94
N LYS P 99 28.82 -56.35 -51.38
CA LYS P 99 27.53 -55.98 -50.83
C LYS P 99 26.55 -55.68 -51.96
N GLY P 100 25.26 -55.67 -51.61
CA GLY P 100 24.23 -55.37 -52.57
C GLY P 100 24.09 -53.88 -52.83
N ALA P 101 23.18 -53.56 -53.75
CA ALA P 101 22.95 -52.16 -54.11
C ALA P 101 22.20 -51.43 -53.01
N ARG P 102 22.59 -50.19 -52.76
CA ARG P 102 21.89 -49.38 -51.76
C ARG P 102 20.52 -48.96 -52.26
N HIS P 103 20.44 -48.49 -53.49
CA HIS P 103 19.18 -48.08 -54.11
C HIS P 103 18.95 -48.97 -55.33
N THR P 104 18.08 -49.95 -55.19
CA THR P 104 17.78 -50.89 -56.28
C THR P 104 16.95 -50.18 -57.35
N GLY P 105 17.38 -50.32 -58.60
CA GLY P 105 16.73 -49.65 -59.71
C GLY P 105 17.33 -48.31 -60.07
N LYS P 106 17.68 -47.49 -59.08
CA LYS P 106 18.43 -46.27 -59.36
C LYS P 106 19.84 -46.58 -59.81
N GLU P 107 20.43 -47.66 -59.30
CA GLU P 107 21.74 -48.11 -59.71
C GLU P 107 21.75 -49.63 -59.80
N VAL P 108 22.73 -50.15 -60.51
CA VAL P 108 22.94 -51.58 -60.68
C VAL P 108 23.93 -52.03 -59.63
N ALA P 109 23.76 -53.24 -59.08
CA ALA P 109 24.78 -53.79 -58.18
C ALA P 109 25.93 -54.42 -58.95
N GLY P 110 25.65 -55.42 -59.78
CA GLY P 110 26.70 -56.09 -60.53
C GLY P 110 26.21 -56.50 -61.90
N LEU P 111 27.13 -57.05 -62.68
CA LEU P 111 26.85 -57.55 -64.02
C LEU P 111 27.28 -59.00 -64.15
N VAL P 112 26.34 -59.86 -64.54
CA VAL P 112 26.62 -61.25 -64.87
C VAL P 112 25.96 -61.57 -66.20
N THR P 113 26.22 -62.78 -66.69
CA THR P 113 25.57 -63.31 -67.86
C THR P 113 24.56 -64.37 -67.45
N LEU P 114 23.98 -65.04 -68.45
CA LEU P 114 22.97 -66.05 -68.16
C LEU P 114 23.56 -67.35 -67.62
N LYS P 115 24.87 -67.57 -67.81
CA LYS P 115 25.49 -68.82 -67.36
C LYS P 115 25.54 -68.91 -65.84
N HIS P 116 25.71 -67.76 -65.16
CA HIS P 116 25.71 -67.76 -63.70
C HIS P 116 24.33 -68.09 -63.15
N VAL P 117 23.30 -67.49 -63.75
CA VAL P 117 21.93 -67.72 -63.32
C VAL P 117 21.51 -69.16 -63.61
N TYR P 118 21.98 -69.72 -64.73
CA TYR P 118 21.62 -71.07 -65.10
C TYR P 118 22.33 -72.10 -64.21
N GLU P 119 23.58 -71.83 -63.84
CA GLU P 119 24.30 -72.67 -62.90
C GLU P 119 23.67 -72.63 -61.51
N ILE P 120 23.27 -71.43 -61.06
CA ILE P 120 22.57 -71.29 -59.79
C ILE P 120 21.21 -71.97 -59.83
N ALA P 121 20.58 -72.00 -61.01
CA ALA P 121 19.34 -72.73 -61.19
C ALA P 121 19.54 -74.25 -61.02
N ARG P 122 20.62 -74.79 -61.59
CA ARG P 122 20.90 -76.21 -61.33
C ARG P 122 21.31 -76.48 -59.89
N VAL P 123 21.97 -75.53 -59.22
CA VAL P 123 22.32 -75.73 -57.82
C VAL P 123 21.07 -75.72 -56.93
N LYS P 124 20.14 -74.80 -57.19
CA LYS P 124 18.93 -74.67 -56.40
C LYS P 124 17.81 -75.62 -56.84
N ALA P 125 18.03 -76.39 -57.91
CA ALA P 125 17.08 -77.43 -58.30
C ALA P 125 16.94 -78.55 -57.26
N GLN P 126 17.91 -78.72 -56.37
CA GLN P 126 17.84 -79.72 -55.31
C GLN P 126 17.52 -79.11 -53.95
N ASP P 127 16.92 -77.92 -53.93
CA ASP P 127 16.52 -77.29 -52.67
C ASP P 127 15.34 -78.05 -52.06
N ASP P 128 15.17 -77.92 -50.74
CA ASP P 128 14.05 -78.56 -50.06
C ASP P 128 12.70 -78.03 -50.52
N ALA P 129 12.61 -76.73 -50.82
CA ALA P 129 11.35 -76.16 -51.26
C ALA P 129 11.05 -76.52 -52.72
N PHE P 130 12.06 -76.53 -53.57
CA PHE P 130 11.83 -76.64 -55.01
C PHE P 130 11.97 -78.06 -55.54
N ALA P 131 12.66 -78.95 -54.82
CA ALA P 131 12.72 -80.34 -55.24
C ALA P 131 11.40 -81.05 -54.94
N LEU P 132 10.71 -80.60 -53.90
CA LEU P 132 9.38 -81.12 -53.63
C LEU P 132 8.37 -80.57 -54.63
N GLN P 133 8.64 -79.38 -55.17
CA GLN P 133 7.95 -78.87 -56.34
C GLN P 133 8.32 -79.70 -57.57
N ASP P 134 7.43 -79.74 -58.55
CA ASP P 134 7.69 -80.42 -59.81
C ASP P 134 7.98 -79.46 -60.95
N VAL P 135 8.33 -78.21 -60.64
CA VAL P 135 8.47 -77.15 -61.63
C VAL P 135 9.71 -77.37 -62.49
N PRO P 136 9.72 -76.94 -63.76
CA PRO P 136 10.91 -77.10 -64.59
C PRO P 136 12.02 -76.11 -64.27
N LEU P 137 13.10 -76.17 -65.06
CA LEU P 137 14.26 -75.29 -64.85
C LEU P 137 13.97 -73.85 -65.27
N SER P 138 12.96 -73.64 -66.14
CA SER P 138 12.56 -72.28 -66.50
C SER P 138 11.98 -71.54 -65.30
N SER P 139 11.25 -72.26 -64.44
CA SER P 139 10.67 -71.64 -63.24
C SER P 139 11.76 -71.19 -62.28
N VAL P 140 12.80 -72.00 -62.10
CA VAL P 140 13.82 -71.64 -61.12
C VAL P 140 14.76 -70.57 -61.69
N VAL P 141 14.98 -70.56 -63.01
CA VAL P 141 15.79 -69.49 -63.58
C VAL P 141 15.01 -68.16 -63.56
N ARG P 142 13.67 -68.22 -63.70
CA ARG P 142 12.85 -67.03 -63.53
C ARG P 142 12.86 -66.56 -62.08
N SER P 143 12.91 -67.51 -61.14
CA SER P 143 12.98 -67.16 -59.73
C SER P 143 14.29 -66.45 -59.39
N ILE P 144 15.41 -66.93 -59.94
CA ILE P 144 16.69 -66.30 -59.67
C ILE P 144 16.79 -64.93 -60.35
N ILE P 145 16.26 -64.78 -61.57
CA ILE P 145 16.24 -63.47 -62.23
C ILE P 145 15.33 -62.50 -61.46
N GLY P 146 14.19 -62.98 -60.96
CA GLY P 146 13.32 -62.14 -60.16
C GLY P 146 13.94 -61.73 -58.82
N SER P 147 14.74 -62.62 -58.22
CA SER P 147 15.52 -62.23 -57.05
C SER P 147 16.59 -61.22 -57.41
N ALA P 148 17.19 -61.34 -58.61
CA ALA P 148 18.18 -60.37 -59.08
C ALA P 148 17.57 -59.00 -59.32
N ARG P 149 16.26 -58.96 -59.64
CA ARG P 149 15.58 -57.69 -59.89
C ARG P 149 15.55 -56.80 -58.66
N SER P 150 15.52 -57.40 -57.46
CA SER P 150 15.63 -56.64 -56.22
C SER P 150 17.03 -56.67 -55.64
N LEU P 151 17.84 -57.66 -56.01
CA LEU P 151 19.21 -57.77 -55.53
C LEU P 151 20.17 -56.85 -56.29
N GLY P 152 19.73 -56.30 -57.42
CA GLY P 152 20.46 -55.25 -58.10
C GLY P 152 21.41 -55.68 -59.20
N ILE P 153 21.62 -56.97 -59.40
CA ILE P 153 22.51 -57.47 -60.45
C ILE P 153 21.71 -57.69 -61.72
N ARG P 154 22.12 -57.03 -62.79
CA ARG P 154 21.46 -57.07 -64.09
C ARG P 154 22.13 -58.09 -64.98
N VAL P 155 21.34 -58.97 -65.59
CA VAL P 155 21.88 -60.01 -66.47
C VAL P 155 21.89 -59.51 -67.90
N VAL P 156 22.73 -60.13 -68.74
CA VAL P 156 22.82 -59.85 -70.17
C VAL P 156 22.78 -61.20 -70.88
N LYS P 157 22.13 -61.24 -72.05
CA LYS P 157 22.08 -62.44 -72.89
C LYS P 157 23.47 -62.90 -73.32
N ASP P 158 24.15 -62.09 -74.12
CA ASP P 158 25.48 -62.40 -74.63
C ASP P 158 26.37 -61.19 -74.43
N LEU P 159 27.20 -61.25 -73.38
CA LEU P 159 28.15 -60.18 -73.07
C LEU P 159 29.59 -60.65 -73.15
N SER P 160 29.84 -61.87 -73.66
CA SER P 160 31.08 -62.61 -73.44
C SER P 160 32.31 -61.89 -73.99
N SER P 161 32.16 -61.21 -75.13
CA SER P 161 33.23 -60.35 -75.61
C SER P 161 33.20 -58.99 -74.92
N GLU P 162 32.01 -58.50 -74.61
CA GLU P 162 31.82 -57.15 -74.08
C GLU P 162 32.05 -57.06 -72.58
N GLU P 163 31.96 -58.16 -71.83
CA GLU P 163 31.99 -58.07 -70.37
C GLU P 163 33.39 -57.75 -69.85
N LEU P 164 34.42 -57.95 -70.69
CA LEU P 164 35.76 -57.47 -70.32
C LEU P 164 35.80 -55.96 -70.23
N ALA P 165 35.31 -55.27 -71.26
CA ALA P 165 35.25 -53.80 -71.23
C ALA P 165 34.24 -53.31 -70.19
N ALA P 166 33.16 -54.08 -70.00
CA ALA P 166 32.13 -53.72 -69.02
C ALA P 166 32.69 -53.79 -67.60
N PHE P 167 33.42 -54.86 -67.27
CA PHE P 167 34.06 -54.94 -65.96
C PHE P 167 35.17 -53.91 -65.79
N GLN P 168 35.96 -53.68 -66.84
CA GLN P 168 37.06 -52.71 -66.76
C GLN P 168 36.55 -51.28 -66.56
N LYS P 169 35.41 -50.94 -67.16
CA LYS P 169 34.81 -49.64 -66.88
C LYS P 169 34.14 -49.61 -65.51
N GLU P 170 33.38 -50.67 -65.19
CA GLU P 170 32.46 -50.59 -64.06
C GLU P 170 33.18 -50.76 -62.73
N ARG P 171 34.34 -51.41 -62.72
CA ARG P 171 35.12 -51.48 -61.48
C ARG P 171 35.64 -50.09 -61.08
N ALA P 172 36.16 -49.33 -62.04
CA ALA P 172 36.60 -47.97 -61.75
C ALA P 172 35.43 -47.05 -61.42
N LEU P 173 34.32 -47.16 -62.17
CA LEU P 173 33.12 -46.37 -61.90
C LEU P 173 32.54 -46.66 -60.52
N PHE P 174 32.49 -47.93 -60.12
CA PHE P 174 31.92 -48.27 -58.83
C PHE P 174 32.91 -48.05 -57.70
N LEU P 175 34.21 -48.04 -57.99
CA LEU P 175 35.19 -47.59 -57.00
C LEU P 175 35.00 -46.11 -56.70
N ALA P 176 34.79 -45.30 -57.73
CA ALA P 176 34.49 -43.89 -57.54
C ALA P 176 33.16 -43.69 -56.82
N ALA P 177 32.16 -44.49 -57.17
CA ALA P 177 30.85 -44.41 -56.53
C ALA P 177 30.91 -44.81 -55.06
N GLN P 178 31.67 -45.86 -54.73
CA GLN P 178 31.84 -46.28 -53.34
C GLN P 178 32.65 -45.28 -52.54
N ARG P 179 33.66 -44.65 -53.16
CA ARG P 179 34.40 -43.59 -52.48
C ARG P 179 33.51 -42.37 -52.21
N GLU P 180 32.67 -42.00 -53.16
CA GLU P 180 31.73 -40.89 -52.96
C GLU P 180 30.69 -41.23 -51.89
N ALA P 181 30.20 -42.46 -51.88
CA ALA P 181 29.26 -42.91 -50.84
C ALA P 181 29.90 -42.93 -49.46
N ASP P 182 31.16 -43.37 -49.36
CA ASP P 182 31.86 -43.34 -48.08
C ASP P 182 32.12 -41.92 -47.60
N LEU P 183 32.48 -41.01 -48.53
CA LEU P 183 32.67 -39.61 -48.17
C LEU P 183 31.37 -38.96 -47.72
N ALA P 184 30.27 -39.25 -48.41
CA ALA P 184 28.95 -38.76 -48.00
C ALA P 184 28.49 -39.32 -46.67
N ALA P 185 28.74 -40.60 -46.40
CA ALA P 185 28.43 -41.19 -45.10
C ALA P 185 29.27 -40.60 -43.97
N GLN P 186 30.55 -40.35 -44.22
CA GLN P 186 31.40 -39.70 -43.23
C GLN P 186 30.95 -38.26 -42.97
N ALA P 187 30.58 -37.53 -44.01
CA ALA P 187 30.06 -36.17 -43.85
C ALA P 187 28.73 -36.15 -43.10
N GLU P 188 27.83 -37.09 -43.39
CA GLU P 188 26.58 -37.22 -42.65
C GLU P 188 26.78 -37.59 -41.19
N ALA P 189 27.73 -38.50 -40.90
CA ALA P 189 28.04 -38.83 -39.51
C ALA P 189 28.69 -37.67 -38.77
N ALA P 190 29.51 -36.87 -39.46
CA ALA P 190 30.10 -35.68 -38.85
C ALA P 190 29.06 -34.59 -38.59
N LYS P 191 28.10 -34.42 -39.51
CA LYS P 191 27.06 -33.42 -39.34
C LYS P 191 25.93 -33.89 -38.42
N LYS P 192 25.84 -35.17 -38.13
CA LYS P 192 24.82 -35.69 -37.22
C LYS P 192 25.37 -35.82 -35.80
N ASP Q 110 26.79 -26.03 -22.61
CA ASP Q 110 26.17 -24.75 -22.33
C ASP Q 110 26.37 -24.35 -20.86
N LEU Q 111 27.46 -23.65 -20.58
CA LEU Q 111 27.96 -23.44 -19.22
C LEU Q 111 28.29 -21.97 -19.01
N ILE Q 112 28.39 -21.57 -17.73
CA ILE Q 112 28.65 -20.18 -17.34
C ILE Q 112 29.91 -20.15 -16.49
N LEU Q 113 30.86 -19.30 -16.89
CA LEU Q 113 32.14 -19.16 -16.22
C LEU Q 113 32.13 -17.90 -15.36
N GLU Q 114 32.44 -18.04 -14.06
CA GLU Q 114 32.49 -16.92 -13.13
C GLU Q 114 33.88 -16.88 -12.50
N VAL Q 115 34.70 -15.91 -12.88
CA VAL Q 115 36.04 -15.80 -12.31
C VAL Q 115 36.07 -14.63 -11.32
N THR Q 116 36.62 -14.89 -10.13
CA THR Q 116 36.67 -13.91 -9.06
C THR Q 116 38.03 -14.02 -8.35
N ALA Q 117 38.63 -12.87 -8.04
CA ALA Q 117 39.93 -12.83 -7.38
C ALA Q 117 39.72 -12.77 -5.87
N GLY Q 118 39.94 -13.89 -5.17
CA GLY Q 118 39.64 -13.91 -3.76
C GLY Q 118 40.65 -13.20 -2.87
N VAL Q 119 41.85 -13.76 -2.77
CA VAL Q 119 42.85 -13.30 -1.81
C VAL Q 119 44.10 -12.87 -2.57
N GLY Q 120 44.58 -11.66 -2.29
CA GLY Q 120 45.81 -11.16 -2.86
C GLY Q 120 45.76 -9.74 -3.36
N GLY Q 121 44.57 -9.17 -3.55
CA GLY Q 121 44.49 -7.82 -4.06
C GLY Q 121 44.84 -7.75 -5.52
N GLN Q 122 45.70 -6.78 -5.85
CA GLN Q 122 46.03 -6.47 -7.25
C GLN Q 122 46.70 -7.63 -7.96
N GLU Q 123 47.53 -8.38 -7.23
CA GLU Q 123 48.13 -9.61 -7.75
C GLU Q 123 47.06 -10.65 -8.09
N ALA Q 124 46.05 -10.78 -7.24
CA ALA Q 124 44.97 -11.72 -7.50
C ALA Q 124 44.13 -11.33 -8.72
N MET Q 125 43.86 -10.03 -8.86
CA MET Q 125 43.13 -9.57 -10.05
C MET Q 125 43.96 -9.73 -11.34
N LEU Q 126 45.27 -9.52 -11.26
CA LEU Q 126 46.15 -9.80 -12.40
C LEU Q 126 46.14 -11.29 -12.77
N PHE Q 127 46.13 -12.14 -11.74
CA PHE Q 127 46.07 -13.60 -11.92
C PHE Q 127 44.76 -13.96 -12.62
N THR Q 128 43.67 -13.32 -12.19
CA THR Q 128 42.35 -13.55 -12.76
C THR Q 128 42.29 -13.13 -14.22
N SER Q 129 42.89 -11.99 -14.55
CA SER Q 129 42.93 -11.52 -15.94
C SER Q 129 43.73 -12.47 -16.83
N GLU Q 130 44.87 -12.97 -16.32
CA GLU Q 130 45.67 -13.94 -17.06
C GLU Q 130 44.90 -15.23 -17.33
N ILE Q 131 44.16 -15.72 -16.33
CA ILE Q 131 43.47 -17.00 -16.51
C ILE Q 131 42.18 -16.81 -17.31
N PHE Q 132 41.63 -15.60 -17.30
CA PHE Q 132 40.50 -15.31 -18.18
C PHE Q 132 40.93 -15.31 -19.64
N ASP Q 133 42.11 -14.72 -19.90
CA ASP Q 133 42.70 -14.81 -21.25
C ASP Q 133 43.01 -16.25 -21.61
N MET Q 134 43.50 -17.03 -20.64
CA MET Q 134 43.76 -18.46 -20.79
C MET Q 134 42.53 -19.27 -21.19
N TYR Q 135 41.40 -19.04 -20.51
CA TYR Q 135 40.20 -19.80 -20.83
C TYR Q 135 39.55 -19.31 -22.12
N GLN Q 136 39.71 -18.02 -22.43
CA GLN Q 136 39.31 -17.47 -23.73
C GLN Q 136 40.04 -18.16 -24.86
N GLN Q 137 41.36 -18.27 -24.73
CA GLN Q 137 42.17 -18.85 -25.81
C GLN Q 137 42.03 -20.37 -25.82
N TYR Q 138 41.70 -20.97 -24.68
CA TYR Q 138 41.35 -22.38 -24.64
C TYR Q 138 40.04 -22.66 -25.39
N ALA Q 139 39.05 -21.80 -25.22
CA ALA Q 139 37.80 -21.94 -25.98
C ALA Q 139 38.03 -21.71 -27.47
N ALA Q 140 38.90 -20.75 -27.81
CA ALA Q 140 39.26 -20.52 -29.21
C ALA Q 140 40.00 -21.72 -29.81
N PHE Q 141 40.87 -22.37 -29.04
CA PHE Q 141 41.52 -23.58 -29.50
C PHE Q 141 40.55 -24.74 -29.64
N LYS Q 142 39.62 -24.90 -28.69
CA LYS Q 142 38.64 -25.98 -28.72
C LYS Q 142 37.37 -25.59 -29.46
N ARG Q 143 37.43 -24.55 -30.30
CA ARG Q 143 36.39 -24.06 -31.24
C ARG Q 143 35.01 -23.93 -30.59
N TRP Q 144 35.00 -23.46 -29.35
CA TRP Q 144 33.76 -23.28 -28.61
C TRP Q 144 33.23 -21.86 -28.75
N HIS Q 145 31.91 -21.73 -28.71
CA HIS Q 145 31.28 -20.42 -28.74
C HIS Q 145 31.52 -19.72 -27.41
N PHE Q 146 32.16 -18.55 -27.46
CA PHE Q 146 32.58 -17.82 -26.28
C PHE Q 146 31.94 -16.44 -26.31
N GLU Q 147 31.29 -16.04 -25.22
CA GLU Q 147 30.87 -14.65 -25.06
C GLU Q 147 31.23 -14.16 -23.67
N THR Q 148 31.50 -12.86 -23.57
CA THR Q 148 31.74 -12.20 -22.30
C THR Q 148 30.46 -11.48 -21.88
N LEU Q 149 29.79 -12.02 -20.86
CA LEU Q 149 28.52 -11.43 -20.42
C LEU Q 149 28.74 -10.14 -19.64
N GLU Q 150 29.72 -10.12 -18.74
CA GLU Q 150 30.10 -8.89 -18.05
C GLU Q 150 31.59 -8.96 -17.74
N TYR Q 151 32.19 -7.78 -17.53
CA TYR Q 151 33.63 -7.65 -17.34
C TYR Q 151 33.87 -6.48 -16.41
N PHE Q 152 34.54 -6.72 -15.29
CA PHE Q 152 34.77 -5.72 -14.24
C PHE Q 152 36.28 -5.55 -14.02
N PRO Q 153 36.91 -4.65 -14.76
CA PRO Q 153 38.35 -4.43 -14.59
C PRO Q 153 38.65 -3.69 -13.30
N SER Q 154 39.76 -4.05 -12.67
CA SER Q 154 40.31 -3.23 -11.61
C SER Q 154 41.30 -2.23 -12.21
N GLU Q 155 42.03 -1.52 -11.34
CA GLU Q 155 42.95 -0.49 -11.80
C GLU Q 155 44.16 -1.20 -12.40
N LEU Q 156 44.74 -0.62 -13.46
CA LEU Q 156 45.70 -1.24 -14.40
C LEU Q 156 44.98 -2.41 -15.07
N GLY Q 157 45.63 -3.55 -15.27
CA GLY Q 157 45.08 -4.58 -16.15
C GLY Q 157 44.42 -5.73 -15.40
N GLY Q 158 44.15 -5.54 -14.11
CA GLY Q 158 43.58 -6.62 -13.33
C GLY Q 158 42.11 -6.84 -13.64
N LEU Q 159 41.56 -7.92 -13.09
CA LEU Q 159 40.18 -8.30 -13.30
C LEU Q 159 39.57 -8.80 -11.99
N ARG Q 160 38.51 -8.12 -11.54
CA ARG Q 160 37.86 -8.46 -10.29
C ARG Q 160 36.87 -9.63 -10.45
N HIS Q 161 35.83 -9.42 -11.25
CA HIS Q 161 34.78 -10.41 -11.44
C HIS Q 161 34.39 -10.41 -12.91
N ALA Q 162 34.34 -11.59 -13.50
CA ALA Q 162 33.93 -11.67 -14.90
C ALA Q 162 33.11 -12.93 -15.12
N SER Q 163 32.26 -12.88 -16.14
CA SER Q 163 31.39 -13.99 -16.48
C SER Q 163 31.41 -14.21 -17.99
N ALA Q 164 31.41 -15.47 -18.37
CA ALA Q 164 31.47 -15.88 -19.76
C ALA Q 164 30.42 -16.96 -20.02
N SER Q 165 29.91 -16.99 -21.25
CA SER Q 165 29.03 -18.04 -21.71
C SER Q 165 29.78 -18.94 -22.69
N ILE Q 166 29.71 -20.24 -22.42
CA ILE Q 166 30.39 -21.30 -23.16
C ILE Q 166 29.33 -22.11 -23.91
N GLY Q 167 29.60 -22.38 -25.18
CA GLY Q 167 28.76 -23.30 -25.93
C GLY Q 167 29.61 -24.23 -26.76
N GLY Q 168 29.10 -25.45 -26.94
CA GLY Q 168 29.79 -26.47 -27.69
C GLY Q 168 29.59 -27.85 -27.10
N SER Q 169 30.33 -28.80 -27.66
CA SER Q 169 30.17 -30.21 -27.31
C SER Q 169 31.08 -30.59 -26.14
N GLU Q 170 30.53 -31.38 -25.21
CA GLU Q 170 31.26 -32.05 -24.12
C GLU Q 170 31.90 -31.06 -23.14
N ALA Q 171 31.41 -29.82 -23.15
CA ALA Q 171 31.87 -28.84 -22.18
C ALA Q 171 31.34 -29.14 -20.79
N TYR Q 172 30.11 -29.68 -20.72
CA TYR Q 172 29.50 -30.22 -19.52
C TYR Q 172 30.32 -31.33 -18.89
N ARG Q 173 30.99 -32.13 -19.72
CA ARG Q 173 31.85 -33.21 -19.24
C ARG Q 173 33.26 -32.69 -18.92
N HIS Q 174 33.65 -31.59 -19.57
CA HIS Q 174 35.04 -31.14 -19.49
C HIS Q 174 35.29 -30.21 -18.30
N MET Q 175 34.46 -29.18 -18.16
CA MET Q 175 34.91 -27.98 -17.44
C MET Q 175 34.80 -28.06 -15.92
N LYS Q 176 34.02 -29.01 -15.37
CA LYS Q 176 33.85 -29.06 -13.91
C LYS Q 176 35.12 -29.43 -13.16
N PHE Q 177 36.04 -30.16 -13.76
CA PHE Q 177 37.34 -30.36 -13.14
C PHE Q 177 38.35 -29.27 -13.49
N GLU Q 178 37.97 -28.30 -14.30
CA GLU Q 178 38.76 -27.09 -14.51
C GLU Q 178 38.27 -25.92 -13.66
N GLY Q 179 37.27 -26.14 -12.81
CA GLY Q 179 36.69 -25.08 -12.01
C GLY Q 179 37.34 -24.95 -10.64
N GLY Q 180 36.56 -24.40 -9.71
CA GLY Q 180 36.98 -24.31 -8.32
C GLY Q 180 37.98 -23.19 -8.03
N VAL Q 181 38.89 -23.50 -7.12
CA VAL Q 181 39.83 -22.52 -6.60
C VAL Q 181 41.24 -22.85 -7.11
N HIS Q 182 42.02 -21.81 -7.40
CA HIS Q 182 43.36 -21.94 -7.96
C HIS Q 182 44.35 -21.17 -7.10
N ARG Q 183 45.60 -21.59 -7.10
CA ARG Q 183 46.64 -20.98 -6.27
C ARG Q 183 47.83 -20.58 -7.14
N VAL Q 184 48.49 -19.49 -6.76
CA VAL Q 184 49.70 -19.04 -7.45
C VAL Q 184 50.78 -18.81 -6.41
N GLN Q 185 52.02 -19.15 -6.74
CA GLN Q 185 53.19 -18.70 -6.01
C GLN Q 185 54.11 -18.00 -7.00
N ARG Q 186 54.11 -16.67 -6.96
CA ARG Q 186 54.97 -15.89 -7.86
C ARG Q 186 55.34 -14.58 -7.17
N VAL Q 187 56.35 -13.92 -7.72
CA VAL Q 187 56.70 -12.55 -7.35
C VAL Q 187 55.73 -11.63 -8.10
N PRO Q 188 54.92 -10.84 -7.40
CA PRO Q 188 53.99 -9.93 -8.11
C PRO Q 188 54.73 -8.79 -8.78
N LYS Q 189 54.14 -8.31 -9.88
CA LYS Q 189 54.70 -7.16 -10.59
C LYS Q 189 54.46 -5.86 -9.84
N THR Q 190 53.48 -5.82 -8.94
CA THR Q 190 53.12 -4.61 -8.22
C THR Q 190 53.93 -4.39 -6.95
N GLU Q 191 54.67 -5.39 -6.49
CA GLU Q 191 55.35 -5.27 -5.21
C GLU Q 191 56.61 -4.44 -5.40
N LYS Q 192 56.85 -3.51 -4.47
CA LYS Q 192 58.01 -2.63 -4.54
C LYS Q 192 59.30 -3.38 -4.19
N GLN Q 193 59.24 -4.20 -3.14
CA GLN Q 193 60.39 -4.99 -2.71
C GLN Q 193 60.41 -6.32 -3.48
N GLY Q 194 61.43 -7.13 -3.25
CA GLY Q 194 61.46 -8.46 -3.83
C GLY Q 194 61.11 -9.54 -2.81
N ARG Q 195 59.89 -10.05 -2.93
CA ARG Q 195 59.36 -11.12 -2.08
C ARG Q 195 58.44 -11.98 -2.94
N VAL Q 196 58.19 -13.20 -2.46
CA VAL Q 196 57.32 -14.15 -3.14
C VAL Q 196 56.02 -14.23 -2.34
N HIS Q 197 54.88 -14.02 -3.02
CA HIS Q 197 53.58 -14.08 -2.37
C HIS Q 197 52.71 -15.16 -2.97
N THR Q 198 51.74 -15.59 -2.17
CA THR Q 198 50.74 -16.57 -2.57
C THR Q 198 49.37 -15.91 -2.60
N SER Q 199 48.68 -16.05 -3.72
CA SER Q 199 47.36 -15.45 -3.90
C SER Q 199 46.35 -16.52 -4.27
N THR Q 200 45.07 -16.14 -4.32
CA THR Q 200 43.97 -17.08 -4.42
C THR Q 200 42.90 -16.54 -5.36
N MET Q 201 42.45 -17.39 -6.27
CA MET Q 201 41.39 -17.02 -7.22
C MET Q 201 40.41 -18.18 -7.29
N THR Q 202 39.13 -17.87 -7.50
CA THR Q 202 38.07 -18.86 -7.55
C THR Q 202 37.35 -18.83 -8.89
N VAL Q 203 36.99 -20.00 -9.39
CA VAL Q 203 36.22 -20.18 -10.62
C VAL Q 203 34.94 -20.91 -10.27
N ALA Q 204 33.81 -20.31 -10.61
CA ALA Q 204 32.49 -20.90 -10.41
C ALA Q 204 31.88 -21.27 -11.76
N ILE Q 205 31.56 -22.55 -11.93
CA ILE Q 205 31.02 -23.06 -13.19
C ILE Q 205 29.72 -23.78 -12.91
N LEU Q 206 28.66 -23.40 -13.63
CA LEU Q 206 27.36 -24.05 -13.54
C LEU Q 206 26.59 -23.85 -14.84
N PRO Q 207 25.58 -24.71 -15.13
CA PRO Q 207 24.78 -24.58 -16.37
C PRO Q 207 24.07 -23.25 -16.60
N GLN Q 208 23.51 -23.11 -17.80
CA GLN Q 208 22.73 -21.92 -18.17
C GLN Q 208 21.48 -21.80 -17.31
N PRO Q 209 21.07 -20.60 -16.93
CA PRO Q 209 19.67 -20.37 -16.56
C PRO Q 209 18.79 -20.60 -17.79
N THR Q 210 17.70 -21.33 -17.60
CA THR Q 210 16.83 -21.73 -18.69
C THR Q 210 15.55 -20.90 -18.67
N GLU Q 211 14.63 -21.26 -19.55
CA GLU Q 211 13.30 -20.66 -19.57
C GLU Q 211 12.56 -21.04 -18.29
N ILE Q 212 11.70 -20.12 -17.83
CA ILE Q 212 11.02 -20.27 -16.54
C ILE Q 212 9.97 -21.39 -16.54
N ASN Q 213 9.60 -21.89 -17.71
CA ASN Q 213 8.70 -23.04 -17.90
C ASN Q 213 7.32 -22.81 -17.29
N LEU Q 214 6.61 -21.84 -17.86
CA LEU Q 214 5.20 -21.65 -17.55
C LEU Q 214 4.36 -22.46 -18.53
N VAL Q 215 3.54 -23.36 -18.01
CA VAL Q 215 2.75 -24.27 -18.84
C VAL Q 215 1.46 -23.61 -19.32
N ILE Q 216 0.89 -22.69 -18.53
CA ILE Q 216 -0.42 -22.07 -18.71
C ILE Q 216 -1.48 -23.17 -18.84
N ASN Q 217 -1.79 -23.81 -17.71
CA ASN Q 217 -2.72 -24.94 -17.67
C ASN Q 217 -3.95 -24.51 -16.86
N PRO Q 218 -5.07 -24.21 -17.54
CA PRO Q 218 -6.28 -23.79 -16.81
C PRO Q 218 -6.98 -24.96 -16.12
N LYS Q 219 -6.63 -26.19 -16.50
CA LYS Q 219 -7.21 -27.39 -15.90
C LYS Q 219 -6.86 -27.55 -14.44
N ASP Q 220 -5.62 -27.23 -14.04
CA ASP Q 220 -5.21 -27.30 -12.64
C ASP Q 220 -5.45 -26.00 -11.90
N LEU Q 221 -6.39 -25.17 -12.36
CA LEU Q 221 -6.71 -23.88 -11.76
C LEU Q 221 -8.19 -23.88 -11.38
N ARG Q 222 -8.47 -23.79 -10.08
CA ARG Q 222 -9.84 -23.75 -9.60
C ARG Q 222 -10.20 -22.31 -9.27
N ILE Q 223 -11.28 -21.82 -9.88
CA ILE Q 223 -11.73 -20.44 -9.70
C ILE Q 223 -12.98 -20.47 -8.81
N ASP Q 224 -12.93 -19.72 -7.71
CA ASP Q 224 -14.02 -19.65 -6.76
C ASP Q 224 -14.48 -18.21 -6.61
N THR Q 225 -15.80 -18.00 -6.66
CA THR Q 225 -16.39 -16.68 -6.51
C THR Q 225 -17.15 -16.61 -5.18
N LYS Q 226 -16.81 -15.60 -4.39
CA LYS Q 226 -17.39 -15.44 -3.06
C LYS Q 226 -17.72 -13.98 -2.79
N ARG Q 227 -18.44 -13.72 -1.70
CA ARG Q 227 -18.88 -12.36 -1.38
C ARG Q 227 -17.70 -11.51 -0.95
N ALA Q 228 -17.62 -10.30 -1.49
CA ALA Q 228 -16.58 -9.36 -1.07
C ALA Q 228 -16.90 -8.80 0.31
N SER Q 229 -15.85 -8.33 0.97
CA SER Q 229 -15.96 -7.79 2.33
C SER Q 229 -15.67 -6.30 2.30
N GLY Q 230 -16.56 -5.52 2.91
CA GLY Q 230 -16.41 -4.09 2.97
C GLY Q 230 -17.68 -3.36 2.58
N ALA Q 231 -17.52 -2.06 2.34
CA ALA Q 231 -18.64 -1.19 2.00
C ALA Q 231 -19.09 -1.37 0.57
N GLY Q 232 -20.14 -0.66 0.17
CA GLY Q 232 -20.67 -0.77 -1.17
C GLY Q 232 -22.19 -0.83 -1.23
N GLY Q 233 -22.82 -0.72 -0.07
CA GLY Q 233 -24.27 -0.66 0.00
C GLY Q 233 -25.00 -1.95 -0.26
N GLN Q 234 -26.15 -1.85 -0.92
CA GLN Q 234 -27.01 -3.00 -1.22
C GLN Q 234 -26.39 -3.83 -2.34
N HIS Q 235 -25.56 -3.20 -3.16
CA HIS Q 235 -24.92 -3.86 -4.29
C HIS Q 235 -23.88 -4.87 -3.84
N VAL Q 236 -23.12 -4.55 -2.79
CA VAL Q 236 -22.02 -5.42 -2.37
C VAL Q 236 -22.56 -6.61 -1.57
N ASN Q 237 -23.77 -6.48 -1.03
CA ASN Q 237 -24.33 -7.54 -0.20
C ASN Q 237 -24.78 -8.74 -1.05
N THR Q 238 -25.29 -8.47 -2.24
CA THR Q 238 -25.84 -9.51 -3.11
C THR Q 238 -24.95 -9.79 -4.32
N THR Q 239 -24.15 -8.81 -4.74
CA THR Q 239 -23.18 -9.02 -5.82
C THR Q 239 -21.85 -9.45 -5.20
N ASP Q 240 -21.40 -10.66 -5.51
CA ASP Q 240 -20.22 -11.19 -4.86
C ASP Q 240 -18.94 -10.58 -5.41
N SER Q 241 -18.62 -10.85 -6.69
CA SER Q 241 -17.61 -10.14 -7.50
C SER Q 241 -16.22 -10.11 -6.85
N ALA Q 242 -15.87 -11.19 -6.15
CA ALA Q 242 -14.55 -11.35 -5.56
C ALA Q 242 -13.97 -12.67 -6.03
N VAL Q 243 -12.81 -12.64 -6.67
CA VAL Q 243 -12.27 -13.83 -7.32
C VAL Q 243 -11.13 -14.39 -6.48
N ARG Q 244 -11.28 -15.64 -6.06
CA ARG Q 244 -10.25 -16.33 -5.30
C ARG Q 244 -9.87 -17.60 -6.05
N ILE Q 245 -8.62 -17.68 -6.48
CA ILE Q 245 -8.14 -18.81 -7.27
C ILE Q 245 -7.07 -19.55 -6.48
N VAL Q 246 -6.99 -20.86 -6.73
CA VAL Q 246 -5.99 -21.71 -6.10
C VAL Q 246 -5.23 -22.47 -7.18
N HIS Q 247 -4.00 -22.86 -6.88
CA HIS Q 247 -3.22 -23.70 -7.79
C HIS Q 247 -3.13 -25.09 -7.16
N LEU Q 248 -3.85 -26.05 -7.74
CA LEU Q 248 -4.00 -27.41 -7.23
C LEU Q 248 -2.70 -28.23 -7.06
N PRO Q 249 -1.73 -28.23 -8.00
CA PRO Q 249 -0.51 -29.01 -7.70
C PRO Q 249 0.36 -28.40 -6.61
N THR Q 250 0.30 -27.08 -6.40
CA THR Q 250 1.17 -26.42 -5.45
C THR Q 250 0.47 -25.96 -4.18
N GLY Q 251 -0.87 -25.86 -4.18
CA GLY Q 251 -1.58 -25.42 -3.00
C GLY Q 251 -1.41 -23.96 -2.67
N VAL Q 252 -1.22 -23.11 -3.67
CA VAL Q 252 -0.94 -21.69 -3.49
C VAL Q 252 -2.21 -20.92 -3.84
N VAL Q 253 -2.65 -20.04 -2.93
CA VAL Q 253 -3.88 -19.28 -3.08
C VAL Q 253 -3.54 -17.88 -3.55
N SER Q 254 -4.51 -17.21 -4.19
CA SER Q 254 -4.48 -15.77 -4.40
C SER Q 254 -5.91 -15.25 -4.60
N GLU Q 255 -6.24 -14.19 -3.87
CA GLU Q 255 -7.58 -13.61 -3.88
C GLU Q 255 -7.50 -12.18 -4.38
N CYS Q 256 -8.65 -11.70 -4.86
CA CYS Q 256 -8.74 -10.36 -5.45
C CYS Q 256 -10.14 -9.82 -5.25
N GLN Q 257 -10.25 -8.72 -4.49
CA GLN Q 257 -11.48 -7.95 -4.32
C GLN Q 257 -11.14 -6.45 -4.39
N GLN Q 258 -11.11 -5.92 -5.62
CA GLN Q 258 -10.74 -4.53 -5.83
C GLN Q 258 -11.93 -3.70 -6.29
N GLU Q 259 -12.56 -4.12 -7.37
CA GLU Q 259 -13.60 -3.36 -8.03
C GLU Q 259 -14.93 -4.10 -7.97
N ARG Q 260 -15.96 -3.48 -8.55
CA ARG Q 260 -17.27 -4.10 -8.60
C ARG Q 260 -17.36 -5.19 -9.66
N SER Q 261 -16.38 -5.25 -10.56
CA SER Q 261 -16.46 -6.16 -11.70
C SER Q 261 -15.64 -7.43 -11.44
N GLN Q 262 -16.34 -8.57 -11.42
CA GLN Q 262 -15.73 -9.88 -11.33
C GLN Q 262 -14.76 -10.16 -12.48
N LEU Q 263 -15.00 -9.55 -13.65
CA LEU Q 263 -14.16 -9.75 -14.81
C LEU Q 263 -12.75 -9.18 -14.60
N LYS Q 264 -12.68 -7.91 -14.18
CA LYS Q 264 -11.37 -7.31 -13.93
C LYS Q 264 -10.75 -7.85 -12.65
N ASN Q 265 -11.59 -8.26 -11.69
CA ASN Q 265 -11.06 -8.95 -10.51
C ASN Q 265 -10.40 -10.27 -10.89
N LYS Q 266 -11.00 -11.02 -11.82
CA LYS Q 266 -10.42 -12.28 -12.27
C LYS Q 266 -9.15 -12.05 -13.08
N GLU Q 267 -9.13 -10.99 -13.90
CA GLU Q 267 -7.92 -10.66 -14.66
C GLU Q 267 -6.78 -10.26 -13.74
N LEU Q 268 -7.09 -9.48 -12.69
CA LEU Q 268 -6.09 -9.10 -11.70
C LEU Q 268 -5.62 -10.31 -10.91
N ALA Q 269 -6.52 -11.26 -10.65
CA ALA Q 269 -6.13 -12.51 -10.00
C ALA Q 269 -5.21 -13.35 -10.87
N MET Q 270 -5.47 -13.41 -12.18
CA MET Q 270 -4.57 -14.07 -13.13
C MET Q 270 -3.19 -13.42 -13.11
N THR Q 271 -3.13 -12.09 -13.17
CA THR Q 271 -1.85 -11.38 -13.16
C THR Q 271 -1.09 -11.59 -11.85
N LYS Q 272 -1.80 -11.53 -10.72
CA LYS Q 272 -1.18 -11.68 -9.41
C LYS Q 272 -0.64 -13.10 -9.22
N LEU Q 273 -1.43 -14.11 -9.59
CA LEU Q 273 -0.98 -15.49 -9.47
C LEU Q 273 0.18 -15.78 -10.40
N ARG Q 274 0.12 -15.27 -11.64
CA ARG Q 274 1.20 -15.49 -12.60
C ARG Q 274 2.51 -14.86 -12.13
N ALA Q 275 2.42 -13.64 -11.58
CA ALA Q 275 3.60 -12.96 -11.06
C ALA Q 275 4.16 -13.67 -9.83
N LYS Q 276 3.27 -14.20 -8.97
CA LYS Q 276 3.74 -14.79 -7.72
C LYS Q 276 4.39 -16.15 -7.96
N LEU Q 277 3.81 -16.99 -8.83
CA LEU Q 277 4.47 -18.23 -9.20
C LEU Q 277 5.75 -17.98 -9.99
N TYR Q 278 5.75 -16.95 -10.85
CA TYR Q 278 6.97 -16.58 -11.57
C TYR Q 278 8.07 -16.18 -10.60
N SER Q 279 7.72 -15.38 -9.59
CA SER Q 279 8.68 -14.96 -8.57
C SER Q 279 9.22 -16.12 -7.74
N MET Q 280 8.37 -17.06 -7.32
CA MET Q 280 8.89 -18.17 -6.51
C MET Q 280 9.75 -19.12 -7.35
N HIS Q 281 9.46 -19.23 -8.66
CA HIS Q 281 10.38 -19.96 -9.53
C HIS Q 281 11.73 -19.26 -9.65
N LEU Q 282 11.75 -17.91 -9.72
CA LEU Q 282 13.03 -17.19 -9.72
C LEU Q 282 13.79 -17.40 -8.41
N GLU Q 283 13.09 -17.39 -7.27
CA GLU Q 283 13.75 -17.62 -5.99
C GLU Q 283 14.35 -19.03 -5.91
N GLU Q 284 13.63 -20.04 -6.39
CA GLU Q 284 14.18 -21.40 -6.31
C GLU Q 284 15.35 -21.59 -7.27
N GLU Q 285 15.33 -20.91 -8.43
CA GLU Q 285 16.47 -21.02 -9.34
C GLU Q 285 17.70 -20.28 -8.80
N ILE Q 286 17.51 -19.10 -8.20
CA ILE Q 286 18.66 -18.37 -7.67
C ILE Q 286 19.17 -19.06 -6.40
N ASN Q 287 18.28 -19.76 -5.70
CA ASN Q 287 18.70 -20.54 -4.53
C ASN Q 287 19.55 -21.74 -4.97
N LYS Q 288 19.15 -22.40 -6.06
CA LYS Q 288 19.94 -23.50 -6.60
C LYS Q 288 21.29 -23.01 -7.11
N ARG Q 289 21.32 -21.83 -7.74
CA ARG Q 289 22.57 -21.24 -8.20
C ARG Q 289 23.51 -20.95 -7.03
N GLN Q 290 22.95 -20.39 -5.94
CA GLN Q 290 23.75 -20.13 -4.74
C GLN Q 290 24.27 -21.40 -4.09
N ASN Q 291 23.44 -22.45 -4.02
CA ASN Q 291 23.89 -23.71 -3.44
C ASN Q 291 25.02 -24.33 -4.27
N ALA Q 292 24.89 -24.28 -5.61
CA ALA Q 292 25.92 -24.83 -6.48
C ALA Q 292 27.24 -24.07 -6.34
N ARG Q 293 27.19 -22.74 -6.33
CA ARG Q 293 28.40 -21.94 -6.15
C ARG Q 293 29.01 -22.13 -4.77
N LYS Q 294 28.17 -22.28 -3.75
CA LYS Q 294 28.68 -22.39 -2.39
C LYS Q 294 29.28 -23.78 -2.13
N ILE Q 295 28.80 -24.82 -2.81
CA ILE Q 295 29.42 -26.13 -2.60
C ILE Q 295 30.65 -26.27 -3.49
N GLN Q 296 30.72 -25.54 -4.60
CA GLN Q 296 31.86 -25.75 -5.48
C GLN Q 296 33.04 -24.88 -5.08
N ILE Q 297 32.80 -23.63 -4.65
CA ILE Q 297 33.86 -22.81 -4.09
C ILE Q 297 33.48 -22.42 -2.67
N GLY Q 298 34.47 -22.41 -1.78
CA GLY Q 298 34.20 -22.15 -0.38
C GLY Q 298 35.18 -21.25 0.33
N SER Q 299 34.67 -20.12 0.86
CA SER Q 299 35.33 -19.24 1.82
C SER Q 299 36.64 -18.59 1.35
N LYS Q 300 36.95 -18.69 0.06
CA LYS Q 300 38.08 -18.05 -0.63
C LYS Q 300 39.44 -18.43 -0.04
N GLY Q 301 39.55 -19.58 0.61
CA GLY Q 301 40.74 -19.86 1.40
C GLY Q 301 41.86 -20.42 0.55
N ARG Q 302 43.09 -20.36 1.11
CA ARG Q 302 44.24 -20.93 0.43
C ARG Q 302 44.28 -22.45 0.54
N SER Q 303 43.87 -22.99 1.70
CA SER Q 303 43.88 -24.43 1.91
C SER Q 303 42.62 -25.12 1.39
N GLU Q 304 42.24 -24.83 0.15
CA GLU Q 304 41.16 -25.51 -0.54
C GLU Q 304 41.57 -25.94 -1.93
N LYS Q 305 42.87 -25.83 -2.26
CA LYS Q 305 43.34 -25.63 -3.63
C LYS Q 305 43.12 -26.86 -4.52
N ILE Q 306 42.86 -26.60 -5.79
CA ILE Q 306 42.79 -27.62 -6.82
C ILE Q 306 44.11 -27.72 -7.56
N ARG Q 307 44.61 -26.60 -8.08
CA ARG Q 307 45.87 -26.60 -8.79
C ARG Q 307 46.67 -25.36 -8.47
N THR Q 308 47.99 -25.52 -8.51
CA THR Q 308 48.96 -24.53 -8.04
C THR Q 308 49.91 -24.19 -9.17
N TYR Q 309 50.10 -22.89 -9.40
CA TYR Q 309 50.96 -22.35 -10.45
C TYR Q 309 52.18 -21.72 -9.78
N ASN Q 310 53.33 -22.37 -9.88
CA ASN Q 310 54.54 -21.88 -9.22
C ASN Q 310 55.40 -21.28 -10.32
N PHE Q 311 55.53 -19.95 -10.32
CA PHE Q 311 56.25 -19.28 -11.41
C PHE Q 311 57.77 -19.29 -11.27
N PRO Q 312 58.40 -19.00 -10.10
CA PRO Q 312 59.88 -19.04 -10.08
C PRO Q 312 60.49 -20.41 -10.29
N GLN Q 313 59.78 -21.48 -9.99
CA GLN Q 313 60.26 -22.81 -10.30
C GLN Q 313 59.48 -23.50 -11.41
N ASN Q 314 58.61 -22.76 -12.11
CA ASN Q 314 58.11 -23.11 -13.43
C ASN Q 314 57.28 -24.41 -13.41
N ARG Q 315 56.25 -24.47 -12.59
CA ARG Q 315 55.55 -25.70 -12.28
C ARG Q 315 54.04 -25.50 -12.27
N VAL Q 316 53.31 -26.52 -12.70
CA VAL Q 316 51.86 -26.62 -12.55
C VAL Q 316 51.56 -27.94 -11.86
N THR Q 317 50.85 -27.88 -10.73
CA THR Q 317 50.56 -29.08 -9.95
C THR Q 317 49.07 -29.22 -9.74
N ASP Q 318 48.51 -30.37 -10.10
CA ASP Q 318 47.13 -30.71 -9.79
C ASP Q 318 47.13 -31.74 -8.67
N HIS Q 319 46.30 -31.50 -7.64
CA HIS Q 319 46.39 -32.27 -6.41
C HIS Q 319 45.34 -33.36 -6.26
N ARG Q 320 44.23 -33.32 -7.01
CA ARG Q 320 43.33 -34.47 -7.03
C ARG Q 320 43.99 -35.65 -7.73
N ILE Q 321 44.66 -35.37 -8.85
CA ILE Q 321 45.38 -36.39 -9.60
C ILE Q 321 46.87 -36.35 -9.33
N ASN Q 322 47.36 -35.33 -8.61
CA ASN Q 322 48.74 -35.18 -8.15
C ASN Q 322 49.75 -35.21 -9.29
N LYS Q 323 49.40 -34.55 -10.39
CA LYS Q 323 50.12 -34.66 -11.65
C LYS Q 323 50.69 -33.29 -12.02
N THR Q 324 51.87 -33.30 -12.63
CA THR Q 324 52.76 -32.14 -12.66
C THR Q 324 53.19 -31.85 -14.09
N LEU Q 325 53.21 -30.57 -14.47
CA LEU Q 325 53.81 -30.10 -15.70
C LEU Q 325 54.90 -29.08 -15.37
N HIS Q 326 55.94 -28.99 -16.20
CA HIS Q 326 56.87 -27.87 -16.12
C HIS Q 326 57.05 -27.24 -17.50
N ASP Q 327 56.07 -26.46 -17.94
CA ASP Q 327 56.34 -25.52 -19.03
C ASP Q 327 55.84 -24.13 -18.66
N LEU Q 328 54.56 -24.04 -18.28
CA LEU Q 328 53.84 -22.90 -17.70
C LEU Q 328 53.69 -21.70 -18.64
N GLU Q 329 54.32 -21.71 -19.82
CA GLU Q 329 54.18 -20.61 -20.77
C GLU Q 329 53.25 -21.00 -21.89
N THR Q 330 53.41 -22.22 -22.42
CA THR Q 330 52.47 -22.72 -23.42
C THR Q 330 51.15 -23.13 -22.78
N PHE Q 331 51.15 -23.35 -21.46
CA PHE Q 331 49.94 -23.74 -20.76
C PHE Q 331 48.95 -22.59 -20.65
N MET Q 332 49.42 -21.35 -20.78
CA MET Q 332 48.58 -20.18 -20.57
C MET Q 332 47.74 -19.79 -21.78
N GLN Q 333 47.86 -20.50 -22.91
CA GLN Q 333 46.97 -20.29 -24.04
C GLN Q 333 46.03 -21.47 -24.31
N GLY Q 334 45.96 -22.44 -23.40
CA GLY Q 334 45.03 -23.54 -23.56
C GLY Q 334 45.33 -24.49 -24.70
N ASP Q 335 46.58 -24.92 -24.84
CA ASP Q 335 46.98 -25.79 -25.93
C ASP Q 335 46.84 -27.26 -25.53
N TYR Q 336 47.56 -28.12 -26.26
CA TYR Q 336 47.49 -29.57 -26.08
C TYR Q 336 47.91 -30.01 -24.68
N LEU Q 337 48.71 -29.20 -23.97
CA LEU Q 337 49.05 -29.51 -22.58
C LEU Q 337 47.83 -29.42 -21.67
N LEU Q 338 47.04 -28.34 -21.82
CA LEU Q 338 45.77 -28.25 -21.11
C LEU Q 338 44.80 -29.32 -21.58
N ASP Q 339 44.87 -29.69 -22.87
CA ASP Q 339 44.02 -30.76 -23.38
C ASP Q 339 44.33 -32.10 -22.71
N GLU Q 340 45.62 -32.45 -22.56
CA GLU Q 340 45.94 -33.74 -21.96
C GLU Q 340 45.71 -33.69 -20.46
N LEU Q 341 45.84 -32.51 -19.85
CA LEU Q 341 45.52 -32.38 -18.42
C LEU Q 341 44.02 -32.57 -18.16
N VAL Q 342 43.17 -31.99 -19.01
CA VAL Q 342 41.73 -32.12 -18.77
C VAL Q 342 41.26 -33.52 -19.16
N GLN Q 343 41.95 -34.17 -20.11
CA GLN Q 343 41.67 -35.58 -20.37
C GLN Q 343 42.14 -36.47 -19.22
N SER Q 344 43.25 -36.13 -18.56
CA SER Q 344 43.67 -36.87 -17.38
C SER Q 344 42.66 -36.73 -16.25
N LEU Q 345 42.12 -35.51 -16.06
CA LEU Q 345 41.07 -35.30 -15.07
C LEU Q 345 39.81 -36.10 -15.41
N LYS Q 346 39.43 -36.13 -16.68
CA LYS Q 346 38.24 -36.88 -17.10
C LYS Q 346 38.42 -38.38 -16.91
N GLU Q 347 39.60 -38.91 -17.26
CA GLU Q 347 39.80 -40.36 -17.13
C GLU Q 347 39.98 -40.75 -15.66
N TYR Q 348 40.52 -39.85 -14.83
CA TYR Q 348 40.58 -40.11 -13.39
C TYR Q 348 39.18 -40.11 -12.78
N ALA Q 349 38.32 -39.19 -13.23
CA ALA Q 349 36.94 -39.15 -12.76
C ALA Q 349 36.18 -40.41 -13.16
N ASP Q 350 36.36 -40.83 -14.42
CA ASP Q 350 35.68 -42.03 -14.91
C ASP Q 350 36.19 -43.28 -14.20
N TYR Q 351 37.51 -43.36 -13.98
CA TYR Q 351 38.10 -44.51 -13.28
C TYR Q 351 37.64 -44.59 -11.83
N GLU Q 352 37.56 -43.44 -11.16
CA GLU Q 352 37.14 -43.41 -9.75
C GLU Q 352 35.66 -43.75 -9.63
N SER Q 353 34.84 -43.24 -10.56
CA SER Q 353 33.42 -43.56 -10.56
C SER Q 353 33.18 -45.04 -10.84
N LEU Q 354 33.92 -45.62 -11.79
CA LEU Q 354 33.73 -47.03 -12.11
C LEU Q 354 34.23 -47.93 -10.98
N VAL Q 355 35.33 -47.57 -10.32
CA VAL Q 355 35.80 -48.43 -9.23
C VAL Q 355 34.90 -48.27 -8.00
N GLU Q 356 34.23 -47.13 -7.85
CA GLU Q 356 33.19 -47.06 -6.83
C GLU Q 356 31.94 -47.85 -7.19
N ILE Q 357 31.59 -47.94 -8.48
CA ILE Q 357 30.34 -48.61 -8.85
C ILE Q 357 30.50 -50.13 -8.90
N ILE Q 358 31.42 -50.63 -9.73
CA ILE Q 358 31.43 -52.08 -9.96
C ILE Q 358 32.14 -52.86 -8.86
N SER Q 359 32.86 -52.18 -7.97
CA SER Q 359 33.53 -52.86 -6.87
C SER Q 359 32.91 -52.49 -5.54
N SER R 2 -100.85 -40.42 -31.00
CA SER R 2 -100.50 -39.03 -31.26
C SER R 2 -101.29 -38.08 -30.38
N SER R 3 -102.43 -38.56 -29.87
CA SER R 3 -103.34 -37.76 -29.06
C SER R 3 -103.21 -38.20 -27.61
N PHE R 4 -102.40 -37.48 -26.84
CA PHE R 4 -102.18 -37.79 -25.43
C PHE R 4 -102.47 -36.56 -24.59
N SER R 5 -102.67 -36.80 -23.29
CA SER R 5 -102.80 -35.71 -22.34
C SER R 5 -101.43 -35.08 -22.09
N LYS R 6 -101.44 -33.91 -21.45
CA LYS R 6 -100.24 -33.07 -21.35
C LYS R 6 -99.18 -33.72 -20.46
N ALA R 7 -99.55 -34.16 -19.27
CA ALA R 7 -98.60 -34.81 -18.36
C ALA R 7 -98.05 -36.14 -18.87
N PRO R 8 -98.85 -37.10 -19.39
CA PRO R 8 -98.20 -38.31 -19.95
C PRO R 8 -97.44 -38.05 -21.24
N GLN R 9 -97.85 -37.05 -22.04
CA GLN R 9 -97.09 -36.68 -23.22
C GLN R 9 -95.72 -36.13 -22.84
N GLN R 10 -95.69 -35.28 -21.81
CA GLN R 10 -94.42 -34.75 -21.32
C GLN R 10 -93.56 -35.83 -20.68
N TRP R 11 -94.19 -36.78 -19.97
CA TRP R 11 -93.45 -37.89 -19.37
C TRP R 11 -92.85 -38.79 -20.44
N ALA R 12 -93.59 -39.05 -21.53
CA ALA R 12 -93.07 -39.85 -22.62
C ALA R 12 -91.95 -39.12 -23.35
N THR R 13 -92.07 -37.80 -23.50
CA THR R 13 -91.02 -37.02 -24.18
C THR R 13 -89.73 -36.99 -23.35
N PHE R 14 -89.85 -36.72 -22.05
CA PHE R 14 -88.69 -36.63 -21.18
C PHE R 14 -88.44 -37.90 -20.39
N ALA R 15 -88.85 -39.06 -20.90
CA ALA R 15 -88.55 -40.33 -20.24
C ALA R 15 -87.07 -40.62 -20.27
N ARG R 16 -86.56 -41.15 -19.16
CA ARG R 16 -85.17 -41.56 -19.07
C ARG R 16 -85.03 -43.02 -19.49
N VAL R 17 -83.97 -43.31 -20.26
CA VAL R 17 -83.79 -44.60 -20.88
C VAL R 17 -82.45 -45.18 -20.43
N TRP R 18 -82.44 -46.47 -20.09
CA TRP R 18 -81.22 -47.18 -19.75
C TRP R 18 -80.66 -47.87 -20.99
N TYR R 19 -79.38 -47.67 -21.26
CA TYR R 19 -78.68 -48.31 -22.37
C TYR R 19 -77.68 -49.31 -21.83
N LEU R 20 -77.37 -50.32 -22.63
CA LEU R 20 -76.39 -51.33 -22.29
C LEU R 20 -75.23 -51.25 -23.28
N LEU R 21 -74.01 -51.48 -22.78
CA LEU R 21 -72.81 -51.36 -23.61
C LEU R 21 -71.78 -52.38 -23.17
N ASP R 22 -71.32 -53.20 -24.11
CA ASP R 22 -70.27 -54.17 -23.87
C ASP R 22 -68.90 -53.54 -24.08
N GLY R 23 -67.97 -53.82 -23.19
CA GLY R 23 -66.65 -53.25 -23.27
C GLY R 23 -65.55 -54.25 -23.57
N LYS R 24 -65.92 -55.47 -23.93
CA LYS R 24 -64.94 -56.51 -24.20
C LYS R 24 -64.25 -56.27 -25.53
N MET R 25 -62.91 -56.23 -25.50
CA MET R 25 -62.04 -55.96 -26.66
C MET R 25 -62.39 -54.63 -27.34
N GLN R 26 -62.65 -53.61 -26.53
CA GLN R 26 -63.06 -52.32 -27.08
C GLN R 26 -62.14 -51.21 -26.59
N PRO R 27 -61.87 -50.22 -27.44
CA PRO R 27 -61.07 -49.07 -27.00
C PRO R 27 -61.89 -48.16 -26.09
N PRO R 28 -61.29 -47.68 -25.00
CA PRO R 28 -62.03 -46.81 -24.07
C PRO R 28 -62.46 -45.48 -24.66
N GLY R 29 -61.69 -44.91 -25.59
CA GLY R 29 -62.09 -43.68 -26.23
C GLY R 29 -63.30 -43.81 -27.12
N LYS R 30 -63.33 -44.86 -27.95
CA LYS R 30 -64.49 -45.09 -28.79
C LYS R 30 -65.70 -45.58 -27.99
N LEU R 31 -65.46 -46.20 -26.83
CA LEU R 31 -66.55 -46.49 -25.90
C LEU R 31 -67.08 -45.20 -25.29
N ALA R 32 -66.18 -44.33 -24.84
CA ALA R 32 -66.54 -43.13 -24.10
C ALA R 32 -67.13 -42.06 -24.99
N ALA R 33 -66.90 -42.12 -26.30
CA ALA R 33 -67.56 -41.17 -27.21
C ALA R 33 -69.07 -41.35 -27.20
N MET R 34 -69.53 -42.57 -27.43
CA MET R 34 -70.97 -42.81 -27.37
C MET R 34 -71.49 -42.79 -25.93
N ALA R 35 -70.65 -43.14 -24.95
CA ALA R 35 -71.06 -43.01 -23.55
C ALA R 35 -71.30 -41.55 -23.17
N SER R 36 -70.42 -40.66 -23.64
CA SER R 36 -70.59 -39.23 -23.40
C SER R 36 -71.81 -38.70 -24.14
N VAL R 37 -72.05 -39.18 -25.36
CA VAL R 37 -73.21 -38.73 -26.14
C VAL R 37 -74.52 -39.13 -25.45
N LYS R 38 -74.61 -40.38 -25.00
CA LYS R 38 -75.83 -40.82 -24.32
C LYS R 38 -75.97 -40.22 -22.93
N LEU R 39 -74.87 -39.84 -22.29
CA LEU R 39 -74.97 -39.16 -20.99
C LEU R 39 -75.39 -37.71 -21.16
N GLN R 40 -74.98 -37.05 -22.25
CA GLN R 40 -75.55 -35.76 -22.60
C GLN R 40 -77.03 -35.85 -22.94
N GLY R 41 -77.44 -36.88 -23.65
CA GLY R 41 -78.69 -36.80 -24.36
C GLY R 41 -78.56 -36.02 -25.65
N LEU R 42 -77.36 -36.03 -26.24
CA LEU R 42 -77.11 -35.46 -27.56
C LEU R 42 -77.57 -36.36 -28.69
N HIS R 43 -78.18 -37.49 -28.37
CA HIS R 43 -78.92 -38.31 -29.32
C HIS R 43 -80.41 -37.99 -29.32
N LYS R 44 -80.84 -37.02 -28.52
CA LYS R 44 -82.23 -36.62 -28.44
C LYS R 44 -82.45 -35.36 -29.26
N PRO R 45 -83.44 -35.31 -30.16
CA PRO R 45 -83.81 -34.04 -30.79
C PRO R 45 -84.44 -33.03 -29.84
N VAL R 46 -84.86 -33.45 -28.64
CA VAL R 46 -85.38 -32.52 -27.64
C VAL R 46 -84.31 -32.02 -26.70
N TYR R 47 -83.04 -32.16 -27.07
CA TYR R 47 -81.92 -31.81 -26.19
C TYR R 47 -81.83 -30.31 -25.95
N HIS R 48 -81.62 -29.94 -24.70
CA HIS R 48 -81.27 -28.59 -24.32
C HIS R 48 -80.36 -28.66 -23.12
N GLN R 49 -79.41 -27.73 -23.04
CA GLN R 49 -78.42 -27.77 -21.96
C GLN R 49 -79.03 -27.38 -20.63
N LEU R 50 -80.10 -26.60 -20.63
CA LEU R 50 -80.79 -26.21 -19.41
C LEU R 50 -81.83 -27.23 -18.96
N SER R 51 -82.15 -28.22 -19.78
CA SER R 51 -83.08 -29.27 -19.42
C SER R 51 -82.34 -30.39 -18.73
N ASP R 52 -83.08 -31.23 -18.01
CA ASP R 52 -82.50 -32.36 -17.31
C ASP R 52 -82.47 -33.63 -18.15
N CYS R 53 -82.45 -33.50 -19.48
CA CYS R 53 -82.42 -34.67 -20.36
C CYS R 53 -81.08 -35.39 -20.26
N GLY R 54 -81.14 -36.71 -20.23
CA GLY R 54 -79.95 -37.51 -20.05
C GLY R 54 -80.36 -38.94 -19.73
N ASP R 55 -79.57 -39.87 -20.27
CA ASP R 55 -79.91 -41.28 -20.22
C ASP R 55 -78.84 -42.05 -19.46
N HIS R 56 -79.26 -43.16 -18.85
CA HIS R 56 -78.34 -44.00 -18.10
C HIS R 56 -77.60 -44.93 -19.05
N VAL R 57 -76.35 -45.22 -18.73
CA VAL R 57 -75.52 -46.14 -19.51
C VAL R 57 -74.88 -47.14 -18.57
N VAL R 58 -75.09 -48.43 -18.82
CA VAL R 58 -74.49 -49.52 -18.06
C VAL R 58 -73.45 -50.19 -18.95
N ILE R 59 -72.19 -50.11 -18.55
CA ILE R 59 -71.07 -50.70 -19.30
C ILE R 59 -70.60 -51.94 -18.56
N MET R 60 -70.60 -53.08 -19.25
CA MET R 60 -70.07 -54.30 -18.67
C MET R 60 -68.73 -54.62 -19.34
N ASN R 61 -68.09 -55.68 -18.84
CA ASN R 61 -66.82 -56.22 -19.35
C ASN R 61 -65.72 -55.16 -19.36
N THR R 62 -65.62 -54.41 -18.26
CA THR R 62 -64.65 -53.33 -18.18
C THR R 62 -63.23 -53.88 -18.00
N ARG R 63 -63.11 -55.06 -17.37
CA ARG R 63 -61.81 -55.69 -17.20
C ARG R 63 -61.20 -56.12 -18.54
N HIS R 64 -62.04 -56.41 -19.52
CA HIS R 64 -61.60 -56.87 -20.84
C HIS R 64 -61.34 -55.71 -21.81
N ILE R 65 -60.97 -54.54 -21.30
CA ILE R 65 -60.69 -53.35 -22.09
C ILE R 65 -59.43 -53.56 -22.93
N ALA R 66 -59.32 -52.87 -24.07
CA ALA R 66 -58.18 -52.98 -24.95
C ALA R 66 -57.66 -51.59 -25.34
N PHE R 67 -56.34 -51.43 -25.29
CA PHE R 67 -55.65 -50.22 -25.75
C PHE R 67 -55.00 -50.50 -27.10
N SER R 68 -55.14 -49.56 -28.03
CA SER R 68 -54.42 -49.64 -29.29
C SER R 68 -52.97 -49.21 -29.09
N GLY R 69 -52.06 -50.00 -29.64
CA GLY R 69 -50.65 -49.66 -29.52
C GLY R 69 -50.10 -49.96 -28.14
N ASN R 70 -49.02 -49.27 -27.79
CA ASN R 70 -48.32 -49.49 -26.53
C ASN R 70 -48.80 -48.57 -25.42
N LYS R 71 -50.06 -48.16 -25.46
CA LYS R 71 -50.60 -47.23 -24.47
C LYS R 71 -50.69 -47.86 -23.08
N TRP R 72 -50.72 -49.20 -23.02
CA TRP R 72 -50.77 -49.92 -21.75
C TRP R 72 -49.55 -49.63 -20.88
N GLU R 73 -48.39 -49.43 -21.50
CA GLU R 73 -47.19 -49.11 -20.72
C GLU R 73 -46.81 -47.63 -20.86
N GLN R 74 -47.06 -47.02 -22.03
CA GLN R 74 -46.68 -45.63 -22.18
C GLN R 74 -47.62 -44.68 -21.46
N LYS R 75 -48.93 -44.91 -21.54
CA LYS R 75 -49.90 -43.96 -21.01
C LYS R 75 -49.94 -44.03 -19.49
N VAL R 76 -49.80 -42.87 -18.84
CA VAL R 76 -49.80 -42.79 -17.39
C VAL R 76 -51.04 -42.03 -16.93
N TYR R 77 -51.45 -42.30 -15.70
CA TYR R 77 -52.50 -41.57 -15.01
C TYR R 77 -51.91 -41.03 -13.72
N SER R 78 -52.03 -39.73 -13.50
CA SER R 78 -51.34 -39.06 -12.41
C SER R 78 -52.32 -38.28 -11.55
N SER R 79 -52.00 -38.19 -10.26
CA SER R 79 -52.81 -37.46 -9.31
C SER R 79 -51.91 -36.90 -8.23
N HIS R 80 -52.45 -35.95 -7.47
CA HIS R 80 -51.71 -35.36 -6.36
C HIS R 80 -52.61 -35.36 -5.14
N THR R 81 -52.09 -35.85 -4.01
CA THR R 81 -52.89 -35.93 -2.80
C THR R 81 -52.93 -34.63 -2.02
N GLY R 82 -52.23 -33.60 -2.48
CA GLY R 82 -52.19 -32.33 -1.80
C GLY R 82 -51.00 -32.14 -0.87
N TYR R 83 -50.61 -33.17 -0.14
CA TYR R 83 -49.46 -33.14 0.75
C TYR R 83 -48.18 -33.07 -0.08
N PRO R 84 -47.11 -32.47 0.48
CA PRO R 84 -45.83 -32.45 -0.24
C PRO R 84 -45.26 -33.85 -0.39
N GLY R 85 -44.73 -34.12 -1.59
CA GLY R 85 -44.29 -35.47 -1.92
C GLY R 85 -45.42 -36.44 -2.17
N GLY R 86 -46.61 -35.93 -2.51
CA GLY R 86 -47.77 -36.78 -2.72
C GLY R 86 -48.18 -36.84 -4.17
N PHE R 87 -47.21 -36.89 -5.08
CA PHE R 87 -47.48 -36.97 -6.50
C PHE R 87 -47.36 -38.42 -6.96
N ARG R 88 -48.46 -38.96 -7.50
CA ARG R 88 -48.52 -40.37 -7.89
C ARG R 88 -48.72 -40.45 -9.38
N GLN R 89 -47.75 -41.01 -10.09
CA GLN R 89 -47.86 -41.34 -11.50
C GLN R 89 -47.92 -42.85 -11.64
N VAL R 90 -49.10 -43.38 -11.95
CA VAL R 90 -49.33 -44.81 -12.04
C VAL R 90 -49.56 -45.14 -13.50
N THR R 91 -48.82 -46.14 -13.99
CA THR R 91 -48.99 -46.62 -15.36
C THR R 91 -50.40 -47.21 -15.52
N ALA R 92 -50.96 -47.08 -16.74
CA ALA R 92 -52.32 -47.50 -17.00
C ALA R 92 -52.52 -48.99 -16.79
N ALA R 93 -51.47 -49.79 -17.03
CA ALA R 93 -51.51 -51.22 -16.73
C ALA R 93 -51.68 -51.48 -15.25
N GLN R 94 -50.92 -50.76 -14.41
CA GLN R 94 -51.04 -50.93 -12.96
C GLN R 94 -52.37 -50.41 -12.44
N LEU R 95 -52.86 -49.30 -13.03
CA LEU R 95 -54.13 -48.73 -12.60
C LEU R 95 -55.30 -49.64 -12.97
N HIS R 96 -55.25 -50.26 -14.15
CA HIS R 96 -56.28 -51.22 -14.51
C HIS R 96 -56.14 -52.52 -13.72
N GLN R 97 -54.93 -52.87 -13.30
CA GLN R 97 -54.75 -54.03 -12.44
C GLN R 97 -55.36 -53.79 -11.06
N LYS R 98 -55.25 -52.57 -10.56
CA LYS R 98 -55.78 -52.28 -9.23
C LYS R 98 -57.29 -52.01 -9.28
N ASP R 99 -57.70 -51.00 -10.02
CA ASP R 99 -59.12 -50.65 -10.14
C ASP R 99 -59.54 -50.77 -11.60
N PRO R 100 -60.30 -51.81 -11.96
CA PRO R 100 -60.66 -52.02 -13.38
C PRO R 100 -61.54 -50.93 -13.99
N VAL R 101 -62.42 -50.30 -13.21
CA VAL R 101 -63.36 -49.34 -13.78
C VAL R 101 -62.74 -47.95 -13.88
N ALA R 102 -61.50 -47.79 -13.41
CA ALA R 102 -60.86 -46.48 -13.31
C ALA R 102 -60.58 -45.89 -14.69
N ILE R 103 -60.20 -46.73 -15.66
CA ILE R 103 -59.82 -46.25 -16.99
C ILE R 103 -61.02 -45.68 -17.71
N VAL R 104 -62.12 -46.43 -17.75
CA VAL R 104 -63.34 -45.99 -18.42
C VAL R 104 -63.98 -44.83 -17.67
N LYS R 105 -63.93 -44.88 -16.33
CA LYS R 105 -64.48 -43.79 -15.52
C LYS R 105 -63.74 -42.48 -15.76
N LEU R 106 -62.40 -42.52 -15.83
CA LEU R 106 -61.63 -41.32 -16.06
C LEU R 106 -61.75 -40.84 -17.51
N ALA R 107 -61.93 -41.76 -18.46
CA ALA R 107 -62.11 -41.37 -19.85
C ALA R 107 -63.44 -40.63 -20.05
N ILE R 108 -64.52 -41.18 -19.50
CA ILE R 108 -65.83 -40.52 -19.59
C ILE R 108 -65.82 -39.22 -18.79
N TYR R 109 -65.18 -39.25 -17.62
CA TYR R 109 -65.10 -38.10 -16.73
C TYR R 109 -64.33 -36.94 -17.35
N GLY R 110 -63.30 -37.25 -18.14
CA GLY R 110 -62.58 -36.20 -18.83
C GLY R 110 -63.28 -35.73 -20.10
N MET R 111 -63.97 -36.65 -20.78
CA MET R 111 -64.60 -36.28 -22.04
C MET R 111 -65.88 -35.48 -21.86
N LEU R 112 -66.58 -35.65 -20.73
CA LEU R 112 -67.78 -34.89 -20.43
C LEU R 112 -67.45 -33.41 -20.21
N PRO R 113 -68.33 -32.50 -20.61
CA PRO R 113 -68.03 -31.06 -20.51
C PRO R 113 -67.99 -30.59 -19.07
N LYS R 114 -67.15 -29.58 -18.85
CA LYS R 114 -66.60 -29.25 -17.53
C LYS R 114 -67.55 -28.43 -16.66
N ASN R 115 -68.84 -28.47 -16.93
CA ASN R 115 -69.82 -27.73 -16.14
C ASN R 115 -70.14 -28.46 -14.84
N LEU R 116 -71.13 -27.93 -14.10
CA LEU R 116 -71.50 -28.53 -12.82
C LEU R 116 -72.49 -29.68 -12.99
N HIS R 117 -72.94 -29.92 -14.23
CA HIS R 117 -73.78 -31.08 -14.49
C HIS R 117 -72.96 -32.36 -14.61
N ARG R 118 -71.63 -32.23 -14.62
CA ARG R 118 -70.70 -33.33 -14.82
C ARG R 118 -70.83 -34.40 -13.74
N ARG R 119 -70.85 -33.96 -12.47
CA ARG R 119 -70.99 -34.90 -11.36
C ARG R 119 -72.35 -35.59 -11.38
N THR R 120 -73.40 -34.83 -11.73
CA THR R 120 -74.75 -35.36 -11.81
C THR R 120 -74.87 -36.43 -12.90
N MET R 121 -74.21 -36.21 -14.04
CA MET R 121 -74.31 -37.20 -15.11
C MET R 121 -73.35 -38.37 -14.95
N MET R 122 -72.24 -38.24 -14.21
CA MET R 122 -71.56 -39.47 -13.77
C MET R 122 -72.29 -40.20 -12.67
N GLN R 123 -73.23 -39.55 -11.97
CA GLN R 123 -74.07 -40.30 -11.03
C GLN R 123 -75.04 -41.24 -11.73
N ARG R 124 -75.30 -41.04 -13.03
CA ARG R 124 -76.13 -41.94 -13.82
C ARG R 124 -75.32 -43.01 -14.55
N LEU R 125 -74.01 -43.06 -14.33
CA LEU R 125 -73.14 -44.02 -15.02
C LEU R 125 -72.84 -45.20 -14.10
N HIS R 126 -72.97 -46.41 -14.64
CA HIS R 126 -72.76 -47.64 -13.87
C HIS R 126 -71.72 -48.47 -14.61
N LEU R 127 -70.64 -48.82 -13.91
CA LEU R 127 -69.53 -49.56 -14.50
C LEU R 127 -69.31 -50.84 -13.73
N PHE R 128 -69.28 -51.97 -14.44
CA PHE R 128 -69.06 -53.28 -13.85
C PHE R 128 -67.88 -53.94 -14.53
N PRO R 129 -66.94 -54.53 -13.77
CA PRO R 129 -65.75 -55.13 -14.40
C PRO R 129 -66.04 -56.37 -15.23
N ASP R 130 -66.92 -57.26 -14.74
CA ASP R 130 -67.30 -58.44 -15.50
C ASP R 130 -68.81 -58.46 -15.69
N GLU R 131 -69.35 -59.56 -16.20
CA GLU R 131 -70.78 -59.70 -16.46
C GLU R 131 -71.46 -60.14 -15.17
N ASP R 132 -71.51 -59.25 -14.18
CA ASP R 132 -72.23 -59.48 -12.93
C ASP R 132 -73.01 -58.24 -12.52
N ILE R 133 -74.23 -58.13 -13.03
CA ILE R 133 -75.06 -56.94 -12.86
C ILE R 133 -76.15 -57.26 -11.85
N PRO R 134 -76.52 -56.33 -10.98
CA PRO R 134 -77.71 -56.53 -10.13
C PRO R 134 -78.97 -56.65 -10.96
N GLU R 135 -79.93 -57.42 -10.44
CA GLU R 135 -81.16 -57.69 -11.18
C GLU R 135 -82.04 -56.45 -11.29
N ASP R 136 -81.96 -55.55 -10.30
CA ASP R 136 -82.70 -54.30 -10.36
C ASP R 136 -82.20 -53.42 -11.50
N ILE R 137 -80.88 -53.42 -11.73
CA ILE R 137 -80.32 -52.72 -12.88
C ILE R 137 -80.67 -53.46 -14.18
N LEU R 138 -80.67 -54.79 -14.15
CA LEU R 138 -80.93 -55.59 -15.35
C LEU R 138 -82.35 -55.43 -15.85
N LYS R 139 -83.31 -55.29 -14.94
CA LYS R 139 -84.71 -55.10 -15.36
C LYS R 139 -84.98 -53.68 -15.86
N ASN R 140 -84.04 -52.76 -15.72
CA ASN R 140 -84.21 -51.39 -16.19
C ASN R 140 -83.79 -51.19 -17.64
N LEU R 141 -83.07 -52.16 -18.22
CA LEU R 141 -82.40 -51.96 -19.51
C LEU R 141 -83.40 -51.92 -20.65
N VAL R 142 -83.07 -51.15 -21.70
CA VAL R 142 -83.95 -51.05 -22.86
C VAL R 142 -83.29 -51.66 -24.09
N GLU R 143 -82.14 -51.14 -24.52
CA GLU R 143 -81.46 -51.69 -25.68
C GLU R 143 -79.96 -51.68 -25.45
N GLU R 144 -79.26 -52.46 -26.28
CA GLU R 144 -77.81 -52.55 -26.25
C GLU R 144 -77.22 -51.86 -27.47
N LEU R 145 -76.27 -50.96 -27.24
CA LEU R 145 -75.58 -50.26 -28.32
C LEU R 145 -74.57 -51.20 -28.99
N PRO R 146 -74.38 -51.06 -30.31
CA PRO R 146 -73.35 -51.87 -30.98
C PRO R 146 -71.96 -51.42 -30.59
N GLN R 147 -71.02 -52.35 -30.65
CA GLN R 147 -69.64 -52.06 -30.28
C GLN R 147 -68.98 -51.23 -31.37
N PRO R 148 -68.18 -50.21 -31.01
CA PRO R 148 -67.55 -49.36 -32.04
C PRO R 148 -66.42 -50.03 -32.80
N ARG R 149 -65.84 -51.11 -32.30
CA ARG R 149 -64.73 -51.79 -32.95
C ARG R 149 -65.11 -53.22 -33.25
N LYS R 150 -64.97 -53.63 -34.50
CA LYS R 150 -65.19 -55.01 -34.89
C LYS R 150 -64.02 -55.85 -34.39
N VAL R 151 -64.30 -56.83 -33.55
CA VAL R 151 -63.27 -57.63 -32.88
C VAL R 151 -62.67 -58.60 -33.87
N PRO R 152 -61.35 -58.59 -34.08
CA PRO R 152 -60.72 -59.58 -34.97
C PRO R 152 -60.67 -60.94 -34.29
N ARG R 153 -60.98 -61.98 -35.07
CA ARG R 153 -60.92 -63.33 -34.57
C ARG R 153 -59.56 -63.96 -34.87
N ARG R 154 -59.17 -64.91 -34.02
CA ARG R 154 -57.87 -65.57 -34.17
C ARG R 154 -57.98 -66.70 -35.19
N LEU R 155 -56.92 -67.53 -35.27
CA LEU R 155 -56.91 -68.63 -36.23
C LEU R 155 -57.87 -69.74 -35.84
N ASP R 156 -58.05 -69.97 -34.54
CA ASP R 156 -58.86 -71.10 -34.10
C ASP R 156 -60.36 -70.87 -34.27
N GLU R 157 -60.82 -69.62 -34.35
CA GLU R 157 -62.25 -69.40 -34.56
C GLU R 157 -62.63 -69.50 -36.04
N TYR R 158 -61.66 -69.50 -36.95
CA TYR R 158 -61.95 -69.64 -38.36
C TYR R 158 -62.32 -71.08 -38.69
N THR R 159 -63.43 -71.25 -39.41
CA THR R 159 -63.87 -72.57 -39.79
C THR R 159 -63.02 -73.10 -40.95
N GLN R 160 -62.98 -74.44 -41.04
CA GLN R 160 -62.15 -75.10 -42.06
C GLN R 160 -62.66 -74.84 -43.47
N GLU R 161 -63.96 -74.53 -43.60
CA GLU R 161 -64.50 -74.07 -44.88
C GLU R 161 -63.83 -72.77 -45.31
N GLU R 162 -63.65 -71.84 -44.37
CA GLU R 162 -62.93 -70.61 -44.69
C GLU R 162 -61.44 -70.87 -44.90
N ILE R 163 -60.87 -71.85 -44.19
CA ILE R 163 -59.46 -72.17 -44.35
C ILE R 163 -59.16 -72.69 -45.76
N GLU R 164 -59.96 -73.63 -46.25
CA GLU R 164 -59.80 -74.08 -47.63
C GLU R 164 -60.38 -73.10 -48.66
N ALA R 165 -61.23 -72.17 -48.23
CA ALA R 165 -61.73 -71.16 -49.16
C ALA R 165 -60.68 -70.09 -49.45
N PHE R 166 -59.87 -69.75 -48.45
CA PHE R 166 -58.77 -68.81 -48.68
C PHE R 166 -57.69 -69.49 -49.51
N PRO R 167 -57.31 -68.92 -50.66
CA PRO R 167 -56.33 -69.59 -51.53
C PRO R 167 -54.92 -69.54 -50.95
N ARG R 168 -54.13 -70.55 -51.30
CA ARG R 168 -52.74 -70.61 -50.90
C ARG R 168 -51.90 -69.73 -51.82
N VAL R 169 -51.17 -68.78 -51.24
CA VAL R 169 -50.43 -67.80 -52.02
C VAL R 169 -49.20 -68.44 -52.68
N TRP R 170 -48.45 -69.24 -51.94
CA TRP R 170 -47.15 -69.71 -52.40
C TRP R 170 -47.05 -71.22 -52.23
N SER R 171 -46.04 -71.79 -52.89
CA SER R 171 -45.76 -73.22 -52.83
C SER R 171 -44.42 -73.46 -52.15
N PRO R 172 -44.39 -73.97 -50.92
CA PRO R 172 -43.10 -74.17 -50.25
C PRO R 172 -42.36 -75.36 -50.83
N PRO R 173 -41.03 -75.35 -50.78
CA PRO R 173 -40.27 -76.53 -51.20
C PRO R 173 -40.40 -77.67 -50.21
N GLU R 174 -40.24 -78.89 -50.71
CA GLU R 174 -40.42 -80.09 -49.90
C GLU R 174 -39.21 -80.42 -49.03
N ASP R 175 -38.05 -79.82 -49.31
CA ASP R 175 -36.85 -80.17 -48.55
C ASP R 175 -36.71 -79.32 -47.29
N TYR R 176 -37.60 -78.34 -47.10
CA TYR R 176 -37.46 -77.42 -45.98
C TYR R 176 -38.03 -78.02 -44.69
N ARG R 177 -37.52 -77.52 -43.57
CA ARG R 177 -38.02 -77.87 -42.25
C ARG R 177 -38.74 -76.68 -41.63
N LEU R 178 -39.92 -76.92 -41.08
CA LEU R 178 -40.66 -75.89 -40.37
C LEU R 178 -40.62 -76.14 -38.87
N ALA S 31 -22.67 -38.53 32.86
CA ALA S 31 -22.80 -37.75 31.64
C ALA S 31 -21.59 -36.86 31.43
N ILE S 32 -20.71 -37.27 30.52
CA ILE S 32 -19.54 -36.48 30.15
C ILE S 32 -19.68 -36.10 28.68
N GLN S 33 -19.61 -34.81 28.39
CA GLN S 33 -19.85 -34.29 27.06
C GLN S 33 -18.67 -33.41 26.63
N LYS S 34 -18.86 -32.63 25.56
CA LYS S 34 -17.83 -31.68 25.15
C LYS S 34 -17.59 -30.63 26.23
N MET S 35 -16.31 -30.24 26.39
CA MET S 35 -15.84 -29.17 27.26
C MET S 35 -16.14 -29.39 28.74
N THR S 36 -16.02 -30.63 29.25
CA THR S 36 -16.09 -30.87 30.68
C THR S 36 -14.69 -31.01 31.25
N ARG S 37 -14.49 -30.50 32.47
CA ARG S 37 -13.25 -30.71 33.19
C ARG S 37 -13.30 -32.06 33.90
N VAL S 38 -12.24 -32.85 33.75
CA VAL S 38 -12.17 -34.20 34.30
C VAL S 38 -11.08 -34.27 35.35
N ARG S 39 -11.00 -35.41 36.02
CA ARG S 39 -10.01 -35.66 37.06
C ARG S 39 -9.23 -36.91 36.69
N VAL S 40 -7.90 -36.81 36.73
CA VAL S 40 -7.03 -37.92 36.39
C VAL S 40 -6.80 -38.77 37.63
N VAL S 41 -7.03 -40.08 37.52
CA VAL S 41 -7.00 -40.94 38.69
C VAL S 41 -5.75 -41.82 38.71
N ASP S 42 -5.21 -42.16 37.54
CA ASP S 42 -4.03 -43.03 37.51
C ASP S 42 -2.75 -42.23 37.74
N ASN S 43 -1.65 -42.95 37.91
CA ASN S 43 -0.35 -42.33 38.10
C ASN S 43 0.33 -42.13 36.74
N SER S 44 0.56 -40.88 36.38
CA SER S 44 1.26 -40.55 35.14
C SER S 44 1.92 -39.19 35.33
N ALA S 45 2.98 -38.96 34.55
CA ALA S 45 3.67 -37.68 34.60
C ALA S 45 2.78 -36.56 34.06
N LEU S 46 2.13 -36.82 32.93
CA LEU S 46 1.30 -35.79 32.30
C LEU S 46 -0.02 -35.62 33.04
N GLY S 47 -0.49 -36.67 33.71
CA GLY S 47 -1.72 -36.56 34.47
C GLY S 47 -1.53 -36.00 35.86
N THR S 48 -0.30 -36.13 36.39
CA THR S 48 -0.03 -35.72 37.77
C THR S 48 0.61 -34.34 37.81
N THR S 49 1.37 -33.98 36.77
CA THR S 49 2.05 -32.70 36.72
C THR S 49 1.03 -31.56 36.59
N PRO S 50 1.10 -30.55 37.45
CA PRO S 50 0.11 -29.47 37.42
C PRO S 50 0.24 -28.60 36.18
N TYR S 51 -0.86 -27.93 35.85
CA TYR S 51 -0.96 -27.10 34.66
C TYR S 51 -1.97 -26.00 34.95
N HIS S 52 -1.81 -24.87 34.26
CA HIS S 52 -2.65 -23.71 34.54
C HIS S 52 -4.07 -23.87 34.00
N ARG S 53 -4.31 -24.85 33.14
CA ARG S 53 -5.66 -25.18 32.70
C ARG S 53 -6.01 -26.57 33.18
N PRO S 54 -7.24 -26.80 33.66
CA PRO S 54 -7.65 -28.15 34.05
C PRO S 54 -7.79 -29.04 32.84
N PRO S 55 -7.66 -30.36 33.01
CA PRO S 55 -7.87 -31.28 31.88
C PRO S 55 -9.31 -31.27 31.39
N ARG S 56 -9.49 -31.04 30.10
CA ARG S 56 -10.80 -30.86 29.49
C ARG S 56 -11.08 -31.97 28.49
N CYS S 57 -12.36 -32.10 28.15
CA CYS S 57 -12.79 -32.96 27.05
C CYS S 57 -12.70 -32.22 25.73
N ILE S 58 -12.32 -32.94 24.67
CA ILE S 58 -12.36 -32.40 23.32
C ILE S 58 -13.61 -32.92 22.63
N HIS S 59 -13.75 -34.24 22.56
CA HIS S 59 -14.79 -34.89 21.77
C HIS S 59 -14.99 -36.30 22.27
N VAL S 60 -16.24 -36.64 22.56
CA VAL S 60 -16.60 -37.99 23.00
C VAL S 60 -16.88 -38.84 21.77
N TYR S 61 -16.48 -40.10 21.83
CA TYR S 61 -16.51 -40.97 20.66
C TYR S 61 -17.83 -41.70 20.49
N ASN S 62 -18.80 -41.46 21.37
CA ASN S 62 -20.15 -41.96 21.15
C ASN S 62 -20.80 -41.16 20.03
N LYS S 63 -21.76 -41.78 19.34
CA LYS S 63 -22.48 -41.08 18.28
C LYS S 63 -23.35 -39.96 18.84
N THR S 64 -24.01 -40.22 19.97
CA THR S 64 -24.59 -39.13 20.74
C THR S 64 -23.48 -38.37 21.45
N GLY S 65 -23.62 -37.05 21.52
CA GLY S 65 -22.58 -36.20 22.09
C GLY S 65 -22.40 -36.23 23.60
N VAL S 66 -22.88 -37.28 24.27
CA VAL S 66 -22.70 -37.47 25.70
C VAL S 66 -22.05 -38.83 25.93
N GLY S 67 -21.15 -38.91 26.91
CA GLY S 67 -20.48 -40.15 27.23
C GLY S 67 -20.85 -40.66 28.61
N LYS S 68 -20.79 -41.98 28.77
CA LYS S 68 -21.14 -42.63 30.03
C LYS S 68 -19.99 -43.49 30.51
N VAL S 69 -20.23 -44.32 31.53
CA VAL S 69 -19.19 -45.16 32.09
C VAL S 69 -18.82 -46.26 31.09
N GLY S 70 -17.54 -46.33 30.75
CA GLY S 70 -17.06 -47.29 29.78
C GLY S 70 -17.13 -46.77 28.36
N ASP S 71 -16.70 -45.52 28.16
CA ASP S 71 -16.71 -44.90 26.85
C ASP S 71 -15.38 -44.22 26.59
N ARG S 72 -14.96 -44.22 25.33
CA ARG S 72 -13.75 -43.56 24.91
C ARG S 72 -14.01 -42.07 24.71
N ILE S 73 -12.99 -41.26 25.00
CA ILE S 73 -13.12 -39.81 25.03
C ILE S 73 -11.77 -39.21 24.72
N LEU S 74 -11.76 -38.09 24.00
CA LEU S 74 -10.51 -37.40 23.66
C LEU S 74 -10.28 -36.27 24.65
N LEU S 75 -9.07 -36.20 25.20
CA LEU S 75 -8.72 -35.25 26.24
C LEU S 75 -7.56 -34.39 25.81
N ALA S 76 -7.65 -33.08 26.12
CA ALA S 76 -6.56 -32.14 25.93
C ALA S 76 -5.93 -31.85 27.28
N ILE S 77 -4.78 -32.46 27.55
CA ILE S 77 -4.07 -32.28 28.81
C ILE S 77 -2.72 -31.67 28.53
N ARG S 78 -2.48 -30.49 29.13
CA ARG S 78 -1.22 -29.74 29.04
C ARG S 78 -0.84 -29.44 27.59
N GLY S 79 -1.84 -29.03 26.81
CA GLY S 79 -1.60 -28.57 25.45
C GLY S 79 -1.51 -29.65 24.40
N GLN S 80 -1.77 -30.91 24.75
CA GLN S 80 -1.70 -32.00 23.78
C GLN S 80 -2.80 -33.01 24.08
N LYS S 81 -3.08 -33.87 23.11
CA LYS S 81 -4.25 -34.73 23.14
C LYS S 81 -3.86 -36.19 23.40
N LYS S 82 -4.60 -36.84 24.29
CA LYS S 82 -4.57 -38.29 24.40
C LYS S 82 -6.00 -38.81 24.38
N LYS S 83 -6.15 -40.13 24.26
CA LYS S 83 -7.47 -40.72 24.43
C LYS S 83 -7.62 -41.08 25.90
N ALA S 84 -8.84 -41.46 26.28
CA ALA S 84 -9.14 -41.78 27.66
C ALA S 84 -10.37 -42.66 27.72
N LEU S 85 -10.52 -43.35 28.84
CA LEU S 85 -11.67 -44.17 29.12
C LEU S 85 -12.38 -43.61 30.36
N ILE S 86 -13.69 -43.43 30.26
CA ILE S 86 -14.46 -42.86 31.36
C ILE S 86 -14.64 -43.92 32.44
N VAL S 87 -14.20 -43.60 33.66
CA VAL S 87 -14.35 -44.51 34.78
C VAL S 87 -15.69 -44.29 35.48
N GLY S 88 -15.94 -43.05 35.90
CA GLY S 88 -17.19 -42.74 36.59
C GLY S 88 -17.58 -41.29 36.41
N HIS S 89 -18.88 -41.05 36.51
CA HIS S 89 -19.43 -39.71 36.38
C HIS S 89 -20.35 -39.43 37.55
N ARG S 90 -20.75 -38.16 37.69
CA ARG S 90 -21.60 -37.75 38.80
C ARG S 90 -23.09 -37.87 38.47
N MET S 91 -23.46 -38.15 37.22
CA MET S 91 -24.87 -38.32 36.93
C MET S 91 -25.37 -39.68 37.41
N PRO S 92 -26.51 -39.74 38.08
CA PRO S 92 -27.14 -41.03 38.38
C PRO S 92 -27.57 -41.73 37.10
N GLY S 93 -27.47 -43.05 37.12
CA GLY S 93 -27.78 -43.85 35.96
C GLY S 93 -28.70 -45.01 36.27
N PRO S 94 -28.37 -46.19 35.75
CA PRO S 94 -29.16 -47.38 36.08
C PRO S 94 -28.94 -47.81 37.53
N ARG S 95 -29.85 -48.64 38.02
CA ARG S 95 -29.77 -49.12 39.39
C ARG S 95 -28.61 -50.12 39.52
N MET S 96 -28.17 -50.31 40.77
CA MET S 96 -27.04 -51.12 41.22
C MET S 96 -25.69 -50.64 40.68
N THR S 97 -25.62 -49.44 40.12
CA THR S 97 -24.35 -48.93 39.61
C THR S 97 -23.84 -47.84 40.55
N PRO S 98 -22.53 -47.78 40.81
CA PRO S 98 -22.01 -46.75 41.71
C PRO S 98 -21.99 -45.38 41.07
N ARG S 99 -22.28 -44.37 41.88
CA ARG S 99 -22.22 -42.96 41.48
C ARG S 99 -21.12 -42.26 42.24
N PHE S 100 -20.21 -41.62 41.51
CA PHE S 100 -19.01 -41.02 42.08
C PHE S 100 -19.22 -39.53 42.30
N ASP S 101 -18.37 -38.95 43.14
CA ASP S 101 -18.38 -37.52 43.40
C ASP S 101 -17.48 -36.73 42.47
N SER S 102 -16.78 -37.40 41.54
CA SER S 102 -15.89 -36.73 40.61
C SER S 102 -15.93 -37.43 39.26
N ASN S 103 -15.62 -36.66 38.22
CA ASN S 103 -15.54 -37.20 36.86
C ASN S 103 -14.17 -37.87 36.69
N ASN S 104 -14.15 -39.19 36.70
CA ASN S 104 -12.91 -39.96 36.69
C ASN S 104 -12.69 -40.55 35.31
N VAL S 105 -11.50 -40.32 34.76
CA VAL S 105 -11.08 -40.92 33.49
C VAL S 105 -9.67 -41.47 33.66
N VAL S 106 -9.35 -42.46 32.84
CA VAL S 106 -8.01 -43.05 32.80
C VAL S 106 -7.42 -42.80 31.41
N LEU S 107 -6.16 -42.38 31.37
CA LEU S 107 -5.52 -42.03 30.10
C LEU S 107 -5.28 -43.26 29.25
N LEU S 108 -5.10 -43.02 27.95
CA LEU S 108 -5.07 -44.10 26.97
C LEU S 108 -4.42 -43.60 25.69
N GLU S 109 -3.69 -44.52 25.05
CA GLU S 109 -3.09 -44.29 23.75
C GLU S 109 -4.02 -44.85 22.66
N ASP S 110 -3.53 -44.86 21.42
CA ASP S 110 -4.32 -45.37 20.32
C ASP S 110 -4.41 -46.89 20.31
N ASN S 111 -3.45 -47.58 20.94
CA ASN S 111 -3.41 -49.03 20.93
C ASN S 111 -4.28 -49.67 22.00
N GLY S 112 -4.81 -48.89 22.93
CA GLY S 112 -5.65 -49.43 23.98
C GLY S 112 -4.95 -49.80 25.26
N ASN S 113 -3.65 -49.50 25.38
CA ASN S 113 -2.92 -49.75 26.61
C ASN S 113 -2.94 -48.48 27.46
N PRO S 114 -3.33 -48.56 28.73
CA PRO S 114 -3.26 -47.36 29.60
C PRO S 114 -1.81 -47.00 29.90
N VAL S 115 -1.54 -45.69 29.90
CA VAL S 115 -0.18 -45.22 30.17
C VAL S 115 0.15 -45.29 31.67
N GLY S 116 -0.88 -45.35 32.53
CA GLY S 116 -0.64 -45.42 33.95
C GLY S 116 -0.18 -46.80 34.41
N THR S 117 0.38 -46.83 35.62
CA THR S 117 0.88 -48.09 36.18
C THR S 117 -0.17 -48.78 37.04
N ARG S 118 -0.85 -48.03 37.89
CA ARG S 118 -1.88 -48.60 38.75
C ARG S 118 -2.93 -47.54 39.03
N ILE S 119 -4.12 -47.99 39.42
CA ILE S 119 -5.26 -47.12 39.67
C ILE S 119 -5.68 -47.30 41.12
N LYS S 120 -5.69 -46.20 41.87
CA LYS S 120 -6.02 -46.24 43.29
C LYS S 120 -7.50 -45.93 43.51
N THR S 121 -8.05 -45.06 42.67
CA THR S 121 -9.46 -44.71 42.73
C THR S 121 -10.32 -45.92 42.35
N PRO S 122 -11.41 -46.18 43.07
CA PRO S 122 -12.28 -47.32 42.74
C PRO S 122 -12.95 -47.18 41.39
N ILE S 123 -13.21 -48.34 40.79
CA ILE S 123 -13.73 -48.47 39.43
C ILE S 123 -15.00 -49.32 39.52
N PRO S 124 -16.05 -49.00 38.77
CA PRO S 124 -17.26 -49.85 38.76
C PRO S 124 -16.97 -51.25 38.26
N SER S 125 -17.68 -52.23 38.84
CA SER S 125 -17.49 -53.63 38.46
C SER S 125 -18.23 -53.97 37.18
N SER S 126 -19.03 -53.05 36.63
CA SER S 126 -19.69 -53.29 35.35
C SER S 126 -18.71 -53.15 34.18
N LEU S 127 -17.50 -52.63 34.44
CA LEU S 127 -16.51 -52.53 33.39
C LEU S 127 -15.90 -53.89 33.05
N ARG S 128 -16.06 -54.88 33.94
CA ARG S 128 -15.57 -56.22 33.66
C ARG S 128 -16.52 -57.02 32.77
N GLN S 129 -17.68 -56.45 32.42
CA GLN S 129 -18.60 -57.13 31.52
C GLN S 129 -17.99 -57.31 30.13
N ARG S 130 -17.33 -56.27 29.63
CA ARG S 130 -16.56 -56.37 28.39
C ARG S 130 -15.08 -56.46 28.74
N GLU S 131 -14.42 -57.50 28.26
CA GLU S 131 -13.07 -57.80 28.74
C GLU S 131 -12.03 -57.79 27.62
N GLY S 132 -12.47 -58.00 26.38
CA GLY S 132 -11.53 -58.09 25.28
C GLY S 132 -10.83 -56.78 24.97
N GLU S 133 -11.55 -55.67 25.10
CA GLU S 133 -10.97 -54.37 24.80
C GLU S 133 -10.49 -53.65 26.06
N PHE S 134 -10.89 -54.14 27.24
CA PHE S 134 -10.61 -53.47 28.50
C PHE S 134 -9.66 -54.26 29.40
N SER S 135 -8.93 -55.23 28.85
CA SER S 135 -8.15 -56.15 29.67
C SER S 135 -6.96 -55.44 30.34
N LYS S 136 -6.22 -54.64 29.56
CA LYS S 136 -5.07 -53.95 30.10
C LYS S 136 -5.47 -52.82 31.05
N VAL S 137 -6.64 -52.23 30.84
CA VAL S 137 -7.14 -51.22 31.76
C VAL S 137 -7.57 -51.86 33.08
N LEU S 138 -8.29 -52.98 33.00
CA LEU S 138 -8.79 -53.62 34.23
C LEU S 138 -7.71 -54.40 34.97
N ALA S 139 -6.58 -54.71 34.31
CA ALA S 139 -5.54 -55.46 34.98
C ALA S 139 -4.82 -54.63 36.04
N ILE S 140 -4.69 -53.32 35.80
CA ILE S 140 -3.93 -52.46 36.71
C ILE S 140 -4.79 -51.85 37.80
N ALA S 141 -6.09 -52.12 37.81
CA ALA S 141 -6.96 -51.55 38.82
C ALA S 141 -6.82 -52.30 40.14
N GLN S 142 -7.14 -51.62 41.24
CA GLN S 142 -6.97 -52.19 42.56
C GLN S 142 -8.29 -52.40 43.29
N ASN S 143 -9.09 -51.33 43.39
CA ASN S 143 -10.35 -51.37 44.13
C ASN S 143 -11.51 -51.37 43.14
N PHE S 144 -12.46 -52.28 43.34
CA PHE S 144 -13.65 -52.37 42.52
C PHE S 144 -14.89 -52.14 43.37
N VAL S 145 -15.75 -51.24 42.92
CA VAL S 145 -17.03 -51.03 43.58
C VAL S 145 -18.17 -51.13 42.57
N GLY T 9 -97.81 46.34 -53.39
CA GLY T 9 -96.36 46.22 -53.29
C GLY T 9 -95.90 45.15 -52.32
N PRO T 10 -95.94 45.46 -51.02
CA PRO T 10 -95.53 44.47 -50.01
C PRO T 10 -96.58 43.38 -49.81
N ARG T 11 -96.49 42.32 -50.62
CA ARG T 11 -97.50 41.26 -50.64
C ARG T 11 -97.50 40.41 -49.38
N ALA T 12 -96.47 40.53 -48.53
CA ALA T 12 -96.47 39.84 -47.25
C ALA T 12 -97.52 40.41 -46.31
N LEU T 13 -97.91 41.67 -46.51
CA LEU T 13 -98.98 42.26 -45.71
C LEU T 13 -100.34 41.61 -46.00
N ASP T 14 -100.51 41.07 -47.20
CA ASP T 14 -101.73 40.31 -47.49
C ASP T 14 -101.77 39.00 -46.73
N LEU T 15 -100.63 38.32 -46.60
CA LEU T 15 -100.57 37.09 -45.82
C LEU T 15 -100.61 37.37 -44.31
N LEU T 16 -100.19 38.56 -43.89
CA LEU T 16 -100.20 38.92 -42.47
C LEU T 16 -101.59 39.05 -41.88
N ARG T 17 -102.64 39.15 -42.70
CA ARG T 17 -103.99 39.22 -42.18
C ARG T 17 -104.46 37.88 -41.64
N ALA T 18 -104.11 36.79 -42.34
CA ALA T 18 -104.56 35.46 -41.93
C ALA T 18 -103.80 34.94 -40.71
N LEU T 19 -102.55 35.34 -40.53
CA LEU T 19 -101.71 34.93 -39.41
C LEU T 19 -102.21 35.57 -38.13
N PRO T 20 -101.93 34.96 -36.97
CA PRO T 20 -102.32 35.57 -35.69
C PRO T 20 -101.48 36.80 -35.36
N ARG T 21 -101.80 37.38 -34.20
CA ARG T 21 -101.24 38.67 -33.81
C ARG T 21 -99.76 38.54 -33.46
N VAL T 22 -98.98 39.51 -33.92
CA VAL T 22 -97.54 39.56 -33.63
C VAL T 22 -97.36 40.17 -32.25
N SER T 23 -96.68 39.43 -31.38
CA SER T 23 -96.45 39.89 -30.01
C SER T 23 -95.07 39.42 -29.58
N LEU T 24 -94.82 39.49 -28.27
CA LEU T 24 -93.58 38.98 -27.70
C LEU T 24 -93.61 37.48 -27.48
N ALA T 25 -94.77 36.85 -27.64
CA ALA T 25 -94.85 35.39 -27.49
C ALA T 25 -94.29 34.68 -28.70
N ASN T 26 -94.31 35.31 -29.87
CA ASN T 26 -93.79 34.72 -31.10
C ASN T 26 -92.77 35.66 -31.75
N LEU T 27 -91.51 35.57 -31.31
CA LEU T 27 -90.42 36.33 -31.90
C LEU T 27 -89.23 35.41 -32.06
N LYS T 28 -88.75 35.28 -33.29
CA LYS T 28 -87.60 34.43 -33.60
C LYS T 28 -86.45 35.30 -34.07
N PRO T 29 -85.21 35.01 -33.69
CA PRO T 29 -84.07 35.66 -34.34
C PRO T 29 -83.88 35.11 -35.74
N ASN T 30 -83.03 35.78 -36.51
CA ASN T 30 -82.76 35.38 -37.87
C ASN T 30 -82.01 34.05 -37.88
N PRO T 31 -82.46 33.05 -38.66
CA PRO T 31 -81.74 31.77 -38.69
C PRO T 31 -80.36 31.90 -39.30
N GLY T 32 -79.35 31.58 -38.49
CA GLY T 32 -77.97 31.77 -38.86
C GLY T 32 -77.31 32.97 -38.21
N SER T 33 -78.09 33.86 -37.59
CA SER T 33 -77.52 35.06 -36.98
C SER T 33 -76.80 34.73 -35.68
N ARG T 34 -77.22 33.67 -34.99
CA ARG T 34 -76.62 33.27 -33.72
C ARG T 34 -76.04 31.88 -33.87
N LYS T 35 -74.72 31.79 -33.80
CA LYS T 35 -74.07 30.50 -33.68
C LYS T 35 -74.14 30.09 -32.22
N PRO T 36 -74.72 28.93 -31.90
CA PRO T 36 -74.95 28.58 -30.50
C PRO T 36 -73.65 28.24 -29.78
N GLU T 37 -73.56 28.68 -28.52
CA GLU T 37 -72.37 28.44 -27.72
C GLU T 37 -72.29 26.97 -27.31
N ARG T 38 -71.06 26.49 -27.17
CA ARG T 38 -70.79 25.11 -26.79
C ARG T 38 -70.07 25.09 -25.45
N ARG T 39 -70.59 24.31 -24.52
CA ARG T 39 -70.04 24.29 -23.18
C ARG T 39 -69.34 22.96 -22.90
N PRO T 40 -68.26 22.96 -22.11
CA PRO T 40 -67.53 21.72 -21.85
C PRO T 40 -68.23 20.76 -20.91
N ARG T 41 -69.35 20.18 -21.35
CA ARG T 41 -70.09 19.20 -20.58
C ARG T 41 -70.38 17.99 -21.45
N GLY T 42 -70.25 16.80 -20.88
CA GLY T 42 -70.66 15.59 -21.57
C GLY T 42 -69.52 14.78 -22.13
N ARG T 43 -69.90 13.70 -22.82
CA ARG T 43 -68.92 12.82 -23.45
C ARG T 43 -68.25 13.48 -24.65
N ARG T 44 -69.02 14.26 -25.41
CA ARG T 44 -68.48 14.91 -26.60
C ARG T 44 -67.45 15.98 -26.24
N ARG T 45 -67.73 16.78 -25.21
CA ARG T 45 -66.80 17.82 -24.76
C ARG T 45 -66.52 17.58 -23.28
N GLY T 46 -65.56 16.69 -23.00
CA GLY T 46 -65.27 16.32 -21.64
C GLY T 46 -63.92 15.64 -21.52
N ARG T 47 -63.39 15.68 -20.29
CA ARG T 47 -62.21 15.02 -19.73
C ARG T 47 -60.89 15.61 -20.23
N LYS T 48 -60.91 16.34 -21.34
CA LYS T 48 -59.86 17.27 -21.74
C LYS T 48 -60.44 18.59 -22.21
N CYS T 49 -61.62 18.53 -22.83
CA CYS T 49 -62.43 19.65 -23.34
C CYS T 49 -61.63 20.73 -24.07
N GLY T 50 -60.97 20.34 -25.16
CA GLY T 50 -60.37 21.30 -26.06
C GLY T 50 -59.05 21.89 -25.62
N ARG T 51 -58.48 21.44 -24.51
CA ARG T 51 -57.24 22.01 -24.00
C ARG T 51 -56.03 21.10 -24.19
N GLY T 52 -56.17 19.98 -24.89
CA GLY T 52 -55.06 19.09 -25.07
C GLY T 52 -54.83 18.18 -23.89
N HIS T 53 -53.69 17.50 -23.93
CA HIS T 53 -53.39 16.42 -22.99
C HIS T 53 -52.02 16.65 -22.38
N LYS T 54 -52.01 17.00 -21.08
CA LYS T 54 -50.82 17.31 -20.25
C LYS T 54 -50.04 18.44 -20.93
N GLY T 55 -48.71 18.46 -20.84
CA GLY T 55 -47.93 19.49 -21.48
C GLY T 55 -48.06 20.85 -20.83
N GLU T 56 -47.71 21.90 -21.57
CA GLU T 56 -47.83 23.26 -21.06
C GLU T 56 -49.11 23.92 -21.54
N ARG T 57 -49.72 23.40 -22.60
CA ARG T 57 -50.90 24.01 -23.18
C ARG T 57 -52.17 23.70 -22.42
N GLN T 58 -52.24 22.54 -21.75
CA GLN T 58 -53.40 22.25 -20.90
C GLN T 58 -53.35 23.06 -19.61
N ARG T 59 -52.16 23.26 -19.06
CA ARG T 59 -51.98 24.10 -17.90
C ARG T 59 -52.00 25.58 -18.25
N GLY T 60 -51.92 25.93 -19.54
CA GLY T 60 -52.13 27.30 -19.96
C GLY T 60 -50.96 28.22 -19.68
N THR T 61 -49.75 27.68 -19.59
CA THR T 61 -48.57 28.45 -19.27
C THR T 61 -47.70 28.63 -20.52
N ARG T 62 -48.28 28.44 -21.70
CA ARG T 62 -47.53 28.51 -22.95
C ARG T 62 -47.04 29.94 -23.19
N PRO T 63 -45.85 30.13 -23.80
CA PRO T 63 -45.22 31.46 -23.81
C PRO T 63 -45.89 32.46 -24.73
N ARG T 64 -45.26 33.62 -24.87
CA ARG T 64 -45.85 34.76 -25.57
C ARG T 64 -45.92 34.52 -27.07
N LEU T 65 -46.46 35.51 -27.78
CA LEU T 65 -46.84 35.33 -29.17
C LEU T 65 -45.62 35.28 -30.10
N GLY T 66 -44.63 36.14 -29.86
CA GLY T 66 -43.44 36.14 -30.69
C GLY T 66 -42.39 35.14 -30.29
N PHE T 67 -42.63 34.33 -29.26
CA PHE T 67 -41.62 33.42 -28.75
C PHE T 67 -41.62 32.13 -29.56
N GLU T 68 -40.43 31.70 -29.98
CA GLU T 68 -40.28 30.54 -30.85
C GLU T 68 -39.66 29.34 -30.17
N GLY T 69 -39.47 29.37 -28.85
CA GLY T 69 -38.95 28.22 -28.13
C GLY T 69 -37.49 28.27 -27.77
N GLY T 70 -36.96 29.42 -27.36
CA GLY T 70 -35.56 29.59 -27.06
C GLY T 70 -34.71 29.96 -28.26
N GLN T 71 -35.12 29.54 -29.45
CA GLN T 71 -34.57 30.07 -30.70
C GLN T 71 -34.85 31.56 -30.77
N THR T 72 -33.89 32.31 -31.31
CA THR T 72 -34.04 33.76 -31.45
C THR T 72 -35.18 34.08 -32.40
N PRO T 73 -36.11 34.96 -32.03
CA PRO T 73 -37.36 35.10 -32.77
C PRO T 73 -37.16 35.75 -34.13
N PHE T 74 -38.13 35.51 -35.02
CA PHE T 74 -38.08 36.07 -36.37
C PHE T 74 -38.22 37.59 -36.33
N TYR T 75 -39.05 38.10 -35.42
CA TYR T 75 -39.21 39.54 -35.30
C TYR T 75 -38.05 40.20 -34.56
N LEU T 76 -37.12 39.42 -34.01
CA LEU T 76 -35.95 39.97 -33.33
C LEU T 76 -34.64 39.69 -34.05
N ARG T 77 -34.63 38.83 -35.08
CA ARG T 77 -33.40 38.57 -35.80
C ARG T 77 -33.25 39.48 -37.02
N ILE T 78 -34.35 40.04 -37.50
CA ILE T 78 -34.28 40.96 -38.65
C ILE T 78 -33.64 42.27 -38.19
N PRO T 79 -32.69 42.83 -38.94
CA PRO T 79 -32.09 44.10 -38.52
C PRO T 79 -33.06 45.26 -38.62
N LYS T 80 -32.84 46.26 -37.75
CA LYS T 80 -33.66 47.45 -37.77
C LYS T 80 -33.33 48.31 -38.98
N TYR T 81 -34.37 48.79 -39.65
CA TYR T 81 -34.22 49.79 -40.70
C TYR T 81 -35.43 50.71 -40.63
N GLY T 82 -35.19 52.00 -40.82
CA GLY T 82 -36.24 52.99 -40.66
C GLY T 82 -37.24 52.91 -41.79
N PHE T 83 -38.41 52.33 -41.52
CA PHE T 83 -39.52 52.35 -42.46
C PHE T 83 -40.54 53.36 -41.96
N ASN T 84 -40.79 53.33 -40.66
CA ASN T 84 -41.70 54.24 -39.98
C ASN T 84 -40.97 55.30 -39.17
N GLU T 85 -39.69 55.54 -39.46
CA GLU T 85 -38.96 56.60 -38.78
C GLU T 85 -39.46 57.97 -39.25
N GLY T 86 -40.00 58.73 -38.31
CA GLY T 86 -40.60 60.01 -38.67
C GLY T 86 -41.95 59.90 -39.34
N HIS T 87 -42.65 58.78 -39.16
CA HIS T 87 -43.99 58.64 -39.74
C HIS T 87 -44.99 59.52 -39.01
N SER T 88 -44.74 59.82 -37.73
CA SER T 88 -45.68 60.61 -36.96
C SER T 88 -45.54 62.10 -37.28
N PHE T 89 -44.45 62.48 -37.94
CA PHE T 89 -44.23 63.86 -38.35
C PHE T 89 -44.17 64.03 -39.86
N ARG T 90 -44.29 62.94 -40.63
CA ARG T 90 -44.50 63.08 -42.07
C ARG T 90 -45.89 63.63 -42.34
N HIS T 91 -45.99 64.40 -43.41
CA HIS T 91 -47.20 65.15 -43.72
C HIS T 91 -48.12 64.32 -44.60
N GLN T 92 -49.41 64.29 -44.25
CA GLN T 92 -50.39 63.47 -44.95
C GLN T 92 -51.39 64.38 -45.67
N TYR T 93 -51.83 63.96 -46.85
CA TYR T 93 -52.80 64.69 -47.66
C TYR T 93 -53.82 63.69 -48.22
N GLN T 94 -55.09 63.87 -47.82
CA GLN T 94 -56.16 63.03 -48.33
C GLN T 94 -56.43 63.34 -49.80
N PRO T 95 -56.49 62.33 -50.67
CA PRO T 95 -56.67 62.62 -52.09
C PRO T 95 -58.14 62.91 -52.44
N LEU T 96 -58.32 63.71 -53.48
CA LEU T 96 -59.64 63.97 -54.05
C LEU T 96 -59.53 63.88 -55.57
N SER T 97 -60.29 62.97 -56.17
CA SER T 97 -60.29 62.82 -57.61
C SER T 97 -61.20 63.84 -58.28
N LEU T 98 -60.86 64.17 -59.52
CA LEU T 98 -61.74 65.00 -60.33
C LEU T 98 -63.02 64.27 -60.72
N ASN T 99 -62.96 62.93 -60.81
CA ASN T 99 -64.18 62.14 -60.96
C ASN T 99 -65.10 62.30 -59.76
N ARG T 100 -64.53 62.26 -58.55
CA ARG T 100 -65.32 62.48 -57.34
C ARG T 100 -65.86 63.90 -57.27
N LEU T 101 -65.05 64.88 -57.69
CA LEU T 101 -65.50 66.28 -57.72
C LEU T 101 -66.66 66.47 -58.68
N GLN T 102 -66.55 65.89 -59.88
CA GLN T 102 -67.61 66.03 -60.87
C GLN T 102 -68.86 65.27 -60.45
N TYR T 103 -68.67 64.15 -59.73
CA TYR T 103 -69.80 63.40 -59.18
C TYR T 103 -70.54 64.22 -58.13
N LEU T 104 -69.80 64.89 -57.23
CA LEU T 104 -70.42 65.72 -56.21
C LEU T 104 -71.14 66.92 -56.82
N ILE T 105 -70.54 67.55 -57.83
CA ILE T 105 -71.15 68.72 -58.46
C ILE T 105 -72.39 68.31 -59.26
N ASP T 106 -72.31 67.16 -59.95
CA ASP T 106 -73.43 66.72 -60.77
C ASP T 106 -74.58 66.18 -59.92
N LEU T 107 -74.28 65.68 -58.72
CA LEU T 107 -75.32 65.30 -57.77
C LEU T 107 -75.75 66.44 -56.86
N GLY T 108 -75.11 67.61 -56.97
CA GLY T 108 -75.55 68.76 -56.21
C GLY T 108 -75.13 68.75 -54.76
N ARG T 109 -74.14 67.92 -54.42
CA ARG T 109 -73.58 67.94 -53.07
C ARG T 109 -72.84 69.25 -52.80
N VAL T 110 -72.09 69.72 -53.79
CA VAL T 110 -71.40 71.00 -53.73
C VAL T 110 -71.77 71.79 -54.98
N ASP T 111 -71.67 73.10 -54.87
CA ASP T 111 -72.08 73.90 -56.03
C ASP T 111 -70.94 74.74 -56.60
N PRO T 112 -70.99 75.08 -57.89
CA PRO T 112 -69.92 75.93 -58.46
C PRO T 112 -70.24 77.41 -58.41
N THR T 113 -71.45 77.80 -58.01
CA THR T 113 -71.80 79.23 -57.97
C THR T 113 -71.09 79.93 -56.82
N GLN T 114 -70.87 79.22 -55.72
CA GLN T 114 -70.13 79.65 -54.56
C GLN T 114 -68.70 79.12 -54.65
N PRO T 115 -67.70 79.87 -54.17
CA PRO T 115 -66.33 79.35 -54.16
C PRO T 115 -66.20 78.15 -53.23
N ILE T 116 -65.56 77.10 -53.74
CA ILE T 116 -65.57 75.78 -53.13
C ILE T 116 -64.24 75.56 -52.40
N ASP T 117 -64.32 75.13 -51.15
CA ASP T 117 -63.12 74.82 -50.38
C ASP T 117 -63.34 73.56 -49.55
N LEU T 118 -62.37 73.29 -48.67
CA LEU T 118 -62.39 72.07 -47.85
C LEU T 118 -63.56 72.07 -46.86
N THR T 119 -63.98 73.27 -46.44
CA THR T 119 -65.15 73.39 -45.57
C THR T 119 -66.41 72.86 -46.24
N GLN T 120 -66.72 73.34 -47.44
CA GLN T 120 -67.91 72.85 -48.12
C GLN T 120 -67.72 71.45 -48.69
N LEU T 121 -66.46 71.01 -48.90
CA LEU T 121 -66.22 69.61 -49.23
C LEU T 121 -66.58 68.68 -48.06
N VAL T 122 -66.18 69.06 -46.84
CA VAL T 122 -66.57 68.29 -45.66
C VAL T 122 -68.07 68.36 -45.44
N ASN T 123 -68.66 69.54 -45.69
CA ASN T 123 -70.11 69.72 -45.55
C ASN T 123 -70.89 68.90 -46.59
N GLY T 124 -70.35 68.71 -47.79
CA GLY T 124 -70.90 67.84 -48.80
C GLY T 124 -70.44 66.41 -48.69
N ARG T 125 -69.63 66.10 -47.67
CA ARG T 125 -69.16 64.75 -47.33
C ARG T 125 -68.42 64.08 -48.49
N GLY T 126 -67.62 64.85 -49.21
CA GLY T 126 -66.82 64.28 -50.27
C GLY T 126 -65.50 63.74 -49.75
N VAL T 127 -64.92 64.43 -48.76
CA VAL T 127 -63.72 63.98 -48.09
C VAL T 127 -63.93 64.08 -46.59
N THR T 128 -63.24 63.21 -45.85
CA THR T 128 -63.22 63.28 -44.40
C THR T 128 -61.77 63.48 -43.96
N ILE T 129 -61.54 64.47 -43.10
CA ILE T 129 -60.20 64.83 -42.65
C ILE T 129 -60.10 64.52 -41.17
N GLN T 130 -59.07 63.77 -40.79
CA GLN T 130 -58.75 63.48 -39.40
C GLN T 130 -57.47 64.22 -39.05
N PRO T 131 -57.55 65.38 -38.40
CA PRO T 131 -56.35 66.15 -38.05
C PRO T 131 -55.46 65.47 -37.02
N SER T 132 -56.03 64.63 -36.14
CA SER T 132 -55.21 63.93 -35.15
C SER T 132 -54.50 62.73 -35.74
N LYS T 133 -54.86 62.31 -36.95
CA LYS T 133 -54.02 61.43 -37.75
C LYS T 133 -53.03 62.20 -38.61
N ARG T 134 -52.86 63.50 -38.32
CA ARG T 134 -51.80 64.36 -38.89
C ARG T 134 -51.92 64.50 -40.41
N ASP T 135 -53.16 64.47 -40.91
CA ASP T 135 -53.44 64.97 -42.24
C ASP T 135 -53.25 66.48 -42.26
N TYR T 136 -52.74 67.01 -43.37
CA TYR T 136 -52.62 68.45 -43.53
C TYR T 136 -53.61 69.03 -44.54
N GLY T 137 -54.53 68.24 -45.06
CA GLY T 137 -55.53 68.74 -45.96
C GLY T 137 -55.78 67.79 -47.11
N VAL T 138 -56.17 68.37 -48.24
CA VAL T 138 -56.65 67.63 -49.41
C VAL T 138 -55.73 67.91 -50.59
N GLN T 139 -55.27 66.84 -51.24
CA GLN T 139 -54.49 66.95 -52.47
C GLN T 139 -55.37 66.57 -53.67
N LEU T 140 -55.30 67.38 -54.71
CA LEU T 140 -55.98 67.07 -55.96
C LEU T 140 -55.20 66.01 -56.72
N VAL T 141 -55.89 64.97 -57.17
CA VAL T 141 -55.28 63.92 -57.94
C VAL T 141 -56.03 63.85 -59.28
N GLU T 142 -55.31 63.43 -60.32
CA GLU T 142 -55.69 63.69 -61.70
C GLU T 142 -56.37 62.50 -62.38
N GLU T 143 -57.17 61.74 -61.64
CA GLU T 143 -57.80 60.55 -62.22
C GLU T 143 -58.88 60.92 -63.23
N GLY T 144 -59.64 61.98 -62.96
CA GLY T 144 -60.72 62.38 -63.84
C GLY T 144 -60.47 63.64 -64.63
N ALA T 145 -59.26 63.80 -65.16
CA ALA T 145 -58.93 65.03 -65.89
C ALA T 145 -59.59 65.08 -67.25
N ASP T 146 -59.88 63.93 -67.86
CA ASP T 146 -60.47 63.92 -69.19
C ASP T 146 -61.96 64.23 -69.18
N THR T 147 -62.69 63.81 -68.15
CA THR T 147 -64.13 63.97 -68.12
C THR T 147 -64.60 65.06 -67.17
N PHE T 148 -63.73 66.00 -66.82
CA PHE T 148 -64.10 67.10 -65.92
C PHE T 148 -64.58 68.28 -66.76
N LYS T 149 -65.82 68.70 -66.54
CA LYS T 149 -66.44 69.79 -67.30
C LYS T 149 -66.91 70.95 -66.42
N ALA T 150 -66.61 70.92 -65.13
CA ALA T 150 -67.14 71.94 -64.23
C ALA T 150 -66.19 73.15 -64.16
N LYS T 151 -66.76 74.29 -63.81
CA LYS T 151 -66.02 75.54 -63.62
C LYS T 151 -66.08 75.88 -62.14
N VAL T 152 -64.95 75.74 -61.44
CA VAL T 152 -64.93 75.81 -59.98
C VAL T 152 -63.94 76.88 -59.53
N ASN T 153 -64.10 77.32 -58.29
CA ASN T 153 -63.10 78.10 -57.59
C ASN T 153 -62.58 77.26 -56.42
N ILE T 154 -61.60 76.42 -56.69
CA ILE T 154 -61.25 75.31 -55.79
C ILE T 154 -60.06 75.72 -54.92
N GLU T 155 -60.16 75.39 -53.64
CA GLU T 155 -59.17 75.73 -52.62
C GLU T 155 -58.71 74.41 -52.01
N VAL T 156 -57.48 74.01 -52.29
CA VAL T 156 -56.95 72.75 -51.76
C VAL T 156 -55.63 73.03 -51.06
N GLN T 157 -54.97 71.98 -50.58
CA GLN T 157 -53.71 72.12 -49.88
C GLN T 157 -52.52 71.63 -50.71
N MET T 158 -52.78 70.86 -51.76
CA MET T 158 -51.73 70.34 -52.64
C MET T 158 -52.38 70.07 -53.99
N ALA T 159 -51.62 70.28 -55.05
CA ALA T 159 -52.16 70.13 -56.38
C ALA T 159 -51.14 69.50 -57.29
N SER T 160 -51.63 68.81 -58.32
CA SER T 160 -50.79 68.26 -59.37
C SER T 160 -51.08 68.97 -60.69
N GLU T 161 -50.11 68.91 -61.60
CA GLU T 161 -50.13 69.74 -62.80
C GLU T 161 -51.22 69.32 -63.78
N LEU T 162 -51.52 68.02 -63.85
CA LEU T 162 -52.58 67.57 -64.75
C LEU T 162 -53.95 68.02 -64.24
N ALA T 163 -54.15 67.99 -62.92
CA ALA T 163 -55.40 68.50 -62.34
C ALA T 163 -55.52 70.01 -62.54
N ILE T 164 -54.41 70.74 -62.39
CA ILE T 164 -54.40 72.18 -62.60
C ILE T 164 -54.73 72.51 -64.06
N ALA T 165 -54.11 71.78 -64.99
CA ALA T 165 -54.38 72.00 -66.41
C ALA T 165 -55.80 71.64 -66.77
N ALA T 166 -56.36 70.62 -66.11
CA ALA T 166 -57.74 70.24 -66.36
C ALA T 166 -58.72 71.28 -65.81
N ILE T 167 -58.35 71.99 -64.75
CA ILE T 167 -59.25 72.99 -64.20
C ILE T 167 -59.22 74.28 -65.02
N GLU T 168 -58.03 74.84 -65.28
CA GLU T 168 -58.00 76.01 -66.17
C GLU T 168 -58.13 75.66 -67.66
N LYS T 169 -58.37 74.40 -68.02
CA LYS T 169 -58.97 74.18 -69.33
C LYS T 169 -60.41 74.64 -69.36
N ASN T 170 -61.18 74.30 -68.32
CA ASN T 170 -62.55 74.77 -68.17
C ASN T 170 -62.62 76.22 -67.74
N GLY T 171 -61.54 76.76 -67.19
CA GLY T 171 -61.51 78.17 -66.83
C GLY T 171 -61.69 78.46 -65.37
N GLY T 172 -61.24 77.56 -64.49
CA GLY T 172 -61.41 77.73 -63.07
C GLY T 172 -60.20 78.41 -62.41
N VAL T 173 -60.20 78.35 -61.09
CA VAL T 173 -59.14 78.92 -60.26
C VAL T 173 -58.56 77.82 -59.38
N VAL T 174 -57.24 77.63 -59.45
CA VAL T 174 -56.54 76.72 -58.57
C VAL T 174 -55.60 77.53 -57.69
N THR T 175 -55.71 77.34 -56.38
CA THR T 175 -54.72 77.87 -55.46
C THR T 175 -54.59 76.94 -54.26
N THR T 176 -53.39 76.89 -53.69
CA THR T 176 -53.03 75.92 -52.66
C THR T 176 -52.60 76.64 -51.39
N ALA T 177 -53.18 76.25 -50.26
CA ALA T 177 -52.96 76.90 -48.97
C ALA T 177 -52.44 75.93 -47.91
N PHE T 178 -51.70 76.47 -46.94
CA PHE T 178 -51.26 75.72 -45.78
C PHE T 178 -52.17 76.00 -44.59
N TYR T 179 -52.43 74.94 -43.83
CA TYR T 179 -53.06 75.08 -42.52
C TYR T 179 -52.24 74.32 -41.49
N ASP T 180 -52.01 74.96 -40.35
CA ASP T 180 -51.54 74.30 -39.14
C ASP T 180 -52.63 73.33 -38.68
N PRO T 181 -52.27 72.23 -37.98
CA PRO T 181 -53.32 71.30 -37.50
C PRO T 181 -54.41 71.89 -36.62
N ARG T 182 -54.08 72.90 -35.81
CA ARG T 182 -55.10 73.63 -35.05
C ARG T 182 -56.08 74.34 -35.97
N SER T 183 -55.55 75.09 -36.95
CA SER T 183 -56.39 75.81 -37.89
C SER T 183 -57.15 74.86 -38.81
N LEU T 184 -56.59 73.68 -39.03
CA LEU T 184 -57.25 72.70 -39.89
C LEU T 184 -58.39 72.01 -39.17
N GLU T 185 -58.22 71.78 -37.85
CA GLU T 185 -59.33 71.29 -37.02
C GLU T 185 -60.46 72.30 -36.99
N ILE T 186 -60.10 73.60 -36.83
CA ILE T 186 -61.08 74.68 -36.87
C ILE T 186 -61.74 74.76 -38.24
N LEU T 187 -60.97 74.51 -39.31
CA LEU T 187 -61.49 74.58 -40.67
C LEU T 187 -62.48 73.46 -40.94
N CYS T 188 -62.15 72.23 -40.55
CA CYS T 188 -62.99 71.09 -40.88
C CYS T 188 -64.22 71.02 -39.99
N LYS T 189 -64.10 71.40 -38.71
CA LYS T 189 -65.23 71.39 -37.79
C LYS T 189 -65.38 72.80 -37.22
N PRO T 190 -66.04 73.70 -37.94
CA PRO T 190 -66.19 75.07 -37.43
C PRO T 190 -67.22 75.19 -36.31
N VAL T 191 -68.35 74.50 -36.44
CA VAL T 191 -69.42 74.52 -35.44
C VAL T 191 -68.97 73.91 -34.10
N PRO T 192 -68.25 72.77 -34.03
CA PRO T 192 -67.66 72.38 -32.73
C PRO T 192 -66.64 73.38 -32.20
N PHE T 193 -65.97 74.15 -33.07
CA PHE T 193 -65.18 75.27 -32.59
C PHE T 193 -66.07 76.45 -32.19
N PHE T 194 -67.22 76.61 -32.85
CA PHE T 194 -68.10 77.72 -32.53
C PHE T 194 -68.85 77.52 -31.22
N LEU T 195 -68.99 76.29 -30.75
CA LEU T 195 -69.48 76.07 -29.39
C LEU T 195 -68.37 75.99 -28.35
N ARG T 196 -67.15 76.42 -28.68
CA ARG T 196 -66.07 76.45 -27.69
C ARG T 196 -65.95 77.79 -26.99
N GLY T 197 -66.53 78.85 -27.54
CA GLY T 197 -66.44 80.17 -26.95
C GLY T 197 -65.05 80.76 -26.96
N GLN T 198 -64.35 80.56 -28.07
CA GLN T 198 -62.97 81.01 -28.22
C GLN T 198 -62.87 81.93 -29.43
N PRO T 199 -62.03 82.95 -29.37
CA PRO T 199 -61.77 83.79 -30.54
C PRO T 199 -61.05 83.00 -31.63
N ILE T 200 -61.27 83.42 -32.87
CA ILE T 200 -60.64 82.79 -34.04
C ILE T 200 -59.17 83.19 -34.04
N PRO T 201 -58.24 82.23 -34.03
CA PRO T 201 -56.82 82.60 -34.03
C PRO T 201 -56.28 82.76 -35.44
N LYS T 202 -55.02 83.21 -35.51
CA LYS T 202 -54.38 83.46 -36.78
C LYS T 202 -54.01 82.16 -37.49
N ARG T 203 -54.08 82.19 -38.82
CA ARG T 203 -53.61 81.09 -39.64
C ARG T 203 -52.09 81.18 -39.71
N MET T 204 -51.42 80.04 -39.49
CA MET T 204 -49.99 80.05 -39.28
C MET T 204 -49.23 79.86 -40.60
N LEU T 205 -47.97 80.27 -40.60
CA LEU T 205 -47.08 80.16 -41.73
C LEU T 205 -46.57 78.73 -41.88
N PRO T 206 -46.27 78.30 -43.11
CA PRO T 206 -45.74 76.94 -43.31
C PRO T 206 -44.34 76.80 -42.76
N PRO T 207 -43.90 75.56 -42.45
CA PRO T 207 -42.52 75.34 -42.02
C PRO T 207 -41.50 75.56 -43.12
N GLU T 208 -40.21 75.40 -42.75
CA GLU T 208 -39.11 75.67 -43.67
C GLU T 208 -39.07 74.68 -44.83
N ALA T 209 -39.59 73.47 -44.64
CA ALA T 209 -39.68 72.53 -45.75
C ALA T 209 -40.84 72.88 -46.69
N LEU T 210 -41.90 73.48 -46.16
CA LEU T 210 -43.08 73.79 -46.96
C LEU T 210 -43.13 75.24 -47.42
N VAL T 211 -42.07 76.02 -47.20
CA VAL T 211 -41.96 77.33 -47.85
C VAL T 211 -41.98 77.28 -49.37
N PRO T 212 -41.11 76.50 -50.07
CA PRO T 212 -41.02 76.68 -51.52
C PRO T 212 -42.20 76.13 -52.31
N TYR T 213 -43.01 75.24 -51.73
CA TYR T 213 -44.16 74.74 -52.47
C TYR T 213 -45.25 75.80 -52.57
N TYR T 214 -45.37 76.65 -51.55
CA TYR T 214 -46.33 77.74 -51.54
C TYR T 214 -45.71 79.08 -51.95
N THR T 215 -44.40 79.13 -52.15
CA THR T 215 -43.73 80.35 -52.60
C THR T 215 -43.62 80.44 -54.11
N ASP T 216 -43.50 79.32 -54.81
CA ASP T 216 -43.44 79.32 -56.27
C ASP T 216 -44.84 79.39 -56.87
N ALA T 217 -44.92 79.99 -58.06
CA ALA T 217 -46.19 80.14 -58.76
C ALA T 217 -46.54 78.94 -59.62
N LYS T 218 -45.62 77.98 -59.78
CA LYS T 218 -45.93 76.79 -60.57
C LYS T 218 -46.92 75.88 -59.86
N ASN T 219 -46.88 75.84 -58.53
CA ASN T 219 -47.84 75.08 -57.74
C ASN T 219 -49.04 75.90 -57.31
N ARG T 220 -49.13 77.16 -57.77
CA ARG T 220 -50.18 78.12 -57.40
C ARG T 220 -50.27 78.31 -55.89
N GLY T 221 -49.13 78.60 -55.27
CA GLY T 221 -49.13 78.89 -53.85
C GLY T 221 -49.76 80.24 -53.57
N TYR T 222 -50.38 80.35 -52.38
CA TYR T 222 -51.06 81.60 -52.01
C TYR T 222 -50.06 82.72 -51.78
N LEU T 223 -48.87 82.39 -51.31
CA LEU T 223 -47.85 83.32 -50.88
C LEU T 223 -46.93 83.70 -52.02
N ALA T 224 -47.19 83.17 -53.21
CA ALA T 224 -46.43 83.47 -54.40
C ALA T 224 -46.73 84.87 -54.89
N ASP T 225 -45.87 85.36 -55.76
CA ASP T 225 -46.07 86.67 -56.36
C ASP T 225 -47.18 86.57 -57.39
N PRO T 226 -48.24 87.39 -57.28
CA PRO T 226 -49.33 87.33 -58.28
C PRO T 226 -48.93 87.78 -59.68
N ALA T 227 -47.80 88.48 -59.83
CA ALA T 227 -47.34 88.86 -61.16
C ALA T 227 -46.79 87.66 -61.92
N ARG T 228 -46.33 86.63 -61.21
CA ARG T 228 -45.83 85.43 -61.86
C ARG T 228 -46.92 84.42 -62.18
N PHE T 229 -48.14 84.66 -61.72
CA PHE T 229 -49.28 83.78 -62.02
C PHE T 229 -49.65 83.69 -63.51
N PRO T 230 -49.85 84.78 -64.28
CA PRO T 230 -50.36 84.60 -65.66
C PRO T 230 -49.38 83.94 -66.61
N GLU T 231 -48.06 84.12 -66.41
CA GLU T 231 -47.10 83.42 -67.25
C GLU T 231 -47.13 81.92 -66.96
N ALA T 232 -47.42 81.54 -65.71
CA ALA T 232 -47.55 80.13 -65.38
C ALA T 232 -48.82 79.53 -65.97
N ARG T 233 -49.93 80.29 -65.90
CA ARG T 233 -51.19 79.85 -66.50
C ARG T 233 -51.07 79.70 -68.01
N LEU T 234 -50.27 80.57 -68.65
CA LEU T 234 -50.12 80.46 -70.10
C LEU T 234 -49.10 79.39 -70.47
N GLU T 235 -48.12 79.13 -69.59
CA GLU T 235 -47.19 78.03 -69.83
C GLU T 235 -47.87 76.67 -69.75
N LEU T 236 -48.81 76.52 -68.80
CA LEU T 236 -49.60 75.28 -68.72
C LEU T 236 -50.45 75.09 -69.99
N ALA T 237 -51.03 76.18 -70.49
CA ALA T 237 -51.83 76.11 -71.71
C ALA T 237 -50.97 75.78 -72.93
N ARG T 238 -49.77 76.36 -73.01
CA ARG T 238 -48.85 76.04 -74.10
C ARG T 238 -48.40 74.58 -74.03
N LYS T 239 -48.16 74.08 -72.82
CA LYS T 239 -47.70 72.72 -72.66
C LYS T 239 -48.80 71.71 -73.00
N TYR T 240 -50.04 72.02 -72.65
CA TYR T 240 -51.09 71.02 -72.75
C TYR T 240 -52.05 71.26 -73.92
N GLY T 241 -51.82 72.30 -74.73
CA GLY T 241 -52.57 72.50 -75.96
C GLY T 241 -54.03 72.83 -75.83
N TYR T 242 -54.38 73.72 -74.90
CA TYR T 242 -55.74 74.24 -74.80
C TYR T 242 -55.67 75.76 -74.82
N VAL T 243 -56.71 76.38 -75.37
CA VAL T 243 -56.80 77.83 -75.40
C VAL T 243 -57.12 78.33 -74.00
N LEU T 244 -56.37 79.31 -73.54
CA LEU T 244 -56.53 79.81 -72.18
C LEU T 244 -57.71 80.77 -72.13
N PRO T 245 -58.74 80.50 -71.32
CA PRO T 245 -59.90 81.39 -71.28
C PRO T 245 -59.58 82.71 -70.59
N ASP T 246 -60.33 83.74 -70.97
CA ASP T 246 -60.22 85.05 -70.36
C ASP T 246 -61.19 85.10 -69.18
N ILE T 247 -60.65 84.95 -67.97
CA ILE T 247 -61.49 84.87 -66.78
C ILE T 247 -62.02 86.24 -66.38
N THR T 248 -61.34 87.31 -66.80
CA THR T 248 -61.74 88.67 -66.40
C THR T 248 -63.04 89.08 -67.08
N LYS T 249 -63.34 88.51 -68.24
CA LYS T 249 -64.56 88.84 -68.97
C LYS T 249 -65.74 87.97 -68.56
N ASP T 250 -65.55 87.03 -67.64
CA ASP T 250 -66.64 86.19 -67.20
C ASP T 250 -67.54 86.93 -66.20
N GLU T 251 -68.78 86.47 -66.09
CA GLU T 251 -69.73 87.09 -65.18
C GLU T 251 -69.47 86.72 -63.73
N LEU T 252 -68.75 85.62 -63.50
CA LEU T 252 -68.42 85.17 -62.15
C LEU T 252 -67.00 85.52 -61.74
N PHE T 253 -66.44 86.61 -62.27
CA PHE T 253 -65.05 86.95 -61.99
C PHE T 253 -64.87 87.44 -60.56
N LYS T 254 -65.86 88.15 -60.01
CA LYS T 254 -65.80 88.56 -58.60
C LYS T 254 -65.89 87.36 -57.68
N MET T 255 -66.57 86.30 -58.11
CA MET T 255 -66.57 85.05 -57.37
C MET T 255 -65.24 84.31 -57.47
N LEU T 256 -64.66 84.25 -58.67
CA LEU T 256 -63.43 83.49 -58.87
C LEU T 256 -62.21 84.23 -58.33
N SER T 257 -62.32 85.55 -58.12
CA SER T 257 -61.22 86.30 -57.56
C SER T 257 -61.24 86.30 -56.03
N THR T 258 -62.20 85.61 -55.42
CA THR T 258 -62.27 85.56 -53.97
C THR T 258 -61.14 84.70 -53.41
N ARG T 259 -60.38 85.28 -52.50
CA ARG T 259 -59.21 84.67 -51.92
C ARG T 259 -59.29 84.73 -50.40
N LYS T 260 -58.22 84.33 -49.74
CA LYS T 260 -58.09 84.43 -48.30
C LYS T 260 -56.82 85.18 -47.94
N ASP T 261 -56.91 85.99 -46.89
CA ASP T 261 -55.72 86.51 -46.23
C ASP T 261 -54.94 85.33 -45.66
N PRO T 262 -53.60 85.32 -45.80
CA PRO T 262 -52.80 84.23 -45.20
C PRO T 262 -52.91 84.05 -43.69
N ARG T 263 -53.39 85.06 -42.96
CA ARG T 263 -53.67 84.90 -41.54
C ARG T 263 -55.15 84.70 -41.24
N GLN T 264 -55.98 84.52 -42.27
CA GLN T 264 -57.42 84.37 -42.11
C GLN T 264 -57.84 82.96 -42.53
N ILE T 265 -58.71 82.35 -41.73
CA ILE T 265 -59.11 80.96 -41.98
C ILE T 265 -60.35 80.90 -42.89
N PHE T 266 -61.39 81.65 -42.55
CA PHE T 266 -62.70 81.50 -43.17
C PHE T 266 -62.93 82.59 -44.22
N PHE T 267 -64.05 82.47 -44.93
CA PHE T 267 -64.53 83.49 -45.86
C PHE T 267 -65.34 84.52 -45.08
N GLY T 268 -64.93 85.78 -45.19
CA GLY T 268 -65.68 86.88 -44.61
C GLY T 268 -65.50 87.09 -43.12
N LEU T 269 -64.72 86.25 -42.45
CA LEU T 269 -64.46 86.39 -41.03
C LEU T 269 -63.04 86.90 -40.83
N ALA T 270 -62.74 87.29 -39.59
CA ALA T 270 -61.43 87.83 -39.26
C ALA T 270 -60.97 87.19 -37.96
N PRO T 271 -59.66 87.13 -37.72
CA PRO T 271 -59.18 86.68 -36.40
C PRO T 271 -59.60 87.64 -35.30
N GLY T 272 -59.88 87.08 -34.12
CA GLY T 272 -60.35 87.83 -32.99
C GLY T 272 -61.86 87.93 -32.88
N TRP T 273 -62.60 87.58 -33.94
CA TRP T 273 -64.04 87.63 -33.88
C TRP T 273 -64.59 86.46 -33.09
N VAL T 274 -65.67 86.71 -32.36
CA VAL T 274 -66.32 85.67 -31.55
C VAL T 274 -67.76 85.55 -32.02
N VAL T 275 -68.15 84.34 -32.42
CA VAL T 275 -69.47 84.10 -33.01
C VAL T 275 -70.37 83.55 -31.92
N ASN T 276 -71.32 84.37 -31.46
CA ASN T 276 -72.36 83.91 -30.54
C ASN T 276 -73.56 83.47 -31.37
N MET T 277 -73.68 82.16 -31.57
CA MET T 277 -74.71 81.62 -32.45
C MET T 277 -76.06 81.45 -31.78
N ALA T 278 -76.14 81.62 -30.46
CA ALA T 278 -77.45 81.66 -29.81
C ALA T 278 -78.15 82.99 -30.08
N ASP T 279 -77.40 84.09 -30.11
CA ASP T 279 -77.93 85.39 -30.46
C ASP T 279 -77.76 85.73 -31.92
N LYS T 280 -77.11 84.85 -32.70
CA LYS T 280 -76.79 85.04 -34.12
C LYS T 280 -76.00 86.32 -34.37
N LYS T 281 -75.04 86.60 -33.49
CA LYS T 281 -74.34 87.87 -33.49
C LYS T 281 -72.83 87.68 -33.38
N ILE T 282 -72.09 88.76 -33.69
CA ILE T 282 -70.63 88.73 -33.83
C ILE T 282 -70.04 89.74 -32.86
N LEU T 283 -68.98 89.34 -32.15
CA LEU T 283 -68.21 90.22 -31.28
C LEU T 283 -66.86 90.50 -31.91
N LYS T 284 -66.45 91.77 -31.89
CA LYS T 284 -65.17 92.21 -32.42
C LYS T 284 -64.34 92.85 -31.31
N PRO T 285 -63.02 92.68 -31.33
CA PRO T 285 -62.18 93.41 -30.37
C PRO T 285 -62.00 94.86 -30.79
N THR T 286 -61.67 95.72 -29.83
CA THR T 286 -61.35 97.12 -30.09
C THR T 286 -60.08 97.59 -29.43
N ASP T 287 -59.46 96.76 -28.59
CA ASP T 287 -58.19 97.11 -27.96
C ASP T 287 -57.08 97.18 -28.99
N GLU T 288 -56.18 98.16 -28.82
CA GLU T 288 -55.11 98.38 -29.79
C GLU T 288 -54.10 97.23 -29.78
N ASN T 289 -53.80 96.67 -28.60
CA ASN T 289 -52.90 95.53 -28.54
C ASN T 289 -53.55 94.28 -29.11
N LEU T 290 -54.85 94.10 -28.86
CA LEU T 290 -55.58 92.95 -29.41
C LEU T 290 -55.65 93.02 -30.93
N LEU T 291 -55.95 94.21 -31.48
CA LEU T 291 -55.95 94.39 -32.93
C LEU T 291 -54.57 94.20 -33.54
N LYS T 292 -53.51 94.67 -32.87
CA LYS T 292 -52.16 94.47 -33.37
C LYS T 292 -51.77 92.99 -33.37
N TYR T 293 -52.17 92.24 -32.34
CA TYR T 293 -51.91 90.81 -32.31
C TYR T 293 -52.69 90.04 -33.37
N TYR T 294 -54.00 90.28 -33.47
CA TYR T 294 -54.80 89.49 -34.39
C TYR T 294 -54.74 90.02 -35.82
N SER T 295 -54.04 91.12 -36.06
CA SER T 295 -53.75 91.56 -37.42
C SER T 295 -52.28 91.39 -37.79
N SER T 296 -51.42 91.05 -36.82
CA SER T 296 -50.01 90.81 -37.12
C SER T 296 -49.80 89.42 -37.71
N PHE U 30 -15.76 -69.01 -57.06
CA PHE U 30 -15.25 -68.43 -58.30
C PHE U 30 -15.86 -67.06 -58.56
N LYS U 31 -15.01 -66.10 -58.92
CA LYS U 31 -15.44 -64.75 -59.27
C LYS U 31 -14.63 -64.27 -60.46
N THR U 32 -15.18 -63.29 -61.18
CA THR U 32 -14.55 -62.76 -62.37
C THR U 32 -13.78 -61.49 -62.03
N LEU U 33 -12.55 -61.39 -62.54
CA LEU U 33 -11.71 -60.24 -62.31
C LEU U 33 -12.23 -59.04 -63.09
N LEU U 34 -11.86 -57.85 -62.61
CA LEU U 34 -12.30 -56.60 -63.20
C LEU U 34 -11.08 -55.74 -63.47
N PRO U 35 -11.09 -54.90 -64.50
CA PRO U 35 -9.93 -54.04 -64.77
C PRO U 35 -9.75 -52.96 -63.72
N VAL U 36 -8.51 -52.76 -63.30
CA VAL U 36 -8.16 -51.73 -62.33
C VAL U 36 -8.01 -50.41 -63.08
N PRO U 37 -8.48 -49.29 -62.52
CA PRO U 37 -8.16 -47.99 -63.11
C PRO U 37 -6.68 -47.67 -62.97
N THR U 38 -6.00 -47.52 -64.11
CA THR U 38 -4.58 -47.22 -64.14
C THR U 38 -4.40 -45.76 -64.51
N PHE U 39 -3.70 -45.02 -63.63
CA PHE U 39 -3.53 -43.57 -63.77
C PHE U 39 -2.09 -43.29 -64.14
N GLU U 40 -1.85 -42.99 -65.41
CA GLU U 40 -0.51 -42.70 -65.91
C GLU U 40 -0.32 -41.24 -66.28
N ASP U 41 -1.38 -40.45 -66.34
CA ASP U 41 -1.31 -39.04 -66.70
C ASP U 41 -1.22 -38.11 -65.49
N VAL U 42 -1.24 -38.66 -64.28
CA VAL U 42 -1.23 -37.86 -63.06
C VAL U 42 0.21 -37.46 -62.75
N ALA U 43 0.46 -36.15 -62.63
CA ALA U 43 1.78 -35.64 -62.29
C ALA U 43 1.72 -35.00 -60.91
N ILE U 44 2.64 -35.39 -60.03
CA ILE U 44 2.69 -34.87 -58.67
C ILE U 44 3.62 -33.66 -58.67
N PRO U 45 3.12 -32.47 -58.33
CA PRO U 45 4.00 -31.29 -58.28
C PRO U 45 4.88 -31.31 -57.04
N GLU U 46 5.89 -30.45 -57.07
CA GLU U 46 6.75 -30.29 -55.92
C GLU U 46 6.03 -29.56 -54.79
N LYS U 47 6.47 -29.86 -53.56
CA LYS U 47 5.77 -29.49 -52.33
C LYS U 47 4.29 -29.90 -52.35
N PRO U 48 4.00 -31.21 -52.25
CA PRO U 48 2.60 -31.64 -52.35
C PRO U 48 1.79 -31.38 -51.10
N LYS U 49 2.42 -31.03 -49.98
CA LYS U 49 1.70 -30.74 -48.76
C LYS U 49 1.04 -29.37 -48.84
N LEU U 50 0.11 -29.14 -47.92
CA LEU U 50 -0.63 -27.87 -47.89
C LEU U 50 0.26 -26.74 -47.41
N ARG U 51 0.16 -25.60 -48.08
CA ARG U 51 0.98 -24.44 -47.75
C ARG U 51 0.53 -23.83 -46.43
N PHE U 52 1.51 -23.47 -45.61
CA PHE U 52 1.25 -22.86 -44.30
C PHE U 52 0.64 -21.48 -44.47
N VAL U 53 -0.46 -21.24 -43.76
CA VAL U 53 -1.16 -19.97 -43.81
C VAL U 53 -0.79 -19.16 -42.58
N GLU U 54 -1.05 -17.86 -42.65
CA GLU U 54 -0.66 -16.93 -41.60
C GLU U 54 -1.84 -16.61 -40.70
N ARG U 55 -1.53 -16.26 -39.45
CA ARG U 55 -2.56 -15.79 -38.52
C ARG U 55 -3.17 -14.47 -39.01
N VAL U 56 -2.32 -13.50 -39.29
CA VAL U 56 -2.70 -12.16 -39.73
C VAL U 56 -2.02 -11.92 -41.07
N PRO U 57 -2.69 -11.34 -42.06
CA PRO U 57 -2.01 -10.98 -43.31
C PRO U 57 -0.90 -9.95 -43.06
N LEU U 58 0.11 -9.99 -43.94
CA LEU U 58 1.35 -9.25 -43.74
C LEU U 58 1.15 -7.73 -43.74
N VAL U 59 0.11 -7.23 -44.41
CA VAL U 59 -0.31 -5.86 -44.20
C VAL U 59 -1.62 -5.88 -43.40
N PRO U 60 -1.64 -5.28 -42.21
CA PRO U 60 -2.86 -5.30 -41.39
C PRO U 60 -3.88 -4.29 -41.90
N LYS U 61 -5.15 -4.64 -41.78
CA LYS U 61 -6.23 -3.70 -42.08
C LYS U 61 -6.46 -2.80 -40.88
N VAL U 62 -6.18 -1.50 -41.04
CA VAL U 62 -6.32 -0.59 -39.92
C VAL U 62 -7.71 0.01 -39.86
N ARG U 63 -8.45 -0.06 -40.97
CA ARG U 63 -9.81 0.47 -41.01
C ARG U 63 -10.80 -0.64 -40.69
N ARG U 64 -11.60 -0.44 -39.65
CA ARG U 64 -12.62 -1.41 -39.29
C ARG U 64 -13.85 -1.22 -40.17
N GLU U 65 -14.19 -2.25 -40.93
CA GLU U 65 -15.31 -2.19 -41.87
C GLU U 65 -16.51 -2.93 -41.29
N ARG U 66 -17.67 -2.69 -41.89
CA ARG U 66 -18.91 -3.30 -41.45
C ARG U 66 -18.92 -4.79 -41.75
N LYS U 67 -19.59 -5.56 -40.88
CA LYS U 67 -19.68 -7.00 -41.02
C LYS U 67 -20.78 -7.34 -42.02
N ASN U 68 -20.40 -7.58 -43.27
CA ASN U 68 -21.35 -8.00 -44.28
C ASN U 68 -21.70 -9.47 -44.04
N LEU U 69 -22.99 -9.79 -44.12
CA LEU U 69 -23.44 -11.17 -44.08
C LEU U 69 -23.85 -11.69 -45.45
N SER U 70 -23.81 -10.84 -46.48
CA SER U 70 -24.07 -11.26 -47.84
C SER U 70 -22.94 -12.10 -48.43
N ASP U 71 -21.75 -12.10 -47.81
CA ASP U 71 -20.69 -13.00 -48.22
C ASP U 71 -20.90 -14.42 -47.70
N ILE U 72 -21.82 -14.60 -46.77
CA ILE U 72 -22.24 -15.94 -46.37
C ILE U 72 -23.55 -16.31 -47.05
N ARG U 73 -24.47 -15.35 -47.16
CA ARG U 73 -25.78 -15.59 -47.73
C ARG U 73 -25.70 -15.85 -49.23
N GLY U 74 -26.50 -16.82 -49.68
CA GLY U 74 -26.65 -17.09 -51.09
C GLY U 74 -25.70 -18.16 -51.61
N PRO U 75 -25.95 -18.62 -52.84
CA PRO U 75 -25.07 -19.62 -53.45
C PRO U 75 -23.72 -19.04 -53.83
N SER U 76 -22.73 -19.92 -53.88
CA SER U 76 -21.37 -19.53 -54.21
C SER U 76 -21.23 -19.31 -55.71
N THR U 77 -20.48 -18.27 -56.08
CA THR U 77 -20.18 -17.98 -57.47
C THR U 77 -18.71 -18.24 -57.80
N GLU U 78 -17.83 -18.01 -56.82
CA GLU U 78 -16.40 -18.16 -57.05
C GLU U 78 -15.91 -19.52 -56.56
N ALA U 79 -15.09 -20.17 -57.41
CA ALA U 79 -14.45 -21.47 -57.13
C ALA U 79 -15.46 -22.57 -56.80
N THR U 80 -16.44 -22.74 -57.68
CA THR U 80 -17.41 -23.82 -57.55
C THR U 80 -17.07 -25.03 -58.40
N GLU U 81 -15.93 -25.01 -59.10
CA GLU U 81 -15.55 -26.08 -60.01
C GLU U 81 -14.12 -26.52 -59.73
N PHE U 82 -13.77 -27.68 -60.28
CA PHE U 82 -12.43 -28.24 -60.12
C PHE U 82 -11.46 -27.59 -61.09
N THR U 83 -10.19 -27.55 -60.69
CA THR U 83 -9.14 -27.05 -61.57
C THR U 83 -8.13 -28.15 -61.91
N GLU U 84 -7.48 -28.71 -60.89
CA GLU U 84 -6.45 -29.71 -61.10
C GLU U 84 -6.78 -31.03 -60.44
N GLY U 85 -7.19 -31.00 -59.17
CA GLY U 85 -7.46 -32.23 -58.45
C GLY U 85 -8.78 -32.87 -58.85
N ARG U 86 -9.00 -34.07 -58.33
CA ARG U 86 -10.19 -34.84 -58.63
C ARG U 86 -11.10 -35.04 -57.43
N PHE U 87 -10.65 -34.69 -56.22
CA PHE U 87 -11.46 -34.80 -55.02
C PHE U 87 -11.47 -33.43 -54.34
N ALA U 88 -12.48 -33.18 -53.53
CA ALA U 88 -12.58 -31.90 -52.87
C ALA U 88 -13.45 -32.02 -51.62
N ILE U 89 -13.40 -30.96 -50.82
CA ILE U 89 -14.31 -30.79 -49.68
C ILE U 89 -15.37 -29.77 -50.10
N LEU U 90 -16.60 -30.24 -50.28
CA LEU U 90 -17.71 -29.40 -50.71
C LEU U 90 -18.47 -28.89 -49.50
N ALA U 91 -18.76 -27.59 -49.50
CA ALA U 91 -19.44 -26.93 -48.40
C ALA U 91 -20.93 -26.83 -48.72
N LEU U 92 -21.76 -27.59 -47.99
CA LEU U 92 -23.20 -27.50 -48.19
C LEU U 92 -23.79 -26.25 -47.53
N GLY U 93 -23.15 -25.71 -46.50
CA GLY U 93 -23.61 -24.51 -45.83
C GLY U 93 -22.60 -23.38 -45.93
N GLY U 94 -23.00 -22.24 -45.37
CA GLY U 94 -22.15 -21.08 -45.31
C GLY U 94 -21.60 -20.85 -43.91
N GLY U 95 -20.50 -20.12 -43.84
CA GLY U 95 -19.92 -19.80 -42.56
C GLY U 95 -18.51 -19.24 -42.70
N TYR U 96 -17.91 -18.98 -41.55
CA TYR U 96 -16.59 -18.39 -41.47
C TYR U 96 -15.55 -19.45 -41.14
N LEU U 97 -14.35 -19.29 -41.70
CA LEU U 97 -13.21 -20.16 -41.41
C LEU U 97 -12.08 -19.30 -40.86
N HIS U 98 -11.43 -19.76 -39.81
CA HIS U 98 -10.29 -19.05 -39.26
C HIS U 98 -9.10 -19.99 -39.07
N TRP U 99 -8.09 -19.47 -38.35
CA TRP U 99 -6.77 -20.09 -38.31
C TRP U 99 -6.79 -21.44 -37.61
N GLY U 100 -7.71 -21.64 -36.67
CA GLY U 100 -7.86 -22.95 -36.05
C GLY U 100 -8.32 -24.00 -37.03
N HIS U 101 -9.31 -23.66 -37.87
CA HIS U 101 -9.78 -24.59 -38.89
C HIS U 101 -8.73 -24.82 -39.97
N PHE U 102 -7.98 -23.77 -40.32
CA PHE U 102 -6.92 -23.92 -41.30
C PHE U 102 -5.80 -24.83 -40.79
N GLU U 103 -5.41 -24.65 -39.52
CA GLU U 103 -4.40 -25.52 -38.91
C GLU U 103 -4.91 -26.95 -38.78
N MET U 104 -6.19 -27.11 -38.46
CA MET U 104 -6.86 -28.41 -38.41
C MET U 104 -6.75 -29.14 -39.75
N MET U 105 -7.15 -28.48 -40.83
CA MET U 105 -7.11 -29.09 -42.16
C MET U 105 -5.68 -29.39 -42.59
N ARG U 106 -4.77 -28.45 -42.35
CA ARG U 106 -3.37 -28.61 -42.75
C ARG U 106 -2.72 -29.78 -42.04
N LEU U 107 -2.82 -29.82 -40.70
CA LEU U 107 -2.20 -30.88 -39.92
C LEU U 107 -2.83 -32.24 -40.21
N THR U 108 -4.16 -32.29 -40.35
CA THR U 108 -4.84 -33.57 -40.54
C THR U 108 -4.52 -34.17 -41.90
N ILE U 109 -4.54 -33.35 -42.96
CA ILE U 109 -4.21 -33.85 -44.29
C ILE U 109 -2.72 -34.19 -44.39
N ASN U 110 -1.87 -33.37 -43.76
CA ASN U 110 -0.43 -33.60 -43.85
C ASN U 110 0.00 -34.84 -43.07
N ARG U 111 -0.73 -35.23 -42.03
CA ARG U 111 -0.38 -36.50 -41.39
C ARG U 111 -1.19 -37.68 -41.90
N SER U 112 -2.24 -37.46 -42.67
CA SER U 112 -3.08 -38.57 -43.11
C SER U 112 -2.97 -38.89 -44.60
N MET U 113 -2.20 -38.13 -45.37
CA MET U 113 -2.02 -38.45 -46.77
C MET U 113 -0.61 -38.95 -47.01
N ASP U 114 -0.41 -39.53 -48.21
CA ASP U 114 0.92 -39.93 -48.65
C ASP U 114 1.48 -38.84 -49.55
N PRO U 115 2.60 -38.21 -49.19
CA PRO U 115 3.19 -37.16 -50.05
C PRO U 115 3.59 -37.64 -51.44
N LYS U 116 3.95 -38.91 -51.58
CA LYS U 116 4.35 -39.44 -52.89
C LYS U 116 3.15 -39.60 -53.81
N ASN U 117 2.00 -39.98 -53.26
CA ASN U 117 0.84 -40.31 -54.08
C ASN U 117 -0.24 -39.24 -54.08
N MET U 118 -0.18 -38.25 -53.18
CA MET U 118 -1.23 -37.25 -53.07
C MET U 118 -0.62 -35.86 -53.21
N PHE U 119 -1.43 -34.93 -53.73
CA PHE U 119 -1.14 -33.51 -53.59
C PHE U 119 -2.44 -32.79 -53.25
N ALA U 120 -2.31 -31.72 -52.48
CA ALA U 120 -3.45 -30.96 -51.99
C ALA U 120 -3.27 -29.49 -52.32
N LEU U 121 -4.40 -28.79 -52.43
CA LEU U 121 -4.42 -27.40 -52.85
C LEU U 121 -5.55 -26.67 -52.14
N TRP U 122 -5.26 -25.46 -51.67
CA TRP U 122 -6.29 -24.60 -51.09
C TRP U 122 -7.11 -23.99 -52.22
N ARG U 123 -8.44 -24.05 -52.09
CA ARG U 123 -9.34 -23.30 -52.95
C ARG U 123 -9.95 -22.12 -52.22
N VAL U 124 -9.45 -21.80 -51.03
CA VAL U 124 -9.93 -20.68 -50.22
C VAL U 124 -8.73 -19.78 -49.92
N PRO U 125 -8.93 -18.48 -49.75
CA PRO U 125 -7.80 -17.60 -49.44
C PRO U 125 -7.42 -17.64 -47.97
N ALA U 126 -6.48 -16.79 -47.60
CA ALA U 126 -6.09 -16.63 -46.21
C ALA U 126 -7.19 -15.90 -45.45
N PRO U 127 -7.22 -16.00 -44.11
CA PRO U 127 -8.14 -15.17 -43.33
C PRO U 127 -7.85 -13.69 -43.49
N PHE U 128 -8.78 -12.99 -44.15
CA PHE U 128 -8.56 -11.61 -44.56
C PHE U 128 -9.64 -10.64 -44.09
N LYS U 129 -10.82 -11.13 -43.72
CA LYS U 129 -11.86 -10.24 -43.19
C LYS U 129 -11.72 -10.16 -41.69
N PRO U 130 -11.43 -8.99 -41.12
CA PRO U 130 -11.25 -8.92 -39.67
C PRO U 130 -12.57 -8.94 -38.92
N ILE U 131 -12.56 -9.67 -37.80
CA ILE U 131 -13.68 -9.75 -36.87
C ILE U 131 -13.23 -9.12 -35.57
N THR U 132 -13.99 -8.12 -35.11
CA THR U 132 -13.65 -7.33 -33.95
C THR U 132 -14.47 -7.79 -32.73
N ARG U 133 -13.94 -7.49 -31.55
CA ARG U 133 -14.64 -7.72 -30.30
C ARG U 133 -14.45 -6.47 -29.45
N LYS U 134 -15.49 -6.09 -28.71
CA LYS U 134 -15.36 -5.09 -27.66
C LYS U 134 -14.91 -5.81 -26.39
N GLY U 135 -14.15 -5.11 -25.55
CA GLY U 135 -13.69 -5.66 -24.30
C GLY U 135 -14.85 -5.99 -23.39
N MET U 136 -15.09 -7.28 -23.20
CA MET U 136 -16.36 -7.75 -22.67
C MET U 136 -16.55 -7.37 -21.21
N GLY U 137 -17.76 -6.93 -20.90
CA GLY U 137 -18.10 -6.37 -19.61
C GLY U 137 -18.47 -4.90 -19.60
N GLN U 138 -18.21 -4.17 -20.68
CA GLN U 138 -18.56 -2.76 -20.73
C GLN U 138 -19.87 -2.56 -21.51
N ARG U 139 -20.47 -1.38 -21.35
CA ARG U 139 -21.82 -1.12 -21.82
C ARG U 139 -21.88 -1.02 -23.34
N MET U 140 -23.10 -1.02 -23.85
CA MET U 140 -23.34 -0.88 -25.28
C MET U 140 -23.05 0.54 -25.75
N GLY U 141 -22.70 0.66 -27.02
CA GLY U 141 -22.31 1.94 -27.54
C GLY U 141 -20.84 2.25 -27.25
N GLY U 142 -20.43 3.44 -27.66
CA GLY U 142 -19.08 3.89 -27.51
C GLY U 142 -18.23 3.79 -28.77
N GLY U 143 -18.67 3.00 -29.74
CA GLY U 143 -17.97 2.89 -31.00
C GLY U 143 -17.64 1.44 -31.29
N LYS U 144 -16.75 1.25 -32.26
CA LYS U 144 -16.29 -0.08 -32.63
C LYS U 144 -15.26 -0.58 -31.61
N GLY U 145 -15.08 -1.88 -31.54
CA GLY U 145 -14.12 -2.48 -30.65
C GLY U 145 -12.73 -2.58 -31.27
N ALA U 146 -11.91 -3.44 -30.69
CA ALA U 146 -10.59 -3.73 -31.21
C ALA U 146 -10.64 -4.97 -32.07
N ILE U 147 -9.77 -5.02 -33.09
CA ILE U 147 -9.77 -6.11 -34.05
C ILE U 147 -9.26 -7.37 -33.37
N ASP U 148 -10.10 -8.40 -33.32
CA ASP U 148 -9.77 -9.60 -32.56
C ASP U 148 -9.06 -10.63 -33.43
N HIS U 149 -9.70 -11.08 -34.50
CA HIS U 149 -9.10 -12.12 -35.34
C HIS U 149 -9.49 -11.86 -36.78
N TYR U 150 -9.15 -12.80 -37.66
CA TYR U 150 -9.45 -12.71 -39.08
C TYR U 150 -10.09 -14.01 -39.55
N VAL U 151 -11.11 -13.89 -40.41
CA VAL U 151 -11.83 -15.04 -40.95
C VAL U 151 -11.93 -14.91 -42.46
N THR U 152 -12.39 -15.99 -43.09
CA THR U 152 -12.72 -16.13 -44.50
C THR U 152 -14.17 -16.55 -44.65
N PRO U 153 -14.97 -15.80 -45.41
CA PRO U 153 -16.36 -16.22 -45.66
C PRO U 153 -16.44 -17.31 -46.72
N VAL U 154 -17.33 -18.27 -46.49
CA VAL U 154 -17.54 -19.41 -47.37
C VAL U 154 -19.04 -19.53 -47.59
N LYS U 155 -19.46 -19.54 -48.86
CA LYS U 155 -20.87 -19.75 -49.20
C LYS U 155 -21.16 -21.22 -49.40
N ALA U 156 -22.42 -21.51 -49.72
CA ALA U 156 -22.82 -22.88 -50.00
C ALA U 156 -22.41 -23.28 -51.42
N GLY U 157 -21.76 -24.44 -51.53
CA GLY U 157 -21.28 -24.93 -52.81
C GLY U 157 -19.85 -24.56 -53.13
N ARG U 158 -19.09 -24.06 -52.16
CA ARG U 158 -17.71 -23.62 -52.37
C ARG U 158 -16.75 -24.73 -51.94
N LEU U 159 -15.80 -25.05 -52.81
CA LEU U 159 -14.81 -26.08 -52.54
C LEU U 159 -13.73 -25.50 -51.64
N ILE U 160 -13.29 -26.28 -50.65
CA ILE U 160 -12.33 -25.77 -49.67
C ILE U 160 -10.93 -26.32 -49.94
N VAL U 161 -10.79 -27.64 -49.91
CA VAL U 161 -9.52 -28.30 -50.19
C VAL U 161 -9.73 -29.22 -51.38
N GLU U 162 -8.86 -29.10 -52.38
CA GLU U 162 -8.92 -29.92 -53.58
C GLU U 162 -7.69 -30.81 -53.62
N MET U 163 -7.91 -32.11 -53.76
CA MET U 163 -6.86 -33.11 -53.72
C MET U 163 -6.79 -33.87 -55.04
N GLY U 164 -5.58 -34.23 -55.45
CA GLY U 164 -5.35 -35.05 -56.61
C GLY U 164 -4.31 -36.12 -56.34
N GLY U 165 -4.28 -37.09 -57.23
CA GLY U 165 -3.34 -38.19 -57.10
C GLY U 165 -3.73 -39.34 -58.01
N ARG U 166 -3.00 -40.44 -57.85
CA ARG U 166 -3.16 -41.62 -58.68
C ARG U 166 -3.98 -42.72 -58.01
N CYS U 167 -4.67 -42.40 -56.92
CA CYS U 167 -5.46 -43.41 -56.23
C CYS U 167 -6.95 -43.09 -56.28
N GLU U 168 -7.75 -44.01 -55.74
CA GLU U 168 -9.19 -43.94 -55.87
C GLU U 168 -9.81 -42.97 -54.85
N PHE U 169 -11.12 -42.83 -54.94
CA PHE U 169 -11.85 -41.87 -54.12
C PHE U 169 -12.05 -42.36 -52.70
N LYS U 170 -12.05 -43.69 -52.50
CA LYS U 170 -12.61 -44.29 -51.29
C LYS U 170 -11.77 -43.99 -50.04
N GLU U 171 -10.45 -44.15 -50.13
CA GLU U 171 -9.60 -43.82 -48.99
C GLU U 171 -9.52 -42.32 -48.79
N VAL U 172 -9.58 -41.57 -49.88
CA VAL U 172 -9.58 -40.10 -49.81
C VAL U 172 -10.85 -39.60 -49.14
N GLN U 173 -12.00 -40.17 -49.50
CA GLN U 173 -13.25 -39.87 -48.83
C GLN U 173 -13.20 -40.30 -47.35
N GLY U 174 -12.56 -41.44 -47.09
CA GLY U 174 -12.49 -41.96 -45.74
C GLY U 174 -11.70 -41.09 -44.79
N PHE U 175 -10.61 -40.49 -45.27
CA PHE U 175 -9.89 -39.57 -44.39
C PHE U 175 -10.32 -38.12 -44.57
N LEU U 176 -11.18 -37.80 -45.55
CA LEU U 176 -11.63 -36.42 -45.67
C LEU U 176 -12.97 -36.19 -44.98
N ASP U 177 -13.72 -37.26 -44.68
CA ASP U 177 -14.95 -37.08 -43.92
C ASP U 177 -14.68 -36.63 -42.48
N LEU U 178 -13.56 -37.05 -41.90
CA LEU U 178 -13.17 -36.57 -40.58
C LEU U 178 -12.82 -35.10 -40.61
N VAL U 179 -12.24 -34.63 -41.73
CA VAL U 179 -11.93 -33.21 -41.87
C VAL U 179 -13.23 -32.42 -42.07
N ALA U 180 -14.12 -32.93 -42.92
CA ALA U 180 -15.32 -32.20 -43.30
C ALA U 180 -16.34 -32.18 -42.16
N HIS U 181 -16.28 -33.17 -41.27
CA HIS U 181 -17.19 -33.19 -40.12
C HIS U 181 -16.87 -32.08 -39.14
N LYS U 182 -15.59 -31.76 -38.95
CA LYS U 182 -15.17 -30.83 -37.91
C LYS U 182 -15.24 -29.37 -38.36
N LEU U 183 -15.66 -29.09 -39.59
CA LEU U 183 -15.86 -27.74 -40.08
C LEU U 183 -17.16 -27.16 -39.53
N PRO U 184 -17.28 -25.82 -39.46
CA PRO U 184 -18.54 -25.24 -38.94
C PRO U 184 -19.76 -25.51 -39.80
N PHE U 185 -19.70 -25.18 -41.07
CA PHE U 185 -20.77 -25.53 -42.00
C PHE U 185 -20.78 -27.03 -42.25
N PRO U 186 -21.93 -27.61 -42.61
CA PRO U 186 -21.94 -28.99 -43.09
C PRO U 186 -21.13 -29.13 -44.37
N ALA U 187 -20.41 -30.25 -44.49
CA ALA U 187 -19.51 -30.43 -45.61
C ALA U 187 -19.43 -31.91 -45.94
N LYS U 188 -19.00 -32.19 -47.17
CA LYS U 188 -18.88 -33.55 -47.68
C LYS U 188 -17.55 -33.70 -48.40
N ALA U 189 -17.10 -34.95 -48.48
CA ALA U 189 -15.98 -35.32 -49.34
C ALA U 189 -16.54 -35.76 -50.67
N VAL U 190 -16.22 -35.02 -51.74
CA VAL U 190 -16.86 -35.20 -53.02
C VAL U 190 -15.78 -35.43 -54.08
N SER U 191 -16.16 -36.11 -55.16
CA SER U 191 -15.32 -36.24 -56.34
C SER U 191 -16.00 -35.52 -57.50
N ARG U 192 -15.35 -35.57 -58.67
CA ARG U 192 -15.93 -34.98 -59.88
C ARG U 192 -17.22 -35.72 -60.26
N GLU U 193 -17.16 -37.05 -60.28
CA GLU U 193 -18.33 -37.86 -60.63
C GLU U 193 -19.45 -37.70 -59.62
N THR U 194 -19.10 -37.62 -58.33
CA THR U 194 -20.11 -37.44 -57.28
C THR U 194 -20.77 -36.07 -57.36
N LEU U 195 -19.97 -35.03 -57.66
CA LEU U 195 -20.51 -33.68 -57.77
C LEU U 195 -21.44 -33.55 -58.97
N GLU U 196 -21.04 -34.09 -60.13
CA GLU U 196 -21.94 -34.09 -61.28
C GLU U 196 -23.15 -34.99 -61.06
N LYS U 197 -22.99 -36.08 -60.28
CA LYS U 197 -24.09 -36.97 -59.98
C LYS U 197 -25.17 -36.26 -59.17
N MET U 198 -24.76 -35.55 -58.11
CA MET U 198 -25.75 -34.81 -57.33
C MET U 198 -26.30 -33.59 -58.07
N ARG U 199 -25.52 -32.97 -58.96
CA ARG U 199 -26.05 -31.84 -59.72
C ARG U 199 -27.12 -32.28 -60.73
N LYS U 200 -26.84 -33.33 -61.52
CA LYS U 200 -27.88 -33.80 -62.44
C LYS U 200 -29.02 -34.49 -61.71
N ASP U 201 -28.77 -35.00 -60.49
CA ASP U 201 -29.87 -35.48 -59.66
C ASP U 201 -30.80 -34.34 -59.25
N GLN U 202 -30.23 -33.18 -58.90
CA GLN U 202 -31.02 -32.00 -58.59
C GLN U 202 -31.81 -31.54 -59.82
N GLU U 203 -31.19 -31.59 -61.00
CA GLU U 203 -31.91 -31.20 -62.22
C GLU U 203 -33.05 -32.17 -62.56
N GLU U 204 -32.86 -33.48 -62.40
CA GLU U 204 -33.93 -34.39 -62.76
C GLU U 204 -35.06 -34.34 -61.73
N ARG U 205 -34.71 -34.08 -60.46
CA ARG U 205 -35.75 -33.88 -59.45
C ARG U 205 -36.55 -32.61 -59.74
N GLU U 206 -35.87 -31.54 -60.16
CA GLU U 206 -36.55 -30.29 -60.49
C GLU U 206 -37.44 -30.42 -61.72
N ARG U 207 -37.02 -31.15 -62.74
CA ARG U 207 -37.89 -31.34 -63.92
C ARG U 207 -38.87 -32.49 -63.73
N ASN U 208 -38.73 -33.29 -62.67
CA ASN U 208 -39.72 -34.29 -62.32
C ASN U 208 -40.55 -33.91 -61.10
N ASN U 209 -40.58 -32.62 -60.75
CA ASN U 209 -41.61 -32.09 -59.87
C ASN U 209 -42.99 -32.48 -60.36
N GLN U 210 -43.80 -33.04 -59.45
CA GLN U 210 -45.14 -33.49 -59.83
C GLN U 210 -46.18 -32.40 -59.59
N ASN U 211 -46.05 -31.67 -58.48
CA ASN U 211 -46.99 -30.58 -58.21
C ASN U 211 -46.75 -29.41 -59.16
N PRO U 212 -47.81 -28.72 -59.59
CA PRO U 212 -47.63 -27.59 -60.50
C PRO U 212 -47.11 -26.34 -59.81
N TRP U 213 -47.14 -26.29 -58.48
CA TRP U 213 -46.82 -25.08 -57.74
C TRP U 213 -45.40 -25.18 -57.20
N THR U 214 -44.57 -24.20 -57.54
CA THR U 214 -43.19 -24.15 -57.08
C THR U 214 -42.82 -22.74 -56.63
N PHE U 215 -41.69 -22.64 -55.94
CA PHE U 215 -41.23 -21.38 -55.35
C PHE U 215 -40.94 -20.35 -56.44
N GLU U 216 -40.36 -20.78 -57.56
CA GLU U 216 -40.08 -19.89 -58.68
C GLU U 216 -41.36 -19.29 -59.25
N ARG U 217 -42.35 -20.15 -59.53
CA ARG U 217 -43.61 -19.71 -60.13
C ARG U 217 -44.39 -18.80 -59.18
N ILE U 218 -44.35 -19.08 -57.88
CA ILE U 218 -45.05 -18.23 -56.93
C ILE U 218 -44.33 -16.89 -56.76
N ALA U 219 -43.02 -16.92 -56.53
CA ALA U 219 -42.30 -15.71 -56.13
C ALA U 219 -42.09 -14.76 -57.30
N THR U 220 -41.78 -15.28 -58.49
CA THR U 220 -41.52 -14.41 -59.63
C THR U 220 -42.80 -13.76 -60.13
N ALA U 221 -43.91 -14.46 -60.07
CA ALA U 221 -45.19 -13.92 -60.50
C ALA U 221 -45.95 -13.22 -59.38
N ASN U 222 -45.41 -13.23 -58.15
CA ASN U 222 -46.02 -12.60 -56.97
C ASN U 222 -47.41 -13.16 -56.70
N MET U 223 -47.47 -14.44 -56.39
CA MET U 223 -48.75 -15.08 -56.16
C MET U 223 -49.17 -14.93 -54.71
N LEU U 224 -50.43 -14.51 -54.54
CA LEU U 224 -51.09 -14.24 -53.26
C LEU U 224 -50.41 -13.13 -52.45
N GLY U 225 -49.66 -12.24 -53.11
CA GLY U 225 -48.94 -11.19 -52.43
C GLY U 225 -47.88 -11.71 -51.50
N ILE U 226 -47.11 -12.70 -51.97
CA ILE U 226 -46.16 -13.39 -51.11
C ILE U 226 -44.88 -12.55 -50.95
N ARG U 227 -44.72 -11.51 -51.76
CA ARG U 227 -43.53 -10.66 -51.67
C ARG U 227 -43.54 -9.80 -50.43
N LYS U 228 -44.69 -9.64 -49.78
CA LYS U 228 -44.75 -8.94 -48.50
C LYS U 228 -44.03 -9.73 -47.42
N VAL U 229 -44.05 -11.06 -47.51
CA VAL U 229 -43.35 -11.90 -46.55
C VAL U 229 -41.94 -12.23 -47.05
N LEU U 230 -41.79 -12.54 -48.33
CA LEU U 230 -40.51 -12.93 -48.88
C LEU U 230 -39.58 -11.73 -49.05
N SER U 231 -38.30 -12.02 -49.11
CA SER U 231 -37.14 -11.17 -49.34
C SER U 231 -36.91 -10.96 -50.83
N PRO U 232 -36.33 -9.82 -51.22
CA PRO U 232 -35.91 -9.65 -52.62
C PRO U 232 -34.80 -10.59 -53.03
N TYR U 233 -34.02 -11.11 -52.08
CA TYR U 233 -32.98 -12.07 -52.40
C TYR U 233 -33.58 -13.44 -52.71
N ASP U 234 -34.82 -13.68 -52.31
CA ASP U 234 -35.44 -14.99 -52.47
C ASP U 234 -35.85 -15.26 -53.90
N LEU U 235 -35.93 -14.22 -54.74
CA LEU U 235 -36.14 -14.41 -56.17
C LEU U 235 -34.94 -15.11 -56.81
N THR U 236 -33.74 -14.81 -56.32
CA THR U 236 -32.54 -15.50 -56.80
C THR U 236 -32.33 -16.82 -56.06
N HIS U 237 -32.61 -16.83 -54.75
CA HIS U 237 -32.35 -18.02 -53.95
C HIS U 237 -33.34 -19.15 -54.23
N LYS U 238 -34.54 -18.80 -54.72
CA LYS U 238 -35.59 -19.74 -55.13
C LYS U 238 -36.05 -20.66 -53.99
N GLY U 239 -35.93 -20.19 -52.75
CA GLY U 239 -36.37 -20.95 -51.60
C GLY U 239 -35.41 -22.01 -51.11
N ARG U 240 -34.32 -22.29 -51.84
CA ARG U 240 -33.38 -23.32 -51.41
C ARG U 240 -32.43 -22.81 -50.34
N TYR U 241 -32.33 -21.50 -50.17
CA TYR U 241 -31.42 -20.89 -49.21
C TYR U 241 -32.22 -19.99 -48.27
N TRP U 242 -31.97 -20.13 -46.97
CA TRP U 242 -32.61 -19.30 -45.95
C TRP U 242 -31.57 -18.93 -44.92
N GLY U 243 -31.11 -17.69 -44.96
CA GLY U 243 -29.96 -17.32 -44.14
C GLY U 243 -28.71 -17.97 -44.69
N LYS U 244 -27.94 -18.60 -43.80
CA LYS U 244 -26.77 -19.35 -44.20
C LYS U 244 -27.07 -20.82 -44.47
N PHE U 245 -28.31 -21.25 -44.28
CA PHE U 245 -28.67 -22.66 -44.37
C PHE U 245 -29.16 -22.98 -45.78
N TYR U 246 -28.62 -24.07 -46.34
CA TYR U 246 -29.01 -24.54 -47.65
C TYR U 246 -29.52 -25.96 -47.52
N THR U 247 -30.74 -26.21 -48.00
CA THR U 247 -31.33 -27.54 -47.97
C THR U 247 -31.39 -28.10 -49.38
N PRO U 248 -30.63 -29.15 -49.71
CA PRO U 248 -30.64 -29.67 -51.09
C PRO U 248 -31.91 -30.42 -51.46
N GLU U 249 -32.75 -30.78 -50.48
CA GLU U 249 -34.01 -31.48 -50.76
C GLU U 249 -35.14 -30.53 -51.14
N ARG U 250 -34.87 -29.23 -51.21
CA ARG U 250 -35.89 -28.21 -51.41
C ARG U 250 -36.47 -28.18 -52.82
N VAL U 251 -35.61 -28.27 -53.84
CA VAL U 251 -35.95 -28.00 -55.25
C VAL U 251 -36.60 -26.63 -55.41
N ILE V 9 -51.65 -28.10 30.94
CA ILE V 9 -52.22 -29.37 31.35
C ILE V 9 -52.57 -29.29 32.83
N SER V 10 -53.84 -29.51 33.15
CA SER V 10 -54.32 -29.45 34.53
C SER V 10 -54.69 -30.81 35.08
N HIS V 11 -53.99 -31.86 34.68
CA HIS V 11 -54.33 -33.22 35.12
C HIS V 11 -53.94 -33.43 36.57
N GLY V 12 -54.89 -33.91 37.37
CA GLY V 12 -54.62 -34.20 38.76
C GLY V 12 -54.50 -32.99 39.66
N ARG V 13 -55.11 -31.86 39.28
CA ARG V 13 -55.08 -30.64 40.08
C ARG V 13 -56.42 -30.53 40.81
N VAL V 14 -56.37 -30.33 42.13
CA VAL V 14 -57.59 -30.24 42.90
C VAL V 14 -57.84 -28.81 43.39
N PHE V 15 -56.80 -27.99 43.40
CA PHE V 15 -56.89 -26.62 43.90
C PHE V 15 -57.00 -25.66 42.72
N ARG V 16 -58.05 -24.86 42.70
CA ARG V 16 -58.25 -23.92 41.61
C ARG V 16 -57.56 -22.59 41.91
N ARG V 17 -57.26 -21.85 40.84
CA ARG V 17 -56.54 -20.59 40.98
C ARG V 17 -57.48 -19.49 41.45
N LEU V 18 -57.16 -18.89 42.60
CA LEU V 18 -57.96 -17.82 43.16
C LEU V 18 -57.05 -16.71 43.65
N GLY V 19 -57.56 -15.48 43.56
CA GLY V 19 -56.86 -14.33 44.13
C GLY V 19 -55.62 -13.96 43.37
N LEU V 20 -54.66 -13.40 44.09
CA LEU V 20 -53.39 -12.94 43.53
C LEU V 20 -52.28 -13.96 43.66
N GLY V 21 -52.61 -15.21 44.03
CA GLY V 21 -51.61 -16.23 44.19
C GLY V 21 -52.05 -17.25 45.22
N PRO V 22 -51.15 -18.16 45.60
CA PRO V 22 -51.51 -19.14 46.65
C PRO V 22 -51.71 -18.52 48.01
N GLU V 23 -50.89 -17.55 48.40
CA GLU V 23 -51.05 -16.87 49.68
C GLU V 23 -52.34 -16.06 49.74
N SER V 24 -52.67 -15.38 48.64
CA SER V 24 -53.91 -14.62 48.58
C SER V 24 -55.12 -15.54 48.55
N ARG V 25 -55.00 -16.71 47.90
CA ARG V 25 -56.06 -17.71 47.92
C ARG V 25 -56.30 -18.23 49.33
N ILE V 26 -55.21 -18.51 50.06
CA ILE V 26 -55.33 -18.98 51.45
C ILE V 26 -55.94 -17.90 52.33
N HIS V 27 -55.59 -16.63 52.10
CA HIS V 27 -56.15 -15.55 52.90
C HIS V 27 -57.63 -15.31 52.61
N LEU V 28 -58.05 -15.37 51.34
CA LEU V 28 -59.47 -15.21 51.02
C LEU V 28 -60.30 -16.37 51.57
N LEU V 29 -59.78 -17.60 51.46
CA LEU V 29 -60.52 -18.72 52.01
C LEU V 29 -60.49 -18.74 53.54
N GLN V 30 -59.45 -18.14 54.13
CA GLN V 30 -59.42 -17.92 55.57
C GLN V 30 -60.50 -16.94 56.01
N ASN V 31 -60.67 -15.84 55.24
CA ASN V 31 -61.71 -14.87 55.53
C ASN V 31 -63.10 -15.48 55.40
N LEU V 32 -63.29 -16.30 54.35
CA LEU V 32 -64.57 -16.98 54.15
C LEU V 32 -64.85 -17.98 55.26
N LEU V 33 -63.82 -18.70 55.72
CA LEU V 33 -64.01 -19.67 56.80
C LEU V 33 -64.29 -18.98 58.13
N THR V 34 -63.65 -17.83 58.36
CA THR V 34 -63.93 -17.04 59.56
C THR V 34 -65.37 -16.54 59.56
N GLY V 35 -65.84 -16.04 58.41
CA GLY V 35 -67.22 -15.61 58.30
C GLY V 35 -68.22 -16.75 58.45
N LEU V 36 -67.89 -17.92 57.91
CA LEU V 36 -68.75 -19.09 58.05
C LEU V 36 -68.83 -19.56 59.49
N VAL V 37 -67.70 -19.54 60.20
CA VAL V 37 -67.70 -19.93 61.62
C VAL V 37 -68.48 -18.94 62.45
N ARG V 38 -68.34 -17.64 62.16
CA ARG V 38 -69.02 -16.62 62.95
C ARG V 38 -70.53 -16.61 62.71
N HIS V 39 -70.97 -16.70 61.46
CA HIS V 39 -72.38 -16.49 61.16
C HIS V 39 -73.16 -17.76 60.89
N GLU V 40 -72.49 -18.90 60.70
CA GLU V 40 -72.99 -20.25 60.45
C GLU V 40 -73.71 -20.40 59.10
N ARG V 41 -73.85 -19.34 58.30
CA ARG V 41 -74.44 -19.42 56.97
C ARG V 41 -74.00 -18.19 56.18
N ILE V 42 -73.19 -18.40 55.14
CA ILE V 42 -72.75 -17.28 54.30
C ILE V 42 -72.96 -17.63 52.84
N GLU V 43 -73.14 -16.59 52.03
CA GLU V 43 -73.28 -16.73 50.59
C GLU V 43 -72.09 -16.07 49.90
N ALA V 44 -71.55 -16.73 48.89
CA ALA V 44 -70.44 -16.19 48.11
C ALA V 44 -70.53 -16.77 46.71
N SER V 45 -69.44 -16.64 45.96
CA SER V 45 -69.38 -17.24 44.63
C SER V 45 -69.31 -18.76 44.75
N TRP V 46 -69.69 -19.44 43.66
CA TRP V 46 -69.83 -20.89 43.70
C TRP V 46 -68.48 -21.58 43.85
N ALA V 47 -67.46 -21.08 43.16
CA ALA V 47 -66.14 -21.71 43.20
C ALA V 47 -65.45 -21.50 44.54
N ARG V 48 -65.59 -20.30 45.12
CA ARG V 48 -64.99 -20.01 46.41
C ARG V 48 -65.66 -20.81 47.53
N VAL V 49 -66.98 -20.95 47.46
CA VAL V 49 -67.70 -21.76 48.44
C VAL V 49 -67.37 -23.24 48.27
N ASP V 50 -67.20 -23.68 47.02
CA ASP V 50 -66.84 -25.06 46.74
C ASP V 50 -65.44 -25.39 47.25
N GLU V 51 -64.53 -24.42 47.19
CA GLU V 51 -63.22 -24.60 47.82
C GLU V 51 -63.31 -24.51 49.33
N LEU V 52 -64.25 -23.69 49.82
CA LEU V 52 -64.39 -23.48 51.26
C LEU V 52 -64.98 -24.70 51.97
N ARG V 53 -65.71 -25.54 51.23
CA ARG V 53 -66.40 -26.67 51.81
C ARG V 53 -65.43 -27.68 52.43
N GLY V 54 -64.31 -27.95 51.76
CA GLY V 54 -63.32 -28.87 52.30
C GLY V 54 -62.64 -28.34 53.55
N TYR V 55 -62.33 -27.04 53.56
CA TYR V 55 -61.76 -26.40 54.75
C TYR V 55 -62.73 -26.44 55.92
N ALA V 56 -64.01 -26.18 55.65
CA ALA V 56 -65.01 -26.20 56.72
C ALA V 56 -65.27 -27.62 57.21
N GLU V 57 -65.08 -28.62 56.34
CA GLU V 57 -65.21 -30.00 56.77
C GLU V 57 -64.04 -30.42 57.65
N LYS V 58 -62.81 -30.05 57.27
CA LYS V 58 -61.66 -30.48 58.06
C LYS V 58 -61.48 -29.63 59.32
N LEU V 59 -62.07 -28.44 59.37
CA LEU V 59 -61.98 -27.62 60.57
C LEU V 59 -62.76 -28.24 61.72
N ILE V 60 -63.91 -28.86 61.41
CA ILE V 60 -64.68 -29.57 62.42
C ILE V 60 -63.92 -30.80 62.90
N ASP V 61 -63.22 -31.49 61.98
CA ASP V 61 -62.41 -32.64 62.35
C ASP V 61 -61.23 -32.24 63.23
N TYR V 62 -60.63 -31.08 62.98
CA TYR V 62 -59.59 -30.57 63.86
C TYR V 62 -60.14 -30.10 65.21
N GLY V 63 -61.37 -29.58 65.24
CA GLY V 63 -61.97 -29.21 66.52
C GLY V 63 -62.40 -30.41 67.32
N LYS V 64 -62.64 -31.54 66.64
CA LYS V 64 -62.96 -32.79 67.32
C LYS V 64 -61.79 -33.35 68.12
N LEU V 65 -60.56 -32.92 67.83
CA LEU V 65 -59.38 -33.46 68.50
C LEU V 65 -59.21 -32.96 69.92
N GLY V 66 -59.99 -31.97 70.35
CA GLY V 66 -59.96 -31.51 71.72
C GLY V 66 -59.32 -30.15 71.88
N ASP V 67 -59.64 -29.52 73.01
CA ASP V 67 -59.11 -28.19 73.31
C ASP V 67 -57.63 -28.24 73.66
N THR V 68 -57.19 -29.35 74.26
CA THR V 68 -55.82 -29.47 74.75
C THR V 68 -54.83 -29.84 73.65
N ASN V 69 -55.28 -30.14 72.44
CA ASN V 69 -54.36 -30.51 71.37
C ASN V 69 -53.70 -29.27 70.80
N GLU V 70 -52.37 -29.23 70.86
CA GLU V 70 -51.62 -28.03 70.49
C GLU V 70 -51.66 -27.76 69.00
N ARG V 71 -51.58 -28.82 68.19
CA ARG V 71 -51.63 -28.67 66.73
C ARG V 71 -52.97 -28.13 66.28
N ALA V 72 -54.06 -28.64 66.86
CA ALA V 72 -55.39 -28.13 66.55
C ALA V 72 -55.57 -26.70 67.08
N MET V 73 -54.94 -26.39 68.21
CA MET V 73 -55.04 -25.06 68.79
C MET V 73 -54.36 -24.02 67.88
N ARG V 74 -53.16 -24.33 67.39
CA ARG V 74 -52.50 -23.42 66.47
C ARG V 74 -53.17 -23.38 65.10
N MET V 75 -53.76 -24.49 64.64
CA MET V 75 -54.51 -24.48 63.38
C MET V 75 -55.72 -23.56 63.48
N ALA V 76 -56.47 -23.65 64.59
CA ALA V 76 -57.61 -22.77 64.79
C ALA V 76 -57.18 -21.32 65.04
N ASP V 77 -56.00 -21.13 65.65
CA ASP V 77 -55.50 -19.78 65.90
C ASP V 77 -55.16 -19.11 64.57
N PHE V 78 -54.54 -19.85 63.64
CA PHE V 78 -54.24 -19.28 62.34
C PHE V 78 -55.51 -19.07 61.51
N TRP V 79 -56.41 -20.05 61.50
CA TRP V 79 -57.47 -20.04 60.50
C TRP V 79 -58.65 -19.18 60.97
N LEU V 80 -58.92 -19.16 62.27
CA LEU V 80 -59.94 -18.29 62.82
C LEU V 80 -59.29 -16.97 63.25
N THR V 81 -59.33 -15.98 62.37
CA THR V 81 -58.55 -14.76 62.56
C THR V 81 -59.16 -13.85 63.63
N GLU V 82 -60.44 -14.00 63.92
CA GLU V 82 -61.04 -13.32 65.06
C GLU V 82 -60.97 -14.26 66.26
N LYS V 83 -60.39 -13.76 67.35
CA LYS V 83 -59.90 -14.67 68.39
C LYS V 83 -61.02 -15.14 69.31
N ASP V 84 -62.20 -14.53 69.22
CA ASP V 84 -63.34 -15.01 70.01
C ASP V 84 -63.92 -16.32 69.46
N LEU V 85 -63.66 -16.61 68.18
CA LEU V 85 -64.29 -17.75 67.55
C LEU V 85 -63.66 -19.09 67.92
N ILE V 86 -62.42 -19.08 68.43
CA ILE V 86 -61.79 -20.34 68.86
C ILE V 86 -62.49 -20.95 70.07
N PRO V 87 -62.81 -20.22 71.16
CA PRO V 87 -63.71 -20.83 72.17
C PRO V 87 -65.10 -21.14 71.64
N LYS V 88 -65.60 -20.32 70.70
CA LYS V 88 -66.88 -20.60 70.07
C LYS V 88 -66.86 -21.91 69.29
N LEU V 89 -65.79 -22.16 68.53
CA LEU V 89 -65.66 -23.43 67.84
C LEU V 89 -65.56 -24.59 68.84
N PHE V 90 -64.59 -24.50 69.76
CA PHE V 90 -64.27 -25.64 70.63
C PHE V 90 -65.35 -25.91 71.67
N GLN V 91 -66.27 -24.98 71.90
CA GLN V 91 -67.35 -25.23 72.85
C GLN V 91 -68.74 -25.12 72.24
N VAL V 92 -68.86 -24.94 70.92
CA VAL V 92 -70.16 -24.97 70.27
C VAL V 92 -70.16 -26.00 69.15
N LEU V 93 -69.23 -25.86 68.21
CA LEU V 93 -69.34 -26.62 66.95
C LEU V 93 -68.86 -28.06 67.13
N ALA V 94 -67.71 -28.24 67.79
CA ALA V 94 -67.21 -29.57 68.05
C ALA V 94 -68.09 -30.42 68.98
N PRO V 95 -68.68 -29.92 70.09
CA PRO V 95 -69.63 -30.77 70.83
C PRO V 95 -70.91 -31.07 70.06
N ARG V 96 -71.34 -30.18 69.17
CA ARG V 96 -72.59 -30.41 68.46
C ARG V 96 -72.45 -31.45 67.36
N PHE V 97 -71.28 -31.58 66.76
CA PHE V 97 -71.02 -32.58 65.75
C PHE V 97 -70.23 -33.72 66.38
N GLN V 98 -70.94 -34.79 66.76
CA GLN V 98 -70.29 -35.95 67.37
C GLN V 98 -70.56 -37.22 66.59
N GLY V 99 -71.82 -37.45 66.23
CA GLY V 99 -72.20 -38.74 65.68
C GLY V 99 -71.81 -38.94 64.23
N GLN V 100 -72.11 -37.96 63.38
CA GLN V 100 -71.86 -38.08 61.94
C GLN V 100 -70.39 -37.88 61.65
N ASN V 101 -69.90 -38.52 60.60
CA ASN V 101 -68.48 -38.51 60.27
C ASN V 101 -68.12 -37.35 59.36
N GLY V 102 -68.89 -37.16 58.27
CA GLY V 102 -68.59 -36.13 57.29
C GLY V 102 -69.75 -35.27 56.85
N GLY V 103 -70.89 -35.34 57.52
CA GLY V 103 -72.02 -34.50 57.17
C GLY V 103 -72.09 -33.23 58.00
N TYR V 104 -71.12 -32.35 57.83
CA TYR V 104 -71.08 -31.13 58.64
C TYR V 104 -71.81 -29.97 57.97
N THR V 105 -71.71 -29.85 56.65
CA THR V 105 -72.10 -28.63 55.98
C THR V 105 -73.06 -28.92 54.82
N ARG V 106 -73.83 -27.89 54.44
CA ARG V 106 -74.69 -27.92 53.27
C ARG V 106 -74.28 -26.83 52.29
N MET V 107 -74.18 -27.21 51.03
CA MET V 107 -73.86 -26.32 49.92
C MET V 107 -75.03 -26.29 48.96
N LEU V 108 -75.53 -25.10 48.66
CA LEU V 108 -76.67 -24.96 47.76
C LEU V 108 -76.40 -23.85 46.76
N GLN V 109 -77.00 -23.95 45.59
CA GLN V 109 -76.75 -22.98 44.53
C GLN V 109 -77.81 -21.88 44.57
N ILE V 110 -77.37 -20.68 44.92
CA ILE V 110 -78.20 -19.47 44.96
C ILE V 110 -78.31 -18.96 43.52
N PRO V 111 -79.43 -18.35 43.10
CA PRO V 111 -79.47 -17.71 41.79
C PRO V 111 -78.50 -16.54 41.67
N ASN V 112 -78.32 -16.07 40.44
CA ASN V 112 -77.27 -15.12 40.10
C ASN V 112 -77.49 -13.77 40.78
N ARG V 113 -76.39 -13.06 41.01
CA ARG V 113 -76.47 -11.79 41.74
C ARG V 113 -77.18 -10.73 40.90
N ASN V 114 -77.91 -9.85 41.58
CA ASN V 114 -78.62 -8.76 40.92
C ASN V 114 -77.69 -7.64 40.47
N GLU V 115 -76.42 -7.68 40.85
CA GLU V 115 -75.42 -6.77 40.27
C GLU V 115 -75.14 -7.15 38.82
N GLN V 116 -74.40 -6.30 38.13
CA GLN V 116 -74.19 -6.46 36.70
C GLN V 116 -73.25 -7.62 36.36
N ASP V 117 -72.58 -8.22 37.35
CA ASP V 117 -71.63 -9.29 37.08
C ASP V 117 -72.33 -10.58 36.65
N ARG V 118 -73.52 -10.85 37.22
CA ARG V 118 -74.30 -12.08 37.02
C ARG V 118 -73.47 -13.33 37.33
N ALA V 119 -72.78 -13.26 38.47
CA ALA V 119 -71.95 -14.37 38.92
C ALA V 119 -72.81 -15.51 39.47
N LYS V 120 -72.23 -16.70 39.48
CA LYS V 120 -72.91 -17.92 39.93
C LYS V 120 -72.63 -18.08 41.42
N MET V 121 -73.69 -18.12 42.22
CA MET V 121 -73.60 -17.99 43.67
C MET V 121 -73.92 -19.30 44.37
N ALA V 122 -73.31 -19.48 45.53
CA ALA V 122 -73.61 -20.62 46.40
C ALA V 122 -73.64 -20.15 47.84
N VAL V 123 -74.53 -20.78 48.60
CA VAL V 123 -74.65 -20.57 50.04
C VAL V 123 -74.10 -21.81 50.74
N ILE V 124 -73.34 -21.59 51.81
CA ILE V 124 -72.77 -22.66 52.62
C ILE V 124 -73.23 -22.44 54.06
N GLU V 125 -73.55 -23.55 54.73
CA GLU V 125 -74.02 -23.48 56.10
C GLU V 125 -73.63 -24.75 56.84
N TYR V 126 -73.75 -24.72 58.17
CA TYR V 126 -73.52 -25.90 58.99
C TYR V 126 -74.84 -26.53 59.39
N LYS V 127 -74.78 -27.80 59.78
CA LYS V 127 -75.96 -28.47 60.33
C LYS V 127 -76.30 -27.89 61.71
N GLY V 128 -77.59 -27.88 62.02
CA GLY V 128 -78.05 -27.49 63.34
C GLY V 128 -77.94 -26.01 63.67
N ASN V 129 -77.80 -25.15 62.67
CA ASN V 129 -77.66 -23.73 62.93
C ASN V 129 -79.00 -23.11 63.36
N CYS V 130 -78.89 -21.97 64.04
CA CYS V 130 -80.04 -21.32 64.67
C CYS V 130 -80.65 -20.32 63.69
N LEU V 131 -80.99 -20.79 62.50
CA LEU V 131 -81.45 -19.92 61.44
C LEU V 131 -82.65 -20.59 60.77
N PRO V 132 -83.52 -19.82 60.12
CA PRO V 132 -84.62 -20.41 59.34
C PRO V 132 -84.09 -21.28 58.22
N PRO V 133 -84.77 -22.39 57.90
CA PRO V 133 -84.23 -23.32 56.91
C PRO V 133 -84.31 -22.76 55.50
N LEU V 134 -83.33 -23.12 54.69
CA LEU V 134 -83.32 -22.73 53.28
C LEU V 134 -84.40 -23.51 52.53
N PRO V 135 -84.91 -22.97 51.41
CA PRO V 135 -85.87 -23.74 50.62
C PRO V 135 -85.23 -24.91 49.89
N LEU V 136 -85.04 -26.01 50.62
CA LEU V 136 -84.40 -27.22 50.14
C LEU V 136 -85.20 -27.86 49.01
N PRO V 137 -84.54 -28.47 48.02
CA PRO V 137 -85.29 -29.17 46.97
C PRO V 137 -85.94 -30.43 47.51
N ARG V 138 -87.25 -30.38 47.69
CA ARG V 138 -88.01 -31.49 48.25
C ARG V 138 -88.35 -32.49 47.16
N ARG V 139 -88.22 -33.77 47.49
CA ARG V 139 -88.60 -34.83 46.57
C ARG V 139 -90.12 -34.97 46.52
N ASP V 140 -90.58 -35.79 45.59
CA ASP V 140 -92.00 -36.09 45.49
C ASP V 140 -92.45 -36.93 46.69
N SER V 141 -93.73 -36.82 47.02
CA SER V 141 -94.30 -37.61 48.10
C SER V 141 -94.46 -39.05 47.64
N ASN V 142 -94.69 -39.94 48.62
CA ASN V 142 -94.90 -41.34 48.32
C ASN V 142 -96.30 -41.63 47.80
N LEU V 143 -97.21 -40.65 47.84
CA LEU V 143 -98.53 -40.79 47.23
C LEU V 143 -98.53 -40.42 45.75
N THR V 144 -97.38 -40.02 45.22
CA THR V 144 -97.27 -39.68 43.79
C THR V 144 -97.39 -40.97 42.98
N LEU V 145 -97.74 -40.81 41.69
CA LEU V 145 -98.08 -41.96 40.83
C LEU V 145 -96.93 -42.94 40.65
N LEU V 146 -95.75 -42.44 40.28
CA LEU V 146 -94.61 -43.31 40.03
C LEU V 146 -94.11 -43.95 41.32
N ASN V 147 -94.16 -43.19 42.42
CA ASN V 147 -93.77 -43.73 43.73
C ASN V 147 -94.73 -44.82 44.19
N GLN V 148 -96.03 -44.65 43.95
CA GLN V 148 -97.00 -45.69 44.30
C GLN V 148 -96.84 -46.93 43.44
N LEU V 149 -96.56 -46.73 42.14
CA LEU V 149 -96.33 -47.86 41.25
C LEU V 149 -95.05 -48.61 41.61
N LEU V 150 -94.05 -47.92 42.15
CA LEU V 150 -92.84 -48.60 42.58
C LEU V 150 -93.00 -49.22 43.96
N GLN V 151 -93.87 -48.66 44.81
CA GLN V 151 -94.19 -49.31 46.08
C GLN V 151 -94.97 -50.59 45.85
N GLY V 152 -95.74 -50.66 44.76
CA GLY V 152 -96.36 -51.91 44.38
C GLY V 152 -95.35 -53.00 44.06
N LEU V 153 -94.29 -52.62 43.33
CA LEU V 153 -93.18 -53.55 43.06
C LEU V 153 -92.47 -53.94 44.34
N ARG V 154 -92.29 -52.99 45.26
CA ARG V 154 -91.65 -53.27 46.54
C ARG V 154 -92.48 -54.23 47.37
N GLN V 155 -93.81 -54.06 47.38
CA GLN V 155 -94.70 -54.97 48.07
C GLN V 155 -94.70 -56.37 47.45
N ASP V 156 -94.69 -56.47 46.12
CA ASP V 156 -94.58 -57.79 45.49
C ASP V 156 -93.22 -58.44 45.69
N GLN V 157 -92.16 -57.65 45.87
CA GLN V 157 -90.87 -58.24 46.21
C GLN V 157 -90.83 -58.71 47.66
N GLU V 158 -91.47 -57.97 48.57
CA GLU V 158 -91.57 -58.42 49.96
C GLU V 158 -92.46 -59.66 50.09
N ALA V 159 -93.49 -59.75 49.27
CA ALA V 159 -94.34 -60.93 49.25
C ALA V 159 -93.67 -62.13 48.58
N SER V 160 -92.59 -61.93 47.84
CA SER V 160 -91.86 -63.02 47.20
C SER V 160 -90.75 -63.58 48.07
N SER V 161 -90.55 -63.03 49.27
CA SER V 161 -89.52 -63.53 50.17
C SER V 161 -90.12 -63.94 51.51
N PRO W 38 -64.45 49.95 -100.99
CA PRO W 38 -63.01 50.23 -100.97
C PRO W 38 -62.28 49.60 -102.15
N VAL W 39 -60.98 49.85 -102.24
CA VAL W 39 -60.17 49.24 -103.28
C VAL W 39 -59.92 47.78 -102.92
N GLU W 40 -60.09 46.87 -103.90
CA GLU W 40 -59.90 45.45 -103.67
C GLU W 40 -58.45 45.10 -103.33
N ASN W 41 -57.50 45.87 -103.85
CA ASN W 41 -56.10 45.47 -103.77
C ASN W 41 -55.58 45.75 -102.36
N GLU W 42 -56.21 46.67 -101.64
CA GLU W 42 -55.81 47.14 -100.32
C GLU W 42 -55.94 46.10 -99.21
N ALA W 43 -56.57 44.96 -99.49
CA ALA W 43 -56.74 43.92 -98.48
C ALA W 43 -55.41 43.29 -98.12
N VAL W 44 -55.16 43.17 -96.81
CA VAL W 44 -53.86 42.73 -96.29
C VAL W 44 -54.13 41.93 -95.03
N ALA W 45 -53.31 40.89 -94.80
CA ALA W 45 -53.41 40.14 -93.56
C ALA W 45 -52.80 40.96 -92.40
N PRO W 46 -53.37 40.86 -91.20
CA PRO W 46 -52.79 41.59 -90.06
C PRO W 46 -51.45 41.03 -89.62
N GLU W 47 -51.25 39.73 -89.77
CA GLU W 47 -49.97 39.08 -89.46
C GLU W 47 -49.34 38.61 -90.75
N PHE W 48 -48.09 39.01 -90.98
CA PHE W 48 -47.38 38.69 -92.21
C PHE W 48 -46.50 37.47 -91.99
N THR W 49 -46.61 36.50 -92.90
CA THR W 49 -45.81 35.28 -92.85
C THR W 49 -44.67 35.41 -93.85
N ASN W 50 -43.44 35.35 -93.35
CA ASN W 50 -42.24 35.40 -94.18
C ASN W 50 -41.57 34.03 -94.12
N ARG W 51 -41.55 33.34 -95.26
CA ARG W 51 -41.10 31.96 -95.33
C ARG W 51 -39.61 31.84 -95.63
N ASN W 52 -38.91 32.96 -95.79
CA ASN W 52 -37.48 32.97 -96.06
C ASN W 52 -36.67 32.68 -94.81
N PRO W 53 -35.82 31.64 -94.82
CA PRO W 53 -34.99 31.36 -93.65
C PRO W 53 -33.85 32.34 -93.45
N ARG W 54 -33.50 33.12 -94.48
CA ARG W 54 -32.40 34.06 -94.37
C ARG W 54 -32.81 35.39 -93.76
N ASN W 55 -34.11 35.64 -93.58
CA ASN W 55 -34.60 36.93 -93.13
C ASN W 55 -34.15 37.22 -91.71
N LEU W 56 -34.38 36.25 -90.80
CA LEU W 56 -34.02 36.44 -89.41
C LEU W 56 -32.51 36.47 -89.22
N GLU W 57 -31.77 35.71 -90.03
CA GLU W 57 -30.31 35.71 -89.96
C GLU W 57 -29.72 37.03 -90.41
N LEU W 58 -30.25 37.59 -91.51
CA LEU W 58 -29.74 38.89 -91.98
C LEU W 58 -30.25 40.05 -91.12
N LEU W 59 -31.39 39.90 -90.45
CA LEU W 59 -31.85 40.90 -89.50
C LEU W 59 -31.22 40.72 -88.12
N ALA W 60 -30.46 39.66 -87.91
CA ALA W 60 -29.70 39.32 -86.71
C ALA W 60 -30.58 39.10 -85.49
N VAL W 61 -31.87 38.80 -85.67
CA VAL W 61 -32.74 38.45 -84.54
C VAL W 61 -33.02 36.96 -84.48
N ALA W 62 -32.34 36.15 -85.29
CA ALA W 62 -32.50 34.71 -85.25
C ALA W 62 -31.84 34.15 -83.99
N ARG W 63 -32.28 32.95 -83.61
CA ARG W 63 -31.75 32.28 -82.43
C ARG W 63 -30.42 31.62 -82.75
N LYS W 64 -29.36 32.06 -82.08
CA LYS W 64 -28.14 31.28 -82.05
C LYS W 64 -28.27 30.17 -81.02
N GLU W 65 -27.46 29.13 -81.17
CA GLU W 65 -27.46 27.99 -80.25
C GLU W 65 -26.43 28.26 -79.17
N ARG W 66 -26.78 29.13 -78.23
CA ARG W 66 -25.93 29.38 -77.07
C ARG W 66 -25.89 28.17 -76.16
N GLY W 67 -24.82 28.05 -75.41
CA GLY W 67 -24.69 26.95 -74.47
C GLY W 67 -23.38 26.23 -74.69
N TRP W 68 -23.45 24.91 -74.50
CA TRP W 68 -22.31 23.99 -74.55
C TRP W 68 -21.21 24.44 -73.59
N GLY W 69 -20.06 24.85 -74.13
CA GLY W 69 -18.97 25.29 -73.31
C GLY W 69 -18.05 24.19 -72.80
N THR W 70 -18.59 23.03 -72.46
CA THR W 70 -17.74 21.90 -72.09
C THR W 70 -17.12 21.26 -73.33
N VAL W 71 -17.71 21.49 -74.50
CA VAL W 71 -17.19 20.95 -75.74
C VAL W 71 -16.63 22.08 -76.59
N TRP W 72 -15.98 21.72 -77.69
CA TRP W 72 -15.32 22.69 -78.56
C TRP W 72 -15.44 22.20 -79.99
N PRO W 73 -15.72 23.09 -80.96
CA PRO W 73 -15.91 24.55 -80.88
C PRO W 73 -17.28 24.96 -80.37
N SER W 74 -17.42 26.23 -80.00
CA SER W 74 -18.70 26.76 -79.56
C SER W 74 -19.67 26.82 -80.74
N ARG W 75 -20.87 26.28 -80.54
CA ARG W 75 -21.86 26.17 -81.59
C ARG W 75 -22.77 27.40 -81.68
N GLU W 76 -22.32 28.53 -81.17
CA GLU W 76 -23.11 29.77 -81.19
C GLU W 76 -22.70 30.56 -82.43
N PHE W 77 -23.34 30.28 -83.56
CA PHE W 77 -23.06 30.97 -84.82
C PHE W 77 -24.23 30.83 -85.79
N TRP W 78 -24.24 31.65 -86.84
CA TRP W 78 -25.09 31.37 -88.00
C TRP W 78 -24.30 30.68 -89.11
N HIS W 79 -23.06 31.12 -89.33
CA HIS W 79 -22.19 30.52 -90.32
C HIS W 79 -20.78 30.39 -89.75
N ARG W 80 -20.13 29.26 -90.04
CA ARG W 80 -18.82 28.96 -89.49
C ARG W 80 -17.86 28.58 -90.61
N LEU W 81 -16.65 29.13 -90.55
CA LEU W 81 -15.60 28.76 -91.49
C LEU W 81 -14.88 27.52 -90.99
N ARG W 82 -14.82 26.49 -91.83
CA ARG W 82 -14.24 25.19 -91.51
C ARG W 82 -13.11 24.90 -92.47
N VAL W 83 -11.88 24.92 -91.98
CA VAL W 83 -10.70 24.69 -92.79
C VAL W 83 -10.17 23.30 -92.48
N ILE W 84 -10.19 22.42 -93.47
CA ILE W 84 -9.63 21.08 -93.37
C ILE W 84 -8.36 21.07 -94.21
N ARG W 85 -7.22 20.88 -93.55
CA ARG W 85 -5.92 20.90 -94.22
C ARG W 85 -5.41 19.47 -94.28
N THR W 86 -5.80 18.76 -95.34
CA THR W 86 -5.33 17.43 -95.62
C THR W 86 -3.89 17.51 -96.13
N GLN W 87 -3.12 16.43 -95.96
CA GLN W 87 -1.74 16.36 -96.43
C GLN W 87 -1.59 16.52 -97.94
N HIS W 88 -2.65 16.31 -98.72
CA HIS W 88 -2.65 16.65 -100.13
C HIS W 88 -3.40 17.95 -100.41
N HIS W 89 -4.68 18.03 -100.05
CA HIS W 89 -5.55 19.11 -100.50
C HIS W 89 -5.92 20.05 -99.35
N ILE W 90 -6.47 21.20 -99.72
CA ILE W 90 -6.94 22.20 -98.77
C ILE W 90 -8.42 22.43 -99.07
N GLU W 91 -9.29 22.31 -98.07
CA GLU W 91 -10.72 22.38 -98.29
C GLU W 91 -11.36 23.27 -97.23
N ALA W 92 -11.97 24.37 -97.65
CA ALA W 92 -12.65 25.29 -96.75
C ALA W 92 -14.15 25.26 -97.01
N LEU W 93 -14.92 25.34 -95.92
CA LEU W 93 -16.36 25.22 -95.94
C LEU W 93 -16.97 26.37 -95.16
N VAL W 94 -18.20 26.75 -95.54
CA VAL W 94 -19.03 27.64 -94.73
C VAL W 94 -20.24 26.84 -94.31
N GLU W 95 -20.31 26.52 -93.03
CA GLU W 95 -21.30 25.61 -92.49
C GLU W 95 -22.34 26.35 -91.66
N HIS W 96 -23.59 25.96 -91.84
CA HIS W 96 -24.69 26.44 -91.01
C HIS W 96 -24.75 25.58 -89.76
N ARG W 97 -25.52 26.03 -88.76
CA ARG W 97 -25.67 25.27 -87.53
C ARG W 97 -26.47 23.98 -87.72
N ASN W 98 -27.18 23.83 -88.85
CA ASN W 98 -27.85 22.58 -89.15
C ASN W 98 -26.85 21.47 -89.48
N GLY W 99 -25.65 21.83 -89.92
CA GLY W 99 -24.68 20.88 -90.39
C GLY W 99 -24.53 20.83 -91.90
N GLN W 100 -25.43 21.50 -92.63
CA GLN W 100 -25.30 21.58 -94.08
C GLN W 100 -24.16 22.50 -94.46
N VAL W 101 -23.56 22.23 -95.62
CA VAL W 101 -22.54 23.10 -96.19
C VAL W 101 -23.21 24.11 -97.11
N VAL W 102 -22.78 25.37 -97.02
CA VAL W 102 -23.37 26.41 -97.85
C VAL W 102 -22.52 26.62 -99.10
N VAL W 103 -21.30 27.12 -98.91
CA VAL W 103 -20.34 27.28 -100.01
C VAL W 103 -19.01 26.68 -99.58
N SER W 104 -18.32 26.06 -100.53
CA SER W 104 -17.04 25.43 -100.24
C SER W 104 -16.05 25.78 -101.34
N ALA W 105 -14.79 25.94 -100.93
CA ALA W 105 -13.68 26.13 -101.86
C ALA W 105 -12.61 25.11 -101.52
N SER W 106 -12.38 24.18 -102.43
CA SER W 106 -11.39 23.13 -102.22
C SER W 106 -10.43 23.10 -103.39
N THR W 107 -9.22 22.64 -103.11
CA THR W 107 -8.22 22.41 -104.15
C THR W 107 -8.40 21.07 -104.85
N ARG W 108 -9.41 20.29 -104.46
CA ARG W 108 -9.83 19.14 -105.24
C ARG W 108 -10.57 19.53 -106.52
N GLU W 109 -11.04 20.78 -106.60
CA GLU W 109 -11.75 21.25 -107.78
C GLU W 109 -10.77 21.45 -108.93
N TRP W 110 -11.18 21.00 -110.13
CA TRP W 110 -10.34 21.12 -111.31
C TRP W 110 -10.16 22.58 -111.73
N ALA W 111 -11.16 23.41 -111.44
CA ALA W 111 -11.15 24.83 -111.81
C ALA W 111 -10.01 25.59 -111.12
N ILE W 112 -9.78 25.29 -109.85
CA ILE W 112 -8.61 25.84 -109.18
C ILE W 112 -7.37 25.02 -109.53
N LYS W 113 -7.56 23.70 -109.74
CA LYS W 113 -6.46 22.75 -109.79
C LYS W 113 -5.57 22.96 -111.01
N LYS W 114 -6.15 23.42 -112.12
CA LYS W 114 -5.26 23.73 -113.24
C LYS W 114 -4.69 25.15 -113.11
N HIS W 115 -5.03 25.88 -112.05
CA HIS W 115 -4.52 27.23 -111.88
C HIS W 115 -3.44 27.32 -110.80
N LEU W 116 -3.42 26.44 -109.81
CA LEU W 116 -2.36 26.54 -108.81
C LEU W 116 -1.30 25.50 -109.06
N TYR W 117 -0.20 25.60 -108.31
CA TYR W 117 0.87 24.62 -108.31
C TYR W 117 1.09 24.13 -106.88
N SER W 118 1.36 22.82 -106.75
CA SER W 118 1.75 22.18 -105.49
C SER W 118 0.70 22.35 -104.40
N THR W 119 -0.37 21.55 -104.50
CA THR W 119 -1.67 21.69 -103.83
C THR W 119 -1.60 21.99 -102.31
N ARG W 120 -0.47 21.68 -101.65
CA ARG W 120 -0.36 21.79 -100.19
C ARG W 120 -0.03 23.20 -99.65
N ASN W 121 0.44 24.14 -100.49
CA ASN W 121 1.19 25.29 -99.98
C ASN W 121 0.36 26.32 -99.19
N VAL W 122 1.11 27.25 -98.58
CA VAL W 122 0.55 28.48 -98.05
C VAL W 122 -0.10 29.29 -99.16
N VAL W 123 0.52 29.27 -100.35
CA VAL W 123 -0.04 29.94 -101.53
C VAL W 123 -1.34 29.25 -101.94
N ALA W 124 -1.41 27.94 -101.77
CA ALA W 124 -2.66 27.22 -101.99
C ALA W 124 -3.73 27.64 -101.00
N CYS W 125 -3.34 27.87 -99.74
CA CYS W 125 -4.29 28.39 -98.77
C CYS W 125 -4.74 29.80 -99.13
N GLU W 126 -3.86 30.60 -99.73
CA GLU W 126 -4.23 31.93 -100.21
C GLU W 126 -5.25 31.84 -101.35
N SER W 127 -5.03 30.89 -102.26
CA SER W 127 -5.96 30.67 -103.36
C SER W 127 -7.32 30.23 -102.86
N VAL W 128 -7.33 29.34 -101.86
CA VAL W 128 -8.56 28.89 -101.23
C VAL W 128 -9.28 30.05 -100.55
N GLY W 129 -8.55 30.88 -99.83
CA GLY W 129 -9.16 32.00 -99.12
C GLY W 129 -9.74 33.05 -100.05
N ARG W 130 -9.01 33.39 -101.11
CA ARG W 130 -9.50 34.38 -102.07
C ARG W 130 -10.70 33.86 -102.85
N VAL W 131 -10.65 32.59 -103.27
CA VAL W 131 -11.77 31.99 -104.00
C VAL W 131 -13.01 31.90 -103.12
N LEU W 132 -12.84 31.52 -101.86
CA LEU W 132 -14.00 31.43 -100.97
C LEU W 132 -14.53 32.80 -100.58
N ALA W 133 -13.65 33.81 -100.50
CA ALA W 133 -14.13 35.17 -100.24
C ALA W 133 -14.95 35.70 -101.41
N GLU W 134 -14.50 35.44 -102.63
CA GLU W 134 -15.28 35.82 -103.81
C GLU W 134 -16.59 35.06 -103.89
N ARG W 135 -16.58 33.77 -103.54
CA ARG W 135 -17.81 32.98 -103.57
C ARG W 135 -18.79 33.41 -102.48
N CYS W 136 -18.27 33.86 -101.34
CA CYS W 136 -19.14 34.36 -100.27
C CYS W 136 -19.75 35.70 -100.66
N LEU W 137 -18.98 36.54 -101.36
CA LEU W 137 -19.56 37.79 -101.88
C LEU W 137 -20.60 37.49 -102.95
N GLU W 138 -20.38 36.45 -103.75
CA GLU W 138 -21.37 36.05 -104.75
C GLU W 138 -22.62 35.47 -104.12
N ALA W 139 -22.47 34.76 -102.99
CA ALA W 139 -23.59 34.14 -102.30
C ALA W 139 -24.25 35.06 -101.28
N GLY W 140 -23.71 36.26 -101.07
CA GLY W 140 -24.38 37.21 -100.21
C GLY W 140 -24.15 37.02 -98.73
N ILE W 141 -23.25 36.12 -98.34
CA ILE W 141 -22.91 35.90 -96.94
C ILE W 141 -21.65 36.72 -96.65
N ASN W 142 -21.75 37.64 -95.69
CA ASN W 142 -20.67 38.56 -95.41
C ASN W 142 -20.07 38.37 -94.02
N PHE W 143 -20.73 37.59 -93.16
CA PHE W 143 -20.27 37.40 -91.79
C PHE W 143 -20.18 35.90 -91.49
N MET W 144 -19.13 35.52 -90.76
CA MET W 144 -18.96 34.14 -90.32
C MET W 144 -18.08 34.14 -89.08
N VAL W 145 -18.08 33.01 -88.37
CA VAL W 145 -17.26 32.82 -87.19
C VAL W 145 -16.19 31.81 -87.51
N TYR W 146 -14.93 32.16 -87.30
CA TYR W 146 -13.82 31.24 -87.46
C TYR W 146 -13.22 30.98 -86.10
N HIS W 147 -13.12 29.69 -85.73
CA HIS W 147 -12.66 29.28 -84.41
C HIS W 147 -11.44 28.38 -84.60
N PRO W 148 -10.25 28.94 -84.75
CA PRO W 148 -9.07 28.11 -84.98
C PRO W 148 -8.50 27.56 -83.68
N THR W 149 -7.86 26.43 -83.82
CA THR W 149 -7.06 25.79 -82.79
C THR W 149 -5.85 26.67 -82.49
N PRO W 150 -5.43 26.80 -81.23
CA PRO W 150 -4.32 27.72 -80.90
C PRO W 150 -2.98 27.42 -81.55
N TRP W 151 -2.72 26.20 -82.04
CA TRP W 151 -1.54 26.01 -82.85
C TRP W 151 -1.79 26.32 -84.32
N GLU W 152 -3.03 26.24 -84.78
CA GLU W 152 -3.38 26.69 -86.12
C GLU W 152 -3.40 28.21 -86.23
N ALA W 153 -3.58 28.91 -85.11
CA ALA W 153 -3.62 30.37 -85.13
C ALA W 153 -2.24 30.96 -85.39
N ALA W 154 -1.20 30.30 -84.91
CA ALA W 154 0.17 30.78 -85.11
C ALA W 154 0.76 30.31 -86.43
N SER W 155 0.03 29.51 -87.21
CA SER W 155 0.55 29.01 -88.47
C SER W 155 0.57 30.11 -89.53
N ASP W 156 1.43 29.92 -90.53
CA ASP W 156 1.61 30.93 -91.56
C ASP W 156 0.43 30.91 -92.54
N SER W 157 -0.07 29.72 -92.87
CA SER W 157 -1.10 29.60 -93.91
C SER W 157 -2.45 30.12 -93.44
N ILE W 158 -2.83 29.81 -92.20
CA ILE W 158 -4.12 30.24 -91.68
C ILE W 158 -4.15 31.75 -91.45
N LYS W 159 -3.03 32.33 -90.99
CA LYS W 159 -2.97 33.78 -90.76
C LYS W 159 -3.12 34.57 -92.06
N ARG W 160 -2.37 34.19 -93.09
CA ARG W 160 -2.53 34.88 -94.36
C ARG W 160 -3.81 34.48 -95.09
N LEU W 161 -4.41 33.34 -94.75
CA LEU W 161 -5.75 33.01 -95.27
C LEU W 161 -6.79 33.93 -94.65
N GLN W 162 -6.65 34.24 -93.36
CA GLN W 162 -7.50 35.26 -92.73
C GLN W 162 -7.25 36.63 -93.34
N HIS W 163 -5.99 36.91 -93.69
CA HIS W 163 -5.68 38.16 -94.40
C HIS W 163 -6.37 38.23 -95.75
N ALA W 164 -6.40 37.10 -96.48
CA ALA W 164 -7.07 37.05 -97.77
C ALA W 164 -8.59 37.15 -97.62
N MET W 165 -9.13 36.59 -96.54
CA MET W 165 -10.56 36.75 -96.24
C MET W 165 -10.92 38.19 -95.90
N THR W 166 -10.05 38.87 -95.14
CA THR W 166 -10.31 40.27 -94.80
C THR W 166 -10.17 41.17 -96.02
N GLU W 167 -9.14 40.95 -96.83
CA GLU W 167 -8.98 41.69 -98.08
C GLU W 167 -10.05 41.30 -99.10
N GLY W 168 -10.59 40.08 -98.98
CA GLY W 168 -11.65 39.67 -99.86
C GLY W 168 -12.97 40.37 -99.57
N GLY W 169 -13.15 40.86 -98.35
CA GLY W 169 -14.35 41.58 -97.98
C GLY W 169 -15.25 40.86 -97.00
N VAL W 170 -14.90 39.66 -96.58
CA VAL W 170 -15.70 38.92 -95.59
C VAL W 170 -15.16 39.24 -94.21
N VAL W 171 -16.03 39.77 -93.34
CA VAL W 171 -15.65 40.17 -92.00
C VAL W 171 -15.95 39.01 -91.05
N LEU W 172 -14.91 38.50 -90.38
CA LEU W 172 -15.07 37.43 -89.42
C LEU W 172 -15.66 37.97 -88.12
N ARG W 173 -15.97 37.04 -87.20
CA ARG W 173 -16.48 37.29 -85.86
C ARG W 173 -17.82 38.03 -85.99
N GLU W 174 -18.86 37.27 -86.32
CA GLU W 174 -20.26 37.65 -86.55
C GLU W 174 -20.80 38.67 -85.54
N PRO W 175 -21.71 39.55 -85.95
CA PRO W 175 -22.26 40.55 -85.03
C PRO W 175 -23.14 39.92 -83.96
N ARG W 176 -23.27 40.66 -82.85
CA ARG W 176 -24.05 40.21 -81.69
C ARG W 176 -25.54 40.19 -82.03
N ARG W 177 -26.23 39.23 -81.43
CA ARG W 177 -27.67 39.08 -81.56
C ARG W 177 -28.41 40.26 -80.93
N ILE W 178 -29.52 40.62 -81.55
CA ILE W 178 -30.40 41.68 -81.05
C ILE W 178 -31.42 41.05 -80.12
N TYR W 179 -31.42 41.51 -78.86
CA TYR W 179 -32.19 40.92 -77.75
C TYR W 179 -31.88 39.43 -77.62
N GLU W 180 -30.62 39.17 -77.27
CA GLU W 180 -30.03 37.84 -77.27
C GLU W 180 -30.57 36.91 -76.18
N ALA X 53 -11.40 -78.24 81.34
CA ALA X 53 -11.64 -76.98 80.63
C ALA X 53 -12.79 -76.21 81.27
N PHE X 54 -12.51 -74.98 81.68
CA PHE X 54 -13.51 -74.13 82.31
C PHE X 54 -14.13 -73.18 81.30
N GLN X 55 -15.46 -73.21 81.23
CA GLN X 55 -16.22 -72.30 80.37
C GLN X 55 -16.75 -71.16 81.23
N PRO X 56 -16.61 -69.90 80.79
CA PRO X 56 -17.18 -68.78 81.54
C PRO X 56 -18.71 -68.83 81.51
N PRO X 57 -19.36 -68.37 82.57
CA PRO X 57 -20.83 -68.27 82.57
C PRO X 57 -21.30 -67.26 81.54
N PRO X 58 -22.51 -67.43 80.99
CA PRO X 58 -23.00 -66.49 79.98
C PRO X 58 -23.34 -65.13 80.57
N LYS X 59 -23.50 -64.15 79.71
CA LYS X 59 -23.85 -62.79 80.12
C LYS X 59 -25.30 -62.76 80.57
N PRO X 60 -25.59 -62.39 81.82
CA PRO X 60 -26.96 -62.46 82.32
C PRO X 60 -27.72 -61.17 82.08
N VAL X 61 -29.03 -61.24 82.29
CA VAL X 61 -29.90 -60.06 82.31
C VAL X 61 -30.47 -59.91 83.72
N ILE X 62 -30.11 -58.80 84.37
CA ILE X 62 -30.51 -58.55 85.74
C ILE X 62 -31.53 -57.42 85.86
N VAL X 63 -32.03 -56.92 84.74
CA VAL X 63 -32.99 -55.82 84.78
C VAL X 63 -34.36 -56.35 85.18
N ASP X 64 -34.97 -55.71 86.17
CA ASP X 64 -36.31 -56.06 86.63
C ASP X 64 -37.26 -54.96 86.16
N LYS X 65 -38.36 -55.37 85.51
CA LYS X 65 -39.34 -54.38 84.96
C LYS X 65 -39.93 -53.55 86.09
N ARG X 66 -39.67 -53.92 87.35
CA ARG X 66 -40.14 -53.12 88.50
C ARG X 66 -39.66 -51.66 88.32
N ARG X 67 -38.39 -51.48 87.92
CA ARG X 67 -37.87 -50.13 87.66
C ARG X 67 -38.58 -49.53 86.43
N PRO X 68 -38.37 -50.13 85.25
CA PRO X 68 -38.97 -49.60 84.01
C PRO X 68 -39.26 -50.74 83.02
N GLN X 69 -40.35 -50.65 82.27
CA GLN X 69 -40.69 -51.68 81.25
C GLN X 69 -40.52 -51.09 79.85
N ARG X 70 -41.04 -51.78 78.82
CA ARG X 70 -40.78 -51.39 77.41
C ARG X 70 -42.10 -51.18 76.66
N PRO X 71 -42.53 -49.92 76.42
CA PRO X 71 -43.73 -49.67 75.62
C PRO X 71 -43.54 -50.16 74.17
N GLU X 72 -44.51 -50.92 73.66
CA GLU X 72 -44.34 -51.52 72.29
C GLU X 72 -44.98 -50.63 71.23
N THR X 73 -44.32 -50.47 70.07
CA THR X 73 -44.88 -49.71 68.97
C THR X 73 -44.67 -50.46 67.66
N ARG X 74 -45.53 -50.20 66.69
CA ARG X 74 -45.42 -50.85 65.39
C ARG X 74 -44.51 -50.05 64.48
N PHE X 75 -43.64 -50.74 63.74
CA PHE X 75 -42.85 -50.14 62.69
C PHE X 75 -43.31 -50.66 61.33
N LEU X 76 -43.73 -49.75 60.47
CA LEU X 76 -44.14 -50.08 59.11
C LEU X 76 -43.14 -49.45 58.17
N SER X 77 -42.73 -50.20 57.15
CA SER X 77 -41.79 -49.69 56.16
C SER X 77 -42.45 -48.59 55.33
N PRO X 78 -41.71 -47.54 54.94
CA PRO X 78 -42.33 -46.40 54.24
C PRO X 78 -42.89 -46.73 52.87
N GLU X 79 -42.36 -47.78 52.22
CA GLU X 79 -42.84 -48.16 50.90
C GLU X 79 -44.15 -48.94 50.93
N PHE X 80 -44.60 -49.39 52.10
CA PHE X 80 -45.94 -49.94 52.22
C PHE X 80 -47.02 -48.87 52.18
N ILE X 81 -46.67 -47.62 52.42
CA ILE X 81 -47.61 -46.50 52.31
C ILE X 81 -47.90 -46.25 50.85
N PRO X 82 -49.16 -46.32 50.42
CA PRO X 82 -49.48 -46.05 49.02
C PRO X 82 -49.37 -44.57 48.72
N PRO X 83 -49.05 -44.20 47.46
CA PRO X 83 -49.01 -42.78 47.09
C PRO X 83 -50.37 -42.11 47.08
N ARG X 84 -50.35 -40.78 46.97
CA ARG X 84 -51.53 -39.94 47.11
C ARG X 84 -52.44 -39.99 45.88
N GLY X 85 -51.94 -40.48 44.75
CA GLY X 85 -52.70 -40.49 43.51
C GLY X 85 -53.87 -41.46 43.52
N ARG X 86 -54.65 -41.39 42.45
CA ARG X 86 -55.92 -42.10 42.36
C ARG X 86 -55.82 -43.46 41.67
N THR X 87 -54.71 -44.16 41.84
CA THR X 87 -54.61 -45.54 41.36
C THR X 87 -55.54 -46.44 42.16
N ASN X 88 -55.98 -47.52 41.51
CA ASN X 88 -56.89 -48.47 42.16
C ASN X 88 -56.14 -49.25 43.24
N PRO X 89 -56.74 -49.42 44.43
CA PRO X 89 -56.04 -50.14 45.51
C PRO X 89 -55.83 -51.63 45.27
N LEU X 90 -56.45 -52.21 44.24
CA LEU X 90 -56.17 -53.60 43.90
C LEU X 90 -54.74 -53.78 43.43
N LYS X 91 -54.20 -52.76 42.77
CA LYS X 91 -52.78 -52.72 42.40
C LYS X 91 -51.90 -52.78 43.64
N PHE X 92 -52.27 -52.04 44.68
CA PHE X 92 -51.53 -52.06 45.93
C PHE X 92 -51.65 -53.40 46.64
N GLN X 93 -52.83 -54.04 46.57
CA GLN X 93 -53.00 -55.35 47.19
C GLN X 93 -52.14 -56.41 46.50
N ILE X 94 -52.10 -56.38 45.17
CA ILE X 94 -51.26 -57.32 44.40
C ILE X 94 -49.78 -57.08 44.69
N GLU X 95 -49.38 -55.81 44.71
CA GLU X 95 -48.00 -55.44 44.99
C GLU X 95 -47.59 -55.86 46.39
N ARG X 96 -48.47 -55.64 47.38
CA ARG X 96 -48.14 -55.94 48.76
C ARG X 96 -48.10 -57.44 49.00
N LYS X 97 -48.93 -58.20 48.27
CA LYS X 97 -48.82 -59.66 48.31
C LYS X 97 -47.47 -60.11 47.75
N ASP X 98 -46.98 -59.45 46.69
CA ASP X 98 -45.68 -59.79 46.13
C ASP X 98 -44.54 -59.49 47.11
N MET X 99 -44.59 -58.32 47.76
CA MET X 99 -43.56 -58.00 48.76
C MET X 99 -43.67 -58.88 50.00
N LEU X 100 -44.88 -59.30 50.38
CA LEU X 100 -45.01 -60.15 51.56
C LEU X 100 -44.55 -61.57 51.26
N GLU X 101 -44.63 -61.99 50.00
CA GLU X 101 -43.99 -63.25 49.61
C GLU X 101 -42.47 -63.11 49.58
N ARG X 102 -41.96 -61.96 49.13
CA ARG X 102 -40.50 -61.79 49.03
C ARG X 102 -39.84 -61.66 50.41
N ARG X 103 -40.50 -60.98 51.36
CA ARG X 103 -39.93 -60.83 52.70
C ARG X 103 -39.89 -62.15 53.48
N LYS X 104 -40.63 -63.17 53.04
CA LYS X 104 -40.48 -64.49 53.63
C LYS X 104 -39.12 -65.09 53.34
N ILE X 105 -38.52 -64.75 52.20
CA ILE X 105 -37.23 -65.29 51.81
C ILE X 105 -36.12 -64.34 52.24
N LEU X 106 -36.23 -63.06 51.89
CA LEU X 106 -35.22 -62.08 52.26
C LEU X 106 -35.67 -61.31 53.49
N HIS X 107 -34.87 -61.36 54.55
CA HIS X 107 -35.19 -60.66 55.79
C HIS X 107 -34.69 -59.23 55.70
N ILE X 108 -35.61 -58.28 55.58
CA ILE X 108 -35.28 -56.86 55.54
C ILE X 108 -35.54 -56.29 56.93
N PRO X 109 -34.51 -55.90 57.68
CA PRO X 109 -34.73 -55.49 59.07
C PRO X 109 -35.13 -54.02 59.17
N GLU X 110 -35.34 -53.59 60.40
CA GLU X 110 -35.61 -52.18 60.68
C GLU X 110 -34.37 -51.33 60.43
N PHE X 111 -34.53 -50.30 59.60
CA PHE X 111 -33.48 -49.33 59.35
C PHE X 111 -34.11 -48.02 58.92
N TYR X 112 -33.47 -46.92 59.31
CA TYR X 112 -33.95 -45.59 59.01
C TYR X 112 -32.87 -44.84 58.23
N VAL X 113 -33.16 -43.57 57.97
CA VAL X 113 -32.18 -42.69 57.34
C VAL X 113 -31.14 -42.28 58.37
N GLY X 114 -29.88 -42.49 58.05
CA GLY X 114 -28.78 -42.29 58.97
C GLY X 114 -28.22 -43.57 59.55
N SER X 115 -28.93 -44.67 59.44
CA SER X 115 -28.43 -45.97 59.85
C SER X 115 -27.41 -46.49 58.84
N ILE X 116 -26.41 -47.19 59.33
CA ILE X 116 -25.33 -47.71 58.48
C ILE X 116 -25.63 -49.16 58.14
N LEU X 117 -25.61 -49.47 56.84
CA LEU X 117 -26.01 -50.77 56.33
C LEU X 117 -24.91 -51.38 55.48
N ARG X 118 -24.84 -52.70 55.53
CA ARG X 118 -23.99 -53.50 54.67
C ARG X 118 -24.87 -54.40 53.82
N VAL X 119 -24.73 -54.31 52.50
CA VAL X 119 -25.58 -55.02 51.56
C VAL X 119 -24.71 -56.01 50.79
N THR X 120 -25.15 -57.27 50.75
CA THR X 120 -24.48 -58.31 50.01
C THR X 120 -25.23 -58.60 48.72
N THR X 121 -24.63 -58.24 47.59
CA THR X 121 -25.20 -58.45 46.28
C THR X 121 -24.42 -59.55 45.57
N ALA X 122 -24.95 -59.99 44.44
CA ALA X 122 -24.30 -60.99 43.60
C ALA X 122 -23.79 -60.33 42.33
N ASP X 123 -22.47 -60.29 42.16
CA ASP X 123 -21.88 -59.73 40.95
C ASP X 123 -21.38 -60.83 40.03
N PRO X 124 -21.66 -60.76 38.72
CA PRO X 124 -21.30 -61.88 37.84
C PRO X 124 -19.80 -62.00 37.57
N TYR X 125 -19.06 -60.91 37.62
CA TYR X 125 -17.73 -60.85 37.03
C TYR X 125 -16.60 -60.82 38.06
N ALA X 126 -16.89 -61.00 39.34
CA ALA X 126 -15.83 -61.01 40.34
C ALA X 126 -15.29 -62.44 40.52
N SER X 127 -14.27 -62.56 41.35
CA SER X 127 -13.72 -63.89 41.67
C SER X 127 -14.69 -64.69 42.50
N ALA X 128 -15.06 -64.17 43.67
CA ALA X 128 -16.20 -64.69 44.41
C ALA X 128 -17.45 -63.91 44.00
N LYS X 129 -18.56 -64.62 43.84
CA LYS X 129 -19.77 -64.01 43.32
C LYS X 129 -20.45 -63.07 44.32
N THR X 130 -20.03 -63.07 45.58
CA THR X 130 -20.48 -62.11 46.56
C THR X 130 -19.94 -60.72 46.26
N SER X 131 -20.62 -59.70 46.79
CA SER X 131 -20.17 -58.32 46.68
C SER X 131 -20.69 -57.54 47.88
N GLN X 132 -19.77 -57.01 48.68
CA GLN X 132 -20.14 -56.27 49.87
C GLN X 132 -20.15 -54.77 49.59
N PHE X 133 -21.11 -54.07 50.17
CA PHE X 133 -21.07 -52.62 50.18
C PHE X 133 -21.65 -52.08 51.47
N LEU X 134 -20.83 -51.34 52.22
CA LEU X 134 -21.24 -50.77 53.50
C LEU X 134 -21.24 -49.26 53.39
N GLY X 135 -22.25 -48.64 53.99
CA GLY X 135 -22.32 -47.19 54.00
C GLY X 135 -23.55 -46.71 54.73
N ILE X 136 -23.58 -45.40 54.94
CA ILE X 136 -24.71 -44.75 55.58
C ILE X 136 -25.80 -44.52 54.53
N CYS X 137 -27.05 -44.45 54.99
CA CYS X 137 -28.19 -44.33 54.10
C CYS X 137 -28.55 -42.86 53.90
N ILE X 138 -28.41 -42.38 52.67
CA ILE X 138 -28.85 -41.02 52.34
C ILE X 138 -30.37 -40.92 52.35
N GLN X 139 -31.05 -41.81 51.63
CA GLN X 139 -32.49 -41.67 51.45
C GLN X 139 -33.14 -43.02 51.21
N ARG X 140 -34.42 -43.09 51.53
CA ARG X 140 -35.29 -44.20 51.19
C ARG X 140 -36.48 -43.64 50.43
N SER X 141 -36.73 -44.16 49.23
CA SER X 141 -37.76 -43.57 48.39
C SER X 141 -38.35 -44.61 47.45
N GLY X 142 -39.57 -44.35 47.00
CA GLY X 142 -40.30 -45.25 46.14
C GLY X 142 -41.50 -45.79 46.86
N SER X 143 -42.24 -46.66 46.18
CA SER X 143 -43.44 -47.25 46.76
C SER X 143 -43.67 -48.61 46.13
N GLY X 144 -44.18 -49.54 46.92
CA GLY X 144 -44.48 -50.86 46.41
C GLY X 144 -43.25 -51.71 46.20
N LEU X 145 -43.23 -52.44 45.09
CA LEU X 145 -42.17 -53.39 44.82
C LEU X 145 -40.86 -52.73 44.41
N GLY X 146 -40.88 -51.45 44.04
CA GLY X 146 -39.68 -50.78 43.59
C GLY X 146 -39.07 -49.83 44.60
N ALA X 147 -39.03 -50.21 45.86
CA ALA X 147 -38.41 -49.37 46.88
C ALA X 147 -36.91 -49.31 46.69
N THR X 148 -36.33 -48.13 46.92
CA THR X 148 -34.89 -47.93 46.79
C THR X 148 -34.37 -47.24 48.03
N PHE X 149 -33.09 -47.47 48.33
CA PHE X 149 -32.38 -46.74 49.36
C PHE X 149 -30.97 -46.50 48.86
N ILE X 150 -30.44 -45.31 49.15
CA ILE X 150 -29.15 -44.87 48.61
C ILE X 150 -28.10 -44.95 49.71
N LEU X 151 -27.05 -45.73 49.47
CA LEU X 151 -25.94 -45.88 50.40
C LEU X 151 -24.74 -45.07 49.92
N ARG X 152 -23.99 -44.51 50.87
CA ARG X 152 -22.87 -43.63 50.58
C ARG X 152 -21.67 -44.03 51.42
N ASN X 153 -20.50 -44.14 50.78
CA ASN X 153 -19.27 -44.36 51.51
C ASN X 153 -18.12 -43.70 50.78
N THR X 154 -17.19 -43.12 51.53
CA THR X 154 -15.99 -42.52 50.95
C THR X 154 -14.81 -43.43 51.22
N ILE X 155 -14.24 -43.98 50.16
CA ILE X 155 -13.07 -44.85 50.26
C ILE X 155 -11.96 -44.25 49.40
N GLU X 156 -10.74 -44.20 49.95
CA GLU X 156 -9.55 -43.57 49.39
C GLU X 156 -9.76 -42.13 48.99
N GLY X 157 -10.62 -41.39 49.68
CA GLY X 157 -10.94 -40.01 49.32
C GLY X 157 -12.01 -39.88 48.26
N GLN X 158 -12.52 -40.99 47.74
CA GLN X 158 -13.51 -40.96 46.66
C GLN X 158 -14.87 -41.35 47.21
N GLY X 159 -15.85 -40.45 47.08
CA GLY X 159 -17.19 -40.74 47.56
C GLY X 159 -17.98 -41.52 46.53
N VAL X 160 -18.64 -42.59 46.99
CA VAL X 160 -19.38 -43.49 46.12
C VAL X 160 -20.78 -43.64 46.68
N GLU X 161 -21.80 -43.41 45.85
CA GLU X 161 -23.19 -43.61 46.20
C GLU X 161 -23.80 -44.67 45.29
N ILE X 162 -24.45 -45.66 45.90
CA ILE X 162 -25.13 -46.72 45.17
C ILE X 162 -26.61 -46.70 45.56
N CYS X 163 -27.47 -46.62 44.55
CA CYS X 163 -28.92 -46.63 44.76
C CYS X 163 -29.40 -48.07 44.68
N PHE X 164 -29.47 -48.73 45.84
CA PHE X 164 -29.87 -50.12 45.94
C PHE X 164 -31.38 -50.21 45.84
N GLU X 165 -31.86 -51.26 45.18
CA GLU X 165 -33.28 -51.61 45.18
C GLU X 165 -33.49 -52.64 46.27
N LEU X 166 -34.49 -52.41 47.13
CA LEU X 166 -34.79 -53.32 48.23
C LEU X 166 -35.25 -54.69 47.73
N TYR X 167 -35.88 -54.74 46.57
CA TYR X 167 -36.50 -55.97 46.12
C TYR X 167 -35.85 -56.55 44.88
N ASN X 168 -34.62 -56.18 44.58
CA ASN X 168 -33.83 -56.86 43.57
C ASN X 168 -33.52 -58.27 44.06
N PRO X 169 -33.67 -59.31 43.23
CA PRO X 169 -33.29 -60.65 43.66
C PRO X 169 -31.79 -60.86 43.79
N ARG X 170 -30.97 -59.94 43.29
CA ARG X 170 -29.52 -60.12 43.32
C ARG X 170 -28.92 -59.91 44.71
N ILE X 171 -29.64 -59.28 45.64
CA ILE X 171 -29.12 -59.08 46.99
C ILE X 171 -29.29 -60.36 47.79
N GLN X 172 -28.18 -60.87 48.34
CA GLN X 172 -28.23 -62.05 49.18
C GLN X 172 -28.76 -61.70 50.57
N GLU X 173 -28.19 -60.67 51.19
CA GLU X 173 -28.62 -60.28 52.54
C GLU X 173 -28.40 -58.79 52.75
N ILE X 174 -29.13 -58.25 53.73
CA ILE X 174 -29.03 -56.85 54.15
C ILE X 174 -28.80 -56.86 55.65
N GLN X 175 -27.77 -56.16 56.11
CA GLN X 175 -27.41 -56.11 57.52
C GLN X 175 -27.32 -54.66 57.98
N VAL X 176 -27.71 -54.40 59.22
CA VAL X 176 -27.61 -53.08 59.81
C VAL X 176 -26.51 -53.15 60.86
N VAL X 177 -25.41 -52.41 60.64
CA VAL X 177 -24.32 -52.46 61.59
C VAL X 177 -24.48 -51.39 62.66
N LYS X 178 -25.36 -50.43 62.42
CA LYS X 178 -25.68 -49.40 63.41
C LYS X 178 -27.07 -48.86 63.13
N LEU X 179 -28.01 -49.14 64.03
CA LEU X 179 -29.37 -48.64 63.91
C LEU X 179 -29.45 -47.26 64.55
N GLU X 180 -29.77 -46.25 63.74
CA GLU X 180 -29.75 -44.87 64.20
C GLU X 180 -30.82 -44.06 63.48
N LYS X 181 -31.22 -42.96 64.11
CA LYS X 181 -32.10 -41.96 63.54
C LYS X 181 -31.38 -40.62 63.58
N ARG X 182 -31.54 -39.82 62.53
CA ARG X 182 -30.89 -38.52 62.48
C ARG X 182 -31.95 -37.44 62.40
N LEU X 183 -31.48 -36.18 62.39
CA LEU X 183 -32.38 -35.04 62.54
C LEU X 183 -33.24 -34.77 61.32
N ASP X 184 -32.94 -35.35 60.17
CA ASP X 184 -33.67 -35.04 58.94
C ASP X 184 -34.19 -36.33 58.31
N ASN X 185 -35.37 -36.25 57.71
CA ASN X 185 -35.97 -37.42 57.07
C ASN X 185 -35.25 -37.78 55.78
N SER X 186 -34.66 -36.80 55.11
CA SER X 186 -33.85 -37.05 53.92
C SER X 186 -32.66 -36.12 53.96
N LEU X 187 -31.45 -36.68 53.98
CA LEU X 187 -30.23 -35.90 54.19
C LEU X 187 -29.29 -36.12 53.00
N LEU X 188 -29.36 -35.20 52.03
CA LEU X 188 -28.50 -35.21 50.85
C LEU X 188 -27.29 -34.29 51.00
N TYR X 189 -27.09 -33.70 52.18
CA TYR X 189 -26.01 -32.74 52.35
C TYR X 189 -24.65 -33.39 52.60
N LEU X 190 -24.58 -34.72 52.63
CA LEU X 190 -23.30 -35.38 52.77
C LEU X 190 -22.48 -35.32 51.49
N ARG X 191 -23.09 -34.99 50.36
CA ARG X 191 -22.34 -34.72 49.14
C ARG X 191 -21.48 -33.46 49.31
N ASP X 192 -22.02 -32.45 49.96
CA ASP X 192 -21.33 -31.19 50.17
C ASP X 192 -20.70 -31.07 51.54
N ALA X 193 -20.84 -32.08 52.40
CA ALA X 193 -20.26 -32.03 53.72
C ALA X 193 -18.77 -32.35 53.67
N LEU X 194 -18.11 -32.20 54.82
CA LEU X 194 -16.72 -32.60 54.93
C LEU X 194 -16.62 -34.12 54.83
N PRO X 195 -15.51 -34.66 54.28
CA PRO X 195 -15.45 -36.10 53.98
C PRO X 195 -15.52 -37.03 55.19
N GLU X 196 -15.14 -36.57 56.38
CA GLU X 196 -15.05 -37.46 57.54
C GLU X 196 -16.42 -37.89 58.03
N TYR X 197 -17.47 -37.16 57.65
CA TYR X 197 -18.83 -37.61 57.91
C TYR X 197 -19.27 -38.68 56.92
N SER X 198 -18.58 -38.82 55.79
CA SER X 198 -18.90 -39.83 54.81
C SER X 198 -18.01 -41.06 54.88
N THR X 199 -16.81 -40.95 55.46
CA THR X 199 -15.91 -42.08 55.63
C THR X 199 -16.43 -42.98 56.74
N PHE X 200 -16.64 -44.25 56.41
CA PHE X 200 -16.99 -45.27 57.38
C PHE X 200 -16.15 -46.50 57.11
N ASP X 201 -15.67 -47.13 58.18
CA ASP X 201 -14.82 -48.30 58.02
C ASP X 201 -15.62 -49.48 57.51
N VAL X 202 -15.08 -50.17 56.50
CA VAL X 202 -15.79 -51.25 55.83
C VAL X 202 -15.97 -52.47 56.72
N ASN X 203 -14.94 -52.86 57.47
CA ASN X 203 -14.99 -54.06 58.30
C ASN X 203 -15.38 -53.77 59.74
N MET X 204 -16.21 -52.75 59.98
CA MET X 204 -16.66 -52.46 61.34
C MET X 204 -17.67 -53.52 61.79
N LYS X 205 -17.75 -53.71 63.11
CA LYS X 205 -18.60 -54.78 63.62
C LYS X 205 -20.01 -54.25 63.89
N PRO X 206 -21.02 -55.10 63.70
CA PRO X 206 -22.40 -54.70 64.01
C PRO X 206 -22.61 -54.49 65.51
N ILE X 207 -23.53 -53.59 65.84
CA ILE X 207 -23.90 -53.28 67.21
C ILE X 207 -25.33 -53.70 67.43
N THR X 208 -25.58 -54.44 68.51
CA THR X 208 -26.90 -54.91 68.86
C THR X 208 -27.45 -54.10 70.03
N GLN X 209 -28.65 -53.54 69.84
CA GLN X 209 -29.25 -52.66 70.83
C GLN X 209 -30.55 -53.28 71.33
N GLU X 210 -30.98 -52.79 72.49
CA GLU X 210 -32.22 -53.23 73.10
C GLU X 210 -33.39 -52.41 72.54
N PHE X 211 -34.59 -53.02 72.55
CA PHE X 211 -35.77 -52.36 72.01
C PHE X 211 -36.20 -51.18 72.89
N ASN X 212 -35.85 -51.21 74.18
CA ASN X 212 -36.24 -50.17 75.12
C ASN X 212 -35.44 -48.88 74.96
N GLN X 213 -34.58 -48.77 73.94
CA GLN X 213 -33.98 -47.48 73.60
C GLN X 213 -34.85 -46.68 72.63
N GLU X 214 -35.81 -47.34 71.97
CA GLU X 214 -36.69 -46.76 70.94
C GLU X 214 -35.92 -46.06 69.81
N VAL X 215 -34.91 -46.76 69.29
CA VAL X 215 -34.10 -46.36 68.13
C VAL X 215 -33.50 -44.97 68.33
N PRO X 216 -32.42 -44.85 69.10
CA PRO X 216 -31.95 -43.53 69.58
C PRO X 216 -31.57 -42.56 68.47
N VAL X 217 -31.93 -41.30 68.68
CA VAL X 217 -31.81 -40.27 67.66
C VAL X 217 -30.42 -39.65 67.79
N ASN X 218 -29.70 -39.57 66.67
CA ASN X 218 -28.35 -39.02 66.68
C ASN X 218 -28.41 -37.52 66.37
N GLN X 219 -28.26 -36.69 67.39
CA GLN X 219 -28.08 -35.25 67.23
C GLN X 219 -26.62 -34.99 66.93
N LEU X 220 -26.28 -34.88 65.65
CA LEU X 220 -24.90 -34.66 65.22
C LEU X 220 -24.91 -33.57 64.17
N LYS X 221 -24.47 -32.38 64.55
CA LYS X 221 -24.37 -31.26 63.61
C LYS X 221 -23.17 -31.45 62.70
N VAL X 222 -23.32 -31.04 61.44
CA VAL X 222 -22.36 -31.35 60.38
C VAL X 222 -21.74 -30.06 59.89
N LYS X 223 -20.42 -30.05 59.75
CA LYS X 223 -19.71 -28.94 59.13
C LYS X 223 -19.94 -28.93 57.62
N MET X 224 -19.48 -27.86 56.97
CA MET X 224 -19.78 -27.64 55.56
C MET X 224 -18.53 -27.29 54.77
N LYS X 225 -18.52 -27.69 53.50
CA LYS X 225 -17.56 -27.18 52.54
C LYS X 225 -17.92 -25.73 52.18
N PRO X 226 -16.96 -24.96 51.65
CA PRO X 226 -17.31 -23.62 51.18
C PRO X 226 -18.25 -23.65 49.98
N LYS X 227 -19.03 -22.58 49.86
CA LYS X 227 -20.06 -22.46 48.84
C LYS X 227 -19.42 -22.33 47.45
N PRO X 228 -20.11 -22.77 46.39
CA PRO X 228 -21.45 -23.36 46.24
C PRO X 228 -21.56 -24.83 46.65
N TRP X 229 -22.80 -25.28 46.82
CA TRP X 229 -23.12 -26.65 47.16
C TRP X 229 -23.92 -27.27 46.02
N SER X 230 -24.29 -28.54 46.20
CA SER X 230 -25.09 -29.23 45.20
C SER X 230 -26.50 -28.66 45.11
N LYS X 231 -27.10 -28.35 46.25
CA LYS X 231 -28.39 -27.68 46.31
C LYS X 231 -28.28 -26.52 47.28
N ARG X 232 -29.30 -25.67 47.29
CA ARG X 232 -29.38 -24.57 48.24
C ARG X 232 -30.06 -25.07 49.50
N TRP X 233 -29.27 -25.51 50.48
CA TRP X 233 -29.79 -25.98 51.75
C TRP X 233 -30.20 -24.84 52.68
N GLU X 234 -29.96 -23.59 52.28
CA GLU X 234 -30.42 -22.44 53.04
C GLU X 234 -31.94 -22.32 53.03
N ARG X 235 -32.58 -22.87 52.01
CA ARG X 235 -33.97 -22.58 51.74
C ARG X 235 -34.89 -23.29 52.74
N PRO X 236 -36.03 -22.70 53.09
CA PRO X 236 -36.94 -23.36 54.03
C PRO X 236 -37.72 -24.52 53.41
N LYS X 237 -37.62 -24.71 52.09
CA LYS X 237 -38.34 -25.82 51.46
C LYS X 237 -37.71 -27.17 51.78
N PHE X 238 -36.43 -27.17 52.19
CA PHE X 238 -35.77 -28.42 52.52
C PHE X 238 -35.94 -28.78 54.00
N ASN X 239 -36.07 -27.77 54.86
CA ASN X 239 -36.26 -27.92 56.32
C ASN X 239 -35.14 -28.74 56.95
N ILE X 240 -33.92 -28.20 56.85
CA ILE X 240 -32.72 -28.88 57.30
C ILE X 240 -32.27 -28.26 58.61
N LYS X 241 -32.08 -29.09 59.63
CA LYS X 241 -31.65 -28.66 60.94
C LYS X 241 -30.35 -29.32 61.39
N GLY X 242 -29.77 -30.20 60.56
CA GLY X 242 -28.56 -30.90 60.95
C GLY X 242 -27.27 -30.20 60.56
N ILE X 243 -27.35 -28.98 60.05
CA ILE X 243 -26.19 -28.26 59.56
C ILE X 243 -25.90 -27.04 60.44
N ARG X 244 -24.63 -26.89 60.82
CA ARG X 244 -24.16 -25.66 61.45
C ARG X 244 -24.15 -24.56 60.40
N PHE X 245 -25.24 -23.81 60.31
CA PHE X 245 -25.32 -22.67 59.40
C PHE X 245 -24.53 -21.46 59.90
N ASP X 246 -24.28 -21.39 61.21
CA ASP X 246 -23.66 -20.19 61.80
C ASP X 246 -22.21 -20.03 61.40
N LEU X 247 -21.45 -21.12 61.31
CA LEU X 247 -20.03 -21.03 60.96
C LEU X 247 -19.83 -20.71 59.48
N CYS X 248 -20.80 -21.05 58.63
CA CYS X 248 -20.60 -20.91 57.19
C CYS X 248 -21.27 -19.66 56.64
N LEU X 249 -22.41 -19.26 57.20
CA LEU X 249 -23.24 -18.23 56.61
C LEU X 249 -23.35 -17.02 57.52
N THR X 250 -23.77 -15.90 56.93
CA THR X 250 -23.97 -14.67 57.68
C THR X 250 -25.45 -14.36 57.84
N GLU X 251 -25.73 -13.32 58.64
CA GLU X 251 -27.12 -12.93 58.92
C GLU X 251 -27.81 -12.37 57.68
N GLU X 252 -27.04 -11.71 56.81
CA GLU X 252 -27.57 -11.25 55.52
C GLU X 252 -28.01 -12.41 54.66
N GLN X 253 -27.20 -13.48 54.62
CA GLN X 253 -27.56 -14.68 53.87
C GLN X 253 -28.76 -15.39 54.48
N MET X 254 -28.84 -15.41 55.81
CA MET X 254 -30.01 -16.01 56.47
C MET X 254 -31.30 -15.24 56.22
N ARG X 255 -31.24 -13.90 56.19
CA ARG X 255 -32.47 -13.15 55.92
C ARG X 255 -32.83 -13.18 54.44
N GLU X 256 -31.83 -13.27 53.56
CA GLU X 256 -32.13 -13.43 52.14
C GLU X 256 -32.67 -14.82 51.82
N ALA X 257 -32.29 -15.82 52.62
CA ALA X 257 -32.81 -17.16 52.42
C ALA X 257 -34.26 -17.29 52.88
N GLN X 258 -34.72 -16.39 53.76
CA GLN X 258 -36.06 -16.49 54.30
C GLN X 258 -37.12 -15.90 53.39
N LYS X 259 -36.74 -15.30 52.27
CA LYS X 259 -37.71 -14.75 51.33
C LYS X 259 -38.47 -15.84 50.58
N TRP X 260 -37.97 -17.06 50.55
CA TRP X 260 -38.64 -18.18 49.90
C TRP X 260 -39.50 -18.99 50.87
N SER X 261 -39.63 -18.55 52.12
CA SER X 261 -40.41 -19.28 53.10
C SER X 261 -41.90 -19.16 52.80
N GLN X 262 -42.62 -20.27 52.99
CA GLN X 262 -44.06 -20.35 52.70
C GLN X 262 -44.77 -20.81 53.96
N PRO X 263 -45.32 -19.87 54.76
CA PRO X 263 -45.89 -20.27 56.06
C PRO X 263 -47.22 -21.01 55.97
N TRP X 264 -47.99 -20.81 54.91
CA TRP X 264 -49.34 -21.40 54.83
C TRP X 264 -49.31 -22.87 54.44
N LEU X 265 -48.14 -23.40 54.06
CA LEU X 265 -48.04 -24.80 53.64
C LEU X 265 -48.28 -25.75 54.81
N GLU X 266 -47.84 -25.36 56.01
CA GLU X 266 -48.08 -26.20 57.19
C GLU X 266 -49.52 -26.10 57.65
N PHE X 267 -50.23 -25.06 57.24
CA PHE X 267 -51.59 -24.77 57.70
C PHE X 267 -52.65 -24.92 56.61
N ASP X 268 -52.29 -25.53 55.47
CA ASP X 268 -53.24 -25.72 54.38
C ASP X 268 -54.36 -26.70 54.72
N MET X 269 -54.04 -27.73 55.52
CA MET X 269 -54.82 -28.85 56.09
C MET X 269 -55.45 -29.79 55.04
N MET X 270 -55.35 -29.47 53.75
CA MET X 270 -55.77 -30.43 52.73
C MET X 270 -54.57 -31.05 52.05
N ARG X 271 -53.40 -30.44 52.23
CA ARG X 271 -52.18 -31.03 51.68
C ARG X 271 -51.66 -32.15 52.56
N GLU X 272 -52.18 -32.24 53.78
CA GLU X 272 -51.84 -33.35 54.66
C GLU X 272 -52.54 -34.62 54.20
N TYR X 273 -51.81 -35.73 54.22
CA TYR X 273 -52.34 -37.02 53.80
C TYR X 273 -52.70 -37.86 55.03
N ASP X 274 -53.91 -38.42 55.01
CA ASP X 274 -54.40 -39.29 56.06
C ASP X 274 -54.20 -40.75 55.66
N THR X 275 -53.45 -41.48 56.49
CA THR X 275 -52.98 -42.80 56.11
C THR X 275 -53.44 -43.90 57.05
N SER X 276 -54.00 -43.52 58.21
CA SER X 276 -54.16 -44.41 59.36
C SER X 276 -55.05 -45.63 59.11
N LYS X 277 -56.17 -45.43 58.40
CA LYS X 277 -57.05 -46.54 58.05
C LYS X 277 -56.34 -47.50 57.09
N ILE X 278 -55.57 -46.95 56.14
CA ILE X 278 -54.82 -47.77 55.21
C ILE X 278 -53.73 -48.55 55.93
N GLU X 279 -53.06 -47.91 56.91
CA GLU X 279 -52.06 -48.62 57.70
C GLU X 279 -52.67 -49.73 58.53
N ALA X 280 -53.86 -49.51 59.08
CA ALA X 280 -54.55 -50.57 59.82
C ALA X 280 -54.91 -51.74 58.92
N ALA X 281 -55.40 -51.45 57.71
CA ALA X 281 -55.77 -52.49 56.76
C ALA X 281 -54.55 -53.29 56.30
N ILE X 282 -53.45 -52.60 55.99
CA ILE X 282 -52.28 -53.33 55.52
C ILE X 282 -51.55 -54.01 56.67
N TRP X 283 -51.72 -53.54 57.91
CA TRP X 283 -51.16 -54.28 59.05
C TRP X 283 -51.95 -55.55 59.30
N ASP X 284 -53.28 -55.49 59.09
CA ASP X 284 -54.09 -56.71 59.14
C ASP X 284 -53.67 -57.68 58.03
N GLU X 285 -53.38 -57.16 56.84
CA GLU X 285 -52.90 -58.00 55.74
C GLU X 285 -51.52 -58.61 56.06
N ILE X 286 -50.64 -57.84 56.70
CA ILE X 286 -49.31 -58.33 57.07
C ILE X 286 -49.43 -59.42 58.14
N GLU X 287 -50.31 -59.23 59.11
CA GLU X 287 -50.54 -60.25 60.13
C GLU X 287 -51.17 -61.51 59.54
N ALA X 288 -52.05 -61.35 58.56
CA ALA X 288 -52.57 -62.50 57.83
C ALA X 288 -51.49 -63.21 57.02
N SER X 289 -50.49 -62.47 56.53
CA SER X 289 -49.37 -63.10 55.85
C SER X 289 -48.48 -63.87 56.82
N LYS X 290 -48.28 -63.34 58.03
CA LYS X 290 -47.52 -64.09 59.05
C LYS X 290 -48.30 -65.32 59.50
N ASN X 291 -49.62 -65.25 59.51
CA ASN X 291 -50.43 -66.41 59.86
C ASN X 291 -50.34 -67.49 58.79
N SER X 292 -50.18 -67.09 57.53
CA SER X 292 -50.03 -68.06 56.45
C SER X 292 -48.58 -68.50 56.30
N LEU Y 10 -77.22 34.65 -10.51
CA LEU Y 10 -78.32 33.72 -10.71
C LEU Y 10 -77.87 32.30 -10.38
N ARG Y 11 -78.23 31.83 -9.19
CA ARG Y 11 -77.83 30.48 -8.78
C ARG Y 11 -78.82 29.46 -9.31
N SER Y 12 -78.31 28.48 -10.03
CA SER Y 12 -79.13 27.42 -10.62
C SER Y 12 -78.70 26.07 -10.05
N ARG Y 13 -79.67 25.31 -9.57
CA ARG Y 13 -79.44 23.97 -9.04
C ARG Y 13 -80.37 22.99 -9.73
N VAL Y 14 -79.96 21.72 -9.73
CA VAL Y 14 -80.71 20.66 -10.37
C VAL Y 14 -81.72 20.14 -9.35
N THR Y 15 -83.00 20.13 -9.74
CA THR Y 15 -84.04 19.73 -8.80
C THR Y 15 -84.53 18.31 -9.06
N ASP Y 16 -84.43 17.83 -10.30
CA ASP Y 16 -84.92 16.52 -10.66
C ASP Y 16 -83.88 15.42 -10.53
N ARG Y 17 -82.90 15.59 -9.63
CA ARG Y 17 -81.82 14.63 -9.42
C ARG Y 17 -82.34 13.29 -8.93
N TYR Y 18 -83.48 13.30 -8.24
CA TYR Y 18 -84.16 12.07 -7.86
C TYR Y 18 -84.55 11.27 -9.10
N TRP Y 19 -85.11 11.93 -10.10
CA TRP Y 19 -85.45 11.22 -11.33
C TRP Y 19 -84.22 10.87 -12.14
N ARG Y 20 -83.16 11.69 -12.05
CA ARG Y 20 -81.90 11.37 -12.71
C ARG Y 20 -81.29 10.08 -12.19
N VAL Y 21 -81.29 9.89 -10.87
CA VAL Y 21 -80.73 8.65 -10.32
C VAL Y 21 -81.74 7.51 -10.47
N GLN Y 22 -83.03 7.83 -10.54
CA GLN Y 22 -84.04 6.78 -10.66
C GLN Y 22 -84.08 6.17 -12.05
N GLU Y 23 -83.74 6.94 -13.08
CA GLU Y 23 -83.67 6.38 -14.43
C GLU Y 23 -82.54 5.35 -14.57
N VAL Y 24 -81.52 5.43 -13.73
CA VAL Y 24 -80.49 4.39 -13.70
C VAL Y 24 -80.90 3.26 -12.76
N LEU Y 25 -81.44 3.61 -11.59
CA LEU Y 25 -81.77 2.60 -10.58
C LEU Y 25 -82.98 1.75 -10.92
N LYS Y 26 -83.79 2.15 -11.90
CA LYS Y 26 -84.93 1.32 -12.27
C LYS Y 26 -84.52 0.08 -13.06
N HIS Y 27 -83.32 0.09 -13.66
CA HIS Y 27 -82.79 -1.06 -14.38
C HIS Y 27 -81.92 -1.95 -13.50
N ALA Y 28 -81.69 -1.58 -12.25
CA ALA Y 28 -80.77 -2.30 -11.38
C ALA Y 28 -81.42 -2.81 -10.10
N ARG Y 29 -82.74 -3.00 -10.08
CA ARG Y 29 -83.42 -3.41 -8.86
C ARG Y 29 -83.17 -4.88 -8.54
N HIS Y 30 -82.80 -5.67 -9.55
CA HIS Y 30 -82.66 -7.11 -9.39
C HIS Y 30 -81.22 -7.55 -9.18
N PHE Y 31 -80.34 -6.64 -8.78
CA PHE Y 31 -78.93 -6.99 -8.63
C PHE Y 31 -78.64 -7.48 -7.21
N ARG Y 32 -77.47 -8.08 -7.04
CA ARG Y 32 -77.05 -8.60 -5.75
C ARG Y 32 -75.92 -7.73 -5.18
N GLY Y 33 -75.99 -7.45 -3.88
CA GLY Y 33 -74.95 -6.66 -3.25
C GLY Y 33 -75.40 -5.23 -3.01
N ARG Y 34 -74.43 -4.33 -3.10
CA ARG Y 34 -74.73 -2.90 -2.98
C ARG Y 34 -74.99 -2.24 -4.32
N LYS Y 35 -74.99 -3.01 -5.41
CA LYS Y 35 -75.20 -2.42 -6.73
C LYS Y 35 -76.66 -2.05 -6.99
N ASN Y 36 -77.59 -2.61 -6.23
CA ASN Y 36 -78.99 -2.25 -6.38
C ASN Y 36 -79.37 -0.99 -5.60
N ARG Y 37 -78.48 -0.50 -4.74
CA ARG Y 37 -78.77 0.68 -3.93
C ARG Y 37 -77.80 1.82 -4.24
N CYS Y 38 -76.50 1.58 -4.18
CA CYS Y 38 -75.53 2.67 -4.31
C CYS Y 38 -75.41 3.08 -5.78
N TYR Y 39 -75.55 4.39 -6.03
CA TYR Y 39 -75.63 4.90 -7.40
C TYR Y 39 -74.29 4.82 -8.12
N ARG Y 40 -73.18 4.98 -7.39
CA ARG Y 40 -71.84 4.87 -7.96
C ARG Y 40 -71.59 3.47 -8.47
N LEU Y 41 -72.02 2.48 -7.70
CA LEU Y 41 -71.83 1.09 -8.11
C LEU Y 41 -72.90 0.64 -9.09
N ALA Y 42 -74.03 1.33 -9.15
CA ALA Y 42 -75.11 0.92 -10.03
C ALA Y 42 -74.82 1.25 -11.48
N VAL Y 43 -74.20 2.41 -11.72
CA VAL Y 43 -73.98 2.91 -13.09
C VAL Y 43 -73.02 1.99 -13.84
N ARG Y 44 -71.96 1.55 -13.17
CA ARG Y 44 -71.01 0.63 -13.78
C ARG Y 44 -71.63 -0.75 -13.99
N ALA Y 45 -72.58 -1.12 -13.14
CA ALA Y 45 -73.22 -2.42 -13.28
C ALA Y 45 -74.26 -2.41 -14.40
N VAL Y 46 -74.98 -1.30 -14.57
CA VAL Y 46 -75.98 -1.19 -15.62
C VAL Y 46 -75.31 -1.11 -16.99
N THR Y 47 -74.18 -0.40 -17.07
CA THR Y 47 -73.43 -0.25 -18.32
C THR Y 47 -72.92 -1.59 -18.84
N ARG Y 48 -72.31 -2.38 -17.96
CA ARG Y 48 -71.83 -3.70 -18.35
C ARG Y 48 -72.98 -4.63 -18.68
N ALA Y 49 -74.12 -4.46 -18.01
CA ALA Y 49 -75.31 -5.25 -18.30
C ALA Y 49 -75.83 -4.96 -19.70
N PHE Y 50 -75.85 -3.68 -20.10
CA PHE Y 50 -76.34 -3.33 -21.43
C PHE Y 50 -75.38 -3.78 -22.52
N VAL Y 51 -74.06 -3.65 -22.27
CA VAL Y 51 -73.07 -4.10 -23.24
C VAL Y 51 -73.14 -5.62 -23.42
N LYS Y 52 -73.28 -6.35 -22.31
CA LYS Y 52 -73.43 -7.79 -22.39
C LYS Y 52 -74.76 -8.18 -23.03
N CYS Y 53 -75.79 -7.33 -22.87
CA CYS Y 53 -77.07 -7.58 -23.52
C CYS Y 53 -76.94 -7.50 -25.04
N THR Y 54 -76.24 -6.48 -25.54
CA THR Y 54 -76.05 -6.35 -26.99
C THR Y 54 -75.16 -7.47 -27.54
N ARG Y 55 -74.08 -7.81 -26.82
CA ARG Y 55 -73.19 -8.84 -27.32
C ARG Y 55 -73.82 -10.23 -27.26
N ALA Y 56 -74.62 -10.50 -26.22
CA ALA Y 56 -75.33 -11.77 -26.16
C ALA Y 56 -76.51 -11.81 -27.12
N ARG Y 57 -77.07 -10.65 -27.47
CA ARG Y 57 -78.03 -10.58 -28.56
C ARG Y 57 -77.38 -10.95 -29.88
N ARG Y 58 -76.12 -10.53 -30.09
CA ARG Y 58 -75.37 -10.94 -31.27
C ARG Y 58 -75.09 -12.44 -31.24
N LEU Y 59 -74.77 -12.98 -30.05
CA LEU Y 59 -74.40 -14.39 -29.94
C LEU Y 59 -75.63 -15.30 -29.87
N LYS Y 60 -76.82 -14.73 -29.72
CA LYS Y 60 -78.05 -15.52 -29.59
C LYS Y 60 -78.34 -16.31 -30.86
N LYS Y 61 -78.14 -15.68 -32.03
CA LYS Y 61 -78.37 -16.36 -33.30
C LYS Y 61 -77.39 -17.52 -33.49
N ARG Y 62 -76.13 -17.32 -33.09
CA ARG Y 62 -75.13 -18.38 -33.21
C ARG Y 62 -75.42 -19.53 -32.25
N SER Y 63 -75.84 -19.20 -31.02
CA SER Y 63 -76.16 -20.23 -30.03
C SER Y 63 -77.39 -21.04 -30.44
N LEU Y 64 -78.41 -20.36 -30.97
CA LEU Y 64 -79.61 -21.05 -31.42
C LEU Y 64 -79.32 -21.90 -32.66
N ARG Y 65 -78.45 -21.40 -33.55
CA ARG Y 65 -78.05 -22.18 -34.71
C ARG Y 65 -77.27 -23.43 -34.31
N THR Y 66 -76.39 -23.31 -33.32
CA THR Y 66 -75.65 -24.47 -32.81
C THR Y 66 -76.60 -25.47 -32.16
N LEU Y 67 -77.62 -24.97 -31.45
CA LEU Y 67 -78.64 -25.85 -30.89
C LEU Y 67 -79.42 -26.59 -31.97
N TRP Y 68 -79.76 -25.89 -33.05
CA TRP Y 68 -80.48 -26.53 -34.16
C TRP Y 68 -79.62 -27.58 -34.84
N ILE Y 69 -78.32 -27.30 -35.03
CA ILE Y 69 -77.42 -28.28 -35.63
C ILE Y 69 -77.26 -29.50 -34.73
N ASN Y 70 -77.21 -29.30 -33.41
CA ASN Y 70 -77.16 -30.43 -32.48
C ASN Y 70 -78.43 -31.26 -32.54
N ARG Y 71 -79.59 -30.61 -32.67
CA ARG Y 71 -80.85 -31.34 -32.73
C ARG Y 71 -81.01 -32.10 -34.03
N ILE Y 72 -80.58 -31.50 -35.15
CA ILE Y 72 -80.64 -32.20 -36.44
C ILE Y 72 -79.64 -33.36 -36.47
N THR Y 73 -78.47 -33.17 -35.87
CA THR Y 73 -77.48 -34.24 -35.77
C THR Y 73 -78.00 -35.40 -34.94
N ALA Y 74 -78.68 -35.08 -33.83
CA ALA Y 74 -79.30 -36.11 -32.99
C ALA Y 74 -80.37 -36.89 -33.75
N ALA Y 75 -81.31 -36.17 -34.37
CA ALA Y 75 -82.42 -36.84 -35.03
C ALA Y 75 -82.01 -37.50 -36.34
N SER Y 76 -80.86 -37.14 -36.90
CA SER Y 76 -80.38 -37.82 -38.10
C SER Y 76 -79.54 -39.04 -37.74
N GLN Y 77 -78.75 -38.95 -36.67
CA GLN Y 77 -77.99 -40.10 -36.20
C GLN Y 77 -78.91 -41.14 -35.57
N GLU Y 78 -80.11 -40.72 -35.15
CA GLU Y 78 -81.13 -41.66 -34.70
C GLU Y 78 -81.61 -42.54 -35.85
N HIS Y 79 -81.56 -42.04 -37.09
CA HIS Y 79 -81.86 -42.81 -38.29
C HIS Y 79 -80.61 -43.40 -38.94
N GLY Y 80 -79.44 -43.22 -38.34
CA GLY Y 80 -78.23 -43.79 -38.89
C GLY Y 80 -77.65 -43.06 -40.09
N LEU Y 81 -77.85 -41.74 -40.16
CA LEU Y 81 -77.30 -40.92 -41.23
C LEU Y 81 -76.62 -39.71 -40.63
N LYS Y 82 -75.41 -39.39 -41.10
CA LYS Y 82 -74.65 -38.31 -40.51
C LYS Y 82 -75.20 -36.95 -40.92
N TYR Y 83 -74.92 -35.94 -40.09
CA TYR Y 83 -75.42 -34.59 -40.34
C TYR Y 83 -74.89 -33.96 -41.63
N PRO Y 84 -73.57 -33.95 -41.95
CA PRO Y 84 -73.17 -33.29 -43.21
C PRO Y 84 -73.68 -33.99 -44.46
N ALA Y 85 -73.72 -35.32 -44.43
CA ALA Y 85 -74.29 -36.09 -45.54
C ALA Y 85 -75.78 -35.78 -45.70
N PHE Y 86 -76.49 -35.69 -44.58
CA PHE Y 86 -77.93 -35.37 -44.60
C PHE Y 86 -78.17 -33.99 -45.18
N ILE Y 87 -77.36 -33.01 -44.77
CA ILE Y 87 -77.53 -31.63 -45.23
C ILE Y 87 -77.23 -31.51 -46.73
N ILE Y 88 -76.07 -32.04 -47.16
CA ILE Y 88 -75.68 -31.85 -48.56
C ILE Y 88 -76.57 -32.68 -49.49
N ASN Y 89 -77.04 -33.84 -49.04
CA ASN Y 89 -77.92 -34.62 -49.89
C ASN Y 89 -79.36 -34.12 -49.87
N LEU Y 90 -79.73 -33.33 -48.86
CA LEU Y 90 -81.02 -32.65 -48.92
C LEU Y 90 -80.94 -31.45 -49.85
N ILE Y 91 -79.80 -30.75 -49.87
CA ILE Y 91 -79.60 -29.63 -50.80
C ILE Y 91 -79.52 -30.12 -52.24
N LYS Y 92 -78.88 -31.27 -52.47
CA LYS Y 92 -78.75 -31.83 -53.82
C LYS Y 92 -80.08 -32.25 -54.44
N CYS Y 93 -81.13 -32.40 -53.65
CA CYS Y 93 -82.48 -32.62 -54.17
C CYS Y 93 -83.26 -31.32 -54.34
N GLN Y 94 -82.57 -30.17 -54.27
CA GLN Y 94 -83.16 -28.83 -54.38
C GLN Y 94 -84.26 -28.58 -53.34
N VAL Y 95 -84.10 -29.11 -52.14
CA VAL Y 95 -85.01 -28.83 -51.04
C VAL Y 95 -84.28 -27.88 -50.10
N GLU Y 96 -84.75 -26.63 -50.02
CA GLU Y 96 -84.09 -25.59 -49.25
C GLU Y 96 -84.91 -25.30 -48.00
N LEU Y 97 -84.69 -26.10 -46.96
CA LEU Y 97 -85.26 -25.87 -45.64
C LEU Y 97 -84.13 -25.48 -44.71
N ASN Y 98 -84.29 -24.39 -43.99
CA ASN Y 98 -83.22 -23.96 -43.09
C ASN Y 98 -83.16 -24.86 -41.86
N ARG Y 99 -82.10 -24.69 -41.08
CA ARG Y 99 -81.82 -25.60 -39.97
C ARG Y 99 -82.80 -25.40 -38.82
N LYS Y 100 -83.36 -24.21 -38.69
CA LYS Y 100 -84.40 -23.96 -37.69
C LYS Y 100 -85.62 -24.83 -37.93
N VAL Y 101 -86.16 -24.78 -39.15
CA VAL Y 101 -87.36 -25.55 -39.45
C VAL Y 101 -87.02 -27.01 -39.62
N LEU Y 102 -85.77 -27.33 -39.96
CA LEU Y 102 -85.36 -28.73 -40.01
C LEU Y 102 -85.32 -29.36 -38.62
N ALA Y 103 -84.84 -28.60 -37.63
CA ALA Y 103 -84.94 -29.05 -36.25
C ALA Y 103 -86.39 -29.09 -35.77
N ASP Y 104 -87.23 -28.21 -36.32
CA ASP Y 104 -88.64 -28.20 -35.93
C ASP Y 104 -89.36 -29.45 -36.42
N LEU Y 105 -89.15 -29.82 -37.70
CA LEU Y 105 -89.57 -31.11 -38.22
C LEU Y 105 -88.97 -32.27 -37.45
N ALA Y 106 -87.70 -32.15 -37.03
CA ALA Y 106 -87.04 -33.22 -36.29
C ALA Y 106 -87.69 -33.44 -34.93
N ILE Y 107 -88.11 -32.38 -34.26
CA ILE Y 107 -88.75 -32.52 -32.95
C ILE Y 107 -90.18 -32.98 -33.09
N TYR Y 108 -91.00 -32.23 -33.83
CA TYR Y 108 -92.43 -32.46 -33.79
C TYR Y 108 -92.95 -33.38 -34.89
N GLU Y 109 -92.10 -33.84 -35.79
CA GLU Y 109 -92.58 -34.46 -37.04
C GLU Y 109 -91.73 -35.68 -37.38
N PRO Y 110 -91.93 -36.79 -36.67
CA PRO Y 110 -91.01 -37.93 -36.83
C PRO Y 110 -91.10 -38.64 -38.18
N LYS Y 111 -92.30 -38.82 -38.74
CA LYS Y 111 -92.44 -39.51 -40.02
C LYS Y 111 -91.92 -38.64 -41.16
N THR Y 112 -92.15 -37.32 -41.09
CA THR Y 112 -91.69 -36.43 -42.14
C THR Y 112 -90.17 -36.30 -42.12
N PHE Y 113 -89.58 -36.26 -40.92
CA PHE Y 113 -88.12 -36.25 -40.83
C PHE Y 113 -87.53 -37.59 -41.25
N LYS Y 114 -88.24 -38.69 -40.99
CA LYS Y 114 -87.80 -39.99 -41.51
C LYS Y 114 -87.85 -40.03 -43.03
N SER Y 115 -88.87 -39.42 -43.63
CA SER Y 115 -88.96 -39.32 -45.08
C SER Y 115 -87.83 -38.45 -45.65
N LEU Y 116 -87.50 -37.35 -44.95
CA LEU Y 116 -86.40 -36.50 -45.38
C LEU Y 116 -85.05 -37.22 -45.26
N ALA Y 117 -84.87 -37.99 -44.19
CA ALA Y 117 -83.65 -38.77 -44.03
C ALA Y 117 -83.56 -39.88 -45.07
N ALA Y 118 -84.70 -40.48 -45.42
CA ALA Y 118 -84.74 -41.47 -46.49
C ALA Y 118 -84.40 -40.85 -47.84
N LEU Y 119 -84.88 -39.63 -48.08
CA LEU Y 119 -84.55 -38.90 -49.31
C LEU Y 119 -83.06 -38.58 -49.37
N ALA Y 120 -82.48 -38.16 -48.24
CA ALA Y 120 -81.05 -37.86 -48.19
C ALA Y 120 -80.19 -39.10 -48.37
N LYS Y 121 -80.61 -40.23 -47.77
CA LYS Y 121 -79.87 -41.48 -47.93
C LYS Y 121 -79.97 -42.00 -49.36
N ARG Y 122 -81.16 -41.85 -49.97
CA ARG Y 122 -81.34 -42.25 -51.37
C ARG Y 122 -80.50 -41.38 -52.31
N ARG Y 123 -80.43 -40.08 -52.02
CA ARG Y 123 -79.59 -39.18 -52.82
C ARG Y 123 -78.11 -39.50 -52.64
N ARG Y 124 -77.70 -39.88 -51.42
CA ARG Y 124 -76.30 -40.24 -51.19
C ARG Y 124 -75.93 -41.52 -51.92
N GLU Y 125 -76.79 -42.54 -51.86
CA GLU Y 125 -76.54 -43.78 -52.59
C GLU Y 125 -76.57 -43.55 -54.10
N GLU Y 126 -77.46 -42.68 -54.58
CA GLU Y 126 -77.52 -42.35 -56.00
C GLU Y 126 -76.26 -41.63 -56.46
N GLY Y 127 -75.76 -40.69 -55.64
CA GLY Y 127 -74.53 -40.00 -55.99
C GLY Y 127 -73.32 -40.91 -55.97
N PHE Y 128 -73.27 -41.85 -55.03
CA PHE Y 128 -72.18 -42.81 -54.99
C PHE Y 128 -72.24 -43.77 -56.17
N ALA Y 129 -73.45 -44.19 -56.57
CA ALA Y 129 -73.62 -45.05 -57.74
C ALA Y 129 -73.22 -44.32 -59.01
N ALA Y 130 -73.60 -43.04 -59.14
CA ALA Y 130 -73.22 -42.25 -60.30
C ALA Y 130 -71.72 -41.96 -60.33
N ALA Y 131 -71.10 -41.85 -59.16
CA ALA Y 131 -69.65 -41.70 -59.11
C ALA Y 131 -68.92 -42.97 -59.51
N LEU Y 132 -69.40 -44.14 -59.07
CA LEU Y 132 -68.71 -45.38 -59.42
C LEU Y 132 -69.04 -45.83 -60.84
N GLY Y 133 -70.12 -45.29 -61.42
CA GLY Y 133 -70.47 -45.65 -62.79
C GLY Y 133 -69.49 -45.12 -63.82
N ASP Y 134 -68.93 -43.93 -63.60
CA ASP Y 134 -68.01 -43.23 -64.50
C ASP Y 134 -68.61 -43.05 -65.90
N GLY Y 135 -69.82 -42.49 -65.94
CA GLY Y 135 -70.50 -42.26 -67.20
C GLY Y 135 -71.56 -41.18 -67.05
N LYS Y 136 -71.83 -40.51 -68.17
CA LYS Y 136 -72.84 -39.46 -68.19
C LYS Y 136 -74.22 -39.98 -68.58
N GLU Y 137 -74.29 -41.15 -69.20
CA GLU Y 137 -75.59 -41.67 -69.67
C GLU Y 137 -76.57 -42.02 -68.56
N PRO Y 138 -76.20 -42.74 -67.49
CA PRO Y 138 -77.21 -42.97 -66.42
C PRO Y 138 -77.41 -41.72 -65.58
N ASP Y 139 -78.65 -41.19 -65.63
CA ASP Y 139 -79.07 -40.09 -64.78
C ASP Y 139 -80.26 -40.56 -63.96
N GLY Y 140 -80.17 -40.40 -62.65
CA GLY Y 140 -81.14 -41.01 -61.76
C GLY Y 140 -82.45 -40.23 -61.69
N ILE Y 141 -83.40 -40.82 -60.96
CA ILE Y 141 -84.70 -40.21 -60.79
C ILE Y 141 -84.63 -39.00 -59.85
N PHE Y 142 -83.75 -39.05 -58.85
CA PHE Y 142 -83.54 -37.90 -57.97
C PHE Y 142 -82.29 -37.11 -58.29
N SER Y 143 -81.53 -37.49 -59.31
CA SER Y 143 -80.38 -36.71 -59.75
C SER Y 143 -80.72 -35.71 -60.83
N ARG Y 144 -81.95 -35.69 -61.31
CA ARG Y 144 -82.34 -34.73 -62.34
C ARG Y 144 -82.49 -33.34 -61.72
N VAL Y 145 -82.18 -32.34 -62.52
CA VAL Y 145 -82.09 -30.95 -62.07
C VAL Y 145 -83.25 -30.19 -62.68
N VAL Y 146 -84.08 -29.59 -61.83
CA VAL Y 146 -85.26 -28.87 -62.28
C VAL Y 146 -84.95 -27.39 -62.34
N GLN Y 147 -85.21 -26.78 -63.49
CA GLN Y 147 -85.00 -25.36 -63.70
C GLN Y 147 -86.23 -24.57 -63.30
N HIS Y 148 -86.05 -23.25 -63.18
CA HIS Y 148 -87.16 -22.37 -62.82
C HIS Y 148 -88.14 -22.23 -63.98
N ARG Y 149 -89.40 -21.97 -63.65
CA ARG Y 149 -90.42 -21.72 -64.66
C ARG Y 149 -91.27 -20.53 -64.27
N VAL Z 55 -61.06 -65.36 -55.75
CA VAL Z 55 -61.28 -64.09 -55.05
C VAL Z 55 -61.05 -64.28 -53.55
N PRO Z 56 -59.89 -63.88 -53.05
CA PRO Z 56 -59.59 -64.00 -51.63
C PRO Z 56 -60.37 -62.96 -50.83
N LYS Z 57 -60.47 -63.19 -49.53
CA LYS Z 57 -61.20 -62.30 -48.63
C LYS Z 57 -60.17 -61.51 -47.83
N THR Z 58 -60.12 -60.21 -48.05
CA THR Z 58 -59.19 -59.30 -47.41
C THR Z 58 -60.00 -58.20 -46.74
N SER Z 59 -59.54 -57.76 -45.56
CA SER Z 59 -60.25 -56.76 -44.77
C SER Z 59 -60.36 -55.41 -45.48
N LEU Z 60 -59.40 -55.10 -46.35
CA LEU Z 60 -59.48 -53.92 -47.21
C LEU Z 60 -59.78 -54.30 -48.65
N GLY Z 61 -59.74 -55.59 -48.96
CA GLY Z 61 -60.10 -56.07 -50.28
C GLY Z 61 -61.55 -55.83 -50.59
N SER Z 62 -62.40 -55.98 -49.57
CA SER Z 62 -63.78 -55.57 -49.65
C SER Z 62 -63.91 -54.19 -49.00
N PRO Z 63 -64.65 -53.27 -49.59
CA PRO Z 63 -64.84 -51.94 -48.98
C PRO Z 63 -65.61 -52.05 -47.68
N PRO Z 64 -65.32 -51.18 -46.69
CA PRO Z 64 -66.00 -51.28 -45.38
C PRO Z 64 -67.32 -50.53 -45.33
N TRP Z 65 -68.21 -50.88 -46.25
CA TRP Z 65 -69.59 -50.40 -46.31
C TRP Z 65 -70.39 -51.45 -47.07
N PRO Z 66 -71.67 -51.65 -46.75
CA PRO Z 66 -72.43 -52.69 -47.46
C PRO Z 66 -72.72 -52.28 -48.90
N ASP Z 67 -72.75 -53.27 -49.79
CA ASP Z 67 -73.01 -53.02 -51.20
C ASP Z 67 -74.45 -52.58 -51.39
N ILE Z 68 -74.64 -51.57 -52.24
CA ILE Z 68 -75.94 -50.98 -52.47
C ILE Z 68 -76.43 -51.41 -53.85
N VAL Z 69 -77.72 -51.70 -53.94
CA VAL Z 69 -78.36 -52.09 -55.20
C VAL Z 69 -79.47 -51.09 -55.47
N LEU Z 70 -79.71 -50.83 -56.71
CA LEU Z 70 -80.63 -49.75 -57.04
C LEU Z 70 -81.80 -50.30 -57.86
N PRO Z 71 -82.98 -49.71 -57.75
CA PRO Z 71 -84.10 -50.12 -58.62
C PRO Z 71 -83.85 -49.72 -60.06
N ASP Z 72 -84.46 -50.47 -60.97
CA ASP Z 72 -84.41 -50.14 -62.38
C ASP Z 72 -85.20 -48.86 -62.63
N PRO Z 73 -84.72 -47.98 -63.53
CA PRO Z 73 -85.40 -46.67 -63.73
C PRO Z 73 -86.83 -46.74 -64.22
N VAL Z 74 -87.16 -47.65 -65.12
CA VAL Z 74 -88.53 -47.73 -65.65
C VAL Z 74 -89.48 -48.27 -64.58
N GLU Z 75 -89.04 -49.23 -63.78
CA GLU Z 75 -89.86 -49.75 -62.70
C GLU Z 75 -90.01 -48.74 -61.57
N GLU Z 76 -88.96 -47.94 -61.34
CA GLU Z 76 -89.07 -46.82 -60.42
C GLU Z 76 -90.08 -45.78 -60.92
N THR Z 77 -90.13 -45.56 -62.23
CA THR Z 77 -91.11 -44.63 -62.80
C THR Z 77 -92.54 -45.14 -62.62
N ARG Z 78 -92.77 -46.44 -62.87
CA ARG Z 78 -94.11 -47.00 -62.66
C ARG Z 78 -94.51 -47.01 -61.18
N HIS Z 79 -93.55 -47.31 -60.30
CA HIS Z 79 -93.84 -47.28 -58.86
C HIS Z 79 -94.12 -45.87 -58.37
N HIS Z 80 -93.39 -44.89 -58.90
CA HIS Z 80 -93.64 -43.49 -58.57
C HIS Z 80 -95.01 -43.05 -59.07
N ALA Z 81 -95.41 -43.50 -60.26
CA ALA Z 81 -96.73 -43.20 -60.79
C ALA Z 81 -97.82 -43.83 -59.94
N GLU Z 82 -97.58 -45.05 -59.45
CA GLU Z 82 -98.55 -45.72 -58.58
C GLU Z 82 -98.71 -45.00 -57.24
N VAL Z 83 -97.60 -44.56 -56.65
CA VAL Z 83 -97.66 -43.86 -55.37
C VAL Z 83 -98.29 -42.48 -55.54
N VAL Z 84 -97.99 -41.79 -56.65
CA VAL Z 84 -98.60 -40.50 -56.96
C VAL Z 84 -100.11 -40.66 -57.17
N GLY Z 85 -100.53 -41.74 -57.85
CA GLY Z 85 -101.95 -42.01 -58.02
C GLY Z 85 -102.65 -42.33 -56.71
N GLN Z 86 -101.96 -43.04 -55.81
CA GLN Z 86 -102.55 -43.35 -54.50
C GLN Z 86 -102.71 -42.09 -53.66
N VAL Z 87 -101.70 -41.22 -53.67
CA VAL Z 87 -101.78 -39.95 -52.94
C VAL Z 87 -102.84 -39.04 -53.57
N ASN Z 88 -102.99 -39.10 -54.90
CA ASN Z 88 -104.04 -38.32 -55.56
C ASN Z 88 -105.43 -38.83 -55.23
N GLU Z 89 -105.58 -40.16 -55.12
CA GLU Z 89 -106.84 -40.74 -54.67
C GLU Z 89 -107.17 -40.32 -53.25
N LEU Z 90 -106.16 -40.29 -52.37
CA LEU Z 90 -106.37 -39.85 -50.99
C LEU Z 90 -106.72 -38.37 -50.92
N ILE Z 91 -106.06 -37.54 -51.74
CA ILE Z 91 -106.29 -36.10 -51.68
C ILE Z 91 -107.62 -35.74 -52.36
N ALA Z 92 -108.12 -36.63 -53.22
CA ALA Z 92 -109.45 -36.44 -53.79
C ALA Z 92 -110.53 -36.92 -52.84
N ALA Z 93 -110.28 -38.01 -52.11
CA ALA Z 93 -111.26 -38.49 -51.14
C ALA Z 93 -111.30 -37.61 -49.90
N GLY Z 94 -110.25 -36.84 -49.65
CA GLY Z 94 -110.23 -35.96 -48.50
C GLY Z 94 -110.08 -36.67 -47.17
N ARG Z 95 -109.22 -37.66 -47.09
CA ARG Z 95 -108.97 -38.41 -45.87
C ARG Z 95 -107.90 -37.78 -44.99
N TYR Z 96 -107.50 -36.54 -45.28
CA TYR Z 96 -106.51 -35.84 -44.49
C TYR Z 96 -107.18 -35.14 -43.32
N GLY Z 97 -106.61 -35.25 -42.14
CA GLY Z 97 -107.16 -34.58 -40.99
C GLY Z 97 -106.78 -33.12 -40.87
N ARG Z 98 -105.51 -32.85 -40.61
CA ARG Z 98 -105.04 -31.50 -40.35
C ARG Z 98 -103.67 -31.32 -40.99
N LEU Z 99 -103.52 -30.23 -41.73
CA LEU Z 99 -102.34 -30.02 -42.55
C LEU Z 99 -101.38 -29.03 -41.90
N PHE Z 100 -100.09 -29.28 -42.08
CA PHE Z 100 -99.05 -28.33 -41.72
C PHE Z 100 -98.28 -27.96 -42.99
N ALA Z 101 -97.55 -26.85 -42.91
CA ALA Z 101 -96.86 -26.33 -44.08
C ALA Z 101 -95.66 -25.52 -43.64
N VAL Z 102 -94.51 -25.81 -44.25
CA VAL Z 102 -93.34 -24.96 -44.11
C VAL Z 102 -93.42 -23.92 -45.22
N VAL Z 103 -93.50 -22.65 -44.81
CA VAL Z 103 -93.81 -21.53 -45.69
C VAL Z 103 -92.71 -20.49 -45.58
N HIS Z 104 -92.34 -19.91 -46.71
CA HIS Z 104 -91.34 -18.85 -46.74
C HIS Z 104 -92.06 -17.50 -46.79
N PHE Z 105 -91.79 -16.64 -45.82
CA PHE Z 105 -92.45 -15.34 -45.76
C PHE Z 105 -91.58 -14.35 -45.02
N ALA Z 106 -91.39 -13.18 -45.63
CA ALA Z 106 -90.64 -12.04 -45.06
C ALA Z 106 -89.20 -12.40 -44.70
N GLY Z 107 -88.56 -13.22 -45.52
CA GLY Z 107 -87.17 -13.57 -45.32
C GLY Z 107 -86.92 -14.73 -44.40
N HIS Z 108 -87.96 -15.30 -43.79
CA HIS Z 108 -87.82 -16.44 -42.89
C HIS Z 108 -88.70 -17.59 -43.34
N GLN Z 109 -88.39 -18.77 -42.82
CA GLN Z 109 -89.17 -19.97 -43.07
C GLN Z 109 -89.82 -20.41 -41.77
N TRP Z 110 -91.15 -20.59 -41.81
CA TRP Z 110 -91.93 -20.91 -40.63
C TRP Z 110 -92.65 -22.24 -40.84
N LYS Z 111 -92.63 -23.09 -39.82
CA LYS Z 111 -93.50 -24.25 -39.77
C LYS Z 111 -94.84 -23.79 -39.22
N VAL Z 112 -95.88 -23.90 -40.04
CA VAL Z 112 -97.16 -23.25 -39.79
C VAL Z 112 -98.27 -24.27 -39.93
N THR Z 113 -99.07 -24.41 -38.88
CA THR Z 113 -100.27 -25.21 -38.91
C THR Z 113 -101.43 -24.22 -38.85
N ALA Z 114 -102.64 -24.68 -39.23
CA ALA Z 114 -103.80 -23.81 -39.24
C ALA Z 114 -104.19 -23.39 -37.82
N GLU Z 115 -105.00 -22.33 -37.74
CA GLU Z 115 -105.53 -21.67 -36.55
C GLU Z 115 -104.44 -21.03 -35.69
N ASP Z 116 -103.29 -20.65 -36.25
CA ASP Z 116 -102.16 -20.31 -35.39
C ASP Z 116 -101.72 -18.86 -35.58
N LEU Z 117 -100.64 -18.48 -34.92
CA LEU Z 117 -100.15 -17.10 -34.92
C LEU Z 117 -98.68 -17.04 -35.33
N ILE Z 118 -98.33 -16.02 -36.10
CA ILE Z 118 -96.93 -15.70 -36.38
C ILE Z 118 -96.72 -14.20 -36.15
N LEU Z 119 -95.49 -13.84 -35.81
CA LEU Z 119 -95.09 -12.46 -35.60
C LEU Z 119 -94.02 -12.10 -36.63
N ILE Z 120 -94.25 -11.05 -37.38
CA ILE Z 120 -93.33 -10.60 -38.41
C ILE Z 120 -92.65 -9.33 -37.94
N GLU Z 121 -91.33 -9.30 -38.04
CA GLU Z 121 -90.50 -8.29 -37.39
C GLU Z 121 -90.41 -7.00 -38.22
N ASN Z 122 -91.03 -6.96 -39.39
CA ASN Z 122 -91.03 -5.77 -40.24
C ASN Z 122 -92.45 -5.32 -40.54
N GLU Z 123 -92.59 -4.03 -40.79
CA GLU Z 123 -93.89 -3.44 -41.09
C GLU Z 123 -94.37 -3.83 -42.49
N LEU Z 124 -95.66 -4.18 -42.56
CA LEU Z 124 -96.32 -4.51 -43.81
C LEU Z 124 -97.33 -3.43 -44.15
N ASP Z 125 -97.55 -3.20 -45.44
CA ASP Z 125 -98.49 -2.19 -45.91
C ASP Z 125 -99.80 -2.93 -46.16
N VAL Z 126 -100.33 -3.57 -45.12
CA VAL Z 126 -101.64 -4.21 -45.16
C VAL Z 126 -102.42 -3.68 -43.98
N ALA Z 127 -103.70 -3.34 -44.21
CA ALA Z 127 -104.55 -2.91 -43.12
C ALA Z 127 -104.90 -4.09 -42.21
N CYS Z 128 -105.37 -3.76 -41.01
CA CYS Z 128 -105.78 -4.80 -40.07
C CYS Z 128 -107.09 -5.44 -40.51
N GLY Z 129 -107.17 -6.75 -40.31
CA GLY Z 129 -108.36 -7.49 -40.67
C GLY Z 129 -108.44 -7.89 -42.12
N GLU Z 130 -107.41 -7.62 -42.91
CA GLU Z 130 -107.37 -8.05 -44.30
C GLU Z 130 -106.77 -9.45 -44.40
N ARG Z 131 -107.26 -10.20 -45.38
CA ARG Z 131 -106.89 -11.59 -45.60
C ARG Z 131 -106.01 -11.71 -46.85
N ILE Z 132 -104.87 -12.36 -46.66
CA ILE Z 132 -103.83 -12.43 -47.69
C ILE Z 132 -103.48 -13.90 -47.94
N ARG Z 133 -102.93 -14.17 -49.12
CA ARG Z 133 -102.58 -15.53 -49.54
C ARG Z 133 -101.07 -15.63 -49.69
N LEU Z 134 -100.49 -16.70 -49.14
CA LEU Z 134 -99.06 -16.96 -49.33
C LEU Z 134 -98.90 -18.04 -50.39
N GLU Z 135 -97.88 -17.91 -51.25
CA GLU Z 135 -97.70 -18.95 -52.26
C GLU Z 135 -96.39 -19.70 -52.10
N LYS Z 136 -95.40 -19.10 -51.43
CA LYS Z 136 -94.13 -19.81 -51.23
C LYS Z 136 -94.28 -20.85 -50.13
N VAL Z 137 -94.88 -21.98 -50.46
CA VAL Z 137 -95.03 -23.10 -49.54
C VAL Z 137 -93.97 -24.13 -49.90
N LEU Z 138 -92.95 -24.25 -49.06
CA LEU Z 138 -91.87 -25.20 -49.32
C LEU Z 138 -92.33 -26.63 -49.05
N LEU Z 139 -93.12 -26.81 -48.00
CA LEU Z 139 -93.54 -28.14 -47.58
C LEU Z 139 -95.02 -28.10 -47.19
N VAL Z 140 -95.75 -29.15 -47.53
CA VAL Z 140 -97.08 -29.33 -46.95
C VAL Z 140 -97.21 -30.79 -46.56
N GLY Z 141 -98.04 -31.08 -45.57
CA GLY Z 141 -98.15 -32.46 -45.12
C GLY Z 141 -99.24 -32.71 -44.12
N ALA Z 142 -99.55 -34.00 -43.96
CA ALA Z 142 -100.43 -34.52 -42.93
C ALA Z 142 -99.94 -35.91 -42.56
N ASP Z 143 -100.74 -36.58 -41.72
CA ASP Z 143 -100.32 -37.80 -41.01
C ASP Z 143 -99.96 -38.93 -41.98
N ASN Z 144 -100.56 -38.93 -43.17
CA ASN Z 144 -100.29 -39.95 -44.17
C ASN Z 144 -99.37 -39.50 -45.30
N PHE Z 145 -99.15 -38.20 -45.49
CA PHE Z 145 -98.47 -37.81 -46.72
C PHE Z 145 -97.71 -36.50 -46.53
N THR Z 146 -96.77 -36.25 -47.44
CA THR Z 146 -95.96 -35.04 -47.36
C THR Z 146 -95.48 -34.68 -48.77
N LEU Z 147 -95.78 -33.44 -49.16
CA LEU Z 147 -95.40 -32.91 -50.47
C LEU Z 147 -94.25 -31.93 -50.29
N LEU Z 148 -93.17 -32.17 -51.03
CA LEU Z 148 -91.95 -31.37 -51.04
C LEU Z 148 -91.96 -30.44 -52.25
N GLY Z 149 -91.39 -29.24 -52.09
CA GLY Z 149 -91.16 -28.40 -53.24
C GLY Z 149 -89.73 -28.50 -53.75
N LYS Z 150 -89.54 -28.11 -55.01
CA LYS Z 150 -88.21 -28.10 -55.63
C LYS Z 150 -87.90 -26.76 -56.28
N PRO Z 151 -87.61 -25.72 -55.49
CA PRO Z 151 -87.64 -25.59 -54.03
C PRO Z 151 -88.98 -25.02 -53.58
N LEU Z 152 -89.97 -25.07 -54.46
CA LEU Z 152 -91.26 -24.43 -54.25
C LEU Z 152 -92.35 -25.34 -54.77
N LEU Z 153 -93.55 -25.17 -54.23
CA LEU Z 153 -94.73 -25.85 -54.73
C LEU Z 153 -95.51 -24.93 -55.66
N GLY Z 154 -96.35 -25.53 -56.50
CA GLY Z 154 -97.15 -24.77 -57.44
C GLY Z 154 -98.25 -23.96 -56.77
N LYS Z 155 -98.65 -22.86 -57.40
CA LYS Z 155 -99.73 -22.04 -56.86
C LYS Z 155 -101.08 -22.73 -56.98
N GLU Z 156 -101.25 -23.60 -57.97
CA GLU Z 156 -102.51 -24.34 -58.13
C GLU Z 156 -102.58 -25.57 -57.23
N LEU Z 157 -101.49 -25.91 -56.53
CA LEU Z 157 -101.51 -27.08 -55.65
C LEU Z 157 -102.03 -26.74 -54.27
N VAL Z 158 -101.46 -25.73 -53.61
CA VAL Z 158 -101.78 -25.41 -52.23
C VAL Z 158 -102.09 -23.92 -52.11
N ARG Z 159 -103.16 -23.60 -51.38
CA ARG Z 159 -103.53 -22.22 -51.06
C ARG Z 159 -103.55 -22.09 -49.55
N VAL Z 160 -102.80 -21.13 -49.03
CA VAL Z 160 -102.67 -20.93 -47.59
C VAL Z 160 -102.92 -19.44 -47.30
N GLU Z 161 -103.68 -19.15 -46.26
CA GLU Z 161 -104.37 -17.88 -46.10
C GLU Z 161 -104.29 -17.38 -44.66
N ALA Z 162 -103.92 -16.10 -44.50
CA ALA Z 162 -103.72 -15.50 -43.18
C ALA Z 162 -104.40 -14.15 -43.10
N THR Z 163 -104.97 -13.85 -41.94
CA THR Z 163 -105.59 -12.57 -41.66
C THR Z 163 -104.68 -11.74 -40.76
N VAL Z 164 -104.53 -10.46 -41.10
CA VAL Z 164 -103.68 -9.58 -40.29
C VAL Z 164 -104.45 -9.20 -39.03
N ILE Z 165 -103.89 -9.54 -37.86
CA ILE Z 165 -104.51 -9.12 -36.60
C ILE Z 165 -104.02 -7.73 -36.27
N GLU Z 166 -102.71 -7.56 -36.09
CA GLU Z 166 -102.22 -6.44 -35.31
C GLU Z 166 -101.02 -5.80 -36.00
N LYS Z 167 -101.02 -4.48 -36.09
CA LYS Z 167 -99.83 -3.73 -36.46
C LYS Z 167 -99.39 -2.93 -35.23
N THR Z 168 -98.23 -3.25 -34.69
CA THR Z 168 -97.83 -2.71 -33.40
C THR Z 168 -96.37 -2.30 -33.47
N GLU Z 169 -95.83 -1.91 -32.32
CA GLU Z 169 -94.41 -1.64 -32.16
C GLU Z 169 -93.84 -2.57 -31.11
N SER Z 170 -92.58 -2.95 -31.28
CA SER Z 170 -91.93 -3.87 -30.36
C SER Z 170 -91.61 -3.17 -29.04
N TRP Z 171 -91.21 -4.00 -28.07
CA TRP Z 171 -90.71 -3.49 -26.80
C TRP Z 171 -89.39 -2.74 -27.04
N PRO Z 172 -89.11 -1.70 -26.24
CA PRO Z 172 -87.92 -0.89 -26.50
C PRO Z 172 -86.65 -1.65 -26.18
N LYS Z 173 -85.85 -1.88 -27.22
CA LYS Z 173 -84.60 -2.63 -27.11
C LYS Z 173 -83.44 -1.66 -26.95
N ILE Z 174 -82.43 -2.08 -26.19
CA ILE Z 174 -81.32 -1.22 -25.83
C ILE Z 174 -80.07 -1.67 -26.58
N ASN Z 175 -79.44 -0.73 -27.30
CA ASN Z 175 -78.19 -1.01 -27.99
C ASN Z 175 -77.15 -0.01 -27.51
N MET Z 176 -76.16 -0.49 -26.76
CA MET Z 176 -75.12 0.38 -26.21
C MET Z 176 -73.75 -0.23 -26.46
N LYS Z 177 -72.85 0.56 -27.01
CA LYS Z 177 -71.45 0.18 -27.15
C LYS Z 177 -70.57 1.01 -26.24
N PHE Z 178 -69.72 0.33 -25.47
CA PHE Z 178 -68.81 0.96 -24.53
C PHE Z 178 -67.40 0.46 -24.79
N GLN Z 179 -66.45 1.39 -24.87
CA GLN Z 179 -65.05 1.02 -25.05
C GLN Z 179 -64.24 1.51 -23.86
N LYS Z 180 -63.29 0.69 -23.43
CA LYS Z 180 -62.60 0.90 -22.15
C LYS Z 180 -61.66 2.10 -22.22
N ARG Z 181 -61.74 2.95 -21.18
CA ARG Z 181 -60.83 4.08 -20.85
C ARG Z 181 -60.51 4.99 -22.04
N LYS Z 182 -61.41 5.04 -23.02
CA LYS Z 182 -61.34 6.00 -24.10
C LYS Z 182 -62.52 6.95 -24.10
N ASN Z 183 -63.40 6.81 -23.10
CA ASN Z 183 -64.62 7.60 -22.91
C ASN Z 183 -65.53 7.51 -24.15
N TYR Z 184 -65.79 6.29 -24.59
CA TYR Z 184 -66.72 6.04 -25.68
C TYR Z 184 -67.89 5.22 -25.15
N GLN Z 185 -69.05 5.86 -25.07
CA GLN Z 185 -70.33 5.23 -24.75
C GLN Z 185 -71.36 5.71 -25.75
N ARG Z 186 -72.04 4.77 -26.41
CA ARG Z 186 -73.16 5.14 -27.27
C ARG Z 186 -74.35 4.31 -26.83
N LYS Z 187 -75.44 4.97 -26.47
CA LYS Z 187 -76.68 4.32 -26.07
C LYS Z 187 -77.78 4.74 -27.02
N ARG Z 188 -78.54 3.77 -27.52
CA ARG Z 188 -79.67 4.06 -28.39
C ARG Z 188 -80.79 3.06 -28.10
N ILE Z 189 -82.03 3.48 -28.39
CA ILE Z 189 -83.22 2.68 -28.14
C ILE Z 189 -83.87 2.38 -29.48
N THR Z 190 -84.07 1.09 -29.75
CA THR Z 190 -84.70 0.62 -30.97
C THR Z 190 -86.14 0.21 -30.68
N VAL Z 191 -87.07 0.79 -31.43
CA VAL Z 191 -88.48 0.43 -31.37
C VAL Z 191 -88.86 -0.03 -32.78
N ASN Z 192 -89.09 -1.33 -32.93
CA ASN Z 192 -89.29 -1.98 -34.22
C ASN Z 192 -90.78 -2.15 -34.50
N PRO Z 193 -91.28 -1.71 -35.66
CA PRO Z 193 -92.64 -2.05 -36.05
C PRO Z 193 -92.79 -3.55 -36.31
N GLN Z 194 -93.90 -4.12 -35.85
CA GLN Z 194 -94.16 -5.54 -35.94
C GLN Z 194 -95.59 -5.79 -36.42
N THR Z 195 -95.82 -6.99 -36.95
CA THR Z 195 -97.13 -7.36 -37.48
C THR Z 195 -97.48 -8.75 -37.01
N VAL Z 196 -98.58 -8.87 -36.28
CA VAL Z 196 -99.10 -10.15 -35.81
C VAL Z 196 -100.13 -10.64 -36.81
N LEU Z 197 -99.90 -11.85 -37.32
CA LEU Z 197 -100.74 -12.50 -38.31
C LEU Z 197 -101.36 -13.76 -37.71
N ARG Z 198 -102.64 -14.00 -38.03
CA ARG Z 198 -103.31 -15.25 -37.67
C ARG Z 198 -103.49 -16.07 -38.93
N ILE Z 199 -102.89 -17.25 -38.97
CA ILE Z 199 -103.02 -18.14 -40.10
C ILE Z 199 -104.26 -19.00 -39.92
N ASN Z 200 -105.13 -19.02 -40.93
CA ASN Z 200 -106.48 -19.57 -40.78
C ASN Z 200 -106.60 -20.97 -41.39
N SER Z 201 -106.32 -21.10 -42.68
CA SER Z 201 -106.61 -22.33 -43.41
C SER Z 201 -105.42 -22.74 -44.27
N ILE Z 202 -105.25 -24.05 -44.40
CA ILE Z 202 -104.31 -24.66 -45.35
C ILE Z 202 -105.14 -25.58 -46.23
N GLU Z 203 -105.24 -25.24 -47.52
CA GLU Z 203 -106.07 -25.96 -48.46
C GLU Z 203 -105.22 -26.50 -49.59
N ILE Z 204 -105.48 -27.75 -49.97
CA ILE Z 204 -104.77 -28.41 -51.06
C ILE Z 204 -105.80 -28.78 -52.13
N ALA Z 205 -105.59 -28.27 -53.33
CA ALA Z 205 -106.38 -28.67 -54.49
C ALA Z 205 -105.96 -30.08 -54.92
N PRO Z 206 -106.90 -30.88 -55.44
CA PRO Z 206 -106.55 -32.27 -55.77
C PRO Z 206 -105.88 -32.44 -57.12
N CYS Z 207 -105.36 -31.37 -57.73
CA CYS Z 207 -104.58 -31.52 -58.95
C CYS Z 207 -103.14 -31.90 -58.59
N LEU Z 208 -102.66 -33.00 -59.18
CA LEU Z 208 -101.33 -33.53 -58.92
C LEU Z 208 -100.97 -34.51 -60.03
N CYS Z 209 -99.84 -34.27 -60.67
CA CYS Z 209 -99.40 -35.12 -61.78
C CYS Z 209 -98.44 -36.20 -61.30
N ILE AA 45 -86.92 12.26 13.68
CA ILE AA 45 -87.31 10.96 14.21
C ILE AA 45 -88.62 10.50 13.57
N SER AA 46 -89.10 9.34 13.98
CA SER AA 46 -90.35 8.79 13.45
C SER AA 46 -91.09 8.06 14.56
N ARG AA 47 -92.39 8.33 14.69
CA ARG AA 47 -93.26 7.67 15.65
C ARG AA 47 -94.49 7.16 14.92
N LYS AA 48 -94.53 5.86 14.65
CA LYS AA 48 -95.66 5.26 13.93
C LYS AA 48 -96.19 4.05 14.68
N TRP AA 49 -95.32 3.40 15.45
CA TRP AA 49 -95.71 2.24 16.24
C TRP AA 49 -96.70 2.61 17.33
N GLU AA 50 -96.53 3.79 17.91
CA GLU AA 50 -97.50 4.29 18.89
C GLU AA 50 -98.81 4.68 18.22
N LYS AA 51 -98.74 5.22 17.01
CA LYS AA 51 -99.92 5.64 16.26
C LYS AA 51 -100.74 4.44 15.78
N LYS AA 52 -100.11 3.29 15.56
CA LYS AA 52 -100.80 2.08 15.08
C LYS AA 52 -101.86 1.53 16.04
N ASN AA 53 -101.83 1.91 17.32
CA ASN AA 53 -102.85 1.48 18.25
C ASN AA 53 -104.15 2.28 18.15
N LYS AA 54 -104.17 3.37 17.37
CA LYS AA 54 -105.34 4.21 17.26
C LYS AA 54 -106.24 3.83 16.09
N ILE AA 55 -105.93 2.74 15.39
CA ILE AA 55 -106.72 2.34 14.23
C ILE AA 55 -107.98 1.63 14.69
N VAL AA 56 -109.14 2.13 14.25
CA VAL AA 56 -110.43 1.55 14.59
C VAL AA 56 -111.01 0.93 13.33
N TYR AA 57 -111.22 -0.39 13.36
CA TYR AA 57 -111.81 -1.12 12.26
C TYR AA 57 -113.33 -1.04 12.31
N PRO AA 58 -114.01 -1.19 11.16
CA PRO AA 58 -115.47 -1.22 11.17
C PRO AA 58 -116.00 -2.45 11.88
N PRO AA 59 -117.22 -2.39 12.42
CA PRO AA 59 -117.78 -3.56 13.11
C PRO AA 59 -118.03 -4.74 12.18
N GLN AA 60 -117.92 -5.94 12.74
CA GLN AA 60 -118.08 -7.18 12.00
C GLN AA 60 -119.55 -7.58 11.96
N LEU AA 61 -119.98 -8.07 10.80
CA LEU AA 61 -121.33 -8.61 10.69
C LEU AA 61 -121.40 -9.94 11.43
N PRO AA 62 -122.58 -10.32 11.93
CA PRO AA 62 -122.73 -11.68 12.50
C PRO AA 62 -122.58 -12.74 11.43
N GLY AA 63 -121.99 -13.87 11.83
CA GLY AA 63 -121.66 -14.95 10.92
C GLY AA 63 -120.22 -14.96 10.47
N GLU AA 64 -119.50 -13.83 10.60
CA GLU AA 64 -118.09 -13.68 10.29
C GLU AA 64 -117.23 -14.31 11.37
N PRO AA 65 -116.02 -14.76 11.03
CA PRO AA 65 -115.09 -15.22 12.06
C PRO AA 65 -114.67 -14.09 12.99
N ARG AA 66 -114.38 -14.45 14.24
CA ARG AA 66 -114.02 -13.45 15.23
C ARG AA 66 -112.59 -12.97 15.00
N ARG AA 67 -112.43 -11.65 14.88
CA ARG AA 67 -111.12 -11.09 14.56
C ARG AA 67 -110.25 -11.05 15.80
N PRO AA 68 -109.05 -11.61 15.76
CA PRO AA 68 -108.16 -11.58 16.93
C PRO AA 68 -107.60 -10.18 17.17
N ALA AA 69 -107.25 -9.93 18.43
CA ALA AA 69 -106.70 -8.63 18.81
C ALA AA 69 -105.26 -8.50 18.34
N GLU AA 70 -104.84 -7.25 18.15
CA GLU AA 70 -103.46 -6.92 17.79
C GLU AA 70 -103.02 -5.74 18.64
N ILE AA 71 -101.98 -5.94 19.43
CA ILE AA 71 -101.51 -4.94 20.39
C ILE AA 71 -100.11 -4.52 19.97
N TYR AA 72 -99.94 -3.23 19.69
CA TYR AA 72 -98.65 -2.69 19.28
C TYR AA 72 -98.07 -1.87 20.43
N HIS AA 73 -96.86 -2.22 20.86
CA HIS AA 73 -96.20 -1.46 21.92
C HIS AA 73 -94.73 -1.31 21.59
N CYS AA 74 -94.13 -0.25 22.14
CA CYS AA 74 -92.72 0.02 21.90
C CYS AA 74 -92.16 0.84 23.06
N ARG AA 75 -90.84 0.77 23.21
CA ARG AA 75 -90.11 1.61 24.17
C ARG AA 75 -88.93 2.24 23.45
N ARG AA 76 -88.76 3.54 23.63
CA ARG AA 76 -87.78 4.32 22.89
C ARG AA 76 -86.62 4.71 23.79
N GLN AA 77 -85.44 4.84 23.16
CA GLN AA 77 -84.19 5.32 23.78
C GLN AA 77 -83.74 4.43 24.95
N ILE AA 78 -83.48 3.17 24.62
CA ILE AA 78 -82.90 2.23 25.57
C ILE AA 78 -81.38 2.28 25.44
N LYS AA 79 -80.69 2.28 26.58
CA LYS AA 79 -79.23 2.37 26.64
C LYS AA 79 -78.52 1.16 26.02
N TYR AA 80 -79.23 0.04 25.85
CA TYR AA 80 -78.65 -1.19 25.36
C TYR AA 80 -78.29 -1.07 23.87
N SER AA 81 -77.53 -2.03 23.37
CA SER AA 81 -77.04 -1.99 22.00
C SER AA 81 -78.04 -2.62 21.04
N LYS AA 82 -77.92 -2.26 19.76
CA LYS AA 82 -78.91 -2.66 18.76
C LYS AA 82 -78.84 -4.15 18.44
N ASP AA 83 -77.64 -4.66 18.17
CA ASP AA 83 -77.50 -6.07 17.78
C ASP AA 83 -77.68 -7.00 18.96
N LYS AA 84 -77.17 -6.60 20.14
CA LYS AA 84 -77.40 -7.35 21.36
C LYS AA 84 -78.87 -7.34 21.74
N MET AA 85 -79.56 -6.24 21.44
CA MET AA 85 -81.01 -6.16 21.65
C MET AA 85 -81.73 -7.08 20.68
N TRP AA 86 -81.20 -7.17 19.45
CA TRP AA 86 -81.81 -7.98 18.40
C TRP AA 86 -81.72 -9.46 18.72
N TYR AA 87 -80.64 -9.88 19.39
CA TYR AA 87 -80.51 -11.29 19.78
C TYR AA 87 -81.64 -11.70 20.74
N LEU AA 88 -81.93 -10.85 21.72
CA LEU AA 88 -83.02 -11.11 22.65
C LEU AA 88 -84.38 -11.00 21.95
N ALA AA 89 -84.50 -10.11 20.98
CA ALA AA 89 -85.75 -10.02 20.21
C ALA AA 89 -85.96 -11.26 19.34
N LYS AA 90 -84.87 -11.83 18.82
CA LYS AA 90 -84.94 -13.04 18.00
C LYS AA 90 -85.25 -14.26 18.86
N LEU AA 91 -84.84 -14.23 20.13
CA LEU AA 91 -85.07 -15.37 21.03
C LEU AA 91 -86.55 -15.65 21.24
N ILE AA 92 -87.37 -14.61 21.36
CA ILE AA 92 -88.77 -14.76 21.79
C ILE AA 92 -89.76 -14.68 20.64
N ARG AA 93 -89.32 -14.79 19.39
CA ARG AA 93 -90.26 -14.71 18.28
C ARG AA 93 -91.10 -15.98 18.17
N GLY AA 94 -92.42 -15.79 18.08
CA GLY AA 94 -93.34 -16.89 17.91
C GLY AA 94 -93.74 -17.62 19.17
N MET AA 95 -93.20 -17.24 20.33
CA MET AA 95 -93.52 -17.92 21.57
C MET AA 95 -94.66 -17.21 22.28
N SER AA 96 -95.34 -17.96 23.15
CA SER AA 96 -96.38 -17.37 23.98
C SER AA 96 -95.74 -16.50 25.07
N ILE AA 97 -96.55 -15.60 25.62
CA ILE AA 97 -96.02 -14.54 26.47
C ILE AA 97 -95.52 -15.09 27.81
N ASP AA 98 -96.14 -16.15 28.33
CA ASP AA 98 -95.72 -16.71 29.61
C ASP AA 98 -94.35 -17.39 29.50
N GLN AA 99 -94.15 -18.19 28.46
CA GLN AA 99 -92.84 -18.83 28.28
C GLN AA 99 -91.79 -17.82 27.83
N ALA AA 100 -92.22 -16.75 27.15
CA ALA AA 100 -91.29 -15.68 26.80
C ALA AA 100 -90.79 -14.97 28.04
N LEU AA 101 -91.69 -14.67 28.98
CA LEU AA 101 -91.28 -14.09 30.27
C LEU AA 101 -90.46 -15.08 31.08
N ALA AA 102 -90.74 -16.38 30.93
CA ALA AA 102 -89.96 -17.40 31.61
C ALA AA 102 -88.51 -17.41 31.14
N GLN AA 103 -88.29 -17.30 29.83
CA GLN AA 103 -86.92 -17.27 29.31
C GLN AA 103 -86.23 -15.95 29.64
N LEU AA 104 -86.97 -14.85 29.60
CA LEU AA 104 -86.36 -13.55 29.87
C LEU AA 104 -86.14 -13.31 31.36
N GLU AA 105 -86.77 -14.11 32.21
CA GLU AA 105 -86.47 -14.07 33.65
C GLU AA 105 -85.04 -14.54 33.91
N PHE AA 106 -84.64 -15.63 33.27
CA PHE AA 106 -83.35 -16.24 33.55
C PHE AA 106 -82.29 -15.92 32.51
N SER AA 107 -82.62 -15.15 31.47
CA SER AA 107 -81.58 -14.62 30.61
C SER AA 107 -80.72 -13.60 31.37
N ASP AA 108 -79.41 -13.69 31.17
CA ASP AA 108 -78.46 -12.89 31.92
C ASP AA 108 -78.16 -11.55 31.26
N LYS AA 109 -78.78 -11.25 30.13
CA LYS AA 109 -78.54 -9.98 29.44
C LYS AA 109 -79.16 -8.82 30.21
N LYS AA 110 -78.66 -7.61 29.93
CA LYS AA 110 -79.25 -6.41 30.50
C LYS AA 110 -80.60 -6.11 29.87
N GLY AA 111 -80.77 -6.38 28.58
CA GLY AA 111 -82.00 -6.07 27.89
C GLY AA 111 -83.13 -7.05 28.17
N ALA AA 112 -82.82 -8.17 28.84
CA ALA AA 112 -83.85 -9.14 29.20
C ALA AA 112 -84.85 -8.53 30.17
N GLN AA 113 -84.35 -7.76 31.14
CA GLN AA 113 -85.23 -7.06 32.08
C GLN AA 113 -86.06 -5.99 31.37
N ILE AA 114 -85.46 -5.33 30.38
CA ILE AA 114 -86.18 -4.28 29.63
C ILE AA 114 -87.31 -4.88 28.82
N ILE AA 115 -87.06 -5.99 28.10
CA ILE AA 115 -88.12 -6.65 27.35
C ILE AA 115 -89.14 -7.27 28.28
N LYS AA 116 -88.72 -7.73 29.47
CA LYS AA 116 -89.65 -8.25 30.45
C LYS AA 116 -90.63 -7.18 30.92
N GLU AA 117 -90.10 -5.98 31.21
CA GLU AA 117 -90.95 -4.85 31.60
C GLU AA 117 -91.88 -4.43 30.46
N VAL AA 118 -91.36 -4.44 29.23
CA VAL AA 118 -92.16 -4.08 28.06
C VAL AA 118 -93.28 -5.09 27.83
N LEU AA 119 -92.99 -6.38 28.02
CA LEU AA 119 -94.00 -7.41 27.81
C LEU AA 119 -95.07 -7.38 28.91
N LEU AA 120 -94.67 -7.10 30.16
CA LEU AA 120 -95.67 -6.96 31.22
C LEU AA 120 -96.56 -5.74 31.01
N GLU AA 121 -95.99 -4.61 30.60
CA GLU AA 121 -96.83 -3.42 30.41
C GLU AA 121 -97.68 -3.55 29.15
N ALA AA 122 -97.20 -4.28 28.14
CA ALA AA 122 -98.01 -4.52 26.95
C ALA AA 122 -99.16 -5.47 27.26
N GLN AA 123 -98.92 -6.46 28.12
CA GLN AA 123 -100.00 -7.33 28.58
C GLN AA 123 -101.01 -6.55 29.43
N ASP AA 124 -100.52 -5.60 30.22
CA ASP AA 124 -101.41 -4.75 31.02
C ASP AA 124 -102.28 -3.85 30.14
N MET AA 125 -101.67 -3.29 29.09
CA MET AA 125 -102.40 -2.51 28.10
C MET AA 125 -103.43 -3.37 27.38
N ALA AA 126 -103.08 -4.62 27.07
CA ALA AA 126 -104.01 -5.53 26.40
C ALA AA 126 -105.17 -5.91 27.30
N VAL AA 127 -104.91 -6.07 28.60
CA VAL AA 127 -105.97 -6.59 29.46
C VAL AA 127 -106.91 -5.48 29.90
N ARG AA 128 -106.42 -4.24 30.06
CA ARG AA 128 -107.40 -3.19 30.33
C ARG AA 128 -107.91 -2.46 29.10
N ASP AA 129 -107.02 -1.84 28.31
CA ASP AA 129 -107.47 -0.89 27.30
C ASP AA 129 -108.11 -1.59 26.11
N HIS AA 130 -107.66 -2.79 25.78
CA HIS AA 130 -108.36 -3.64 24.85
C HIS AA 130 -109.15 -4.70 25.62
N ASN AA 131 -110.06 -5.37 24.93
CA ASN AA 131 -110.99 -6.31 25.55
C ASN AA 131 -110.44 -7.74 25.46
N VAL AA 132 -109.24 -7.94 26.01
CA VAL AA 132 -108.57 -9.22 25.93
C VAL AA 132 -108.84 -9.95 27.24
N GLU AA 133 -109.80 -10.86 27.22
CA GLU AA 133 -109.88 -11.89 28.24
C GLU AA 133 -108.80 -12.94 27.98
N PHE AA 134 -108.52 -13.75 29.00
CA PHE AA 134 -107.48 -14.79 28.98
C PHE AA 134 -106.11 -14.16 28.66
N ARG AA 135 -105.59 -13.41 29.64
CA ARG AA 135 -104.34 -12.67 29.47
C ARG AA 135 -103.14 -13.57 29.18
N SER AA 136 -103.20 -14.86 29.47
CA SER AA 136 -102.16 -15.81 29.09
C SER AA 136 -102.30 -16.31 27.66
N ASN AA 137 -103.37 -15.93 26.95
CA ASN AA 137 -103.60 -16.43 25.60
C ASN AA 137 -103.04 -15.43 24.57
N LEU AA 138 -101.87 -14.87 24.86
CA LEU AA 138 -101.19 -13.97 23.93
C LEU AA 138 -99.89 -14.60 23.46
N TYR AA 139 -99.46 -14.22 22.25
CA TYR AA 139 -98.16 -14.65 21.73
C TYR AA 139 -97.48 -13.45 21.06
N VAL AA 140 -96.15 -13.52 21.02
CA VAL AA 140 -95.34 -12.46 20.41
C VAL AA 140 -95.27 -12.75 18.92
N ALA AA 141 -96.02 -11.98 18.13
CA ALA AA 141 -96.03 -12.20 16.68
C ALA AA 141 -94.79 -11.59 16.03
N GLU AA 142 -94.46 -10.35 16.37
CA GLU AA 142 -93.33 -9.66 15.80
C GLU AA 142 -92.56 -8.94 16.91
N SER AA 143 -91.26 -9.20 16.98
CA SER AA 143 -90.39 -8.49 17.91
C SER AA 143 -89.08 -8.16 17.19
N THR AA 144 -88.74 -6.88 17.15
CA THR AA 144 -87.56 -6.43 16.43
C THR AA 144 -87.01 -5.18 17.12
N SER AA 145 -85.75 -4.88 16.82
CA SER AA 145 -85.05 -3.76 17.43
C SER AA 145 -84.50 -2.83 16.37
N GLY AA 146 -84.76 -1.54 16.53
CA GLY AA 146 -84.15 -0.52 15.69
C GLY AA 146 -83.14 0.30 16.47
N ARG AA 147 -82.45 1.17 15.75
CA ARG AA 147 -81.43 2.02 16.36
C ARG AA 147 -82.01 3.41 16.66
N GLY AA 148 -81.57 3.99 17.77
CA GLY AA 148 -82.05 5.28 18.21
C GLY AA 148 -81.15 6.41 17.77
N GLN AA 149 -81.09 7.45 18.60
CA GLN AA 149 -80.22 8.59 18.35
C GLN AA 149 -78.90 8.40 19.08
N TYR AA 150 -77.80 8.56 18.35
CA TYR AA 150 -76.48 8.23 18.88
C TYR AA 150 -75.77 9.51 19.32
N LEU AA 151 -75.01 9.40 20.42
CA LEU AA 151 -74.18 10.48 20.91
C LEU AA 151 -72.72 10.18 20.63
N LYS AA 152 -71.99 11.21 20.21
CA LYS AA 152 -70.60 11.07 19.81
C LYS AA 152 -69.68 11.57 20.92
N ARG AA 153 -68.66 10.77 21.25
CA ARG AA 153 -67.65 11.13 22.23
C ARG AA 153 -66.28 10.86 21.64
N ILE AA 154 -65.24 11.25 22.37
CA ILE AA 154 -63.85 11.03 21.96
C ILE AA 154 -63.25 9.91 22.81
N ARG AA 155 -62.72 8.88 22.15
CA ARG AA 155 -62.02 7.79 22.80
C ARG AA 155 -60.53 7.98 22.56
N TYR AA 156 -59.79 8.25 23.63
CA TYR AA 156 -58.38 8.56 23.52
C TYR AA 156 -57.54 7.29 23.37
N HIS AA 157 -56.51 7.38 22.54
CA HIS AA 157 -55.65 6.22 22.29
C HIS AA 157 -54.23 6.42 22.81
N GLY AA 158 -53.59 7.48 22.35
CA GLY AA 158 -52.17 7.67 22.58
C GLY AA 158 -51.51 8.21 21.34
N ARG AA 159 -50.29 8.74 21.55
CA ARG AA 159 -49.50 9.45 20.52
C ARG AA 159 -50.26 10.63 19.93
N GLY AA 160 -51.12 11.26 20.73
CA GLY AA 160 -51.92 12.37 20.27
C GLY AA 160 -53.10 11.99 19.39
N ARG AA 161 -53.35 10.70 19.20
CA ARG AA 161 -54.44 10.29 18.32
C ARG AA 161 -55.73 10.09 19.13
N PHE AA 162 -56.83 9.96 18.41
CA PHE AA 162 -58.14 9.80 19.04
C PHE AA 162 -59.06 9.07 18.09
N GLY AA 163 -60.09 8.45 18.65
CA GLY AA 163 -61.17 7.87 17.87
C GLY AA 163 -62.51 8.33 18.41
N ILE AA 164 -63.49 8.40 17.51
CA ILE AA 164 -64.84 8.83 17.88
C ILE AA 164 -65.52 7.65 18.56
N MET AA 165 -66.19 7.92 19.67
CA MET AA 165 -66.86 6.89 20.45
C MET AA 165 -68.36 7.09 20.38
N GLU AA 166 -69.07 6.05 19.93
CA GLU AA 166 -70.47 6.15 19.58
C GLU AA 166 -71.30 5.64 20.76
N LYS AA 167 -72.00 6.54 21.44
CA LYS AA 167 -72.95 6.11 22.45
C LYS AA 167 -74.17 5.53 21.78
N VAL AA 168 -74.50 4.29 22.13
CA VAL AA 168 -75.48 3.51 21.39
C VAL AA 168 -76.81 3.52 22.14
N PHE AA 169 -77.86 3.96 21.45
CA PHE AA 169 -79.22 3.90 21.96
C PHE AA 169 -80.07 3.13 20.96
N CYS AA 170 -80.98 2.32 21.48
CA CYS AA 170 -81.78 1.46 20.60
C CYS AA 170 -83.24 1.52 21.01
N HIS AA 171 -84.10 1.17 20.06
CA HIS AA 171 -85.53 1.04 20.28
C HIS AA 171 -85.92 -0.42 20.24
N TYR AA 172 -87.01 -0.75 20.92
CA TYR AA 172 -87.57 -2.10 20.89
C TYR AA 172 -89.03 -2.04 20.47
N PHE AA 173 -89.42 -2.94 19.59
CA PHE AA 173 -90.80 -3.03 19.12
C PHE AA 173 -91.33 -4.43 19.38
N VAL AA 174 -92.58 -4.52 19.81
CA VAL AA 174 -93.23 -5.79 20.10
C VAL AA 174 -94.66 -5.73 19.60
N LYS AA 175 -95.17 -6.84 19.08
CA LYS AA 175 -96.55 -6.96 18.64
C LYS AA 175 -97.16 -8.21 19.26
N LEU AA 176 -98.22 -8.03 20.03
CA LEU AA 176 -98.90 -9.14 20.69
C LEU AA 176 -100.25 -9.39 20.03
N VAL AA 177 -100.51 -10.65 19.68
CA VAL AA 177 -101.73 -11.04 19.00
C VAL AA 177 -102.47 -12.04 19.87
N GLU AA 178 -103.76 -11.80 20.10
CA GLU AA 178 -104.60 -12.71 20.86
C GLU AA 178 -104.79 -14.01 20.07
N GLY AA 179 -104.57 -15.13 20.73
CA GLY AA 179 -104.73 -16.43 20.11
C GLY AA 179 -103.58 -17.35 20.47
N PRO AA 180 -103.71 -18.62 20.12
CA PRO AA 180 -102.62 -19.58 20.38
C PRO AA 180 -101.44 -19.30 19.47
N PRO AA 181 -100.23 -19.66 19.89
CA PRO AA 181 -99.05 -19.48 19.02
C PRO AA 181 -99.13 -20.36 17.80
N PRO AA 182 -98.63 -19.89 16.66
CA PRO AA 182 -98.64 -20.70 15.44
C PRO AA 182 -97.71 -21.89 15.57
N PRO AA 183 -98.04 -23.02 14.94
CA PRO AA 183 -97.16 -24.19 15.05
C PRO AA 183 -95.90 -24.04 14.21
N ARG AA 184 -94.77 -24.43 14.79
CA ARG AA 184 -93.48 -24.30 14.14
C ARG AA 184 -93.39 -25.26 12.96
N GLU AA 185 -92.87 -24.76 11.84
CA GLU AA 185 -92.85 -25.53 10.60
C GLU AA 185 -91.80 -26.64 10.69
N ALA AA 186 -92.26 -27.87 10.49
CA ALA AA 186 -91.37 -29.02 10.47
C ALA AA 186 -90.52 -29.01 9.20
N PRO AA 187 -89.33 -29.59 9.24
CA PRO AA 187 -88.54 -29.73 8.00
C PRO AA 187 -89.22 -30.66 7.02
N LYS AA 188 -88.94 -30.43 5.74
CA LYS AA 188 -89.59 -31.19 4.67
C LYS AA 188 -89.14 -32.65 4.68
N THR AA 189 -90.12 -33.55 4.57
CA THR AA 189 -89.80 -34.96 4.56
C THR AA 189 -89.38 -35.40 3.15
N ALA AA 190 -88.86 -36.63 3.08
CA ALA AA 190 -88.37 -37.17 1.81
C ALA AA 190 -89.49 -37.36 0.81
N VAL AA 191 -90.71 -37.68 1.28
CA VAL AA 191 -91.87 -37.76 0.41
C VAL AA 191 -92.18 -36.38 -0.19
N ALA AA 192 -92.06 -35.33 0.62
CA ALA AA 192 -92.31 -33.97 0.14
C ALA AA 192 -91.26 -33.56 -0.89
N HIS AA 193 -89.98 -33.86 -0.62
CA HIS AA 193 -88.91 -33.54 -1.58
C HIS AA 193 -89.09 -34.29 -2.89
N ALA AA 194 -89.48 -35.57 -2.81
CA ALA AA 194 -89.75 -36.35 -4.02
C ALA AA 194 -90.92 -35.77 -4.79
N ARG AA 195 -91.95 -35.31 -4.08
CA ARG AA 195 -93.11 -34.72 -4.73
C ARG AA 195 -92.75 -33.44 -5.49
N GLU AA 196 -91.98 -32.54 -4.85
CA GLU AA 196 -91.55 -31.32 -5.55
C GLU AA 196 -90.61 -31.62 -6.71
N TYR AA 197 -89.73 -32.61 -6.59
CA TYR AA 197 -88.76 -32.79 -7.67
C TYR AA 197 -89.40 -33.50 -8.87
N ILE AA 198 -90.34 -34.42 -8.61
CA ILE AA 198 -91.11 -35.01 -9.71
C ILE AA 198 -92.02 -33.97 -10.36
N GLN AA 199 -92.57 -33.05 -9.56
CA GLN AA 199 -93.36 -31.95 -10.13
C GLN AA 199 -92.48 -31.01 -10.96
N GLU AA 200 -91.24 -30.79 -10.53
CA GLU AA 200 -90.29 -29.98 -11.28
C GLU AA 200 -89.93 -30.64 -12.61
N LEU AA 201 -89.77 -31.97 -12.61
CA LEU AA 201 -89.54 -32.68 -13.86
C LEU AA 201 -90.77 -32.68 -14.76
N ARG AA 202 -91.97 -32.73 -14.17
CA ARG AA 202 -93.19 -32.72 -14.95
C ARG AA 202 -93.52 -31.34 -15.50
N ASN AA 203 -92.98 -30.28 -14.91
CA ASN AA 203 -93.13 -28.94 -15.42
C ASN AA 203 -92.10 -28.60 -16.50
N ARG AA 204 -91.23 -29.52 -16.87
CA ARG AA 204 -90.29 -29.28 -17.95
C ARG AA 204 -91.01 -29.22 -19.29
N THR AA 205 -90.61 -28.25 -20.11
CA THR AA 205 -91.08 -28.17 -21.48
C THR AA 205 -89.87 -28.21 -22.40
N ILE AA 206 -90.12 -28.57 -23.66
CA ILE AA 206 -89.07 -28.55 -24.66
C ILE AA 206 -88.79 -27.11 -25.07
N THR AA 207 -87.53 -26.71 -24.98
CA THR AA 207 -87.12 -25.31 -25.01
C THR AA 207 -86.61 -24.97 -26.41
N HIS AA 208 -86.97 -23.77 -26.91
CA HIS AA 208 -86.68 -23.30 -28.27
C HIS AA 208 -87.21 -24.28 -29.31
N ALA AA 209 -88.49 -24.59 -29.21
CA ALA AA 209 -89.04 -25.83 -29.73
C ALA AA 209 -89.51 -25.77 -31.18
N LEU AA 210 -90.29 -24.76 -31.56
CA LEU AA 210 -90.91 -24.77 -32.87
C LEU AA 210 -90.52 -23.55 -33.70
N ALA BA 2 -71.41 56.13 51.96
CA ALA BA 2 -72.20 55.93 50.76
C ALA BA 2 -71.40 55.15 49.71
N ARG BA 3 -72.10 54.37 48.90
CA ARG BA 3 -71.47 53.63 47.81
C ARG BA 3 -71.74 54.31 46.48
N ASN BA 4 -70.90 53.99 45.51
CA ASN BA 4 -71.00 54.36 44.09
C ASN BA 4 -70.92 55.89 43.97
N VAL BA 5 -70.20 56.57 44.87
CA VAL BA 5 -70.08 58.02 44.90
C VAL BA 5 -68.62 58.37 45.13
N LEU BA 6 -68.11 59.33 44.37
CA LEU BA 6 -66.78 59.88 44.62
C LEU BA 6 -66.71 60.53 45.99
N TYR BA 7 -65.63 60.24 46.71
CA TYR BA 7 -65.38 60.67 48.09
C TYR BA 7 -64.41 61.85 48.12
N PRO BA 8 -64.51 62.72 49.12
CA PRO BA 8 -63.58 63.85 49.21
C PRO BA 8 -62.17 63.42 49.55
N LEU BA 9 -61.20 64.08 48.94
CA LEU BA 9 -59.79 63.84 49.24
C LEU BA 9 -59.47 64.43 50.60
N TYR BA 10 -58.70 63.69 51.40
CA TYR BA 10 -58.33 64.17 52.73
C TYR BA 10 -56.87 64.58 52.78
N GLN BA 11 -56.64 65.82 53.17
CA GLN BA 11 -55.33 66.33 53.58
C GLN BA 11 -55.45 66.74 55.04
N LEU BA 12 -54.42 67.38 55.57
CA LEU BA 12 -54.46 67.80 56.97
C LEU BA 12 -55.40 68.99 57.13
N GLY BA 13 -56.25 68.92 58.16
CA GLY BA 13 -57.14 70.03 58.48
C GLY BA 13 -58.40 70.12 57.64
N ASN BA 14 -58.86 69.00 57.08
CA ASN BA 14 -60.11 69.00 56.36
C ASN BA 14 -61.29 68.74 57.29
N PRO BA 15 -62.49 69.24 56.96
CA PRO BA 15 -63.66 68.99 57.80
C PRO BA 15 -64.14 67.55 57.73
N GLN BA 16 -65.13 67.24 58.57
CA GLN BA 16 -65.57 65.86 58.75
C GLN BA 16 -66.39 65.38 57.57
N LEU BA 17 -66.04 64.20 57.06
CA LEU BA 17 -66.82 63.56 56.02
C LEU BA 17 -68.12 63.03 56.60
N ARG BA 18 -69.24 63.54 56.09
CA ARG BA 18 -70.55 63.18 56.60
C ARG BA 18 -71.41 62.63 55.46
N VAL BA 19 -72.11 61.53 55.73
CA VAL BA 19 -72.99 60.89 54.76
C VAL BA 19 -74.41 61.01 55.30
N PHE BA 20 -75.30 61.58 54.49
CA PHE BA 20 -76.64 61.92 54.95
C PHE BA 20 -77.68 60.93 54.46
N ARG BA 21 -77.63 60.54 53.20
CA ARG BA 21 -78.52 59.54 52.64
C ARG BA 21 -77.68 58.32 52.25
N THR BA 22 -77.81 57.26 53.03
CA THR BA 22 -76.95 56.09 52.86
C THR BA 22 -77.34 55.30 51.63
N ASN BA 23 -76.35 54.95 50.82
CA ASN BA 23 -76.58 54.15 49.62
C ASN BA 23 -76.42 52.66 49.87
N PHE BA 24 -76.03 52.27 51.08
CA PHE BA 24 -75.86 50.87 51.42
C PHE BA 24 -77.20 50.20 51.73
N PHE BA 25 -77.27 48.91 51.49
CA PHE BA 25 -78.44 48.14 51.90
C PHE BA 25 -77.96 46.84 52.52
N ILE BA 26 -78.67 46.41 53.56
CA ILE BA 26 -78.19 45.39 54.49
C ILE BA 26 -79.15 44.21 54.47
N GLN BA 27 -78.61 43.00 54.36
CA GLN BA 27 -79.39 41.79 54.59
C GLN BA 27 -78.98 41.18 55.92
N LEU BA 28 -79.95 40.71 56.70
CA LEU BA 28 -79.66 39.94 57.90
C LEU BA 28 -80.03 38.50 57.59
N VAL BA 29 -79.04 37.60 57.67
CA VAL BA 29 -79.21 36.25 57.16
C VAL BA 29 -79.06 35.23 58.29
N ARG BA 30 -79.78 34.13 58.17
CA ARG BA 30 -79.64 33.02 59.10
C ARG BA 30 -78.36 32.26 58.81
N PRO BA 31 -77.52 31.99 59.80
CA PRO BA 31 -76.29 31.23 59.54
C PRO BA 31 -76.59 29.78 59.22
N GLY BA 32 -75.88 29.25 58.21
CA GLY BA 32 -76.00 27.84 57.89
C GLY BA 32 -75.25 26.92 58.83
N THR BA 33 -74.27 27.46 59.56
CA THR BA 33 -73.50 26.71 60.53
C THR BA 33 -73.88 27.13 61.94
N ALA BA 34 -73.38 26.38 62.93
CA ALA BA 34 -73.64 26.71 64.33
C ALA BA 34 -72.83 27.94 64.72
N GLN BA 35 -73.50 28.90 65.36
CA GLN BA 35 -72.88 30.15 65.78
C GLN BA 35 -73.20 30.42 67.24
N PRO BA 36 -72.34 31.13 67.96
CA PRO BA 36 -72.62 31.44 69.37
C PRO BA 36 -73.73 32.46 69.53
N GLU BA 37 -74.06 32.73 70.80
CA GLU BA 37 -75.25 33.51 71.13
C GLU BA 37 -75.04 35.00 70.84
N ASP BA 38 -73.79 35.46 70.78
CA ASP BA 38 -73.54 36.90 70.67
C ASP BA 38 -73.38 37.34 69.22
N THR BA 39 -73.46 36.42 68.26
CA THR BA 39 -73.09 36.69 66.87
C THR BA 39 -74.32 36.81 65.98
N VAL BA 40 -74.33 37.86 65.17
CA VAL BA 40 -75.39 38.14 64.21
C VAL BA 40 -74.73 38.26 62.83
N GLN BA 41 -75.32 37.60 61.83
CA GLN BA 41 -74.71 37.48 60.51
C GLN BA 41 -75.45 38.34 59.48
N PHE BA 42 -74.68 39.16 58.75
CA PHE BA 42 -75.20 40.08 57.76
C PHE BA 42 -74.56 39.82 56.41
N ARG BA 43 -75.31 40.11 55.34
CA ARG BA 43 -74.77 40.22 54.00
C ARG BA 43 -74.73 41.69 53.62
N ILE BA 44 -73.53 42.17 53.26
CA ILE BA 44 -73.25 43.58 53.00
C ILE BA 44 -72.63 43.68 51.61
N PRO BA 45 -72.64 44.86 50.96
CA PRO BA 45 -71.98 44.98 49.65
C PRO BA 45 -70.46 44.95 49.71
N MET BA 46 -69.87 45.15 48.53
CA MET BA 46 -68.41 45.11 48.36
C MET BA 46 -67.71 46.23 49.11
N GLU BA 47 -68.25 47.44 49.09
CA GLU BA 47 -67.52 48.64 49.49
C GLU BA 47 -67.67 48.98 50.96
N MET BA 48 -68.05 48.03 51.81
CA MET BA 48 -68.20 48.29 53.23
C MET BA 48 -66.92 48.01 53.99
N THR BA 49 -66.61 48.87 54.96
CA THR BA 49 -65.63 48.55 55.98
C THR BA 49 -66.31 48.20 57.31
N ARG BA 50 -65.50 47.68 58.23
CA ARG BA 50 -65.97 47.28 59.56
C ARG BA 50 -66.51 48.49 60.32
N VAL BA 51 -65.80 49.61 60.23
CA VAL BA 51 -66.22 50.83 60.93
C VAL BA 51 -67.49 51.38 60.30
N ASP BA 52 -67.66 51.19 58.99
CA ASP BA 52 -68.88 51.63 58.32
C ASP BA 52 -70.09 50.83 58.79
N LEU BA 53 -69.94 49.50 58.89
CA LEU BA 53 -71.04 48.69 59.38
C LEU BA 53 -71.31 48.94 60.87
N ARG BA 54 -70.26 49.19 61.65
CA ARG BA 54 -70.44 49.49 63.07
C ARG BA 54 -71.19 50.81 63.28
N ASN BA 55 -70.85 51.83 62.48
CA ASN BA 55 -71.58 53.10 62.55
C ASN BA 55 -73.01 52.95 62.05
N TYR BA 56 -73.22 52.09 61.04
CA TYR BA 56 -74.55 51.79 60.53
C TYR BA 56 -75.43 51.20 61.62
N LEU BA 57 -74.93 50.18 62.32
CA LEU BA 57 -75.72 49.50 63.34
C LEU BA 57 -75.86 50.36 64.60
N GLU BA 58 -74.86 51.19 64.90
CA GLU BA 58 -74.91 52.00 66.11
C GLU BA 58 -75.83 53.20 65.95
N ARG BA 59 -75.88 53.78 64.75
CA ARG BA 59 -76.62 55.02 64.57
C ARG BA 59 -78.01 54.76 64.01
N ILE BA 60 -78.12 53.91 62.98
CA ILE BA 60 -79.42 53.69 62.35
C ILE BA 60 -80.32 52.82 63.23
N TYR BA 61 -79.77 51.73 63.76
CA TYR BA 61 -80.56 50.72 64.44
C TYR BA 61 -80.35 50.71 65.95
N ASN BA 62 -79.36 51.45 66.46
CA ASN BA 62 -79.05 51.59 67.90
C ASN BA 62 -78.78 50.23 68.55
N VAL BA 63 -77.87 49.48 67.95
CA VAL BA 63 -77.48 48.16 68.42
C VAL BA 63 -76.08 48.25 69.02
N PRO BA 64 -75.91 47.94 70.30
CA PRO BA 64 -74.56 47.99 70.91
C PRO BA 64 -73.69 46.82 70.47
N VAL BA 65 -73.04 46.94 69.32
CA VAL BA 65 -72.18 45.88 68.81
C VAL BA 65 -70.80 46.04 69.41
N ALA BA 66 -70.09 44.91 69.57
CA ALA BA 66 -68.74 44.97 70.12
C ALA BA 66 -67.69 44.68 69.06
N ALA BA 67 -67.87 43.62 68.27
CA ALA BA 67 -66.85 43.25 67.29
C ALA BA 67 -67.49 43.06 65.92
N VAL BA 68 -66.73 43.41 64.87
CA VAL BA 68 -67.16 43.23 63.49
C VAL BA 68 -66.05 42.52 62.74
N ARG BA 69 -66.38 41.39 62.10
CA ARG BA 69 -65.42 40.65 61.29
C ARG BA 69 -66.03 40.33 59.94
N THR BA 70 -65.33 40.70 58.87
CA THR BA 70 -65.87 40.57 57.52
C THR BA 70 -65.05 39.59 56.69
N ARG BA 71 -65.71 39.05 55.67
CA ARG BA 71 -65.05 38.18 54.69
C ARG BA 71 -65.80 38.28 53.37
N VAL BA 72 -65.13 37.89 52.29
CA VAL BA 72 -65.69 37.99 50.94
C VAL BA 72 -65.95 36.58 50.43
N GLN BA 73 -67.20 36.31 50.07
CA GLN BA 73 -67.60 35.02 49.54
C GLN BA 73 -67.70 35.08 48.02
N TYR BA 74 -67.15 34.06 47.36
CA TYR BA 74 -66.99 34.02 45.91
C TYR BA 74 -68.10 33.21 45.27
N GLY BA 75 -68.74 33.76 44.25
CA GLY BA 75 -69.81 33.08 43.56
C GLY BA 75 -69.31 32.11 42.49
N SER BA 76 -70.17 31.16 42.14
CA SER BA 76 -69.78 30.10 41.22
C SER BA 76 -69.84 30.58 39.77
N ASN BA 77 -68.73 30.45 39.07
CA ASN BA 77 -68.65 30.73 37.63
C ASN BA 77 -68.58 29.45 36.80
N ARG BA 78 -68.87 28.29 37.41
CA ARG BA 78 -68.71 27.02 36.71
C ARG BA 78 -69.85 26.78 35.74
N ARG BA 79 -71.06 27.21 36.09
CA ARG BA 79 -72.25 26.89 35.32
C ARG BA 79 -72.24 27.59 33.96
N ARG BA 80 -72.65 26.85 32.94
CA ARG BA 80 -72.58 27.28 31.55
C ARG BA 80 -73.99 27.52 31.02
N ASP BA 81 -74.09 28.42 30.05
CA ASP BA 81 -75.36 28.69 29.38
C ASP BA 81 -75.63 27.61 28.33
N HIS BA 82 -76.76 27.77 27.63
CA HIS BA 82 -77.03 26.92 26.48
C HIS BA 82 -76.06 27.20 25.33
N ARG BA 83 -75.59 28.44 25.23
CA ARG BA 83 -74.57 28.83 24.25
C ARG BA 83 -73.17 28.83 24.84
N ASN BA 84 -72.99 28.22 26.01
CA ASN BA 84 -71.70 27.86 26.62
C ASN BA 84 -70.85 29.08 27.00
N ILE BA 85 -71.46 30.15 27.49
CA ILE BA 85 -70.74 31.18 28.22
C ILE BA 85 -70.99 30.98 29.72
N ARG BA 86 -69.91 31.04 30.50
CA ARG BA 86 -69.97 30.81 31.94
C ARG BA 86 -70.85 31.85 32.62
N ILE BA 87 -71.79 31.38 33.44
CA ILE BA 87 -72.68 32.25 34.19
C ILE BA 87 -72.17 32.35 35.62
N LYS BA 88 -71.86 33.56 36.05
CA LYS BA 88 -71.24 33.79 37.34
C LYS BA 88 -72.30 34.21 38.35
N LYS BA 89 -72.40 33.48 39.44
CA LYS BA 89 -73.14 33.97 40.60
C LYS BA 89 -72.39 35.18 41.16
N PRO BA 90 -73.10 36.23 41.61
CA PRO BA 90 -72.40 37.42 42.10
C PRO BA 90 -71.73 37.17 43.44
N ASP BA 91 -70.51 37.66 43.57
CA ASP BA 91 -69.79 37.57 44.84
C ASP BA 91 -70.43 38.49 45.85
N TYR BA 92 -70.39 38.08 47.13
CA TYR BA 92 -70.99 38.92 48.16
C TYR BA 92 -70.03 39.00 49.33
N LYS BA 93 -70.44 39.74 50.35
CA LYS BA 93 -69.62 39.98 51.53
C LYS BA 93 -70.42 39.62 52.78
N VAL BA 94 -69.83 38.81 53.64
CA VAL BA 94 -70.49 38.31 54.85
C VAL BA 94 -69.79 38.92 56.06
N ALA BA 95 -70.56 39.55 56.93
CA ALA BA 95 -70.03 40.19 58.13
C ALA BA 95 -70.68 39.60 59.37
N TYR BA 96 -69.86 39.20 60.32
CA TYR BA 96 -70.32 38.69 61.61
C TYR BA 96 -70.07 39.76 62.66
N VAL BA 97 -71.13 40.15 63.36
CA VAL BA 97 -70.97 41.08 64.47
C VAL BA 97 -71.22 40.31 65.77
N GLN BA 98 -70.55 40.77 66.83
CA GLN BA 98 -70.75 40.23 68.16
C GLN BA 98 -71.13 41.37 69.08
N LEU BA 99 -72.20 41.16 69.84
CA LEU BA 99 -72.82 42.21 70.64
C LEU BA 99 -72.07 42.44 71.94
N ALA BA 100 -72.35 43.58 72.58
CA ALA BA 100 -71.51 44.03 73.68
C ALA BA 100 -72.10 43.66 75.05
N LEU BA 101 -73.32 44.08 75.32
CA LEU BA 101 -73.88 44.04 76.67
C LEU BA 101 -74.51 42.69 77.02
N GLY BA 102 -74.13 41.62 76.34
CA GLY BA 102 -74.73 40.32 76.56
C GLY BA 102 -76.10 40.16 75.94
N GLN BA 103 -76.42 40.94 74.90
CA GLN BA 103 -77.72 40.84 74.25
C GLN BA 103 -77.82 39.51 73.50
N THR BA 104 -78.97 38.86 73.63
CA THR BA 104 -79.20 37.54 73.06
C THR BA 104 -80.01 37.68 71.77
N PHE BA 105 -79.47 37.13 70.68
CA PHE BA 105 -80.23 37.04 69.45
C PHE BA 105 -80.27 35.59 68.95
N THR BA 106 -81.49 35.08 68.80
CA THR BA 106 -81.73 33.83 68.10
C THR BA 106 -82.60 34.16 66.90
N PHE BA 107 -82.36 33.47 65.80
CA PHE BA 107 -83.10 33.76 64.57
C PHE BA 107 -84.54 33.27 64.71
N PRO BA 108 -85.53 34.14 64.59
CA PRO BA 108 -86.92 33.70 64.71
C PRO BA 108 -87.40 32.96 63.47
N ASP BA 109 -88.39 32.10 63.68
CA ASP BA 109 -88.99 31.36 62.57
C ASP BA 109 -89.95 32.27 61.82
N LEU BA 110 -89.56 32.70 60.62
CA LEU BA 110 -90.32 33.67 59.86
C LEU BA 110 -91.47 33.07 59.09
N PHE BA 111 -91.59 31.74 59.04
CA PHE BA 111 -92.70 31.07 58.35
C PHE BA 111 -93.33 30.04 59.26
N PRO BA 112 -94.16 30.46 60.23
CA PRO BA 112 -94.89 29.48 61.03
C PRO BA 112 -96.09 28.95 60.28
N GLU BA 113 -96.25 27.64 60.28
CA GLU BA 113 -97.39 27.01 59.61
C GLU BA 113 -98.64 27.13 60.47
N ARG BA 114 -99.79 27.23 59.80
CA ARG BA 114 -101.06 27.32 60.50
C ARG BA 114 -101.71 25.96 60.60
N LYS BA 115 -102.22 25.64 61.79
CA LYS BA 115 -102.94 24.38 62.01
C LYS BA 115 -104.22 24.30 61.20
N GLY BA 116 -104.98 25.40 61.13
CA GLY BA 116 -106.19 25.44 60.31
C GLY BA 116 -105.89 25.31 58.83
N ALA BA 117 -104.82 25.96 58.34
CA ALA BA 117 -104.42 25.83 56.95
C ALA BA 117 -103.95 24.42 56.63
N SER BA 118 -103.22 23.79 57.56
CA SER BA 118 -102.81 22.40 57.39
C SER BA 118 -103.99 21.44 57.38
N VAL BA 119 -104.99 21.68 58.25
CA VAL BA 119 -106.20 20.86 58.24
C VAL BA 119 -107.01 21.05 56.96
N ASP BA 120 -107.08 22.29 56.45
CA ASP BA 120 -107.77 22.54 55.19
C ASP BA 120 -107.03 21.88 54.02
N VAL BA 121 -105.70 21.91 54.03
CA VAL BA 121 -104.93 21.22 52.99
C VAL BA 121 -105.09 19.71 53.06
N ASP BA 122 -105.13 19.14 54.26
CA ASP BA 122 -105.39 17.71 54.42
C ASP BA 122 -106.79 17.33 53.98
N VAL BA 123 -107.79 18.17 54.28
CA VAL BA 123 -109.15 17.92 53.80
C VAL BA 123 -109.25 18.02 52.29
N ARG BA 124 -108.55 18.97 51.68
CA ARG BA 124 -108.50 19.07 50.22
C ARG BA 124 -107.80 17.88 49.58
N ASP BA 125 -106.72 17.38 50.20
CA ASP BA 125 -106.05 16.19 49.70
C ASP BA 125 -106.94 14.96 49.82
N GLN BA 126 -107.68 14.84 50.93
CA GLN BA 126 -108.63 13.74 51.08
C GLN BA 126 -109.78 13.84 50.09
N VAL BA 127 -110.26 15.05 49.81
CA VAL BA 127 -111.28 15.25 48.78
C VAL BA 127 -110.77 14.91 47.39
N LEU BA 128 -109.51 15.25 47.08
CA LEU BA 128 -108.92 14.87 45.80
C LEU BA 128 -108.75 13.36 45.69
N GLU BA 129 -108.37 12.70 46.79
CA GLU BA 129 -108.27 11.25 46.79
C GLU BA 129 -109.64 10.59 46.64
N ASP BA 130 -110.67 11.15 47.26
CA ASP BA 130 -112.03 10.64 47.09
C ASP BA 130 -112.53 10.84 45.67
N GLN BA 131 -112.19 11.98 45.05
CA GLN BA 131 -112.55 12.22 43.65
C GLN BA 131 -111.83 11.25 42.72
N ARG BA 132 -110.55 10.96 42.99
CA ARG BA 132 -109.81 9.95 42.24
C ARG BA 132 -110.38 8.55 42.43
N GLN BA 133 -110.81 8.20 43.64
CA GLN BA 133 -111.45 6.90 43.88
C GLN BA 133 -112.79 6.78 43.18
N LYS BA 134 -113.58 7.86 43.14
CA LYS BA 134 -114.83 7.84 42.37
C LYS BA 134 -114.56 7.79 40.87
N HIS BA 135 -113.50 8.44 40.41
CA HIS BA 135 -113.17 8.44 38.99
C HIS BA 135 -112.48 7.15 38.55
N SER BA 136 -112.02 6.35 39.51
CA SER BA 136 -111.44 5.05 39.18
C SER BA 136 -112.52 4.12 38.64
N PRO BA 137 -112.32 3.50 37.48
CA PRO BA 137 -113.37 2.66 36.89
C PRO BA 137 -113.59 1.39 37.68
N ASP BA 138 -114.80 0.86 37.57
CA ASP BA 138 -115.13 -0.42 38.20
C ASP BA 138 -114.37 -1.53 37.48
N PRO BA 139 -113.62 -2.37 38.21
CA PRO BA 139 -112.94 -3.50 37.55
C PRO BA 139 -113.87 -4.51 36.90
N ARG BA 140 -115.07 -4.69 37.43
CA ARG BA 140 -116.03 -5.65 36.90
C ARG BA 140 -116.69 -5.17 35.61
N ARG BA 141 -116.60 -3.88 35.29
CA ARG BA 141 -117.13 -3.38 34.02
C ARG BA 141 -116.22 -3.77 32.85
N GLY BA 142 -114.92 -3.88 33.08
CA GLY BA 142 -114.00 -4.33 32.06
C GLY BA 142 -113.65 -3.32 30.99
N GLY BA 143 -113.85 -2.03 31.24
CA GLY BA 143 -113.58 -1.00 30.26
C GLY BA 143 -114.81 -0.49 29.53
N VAL BA 144 -115.97 -1.06 29.78
CA VAL BA 144 -117.23 -0.56 29.21
C VAL BA 144 -117.54 0.79 29.85
N PRO BA 145 -117.85 1.83 29.07
CA PRO BA 145 -118.18 3.14 29.66
C PRO BA 145 -119.49 3.08 30.43
N GLY BA 146 -119.43 3.53 31.69
CA GLY BA 146 -120.56 3.51 32.59
C GLY BA 146 -121.48 4.70 32.51
N TRP BA 147 -121.36 5.53 31.47
CA TRP BA 147 -122.25 6.67 31.31
C TRP BA 147 -123.65 6.21 30.95
N PHE BA 148 -123.76 5.27 30.02
CA PHE BA 148 -125.07 4.84 29.53
C PHE BA 148 -125.78 3.98 30.56
N GLY BA 149 -127.09 4.16 30.68
CA GLY BA 149 -127.89 3.34 31.56
C GLY BA 149 -128.04 1.92 31.04
N LEU BA 150 -128.73 1.76 29.92
CA LEU BA 150 -128.91 0.45 29.30
C LEU BA 150 -128.91 0.58 27.77
N SER CA 11 -88.67 45.32 37.60
CA SER CA 11 -88.07 44.17 36.92
C SER CA 11 -88.55 44.08 35.47
N LYS CA 12 -87.63 44.18 34.53
CA LYS CA 12 -87.93 44.10 33.10
C LYS CA 12 -87.20 42.91 32.50
N VAL CA 13 -87.93 42.09 31.76
CA VAL CA 13 -87.38 40.89 31.15
C VAL CA 13 -86.98 41.22 29.71
N THR CA 14 -85.73 40.92 29.35
CA THR CA 14 -85.22 41.14 28.01
C THR CA 14 -85.47 39.89 27.18
N LEU CA 15 -86.03 40.08 25.99
CA LEU CA 15 -86.39 39.02 25.08
C LEU CA 15 -85.37 38.89 23.96
N PRO CA 16 -85.29 37.72 23.31
CA PRO CA 16 -84.50 37.62 22.10
C PRO CA 16 -85.11 38.45 20.98
N PRO CA 17 -84.30 38.93 20.02
CA PRO CA 17 -84.83 39.78 18.94
C PRO CA 17 -85.91 39.15 18.07
N ASN CA 18 -85.81 37.87 17.76
CA ASN CA 18 -86.87 37.16 17.06
C ASN CA 18 -87.54 36.19 18.03
N TYR CA 19 -88.86 36.26 18.11
CA TYR CA 19 -89.57 35.65 19.22
C TYR CA 19 -91.05 35.55 18.86
N ARG CA 20 -91.73 34.55 19.42
CA ARG CA 20 -93.14 34.30 19.12
C ARG CA 20 -93.97 34.44 20.40
N TYR CA 21 -95.11 35.12 20.27
CA TYR CA 21 -96.03 35.36 21.39
C TYR CA 21 -97.19 34.39 21.31
N GLY CA 22 -97.55 33.81 22.45
CA GLY CA 22 -98.60 32.81 22.49
C GLY CA 22 -99.59 32.92 23.63
N MET CA 23 -99.90 34.16 24.05
CA MET CA 23 -100.80 34.61 25.13
C MET CA 23 -100.23 34.33 26.53
N SER CA 24 -99.10 33.65 26.65
CA SER CA 24 -98.51 33.44 27.96
C SER CA 24 -97.64 34.65 28.34
N ARG CA 25 -97.43 34.80 29.64
CA ARG CA 25 -96.51 35.83 30.11
C ARG CA 25 -95.08 35.43 29.72
N PRO CA 26 -94.30 36.33 29.13
CA PRO CA 26 -92.98 35.94 28.60
C PRO CA 26 -91.97 35.53 29.67
N GLY CA 27 -92.18 35.93 30.92
CA GLY CA 27 -91.28 35.51 31.99
C GLY CA 27 -91.85 34.39 32.83
N SER CA 28 -92.84 33.67 32.31
CA SER CA 28 -93.58 32.67 33.07
C SER CA 28 -93.11 31.26 32.72
N LEU CA 29 -93.49 30.33 33.60
CA LEU CA 29 -93.06 28.94 33.47
C LEU CA 29 -93.73 28.25 32.28
N SER CA 30 -94.96 28.66 31.96
CA SER CA 30 -95.63 28.12 30.77
C SER CA 30 -94.92 28.52 29.49
N ASP CA 31 -94.45 29.77 29.41
CA ASP CA 31 -93.69 30.21 28.24
C ASP CA 31 -92.30 29.57 28.21
N LYS CA 32 -91.69 29.36 29.39
CA LYS CA 32 -90.40 28.68 29.43
C LYS CA 32 -90.53 27.21 29.01
N ARG CA 33 -91.67 26.58 29.32
CA ARG CA 33 -91.94 25.24 28.82
C ARG CA 33 -92.21 25.23 27.33
N LYS CA 34 -92.94 26.25 26.83
CA LYS CA 34 -93.26 26.31 25.40
C LYS CA 34 -92.02 26.55 24.56
N ASN CA 35 -91.29 27.62 24.83
CA ASN CA 35 -90.00 27.88 24.16
C ASN CA 35 -88.91 27.88 25.22
N PRO CA 36 -87.92 27.00 25.09
CA PRO CA 36 -86.70 27.12 25.88
C PRO CA 36 -85.84 28.27 25.37
N PRO CA 37 -84.90 28.77 26.17
CA PRO CA 37 -84.03 29.86 25.69
C PRO CA 37 -83.10 29.47 24.55
N GLY CA 38 -82.89 28.18 24.30
CA GLY CA 38 -81.98 27.72 23.26
C GLY CA 38 -82.58 27.52 21.89
N THR CA 39 -83.83 27.92 21.66
CA THR CA 39 -84.48 27.73 20.37
C THR CA 39 -84.99 29.06 19.85
N ARG CA 40 -85.32 29.10 18.56
CA ARG CA 40 -86.00 30.24 17.95
C ARG CA 40 -86.92 29.70 16.87
N ARG CA 41 -87.96 30.47 16.54
CA ARG CA 41 -88.91 30.05 15.53
C ARG CA 41 -89.02 31.10 14.42
N ARG CA 42 -89.86 30.81 13.44
CA ARG CA 42 -89.99 31.64 12.25
C ARG CA 42 -90.69 32.95 12.57
N ARG CA 43 -90.28 34.02 11.87
CA ARG CA 43 -90.94 35.32 12.00
C ARG CA 43 -92.31 35.28 11.32
N VAL CA 44 -93.36 35.52 12.08
CA VAL CA 44 -94.70 35.64 11.53
C VAL CA 44 -94.88 37.04 10.91
N PRO CA 45 -95.59 37.15 9.79
CA PRO CA 45 -95.88 38.48 9.24
C PRO CA 45 -96.90 39.22 10.10
N VAL CA 46 -96.45 40.33 10.69
CA VAL CA 46 -97.29 41.15 11.55
C VAL CA 46 -97.37 42.54 10.92
N GLU CA 47 -98.59 42.95 10.56
CA GLU CA 47 -98.79 44.24 9.89
C GLU CA 47 -98.65 45.34 10.92
N PRO CA 48 -97.83 46.37 10.69
CA PRO CA 48 -97.59 47.39 11.71
C PRO CA 48 -98.78 48.34 11.85
N ILE CA 49 -99.31 48.41 13.07
CA ILE CA 49 -100.34 49.37 13.43
C ILE CA 49 -99.73 50.33 14.44
N SER CA 50 -99.73 51.62 14.12
CA SER CA 50 -99.20 52.61 15.04
C SER CA 50 -100.14 52.78 16.23
N ASP CA 51 -99.59 53.29 17.35
CA ASP CA 51 -100.34 53.42 18.59
C ASP CA 51 -101.44 54.46 18.45
N GLU CA 52 -101.23 55.47 17.59
CA GLU CA 52 -102.28 56.45 17.30
C GLU CA 52 -103.33 55.93 16.33
N ASP CA 53 -103.13 54.74 15.76
CA ASP CA 53 -104.09 54.11 14.86
C ASP CA 53 -104.78 52.91 15.50
N TRP CA 54 -104.21 52.34 16.55
CA TRP CA 54 -104.78 51.17 17.22
C TRP CA 54 -106.00 51.63 18.01
N HIS CA 55 -107.19 51.21 17.56
CA HIS CA 55 -108.45 51.68 18.12
C HIS CA 55 -109.13 50.67 19.03
N LEU CA 56 -108.55 49.50 19.22
CA LEU CA 56 -109.15 48.44 20.04
C LEU CA 56 -108.50 48.41 21.41
N PHE CA 57 -109.31 48.55 22.44
CA PHE CA 57 -108.88 48.49 23.83
C PHE CA 57 -109.53 47.29 24.52
N CYS CA 58 -109.32 47.18 25.82
CA CYS CA 58 -109.86 46.08 26.60
C CYS CA 58 -111.04 46.56 27.43
N GLY CA 59 -112.14 45.80 27.37
CA GLY CA 59 -113.32 46.07 28.18
C GLY CA 59 -114.56 46.47 27.40
N ASP CA 60 -114.43 46.77 26.11
CA ASP CA 60 -115.55 47.22 25.30
C ASP CA 60 -116.10 46.12 24.40
N LYS CA 61 -117.37 46.27 24.02
CA LYS CA 61 -118.07 45.22 23.30
C LYS CA 61 -117.67 45.21 21.83
N VAL CA 62 -117.24 44.04 21.35
CA VAL CA 62 -116.86 43.85 19.95
C VAL CA 62 -117.69 42.70 19.40
N GLU CA 63 -117.56 42.46 18.10
CA GLU CA 63 -118.32 41.43 17.41
C GLU CA 63 -117.42 40.61 16.50
N ILE CA 64 -117.53 39.29 16.58
CA ILE CA 64 -116.76 38.36 15.78
C ILE CA 64 -117.43 38.22 14.41
N LEU CA 65 -116.62 38.27 13.35
CA LEU CA 65 -117.12 38.14 11.99
C LEU CA 65 -116.82 36.78 11.36
N GLU CA 66 -115.77 36.09 11.80
CA GLU CA 66 -115.31 34.90 11.11
C GLU CA 66 -114.91 33.84 12.13
N GLY CA 67 -115.20 32.59 11.80
CA GLY CA 67 -114.94 31.47 12.68
C GLY CA 67 -116.10 30.49 12.69
N LYS CA 68 -116.14 29.70 13.76
CA LYS CA 68 -117.27 28.79 13.94
C LYS CA 68 -118.53 29.54 14.36
N ASP CA 69 -118.37 30.66 15.05
CA ASP CA 69 -119.48 31.52 15.46
C ASP CA 69 -119.33 32.86 14.74
N ALA CA 70 -120.44 33.38 14.24
CA ALA CA 70 -120.46 34.66 13.54
C ALA CA 70 -121.63 35.49 14.03
N GLY CA 71 -121.38 36.78 14.23
CA GLY CA 71 -122.41 37.69 14.68
C GLY CA 71 -122.55 37.81 16.18
N LYS CA 72 -121.84 37.00 16.96
CA LYS CA 72 -121.91 37.07 18.40
C LYS CA 72 -121.10 38.25 18.93
N GLN CA 73 -121.45 38.70 20.14
CA GLN CA 73 -120.83 39.86 20.73
C GLN CA 73 -120.30 39.52 22.11
N GLY CA 74 -119.12 40.05 22.44
CA GLY CA 74 -118.47 39.72 23.69
C GLY CA 74 -117.58 40.86 24.16
N LYS CA 75 -116.91 40.60 25.28
CA LYS CA 75 -116.08 41.60 25.95
C LYS CA 75 -114.60 41.29 25.75
N VAL CA 76 -113.81 42.32 25.50
CA VAL CA 76 -112.37 42.15 25.33
C VAL CA 76 -111.72 42.13 26.71
N VAL CA 77 -110.96 41.07 26.99
CA VAL CA 77 -110.33 40.91 28.31
C VAL CA 77 -108.81 41.10 28.20
N GLN CA 78 -108.22 40.74 27.07
CA GLN CA 78 -106.79 40.89 26.86
C GLN CA 78 -106.51 41.34 25.43
N VAL CA 79 -105.46 42.14 25.26
CA VAL CA 79 -104.95 42.52 23.95
C VAL CA 79 -103.46 42.20 23.90
N ILE CA 80 -103.04 41.57 22.82
CA ILE CA 80 -101.63 41.29 22.57
C ILE CA 80 -101.19 42.23 21.45
N ARG CA 81 -100.43 43.25 21.83
CA ARG CA 81 -100.06 44.33 20.91
C ARG CA 81 -99.01 43.89 19.88
N GLN CA 82 -98.10 43.00 20.26
CA GLN CA 82 -96.95 42.68 19.39
C GLN CA 82 -97.37 41.83 18.21
N ARG CA 83 -98.31 40.91 18.40
CA ARG CA 83 -98.83 40.10 17.31
C ARG CA 83 -100.18 40.59 16.80
N ASN CA 84 -100.64 41.74 17.29
CA ASN CA 84 -101.91 42.39 16.91
C ASN CA 84 -103.10 41.46 17.15
N TRP CA 85 -103.31 41.15 18.42
CA TRP CA 85 -104.37 40.23 18.83
C TRP CA 85 -105.33 40.91 19.79
N VAL CA 86 -106.59 40.54 19.70
CA VAL CA 86 -107.59 40.86 20.71
C VAL CA 86 -108.22 39.56 21.17
N VAL CA 87 -108.56 39.49 22.45
CA VAL CA 87 -109.10 38.27 23.06
C VAL CA 87 -110.51 38.56 23.56
N VAL CA 88 -111.47 37.80 23.04
CA VAL CA 88 -112.87 37.94 23.42
C VAL CA 88 -113.12 36.95 24.56
N GLU CA 89 -114.08 37.29 25.42
CA GLU CA 89 -114.30 36.49 26.63
C GLU CA 89 -115.27 35.35 26.35
N GLY CA 90 -114.72 34.15 26.20
CA GLY CA 90 -115.51 32.93 26.12
C GLY CA 90 -116.38 32.81 24.89
N LEU CA 91 -115.93 33.29 23.73
CA LEU CA 91 -116.74 33.22 22.51
C LEU CA 91 -116.09 32.30 21.47
N ASN CA 92 -114.85 32.57 21.06
CA ASN CA 92 -114.15 31.68 20.14
C ASN CA 92 -113.43 30.61 20.96
N THR CA 93 -114.03 29.44 21.09
CA THR CA 93 -113.63 28.49 22.11
C THR CA 93 -112.98 27.25 21.52
N HIS CA 94 -111.96 26.77 22.23
CA HIS CA 94 -111.43 25.42 22.09
C HIS CA 94 -111.28 24.89 23.51
N TYR CA 95 -111.36 23.57 23.66
CA TYR CA 95 -111.77 23.01 24.93
C TYR CA 95 -110.63 22.19 25.51
N ARG CA 96 -110.17 22.54 26.72
CA ARG CA 96 -108.91 21.98 27.19
C ARG CA 96 -109.02 21.42 28.61
N TYR CA 97 -108.07 20.55 28.96
CA TYR CA 97 -108.00 19.98 30.29
C TYR CA 97 -106.88 20.65 31.09
N VAL CA 98 -107.11 20.81 32.40
CA VAL CA 98 -106.13 21.48 33.26
C VAL CA 98 -105.66 20.53 34.36
N GLY CA 99 -106.60 19.97 35.12
CA GLY CA 99 -106.27 19.06 36.20
C GLY CA 99 -105.74 17.74 35.67
N LYS CA 100 -104.45 17.50 35.85
CA LYS CA 100 -103.77 16.39 35.20
C LYS CA 100 -102.90 15.65 36.19
N THR CA 101 -103.23 14.38 36.44
CA THR CA 101 -102.34 13.45 37.12
C THR CA 101 -102.48 12.10 36.44
N VAL CA 102 -101.79 11.10 37.00
CA VAL CA 102 -101.77 9.77 36.37
C VAL CA 102 -103.12 9.08 36.45
N ASP CA 103 -103.77 9.12 37.62
CA ASP CA 103 -105.00 8.37 37.82
C ASP CA 103 -106.26 9.19 37.69
N TYR CA 104 -106.16 10.48 37.35
CA TYR CA 104 -107.33 11.36 37.33
C TYR CA 104 -107.11 12.49 36.35
N ARG CA 105 -108.11 12.76 35.53
CA ARG CA 105 -108.17 13.97 34.70
C ARG CA 105 -109.49 14.67 35.05
N GLY CA 106 -109.49 15.99 35.02
CA GLY CA 106 -110.65 16.76 35.41
C GLY CA 106 -110.63 18.18 34.86
N THR CA 107 -111.65 18.96 35.28
CA THR CA 107 -111.91 20.38 34.97
C THR CA 107 -111.70 20.74 33.49
N MET CA 108 -112.56 20.18 32.64
CA MET CA 108 -112.63 20.60 31.25
C MET CA 108 -113.07 22.06 31.18
N ILE CA 109 -112.24 22.90 30.61
CA ILE CA 109 -112.37 24.36 30.69
C ILE CA 109 -112.43 24.92 29.27
N PRO CA 110 -113.39 25.79 28.96
CA PRO CA 110 -113.32 26.54 27.70
C PRO CA 110 -112.17 27.53 27.72
N SER CA 111 -111.28 27.43 26.75
CA SER CA 111 -110.26 28.44 26.50
C SER CA 111 -110.62 29.15 25.20
N GLU CA 112 -110.14 30.37 25.06
CA GLU CA 112 -110.50 31.19 23.92
C GLU CA 112 -109.28 31.44 23.03
N ALA CA 113 -109.49 31.30 21.72
CA ALA CA 113 -108.43 31.46 20.74
C ALA CA 113 -108.22 32.95 20.46
N PRO CA 114 -107.01 33.38 20.09
CA PRO CA 114 -106.80 34.79 19.76
C PRO CA 114 -107.48 35.17 18.46
N LEU CA 115 -107.81 36.46 18.34
CA LEU CA 115 -108.36 37.03 17.13
C LEU CA 115 -107.57 38.27 16.75
N LEU CA 116 -107.16 38.34 15.49
CA LEU CA 116 -106.54 39.55 14.98
C LEU CA 116 -107.60 40.53 14.50
N HIS CA 117 -107.16 41.75 14.17
CA HIS CA 117 -108.03 42.91 14.07
C HIS CA 117 -108.98 42.88 12.88
N ASN CA 118 -108.74 42.06 11.86
CA ASN CA 118 -109.59 42.11 10.68
C ASN CA 118 -110.94 41.42 10.89
N GLN CA 119 -111.05 40.53 11.87
CA GLN CA 119 -112.29 39.85 12.17
C GLN CA 119 -113.15 40.62 13.18
N VAL CA 120 -112.73 41.81 13.59
CA VAL CA 120 -113.39 42.56 14.65
C VAL CA 120 -113.59 43.99 14.18
N LYS CA 121 -114.84 44.47 14.21
CA LYS CA 121 -115.14 45.89 14.19
C LYS CA 121 -115.71 46.29 15.55
N LEU CA 122 -115.48 47.54 15.93
CA LEU CA 122 -116.00 48.07 17.18
C LEU CA 122 -117.49 48.36 17.05
N VAL CA 123 -118.22 48.19 18.14
CA VAL CA 123 -119.67 48.25 18.15
C VAL CA 123 -120.12 49.49 18.93
N ASP CA 124 -120.95 50.32 18.29
CA ASP CA 124 -121.54 51.49 18.94
C ASP CA 124 -122.57 51.06 19.98
N PRO CA 125 -122.73 51.79 21.09
CA PRO CA 125 -123.61 51.31 22.17
C PRO CA 125 -125.11 51.37 21.87
N THR CA 126 -125.53 52.19 20.89
CA THR CA 126 -126.97 52.37 20.68
C THR CA 126 -127.57 51.22 19.89
N ASP CA 127 -127.08 51.00 18.68
CA ASP CA 127 -127.78 50.19 17.69
C ASP CA 127 -127.29 48.74 17.69
N ARG CA 128 -126.13 48.48 18.33
CA ARG CA 128 -125.51 47.16 18.47
C ARG CA 128 -125.22 46.51 17.11
N LYS CA 129 -124.58 47.26 16.19
CA LYS CA 129 -124.12 46.84 14.89
C LYS CA 129 -122.63 47.12 14.73
N PRO CA 130 -121.89 46.37 13.91
CA PRO CA 130 -120.46 46.67 13.72
C PRO CA 130 -120.29 47.90 12.83
N THR CA 131 -119.39 48.78 13.23
CA THR CA 131 -119.17 50.04 12.53
C THR CA 131 -117.67 50.35 12.52
N ASP CA 132 -117.21 50.85 11.37
CA ASP CA 132 -115.83 51.28 11.18
C ASP CA 132 -115.57 52.49 12.07
N VAL CA 133 -114.39 52.56 12.65
CA VAL CA 133 -114.08 53.56 13.67
C VAL CA 133 -112.80 54.30 13.30
N GLU CA 134 -112.84 55.63 13.34
CA GLU CA 134 -111.65 56.45 13.14
C GLU CA 134 -111.39 57.30 14.36
N TRP CA 135 -110.12 57.63 14.60
CA TRP CA 135 -109.78 58.55 15.66
C TRP CA 135 -109.93 59.99 15.15
N ARG CA 136 -110.67 60.81 15.90
CA ARG CA 136 -110.93 62.19 15.53
C ARG CA 136 -110.56 63.10 16.70
N PHE CA 137 -110.26 64.36 16.37
CA PHE CA 137 -109.94 65.38 17.36
C PHE CA 137 -111.10 66.37 17.40
N THR CA 138 -111.77 66.45 18.56
CA THR CA 138 -112.91 67.34 18.73
C THR CA 138 -112.41 68.71 19.19
N GLU CA 139 -113.35 69.62 19.48
CA GLU CA 139 -113.02 70.96 19.93
C GLU CA 139 -112.64 71.04 21.40
N ALA CA 140 -112.87 69.97 22.17
CA ALA CA 140 -112.60 69.96 23.60
C ALA CA 140 -111.20 69.48 23.93
N GLY CA 141 -110.40 69.12 22.93
CA GLY CA 141 -109.04 68.67 23.17
C GLY CA 141 -108.89 67.21 23.52
N GLU CA 142 -109.98 66.45 23.58
CA GLU CA 142 -109.91 65.04 23.91
C GLU CA 142 -109.99 64.19 22.66
N ARG CA 143 -109.32 63.04 22.70
CA ARG CA 143 -109.21 62.14 21.54
C ARG CA 143 -110.25 61.03 21.71
N VAL CA 144 -111.38 61.16 21.01
CA VAL CA 144 -112.51 60.26 21.15
C VAL CA 144 -112.74 59.55 19.81
N ARG CA 145 -112.97 58.24 19.87
CA ARG CA 145 -113.25 57.45 18.69
C ARG CA 145 -114.61 57.81 18.09
N VAL CA 146 -114.68 57.90 16.77
CA VAL CA 146 -115.89 58.30 16.06
C VAL CA 146 -116.25 57.23 15.03
N SER CA 147 -117.52 56.81 15.03
CA SER CA 147 -118.00 55.83 14.07
C SER CA 147 -118.14 56.45 12.69
N THR CA 148 -118.17 55.59 11.67
CA THR CA 148 -118.35 56.06 10.29
C THR CA 148 -119.82 56.17 9.94
N ARG CA 149 -120.58 55.11 10.19
CA ARG CA 149 -121.96 55.03 9.72
C ARG CA 149 -122.88 55.88 10.58
N SER CA 150 -122.98 55.56 11.87
CA SER CA 150 -123.91 56.25 12.77
C SER CA 150 -123.46 57.65 13.13
N GLY CA 151 -122.17 57.95 13.03
CA GLY CA 151 -121.68 59.28 13.37
C GLY CA 151 -121.72 59.58 14.86
N ARG CA 152 -121.69 58.55 15.70
CA ARG CA 152 -121.67 58.72 17.14
C ARG CA 152 -120.21 58.64 17.58
N ILE CA 153 -119.91 59.14 18.77
CA ILE CA 153 -118.63 58.94 19.42
C ILE CA 153 -118.76 57.77 20.39
N ILE CA 154 -117.67 57.03 20.56
CA ILE CA 154 -117.64 55.84 21.41
C ILE CA 154 -116.71 56.10 22.59
N PRO CA 155 -117.19 56.03 23.83
CA PRO CA 155 -116.31 56.32 24.97
C PRO CA 155 -115.35 55.18 25.27
N LYS CA 156 -114.36 55.45 26.12
CA LYS CA 156 -113.30 54.49 26.37
C LYS CA 156 -113.72 53.47 27.43
N PRO CA 157 -113.30 52.20 27.27
CA PRO CA 157 -113.65 51.12 28.23
C PRO CA 157 -112.87 51.12 29.54
N GLU CA 158 -113.41 51.82 30.53
CA GLU CA 158 -112.88 51.76 31.89
C GLU CA 158 -112.95 50.33 32.43
N PHE CA 159 -111.78 49.77 32.70
CA PHE CA 159 -111.57 48.38 33.05
C PHE CA 159 -110.78 48.28 34.34
N PRO CA 160 -110.99 47.23 35.14
CA PRO CA 160 -110.14 47.00 36.32
C PRO CA 160 -108.68 46.72 35.93
N ARG CA 161 -107.76 47.10 36.81
CA ARG CA 161 -106.33 47.00 36.53
C ARG CA 161 -105.81 45.62 36.92
N ALA CA 162 -104.54 45.39 36.61
CA ALA CA 162 -103.95 44.07 36.81
C ALA CA 162 -103.70 43.77 38.28
N ASP CA 163 -103.58 44.81 39.11
CA ASP CA 163 -103.36 44.60 40.54
C ASP CA 163 -104.61 44.08 41.22
N GLY CA 164 -105.79 44.34 40.66
CA GLY CA 164 -107.02 43.89 41.25
C GLY CA 164 -107.50 44.70 42.44
N ILE CA 165 -106.88 45.85 42.70
CA ILE CA 165 -107.24 46.69 43.84
C ILE CA 165 -107.89 47.96 43.30
N VAL CA 166 -109.10 48.23 43.78
CA VAL CA 166 -109.85 49.43 43.41
C VAL CA 166 -109.49 50.53 44.41
N PRO CA 167 -109.26 51.76 43.97
CA PRO CA 167 -108.97 52.85 44.93
C PRO CA 167 -110.19 53.31 45.71
N GLU CA 168 -111.40 52.94 45.29
CA GLU CA 168 -112.60 53.42 45.97
C GLU CA 168 -112.77 52.77 47.33
N THR CA 169 -112.61 51.44 47.41
CA THR CA 169 -112.71 50.71 48.67
C THR CA 169 -111.32 50.27 49.08
N TRP CA 170 -110.76 50.93 50.08
CA TRP CA 170 -109.41 50.65 50.54
C TRP CA 170 -109.28 51.03 52.01
N ILE CA 171 -108.57 50.18 52.76
CA ILE CA 171 -108.30 50.42 54.17
C ILE CA 171 -106.79 50.56 54.34
N ASP CA 172 -106.36 51.66 54.95
CA ASP CA 172 -104.94 51.92 55.12
C ASP CA 172 -104.35 51.00 56.17
N GLY CA 173 -103.19 50.42 55.87
CA GLY CA 173 -102.50 49.59 56.81
C GLY CA 173 -101.66 50.39 57.79
N PRO CA 174 -100.89 49.67 58.62
CA PRO CA 174 -99.99 50.36 59.56
C PRO CA 174 -98.86 51.12 58.87
N LYS CA 175 -98.50 50.75 57.64
CA LYS CA 175 -97.41 51.38 56.92
C LYS CA 175 -97.87 52.19 55.72
N ASP CA 176 -99.13 52.65 55.72
CA ASP CA 176 -99.65 53.46 54.62
C ASP CA 176 -99.78 54.91 55.05
N THR CA 177 -99.45 55.82 54.13
CA THR CA 177 -99.55 57.24 54.38
C THR CA 177 -100.94 57.73 54.02
N SER CA 178 -101.49 58.61 54.86
CA SER CA 178 -102.80 59.19 54.59
C SER CA 178 -102.71 60.17 53.42
N VAL CA 179 -103.88 60.48 52.84
CA VAL CA 179 -103.96 61.37 51.68
C VAL CA 179 -103.58 62.79 52.08
N GLU CA 180 -103.97 63.20 53.29
CA GLU CA 180 -103.66 64.55 53.78
C GLU CA 180 -102.16 64.74 53.98
N ASP CA 181 -101.50 63.74 54.56
CA ASP CA 181 -100.05 63.82 54.72
C ASP CA 181 -99.31 63.61 53.40
N ALA CA 182 -99.92 62.91 52.45
CA ALA CA 182 -99.30 62.73 51.14
C ALA CA 182 -99.33 64.02 50.33
N LEU CA 183 -100.46 64.73 50.34
CA LEU CA 183 -100.61 65.96 49.57
C LEU CA 183 -100.28 67.22 50.38
N GLU CA 184 -99.87 67.08 51.64
CA GLU CA 184 -99.45 68.25 52.41
C GLU CA 184 -98.11 68.77 51.89
N LYS CA 185 -98.05 70.09 51.67
CA LYS CA 185 -96.85 70.73 51.14
C LYS CA 185 -96.07 71.33 52.31
N THR CA 186 -94.80 70.93 52.44
CA THR CA 186 -93.92 71.41 53.50
C THR CA 186 -92.70 72.11 52.90
N TYR CA 187 -92.54 72.05 51.58
CA TYR CA 187 -91.37 72.58 50.91
C TYR CA 187 -91.31 74.10 50.98
N VAL CA 188 -90.17 74.62 51.43
CA VAL CA 188 -89.84 76.03 51.36
C VAL CA 188 -88.69 76.18 50.38
N PRO CA 189 -88.97 76.62 49.14
CA PRO CA 189 -87.94 76.60 48.09
C PRO CA 189 -86.89 77.69 48.28
N ARG CA 190 -85.91 77.43 49.13
CA ARG CA 190 -84.81 78.33 49.40
C ARG CA 190 -83.57 77.83 48.66
N LEU CA 191 -82.60 78.71 48.49
CA LEU CA 191 -81.41 78.41 47.70
C LEU CA 191 -80.32 77.68 48.50
N LYS CA 192 -80.67 77.06 49.62
CA LYS CA 192 -79.73 76.20 50.33
C LYS CA 192 -80.00 74.75 49.98
N THR CA 193 -78.93 73.95 49.95
CA THR CA 193 -79.04 72.55 49.61
C THR CA 193 -79.67 71.76 50.76
N LEU CA 194 -79.99 70.49 50.48
CA LEU CA 194 -80.46 69.58 51.53
C LEU CA 194 -79.37 69.37 52.57
N GLU CA 195 -78.11 69.38 52.12
CA GLU CA 195 -76.95 69.30 53.00
C GLU CA 195 -76.95 70.42 54.03
N GLU CA 196 -77.03 71.67 53.56
CA GLU CA 196 -77.02 72.82 54.44
C GLU CA 196 -78.27 72.89 55.30
N GLU CA 197 -79.42 72.50 54.74
CA GLU CA 197 -80.69 72.55 55.45
C GLU CA 197 -80.70 71.58 56.63
N VAL CA 198 -80.29 70.33 56.41
CA VAL CA 198 -80.30 69.35 57.49
C VAL CA 198 -79.22 69.69 58.53
N MET CA 199 -78.06 70.19 58.06
CA MET CA 199 -76.98 70.52 58.98
C MET CA 199 -77.35 71.70 59.89
N GLU CA 200 -78.04 72.71 59.35
CA GLU CA 200 -78.48 73.80 60.22
C GLU CA 200 -79.74 73.44 60.99
N ALA CA 201 -80.48 72.43 60.53
CA ALA CA 201 -81.70 72.02 61.23
C ALA CA 201 -81.38 71.26 62.51
N MET CA 202 -80.42 70.35 62.44
CA MET CA 202 -80.06 69.60 63.64
C MET CA 202 -78.95 70.24 64.45
N GLY CA 203 -78.48 71.43 64.05
CA GLY CA 203 -77.50 72.15 64.83
C GLY CA 203 -76.08 71.64 64.74
N ILE CA 204 -75.73 70.91 63.68
CA ILE CA 204 -74.36 70.46 63.51
C ILE CA 204 -73.50 71.66 63.10
N GLN CA 205 -72.43 71.91 63.85
CA GLN CA 205 -71.61 73.09 63.67
C GLN CA 205 -70.22 72.65 63.26
N GLU CA 206 -69.77 73.09 62.08
CA GLU CA 206 -68.44 72.81 61.57
C GLU CA 206 -67.74 74.12 61.24
N THR CA 207 -66.50 74.25 61.70
CA THR CA 207 -65.77 75.51 61.63
C THR CA 207 -64.71 75.53 60.54
N ARG CA 208 -63.88 74.50 60.47
CA ARG CA 208 -62.77 74.47 59.52
C ARG CA 208 -63.27 74.26 58.09
N ARG CA 209 -62.38 74.53 57.14
CA ARG CA 209 -62.70 74.49 55.72
C ARG CA 209 -61.71 73.59 54.99
N HIS CA 210 -62.12 73.17 53.79
CA HIS CA 210 -61.30 72.26 52.99
C HIS CA 210 -60.11 73.01 52.39
N LYS CA 211 -58.99 72.31 52.26
CA LYS CA 211 -57.84 72.88 51.58
C LYS CA 211 -58.00 72.76 50.07
N LYS CA 212 -57.01 73.28 49.34
CA LYS CA 212 -57.09 73.30 47.88
C LYS CA 212 -56.86 71.91 47.31
N VAL CA 213 -57.79 71.46 46.46
CA VAL CA 213 -57.76 70.14 45.87
C VAL CA 213 -57.81 70.28 44.36
N TYR CA 214 -56.82 69.68 43.69
CA TYR CA 214 -56.60 69.87 42.27
C TYR CA 214 -57.26 68.75 41.48
N TRP CA 215 -57.79 69.09 40.30
CA TRP CA 215 -58.67 68.21 39.55
C TRP CA 215 -58.12 68.00 38.15
N TYR CA 216 -57.67 66.78 37.85
CA TYR CA 216 -57.25 66.42 36.50
C TYR CA 216 -57.37 64.93 36.26
N ALA DA 30 -8.81 64.42 38.78
CA ALA DA 30 -9.10 63.39 39.76
C ALA DA 30 -10.11 62.39 39.21
N TYR DA 31 -10.40 61.36 39.99
CA TYR DA 31 -11.38 60.33 39.65
C TYR DA 31 -12.62 60.56 40.48
N GLU DA 32 -13.62 61.21 39.90
CA GLU DA 32 -14.89 61.40 40.57
C GLU DA 32 -15.64 60.07 40.66
N TRP DA 33 -16.34 59.88 41.78
CA TRP DA 33 -16.97 58.62 42.10
C TRP DA 33 -18.39 58.51 41.59
N GLY DA 34 -18.87 59.48 40.82
CA GLY DA 34 -20.16 59.36 40.19
C GLY DA 34 -20.08 58.72 38.82
N VAL DA 35 -21.22 58.18 38.38
CA VAL DA 35 -21.36 57.57 37.07
C VAL DA 35 -22.42 58.35 36.33
N ARG DA 36 -22.16 58.69 35.06
CA ARG DA 36 -23.05 59.53 34.28
C ARG DA 36 -24.41 58.88 34.05
N SER DA 37 -24.43 57.56 33.89
CA SER DA 37 -25.70 56.87 33.71
C SER DA 37 -26.49 56.78 35.01
N THR DA 38 -25.81 56.45 36.12
CA THR DA 38 -26.52 56.20 37.37
C THR DA 38 -26.94 57.49 38.07
N ARG DA 39 -26.31 58.61 37.71
CA ARG DA 39 -26.73 59.89 38.24
C ARG DA 39 -28.06 60.31 37.61
N LYS DA 40 -28.76 61.23 38.25
CA LYS DA 40 -29.99 61.74 37.69
C LYS DA 40 -29.68 62.54 36.43
N PRO DA 41 -30.50 62.44 35.39
CA PRO DA 41 -30.19 63.14 34.13
C PRO DA 41 -30.37 64.65 34.28
N GLU DA 42 -29.59 65.39 33.50
CA GLU DA 42 -29.81 66.82 33.40
C GLU DA 42 -31.13 67.08 32.67
N PRO DA 43 -31.80 68.20 32.92
CA PRO DA 43 -33.05 68.51 32.22
C PRO DA 43 -32.81 68.68 30.73
N PRO DA 44 -33.81 68.37 29.90
CA PRO DA 44 -33.68 68.52 28.44
C PRO DA 44 -33.47 69.98 28.08
N PRO DA 45 -32.72 70.28 27.01
CA PRO DA 45 -32.49 71.68 26.66
C PRO DA 45 -33.75 72.38 26.16
N LEU DA 46 -33.87 73.66 26.51
CA LEU DA 46 -35.12 74.37 26.38
C LEU DA 46 -35.46 74.61 24.92
N ASP DA 47 -36.75 74.71 24.63
CA ASP DA 47 -37.23 74.92 23.27
C ASP DA 47 -36.79 76.29 22.77
N ARG DA 48 -36.57 76.37 21.46
CA ARG DA 48 -36.00 77.58 20.85
C ARG DA 48 -36.99 78.74 20.81
N VAL DA 49 -38.26 78.51 21.14
CA VAL DA 49 -39.22 79.60 21.31
C VAL DA 49 -38.85 80.49 22.49
N TYR DA 50 -38.40 79.90 23.59
CA TYR DA 50 -38.04 80.64 24.80
C TYR DA 50 -36.83 81.54 24.63
N GLU DA 51 -35.98 81.27 23.63
CA GLU DA 51 -34.82 82.12 23.37
C GLU DA 51 -35.15 83.35 22.55
N ILE DA 52 -36.38 83.49 22.08
CA ILE DA 52 -36.81 84.64 21.29
C ILE DA 52 -37.31 85.71 22.26
N PRO DA 53 -36.67 86.88 22.31
CA PRO DA 53 -37.15 87.93 23.23
C PRO DA 53 -38.45 88.54 22.76
N GLY DA 54 -39.34 88.82 23.71
CA GLY DA 54 -40.63 89.41 23.40
C GLY DA 54 -41.56 88.51 22.63
N LEU DA 55 -41.55 87.21 22.95
CA LEU DA 55 -42.42 86.25 22.28
C LEU DA 55 -43.04 85.33 23.33
N GLU DA 56 -44.36 85.22 23.30
CA GLU DA 56 -45.07 84.35 24.24
C GLU DA 56 -45.08 82.92 23.71
N PRO DA 57 -44.51 81.97 24.44
CA PRO DA 57 -44.56 80.58 23.98
C PRO DA 57 -45.95 79.98 24.15
N ILE DA 58 -46.32 79.11 23.21
CA ILE DA 58 -47.56 78.35 23.29
C ILE DA 58 -47.22 76.95 23.79
N THR DA 59 -47.80 76.57 24.92
CA THR DA 59 -47.48 75.33 25.60
C THR DA 59 -48.73 74.47 25.77
N TYR DA 60 -48.52 73.26 26.26
CA TYR DA 60 -49.61 72.35 26.56
C TYR DA 60 -50.09 72.44 28.00
N ALA DA 61 -49.79 73.55 28.70
CA ALA DA 61 -50.22 73.70 30.08
C ALA DA 61 -51.71 73.94 30.19
N GLY DA 62 -52.33 74.51 29.15
CA GLY DA 62 -53.76 74.75 29.17
C GLY DA 62 -54.59 73.49 29.15
N LYS DA 63 -54.13 72.47 28.42
CA LYS DA 63 -54.84 71.20 28.33
C LYS DA 63 -54.40 70.20 29.39
N MET DA 64 -53.50 70.63 30.30
CA MET DA 64 -52.97 69.90 31.47
C MET DA 64 -52.56 68.46 31.16
N HIS DA 65 -52.01 68.23 29.97
CA HIS DA 65 -51.42 66.95 29.60
C HIS DA 65 -50.42 67.21 28.48
N PHE DA 66 -49.55 66.24 28.25
CA PHE DA 66 -48.52 66.39 27.23
C PHE DA 66 -49.12 66.30 25.84
N MET DA 67 -48.59 67.11 24.93
CA MET DA 67 -49.00 67.15 23.53
C MET DA 67 -47.77 67.33 22.66
N PRO DA 68 -47.59 66.49 21.64
CA PRO DA 68 -46.47 66.68 20.72
C PRO DA 68 -46.69 67.89 19.82
N GLY DA 69 -45.61 68.62 19.58
CA GLY DA 69 -45.64 69.80 18.74
C GLY DA 69 -45.71 71.11 19.49
N LEU DA 70 -46.05 71.08 20.78
CA LEU DA 70 -46.13 72.27 21.60
C LEU DA 70 -44.90 72.38 22.48
N ALA DA 71 -44.59 73.61 22.91
CA ALA DA 71 -43.42 73.85 23.73
C ALA DA 71 -43.62 73.35 25.15
N ARG DA 72 -42.53 72.97 25.79
CA ARG DA 72 -42.58 72.50 27.17
C ARG DA 72 -42.69 73.69 28.11
N PRO DA 73 -43.69 73.73 29.00
CA PRO DA 73 -43.84 74.90 29.87
C PRO DA 73 -42.84 74.87 31.02
N VAL DA 74 -42.45 76.05 31.46
CA VAL DA 74 -41.58 76.22 32.62
C VAL DA 74 -42.43 76.64 33.80
N PHE DA 75 -42.50 75.77 34.82
CA PHE DA 75 -43.31 76.05 35.99
C PHE DA 75 -42.45 76.58 37.13
N PRO DA 76 -42.99 77.50 37.95
CA PRO DA 76 -42.23 77.98 39.11
C PRO DA 76 -42.13 76.89 40.15
N PRO DA 77 -41.15 76.98 41.06
CA PRO DA 77 -41.05 76.01 42.16
C PRO DA 77 -42.28 76.01 43.07
N TRP DA 78 -42.70 74.81 43.47
CA TRP DA 78 -44.01 74.64 44.08
C TRP DA 78 -44.03 75.12 45.53
N ASP DA 79 -45.07 75.86 45.89
CA ASP DA 79 -45.18 76.51 47.20
C ASP DA 79 -46.48 76.07 47.89
N PRO DA 80 -46.43 75.03 48.72
CA PRO DA 80 -47.61 74.65 49.52
C PRO DA 80 -47.86 75.60 50.68
N GLY DA 81 -48.65 76.65 50.43
CA GLY DA 81 -49.00 77.70 51.38
C GLY DA 81 -49.36 77.27 52.79
N TRP DA 82 -50.14 76.20 52.92
CA TRP DA 82 -50.27 75.53 54.22
C TRP DA 82 -49.27 74.38 54.24
N THR DA 83 -48.51 74.26 55.33
CA THR DA 83 -47.44 73.28 55.41
C THR DA 83 -47.97 71.93 55.88
N HIS DA 84 -47.39 70.86 55.36
CA HIS DA 84 -47.66 69.50 55.82
C HIS DA 84 -46.42 68.93 56.49
N PRO DA 85 -46.56 68.20 57.59
CA PRO DA 85 -45.35 67.65 58.25
C PRO DA 85 -44.63 66.58 57.45
N LYS DA 86 -45.36 65.54 57.01
CA LYS DA 86 -44.73 64.40 56.37
C LYS DA 86 -44.25 64.71 54.95
N PHE DA 87 -45.08 65.39 54.16
CA PHE DA 87 -44.86 65.50 52.73
C PHE DA 87 -44.06 66.73 52.32
N ARG DA 88 -43.58 67.52 53.26
CA ARG DA 88 -42.75 68.67 52.92
C ARG DA 88 -41.30 68.23 52.72
N ARG DA 89 -40.52 69.12 52.12
CA ARG DA 89 -39.08 68.88 52.00
C ARG DA 89 -38.42 69.02 53.37
N LEU DA 90 -37.29 68.35 53.53
CA LEU DA 90 -36.57 68.39 54.80
C LEU DA 90 -35.95 69.76 55.01
N PRO DA 91 -36.10 70.36 56.19
CA PRO DA 91 -35.46 71.65 56.47
C PRO DA 91 -33.95 71.49 56.53
N PRO DA 92 -33.20 72.55 56.19
CA PRO DA 92 -31.74 72.47 56.25
C PRO DA 92 -31.23 72.42 57.68
N LEU DA 93 -29.96 72.05 57.81
CA LEU DA 93 -29.38 71.87 59.14
C LEU DA 93 -29.10 73.21 59.82
N HIS DA 94 -28.83 74.25 59.04
CA HIS DA 94 -28.59 75.57 59.63
C HIS DA 94 -29.88 76.24 60.08
N GLU DA 95 -31.04 75.74 59.63
CA GLU DA 95 -32.33 76.26 60.07
C GLU DA 95 -32.64 75.89 61.52
N HIS DA 96 -32.06 74.80 62.04
CA HIS DA 96 -32.26 74.31 63.40
C HIS DA 96 -31.73 75.33 64.42
N PRO DA 97 -32.47 75.56 65.52
CA PRO DA 97 -32.03 76.56 66.51
C PRO DA 97 -30.71 76.26 67.20
N LEU DA 98 -30.37 74.99 67.38
CA LEU DA 98 -29.17 74.59 68.09
C LEU DA 98 -27.95 74.48 67.18
N TYR DA 99 -28.07 74.91 65.92
CA TYR DA 99 -26.95 74.86 64.99
C TYR DA 99 -25.88 75.86 65.38
N LYS DA 100 -24.63 75.40 65.43
CA LYS DA 100 -23.49 76.25 65.73
C LYS DA 100 -22.39 76.01 64.70
N ASP DA 101 -21.58 77.04 64.49
CA ASP DA 101 -20.50 76.99 63.51
C ASP DA 101 -19.35 76.08 63.92
N GLN DA 102 -19.08 75.95 65.22
CA GLN DA 102 -18.02 75.07 65.69
C GLN DA 102 -18.45 73.62 65.59
N ALA DA 103 -17.67 72.81 64.87
CA ALA DA 103 -18.01 71.41 64.69
C ALA DA 103 -17.55 70.61 65.90
N CYS DA 104 -18.52 70.06 66.63
CA CYS DA 104 -18.24 69.26 67.81
C CYS DA 104 -18.15 67.79 67.41
N TYR DA 105 -17.31 67.04 68.09
CA TYR DA 105 -17.10 65.63 67.75
C TYR DA 105 -17.78 64.77 68.79
N VAL DA 106 -18.76 63.99 68.35
CA VAL DA 106 -19.67 63.27 69.23
C VAL DA 106 -19.36 61.78 69.14
N PHE DA 107 -19.36 61.12 70.29
CA PHE DA 107 -19.15 59.67 70.40
C PHE DA 107 -20.44 59.03 70.86
N HIS DA 108 -20.94 58.07 70.08
CA HIS DA 108 -22.12 57.30 70.43
C HIS DA 108 -21.74 55.83 70.59
N GLN DA 109 -22.78 54.98 70.67
CA GLN DA 109 -22.58 53.57 71.00
C GLN DA 109 -21.77 52.83 69.95
N ARG DA 110 -22.02 53.10 68.67
CA ARG DA 110 -21.44 52.31 67.59
C ARG DA 110 -20.22 52.95 66.95
N CYS DA 111 -19.67 54.02 67.52
CA CYS DA 111 -18.46 54.60 66.97
C CYS DA 111 -17.24 53.75 67.35
N ARG DA 112 -16.33 53.60 66.39
CA ARG DA 112 -15.14 52.79 66.56
C ARG DA 112 -13.90 53.67 66.59
N LEU DA 113 -12.95 53.32 67.44
CA LEU DA 113 -11.67 54.03 67.54
C LEU DA 113 -10.55 53.10 67.08
N LEU DA 114 -9.60 53.66 66.33
CA LEU DA 114 -8.59 52.84 65.66
C LEU DA 114 -7.56 52.32 66.64
N GLU DA 115 -6.77 53.24 67.20
CA GLU DA 115 -5.87 52.92 68.30
C GLU DA 115 -6.68 53.15 69.57
N GLY DA 116 -7.57 52.20 69.88
CA GLY DA 116 -8.64 52.37 70.85
C GLY DA 116 -8.20 52.72 72.25
N VAL DA 117 -7.22 51.98 72.77
CA VAL DA 117 -6.67 52.35 74.06
C VAL DA 117 -5.88 53.66 73.97
N LYS DA 118 -5.13 53.90 72.89
CA LYS DA 118 -4.34 55.13 72.79
C LYS DA 118 -5.24 56.34 72.61
N GLN DA 119 -6.27 56.22 71.77
CA GLN DA 119 -7.23 57.31 71.57
C GLN DA 119 -8.06 57.53 72.83
N ALA DA 120 -8.38 56.46 73.56
CA ALA DA 120 -9.16 56.59 74.79
C ALA DA 120 -8.36 57.32 75.87
N LEU DA 121 -7.11 56.90 76.09
CA LEU DA 121 -6.21 57.59 77.00
C LEU DA 121 -5.96 59.04 76.60
N TRP DA 122 -5.86 59.31 75.29
CA TRP DA 122 -5.59 60.69 74.87
C TRP DA 122 -6.81 61.59 75.06
N LEU DA 123 -7.98 61.15 74.59
CA LEU DA 123 -9.16 62.00 74.67
C LEU DA 123 -9.75 62.04 76.06
N THR DA 124 -9.33 61.12 76.94
CA THR DA 124 -9.87 61.08 78.29
C THR DA 124 -8.90 61.67 79.31
N LYS DA 125 -7.60 61.69 78.98
CA LYS DA 125 -6.49 62.19 79.81
C LYS DA 125 -6.46 61.45 81.15
N THR DA 126 -6.24 60.13 81.04
CA THR DA 126 -6.04 59.29 82.20
C THR DA 126 -4.71 58.55 82.06
N GLN DA 127 -4.46 57.63 82.98
CA GLN DA 127 -3.33 56.72 82.90
C GLN DA 127 -3.82 55.28 83.02
N LEU DA 128 -3.30 54.42 82.14
CA LEU DA 128 -3.71 53.02 82.05
C LEU DA 128 -2.92 52.17 83.04
N ILE DA 129 -3.65 51.37 83.82
CA ILE DA 129 -3.05 50.43 84.77
C ILE DA 129 -3.54 49.02 84.44
N GLU DA 130 -2.60 48.07 84.42
CA GLU DA 130 -2.82 46.72 83.94
C GLU DA 130 -3.70 45.88 84.85
N GLY DA 131 -3.48 45.95 86.15
CA GLY DA 131 -4.25 45.16 87.09
C GLY DA 131 -5.45 45.92 87.63
N LEU DA 132 -6.35 45.16 88.26
CA LEU DA 132 -7.39 45.75 89.10
C LEU DA 132 -6.79 46.20 90.42
N PRO DA 133 -7.45 47.10 91.16
CA PRO DA 133 -6.89 47.56 92.43
C PRO DA 133 -6.81 46.46 93.49
N GLU DA 134 -5.92 46.70 94.46
CA GLU DA 134 -5.68 45.72 95.52
C GLU DA 134 -6.90 45.55 96.42
N LYS DA 135 -7.73 46.58 96.56
CA LYS DA 135 -8.99 46.44 97.27
C LYS DA 135 -9.92 45.47 96.55
N VAL DA 136 -9.96 45.57 95.20
CA VAL DA 136 -10.76 44.67 94.39
C VAL DA 136 -10.24 43.24 94.47
N LEU DA 137 -8.93 43.05 94.41
CA LEU DA 137 -8.36 41.70 94.53
C LEU DA 137 -8.55 41.12 95.92
N ARG DA 138 -8.47 41.94 96.97
CA ARG DA 138 -8.74 41.48 98.33
C ARG DA 138 -10.19 41.11 98.51
N LEU DA 139 -11.10 41.85 97.87
CA LEU DA 139 -12.51 41.50 97.93
C LEU DA 139 -12.81 40.21 97.18
N ALA DA 140 -12.11 40.00 96.05
CA ALA DA 140 -12.34 38.79 95.26
C ALA DA 140 -11.77 37.55 95.94
N ASP DA 141 -10.54 37.62 96.44
CA ASP DA 141 -9.85 36.43 96.93
C ASP DA 141 -10.29 36.01 98.32
N ASP DA 142 -11.14 36.78 99.00
CA ASP DA 142 -11.61 36.40 100.31
C ASP DA 142 -12.61 35.25 100.20
N PRO DA 143 -12.39 34.13 100.89
CA PRO DA 143 -13.30 32.98 100.76
C PRO DA 143 -14.68 33.21 101.36
N ARG DA 144 -14.85 34.21 102.23
CA ARG DA 144 -16.15 34.46 102.85
C ARG DA 144 -17.13 35.12 101.89
N ASN DA 145 -16.66 35.67 100.78
CA ASN DA 145 -17.49 36.41 99.85
C ASN DA 145 -18.04 35.56 98.72
N HIS DA 146 -17.80 34.25 98.74
CA HIS DA 146 -18.27 33.40 97.65
C HIS DA 146 -19.63 32.81 97.97
N ILE DA 147 -20.34 32.42 96.91
CA ILE DA 147 -21.65 31.78 97.00
C ILE DA 147 -21.48 30.31 97.34
N GLU DA 148 -22.60 29.63 97.64
CA GLU DA 148 -22.65 28.28 98.21
C GLU DA 148 -21.91 27.23 97.40
N ASN DA 149 -22.38 26.96 96.18
CA ASN DA 149 -21.67 26.11 95.22
C ASN DA 149 -21.36 26.93 93.96
N GLN DA 150 -20.21 27.62 94.01
CA GLN DA 150 -19.83 28.63 93.03
C GLN DA 150 -19.63 28.02 91.65
N ASP DA 151 -18.80 26.98 91.56
CA ASP DA 151 -18.50 26.36 90.28
C ASP DA 151 -19.73 25.70 89.67
N GLU DA 152 -20.56 25.06 90.50
CA GLU DA 152 -21.76 24.40 90.02
C GLU DA 152 -22.76 25.43 89.45
N ARG DA 153 -22.96 26.54 90.17
CA ARG DA 153 -23.91 27.54 89.69
C ARG DA 153 -23.40 28.28 88.46
N VAL DA 154 -22.09 28.52 88.36
CA VAL DA 154 -21.57 29.24 87.20
C VAL DA 154 -21.55 28.35 85.97
N LEU DA 155 -21.17 27.07 86.12
CA LEU DA 155 -21.24 26.14 85.00
C LEU DA 155 -22.69 25.90 84.56
N ASN DA 156 -23.63 25.86 85.50
CA ASN DA 156 -25.04 25.76 85.13
C ASN DA 156 -25.53 27.02 84.45
N ALA DA 157 -25.03 28.20 84.85
CA ALA DA 157 -25.38 29.44 84.17
C ALA DA 157 -24.83 29.50 82.75
N ILE DA 158 -23.60 29.00 82.57
CA ILE DA 158 -22.99 28.93 81.24
C ILE DA 158 -23.80 28.02 80.33
N SER DA 159 -24.16 26.83 80.84
CA SER DA 159 -24.96 25.89 80.06
C SER DA 159 -26.36 26.43 79.80
N HIS DA 160 -26.93 27.17 80.76
CA HIS DA 160 -28.26 27.74 80.58
C HIS DA 160 -28.26 28.82 79.50
N ALA DA 161 -27.25 29.67 79.50
CA ALA DA 161 -27.17 30.71 78.48
C ALA DA 161 -26.88 30.11 77.10
N ARG DA 162 -25.90 29.21 77.02
CA ARG DA 162 -25.45 28.75 75.72
C ARG DA 162 -26.36 27.69 75.10
N LEU DA 163 -27.02 26.84 75.90
CA LEU DA 163 -27.77 25.75 75.28
C LEU DA 163 -29.23 25.71 75.75
N TRP DA 164 -29.46 25.91 77.05
CA TRP DA 164 -30.74 25.52 77.63
C TRP DA 164 -31.85 26.54 77.38
N HIS DA 165 -31.52 27.82 77.30
CA HIS DA 165 -32.56 28.86 77.36
C HIS DA 165 -33.39 28.98 76.08
N SER DA 166 -32.99 28.35 74.99
CA SER DA 166 -33.68 28.52 73.72
C SER DA 166 -34.24 27.18 73.25
N THR DA 167 -35.31 27.27 72.44
CA THR DA 167 -35.89 26.06 71.84
C THR DA 167 -34.97 25.49 70.77
N GLU DA 168 -34.24 26.36 70.08
CA GLU DA 168 -33.36 25.93 69.01
C GLU DA 168 -32.11 25.26 69.59
N ASP DA 169 -31.47 24.44 68.77
CA ASP DA 169 -30.27 23.73 69.21
C ASP DA 169 -29.07 24.67 69.28
N ILE DA 170 -29.00 25.65 68.38
CA ILE DA 170 -27.88 26.59 68.35
C ILE DA 170 -28.43 27.99 68.57
N PRO DA 171 -28.44 28.49 69.82
CA PRO DA 171 -28.90 29.87 70.06
C PRO DA 171 -27.92 30.89 69.51
N LYS DA 172 -28.45 32.04 69.12
CA LYS DA 172 -27.63 33.11 68.55
C LYS DA 172 -27.07 33.99 69.66
N ARG DA 173 -26.08 34.81 69.29
CA ARG DA 173 -25.33 35.58 70.29
C ARG DA 173 -26.18 36.69 70.90
N GLU DA 174 -27.11 37.27 70.13
CA GLU DA 174 -28.01 38.27 70.69
C GLU DA 174 -29.00 37.65 71.67
N THR DA 175 -29.19 36.34 71.60
CA THR DA 175 -29.94 35.65 72.63
C THR DA 175 -29.07 35.34 73.84
N TYR DA 176 -27.89 34.74 73.64
CA TYR DA 176 -27.20 34.22 74.81
C TYR DA 176 -26.35 35.26 75.54
N CYS DA 177 -26.07 36.43 74.95
CA CYS DA 177 -25.24 37.40 75.65
C CYS DA 177 -25.99 38.19 76.74
N PRO DA 178 -27.19 38.77 76.49
CA PRO DA 178 -27.92 39.34 77.63
C PRO DA 178 -28.38 38.31 78.64
N VAL DA 179 -28.58 37.05 78.22
CA VAL DA 179 -28.95 36.00 79.16
C VAL DA 179 -27.81 35.70 80.11
N ILE DA 180 -26.58 35.59 79.60
CA ILE DA 180 -25.44 35.31 80.49
C ILE DA 180 -25.12 36.53 81.35
N VAL DA 181 -25.33 37.74 80.83
CA VAL DA 181 -25.12 38.94 81.65
C VAL DA 181 -26.14 39.02 82.78
N ASP DA 182 -27.43 38.85 82.46
CA ASP DA 182 -28.47 38.91 83.47
C ASP DA 182 -28.37 37.75 84.47
N SER DA 183 -27.88 36.60 84.01
CA SER DA 183 -27.70 35.46 84.90
C SER DA 183 -26.56 35.73 85.89
N LEU DA 184 -25.48 36.36 85.42
CA LEU DA 184 -24.39 36.72 86.33
C LEU DA 184 -24.83 37.82 87.30
N ILE DA 185 -25.68 38.74 86.84
CA ILE DA 185 -26.24 39.76 87.73
C ILE DA 185 -27.14 39.13 88.79
N GLN DA 186 -27.91 38.11 88.41
CA GLN DA 186 -28.73 37.40 89.39
C GLN DA 186 -27.87 36.62 90.39
N LEU DA 187 -26.78 36.01 89.89
CA LEU DA 187 -25.87 35.26 90.76
C LEU DA 187 -25.18 36.16 91.78
N CYS DA 188 -24.75 37.36 91.37
CA CYS DA 188 -24.15 38.26 92.35
C CYS DA 188 -25.21 39.03 93.14
N LYS DA 189 -26.45 39.05 92.67
CA LYS DA 189 -27.56 39.65 93.40
C LYS DA 189 -28.03 38.75 94.53
N SER DA 190 -27.79 37.45 94.42
CA SER DA 190 -28.17 36.49 95.46
C SER DA 190 -27.38 36.67 96.76
N GLN DA 191 -26.31 37.47 96.77
CA GLN DA 191 -25.49 37.72 97.95
C GLN DA 191 -26.09 38.74 98.91
N ILE DA 192 -27.29 39.24 98.62
CA ILE DA 192 -27.89 40.33 99.40
C ILE DA 192 -28.31 39.86 100.79
N LEU DA 193 -28.53 38.56 100.98
CA LEU DA 193 -28.90 38.06 102.31
C LEU DA 193 -27.70 38.09 103.26
N LYS DA 194 -26.50 37.77 102.76
CA LYS DA 194 -25.31 37.91 103.59
C LYS DA 194 -24.86 39.36 103.70
N HIS DA 195 -25.02 40.15 102.63
CA HIS DA 195 -24.63 41.56 102.62
C HIS DA 195 -25.86 42.41 102.31
N PRO DA 196 -26.56 42.92 103.34
CA PRO DA 196 -27.79 43.69 103.14
C PRO DA 196 -27.56 45.17 102.82
N SER DA 197 -26.58 45.44 101.96
CA SER DA 197 -26.32 46.78 101.45
C SER DA 197 -26.46 46.84 99.93
N LEU DA 198 -26.80 45.73 99.29
CA LEU DA 198 -27.03 45.68 97.85
C LEU DA 198 -28.43 46.15 97.48
N ALA DA 199 -29.30 46.42 98.46
CA ALA DA 199 -30.62 46.95 98.22
C ALA DA 199 -30.61 48.46 98.00
N ARG DA 200 -29.44 49.10 98.10
CA ARG DA 200 -29.27 50.52 97.79
C ARG DA 200 -29.02 50.76 96.31
N ARG DA 201 -29.21 49.75 95.46
CA ARG DA 201 -28.93 49.82 94.03
C ARG DA 201 -30.19 49.54 93.21
N ILE DA 202 -30.10 49.88 91.93
CA ILE DA 202 -31.20 49.68 90.99
C ILE DA 202 -30.58 49.65 89.58
N CYS DA 203 -31.29 49.04 88.63
CA CYS DA 203 -30.87 48.99 87.24
C CYS DA 203 -31.65 50.01 86.41
N ALA DA 204 -31.02 50.49 85.35
CA ALA DA 204 -31.62 51.47 84.45
C ALA DA 204 -31.30 51.08 83.00
N GLN DA 205 -32.16 51.51 82.08
CA GLN DA 205 -32.09 51.11 80.68
C GLN DA 205 -32.20 52.35 79.79
N ASN DA 206 -31.54 52.26 78.62
CA ASN DA 206 -31.65 53.10 77.40
C ASN DA 206 -31.88 54.59 77.71
N ASN DA 207 -31.01 55.10 78.58
CA ASN DA 207 -31.07 56.49 79.02
C ASN DA 207 -30.38 57.42 78.04
N THR DA 208 -30.66 58.71 78.15
CA THR DA 208 -30.00 59.69 77.31
C THR DA 208 -28.86 60.33 78.09
N LEU DA 209 -27.63 60.12 77.61
CA LEU DA 209 -26.43 60.64 78.25
C LEU DA 209 -25.78 61.65 77.31
N SER DA 210 -25.42 62.82 77.86
CA SER DA 210 -24.69 63.84 77.14
C SER DA 210 -23.64 64.43 78.07
N ALA DA 211 -22.39 64.46 77.61
CA ALA DA 211 -21.28 65.07 78.36
C ALA DA 211 -20.37 65.76 77.36
N THR DA 212 -20.29 67.09 77.47
CA THR DA 212 -19.53 67.92 76.53
C THR DA 212 -18.40 68.62 77.25
N TRP DA 213 -17.20 68.59 76.67
CA TRP DA 213 -16.05 69.29 77.21
C TRP DA 213 -15.10 69.68 76.09
N ASN DA 214 -14.03 70.38 76.47
CA ASN DA 214 -13.03 70.86 75.54
C ASN DA 214 -11.72 70.19 75.91
N ARG DA 215 -11.03 69.63 74.90
CA ARG DA 215 -9.77 68.94 75.11
C ARG DA 215 -8.80 69.36 74.02
N GLU DA 216 -7.93 70.33 74.35
CA GLU DA 216 -6.87 70.86 73.48
C GLU DA 216 -7.48 71.43 72.18
N SER DA 217 -8.20 72.53 72.35
CA SER DA 217 -8.74 73.43 71.32
C SER DA 217 -9.80 72.79 70.42
N ILE DA 218 -10.27 71.58 70.70
CA ILE DA 218 -11.35 70.96 69.96
C ILE DA 218 -12.43 70.53 70.95
N LEU DA 219 -13.68 70.52 70.48
CA LEU DA 219 -14.84 70.29 71.34
C LEU DA 219 -15.30 68.84 71.20
N LEU DA 220 -15.28 68.10 72.30
CA LEU DA 220 -15.72 66.71 72.32
C LEU DA 220 -17.00 66.58 73.10
N GLN DA 221 -17.80 65.58 72.76
CA GLN DA 221 -19.03 65.27 73.46
C GLN DA 221 -19.33 63.79 73.31
N VAL DA 222 -19.53 63.10 74.43
CA VAL DA 222 -20.04 61.74 74.39
C VAL DA 222 -21.55 61.82 74.63
N HIS DA 223 -22.32 61.17 73.76
CA HIS DA 223 -23.76 61.30 73.80
C HIS DA 223 -24.39 60.04 73.21
N GLY DA 224 -25.40 59.53 73.88
CA GLY DA 224 -26.08 58.35 73.41
C GLY DA 224 -26.74 57.62 74.57
N SER DA 225 -26.56 56.30 74.58
CA SER DA 225 -27.21 55.41 75.53
C SER DA 225 -26.24 54.34 75.98
N SER DA 226 -26.68 53.53 76.93
CA SER DA 226 -25.97 52.33 77.35
C SER DA 226 -26.92 51.13 77.33
N GLY DA 227 -26.35 49.94 77.51
CA GLY DA 227 -27.15 48.74 77.59
C GLY DA 227 -27.92 48.64 78.90
N ALA DA 228 -27.21 48.47 80.01
CA ALA DA 228 -27.81 48.48 81.32
C ALA DA 228 -26.86 49.16 82.29
N ARG DA 229 -27.40 50.04 83.14
CA ARG DA 229 -26.58 50.88 84.00
C ARG DA 229 -27.04 50.73 85.44
N LEU DA 230 -26.10 50.44 86.32
CA LEU DA 230 -26.39 50.21 87.73
C LEU DA 230 -26.16 51.50 88.51
N ASN DA 231 -27.15 51.93 89.28
CA ASN DA 231 -27.01 53.10 90.15
C ASN DA 231 -27.27 52.74 91.60
N ALA DA 232 -26.75 53.58 92.50
CA ALA DA 232 -26.87 53.40 93.94
C ALA DA 232 -27.14 54.74 94.61
N LYS DA 233 -27.65 54.63 95.85
CA LYS DA 233 -27.83 55.81 96.70
C LYS DA 233 -26.51 56.44 97.13
N ASP DA 234 -25.53 55.63 97.48
CA ASP DA 234 -24.28 56.13 98.04
C ASP DA 234 -23.18 56.15 96.99
N PRO DA 235 -22.26 57.12 97.05
CA PRO DA 235 -21.13 57.13 96.11
C PRO DA 235 -20.12 56.04 96.42
N LEU DA 236 -19.26 55.73 95.46
CA LEU DA 236 -18.23 54.74 95.66
C LEU DA 236 -16.98 55.40 96.20
N PRO DA 237 -16.31 54.81 97.20
CA PRO DA 237 -15.14 55.47 97.82
C PRO DA 237 -13.97 55.56 96.85
N PRO DA 238 -13.09 56.54 97.04
CA PRO DA 238 -11.89 56.64 96.18
C PRO DA 238 -10.97 55.46 96.40
N VAL DA 239 -10.31 55.04 95.32
CA VAL DA 239 -9.61 53.76 95.29
C VAL DA 239 -8.10 53.92 95.11
N ALA DA 240 -7.65 55.06 94.59
CA ALA DA 240 -6.23 55.30 94.34
C ALA DA 240 -5.65 56.18 95.44
N SER DA 241 -4.40 55.90 95.80
CA SER DA 241 -3.73 56.65 96.85
C SER DA 241 -3.19 57.97 96.30
N GLN DA 242 -2.89 58.87 97.24
CA GLN DA 242 -2.34 60.18 96.87
C GLN DA 242 -0.94 60.06 96.30
N GLU DA 243 -0.20 59.01 96.67
CA GLU DA 243 1.07 58.71 96.02
C GLU DA 243 0.87 58.37 94.55
N GLU DA 244 -0.18 57.60 94.23
CA GLU DA 244 -0.49 57.29 92.85
C GLU DA 244 -0.94 58.53 92.08
N VAL DA 245 -1.71 59.41 92.75
CA VAL DA 245 -2.12 60.66 92.12
C VAL DA 245 -0.93 61.57 91.83
N GLU DA 246 0.02 61.64 92.76
CA GLU DA 246 1.22 62.45 92.55
C GLU DA 246 2.16 61.84 91.52
N ALA DA 247 2.24 60.51 91.43
CA ALA DA 247 3.06 59.88 90.40
C ALA DA 247 2.39 59.93 89.03
N THR DA 248 1.08 60.15 89.00
CA THR DA 248 0.37 60.33 87.75
C THR DA 248 0.65 61.70 87.13
N LYS DA 249 1.06 62.67 87.97
CA LYS DA 249 1.29 64.04 87.51
C LYS DA 249 2.45 64.14 86.53
N ASN DA 250 3.54 63.43 86.77
CA ASN DA 250 4.70 63.49 85.90
C ASN DA 250 4.66 62.46 84.78
N HIS DA 251 3.59 61.69 84.68
CA HIS DA 251 3.39 60.78 83.56
C HIS DA 251 3.09 61.56 82.29
N VAL DA 252 3.75 61.21 81.20
CA VAL DA 252 3.53 61.86 79.92
C VAL DA 252 2.55 61.00 79.10
N LEU DA 253 1.59 61.66 78.46
CA LEU DA 253 0.63 60.95 77.63
C LEU DA 253 1.30 60.50 76.34
N GLU DA 254 1.00 59.28 75.91
CA GLU DA 254 1.53 58.79 74.64
C GLU DA 254 0.87 59.54 73.49
N THR DA 255 1.67 59.89 72.50
CA THR DA 255 1.21 60.65 71.34
C THR DA 255 1.46 59.84 70.07
N PHE DA 256 0.60 60.08 69.08
CA PHE DA 256 0.67 59.39 67.80
C PHE DA 256 0.43 60.40 66.69
N TYR DA 257 1.40 60.51 65.78
CA TYR DA 257 1.46 61.66 64.87
C TYR DA 257 0.46 61.60 63.71
N PRO DA 258 0.47 60.59 62.82
CA PRO DA 258 -0.27 60.76 61.55
C PRO DA 258 -1.78 60.69 61.70
N ILE DA 259 -2.30 59.93 62.65
CA ILE DA 259 -3.72 59.92 62.94
C ILE DA 259 -3.98 61.04 63.94
N SER DA 260 -4.99 61.87 63.68
CA SER DA 260 -5.42 62.81 64.68
C SER DA 260 -6.26 62.09 65.74
N PRO DA 261 -6.25 62.56 67.00
CA PRO DA 261 -7.06 61.91 68.03
C PRO DA 261 -8.57 62.07 67.82
N THR DA 262 -8.98 62.97 66.92
CA THR DA 262 -10.37 63.14 66.53
C THR DA 262 -10.94 61.88 65.87
N MET DA 263 -10.12 61.16 65.10
CA MET DA 263 -10.56 60.13 64.15
C MET DA 263 -11.35 59.00 64.80
N GLY DA 264 -12.51 58.71 64.22
CA GLY DA 264 -13.45 57.76 64.76
C GLY DA 264 -14.70 58.37 65.34
N LEU DA 265 -14.66 59.65 65.69
CA LEU DA 265 -15.83 60.34 66.23
C LEU DA 265 -16.68 60.87 65.07
N GLN DA 266 -17.89 61.33 65.38
CA GLN DA 266 -18.81 61.83 64.36
C GLN DA 266 -18.82 63.35 64.43
N GLU DA 267 -18.53 63.99 63.30
CA GLU DA 267 -18.61 65.46 63.21
C GLU DA 267 -20.07 65.88 63.22
N CYS DA 268 -20.41 66.85 64.08
CA CYS DA 268 -21.75 67.37 64.16
C CYS DA 268 -21.70 68.87 64.31
N ASN DA 269 -22.56 69.57 63.57
CA ASN DA 269 -22.70 71.00 63.68
C ASN DA 269 -23.89 71.42 64.52
N VAL DA 270 -24.73 70.47 64.93
CA VAL DA 270 -25.84 70.72 65.83
C VAL DA 270 -25.64 69.89 67.10
N TYR DA 271 -25.79 70.56 68.26
CA TYR DA 271 -25.54 70.01 69.59
C TYR DA 271 -25.98 71.05 70.62
N ASP DA 272 -26.00 70.64 71.88
CA ASP DA 272 -26.21 71.55 73.00
C ASP DA 272 -25.09 71.39 74.02
N VAL DA 273 -24.56 72.51 74.50
CA VAL DA 273 -23.50 72.51 75.49
C VAL DA 273 -24.19 72.50 76.85
N ASN DA 274 -24.61 71.30 77.27
CA ASN DA 274 -25.26 71.07 78.55
C ASN DA 274 -25.05 69.61 78.91
N ASP DA 275 -24.45 69.36 80.06
CA ASP DA 275 -24.20 67.98 80.48
C ASP DA 275 -25.51 67.36 80.96
N ASP DA 276 -25.94 66.33 80.26
CA ASP DA 276 -27.26 65.73 80.47
C ASP DA 276 -27.07 64.26 80.84
N THR DA 277 -27.26 63.95 82.11
CA THR DA 277 -27.46 62.57 82.51
C THR DA 277 -28.93 62.22 82.33
N GLY DA 278 -29.23 60.92 82.37
CA GLY DA 278 -30.57 60.45 82.08
C GLY DA 278 -31.56 60.63 83.21
N PHE DA 279 -31.08 61.13 84.35
CA PHE DA 279 -31.86 61.24 85.57
C PHE DA 279 -31.99 62.71 85.94
N GLN DA 280 -33.17 63.11 86.40
CA GLN DA 280 -33.39 64.50 86.73
C GLN DA 280 -33.07 64.75 88.20
N GLU DA 281 -33.42 65.95 88.67
CA GLU DA 281 -33.03 66.40 90.00
C GLU DA 281 -33.79 65.66 91.10
N GLY DA 282 -33.12 65.45 92.22
CA GLY DA 282 -33.73 64.78 93.35
C GLY DA 282 -33.91 63.29 93.21
N TYR DA 283 -33.12 62.63 92.36
CA TYR DA 283 -33.29 61.20 92.14
C TYR DA 283 -32.72 60.44 93.33
N PRO DA 284 -33.44 59.44 93.86
CA PRO DA 284 -32.96 58.77 95.09
C PRO DA 284 -31.72 57.91 94.92
N TYR DA 285 -31.34 57.56 93.69
CA TYR DA 285 -30.18 56.69 93.42
C TYR DA 285 -29.20 57.46 92.54
N PRO DA 286 -28.46 58.42 93.11
CA PRO DA 286 -27.74 59.37 92.26
C PRO DA 286 -26.44 58.86 91.66
N CYS DA 287 -25.73 57.91 92.28
CA CYS DA 287 -24.38 57.60 91.81
C CYS DA 287 -24.31 56.28 91.07
N PRO DA 288 -24.02 56.27 89.78
CA PRO DA 288 -23.79 54.99 89.06
C PRO DA 288 -22.57 54.26 89.57
N HIS DA 289 -22.74 52.95 89.73
CA HIS DA 289 -21.68 52.12 90.30
C HIS DA 289 -21.11 51.19 89.24
N THR DA 290 -21.91 50.66 88.31
CA THR DA 290 -21.39 49.83 87.23
C THR DA 290 -22.17 50.06 85.94
N LEU DA 291 -21.43 50.19 84.84
CA LEU DA 291 -21.96 50.14 83.49
C LEU DA 291 -21.78 48.74 82.91
N TYR DA 292 -22.69 48.31 82.05
CA TYR DA 292 -22.64 47.02 81.40
C TYR DA 292 -22.76 47.22 79.90
N PHE DA 293 -21.81 46.67 79.15
CA PHE DA 293 -21.73 46.87 77.70
C PHE DA 293 -21.89 45.51 77.01
N LEU DA 294 -22.83 45.44 76.08
CA LEU DA 294 -23.21 44.21 75.42
C LEU DA 294 -22.82 44.24 73.96
N GLU DA 295 -22.23 43.15 73.48
CA GLU DA 295 -21.97 42.96 72.05
C GLU DA 295 -22.84 41.81 71.56
N SER DA 296 -24.04 42.14 71.10
CA SER DA 296 -25.05 41.17 70.72
C SER DA 296 -25.23 41.18 69.21
N ALA DA 297 -24.40 40.41 68.50
CA ALA DA 297 -24.49 40.33 67.05
C ALA DA 297 -23.91 39.00 66.60
N ASN DA 298 -24.41 38.50 65.46
CA ASN DA 298 -23.88 37.27 64.91
C ASN DA 298 -22.55 37.49 64.19
N LEU DA 299 -22.53 38.43 63.25
CA LEU DA 299 -21.38 38.53 62.36
C LEU DA 299 -20.21 39.23 63.03
N ARG DA 300 -19.01 38.79 62.66
CA ARG DA 300 -17.77 39.39 63.14
C ARG DA 300 -17.59 40.88 62.80
N PRO DA 301 -17.89 41.39 61.58
CA PRO DA 301 -17.75 42.84 61.38
C PRO DA 301 -18.73 43.70 62.16
N ARG DA 302 -19.86 43.15 62.62
CA ARG DA 302 -20.77 43.97 63.42
C ARG DA 302 -20.30 44.17 64.85
N ARG DA 303 -19.68 43.16 65.45
CA ARG DA 303 -19.19 43.31 66.81
C ARG DA 303 -17.94 44.17 66.83
N PHE DA 304 -17.69 44.79 67.99
CA PHE DA 304 -16.53 45.63 68.19
C PHE DA 304 -15.29 44.77 68.34
N GLN DA 305 -14.15 45.31 67.91
CA GLN DA 305 -12.88 44.74 68.31
C GLN DA 305 -12.68 45.01 69.80
N PRO DA 306 -11.88 44.20 70.50
CA PRO DA 306 -11.68 44.43 71.95
C PRO DA 306 -11.07 45.79 72.30
N ASP DA 307 -10.16 46.32 71.48
CA ASP DA 307 -9.62 47.65 71.73
C ASP DA 307 -10.69 48.72 71.59
N GLN DA 308 -11.57 48.57 70.59
CA GLN DA 308 -12.69 49.48 70.40
C GLN DA 308 -13.67 49.38 71.57
N LEU DA 309 -13.86 48.17 72.10
CA LEU DA 309 -14.75 47.97 73.24
C LEU DA 309 -14.20 48.65 74.49
N ARG DA 310 -12.89 48.48 74.74
CA ARG DA 310 -12.25 49.20 75.85
C ARG DA 310 -12.37 50.70 75.70
N ALA DA 311 -12.15 51.21 74.48
CA ALA DA 311 -12.27 52.66 74.22
C ALA DA 311 -13.67 53.17 74.51
N LYS DA 312 -14.68 52.37 74.13
CA LYS DA 312 -16.06 52.72 74.38
C LYS DA 312 -16.36 52.78 75.88
N MET DA 313 -15.85 51.82 76.65
CA MET DA 313 -16.07 51.90 78.10
C MET DA 313 -15.32 53.05 78.76
N ILE DA 314 -14.08 53.34 78.32
CA ILE DA 314 -13.33 54.49 78.86
C ILE DA 314 -14.13 55.77 78.65
N LEU DA 315 -14.62 55.99 77.44
CA LEU DA 315 -15.19 57.31 77.17
C LEU DA 315 -16.61 57.42 77.71
N PHE DA 316 -17.38 56.32 77.74
CA PHE DA 316 -18.70 56.36 78.36
C PHE DA 316 -18.62 56.47 79.88
N ALA DA 317 -17.67 55.75 80.51
CA ALA DA 317 -17.51 55.84 81.95
C ALA DA 317 -17.02 57.21 82.35
N PHE DA 318 -16.17 57.82 81.53
CA PHE DA 318 -15.77 59.20 81.77
C PHE DA 318 -16.94 60.16 81.58
N GLY DA 319 -17.85 59.85 80.65
CA GLY DA 319 -19.03 60.70 80.48
C GLY DA 319 -19.93 60.68 81.70
N SER DA 320 -20.17 59.49 82.24
CA SER DA 320 -20.97 59.37 83.47
C SER DA 320 -20.26 60.01 84.67
N ALA DA 321 -18.95 59.80 84.77
CA ALA DA 321 -18.18 60.38 85.87
C ALA DA 321 -18.13 61.91 85.78
N LEU DA 322 -18.02 62.45 84.57
CA LEU DA 322 -18.00 63.89 84.39
C LEU DA 322 -19.37 64.50 84.65
N ALA DA 323 -20.43 63.77 84.30
CA ALA DA 323 -21.79 64.20 84.65
C ALA DA 323 -21.96 64.28 86.16
N GLN DA 324 -21.43 63.27 86.87
CA GLN DA 324 -21.44 63.28 88.33
C GLN DA 324 -20.65 64.45 88.90
N ALA DA 325 -19.42 64.62 88.42
CA ALA DA 325 -18.49 65.57 89.03
C ALA DA 325 -18.79 67.00 88.61
N ARG DA 326 -19.65 67.20 87.62
CA ARG DA 326 -20.10 68.56 87.37
C ARG DA 326 -21.47 68.84 87.96
N LEU DA 327 -22.34 67.83 88.10
CA LEU DA 327 -23.60 68.03 88.79
C LEU DA 327 -23.41 68.32 90.27
N LEU DA 328 -22.46 67.62 90.91
CA LEU DA 328 -22.23 67.84 92.34
C LEU DA 328 -21.32 69.03 92.65
N TYR DA 329 -20.65 69.61 91.64
CA TYR DA 329 -19.66 70.64 91.96
C TYR DA 329 -19.93 71.97 91.25
N GLY DA 330 -20.33 71.93 89.99
CA GLY DA 330 -20.55 73.14 89.23
C GLY DA 330 -19.68 73.20 87.98
N ASN DA 331 -19.98 74.19 87.13
CA ASN DA 331 -19.40 74.26 85.80
C ASN DA 331 -17.94 74.68 85.80
N ASP DA 332 -17.40 75.12 86.94
CA ASP DA 332 -16.00 75.52 87.02
C ASP DA 332 -15.07 74.33 86.87
N SER DA 333 -13.98 74.53 86.14
CA SER DA 333 -13.02 73.47 85.85
C SER DA 333 -11.91 73.53 86.90
N LYS DA 334 -11.75 72.44 87.66
CA LYS DA 334 -10.79 72.38 88.74
C LYS DA 334 -10.45 70.92 89.03
N VAL DA 335 -9.39 70.73 89.80
CA VAL DA 335 -9.07 69.39 90.29
C VAL DA 335 -10.08 68.99 91.35
N LEU DA 336 -10.25 67.68 91.53
CA LEU DA 336 -11.25 67.14 92.45
C LEU DA 336 -10.56 66.71 93.74
N GLU DA 337 -11.01 67.26 94.87
CA GLU DA 337 -10.52 66.80 96.16
C GLU DA 337 -11.19 65.50 96.56
N GLN DA 338 -12.33 65.17 95.95
CA GLN DA 338 -13.05 63.92 96.18
C GLN DA 338 -13.18 63.23 94.83
N PRO DA 339 -12.46 62.13 94.60
CA PRO DA 339 -12.49 61.48 93.29
C PRO DA 339 -13.82 60.80 93.00
N VAL DA 340 -14.10 60.56 91.72
CA VAL DA 340 -15.33 59.89 91.30
C VAL DA 340 -14.97 58.58 90.64
N VAL DA 341 -15.47 57.47 91.18
CA VAL DA 341 -15.09 56.14 90.73
C VAL DA 341 -16.29 55.47 90.06
N VAL DA 342 -16.13 55.13 88.78
CA VAL DA 342 -17.16 54.45 88.00
C VAL DA 342 -16.57 53.19 87.39
N GLN DA 343 -17.27 52.07 87.56
CA GLN DA 343 -16.82 50.79 87.04
C GLN DA 343 -17.65 50.39 85.85
N SER DA 344 -17.10 49.50 85.03
CA SER DA 344 -17.83 48.98 83.87
C SER DA 344 -17.31 47.61 83.47
N VAL DA 345 -18.21 46.81 82.91
CA VAL DA 345 -17.90 45.48 82.40
C VAL DA 345 -18.35 45.41 80.94
N GLY DA 346 -17.42 45.05 80.07
CA GLY DA 346 -17.75 44.82 78.67
C GLY DA 346 -17.77 43.34 78.39
N THR DA 347 -18.79 42.92 77.64
CA THR DA 347 -19.07 41.50 77.49
C THR DA 347 -19.22 41.14 76.02
N ASP DA 348 -18.51 40.08 75.61
CA ASP DA 348 -18.74 39.46 74.31
C ASP DA 348 -19.66 38.25 74.43
N GLY DA 349 -19.69 37.61 75.59
CA GLY DA 349 -20.40 36.38 75.83
C GLY DA 349 -19.49 35.21 76.13
N ARG DA 350 -18.19 35.36 75.85
CA ARG DA 350 -17.16 34.38 76.12
C ARG DA 350 -15.93 35.01 76.76
N LEU DA 351 -15.71 36.29 76.50
CA LEU DA 351 -14.47 36.98 76.81
C LEU DA 351 -14.85 38.37 77.31
N PHE DA 352 -14.38 38.70 78.51
CA PHE DA 352 -14.84 39.86 79.26
C PHE DA 352 -13.71 40.88 79.37
N GLN DA 353 -14.10 42.15 79.55
CA GLN DA 353 -13.17 43.23 79.82
C GLN DA 353 -13.67 43.96 81.06
N PHE DA 354 -12.76 44.32 81.96
CA PHE DA 354 -13.13 44.97 83.21
C PHE DA 354 -12.45 46.32 83.36
N LEU DA 355 -13.21 47.32 83.83
CA LEU DA 355 -12.75 48.69 84.00
C LEU DA 355 -13.16 49.26 85.33
N VAL DA 356 -12.20 49.88 86.03
CA VAL DA 356 -12.47 50.82 87.11
C VAL DA 356 -11.83 52.14 86.72
N LEU DA 357 -12.63 53.21 86.63
CA LEU DA 357 -12.15 54.51 86.19
C LEU DA 357 -12.31 55.50 87.33
N GLN DA 358 -11.22 56.17 87.71
CA GLN DA 358 -11.25 57.20 88.73
C GLN DA 358 -11.01 58.55 88.07
N LEU DA 359 -11.98 59.46 88.23
CA LEU DA 359 -11.94 60.81 87.69
C LEU DA 359 -11.45 61.74 88.79
N ASN DA 360 -10.46 62.58 88.47
CA ASN DA 360 -9.81 63.49 89.39
C ASN DA 360 -9.74 64.92 88.88
N THR DA 361 -10.00 65.15 87.59
CA THR DA 361 -9.63 66.42 86.95
C THR DA 361 -10.69 66.83 85.94
N THR DA 362 -11.16 68.07 86.06
CA THR DA 362 -12.11 68.65 85.11
C THR DA 362 -11.43 69.49 84.02
N ASP DA 363 -10.39 70.24 84.35
CA ASP DA 363 -9.74 71.16 83.42
C ASP DA 363 -8.86 70.46 82.39
N LEU DA 364 -9.49 69.75 81.45
CA LEU DA 364 -8.78 68.97 80.44
C LEU DA 364 -8.24 69.81 79.29
N ALA DA 365 -8.38 71.14 79.34
CA ALA DA 365 -7.83 71.98 78.28
C ALA DA 365 -6.30 71.95 78.29
N SER DA 366 -5.70 71.96 79.48
CA SER DA 366 -4.26 71.83 79.60
C SER DA 366 -3.85 70.37 79.58
N ASP DA 367 -2.63 70.12 79.12
CA ASP DA 367 -2.06 68.78 79.06
C ASP DA 367 -1.03 68.50 80.15
N GLU DA 368 -0.81 69.45 81.06
CA GLU DA 368 0.25 69.35 82.05
C GLU DA 368 -0.26 69.02 83.45
N GLY DA 369 -1.56 69.18 83.69
CA GLY DA 369 -2.12 69.01 85.02
C GLY DA 369 -2.24 67.57 85.46
N VAL DA 370 -3.05 67.35 86.50
CA VAL DA 370 -3.27 66.03 87.06
C VAL DA 370 -4.07 65.19 86.09
N LYS DA 371 -3.59 63.99 85.81
CA LYS DA 371 -4.32 63.04 84.98
C LYS DA 371 -5.15 62.11 85.85
N ASN DA 372 -6.26 61.64 85.28
CA ASN DA 372 -7.12 60.68 85.96
C ASN DA 372 -6.55 59.27 85.83
N LEU DA 373 -7.23 58.29 86.40
CA LEU DA 373 -6.71 56.93 86.43
C LEU DA 373 -7.73 55.94 85.86
N ALA DA 374 -7.23 54.84 85.28
CA ALA DA 374 -8.10 53.80 84.76
C ALA DA 374 -7.42 52.44 84.83
N TRP DA 375 -8.01 51.52 85.58
CA TRP DA 375 -7.56 50.14 85.70
C TRP DA 375 -8.36 49.28 84.74
N VAL DA 376 -7.65 48.58 83.83
CA VAL DA 376 -8.29 47.75 82.81
C VAL DA 376 -7.71 46.35 82.87
N ASP DA 377 -8.55 45.36 83.21
CA ASP DA 377 -8.22 43.97 82.93
C ASP DA 377 -8.73 43.62 81.53
N SER DA 378 -7.83 43.09 80.72
CA SER DA 378 -8.04 42.89 79.29
C SER DA 378 -8.15 41.40 78.97
N ASP DA 379 -9.23 41.05 78.25
CA ASP DA 379 -9.42 39.74 77.63
C ASP DA 379 -9.44 38.60 78.65
N GLN DA 380 -10.28 38.74 79.67
CA GLN DA 380 -10.48 37.70 80.66
C GLN DA 380 -11.42 36.65 80.09
N LEU DA 381 -10.89 35.47 79.82
CA LEU DA 381 -11.67 34.43 79.17
C LEU DA 381 -12.48 33.65 80.21
N LEU DA 382 -13.81 33.70 80.11
CA LEU DA 382 -14.59 33.03 81.13
C LEU DA 382 -14.79 31.55 80.81
N TYR DA 383 -14.73 31.19 79.53
CA TYR DA 383 -14.64 29.80 79.10
C TYR DA 383 -14.00 29.77 77.73
N GLN DA 384 -13.36 28.65 77.41
CA GLN DA 384 -12.65 28.55 76.13
C GLN DA 384 -13.63 28.30 74.98
N HIS DA 385 -14.36 27.19 75.02
CA HIS DA 385 -15.26 26.81 73.95
C HIS DA 385 -16.43 26.02 74.53
N PHE DA 386 -17.52 25.99 73.77
CA PHE DA 386 -18.74 25.28 74.14
C PHE DA 386 -19.13 24.34 73.03
N TRP DA 387 -19.62 23.16 73.40
CA TRP DA 387 -20.16 22.18 72.46
C TRP DA 387 -21.65 22.03 72.71
N CYS DA 388 -22.47 22.51 71.78
CA CYS DA 388 -23.92 22.39 71.92
C CYS DA 388 -24.39 20.99 71.57
N LEU DA 389 -23.75 20.35 70.59
CA LEU DA 389 -24.07 18.99 70.19
C LEU DA 389 -22.84 18.10 70.43
N PRO DA 390 -23.04 16.83 70.78
CA PRO DA 390 -21.89 15.96 71.01
C PRO DA 390 -21.20 15.57 69.70
N VAL DA 391 -19.90 15.83 69.63
CA VAL DA 391 -19.10 15.52 68.46
C VAL DA 391 -18.75 14.04 68.50
N ILE DA 392 -18.89 13.36 67.36
CA ILE DA 392 -18.64 11.93 67.24
C ILE DA 392 -17.59 11.70 66.18
N LYS DA 393 -16.50 11.05 66.57
CA LYS DA 393 -15.41 10.70 65.66
C LYS DA 393 -15.17 9.20 65.79
N LYS DA 394 -15.23 8.49 64.64
CA LYS DA 394 -15.09 7.02 64.56
C LYS DA 394 -16.10 6.30 65.45
N LYS DA 395 -17.36 6.75 65.37
CA LYS DA 395 -18.54 6.15 66.00
C LYS DA 395 -18.47 6.12 67.53
N VAL DA 396 -17.64 6.96 68.14
CA VAL DA 396 -17.62 7.12 69.60
C VAL DA 396 -17.61 8.61 69.92
N VAL DA 397 -18.03 8.91 71.15
CA VAL DA 397 -18.11 10.29 71.62
C VAL DA 397 -16.76 10.68 72.21
N VAL DA 398 -16.08 11.63 71.58
CA VAL DA 398 -14.76 12.03 72.04
C VAL DA 398 -14.85 13.20 73.03
N GLU DA 399 -15.83 14.08 72.84
CA GLU DA 399 -16.03 15.21 73.73
C GLU DA 399 -17.49 15.32 74.11
N PRO DA 400 -17.81 15.45 75.39
CA PRO DA 400 -19.22 15.50 75.80
C PRO DA 400 -19.81 16.89 75.64
N VAL DA 401 -21.10 16.98 75.94
CA VAL DA 401 -21.86 18.22 75.84
C VAL DA 401 -21.45 19.12 77.00
N GLY DA 402 -21.26 20.41 76.71
CA GLY DA 402 -20.94 21.36 77.74
C GLY DA 402 -19.70 22.17 77.42
N PRO DA 403 -19.40 23.16 78.25
CA PRO DA 403 -18.25 24.04 77.97
C PRO DA 403 -16.92 23.37 78.30
N ILE DA 404 -15.94 23.63 77.45
CA ILE DA 404 -14.58 23.10 77.61
C ILE DA 404 -13.73 24.23 78.16
N GLY DA 405 -13.08 23.97 79.30
CA GLY DA 405 -12.23 24.97 79.92
C GLY DA 405 -13.03 25.97 80.74
N PHE DA 406 -12.56 26.28 81.94
CA PHE DA 406 -13.29 27.17 82.83
C PHE DA 406 -12.32 27.93 83.71
N GLN DA 407 -12.51 29.23 83.82
CA GLN DA 407 -11.65 30.09 84.65
C GLN DA 407 -12.52 30.86 85.64
N PRO DA 408 -12.56 30.46 86.91
CA PRO DA 408 -13.42 31.15 87.88
C PRO DA 408 -12.89 32.50 88.34
N GLU DA 409 -11.67 32.87 87.95
CA GLU DA 409 -11.11 34.17 88.36
C GLU DA 409 -11.85 35.31 87.68
N THR DA 410 -12.41 35.06 86.50
CA THR DA 410 -13.24 36.05 85.82
C THR DA 410 -14.51 36.33 86.61
N PHE DA 411 -15.16 35.28 87.12
CA PHE DA 411 -16.34 35.45 87.95
C PHE DA 411 -15.95 36.13 89.26
N ARG DA 412 -14.76 35.80 89.79
CA ARG DA 412 -14.30 36.41 91.03
C ARG DA 412 -14.09 37.91 90.87
N LYS DA 413 -13.53 38.33 89.73
CA LYS DA 413 -13.39 39.75 89.44
C LYS DA 413 -14.74 40.42 89.23
N PHE DA 414 -15.68 39.74 88.56
CA PHE DA 414 -17.02 40.27 88.38
C PHE DA 414 -17.75 40.44 89.71
N LEU DA 415 -17.58 39.47 90.60
CA LEU DA 415 -18.22 39.52 91.91
C LEU DA 415 -17.60 40.62 92.78
N ALA DA 416 -16.29 40.82 92.66
CA ALA DA 416 -15.64 41.91 93.39
C ALA DA 416 -16.11 43.27 92.87
N LEU DA 417 -16.26 43.39 91.54
CA LEU DA 417 -16.78 44.63 90.96
C LEU DA 417 -18.23 44.89 91.37
N TYR DA 418 -19.03 43.85 91.54
CA TYR DA 418 -20.38 44.06 92.04
C TYR DA 418 -20.40 44.38 93.54
N LEU DA 419 -19.51 43.77 94.31
CA LEU DA 419 -19.53 43.89 95.77
C LEU DA 419 -18.65 45.04 96.27
N HIS DA 420 -18.07 45.85 95.37
CA HIS DA 420 -17.18 46.93 95.74
C HIS DA 420 -17.82 47.99 96.64
N GLY DA 421 -19.13 48.19 96.56
CA GLY DA 421 -19.77 49.13 97.47
C GLY DA 421 -19.81 48.64 98.90
N ALA DA 422 -20.04 47.34 99.09
CA ALA DA 422 -20.10 46.76 100.42
C ALA DA 422 -19.02 45.70 100.61
N ARG EA 27 -31.16 -3.57 -62.43
CA ARG EA 27 -31.68 -4.21 -63.64
C ARG EA 27 -30.87 -3.80 -64.86
N ARG EA 28 -30.59 -4.76 -65.73
CA ARG EA 28 -29.84 -4.53 -66.96
C ARG EA 28 -30.68 -4.91 -68.17
N ALA EA 29 -30.60 -4.09 -69.21
CA ALA EA 29 -31.27 -4.35 -70.48
C ALA EA 29 -30.24 -4.56 -71.57
N ALA EA 30 -30.68 -5.17 -72.67
CA ALA EA 30 -29.81 -5.47 -73.80
C ALA EA 30 -29.79 -4.29 -74.76
N PRO EA 31 -28.63 -3.88 -75.25
CA PRO EA 31 -28.58 -2.80 -76.25
C PRO EA 31 -29.22 -3.23 -77.56
N LEU EA 32 -29.82 -2.26 -78.24
CA LEU EA 32 -30.44 -2.49 -79.55
C LEU EA 32 -29.45 -2.08 -80.63
N GLY EA 33 -28.46 -2.94 -80.88
CA GLY EA 33 -27.42 -2.63 -81.82
C GLY EA 33 -26.04 -2.55 -81.18
N PRO EA 34 -25.04 -2.16 -81.96
CA PRO EA 34 -23.66 -2.23 -81.46
C PRO EA 34 -23.30 -1.05 -80.56
N MET EA 35 -22.46 -1.33 -79.58
CA MET EA 35 -21.83 -0.27 -78.80
C MET EA 35 -20.82 0.47 -79.66
N PRO EA 36 -20.55 1.75 -79.35
CA PRO EA 36 -19.56 2.50 -80.17
C PRO EA 36 -18.14 1.99 -80.03
N ASN EA 37 -17.70 1.63 -78.82
CA ASN EA 37 -16.31 1.28 -78.57
C ASN EA 37 -16.11 -0.21 -78.32
N GLU EA 38 -17.06 -1.06 -78.70
CA GLU EA 38 -16.92 -2.48 -78.45
C GLU EA 38 -16.09 -3.18 -79.52
N ASP EA 39 -15.76 -2.49 -80.62
CA ASP EA 39 -15.02 -3.13 -81.71
C ASP EA 39 -13.56 -3.34 -81.34
N ILE EA 40 -12.95 -2.36 -80.69
CA ILE EA 40 -11.53 -2.47 -80.35
C ILE EA 40 -11.33 -3.35 -79.14
N ASP EA 41 -10.13 -3.93 -79.03
CA ASP EA 41 -9.82 -4.90 -77.99
C ASP EA 41 -9.38 -4.18 -76.72
N VAL EA 42 -9.94 -4.58 -75.58
CA VAL EA 42 -9.53 -4.03 -74.30
C VAL EA 42 -8.13 -4.50 -73.93
N SER EA 43 -7.85 -5.78 -74.13
CA SER EA 43 -6.54 -6.33 -73.77
C SER EA 43 -5.47 -5.90 -74.77
N ASP EA 44 -4.23 -5.87 -74.29
CA ASP EA 44 -3.02 -5.53 -75.05
C ASP EA 44 -3.14 -4.14 -75.66
N LEU EA 45 -3.19 -3.15 -74.75
CA LEU EA 45 -3.38 -1.76 -75.17
C LEU EA 45 -2.15 -1.19 -75.86
N GLU EA 46 -0.97 -1.74 -75.60
CA GLU EA 46 0.25 -1.19 -76.20
C GLU EA 46 0.34 -1.50 -77.69
N ARG EA 47 -0.24 -2.62 -78.12
CA ARG EA 47 -0.18 -3.01 -79.53
C ARG EA 47 -1.13 -2.20 -80.41
N LEU EA 48 -2.24 -1.72 -79.86
CA LEU EA 48 -3.18 -0.89 -80.60
C LEU EA 48 -2.56 0.46 -80.90
N LYS EA 49 -2.69 0.90 -82.15
CA LYS EA 49 -2.15 2.18 -82.56
C LYS EA 49 -2.99 3.32 -81.97
N LYS EA 50 -2.32 4.38 -81.56
CA LYS EA 50 -2.98 5.57 -81.02
C LYS EA 50 -2.85 6.72 -82.00
N TYR EA 51 -3.87 7.59 -82.00
CA TYR EA 51 -3.73 8.91 -82.60
C TYR EA 51 -3.18 9.82 -81.52
N ARG EA 52 -2.22 10.67 -81.87
CA ARG EA 52 -1.69 11.64 -80.94
C ARG EA 52 -2.09 13.06 -81.32
N SER EA 53 -3.07 13.23 -82.20
CA SER EA 53 -3.46 14.54 -82.70
C SER EA 53 -4.89 14.85 -82.31
N PHE EA 54 -5.09 16.02 -81.71
CA PHE EA 54 -6.42 16.52 -81.43
C PHE EA 54 -7.18 16.81 -82.72
N ASP EA 55 -6.46 17.18 -83.78
CA ASP EA 55 -7.10 17.30 -85.09
C ASP EA 55 -7.55 15.95 -85.63
N ARG EA 56 -6.79 14.89 -85.36
CA ARG EA 56 -7.23 13.55 -85.74
C ARG EA 56 -8.48 13.14 -84.98
N TYR EA 57 -8.55 13.47 -83.69
CA TYR EA 57 -9.80 13.25 -82.95
C TYR EA 57 -10.95 14.09 -83.47
N ARG EA 58 -10.67 15.33 -83.89
CA ARG EA 58 -11.72 16.19 -84.43
C ARG EA 58 -12.30 15.61 -85.71
N ARG EA 59 -11.42 15.10 -86.59
CA ARG EA 59 -11.86 14.43 -87.80
C ARG EA 59 -12.65 13.16 -87.50
N ARG EA 60 -12.16 12.36 -86.54
CA ARG EA 60 -12.83 11.10 -86.20
C ARG EA 60 -14.19 11.34 -85.55
N ALA EA 61 -14.29 12.36 -84.69
CA ALA EA 61 -15.54 12.64 -84.01
C ALA EA 61 -16.57 13.26 -84.96
N GLU EA 62 -16.12 14.13 -85.87
CA GLU EA 62 -17.05 14.68 -86.85
C GLU EA 62 -17.44 13.65 -87.90
N GLN EA 63 -16.63 12.61 -88.09
CA GLN EA 63 -17.07 11.49 -88.92
C GLN EA 63 -18.06 10.60 -88.17
N GLU EA 64 -17.85 10.43 -86.85
CA GLU EA 64 -18.72 9.58 -86.05
C GLU EA 64 -20.08 10.20 -85.81
N ALA EA 65 -20.15 11.54 -85.72
CA ALA EA 65 -21.39 12.22 -85.39
C ALA EA 65 -22.40 12.24 -86.52
N ARG EA 66 -21.98 11.92 -87.75
CA ARG EA 66 -22.88 11.96 -88.89
C ARG EA 66 -23.53 10.61 -89.19
N LYS EA 67 -23.29 9.60 -88.36
CA LYS EA 67 -23.90 8.30 -88.64
C LYS EA 67 -25.24 8.18 -87.90
N PRO EA 68 -26.22 7.50 -88.50
CA PRO EA 68 -27.54 7.37 -87.85
C PRO EA 68 -27.54 6.35 -86.72
N HIS EA 69 -27.17 6.79 -85.52
CA HIS EA 69 -27.18 5.91 -84.36
C HIS EA 69 -28.59 5.56 -83.94
N TRP EA 70 -28.71 4.45 -83.21
CA TRP EA 70 -30.00 3.92 -82.80
C TRP EA 70 -30.55 4.57 -81.53
N TRP EA 71 -29.73 5.33 -80.80
CA TRP EA 71 -30.20 6.04 -79.63
C TRP EA 71 -30.64 7.45 -80.02
N ARG EA 72 -31.11 8.19 -79.03
CA ARG EA 72 -31.62 9.54 -79.29
C ARG EA 72 -30.47 10.50 -79.57
N THR EA 73 -30.58 11.23 -80.67
CA THR EA 73 -29.50 12.09 -81.15
C THR EA 73 -29.98 13.52 -81.31
N TYR EA 74 -29.01 14.42 -81.46
CA TYR EA 74 -29.30 15.82 -81.78
C TYR EA 74 -29.95 15.94 -83.15
N ARG EA 75 -29.53 15.10 -84.09
CA ARG EA 75 -30.05 15.14 -85.45
C ARG EA 75 -31.52 14.74 -85.50
N GLU EA 76 -31.94 13.85 -84.60
CA GLU EA 76 -33.33 13.44 -84.55
C GLU EA 76 -34.22 14.56 -84.02
N HIS EA 77 -33.72 15.31 -83.03
CA HIS EA 77 -34.58 16.24 -82.31
C HIS EA 77 -34.56 17.65 -82.91
N PHE EA 78 -33.42 18.10 -83.44
CA PHE EA 78 -33.26 19.50 -83.79
C PHE EA 78 -33.45 19.80 -85.27
N GLY EA 79 -34.41 19.14 -85.92
CA GLY EA 79 -34.83 19.59 -87.23
C GLY EA 79 -33.89 19.25 -88.37
N GLU EA 80 -33.78 17.97 -88.71
CA GLU EA 80 -32.95 17.54 -89.82
C GLU EA 80 -33.73 17.61 -91.14
N GLU EA 81 -34.97 18.10 -91.07
CA GLU EA 81 -35.89 18.28 -92.21
C GLU EA 81 -36.14 16.95 -92.92
N SER EA 82 -36.78 16.06 -92.17
CA SER EA 82 -37.26 14.71 -92.52
C SER EA 82 -36.12 13.72 -92.74
N GLY EA 83 -34.86 14.10 -92.52
CA GLY EA 83 -33.74 13.20 -92.69
C GLY EA 83 -33.51 12.80 -94.13
N PRO EA 84 -33.49 11.49 -94.39
CA PRO EA 84 -33.37 11.01 -95.77
C PRO EA 84 -34.63 11.31 -96.57
N LYS EA 85 -34.44 11.94 -97.73
CA LYS EA 85 -35.55 12.36 -98.58
C LYS EA 85 -35.30 11.88 -100.00
N ASP EA 86 -36.30 11.22 -100.58
CA ASP EA 86 -36.23 10.81 -101.98
C ASP EA 86 -36.50 12.01 -102.90
N ARG EA 87 -35.43 12.59 -103.43
CA ARG EA 87 -35.50 13.83 -104.19
C ARG EA 87 -35.91 13.52 -105.62
N VAL EA 88 -37.08 14.00 -106.02
CA VAL EA 88 -37.54 13.87 -107.40
C VAL EA 88 -36.81 14.91 -108.25
N ASP EA 89 -36.15 14.45 -109.30
CA ASP EA 89 -35.33 15.30 -110.14
C ASP EA 89 -36.11 15.69 -111.39
N ILE EA 90 -36.38 16.98 -111.55
CA ILE EA 90 -37.03 17.52 -112.74
C ILE EA 90 -36.05 18.50 -113.41
N GLY EA 91 -35.20 17.96 -114.29
CA GLY EA 91 -34.13 18.73 -114.87
C GLY EA 91 -33.57 18.17 -116.16
N LEU EA 92 -32.62 18.92 -116.73
CA LEU EA 92 -31.90 18.55 -117.94
C LEU EA 92 -30.94 17.40 -117.65
N PRO EA 93 -30.65 16.57 -118.64
CA PRO EA 93 -29.64 15.52 -118.46
C PRO EA 93 -28.26 16.11 -118.18
N PRO EA 94 -27.46 15.47 -117.34
CA PRO EA 94 -26.07 15.90 -117.17
C PRO EA 94 -25.27 15.69 -118.44
N PRO EA 95 -24.25 16.51 -118.70
CA PRO EA 95 -23.46 16.33 -119.91
C PRO EA 95 -22.58 15.10 -119.83
N LYS EA 96 -22.59 14.31 -120.90
CA LYS EA 96 -21.79 13.09 -120.98
C LYS EA 96 -20.39 13.44 -121.46
N VAL EA 97 -19.43 13.39 -120.53
CA VAL EA 97 -18.03 13.70 -120.82
C VAL EA 97 -17.22 12.43 -120.59
N SER EA 98 -16.36 12.09 -121.55
CA SER EA 98 -15.56 10.86 -121.48
C SER EA 98 -14.56 10.94 -120.34
N ARG EA 99 -14.68 10.01 -119.39
CA ARG EA 99 -13.94 10.09 -118.13
C ARG EA 99 -12.46 9.86 -118.33
N THR EA 100 -12.10 8.89 -119.17
CA THR EA 100 -10.69 8.55 -119.40
C THR EA 100 -9.97 9.66 -120.15
N GLN EA 101 -10.62 10.22 -121.18
CA GLN EA 101 -10.05 11.32 -121.94
C GLN EA 101 -9.92 12.58 -121.08
N GLN EA 102 -10.93 12.84 -120.25
CA GLN EA 102 -10.90 13.96 -119.30
C GLN EA 102 -9.76 13.80 -118.30
N LEU EA 103 -9.59 12.59 -117.78
CA LEU EA 103 -8.53 12.31 -116.82
C LEU EA 103 -7.15 12.46 -117.45
N LEU EA 104 -6.97 11.99 -118.68
CA LEU EA 104 -5.64 12.06 -119.30
C LEU EA 104 -5.29 13.49 -119.69
N GLU EA 105 -6.28 14.28 -120.12
CA GLU EA 105 -5.96 15.67 -120.45
C GLU EA 105 -5.70 16.50 -119.19
N ARG EA 106 -6.41 16.19 -118.10
CA ARG EA 106 -6.10 16.82 -116.80
C ARG EA 106 -4.71 16.43 -116.32
N LYS EA 107 -4.34 15.15 -116.49
CA LYS EA 107 -3.02 14.68 -116.09
C LYS EA 107 -1.92 15.35 -116.89
N GLN EA 108 -2.10 15.49 -118.21
CA GLN EA 108 -1.07 16.09 -119.05
C GLN EA 108 -0.94 17.58 -118.76
N ALA EA 109 -2.05 18.26 -118.50
CA ALA EA 109 -2.01 19.66 -118.09
C ALA EA 109 -1.29 19.82 -116.76
N LEU EA 110 -1.53 18.91 -115.81
CA LEU EA 110 -0.82 18.96 -114.53
C LEU EA 110 0.68 18.71 -114.70
N ARG EA 111 1.08 17.74 -115.54
CA ARG EA 111 2.50 17.48 -115.76
C ARG EA 111 3.20 18.68 -116.40
N GLU EA 112 2.53 19.32 -117.37
CA GLU EA 112 3.12 20.50 -117.99
C GLU EA 112 3.13 21.68 -117.02
N LEU EA 113 2.25 21.65 -116.01
CA LEU EA 113 2.27 22.70 -114.99
C LEU EA 113 3.41 22.49 -114.00
N ARG EA 114 3.65 21.24 -113.55
CA ARG EA 114 4.79 21.01 -112.65
C ARG EA 114 6.13 21.02 -113.38
N ALA EA 115 6.12 20.98 -114.72
CA ALA EA 115 7.38 20.98 -115.46
C ALA EA 115 8.12 22.31 -115.32
N ASN EA 116 7.40 23.41 -115.10
CA ASN EA 116 8.02 24.72 -115.04
C ASN EA 116 8.78 24.92 -113.74
N VAL EA 117 9.84 25.73 -113.80
CA VAL EA 117 10.63 26.05 -112.62
C VAL EA 117 10.13 27.35 -111.97
N GLU EA 118 9.57 28.26 -112.77
CA GLU EA 118 9.07 29.52 -112.23
C GLU EA 118 7.81 29.30 -111.39
N GLU EA 119 7.08 28.22 -111.65
CA GLU EA 119 5.98 27.83 -110.78
C GLU EA 119 6.51 27.42 -109.41
N GLU EA 120 7.63 26.70 -109.39
CA GLU EA 120 8.27 26.33 -108.13
C GLU EA 120 8.77 27.57 -107.38
N ARG EA 121 9.31 28.53 -108.13
CA ARG EA 121 9.79 29.77 -107.52
C ARG EA 121 8.65 30.59 -106.92
N ALA EA 122 7.54 30.70 -107.64
CA ALA EA 122 6.39 31.45 -107.15
C ALA EA 122 5.69 30.73 -105.99
N ALA EA 123 5.72 29.40 -105.99
CA ALA EA 123 5.13 28.67 -104.87
C ALA EA 123 6.00 28.77 -103.62
N ARG EA 124 7.33 28.77 -103.80
CA ARG EA 124 8.22 28.86 -102.65
C ARG EA 124 8.26 30.26 -102.05
N LEU EA 125 8.37 31.31 -102.87
CA LEU EA 125 8.60 32.65 -102.36
C LEU EA 125 7.33 33.37 -101.95
N GLN EA 126 6.21 32.64 -101.81
CA GLN EA 126 4.93 33.11 -101.27
C GLN EA 126 4.35 34.28 -102.07
N THR EA 127 4.62 34.33 -103.37
CA THR EA 127 4.15 35.41 -104.22
C THR EA 127 3.64 34.79 -105.53
N ALA EA 128 2.35 34.52 -105.59
CA ALA EA 128 1.71 33.99 -106.79
C ALA EA 128 0.24 34.37 -106.76
N ARG EA 129 -0.28 34.71 -107.94
CA ARG EA 129 -1.66 35.14 -108.07
C ARG EA 129 -2.35 34.28 -109.11
N ILE EA 130 -3.66 34.16 -109.00
CA ILE EA 130 -4.47 33.36 -109.92
C ILE EA 130 -5.48 34.27 -110.61
N PRO EA 131 -5.80 34.03 -111.88
CA PRO EA 131 -6.84 34.80 -112.56
C PRO EA 131 -8.24 34.38 -112.14
N LEU EA 132 -8.75 35.06 -111.09
CA LEU EA 132 -10.04 34.72 -110.50
C LEU EA 132 -11.20 34.80 -111.48
N GLU EA 133 -11.09 35.61 -112.54
CA GLU EA 133 -12.11 35.62 -113.57
C GLU EA 133 -12.16 34.30 -114.35
N ALA EA 134 -10.98 33.74 -114.66
CA ALA EA 134 -10.94 32.45 -115.34
C ALA EA 134 -11.34 31.31 -114.39
N VAL EA 135 -10.98 31.45 -113.11
CA VAL EA 135 -11.44 30.50 -112.09
C VAL EA 135 -12.95 30.52 -111.96
N ARG EA 136 -13.56 31.72 -111.99
CA ARG EA 136 -15.01 31.86 -111.97
C ARG EA 136 -15.67 31.27 -113.21
N ALA EA 137 -15.04 31.46 -114.38
CA ALA EA 137 -15.61 30.89 -115.61
C ALA EA 137 -15.58 29.37 -115.60
N GLU EA 138 -14.47 28.78 -115.17
CA GLU EA 138 -14.38 27.32 -115.12
C GLU EA 138 -15.27 26.76 -114.00
N TRP EA 139 -15.44 27.52 -112.92
CA TRP EA 139 -16.41 27.16 -111.88
C TRP EA 139 -17.83 27.16 -112.41
N GLU EA 140 -18.18 28.17 -113.23
CA GLU EA 140 -19.52 28.23 -113.79
C GLU EA 140 -19.76 27.11 -114.78
N ARG EA 141 -18.72 26.69 -115.49
CA ARG EA 141 -18.88 25.55 -116.39
C ARG EA 141 -18.94 24.21 -115.66
N THR EA 142 -18.16 24.05 -114.58
CA THR EA 142 -17.95 22.72 -114.02
C THR EA 142 -18.87 22.34 -112.85
N CYS EA 143 -18.78 23.07 -111.74
CA CYS EA 143 -19.49 22.69 -110.51
C CYS EA 143 -20.41 23.79 -110.00
N GLY EA 144 -20.51 24.89 -110.72
CA GLY EA 144 -21.45 25.95 -110.44
C GLY EA 144 -22.92 25.54 -110.40
N PRO EA 145 -23.37 24.70 -111.34
CA PRO EA 145 -24.70 24.08 -111.19
C PRO EA 145 -24.95 23.36 -109.86
N TYR EA 146 -24.03 22.52 -109.41
CA TYR EA 146 -24.25 21.78 -108.16
C TYR EA 146 -24.18 22.71 -106.96
N HIS EA 147 -23.29 23.71 -107.00
CA HIS EA 147 -23.21 24.69 -105.93
C HIS EA 147 -24.46 25.54 -105.85
N LYS EA 148 -25.00 25.98 -107.00
CA LYS EA 148 -26.23 26.77 -106.99
C LYS EA 148 -27.42 25.92 -106.57
N GLN EA 149 -27.37 24.61 -106.86
CA GLN EA 149 -28.38 23.69 -106.36
C GLN EA 149 -28.36 23.61 -104.84
N ARG EA 150 -27.16 23.57 -104.25
CA ARG EA 150 -27.13 23.47 -102.79
C ARG EA 150 -27.45 24.81 -102.11
N LEU EA 151 -27.15 25.94 -102.77
CA LEU EA 151 -27.65 27.23 -102.26
C LEU EA 151 -29.18 27.33 -102.34
N ALA EA 152 -29.77 26.83 -103.42
CA ALA EA 152 -31.23 26.86 -103.53
C ALA EA 152 -31.87 25.92 -102.52
N GLU EA 153 -31.23 24.78 -102.25
CA GLU EA 153 -31.71 23.87 -101.21
C GLU EA 153 -31.59 24.49 -99.83
N TYR EA 154 -30.50 25.23 -99.58
CA TYR EA 154 -30.32 25.88 -98.28
C TYR EA 154 -31.31 27.03 -98.08
N CYS EA 155 -31.54 27.83 -99.11
CA CYS EA 155 -32.45 28.96 -99.01
C CYS EA 155 -33.90 28.57 -99.22
N GLY EA 156 -34.18 27.30 -99.52
CA GLY EA 156 -35.55 26.86 -99.60
C GLY EA 156 -36.27 27.28 -100.85
N LEU EA 157 -35.55 27.43 -101.97
CA LEU EA 157 -36.19 27.76 -103.22
C LEU EA 157 -37.03 26.59 -103.73
N TYR EA 158 -36.52 25.37 -103.58
CA TYR EA 158 -37.26 24.19 -104.00
C TYR EA 158 -38.47 23.93 -103.10
N ARG EA 159 -38.37 24.26 -101.82
CA ARG EA 159 -39.41 23.94 -100.85
C ARG EA 159 -40.68 24.74 -101.12
N ASP EA 160 -40.53 26.02 -101.47
CA ASP EA 160 -41.68 26.89 -101.67
C ASP EA 160 -42.10 27.05 -103.13
N LEU EA 161 -41.43 26.36 -104.05
CA LEU EA 161 -41.81 26.40 -105.46
C LEU EA 161 -42.21 25.01 -105.96
N PHE EA 162 -41.38 23.99 -105.73
CA PHE EA 162 -41.64 22.66 -106.23
C PHE EA 162 -41.71 21.61 -105.11
N HIS EA 163 -41.65 22.06 -103.85
CA HIS EA 163 -41.73 21.23 -102.63
C HIS EA 163 -40.57 20.22 -102.64
N GLY EA 164 -40.82 18.92 -102.74
CA GLY EA 164 -39.74 17.96 -102.67
C GLY EA 164 -38.94 17.86 -103.96
N ALA EA 165 -39.49 18.39 -105.05
CA ALA EA 165 -38.80 18.33 -106.34
C ALA EA 165 -37.63 19.32 -106.36
N THR EA 166 -36.56 18.92 -107.05
CA THR EA 166 -35.35 19.72 -107.15
C THR EA 166 -34.78 19.60 -108.56
N PHE EA 167 -33.96 20.59 -108.94
CA PHE EA 167 -33.30 20.57 -110.23
C PHE EA 167 -31.89 21.11 -110.10
N VAL EA 168 -31.01 20.68 -111.00
CA VAL EA 168 -29.65 21.20 -111.09
C VAL EA 168 -29.66 22.35 -112.10
N PRO EA 169 -29.25 23.56 -111.71
CA PRO EA 169 -29.22 24.67 -112.68
C PRO EA 169 -28.13 24.51 -113.72
N ARG EA 170 -28.41 23.72 -114.75
CA ARG EA 170 -27.39 23.26 -115.70
C ARG EA 170 -26.78 24.41 -116.51
N VAL EA 171 -27.63 25.24 -117.12
CA VAL EA 171 -27.14 26.30 -117.98
C VAL EA 171 -26.61 27.47 -117.16
N PRO EA 172 -25.53 28.12 -117.59
CA PRO EA 172 -25.14 29.39 -116.96
C PRO EA 172 -26.19 30.45 -117.24
N LEU EA 173 -26.36 31.37 -116.30
CA LEU EA 173 -27.37 32.41 -116.40
C LEU EA 173 -26.85 33.66 -115.69
N HIS EA 174 -26.93 34.81 -116.36
CA HIS EA 174 -26.43 36.07 -115.82
C HIS EA 174 -27.54 37.12 -115.90
N VAL EA 175 -27.87 37.73 -114.77
CA VAL EA 175 -28.82 38.83 -114.70
C VAL EA 175 -28.06 40.08 -114.30
N ALA EA 176 -28.34 41.20 -114.97
CA ALA EA 176 -27.68 42.45 -114.61
C ALA EA 176 -28.65 43.61 -114.72
N TYR EA 177 -28.52 44.56 -113.79
CA TYR EA 177 -29.37 45.74 -113.74
C TYR EA 177 -28.56 46.98 -114.11
N ALA EA 178 -29.08 47.74 -115.07
CA ALA EA 178 -28.40 48.93 -115.56
C ALA EA 178 -28.81 50.13 -114.72
N VAL EA 179 -27.94 50.56 -113.81
CA VAL EA 179 -28.23 51.75 -113.00
C VAL EA 179 -28.14 53.03 -113.82
N GLY EA 180 -27.10 53.20 -114.62
CA GLY EA 180 -26.95 54.41 -115.39
C GLY EA 180 -26.25 54.11 -116.69
N GLU EA 181 -25.25 54.94 -117.00
CA GLU EA 181 -24.49 54.76 -118.23
C GLU EA 181 -23.54 53.59 -118.13
N ASP EA 182 -22.74 53.53 -117.05
CA ASP EA 182 -21.73 52.50 -116.92
C ASP EA 182 -21.98 51.57 -115.73
N ASP EA 183 -22.77 52.00 -114.75
CA ASP EA 183 -22.99 51.20 -113.56
C ASP EA 183 -23.93 50.03 -113.86
N LEU EA 184 -23.44 48.81 -113.62
CA LEU EA 184 -24.19 47.60 -113.92
C LEU EA 184 -24.05 46.66 -112.73
N MET EA 185 -25.18 46.35 -112.10
CA MET EA 185 -25.22 45.64 -110.82
C MET EA 185 -25.63 44.20 -111.10
N PRO EA 186 -24.76 43.21 -110.86
CA PRO EA 186 -25.11 41.83 -111.18
C PRO EA 186 -26.04 41.20 -110.16
N VAL EA 187 -26.70 40.14 -110.61
CA VAL EA 187 -27.56 39.31 -109.76
C VAL EA 187 -27.05 37.88 -109.90
N TYR EA 188 -26.38 37.40 -108.87
CA TYR EA 188 -26.00 36.01 -108.73
C TYR EA 188 -26.87 35.33 -107.69
N HIS EA 189 -26.55 34.07 -107.42
CA HIS EA 189 -27.26 33.26 -106.45
C HIS EA 189 -27.13 33.80 -105.03
N GLY EA 190 -28.27 34.09 -104.41
CA GLY EA 190 -28.30 34.57 -103.04
C GLY EA 190 -27.80 35.98 -102.82
N ASN EA 191 -27.82 36.83 -103.84
CA ASN EA 191 -27.25 38.17 -103.72
C ASN EA 191 -28.22 39.09 -102.99
N GLU EA 192 -27.82 40.35 -102.85
CA GLU EA 192 -28.63 41.36 -102.16
C GLU EA 192 -28.65 42.62 -103.01
N VAL EA 193 -29.82 42.93 -103.59
CA VAL EA 193 -29.99 44.08 -104.47
C VAL EA 193 -31.12 44.96 -103.95
N THR EA 194 -30.81 46.24 -103.74
CA THR EA 194 -31.71 47.33 -103.38
C THR EA 194 -32.64 47.64 -104.56
N PRO EA 195 -33.93 47.96 -104.31
CA PRO EA 195 -34.86 48.24 -105.42
C PRO EA 195 -34.52 49.46 -106.26
N THR EA 196 -33.67 50.36 -105.79
CA THR EA 196 -33.21 51.48 -106.61
C THR EA 196 -32.41 50.98 -107.81
N GLU EA 197 -31.57 49.96 -107.60
CA GLU EA 197 -30.90 49.29 -108.71
C GLU EA 197 -31.87 48.50 -109.58
N ALA EA 198 -32.91 47.93 -108.98
CA ALA EA 198 -33.81 47.02 -109.68
C ALA EA 198 -35.10 47.67 -110.14
N ALA EA 199 -35.14 49.01 -110.22
CA ALA EA 199 -36.35 49.70 -110.67
C ALA EA 199 -36.64 49.46 -112.15
N GLN EA 200 -35.60 49.27 -112.95
CA GLN EA 200 -35.73 49.07 -114.38
C GLN EA 200 -35.56 47.61 -114.75
N ALA EA 201 -35.90 47.29 -116.00
CA ALA EA 201 -35.85 45.91 -116.46
C ALA EA 201 -34.41 45.44 -116.61
N PRO EA 202 -34.09 44.21 -116.21
CA PRO EA 202 -32.70 43.73 -116.30
C PRO EA 202 -32.38 43.15 -117.66
N GLU EA 203 -31.08 42.89 -117.86
CA GLU EA 203 -30.62 42.10 -118.99
C GLU EA 203 -30.30 40.68 -118.50
N VAL EA 204 -30.50 39.71 -119.40
CA VAL EA 204 -30.29 38.30 -119.10
C VAL EA 204 -29.42 37.71 -120.20
N THR EA 205 -28.32 37.06 -119.79
CA THR EA 205 -27.35 36.50 -120.72
C THR EA 205 -27.17 35.02 -120.43
N TYR EA 206 -27.34 34.21 -121.47
CA TYR EA 206 -27.07 32.77 -121.41
C TYR EA 206 -26.76 32.29 -122.82
N GLU EA 207 -25.96 31.23 -122.90
CA GLU EA 207 -25.46 30.73 -124.17
C GLU EA 207 -26.38 29.62 -124.68
N ALA EA 208 -26.92 29.82 -125.87
CA ALA EA 208 -27.81 28.86 -126.49
C ALA EA 208 -27.83 29.08 -128.00
N ASP EA 209 -27.95 27.99 -128.74
CA ASP EA 209 -28.12 28.07 -130.19
C ASP EA 209 -29.60 28.29 -130.53
N GLU EA 210 -29.87 28.59 -131.80
CA GLU EA 210 -31.22 28.85 -132.27
C GLU EA 210 -31.81 27.51 -132.70
N GLY EA 211 -32.14 26.68 -131.72
CA GLY EA 211 -32.87 25.45 -131.95
C GLY EA 211 -33.85 25.15 -130.84
N SER EA 212 -33.90 26.04 -129.85
CA SER EA 212 -34.72 25.80 -128.67
C SER EA 212 -35.54 27.04 -128.32
N LEU EA 213 -36.47 26.86 -127.39
CA LEU EA 213 -37.33 27.94 -126.91
C LEU EA 213 -37.19 28.04 -125.40
N TRP EA 214 -37.22 29.27 -124.89
CA TRP EA 214 -36.93 29.55 -123.49
C TRP EA 214 -38.06 30.36 -122.86
N THR EA 215 -38.14 30.28 -121.54
CA THR EA 215 -39.13 31.02 -120.76
C THR EA 215 -38.46 31.55 -119.50
N LEU EA 216 -38.47 32.87 -119.34
CA LEU EA 216 -37.87 33.52 -118.18
C LEU EA 216 -38.99 34.06 -117.28
N LEU EA 217 -38.86 33.82 -115.98
CA LEU EA 217 -39.89 34.18 -115.02
C LEU EA 217 -39.23 34.66 -113.73
N LEU EA 218 -39.38 35.96 -113.44
CA LEU EA 218 -38.95 36.54 -112.18
C LEU EA 218 -40.17 36.57 -111.26
N THR EA 219 -40.04 35.94 -110.09
CA THR EA 219 -41.12 35.83 -109.13
C THR EA 219 -40.65 36.20 -107.73
N ASN EA 220 -41.54 36.84 -106.97
CA ASN EA 220 -41.30 37.16 -105.57
C ASN EA 220 -41.96 36.11 -104.71
N LEU EA 221 -41.15 35.30 -104.02
CA LEU EA 221 -41.66 34.15 -103.28
C LEU EA 221 -42.37 34.57 -102.00
N ASP EA 222 -41.84 35.59 -101.32
CA ASP EA 222 -42.45 36.13 -100.12
C ASP EA 222 -42.74 37.61 -100.33
N GLY EA 223 -43.92 38.03 -99.91
CA GLY EA 223 -44.40 39.37 -100.12
C GLY EA 223 -45.86 39.46 -100.48
N HIS EA 224 -46.53 38.33 -100.64
CA HIS EA 224 -47.98 38.33 -100.87
C HIS EA 224 -48.68 38.75 -99.58
N LEU EA 225 -49.64 39.67 -99.70
CA LEU EA 225 -50.25 40.26 -98.52
C LEU EA 225 -51.29 39.33 -97.90
N LEU EA 226 -52.31 38.95 -98.67
CA LEU EA 226 -53.39 38.14 -98.13
C LEU EA 226 -52.99 36.69 -97.93
N GLU EA 227 -52.30 36.07 -98.89
CA GLU EA 227 -52.07 34.62 -98.88
C GLU EA 227 -50.63 34.31 -98.51
N PRO EA 228 -50.38 33.50 -97.49
CA PRO EA 228 -48.99 33.15 -97.16
C PRO EA 228 -48.39 32.09 -98.06
N ASP EA 229 -49.21 31.29 -98.73
CA ASP EA 229 -48.73 30.20 -99.58
C ASP EA 229 -48.56 30.59 -101.03
N ALA EA 230 -48.86 31.83 -101.40
CA ALA EA 230 -48.82 32.28 -102.78
C ALA EA 230 -47.65 33.22 -103.00
N GLU EA 231 -47.33 33.45 -104.27
CA GLU EA 231 -46.20 34.26 -104.67
C GLU EA 231 -46.61 35.24 -105.76
N TYR EA 232 -45.78 36.26 -105.95
CA TYR EA 232 -46.04 37.34 -106.91
C TYR EA 232 -45.24 37.08 -108.18
N VAL EA 233 -45.76 37.52 -109.32
CA VAL EA 233 -44.98 37.60 -110.55
C VAL EA 233 -44.46 39.02 -110.67
N HIS EA 234 -43.14 39.17 -110.85
CA HIS EA 234 -42.58 40.48 -111.12
C HIS EA 234 -42.17 40.62 -112.59
N TRP EA 235 -41.87 39.50 -113.25
CA TRP EA 235 -41.59 39.53 -114.69
C TRP EA 235 -41.87 38.15 -115.28
N LEU EA 236 -42.31 38.12 -116.53
CA LEU EA 236 -42.52 36.87 -117.26
C LEU EA 236 -42.44 37.14 -118.75
N VAL EA 237 -41.51 36.46 -119.43
CA VAL EA 237 -41.40 36.49 -120.88
C VAL EA 237 -41.28 35.05 -121.37
N THR EA 238 -41.95 34.75 -122.48
CA THR EA 238 -42.11 33.38 -122.95
C THR EA 238 -41.78 33.35 -124.44
N ASN EA 239 -41.37 32.17 -124.91
CA ASN EA 239 -41.03 31.88 -126.31
C ASN EA 239 -39.88 32.76 -126.78
N ILE EA 240 -38.78 32.64 -126.03
CA ILE EA 240 -37.56 33.41 -126.28
C ILE EA 240 -36.78 32.69 -127.37
N PRO EA 241 -36.52 33.33 -128.51
CA PRO EA 241 -35.66 32.70 -129.52
C PRO EA 241 -34.19 32.83 -129.11
N GLY EA 242 -33.62 31.71 -128.66
CA GLY EA 242 -32.23 31.64 -128.27
C GLY EA 242 -31.83 32.56 -127.12
N ASN EA 243 -30.74 33.29 -127.33
CA ASN EA 243 -30.20 34.24 -126.36
C ASN EA 243 -31.09 35.48 -126.27
N ARG EA 244 -31.73 35.87 -127.37
CA ARG EA 244 -32.38 37.17 -127.52
C ARG EA 244 -33.67 37.23 -126.71
N VAL EA 245 -33.58 37.78 -125.49
CA VAL EA 245 -34.74 37.89 -124.59
C VAL EA 245 -35.77 38.87 -125.12
N THR EA 246 -35.33 39.96 -125.75
CA THR EA 246 -36.23 41.04 -126.18
C THR EA 246 -37.17 40.59 -127.28
N GLU EA 247 -36.70 39.74 -128.20
CA GLU EA 247 -37.52 39.29 -129.32
C GLU EA 247 -38.58 38.27 -128.91
N GLY EA 248 -38.49 37.72 -127.69
CA GLY EA 248 -39.52 36.82 -127.23
C GLY EA 248 -40.83 37.55 -126.93
N GLN EA 249 -41.93 36.80 -126.96
CA GLN EA 249 -43.25 37.37 -126.77
C GLN EA 249 -43.43 37.72 -125.29
N GLU EA 250 -44.00 38.90 -125.04
CA GLU EA 250 -44.05 39.47 -123.70
C GLU EA 250 -45.38 39.13 -123.05
N THR EA 251 -45.33 38.37 -121.94
CA THR EA 251 -46.55 37.93 -121.28
C THR EA 251 -46.93 38.84 -120.12
N CYS EA 252 -46.04 38.99 -119.13
CA CYS EA 252 -46.33 39.81 -117.96
C CYS EA 252 -45.34 40.95 -117.84
N PRO EA 253 -45.78 42.17 -117.56
CA PRO EA 253 -44.86 43.31 -117.53
C PRO EA 253 -43.91 43.26 -116.35
N TYR EA 254 -42.77 43.94 -116.50
CA TYR EA 254 -41.84 44.06 -115.39
C TYR EA 254 -42.38 45.04 -114.36
N LEU EA 255 -42.21 44.69 -113.08
CA LEU EA 255 -42.69 45.50 -111.98
C LEU EA 255 -41.55 45.66 -110.98
N PRO EA 256 -41.30 46.86 -110.45
CA PRO EA 256 -40.19 47.05 -109.51
C PRO EA 256 -40.43 46.34 -108.19
N PRO EA 257 -39.36 45.96 -107.47
CA PRO EA 257 -39.54 45.24 -106.21
C PRO EA 257 -40.16 46.10 -105.13
N PHE EA 258 -41.18 45.56 -104.47
CA PHE EA 258 -41.87 46.25 -103.39
C PHE EA 258 -41.95 45.35 -102.16
N PRO EA 259 -40.94 45.38 -101.31
CA PRO EA 259 -41.06 44.75 -99.99
C PRO EA 259 -41.79 45.66 -99.02
N ALA EA 260 -42.02 45.15 -97.83
CA ALA EA 260 -42.61 45.95 -96.75
C ALA EA 260 -41.51 46.68 -96.00
N ARG EA 261 -41.89 47.76 -95.31
CA ARG EA 261 -40.90 48.55 -94.58
C ARG EA 261 -40.41 47.81 -93.34
N GLY EA 262 -41.30 47.06 -92.69
CA GLY EA 262 -40.92 46.30 -91.52
C GLY EA 262 -40.24 44.99 -91.84
N SER EA 263 -40.95 44.12 -92.57
CA SER EA 263 -40.39 42.81 -92.92
C SER EA 263 -39.48 42.96 -94.13
N GLY EA 264 -38.18 42.78 -93.92
CA GLY EA 264 -37.23 42.92 -95.00
C GLY EA 264 -36.82 41.58 -95.59
N PHE EA 265 -35.97 41.68 -96.62
CA PHE EA 265 -35.29 40.55 -97.27
C PHE EA 265 -36.27 39.55 -97.86
N HIS EA 266 -37.07 40.06 -98.81
CA HIS EA 266 -37.84 39.21 -99.69
C HIS EA 266 -36.93 38.63 -100.76
N ARG EA 267 -37.20 37.39 -101.16
CA ARG EA 267 -36.36 36.69 -102.14
C ARG EA 267 -37.03 36.72 -103.50
N PHE EA 268 -36.29 37.16 -104.51
CA PHE EA 268 -36.76 37.26 -105.88
C PHE EA 268 -35.95 36.28 -106.73
N ALA EA 269 -36.64 35.41 -107.46
CA ALA EA 269 -36.00 34.33 -108.19
C ALA EA 269 -36.28 34.45 -109.69
N PHE EA 270 -35.23 34.38 -110.49
CA PHE EA 270 -35.31 34.25 -111.94
C PHE EA 270 -35.22 32.77 -112.27
N LEU EA 271 -36.24 32.25 -112.91
CA LEU EA 271 -36.28 30.87 -113.38
C LEU EA 271 -36.28 30.85 -114.90
N LEU EA 272 -35.48 29.96 -115.48
CA LEU EA 272 -35.42 29.77 -116.92
C LEU EA 272 -35.81 28.34 -117.24
N PHE EA 273 -36.80 28.18 -118.11
CA PHE EA 273 -37.32 26.89 -118.53
C PHE EA 273 -37.04 26.70 -120.02
N LYS EA 274 -36.66 25.47 -120.38
CA LYS EA 274 -36.48 25.06 -121.76
C LYS EA 274 -37.75 24.36 -122.22
N GLN EA 275 -38.37 24.88 -123.27
CA GLN EA 275 -39.60 24.31 -123.81
C GLN EA 275 -39.36 23.88 -125.25
N ASP EA 276 -39.95 22.74 -125.63
CA ASP EA 276 -39.72 22.18 -126.97
C ASP EA 276 -40.66 22.83 -127.99
N LYS EA 277 -41.97 22.69 -127.76
CA LYS EA 277 -42.94 23.25 -128.69
C LYS EA 277 -43.20 24.72 -128.39
N ARG EA 278 -43.85 25.40 -129.34
CA ARG EA 278 -44.27 26.77 -129.15
C ARG EA 278 -45.65 26.78 -128.49
N ILE EA 279 -45.70 27.17 -127.23
CA ILE EA 279 -46.94 27.13 -126.44
C ILE EA 279 -47.42 28.55 -126.18
N ASP EA 280 -48.70 28.80 -126.43
CA ASP EA 280 -49.33 30.09 -126.18
C ASP EA 280 -50.33 29.92 -125.04
N PHE EA 281 -50.39 30.91 -124.15
CA PHE EA 281 -51.30 30.88 -123.01
C PHE EA 281 -52.43 31.88 -123.25
N SER EA 282 -53.66 31.41 -123.06
CA SER EA 282 -54.82 32.28 -123.04
C SER EA 282 -55.29 32.60 -121.63
N GLY EA 283 -54.94 31.78 -120.65
CA GLY EA 283 -55.32 32.02 -119.28
C GLY EA 283 -54.26 32.72 -118.45
N ASP EA 284 -53.00 32.58 -118.86
CA ASP EA 284 -51.88 33.20 -118.15
C ASP EA 284 -51.50 34.57 -118.71
N THR EA 285 -52.23 35.06 -119.72
CA THR EA 285 -51.90 36.33 -120.33
C THR EA 285 -52.32 37.49 -119.42
N ARG EA 286 -51.41 38.42 -119.19
CA ARG EA 286 -51.64 39.58 -118.35
C ARG EA 286 -51.66 40.86 -119.19
N PRO EA 287 -52.46 41.86 -118.80
CA PRO EA 287 -52.61 43.05 -119.65
C PRO EA 287 -51.38 43.96 -119.60
N SER EA 288 -51.50 45.10 -120.29
CA SER EA 288 -50.36 45.99 -120.48
C SER EA 288 -49.96 46.76 -119.21
N PRO EA 289 -50.85 47.59 -118.54
CA PRO EA 289 -50.37 48.16 -117.27
C PRO EA 289 -50.29 47.15 -116.14
N CYS EA 290 -51.40 46.47 -115.85
CA CYS EA 290 -51.54 45.30 -114.98
C CYS EA 290 -50.95 45.56 -113.60
N TYR EA 291 -51.54 46.49 -112.85
CA TYR EA 291 -51.07 46.81 -111.51
C TYR EA 291 -51.89 46.14 -110.42
N GLN EA 292 -52.86 45.30 -110.77
CA GLN EA 292 -53.71 44.69 -109.76
C GLN EA 292 -53.01 43.46 -109.16
N LEU EA 293 -52.76 43.51 -107.86
CA LEU EA 293 -52.13 42.40 -107.17
C LEU EA 293 -53.04 41.18 -107.02
N ALA EA 294 -54.36 41.37 -107.18
CA ALA EA 294 -55.25 40.23 -107.31
C ALA EA 294 -55.02 39.49 -108.62
N GLN EA 295 -54.71 40.21 -109.69
CA GLN EA 295 -54.32 39.58 -110.95
C GLN EA 295 -52.91 38.99 -110.85
N ARG EA 296 -52.02 39.68 -110.14
CA ARG EA 296 -50.63 39.24 -109.97
C ARG EA 296 -50.59 38.29 -108.78
N THR EA 297 -51.12 37.09 -108.98
CA THR EA 297 -51.15 36.06 -107.95
C THR EA 297 -50.77 34.74 -108.61
N PHE EA 298 -49.74 34.09 -108.07
CA PHE EA 298 -49.09 33.01 -108.79
C PHE EA 298 -48.96 31.78 -107.92
N HIS EA 299 -48.99 30.61 -108.57
CA HIS EA 299 -48.58 29.35 -107.98
C HIS EA 299 -47.69 28.66 -109.00
N THR EA 300 -46.37 28.66 -108.73
CA THR EA 300 -45.41 28.10 -109.67
C THR EA 300 -45.55 26.59 -109.77
N PHE EA 301 -45.94 25.94 -108.66
CA PHE EA 301 -46.23 24.52 -108.65
C PHE EA 301 -47.36 24.15 -109.61
N ASP EA 302 -48.48 24.86 -109.52
CA ASP EA 302 -49.61 24.59 -110.40
C ASP EA 302 -49.31 25.02 -111.83
N PHE EA 303 -48.52 26.08 -112.00
CA PHE EA 303 -48.17 26.56 -113.33
C PHE EA 303 -47.27 25.56 -114.06
N TYR EA 304 -46.36 24.92 -113.33
CA TYR EA 304 -45.54 23.86 -113.92
C TYR EA 304 -46.35 22.58 -114.09
N LYS EA 305 -47.36 22.38 -113.25
CA LYS EA 305 -48.29 21.26 -113.43
C LYS EA 305 -49.09 21.40 -114.72
N LYS EA 306 -49.47 22.62 -115.08
CA LYS EA 306 -50.19 22.89 -116.32
C LYS EA 306 -49.38 22.52 -117.56
N HIS EA 307 -48.09 22.84 -117.57
CA HIS EA 307 -47.26 22.62 -118.74
C HIS EA 307 -45.98 21.84 -118.42
N GLN EA 308 -46.10 20.73 -117.69
CA GLN EA 308 -44.97 19.85 -117.38
C GLN EA 308 -44.34 19.23 -118.62
N ASP EA 309 -45.18 18.90 -119.62
CA ASP EA 309 -44.69 18.16 -120.79
C ASP EA 309 -43.81 19.04 -121.67
N ALA EA 310 -44.03 20.36 -121.64
CA ALA EA 310 -43.24 21.24 -122.50
C ALA EA 310 -41.99 21.75 -121.80
N MET EA 311 -42.14 22.34 -120.62
CA MET EA 311 -41.03 23.04 -119.98
C MET EA 311 -40.26 22.13 -119.04
N THR EA 312 -38.93 22.28 -119.04
CA THR EA 312 -38.04 21.67 -118.06
C THR EA 312 -37.16 22.77 -117.50
N PRO EA 313 -37.07 22.94 -116.18
CA PRO EA 313 -36.26 24.05 -115.64
C PRO EA 313 -34.76 23.79 -115.79
N ALA EA 314 -34.06 24.79 -116.32
CA ALA EA 314 -32.63 24.68 -116.58
C ALA EA 314 -31.85 25.80 -115.90
N GLY EA 315 -32.42 27.00 -115.76
CA GLY EA 315 -31.69 28.12 -115.19
C GLY EA 315 -32.34 28.70 -113.95
N LEU EA 316 -31.50 29.24 -113.05
CA LEU EA 316 -32.00 29.81 -111.81
C LEU EA 316 -30.99 30.79 -111.24
N ALA EA 317 -31.48 31.97 -110.83
CA ALA EA 317 -30.66 32.93 -110.10
C ALA EA 317 -31.55 33.78 -109.21
N PHE EA 318 -31.21 33.88 -107.93
CA PHE EA 318 -32.11 34.49 -106.96
C PHE EA 318 -31.36 35.46 -106.07
N PHE EA 319 -32.03 36.54 -105.66
CA PHE EA 319 -31.41 37.56 -104.83
C PHE EA 319 -32.35 38.00 -103.72
N GLN EA 320 -31.76 38.40 -102.60
CA GLN EA 320 -32.50 38.99 -101.49
C GLN EA 320 -32.69 40.48 -101.74
N CYS EA 321 -33.73 41.05 -101.14
CA CYS EA 321 -34.11 42.43 -101.42
C CYS EA 321 -34.85 43.03 -100.23
N ARG EA 322 -34.36 44.15 -99.72
CA ARG EA 322 -34.95 44.79 -98.56
C ARG EA 322 -35.58 46.12 -98.97
N TRP EA 323 -36.12 46.84 -97.98
CA TRP EA 323 -36.88 48.05 -98.24
C TRP EA 323 -35.95 49.25 -98.38
N ASP EA 324 -36.29 50.16 -99.29
CA ASP EA 324 -35.61 51.44 -99.42
C ASP EA 324 -36.64 52.51 -99.74
N ASP EA 325 -36.15 53.71 -100.07
CA ASP EA 325 -37.03 54.84 -100.33
C ASP EA 325 -37.74 54.71 -101.67
N SER EA 326 -37.16 53.91 -102.57
CA SER EA 326 -37.75 53.75 -103.91
C SER EA 326 -38.97 52.83 -103.89
N VAL EA 327 -39.19 52.13 -102.78
CA VAL EA 327 -40.38 51.28 -102.65
C VAL EA 327 -41.64 52.14 -102.52
N THR EA 328 -41.50 53.33 -101.94
CA THR EA 328 -42.62 54.23 -101.66
C THR EA 328 -43.29 54.71 -102.94
N ARG EA 329 -42.51 55.06 -103.95
CA ARG EA 329 -43.08 55.51 -105.21
C ARG EA 329 -43.77 54.38 -105.97
N VAL EA 330 -43.26 53.15 -105.87
CA VAL EA 330 -43.87 51.98 -106.49
C VAL EA 330 -45.21 51.71 -105.81
N PHE EA 331 -45.26 51.90 -104.50
CA PHE EA 331 -46.52 51.72 -103.78
C PHE EA 331 -47.53 52.81 -104.15
N HIS EA 332 -47.11 54.07 -104.10
CA HIS EA 332 -48.07 55.17 -104.20
C HIS EA 332 -48.46 55.44 -105.64
N GLN EA 333 -47.48 55.74 -106.51
CA GLN EA 333 -47.80 56.19 -107.86
C GLN EA 333 -48.26 55.05 -108.76
N LEU EA 334 -47.62 53.89 -108.65
CA LEU EA 334 -47.91 52.78 -109.57
C LEU EA 334 -49.12 51.96 -109.15
N LEU EA 335 -49.11 51.42 -107.92
CA LEU EA 335 -50.17 50.52 -107.50
C LEU EA 335 -51.33 51.21 -106.80
N ASP EA 336 -51.24 52.54 -106.56
CA ASP EA 336 -52.26 53.33 -105.87
C ASP EA 336 -52.54 52.78 -104.47
N MET EA 337 -51.52 52.79 -103.64
CA MET EA 337 -51.54 52.13 -102.33
C MET EA 337 -51.31 53.14 -101.22
N ARG EA 338 -51.95 52.89 -100.10
CA ARG EA 338 -51.38 53.32 -98.83
C ARG EA 338 -50.38 52.27 -98.37
N GLU EA 339 -49.13 52.70 -98.18
CA GLU EA 339 -48.02 51.77 -97.98
C GLU EA 339 -48.12 51.13 -96.60
N PRO EA 340 -48.20 49.80 -96.51
CA PRO EA 340 -48.25 49.15 -95.19
C PRO EA 340 -46.87 49.12 -94.54
N VAL EA 341 -46.84 49.36 -93.23
CA VAL EA 341 -45.62 49.32 -92.45
C VAL EA 341 -45.78 48.28 -91.36
N PHE EA 342 -44.84 47.34 -91.29
CA PHE EA 342 -44.87 46.25 -90.32
C PHE EA 342 -43.84 46.50 -89.23
N GLU EA 343 -43.89 45.65 -88.21
CA GLU EA 343 -42.98 45.73 -87.06
C GLU EA 343 -42.72 44.32 -86.54
N PHE EA 344 -41.49 44.10 -86.08
CA PHE EA 344 -41.07 42.83 -85.51
C PHE EA 344 -41.40 42.86 -84.03
N VAL EA 345 -42.47 42.15 -83.65
CA VAL EA 345 -42.98 42.17 -82.29
C VAL EA 345 -42.68 40.82 -81.66
N ARG EA 346 -41.86 40.84 -80.61
CA ARG EA 346 -41.54 39.66 -79.83
C ARG EA 346 -42.71 39.30 -78.90
N PRO EA 347 -42.80 38.05 -78.47
CA PRO EA 347 -43.83 37.69 -77.48
C PRO EA 347 -43.56 38.35 -76.18
N PRO EA 348 -44.60 38.60 -75.37
CA PRO EA 348 -44.40 39.19 -74.04
C PRO EA 348 -43.68 38.23 -73.12
N PRO EA 349 -42.93 38.72 -72.14
CA PRO EA 349 -42.19 37.83 -71.24
C PRO EA 349 -43.13 37.04 -70.33
N TYR EA 350 -42.70 35.83 -69.99
CA TYR EA 350 -43.51 34.93 -69.18
C TYR EA 350 -43.46 35.37 -67.72
N HIS EA 351 -44.61 35.31 -67.05
CA HIS EA 351 -44.68 35.51 -65.61
C HIS EA 351 -45.48 34.37 -65.00
N PRO EA 352 -45.16 33.95 -63.77
CA PRO EA 352 -45.95 32.89 -63.13
C PRO EA 352 -47.29 33.41 -62.64
N LYS EA 353 -48.07 32.51 -62.05
CA LYS EA 353 -49.32 32.91 -61.43
C LYS EA 353 -49.03 33.69 -60.16
N GLN EA 354 -49.71 34.82 -59.98
CA GLN EA 354 -49.44 35.70 -58.86
C GLN EA 354 -49.95 35.08 -57.56
N LYS EA 355 -49.10 35.07 -56.54
CA LYS EA 355 -49.43 34.52 -55.24
C LYS EA 355 -49.86 35.65 -54.31
N ARG EA 356 -50.77 35.31 -53.39
CA ARG EA 356 -51.25 36.30 -52.43
C ARG EA 356 -50.17 36.69 -51.45
N PHE EA 357 -49.35 35.75 -51.01
CA PHE EA 357 -48.26 36.01 -50.08
C PHE EA 357 -46.97 35.46 -50.68
N PRO EA 358 -46.24 36.28 -51.43
CA PRO EA 358 -44.93 35.84 -51.92
C PRO EA 358 -43.91 35.81 -50.79
N HIS EA 359 -43.11 34.75 -50.76
CA HIS EA 359 -42.13 34.54 -49.70
C HIS EA 359 -40.73 34.68 -50.25
N ARG EA 360 -39.94 35.56 -49.63
CA ARG EA 360 -38.56 35.89 -50.02
C ARG EA 360 -38.51 36.35 -51.48
N GLN EA 361 -39.17 37.47 -51.75
CA GLN EA 361 -39.24 38.07 -53.07
C GLN EA 361 -39.01 39.57 -52.98
N PRO EA 362 -38.41 40.20 -54.00
CA PRO EA 362 -38.14 41.64 -53.91
C PRO EA 362 -39.41 42.47 -53.99
N LEU EA 363 -39.26 43.76 -53.68
CA LEU EA 363 -40.39 44.68 -53.69
C LEU EA 363 -40.88 44.94 -55.11
N ARG EA 364 -40.01 44.74 -56.10
CA ARG EA 364 -40.37 44.90 -57.50
C ARG EA 364 -41.20 43.75 -58.05
N TYR EA 365 -41.56 42.76 -57.23
CA TYR EA 365 -42.39 41.66 -57.67
C TYR EA 365 -43.79 42.12 -58.04
N LEU EA 366 -44.27 43.19 -57.41
CA LEU EA 366 -45.56 43.75 -57.77
C LEU EA 366 -45.50 44.52 -59.09
N ASP EA 367 -44.33 45.06 -59.44
CA ASP EA 367 -44.16 45.77 -60.70
C ASP EA 367 -44.23 44.85 -61.92
N ARG EA 368 -43.98 43.56 -61.73
CA ARG EA 368 -44.12 42.61 -62.84
C ARG EA 368 -45.58 42.45 -63.23
N TYR EA 369 -46.48 42.51 -62.25
CA TYR EA 369 -47.89 42.26 -62.48
C TYR EA 369 -48.72 43.55 -62.48
N ARG EA 370 -48.09 44.70 -62.25
CA ARG EA 370 -48.78 45.97 -62.38
C ARG EA 370 -49.14 46.23 -63.84
N ASP EA 371 -50.37 46.68 -64.07
CA ASP EA 371 -50.88 46.87 -65.42
C ASP EA 371 -50.21 48.06 -66.09
N SER EA 372 -50.36 49.24 -65.51
CA SER EA 372 -49.72 50.46 -66.01
C SER EA 372 -49.10 51.21 -64.84
N HIS EA 373 -48.07 51.99 -65.13
CA HIS EA 373 -47.35 52.75 -64.11
C HIS EA 373 -48.05 54.09 -63.92
N GLU EA 374 -49.32 54.04 -63.52
CA GLU EA 374 -50.13 55.21 -63.22
C GLU EA 374 -50.89 54.94 -61.93
N PRO EA 375 -50.85 55.84 -60.94
CA PRO EA 375 -51.60 55.62 -59.71
C PRO EA 375 -53.09 55.81 -59.94
N THR EA 376 -53.85 54.73 -59.68
CA THR EA 376 -55.28 54.74 -59.87
C THR EA 376 -55.96 54.69 -58.50
N TYR EA 377 -56.98 55.53 -58.32
CA TYR EA 377 -57.71 55.63 -57.07
C TYR EA 377 -59.16 55.25 -57.36
N GLY EA 378 -59.60 54.15 -56.75
CA GLY EA 378 -60.93 53.62 -57.00
C GLY EA 378 -62.08 54.50 -56.53
N ILE EA 379 -62.03 54.95 -55.28
CA ILE EA 379 -63.12 55.72 -54.70
C ILE EA 379 -62.70 57.12 -54.28
N TYR EA 380 -61.41 57.43 -54.29
CA TYR EA 380 -60.94 58.71 -53.80
C TYR EA 380 -60.82 59.73 -54.93
N LYS FA 35 -36.12 -3.33 -48.06
CA LYS FA 35 -37.24 -2.45 -48.37
C LYS FA 35 -38.30 -3.18 -49.17
N PHE FA 36 -39.54 -3.15 -48.68
CA PHE FA 36 -40.65 -3.74 -49.42
C PHE FA 36 -41.26 -2.69 -50.34
N THR FA 37 -41.26 -2.99 -51.63
CA THR FA 37 -41.72 -2.06 -52.66
C THR FA 37 -42.72 -2.80 -53.54
N ARG FA 38 -43.10 -2.17 -54.65
CA ARG FA 38 -43.99 -2.81 -55.61
C ARG FA 38 -43.27 -3.94 -56.33
N SER FA 39 -44.03 -4.84 -56.95
CA SER FA 39 -43.48 -6.04 -57.54
C SER FA 39 -43.63 -5.98 -59.05
N ARG FA 40 -42.50 -6.02 -59.76
CA ARG FA 40 -42.53 -6.17 -61.20
C ARG FA 40 -42.96 -7.59 -61.57
N ILE FA 41 -43.82 -7.68 -62.58
CA ILE FA 41 -44.29 -8.98 -63.05
C ILE FA 41 -43.72 -9.23 -64.44
N PRO FA 42 -42.94 -10.29 -64.64
CA PRO FA 42 -42.38 -10.56 -65.97
C PRO FA 42 -43.45 -10.97 -66.97
N ASP FA 43 -43.17 -10.73 -68.25
CA ASP FA 43 -44.15 -11.01 -69.29
C ASP FA 43 -44.21 -12.50 -69.66
N LYS FA 44 -43.32 -13.32 -69.10
CA LYS FA 44 -43.34 -14.75 -69.37
C LYS FA 44 -44.52 -15.43 -68.67
N VAL FA 45 -45.04 -14.81 -67.59
CA VAL FA 45 -46.13 -15.39 -66.83
C VAL FA 45 -47.42 -15.39 -67.64
N PHE FA 46 -47.68 -14.33 -68.40
CA PHE FA 46 -48.91 -14.18 -69.15
C PHE FA 46 -48.82 -14.71 -70.57
N GLN FA 47 -47.83 -15.55 -70.87
CA GLN FA 47 -47.81 -16.27 -72.13
C GLN FA 47 -48.57 -17.58 -71.93
N PRO FA 48 -49.73 -17.76 -72.55
CA PRO FA 48 -50.55 -18.94 -72.25
C PRO FA 48 -50.11 -20.16 -73.04
N SER FA 49 -50.16 -21.30 -72.38
CA SER FA 49 -49.95 -22.61 -72.99
C SER FA 49 -51.19 -23.02 -73.78
N PRO FA 50 -51.05 -23.87 -74.80
CA PRO FA 50 -52.24 -24.37 -75.51
C PRO FA 50 -53.18 -25.23 -74.67
N GLU FA 51 -52.69 -25.80 -73.55
CA GLU FA 51 -53.57 -26.58 -72.70
C GLU FA 51 -54.40 -25.70 -71.77
N ASP FA 52 -54.01 -24.44 -71.59
CA ASP FA 52 -54.73 -23.55 -70.69
C ASP FA 52 -56.10 -23.19 -71.23
N HIS FA 53 -56.23 -23.05 -72.56
CA HIS FA 53 -57.52 -22.77 -73.17
C HIS FA 53 -58.48 -23.94 -72.99
N GLU FA 54 -57.98 -25.17 -73.14
CA GLU FA 54 -58.82 -26.35 -72.91
C GLU FA 54 -59.16 -26.51 -71.43
N LYS FA 55 -58.25 -26.09 -70.55
CA LYS FA 55 -58.49 -26.25 -69.12
C LYS FA 55 -59.51 -25.24 -68.61
N TYR FA 56 -59.41 -23.99 -69.06
CA TYR FA 56 -60.21 -22.90 -68.53
C TYR FA 56 -61.31 -22.43 -69.48
N GLY FA 57 -61.56 -23.14 -70.57
CA GLY FA 57 -62.69 -22.81 -71.43
C GLY FA 57 -62.54 -21.56 -72.26
N GLY FA 58 -61.30 -21.15 -72.55
CA GLY FA 58 -61.06 -19.97 -73.35
C GLY FA 58 -60.94 -20.28 -74.83
N ASP FA 59 -61.14 -19.25 -75.64
CA ASP FA 59 -61.03 -19.36 -77.09
C ASP FA 59 -59.62 -18.99 -77.51
N PRO FA 60 -58.89 -19.90 -78.17
CA PRO FA 60 -57.53 -19.56 -78.64
C PRO FA 60 -57.50 -18.51 -79.74
N GLN FA 61 -58.60 -18.31 -80.47
CA GLN FA 61 -58.62 -17.37 -81.59
C GLN FA 61 -59.10 -15.99 -81.16
N TYR FA 62 -60.30 -15.92 -80.59
CA TYR FA 62 -60.90 -14.63 -80.27
C TYR FA 62 -60.87 -14.38 -78.78
N PRO FA 63 -60.18 -13.33 -78.31
CA PRO FA 63 -60.25 -12.96 -76.89
C PRO FA 63 -61.63 -12.41 -76.54
N HIS FA 64 -62.01 -12.62 -75.28
CA HIS FA 64 -63.33 -12.18 -74.82
C HIS FA 64 -63.34 -10.68 -74.59
N LYS FA 65 -64.55 -10.12 -74.46
CA LYS FA 65 -64.71 -8.68 -74.53
C LYS FA 65 -64.75 -8.02 -73.17
N LEU FA 66 -65.41 -8.63 -72.18
CA LEU FA 66 -65.68 -7.95 -70.93
C LEU FA 66 -65.34 -8.84 -69.73
N HIS FA 67 -64.72 -8.22 -68.72
CA HIS FA 67 -64.39 -8.88 -67.46
C HIS FA 67 -65.52 -8.72 -66.46
N ILE FA 68 -65.82 -9.80 -65.74
CA ILE FA 68 -66.50 -9.75 -64.46
C ILE FA 68 -65.43 -9.88 -63.39
N VAL FA 69 -65.29 -8.83 -62.57
CA VAL FA 69 -64.27 -8.79 -61.52
C VAL FA 69 -64.99 -8.74 -60.18
N THR FA 70 -64.61 -9.65 -59.29
CA THR FA 70 -65.23 -9.75 -57.97
C THR FA 70 -64.14 -9.88 -56.91
N ARG FA 71 -64.16 -8.97 -55.93
CA ARG FA 71 -63.14 -8.95 -54.88
C ARG FA 71 -63.42 -10.07 -53.90
N ILE FA 72 -62.38 -10.84 -53.56
CA ILE FA 72 -62.54 -11.92 -52.58
C ILE FA 72 -61.93 -11.52 -51.24
N LYS FA 73 -60.70 -11.04 -51.24
CA LYS FA 73 -59.95 -10.75 -50.03
C LYS FA 73 -60.13 -9.30 -49.61
N SER FA 74 -59.47 -8.92 -48.53
CA SER FA 74 -59.59 -7.59 -47.95
C SER FA 74 -58.38 -6.74 -48.31
N THR FA 75 -58.60 -5.43 -48.33
CA THR FA 75 -57.52 -4.48 -48.53
C THR FA 75 -56.73 -4.21 -47.26
N LYS FA 76 -57.24 -4.60 -46.10
CA LYS FA 76 -56.45 -4.56 -44.89
C LYS FA 76 -55.32 -5.57 -44.97
N ARG FA 77 -54.21 -5.26 -44.28
CA ARG FA 77 -52.95 -5.99 -44.27
C ARG FA 77 -52.31 -6.08 -45.66
N ARG FA 78 -52.63 -5.15 -46.57
CA ARG FA 78 -52.18 -4.97 -47.94
C ARG FA 78 -51.75 -3.53 -48.16
N PRO FA 79 -50.82 -3.25 -49.09
CA PRO FA 79 -50.27 -1.90 -49.21
C PRO FA 79 -51.25 -0.87 -49.74
N TYR FA 80 -50.87 0.40 -49.57
CA TYR FA 80 -51.77 1.51 -49.86
C TYR FA 80 -52.00 1.68 -51.35
N TRP FA 81 -51.03 1.30 -52.18
CA TRP FA 81 -51.26 1.35 -53.62
C TRP FA 81 -52.26 0.29 -54.06
N GLU FA 82 -52.23 -0.90 -53.43
CA GLU FA 82 -53.26 -1.91 -53.71
C GLU FA 82 -54.63 -1.45 -53.23
N LYS FA 83 -54.67 -0.79 -52.07
CA LYS FA 83 -55.91 -0.18 -51.57
C LYS FA 83 -56.46 0.85 -52.56
N ASP FA 84 -55.58 1.70 -53.08
CA ASP FA 84 -55.99 2.76 -54.00
C ASP FA 84 -56.50 2.18 -55.31
N ILE FA 85 -55.84 1.14 -55.84
CA ILE FA 85 -56.27 0.53 -57.09
C ILE FA 85 -57.59 -0.21 -56.92
N ILE FA 86 -57.79 -0.87 -55.78
CA ILE FA 86 -59.09 -1.47 -55.48
C ILE FA 86 -60.17 -0.40 -55.38
N LYS FA 87 -59.84 0.77 -54.82
CA LYS FA 87 -60.79 1.88 -54.76
C LYS FA 87 -61.17 2.41 -56.13
N MET FA 88 -60.18 2.61 -57.01
CA MET FA 88 -60.51 3.21 -58.31
C MET FA 88 -61.08 2.20 -59.29
N LEU FA 89 -60.98 0.91 -59.01
CA LEU FA 89 -61.62 -0.10 -59.84
C LEU FA 89 -63.08 -0.32 -59.50
N GLY FA 90 -63.61 0.40 -58.51
CA GLY FA 90 -64.99 0.20 -58.11
C GLY FA 90 -65.25 -1.06 -57.31
N LEU FA 91 -64.21 -1.57 -56.64
CA LEU FA 91 -64.29 -2.85 -55.94
C LEU FA 91 -64.30 -2.67 -54.42
N GLU FA 92 -64.99 -1.65 -53.91
CA GLU FA 92 -64.97 -1.38 -52.48
C GLU FA 92 -65.76 -2.44 -51.71
N LYS FA 93 -66.94 -2.81 -52.20
CA LYS FA 93 -67.77 -3.81 -51.54
C LYS FA 93 -67.35 -5.20 -52.01
N ALA FA 94 -67.10 -6.09 -51.05
CA ALA FA 94 -66.67 -7.44 -51.39
C ALA FA 94 -67.84 -8.26 -51.91
N HIS FA 95 -67.49 -9.30 -52.68
CA HIS FA 95 -68.42 -10.32 -53.20
C HIS FA 95 -69.50 -9.73 -54.10
N THR FA 96 -69.19 -8.61 -54.77
CA THR FA 96 -70.10 -8.01 -55.74
C THR FA 96 -69.40 -7.86 -57.08
N PRO FA 97 -69.98 -8.36 -58.16
CA PRO FA 97 -69.32 -8.29 -59.47
C PRO FA 97 -69.33 -6.89 -60.05
N GLN FA 98 -68.33 -6.61 -60.88
CA GLN FA 98 -68.22 -5.36 -61.61
C GLN FA 98 -67.70 -5.66 -63.00
N VAL FA 99 -68.34 -5.07 -64.01
CA VAL FA 99 -67.97 -5.30 -65.40
C VAL FA 99 -66.93 -4.27 -65.83
N HIS FA 100 -65.87 -4.74 -66.48
CA HIS FA 100 -64.77 -3.88 -66.91
C HIS FA 100 -64.37 -4.27 -68.32
N LYS FA 101 -63.62 -3.39 -68.98
CA LYS FA 101 -63.13 -3.68 -70.32
C LYS FA 101 -61.97 -4.67 -70.27
N ASN FA 102 -61.63 -5.20 -71.44
CA ASN FA 102 -60.55 -6.17 -71.59
C ASN FA 102 -59.24 -5.47 -71.96
N ILE FA 103 -59.24 -4.14 -72.00
CA ILE FA 103 -58.16 -3.33 -72.53
C ILE FA 103 -56.93 -3.40 -71.62
N PRO FA 104 -55.71 -3.18 -72.16
CA PRO FA 104 -54.51 -3.25 -71.30
C PRO FA 104 -54.46 -2.22 -70.18
N SER FA 105 -55.18 -1.11 -70.32
CA SER FA 105 -55.22 -0.10 -69.26
C SER FA 105 -55.90 -0.63 -68.01
N VAL FA 106 -57.03 -1.31 -68.18
CA VAL FA 106 -57.66 -2.00 -67.05
C VAL FA 106 -56.84 -3.21 -66.65
N ASN FA 107 -56.24 -3.89 -67.62
CA ASN FA 107 -55.53 -5.15 -67.37
C ASN FA 107 -54.27 -4.94 -66.54
N ALA FA 108 -53.63 -3.77 -66.64
CA ALA FA 108 -52.45 -3.49 -65.83
C ALA FA 108 -52.81 -3.38 -64.34
N LYS FA 109 -53.90 -2.66 -64.04
CA LYS FA 109 -54.37 -2.55 -62.67
C LYS FA 109 -54.84 -3.90 -62.13
N LEU FA 110 -55.51 -4.68 -62.97
CA LEU FA 110 -55.94 -6.01 -62.57
C LEU FA 110 -54.75 -6.95 -62.38
N LYS FA 111 -53.65 -6.70 -63.11
CA LYS FA 111 -52.42 -7.44 -62.88
C LYS FA 111 -51.80 -7.08 -61.54
N VAL FA 112 -51.89 -5.81 -61.15
CA VAL FA 112 -51.34 -5.39 -59.86
C VAL FA 112 -52.13 -6.00 -58.70
N VAL FA 113 -53.47 -5.94 -58.78
CA VAL FA 113 -54.29 -6.46 -57.67
C VAL FA 113 -54.91 -7.81 -58.00
N LYS FA 114 -54.27 -8.61 -58.86
CA LYS FA 114 -54.84 -9.88 -59.31
C LYS FA 114 -54.92 -10.95 -58.22
N HIS FA 115 -54.22 -10.77 -57.10
CA HIS FA 115 -54.28 -11.73 -56.02
C HIS FA 115 -55.43 -11.48 -55.05
N LEU FA 116 -56.22 -10.44 -55.28
CA LEU FA 116 -57.33 -10.08 -54.41
C LEU FA 116 -58.68 -10.28 -55.06
N ILE FA 117 -58.73 -10.68 -56.34
CA ILE FA 117 -59.95 -10.65 -57.14
C ILE FA 117 -60.12 -11.97 -57.88
N ARG FA 118 -61.30 -12.12 -58.45
CA ARG FA 118 -61.65 -13.22 -59.34
C ARG FA 118 -62.19 -12.64 -60.64
N ILE FA 119 -61.65 -13.07 -61.77
CA ILE FA 119 -62.01 -12.55 -63.07
C ILE FA 119 -62.63 -13.66 -63.90
N LYS FA 120 -63.80 -13.39 -64.47
CA LYS FA 120 -64.51 -14.29 -65.36
C LYS FA 120 -64.85 -13.56 -66.65
N PRO FA 121 -65.05 -14.28 -67.76
CA PRO FA 121 -65.57 -13.61 -68.95
C PRO FA 121 -67.06 -13.35 -68.83
N LEU FA 122 -67.51 -12.25 -69.43
CA LEU FA 122 -68.94 -12.00 -69.55
C LEU FA 122 -69.49 -12.69 -70.79
N LYS FA 123 -70.36 -13.66 -70.59
CA LYS FA 123 -70.96 -14.42 -71.68
C LYS FA 123 -72.35 -13.89 -71.98
N LEU FA 124 -72.66 -13.76 -73.27
CA LEU FA 124 -73.93 -13.23 -73.74
C LEU FA 124 -74.58 -14.28 -74.63
N PRO FA 125 -75.31 -15.24 -74.05
CA PRO FA 125 -75.93 -16.28 -74.88
C PRO FA 125 -77.07 -15.78 -75.73
N GLN FA 126 -77.79 -14.76 -75.26
CA GLN FA 126 -78.85 -14.14 -76.04
C GLN FA 126 -78.41 -12.83 -76.69
N GLY FA 127 -77.12 -12.51 -76.63
CA GLY FA 127 -76.63 -11.27 -77.20
C GLY FA 127 -76.78 -10.10 -76.25
N LEU FA 128 -76.45 -8.92 -76.76
CA LEU FA 128 -76.58 -7.70 -75.98
C LEU FA 128 -78.06 -7.36 -75.79
N PRO FA 129 -78.45 -6.90 -74.60
CA PRO FA 129 -79.85 -6.54 -74.37
C PRO FA 129 -80.22 -5.24 -75.05
N THR FA 130 -81.46 -5.16 -75.50
CA THR FA 130 -81.99 -3.96 -76.12
C THR FA 130 -82.57 -3.03 -75.04
N GLU FA 131 -83.05 -1.86 -75.47
CA GLU FA 131 -83.59 -0.88 -74.52
C GLU FA 131 -84.95 -1.28 -73.96
N GLU FA 132 -85.66 -2.20 -74.61
CA GLU FA 132 -86.90 -2.71 -74.03
C GLU FA 132 -86.63 -3.66 -72.87
N ASP FA 133 -85.49 -4.35 -72.90
CA ASP FA 133 -85.18 -5.40 -71.95
C ASP FA 133 -84.13 -4.99 -70.92
N MET FA 134 -83.99 -3.69 -70.64
CA MET FA 134 -82.98 -3.23 -69.69
C MET FA 134 -83.29 -3.66 -68.26
N ALA FA 135 -84.57 -3.64 -67.87
CA ALA FA 135 -84.94 -3.97 -66.51
C ALA FA 135 -85.07 -5.47 -66.26
N ASN FA 136 -85.08 -6.28 -67.31
CA ASN FA 136 -85.36 -7.70 -67.18
C ASN FA 136 -84.11 -8.57 -67.29
N THR FA 137 -82.92 -8.00 -67.20
CA THR FA 137 -81.69 -8.78 -67.27
C THR FA 137 -81.43 -9.50 -65.96
N CYS FA 138 -80.61 -10.54 -66.02
CA CYS FA 138 -80.12 -11.23 -64.84
C CYS FA 138 -78.69 -11.68 -65.07
N LEU FA 139 -77.92 -11.79 -64.00
CA LEU FA 139 -76.51 -12.16 -64.08
C LEU FA 139 -76.31 -13.47 -63.31
N LYS FA 140 -76.19 -14.56 -64.06
CA LYS FA 140 -75.94 -15.86 -63.48
C LYS FA 140 -74.46 -16.03 -63.15
N SER FA 141 -74.20 -16.64 -61.98
CA SER FA 141 -72.90 -16.58 -61.33
C SER FA 141 -71.86 -17.46 -62.01
N ASN FA 142 -72.27 -18.28 -62.98
CA ASN FA 142 -71.29 -18.89 -63.87
C ASN FA 142 -70.66 -17.87 -64.81
N GLY FA 143 -71.25 -16.68 -64.92
CA GLY FA 143 -70.67 -15.59 -65.67
C GLY FA 143 -71.46 -15.14 -66.88
N GLU FA 144 -72.79 -15.28 -66.86
CA GLU FA 144 -73.55 -14.99 -68.07
C GLU FA 144 -74.68 -14.01 -67.78
N LEU FA 145 -75.06 -13.27 -68.81
CA LEU FA 145 -76.09 -12.24 -68.72
C LEU FA 145 -77.31 -12.70 -69.51
N VAL FA 146 -78.33 -13.17 -68.81
CA VAL FA 146 -79.58 -13.61 -69.43
C VAL FA 146 -80.45 -12.39 -69.67
N VAL FA 147 -80.85 -12.18 -70.93
CA VAL FA 147 -81.60 -10.99 -71.32
C VAL FA 147 -83.02 -11.04 -70.78
N ARG FA 148 -83.68 -12.18 -70.92
CA ARG FA 148 -85.08 -12.34 -70.48
C ARG FA 148 -85.10 -13.21 -69.23
N TRP FA 149 -85.49 -12.62 -68.10
CA TRP FA 149 -85.51 -13.30 -66.82
C TRP FA 149 -86.93 -13.31 -66.28
N LEU FA 150 -87.45 -14.51 -66.00
CA LEU FA 150 -88.79 -14.75 -65.45
C LEU FA 150 -89.89 -14.13 -66.33
N LEU FA 151 -89.99 -14.67 -67.53
CA LEU FA 151 -91.02 -14.24 -68.47
C LEU FA 151 -92.38 -14.74 -68.00
N ASN FA 152 -93.37 -13.86 -68.04
CA ASN FA 152 -94.74 -14.08 -67.56
C ASN FA 152 -94.82 -14.61 -66.12
N SER GA 30 -131.67 -55.07 15.37
CA SER GA 30 -131.74 -53.91 14.48
C SER GA 30 -130.57 -53.92 13.50
N GLN GA 31 -130.72 -53.17 12.41
CA GLN GA 31 -129.68 -53.06 11.39
C GLN GA 31 -128.99 -51.72 11.55
N LEU GA 32 -127.83 -51.72 12.20
CA LEU GA 32 -127.08 -50.50 12.44
C LEU GA 32 -125.60 -50.75 12.20
N SER GA 33 -125.04 -50.03 11.22
CA SER GA 33 -123.63 -50.13 10.93
C SER GA 33 -122.81 -49.40 12.00
N PRO GA 34 -121.53 -49.74 12.16
CA PRO GA 34 -120.69 -49.01 13.13
C PRO GA 34 -120.51 -47.52 12.83
N THR GA 35 -120.63 -47.08 11.58
CA THR GA 35 -120.59 -45.65 11.31
C THR GA 35 -121.88 -44.96 11.75
N GLU GA 36 -123.02 -45.55 11.38
CA GLU GA 36 -124.32 -44.95 11.69
C GLU GA 36 -124.62 -44.96 13.18
N LEU GA 37 -124.13 -45.96 13.93
CA LEU GA 37 -124.43 -45.98 15.36
C LEU GA 37 -123.66 -44.88 16.09
N ILE GA 38 -122.37 -44.71 15.76
CA ILE GA 38 -121.58 -43.60 16.31
C ILE GA 38 -122.18 -42.25 15.90
N GLU GA 39 -122.70 -42.17 14.67
CA GLU GA 39 -123.46 -41.00 14.25
C GLU GA 39 -124.70 -40.79 15.13
N MET GA 40 -125.35 -41.88 15.55
CA MET GA 40 -126.54 -41.76 16.38
C MET GA 40 -126.22 -41.25 17.79
N GLN GA 41 -125.20 -41.82 18.45
CA GLN GA 41 -124.86 -41.27 19.77
C GLN GA 41 -124.27 -39.86 19.68
N ASN GA 42 -123.58 -39.54 18.58
CA ASN GA 42 -123.07 -38.18 18.41
C ASN GA 42 -124.20 -37.17 18.23
N ASP GA 43 -125.21 -37.54 17.43
CA ASP GA 43 -126.36 -36.66 17.21
C ASP GA 43 -127.16 -36.47 18.50
N LEU GA 44 -127.38 -37.56 19.26
CA LEU GA 44 -128.13 -37.43 20.51
C LEU GA 44 -127.34 -36.68 21.57
N PHE GA 45 -126.01 -36.84 21.60
CA PHE GA 45 -125.19 -36.09 22.55
C PHE GA 45 -125.18 -34.60 22.24
N ASN GA 46 -125.10 -34.24 20.95
CA ASN GA 46 -125.18 -32.82 20.60
C ASN GA 46 -126.56 -32.25 20.86
N LYS GA 47 -127.62 -33.05 20.68
CA LYS GA 47 -128.97 -32.61 21.01
C LYS GA 47 -129.13 -32.36 22.51
N GLU GA 48 -128.59 -33.25 23.33
CA GLU GA 48 -128.73 -33.13 24.78
C GLU GA 48 -127.88 -31.97 25.29
N LYS GA 49 -126.71 -31.77 24.66
CA LYS GA 49 -125.85 -30.62 24.96
C LYS GA 49 -126.52 -29.31 24.60
N ASN GA 50 -127.21 -29.26 23.45
CA ASN GA 50 -127.93 -28.05 23.07
C ASN GA 50 -129.13 -27.80 23.97
N ARG GA 51 -129.74 -28.87 24.51
CA ARG GA 51 -130.79 -28.70 25.51
C ARG GA 51 -130.24 -28.06 26.79
N GLN GA 52 -129.07 -28.52 27.24
CA GLN GA 52 -128.43 -27.88 28.40
C GLN GA 52 -127.96 -26.47 28.10
N LEU GA 53 -127.61 -26.18 26.84
CA LEU GA 53 -127.24 -24.82 26.47
C LEU GA 53 -128.45 -23.90 26.49
N SER GA 54 -129.60 -24.38 25.99
CA SER GA 54 -130.83 -23.60 26.01
C SER GA 54 -131.46 -23.53 27.39
N LEU GA 55 -131.07 -24.41 28.33
CA LEU GA 55 -131.57 -24.31 29.70
C LEU GA 55 -131.10 -23.04 30.39
N THR GA 56 -129.94 -22.51 30.00
CA THR GA 56 -129.46 -21.25 30.55
C THR GA 56 -129.66 -20.15 29.52
N PRO GA 57 -130.67 -19.28 29.68
CA PRO GA 57 -130.92 -18.28 28.62
C PRO GA 57 -129.96 -17.10 28.65
N ARG GA 58 -129.56 -16.64 29.83
CA ARG GA 58 -128.74 -15.43 29.95
C ARG GA 58 -127.43 -15.72 30.65
N THR GA 59 -126.40 -14.93 30.33
CA THR GA 59 -125.09 -15.05 30.97
C THR GA 59 -125.17 -14.38 32.34
N GLU GA 60 -124.88 -15.16 33.38
CA GLU GA 60 -124.91 -14.68 34.76
C GLU GA 60 -123.50 -14.67 35.30
N LYS GA 61 -123.16 -13.66 36.09
CA LYS GA 61 -121.81 -13.49 36.61
C LYS GA 61 -121.69 -14.22 37.94
N ILE GA 62 -120.84 -15.24 37.98
CA ILE GA 62 -120.58 -15.98 39.21
C ILE GA 62 -119.20 -15.60 39.73
N GLU GA 63 -119.12 -15.39 41.04
CA GLU GA 63 -117.92 -14.89 41.71
C GLU GA 63 -117.18 -16.06 42.32
N VAL GA 64 -116.02 -16.37 41.77
CA VAL GA 64 -115.19 -17.49 42.24
C VAL GA 64 -113.99 -16.93 42.99
N LYS GA 65 -113.74 -17.44 44.18
CA LYS GA 65 -112.56 -17.08 44.93
C LYS GA 65 -111.48 -18.13 44.64
N HIS GA 66 -110.22 -17.72 44.63
CA HIS GA 66 -109.11 -18.64 44.47
C HIS GA 66 -108.53 -18.95 45.85
N VAL GA 67 -108.67 -20.19 46.30
CA VAL GA 67 -108.14 -20.59 47.60
C VAL GA 67 -106.86 -21.39 47.47
N GLY GA 68 -106.15 -21.26 46.35
CA GLY GA 68 -104.88 -21.94 46.21
C GLY GA 68 -103.81 -21.30 47.07
N LYS GA 69 -102.80 -22.10 47.43
CA LYS GA 69 -101.71 -21.65 48.29
C LYS GA 69 -100.80 -20.64 47.61
N THR GA 70 -100.58 -20.78 46.30
CA THR GA 70 -99.67 -19.92 45.56
C THR GA 70 -100.24 -18.52 45.34
N ASP GA 71 -101.51 -18.42 44.94
CA ASP GA 71 -102.15 -17.16 44.59
C ASP GA 71 -103.45 -17.00 45.39
N PRO GA 72 -103.37 -16.51 46.62
CA PRO GA 72 -104.59 -16.31 47.40
C PRO GA 72 -105.22 -14.95 47.13
N GLY GA 73 -106.53 -14.87 47.38
CA GLY GA 73 -107.25 -13.62 47.27
C GLY GA 73 -107.68 -13.23 45.87
N THR GA 74 -107.41 -14.06 44.87
CA THR GA 74 -107.79 -13.72 43.51
C THR GA 74 -109.30 -13.92 43.33
N VAL GA 75 -109.95 -12.93 42.72
CA VAL GA 75 -111.39 -12.94 42.53
C VAL GA 75 -111.67 -13.06 41.04
N PHE GA 76 -112.35 -14.13 40.65
CA PHE GA 76 -112.66 -14.44 39.27
C PHE GA 76 -114.15 -14.18 39.03
N VAL GA 77 -114.50 -13.65 37.86
CA VAL GA 77 -115.89 -13.40 37.51
C VAL GA 77 -116.19 -14.20 36.25
N MET GA 78 -116.76 -15.39 36.43
CA MET GA 78 -117.05 -16.32 35.34
C MET GA 78 -118.50 -16.20 34.88
N ASN GA 79 -118.77 -16.82 33.73
CA ASN GA 79 -120.12 -16.93 33.19
C ASN GA 79 -120.75 -18.22 33.70
N LYS GA 80 -122.05 -18.18 33.98
CA LYS GA 80 -122.75 -19.35 34.50
C LYS GA 80 -123.00 -20.35 33.37
N ASN GA 81 -122.59 -21.60 33.61
CA ASN GA 81 -122.77 -22.76 32.72
C ASN GA 81 -122.10 -22.58 31.36
N ILE GA 82 -121.15 -21.65 31.23
CA ILE GA 82 -120.40 -21.46 30.00
C ILE GA 82 -118.91 -21.55 30.32
N SER GA 83 -118.47 -20.74 31.28
CA SER GA 83 -117.06 -20.68 31.63
C SER GA 83 -116.64 -21.92 32.41
N THR GA 84 -115.38 -22.31 32.21
CA THR GA 84 -114.78 -23.53 32.74
C THR GA 84 -113.61 -23.16 33.64
N PRO GA 85 -113.17 -24.08 34.51
CA PRO GA 85 -111.90 -23.84 35.23
C PRO GA 85 -110.68 -23.75 34.33
N TYR GA 86 -110.72 -24.29 33.11
CA TYR GA 86 -109.64 -24.06 32.16
C TYR GA 86 -109.61 -22.60 31.73
N SER GA 87 -110.78 -22.02 31.45
CA SER GA 87 -110.90 -20.59 31.21
C SER GA 87 -110.57 -19.76 32.43
N CYS GA 88 -110.77 -20.30 33.64
CA CYS GA 88 -110.31 -19.63 34.85
C CYS GA 88 -108.79 -19.60 34.94
N ALA GA 89 -108.15 -20.70 34.55
CA ALA GA 89 -106.68 -20.78 34.64
C ALA GA 89 -106.01 -19.95 33.55
N MET GA 90 -106.69 -19.77 32.42
CA MET GA 90 -106.17 -18.88 31.38
C MET GA 90 -106.06 -17.43 31.84
N HIS GA 91 -106.90 -17.02 32.79
CA HIS GA 91 -106.76 -15.69 33.37
C HIS GA 91 -105.50 -15.59 34.23
N LEU GA 92 -105.07 -16.69 34.84
CA LEU GA 92 -103.88 -16.65 35.67
C LEU GA 92 -102.61 -16.75 34.85
N SER GA 93 -102.39 -17.90 34.19
CA SER GA 93 -101.14 -18.15 33.47
C SER GA 93 -101.30 -19.38 32.60
N GLU GA 94 -100.32 -19.57 31.70
CA GLU GA 94 -100.26 -20.82 30.95
C GLU GA 94 -99.60 -21.93 31.78
N TRP GA 95 -98.90 -21.56 32.85
CA TRP GA 95 -98.32 -22.55 33.75
C TRP GA 95 -99.40 -23.36 34.44
N TYR GA 96 -100.46 -22.68 34.91
CA TYR GA 96 -101.59 -23.38 35.50
C TYR GA 96 -102.35 -24.19 34.46
N CYS GA 97 -102.38 -23.71 33.21
CA CYS GA 97 -103.05 -24.43 32.15
C CYS GA 97 -102.31 -25.71 31.79
N ARG GA 98 -100.98 -25.70 31.87
CA ARG GA 98 -100.22 -26.91 31.56
C ARG GA 98 -100.16 -27.86 32.76
N LYS GA 99 -100.02 -27.34 33.98
CA LYS GA 99 -99.80 -28.22 35.12
C LYS GA 99 -101.12 -28.70 35.72
N SER GA 100 -102.17 -27.87 35.72
CA SER GA 100 -103.41 -28.13 36.44
C SER GA 100 -104.18 -29.25 35.76
N ILE GA 101 -104.56 -30.27 36.54
CA ILE GA 101 -105.27 -31.43 36.00
C ILE GA 101 -106.64 -31.57 36.63
N LEU GA 102 -106.76 -31.28 37.92
CA LEU GA 102 -108.07 -31.32 38.58
C LEU GA 102 -108.35 -30.00 39.30
N ALA GA 103 -109.63 -29.74 39.53
CA ALA GA 103 -110.06 -28.54 40.22
C ALA GA 103 -111.04 -28.92 41.32
N LEU GA 104 -110.74 -28.51 42.54
CA LEU GA 104 -111.65 -28.65 43.68
C LEU GA 104 -112.49 -27.39 43.81
N VAL GA 105 -113.78 -27.52 43.54
CA VAL GA 105 -114.80 -26.59 43.99
C VAL GA 105 -115.33 -27.12 45.31
N ASP GA 106 -115.08 -26.37 46.39
CA ASP GA 106 -115.34 -26.75 47.78
C ASP GA 106 -114.59 -28.05 48.05
N GLY GA 107 -115.25 -29.12 48.46
CA GLY GA 107 -114.60 -30.39 48.69
C GLY GA 107 -114.79 -31.44 47.62
N GLN GA 108 -115.22 -31.06 46.41
CA GLN GA 108 -115.46 -32.07 45.39
C GLN GA 108 -114.67 -31.75 44.12
N PRO GA 109 -113.90 -32.71 43.60
CA PRO GA 109 -113.14 -32.45 42.37
C PRO GA 109 -114.02 -32.46 41.13
N TRP GA 110 -113.75 -31.53 40.23
CA TRP GA 110 -114.44 -31.44 38.96
C TRP GA 110 -113.45 -31.55 37.82
N ASP GA 111 -113.97 -31.77 36.61
CA ASP GA 111 -113.14 -31.72 35.41
C ASP GA 111 -112.69 -30.31 35.10
N MET GA 112 -111.62 -30.22 34.30
CA MET GA 112 -111.03 -28.93 34.00
C MET GA 112 -111.84 -28.21 32.92
N TYR GA 113 -112.61 -28.97 32.14
CA TYR GA 113 -113.48 -28.41 31.11
C TYR GA 113 -114.97 -28.48 31.45
N LYS GA 114 -115.33 -28.99 32.63
CA LYS GA 114 -116.74 -29.01 33.01
C LYS GA 114 -117.16 -27.63 33.46
N PRO GA 115 -118.24 -27.06 32.90
CA PRO GA 115 -118.59 -25.67 33.21
C PRO GA 115 -119.04 -25.47 34.66
N LEU GA 116 -118.69 -24.31 35.20
CA LEU GA 116 -119.07 -23.97 36.56
C LEU GA 116 -120.56 -23.62 36.63
N THR GA 117 -121.12 -23.74 37.84
CA THR GA 117 -122.55 -23.53 38.03
C THR GA 117 -122.84 -22.36 38.96
N LYS GA 118 -122.21 -22.30 40.14
CA LYS GA 118 -122.53 -21.30 41.14
C LYS GA 118 -121.26 -20.57 41.57
N SER GA 119 -121.47 -19.47 42.29
CA SER GA 119 -120.37 -18.75 42.92
C SER GA 119 -119.78 -19.60 44.04
N CYS GA 120 -118.46 -19.72 44.04
CA CYS GA 120 -117.81 -20.75 44.85
C CYS GA 120 -116.34 -20.37 45.05
N GLU GA 121 -115.57 -21.32 45.55
CA GLU GA 121 -114.12 -21.20 45.68
C GLU GA 121 -113.46 -22.36 44.93
N ILE GA 122 -112.27 -22.12 44.41
CA ILE GA 122 -111.61 -23.05 43.52
C ILE GA 122 -110.15 -23.24 43.92
N LYS GA 123 -109.68 -24.47 43.78
CA LYS GA 123 -108.28 -24.84 43.98
C LYS GA 123 -107.87 -25.79 42.86
N PHE GA 124 -106.59 -25.76 42.49
CA PHE GA 124 -106.09 -26.59 41.41
C PHE GA 124 -105.12 -27.63 41.96
N LEU GA 125 -105.23 -28.86 41.45
CA LEU GA 125 -104.29 -29.92 41.78
C LEU GA 125 -103.62 -30.46 40.52
N THR GA 126 -102.31 -30.69 40.64
CA THR GA 126 -101.46 -31.31 39.65
C THR GA 126 -101.01 -32.67 40.17
N PHE GA 127 -100.09 -33.30 39.44
CA PHE GA 127 -99.48 -34.53 39.94
C PHE GA 127 -98.50 -34.24 41.07
N LYS GA 128 -97.94 -33.04 41.08
CA LYS GA 128 -96.79 -32.68 41.91
C LYS GA 128 -97.17 -32.49 43.39
N ASP GA 129 -98.46 -32.28 43.69
CA ASP GA 129 -98.88 -31.91 45.04
C ASP GA 129 -98.73 -33.08 46.02
N ASP GA 130 -98.83 -32.73 47.31
CA ASP GA 130 -98.57 -33.70 48.37
C ASP GA 130 -99.69 -34.73 48.49
N ASP GA 131 -100.90 -34.37 48.04
CA ASP GA 131 -102.05 -35.27 48.05
C ASP GA 131 -102.59 -35.39 46.62
N PRO GA 132 -101.90 -36.14 45.75
CA PRO GA 132 -102.33 -36.22 44.35
C PRO GA 132 -103.30 -37.35 44.07
N GLY GA 133 -103.93 -37.93 45.09
CA GLY GA 133 -104.74 -39.14 44.95
C GLY GA 133 -105.93 -39.04 44.01
N GLU GA 134 -106.67 -37.93 44.09
CA GLU GA 134 -107.79 -37.71 43.19
C GLU GA 134 -107.33 -37.58 41.74
N VAL GA 135 -106.18 -36.92 41.55
CA VAL GA 135 -105.62 -36.76 40.20
C VAL GA 135 -105.17 -38.09 39.64
N ASN GA 136 -104.55 -38.93 40.49
CA ASN GA 136 -104.13 -40.26 40.10
C ASN GA 136 -105.32 -41.14 39.72
N LYS GA 137 -106.39 -41.06 40.51
CA LYS GA 137 -107.62 -41.78 40.20
C LYS GA 137 -108.22 -41.33 38.87
N ALA GA 138 -108.29 -40.01 38.66
CA ALA GA 138 -108.86 -39.47 37.42
C ALA GA 138 -108.06 -39.88 36.20
N TYR GA 139 -106.73 -39.89 36.33
CA TYR GA 139 -105.86 -40.31 35.25
C TYR GA 139 -106.07 -41.79 34.95
N TRP GA 140 -106.28 -42.57 36.02
CA TRP GA 140 -106.41 -44.02 35.94
C TRP GA 140 -107.69 -44.41 35.20
N ARG GA 141 -108.80 -43.77 35.58
CA ARG GA 141 -110.08 -43.98 34.91
C ARG GA 141 -110.05 -43.43 33.47
N SER GA 142 -109.25 -42.38 33.25
CA SER GA 142 -109.08 -41.84 31.90
C SER GA 142 -108.42 -42.85 30.97
N CYS GA 143 -107.34 -43.49 31.44
CA CYS GA 143 -106.70 -44.52 30.61
C CYS GA 143 -107.56 -45.75 30.45
N ALA GA 144 -108.41 -46.05 31.44
CA ALA GA 144 -109.39 -47.13 31.28
C ALA GA 144 -110.34 -46.84 30.13
N MET GA 145 -110.85 -45.61 30.07
CA MET GA 145 -111.72 -45.21 28.96
C MET GA 145 -110.98 -45.19 27.63
N MET GA 146 -109.69 -44.83 27.67
CA MET GA 146 -108.86 -44.81 26.47
C MET GA 146 -108.68 -46.21 25.90
N MET GA 147 -108.40 -47.18 26.76
CA MET GA 147 -108.28 -48.57 26.34
C MET GA 147 -109.62 -49.11 25.84
N GLY GA 148 -110.72 -48.66 26.44
CA GLY GA 148 -112.04 -48.99 25.91
C GLY GA 148 -112.25 -48.49 24.50
N CYS GA 149 -111.77 -47.27 24.22
CA CYS GA 149 -111.81 -46.71 22.87
C CYS GA 149 -110.98 -47.52 21.89
N VAL GA 150 -109.82 -48.01 22.36
CA VAL GA 150 -108.96 -48.83 21.50
C VAL GA 150 -109.64 -50.15 21.15
N ILE GA 151 -110.19 -50.82 22.17
CA ILE GA 151 -110.73 -52.17 21.98
C ILE GA 151 -112.02 -52.14 21.17
N GLU GA 152 -112.88 -51.14 21.39
CA GLU GA 152 -114.20 -51.16 20.77
C GLU GA 152 -114.13 -50.78 19.28
N ARG GA 153 -113.00 -50.22 18.85
CA ARG GA 153 -112.79 -49.94 17.44
C ARG GA 153 -111.69 -50.79 16.79
N ALA GA 154 -110.98 -51.62 17.56
CA ALA GA 154 -109.89 -52.39 16.99
C ALA GA 154 -110.30 -53.78 16.52
N PHE GA 155 -111.58 -54.13 16.52
CA PHE GA 155 -112.03 -55.44 16.11
C PHE GA 155 -112.93 -55.36 14.88
N LYS GA 156 -113.23 -56.54 14.31
CA LYS GA 156 -114.03 -56.59 13.09
C LYS GA 156 -115.49 -56.21 13.35
N ASP GA 157 -116.17 -55.82 12.27
CA ASP GA 157 -117.59 -55.52 12.36
C ASP GA 157 -118.42 -56.79 12.45
N GLU GA 158 -117.90 -57.91 11.94
CA GLU GA 158 -118.67 -59.16 11.93
C GLU GA 158 -118.76 -59.77 13.32
N TYR GA 159 -117.77 -59.51 14.17
CA TYR GA 159 -117.88 -59.87 15.58
C TYR GA 159 -118.53 -58.72 16.34
N VAL GA 160 -118.80 -58.96 17.62
CA VAL GA 160 -119.45 -57.99 18.49
C VAL GA 160 -118.53 -57.72 19.68
N VAL GA 161 -118.38 -56.44 20.01
CA VAL GA 161 -117.58 -56.00 21.15
C VAL GA 161 -118.52 -55.33 22.14
N SER GA 162 -118.61 -55.88 23.34
CA SER GA 162 -119.47 -55.34 24.38
C SER GA 162 -118.59 -54.90 25.56
N LEU GA 163 -118.51 -53.60 25.78
CA LEU GA 163 -117.73 -53.06 26.87
C LEU GA 163 -118.54 -53.12 28.16
N VAL GA 164 -117.94 -53.67 29.22
CA VAL GA 164 -118.69 -53.86 30.46
C VAL GA 164 -118.64 -52.60 31.30
N ARG GA 165 -117.44 -52.26 31.78
CA ARG GA 165 -117.25 -51.16 32.72
C ARG GA 165 -115.75 -50.92 32.87
N ALA GA 166 -115.41 -50.00 33.76
CA ALA GA 166 -114.04 -49.75 34.21
C ALA GA 166 -113.99 -50.03 35.70
N PRO GA 167 -113.54 -51.23 36.10
CA PRO GA 167 -113.44 -51.53 37.54
C PRO GA 167 -112.32 -50.72 38.18
N GLU GA 168 -112.65 -50.09 39.31
CA GLU GA 168 -111.75 -49.16 39.97
C GLU GA 168 -110.86 -49.91 40.94
N VAL GA 169 -109.65 -50.25 40.50
CA VAL GA 169 -108.59 -50.75 41.38
C VAL GA 169 -107.70 -49.55 41.66
N PRO GA 170 -107.18 -49.40 42.88
CA PRO GA 170 -106.31 -48.25 43.18
C PRO GA 170 -104.96 -48.32 42.47
N VAL GA 171 -104.19 -47.24 42.66
CA VAL GA 171 -102.94 -47.05 41.93
C VAL GA 171 -101.83 -48.00 42.39
N ILE GA 172 -101.99 -48.68 43.53
CA ILE GA 172 -100.97 -49.61 44.00
C ILE GA 172 -100.88 -50.83 43.09
N ALA GA 173 -101.93 -51.16 42.35
CA ALA GA 173 -101.86 -52.21 41.35
C ALA GA 173 -101.05 -51.71 40.15
N GLY GA 174 -100.47 -52.65 39.40
CA GLY GA 174 -99.55 -52.29 38.34
C GLY GA 174 -100.20 -51.90 37.03
N ALA GA 175 -101.49 -52.20 36.86
CA ALA GA 175 -102.12 -52.02 35.56
C ALA GA 175 -103.57 -51.61 35.75
N PHE GA 176 -104.03 -50.73 34.87
CA PHE GA 176 -105.44 -50.39 34.75
C PHE GA 176 -106.13 -51.35 33.79
N CYS GA 177 -107.35 -51.73 34.13
CA CYS GA 177 -108.01 -52.85 33.49
C CYS GA 177 -109.41 -52.47 33.04
N TYR GA 178 -109.83 -53.07 31.92
CA TYR GA 178 -111.15 -52.87 31.34
C TYR GA 178 -111.73 -54.24 30.99
N ASP GA 179 -113.01 -54.43 31.27
CA ASP GA 179 -113.66 -55.71 31.01
C ASP GA 179 -114.44 -55.63 29.71
N VAL GA 180 -114.18 -56.58 28.81
CA VAL GA 180 -114.79 -56.61 27.48
C VAL GA 180 -115.47 -57.95 27.29
N VAL GA 181 -116.73 -57.93 26.85
CA VAL GA 181 -117.42 -59.14 26.39
C VAL GA 181 -117.27 -59.21 24.88
N LEU GA 182 -116.73 -60.32 24.41
CA LEU GA 182 -116.45 -60.52 23.00
C LEU GA 182 -117.36 -61.61 22.44
N ASP GA 183 -117.13 -61.97 21.18
CA ASP GA 183 -118.04 -62.86 20.46
C ASP GA 183 -117.91 -64.29 20.96
N LYS GA 184 -118.96 -65.08 20.70
CA LYS GA 184 -118.99 -66.47 21.15
C LYS GA 184 -118.05 -67.35 20.34
N ARG GA 185 -117.82 -67.03 19.07
CA ARG GA 185 -116.89 -67.81 18.26
C ARG GA 185 -115.45 -67.35 18.43
N LEU GA 186 -115.21 -66.29 19.20
CA LEU GA 186 -113.89 -65.70 19.37
C LEU GA 186 -113.17 -66.24 20.60
N ASP GA 187 -113.85 -67.06 21.42
CA ASP GA 187 -113.34 -67.44 22.73
C ASP GA 187 -112.16 -68.41 22.70
N GLU GA 188 -111.81 -68.96 21.53
CA GLU GA 188 -110.73 -69.93 21.48
C GLU GA 188 -109.37 -69.25 21.47
N TRP GA 189 -109.10 -68.40 20.48
CA TRP GA 189 -107.78 -67.84 20.27
C TRP GA 189 -107.45 -66.79 21.34
N MET GA 190 -106.16 -66.58 21.55
CA MET GA 190 -105.60 -65.67 22.52
C MET GA 190 -104.73 -64.65 21.80
N PRO GA 191 -104.91 -63.35 22.07
CA PRO GA 191 -104.14 -62.33 21.35
C PRO GA 191 -102.67 -62.34 21.75
N THR GA 192 -101.81 -62.14 20.75
CA THR GA 192 -100.39 -62.32 20.87
C THR GA 192 -99.67 -60.98 21.08
N LYS GA 193 -98.34 -61.05 21.07
CA LYS GA 193 -97.51 -59.87 21.25
C LYS GA 193 -97.69 -58.86 20.12
N GLU GA 194 -97.86 -59.35 18.89
CA GLU GA 194 -98.09 -58.45 17.75
C GLU GA 194 -99.42 -57.73 17.89
N ASN GA 195 -100.45 -58.44 18.37
CA ASN GA 195 -101.75 -57.80 18.61
C ASN GA 195 -101.66 -56.77 19.73
N LEU GA 196 -100.92 -57.09 20.81
CA LEU GA 196 -100.79 -56.15 21.92
C LEU GA 196 -99.99 -54.91 21.52
N HIS GA 197 -98.96 -55.08 20.70
CA HIS GA 197 -98.25 -53.91 20.17
C HIS GA 197 -99.10 -53.16 19.15
N SER GA 198 -100.03 -53.82 18.47
CA SER GA 198 -100.98 -53.11 17.62
C SER GA 198 -101.93 -52.25 18.45
N PHE GA 199 -102.37 -52.78 19.60
CA PHE GA 199 -103.18 -51.99 20.53
C PHE GA 199 -102.39 -50.80 21.07
N THR GA 200 -101.11 -51.03 21.37
CA THR GA 200 -100.23 -49.93 21.80
C THR GA 200 -100.05 -48.90 20.70
N LYS GA 201 -99.92 -49.35 19.45
CA LYS GA 201 -99.70 -48.44 18.33
C LYS GA 201 -100.90 -47.56 18.04
N ASP GA 202 -102.11 -48.14 17.98
CA ASP GA 202 -103.24 -47.26 17.70
C ASP GA 202 -103.69 -46.51 18.96
N ALA GA 203 -103.29 -46.98 20.16
CA ALA GA 203 -103.46 -46.15 21.35
C ALA GA 203 -102.58 -44.90 21.29
N ARG GA 204 -101.32 -45.07 20.87
CA ARG GA 204 -100.44 -43.91 20.70
C ARG GA 204 -100.89 -43.02 19.55
N ALA GA 205 -101.52 -43.61 18.54
CA ALA GA 205 -102.12 -42.80 17.47
C ALA GA 205 -103.31 -41.99 18.00
N LEU GA 206 -104.05 -42.56 18.95
CA LEU GA 206 -105.09 -41.80 19.64
C LEU GA 206 -104.50 -40.67 20.48
N ILE GA 207 -103.32 -40.91 21.09
CA ILE GA 207 -102.64 -39.88 21.86
C ILE GA 207 -102.18 -38.74 20.95
N TYR GA 208 -101.66 -39.08 19.77
CA TYR GA 208 -101.05 -38.10 18.86
C TYR GA 208 -102.03 -37.05 18.37
N LYS GA 209 -103.25 -37.46 18.04
CA LYS GA 209 -104.31 -36.48 17.80
C LYS GA 209 -104.81 -35.93 19.13
N ASP GA 210 -105.11 -34.64 19.16
CA ASP GA 210 -105.42 -33.94 20.40
C ASP GA 210 -106.92 -33.76 20.53
N LEU GA 211 -107.53 -34.45 21.49
CA LEU GA 211 -108.97 -34.41 21.71
C LEU GA 211 -109.27 -34.02 23.15
N PRO GA 212 -110.10 -33.00 23.40
CA PRO GA 212 -110.46 -32.67 24.78
C PRO GA 212 -111.44 -33.68 25.36
N PHE GA 213 -111.51 -33.70 26.69
CA PHE GA 213 -112.46 -34.53 27.43
C PHE GA 213 -113.67 -33.67 27.79
N GLU GA 214 -114.87 -34.10 27.39
CA GLU GA 214 -116.09 -33.38 27.67
C GLU GA 214 -116.98 -34.17 28.60
N THR GA 215 -117.61 -33.47 29.54
CA THR GA 215 -118.43 -34.07 30.58
C THR GA 215 -119.84 -33.50 30.51
N LEU GA 216 -120.84 -34.37 30.66
CA LEU GA 216 -122.22 -33.93 30.62
C LEU GA 216 -123.05 -34.78 31.58
N GLU GA 217 -123.96 -34.13 32.30
CA GLU GA 217 -124.86 -34.81 33.24
C GLU GA 217 -126.10 -35.26 32.47
N VAL GA 218 -126.28 -36.58 32.37
CA VAL GA 218 -127.27 -37.17 31.49
C VAL GA 218 -128.27 -37.95 32.34
N GLU GA 219 -129.55 -37.75 32.04
CA GLU GA 219 -130.65 -38.47 32.68
C GLU GA 219 -130.59 -39.94 32.26
N ALA GA 220 -131.09 -40.81 33.16
CA ALA GA 220 -130.86 -42.24 33.06
C ALA GA 220 -131.51 -42.86 31.81
N LYS GA 221 -132.71 -42.44 31.46
CA LYS GA 221 -133.38 -42.99 30.27
C LYS GA 221 -132.69 -42.50 29.00
N VAL GA 222 -132.13 -41.28 29.04
CA VAL GA 222 -131.34 -40.78 27.93
C VAL GA 222 -130.05 -41.58 27.80
N ALA GA 223 -129.45 -41.98 28.92
CA ALA GA 223 -128.26 -42.82 28.88
C ALA GA 223 -128.57 -44.22 28.36
N LEU GA 224 -129.75 -44.75 28.70
CA LEU GA 224 -130.19 -46.02 28.16
C LEU GA 224 -130.42 -45.93 26.65
N GLU GA 225 -130.98 -44.81 26.19
CA GLU GA 225 -131.14 -44.59 24.75
C GLU GA 225 -129.80 -44.45 24.04
N ILE GA 226 -128.83 -43.84 24.72
CA ILE GA 226 -127.47 -43.72 24.17
C ILE GA 226 -126.83 -45.09 24.02
N PHE GA 227 -126.85 -45.91 25.08
CA PHE GA 227 -126.07 -47.14 25.06
C PHE GA 227 -126.79 -48.25 24.29
N GLN GA 228 -128.13 -48.22 24.27
CA GLN GA 228 -128.97 -48.96 23.33
C GLN GA 228 -128.82 -50.46 23.53
N HIS GA 229 -127.98 -51.15 22.75
CA HIS GA 229 -128.04 -52.61 22.70
C HIS GA 229 -127.22 -53.26 23.81
N ASN GA 230 -126.23 -52.55 24.35
CA ASN GA 230 -125.25 -53.20 25.22
C ASN GA 230 -125.83 -53.35 26.62
N LYS GA 231 -126.29 -54.58 26.91
CA LYS GA 231 -127.07 -54.85 28.12
C LYS GA 231 -126.24 -54.69 29.38
N TYR GA 232 -124.94 -54.96 29.32
CA TYR GA 232 -124.06 -54.71 30.46
C TYR GA 232 -123.93 -53.22 30.74
N LYS GA 233 -123.90 -52.39 29.68
CA LYS GA 233 -123.89 -50.95 29.88
C LYS GA 233 -125.21 -50.46 30.45
N LEU GA 234 -126.34 -51.02 30.00
CA LEU GA 234 -127.63 -50.63 30.58
C LEU GA 234 -127.74 -51.06 32.04
N ASP GA 235 -127.19 -52.22 32.38
CA ASP GA 235 -127.15 -52.65 33.77
C ASP GA 235 -126.27 -51.75 34.62
N PHE GA 236 -125.17 -51.26 34.03
CA PHE GA 236 -124.26 -50.38 34.76
C PHE GA 236 -124.90 -49.01 34.99
N ILE GA 237 -125.64 -48.50 34.00
CA ILE GA 237 -126.41 -47.27 34.19
C ILE GA 237 -127.49 -47.44 35.25
N GLU GA 238 -128.17 -48.60 35.25
CA GLU GA 238 -129.17 -48.88 36.27
C GLU GA 238 -128.55 -48.92 37.67
N GLU GA 239 -127.38 -49.54 37.79
CA GLU GA 239 -126.68 -49.63 39.06
C GLU GA 239 -126.20 -48.27 39.55
N LYS GA 240 -125.70 -47.43 38.63
CA LYS GA 240 -125.22 -46.11 39.01
C LYS GA 240 -126.35 -45.13 39.29
N ALA GA 241 -127.50 -45.29 38.63
CA ALA GA 241 -128.66 -44.46 38.90
C ALA GA 241 -129.46 -44.92 40.11
N SER GA 242 -129.23 -46.16 40.57
CA SER GA 242 -129.84 -46.60 41.83
C SER GA 242 -129.25 -45.85 43.03
N GLN GA 243 -127.97 -45.47 42.95
CA GLN GA 243 -127.31 -44.80 44.06
C GLN GA 243 -127.61 -43.30 44.12
N ASN GA 244 -128.17 -42.72 43.06
CA ASN GA 244 -128.51 -41.30 43.03
C ASN GA 244 -130.01 -41.12 43.01
N PRO GA 245 -130.59 -40.36 43.95
CA PRO GA 245 -132.05 -40.15 43.91
C PRO GA 245 -132.53 -39.31 42.74
N GLU GA 246 -131.64 -38.54 42.11
CA GLU GA 246 -132.00 -37.69 40.98
C GLU GA 246 -131.87 -38.40 39.63
N ARG GA 247 -131.48 -39.69 39.65
CA ARG GA 247 -131.40 -40.55 38.46
C ARG GA 247 -130.46 -39.99 37.39
N ILE GA 248 -129.36 -39.37 37.83
CA ILE GA 248 -128.40 -38.74 36.92
C ILE GA 248 -127.19 -39.66 36.78
N VAL GA 249 -126.49 -39.54 35.65
CA VAL GA 249 -125.20 -40.21 35.42
C VAL GA 249 -124.27 -39.21 34.74
N LYS GA 250 -122.97 -39.50 34.79
CA LYS GA 250 -121.96 -38.66 34.16
C LYS GA 250 -121.48 -39.32 32.88
N LEU GA 251 -121.64 -38.64 31.75
CA LEU GA 251 -121.18 -39.14 30.47
C LEU GA 251 -119.97 -38.33 30.02
N HIS GA 252 -118.92 -39.03 29.59
CA HIS GA 252 -117.71 -38.41 29.10
C HIS GA 252 -117.51 -38.75 27.63
N ARG GA 253 -117.03 -37.77 26.86
CA ARG GA 253 -116.86 -37.92 25.43
C ARG GA 253 -115.54 -37.30 25.01
N PHE GA 254 -114.75 -38.06 24.25
CA PHE GA 254 -113.59 -37.51 23.56
C PHE GA 254 -113.63 -38.03 22.13
N GLY GA 255 -113.38 -37.14 21.17
CA GLY GA 255 -113.43 -37.55 19.78
C GLY GA 255 -114.85 -37.87 19.36
N ASP GA 256 -115.11 -39.16 19.15
CA ASP GA 256 -116.43 -39.65 18.79
C ASP GA 256 -116.94 -40.77 19.69
N PHE GA 257 -116.22 -41.10 20.77
CA PHE GA 257 -116.59 -42.21 21.64
C PHE GA 257 -117.29 -41.61 22.85
N ILE GA 258 -118.46 -42.15 23.21
CA ILE GA 258 -119.14 -41.79 24.44
C ILE GA 258 -119.07 -42.98 25.39
N ASP GA 259 -118.54 -42.72 26.58
CA ASP GA 259 -118.39 -43.77 27.59
C ASP GA 259 -118.79 -43.21 28.94
N VAL GA 260 -119.31 -44.08 29.79
CA VAL GA 260 -119.75 -43.70 31.12
C VAL GA 260 -118.63 -43.90 32.12
N SER GA 261 -118.41 -42.90 32.97
CA SER GA 261 -117.53 -43.04 34.12
C SER GA 261 -118.00 -42.07 35.18
N GLU GA 262 -118.13 -42.57 36.41
CA GLU GA 262 -118.48 -41.74 37.55
C GLU GA 262 -117.23 -40.95 37.93
N GLY GA 263 -117.45 -39.77 38.51
CA GLY GA 263 -116.34 -38.95 38.97
C GLY GA 263 -115.61 -38.24 37.84
N PRO GA 264 -114.49 -37.60 38.17
CA PRO GA 264 -113.82 -36.74 37.19
C PRO GA 264 -112.79 -37.50 36.35
N LEU GA 265 -112.33 -36.82 35.30
CA LEU GA 265 -111.26 -37.29 34.42
C LEU GA 265 -110.26 -36.16 34.19
N ILE GA 266 -109.24 -36.46 33.40
CA ILE GA 266 -108.21 -35.50 33.02
C ILE GA 266 -108.74 -34.58 31.92
N PRO GA 267 -108.17 -33.39 31.73
CA PRO GA 267 -108.67 -32.53 30.63
C PRO GA 267 -108.34 -33.03 29.22
N ARG GA 268 -107.10 -33.44 28.98
CA ARG GA 268 -106.59 -33.56 27.62
C ARG GA 268 -106.16 -34.98 27.30
N THR GA 269 -106.22 -35.32 26.01
CA THR GA 269 -105.67 -36.58 25.50
C THR GA 269 -104.15 -36.61 25.63
N SER GA 270 -103.49 -35.48 25.39
CA SER GA 270 -102.03 -35.44 25.25
C SER GA 270 -101.27 -35.49 26.57
N ILE GA 271 -101.95 -35.71 27.70
CA ILE GA 271 -101.26 -35.80 28.98
C ILE GA 271 -100.47 -37.10 29.06
N CYS GA 272 -100.96 -38.16 28.40
CA CYS GA 272 -100.25 -39.43 28.36
C CYS GA 272 -99.00 -39.31 27.49
N PHE GA 273 -97.85 -39.73 28.04
CA PHE GA 273 -96.65 -39.88 27.23
C PHE GA 273 -96.41 -41.34 26.88
N GLN GA 274 -96.29 -42.19 27.90
CA GLN GA 274 -96.02 -43.60 27.70
C GLN GA 274 -97.31 -44.39 27.89
N TYR GA 275 -97.68 -45.19 26.90
CA TYR GA 275 -98.87 -46.02 26.96
C TYR GA 275 -98.53 -47.41 26.46
N GLU GA 276 -99.04 -48.42 27.14
CA GLU GA 276 -98.83 -49.80 26.73
C GLU GA 276 -100.01 -50.64 27.19
N VAL GA 277 -100.46 -51.53 26.32
CA VAL GA 277 -101.43 -52.55 26.68
C VAL GA 277 -100.64 -53.80 27.04
N SER GA 278 -100.49 -54.05 28.34
CA SER GA 278 -99.58 -55.06 28.84
C SER GA 278 -100.08 -56.47 28.59
N ALA GA 279 -101.22 -56.85 29.17
CA ALA GA 279 -101.62 -58.25 29.10
C ALA GA 279 -103.12 -58.38 29.18
N VAL GA 280 -103.63 -59.49 28.66
CA VAL GA 280 -105.04 -59.81 28.70
C VAL GA 280 -105.24 -61.04 29.58
N HIS GA 281 -106.45 -61.18 30.12
CA HIS GA 281 -106.75 -62.25 31.04
C HIS GA 281 -108.19 -62.73 30.86
N ASN GA 282 -108.43 -63.99 31.20
CA ASN GA 282 -109.77 -64.58 31.12
C ASN GA 282 -110.42 -64.54 32.50
N LEU GA 283 -111.70 -64.17 32.56
CA LEU GA 283 -112.50 -64.33 33.77
C LEU GA 283 -113.85 -64.91 33.40
N GLN GA 284 -114.20 -66.05 33.96
CA GLN GA 284 -115.44 -66.74 33.62
C GLN GA 284 -116.43 -66.64 34.78
N THR GA 285 -117.64 -66.20 34.46
CA THR GA 285 -118.79 -66.27 35.35
C THR GA 285 -119.70 -67.34 34.75
N GLN GA 286 -120.71 -67.80 35.50
CA GLN GA 286 -121.64 -68.80 34.99
C GLN GA 286 -122.51 -68.27 33.85
N SER GA 287 -122.62 -66.94 33.72
CA SER GA 287 -123.42 -66.34 32.66
C SER GA 287 -122.58 -65.77 31.52
N SER GA 288 -121.32 -65.43 31.76
CA SER GA 288 -120.53 -64.76 30.73
C SER GA 288 -119.05 -65.04 30.93
N LEU GA 289 -118.30 -64.87 29.85
CA LEU GA 289 -116.83 -64.93 29.84
C LEU GA 289 -116.31 -63.56 29.43
N VAL GA 290 -115.64 -62.87 30.33
CA VAL GA 290 -115.15 -61.52 30.08
C VAL GA 290 -113.63 -61.58 29.92
N ARG GA 291 -113.11 -60.68 29.08
CA ARG GA 291 -111.68 -60.49 28.95
C ARG GA 291 -111.28 -59.24 29.71
N ARG GA 292 -110.33 -59.37 30.62
CA ARG GA 292 -109.78 -58.25 31.36
C ARG GA 292 -108.52 -57.79 30.65
N PHE GA 293 -108.58 -56.59 30.06
CA PHE GA 293 -107.45 -55.99 29.36
C PHE GA 293 -106.73 -55.08 30.35
N GLN GA 294 -105.43 -55.31 30.54
CA GLN GA 294 -104.63 -54.59 31.52
C GLN GA 294 -103.49 -53.88 30.83
N GLY GA 295 -103.27 -52.62 31.20
CA GLY GA 295 -102.21 -51.82 30.61
C GLY GA 295 -101.59 -50.86 31.60
N LEU GA 296 -100.48 -50.26 31.17
CA LEU GA 296 -99.70 -49.36 32.00
C LEU GA 296 -99.45 -48.07 31.24
N SER GA 297 -99.62 -46.94 31.92
CA SER GA 297 -99.39 -45.64 31.30
C SER GA 297 -98.71 -44.72 32.30
N LEU GA 298 -97.96 -43.76 31.76
CA LEU GA 298 -97.22 -42.78 32.53
C LEU GA 298 -97.25 -41.45 31.79
N PRO GA 299 -97.37 -40.34 32.50
CA PRO GA 299 -97.67 -39.06 31.84
C PRO GA 299 -96.43 -38.39 31.27
N VAL GA 300 -96.66 -37.21 30.68
CA VAL GA 300 -95.57 -36.33 30.28
C VAL GA 300 -94.88 -35.76 31.52
N HIS GA 301 -95.66 -35.46 32.57
CA HIS GA 301 -95.09 -34.88 33.78
C HIS GA 301 -94.28 -35.91 34.57
N LEU GA 302 -94.80 -37.13 34.68
CA LEU GA 302 -94.16 -38.18 35.47
C LEU GA 302 -93.62 -39.32 34.62
N ARG GA 303 -93.02 -39.01 33.48
CA ARG GA 303 -92.39 -40.06 32.68
C ARG GA 303 -91.14 -40.58 33.36
N ALA GA 304 -90.92 -41.88 33.26
CA ALA GA 304 -89.84 -42.55 33.97
C ALA GA 304 -88.78 -43.05 33.00
N HIS GA 305 -87.73 -43.63 33.58
CA HIS GA 305 -86.63 -44.17 32.78
C HIS GA 305 -87.07 -45.46 32.10
N PHE GA 306 -86.30 -45.87 31.08
CA PHE GA 306 -86.59 -47.08 30.31
C PHE GA 306 -86.55 -48.32 31.18
N THR GA 307 -85.56 -48.42 32.07
CA THR GA 307 -85.42 -49.59 32.94
C THR GA 307 -86.58 -49.67 33.94
N ILE GA 308 -86.95 -48.52 34.52
CA ILE GA 308 -88.07 -48.46 35.46
C ILE GA 308 -89.37 -48.81 34.76
N TRP GA 309 -89.52 -48.34 33.52
CA TRP GA 309 -90.70 -48.65 32.72
C TRP GA 309 -90.79 -50.14 32.41
N ASN GA 310 -89.64 -50.77 32.13
CA ASN GA 310 -89.65 -52.21 31.87
C ASN GA 310 -89.96 -53.01 33.13
N LYS GA 311 -89.47 -52.58 34.30
CA LYS GA 311 -89.80 -53.28 35.54
C LYS GA 311 -91.29 -53.14 35.87
N LEU GA 312 -91.86 -51.95 35.68
CA LEU GA 312 -93.28 -51.75 35.93
C LEU GA 312 -94.13 -52.52 34.91
N LEU GA 313 -93.65 -52.62 33.67
CA LEU GA 313 -94.33 -53.44 32.67
C LEU GA 313 -94.24 -54.92 32.98
N GLU GA 314 -93.13 -55.37 33.58
CA GLU GA 314 -93.01 -56.75 34.04
C GLU GA 314 -93.99 -57.03 35.18
N ARG GA 315 -94.17 -56.05 36.08
CA ARG GA 315 -95.21 -56.19 37.10
C ARG GA 315 -96.62 -56.22 36.52
N SER GA 316 -96.91 -55.38 35.53
CA SER GA 316 -98.27 -55.21 35.02
C SER GA 316 -98.80 -56.39 34.22
N ARG GA 317 -97.96 -57.39 33.90
CA ARG GA 317 -98.47 -58.59 33.22
C ARG GA 317 -99.32 -59.45 34.15
N LYS GA 318 -99.13 -59.32 35.46
CA LYS GA 318 -99.77 -60.23 36.40
C LYS GA 318 -101.24 -59.88 36.60
N MET GA 319 -101.96 -60.79 37.25
CA MET GA 319 -103.39 -60.64 37.46
C MET GA 319 -103.68 -59.55 38.48
N VAL GA 320 -104.75 -58.78 38.23
CA VAL GA 320 -105.26 -57.78 39.16
C VAL GA 320 -106.73 -58.11 39.40
N THR GA 321 -107.07 -58.42 40.65
CA THR GA 321 -108.43 -58.81 41.04
C THR GA 321 -108.87 -57.96 42.23
N GLU GA 322 -109.60 -56.89 41.95
CA GLU GA 322 -110.19 -56.04 43.00
C GLU GA 322 -111.44 -55.37 42.43
N ASP GA 323 -112.61 -55.82 42.87
CA ASP GA 323 -113.87 -55.21 42.46
C ASP GA 323 -114.58 -54.47 43.58
N LYS GA 324 -114.50 -54.97 44.81
CA LYS GA 324 -115.09 -54.28 45.96
C LYS GA 324 -114.11 -54.21 47.12
N ASP HA 61 29.07 -2.14 -29.03
CA ASP HA 61 28.54 -3.49 -28.85
C ASP HA 61 27.33 -3.73 -29.74
N GLN HA 62 26.22 -4.17 -29.14
CA GLN HA 62 25.00 -4.41 -29.88
C GLN HA 62 24.28 -3.12 -30.24
N ALA HA 63 24.40 -2.08 -29.41
CA ALA HA 63 23.78 -0.80 -29.71
C ALA HA 63 24.44 -0.14 -30.92
N ALA HA 64 25.75 -0.37 -31.10
CA ALA HA 64 26.44 0.09 -32.30
C ALA HA 64 25.88 -0.59 -33.55
N LYS HA 65 25.57 -1.89 -33.47
CA LYS HA 65 24.96 -2.57 -34.59
C LYS HA 65 23.53 -2.12 -34.82
N ASP HA 66 22.82 -1.75 -33.74
CA ASP HA 66 21.46 -1.23 -33.87
C ASP HA 66 21.44 0.11 -34.61
N ARG HA 67 22.29 1.05 -34.19
CA ARG HA 67 22.34 2.34 -34.89
C ARG HA 67 22.96 2.18 -36.28
N LEU HA 68 23.81 1.17 -36.46
CA LEU HA 68 24.33 0.86 -37.79
C LEU HA 68 23.23 0.43 -38.74
N LYS HA 69 22.42 -0.56 -38.34
CA LYS HA 69 21.33 -1.05 -39.19
C LYS HA 69 20.27 0.02 -39.40
N LYS HA 70 20.08 0.89 -38.41
CA LYS HA 70 19.28 2.10 -38.60
C LYS HA 70 19.88 2.98 -39.69
N ARG HA 71 21.21 3.10 -39.74
CA ARG HA 71 21.83 3.92 -40.78
C ARG HA 71 21.70 3.30 -42.16
N ILE HA 72 21.95 2.00 -42.32
CA ILE HA 72 21.75 1.37 -43.64
C ILE HA 72 20.29 1.46 -44.09
N ARG HA 73 19.33 1.29 -43.17
CA ARG HA 73 17.93 1.46 -43.53
C ARG HA 73 17.60 2.91 -43.92
N ARG HA 74 18.15 3.89 -43.20
CA ARG HA 74 17.80 5.28 -43.46
C ARG HA 74 18.42 5.81 -44.74
N LEU HA 75 19.68 5.46 -45.03
CA LEU HA 75 20.29 5.89 -46.29
C LEU HA 75 19.91 4.98 -47.46
N GLU HA 76 19.30 3.81 -47.19
CA GLU HA 76 18.66 3.02 -48.23
C GLU HA 76 17.31 3.60 -48.65
N LYS HA 77 16.54 4.13 -47.70
CA LYS HA 77 15.25 4.75 -48.02
C LYS HA 77 15.37 6.08 -48.74
N ALA HA 78 16.57 6.63 -48.89
CA ALA HA 78 16.76 7.83 -49.69
C ALA HA 78 16.68 7.50 -51.18
N SER HA 79 16.73 8.55 -52.00
CA SER HA 79 16.53 8.42 -53.43
C SER HA 79 17.79 7.90 -54.11
N GLN HA 80 17.60 7.31 -55.29
CA GLN HA 80 18.66 6.74 -56.10
C GLN HA 80 18.96 7.66 -57.30
N GLU HA 81 19.12 8.95 -57.04
CA GLU HA 81 19.11 10.01 -58.07
C GLU HA 81 20.25 9.86 -59.08
N LEU HA 82 19.95 10.21 -60.33
CA LEU HA 82 20.85 9.98 -61.45
C LEU HA 82 22.01 10.97 -61.45
N ILE HA 83 23.09 10.56 -62.11
CA ILE HA 83 24.17 11.50 -62.44
C ILE HA 83 23.67 12.48 -63.50
N PRO HA 84 24.09 13.74 -63.48
CA PRO HA 84 23.74 14.63 -64.60
C PRO HA 84 24.50 14.25 -65.86
N ILE HA 85 23.91 14.58 -67.00
CA ILE HA 85 24.54 14.35 -68.29
C ILE HA 85 25.20 15.65 -68.72
N GLU HA 86 26.49 15.58 -69.06
CA GLU HA 86 27.24 16.76 -69.47
C GLU HA 86 26.75 17.28 -70.83
N ASP HA 87 26.33 16.38 -71.70
CA ASP HA 87 26.03 16.76 -73.08
C ASP HA 87 24.70 17.50 -73.18
N PHE HA 88 23.78 17.24 -72.24
CA PHE HA 88 22.48 17.89 -72.28
C PHE HA 88 22.52 19.30 -71.70
N ILE HA 89 23.64 19.70 -71.11
CA ILE HA 89 23.75 20.97 -70.40
C ILE HA 89 24.79 21.84 -71.11
N THR HA 90 24.41 23.08 -71.43
CA THR HA 90 25.34 24.04 -72.01
C THR HA 90 26.36 24.47 -70.96
N PRO HA 91 27.65 24.44 -71.28
CA PRO HA 91 28.66 24.90 -70.30
C PRO HA 91 28.61 26.40 -70.06
N VAL HA 92 29.17 26.81 -68.93
CA VAL HA 92 29.12 28.19 -68.49
C VAL HA 92 29.97 29.12 -69.36
N LYS HA 93 31.07 28.62 -69.92
CA LYS HA 93 32.01 29.45 -70.67
C LYS HA 93 31.46 29.88 -72.03
N PHE HA 94 30.34 29.32 -72.49
CA PHE HA 94 29.84 29.54 -73.84
C PHE HA 94 28.96 30.78 -73.96
N LEU HA 95 29.08 31.75 -73.06
CA LEU HA 95 28.16 32.87 -73.06
C LEU HA 95 28.70 34.08 -73.84
N ASN HA 96 29.94 34.49 -73.56
CA ASN HA 96 30.46 35.77 -74.06
C ASN HA 96 31.24 35.63 -75.36
N LYS HA 97 31.15 34.50 -76.04
CA LYS HA 97 31.80 34.30 -77.33
C LYS HA 97 30.82 34.50 -78.48
N GLU HA 98 29.86 35.40 -78.32
CA GLU HA 98 28.83 35.65 -79.31
C GLU HA 98 28.87 37.08 -79.86
N ARG HA 99 29.48 38.02 -79.14
CA ARG HA 99 29.47 39.43 -79.51
C ARG HA 99 30.22 39.69 -80.81
N GLN HA 100 31.25 38.90 -81.11
CA GLN HA 100 32.00 39.06 -82.35
C GLN HA 100 31.62 38.03 -83.41
N ARG HA 101 30.44 37.41 -83.27
CA ARG HA 101 29.84 36.55 -84.29
C ARG HA 101 28.74 37.31 -85.02
N PRO HA 102 29.02 37.86 -86.20
CA PRO HA 102 27.99 38.60 -86.92
C PRO HA 102 27.13 37.66 -87.74
N PRO HA 103 25.90 38.06 -88.07
CA PRO HA 103 25.09 37.29 -89.01
C PRO HA 103 25.62 37.46 -90.43
N VAL HA 104 25.31 36.48 -91.27
CA VAL HA 104 25.78 36.43 -92.65
C VAL HA 104 24.56 36.56 -93.55
N GLU HA 105 24.57 37.58 -94.42
CA GLU HA 105 23.49 37.80 -95.37
C GLU HA 105 23.51 36.72 -96.44
N LEU HA 106 22.53 35.83 -96.41
CA LEU HA 106 22.52 34.69 -97.31
C LEU HA 106 22.06 35.13 -98.70
N PRO HA 107 22.86 34.88 -99.74
CA PRO HA 107 22.45 35.28 -101.10
C PRO HA 107 21.37 34.37 -101.68
N PHE HA 108 20.70 34.92 -102.69
CA PHE HA 108 19.51 34.27 -103.26
C PHE HA 108 19.89 33.02 -104.04
N GLU HA 109 21.02 33.06 -104.74
CA GLU HA 109 21.53 31.92 -105.51
C GLU HA 109 21.84 30.75 -104.58
N GLU HA 110 22.52 31.06 -103.48
CA GLU HA 110 22.83 30.06 -102.45
C GLU HA 110 21.56 29.50 -101.82
N SER HA 111 20.58 30.37 -101.56
CA SER HA 111 19.33 29.94 -100.93
C SER HA 111 18.54 29.01 -101.84
N GLU HA 112 18.46 29.34 -103.14
CA GLU HA 112 17.69 28.50 -104.05
C GLU HA 112 18.42 27.20 -104.35
N ARG HA 113 19.76 27.21 -104.35
CA ARG HA 113 20.52 25.98 -104.52
C ARG HA 113 20.34 25.07 -103.31
N ARG HA 114 20.36 25.65 -102.11
CA ARG HA 114 20.12 24.90 -100.88
C ARG HA 114 18.73 24.30 -100.87
N ALA HA 115 17.73 25.07 -101.31
CA ALA HA 115 16.35 24.61 -101.28
C ALA HA 115 16.11 23.48 -102.27
N LEU HA 116 16.56 23.63 -103.53
CA LEU HA 116 16.37 22.59 -104.53
C LEU HA 116 17.17 21.34 -104.17
N LEU HA 117 18.35 21.52 -103.57
CA LEU HA 117 19.15 20.38 -103.12
C LEU HA 117 18.44 19.67 -101.96
N LEU HA 118 17.73 20.42 -101.12
CA LEU HA 118 16.92 19.80 -100.06
C LEU HA 118 15.76 19.00 -100.63
N LYS HA 119 15.12 19.50 -101.70
CA LYS HA 119 14.05 18.74 -102.34
C LYS HA 119 14.57 17.43 -102.93
N ARG HA 120 15.73 17.50 -103.59
CA ARG HA 120 16.36 16.28 -104.14
C ARG HA 120 16.78 15.33 -103.03
N TRP HA 121 17.27 15.86 -101.91
CA TRP HA 121 17.65 15.02 -100.78
C TRP HA 121 16.44 14.33 -100.14
N SER HA 122 15.32 15.05 -100.03
CA SER HA 122 14.11 14.46 -99.46
C SER HA 122 13.57 13.37 -100.37
N LEU HA 123 13.59 13.58 -101.69
CA LEU HA 123 13.16 12.55 -102.63
C LEU HA 123 14.07 11.33 -102.57
N TYR HA 124 15.39 11.56 -102.49
CA TYR HA 124 16.35 10.46 -102.42
C TYR HA 124 16.20 9.68 -101.12
N LYS HA 125 15.95 10.38 -100.01
CA LYS HA 125 15.76 9.72 -98.74
C LYS HA 125 14.48 8.90 -98.71
N GLN HA 126 13.41 9.41 -99.32
CA GLN HA 126 12.16 8.67 -99.41
C GLN HA 126 12.33 7.40 -100.24
N ARG HA 127 13.04 7.52 -101.38
CA ARG HA 127 13.31 6.35 -102.23
C ARG HA 127 14.22 5.34 -101.52
N GLU HA 128 15.22 5.81 -100.78
CA GLU HA 128 16.17 4.91 -100.13
C GLU HA 128 15.53 4.19 -98.96
N HIS HA 129 14.67 4.90 -98.21
CA HIS HA 129 13.84 4.26 -97.19
C HIS HA 129 12.91 3.22 -97.81
N GLU HA 130 12.37 3.52 -99.00
CA GLU HA 130 11.48 2.59 -99.67
C GLU HA 130 12.21 1.30 -100.07
N MET HA 131 13.44 1.42 -100.59
CA MET HA 131 14.13 0.17 -100.97
C MET HA 131 14.66 -0.58 -99.74
N GLU HA 132 15.00 0.13 -98.66
CA GLU HA 132 15.39 -0.57 -97.43
C GLU HA 132 14.21 -1.33 -96.82
N ARG HA 133 13.03 -0.72 -96.86
CA ARG HA 133 11.82 -1.41 -96.39
C ARG HA 133 11.44 -2.56 -97.30
N SER HA 134 11.67 -2.41 -98.62
CA SER HA 134 11.46 -3.52 -99.53
C SER HA 134 12.42 -4.67 -99.27
N ALA HA 135 13.68 -4.36 -98.92
CA ALA HA 135 14.66 -5.39 -98.60
C ALA HA 135 14.30 -6.12 -97.32
N ILE HA 136 13.88 -5.39 -96.28
CA ILE HA 136 13.48 -6.04 -95.03
C ILE HA 136 12.18 -6.82 -95.22
N ARG HA 137 11.29 -6.37 -96.12
CA ARG HA 137 10.08 -7.13 -96.40
C ARG HA 137 10.38 -8.41 -97.17
N SER HA 138 11.34 -8.36 -98.10
CA SER HA 138 11.75 -9.56 -98.82
C SER HA 138 12.41 -10.56 -97.88
N LEU HA 139 13.25 -10.07 -96.96
CA LEU HA 139 13.89 -10.94 -95.98
C LEU HA 139 12.84 -11.55 -95.04
N LEU HA 140 11.84 -10.77 -94.64
CA LEU HA 140 10.79 -11.28 -93.76
C LEU HA 140 9.89 -12.29 -94.46
N GLU HA 141 9.55 -12.06 -95.74
CA GLU HA 141 8.75 -13.02 -96.49
C GLU HA 141 9.51 -14.32 -96.74
N ALA HA 142 10.81 -14.22 -97.05
CA ALA HA 142 11.65 -15.39 -97.18
C ALA HA 142 11.73 -16.16 -95.88
N GLN HA 143 11.79 -15.43 -94.76
CA GLN HA 143 11.89 -16.10 -93.47
C GLN HA 143 10.55 -16.69 -93.05
N GLU HA 144 9.45 -16.11 -93.50
CA GLU HA 144 8.11 -16.66 -93.22
C GLU HA 144 7.89 -17.99 -93.96
N GLU HA 145 8.12 -17.98 -95.28
CA GLU HA 145 7.99 -19.22 -96.07
C GLU HA 145 9.03 -20.24 -95.64
N ALA HA 146 10.14 -19.74 -95.12
CA ALA HA 146 11.22 -20.55 -94.58
C ALA HA 146 10.81 -21.33 -93.34
N LEU HA 147 10.25 -20.62 -92.35
CA LEU HA 147 9.82 -21.26 -91.12
C LEU HA 147 8.65 -22.20 -91.39
N GLN HA 148 7.79 -21.84 -92.36
CA GLN HA 148 6.73 -22.74 -92.78
C GLN HA 148 7.29 -24.02 -93.39
N GLU HA 149 8.33 -23.91 -94.23
CA GLU HA 149 8.94 -25.08 -94.84
C GLU HA 149 9.59 -25.99 -93.81
N LEU HA 150 10.30 -25.41 -92.83
CA LEU HA 150 10.94 -26.22 -91.81
C LEU HA 150 9.93 -26.85 -90.84
N ARG HA 151 8.84 -26.13 -90.54
CA ARG HA 151 7.76 -26.69 -89.73
C ARG HA 151 7.06 -27.84 -90.44
N LEU HA 152 6.87 -27.73 -91.76
CA LEU HA 152 6.35 -28.87 -92.52
C LEU HA 152 7.36 -29.99 -92.62
N SER HA 153 8.66 -29.67 -92.55
CA SER HA 153 9.70 -30.69 -92.63
C SER HA 153 9.74 -31.56 -91.38
N SER HA 154 10.00 -30.96 -90.22
CA SER HA 154 10.15 -31.76 -89.01
C SER HA 154 9.62 -31.04 -87.77
N PRO HA 155 8.89 -31.73 -86.89
CA PRO HA 155 8.45 -31.09 -85.64
C PRO HA 155 9.59 -30.76 -84.67
N GLU HA 156 10.54 -31.68 -84.50
CA GLU HA 156 11.63 -31.47 -83.55
C GLU HA 156 12.55 -30.34 -84.01
N LEU HA 157 12.64 -30.13 -85.34
CA LEU HA 157 13.49 -29.07 -85.85
C LEU HA 157 12.94 -27.68 -85.55
N HIS HA 158 11.62 -27.46 -85.64
CA HIS HA 158 11.13 -26.16 -85.21
C HIS HA 158 10.93 -26.10 -83.70
N ALA HA 159 10.94 -27.25 -83.02
CA ALA HA 159 11.05 -27.23 -81.56
C ALA HA 159 12.40 -26.70 -81.13
N GLU HA 160 13.45 -27.03 -81.88
CA GLU HA 160 14.80 -26.59 -81.52
C GLU HA 160 15.11 -25.19 -82.04
N ALA HA 161 14.67 -24.88 -83.26
CA ALA HA 161 15.16 -23.71 -83.97
C ALA HA 161 14.43 -22.41 -83.62
N THR HA 162 13.44 -22.45 -82.73
CA THR HA 162 12.75 -21.24 -82.29
C THR HA 162 13.40 -20.61 -81.06
N LYS HA 163 14.69 -20.86 -80.84
CA LYS HA 163 15.43 -20.32 -79.72
C LYS HA 163 16.31 -19.15 -80.13
N ARG HA 164 16.52 -18.25 -79.17
CA ARG HA 164 17.62 -17.29 -79.19
C ARG HA 164 18.77 -17.86 -78.37
N ASP HA 165 19.94 -17.94 -78.97
CA ASP HA 165 21.02 -18.65 -78.29
C ASP HA 165 21.69 -17.77 -77.23
N PRO HA 166 22.11 -18.35 -76.11
CA PRO HA 166 22.83 -17.59 -75.08
C PRO HA 166 24.15 -17.00 -75.54
N SER HA 167 24.72 -17.48 -76.65
CA SER HA 167 25.91 -16.86 -77.21
C SER HA 167 25.62 -15.49 -77.81
N LEU HA 168 24.34 -15.17 -78.06
CA LEU HA 168 23.97 -13.87 -78.59
C LEU HA 168 24.07 -12.77 -77.53
N PHE HA 169 24.14 -13.14 -76.23
CA PHE HA 169 24.04 -12.15 -75.16
C PHE HA 169 25.15 -11.10 -75.17
N PRO HA 170 26.47 -11.45 -75.36
CA PRO HA 170 27.44 -10.36 -75.54
C PRO HA 170 27.63 -9.96 -77.01
N PHE HA 171 26.58 -9.48 -77.66
CA PHE HA 171 26.69 -9.13 -79.07
C PHE HA 171 27.36 -7.77 -79.21
N GLU HA 172 28.61 -7.77 -79.67
CA GLU HA 172 29.37 -6.54 -79.87
C GLU HA 172 29.93 -6.52 -81.28
N ARG HA 173 29.90 -5.34 -81.90
CA ARG HA 173 30.36 -5.17 -83.27
C ARG HA 173 30.88 -3.75 -83.42
N GLN HA 174 31.90 -3.59 -84.27
CA GLN HA 174 32.51 -2.29 -84.51
C GLN HA 174 32.25 -1.84 -85.94
N GLY HA 175 31.98 -0.56 -86.10
CA GLY HA 175 31.70 0.00 -87.41
C GLY HA 175 32.94 0.10 -88.27
N PRO HA 176 32.74 0.14 -89.60
CA PRO HA 176 33.88 0.28 -90.51
C PRO HA 176 34.51 1.66 -90.42
N ASP HA 177 35.80 1.71 -90.75
CA ASP HA 177 36.60 2.92 -90.64
C ASP HA 177 36.98 3.44 -92.03
N TYR HA 178 37.64 4.59 -92.04
CA TYR HA 178 37.96 5.28 -93.28
C TYR HA 178 39.03 4.53 -94.07
N THR HA 179 40.12 4.13 -93.41
CA THR HA 179 41.23 3.45 -94.06
C THR HA 179 41.42 2.08 -93.43
N PRO HA 180 41.91 1.08 -94.17
CA PRO HA 180 42.09 -0.25 -93.59
C PRO HA 180 43.26 -0.25 -92.63
N PRO HA 181 43.29 -1.20 -91.69
CA PRO HA 181 44.47 -1.34 -90.82
C PRO HA 181 45.69 -1.80 -91.61
N ILE HA 182 46.82 -1.15 -91.35
CA ILE HA 182 48.06 -1.49 -92.04
C ILE HA 182 48.92 -2.38 -91.16
N SER HA 183 49.81 -3.15 -91.78
CA SER HA 183 50.69 -4.03 -91.03
C SER HA 183 52.05 -3.36 -90.81
N ASP HA 184 52.76 -3.88 -89.80
CA ASP HA 184 54.09 -3.40 -89.39
C ASP HA 184 54.09 -1.92 -89.05
N TYR HA 185 53.17 -1.54 -88.16
CA TYR HA 185 53.00 -0.16 -87.73
C TYR HA 185 53.13 -0.10 -86.21
N GLN HA 186 53.96 0.83 -85.73
CA GLN HA 186 54.21 0.99 -84.31
C GLN HA 186 53.81 2.38 -83.85
N PRO HA 187 52.64 2.55 -83.23
CA PRO HA 187 52.31 3.83 -82.61
C PRO HA 187 53.15 4.06 -81.37
N PRO HA 188 53.34 5.31 -80.95
CA PRO HA 188 54.18 5.58 -79.78
C PRO HA 188 53.51 5.17 -78.47
N GLU HA 189 54.24 5.36 -77.38
CA GLU HA 189 53.75 4.95 -76.07
C GLU HA 189 53.09 6.12 -75.34
N GLY HA 190 52.25 5.79 -74.36
CA GLY HA 190 51.57 6.83 -73.59
C GLY HA 190 50.72 6.24 -72.49
N ARG HA 191 50.03 7.13 -71.77
CA ARG HA 191 49.14 6.75 -70.70
C ARG HA 191 47.85 7.55 -70.77
N TYR HA 192 46.78 7.00 -70.20
CA TYR HA 192 45.49 7.67 -70.14
C TYR HA 192 45.11 7.90 -68.67
N GLN HA 193 44.66 9.11 -68.36
CA GLN HA 193 44.27 9.48 -67.00
C GLN HA 193 42.81 9.90 -67.02
N ASP HA 194 41.99 9.20 -66.25
CA ASP HA 194 40.55 9.42 -66.28
C ASP HA 194 40.17 10.66 -65.49
N ILE HA 195 39.67 11.70 -66.18
CA ILE HA 195 39.17 12.89 -65.51
C ILE HA 195 37.65 12.97 -65.52
N THR HA 196 36.96 11.85 -65.73
CA THR HA 196 35.52 11.80 -65.64
C THR HA 196 35.08 11.99 -64.19
N LYS HA 197 34.30 13.04 -63.95
CA LYS HA 197 33.93 13.42 -62.60
C LYS HA 197 32.91 12.45 -62.01
N VAL HA 198 33.18 12.04 -60.76
CA VAL HA 198 32.26 11.21 -59.99
C VAL HA 198 31.84 12.00 -58.77
N GLY IA 14 -54.06 27.61 30.07
CA GLY IA 14 -53.60 28.96 29.85
C GLY IA 14 -54.44 30.00 30.57
N ALA IA 15 -54.77 29.68 31.83
CA ALA IA 15 -55.56 30.51 32.74
C ALA IA 15 -56.93 30.85 32.18
N ASP IA 16 -57.54 31.93 32.65
CA ASP IA 16 -58.86 32.36 32.22
C ASP IA 16 -58.81 33.84 31.91
N ARG IA 17 -58.92 34.19 30.62
CA ARG IA 17 -58.90 35.59 30.22
C ARG IA 17 -60.25 36.27 30.50
N MET IA 18 -61.34 35.53 30.35
CA MET IA 18 -62.67 36.14 30.47
C MET IA 18 -63.02 36.40 31.93
N SER IA 19 -62.39 35.69 32.85
CA SER IA 19 -62.63 35.92 34.27
C SER IA 19 -62.03 37.25 34.70
N LYS IA 20 -62.69 37.92 35.63
CA LYS IA 20 -62.22 39.21 36.11
C LYS IA 20 -60.99 39.06 37.00
N TRP IA 21 -60.05 39.99 36.85
CA TRP IA 21 -58.83 39.95 37.64
C TRP IA 21 -59.14 40.38 39.06
N THR IA 22 -58.91 39.48 40.02
CA THR IA 22 -59.38 39.63 41.38
C THR IA 22 -58.21 39.29 42.31
N SER IA 23 -58.23 39.86 43.52
CA SER IA 23 -57.22 39.55 44.54
C SER IA 23 -57.27 38.09 44.98
N LYS IA 24 -58.41 37.41 44.77
CA LYS IA 24 -58.49 35.97 45.06
C LYS IA 24 -57.63 35.15 44.10
N ARG IA 25 -57.33 35.69 42.92
CA ARG IA 25 -56.65 34.92 41.89
C ARG IA 25 -55.13 34.99 42.02
N GLY IA 26 -54.59 36.13 42.44
CA GLY IA 26 -53.17 36.34 42.42
C GLY IA 26 -52.43 35.75 43.60
N PRO IA 27 -51.10 35.95 43.64
CA PRO IA 27 -50.31 35.44 44.76
C PRO IA 27 -50.47 36.25 46.04
N ARG IA 28 -49.64 35.94 47.04
CA ARG IA 28 -49.67 36.69 48.30
C ARG IA 28 -49.23 38.13 48.12
N THR IA 29 -48.39 38.41 47.13
CA THR IA 29 -47.99 39.77 46.79
C THR IA 29 -49.15 40.61 46.28
N PHE IA 30 -50.00 40.06 45.43
CA PHE IA 30 -51.10 40.79 44.82
C PHE IA 30 -52.25 40.90 45.81
N CYS IA 31 -52.48 42.10 46.31
CA CYS IA 31 -53.60 42.41 47.20
C CYS IA 31 -54.32 43.63 46.66
N LYS IA 32 -55.53 43.42 46.15
CA LYS IA 32 -56.32 44.48 45.53
C LYS IA 32 -57.63 44.63 46.28
N GLY IA 33 -58.00 45.87 46.59
CA GLY IA 33 -59.25 46.14 47.26
C GLY IA 33 -60.45 45.89 46.36
N ARG IA 34 -61.60 45.73 47.01
CA ARG IA 34 -62.84 45.43 46.30
C ARG IA 34 -63.68 46.68 46.04
N GLY IA 35 -63.13 47.87 46.30
CA GLY IA 35 -63.84 49.10 46.08
C GLY IA 35 -64.14 49.92 47.32
N ALA IA 36 -63.67 49.51 48.49
CA ALA IA 36 -63.89 50.27 49.70
C ALA IA 36 -62.98 51.50 49.73
N LYS IA 37 -63.34 52.45 50.59
CA LYS IA 37 -62.59 53.69 50.74
C LYS IA 37 -61.60 53.57 51.89
N GLY IA 38 -60.41 54.14 51.70
CA GLY IA 38 -59.39 54.08 52.73
C GLY IA 38 -59.73 55.01 53.89
N THR IA 39 -59.41 54.57 55.11
CA THR IA 39 -59.73 55.31 56.31
C THR IA 39 -58.51 55.74 57.11
N GLY IA 40 -57.30 55.55 56.58
CA GLY IA 40 -56.12 55.91 57.34
C GLY IA 40 -54.86 55.77 56.54
N PHE IA 41 -53.77 55.46 57.24
CA PHE IA 41 -52.45 55.37 56.64
C PHE IA 41 -51.59 54.42 57.45
N HIS IA 42 -50.33 54.28 57.04
CA HIS IA 42 -49.39 53.41 57.76
C HIS IA 42 -48.51 54.24 58.67
N GLY IA 43 -48.52 53.90 59.96
CA GLY IA 43 -47.89 54.72 60.97
C GLY IA 43 -46.43 54.42 61.18
N ARG IA 44 -45.95 54.75 62.38
CA ARG IA 44 -44.53 54.68 62.69
C ARG IA 44 -44.05 53.24 62.86
N ASP IA 45 -44.81 52.40 63.57
CA ASP IA 45 -44.35 51.06 63.91
C ASP IA 45 -44.64 50.04 62.83
N GLY IA 46 -45.12 50.46 61.65
CA GLY IA 46 -45.56 49.56 60.62
C GLY IA 46 -47.02 49.17 60.75
N LYS IA 47 -47.67 49.57 61.83
CA LYS IA 47 -49.09 49.32 62.00
C LYS IA 47 -49.92 50.31 61.20
N PHE IA 48 -51.24 50.15 61.26
CA PHE IA 48 -52.15 51.02 60.54
C PHE IA 48 -52.74 52.04 61.51
N VAL IA 49 -52.54 53.31 61.22
CA VAL IA 49 -53.15 54.39 61.99
C VAL IA 49 -54.37 54.87 61.23
N GLN IA 50 -55.55 54.67 61.82
CA GLN IA 50 -56.81 55.04 61.20
C GLN IA 50 -57.17 56.45 61.61
N ILE IA 51 -57.56 57.27 60.64
CA ILE IA 51 -57.90 58.66 60.86
C ILE IA 51 -59.39 58.74 61.09
N LYS IA 52 -59.80 59.36 62.21
CA LYS IA 52 -61.22 59.50 62.50
C LYS IA 52 -61.90 60.49 61.55
N GLU IA 53 -61.13 61.37 60.94
CA GLU IA 53 -61.68 62.40 60.06
C GLU IA 53 -62.13 61.82 58.74
N MET IA 54 -61.51 60.72 58.29
CA MET IA 54 -61.90 60.06 57.04
C MET IA 54 -63.07 59.11 57.23
N ILE IA 55 -63.44 58.79 58.47
CA ILE IA 55 -64.56 57.90 58.75
C ILE IA 55 -65.87 58.57 58.37
N PRO IA 56 -66.70 57.95 57.55
CA PRO IA 56 -67.99 58.56 57.21
C PRO IA 56 -68.93 58.55 58.39
N GLU IA 57 -69.12 59.72 59.01
CA GLU IA 57 -70.04 59.88 60.12
C GLU IA 57 -71.45 59.84 59.54
N LEU IA 58 -72.22 58.82 59.91
CA LEU IA 58 -73.56 58.68 59.38
C LEU IA 58 -74.48 59.68 60.07
N VAL IA 59 -75.29 60.36 59.27
CA VAL IA 59 -76.17 61.41 59.76
C VAL IA 59 -77.59 60.84 59.79
N VAL IA 60 -78.13 60.67 60.98
CA VAL IA 60 -79.46 60.08 61.16
C VAL IA 60 -80.35 61.10 61.86
N PRO IA 61 -81.63 61.20 61.48
CA PRO IA 61 -82.56 62.02 62.25
C PRO IA 61 -83.26 61.20 63.32
N GLU IA 62 -84.19 61.84 64.00
CA GLU IA 62 -85.06 61.16 64.96
C GLU IA 62 -86.40 60.87 64.30
N LEU IA 63 -86.73 59.59 64.19
CA LEU IA 63 -87.93 59.15 63.47
C LEU IA 63 -89.09 58.81 64.39
N ALA IA 64 -88.92 58.96 65.71
CA ALA IA 64 -90.00 58.61 66.64
C ALA IA 64 -91.12 59.64 66.61
N GLY IA 65 -90.77 60.92 66.60
CA GLY IA 65 -91.76 61.98 66.61
C GLY IA 65 -92.09 62.48 65.22
N PHE IA 66 -91.76 61.70 64.21
CA PHE IA 66 -91.96 62.07 62.82
C PHE IA 66 -92.98 61.11 62.20
N LYS IA 67 -94.02 61.66 61.60
CA LYS IA 67 -95.12 60.86 61.05
C LYS IA 67 -95.08 60.86 59.52
N LEU IA 68 -94.67 59.73 58.95
CA LEU IA 68 -94.74 59.44 57.52
C LEU IA 68 -94.55 57.94 57.36
N LYS IA 69 -95.04 57.42 56.24
CA LYS IA 69 -95.02 55.98 56.01
C LYS IA 69 -94.42 55.68 54.64
N PRO IA 70 -93.78 54.52 54.47
CA PRO IA 70 -93.12 54.23 53.20
C PRO IA 70 -94.06 53.93 52.03
N TYR IA 71 -95.35 53.76 52.28
CA TYR IA 71 -96.31 53.49 51.21
C TYR IA 71 -97.39 54.56 51.19
N VAL IA 72 -97.88 54.85 49.98
CA VAL IA 72 -98.85 55.91 49.73
C VAL IA 72 -100.21 55.27 49.57
N ASN IA 73 -101.25 55.96 50.06
CA ASN IA 73 -102.64 55.54 49.88
C ASN IA 73 -102.99 55.40 48.40
N TYR IA 74 -103.75 54.34 48.08
CA TYR IA 74 -104.15 54.08 46.71
C TYR IA 74 -105.12 55.13 46.19
N ARG IA 75 -105.96 55.69 47.07
CA ARG IA 75 -106.89 56.72 46.64
C ARG IA 75 -106.25 58.10 46.56
N ALA IA 76 -105.02 58.24 47.02
CA ALA IA 76 -104.33 59.53 46.93
C ALA IA 76 -103.95 59.79 45.49
N PRO IA 77 -104.38 60.91 44.90
CA PRO IA 77 -104.08 61.18 43.49
C PRO IA 77 -102.63 61.58 43.28
N GLU IA 78 -102.17 61.35 42.05
CA GLU IA 78 -100.85 61.80 41.64
C GLU IA 78 -100.95 63.22 41.09
N GLY IA 79 -99.89 63.71 40.48
CA GLY IA 79 -99.89 65.04 39.93
C GLY IA 79 -99.29 65.05 38.54
N THR IA 80 -99.54 66.15 37.83
CA THR IA 80 -98.93 66.36 36.53
C THR IA 80 -97.44 66.58 36.69
N ASP IA 81 -96.64 65.74 36.03
CA ASP IA 81 -95.21 65.68 36.26
C ASP IA 81 -94.52 66.92 35.71
N THR IA 82 -94.15 67.83 36.60
CA THR IA 82 -93.39 69.02 36.24
C THR IA 82 -92.00 68.89 36.84
N PRO IA 83 -90.96 68.61 36.04
CA PRO IA 83 -89.60 68.55 36.59
C PRO IA 83 -89.13 69.92 37.05
N LEU IA 84 -88.26 69.92 38.07
CA LEU IA 84 -87.79 71.18 38.63
C LEU IA 84 -86.81 71.83 37.66
N THR IA 85 -87.03 73.11 37.38
CA THR IA 85 -86.30 73.86 36.39
C THR IA 85 -85.59 75.03 37.08
N ALA IA 86 -84.44 75.42 36.54
CA ALA IA 86 -83.70 76.57 37.06
C ALA IA 86 -84.51 77.85 36.96
N LYS IA 87 -85.28 78.00 35.88
CA LYS IA 87 -86.15 79.16 35.72
C LYS IA 87 -87.25 79.17 36.78
N GLN IA 88 -87.82 78.00 37.06
CA GLN IA 88 -88.85 77.90 38.10
C GLN IA 88 -88.29 78.19 39.48
N LEU IA 89 -87.08 77.70 39.76
CA LEU IA 89 -86.45 77.97 41.06
C LEU IA 89 -86.13 79.45 41.22
N PHE IA 90 -85.67 80.10 40.15
CA PHE IA 90 -85.42 81.54 40.19
C PHE IA 90 -86.72 82.32 40.40
N LEU IA 91 -87.78 81.95 39.67
CA LEU IA 91 -89.04 82.67 39.77
C LEU IA 91 -89.71 82.45 41.12
N GLU IA 92 -89.45 81.32 41.77
CA GLU IA 92 -90.04 81.08 43.07
C GLU IA 92 -89.24 81.69 44.21
N THR IA 93 -87.90 81.69 44.12
CA THR IA 93 -87.07 82.15 45.24
C THR IA 93 -86.57 83.58 45.06
N ALA IA 94 -85.90 83.88 43.94
CA ALA IA 94 -85.21 85.16 43.84
C ALA IA 94 -86.08 86.26 43.28
N ALA IA 95 -87.06 85.92 42.43
CA ALA IA 95 -87.86 86.93 41.74
C ALA IA 95 -88.71 87.84 42.65
N PRO IA 96 -89.38 87.37 43.72
CA PRO IA 96 -90.07 88.34 44.60
C PRO IA 96 -89.15 89.37 45.26
N ALA IA 97 -87.96 88.95 45.69
CA ALA IA 97 -87.03 89.88 46.33
C ALA IA 97 -86.49 90.90 45.33
N ILE IA 98 -86.15 90.45 44.12
CA ILE IA 98 -85.63 91.34 43.08
C ILE IA 98 -86.72 92.31 42.63
N GLU IA 99 -87.95 91.81 42.44
CA GLU IA 99 -89.05 92.68 42.03
C GLU IA 99 -89.41 93.70 43.11
N LYS IA 100 -89.41 93.28 44.39
CA LYS IA 100 -89.69 94.20 45.48
C LYS IA 100 -88.61 95.26 45.61
N ASP IA 101 -87.34 94.87 45.50
CA ASP IA 101 -86.25 95.82 45.57
C ASP IA 101 -86.21 96.77 44.37
N PHE IA 102 -86.59 96.31 43.18
CA PHE IA 102 -86.63 97.20 42.03
C PHE IA 102 -87.81 98.16 42.09
N LYS IA 103 -88.97 97.71 42.61
CA LYS IA 103 -90.09 98.63 42.78
C LYS IA 103 -89.86 99.60 43.94
N ALA IA 104 -89.05 99.22 44.93
CA ALA IA 104 -88.66 100.12 46.00
C ALA IA 104 -87.44 100.96 45.67
N GLY IA 105 -86.77 100.68 44.56
CA GLY IA 105 -85.60 101.43 44.16
C GLY IA 105 -84.31 101.04 44.83
N THR IA 106 -84.31 99.98 45.63
CA THR IA 106 -83.12 99.55 46.37
C THR IA 106 -82.36 98.44 45.68
N PHE IA 107 -82.65 98.15 44.42
CA PHE IA 107 -81.93 97.10 43.70
C PHE IA 107 -80.50 97.53 43.39
N ASP IA 108 -79.56 96.65 43.68
CA ASP IA 108 -78.13 96.90 43.44
C ASP IA 108 -77.60 95.86 42.46
N PRO IA 109 -77.29 96.25 41.22
CA PRO IA 109 -76.76 95.28 40.25
C PRO IA 109 -75.36 94.77 40.60
N GLU IA 110 -74.60 95.56 41.34
CA GLU IA 110 -73.23 95.19 41.66
C GLU IA 110 -73.18 94.07 42.71
N HIS IA 111 -73.99 94.19 43.75
CA HIS IA 111 -74.00 93.23 44.85
C HIS IA 111 -75.29 92.44 44.81
N LEU IA 112 -75.18 91.13 44.62
CA LEU IA 112 -76.32 90.23 44.60
C LEU IA 112 -76.29 89.19 45.72
N GLU IA 113 -75.48 89.43 46.76
CA GLU IA 113 -75.32 88.43 47.83
C GLU IA 113 -76.55 88.34 48.72
N LYS IA 114 -77.36 89.40 48.78
CA LYS IA 114 -78.55 89.39 49.61
C LYS IA 114 -79.69 88.58 49.01
N TYR IA 115 -79.63 88.28 47.71
CA TYR IA 115 -80.68 87.54 47.03
C TYR IA 115 -80.42 86.04 46.98
N GLY IA 116 -79.33 85.57 47.58
CA GLY IA 116 -78.97 84.17 47.56
C GLY IA 116 -77.81 83.82 46.64
N PHE IA 117 -77.34 84.77 45.83
CA PHE IA 117 -76.23 84.52 44.92
C PHE IA 117 -74.91 84.57 45.68
N GLU IA 118 -73.98 83.70 45.28
CA GLU IA 118 -72.65 83.65 45.86
C GLU IA 118 -71.62 83.75 44.74
N PRO IA 119 -70.67 84.68 44.81
CA PRO IA 119 -69.71 84.83 43.70
C PRO IA 119 -68.74 83.66 43.55
N THR IA 120 -68.08 83.26 44.64
CA THR IA 120 -67.09 82.20 44.60
C THR IA 120 -67.51 81.08 45.54
N GLN IA 121 -67.32 79.84 45.09
CA GLN IA 121 -67.76 78.68 45.84
C GLN IA 121 -66.83 78.33 47.00
N GLU IA 122 -65.56 78.75 46.93
CA GLU IA 122 -64.55 78.23 47.86
C GLU IA 122 -64.69 78.77 49.27
N GLY IA 123 -65.51 79.80 49.48
CA GLY IA 123 -65.74 80.30 50.83
C GLY IA 123 -66.52 79.33 51.69
N LYS IA 124 -67.54 78.68 51.11
CA LYS IA 124 -68.47 77.91 51.91
C LYS IA 124 -67.97 76.48 52.11
N LEU IA 125 -68.69 75.75 52.97
CA LEU IA 125 -68.25 74.42 53.38
C LEU IA 125 -68.48 73.38 52.29
N PHE IA 126 -69.66 73.38 51.68
CA PHE IA 126 -70.02 72.38 50.68
C PHE IA 126 -70.16 73.04 49.32
N GLN IA 127 -69.20 72.75 48.44
CA GLN IA 127 -69.16 73.33 47.10
C GLN IA 127 -70.05 72.55 46.16
N LEU IA 128 -70.38 73.14 45.02
CA LEU IA 128 -71.31 72.51 44.09
C LEU IA 128 -70.59 71.97 42.86
N TYR IA 129 -69.84 72.83 42.16
CA TYR IA 129 -69.10 72.37 40.97
C TYR IA 129 -67.97 71.40 41.30
N PRO IA 130 -67.14 71.59 42.34
CA PRO IA 130 -66.25 70.49 42.74
C PRO IA 130 -66.96 69.30 43.36
N LYS IA 131 -68.21 69.45 43.80
CA LYS IA 131 -69.02 68.42 44.46
C LYS IA 131 -68.31 67.89 45.71
N ASN IA 132 -68.18 68.82 46.66
CA ASN IA 132 -67.51 68.55 47.94
C ASN IA 132 -68.26 67.51 48.76
N PHE IA 133 -69.58 67.59 48.85
CA PHE IA 133 -70.33 66.62 49.61
C PHE IA 133 -70.56 65.36 48.78
N PRO IA 134 -70.36 64.17 49.37
CA PRO IA 134 -70.69 62.93 48.63
C PRO IA 134 -72.18 62.77 48.37
N ARG IA 135 -72.98 62.75 49.44
CA ARG IA 135 -74.44 62.63 49.32
C ARG IA 135 -75.12 63.39 50.45
N THR JA 35 -90.77 -53.43 -54.14
CA THR JA 35 -90.55 -53.26 -52.70
C THR JA 35 -89.12 -52.79 -52.42
N TYR JA 36 -88.92 -51.47 -52.44
CA TYR JA 36 -87.62 -50.88 -52.21
C TYR JA 36 -87.76 -49.70 -51.26
N SER JA 37 -86.82 -49.58 -50.32
CA SER JA 37 -86.79 -48.48 -49.37
C SER JA 37 -85.36 -48.29 -48.90
N SER JA 38 -84.95 -47.03 -48.77
CA SER JA 38 -83.60 -46.73 -48.30
C SER JA 38 -83.45 -46.99 -46.80
N LEU JA 39 -84.53 -46.76 -46.03
CA LEU JA 39 -84.55 -47.02 -44.61
C LEU JA 39 -85.42 -48.24 -44.30
N PRO JA 40 -85.11 -48.99 -43.24
CA PRO JA 40 -85.95 -50.14 -42.88
C PRO JA 40 -87.31 -49.71 -42.37
N ASP JA 41 -88.30 -50.58 -42.58
CA ASP JA 41 -89.68 -50.32 -42.19
C ASP JA 41 -90.04 -50.94 -40.84
N ASP JA 42 -89.06 -51.25 -40.01
CA ASP JA 42 -89.34 -51.89 -38.72
C ASP JA 42 -89.92 -50.90 -37.73
N TYR JA 43 -89.63 -49.61 -37.91
CA TYR JA 43 -89.99 -48.59 -36.94
C TYR JA 43 -90.65 -47.40 -37.62
N ASN JA 44 -91.42 -46.64 -36.83
CA ASN JA 44 -91.97 -45.32 -37.16
C ASN JA 44 -92.96 -45.46 -38.32
N CYS JA 45 -92.61 -45.03 -39.52
CA CYS JA 45 -93.52 -45.00 -40.66
C CYS JA 45 -93.02 -45.91 -41.77
N LYS JA 46 -93.96 -46.46 -42.53
CA LYS JA 46 -93.62 -47.20 -43.74
C LYS JA 46 -93.53 -46.21 -44.90
N VAL JA 47 -92.33 -45.68 -45.13
CA VAL JA 47 -92.13 -44.56 -46.06
C VAL JA 47 -92.08 -45.11 -47.49
N GLU JA 48 -92.79 -44.45 -48.39
CA GLU JA 48 -92.73 -44.74 -49.82
C GLU JA 48 -92.52 -43.42 -50.55
N LEU JA 49 -91.33 -43.25 -51.12
CA LEU JA 49 -90.94 -42.03 -51.81
C LEU JA 49 -91.34 -42.12 -53.28
N ALA JA 50 -91.69 -40.97 -53.87
CA ALA JA 50 -92.05 -40.90 -55.28
C ALA JA 50 -91.84 -39.50 -55.81
N LEU JA 51 -91.74 -39.40 -57.13
CA LEU JA 51 -91.55 -38.13 -57.82
C LEU JA 51 -92.74 -37.89 -58.75
N THR JA 52 -93.18 -36.64 -58.81
CA THR JA 52 -94.17 -36.24 -59.81
C THR JA 52 -93.56 -36.36 -61.21
N SER JA 53 -94.36 -36.86 -62.16
CA SER JA 53 -93.87 -37.08 -63.52
C SER JA 53 -93.52 -35.77 -64.22
N ASP JA 54 -94.12 -34.65 -63.79
CA ASP JA 54 -93.70 -33.35 -64.30
C ASP JA 54 -92.30 -32.98 -63.80
N GLY JA 55 -92.03 -33.25 -62.51
CA GLY JA 55 -90.68 -33.24 -62.00
C GLY JA 55 -90.40 -32.29 -60.84
N ARG JA 56 -91.31 -31.38 -60.51
CA ARG JA 56 -91.03 -30.37 -59.50
C ARG JA 56 -91.57 -30.71 -58.12
N THR JA 57 -92.10 -31.90 -57.91
CA THR JA 57 -92.68 -32.24 -56.61
C THR JA 57 -92.23 -33.64 -56.19
N ILE JA 58 -91.75 -33.75 -54.95
CA ILE JA 58 -91.44 -35.04 -54.33
C ILE JA 58 -92.56 -35.36 -53.35
N VAL JA 59 -93.21 -36.49 -53.55
CA VAL JA 59 -94.28 -36.92 -52.65
C VAL JA 59 -93.80 -38.15 -51.90
N CYS JA 60 -94.44 -38.43 -50.77
CA CYS JA 60 -94.11 -39.61 -49.98
C CYS JA 60 -95.31 -40.01 -49.15
N TYR JA 61 -95.56 -41.31 -49.10
CA TYR JA 61 -96.68 -41.89 -48.35
C TYR JA 61 -96.10 -42.59 -47.13
N HIS JA 62 -96.44 -42.11 -45.93
CA HIS JA 62 -95.85 -42.61 -44.70
C HIS JA 62 -96.91 -42.85 -43.63
N PRO JA 63 -97.55 -44.01 -43.65
CA PRO JA 63 -98.43 -44.38 -42.53
C PRO JA 63 -97.62 -44.98 -41.39
N SER JA 64 -98.24 -45.03 -40.23
CA SER JA 64 -97.60 -45.62 -39.05
C SER JA 64 -97.43 -47.12 -39.23
N VAL JA 65 -96.40 -47.67 -38.58
CA VAL JA 65 -96.31 -49.11 -38.42
C VAL JA 65 -96.76 -49.41 -36.99
N ASP JA 66 -97.61 -50.42 -36.84
CA ASP JA 66 -98.12 -50.77 -35.53
C ASP JA 66 -97.34 -51.94 -34.97
N ILE JA 67 -97.13 -51.91 -33.65
CA ILE JA 67 -96.43 -52.99 -32.97
C ILE JA 67 -97.38 -54.18 -32.92
N PRO JA 68 -97.01 -55.33 -33.48
CA PRO JA 68 -97.96 -56.46 -33.50
C PRO JA 68 -98.07 -57.13 -32.14
N TYR JA 69 -98.93 -58.15 -32.09
CA TYR JA 69 -99.25 -58.80 -30.81
C TYR JA 69 -98.07 -59.60 -30.29
N GLU JA 70 -97.24 -60.14 -31.18
CA GLU JA 70 -96.18 -61.06 -30.78
C GLU JA 70 -94.97 -60.36 -30.16
N HIS JA 71 -94.78 -59.07 -30.43
CA HIS JA 71 -93.62 -58.35 -29.90
C HIS JA 71 -93.88 -57.72 -28.53
N THR JA 72 -95.01 -58.02 -27.90
CA THR JA 72 -95.35 -57.47 -26.60
C THR JA 72 -95.39 -58.56 -25.54
N LYS JA 73 -95.35 -58.15 -24.29
CA LYS JA 73 -95.43 -59.03 -23.14
C LYS JA 73 -96.67 -58.68 -22.34
N PRO JA 74 -97.25 -59.65 -21.61
CA PRO JA 74 -98.45 -59.35 -20.82
C PRO JA 74 -98.16 -58.46 -19.63
N ILE JA 75 -99.24 -57.89 -19.10
CA ILE JA 75 -99.18 -56.96 -17.97
C ILE JA 75 -98.74 -57.71 -16.72
N PRO JA 76 -97.73 -57.23 -15.98
CA PRO JA 76 -97.36 -57.87 -14.72
C PRO JA 76 -98.43 -57.63 -13.67
N ARG JA 77 -98.98 -58.72 -13.13
CA ARG JA 77 -100.05 -58.67 -12.15
C ARG JA 77 -99.45 -58.92 -10.77
N PRO JA 78 -99.56 -57.92 -9.90
CA PRO JA 78 -99.01 -58.00 -8.54
C PRO JA 78 -100.03 -57.42 -7.57
N ASP JA 79 -100.62 -58.28 -6.74
CA ASP JA 79 -101.56 -57.87 -5.70
C ASP JA 79 -101.57 -58.93 -4.62
N PRO JA 80 -100.97 -58.60 -3.47
CA PRO JA 80 -100.89 -59.52 -2.34
C PRO JA 80 -100.93 -58.73 -1.06
N VAL JA 81 -101.82 -59.11 -0.14
CA VAL JA 81 -102.00 -58.44 1.14
C VAL JA 81 -101.56 -59.39 2.25
N HIS JA 82 -100.37 -59.16 2.80
CA HIS JA 82 -99.83 -59.98 3.87
C HIS JA 82 -100.05 -59.37 5.25
N ASN JA 83 -100.66 -58.19 5.33
CA ASN JA 83 -100.91 -57.56 6.62
C ASN JA 83 -102.27 -57.93 7.21
N ILE JA 84 -103.07 -58.74 6.50
CA ILE JA 84 -104.38 -59.11 6.97
C ILE JA 84 -104.27 -60.14 8.10
N GLU JA 85 -104.99 -59.90 9.19
CA GLU JA 85 -104.99 -60.79 10.34
C GLU JA 85 -106.37 -61.42 10.50
N GLU JA 86 -106.39 -62.70 10.88
CA GLU JA 86 -107.66 -63.39 11.09
C GLU JA 86 -108.32 -62.96 12.38
N THR JA 87 -107.53 -62.40 13.32
CA THR JA 87 -108.07 -62.00 14.60
C THR JA 87 -108.87 -60.70 14.50
N HIS JA 88 -108.27 -59.67 13.89
CA HIS JA 88 -108.88 -58.34 13.84
C HIS JA 88 -108.48 -57.65 12.55
N ASP JA 89 -109.44 -57.52 11.62
CA ASP JA 89 -109.24 -56.79 10.38
C ASP JA 89 -109.15 -55.29 10.59
N LEU JA 90 -109.80 -54.74 11.62
CA LEU JA 90 -109.64 -53.34 11.97
C LEU JA 90 -108.25 -53.00 12.46
N VAL JA 91 -107.59 -53.92 13.17
CA VAL JA 91 -106.18 -53.78 13.50
C VAL JA 91 -105.28 -54.08 12.30
N LEU JA 92 -105.68 -55.01 11.44
CA LEU JA 92 -104.93 -55.33 10.23
C LEU JA 92 -104.88 -54.17 9.23
N LYS JA 93 -105.97 -53.44 9.05
CA LYS JA 93 -105.99 -52.28 8.17
C LYS JA 93 -105.16 -51.13 8.73
N THR JA 94 -105.16 -50.98 10.06
CA THR JA 94 -104.31 -50.01 10.73
C THR JA 94 -102.85 -50.39 10.66
N ARG JA 95 -102.53 -51.69 10.65
CA ARG JA 95 -101.15 -52.14 10.48
C ARG JA 95 -100.60 -51.82 9.11
N LEU JA 96 -101.44 -51.81 8.07
CA LEU JA 96 -101.03 -51.34 6.75
C LEU JA 96 -100.87 -49.84 6.69
N GLU JA 97 -101.47 -49.10 7.61
CA GLU JA 97 -101.26 -47.66 7.77
C GLU JA 97 -100.30 -47.33 8.91
N GLU JA 98 -99.63 -48.33 9.46
CA GLU JA 98 -98.71 -48.13 10.58
C GLU JA 98 -97.28 -47.91 10.13
N LYS JA 99 -97.03 -47.82 8.83
CA LYS JA 99 -95.68 -47.63 8.30
C LYS JA 99 -95.34 -46.14 8.30
N GLY JA 100 -94.37 -45.77 9.13
CA GLY JA 100 -93.90 -44.39 9.23
C GLY JA 100 -92.48 -44.42 9.79
N GLU JA 101 -91.68 -43.45 9.37
CA GLU JA 101 -90.29 -43.37 9.82
C GLU JA 101 -89.81 -41.93 9.69
N HIS JA 102 -88.94 -41.53 10.61
CA HIS JA 102 -88.32 -40.22 10.61
C HIS JA 102 -86.80 -40.39 10.56
N LEU JA 103 -86.15 -39.54 9.78
CA LEU JA 103 -84.72 -39.67 9.52
C LEU JA 103 -84.11 -38.27 9.41
N GLU JA 104 -82.84 -38.15 9.80
CA GLU JA 104 -82.16 -36.87 9.79
C GLU JA 104 -81.85 -36.38 8.38
N GLN JA 105 -81.34 -35.14 8.33
CA GLN JA 105 -81.17 -34.42 7.07
C GLN JA 105 -80.17 -35.09 6.15
N GLY JA 106 -78.96 -35.35 6.65
CA GLY JA 106 -77.89 -35.96 5.87
C GLY JA 106 -78.17 -37.35 5.31
N PRO JA 107 -78.60 -38.29 6.17
CA PRO JA 107 -79.10 -39.57 5.65
C PRO JA 107 -80.28 -39.45 4.70
N MET JA 108 -81.16 -38.46 4.91
CA MET JA 108 -82.25 -38.23 3.96
C MET JA 108 -81.73 -37.78 2.60
N ILE JA 109 -80.70 -36.93 2.59
CA ILE JA 109 -80.14 -36.45 1.32
C ILE JA 109 -79.45 -37.58 0.57
N GLU JA 110 -78.68 -38.43 1.26
CA GLU JA 110 -78.00 -39.50 0.52
C GLU JA 110 -78.99 -40.59 0.10
N GLN JA 111 -80.07 -40.78 0.88
CA GLN JA 111 -81.12 -41.70 0.47
C GLN JA 111 -81.84 -41.20 -0.79
N LEU JA 112 -82.12 -39.89 -0.84
CA LEU JA 112 -82.76 -39.30 -2.02
C LEU JA 112 -81.83 -39.35 -3.23
N SER JA 113 -80.53 -39.13 -3.01
CA SER JA 113 -79.56 -39.20 -4.11
C SER JA 113 -79.44 -40.61 -4.66
N LYS JA 114 -79.39 -41.63 -3.78
CA LYS JA 114 -79.34 -43.01 -4.25
C LYS JA 114 -80.64 -43.43 -4.91
N MET JA 115 -81.78 -42.89 -4.46
CA MET JA 115 -83.06 -43.27 -5.03
C MET JA 115 -83.27 -42.63 -6.41
N PHE JA 116 -82.86 -41.38 -6.58
CA PHE JA 116 -83.21 -40.64 -7.78
C PHE JA 116 -82.04 -40.40 -8.73
N PHE JA 117 -80.85 -40.95 -8.42
CA PHE JA 117 -79.67 -40.92 -9.29
C PHE JA 117 -79.23 -39.48 -9.63
N THR JA 118 -79.25 -38.63 -8.61
CA THR JA 118 -78.70 -37.28 -8.71
C THR JA 118 -77.66 -37.09 -7.63
N THR JA 119 -76.95 -35.97 -7.70
CA THR JA 119 -75.98 -35.64 -6.67
C THR JA 119 -76.69 -35.12 -5.42
N LYS JA 120 -75.92 -34.99 -4.34
CA LYS JA 120 -76.51 -34.56 -3.06
C LYS JA 120 -76.69 -33.04 -2.99
N HIS JA 121 -76.12 -32.29 -3.92
CA HIS JA 121 -76.06 -30.84 -3.76
C HIS JA 121 -77.35 -30.16 -4.20
N ARG JA 122 -78.21 -30.89 -4.93
CA ARG JA 122 -79.47 -30.30 -5.36
C ARG JA 122 -80.46 -30.23 -4.20
N TRP JA 123 -80.47 -31.23 -3.33
CA TRP JA 123 -81.54 -31.42 -2.36
C TRP JA 123 -81.45 -30.48 -1.16
N TYR JA 124 -80.33 -29.80 -0.97
CA TYR JA 124 -80.21 -28.84 0.11
C TYR JA 124 -81.03 -27.59 -0.19
N PRO JA 125 -81.62 -26.95 0.85
CA PRO JA 125 -82.48 -25.79 0.59
C PRO JA 125 -81.71 -24.53 0.20
N ARG JA 126 -82.42 -23.41 0.05
CA ARG JA 126 -81.82 -22.19 -0.47
C ARG JA 126 -82.19 -21.01 0.42
N GLY JA 127 -81.54 -19.88 0.17
CA GLY JA 127 -81.69 -18.73 1.03
C GLY JA 127 -82.95 -17.93 0.76
N GLN JA 128 -83.16 -16.96 1.65
CA GLN JA 128 -84.32 -16.06 1.56
C GLN JA 128 -84.25 -15.20 0.31
N TYR JA 129 -83.04 -14.71 -0.02
CA TYR JA 129 -82.85 -13.89 -1.20
C TYR JA 129 -83.11 -14.68 -2.48
N HIS JA 130 -82.77 -15.97 -2.50
CA HIS JA 130 -83.04 -16.78 -3.67
C HIS JA 130 -84.51 -17.18 -3.78
N ARG JA 131 -85.17 -17.46 -2.65
CA ARG JA 131 -86.58 -17.85 -2.75
C ARG JA 131 -87.49 -16.64 -2.96
N ARG JA 132 -87.01 -15.44 -2.66
CA ARG JA 132 -87.86 -14.27 -2.86
C ARG JA 132 -87.86 -13.78 -4.31
N ARG JA 133 -86.79 -14.03 -5.06
CA ARG JA 133 -86.70 -13.56 -6.43
C ARG JA 133 -87.29 -14.53 -7.44
N ARG JA 134 -87.83 -15.67 -6.98
CA ARG JA 134 -88.58 -16.54 -7.87
C ARG JA 134 -89.89 -15.86 -8.27
N LYS JA 135 -90.27 -16.03 -9.53
CA LYS JA 135 -91.47 -15.37 -10.04
C LYS JA 135 -92.71 -16.06 -9.49
N PRO JA 136 -93.65 -15.31 -8.89
CA PRO JA 136 -94.85 -15.96 -8.33
C PRO JA 136 -95.82 -16.43 -9.39
N ASN JA 137 -95.89 -15.73 -10.52
CA ASN JA 137 -96.79 -16.08 -11.62
C ASN JA 137 -95.98 -16.18 -12.90
N PRO JA 138 -95.39 -17.34 -13.19
CA PRO JA 138 -94.62 -17.51 -14.41
C PRO JA 138 -95.51 -17.57 -15.63
N PRO JA 139 -95.02 -17.18 -16.81
CA PRO JA 139 -95.81 -17.31 -18.03
C PRO JA 139 -96.02 -18.77 -18.41
N LYS JA 140 -97.16 -19.04 -19.04
CA LYS JA 140 -97.52 -20.39 -19.45
C LYS JA 140 -98.02 -20.35 -20.89
N ASP JA 141 -97.58 -21.33 -21.69
CA ASP JA 141 -97.98 -21.44 -23.07
C ASP JA 141 -99.05 -22.53 -23.19
N ARG JA 142 -99.41 -22.85 -24.45
CA ARG JA 142 -100.40 -23.87 -24.82
C ARG JA 142 -101.77 -23.64 -24.19
N THR KA 2 -83.71 -4.89 -21.26
CA THR KA 2 -83.09 -6.07 -20.67
C THR KA 2 -84.14 -7.14 -20.37
N ALA KA 3 -83.91 -8.35 -20.88
CA ALA KA 3 -84.86 -9.44 -20.68
C ALA KA 3 -84.90 -9.88 -19.22
N ARG KA 4 -83.75 -9.91 -18.56
CA ARG KA 4 -83.71 -10.32 -17.16
C ARG KA 4 -84.21 -9.22 -16.22
N GLY KA 5 -84.26 -7.98 -16.69
CA GLY KA 5 -84.74 -6.89 -15.87
C GLY KA 5 -86.25 -6.72 -15.92
N THR KA 6 -86.82 -6.80 -17.11
CA THR KA 6 -88.24 -6.61 -17.31
C THR KA 6 -88.96 -7.96 -17.33
N ALA KA 7 -90.29 -7.90 -17.38
CA ALA KA 7 -91.11 -9.10 -17.44
C ALA KA 7 -91.24 -9.57 -18.89
N SER KA 8 -91.86 -10.74 -19.06
CA SER KA 8 -92.01 -11.33 -20.38
C SER KA 8 -93.37 -11.99 -20.48
N ARG KA 9 -93.92 -12.01 -21.70
CA ARG KA 9 -95.17 -12.69 -21.99
C ARG KA 9 -95.02 -13.45 -23.29
N PHE KA 10 -95.83 -14.48 -23.45
CA PHE KA 10 -95.86 -15.19 -24.73
C PHE KA 10 -96.67 -14.40 -25.75
N LEU KA 11 -96.48 -14.73 -27.01
CA LEU KA 11 -97.30 -14.14 -28.07
C LEU KA 11 -98.72 -14.68 -27.96
N THR KA 12 -99.67 -13.82 -27.62
CA THR KA 12 -101.02 -14.26 -27.34
C THR KA 12 -102.01 -13.29 -27.98
N SER KA 13 -102.96 -13.85 -28.72
CA SER KA 13 -104.15 -13.13 -29.15
C SER KA 13 -105.29 -13.46 -28.21
N VAL KA 14 -105.84 -12.42 -27.58
CA VAL KA 14 -106.88 -12.60 -26.57
C VAL KA 14 -108.22 -12.84 -27.27
N LEU KA 15 -109.00 -13.78 -26.72
CA LEU KA 15 -110.34 -14.17 -27.22
C LEU KA 15 -110.25 -14.85 -28.60
N HIS KA 16 -109.04 -15.29 -28.96
CA HIS KA 16 -108.69 -15.84 -30.27
C HIS KA 16 -109.13 -14.92 -31.40
N ASN KA 17 -108.57 -13.71 -31.39
CA ASN KA 17 -108.97 -12.67 -32.35
C ASN KA 17 -108.53 -13.05 -33.76
N GLY KA 18 -109.32 -12.63 -34.75
CA GLY KA 18 -109.01 -12.85 -36.13
C GLY KA 18 -109.21 -14.27 -36.63
N LEU KA 19 -109.70 -15.17 -35.78
CA LEU KA 19 -109.86 -16.56 -36.19
C LEU KA 19 -111.16 -16.76 -36.97
N GLY KA 20 -112.29 -16.52 -36.32
CA GLY KA 20 -113.56 -16.55 -37.00
C GLY KA 20 -113.82 -15.25 -37.73
N ARG KA 21 -113.61 -14.13 -37.03
CA ARG KA 21 -113.75 -12.81 -37.61
C ARG KA 21 -112.80 -11.87 -36.89
N TYR KA 22 -112.48 -10.76 -37.56
CA TYR KA 22 -111.64 -9.73 -36.97
C TYR KA 22 -112.50 -8.73 -36.22
N VAL KA 23 -112.11 -8.43 -34.99
CA VAL KA 23 -112.79 -7.45 -34.15
C VAL KA 23 -111.74 -6.42 -33.74
N GLN KA 24 -111.98 -5.15 -34.08
CA GLN KA 24 -111.04 -4.10 -33.71
C GLN KA 24 -111.11 -3.86 -32.20
N GLN KA 25 -110.04 -4.23 -31.50
CA GLN KA 25 -110.08 -4.31 -30.05
C GLN KA 25 -109.87 -2.99 -29.35
N LEU KA 26 -109.62 -1.91 -30.09
CA LEU KA 26 -109.63 -0.58 -29.52
C LEU KA 26 -111.06 -0.13 -29.25
N GLN KA 27 -111.30 0.40 -28.04
CA GLN KA 27 -112.61 0.90 -27.66
C GLN KA 27 -112.72 2.40 -27.81
N ARG KA 28 -111.88 3.17 -27.13
CA ARG KA 28 -112.10 4.61 -27.06
C ARG KA 28 -110.79 5.38 -27.00
N LEU KA 29 -110.88 6.63 -27.47
CA LEU KA 29 -109.83 7.62 -27.30
C LEU KA 29 -110.46 8.81 -26.59
N SER KA 30 -109.74 9.37 -25.63
CA SER KA 30 -110.13 10.63 -25.00
C SER KA 30 -108.95 11.59 -25.13
N PHE KA 31 -109.13 12.62 -25.94
CA PHE KA 31 -108.13 13.68 -26.07
C PHE KA 31 -108.39 14.75 -25.04
N SER KA 32 -107.33 15.15 -24.33
CA SER KA 32 -107.36 16.27 -23.40
C SER KA 32 -106.43 17.33 -23.98
N LEU KA 33 -106.99 18.46 -24.41
CA LEU KA 33 -106.25 19.50 -25.10
C LEU KA 33 -106.70 20.86 -24.57
N SER KA 34 -106.18 21.93 -25.18
CA SER KA 34 -106.51 23.29 -24.79
C SER KA 34 -106.76 24.13 -26.03
N ARG KA 35 -107.57 25.18 -25.89
CA ARG KA 35 -107.78 26.11 -27.01
C ARG KA 35 -106.76 27.22 -27.00
N ASP KA 36 -106.05 27.42 -25.88
CA ASP KA 36 -105.25 28.61 -25.70
C ASP KA 36 -103.76 28.32 -25.75
N ALA KA 37 -103.35 27.14 -25.27
CA ALA KA 37 -101.94 26.83 -25.16
C ALA KA 37 -101.33 26.56 -26.53
N PRO KA 38 -100.08 27.00 -26.75
CA PRO KA 38 -99.43 26.73 -28.05
C PRO KA 38 -98.98 25.29 -28.20
N SER KA 39 -98.88 24.54 -27.09
CA SER KA 39 -98.48 23.14 -27.18
C SER KA 39 -99.63 22.26 -27.66
N SER KA 40 -100.85 22.76 -27.64
CA SER KA 40 -102.02 22.03 -28.08
C SER KA 40 -102.36 22.30 -29.53
N ARG KA 41 -101.43 22.90 -30.30
CA ARG KA 41 -101.70 23.31 -31.67
C ARG KA 41 -101.93 22.12 -32.59
N GLY KA 42 -101.07 21.10 -32.48
CA GLY KA 42 -101.24 19.91 -33.29
C GLY KA 42 -102.50 19.15 -32.96
N ALA KA 43 -102.87 19.13 -31.67
CA ALA KA 43 -104.13 18.51 -31.26
C ALA KA 43 -105.33 19.26 -31.80
N ARG KA 44 -105.24 20.61 -31.82
CA ARG KA 44 -106.33 21.42 -32.35
C ARG KA 44 -106.51 21.21 -33.85
N GLU KA 45 -105.40 21.18 -34.61
CA GLU KA 45 -105.52 20.94 -36.05
C GLU KA 45 -105.95 19.51 -36.35
N PHE KA 46 -105.54 18.55 -35.51
CA PHE KA 46 -106.02 17.18 -35.67
C PHE KA 46 -107.52 17.10 -35.44
N VAL KA 47 -108.02 17.85 -34.46
CA VAL KA 47 -109.47 17.92 -34.20
C VAL KA 47 -110.21 18.56 -35.36
N GLU KA 48 -109.63 19.62 -35.93
CA GLU KA 48 -110.28 20.33 -37.05
C GLU KA 48 -110.34 19.47 -38.31
N ARG KA 49 -109.23 18.84 -38.69
CA ARG KA 49 -109.24 18.08 -39.95
C ARG KA 49 -109.63 16.61 -39.78
N GLU KA 50 -108.89 15.85 -38.96
CA GLU KA 50 -108.77 14.43 -39.26
C GLU KA 50 -109.72 13.57 -38.41
N VAL KA 51 -110.23 14.11 -37.29
CA VAL KA 51 -111.00 13.32 -36.33
C VAL KA 51 -112.32 12.82 -36.92
N THR KA 52 -113.00 13.66 -37.69
CA THR KA 52 -114.27 13.24 -38.31
C THR KA 52 -114.04 12.16 -39.37
N ASP KA 53 -112.97 12.30 -40.15
CA ASP KA 53 -112.63 11.29 -41.14
C ASP KA 53 -112.18 9.99 -40.47
N PHE KA 54 -111.46 10.11 -39.35
CA PHE KA 54 -111.08 8.93 -38.57
C PHE KA 54 -112.30 8.23 -37.99
N ALA KA 55 -113.30 9.01 -37.57
CA ALA KA 55 -114.53 8.43 -37.05
C ALA KA 55 -115.33 7.75 -38.15
N ARG KA 56 -115.29 8.29 -39.37
CA ARG KA 56 -115.96 7.62 -40.48
C ARG KA 56 -115.23 6.34 -40.87
N ARG KA 57 -113.89 6.34 -40.81
CA ARG KA 57 -113.14 5.13 -41.17
C ARG KA 57 -113.29 4.04 -40.12
N ASN KA 58 -113.36 4.40 -38.84
CA ASN KA 58 -113.47 3.42 -37.76
C ASN KA 58 -114.78 3.65 -37.00
N PRO KA 59 -115.83 2.90 -37.33
CA PRO KA 59 -117.10 3.08 -36.62
C PRO KA 59 -117.15 2.39 -35.26
N GLY KA 60 -116.14 1.60 -34.92
CA GLY KA 60 -116.15 0.85 -33.67
C GLY KA 60 -115.48 1.52 -32.49
N VAL KA 61 -114.93 2.72 -32.66
CA VAL KA 61 -114.22 3.42 -31.59
C VAL KA 61 -115.02 4.66 -31.20
N VAL KA 62 -114.86 5.09 -29.96
CA VAL KA 62 -115.55 6.28 -29.45
C VAL KA 62 -114.50 7.36 -29.18
N ILE KA 63 -114.67 8.52 -29.79
CA ILE KA 63 -113.71 9.60 -29.72
C ILE KA 63 -114.30 10.72 -28.88
N TYR KA 64 -113.64 11.04 -27.78
CA TYR KA 64 -114.01 12.19 -26.96
C TYR KA 64 -112.94 13.27 -27.09
N VAL KA 65 -113.38 14.52 -27.20
CA VAL KA 65 -112.49 15.68 -27.27
C VAL KA 65 -112.82 16.57 -26.09
N ASN KA 66 -111.82 16.92 -25.30
CA ASN KA 66 -112.02 17.78 -24.13
C ASN KA 66 -111.07 18.96 -24.18
N PRO KA 67 -111.52 20.14 -24.62
CA PRO KA 67 -110.74 21.37 -24.41
C PRO KA 67 -110.91 21.84 -22.98
N ARG KA 68 -109.83 21.74 -22.21
CA ARG KA 68 -109.78 22.17 -20.82
C ARG KA 68 -108.48 22.92 -20.61
N PRO KA 69 -108.40 23.77 -19.56
CA PRO KA 69 -107.13 24.45 -19.29
C PRO KA 69 -106.03 23.53 -18.80
N CYS KA 70 -105.38 22.83 -19.74
CA CYS KA 70 -104.29 21.92 -19.44
C CYS KA 70 -103.04 22.35 -20.20
N CYS KA 71 -101.88 22.05 -19.62
CA CYS KA 71 -100.62 22.46 -20.22
C CYS KA 71 -100.05 21.38 -21.15
N VAL KA 72 -100.17 20.11 -20.76
CA VAL KA 72 -99.64 19.01 -21.56
C VAL KA 72 -100.80 18.30 -22.25
N PRO KA 73 -100.89 18.35 -23.58
CA PRO KA 73 -101.95 17.65 -24.28
C PRO KA 73 -101.74 16.15 -24.26
N ARG KA 74 -102.81 15.40 -23.95
CA ARG KA 74 -102.73 13.97 -23.82
C ARG KA 74 -103.83 13.29 -24.62
N VAL KA 75 -103.63 12.02 -24.92
CA VAL KA 75 -104.67 11.15 -25.46
C VAL KA 75 -104.63 9.83 -24.69
N VAL KA 76 -105.80 9.36 -24.29
CA VAL KA 76 -105.92 8.14 -23.50
C VAL KA 76 -106.69 7.12 -24.33
N ALA KA 77 -106.07 5.98 -24.59
CA ALA KA 77 -106.71 4.93 -25.36
C ALA KA 77 -107.05 3.74 -24.47
N GLU KA 78 -108.32 3.34 -24.51
CA GLU KA 78 -108.79 2.18 -23.76
C GLU KA 78 -109.29 1.12 -24.72
N TYR KA 79 -109.04 -0.14 -24.37
CA TYR KA 79 -109.25 -1.27 -25.27
C TYR KA 79 -110.34 -2.20 -24.73
N LEU KA 80 -110.68 -3.23 -25.52
CA LEU KA 80 -111.65 -4.23 -25.07
C LEU KA 80 -111.08 -5.13 -23.99
N ASN KA 81 -109.76 -5.23 -23.91
CA ASN KA 81 -109.12 -6.09 -22.92
C ASN KA 81 -109.26 -5.51 -21.52
N GLY KA 82 -109.57 -4.22 -21.43
CA GLY KA 82 -109.55 -3.48 -20.18
C GLY KA 82 -108.31 -2.64 -20.02
N ALA KA 83 -107.42 -2.68 -21.00
CA ALA KA 83 -106.17 -1.94 -20.90
C ALA KA 83 -106.38 -0.46 -21.19
N VAL KA 84 -105.70 0.35 -20.40
CA VAL KA 84 -105.69 1.81 -20.55
C VAL KA 84 -104.24 2.19 -20.87
N ARG KA 85 -104.07 3.13 -21.81
CA ARG KA 85 -102.74 3.54 -22.24
C ARG KA 85 -102.73 5.06 -22.42
N GLU KA 86 -101.87 5.72 -21.66
CA GLU KA 86 -101.66 7.15 -21.78
C GLU KA 86 -100.67 7.43 -22.91
N GLU KA 87 -100.87 8.55 -23.59
CA GLU KA 87 -99.93 9.00 -24.59
C GLU KA 87 -99.90 10.52 -24.56
N SER KA 88 -98.72 11.09 -24.73
CA SER KA 88 -98.55 12.54 -24.72
C SER KA 88 -98.46 13.03 -26.16
N ILE KA 89 -99.40 13.89 -26.54
CA ILE KA 89 -99.40 14.48 -27.87
C ILE KA 89 -98.84 15.90 -27.84
N HIS KA 90 -97.99 16.19 -26.85
CA HIS KA 90 -97.47 17.53 -26.62
C HIS KA 90 -96.49 17.96 -27.71
N CYS KA 91 -96.87 19.01 -28.43
CA CYS KA 91 -96.04 19.72 -29.41
C CYS KA 91 -95.55 18.80 -30.54
N LYS KA 92 -96.52 18.31 -31.31
CA LYS KA 92 -96.24 17.46 -32.47
C LYS KA 92 -97.01 17.97 -33.67
N SER KA 93 -96.51 17.62 -34.85
CA SER KA 93 -97.16 17.98 -36.10
C SER KA 93 -98.38 17.10 -36.34
N VAL KA 94 -99.23 17.53 -37.29
CA VAL KA 94 -100.53 16.89 -37.51
C VAL KA 94 -100.34 15.48 -38.08
N GLU KA 95 -99.34 15.31 -38.96
CA GLU KA 95 -99.05 13.98 -39.48
C GLU KA 95 -98.48 13.07 -38.40
N GLU KA 96 -97.74 13.64 -37.43
CA GLU KA 96 -97.27 12.85 -36.30
C GLU KA 96 -98.43 12.41 -35.41
N ILE KA 97 -99.41 13.30 -35.21
CA ILE KA 97 -100.60 12.95 -34.42
C ILE KA 97 -101.42 11.87 -35.13
N ALA KA 98 -101.57 11.99 -36.45
CA ALA KA 98 -102.32 11.01 -37.22
C ALA KA 98 -101.63 9.65 -37.22
N ALA KA 99 -100.29 9.66 -37.31
CA ALA KA 99 -99.52 8.41 -37.23
C ALA KA 99 -99.63 7.78 -35.85
N LEU KA 100 -99.62 8.60 -34.79
CA LEU KA 100 -99.76 8.08 -33.43
C LEU KA 100 -101.14 7.47 -33.20
N VAL KA 101 -102.19 8.13 -33.70
CA VAL KA 101 -103.54 7.62 -33.55
C VAL KA 101 -103.74 6.34 -34.37
N GLN KA 102 -103.16 6.29 -35.56
CA GLN KA 102 -103.27 5.07 -36.38
C GLN KA 102 -102.50 3.91 -35.75
N LYS KA 103 -101.34 4.20 -35.15
CA LYS KA 103 -100.58 3.16 -34.45
C LYS KA 103 -101.31 2.68 -33.21
N LEU KA 104 -102.01 3.57 -32.51
CA LEU KA 104 -102.82 3.14 -31.38
C LEU KA 104 -104.04 2.35 -31.84
N ALA KA 105 -104.57 2.68 -33.03
CA ALA KA 105 -105.74 1.98 -33.55
C ALA KA 105 -105.40 0.58 -34.05
N ASP KA 106 -104.22 0.40 -34.61
CA ASP KA 106 -103.83 -0.89 -35.18
C ASP KA 106 -103.29 -1.87 -34.14
N GLN KA 107 -103.20 -1.47 -32.87
CA GLN KA 107 -102.69 -2.34 -31.83
C GLN KA 107 -103.82 -3.15 -31.20
N SER KA 108 -103.45 -4.28 -30.59
CA SER KA 108 -104.44 -5.14 -29.96
C SER KA 108 -104.76 -4.68 -28.54
N GLY KA 109 -103.77 -4.16 -27.82
CA GLY KA 109 -103.99 -3.67 -26.47
C GLY KA 109 -103.26 -4.42 -25.39
N LEU KA 110 -102.50 -5.46 -25.73
CA LEU KA 110 -101.75 -6.17 -24.70
C LEU KA 110 -100.52 -5.37 -24.27
N ASP KA 111 -99.89 -5.83 -23.19
CA ASP KA 111 -98.76 -5.12 -22.61
C ASP KA 111 -97.55 -5.27 -23.54
N VAL KA 112 -96.92 -4.14 -23.83
CA VAL KA 112 -95.78 -4.10 -24.76
C VAL KA 112 -94.52 -4.41 -23.95
N ILE KA 113 -94.22 -5.69 -23.80
CA ILE KA 113 -93.00 -6.16 -23.15
C ILE KA 113 -92.36 -7.17 -24.08
N ARG KA 114 -91.29 -7.83 -23.62
CA ARG KA 114 -90.59 -8.78 -24.46
C ARG KA 114 -91.45 -10.02 -24.71
N ILE KA 115 -91.53 -10.41 -25.97
CA ILE KA 115 -92.23 -11.63 -26.37
C ILE KA 115 -91.20 -12.75 -26.39
N ARG KA 116 -91.52 -13.85 -25.70
CA ARG KA 116 -90.59 -14.97 -25.61
C ARG KA 116 -90.40 -15.64 -26.96
N LYS KA 117 -91.49 -15.89 -27.67
CA LYS KA 117 -91.41 -16.63 -28.91
C LYS KA 117 -92.21 -15.93 -30.01
N PRO KA 118 -91.68 -15.85 -31.23
CA PRO KA 118 -92.35 -15.08 -32.28
C PRO KA 118 -93.50 -15.81 -32.96
N PHE KA 119 -94.00 -16.88 -32.38
CA PHE KA 119 -95.10 -17.66 -32.92
C PHE KA 119 -95.97 -18.13 -31.76
N HIS KA 120 -97.23 -18.40 -32.05
CA HIS KA 120 -98.10 -19.11 -31.12
C HIS KA 120 -98.83 -20.22 -31.86
N THR KA 121 -98.90 -21.38 -31.23
CA THR KA 121 -99.59 -22.52 -31.83
C THR KA 121 -100.30 -23.32 -30.76
N ASP KA 122 -101.49 -23.78 -31.09
CA ASP KA 122 -102.19 -24.76 -30.29
C ASP KA 122 -102.34 -26.03 -31.12
N SER KA 123 -102.19 -27.18 -30.46
CA SER KA 123 -101.99 -28.50 -31.06
C SER KA 123 -100.87 -28.49 -32.09
N PRO KA 124 -99.59 -28.34 -31.69
CA PRO KA 124 -98.51 -28.44 -32.68
C PRO KA 124 -98.13 -29.87 -32.99
N SER KA 125 -98.64 -30.84 -32.22
CA SER KA 125 -98.26 -32.24 -32.37
C SER KA 125 -99.20 -32.92 -33.37
N ILE KA 126 -99.13 -32.44 -34.61
CA ILE KA 126 -99.70 -33.20 -35.71
C ILE KA 126 -98.78 -34.39 -35.99
N GLN KA 127 -99.39 -35.51 -36.41
CA GLN KA 127 -98.76 -36.83 -36.68
C GLN KA 127 -97.72 -37.24 -35.64
N GLY KA 128 -98.02 -37.02 -34.36
CA GLY KA 128 -97.18 -37.48 -33.27
C GLY KA 128 -96.16 -36.46 -32.81
N GLN KA 129 -95.50 -36.80 -31.72
CA GLN KA 129 -94.44 -36.02 -31.13
C GLN KA 129 -93.30 -36.98 -30.79
N TRP KA 130 -92.06 -36.49 -30.82
CA TRP KA 130 -90.93 -37.34 -30.54
C TRP KA 130 -90.89 -37.75 -29.08
N HIS KA 131 -90.77 -39.05 -28.86
CA HIS KA 131 -90.42 -39.68 -27.59
C HIS KA 131 -89.30 -40.65 -27.93
N PRO KA 132 -88.47 -41.05 -26.96
CA PRO KA 132 -87.30 -41.91 -27.28
C PRO KA 132 -87.62 -43.28 -27.87
N PHE KA 133 -88.87 -43.71 -27.85
CA PHE KA 133 -89.27 -44.99 -28.40
C PHE KA 133 -89.94 -44.89 -29.77
N THR KA 134 -89.93 -43.73 -30.42
CA THR KA 134 -90.66 -43.61 -31.68
C THR KA 134 -89.83 -44.11 -32.85
N ASN KA 135 -88.55 -44.38 -32.63
CA ASN KA 135 -87.67 -44.85 -33.69
C ASN KA 135 -86.92 -46.12 -33.32
N LYS KA 136 -87.14 -46.65 -32.13
CA LYS KA 136 -86.44 -47.85 -31.71
C LYS KA 136 -87.27 -49.08 -32.07
N PRO KA 137 -86.70 -50.02 -32.83
CA PRO KA 137 -87.46 -51.22 -33.21
C PRO KA 137 -87.72 -52.13 -32.02
N THR KA 138 -88.82 -52.88 -32.11
CA THR KA 138 -89.19 -53.82 -31.06
C THR KA 138 -88.49 -55.15 -31.23
N THR KA 139 -88.16 -55.77 -30.11
CA THR KA 139 -87.56 -57.10 -30.06
C THR KA 139 -88.69 -58.12 -29.94
N LEU KA 140 -88.49 -59.31 -30.54
CA LEU KA 140 -89.46 -60.39 -30.52
C LEU KA 140 -89.72 -60.84 -29.09
N GLY KA 141 -90.97 -60.68 -28.65
CA GLY KA 141 -91.34 -60.90 -27.26
C GLY KA 141 -91.18 -59.69 -26.37
N GLY KA 142 -90.69 -58.57 -26.90
CA GLY KA 142 -90.40 -57.41 -26.08
C GLY KA 142 -89.26 -57.63 -25.11
N LEU KA 143 -88.26 -58.41 -25.52
CA LEU KA 143 -87.24 -58.86 -24.59
C LEU KA 143 -86.22 -57.77 -24.29
N ARG KA 144 -85.67 -57.84 -23.08
CA ARG KA 144 -84.52 -57.05 -22.69
C ARG KA 144 -83.27 -57.64 -23.36
N PRO KA 145 -82.18 -56.85 -23.48
CA PRO KA 145 -80.97 -57.38 -24.16
C PRO KA 145 -80.33 -58.60 -23.51
N ARG KA 146 -80.41 -58.72 -22.19
CA ARG KA 146 -79.80 -59.88 -21.52
C ARG KA 146 -80.81 -60.72 -20.75
N GLU KA 147 -82.11 -60.53 -21.00
CA GLU KA 147 -83.12 -61.37 -20.38
C GLU KA 147 -83.41 -62.58 -21.26
N VAL KA 148 -83.42 -63.77 -20.67
CA VAL KA 148 -83.71 -65.01 -21.38
C VAL KA 148 -85.12 -65.45 -21.04
N GLN KA 149 -85.78 -66.08 -22.02
CA GLN KA 149 -87.16 -66.54 -21.83
C GLN KA 149 -87.21 -68.05 -21.65
N ALA LA 31 -84.14 24.81 0.63
CA ALA LA 31 -85.20 25.36 -0.20
C ALA LA 31 -84.73 25.55 -1.63
N LYS LA 32 -85.44 24.93 -2.57
CA LYS LA 32 -85.13 25.06 -3.98
C LYS LA 32 -86.33 25.65 -4.71
N LYS LA 33 -86.05 26.62 -5.58
CA LYS LA 33 -87.10 27.34 -6.31
C LYS LA 33 -87.53 26.49 -7.50
N GLY LA 34 -88.81 26.17 -7.56
CA GLY LA 34 -89.33 25.39 -8.67
C GLY LA 34 -90.69 24.82 -8.36
N PHE LA 35 -91.50 24.72 -9.41
CA PHE LA 35 -92.83 24.12 -9.30
C PHE LA 35 -92.87 22.75 -9.97
N ARG LA 36 -91.98 22.54 -10.95
CA ARG LA 36 -91.97 21.29 -11.71
C ARG LA 36 -91.57 20.11 -10.86
N ALA LA 37 -90.57 20.29 -9.99
CA ALA LA 37 -90.14 19.23 -9.09
C ALA LA 37 -91.24 18.89 -8.08
N ALA LA 38 -91.94 19.91 -7.59
CA ALA LA 38 -93.03 19.69 -6.63
C ALA LA 38 -94.19 18.93 -7.28
N TYR LA 39 -94.57 19.30 -8.51
CA TYR LA 39 -95.67 18.62 -9.19
C TYR LA 39 -95.27 17.20 -9.57
N ARG LA 40 -94.02 17.02 -10.01
CA ARG LA 40 -93.56 15.70 -10.40
C ARG LA 40 -93.42 14.78 -9.18
N PHE LA 41 -93.14 15.35 -8.01
CA PHE LA 41 -93.15 14.54 -6.81
C PHE LA 41 -94.56 14.26 -6.32
N GLN LA 42 -95.51 15.17 -6.59
CA GLN LA 42 -96.90 14.91 -6.25
C GLN LA 42 -97.47 13.77 -7.08
N LYS LA 43 -97.05 13.67 -8.34
CA LYS LA 43 -97.44 12.54 -9.19
C LYS LA 43 -96.91 11.22 -8.63
N GLU LA 44 -95.65 11.23 -8.17
CA GLU LA 44 -95.06 10.04 -7.57
C GLU LA 44 -95.71 9.70 -6.23
N LEU LA 45 -96.14 10.72 -5.49
CA LEU LA 45 -96.85 10.51 -4.23
C LEU LA 45 -98.22 9.87 -4.47
N GLU LA 46 -98.91 10.31 -5.53
CA GLU LA 46 -100.18 9.69 -5.92
C GLU LA 46 -99.96 8.24 -6.36
N ARG LA 47 -98.87 7.98 -7.10
CA ARG LA 47 -98.54 6.61 -7.50
C ARG LA 47 -98.24 5.73 -6.29
N TRP LA 48 -97.52 6.27 -5.31
CA TRP LA 48 -97.20 5.52 -4.10
C TRP LA 48 -98.44 5.25 -3.26
N ARG LA 49 -99.35 6.23 -3.19
CA ARG LA 49 -100.60 6.04 -2.46
C ARG LA 49 -101.48 4.98 -3.12
N LEU LA 50 -101.56 5.00 -4.46
CA LEU LA 50 -102.31 3.99 -5.18
C LEU LA 50 -101.68 2.61 -5.08
N LEU LA 51 -100.34 2.54 -5.01
CA LEU LA 51 -99.67 1.27 -4.78
C LEU LA 51 -99.89 0.75 -3.36
N ARG LA 52 -99.88 1.62 -2.37
CA ARG LA 52 -100.04 1.19 -0.98
C ARG LA 52 -101.48 0.77 -0.69
N CYS LA 53 -102.43 1.67 -0.94
CA CYS LA 53 -103.85 1.36 -0.75
C CYS LA 53 -104.51 1.32 -2.12
N PRO LA 54 -104.75 0.14 -2.67
CA PRO LA 54 -105.41 0.04 -3.98
C PRO LA 54 -106.87 0.48 -3.88
N PRO LA 55 -107.35 1.25 -4.86
CA PRO LA 55 -108.72 1.74 -4.78
C PRO LA 55 -109.71 0.62 -5.07
N PRO LA 56 -110.94 0.73 -4.56
CA PRO LA 56 -111.99 -0.22 -4.95
C PRO LA 56 -112.33 -0.03 -6.42
N PRO LA 57 -112.60 -1.12 -7.14
CA PRO LA 57 -112.90 -1.00 -8.57
C PRO LA 57 -114.26 -0.35 -8.80
N VAL LA 58 -114.26 0.73 -9.58
CA VAL LA 58 -115.45 1.52 -9.87
C VAL LA 58 -115.85 1.31 -11.32
N ARG LA 59 -117.04 1.77 -11.67
CA ARG LA 59 -117.58 1.52 -13.00
C ARG LA 59 -116.97 2.47 -14.02
N ARG LA 60 -117.07 2.09 -15.30
CA ARG LA 60 -116.74 3.00 -16.38
C ARG LA 60 -117.83 4.06 -16.57
N SER LA 61 -119.04 3.80 -16.05
CA SER LA 61 -120.15 4.74 -16.21
C SER LA 61 -119.95 6.02 -15.42
N GLU LA 62 -119.57 5.95 -14.15
CA GLU LA 62 -119.29 7.15 -13.38
C GLU LA 62 -117.84 7.60 -13.48
N LYS LA 63 -117.02 6.91 -14.27
CA LYS LA 63 -115.80 7.54 -14.72
C LYS LA 63 -116.14 8.65 -15.71
N PRO LA 64 -115.33 9.75 -15.76
CA PRO LA 64 -115.75 10.99 -16.43
C PRO LA 64 -116.18 10.92 -17.90
N ASN LA 65 -115.57 10.05 -18.70
CA ASN LA 65 -115.83 10.00 -20.12
C ASN LA 65 -116.81 8.87 -20.42
N TRP LA 66 -118.06 9.24 -20.72
CA TRP LA 66 -119.14 8.27 -20.90
C TRP LA 66 -120.30 8.88 -21.68
N ASP LA 67 -120.83 8.12 -22.63
CA ASP LA 67 -122.07 8.45 -23.33
C ASP LA 67 -122.67 7.13 -23.80
N TYR LA 68 -123.72 6.67 -23.10
CA TYR LA 68 -124.18 5.29 -23.19
C TYR LA 68 -124.77 4.96 -24.56
N HIS LA 69 -125.46 5.91 -25.19
CA HIS LA 69 -126.00 5.68 -26.52
C HIS LA 69 -124.90 5.50 -27.55
N ALA LA 70 -123.83 6.31 -27.43
CA ALA LA 70 -122.68 6.16 -28.30
C ALA LA 70 -121.95 4.84 -28.03
N GLU LA 71 -121.93 4.40 -26.77
CA GLU LA 71 -121.34 3.09 -26.45
C GLU LA 71 -122.13 1.95 -27.07
N ILE LA 72 -123.47 2.04 -27.03
CA ILE LA 72 -124.32 1.00 -27.61
C ILE LA 72 -124.16 0.94 -29.12
N GLN LA 73 -124.15 2.11 -29.77
CA GLN LA 73 -123.96 2.16 -31.22
C GLN LA 73 -122.58 1.68 -31.63
N ALA LA 74 -121.56 2.01 -30.84
CA ALA LA 74 -120.20 1.56 -31.13
C ALA LA 74 -120.05 0.06 -30.93
N PHE LA 75 -120.75 -0.49 -29.94
CA PHE LA 75 -120.78 -1.94 -29.72
C PHE LA 75 -121.40 -2.65 -30.91
N GLY LA 76 -122.52 -2.11 -31.40
CA GLY LA 76 -123.20 -2.70 -32.55
C GLY LA 76 -122.39 -2.62 -33.82
N HIS LA 77 -121.68 -1.51 -34.02
CA HIS LA 77 -120.83 -1.40 -35.21
C HIS LA 77 -119.55 -2.22 -35.07
N ARG LA 78 -119.03 -2.35 -33.86
CA ARG LA 78 -117.79 -3.07 -33.63
C ARG LA 78 -117.96 -4.57 -33.78
N LEU LA 79 -119.10 -5.12 -33.36
CA LEU LA 79 -119.32 -6.55 -33.51
C LEU LA 79 -119.79 -6.95 -34.91
N GLN LA 80 -119.84 -6.00 -35.85
CA GLN LA 80 -120.22 -6.22 -37.25
C GLN LA 80 -121.61 -6.85 -37.38
N GLU LA 81 -122.54 -6.37 -36.57
CA GLU LA 81 -123.90 -6.88 -36.56
C GLU LA 81 -124.87 -5.70 -36.67
N THR LA 82 -126.12 -6.01 -36.99
CA THR LA 82 -127.20 -5.03 -37.02
C THR LA 82 -128.10 -5.29 -35.82
N PHE LA 83 -128.18 -4.31 -34.92
CA PHE LA 83 -128.97 -4.42 -33.71
C PHE LA 83 -130.06 -3.35 -33.69
N SER LA 84 -131.12 -3.65 -32.94
CA SER LA 84 -132.05 -2.60 -32.55
C SER LA 84 -131.61 -2.01 -31.22
N LEU LA 85 -131.61 -0.68 -31.13
CA LEU LA 85 -131.17 0.01 -29.93
C LEU LA 85 -132.08 -0.27 -28.75
N ASP LA 86 -133.40 -0.33 -28.99
CA ASP LA 86 -134.35 -0.67 -27.93
C ASP LA 86 -134.15 -2.09 -27.45
N LEU LA 87 -133.84 -3.02 -28.36
CA LEU LA 87 -133.60 -4.41 -27.98
C LEU LA 87 -132.30 -4.54 -27.18
N LEU LA 88 -131.27 -3.78 -27.55
CA LEU LA 88 -130.02 -3.82 -26.80
C LEU LA 88 -130.18 -3.20 -25.41
N LYS LA 89 -130.93 -2.10 -25.32
CA LYS LA 89 -131.17 -1.49 -24.01
C LYS LA 89 -132.08 -2.36 -23.15
N THR LA 90 -132.95 -3.14 -23.78
CA THR LA 90 -133.73 -4.15 -23.08
C THR LA 90 -132.82 -5.27 -22.57
N ALA LA 91 -131.84 -5.67 -23.38
CA ALA LA 91 -130.96 -6.77 -22.99
C ALA LA 91 -129.98 -6.37 -21.89
N PHE LA 92 -129.54 -5.11 -21.87
CA PHE LA 92 -128.48 -4.69 -20.97
C PHE LA 92 -128.98 -4.19 -19.61
N VAL LA 93 -130.28 -4.25 -19.34
CA VAL LA 93 -130.80 -3.88 -18.01
C VAL LA 93 -131.12 -5.14 -17.23
N ASN LA 94 -130.81 -5.12 -15.93
CA ASN LA 94 -130.89 -6.29 -15.08
C ASN LA 94 -131.91 -6.08 -13.97
N SER LA 95 -132.38 -7.19 -13.40
CA SER LA 95 -133.42 -7.14 -12.36
C SER LA 95 -132.86 -6.60 -11.04
N CYS LA 96 -131.60 -6.91 -10.75
CA CYS LA 96 -130.97 -6.41 -9.52
C CYS LA 96 -130.78 -4.90 -9.58
N TYR LA 97 -130.49 -4.36 -10.77
CA TYR LA 97 -130.45 -2.92 -10.96
C TYR LA 97 -131.83 -2.29 -10.72
N ILE LA 98 -132.89 -2.98 -11.14
CA ILE LA 98 -134.26 -2.52 -10.92
C ILE LA 98 -134.58 -2.50 -9.44
N LYS LA 99 -134.18 -3.54 -8.71
CA LYS LA 99 -134.45 -3.60 -7.27
C LYS LA 99 -133.65 -2.55 -6.51
N SER LA 100 -132.39 -2.33 -6.88
CA SER LA 100 -131.58 -1.29 -6.24
C SER LA 100 -132.13 0.10 -6.55
N GLU LA 101 -132.58 0.32 -7.79
CA GLU LA 101 -133.21 1.59 -8.15
C GLU LA 101 -134.49 1.83 -7.36
N GLU LA 102 -135.34 0.80 -7.23
CA GLU LA 102 -136.55 0.92 -6.42
C GLU LA 102 -136.25 1.18 -4.94
N ALA LA 103 -135.18 0.57 -4.41
CA ALA LA 103 -134.76 0.89 -3.05
C ALA LA 103 -134.34 2.35 -2.93
N LYS LA 104 -133.68 2.87 -3.96
CA LYS LA 104 -133.32 4.29 -3.98
C LYS LA 104 -134.55 5.19 -4.02
N ARG LA 105 -135.56 4.82 -4.81
CA ARG LA 105 -136.77 5.67 -4.90
C ARG LA 105 -137.57 5.59 -3.61
N GLN LA 106 -137.60 4.43 -2.96
CA GLN LA 106 -138.27 4.33 -1.66
C GLN LA 106 -137.50 5.06 -0.56
N LYS LA 107 -136.18 5.16 -0.67
CA LYS LA 107 -135.43 5.95 0.29
C LYS LA 107 -135.64 7.44 0.08
N LEU LA 108 -135.63 7.90 -1.18
CA LEU LA 108 -135.74 9.32 -1.47
C LEU LA 108 -137.18 9.83 -1.51
N GLY LA 109 -138.17 8.95 -1.56
CA GLY LA 109 -139.56 9.37 -1.55
C GLY LA 109 -140.05 10.02 -2.82
N ILE LA 110 -139.39 9.77 -3.96
CA ILE LA 110 -139.78 10.45 -5.20
C ILE LA 110 -140.40 9.43 -6.16
N ASP LA 111 -141.53 9.82 -6.75
CA ASP LA 111 -142.32 8.94 -7.61
C ASP LA 111 -141.67 8.86 -8.98
N LYS LA 112 -141.47 7.63 -9.48
CA LYS LA 112 -141.05 7.40 -10.85
C LYS LA 112 -141.78 6.19 -11.43
N GLU LA 113 -142.65 5.55 -10.63
CA GLU LA 113 -143.33 4.27 -10.85
C GLU LA 113 -143.89 4.01 -12.25
N ALA LA 114 -144.33 5.06 -12.95
CA ALA LA 114 -144.77 4.91 -14.34
C ALA LA 114 -143.60 4.60 -15.26
N ALA LA 115 -142.43 5.16 -14.96
CA ALA LA 115 -141.28 5.03 -15.85
C ALA LA 115 -140.44 3.79 -15.54
N LEU LA 116 -140.15 3.52 -14.27
CA LEU LA 116 -139.24 2.43 -13.93
C LEU LA 116 -139.87 1.05 -14.12
N LEU LA 117 -141.19 0.97 -14.11
CA LEU LA 117 -141.87 -0.30 -14.36
C LEU LA 117 -142.02 -0.62 -15.83
N ASN LA 118 -141.56 0.25 -16.72
CA ASN LA 118 -141.60 0.00 -18.15
C ASN LA 118 -140.22 -0.35 -18.72
N LEU LA 119 -139.28 -0.77 -17.87
CA LEU LA 119 -137.92 -1.03 -18.33
C LEU LA 119 -137.79 -2.31 -19.14
N LYS LA 120 -138.66 -3.31 -18.89
CA LYS LA 120 -138.70 -4.59 -19.58
C LYS LA 120 -137.37 -5.33 -19.42
N ASP LA 121 -137.13 -5.88 -18.23
CA ASP LA 121 -135.90 -6.58 -17.90
C ASP LA 121 -135.68 -7.79 -18.83
N ASN LA 122 -134.43 -8.26 -18.85
CA ASN LA 122 -133.94 -9.13 -19.92
C ASN LA 122 -134.10 -10.61 -19.63
N GLN LA 123 -135.10 -11.01 -18.84
CA GLN LA 123 -135.28 -12.43 -18.52
C GLN LA 123 -135.69 -13.25 -19.75
N GLU LA 124 -136.64 -12.72 -20.52
CA GLU LA 124 -137.12 -13.42 -21.72
C GLU LA 124 -136.03 -13.50 -22.78
N LEU LA 125 -135.28 -12.41 -22.97
CA LEU LA 125 -134.17 -12.41 -23.90
C LEU LA 125 -133.06 -13.36 -23.48
N SER LA 126 -132.77 -13.43 -22.16
CA SER LA 126 -131.75 -14.34 -21.67
C SER LA 126 -132.18 -15.79 -21.82
N GLU LA 127 -133.45 -16.09 -21.59
CA GLU LA 127 -133.94 -17.46 -21.75
C GLU LA 127 -133.92 -17.90 -23.21
N GLN LA 128 -134.34 -17.00 -24.12
CA GLN LA 128 -134.27 -17.30 -25.55
C GLN LA 128 -132.84 -17.48 -26.01
N GLY LA 129 -131.92 -16.65 -25.49
CA GLY LA 129 -130.52 -16.79 -25.85
C GLY LA 129 -129.90 -18.09 -25.37
N ILE LA 130 -130.23 -18.50 -24.14
CA ILE LA 130 -129.71 -19.75 -23.59
C ILE LA 130 -130.24 -20.94 -24.39
N SER LA 131 -131.56 -20.95 -24.66
CA SER LA 131 -132.17 -22.07 -25.38
C SER LA 131 -131.65 -22.17 -26.80
N PHE LA 132 -131.53 -21.03 -27.50
CA PHE LA 132 -131.07 -21.06 -28.88
C PHE LA 132 -129.59 -21.39 -28.97
N SER LA 133 -128.79 -20.91 -28.00
CA SER LA 133 -127.36 -21.22 -27.99
C SER LA 133 -127.12 -22.70 -27.74
N GLN LA 134 -127.88 -23.29 -26.81
CA GLN LA 134 -127.74 -24.72 -26.55
C GLN LA 134 -128.19 -25.56 -27.74
N THR LA 135 -129.30 -25.17 -28.39
CA THR LA 135 -129.79 -25.89 -29.56
C THR LA 135 -128.80 -25.77 -30.73
N CYS LA 136 -128.26 -24.57 -30.93
CA CYS LA 136 -127.33 -24.33 -32.02
C CYS LA 136 -126.00 -25.05 -31.81
N LEU LA 137 -125.51 -25.07 -30.58
CA LEU LA 137 -124.25 -25.75 -30.28
C LEU LA 137 -124.40 -27.26 -30.39
N THR LA 138 -125.55 -27.79 -29.95
CA THR LA 138 -125.84 -29.21 -30.13
C THR LA 138 -125.95 -29.56 -31.60
N GLN LA 139 -126.55 -28.68 -32.40
CA GLN LA 139 -126.65 -28.91 -33.85
C GLN LA 139 -125.28 -28.90 -34.51
N PHE LA 140 -124.40 -27.96 -34.10
CA PHE LA 140 -123.04 -27.91 -34.64
C PHE LA 140 -122.24 -29.17 -34.30
N PHE LA 141 -122.35 -29.63 -33.05
CA PHE LA 141 -121.59 -30.82 -32.67
C PHE LA 141 -122.16 -32.08 -33.29
N GLU LA 142 -123.48 -32.16 -33.46
CA GLU LA 142 -124.07 -33.31 -34.11
C GLU LA 142 -123.76 -33.34 -35.60
N ASP LA 143 -123.65 -32.17 -36.22
CA ASP LA 143 -123.28 -32.11 -37.63
C ASP LA 143 -121.81 -32.44 -37.85
N ALA LA 144 -120.92 -31.90 -37.02
CA ALA LA 144 -119.49 -32.14 -37.22
C ALA LA 144 -119.06 -33.53 -36.77
N PHE LA 145 -119.53 -33.97 -35.59
CA PHE LA 145 -119.02 -35.18 -34.92
C PHE LA 145 -120.17 -36.16 -34.74
N PRO LA 146 -120.34 -37.12 -35.66
CA PRO LA 146 -121.44 -38.07 -35.53
C PRO LA 146 -121.21 -39.17 -34.50
N ASP LA 147 -119.98 -39.30 -33.99
CA ASP LA 147 -119.64 -40.40 -33.11
C ASP LA 147 -119.69 -40.04 -31.62
N LEU LA 148 -119.94 -38.78 -31.28
CA LEU LA 148 -120.05 -38.41 -29.87
C LEU LA 148 -121.39 -38.85 -29.30
N PRO LA 149 -121.42 -39.34 -28.06
CA PRO LA 149 -122.71 -39.73 -27.46
C PRO LA 149 -123.49 -38.52 -26.97
N THR LA 150 -124.70 -38.80 -26.49
CA THR LA 150 -125.56 -37.75 -25.95
C THR LA 150 -124.97 -37.13 -24.69
N GLU LA 151 -124.38 -37.96 -23.82
CA GLU LA 151 -123.71 -37.44 -22.62
C GLU LA 151 -122.52 -36.57 -22.98
N GLY LA 152 -121.75 -36.98 -24.00
CA GLY LA 152 -120.61 -36.20 -24.44
C GLY LA 152 -121.00 -34.86 -25.05
N VAL LA 153 -122.01 -34.86 -25.92
CA VAL LA 153 -122.44 -33.60 -26.52
C VAL LA 153 -123.10 -32.70 -25.49
N THR LA 154 -123.77 -33.29 -24.48
CA THR LA 154 -124.34 -32.50 -23.39
C THR LA 154 -123.23 -31.86 -22.55
N SER LA 155 -122.16 -32.60 -22.29
CA SER LA 155 -121.04 -32.06 -21.53
C SER LA 155 -120.32 -30.95 -22.29
N LEU LA 156 -120.21 -31.09 -23.62
CA LEU LA 156 -119.57 -30.06 -24.43
C LEU LA 156 -120.41 -28.77 -24.48
N VAL LA 157 -121.74 -28.91 -24.65
CA VAL LA 157 -122.55 -27.69 -24.71
C VAL LA 157 -122.63 -27.05 -23.32
N ASP LA 158 -122.62 -27.86 -22.26
CA ASP LA 158 -122.58 -27.30 -20.91
C ASP LA 158 -121.24 -26.66 -20.60
N PHE LA 159 -120.16 -27.11 -21.24
CA PHE LA 159 -118.88 -26.44 -21.05
C PHE LA 159 -118.83 -25.12 -21.79
N LEU LA 160 -119.35 -25.06 -23.03
CA LEU LA 160 -119.32 -23.79 -23.74
C LEU LA 160 -120.35 -22.80 -23.24
N THR LA 161 -121.43 -23.28 -22.62
CA THR LA 161 -122.43 -22.44 -21.99
C THR LA 161 -122.08 -22.20 -20.52
N SER LA 162 -121.05 -22.90 -20.03
CA SER LA 162 -120.68 -22.86 -18.62
C SER LA 162 -120.06 -21.52 -18.24
N GLU LA 163 -119.68 -21.41 -16.98
CA GLU LA 163 -119.68 -20.12 -16.32
C GLU LA 163 -118.44 -19.30 -16.66
N GLU LA 164 -117.26 -19.91 -16.51
CA GLU LA 164 -116.01 -19.16 -16.64
C GLU LA 164 -115.72 -18.79 -18.09
N VAL LA 165 -116.09 -19.65 -19.04
CA VAL LA 165 -115.82 -19.38 -20.46
C VAL LA 165 -116.70 -18.24 -20.95
N VAL LA 166 -117.98 -18.28 -20.62
CA VAL LA 166 -118.93 -17.23 -21.02
C VAL LA 166 -118.58 -15.92 -20.33
N CYS LA 167 -118.15 -16.00 -19.06
CA CYS LA 167 -117.76 -14.78 -18.35
C CYS LA 167 -116.47 -14.19 -18.92
N HIS LA 168 -115.54 -15.03 -19.36
CA HIS LA 168 -114.31 -14.53 -19.98
C HIS LA 168 -114.60 -13.86 -21.33
N VAL LA 169 -115.49 -14.47 -22.12
CA VAL LA 169 -115.87 -13.88 -23.41
C VAL LA 169 -116.60 -12.55 -23.20
N ALA LA 170 -117.51 -12.51 -22.23
CA ALA LA 170 -118.26 -11.28 -21.93
C ALA LA 170 -117.36 -10.20 -21.35
N ARG LA 171 -116.38 -10.58 -20.54
CA ARG LA 171 -115.44 -9.61 -19.97
C ARG LA 171 -114.53 -9.03 -21.04
N ASN LA 172 -114.03 -9.87 -21.95
CA ASN LA 172 -113.17 -9.37 -23.01
C ASN LA 172 -113.94 -8.64 -24.10
N LEU LA 173 -115.23 -8.88 -24.24
CA LEU LA 173 -116.08 -8.09 -25.12
C LEU LA 173 -116.73 -6.91 -24.40
N ALA LA 174 -116.46 -6.76 -23.10
CA ALA LA 174 -116.97 -5.70 -22.23
C ALA LA 174 -118.49 -5.63 -22.21
N VAL LA 175 -119.13 -6.79 -22.04
CA VAL LA 175 -120.55 -6.79 -21.69
C VAL LA 175 -120.75 -6.20 -20.30
N GLU LA 176 -119.80 -6.43 -19.38
CA GLU LA 176 -119.87 -5.83 -18.05
C GLU LA 176 -119.70 -4.32 -18.06
N GLN LA 177 -119.12 -3.75 -19.10
CA GLN LA 177 -119.02 -2.29 -19.21
C GLN LA 177 -120.35 -1.68 -19.59
N LEU LA 178 -121.14 -2.38 -20.41
CA LEU LA 178 -122.44 -1.90 -20.82
C LEU LA 178 -123.58 -2.43 -19.96
N ALA LA 179 -123.30 -3.36 -19.06
CA ALA LA 179 -124.35 -3.91 -18.20
C ALA LA 179 -124.71 -2.91 -17.11
N LEU LA 180 -126.01 -2.80 -16.84
CA LEU LA 180 -126.51 -1.95 -15.76
C LEU LA 180 -126.91 -2.86 -14.61
N SER LA 181 -126.12 -2.83 -13.54
CA SER LA 181 -126.37 -3.63 -12.35
C SER LA 181 -125.61 -3.01 -11.19
N ALA LA 182 -126.05 -3.36 -9.98
CA ALA LA 182 -125.28 -3.02 -8.79
C ALA LA 182 -124.11 -3.99 -8.64
N GLU LA 183 -123.23 -3.68 -7.67
CA GLU LA 183 -122.08 -4.50 -7.30
C GLU LA 183 -121.14 -4.74 -8.47
N PHE LA 184 -120.38 -3.68 -8.87
CA PHE LA 184 -119.58 -3.51 -10.10
C PHE LA 184 -118.89 -4.74 -10.72
N PRO LA 185 -118.27 -5.68 -9.98
CA PRO LA 185 -117.64 -6.82 -10.67
C PRO LA 185 -118.57 -7.76 -11.45
N VAL LA 186 -119.89 -7.52 -11.46
CA VAL LA 186 -120.90 -8.24 -12.24
C VAL LA 186 -120.85 -9.73 -11.96
N PRO LA 187 -121.49 -10.18 -10.87
CA PRO LA 187 -121.42 -11.61 -10.45
C PRO LA 187 -121.79 -12.56 -11.56
N PRO LA 188 -121.10 -13.70 -11.64
CA PRO LA 188 -121.02 -14.48 -12.89
C PRO LA 188 -122.34 -15.03 -13.42
N PRO LA 189 -123.33 -15.42 -12.58
CA PRO LA 189 -124.66 -15.69 -13.18
C PRO LA 189 -125.31 -14.47 -13.82
N VAL LA 190 -125.13 -13.29 -13.24
CA VAL LA 190 -125.69 -12.08 -13.82
C VAL LA 190 -124.99 -11.72 -15.14
N LEU LA 191 -123.67 -11.93 -15.18
CA LEU LA 191 -122.92 -11.70 -16.42
C LEU LA 191 -123.32 -12.67 -17.51
N ARG LA 192 -123.53 -13.94 -17.16
CA ARG LA 192 -124.00 -14.94 -18.12
C ARG LA 192 -125.40 -14.61 -18.62
N GLN LA 193 -126.26 -14.13 -17.72
CA GLN LA 193 -127.61 -13.69 -18.09
C GLN LA 193 -127.56 -12.53 -19.07
N THR LA 194 -126.67 -11.57 -18.83
CA THR LA 194 -126.55 -10.43 -19.72
C THR LA 194 -126.00 -10.83 -21.09
N PHE LA 195 -125.02 -11.73 -21.12
CA PHE LA 195 -124.46 -12.18 -22.39
C PHE LA 195 -125.48 -12.95 -23.23
N PHE LA 196 -126.26 -13.84 -22.60
CA PHE LA 196 -127.28 -14.52 -23.37
C PHE LA 196 -128.49 -13.63 -23.68
N ALA LA 197 -128.66 -12.54 -22.92
CA ALA LA 197 -129.63 -11.52 -23.32
C ALA LA 197 -129.17 -10.80 -24.59
N VAL LA 198 -127.87 -10.56 -24.72
CA VAL LA 198 -127.32 -10.01 -25.96
C VAL LA 198 -127.51 -11.00 -27.11
N ILE LA 199 -127.37 -12.30 -26.82
CA ILE LA 199 -127.62 -13.34 -27.83
C ILE LA 199 -129.08 -13.30 -28.29
N GLY LA 200 -130.02 -13.21 -27.34
CA GLY LA 200 -131.42 -13.12 -27.69
C GLY LA 200 -131.80 -11.84 -28.42
N ALA LA 201 -131.14 -10.74 -28.06
CA ALA LA 201 -131.33 -9.48 -28.77
C ALA LA 201 -130.86 -9.58 -30.22
N LEU LA 202 -129.74 -10.27 -30.43
CA LEU LA 202 -129.28 -10.55 -31.79
C LEU LA 202 -130.24 -11.46 -32.54
N LEU LA 203 -130.87 -12.41 -31.82
CA LEU LA 203 -131.87 -13.28 -32.43
C LEU LA 203 -133.09 -12.51 -32.90
N GLN LA 204 -133.58 -11.56 -32.10
CA GLN LA 204 -134.72 -10.78 -32.53
C GLN LA 204 -134.31 -9.65 -33.49
N SER LA 205 -133.02 -9.35 -33.56
CA SER LA 205 -132.55 -8.35 -34.51
C SER LA 205 -132.38 -8.94 -35.91
N SER LA 206 -131.52 -9.94 -36.05
CA SER LA 206 -131.19 -10.52 -37.35
C SER LA 206 -131.70 -11.94 -37.43
N GLY LA 207 -131.33 -12.62 -38.52
CA GLY LA 207 -131.75 -13.98 -38.76
C GLY LA 207 -131.07 -14.97 -37.83
N PRO LA 208 -131.63 -16.19 -37.74
CA PRO LA 208 -131.00 -17.24 -36.93
C PRO LA 208 -129.63 -17.68 -37.43
N GLU LA 209 -129.38 -17.61 -38.73
CA GLU LA 209 -128.07 -18.02 -39.26
C GLU LA 209 -126.99 -17.00 -38.88
N ARG LA 210 -127.37 -15.73 -38.72
CA ARG LA 210 -126.42 -14.72 -38.26
C ARG LA 210 -126.04 -14.95 -36.80
N THR LA 211 -127.02 -15.30 -35.97
CA THR LA 211 -126.73 -15.64 -34.58
C THR LA 211 -125.93 -16.93 -34.48
N ALA LA 212 -126.18 -17.88 -35.39
CA ALA LA 212 -125.38 -19.10 -35.46
C ALA LA 212 -123.92 -18.78 -35.82
N LEU LA 213 -123.71 -17.87 -36.76
CA LEU LA 213 -122.36 -17.45 -37.12
C LEU LA 213 -121.68 -16.73 -35.97
N PHE LA 214 -122.43 -15.92 -35.21
CA PHE LA 214 -121.86 -15.24 -34.06
C PHE LA 214 -121.48 -16.21 -32.96
N ILE LA 215 -122.33 -17.21 -32.71
CA ILE LA 215 -122.04 -18.23 -31.71
C ILE LA 215 -120.82 -19.05 -32.12
N ARG LA 216 -120.75 -19.42 -33.40
CA ARG LA 216 -119.58 -20.12 -33.93
C ARG LA 216 -118.31 -19.27 -33.87
N ASP LA 217 -118.45 -17.96 -34.01
CA ASP LA 217 -117.30 -17.07 -34.01
C ASP LA 217 -116.78 -16.83 -32.58
N PHE LA 218 -117.68 -16.82 -31.60
CA PHE LA 218 -117.30 -16.36 -30.27
C PHE LA 218 -117.41 -17.41 -29.16
N LEU LA 219 -117.82 -18.63 -29.47
CA LEU LA 219 -117.87 -19.69 -28.46
C LEU LA 219 -117.16 -20.95 -28.91
N ILE LA 220 -117.26 -21.33 -30.18
CA ILE LA 220 -116.56 -22.51 -30.67
C ILE LA 220 -115.06 -22.21 -30.81
N THR LA 221 -114.71 -20.93 -30.94
CA THR LA 221 -113.30 -20.54 -30.95
C THR LA 221 -112.64 -20.67 -29.58
N GLN LA 222 -113.40 -20.93 -28.51
CA GLN LA 222 -112.85 -21.05 -27.17
C GLN LA 222 -112.27 -22.42 -26.87
N MET LA 223 -112.46 -23.42 -27.74
CA MET LA 223 -111.91 -24.75 -27.50
C MET LA 223 -110.60 -24.99 -28.23
N THR LA 224 -109.98 -23.93 -28.75
CA THR LA 224 -108.74 -24.08 -29.51
C THR LA 224 -107.61 -24.51 -28.58
N GLY LA 225 -107.06 -25.70 -28.85
CA GLY LA 225 -106.07 -26.31 -27.99
C GLY LA 225 -106.62 -27.20 -26.91
N LYS LA 226 -107.95 -27.25 -26.74
CA LYS LA 226 -108.56 -28.03 -25.69
C LYS LA 226 -108.80 -29.45 -26.19
N GLU LA 227 -108.72 -30.41 -25.26
CA GLU LA 227 -109.00 -31.80 -25.56
C GLU LA 227 -110.34 -32.18 -24.90
N LEU LA 228 -110.84 -33.37 -25.23
CA LEU LA 228 -112.19 -33.79 -24.86
C LEU LA 228 -112.33 -34.04 -23.35
N PHE LA 229 -111.29 -34.59 -22.74
CA PHE LA 229 -111.48 -35.18 -21.42
C PHE LA 229 -111.22 -34.22 -20.26
N GLU LA 230 -110.95 -32.95 -20.51
CA GLU LA 230 -110.89 -32.00 -19.40
C GLU LA 230 -112.18 -31.19 -19.29
N MET LA 231 -113.12 -31.37 -20.23
CA MET LA 231 -114.48 -30.96 -19.91
C MET LA 231 -115.43 -32.14 -19.75
N TRP LA 232 -115.15 -33.30 -20.36
CA TRP LA 232 -116.06 -34.42 -20.11
C TRP LA 232 -115.86 -35.01 -18.72
N THR LA 233 -114.62 -35.07 -18.25
CA THR LA 233 -114.19 -35.49 -16.91
C THR LA 233 -114.69 -36.87 -16.51
N ILE LA 234 -114.65 -37.85 -17.40
CA ILE LA 234 -115.05 -39.21 -17.04
C ILE LA 234 -113.96 -39.84 -16.20
N THR LA 235 -114.37 -40.68 -15.24
CA THR LA 235 -113.43 -41.28 -14.30
C THR LA 235 -113.12 -42.74 -14.61
N ASN LA 236 -113.91 -43.39 -15.47
CA ASN LA 236 -113.70 -44.79 -15.82
C ASN LA 236 -113.65 -44.87 -17.34
N PRO LA 237 -112.46 -44.66 -17.93
CA PRO LA 237 -112.35 -44.79 -19.40
C PRO LA 237 -112.45 -46.21 -19.89
N MET LA 238 -111.98 -47.18 -19.08
CA MET LA 238 -112.01 -48.60 -19.46
C MET LA 238 -113.43 -49.10 -19.68
N GLY LA 239 -114.32 -48.84 -18.72
CA GLY LA 239 -115.68 -49.33 -18.81
C GLY LA 239 -116.45 -48.70 -19.94
N LEU LA 240 -116.28 -47.39 -20.14
CA LEU LA 240 -117.00 -46.70 -21.21
C LEU LA 240 -116.46 -47.10 -22.58
N LEU LA 241 -115.16 -47.44 -22.65
CA LEU LA 241 -114.60 -48.01 -23.87
C LEU LA 241 -115.20 -49.37 -24.16
N VAL LA 242 -115.44 -50.18 -23.11
CA VAL LA 242 -116.09 -51.47 -23.29
C VAL LA 242 -117.52 -51.30 -23.81
N GLU LA 243 -118.27 -50.33 -23.26
CA GLU LA 243 -119.63 -50.07 -23.76
C GLU LA 243 -119.62 -49.58 -25.20
N GLU LA 244 -118.69 -48.68 -25.54
CA GLU LA 244 -118.62 -48.18 -26.91
C GLU LA 244 -118.19 -49.27 -27.89
N LEU LA 245 -117.31 -50.18 -27.46
CA LEU LA 245 -116.96 -51.32 -28.30
C LEU LA 245 -118.12 -52.30 -28.44
N LYS LA 246 -118.99 -52.40 -27.42
CA LYS LA 246 -120.18 -53.22 -27.57
C LYS LA 246 -121.16 -52.62 -28.58
N LYS LA 247 -121.31 -51.28 -28.57
CA LYS LA 247 -122.13 -50.63 -29.59
C LYS LA 247 -121.50 -50.76 -30.98
N ARG LA 248 -120.17 -50.74 -31.07
CA ARG LA 248 -119.51 -50.94 -32.37
C ARG LA 248 -119.33 -52.42 -32.72
N LYS LA 249 -119.79 -53.33 -31.86
CA LYS LA 249 -119.71 -54.79 -32.04
C LYS LA 249 -118.27 -55.29 -32.16
N ILE LA 250 -117.38 -54.83 -31.27
CA ILE LA 250 -116.09 -55.44 -31.02
C ILE LA 250 -116.10 -55.91 -29.58
N SER LA 251 -115.73 -57.18 -29.35
CA SER LA 251 -116.03 -57.87 -28.10
C SER LA 251 -115.21 -57.37 -26.91
N ALA LA 252 -113.89 -57.54 -26.94
CA ALA LA 252 -113.06 -57.33 -25.75
C ALA LA 252 -111.71 -56.71 -26.08
N PRO LA 253 -111.38 -55.56 -25.48
CA PRO LA 253 -110.01 -55.05 -25.57
C PRO LA 253 -109.09 -55.79 -24.60
N GLU LA 254 -107.81 -55.83 -24.93
CA GLU LA 254 -106.80 -56.46 -24.09
C GLU LA 254 -105.62 -55.50 -23.92
N SER LA 255 -105.21 -55.28 -22.68
CA SER LA 255 -104.07 -54.41 -22.41
C SER LA 255 -102.79 -55.22 -22.45
N ARG LA 256 -101.80 -54.76 -23.22
CA ARG LA 256 -100.51 -55.43 -23.32
C ARG LA 256 -99.40 -54.41 -23.14
N LEU LA 257 -98.44 -54.73 -22.28
CA LEU LA 257 -97.29 -53.86 -22.04
C LEU LA 257 -96.36 -53.91 -23.24
N THR LA 258 -96.31 -52.83 -24.01
CA THR LA 258 -95.55 -52.82 -25.25
C THR LA 258 -94.10 -52.41 -24.98
N ARG LA 259 -93.92 -51.23 -24.41
CA ARG LA 259 -92.61 -50.61 -24.23
C ARG LA 259 -92.46 -50.13 -22.80
N GLN LA 260 -91.29 -50.37 -22.20
CA GLN LA 260 -91.06 -49.95 -20.84
C GLN LA 260 -89.59 -49.56 -20.67
N SER LA 261 -89.35 -48.63 -19.75
CA SER LA 261 -87.99 -48.18 -19.43
C SER LA 261 -87.90 -47.95 -17.94
N GLY LA 262 -87.34 -48.91 -17.22
CA GLY LA 262 -87.19 -48.77 -15.79
C GLY LA 262 -88.38 -49.29 -15.02
N SER LA 263 -88.15 -50.28 -14.15
CA SER LA 263 -89.19 -50.81 -13.29
C SER LA 263 -88.82 -50.75 -11.82
N THR LA 264 -87.54 -50.72 -11.49
CA THR LA 264 -87.08 -50.59 -10.12
C THR LA 264 -86.59 -49.19 -9.78
N THR LA 265 -86.56 -48.29 -10.75
CA THR LA 265 -86.10 -46.94 -10.53
C THR LA 265 -87.22 -46.06 -10.00
N ALA LA 266 -86.86 -44.83 -9.60
CA ALA LA 266 -87.84 -43.90 -9.06
C ALA LA 266 -88.70 -43.26 -10.14
N LEU LA 267 -88.34 -43.41 -11.41
CA LEU LA 267 -89.12 -42.89 -12.52
C LEU LA 267 -89.42 -44.00 -13.50
N PRO LA 268 -90.40 -44.85 -13.20
CA PRO LA 268 -90.79 -45.89 -14.16
C PRO LA 268 -91.61 -45.31 -15.29
N VAL LA 269 -91.38 -45.86 -16.48
CA VAL LA 269 -92.07 -45.43 -17.69
C VAL LA 269 -92.65 -46.67 -18.35
N TYR LA 270 -93.95 -46.67 -18.62
CA TYR LA 270 -94.61 -47.80 -19.26
C TYR LA 270 -95.47 -47.34 -20.42
N PHE LA 271 -95.42 -48.10 -21.51
CA PHE LA 271 -96.32 -47.93 -22.65
C PHE LA 271 -97.26 -49.13 -22.67
N VAL LA 272 -98.56 -48.87 -22.67
CA VAL LA 272 -99.56 -49.92 -22.68
C VAL LA 272 -100.38 -49.77 -23.96
N GLY LA 273 -100.46 -50.85 -24.75
CA GLY LA 273 -101.25 -50.86 -25.95
C GLY LA 273 -102.54 -51.65 -25.76
N LEU LA 274 -103.54 -51.30 -26.55
CA LEU LA 274 -104.85 -51.94 -26.50
C LEU LA 274 -105.05 -52.75 -27.78
N TYR LA 275 -105.36 -54.03 -27.61
CA TYR LA 275 -105.45 -54.97 -28.71
C TYR LA 275 -106.86 -55.54 -28.76
N CYS LA 276 -107.51 -55.41 -29.93
CA CYS LA 276 -108.78 -56.06 -30.20
C CYS LA 276 -108.60 -56.91 -31.46
N ASP LA 277 -108.84 -58.22 -31.30
CA ASP LA 277 -108.54 -59.24 -32.31
C ASP LA 277 -107.08 -59.17 -32.78
N ARG LA 278 -106.18 -58.96 -31.84
CA ARG LA 278 -104.73 -58.81 -32.00
C ARG LA 278 -104.35 -57.65 -32.92
N LYS LA 279 -105.15 -56.59 -32.97
CA LYS LA 279 -104.80 -55.41 -33.74
C LYS LA 279 -104.64 -54.20 -32.83
N LEU LA 280 -103.65 -53.35 -33.15
CA LEU LA 280 -103.34 -52.18 -32.34
C LEU LA 280 -104.30 -51.05 -32.72
N ILE LA 281 -105.06 -50.57 -31.72
CA ILE LA 281 -105.93 -49.42 -31.98
C ILE LA 281 -105.45 -48.19 -31.21
N ALA LA 282 -104.72 -48.37 -30.11
CA ALA LA 282 -104.28 -47.27 -29.27
C ALA LA 282 -103.12 -47.73 -28.42
N GLU LA 283 -102.29 -46.76 -28.02
CA GLU LA 283 -101.17 -47.01 -27.14
C GLU LA 283 -100.94 -45.75 -26.31
N GLY LA 284 -100.68 -45.94 -25.03
CA GLY LA 284 -100.59 -44.82 -24.11
C GLY LA 284 -99.43 -44.91 -23.14
N PRO LA 285 -98.88 -43.76 -22.78
CA PRO LA 285 -97.78 -43.73 -21.80
C PRO LA 285 -98.29 -43.56 -20.39
N GLY LA 286 -97.40 -43.84 -19.44
CA GLY LA 286 -97.73 -43.60 -18.04
C GLY LA 286 -96.53 -43.83 -17.16
N GLU LA 287 -96.59 -43.24 -15.97
CA GLU LA 287 -95.61 -43.53 -14.93
C GLU LA 287 -95.85 -44.91 -14.33
N THR LA 288 -97.10 -45.24 -14.07
CA THR LA 288 -97.51 -46.52 -13.54
C THR LA 288 -98.26 -47.26 -14.65
N VAL LA 289 -98.27 -48.60 -14.57
CA VAL LA 289 -98.93 -49.45 -15.55
C VAL LA 289 -100.43 -49.16 -15.59
N LEU LA 290 -101.04 -48.91 -14.43
CA LEU LA 290 -102.47 -48.58 -14.37
C LEU LA 290 -102.76 -47.24 -15.05
N VAL LA 291 -101.91 -46.24 -14.80
CA VAL LA 291 -102.09 -44.93 -15.42
C VAL LA 291 -101.87 -45.00 -16.92
N ALA LA 292 -100.91 -45.83 -17.36
CA ALA LA 292 -100.69 -46.03 -18.78
C ALA LA 292 -101.86 -46.74 -19.44
N GLU LA 293 -102.47 -47.70 -18.73
CA GLU LA 293 -103.65 -48.39 -19.25
C GLU LA 293 -104.85 -47.44 -19.36
N GLU LA 294 -105.03 -46.58 -18.36
CA GLU LA 294 -106.08 -45.57 -18.41
C GLU LA 294 -105.85 -44.58 -19.55
N GLU LA 295 -104.59 -44.17 -19.75
CA GLU LA 295 -104.28 -43.26 -20.85
C GLU LA 295 -104.47 -43.92 -22.21
N ALA LA 296 -104.16 -45.22 -22.31
CA ALA LA 296 -104.44 -45.96 -23.54
C ALA LA 296 -105.92 -46.05 -23.83
N ALA LA 297 -106.73 -46.22 -22.77
CA ALA LA 297 -108.18 -46.18 -22.93
C ALA LA 297 -108.65 -44.80 -23.38
N ARG LA 298 -108.01 -43.75 -22.87
CA ARG LA 298 -108.33 -42.39 -23.31
C ARG LA 298 -108.00 -42.17 -24.78
N VAL LA 299 -106.85 -42.71 -25.23
CA VAL LA 299 -106.47 -42.61 -26.64
C VAL LA 299 -107.45 -43.37 -27.52
N ALA LA 300 -107.86 -44.57 -27.07
CA ALA LA 300 -108.82 -45.37 -27.82
C ALA LA 300 -110.17 -44.69 -27.91
N LEU LA 301 -110.63 -44.09 -26.80
CA LEU LA 301 -111.90 -43.38 -26.80
C LEU LA 301 -111.85 -42.14 -27.67
N ARG LA 302 -110.71 -41.44 -27.66
CA ARG LA 302 -110.54 -40.25 -28.47
C ARG LA 302 -110.53 -40.59 -29.96
N LYS LA 303 -109.86 -41.68 -30.33
CA LYS LA 303 -109.86 -42.10 -31.73
C LYS LA 303 -111.22 -42.64 -32.16
N LEU LA 304 -111.97 -43.25 -31.24
CA LEU LA 304 -113.31 -43.73 -31.57
C LEU LA 304 -114.27 -42.57 -31.78
N PHE LA 305 -114.18 -41.55 -30.92
CA PHE LA 305 -115.11 -40.42 -31.00
C PHE LA 305 -114.69 -39.38 -32.03
N GLY LA 306 -113.45 -39.40 -32.50
CA GLY LA 306 -113.04 -38.44 -33.51
C GLY LA 306 -112.42 -37.17 -32.97
N PHE LA 307 -112.24 -37.05 -31.66
CA PHE LA 307 -111.49 -35.95 -31.07
C PHE LA 307 -110.02 -36.35 -31.01
N THR LA 308 -109.22 -35.89 -31.96
CA THR LA 308 -107.81 -36.22 -31.96
C THR LA 308 -106.99 -34.95 -32.12
N GLU LA 309 -105.68 -35.09 -31.94
CA GLU LA 309 -104.74 -34.07 -32.39
C GLU LA 309 -104.73 -33.98 -33.91
N ASN LA 310 -105.04 -35.09 -34.58
CA ASN LA 310 -105.00 -35.21 -36.03
C ASN LA 310 -106.33 -34.85 -36.68
N ARG LA 311 -107.29 -34.31 -35.94
CA ARG LA 311 -108.63 -34.13 -36.47
C ARG LA 311 -108.72 -32.90 -37.38
N ARG LA 312 -109.83 -32.82 -38.11
CA ARG LA 312 -110.09 -31.67 -38.97
C ARG LA 312 -110.32 -30.42 -38.12
N PRO LA 313 -109.65 -29.31 -38.42
CA PRO LA 313 -109.95 -28.06 -37.73
C PRO LA 313 -111.30 -27.51 -38.15
N TRP LA 314 -111.81 -26.57 -37.35
CA TRP LA 314 -113.14 -26.03 -37.56
C TRP LA 314 -113.19 -25.17 -38.83
N ASP LA 315 -114.32 -25.27 -39.52
CA ASP LA 315 -114.53 -24.57 -40.79
C ASP LA 315 -115.06 -23.18 -40.50
N TYR LA 316 -114.18 -22.18 -40.61
CA TYR LA 316 -114.56 -20.78 -40.50
C TYR LA 316 -114.60 -20.19 -41.90
N SER LA 317 -115.77 -20.26 -42.53
CA SER LA 317 -115.92 -19.81 -43.91
C SER LA 317 -117.28 -19.13 -44.06
N LYS LA 318 -117.53 -18.62 -45.26
CA LYS LA 318 -118.77 -17.93 -45.59
C LYS LA 318 -119.51 -18.74 -46.65
N PRO LA 319 -120.52 -19.53 -46.26
CA PRO LA 319 -121.28 -20.35 -47.20
C PRO LA 319 -122.23 -19.53 -48.07
N LYS MA 38 -33.18 13.16 7.24
CA LYS MA 38 -33.97 14.13 8.00
C LYS MA 38 -35.11 13.43 8.74
N LYS MA 39 -35.18 13.66 10.05
CA LYS MA 39 -36.20 13.05 10.90
C LYS MA 39 -37.51 13.78 10.67
N ARG MA 40 -38.46 13.08 10.03
CA ARG MA 40 -39.75 13.66 9.70
C ARG MA 40 -40.75 13.33 10.80
N PHE MA 41 -41.34 14.36 11.40
CA PHE MA 41 -42.35 14.21 12.44
C PHE MA 41 -43.56 15.02 12.02
N THR MA 42 -44.71 14.37 11.93
CA THR MA 42 -45.97 15.04 11.63
C THR MA 42 -46.85 15.02 12.88
N PRO MA 43 -47.06 16.16 13.54
CA PRO MA 43 -47.90 16.18 14.75
C PRO MA 43 -49.36 15.96 14.42
N PRO MA 44 -50.10 15.30 15.29
CA PRO MA 44 -51.53 15.09 15.05
C PRO MA 44 -52.33 16.36 15.29
N THR MA 45 -53.52 16.40 14.71
CA THR MA 45 -54.44 17.53 14.84
C THR MA 45 -55.72 17.06 15.51
N TYR MA 46 -56.11 17.76 16.56
CA TYR MA 46 -57.31 17.40 17.31
C TYR MA 46 -58.56 17.94 16.64
N GLN MA 47 -59.68 17.26 16.87
CA GLN MA 47 -60.97 17.79 16.48
C GLN MA 47 -61.46 18.79 17.52
N PRO MA 48 -62.30 19.75 17.13
CA PRO MA 48 -62.89 20.66 18.11
C PRO MA 48 -63.81 19.94 19.08
N LYS MA 49 -63.93 20.50 20.29
CA LYS MA 49 -64.61 19.80 21.38
C LYS MA 49 -66.12 19.79 21.24
N TYR MA 50 -66.68 20.64 20.36
CA TYR MA 50 -68.14 20.72 20.23
C TYR MA 50 -68.71 19.48 19.53
N LYS MA 51 -67.88 18.77 18.77
CA LYS MA 51 -68.34 17.55 18.12
C LYS MA 51 -68.63 16.45 19.14
N SER MA 52 -67.85 16.42 20.23
CA SER MA 52 -68.07 15.45 21.28
C SER MA 52 -69.01 15.95 22.38
N GLU MA 53 -69.00 17.24 22.68
CA GLU MA 53 -69.83 17.80 23.74
C GLU MA 53 -71.21 18.10 23.17
N LYS MA 54 -72.11 17.12 23.26
CA LYS MA 54 -73.49 17.27 22.83
C LYS MA 54 -74.36 16.40 23.71
N GLU MA 55 -75.54 16.92 24.08
CA GLU MA 55 -76.44 16.25 24.99
C GLU MA 55 -77.86 16.22 24.43
N PHE MA 56 -78.70 15.39 25.03
CA PHE MA 56 -80.08 15.27 24.61
C PHE MA 56 -80.94 16.36 25.24
N VAL MA 57 -82.09 16.61 24.62
CA VAL MA 57 -83.04 17.60 25.09
C VAL MA 57 -84.43 16.97 25.18
N GLU MA 58 -85.44 17.79 25.48
CA GLU MA 58 -86.86 17.45 25.44
C GLU MA 58 -87.21 16.30 26.39
N HIS MA 59 -87.03 16.59 27.68
CA HIS MA 59 -87.55 15.75 28.76
C HIS MA 59 -88.84 16.39 29.26
N ALA MA 60 -89.98 15.81 28.88
CA ALA MA 60 -91.28 16.40 29.15
C ALA MA 60 -91.72 16.07 30.57
N ARG MA 61 -92.09 17.10 31.32
CA ARG MA 61 -92.66 16.95 32.65
C ARG MA 61 -93.73 18.03 32.85
N LYS MA 62 -94.69 17.76 33.73
CA LYS MA 62 -95.74 18.72 34.04
C LYS MA 62 -95.56 19.18 35.49
N ALA MA 63 -95.18 20.44 35.66
CA ALA MA 63 -94.92 21.02 36.98
C ALA MA 63 -95.90 22.16 37.22
N GLY MA 64 -96.82 21.96 38.16
CA GLY MA 64 -97.75 23.01 38.52
C GLY MA 64 -97.37 23.65 39.85
N LEU MA 65 -97.41 24.98 39.90
CA LEU MA 65 -97.07 25.71 41.11
C LEU MA 65 -98.14 26.75 41.38
N VAL MA 66 -98.20 27.22 42.62
CA VAL MA 66 -99.26 28.14 43.05
C VAL MA 66 -99.09 29.52 42.41
N ILE MA 67 -97.86 29.98 42.26
CA ILE MA 67 -97.54 31.31 41.72
C ILE MA 67 -98.00 31.52 40.27
N PRO MA 68 -97.75 30.62 39.29
CA PRO MA 68 -98.31 30.88 37.95
C PRO MA 68 -99.82 30.73 37.87
N HIS MA 69 -100.42 29.89 38.71
CA HIS MA 69 -101.87 29.79 38.73
C HIS MA 69 -102.52 30.99 39.41
N GLU MA 70 -101.78 31.70 40.26
CA GLU MA 70 -102.29 32.96 40.79
C GLU MA 70 -102.03 34.14 39.87
N ARG MA 71 -100.97 34.07 39.04
CA ARG MA 71 -100.61 35.20 38.21
C ARG MA 71 -101.30 35.21 36.84
N LEU MA 72 -102.48 34.62 36.70
CA LEU MA 72 -103.28 34.84 35.50
C LEU MA 72 -103.80 36.27 35.48
N GLU MA 73 -103.44 37.01 34.43
CA GLU MA 73 -104.00 38.35 34.23
C GLU MA 73 -105.49 38.29 33.92
N ARG MA 74 -105.92 37.33 33.11
CA ARG MA 74 -107.33 37.04 32.87
C ARG MA 74 -107.66 35.74 33.61
N PRO MA 75 -108.63 35.78 34.53
CA PRO MA 75 -109.04 34.54 35.20
C PRO MA 75 -109.75 33.61 34.22
N ILE MA 76 -109.69 32.30 34.53
CA ILE MA 76 -110.39 31.32 33.71
C ILE MA 76 -111.89 31.48 33.92
N HIS MA 77 -112.62 31.55 32.81
CA HIS MA 77 -114.07 31.71 32.88
C HIS MA 77 -114.73 30.36 32.66
N LEU MA 78 -115.47 29.90 33.67
CA LEU MA 78 -116.22 28.66 33.58
C LEU MA 78 -117.63 28.97 33.12
N ALA MA 79 -118.01 28.42 31.97
CA ALA MA 79 -119.38 28.57 31.48
C ALA MA 79 -120.39 27.78 32.28
N CYS MA 80 -119.95 26.76 33.01
CA CYS MA 80 -120.81 25.96 33.87
C CYS MA 80 -120.07 25.65 35.17
N THR MA 81 -120.83 25.39 36.22
CA THR MA 81 -120.27 25.05 37.51
C THR MA 81 -119.82 23.59 37.53
N ALA MA 82 -118.98 23.26 38.51
CA ALA MA 82 -118.43 21.91 38.58
C ALA MA 82 -119.44 20.93 39.17
N GLY MA 83 -119.80 21.14 40.43
CA GLY MA 83 -120.65 20.18 41.12
C GLY MA 83 -122.13 20.46 40.95
N ILE MA 84 -122.91 19.41 41.17
CA ILE MA 84 -124.36 19.51 41.25
C ILE MA 84 -124.70 19.95 42.67
N PHE MA 85 -125.60 20.91 42.79
CA PHE MA 85 -125.86 21.58 44.06
C PHE MA 85 -126.57 20.66 45.06
N ASP MA 86 -127.69 20.06 44.65
CA ASP MA 86 -128.39 19.11 45.51
C ASP MA 86 -128.88 17.94 44.68
N ALA MA 87 -128.67 16.73 45.18
CA ALA MA 87 -129.05 15.51 44.49
C ALA MA 87 -130.47 15.12 44.89
N TYR MA 88 -131.32 14.89 43.91
CA TYR MA 88 -132.70 14.53 44.18
C TYR MA 88 -132.79 13.09 44.67
N VAL MA 89 -133.50 12.89 45.78
CA VAL MA 89 -133.71 11.57 46.36
C VAL MA 89 -135.13 11.13 46.00
N PRO MA 90 -135.29 10.13 45.15
CA PRO MA 90 -136.64 9.71 44.74
C PRO MA 90 -137.24 8.72 45.72
N PRO MA 91 -138.56 8.60 45.76
CA PRO MA 91 -139.17 7.52 46.56
C PRO MA 91 -138.85 6.16 45.95
N GLU MA 92 -138.61 5.18 46.83
CA GLU MA 92 -138.02 3.91 46.42
C GLU MA 92 -138.97 3.00 45.65
N GLY MA 93 -140.25 3.33 45.57
CA GLY MA 93 -141.20 2.50 44.86
C GLY MA 93 -141.44 2.94 43.43
N ASP MA 94 -140.53 3.74 42.87
CA ASP MA 94 -140.68 4.31 41.53
C ASP MA 94 -140.64 3.26 40.42
N ALA MA 95 -140.17 2.04 40.70
CA ALA MA 95 -140.32 0.96 39.75
C ALA MA 95 -141.75 0.42 39.72
N ARG MA 96 -142.55 0.72 40.73
CA ARG MA 96 -143.93 0.25 40.80
C ARG MA 96 -144.95 1.35 40.56
N ILE MA 97 -144.63 2.61 40.87
CA ILE MA 97 -145.52 3.72 40.52
C ILE MA 97 -145.45 4.06 39.03
N SER MA 98 -144.36 3.70 38.34
CA SER MA 98 -144.21 3.98 36.92
C SER MA 98 -145.15 3.18 36.03
N SER MA 99 -145.73 2.09 36.52
CA SER MA 99 -146.72 1.33 35.78
C SER MA 99 -148.14 1.81 36.04
N LEU MA 100 -148.30 2.87 36.80
CA LEU MA 100 -149.61 3.44 37.13
C LEU MA 100 -149.70 4.84 36.53
N SER MA 101 -150.80 5.12 35.84
CA SER MA 101 -150.90 6.37 35.07
C SER MA 101 -151.23 7.56 35.97
N LYS MA 102 -152.40 7.53 36.60
CA LYS MA 102 -152.94 8.69 37.30
C LYS MA 102 -152.25 8.96 38.64
N GLU MA 103 -151.65 7.95 39.25
CA GLU MA 103 -150.98 8.14 40.53
C GLU MA 103 -149.70 8.94 40.37
N GLY MA 104 -148.80 8.45 39.52
CA GLY MA 104 -147.48 9.04 39.32
C GLY MA 104 -147.47 10.44 38.74
N LEU MA 105 -148.32 10.69 37.73
CA LEU MA 105 -148.37 12.00 37.10
C LEU MA 105 -148.84 13.06 38.08
N ALA MA 106 -149.92 12.77 38.81
CA ALA MA 106 -150.45 13.73 39.78
C ALA MA 106 -149.51 13.88 40.98
N GLN MA 107 -148.78 12.82 41.34
CA GLN MA 107 -147.88 12.90 42.49
C GLN MA 107 -146.63 13.71 42.15
N ARG MA 108 -146.11 13.54 40.93
CA ARG MA 108 -145.02 14.36 40.44
C ARG MA 108 -145.46 15.82 40.31
N ALA MA 109 -146.69 16.05 39.86
CA ALA MA 109 -147.23 17.41 39.79
C ALA MA 109 -147.38 18.03 41.17
N GLU MA 110 -147.74 17.20 42.16
CA GLU MA 110 -147.87 17.71 43.52
C GLU MA 110 -146.52 18.08 44.12
N ARG MA 111 -145.49 17.27 43.88
CA ARG MA 111 -144.15 17.70 44.30
C ARG MA 111 -143.63 18.87 43.49
N LEU MA 112 -144.12 19.06 42.27
CA LEU MA 112 -143.79 20.28 41.53
C LEU MA 112 -144.42 21.51 42.17
N LYS MA 113 -145.70 21.43 42.52
CA LYS MA 113 -146.43 22.62 42.92
C LYS MA 113 -146.36 22.89 44.42
N LYS MA 114 -145.83 21.95 45.23
CA LYS MA 114 -145.79 22.19 46.66
C LYS MA 114 -144.41 22.60 47.17
N ASN MA 115 -143.37 22.49 46.34
CA ASN MA 115 -142.03 22.87 46.78
C ASN MA 115 -141.87 24.38 46.82
N VAL MA 116 -141.07 24.84 47.79
CA VAL MA 116 -140.90 26.28 48.00
C VAL MA 116 -139.65 26.78 47.27
N ALA MA 117 -138.51 26.11 47.51
CA ALA MA 117 -137.25 26.56 46.92
C ALA MA 117 -137.23 26.31 45.42
N SER MA 118 -137.87 25.24 44.96
CA SER MA 118 -137.97 24.96 43.53
C SER MA 118 -138.76 26.04 42.82
N GLN MA 119 -139.91 26.43 43.39
CA GLN MA 119 -140.72 27.50 42.84
C GLN MA 119 -140.04 28.87 42.92
N LEU MA 120 -139.26 29.11 43.98
CA LEU MA 120 -138.47 30.34 44.06
C LEU MA 120 -137.43 30.41 42.96
N SER MA 121 -136.76 29.28 42.69
CA SER MA 121 -135.81 29.22 41.58
C SER MA 121 -136.49 29.38 40.22
N ILE MA 122 -137.67 28.81 40.02
CA ILE MA 122 -138.41 28.99 38.77
C ILE MA 122 -138.81 30.44 38.58
N ARG MA 123 -139.25 31.11 39.67
CA ARG MA 123 -139.56 32.54 39.62
C ARG MA 123 -138.31 33.36 39.28
N LYS MA 124 -137.16 32.96 39.81
CA LYS MA 124 -135.90 33.61 39.46
C LYS MA 124 -135.57 33.43 37.99
N ILE MA 125 -135.86 32.24 37.43
CA ILE MA 125 -135.56 32.00 36.02
C ILE MA 125 -136.47 32.83 35.11
N ARG MA 126 -137.77 32.92 35.42
CA ARG MA 126 -138.62 33.83 34.64
C ARG MA 126 -138.25 35.30 34.83
N GLU MA 127 -137.77 35.67 36.01
CA GLU MA 127 -137.40 37.08 36.22
C GLU MA 127 -136.10 37.43 35.49
N SER MA 128 -135.17 36.48 35.40
CA SER MA 128 -133.94 36.74 34.66
C SER MA 128 -134.16 36.65 33.16
N ASP MA 129 -135.02 35.73 32.72
CA ASP MA 129 -135.26 35.49 31.30
C ASP MA 129 -136.75 35.26 31.06
N PRO MA 130 -137.42 36.16 30.35
CA PRO MA 130 -138.85 35.95 30.04
C PRO MA 130 -139.06 34.86 29.00
N ASN MA 131 -140.35 34.57 28.76
CA ASN MA 131 -140.81 33.54 27.82
C ASN MA 131 -140.23 32.16 28.14
N PHE MA 132 -140.22 31.82 29.41
CA PHE MA 132 -139.76 30.51 29.88
C PHE MA 132 -140.94 29.73 30.43
N LYS MA 133 -141.13 28.51 29.93
CA LYS MA 133 -142.26 27.68 30.32
C LYS MA 133 -141.76 26.35 30.85
N ILE MA 134 -142.29 25.95 32.01
CA ILE MA 134 -142.03 24.61 32.55
C ILE MA 134 -142.68 23.53 31.70
N LYS MA 135 -143.89 23.78 31.18
CA LYS MA 135 -144.66 22.77 30.48
C LYS MA 135 -144.04 22.34 29.15
N ASP MA 136 -143.46 23.29 28.40
CA ASP MA 136 -142.85 22.97 27.11
C ASP MA 136 -141.43 22.44 27.24
N PHE MA 137 -140.81 22.57 28.40
CA PHE MA 137 -139.43 22.13 28.66
C PHE MA 137 -139.14 20.63 28.52
N PRO MA 138 -139.98 19.69 28.97
CA PRO MA 138 -139.62 18.25 28.79
C PRO MA 138 -139.52 17.81 27.34
N GLU MA 139 -140.25 18.42 26.40
CA GLU MA 139 -140.06 18.11 24.99
C GLU MA 139 -138.68 18.53 24.50
N LYS MA 140 -138.22 19.72 24.94
CA LYS MA 140 -136.88 20.17 24.60
C LYS MA 140 -135.81 19.29 25.24
N ALA MA 141 -136.05 18.85 26.48
CA ALA MA 141 -135.11 17.97 27.16
C ALA MA 141 -135.01 16.60 26.46
N LYS MA 142 -136.16 16.05 26.04
CA LYS MA 142 -136.15 14.79 25.31
C LYS MA 142 -135.46 14.93 23.95
N ASP MA 143 -135.69 16.05 23.26
CA ASP MA 143 -135.03 16.28 21.98
C ASP MA 143 -133.53 16.46 22.15
N ILE MA 144 -133.10 17.14 23.22
CA ILE MA 144 -131.67 17.31 23.50
C ILE MA 144 -131.03 15.97 23.83
N PHE MA 145 -131.73 15.12 24.59
CA PHE MA 145 -131.26 13.77 24.91
C PHE MA 145 -131.08 12.92 23.64
N ILE MA 146 -132.10 12.94 22.77
CA ILE MA 146 -132.06 12.15 21.53
C ILE MA 146 -130.96 12.65 20.60
N GLU MA 147 -130.85 13.98 20.45
CA GLU MA 147 -129.83 14.55 19.57
C GLU MA 147 -128.42 14.35 20.11
N ALA MA 148 -128.24 14.41 21.43
CA ALA MA 148 -126.92 14.20 22.01
C ALA MA 148 -126.48 12.75 21.86
N HIS MA 149 -127.39 11.81 22.08
CA HIS MA 149 -127.02 10.40 21.90
C HIS MA 149 -126.83 10.06 20.42
N LEU MA 150 -127.59 10.70 19.53
CA LEU MA 150 -127.38 10.49 18.10
C LEU MA 150 -126.08 11.09 17.61
N CYS MA 151 -125.65 12.23 18.17
CA CYS MA 151 -124.35 12.78 17.84
C CYS MA 151 -123.22 11.97 18.43
N LEU MA 152 -123.46 11.33 19.58
CA LEU MA 152 -122.49 10.38 20.11
C LEU MA 152 -122.37 9.14 19.22
N ASN MA 153 -123.48 8.72 18.63
CA ASN MA 153 -123.45 7.62 17.65
C ASN MA 153 -122.63 8.02 16.43
N ASN MA 154 -122.81 9.26 15.95
CA ASN MA 154 -122.13 9.73 14.75
C ASN MA 154 -120.70 10.20 15.02
N SER MA 155 -120.30 10.32 16.29
CA SER MA 155 -118.98 10.79 16.73
C SER MA 155 -118.66 12.18 16.18
N ASP MA 156 -119.67 13.05 16.16
CA ASP MA 156 -119.50 14.45 15.80
C ASP MA 156 -119.43 15.25 17.10
N HIS MA 157 -118.27 15.84 17.39
CA HIS MA 157 -118.01 16.45 18.68
C HIS MA 157 -118.46 17.90 18.78
N ASP MA 158 -118.59 18.63 17.67
CA ASP MA 158 -118.96 20.05 17.74
C ASP MA 158 -120.42 20.26 18.14
N ARG MA 159 -121.33 19.44 17.59
CA ARG MA 159 -122.72 19.49 18.00
C ARG MA 159 -122.88 19.02 19.44
N LEU MA 160 -122.05 18.07 19.87
CA LEU MA 160 -122.06 17.65 21.25
C LEU MA 160 -121.50 18.73 22.18
N HIS MA 161 -120.53 19.52 21.72
CA HIS MA 161 -120.11 20.71 22.46
C HIS MA 161 -121.24 21.73 22.60
N THR MA 162 -122.05 21.89 21.56
CA THR MA 162 -123.21 22.78 21.68
C THR MA 162 -124.25 22.21 22.65
N LEU MA 163 -124.44 20.89 22.66
CA LEU MA 163 -125.48 20.30 23.49
C LEU MA 163 -125.08 20.07 24.95
N VAL MA 164 -124.11 19.19 25.22
CA VAL MA 164 -123.80 18.84 26.61
C VAL MA 164 -122.73 19.79 27.16
N THR MA 165 -122.58 19.77 28.49
CA THR MA 165 -121.72 20.74 29.15
C THR MA 165 -120.29 20.21 29.34
N GLU MA 166 -119.46 21.05 29.95
CA GLU MA 166 -118.05 20.73 30.13
C GLU MA 166 -117.85 19.61 31.13
N ASN MA 167 -118.70 19.52 32.14
CA ASN MA 167 -118.63 18.44 33.11
C ASN MA 167 -119.21 17.15 32.51
N CYS MA 168 -120.09 17.30 31.51
CA CYS MA 168 -120.76 16.14 30.93
C CYS MA 168 -119.93 15.50 29.82
N PHE MA 169 -119.16 16.31 29.07
CA PHE MA 169 -118.49 15.84 27.86
C PHE MA 169 -117.46 14.72 28.06
N PRO MA 170 -116.47 14.81 28.99
CA PRO MA 170 -115.50 13.70 29.07
C PRO MA 170 -116.10 12.39 29.57
N ASP MA 171 -117.16 12.47 30.37
CA ASP MA 171 -117.83 11.27 30.86
C ASP MA 171 -118.51 10.52 29.72
N MET MA 172 -118.93 11.23 28.67
CA MET MA 172 -119.51 10.54 27.53
C MET MA 172 -118.56 10.45 26.34
N VAL MA 173 -117.29 10.85 26.48
CA VAL MA 173 -116.38 10.71 25.33
C VAL MA 173 -115.21 9.78 25.65
N TRP MA 174 -114.63 9.87 26.86
CA TRP MA 174 -113.33 9.33 27.24
C TRP MA 174 -113.12 7.85 26.97
N ASP MA 175 -114.07 7.01 27.36
CA ASP MA 175 -113.91 5.57 27.15
C ASP MA 175 -114.46 5.14 25.80
N ILE MA 176 -115.41 5.89 25.25
CA ILE MA 176 -116.19 5.43 24.11
C ILE MA 176 -115.57 5.85 22.78
N ARG MA 177 -114.63 6.80 22.79
CA ARG MA 177 -114.10 7.36 21.54
C ARG MA 177 -113.27 6.35 20.74
N TYR MA 178 -112.45 5.53 21.40
CA TYR MA 178 -111.77 4.44 20.73
C TYR MA 178 -112.67 3.28 20.35
N LYS MA 179 -113.92 3.26 20.81
CA LYS MA 179 -114.87 2.24 20.42
C LYS MA 179 -115.84 2.81 19.40
N THR MA 180 -116.69 1.93 18.87
CA THR MA 180 -117.74 2.31 17.93
C THR MA 180 -119.07 1.86 18.52
N VAL MA 181 -120.04 2.77 18.59
CA VAL MA 181 -121.36 2.46 19.16
C VAL MA 181 -122.44 2.84 18.16
N ARG MA 182 -123.58 2.16 18.26
CA ARG MA 182 -124.77 2.47 17.47
C ARG MA 182 -125.96 2.50 18.42
N TRP MA 183 -126.57 3.67 18.55
CA TRP MA 183 -127.63 3.90 19.53
C TRP MA 183 -128.89 4.31 18.80
N SER MA 184 -130.02 3.76 19.20
CA SER MA 184 -131.31 4.07 18.58
C SER MA 184 -132.36 4.30 19.66
N PHE MA 185 -133.27 5.24 19.39
CA PHE MA 185 -134.40 5.53 20.25
C PHE MA 185 -135.65 4.97 19.60
N VAL MA 186 -136.39 4.11 20.32
CA VAL MA 186 -137.51 3.41 19.71
C VAL MA 186 -138.85 3.86 20.30
N GLU MA 187 -138.96 3.98 21.63
CA GLU MA 187 -140.20 4.31 22.29
C GLU MA 187 -139.93 5.08 23.57
N SER MA 188 -140.99 5.71 24.10
CA SER MA 188 -140.99 6.27 25.44
C SER MA 188 -142.30 5.85 26.11
N LEU MA 189 -142.21 4.96 27.08
CA LEU MA 189 -143.41 4.43 27.73
C LEU MA 189 -144.11 5.50 28.58
N GLU MA 190 -143.33 6.32 29.30
CA GLU MA 190 -143.90 7.43 30.04
C GLU MA 190 -143.36 8.73 29.48
N PRO MA 191 -144.17 9.77 29.36
CA PRO MA 191 -143.65 11.11 29.04
C PRO MA 191 -142.77 11.61 30.18
N PRO MA 192 -141.75 12.42 29.88
CA PRO MA 192 -140.80 12.85 30.91
C PRO MA 192 -141.41 13.77 31.95
N GLN MA 193 -140.91 13.68 33.18
CA GLN MA 193 -141.35 14.53 34.28
C GLN MA 193 -140.26 15.53 34.62
N VAL MA 194 -140.62 16.81 34.65
CA VAL MA 194 -139.77 17.82 35.30
C VAL MA 194 -139.86 17.53 36.79
N VAL MA 195 -138.77 17.04 37.38
CA VAL MA 195 -138.81 16.73 38.80
C VAL MA 195 -138.57 17.99 39.63
N GLN MA 196 -137.43 18.67 39.44
CA GLN MA 196 -137.17 19.81 40.31
C GLN MA 196 -136.25 20.81 39.62
N VAL MA 197 -136.27 22.05 40.12
CA VAL MA 197 -135.47 23.15 39.58
C VAL MA 197 -134.73 23.82 40.73
N ARG MA 198 -133.42 24.05 40.56
CA ARG MA 198 -132.62 24.76 41.54
C ARG MA 198 -131.82 25.87 40.87
N CYS MA 199 -131.46 26.87 41.68
CA CYS MA 199 -130.59 27.97 41.29
C CYS MA 199 -129.75 28.38 42.48
N SER MA 200 -128.58 28.97 42.21
CA SER MA 200 -127.77 29.61 43.24
C SER MA 200 -127.10 30.83 42.62
N SER MA 201 -127.07 31.94 43.37
CA SER MA 201 -126.49 33.18 42.89
C SER MA 201 -125.06 33.30 43.42
N LEU MA 202 -124.08 33.10 42.54
CA LEU MA 202 -122.68 33.33 42.87
C LEU MA 202 -122.44 34.84 42.83
N MET MA 203 -122.13 35.41 44.01
CA MET MA 203 -122.06 36.86 44.19
C MET MA 203 -120.74 37.46 43.72
N ASN MA 204 -119.74 36.63 43.39
CA ASN MA 204 -118.46 37.13 42.91
C ASN MA 204 -118.62 37.82 41.56
N GLN MA 205 -119.46 37.26 40.69
CA GLN MA 205 -119.75 37.84 39.39
C GLN MA 205 -121.24 38.11 39.19
N GLY MA 206 -122.10 37.68 40.11
CA GLY MA 206 -123.52 37.76 39.90
C GLY MA 206 -124.07 36.72 38.97
N ASN MA 207 -123.51 35.51 38.99
CA ASN MA 207 -123.86 34.47 38.03
C ASN MA 207 -124.97 33.58 38.59
N ILE MA 208 -125.90 33.19 37.72
CA ILE MA 208 -126.99 32.30 38.08
C ILE MA 208 -126.99 31.11 37.11
N TYR MA 209 -126.96 29.90 37.68
CA TYR MA 209 -126.99 28.65 36.94
C TYR MA 209 -128.29 27.94 37.28
N GLY MA 210 -129.18 27.80 36.29
CA GLY MA 210 -130.44 27.11 36.55
C GLY MA 210 -130.36 25.65 36.15
N GLN MA 211 -130.55 24.77 37.13
CA GLN MA 211 -130.54 23.32 36.91
C GLN MA 211 -131.96 22.80 37.00
N VAL MA 212 -132.37 22.02 36.00
CA VAL MA 212 -133.65 21.32 36.00
C VAL MA 212 -133.37 19.83 35.99
N THR MA 213 -133.66 19.15 37.10
CA THR MA 213 -133.61 17.70 37.16
C THR MA 213 -134.89 17.14 36.55
N VAL MA 214 -134.72 16.27 35.55
CA VAL MA 214 -135.81 15.69 34.76
C VAL MA 214 -135.68 14.17 34.81
N ARG MA 215 -136.78 13.49 35.13
CA ARG MA 215 -136.84 12.03 35.11
C ARG MA 215 -137.43 11.55 33.79
N MET MA 216 -136.73 10.64 33.12
CA MET MA 216 -137.28 9.98 31.93
C MET MA 216 -137.17 8.47 32.03
N HIS MA 217 -138.29 7.81 31.75
CA HIS MA 217 -138.36 6.38 31.47
C HIS MA 217 -138.27 6.20 29.97
N THR MA 218 -137.21 5.57 29.50
CA THR MA 218 -136.86 5.58 28.09
C THR MA 218 -136.57 4.15 27.65
N ARG MA 219 -137.01 3.83 26.43
CA ARG MA 219 -136.73 2.55 25.79
C ARG MA 219 -135.58 2.75 24.82
N GLN MA 220 -134.45 2.06 25.06
CA GLN MA 220 -133.25 2.23 24.27
C GLN MA 220 -132.73 0.89 23.78
N THR MA 221 -132.09 0.92 22.61
CA THR MA 221 -131.36 -0.21 22.05
C THR MA 221 -129.90 0.21 21.95
N LEU MA 222 -129.06 -0.33 22.84
CA LEU MA 222 -127.68 0.11 22.98
C LEU MA 222 -126.74 -1.03 22.62
N ALA MA 223 -125.75 -0.74 21.77
CA ALA MA 223 -124.71 -1.69 21.41
C ALA MA 223 -123.37 -0.98 21.41
N ILE MA 224 -122.36 -1.59 22.03
CA ILE MA 224 -120.99 -1.08 22.04
C ILE MA 224 -120.12 -2.10 21.33
N TYR MA 225 -119.48 -1.68 20.25
CA TYR MA 225 -118.60 -2.53 19.47
C TYR MA 225 -117.14 -2.23 19.81
N ASP MA 226 -116.31 -3.26 19.79
CA ASP MA 226 -114.89 -3.13 20.01
C ASP MA 226 -114.23 -2.44 18.81
N ARG MA 227 -113.05 -1.85 19.05
CA ARG MA 227 -112.26 -1.26 17.97
C ARG MA 227 -111.77 -2.29 16.96
N PHE MA 228 -111.72 -3.56 17.32
CA PHE MA 228 -111.46 -4.63 16.36
C PHE MA 228 -112.73 -5.13 15.68
N GLY MA 229 -113.89 -4.57 16.03
CA GLY MA 229 -115.14 -4.86 15.34
C GLY MA 229 -116.04 -5.86 16.03
N ARG MA 230 -115.56 -6.59 17.03
CA ARG MA 230 -116.37 -7.62 17.67
C ARG MA 230 -117.31 -7.01 18.70
N LEU MA 231 -118.41 -7.73 18.98
CA LEU MA 231 -119.40 -7.23 19.92
C LEU MA 231 -118.89 -7.33 21.35
N MET MA 232 -119.12 -6.27 22.12
CA MET MA 232 -118.58 -6.17 23.47
C MET MA 232 -119.67 -6.14 24.56
N TYR MA 233 -120.61 -5.19 24.50
CA TYR MA 233 -121.49 -4.93 25.63
C TYR MA 233 -122.89 -5.51 25.47
N GLY MA 234 -123.62 -5.10 24.43
CA GLY MA 234 -125.03 -5.45 24.34
C GLY MA 234 -125.52 -5.58 22.92
N GLN MA 235 -126.64 -6.28 22.78
CA GLN MA 235 -127.20 -6.57 21.47
C GLN MA 235 -127.87 -5.34 20.87
N GLU MA 236 -128.19 -5.43 19.57
CA GLU MA 236 -128.77 -4.33 18.83
C GLU MA 236 -130.30 -4.35 18.80
N ASP MA 237 -130.91 -5.53 18.94
CA ASP MA 237 -132.34 -5.68 18.69
C ASP MA 237 -133.19 -5.76 19.95
N VAL MA 238 -132.61 -5.59 21.13
CA VAL MA 238 -133.34 -5.69 22.38
C VAL MA 238 -133.80 -4.29 22.81
N PRO MA 239 -135.10 -4.09 23.04
CA PRO MA 239 -135.62 -2.78 23.54
C PRO MA 239 -135.69 -2.71 25.07
N ARG MA 240 -134.54 -2.46 25.68
CA ARG MA 240 -134.41 -2.52 27.12
C ARG MA 240 -134.95 -1.23 27.76
N ASP MA 241 -135.85 -1.40 28.74
CA ASP MA 241 -136.41 -0.25 29.44
C ASP MA 241 -135.44 0.23 30.51
N VAL MA 242 -135.26 1.56 30.59
CA VAL MA 242 -134.29 2.16 31.49
C VAL MA 242 -134.89 3.46 32.04
N LEU MA 243 -134.37 3.90 33.18
CA LEU MA 243 -134.83 5.12 33.84
C LEU MA 243 -133.63 5.97 34.20
N GLU MA 244 -133.72 7.29 33.95
CA GLU MA 244 -132.65 8.21 34.34
C GLU MA 244 -133.20 9.48 34.96
N TYR MA 245 -132.38 10.09 35.82
CA TYR MA 245 -132.65 11.42 36.39
C TYR MA 245 -131.56 12.35 35.89
N VAL MA 246 -131.77 12.98 34.74
CA VAL MA 246 -130.76 13.80 34.09
C VAL MA 246 -130.99 15.25 34.50
N VAL MA 247 -129.94 15.88 35.01
CA VAL MA 247 -129.99 17.29 35.37
C VAL MA 247 -129.48 18.11 34.20
N PHE MA 248 -130.28 19.10 33.79
CA PHE MA 248 -129.93 20.03 32.74
C PHE MA 248 -129.56 21.37 33.37
N GLU MA 249 -128.82 22.20 32.63
CA GLU MA 249 -128.40 23.48 33.15
C GLU MA 249 -128.47 24.55 32.06
N LYS MA 250 -128.72 25.79 32.50
CA LYS MA 250 -128.63 26.95 31.63
C LYS MA 250 -128.04 28.11 32.41
N HIS MA 251 -127.04 28.76 31.83
CA HIS MA 251 -126.48 30.00 32.35
C HIS MA 251 -127.44 31.15 32.06
N LEU MA 252 -127.84 31.89 33.09
CA LEU MA 252 -128.90 32.88 32.88
C LEU MA 252 -128.37 34.27 32.54
N VAL MA 253 -127.17 34.61 33.00
CA VAL MA 253 -126.59 35.92 32.72
C VAL MA 253 -126.12 35.99 31.26
N ASP MA 254 -125.79 34.83 30.68
CA ASP MA 254 -125.32 34.76 29.30
C ASP MA 254 -126.47 35.11 28.35
N PRO MA 255 -126.28 36.10 27.45
CA PRO MA 255 -127.34 36.43 26.48
C PRO MA 255 -127.66 35.30 25.52
N TYR MA 256 -126.68 34.47 25.17
CA TYR MA 256 -126.98 33.33 24.30
C TYR MA 256 -127.60 32.19 25.11
N GLY MA 257 -126.83 31.64 26.06
CA GLY MA 257 -127.30 30.74 27.10
C GLY MA 257 -128.09 29.52 26.67
N SER MA 258 -127.46 28.60 25.94
CA SER MA 258 -128.17 27.43 25.45
C SER MA 258 -128.48 26.46 26.60
N TRP MA 259 -129.63 25.82 26.49
CA TRP MA 259 -130.04 24.80 27.45
C TRP MA 259 -129.18 23.57 27.26
N ARG MA 260 -128.40 23.22 28.29
CA ARG MA 260 -127.38 22.21 28.16
C ARG MA 260 -127.61 21.09 29.17
N MET MA 261 -127.07 19.91 28.85
CA MET MA 261 -127.18 18.72 29.66
C MET MA 261 -126.02 18.72 30.66
N HIS MA 262 -126.34 18.75 31.96
CA HIS MA 262 -125.29 18.89 32.96
C HIS MA 262 -124.82 17.54 33.52
N GLY MA 263 -125.73 16.78 34.14
CA GLY MA 263 -125.32 15.59 34.86
C GLY MA 263 -126.33 14.47 34.71
N LYS MA 264 -125.91 13.28 35.14
CA LYS MA 264 -126.70 12.07 35.04
C LYS MA 264 -126.79 11.44 36.42
N ILE MA 265 -128.01 11.17 36.90
CA ILE MA 265 -128.25 10.65 38.23
C ILE MA 265 -128.97 9.31 38.09
N ILE MA 266 -128.41 8.28 38.70
CA ILE MA 266 -129.03 6.96 38.80
C ILE MA 266 -129.61 6.82 40.19
N PRO MA 267 -130.76 6.18 40.36
CA PRO MA 267 -131.28 5.92 41.70
C PRO MA 267 -130.41 4.92 42.45
N PRO MA 268 -130.31 5.06 43.78
CA PRO MA 268 -129.50 4.09 44.55
C PRO MA 268 -130.03 2.67 44.53
N TRP MA 269 -131.33 2.49 44.35
CA TRP MA 269 -131.95 1.17 44.36
C TRP MA 269 -132.13 0.58 42.97
N ALA MA 270 -131.50 1.18 41.96
CA ALA MA 270 -131.72 0.83 40.56
C ALA MA 270 -131.25 -0.60 40.27
N PRO MA 271 -131.88 -1.30 39.34
CA PRO MA 271 -131.42 -2.65 38.96
C PRO MA 271 -130.04 -2.59 38.35
N PRO MA 272 -129.24 -3.65 38.51
CA PRO MA 272 -127.89 -3.65 37.93
C PRO MA 272 -127.94 -3.69 36.41
N LYS MA 273 -126.90 -3.13 35.79
CA LYS MA 273 -126.81 -3.10 34.34
C LYS MA 273 -126.57 -4.51 33.79
N GLN MA 274 -126.83 -4.68 32.49
CA GLN MA 274 -126.71 -5.96 31.82
C GLN MA 274 -125.26 -6.45 31.84
N PRO MA 275 -125.04 -7.75 32.05
CA PRO MA 275 -123.66 -8.25 32.19
C PRO MA 275 -122.87 -8.15 30.91
N ILE MA 276 -121.57 -7.92 31.06
CA ILE MA 276 -120.68 -7.79 29.92
C ILE MA 276 -120.36 -9.17 29.36
N LEU MA 277 -120.01 -9.20 28.07
CA LEU MA 277 -119.70 -10.47 27.41
C LEU MA 277 -118.31 -10.97 27.80
N LYS MA 278 -117.37 -10.06 28.00
CA LYS MA 278 -115.98 -10.44 28.20
C LYS MA 278 -115.75 -10.84 29.66
N THR MA 279 -114.90 -11.85 29.85
CA THR MA 279 -114.68 -12.43 31.17
C THR MA 279 -113.55 -11.70 31.89
N VAL MA 280 -113.78 -11.36 33.16
CA VAL MA 280 -112.95 -10.43 33.90
C VAL MA 280 -112.39 -11.09 35.16
N MET MA 281 -111.08 -10.96 35.35
CA MET MA 281 -110.39 -11.38 36.56
C MET MA 281 -110.00 -10.16 37.39
N ILE MA 282 -110.29 -10.20 38.68
CA ILE MA 282 -109.76 -9.20 39.61
C ILE MA 282 -108.65 -9.86 40.42
N PRO MA 283 -107.39 -9.48 40.22
CA PRO MA 283 -106.30 -10.14 40.95
C PRO MA 283 -106.23 -9.68 42.40
N GLY MA 284 -105.52 -10.48 43.19
CA GLY MA 284 -105.32 -10.16 44.58
C GLY MA 284 -104.20 -9.17 44.78
N PRO MA 285 -103.88 -8.89 46.05
CA PRO MA 285 -102.81 -7.94 46.35
C PRO MA 285 -101.44 -8.54 46.04
N GLN MA 286 -100.60 -7.74 45.39
CA GLN MA 286 -99.24 -8.15 45.09
C GLN MA 286 -98.42 -8.11 46.38
N LEU MA 287 -97.68 -9.18 46.65
CA LEU MA 287 -97.05 -9.35 47.95
C LEU MA 287 -95.53 -9.27 47.85
N LYS MA 288 -94.96 -8.35 48.63
CA LYS MA 288 -93.54 -8.32 48.93
C LYS MA 288 -93.17 -9.50 49.84
N PRO MA 289 -91.92 -10.00 49.73
CA PRO MA 289 -91.57 -11.28 50.40
C PRO MA 289 -91.70 -11.30 51.92
N TRP MA 290 -91.37 -10.22 52.61
CA TRP MA 290 -91.48 -10.25 54.06
C TRP MA 290 -92.86 -9.85 54.57
N GLU MA 291 -93.87 -9.84 53.70
CA GLU MA 291 -95.26 -9.69 54.10
C GLU MA 291 -96.00 -10.99 53.82
N GLU MA 292 -96.67 -11.53 54.85
CA GLU MA 292 -97.48 -12.73 54.70
C GLU MA 292 -98.92 -12.36 54.39
N PHE MA 293 -99.62 -13.26 53.69
CA PHE MA 293 -101.01 -13.01 53.33
C PHE MA 293 -101.93 -13.18 54.53
N GLU MA 294 -102.96 -12.35 54.57
CA GLU MA 294 -104.00 -12.42 55.61
C GLU MA 294 -105.36 -12.44 54.92
N GLU MA 295 -106.22 -13.36 55.34
CA GLU MA 295 -107.52 -13.54 54.70
C GLU MA 295 -108.60 -12.94 55.57
N PRO MA 296 -109.22 -11.83 55.15
CA PRO MA 296 -110.32 -11.27 55.94
C PRO MA 296 -111.59 -12.09 55.78
N GLN MA 297 -112.48 -11.98 56.77
CA GLN MA 297 -113.75 -12.69 56.75
C GLN MA 297 -114.92 -11.73 56.79
N SER NA 43 7.66 -40.92 -97.92
CA SER NA 43 8.55 -40.03 -98.66
C SER NA 43 9.91 -39.91 -97.96
N PRO NA 44 10.92 -40.57 -98.52
CA PRO NA 44 12.28 -40.47 -97.93
C PRO NA 44 12.86 -39.08 -98.09
N TRP NA 45 13.64 -38.67 -97.09
CA TRP NA 45 14.20 -37.33 -96.99
C TRP NA 45 15.72 -37.44 -96.91
N ARG NA 46 16.42 -36.65 -97.73
CA ARG NA 46 17.87 -36.61 -97.73
C ARG NA 46 18.32 -35.30 -97.10
N LEU NA 47 19.23 -35.39 -96.11
CA LEU NA 47 19.37 -34.37 -95.07
C LEU NA 47 20.60 -33.52 -95.37
N LEU NA 48 20.44 -32.22 -95.60
CA LEU NA 48 21.56 -31.34 -95.92
C LEU NA 48 21.40 -29.97 -95.26
N GLY NA 49 22.34 -29.65 -94.37
CA GLY NA 49 22.53 -28.28 -93.93
C GLY NA 49 23.43 -27.52 -94.89
N ALA NA 50 23.62 -26.23 -94.60
CA ALA NA 50 24.49 -25.35 -95.36
C ALA NA 50 24.73 -24.09 -94.55
N LEU NA 51 25.76 -23.32 -94.95
CA LEU NA 51 26.14 -22.16 -94.17
C LEU NA 51 26.42 -20.96 -95.07
N CYS NA 52 26.14 -19.77 -94.55
CA CYS NA 52 26.29 -18.49 -95.23
C CYS NA 52 27.28 -17.65 -94.41
N LEU NA 53 28.54 -17.65 -94.83
CA LEU NA 53 29.63 -17.10 -94.02
C LEU NA 53 29.88 -15.66 -94.46
N GLN NA 54 29.27 -14.71 -93.76
CA GLN NA 54 29.27 -13.31 -94.16
C GLN NA 54 30.51 -12.61 -93.64
N ARG NA 55 31.24 -11.96 -94.56
CA ARG NA 55 32.38 -11.13 -94.20
C ARG NA 55 31.92 -9.68 -94.07
N PRO NA 56 32.13 -9.02 -92.94
CA PRO NA 56 31.69 -7.62 -92.82
C PRO NA 56 32.62 -6.66 -93.53
N PRO NA 57 32.11 -5.53 -93.98
CA PRO NA 57 32.97 -4.52 -94.62
C PRO NA 57 33.95 -3.91 -93.63
N LEU NA 58 35.11 -3.51 -94.14
CA LEU NA 58 36.15 -2.91 -93.31
C LEU NA 58 36.29 -1.41 -93.58
N VAL NA 59 36.03 -0.99 -94.81
CA VAL NA 59 36.18 0.39 -95.24
C VAL NA 59 34.85 0.92 -95.73
N THR NA 60 34.49 2.11 -95.24
CA THR NA 60 33.25 2.76 -95.65
C THR NA 60 33.29 3.14 -97.13
N LYS NA 61 32.14 3.05 -97.77
CA LYS NA 61 32.00 3.39 -99.18
C LYS NA 61 32.11 4.90 -99.37
N PRO NA 62 32.60 5.34 -100.53
CA PRO NA 62 32.61 6.77 -100.83
C PRO NA 62 31.20 7.32 -101.06
N LEU NA 63 31.07 8.62 -100.88
CA LEU NA 63 29.79 9.30 -100.99
C LEU NA 63 29.33 9.37 -102.43
N THR NA 64 28.01 9.30 -102.63
CA THR NA 64 27.42 9.72 -103.88
C THR NA 64 27.49 11.24 -103.95
N PRO NA 65 27.45 11.85 -105.15
CA PRO NA 65 27.54 13.33 -105.23
C PRO NA 65 26.45 14.09 -104.50
N LEU NA 66 25.23 13.54 -104.41
CA LEU NA 66 24.17 14.21 -103.66
C LEU NA 66 24.48 14.22 -102.16
N GLN NA 67 24.99 13.11 -101.64
CA GLN NA 67 25.41 13.09 -100.24
C GLN NA 67 26.66 13.94 -100.02
N GLU NA 68 27.50 14.08 -101.04
CA GLU NA 68 28.68 14.95 -100.92
C GLU NA 68 28.28 16.42 -100.82
N GLU NA 69 27.34 16.85 -101.67
CA GLU NA 69 26.90 18.24 -101.61
C GLU NA 69 26.03 18.50 -100.38
N MET NA 70 25.32 17.48 -99.89
CA MET NA 70 24.63 17.64 -98.62
C MET NA 70 25.60 17.72 -97.45
N ALA NA 71 26.71 16.99 -97.52
CA ALA NA 71 27.75 17.11 -96.50
C ALA NA 71 28.36 18.49 -96.51
N ASP NA 72 28.53 19.06 -97.71
CA ASP NA 72 28.99 20.44 -97.84
C ASP NA 72 27.98 21.42 -97.23
N LEU NA 73 26.69 21.20 -97.47
CA LEU NA 73 25.66 22.06 -96.88
C LEU NA 73 25.65 21.94 -95.36
N LEU NA 74 25.79 20.71 -94.85
CA LEU NA 74 25.75 20.49 -93.41
C LEU NA 74 26.97 21.10 -92.73
N GLN NA 75 28.13 21.01 -93.37
CA GLN NA 75 29.33 21.69 -92.86
C GLN NA 75 29.15 23.20 -92.87
N GLN NA 76 28.54 23.74 -93.93
CA GLN NA 76 28.31 25.18 -94.03
C GLN NA 76 27.36 25.67 -92.94
N ILE NA 77 26.31 24.91 -92.64
CA ILE NA 77 25.38 25.37 -91.62
C ILE NA 77 25.94 25.10 -90.22
N GLU NA 78 26.84 24.12 -90.06
CA GLU NA 78 27.54 23.99 -88.78
C GLU NA 78 28.47 25.17 -88.53
N ILE NA 79 29.15 25.65 -89.58
CA ILE NA 79 29.96 26.87 -89.43
C ILE NA 79 29.06 28.09 -89.17
N GLU NA 80 27.90 28.17 -89.83
CA GLU NA 80 27.01 29.30 -89.66
C GLU NA 80 26.40 29.34 -88.25
N ARG NA 81 26.06 28.18 -87.69
CA ARG NA 81 25.52 28.13 -86.34
C ARG NA 81 26.59 27.92 -85.28
N SER NA 82 27.86 27.84 -85.66
CA SER NA 82 28.94 27.61 -84.71
C SER NA 82 29.30 28.89 -83.95
N LEU NA 83 29.52 28.74 -82.64
CA LEU NA 83 29.85 29.86 -81.77
C LEU NA 83 31.36 29.94 -81.53
N TYR NA 84 32.10 30.03 -82.65
CA TYR NA 84 33.57 30.18 -82.73
C TYR NA 84 34.26 29.02 -82.01
N SER NA 85 35.50 29.19 -81.54
CA SER NA 85 36.29 28.15 -80.89
C SER NA 85 37.41 28.82 -80.11
N ASP NA 86 38.04 28.05 -79.22
CA ASP NA 86 39.14 28.58 -78.42
C ASP NA 86 40.37 28.87 -79.28
N HIS NA 87 40.55 28.11 -80.35
CA HIS NA 87 41.64 28.38 -81.28
C HIS NA 87 41.43 29.64 -82.10
N GLU NA 88 40.20 29.90 -82.56
CA GLU NA 88 39.93 31.09 -83.36
C GLU NA 88 39.86 32.35 -82.51
N LEU NA 89 39.36 32.22 -81.27
CA LEU NA 89 39.36 33.35 -80.34
C LEU NA 89 40.77 33.82 -80.02
N ARG NA 90 41.69 32.86 -79.78
CA ARG NA 90 43.08 33.19 -79.52
C ARG NA 90 43.74 33.84 -80.72
N ALA NA 91 43.43 33.33 -81.93
CA ALA NA 91 43.99 33.88 -83.16
C ALA NA 91 43.52 35.31 -83.40
N LEU NA 92 42.23 35.57 -83.19
CA LEU NA 92 41.68 36.90 -83.36
C LEU NA 92 42.23 37.86 -82.31
N ASP NA 93 42.42 37.37 -81.07
CA ASP NA 93 42.97 38.20 -80.00
C ASP NA 93 44.42 38.58 -80.27
N GLU NA 94 45.23 37.63 -80.73
CA GLU NA 94 46.61 37.91 -81.11
C GLU NA 94 46.67 38.86 -82.30
N ALA NA 95 45.73 38.69 -83.25
CA ALA NA 95 45.66 39.57 -84.41
C ALA NA 95 45.36 41.01 -84.01
N GLN NA 96 44.40 41.21 -83.10
CA GLN NA 96 44.02 42.59 -82.77
C GLN NA 96 45.08 43.23 -81.88
N GLN NA 97 45.75 42.43 -81.04
CA GLN NA 97 46.78 43.00 -80.18
C GLN NA 97 48.04 43.34 -80.97
N LEU NA 98 48.36 42.56 -82.00
CA LEU NA 98 49.48 42.91 -82.87
C LEU NA 98 49.15 44.12 -83.74
N ALA NA 99 47.89 44.21 -84.19
CA ALA NA 99 47.46 45.38 -84.96
C ALA NA 99 47.51 46.65 -84.11
N LYS NA 100 47.08 46.56 -82.85
CA LYS NA 100 47.11 47.73 -81.97
C LYS NA 100 48.54 48.09 -81.58
N LYS NA 101 49.41 47.08 -81.45
CA LYS NA 101 50.81 47.35 -81.11
C LYS NA 101 51.53 48.02 -82.28
N LYS NA 102 51.27 47.57 -83.51
CA LYS NA 102 51.91 48.21 -84.65
C LYS NA 102 51.26 49.56 -84.99
N SER NA 103 50.01 49.76 -84.57
CA SER NA 103 49.38 51.06 -84.75
C SER NA 103 49.89 52.08 -83.73
N ASP NA 104 50.13 51.66 -82.50
CA ASP NA 104 50.64 52.55 -81.47
C ASP NA 104 52.12 52.81 -81.64
N LEU NA 116 51.62 31.10 -81.10
CA LEU NA 116 50.90 31.66 -82.24
C LEU NA 116 50.06 30.58 -82.91
N ALA NA 117 48.85 30.96 -83.34
CA ALA NA 117 47.93 29.99 -83.93
C ALA NA 117 48.38 29.54 -85.32
N GLN NA 118 48.96 30.46 -86.10
CA GLN NA 118 49.38 30.14 -87.45
C GLN NA 118 50.55 29.16 -87.46
N ASP NA 119 51.43 29.26 -86.46
CA ASP NA 119 52.51 28.31 -86.30
C ASP NA 119 51.98 26.90 -86.03
N LEU NA 120 50.94 26.82 -85.20
CA LEU NA 120 50.29 25.54 -84.93
C LEU NA 120 49.59 25.00 -86.18
N GLU NA 121 49.01 25.90 -86.98
CA GLU NA 121 48.39 25.50 -88.25
C GLU NA 121 49.42 24.88 -89.19
N ASP NA 122 50.58 25.54 -89.32
CA ASP NA 122 51.65 25.03 -90.16
C ASP NA 122 52.19 23.69 -89.64
N MET NA 123 52.35 23.57 -88.31
CA MET NA 123 52.86 22.34 -87.72
C MET NA 123 51.89 21.18 -87.91
N TRP NA 124 50.59 21.44 -87.74
CA TRP NA 124 49.59 20.39 -87.91
C TRP NA 124 49.47 19.96 -89.36
N GLU NA 125 49.54 20.92 -90.30
CA GLU NA 125 49.51 20.58 -91.71
C GLU NA 125 50.77 19.82 -92.12
N GLN NA 126 51.92 20.17 -91.55
CA GLN NA 126 53.15 19.46 -91.86
C GLN NA 126 53.16 18.04 -91.31
N LYS NA 127 52.65 17.84 -90.09
CA LYS NA 127 52.55 16.48 -89.57
C LYS NA 127 51.46 15.68 -90.25
N PHE NA 128 50.46 16.33 -90.85
CA PHE NA 128 49.53 15.61 -91.70
C PHE NA 128 50.17 15.18 -93.01
N LEU NA 129 50.93 16.07 -93.64
CA LEU NA 129 51.56 15.76 -94.92
C LEU NA 129 52.70 14.74 -94.78
N HIS NA 130 53.35 14.68 -93.62
CA HIS NA 130 54.36 13.65 -93.39
C HIS NA 130 53.75 12.27 -93.26
N PHE NA 131 52.54 12.18 -92.73
CA PHE NA 131 51.90 10.89 -92.49
C PHE NA 131 51.25 10.43 -93.78
N LYS NA 132 51.58 9.21 -94.21
CA LYS NA 132 50.92 8.58 -95.34
C LYS NA 132 49.90 7.57 -94.82
N LEU NA 133 48.70 7.63 -95.38
CA LEU NA 133 47.58 6.81 -94.95
C LEU NA 133 47.61 5.46 -95.67
N GLY NA 134 46.79 4.54 -95.18
CA GLY NA 134 46.71 3.22 -95.79
C GLY NA 134 46.00 3.26 -97.13
N ALA NA 135 46.32 2.27 -97.98
CA ALA NA 135 45.75 2.23 -99.31
C ALA NA 135 44.32 1.72 -99.28
N ARG NA 136 43.39 2.54 -99.78
CA ARG NA 136 42.00 2.14 -99.88
C ARG NA 136 41.76 1.07 -100.94
N LEU NA 137 42.65 0.95 -101.92
CA LEU NA 137 42.46 0.06 -103.06
C LEU NA 137 43.45 -1.10 -102.94
N THR NA 138 43.03 -2.16 -102.27
CA THR NA 138 43.72 -3.44 -102.32
C THR NA 138 43.13 -4.36 -103.38
N GLU NA 139 42.17 -3.86 -104.16
CA GLU NA 139 41.56 -4.61 -105.24
C GLU NA 139 42.35 -4.48 -106.54
N ALA NA 140 42.51 -3.25 -107.02
CA ALA NA 140 43.05 -3.00 -108.36
C ALA NA 140 44.56 -3.18 -108.47
N ASP NA 141 45.28 -3.20 -107.34
CA ASP NA 141 46.73 -3.39 -107.41
C ASP NA 141 47.08 -4.84 -107.76
N LYS NA 142 46.24 -5.79 -107.31
CA LYS NA 142 46.45 -7.18 -107.70
C LYS NA 142 45.62 -7.54 -108.92
N LYS NA 143 44.33 -7.15 -108.91
CA LYS NA 143 43.41 -7.14 -110.05
C LYS NA 143 43.08 -8.51 -110.63
N ASP NA 144 43.53 -9.59 -109.99
CA ASP NA 144 43.30 -10.94 -110.51
C ASP NA 144 42.69 -11.86 -109.45
N ASP NA 145 43.11 -11.72 -108.20
CA ASP NA 145 42.76 -12.70 -107.19
C ASP NA 145 41.36 -12.47 -106.64
N ARG NA 146 40.46 -13.40 -106.96
CA ARG NA 146 39.17 -13.47 -106.28
C ARG NA 146 39.21 -14.36 -105.06
N THR NA 147 40.35 -14.99 -104.79
CA THR NA 147 40.49 -16.03 -103.79
C THR NA 147 40.76 -15.49 -102.39
N SER NA 148 41.52 -14.41 -102.26
CA SER NA 148 42.03 -13.93 -100.99
C SER NA 148 40.91 -13.34 -100.12
N LEU NA 149 41.06 -13.49 -98.81
CA LEU NA 149 40.13 -12.90 -97.85
C LEU NA 149 40.18 -11.38 -97.85
N HIS NA 150 41.34 -10.79 -98.11
CA HIS NA 150 41.53 -9.34 -98.09
C HIS NA 150 41.21 -8.70 -99.43
N ARG NA 151 40.33 -9.30 -100.22
CA ARG NA 151 40.05 -8.88 -101.59
C ARG NA 151 39.38 -7.52 -101.68
N LYS NA 152 38.20 -7.39 -101.08
CA LYS NA 152 37.41 -6.15 -101.16
C LYS NA 152 37.16 -5.63 -99.75
N LEU NA 153 37.26 -4.30 -99.60
CA LEU NA 153 37.07 -3.69 -98.28
C LEU NA 153 35.74 -2.97 -98.17
N ASP NA 154 35.17 -2.54 -99.29
CA ASP NA 154 33.95 -1.73 -99.25
C ASP NA 154 32.70 -2.59 -99.07
N ARG NA 155 32.63 -3.72 -99.78
CA ARG NA 155 31.40 -4.49 -99.88
C ARG NA 155 31.43 -5.69 -98.92
N ASN NA 156 30.28 -6.33 -98.78
CA ASN NA 156 30.15 -7.57 -98.03
C ASN NA 156 30.54 -8.75 -98.92
N LEU NA 157 31.17 -9.75 -98.31
CA LEU NA 157 31.74 -10.87 -99.04
C LEU NA 157 31.19 -12.18 -98.50
N ILE NA 158 31.09 -13.18 -99.39
CA ILE NA 158 30.56 -14.48 -99.06
C ILE NA 158 31.52 -15.52 -99.65
N LEU NA 159 31.51 -16.72 -99.09
CA LEU NA 159 32.47 -17.77 -99.43
C LEU NA 159 31.81 -18.84 -100.29
N LEU NA 160 32.50 -19.27 -101.33
CA LEU NA 160 32.11 -20.42 -102.13
C LEU NA 160 33.30 -21.37 -102.27
N VAL NA 161 33.01 -22.67 -102.35
CA VAL NA 161 34.03 -23.67 -102.61
C VAL NA 161 33.59 -24.53 -103.78
N ARG NA 162 34.57 -25.11 -104.48
CA ARG NA 162 34.35 -25.87 -105.69
C ARG NA 162 34.70 -27.34 -105.47
N GLU NA 163 33.76 -28.23 -105.79
CA GLU NA 163 33.98 -29.67 -105.69
C GLU NA 163 33.47 -30.32 -106.98
N LYS NA 164 34.15 -31.37 -107.42
CA LYS NA 164 33.68 -32.22 -108.51
C LYS NA 164 33.09 -33.48 -107.90
N LEU NA 165 31.83 -33.76 -108.21
CA LEU NA 165 31.16 -34.97 -107.76
C LEU NA 165 31.20 -36.02 -108.85
N GLY NA 166 30.78 -37.24 -108.49
CA GLY NA 166 30.77 -38.33 -109.45
C GLY NA 166 29.75 -38.15 -110.55
N ASP NA 167 28.57 -37.64 -110.19
CA ASP NA 167 27.47 -37.47 -111.13
C ASP NA 167 27.13 -36.00 -111.38
N GLN NA 168 27.75 -35.06 -110.66
CA GLN NA 168 27.42 -33.65 -110.79
C GLN NA 168 28.70 -32.83 -110.83
N ASP NA 169 28.59 -31.65 -111.44
CA ASP NA 169 29.62 -30.61 -111.38
C ASP NA 169 28.96 -29.37 -110.83
N ILE NA 170 29.29 -29.01 -109.59
CA ILE NA 170 28.53 -28.03 -108.82
C ILE NA 170 29.40 -26.82 -108.51
N TRP NA 171 28.79 -25.63 -108.58
CA TRP NA 171 29.37 -24.39 -108.11
C TRP NA 171 28.52 -23.92 -106.94
N MET NA 172 29.02 -24.14 -105.72
CA MET NA 172 28.16 -24.32 -104.56
C MET NA 172 28.60 -23.48 -103.36
N LEU NA 173 27.60 -22.94 -102.66
CA LEU NA 173 27.79 -22.40 -101.31
C LEU NA 173 28.06 -23.58 -100.39
N PRO NA 174 28.86 -23.43 -99.32
CA PRO NA 174 29.23 -24.59 -98.49
C PRO NA 174 28.05 -25.23 -97.77
N GLN NA 175 28.01 -26.57 -97.84
CA GLN NA 175 26.90 -27.36 -97.33
C GLN NA 175 27.41 -28.46 -96.41
N SER NA 176 26.49 -29.30 -95.96
CA SER NA 176 26.70 -30.20 -94.84
C SER NA 176 25.90 -31.48 -95.01
N ASP NA 177 25.99 -32.34 -94.00
CA ASP NA 177 25.20 -33.55 -93.86
C ASP NA 177 25.18 -33.92 -92.40
N TRP NA 178 23.99 -34.22 -91.86
CA TRP NA 178 23.86 -34.44 -90.42
C TRP NA 178 23.06 -35.71 -90.15
N GLN NA 179 23.54 -36.52 -89.21
CA GLN NA 179 22.74 -37.63 -88.72
C GLN NA 179 21.62 -37.07 -87.83
N PRO NA 180 20.45 -37.74 -87.79
CA PRO NA 180 19.26 -37.10 -87.17
C PRO NA 180 19.35 -36.77 -85.68
N GLY NA 181 20.32 -37.35 -84.95
CA GLY NA 181 20.52 -36.95 -83.57
C GLY NA 181 21.12 -35.57 -83.40
N GLU NA 182 21.79 -35.04 -84.42
CA GLU NA 182 22.42 -33.73 -84.34
C GLU NA 182 21.40 -32.61 -84.53
N THR NA 183 21.79 -31.42 -84.08
CA THR NA 183 21.02 -30.20 -84.30
C THR NA 183 21.78 -29.37 -85.35
N LEU NA 184 21.01 -28.67 -86.22
CA LEU NA 184 21.58 -28.03 -87.40
C LEU NA 184 22.55 -26.90 -87.05
N ARG NA 185 22.40 -26.29 -85.88
CA ARG NA 185 23.33 -25.24 -85.44
C ARG NA 185 24.72 -25.81 -85.19
N GLN NA 186 24.77 -26.90 -84.41
CA GLN NA 186 26.04 -27.59 -84.21
C GLN NA 186 26.54 -28.24 -85.49
N THR NA 187 25.63 -28.60 -86.40
CA THR NA 187 26.03 -29.12 -87.71
C THR NA 187 26.75 -28.06 -88.53
N ALA NA 188 26.23 -26.83 -88.53
CA ALA NA 188 26.90 -25.71 -89.19
C ALA NA 188 28.23 -25.40 -88.53
N GLU NA 189 28.29 -25.51 -87.19
CA GLU NA 189 29.55 -25.25 -86.48
C GLU NA 189 30.61 -26.30 -86.82
N ARG NA 190 30.24 -27.58 -86.87
CA ARG NA 190 31.24 -28.61 -87.19
C ARG NA 190 31.62 -28.55 -88.65
N THR NA 191 30.69 -28.12 -89.52
CA THR NA 191 31.02 -27.91 -90.93
C THR NA 191 32.05 -26.79 -91.10
N LEU NA 192 31.84 -25.67 -90.40
CA LEU NA 192 32.78 -24.55 -90.45
C LEU NA 192 34.13 -24.94 -89.85
N ALA NA 193 34.12 -25.74 -88.78
CA ALA NA 193 35.36 -26.14 -88.15
C ALA NA 193 36.09 -27.21 -88.96
N THR NA 194 35.37 -27.96 -89.79
CA THR NA 194 35.96 -29.14 -90.42
C THR NA 194 36.36 -28.88 -91.87
N LEU NA 195 35.42 -28.43 -92.70
CA LEU NA 195 35.61 -28.52 -94.15
C LEU NA 195 36.59 -27.49 -94.67
N SER NA 196 36.74 -26.35 -93.99
CA SER NA 196 37.62 -25.32 -94.50
C SER NA 196 39.03 -25.37 -93.91
N GLU NA 197 39.29 -26.31 -93.00
CA GLU NA 197 40.58 -26.56 -92.29
C GLU NA 197 41.27 -25.28 -91.80
N ASN NA 198 40.49 -24.32 -91.32
CA ASN NA 198 40.97 -22.99 -90.97
C ASN NA 198 40.45 -22.58 -89.59
N ASN NA 199 41.04 -21.51 -89.05
CA ASN NA 199 40.62 -20.97 -87.77
C ASN NA 199 39.79 -19.72 -88.04
N MET NA 200 38.49 -19.90 -88.26
CA MET NA 200 37.55 -18.81 -88.43
C MET NA 200 36.76 -18.61 -87.14
N GLU NA 201 37.14 -17.61 -86.36
CA GLU NA 201 36.33 -17.20 -85.22
C GLU NA 201 35.17 -16.37 -85.78
N ALA NA 202 34.02 -17.02 -85.93
CA ALA NA 202 32.85 -16.41 -86.54
C ALA NA 202 31.70 -16.42 -85.55
N LYS NA 203 31.09 -15.26 -85.35
CA LYS NA 203 29.94 -15.16 -84.45
C LYS NA 203 28.69 -15.57 -85.21
N PHE NA 204 28.09 -16.69 -84.81
CA PHE NA 204 26.80 -17.08 -85.34
C PHE NA 204 25.74 -16.11 -84.83
N LEU NA 205 24.73 -15.86 -85.67
CA LEU NA 205 23.69 -14.92 -85.29
C LEU NA 205 22.77 -15.56 -84.25
N GLY NA 206 22.10 -16.64 -84.61
CA GLY NA 206 21.23 -17.36 -83.71
C GLY NA 206 20.84 -18.74 -84.22
N ASN NA 207 19.89 -19.34 -83.51
CA ASN NA 207 19.42 -20.68 -83.84
C ASN NA 207 18.50 -20.72 -85.05
N ALA NA 208 17.88 -19.56 -85.44
CA ALA NA 208 16.86 -19.57 -86.49
C ALA NA 208 17.51 -19.61 -87.88
N PRO NA 209 17.06 -20.55 -88.71
CA PRO NA 209 17.61 -20.66 -90.07
C PRO NA 209 17.08 -19.59 -91.02
N CYS NA 210 17.73 -19.48 -92.18
CA CYS NA 210 17.32 -18.45 -93.14
C CYS NA 210 17.07 -19.00 -94.54
N GLY NA 211 17.93 -19.88 -95.05
CA GLY NA 211 17.78 -20.35 -96.42
C GLY NA 211 17.28 -21.78 -96.45
N HIS NA 212 16.36 -22.04 -97.38
CA HIS NA 212 15.36 -23.12 -97.32
C HIS NA 212 14.96 -23.56 -98.72
N TYR NA 213 15.65 -24.56 -99.27
CA TYR NA 213 15.30 -25.03 -100.61
C TYR NA 213 15.33 -26.55 -100.69
N LYS NA 214 14.48 -27.10 -101.54
CA LYS NA 214 14.29 -28.55 -101.67
C LYS NA 214 14.38 -28.94 -103.14
N PHE NA 215 15.06 -30.06 -103.43
CA PHE NA 215 15.03 -30.67 -104.76
C PHE NA 215 14.70 -32.14 -104.61
N LYS NA 216 13.73 -32.62 -105.37
CA LYS NA 216 13.13 -33.94 -105.14
C LYS NA 216 13.50 -34.89 -106.26
N PHE NA 217 14.02 -36.06 -105.89
CA PHE NA 217 14.37 -37.08 -106.88
C PHE NA 217 13.26 -38.10 -107.03
N LEU NA 227 11.36 -39.69 -103.23
CA LEU NA 227 12.57 -39.16 -102.61
C LEU NA 227 12.69 -37.65 -102.76
N GLY NA 228 12.91 -36.97 -101.64
CA GLY NA 228 13.24 -35.56 -101.67
C GLY NA 228 14.56 -35.32 -100.98
N ALA NA 229 15.13 -34.15 -101.26
CA ALA NA 229 16.38 -33.76 -100.65
C ALA NA 229 16.25 -32.31 -100.26
N LYS NA 230 16.70 -32.04 -99.05
CA LYS NA 230 16.32 -30.82 -98.35
C LYS NA 230 17.54 -30.09 -97.79
N VAL NA 231 17.56 -28.76 -97.97
CA VAL NA 231 18.76 -27.90 -97.84
C VAL NA 231 18.42 -26.71 -96.95
N PHE NA 232 19.20 -26.48 -95.88
CA PHE NA 232 18.96 -25.36 -94.97
C PHE NA 232 20.22 -24.54 -94.79
N PHE NA 233 20.28 -23.37 -95.46
CA PHE NA 233 21.37 -22.40 -95.34
C PHE NA 233 21.21 -21.67 -94.01
N PHE NA 234 22.29 -21.53 -93.23
CA PHE NA 234 22.29 -20.61 -92.10
C PHE NA 234 23.01 -19.33 -92.49
N LYS NA 235 23.03 -18.36 -91.58
CA LYS NA 235 23.81 -17.15 -91.76
C LYS NA 235 24.65 -16.90 -90.51
N ALA NA 236 25.95 -16.76 -90.69
CA ALA NA 236 26.89 -16.52 -89.59
C ALA NA 236 27.93 -15.50 -90.02
N LEU NA 237 28.28 -14.60 -89.11
CA LEU NA 237 29.14 -13.45 -89.39
C LEU NA 237 30.54 -13.71 -88.88
N LEU NA 238 31.55 -13.43 -89.72
CA LEU NA 238 32.94 -13.57 -89.32
C LEU NA 238 33.35 -12.45 -88.37
N LEU NA 239 34.02 -12.81 -87.27
CA LEU NA 239 34.68 -11.82 -86.43
C LEU NA 239 36.14 -11.69 -86.83
N THR NA 240 36.90 -12.80 -86.72
CA THR NA 240 38.31 -12.81 -87.07
C THR NA 240 38.61 -14.11 -87.82
N GLY NA 241 39.67 -14.08 -88.64
CA GLY NA 241 39.98 -15.22 -89.48
C GLY NA 241 41.47 -15.52 -89.55
N ASP NA 242 41.77 -16.81 -89.78
CA ASP NA 242 43.13 -17.29 -90.01
C ASP NA 242 43.03 -18.50 -90.94
N PHE NA 243 43.29 -18.29 -92.22
CA PHE NA 243 43.16 -19.35 -93.21
C PHE NA 243 44.54 -19.94 -93.50
N SER NA 244 44.80 -21.13 -92.97
CA SER NA 244 46.03 -21.83 -93.26
C SER NA 244 45.96 -22.44 -94.66
N GLN NA 245 47.15 -22.60 -95.27
CA GLN NA 245 47.34 -23.17 -96.61
C GLN NA 245 46.54 -22.38 -97.67
N ALA NA 246 47.00 -21.14 -97.86
CA ALA NA 246 46.31 -20.23 -98.79
C ALA NA 246 46.44 -20.65 -100.24
N GLY NA 247 47.40 -21.50 -100.57
CA GLY NA 247 47.54 -22.00 -101.93
C GLY NA 247 47.04 -23.43 -102.08
N LYS NA 248 45.95 -23.76 -101.40
CA LYS NA 248 45.41 -25.11 -101.46
C LYS NA 248 44.71 -25.36 -102.80
N LYS NA 249 44.60 -26.65 -103.14
CA LYS NA 249 44.01 -27.02 -104.43
C LYS NA 249 42.49 -26.85 -104.43
N GLY NA 250 41.87 -26.82 -103.26
CA GLY NA 250 40.45 -26.53 -103.17
C GLY NA 250 40.14 -25.10 -103.54
N HIS NA 251 39.32 -24.92 -104.58
CA HIS NA 251 39.02 -23.58 -105.09
C HIS NA 251 37.99 -22.93 -104.19
N HIS NA 252 38.43 -21.97 -103.38
CA HIS NA 252 37.56 -21.17 -102.55
C HIS NA 252 37.62 -19.73 -103.05
N VAL NA 253 36.48 -19.08 -103.11
CA VAL NA 253 36.37 -17.72 -103.64
C VAL NA 253 35.57 -16.87 -102.65
N TRP NA 254 36.08 -15.68 -102.38
CA TRP NA 254 35.35 -14.65 -101.63
C TRP NA 254 34.77 -13.67 -102.63
N VAL NA 255 33.44 -13.56 -102.63
CA VAL NA 255 32.72 -12.98 -103.77
C VAL NA 255 31.58 -12.11 -103.24
N SER NA 256 31.31 -11.02 -103.96
CA SER NA 256 30.21 -10.12 -103.62
C SER NA 256 29.01 -10.40 -104.53
N LYS NA 257 28.00 -9.53 -104.45
CA LYS NA 257 26.67 -9.86 -104.96
C LYS NA 257 26.60 -9.82 -106.49
N GLU NA 258 27.28 -8.86 -107.12
CA GLU NA 258 27.15 -8.67 -108.57
C GLU NA 258 27.85 -9.78 -109.34
N GLU NA 259 29.12 -10.03 -109.03
CA GLU NA 259 29.82 -11.12 -109.71
C GLU NA 259 29.43 -12.48 -109.10
N LEU NA 260 28.77 -12.47 -107.94
CA LEU NA 260 28.03 -13.64 -107.50
C LEU NA 260 26.91 -13.99 -108.48
N GLY NA 261 26.13 -12.98 -108.89
CA GLY NA 261 25.10 -13.22 -109.88
C GLY NA 261 25.68 -13.59 -111.23
N ASP NA 262 26.89 -13.11 -111.53
CA ASP NA 262 27.61 -13.56 -112.72
C ASP NA 262 27.99 -15.04 -112.61
N TYR NA 263 28.44 -15.49 -111.44
CA TYR NA 263 29.06 -16.81 -111.32
C TYR NA 263 28.06 -17.94 -111.02
N LEU NA 264 26.99 -17.68 -110.28
CA LEU NA 264 26.09 -18.74 -109.80
C LEU NA 264 25.07 -19.08 -110.88
N LYS NA 265 25.16 -20.33 -111.38
CA LYS NA 265 24.16 -20.82 -112.33
C LYS NA 265 22.86 -21.41 -111.74
N PRO NA 266 22.83 -22.19 -110.62
CA PRO NA 266 21.62 -22.98 -110.34
C PRO NA 266 20.39 -22.16 -109.99
N LYS NA 267 19.22 -22.79 -110.17
CA LYS NA 267 17.96 -22.19 -109.75
C LYS NA 267 17.81 -22.16 -108.24
N TYR NA 268 18.36 -23.14 -107.53
CA TYR NA 268 18.28 -23.13 -106.07
C TYR NA 268 19.21 -22.10 -105.46
N LEU NA 269 20.33 -21.84 -106.13
CA LEU NA 269 21.30 -20.86 -105.66
C LEU NA 269 21.16 -19.51 -106.33
N ALA NA 270 20.18 -19.35 -107.23
CA ALA NA 270 19.97 -18.08 -107.92
C ALA NA 270 19.34 -17.02 -107.03
N GLN NA 271 18.51 -17.43 -106.07
CA GLN NA 271 17.88 -16.49 -105.14
C GLN NA 271 18.52 -16.50 -103.77
N VAL NA 272 19.83 -16.73 -103.67
CA VAL NA 272 20.55 -16.41 -102.45
C VAL NA 272 20.61 -14.88 -102.25
N ARG NA 273 20.50 -14.12 -103.34
CA ARG NA 273 20.44 -12.66 -103.30
C ARG NA 273 19.14 -12.14 -102.70
N ARG NA 274 18.11 -12.97 -102.57
CA ARG NA 274 16.87 -12.54 -101.93
C ARG NA 274 17.07 -12.28 -100.45
N PHE NA 275 17.84 -13.12 -99.76
CA PHE NA 275 18.15 -12.90 -98.36
C PHE NA 275 19.58 -12.41 -98.11
N LEU NA 276 20.37 -12.24 -99.17
CA LEU NA 276 21.61 -11.46 -99.06
C LEU NA 276 21.29 -9.98 -99.19
N LEU NA 277 21.81 -9.18 -98.26
CA LEU NA 277 21.57 -7.75 -98.29
C LEU NA 277 22.32 -7.10 -99.44
N ASP NA 278 21.66 -6.19 -100.15
CA ASP NA 278 22.26 -5.57 -101.32
C ASP NA 278 23.32 -4.55 -100.95
N LEU NA 279 23.11 -3.83 -99.84
CA LEU NA 279 23.98 -2.76 -99.33
C LEU NA 279 24.25 -1.67 -100.37
N TYR OA 105 -27.97 5.56 -67.67
CA TYR OA 105 -28.65 4.93 -66.54
C TYR OA 105 -28.40 3.42 -66.56
N ARG OA 106 -28.66 2.75 -65.44
CA ARG OA 106 -28.42 1.31 -65.35
C ARG OA 106 -29.40 0.52 -66.20
N SER OA 107 -30.69 0.85 -66.09
CA SER OA 107 -31.72 0.02 -66.71
C SER OA 107 -31.85 0.26 -68.21
N LYS OA 108 -31.19 1.29 -68.72
CA LYS OA 108 -31.35 1.63 -70.12
C LYS OA 108 -30.44 0.78 -71.01
N PRO OA 109 -30.83 0.55 -72.26
CA PRO OA 109 -29.92 -0.13 -73.20
C PRO OA 109 -28.68 0.68 -73.55
N THR OA 110 -28.69 1.99 -73.33
CA THR OA 110 -27.55 2.85 -73.60
C THR OA 110 -26.61 2.96 -72.40
N HIS OA 111 -26.58 1.95 -71.53
CA HIS OA 111 -25.69 1.99 -70.39
C HIS OA 111 -24.25 1.74 -70.82
N GLY OA 112 -23.32 2.44 -70.18
CA GLY OA 112 -21.91 2.24 -70.46
C GLY OA 112 -21.46 2.81 -71.79
N ILE OA 113 -22.20 3.77 -72.34
CA ILE OA 113 -21.76 4.41 -73.58
C ILE OA 113 -20.65 5.40 -73.29
N GLY OA 114 -20.54 5.86 -72.04
CA GLY OA 114 -19.48 6.74 -71.60
C GLY OA 114 -18.29 6.05 -70.99
N ARG OA 115 -18.15 4.74 -71.18
CA ARG OA 115 -17.05 3.99 -70.58
C ARG OA 115 -15.75 4.28 -71.33
N TYR OA 116 -14.76 4.82 -70.63
CA TYR OA 116 -13.50 5.19 -71.27
C TYR OA 116 -12.29 4.71 -70.49
N LYS OA 117 -12.45 4.48 -69.19
CA LYS OA 117 -11.31 4.15 -68.33
C LYS OA 117 -10.76 2.75 -68.59
N HIS OA 118 -11.55 1.89 -69.24
CA HIS OA 118 -11.06 0.57 -69.61
C HIS OA 118 -10.17 0.63 -70.84
N LEU OA 119 -10.19 1.75 -71.56
CA LEU OA 119 -9.41 1.89 -72.79
C LEU OA 119 -8.08 2.57 -72.58
N VAL OA 120 -7.92 3.34 -71.51
CA VAL OA 120 -6.68 4.03 -71.19
C VAL OA 120 -6.25 3.61 -69.80
N LYS OA 121 -5.03 3.11 -69.66
CA LYS OA 121 -4.50 2.66 -68.38
C LYS OA 121 -3.58 3.75 -67.83
N ALA OA 122 -3.84 4.16 -66.59
CA ALA OA 122 -3.02 5.14 -65.87
C ALA OA 122 -3.25 4.92 -64.38
N GLN OA 123 -2.30 4.26 -63.73
CA GLN OA 123 -2.42 3.98 -62.30
C GLN OA 123 -1.13 4.34 -61.57
N VAL OA 134 11.42 -6.35 -64.69
CA VAL OA 134 10.77 -7.06 -65.79
C VAL OA 134 11.59 -8.29 -66.15
N ARG OA 135 10.93 -9.45 -66.18
CA ARG OA 135 11.58 -10.72 -66.43
C ARG OA 135 11.44 -11.14 -67.89
N PRO OA 136 12.36 -11.95 -68.40
CA PRO OA 136 12.12 -12.63 -69.68
C PRO OA 136 11.25 -13.86 -69.48
N ILE OA 137 10.37 -14.11 -70.44
CA ILE OA 137 9.36 -15.16 -70.34
C ILE OA 137 9.79 -16.29 -71.25
N ASN OA 138 10.43 -17.31 -70.68
CA ASN OA 138 11.02 -18.41 -71.43
C ASN OA 138 10.04 -19.59 -71.36
N LEU OA 139 9.40 -19.91 -72.48
CA LEU OA 139 8.31 -20.88 -72.49
C LEU OA 139 8.61 -22.13 -73.31
N GLY OA 140 9.55 -22.08 -74.24
CA GLY OA 140 9.92 -23.25 -75.02
C GLY OA 140 9.50 -23.26 -76.47
N THR OA 141 8.36 -22.66 -76.81
CA THR OA 141 7.91 -22.60 -78.21
C THR OA 141 7.90 -21.15 -78.69
N ASP OA 142 7.19 -20.27 -78.00
CA ASP OA 142 7.26 -18.84 -78.25
C ASP OA 142 8.19 -18.23 -77.20
N TYR OA 143 9.40 -17.90 -77.60
CA TYR OA 143 10.44 -17.44 -76.70
C TYR OA 143 10.50 -15.92 -76.89
N GLU OA 144 9.70 -15.20 -76.11
CA GLU OA 144 9.77 -13.75 -76.02
C GLU OA 144 10.76 -13.43 -74.90
N TYR OA 145 11.76 -12.63 -75.22
CA TYR OA 145 12.86 -12.32 -74.32
C TYR OA 145 12.84 -10.82 -73.99
N GLY OA 146 13.05 -10.48 -72.71
CA GLY OA 146 12.69 -9.17 -72.23
C GLY OA 146 13.85 -8.22 -71.94
N VAL OA 147 13.51 -6.93 -71.93
CA VAL OA 147 14.31 -5.74 -71.59
C VAL OA 147 15.80 -5.79 -71.95
N LEU OA 148 16.12 -5.26 -73.12
CA LEU OA 148 17.48 -5.22 -73.64
C LEU OA 148 17.94 -3.78 -73.86
N ASN OA 149 19.24 -3.59 -73.79
CA ASN OA 149 19.88 -2.30 -74.03
C ASN OA 149 20.76 -2.41 -75.27
N ILE OA 150 20.55 -1.50 -76.22
CA ILE OA 150 21.41 -1.37 -77.39
C ILE OA 150 22.28 -0.13 -77.18
N HIS OA 151 23.57 -0.36 -76.95
CA HIS OA 151 24.53 0.70 -76.67
C HIS OA 151 25.24 1.10 -77.95
N LEU OA 152 25.32 2.40 -78.20
CA LEU OA 152 25.99 2.96 -79.36
C LEU OA 152 27.08 3.89 -78.84
N ILE OA 153 28.34 3.49 -79.02
CA ILE OA 153 29.49 4.15 -78.41
C ILE OA 153 30.26 4.87 -79.50
N ALA OA 154 30.47 6.17 -79.33
CA ALA OA 154 31.21 6.92 -80.34
C ALA OA 154 31.91 8.10 -79.69
N TYR OA 155 32.94 8.60 -80.37
CA TYR OA 155 33.59 9.83 -79.92
C TYR OA 155 32.97 11.07 -80.53
N ASP OA 156 31.97 10.91 -81.39
CA ASP OA 156 31.42 12.05 -82.11
C ASP OA 156 29.93 12.16 -81.80
N MET OA 157 29.55 13.33 -81.28
CA MET OA 157 28.19 13.78 -81.00
C MET OA 157 27.19 13.50 -82.10
N ALA OA 158 27.50 13.97 -83.31
CA ALA OA 158 26.59 13.88 -84.43
C ALA OA 158 26.32 12.44 -84.84
N LEU OA 159 27.37 11.61 -84.95
CA LEU OA 159 27.19 10.21 -85.30
C LEU OA 159 26.42 9.46 -84.24
N ALA OA 160 26.74 9.70 -82.96
CA ALA OA 160 26.07 9.00 -81.87
C ALA OA 160 24.59 9.34 -81.80
N GLU OA 161 24.26 10.64 -81.85
CA GLU OA 161 22.87 11.07 -81.75
C GLU OA 161 22.08 10.68 -82.99
N SER OA 162 22.67 10.80 -84.18
CA SER OA 162 21.96 10.47 -85.41
C SER OA 162 21.72 8.97 -85.53
N TYR OA 163 22.68 8.15 -85.09
CA TYR OA 163 22.46 6.72 -85.20
C TYR OA 163 21.51 6.22 -84.12
N ALA OA 164 21.47 6.90 -82.96
CA ALA OA 164 20.43 6.61 -81.98
C ALA OA 164 19.05 6.97 -82.51
N GLN OA 165 18.94 8.09 -83.23
CA GLN OA 165 17.70 8.49 -83.87
C GLN OA 165 17.27 7.48 -84.93
N TYR OA 166 18.23 6.97 -85.71
CA TYR OA 166 17.93 6.00 -86.76
C TYR OA 166 17.47 4.67 -86.16
N VAL OA 167 18.12 4.23 -85.07
CA VAL OA 167 17.73 2.98 -84.41
C VAL OA 167 16.34 3.11 -83.80
N HIS OA 168 16.04 4.26 -83.18
CA HIS OA 168 14.74 4.48 -82.57
C HIS OA 168 13.63 4.57 -83.62
N ASN OA 169 13.92 5.23 -84.75
CA ASN OA 169 12.93 5.32 -85.83
C ASN OA 169 12.72 3.97 -86.50
N LEU OA 170 13.77 3.16 -86.60
CA LEU OA 170 13.63 1.80 -87.14
C LEU OA 170 12.80 0.93 -86.21
N CYS OA 171 12.97 1.11 -84.89
CA CYS OA 171 12.12 0.41 -83.92
C CYS OA 171 10.66 0.84 -84.03
N ASN OA 172 10.43 2.15 -84.23
CA ASN OA 172 9.06 2.66 -84.37
C ASN OA 172 8.41 2.14 -85.65
N HIS OA 173 9.17 2.04 -86.74
CA HIS OA 173 8.61 1.47 -87.96
C HIS OA 173 8.39 -0.03 -87.85
N LEU OA 174 9.27 -0.74 -87.16
CA LEU OA 174 9.17 -2.19 -87.05
C LEU OA 174 8.35 -2.63 -85.84
N ALA OA 175 7.68 -1.70 -85.18
CA ALA OA 175 6.65 -1.91 -84.16
C ALA OA 175 7.17 -2.60 -82.91
N ILE OA 176 8.45 -2.41 -82.57
CA ILE OA 176 8.93 -2.84 -81.26
C ILE OA 176 8.40 -1.87 -80.22
N LYS OA 177 7.79 -2.41 -79.16
CA LYS OA 177 7.47 -1.56 -78.01
C LYS OA 177 8.77 -1.13 -77.35
N VAL OA 178 9.18 0.11 -77.59
CA VAL OA 178 10.40 0.65 -77.02
C VAL OA 178 10.12 1.03 -75.57
N GLU OA 179 11.06 0.68 -74.68
CA GLU OA 179 10.91 1.12 -73.31
C GLU OA 179 11.42 2.55 -73.15
N GLU OA 180 12.72 2.74 -73.37
CA GLU OA 180 13.37 4.05 -73.16
C GLU OA 180 14.32 4.35 -74.31
N SER OA 181 14.78 5.59 -74.34
CA SER OA 181 15.82 6.02 -75.28
C SER OA 181 16.69 7.05 -74.58
N TYR OA 182 17.80 6.61 -74.01
CA TYR OA 182 18.55 7.42 -73.07
C TYR OA 182 20.02 7.49 -73.43
N ALA OA 183 20.79 8.17 -72.58
CA ALA OA 183 22.20 8.42 -72.79
C ALA OA 183 22.99 8.16 -71.51
N MET OA 184 24.13 7.50 -71.64
CA MET OA 184 25.06 7.24 -70.57
C MET OA 184 25.83 8.53 -70.30
N PRO OA 185 26.37 8.74 -69.10
CA PRO OA 185 27.28 9.88 -68.89
C PRO OA 185 28.58 9.73 -69.67
N THR OA 186 29.16 10.88 -70.02
CA THR OA 186 30.34 10.91 -70.87
C THR OA 186 31.57 10.39 -70.13
N LYS OA 187 32.42 9.68 -70.85
CA LYS OA 187 33.69 9.18 -70.30
C LYS OA 187 34.82 9.95 -70.99
N THR OA 188 35.52 10.77 -70.23
CA THR OA 188 36.55 11.63 -70.80
C THR OA 188 37.92 10.99 -70.60
N MET OA 189 38.48 10.44 -71.68
CA MET OA 189 39.83 9.92 -71.69
C MET OA 189 40.79 11.08 -71.96
N GLU OA 190 42.00 10.96 -71.44
CA GLU OA 190 43.02 11.98 -71.64
C GLU OA 190 44.17 11.32 -72.37
N VAL OA 191 44.71 11.98 -73.39
CA VAL OA 191 45.80 11.43 -74.18
C VAL OA 191 47.09 12.12 -73.73
N LEU OA 192 47.86 11.42 -72.90
CA LEU OA 192 49.20 11.85 -72.51
C LEU OA 192 50.18 10.98 -73.30
N GLN OA 193 51.07 11.61 -74.05
CA GLN OA 193 52.00 10.87 -74.90
C GLN OA 193 53.43 11.03 -74.43
N LEU OA 194 54.26 10.06 -74.79
CA LEU OA 194 55.68 10.11 -74.46
C LEU OA 194 56.40 10.95 -75.51
N GLN OA 195 57.03 12.02 -75.05
CA GLN OA 195 57.75 12.93 -75.94
C GLN OA 195 58.98 12.24 -76.54
N GLU OA 196 59.23 12.52 -77.81
CA GLU OA 196 60.46 12.07 -78.46
C GLU OA 196 61.66 12.72 -77.79
N GLN OA 197 62.75 11.94 -77.65
CA GLN OA 197 64.09 12.28 -77.13
C GLN OA 197 64.06 12.42 -75.60
N GLY OA 198 62.90 12.33 -74.97
CA GLY OA 198 62.83 12.47 -73.53
C GLY OA 198 61.96 11.41 -72.90
N SER OA 199 62.10 11.27 -71.58
CA SER OA 199 61.20 10.43 -70.80
C SER OA 199 60.15 11.32 -70.13
N LYS OA 200 59.43 12.06 -70.98
CA LYS OA 200 58.52 13.09 -70.53
C LYS OA 200 57.13 12.84 -71.10
N MET OA 201 56.13 13.31 -70.35
CA MET OA 201 54.72 13.20 -70.69
C MET OA 201 54.24 14.56 -71.19
N PHE OA 202 53.59 14.56 -72.35
CA PHE OA 202 52.97 15.82 -72.77
C PHE OA 202 51.51 15.59 -73.11
N LEU OA 203 50.73 16.64 -72.92
CA LEU OA 203 49.28 16.59 -73.11
C LEU OA 203 48.95 16.77 -74.58
N ASP OA 204 48.14 15.86 -75.12
CA ASP OA 204 47.83 15.87 -76.55
C ASP OA 204 46.34 16.11 -76.79
N ALA OA 205 45.46 15.26 -76.28
CA ALA OA 205 44.05 15.30 -76.66
C ALA OA 205 43.14 15.06 -75.46
N VAL OA 206 41.94 15.64 -75.54
CA VAL OA 206 40.86 15.37 -74.60
C VAL OA 206 39.80 14.59 -75.37
N LEU OA 207 39.74 13.28 -75.20
CA LEU OA 207 38.91 12.42 -76.03
C LEU OA 207 37.65 12.06 -75.25
N THR OA 208 36.51 12.62 -75.64
CA THR OA 208 35.24 12.32 -74.99
C THR OA 208 34.58 11.13 -75.66
N THR OA 209 34.03 10.24 -74.85
CA THR OA 209 33.32 9.06 -75.32
C THR OA 209 31.87 9.19 -74.87
N HIS OA 210 30.96 9.13 -75.83
CA HIS OA 210 29.52 9.26 -75.60
C HIS OA 210 28.84 7.96 -75.97
N GLU OA 211 27.80 7.61 -75.22
CA GLU OA 211 27.11 6.35 -75.38
C GLU OA 211 25.61 6.62 -75.37
N ARG OA 212 24.95 6.34 -76.49
CA ARG OA 212 23.51 6.51 -76.61
C ARG OA 212 22.88 5.12 -76.68
N VAL OA 213 21.96 4.86 -75.75
CA VAL OA 213 21.42 3.52 -75.53
C VAL OA 213 19.92 3.54 -75.77
N VAL OA 214 19.43 2.55 -76.51
CA VAL OA 214 18.01 2.36 -76.75
C VAL OA 214 17.56 1.15 -75.93
N GLN OA 215 16.57 1.35 -75.06
CA GLN OA 215 16.05 0.29 -74.21
C GLN OA 215 14.78 -0.25 -74.85
N ILE OA 216 14.83 -1.51 -75.28
CA ILE OA 216 13.74 -2.17 -75.99
C ILE OA 216 13.16 -3.25 -75.11
N SER OA 217 11.85 -3.46 -75.21
CA SER OA 217 11.19 -4.39 -74.30
C SER OA 217 11.29 -5.83 -74.79
N GLY OA 218 10.65 -6.14 -75.91
CA GLY OA 218 10.52 -7.52 -76.31
C GLY OA 218 10.54 -7.70 -77.82
N LEU OA 219 11.10 -8.84 -78.24
CA LEU OA 219 11.24 -9.23 -79.64
C LEU OA 219 11.05 -10.73 -79.70
N SER OA 220 11.44 -11.31 -80.83
CA SER OA 220 11.51 -12.75 -81.01
C SER OA 220 12.90 -13.11 -81.52
N ALA OA 221 13.20 -14.41 -81.58
CA ALA OA 221 14.52 -14.85 -82.01
C ALA OA 221 14.72 -14.59 -83.50
N THR OA 222 13.71 -14.95 -84.30
CA THR OA 222 13.66 -14.63 -85.73
C THR OA 222 13.91 -13.15 -86.01
N PHE OA 223 13.20 -12.30 -85.30
CA PHE OA 223 13.35 -10.88 -85.53
C PHE OA 223 14.66 -10.38 -84.91
N ALA OA 224 15.28 -11.17 -84.03
CA ALA OA 224 16.63 -10.84 -83.58
C ALA OA 224 17.66 -11.03 -84.70
N GLU OA 225 17.57 -12.14 -85.47
CA GLU OA 225 18.50 -12.20 -86.62
C GLU OA 225 18.25 -11.08 -87.61
N ILE OA 226 16.97 -10.81 -87.91
CA ILE OA 226 16.64 -9.75 -88.87
C ILE OA 226 17.12 -8.39 -88.38
N PHE OA 227 16.86 -8.10 -87.11
CA PHE OA 227 17.12 -6.79 -86.54
C PHE OA 227 18.62 -6.53 -86.39
N LEU OA 228 19.36 -7.49 -85.83
CA LEU OA 228 20.79 -7.29 -85.67
C LEU OA 228 21.52 -7.30 -87.02
N GLU OA 229 21.01 -8.05 -88.00
CA GLU OA 229 21.57 -7.99 -89.35
C GLU OA 229 21.41 -6.61 -89.96
N ILE OA 230 20.22 -6.00 -89.80
CA ILE OA 230 20.03 -4.63 -90.28
C ILE OA 230 20.92 -3.64 -89.53
N ILE OA 231 21.13 -3.85 -88.22
CA ILE OA 231 21.97 -2.93 -87.46
C ILE OA 231 23.43 -2.98 -87.92
N HIS OA 232 24.02 -4.18 -88.04
CA HIS OA 232 25.43 -4.13 -88.46
C HIS OA 232 25.57 -4.00 -89.97
N SER OA 233 24.49 -4.05 -90.73
CA SER OA 233 24.53 -3.56 -92.10
C SER OA 233 24.52 -2.03 -92.14
N ASN OA 234 23.85 -1.41 -91.16
CA ASN OA 234 23.65 0.03 -91.18
C ASN OA 234 24.51 0.79 -90.18
N LEU OA 235 25.54 0.17 -89.60
CA LEU OA 235 26.45 0.89 -88.72
C LEU OA 235 27.21 1.96 -89.48
N PRO OA 236 27.28 3.19 -88.97
CA PRO OA 236 28.08 4.22 -89.64
C PRO OA 236 29.54 4.11 -89.25
N GLU OA 237 30.31 5.10 -89.70
CA GLU OA 237 31.73 5.14 -89.39
C GLU OA 237 31.96 5.55 -87.95
N GLY OA 238 32.82 4.82 -87.24
CA GLY OA 238 33.19 5.14 -85.88
C GLY OA 238 32.10 4.97 -84.85
N VAL OA 239 31.32 3.89 -84.95
CA VAL OA 239 30.29 3.58 -83.96
C VAL OA 239 30.53 2.15 -83.49
N LYS OA 240 30.76 1.98 -82.20
CA LYS OA 240 30.84 0.66 -81.59
C LYS OA 240 29.44 0.23 -81.15
N LEU OA 241 29.00 -0.92 -81.65
CA LEU OA 241 27.70 -1.49 -81.32
C LEU OA 241 27.85 -2.47 -80.17
N SER OA 242 26.92 -2.40 -79.21
CA SER OA 242 26.82 -3.40 -78.17
C SER OA 242 25.34 -3.70 -77.97
N VAL OA 243 25.02 -4.97 -77.79
CA VAL OA 243 23.65 -5.39 -77.45
C VAL OA 243 23.73 -6.31 -76.25
N ARG OA 244 23.11 -5.90 -75.14
CA ARG OA 244 23.09 -6.74 -73.96
C ARG OA 244 21.73 -6.68 -73.28
N GLU OA 245 21.57 -7.46 -72.21
CA GLU OA 245 20.32 -7.53 -71.48
C GLU OA 245 20.24 -6.39 -70.47
N HIS OA 246 19.16 -6.37 -69.71
CA HIS OA 246 19.04 -5.47 -68.57
C HIS OA 246 19.43 -6.21 -67.30
N THR OA 247 20.60 -5.89 -66.76
CA THR OA 247 21.07 -6.43 -65.50
C THR OA 247 21.02 -5.33 -64.44
N GLU OA 248 21.47 -5.67 -63.24
CA GLU OA 248 21.52 -4.67 -62.18
C GLU OA 248 22.62 -3.64 -62.43
N GLU OA 249 23.74 -4.07 -63.03
CA GLU OA 249 24.87 -3.18 -63.25
C GLU OA 249 24.57 -2.14 -64.33
N ASP OA 250 23.86 -2.54 -65.38
CA ASP OA 250 23.46 -1.61 -66.44
C ASP OA 250 22.48 -0.55 -65.92
N PHE OA 251 21.65 -0.93 -64.96
CA PHE OA 251 20.75 0.02 -64.32
C PHE OA 251 21.49 0.91 -63.32
N LYS OA 252 22.49 0.37 -62.62
CA LYS OA 252 23.27 1.15 -61.66
C LYS OA 252 24.25 2.10 -62.34
N GLY OA 253 24.55 1.87 -63.62
CA GLY OA 253 25.52 2.69 -64.33
C GLY OA 253 25.17 4.16 -64.47
N ARG OA 254 23.88 4.49 -64.58
CA ARG OA 254 23.43 5.88 -64.57
C ARG OA 254 23.39 6.50 -63.19
N PHE OA 255 23.66 5.74 -62.15
CA PHE OA 255 23.50 6.29 -60.83
C PHE OA 255 24.86 6.63 -60.24
N LYS OA 256 24.84 7.55 -59.30
CA LYS OA 256 26.02 8.12 -58.71
C LYS OA 256 26.63 7.09 -57.76
N ALA OA 257 27.80 7.40 -57.20
CA ALA OA 257 28.44 6.49 -56.28
C ALA OA 257 27.68 6.48 -54.96
N ARG OA 258 27.98 5.51 -54.12
CA ARG OA 258 27.39 5.48 -52.80
C ARG OA 258 28.46 5.39 -51.73
N PRO OA 259 29.27 6.46 -51.51
CA PRO OA 259 30.38 6.35 -50.54
C PRO OA 259 29.90 6.11 -49.12
N GLU OA 260 28.73 6.65 -48.77
CA GLU OA 260 28.18 6.47 -47.44
C GLU OA 260 27.72 5.02 -47.25
N LEU OA 261 27.24 4.39 -48.31
CA LEU OA 261 26.82 3.00 -48.24
C LEU OA 261 28.01 2.05 -48.22
N GLU OA 262 29.08 2.37 -48.97
CA GLU OA 262 30.29 1.55 -48.86
C GLU OA 262 30.98 1.75 -47.52
N GLU OA 263 30.86 2.94 -46.91
CA GLU OA 263 31.38 3.15 -45.56
C GLU OA 263 30.62 2.31 -44.54
N LEU OA 264 29.28 2.29 -44.65
CA LEU OA 264 28.47 1.44 -43.78
C LEU OA 264 28.73 -0.05 -44.00
N LEU OA 265 28.90 -0.48 -45.26
CA LEU OA 265 29.23 -1.87 -45.54
C LEU OA 265 30.63 -2.26 -45.10
N ALA OA 266 31.58 -1.33 -45.14
CA ALA OA 266 32.92 -1.59 -44.63
C ALA OA 266 32.95 -1.64 -43.11
N LYS OA 267 32.14 -0.81 -42.44
CA LYS OA 267 31.98 -0.92 -41.00
C LYS OA 267 31.23 -2.19 -40.59
N LEU OA 268 30.35 -2.71 -41.47
CA LEU OA 268 29.78 -4.04 -41.27
C LEU OA 268 30.85 -5.12 -41.33
N ASN OA 269 31.77 -5.03 -42.30
CA ASN OA 269 32.80 -6.04 -42.46
C ASN OA 269 34.11 -5.59 -41.82
N GLU PA 34 -60.79 95.40 -16.19
CA GLU PA 34 -60.05 95.96 -17.32
C GLU PA 34 -60.28 95.14 -18.58
N TYR PA 35 -61.51 94.68 -18.78
CA TYR PA 35 -61.85 93.90 -19.96
C TYR PA 35 -61.86 94.79 -21.20
N PRO PA 36 -61.37 94.32 -22.34
CA PRO PA 36 -61.43 95.13 -23.57
C PRO PA 36 -62.86 95.33 -24.04
N SER PA 37 -63.11 96.51 -24.62
CA SER PA 37 -64.43 96.81 -25.13
C SER PA 37 -64.69 96.05 -26.43
N PHE PA 38 -65.96 95.93 -26.80
CA PHE PA 38 -66.33 95.20 -27.99
C PHE PA 38 -67.47 95.91 -28.71
N VAL PA 39 -67.47 95.79 -30.03
CA VAL PA 39 -68.55 96.28 -30.87
C VAL PA 39 -69.31 95.08 -31.42
N GLU PA 40 -70.62 95.07 -31.20
CA GLU PA 40 -71.46 93.91 -31.49
C GLU PA 40 -72.24 94.18 -32.77
N SER PA 41 -72.05 93.33 -33.77
CA SER PA 41 -72.68 93.50 -35.08
C SER PA 41 -73.33 92.19 -35.51
N VAL PA 42 -74.29 92.31 -36.41
CA VAL PA 42 -75.08 91.17 -36.89
C VAL PA 42 -74.98 91.01 -38.41
N ASP PA 43 -74.34 91.96 -39.09
CA ASP PA 43 -74.38 92.02 -40.55
C ASP PA 43 -73.60 90.89 -41.22
N GLU PA 44 -72.51 90.43 -40.60
CA GLU PA 44 -71.66 89.42 -41.21
C GLU PA 44 -71.97 88.00 -40.77
N TYR PA 45 -73.17 87.75 -40.24
CA TYR PA 45 -73.54 86.39 -39.86
C TYR PA 45 -73.81 85.50 -41.07
N HIS PA 46 -74.08 86.07 -42.23
CA HIS PA 46 -74.26 85.29 -43.45
C HIS PA 46 -72.97 84.63 -43.93
N PHE PA 47 -71.81 85.12 -43.49
CA PHE PA 47 -70.56 84.40 -43.73
C PHE PA 47 -70.44 83.18 -42.83
N VAL PA 48 -71.00 83.23 -41.62
CA VAL PA 48 -71.07 82.07 -40.75
C VAL PA 48 -72.08 81.04 -41.26
N GLU PA 49 -73.22 81.51 -41.78
CA GLU PA 49 -74.33 80.63 -42.16
C GLU PA 49 -74.04 79.67 -43.30
N ARG PA 50 -72.97 79.87 -44.09
CA ARG PA 50 -72.65 78.88 -45.12
C ARG PA 50 -72.01 77.64 -44.53
N LEU PA 51 -71.38 77.77 -43.36
CA LEU PA 51 -70.61 76.68 -42.76
C LEU PA 51 -71.49 75.61 -42.11
N LEU PA 52 -72.79 75.84 -41.99
CA LEU PA 52 -73.67 74.85 -41.37
C LEU PA 52 -74.01 73.75 -42.37
N PRO PA 53 -73.72 72.49 -42.07
CA PRO PA 53 -74.04 71.39 -42.99
C PRO PA 53 -75.53 71.12 -43.05
N PRO PA 54 -76.05 70.71 -44.20
CA PRO PA 54 -77.41 70.17 -44.25
C PRO PA 54 -77.45 68.79 -43.61
N ALA PA 55 -78.50 68.54 -42.83
CA ALA PA 55 -78.74 67.20 -42.31
C ALA PA 55 -79.47 66.31 -43.30
N SER PA 56 -80.07 66.88 -44.34
CA SER PA 56 -80.76 66.13 -45.37
C SER PA 56 -80.02 66.27 -46.69
N ILE PA 57 -80.15 65.24 -47.53
CA ILE PA 57 -79.46 65.18 -48.81
C ILE PA 57 -80.23 66.00 -49.83
N PRO PA 58 -79.57 66.94 -50.53
CA PRO PA 58 -80.26 67.73 -51.55
C PRO PA 58 -80.67 66.88 -52.75
N ARG PA 59 -81.72 67.31 -53.43
CA ARG PA 59 -82.15 66.66 -54.64
C ARG PA 59 -81.13 66.94 -55.75
N PRO PA 60 -80.96 66.02 -56.71
CA PRO PA 60 -80.07 66.27 -57.84
C PRO PA 60 -80.63 67.39 -58.72
N PRO PA 61 -79.80 68.38 -59.07
CA PRO PA 61 -80.29 69.51 -59.88
C PRO PA 61 -80.64 69.09 -61.29
N LYS PA 62 -81.57 69.81 -61.89
CA LYS PA 62 -82.00 69.50 -63.25
C LYS PA 62 -80.95 69.95 -64.26
N HIS PA 63 -80.50 69.02 -65.10
CA HIS PA 63 -79.52 69.31 -66.14
C HIS PA 63 -80.20 69.24 -67.51
N GLU PA 64 -79.72 70.08 -68.42
CA GLU PA 64 -80.28 70.14 -69.77
C GLU PA 64 -79.89 68.95 -70.63
N HIS PA 65 -78.86 68.20 -70.25
CA HIS PA 65 -78.38 67.07 -71.04
C HIS PA 65 -78.16 65.87 -70.13
N TYR PA 66 -78.63 64.71 -70.58
CA TYR PA 66 -78.39 63.45 -69.89
C TYR PA 66 -77.85 62.42 -70.88
N PRO PA 67 -76.90 61.57 -70.46
CA PRO PA 67 -76.29 61.45 -69.13
C PRO PA 67 -75.23 62.51 -68.81
N THR PA 68 -74.99 62.69 -67.52
CA THR PA 68 -74.05 63.68 -67.01
C THR PA 68 -72.63 63.23 -67.32
N PRO PA 69 -71.66 64.17 -67.34
CA PRO PA 69 -70.24 63.76 -67.51
C PRO PA 69 -69.70 62.88 -66.39
N SER PA 70 -70.32 62.90 -65.21
CA SER PA 70 -69.98 61.99 -64.14
C SER PA 70 -70.61 60.60 -64.32
N GLY PA 71 -71.45 60.43 -65.34
CA GLY PA 71 -72.09 59.16 -65.59
C GLY PA 71 -73.43 58.98 -64.90
N TRP PA 72 -73.85 59.93 -64.07
CA TRP PA 72 -75.11 59.80 -63.35
C TRP PA 72 -76.27 60.12 -64.29
N GLN PA 73 -77.36 59.37 -64.17
CA GLN PA 73 -78.52 59.53 -65.02
C GLN PA 73 -79.78 59.30 -64.22
N PRO PA 74 -80.76 60.21 -64.26
CA PRO PA 74 -81.95 60.09 -63.40
C PRO PA 74 -82.88 59.00 -63.87
N PRO PA 75 -83.75 58.48 -63.01
CA PRO PA 75 -84.73 57.47 -63.45
C PRO PA 75 -85.78 58.07 -64.37
N ARG PA 76 -86.55 57.18 -64.98
CA ARG PA 76 -87.60 57.58 -65.91
C ARG PA 76 -88.73 58.29 -65.17
N ASP PA 77 -89.40 59.20 -65.90
CA ASP PA 77 -90.55 59.90 -65.33
C ASP PA 77 -91.73 58.98 -65.00
N PRO PA 78 -92.16 58.03 -65.89
CA PRO PA 78 -93.13 57.04 -65.39
C PRO PA 78 -92.43 55.82 -64.81
N ALA PA 79 -93.21 54.82 -64.38
CA ALA PA 79 -92.64 53.60 -63.87
C ALA PA 79 -92.77 52.48 -64.90
N PRO PA 80 -91.78 51.58 -64.99
CA PRO PA 80 -91.90 50.43 -65.89
C PRO PA 80 -92.99 49.45 -65.47
N SER PA 81 -93.50 48.68 -66.42
CA SER PA 81 -94.65 47.80 -66.20
C SER PA 81 -94.25 46.41 -65.72
N LEU PA 82 -92.97 46.16 -65.49
CA LEU PA 82 -92.56 44.86 -64.96
C LEU PA 82 -92.97 44.73 -63.50
N PRO PA 83 -93.32 43.50 -63.02
CA PRO PA 83 -93.84 43.33 -61.65
C PRO PA 83 -92.78 43.35 -60.55
N TYR PA 84 -91.87 44.32 -60.62
CA TYR PA 84 -90.89 44.58 -59.56
C TYR PA 84 -90.45 46.03 -59.71
N PHE PA 85 -89.86 46.55 -58.63
CA PHE PA 85 -89.30 47.89 -58.67
C PHE PA 85 -88.02 47.91 -57.83
N VAL PA 86 -87.02 48.61 -58.34
CA VAL PA 86 -85.73 48.76 -57.68
C VAL PA 86 -85.63 50.21 -57.22
N ARG PA 87 -85.63 50.42 -55.91
CA ARG PA 87 -85.47 51.76 -55.37
C ARG PA 87 -84.04 52.25 -55.58
N ARG PA 88 -83.90 53.55 -55.79
CA ARG PA 88 -82.59 54.15 -55.87
C ARG PA 88 -81.98 54.29 -54.48
N SER PA 89 -80.71 54.65 -54.46
CA SER PA 89 -80.01 54.93 -53.21
C SER PA 89 -80.47 56.25 -52.61
N ARG PA 90 -80.03 56.49 -51.37
CA ARG PA 90 -80.16 57.83 -50.80
C ARG PA 90 -79.20 58.81 -51.46
N MET PA 91 -78.15 58.30 -52.09
CA MET PA 91 -77.24 59.09 -52.90
C MET PA 91 -77.64 59.11 -54.36
N HIS PA 92 -78.81 58.55 -54.68
CA HIS PA 92 -79.36 58.42 -56.04
C HIS PA 92 -78.43 57.62 -56.96
N ASN PA 93 -78.01 56.44 -56.50
CA ASN PA 93 -77.22 55.52 -57.28
C ASN PA 93 -77.91 54.17 -57.36
N ILE PA 94 -77.48 53.35 -58.31
CA ILE PA 94 -78.04 52.01 -58.49
C ILE PA 94 -77.57 51.11 -57.35
N PRO PA 95 -78.47 50.43 -56.64
CA PRO PA 95 -78.06 49.56 -55.51
C PRO PA 95 -77.55 48.19 -55.95
N VAL PA 96 -76.41 48.21 -56.65
CA VAL PA 96 -75.70 47.01 -57.07
C VAL PA 96 -74.29 47.11 -56.52
N TYR PA 97 -73.90 46.13 -55.70
CA TYR PA 97 -72.67 46.21 -54.92
C TYR PA 97 -71.85 44.96 -55.11
N ARG PA 98 -70.58 45.04 -54.72
CA ARG PA 98 -69.68 43.90 -54.69
C ARG PA 98 -69.53 43.41 -53.26
N ASP PA 99 -69.21 42.12 -53.11
CA ASP PA 99 -68.93 41.54 -51.81
C ASP PA 99 -67.91 40.43 -51.98
N ILE PA 100 -66.91 40.40 -51.10
CA ILE PA 100 -65.88 39.37 -51.11
C ILE PA 100 -65.94 38.61 -49.79
N THR PA 101 -65.83 37.29 -49.88
CA THR PA 101 -65.96 36.41 -48.71
C THR PA 101 -64.94 35.28 -48.83
N HIS PA 102 -64.23 35.03 -47.73
CA HIS PA 102 -63.06 34.15 -47.63
C HIS PA 102 -61.92 34.53 -48.58
N GLY PA 103 -61.87 35.78 -49.04
CA GLY PA 103 -60.80 36.25 -49.88
C GLY PA 103 -60.86 35.85 -51.33
N ASN PA 104 -61.73 34.91 -51.70
CA ASN PA 104 -61.81 34.44 -53.08
C ASN PA 104 -63.24 34.34 -53.60
N ARG PA 105 -64.25 34.44 -52.74
CA ARG PA 105 -65.64 34.36 -53.17
C ARG PA 105 -66.10 35.75 -53.55
N GLN PA 106 -66.38 35.95 -54.83
CA GLN PA 106 -66.82 37.23 -55.37
C GLN PA 106 -68.30 37.15 -55.67
N MET PA 107 -69.07 38.12 -55.14
CA MET PA 107 -70.52 38.12 -55.26
C MET PA 107 -71.01 39.51 -55.60
N THR PA 108 -72.11 39.58 -56.35
CA THR PA 108 -72.76 40.82 -56.72
C THR PA 108 -74.14 40.86 -56.07
N VAL PA 109 -74.44 41.96 -55.39
CA VAL PA 109 -75.66 42.09 -54.60
C VAL PA 109 -76.55 43.17 -55.23
N ILE PA 110 -77.78 42.78 -55.58
CA ILE PA 110 -78.84 43.71 -55.95
C ILE PA 110 -79.71 43.90 -54.72
N ARG PA 111 -79.75 45.13 -54.21
CA ARG PA 111 -80.48 45.45 -53.00
C ARG PA 111 -81.69 46.33 -53.32
N LYS PA 112 -82.53 46.50 -52.29
CA LYS PA 112 -83.71 47.38 -52.30
C LYS PA 112 -84.68 47.04 -53.45
N VAL PA 113 -85.22 45.82 -53.39
CA VAL PA 113 -86.09 45.28 -54.43
C VAL PA 113 -87.45 45.04 -53.82
N GLU PA 114 -88.48 45.62 -54.42
CA GLU PA 114 -89.87 45.47 -53.98
C GLU PA 114 -90.66 44.86 -55.13
N GLY PA 115 -91.45 43.83 -54.83
CA GLY PA 115 -92.30 43.22 -55.83
C GLY PA 115 -92.00 41.74 -55.93
N ASP PA 116 -92.22 41.21 -57.14
CA ASP PA 116 -91.91 39.82 -57.43
C ASP PA 116 -90.42 39.70 -57.69
N ILE PA 117 -89.67 39.20 -56.71
CA ILE PA 117 -88.22 39.12 -56.80
C ILE PA 117 -87.80 37.99 -57.75
N TRP PA 118 -88.64 36.96 -57.89
CA TRP PA 118 -88.35 35.87 -58.82
C TRP PA 118 -88.36 36.33 -60.27
N ALA PA 119 -89.16 37.36 -60.59
CA ALA PA 119 -89.13 37.94 -61.92
C ALA PA 119 -87.79 38.60 -62.20
N LEU PA 120 -87.24 39.33 -61.21
CA LEU PA 120 -85.92 39.92 -61.36
C LEU PA 120 -84.85 38.83 -61.44
N GLN PA 121 -85.01 37.74 -60.69
CA GLN PA 121 -84.06 36.63 -60.76
C GLN PA 121 -84.05 36.00 -62.15
N LYS PA 122 -85.24 35.77 -62.72
CA LYS PA 122 -85.37 35.23 -64.07
C LYS PA 122 -84.75 36.17 -65.10
N ASP PA 123 -85.02 37.48 -64.96
CA ASP PA 123 -84.49 38.47 -65.89
C ASP PA 123 -82.96 38.53 -65.84
N VAL PA 124 -82.39 38.46 -64.64
CA VAL PA 124 -80.93 38.43 -64.49
C VAL PA 124 -80.36 37.14 -65.10
N GLU PA 125 -81.08 36.01 -64.98
CA GLU PA 125 -80.60 34.80 -65.63
C GLU PA 125 -80.59 34.88 -67.16
N ASP PA 126 -81.63 35.42 -67.81
CA ASP PA 126 -81.51 35.45 -69.28
C ASP PA 126 -80.62 36.60 -69.73
N PHE PA 127 -80.36 37.58 -68.87
CA PHE PA 127 -79.41 38.61 -69.23
C PHE PA 127 -77.97 38.11 -69.13
N LEU PA 128 -77.68 37.26 -68.15
CA LEU PA 128 -76.33 36.76 -67.93
C LEU PA 128 -76.06 35.42 -68.59
N SER PA 129 -77.07 34.76 -69.14
CA SER PA 129 -76.86 33.49 -69.83
C SER PA 129 -76.00 33.55 -71.10
N PRO PA 130 -76.16 34.48 -72.05
CA PRO PA 130 -75.32 34.41 -73.27
C PRO PA 130 -73.86 34.76 -73.05
N LEU PA 131 -73.49 35.39 -71.93
CA LEU PA 131 -72.10 35.75 -71.72
C LEU PA 131 -71.32 34.60 -71.09
N LEU PA 132 -71.98 33.83 -70.22
CA LEU PA 132 -71.31 32.74 -69.52
C LEU PA 132 -71.47 31.39 -70.19
N GLY PA 133 -72.52 31.20 -71.00
CA GLY PA 133 -72.80 29.89 -71.53
C GLY PA 133 -73.55 28.98 -70.59
N LYS PA 134 -73.89 29.47 -69.40
CA LYS PA 134 -74.64 28.71 -68.40
C LYS PA 134 -75.37 29.71 -67.53
N THR PA 135 -76.32 29.21 -66.74
CA THR PA 135 -77.09 30.07 -65.86
C THR PA 135 -76.21 30.59 -64.73
N PRO PA 136 -76.42 31.82 -64.27
CA PRO PA 136 -75.64 32.31 -63.12
C PRO PA 136 -76.21 31.77 -61.82
N VAL PA 137 -75.32 31.55 -60.85
CA VAL PA 137 -75.74 31.02 -59.56
C VAL PA 137 -76.30 32.16 -58.71
N THR PA 138 -77.59 32.07 -58.37
CA THR PA 138 -78.30 33.17 -57.74
C THR PA 138 -78.93 32.71 -56.44
N GLN PA 139 -79.19 33.68 -55.56
CA GLN PA 139 -79.93 33.49 -54.33
C GLN PA 139 -80.97 34.59 -54.21
N VAL PA 140 -82.20 34.19 -53.88
CA VAL PA 140 -83.31 35.10 -53.64
C VAL PA 140 -83.52 35.20 -52.15
N ASN PA 141 -83.50 36.42 -51.62
CA ASN PA 141 -83.83 36.68 -50.22
C ASN PA 141 -85.07 37.57 -50.23
N GLU PA 142 -86.24 36.94 -50.03
CA GLU PA 142 -87.51 37.66 -50.07
C GLU PA 142 -87.74 38.49 -48.82
N VAL PA 143 -87.30 37.99 -47.66
CA VAL PA 143 -87.54 38.70 -46.41
C VAL PA 143 -86.65 39.95 -46.31
N THR PA 144 -85.60 40.03 -47.12
CA THR PA 144 -84.78 41.22 -47.18
C THR PA 144 -85.03 42.01 -48.46
N GLY PA 145 -85.30 41.33 -49.57
CA GLY PA 145 -85.42 41.97 -50.86
C GLY PA 145 -84.09 42.07 -51.55
N THR PA 146 -83.43 40.93 -51.74
CA THR PA 146 -82.04 40.93 -52.17
C THR PA 146 -81.78 39.79 -53.14
N LEU PA 147 -81.20 40.12 -54.30
CA LEU PA 147 -80.74 39.11 -55.23
C LEU PA 147 -79.22 39.03 -55.17
N ARG PA 148 -78.68 37.81 -55.13
CA ARG PA 148 -77.25 37.63 -54.98
C ARG PA 148 -76.71 36.74 -56.08
N VAL PA 149 -75.75 37.24 -56.84
CA VAL PA 149 -75.26 36.60 -58.05
C VAL PA 149 -73.78 36.24 -57.85
N LYS PA 150 -73.41 35.04 -58.29
CA LYS PA 150 -72.04 34.56 -58.16
C LYS PA 150 -71.15 35.26 -59.19
N GLY PA 151 -70.26 36.11 -58.72
CA GLY PA 151 -69.29 36.78 -59.56
C GLY PA 151 -69.43 38.30 -59.54
N TYR PA 152 -68.44 38.95 -60.13
CA TYR PA 152 -68.45 40.41 -60.35
C TYR PA 152 -69.09 40.72 -61.69
N PHE PA 153 -70.38 41.02 -61.67
CA PHE PA 153 -71.11 41.51 -62.84
C PHE PA 153 -71.73 42.88 -62.58
N ASP PA 154 -71.12 43.69 -61.72
CA ASP PA 154 -71.78 44.88 -61.20
C ASP PA 154 -71.93 45.98 -62.25
N GLN PA 155 -70.92 46.18 -63.09
CA GLN PA 155 -70.96 47.25 -64.09
C GLN PA 155 -72.02 46.94 -65.15
N GLN PA 156 -72.06 45.68 -65.60
CA GLN PA 156 -73.10 45.24 -66.52
C GLN PA 156 -74.49 45.31 -65.90
N LEU PA 157 -74.59 45.02 -64.60
CA LEU PA 157 -75.89 45.09 -63.93
C LEU PA 157 -76.39 46.53 -63.77
N LYS PA 158 -75.50 47.46 -63.41
CA LYS PA 158 -75.86 48.88 -63.37
C LYS PA 158 -76.23 49.39 -64.75
N ALA PA 159 -75.51 48.95 -65.79
CA ALA PA 159 -75.84 49.36 -67.15
C ALA PA 159 -77.21 48.83 -67.57
N TRP PA 160 -77.49 47.54 -67.30
CA TRP PA 160 -78.77 46.93 -67.64
C TRP PA 160 -79.93 47.59 -66.92
N LEU PA 161 -79.77 47.90 -65.64
CA LEU PA 161 -80.77 48.67 -64.93
C LEU PA 161 -80.85 50.12 -65.44
N LEU PA 162 -79.78 50.63 -66.07
CA LEU PA 162 -79.83 51.99 -66.59
C LEU PA 162 -80.66 52.07 -67.87
N GLU PA 163 -80.55 51.08 -68.79
CA GLU PA 163 -81.53 51.08 -69.87
C GLU PA 163 -82.92 50.69 -69.39
N LYS PA 164 -83.03 49.88 -68.34
CA LYS PA 164 -84.37 49.57 -67.87
C LYS PA 164 -85.03 50.70 -67.09
N GLY PA 165 -84.25 51.69 -66.64
CA GLY PA 165 -84.81 52.88 -66.04
C GLY PA 165 -85.37 52.70 -64.65
N PHE PA 166 -84.51 52.36 -63.69
CA PHE PA 166 -84.93 52.19 -62.31
C PHE PA 166 -84.24 53.18 -61.39
N LEU QA 90 -125.29 57.56 -20.86
CA LEU QA 90 -124.63 56.81 -21.94
C LEU QA 90 -124.98 55.33 -21.85
N VAL QA 91 -125.71 54.85 -22.85
CA VAL QA 91 -126.21 53.48 -22.88
C VAL QA 91 -125.38 52.67 -23.86
N CYS QA 92 -124.89 51.52 -23.40
CA CYS QA 92 -124.07 50.63 -24.21
C CYS QA 92 -124.93 49.95 -25.26
N PRO QA 93 -124.63 50.12 -26.55
CA PRO QA 93 -125.38 49.40 -27.59
C PRO QA 93 -125.02 47.92 -27.59
N PRO QA 94 -125.91 47.05 -28.06
CA PRO QA 94 -125.55 45.63 -28.18
C PRO QA 94 -124.53 45.40 -29.28
N ILE QA 95 -123.65 44.44 -29.05
CA ILE QA 95 -122.53 44.21 -29.96
C ILE QA 95 -123.00 43.36 -31.15
N GLN QA 96 -122.76 43.87 -32.36
CA GLN QA 96 -123.10 43.14 -33.58
C GLN QA 96 -122.21 41.91 -33.74
N SER QA 97 -122.77 40.87 -34.34
CA SER QA 97 -122.11 39.57 -34.44
C SER QA 97 -121.19 39.44 -35.64
N ARG QA 98 -121.24 40.38 -36.60
CA ARG QA 98 -120.36 40.54 -37.76
C ARG QA 98 -120.60 39.45 -38.82
N THR QA 99 -121.42 38.44 -38.54
CA THR QA 99 -121.75 37.41 -39.53
C THR QA 99 -122.59 38.01 -40.65
N TYR QA 100 -121.96 38.19 -41.81
CA TYR QA 100 -122.54 38.97 -42.90
C TYR QA 100 -122.75 38.07 -44.11
N ILE QA 101 -123.96 38.06 -44.64
CA ILE QA 101 -124.30 37.33 -45.85
C ILE QA 101 -124.68 38.36 -46.91
N PRO QA 102 -124.13 38.28 -48.12
CA PRO QA 102 -124.46 39.26 -49.16
C PRO QA 102 -125.89 39.11 -49.64
N PRO QA 103 -126.67 40.19 -49.64
CA PRO QA 103 -128.06 40.11 -50.07
C PRO QA 103 -128.20 40.07 -51.59
N GLU QA 104 -129.41 39.73 -52.03
CA GLU QA 104 -129.69 39.60 -53.45
C GLU QA 104 -129.82 40.94 -54.16
N ASP QA 105 -130.19 42.01 -53.45
CA ASP QA 105 -130.32 43.33 -54.03
C ASP QA 105 -129.04 44.15 -53.95
N LEU QA 106 -127.88 43.49 -53.90
CA LEU QA 106 -126.60 44.14 -53.73
C LEU QA 106 -126.25 45.02 -54.92
N GLN QA 107 -126.54 44.55 -56.14
CA GLN QA 107 -126.26 45.32 -57.35
C GLN QA 107 -127.08 46.61 -57.42
N SER QA 108 -128.38 46.50 -57.13
CA SER QA 108 -129.26 47.66 -57.14
C SER QA 108 -128.91 48.64 -56.04
N ARG QA 109 -128.60 48.13 -54.84
CA ARG QA 109 -128.17 48.98 -53.73
C ARG QA 109 -126.87 49.69 -54.05
N LEU QA 110 -125.92 48.98 -54.67
CA LEU QA 110 -124.63 49.56 -55.00
C LEU QA 110 -124.75 50.63 -56.07
N GLU QA 111 -125.54 50.38 -57.12
CA GLU QA 111 -125.70 51.39 -58.16
C GLU QA 111 -126.53 52.59 -57.68
N SER QA 112 -127.47 52.38 -56.76
CA SER QA 112 -128.17 53.50 -56.15
C SER QA 112 -127.23 54.33 -55.29
N HIS QA 113 -126.31 53.67 -54.57
CA HIS QA 113 -125.34 54.42 -53.77
C HIS QA 113 -124.34 55.18 -54.64
N VAL QA 114 -123.94 54.60 -55.78
CA VAL QA 114 -123.12 55.31 -56.77
C VAL QA 114 -123.84 56.55 -57.28
N LYS QA 115 -125.13 56.40 -57.62
CA LYS QA 115 -125.91 57.53 -58.11
C LYS QA 115 -126.10 58.60 -57.03
N GLU QA 116 -126.14 58.20 -55.76
CA GLU QA 116 -126.46 59.20 -54.74
C GLU QA 116 -125.20 59.88 -54.18
N VAL QA 117 -124.03 59.25 -54.23
CA VAL QA 117 -122.86 59.90 -53.66
C VAL QA 117 -121.98 60.49 -54.76
N PHE QA 118 -122.07 59.95 -55.98
CA PHE QA 118 -121.23 60.45 -57.06
C PHE QA 118 -121.76 61.77 -57.62
N GLY QA 119 -123.08 61.96 -57.63
CA GLY QA 119 -123.65 63.21 -58.08
C GLY QA 119 -123.67 63.42 -59.58
N SER QA 120 -123.36 62.38 -60.35
CA SER QA 120 -123.33 62.48 -61.80
C SER QA 120 -124.09 61.32 -62.42
N SER QA 121 -124.48 61.47 -63.69
CA SER QA 121 -125.09 60.37 -64.42
C SER QA 121 -124.07 59.26 -64.66
N VAL QA 122 -124.50 58.02 -64.45
CA VAL QA 122 -123.60 56.87 -64.51
C VAL QA 122 -123.17 56.58 -65.94
N PRO QA 123 -121.94 56.16 -66.16
CA PRO QA 123 -121.52 55.73 -67.50
C PRO QA 123 -122.01 54.32 -67.81
N SER QA 124 -121.56 53.80 -68.96
CA SER QA 124 -121.88 52.42 -69.34
C SER QA 124 -121.30 51.42 -68.36
N ASN QA 125 -120.08 51.67 -67.88
CA ASN QA 125 -119.43 50.85 -66.86
C ASN QA 125 -119.39 51.58 -65.52
N TRP QA 126 -120.47 51.48 -64.76
CA TRP QA 126 -120.59 52.16 -63.47
C TRP QA 126 -119.71 51.54 -62.39
N GLN QA 127 -119.19 50.33 -62.61
CA GLN QA 127 -118.30 49.70 -61.65
C GLN QA 127 -116.83 49.94 -61.95
N ASP QA 128 -116.51 50.68 -63.01
CA ASP QA 128 -115.13 50.98 -63.38
C ASP QA 128 -114.72 52.42 -63.09
N ILE QA 129 -115.59 53.22 -62.48
CA ILE QA 129 -115.24 54.60 -62.18
C ILE QA 129 -114.37 54.63 -60.93
N SER QA 130 -113.27 55.39 -60.99
CA SER QA 130 -112.26 55.33 -59.95
C SER QA 130 -112.68 56.08 -58.70
N LEU QA 131 -112.07 55.72 -57.57
CA LEU QA 131 -112.36 56.33 -56.28
C LEU QA 131 -111.20 57.16 -55.76
N GLU QA 132 -110.52 57.93 -56.63
CA GLU QA 132 -109.32 58.63 -56.21
C GLU QA 132 -109.62 59.82 -55.32
N ASP QA 133 -110.81 60.42 -55.43
CA ASP QA 133 -111.19 61.51 -54.53
C ASP QA 133 -111.47 60.95 -53.14
N VAL QA 134 -110.82 61.54 -52.14
CA VAL QA 134 -110.87 61.01 -50.78
C VAL QA 134 -112.24 61.27 -50.16
N HIS QA 135 -112.82 62.44 -50.43
CA HIS QA 135 -114.20 62.75 -50.04
C HIS QA 135 -115.18 61.75 -50.62
N LEU QA 136 -115.04 61.45 -51.92
CA LEU QA 136 -115.94 60.54 -52.61
C LEU QA 136 -115.81 59.12 -52.08
N LYS QA 137 -114.58 58.66 -51.83
CA LYS QA 137 -114.37 57.33 -51.26
C LYS QA 137 -114.92 57.23 -49.84
N PHE QA 138 -114.71 58.27 -49.02
CA PHE QA 138 -115.18 58.24 -47.64
C PHE QA 138 -116.70 58.24 -47.58
N SER QA 139 -117.35 59.05 -48.42
CA SER QA 139 -118.80 59.10 -48.46
C SER QA 139 -119.38 57.78 -48.97
N PHE QA 140 -118.76 57.22 -50.02
CA PHE QA 140 -119.24 55.98 -50.63
C PHE QA 140 -119.13 54.81 -49.67
N LEU QA 141 -117.97 54.66 -49.02
CA LEU QA 141 -117.80 53.59 -48.04
C LEU QA 141 -118.61 53.81 -46.78
N ALA QA 142 -118.86 55.06 -46.36
CA ALA QA 142 -119.70 55.31 -45.20
C ALA QA 142 -121.15 54.93 -45.46
N ARG QA 143 -121.69 55.31 -46.62
CA ARG QA 143 -123.06 54.92 -46.95
C ARG QA 143 -123.17 53.41 -47.16
N LEU QA 144 -122.14 52.78 -47.74
CA LEU QA 144 -122.14 51.33 -47.89
C LEU QA 144 -122.09 50.61 -46.54
N ALA QA 145 -121.29 51.11 -45.60
CA ALA QA 145 -121.22 50.51 -44.28
C ALA QA 145 -122.53 50.67 -43.51
N ASN QA 146 -123.11 51.87 -43.55
CA ASN QA 146 -124.36 52.10 -42.85
C ASN QA 146 -125.56 51.45 -43.54
N ASP QA 147 -125.41 51.05 -44.81
CA ASP QA 147 -126.47 50.30 -45.47
C ASP QA 147 -126.35 48.80 -45.17
N LEU QA 148 -125.17 48.23 -45.40
CA LEU QA 148 -124.99 46.78 -45.36
C LEU QA 148 -124.52 46.27 -44.01
N ARG QA 149 -124.39 47.14 -43.00
CA ARG QA 149 -123.98 46.81 -41.63
C ARG QA 149 -122.60 46.14 -41.58
N HIS QA 150 -121.72 46.49 -42.51
CA HIS QA 150 -120.40 45.87 -42.62
C HIS QA 150 -119.43 46.89 -43.19
N ALA QA 151 -118.37 47.16 -42.45
CA ALA QA 151 -117.41 48.20 -42.80
C ALA QA 151 -116.14 47.57 -43.38
N VAL QA 152 -115.56 48.24 -44.36
CA VAL QA 152 -114.28 47.83 -44.94
C VAL QA 152 -113.19 48.14 -43.92
N PRO QA 153 -112.36 47.16 -43.55
CA PRO QA 153 -111.34 47.40 -42.52
C PRO QA 153 -110.20 48.26 -43.03
N ASN QA 154 -109.31 48.61 -42.11
CA ASN QA 154 -108.24 49.56 -42.39
C ASN QA 154 -107.15 48.97 -43.29
N SER QA 155 -107.06 47.63 -43.36
CA SER QA 155 -106.03 47.02 -44.20
C SER QA 155 -106.37 47.11 -45.68
N ARG QA 156 -107.64 46.93 -46.03
CA ARG QA 156 -108.06 46.89 -47.42
C ARG QA 156 -108.45 48.25 -47.99
N LEU QA 157 -108.25 49.34 -47.23
CA LEU QA 157 -108.58 50.67 -47.72
C LEU QA 157 -107.69 51.10 -48.87
N HIS QA 158 -106.42 50.70 -48.88
CA HIS QA 158 -105.57 50.92 -50.04
C HIS QA 158 -105.85 49.91 -51.15
N GLN QA 159 -106.43 48.76 -50.82
CA GLN QA 159 -106.73 47.75 -51.83
C GLN QA 159 -107.93 48.15 -52.68
N MET QA 160 -108.98 48.67 -52.06
CA MET QA 160 -110.18 49.04 -52.80
C MET QA 160 -109.93 50.30 -53.61
N CYS QA 161 -109.96 50.17 -54.93
CA CYS QA 161 -109.71 51.29 -55.83
C CYS QA 161 -110.92 51.58 -56.72
N ARG QA 162 -111.51 50.53 -57.28
CA ARG QA 162 -112.68 50.69 -58.13
C ARG QA 162 -113.95 50.30 -57.38
N VAL QA 163 -115.09 50.46 -58.05
CA VAL QA 163 -116.37 50.02 -57.50
C VAL QA 163 -116.51 48.50 -57.65
N ARG QA 164 -115.86 47.90 -58.66
CA ARG QA 164 -115.79 46.44 -58.75
C ARG QA 164 -115.02 45.85 -57.56
N ASP QA 165 -114.07 46.61 -57.00
CA ASP QA 165 -113.32 46.14 -55.84
C ASP QA 165 -114.23 46.02 -54.61
N VAL QA 166 -115.07 47.01 -54.35
CA VAL QA 166 -115.96 46.90 -53.18
C VAL QA 166 -117.11 45.95 -53.48
N LEU QA 167 -117.45 45.76 -54.75
CA LEU QA 167 -118.40 44.72 -55.14
C LEU QA 167 -117.87 43.33 -54.81
N ASP QA 168 -116.60 43.08 -55.15
CA ASP QA 168 -115.97 41.80 -54.84
C ASP QA 168 -115.71 41.64 -53.34
N PHE QA 169 -115.52 42.76 -52.63
CA PHE QA 169 -115.38 42.68 -51.18
C PHE QA 169 -116.70 42.31 -50.52
N TYR QA 170 -117.80 42.94 -50.93
CA TYR QA 170 -119.09 42.67 -50.31
C TYR QA 170 -119.76 41.40 -50.84
N ASN QA 171 -119.24 40.81 -51.91
CA ASN QA 171 -119.71 39.49 -52.32
C ASN QA 171 -119.15 38.37 -51.46
N VAL QA 172 -118.08 38.60 -50.72
CA VAL QA 172 -117.43 37.58 -49.91
C VAL QA 172 -118.01 37.65 -48.50
N PRO QA 173 -118.65 36.58 -48.02
CA PRO QA 173 -119.16 36.59 -46.64
C PRO QA 173 -118.03 36.44 -45.63
N VAL QA 174 -118.34 36.83 -44.39
CA VAL QA 174 -117.41 36.69 -43.28
C VAL QA 174 -118.13 35.93 -42.16
N GLN QA 175 -117.41 35.07 -41.45
CA GLN QA 175 -117.97 34.30 -40.36
C GLN QA 175 -117.18 34.59 -39.08
N ASP QA 176 -117.90 34.88 -38.00
CA ASP QA 176 -117.27 35.14 -36.72
C ASP QA 176 -117.17 33.89 -35.85
N ARG QA 177 -117.74 32.76 -36.29
CA ARG QA 177 -117.63 31.53 -35.53
C ARG QA 177 -116.23 30.95 -35.66
N SER QA 178 -115.77 30.29 -34.60
CA SER QA 178 -114.45 29.68 -34.60
C SER QA 178 -114.51 28.31 -35.27
N LYS QA 179 -113.37 27.62 -35.26
CA LYS QA 179 -113.31 26.27 -35.81
C LYS QA 179 -114.08 25.28 -34.96
N PHE QA 180 -114.14 25.52 -33.64
CA PHE QA 180 -114.94 24.68 -32.76
C PHE QA 180 -116.43 24.82 -33.07
N ASP QA 181 -116.91 26.05 -33.22
CA ASP QA 181 -118.31 26.29 -33.55
C ASP QA 181 -118.64 25.85 -34.97
N GLU QA 182 -117.64 25.85 -35.86
CA GLU QA 182 -117.83 25.28 -37.19
C GLU QA 182 -117.95 23.75 -37.12
N LEU QA 183 -117.15 23.10 -36.27
CA LEU QA 183 -117.17 21.65 -36.17
C LEU QA 183 -118.40 21.14 -35.42
N ILE QA 184 -119.01 21.97 -34.57
CA ILE QA 184 -120.24 21.58 -33.88
C ILE QA 184 -121.37 21.33 -34.87
N ALA QA 185 -121.55 22.24 -35.83
CA ALA QA 185 -122.64 22.14 -36.80
C ALA QA 185 -122.24 21.44 -38.09
N SER QA 186 -121.16 20.66 -38.07
CA SER QA 186 -120.66 20.00 -39.29
C SER QA 186 -121.15 18.56 -39.44
N ASN QA 187 -122.25 18.20 -38.77
CA ASN QA 187 -122.90 16.89 -38.84
C ASN QA 187 -121.93 15.76 -38.43
N LEU QA 188 -121.56 15.82 -37.15
CA LEU QA 188 -120.60 14.89 -36.58
C LEU QA 188 -121.14 13.46 -36.56
N PRO QA 189 -120.26 12.45 -36.65
CA PRO QA 189 -120.73 11.07 -36.58
C PRO QA 189 -121.24 10.69 -35.21
N HIS QA 190 -121.93 9.55 -35.15
CA HIS QA 190 -122.64 9.13 -33.95
C HIS QA 190 -121.70 8.66 -32.85
N ASN QA 191 -120.46 8.31 -33.17
CA ASN QA 191 -119.49 7.85 -32.18
C ASN QA 191 -118.53 8.95 -31.70
N LEU QA 192 -118.66 10.16 -32.23
CA LEU QA 192 -117.79 11.27 -31.85
C LEU QA 192 -118.59 12.23 -30.98
N LYS QA 193 -118.14 12.40 -29.73
CA LYS QA 193 -118.77 13.29 -28.78
C LYS QA 193 -117.76 14.33 -28.32
N ILE QA 194 -118.10 15.60 -28.47
CA ILE QA 194 -117.23 16.71 -28.10
C ILE QA 194 -117.89 17.50 -26.99
N THR QA 195 -117.15 17.75 -25.91
CA THR QA 195 -117.66 18.45 -24.75
C THR QA 195 -116.80 19.69 -24.50
N TRP QA 196 -117.43 20.86 -24.54
CA TRP QA 196 -116.73 22.12 -24.30
C TRP QA 196 -116.57 22.33 -22.79
N GLY QA 197 -115.32 22.43 -22.34
CA GLY QA 197 -115.03 22.47 -20.93
C GLY QA 197 -114.72 23.84 -20.35
N TYR QA 198 -115.02 24.90 -21.10
CA TYR QA 198 -114.80 26.26 -20.63
C TYR QA 198 -116.11 26.92 -20.23
N PHE RA 32 -81.14 14.32 -2.97
CA PHE RA 32 -82.09 14.54 -4.05
C PHE RA 32 -83.51 14.66 -3.51
N HIS RA 33 -83.63 14.80 -2.19
CA HIS RA 33 -84.94 14.83 -1.56
C HIS RA 33 -85.65 16.14 -1.86
N VAL RA 34 -86.73 16.05 -2.63
CA VAL RA 34 -87.52 17.20 -3.05
C VAL RA 34 -88.67 17.39 -2.07
N ARG RA 35 -89.24 18.59 -2.08
CA ARG RA 35 -90.23 18.96 -1.07
C ARG RA 35 -91.56 18.26 -1.29
N VAL RA 36 -92.29 18.03 -0.20
CA VAL RA 36 -93.46 17.15 -0.24
C VAL RA 36 -94.76 17.90 -0.44
N THR RA 37 -94.74 19.23 -0.39
CA THR RA 37 -95.95 20.04 -0.53
C THR RA 37 -95.82 20.94 -1.76
N LEU RA 38 -96.95 21.22 -2.39
CA LEU RA 38 -96.96 22.23 -3.45
C LEU RA 38 -96.71 23.61 -2.86
N PRO RA 39 -95.90 24.44 -3.50
CA PRO RA 39 -95.67 25.78 -2.99
C PRO RA 39 -96.85 26.68 -3.29
N PRO RA 40 -96.99 27.81 -2.59
CA PRO RA 40 -98.00 28.80 -2.99
C PRO RA 40 -97.62 29.39 -4.34
N ARG RA 41 -98.54 29.26 -5.30
CA ARG RA 41 -98.30 29.74 -6.66
C ARG RA 41 -98.25 31.26 -6.69
N LYS RA 42 -97.20 31.79 -7.31
CA LYS RA 42 -96.99 33.23 -7.34
C LYS RA 42 -97.92 33.85 -8.38
N VAL RA 43 -98.95 34.54 -7.91
CA VAL RA 43 -99.87 35.25 -8.78
C VAL RA 43 -99.24 36.59 -9.09
N VAL RA 44 -98.45 36.64 -10.16
CA VAL RA 44 -97.79 37.86 -10.61
C VAL RA 44 -98.60 38.38 -11.79
N ASP RA 45 -98.81 39.69 -11.83
CA ASP RA 45 -99.62 40.27 -12.88
C ASP RA 45 -98.71 40.86 -13.97
N ARG RA 46 -99.05 40.57 -15.22
CA ARG RA 46 -98.30 41.09 -16.36
C ARG RA 46 -98.61 42.54 -16.66
N TRP RA 47 -99.59 43.14 -15.98
CA TRP RA 47 -100.05 44.49 -16.29
C TRP RA 47 -99.89 45.45 -15.13
N ASN RA 48 -98.83 45.31 -14.33
CA ASN RA 48 -98.58 46.28 -13.28
C ASN RA 48 -97.96 47.57 -13.85
N GLU RA 49 -97.57 48.46 -12.93
CA GLU RA 49 -97.05 49.77 -13.34
C GLU RA 49 -95.69 49.62 -14.03
N LYS RA 50 -94.81 48.80 -13.45
CA LYS RA 50 -93.47 48.63 -14.00
C LYS RA 50 -93.50 47.87 -15.33
N ARG RA 51 -94.31 46.82 -15.42
CA ARG RA 51 -94.40 46.05 -16.66
C ARG RA 51 -95.18 46.80 -17.74
N ALA RA 52 -96.06 47.72 -17.34
CA ALA RA 52 -96.78 48.51 -18.33
C ALA RA 52 -95.93 49.68 -18.83
N MET RA 53 -95.12 50.27 -17.96
CA MET RA 53 -94.30 51.41 -18.32
C MET RA 53 -92.84 51.03 -18.55
N PHE RA 54 -92.55 49.74 -18.75
CA PHE RA 54 -91.19 49.32 -19.03
C PHE RA 54 -90.76 49.74 -20.43
N GLY RA 55 -89.62 50.42 -20.51
CA GLY RA 55 -89.05 50.84 -21.78
C GLY RA 55 -89.88 51.84 -22.55
N VAL RA 56 -90.37 52.89 -21.88
CA VAL RA 56 -91.24 53.85 -22.56
C VAL RA 56 -90.41 54.77 -23.45
N TYR RA 57 -89.39 55.41 -22.89
CA TYR RA 57 -88.67 56.46 -23.61
C TYR RA 57 -87.39 55.95 -24.26
N ASP RA 58 -87.37 54.68 -24.70
CA ASP RA 58 -86.18 54.11 -25.33
C ASP RA 58 -85.86 54.79 -26.66
N ASN RA 59 -86.86 55.39 -27.30
CA ASN RA 59 -86.68 56.17 -28.52
C ASN RA 59 -86.78 57.67 -28.26
N ILE RA 60 -86.21 58.16 -27.16
CA ILE RA 60 -86.27 59.57 -26.81
C ILE RA 60 -85.57 60.44 -27.85
N GLY RA 61 -84.41 60.01 -28.35
CA GLY RA 61 -83.75 60.72 -29.41
C GLY RA 61 -84.49 60.64 -30.74
N ILE RA 62 -84.99 59.43 -31.04
CA ILE RA 62 -85.62 59.16 -32.34
C ILE RA 62 -86.89 59.99 -32.50
N LEU RA 63 -87.70 60.03 -31.44
CA LEU RA 63 -88.96 60.75 -31.51
C LEU RA 63 -88.93 62.06 -30.74
N GLY RA 64 -87.75 62.57 -30.38
CA GLY RA 64 -87.65 63.80 -29.63
C GLY RA 64 -86.68 64.85 -30.13
N ASN RA 65 -86.34 64.86 -31.43
CA ASN RA 65 -85.56 65.90 -32.10
C ASN RA 65 -84.19 66.07 -31.44
N PHE RA 66 -83.29 65.10 -31.67
CA PHE RA 66 -82.33 64.51 -30.72
C PHE RA 66 -81.77 65.50 -29.73
N GLU RA 67 -82.14 65.31 -28.45
CA GLU RA 67 -81.69 66.17 -27.37
C GLU RA 67 -81.06 65.33 -26.28
N LYS RA 68 -81.67 64.19 -25.99
CA LYS RA 68 -81.18 63.27 -24.97
C LYS RA 68 -81.02 61.87 -25.57
N HIS RA 69 -79.88 61.25 -25.30
CA HIS RA 69 -79.55 59.90 -25.71
C HIS RA 69 -80.28 58.91 -24.80
N PRO RA 70 -80.40 57.64 -25.21
CA PRO RA 70 -80.80 56.60 -24.25
C PRO RA 70 -79.78 56.27 -23.16
N LYS RA 71 -78.59 56.90 -23.17
CA LYS RA 71 -77.58 56.71 -22.14
C LYS RA 71 -78.04 57.16 -20.75
N GLU RA 72 -78.66 58.34 -20.67
CA GLU RA 72 -79.01 58.88 -19.36
C GLU RA 72 -80.35 58.39 -18.83
N LEU RA 73 -81.00 57.46 -19.53
CA LEU RA 73 -82.11 56.73 -18.92
C LEU RA 73 -81.61 55.59 -18.03
N ILE RA 74 -80.34 55.24 -18.10
CA ILE RA 74 -79.82 54.09 -17.37
C ILE RA 74 -79.66 54.47 -15.90
N LYS RA 75 -80.37 53.74 -15.03
CA LYS RA 75 -80.24 53.91 -13.59
C LYS RA 75 -79.35 52.80 -13.07
N GLY RA 76 -78.25 53.17 -12.41
CA GLY RA 76 -77.30 52.21 -11.92
C GLY RA 76 -76.09 52.87 -11.30
N PRO RA 77 -74.95 52.19 -11.35
CA PRO RA 77 -73.72 52.76 -10.79
C PRO RA 77 -73.21 53.92 -11.63
N ILE RA 78 -72.30 54.71 -11.04
CA ILE RA 78 -71.73 55.86 -11.73
C ILE RA 78 -70.83 55.38 -12.87
N TRP RA 79 -70.08 54.30 -12.65
CA TRP RA 79 -69.14 53.82 -13.65
C TRP RA 79 -69.78 52.91 -14.69
N LEU RA 80 -71.03 52.52 -14.51
CA LEU RA 80 -71.68 51.59 -15.43
C LEU RA 80 -72.74 52.25 -16.30
N ARG RA 81 -72.88 53.57 -16.24
CA ARG RA 81 -73.92 54.24 -17.01
C ARG RA 81 -73.50 54.42 -18.45
N GLY RA 82 -74.14 53.66 -19.34
CA GLY RA 82 -73.80 53.73 -20.76
C GLY RA 82 -72.42 53.21 -21.09
N TRP RA 83 -72.03 52.08 -20.50
CA TRP RA 83 -70.73 51.50 -20.75
C TRP RA 83 -70.79 50.00 -20.53
N LYS RA 84 -70.01 49.27 -21.32
CA LYS RA 84 -69.99 47.82 -21.26
C LYS RA 84 -68.57 47.33 -21.56
N GLY RA 85 -68.07 46.44 -20.71
CA GLY RA 85 -66.77 45.83 -20.92
C GLY RA 85 -66.65 44.55 -20.14
N ASN RA 86 -65.49 43.91 -20.27
CA ASN RA 86 -65.22 42.70 -19.51
C ASN RA 86 -64.82 43.06 -18.07
N GLU RA 87 -64.44 42.03 -17.31
CA GLU RA 87 -64.27 42.19 -15.88
C GLU RA 87 -63.04 43.03 -15.54
N LEU RA 88 -61.96 42.87 -16.30
CA LEU RA 88 -60.75 43.64 -16.04
C LEU RA 88 -60.95 45.12 -16.33
N GLN RA 89 -61.54 45.44 -17.49
CA GLN RA 89 -61.81 46.84 -17.82
C GLN RA 89 -62.84 47.44 -16.88
N ARG RA 90 -63.78 46.63 -16.41
CA ARG RA 90 -64.78 47.06 -15.43
C ARG RA 90 -64.11 47.43 -14.10
N CYS RA 91 -63.16 46.61 -13.65
CA CYS RA 91 -62.46 46.88 -12.41
C CYS RA 91 -61.56 48.10 -12.51
N ILE RA 92 -60.87 48.25 -13.66
CA ILE RA 92 -60.05 49.43 -13.90
C ILE RA 92 -60.90 50.70 -13.94
N ARG RA 93 -62.06 50.64 -14.61
CA ARG RA 93 -62.95 51.79 -14.67
C ARG RA 93 -63.53 52.14 -13.30
N LYS RA 94 -63.84 51.13 -12.49
CA LYS RA 94 -64.32 51.37 -11.13
C LYS RA 94 -63.24 52.04 -10.27
N LYS RA 95 -61.99 51.58 -10.41
CA LYS RA 95 -60.90 52.17 -9.64
C LYS RA 95 -60.58 53.59 -10.14
N ARG RA 96 -60.87 53.88 -11.41
CA ARG RA 96 -60.57 55.20 -11.93
C ARG RA 96 -61.65 56.21 -11.55
N MET RA 97 -62.93 55.82 -11.66
CA MET RA 97 -64.01 56.73 -11.26
C MET RA 97 -64.16 56.83 -9.74
N VAL RA 98 -64.52 55.72 -9.08
CA VAL RA 98 -64.91 55.82 -7.69
C VAL RA 98 -63.85 55.19 -6.79
N GLY RA 99 -62.61 55.18 -7.28
CA GLY RA 99 -61.52 54.56 -6.54
C GLY RA 99 -61.17 55.30 -5.26
N ASN RA 100 -61.22 56.62 -5.31
CA ASN RA 100 -60.95 57.41 -4.11
C ASN RA 100 -62.12 57.43 -3.13
N ARG RA 101 -63.28 56.88 -3.51
CA ARG RA 101 -64.42 56.78 -2.61
C ARG RA 101 -64.74 55.36 -2.17
N MET RA 102 -63.96 54.36 -2.57
CA MET RA 102 -64.22 53.02 -2.07
C MET RA 102 -63.67 52.86 -0.66
N PHE RA 103 -63.92 51.68 -0.09
CA PHE RA 103 -63.52 51.46 1.28
C PHE RA 103 -62.06 51.00 1.29
N ILE RA 104 -61.50 50.83 2.49
CA ILE RA 104 -60.13 50.32 2.61
C ILE RA 104 -60.04 48.88 2.12
N ASP RA 105 -60.91 48.01 2.66
CA ASP RA 105 -60.88 46.60 2.30
C ASP RA 105 -61.35 46.38 0.87
N ASP RA 106 -62.35 47.15 0.42
CA ASP RA 106 -62.80 47.04 -0.96
C ASP RA 106 -61.76 47.53 -1.95
N LEU RA 107 -61.02 48.58 -1.59
CA LEU RA 107 -59.96 49.08 -2.47
C LEU RA 107 -58.80 48.09 -2.56
N HIS RA 108 -58.45 47.47 -1.42
CA HIS RA 108 -57.40 46.45 -1.43
C HIS RA 108 -57.84 45.22 -2.22
N ASN RA 109 -59.10 44.82 -2.07
CA ASN RA 109 -59.62 43.67 -2.81
C ASN RA 109 -59.71 43.97 -4.31
N LEU RA 110 -60.04 45.21 -4.67
CA LEU RA 110 -60.10 45.57 -6.09
C LEU RA 110 -58.70 45.63 -6.70
N ASN RA 111 -57.71 46.09 -5.93
CA ASN RA 111 -56.32 46.07 -6.41
C ASN RA 111 -55.83 44.65 -6.62
N LYS RA 112 -56.17 43.74 -5.70
CA LYS RA 112 -55.80 42.33 -5.86
C LYS RA 112 -56.51 41.70 -7.05
N ARG RA 113 -57.79 42.03 -7.25
CA ARG RA 113 -58.54 41.50 -8.39
C ARG RA 113 -57.99 42.04 -9.71
N ILE RA 114 -57.57 43.31 -9.73
CA ILE RA 114 -56.98 43.90 -10.93
C ILE RA 114 -55.66 43.22 -11.27
N SER RA 115 -54.83 42.97 -10.25
CA SER RA 115 -53.55 42.30 -10.47
C SER RA 115 -53.74 40.87 -10.95
N TYR RA 116 -54.67 40.13 -10.34
CA TYR RA 116 -54.92 38.76 -10.74
C TYR RA 116 -55.51 38.68 -12.15
N LEU RA 117 -56.43 39.59 -12.48
CA LEU RA 117 -57.04 39.59 -13.80
C LEU RA 117 -56.05 40.00 -14.88
N TYR RA 118 -55.13 40.93 -14.55
CA TYR RA 118 -54.07 41.31 -15.47
C TYR RA 118 -53.16 40.13 -15.77
N LYS RA 119 -52.73 39.43 -14.71
CA LYS RA 119 -51.85 38.27 -14.86
C LYS RA 119 -52.52 37.14 -15.63
N HIS RA 120 -53.80 36.88 -15.34
CA HIS RA 120 -54.51 35.79 -16.00
C HIS RA 120 -54.83 36.13 -17.45
N PHE RA 121 -55.16 37.39 -17.73
CA PHE RA 121 -55.54 37.76 -19.09
C PHE RA 121 -54.33 37.89 -19.99
N ASN RA 122 -53.16 38.20 -19.44
CA ASN RA 122 -52.00 38.35 -20.30
C ASN RA 122 -51.16 37.09 -20.37
N ARG RA 123 -50.87 36.47 -19.23
CA ARG RA 123 -49.90 35.38 -19.18
C ARG RA 123 -50.52 33.99 -19.21
N HIS RA 124 -51.84 33.87 -19.35
CA HIS RA 124 -52.50 32.58 -19.36
C HIS RA 124 -53.55 32.51 -20.45
N GLY RA 125 -53.72 31.33 -21.02
CA GLY RA 125 -54.69 31.12 -22.08
C GLY RA 125 -54.24 30.02 -23.01
N LYS RA 126 -55.14 29.65 -23.93
CA LYS RA 126 -54.84 28.61 -24.90
C LYS RA 126 -54.55 29.21 -26.28
N TYR RA 127 -55.46 30.05 -26.79
CA TYR RA 127 -55.35 30.54 -28.15
C TYR RA 127 -54.23 31.54 -28.32
N ARG RA 128 -53.79 32.18 -27.24
CA ARG RA 128 -52.69 33.15 -27.19
C ARG RA 128 -52.90 34.33 -28.14
N ALA SA 23 -75.12 -25.52 -46.34
CA ALA SA 23 -73.97 -25.10 -47.14
C ALA SA 23 -74.12 -25.56 -48.58
N GLY SA 24 -73.10 -26.23 -49.11
CA GLY SA 24 -73.13 -26.75 -50.46
C GLY SA 24 -73.19 -25.68 -51.54
N SER SA 25 -72.38 -24.64 -51.40
CA SER SA 25 -72.37 -23.57 -52.39
C SER SA 25 -71.70 -24.03 -53.68
N GLN SA 26 -70.72 -24.93 -53.57
CA GLN SA 26 -69.95 -25.36 -54.74
C GLN SA 26 -70.83 -26.14 -55.71
N TRP SA 27 -71.68 -27.03 -55.18
CA TRP SA 27 -72.60 -27.81 -56.02
C TRP SA 27 -73.59 -26.90 -56.75
N ARG SA 28 -74.09 -25.87 -56.06
CA ARG SA 28 -74.93 -24.88 -56.70
C ARG SA 28 -74.17 -24.09 -57.75
N LEU SA 29 -72.86 -23.90 -57.55
CA LEU SA 29 -72.04 -23.21 -58.55
C LEU SA 29 -71.86 -24.06 -59.80
N GLN SA 30 -71.69 -25.39 -59.67
CA GLN SA 30 -71.66 -26.19 -60.91
C GLN SA 30 -73.03 -26.29 -61.55
N GLN SA 31 -74.10 -26.31 -60.75
CA GLN SA 31 -75.43 -26.43 -61.35
C GLN SA 31 -75.98 -25.10 -61.84
N GLY SA 32 -75.27 -23.99 -61.59
CA GLY SA 32 -75.66 -22.71 -62.15
C GLY SA 32 -76.40 -21.78 -61.22
N PHE SA 33 -76.80 -22.26 -60.04
CA PHE SA 33 -77.45 -21.40 -59.07
C PHE SA 33 -76.41 -20.56 -58.34
N ALA SA 34 -76.88 -19.62 -57.53
CA ALA SA 34 -75.98 -18.79 -56.74
C ALA SA 34 -75.40 -19.60 -55.59
N ALA SA 35 -74.33 -19.07 -54.99
CA ALA SA 35 -73.75 -19.70 -53.80
C ALA SA 35 -74.72 -19.63 -52.63
N ASN SA 36 -75.41 -18.52 -52.50
CA ASN SA 36 -76.44 -18.29 -51.50
C ASN SA 36 -77.80 -18.61 -52.09
N PRO SA 37 -78.67 -19.36 -51.39
CA PRO SA 37 -80.05 -19.58 -51.87
C PRO SA 37 -80.88 -18.31 -51.96
N SER SA 38 -80.48 -17.25 -51.26
CA SER SA 38 -81.18 -15.98 -51.34
C SER SA 38 -80.82 -15.24 -52.63
N GLY SA 39 -79.78 -15.69 -53.33
CA GLY SA 39 -79.32 -14.99 -54.52
C GLY SA 39 -80.15 -15.32 -55.75
N TYR SA 40 -81.00 -14.36 -56.16
CA TYR SA 40 -81.76 -14.33 -57.41
C TYR SA 40 -82.60 -15.56 -57.75
N GLY SA 41 -82.98 -16.34 -56.76
CA GLY SA 41 -83.79 -17.52 -56.99
C GLY SA 41 -85.28 -17.26 -57.09
N PRO SA 42 -86.03 -18.28 -57.50
CA PRO SA 42 -87.50 -18.18 -57.46
C PRO SA 42 -88.06 -18.06 -56.05
N LEU SA 43 -87.27 -18.40 -55.03
CA LEU SA 43 -87.64 -18.06 -53.66
C LEU SA 43 -87.46 -16.56 -53.40
N THR SA 44 -86.71 -15.86 -54.28
CA THR SA 44 -86.38 -14.47 -54.01
C THR SA 44 -87.23 -13.49 -54.82
N GLU SA 45 -87.22 -13.58 -56.16
CA GLU SA 45 -88.05 -12.60 -56.90
C GLU SA 45 -89.54 -12.92 -56.96
N LEU SA 46 -90.02 -13.94 -56.27
CA LEU SA 46 -91.49 -13.93 -56.16
C LEU SA 46 -91.93 -13.04 -55.02
N PRO SA 47 -93.06 -12.34 -55.16
CA PRO SA 47 -93.60 -11.54 -54.05
C PRO SA 47 -94.36 -12.39 -53.04
N ASP SA 48 -93.81 -12.53 -51.82
CA ASP SA 48 -94.17 -13.58 -50.88
C ASP SA 48 -95.62 -13.55 -50.39
N TRP SA 49 -96.33 -12.43 -50.52
CA TRP SA 49 -97.73 -12.39 -50.13
C TRP SA 49 -98.53 -11.75 -51.25
N SER SA 50 -99.82 -12.08 -51.28
CA SER SA 50 -100.77 -11.49 -52.21
C SER SA 50 -102.15 -11.56 -51.58
N TYR SA 51 -103.06 -10.72 -52.09
CA TYR SA 51 -104.40 -10.67 -51.54
C TYR SA 51 -105.18 -11.93 -51.89
N ALA SA 52 -106.15 -12.26 -51.03
CA ALA SA 52 -106.91 -13.49 -51.18
C ALA SA 52 -107.85 -13.47 -52.37
N ASP SA 53 -108.40 -12.30 -52.72
CA ASP SA 53 -109.27 -12.21 -53.88
C ASP SA 53 -108.51 -12.22 -55.20
N GLY SA 54 -107.21 -11.91 -55.18
CA GLY SA 54 -106.34 -12.10 -56.31
C GLY SA 54 -105.71 -10.85 -56.90
N ARG SA 55 -105.96 -9.67 -56.34
CA ARG SA 55 -105.28 -8.49 -56.85
C ARG SA 55 -103.83 -8.50 -56.37
N PRO SA 56 -102.89 -7.99 -57.17
CA PRO SA 56 -101.48 -8.06 -56.78
C PRO SA 56 -101.14 -7.16 -55.61
N ALA SA 57 -100.13 -7.59 -54.85
CA ALA SA 57 -99.59 -6.85 -53.73
C ALA SA 57 -98.71 -5.71 -54.22
N PRO SA 58 -98.52 -4.66 -53.41
CA PRO SA 58 -97.48 -3.69 -53.73
C PRO SA 58 -96.11 -4.32 -53.60
N PRO SA 59 -95.14 -3.90 -54.42
CA PRO SA 59 -93.86 -4.63 -54.50
C PRO SA 59 -92.95 -4.38 -53.31
N MET SA 60 -91.81 -5.08 -53.31
CA MET SA 60 -90.83 -5.00 -52.23
C MET SA 60 -89.80 -3.93 -52.54
N LYS SA 61 -89.42 -3.17 -51.51
CA LYS SA 61 -88.43 -2.10 -51.67
C LYS SA 61 -87.07 -2.67 -52.07
N GLY SA 62 -86.69 -3.78 -51.47
CA GLY SA 62 -85.48 -4.49 -51.85
C GLY SA 62 -85.55 -5.02 -53.26
N GLN SA 63 -86.75 -5.42 -53.70
CA GLN SA 63 -86.93 -5.89 -55.07
C GLN SA 63 -86.75 -4.75 -56.07
N LEU SA 64 -87.29 -3.56 -55.77
CA LEU SA 64 -87.06 -2.41 -56.66
C LEU SA 64 -85.60 -1.98 -56.65
N ARG SA 65 -84.93 -2.11 -55.49
CA ARG SA 65 -83.49 -1.83 -55.43
C ARG SA 65 -82.70 -2.81 -56.31
N ARG SA 66 -83.08 -4.09 -56.28
CA ARG SA 66 -82.40 -5.10 -57.08
C ARG SA 66 -82.65 -4.89 -58.57
N LYS SA 67 -83.87 -4.53 -58.94
CA LYS SA 67 -84.17 -4.20 -60.34
C LYS SA 67 -83.40 -2.97 -60.80
N ALA SA 68 -83.27 -1.96 -59.93
CA ALA SA 68 -82.55 -0.75 -60.27
C ALA SA 68 -81.06 -1.02 -60.49
N GLN SA 69 -80.45 -1.81 -59.60
CA GLN SA 69 -79.02 -2.11 -59.77
C GLN SA 69 -78.78 -3.06 -60.95
N ARG SA 70 -79.72 -3.97 -61.24
CA ARG SA 70 -79.59 -4.81 -62.43
C ARG SA 70 -79.71 -3.99 -63.71
N GLU SA 71 -80.62 -3.02 -63.73
CA GLU SA 71 -80.78 -2.14 -64.87
C GLU SA 71 -79.53 -1.25 -65.06
N LYS SA 72 -78.96 -0.77 -63.95
CA LYS SA 72 -77.72 0.00 -64.01
C LYS SA 72 -76.56 -0.83 -64.56
N PHE SA 73 -76.47 -2.10 -64.13
CA PHE SA 73 -75.46 -3.01 -64.64
C PHE SA 73 -75.64 -3.26 -66.13
N ALA SA 74 -76.89 -3.38 -66.58
CA ALA SA 74 -77.17 -3.60 -68.00
C ALA SA 74 -76.76 -2.39 -68.84
N ARG SA 75 -77.08 -1.18 -68.37
CA ARG SA 75 -76.65 0.03 -69.08
C ARG SA 75 -75.13 0.16 -69.11
N ARG SA 76 -74.46 -0.25 -68.02
CA ARG SA 76 -73.00 -0.19 -68.00
C ARG SA 76 -72.38 -1.18 -68.99
N VAL SA 77 -72.94 -2.39 -69.09
CA VAL SA 77 -72.46 -3.38 -70.05
C VAL SA 77 -72.64 -2.88 -71.48
N VAL SA 78 -73.81 -2.30 -71.77
CA VAL SA 78 -74.10 -1.77 -73.10
C VAL SA 78 -73.18 -0.59 -73.44
N LEU SA 79 -72.91 0.26 -72.45
CA LEU SA 79 -72.07 1.43 -72.66
C LEU SA 79 -70.62 1.05 -72.94
N LEU SA 80 -70.06 0.13 -72.15
CA LEU SA 80 -68.69 -0.32 -72.40
C LEU SA 80 -68.56 -1.09 -73.71
N SER SA 81 -69.58 -1.89 -74.07
CA SER SA 81 -69.54 -2.60 -75.35
C SER SA 81 -69.56 -1.62 -76.53
N GLN SA 82 -70.42 -0.61 -76.46
CA GLN SA 82 -70.51 0.38 -77.54
C GLN SA 82 -69.25 1.23 -77.60
N GLU SA 83 -68.65 1.56 -76.45
CA GLU SA 83 -67.42 2.35 -76.43
C GLU SA 83 -66.26 1.58 -77.03
N MET SA 84 -66.14 0.29 -76.71
CA MET SA 84 -65.05 -0.51 -77.26
C MET SA 84 -65.22 -0.74 -78.76
N ASP SA 85 -66.46 -0.95 -79.21
CA ASP SA 85 -66.73 -1.13 -80.63
C ASP SA 85 -66.44 0.16 -81.39
N ALA SA 86 -66.82 1.30 -80.82
CA ALA SA 86 -66.54 2.59 -81.46
C ALA SA 86 -65.05 2.89 -81.48
N GLY SA 87 -64.32 2.48 -80.46
CA GLY SA 87 -62.87 2.65 -80.47
C GLY SA 87 -62.18 1.82 -81.53
N LEU SA 88 -62.62 0.57 -81.70
CA LEU SA 88 -62.10 -0.28 -82.76
C LEU SA 88 -62.42 0.28 -84.14
N GLN SA 89 -63.64 0.80 -84.32
CA GLN SA 89 -64.02 1.41 -85.59
C GLN SA 89 -63.21 2.67 -85.87
N ALA SA 90 -62.96 3.48 -84.84
CA ALA SA 90 -62.17 4.70 -85.01
C ALA SA 90 -60.72 4.38 -85.36
N TRP SA 91 -60.15 3.33 -84.75
CA TRP SA 91 -58.80 2.91 -85.10
C TRP SA 91 -58.73 2.40 -86.53
N GLN SA 92 -59.76 1.66 -86.97
CA GLN SA 92 -59.77 1.16 -88.34
C GLN SA 92 -59.89 2.30 -89.36
N LEU SA 93 -60.72 3.31 -89.06
CA LEU SA 93 -60.81 4.47 -89.95
C LEU SA 93 -59.54 5.30 -89.94
N ARG SA 94 -58.84 5.38 -88.80
CA ARG SA 94 -57.57 6.09 -88.76
C ARG SA 94 -56.52 5.39 -89.64
N GLN SA 95 -56.44 4.06 -89.55
CA GLN SA 95 -55.53 3.31 -90.40
C GLN SA 95 -55.92 3.43 -91.87
N GLN SA 96 -57.23 3.51 -92.15
CA GLN SA 96 -57.70 3.77 -93.50
C GLN SA 96 -57.25 5.14 -94.02
N GLU SA 97 -57.26 6.15 -93.14
CA GLU SA 97 -56.80 7.48 -93.55
C GLU SA 97 -55.31 7.50 -93.88
N LYS SA 98 -54.47 6.85 -93.06
CA LYS SA 98 -53.05 6.79 -93.41
C LYS SA 98 -52.80 5.97 -94.68
N LEU SA 99 -53.51 4.84 -94.83
CA LEU SA 99 -53.31 4.00 -96.01
C LEU SA 99 -53.85 4.67 -97.28
N GLN SA 100 -54.84 5.56 -97.17
CA GLN SA 100 -55.25 6.34 -98.33
C GLN SA 100 -54.29 7.48 -98.62
N GLU SA 101 -53.80 8.16 -97.58
CA GLU SA 101 -52.98 9.35 -97.81
C GLU SA 101 -51.57 8.96 -98.27
N GLU SA 102 -51.19 7.69 -98.09
CA GLU SA 102 -49.91 7.22 -98.61
C GLU SA 102 -49.82 7.29 -100.13
N GLU SA 103 -50.88 6.90 -100.86
CA GLU SA 103 -50.87 7.24 -102.28
C GLU SA 103 -51.48 8.61 -102.53
N GLY SA 104 -52.05 9.23 -101.50
CA GLY SA 104 -52.40 10.64 -101.60
C GLY SA 104 -51.19 11.54 -101.80
N LYS SA 105 -50.04 11.17 -101.26
CA LYS SA 105 -48.79 11.85 -101.60
C LYS SA 105 -48.38 11.60 -103.05
N GLN SA 106 -48.56 10.38 -103.55
CA GLN SA 106 -47.96 10.00 -104.83
C GLN SA 106 -48.71 10.57 -106.03
N LYS SA 107 -50.02 10.76 -105.93
CA LYS SA 107 -50.78 11.29 -107.06
C LYS SA 107 -50.56 12.79 -107.25
N ASN SA 108 -50.06 13.48 -106.23
CA ASN SA 108 -49.67 14.89 -106.35
C ASN SA 108 -48.21 15.07 -106.74
N ALA SA 109 -47.44 13.98 -106.78
CA ALA SA 109 -46.04 14.07 -107.14
C ALA SA 109 -45.87 14.27 -108.65
N LEU SA 110 -44.65 14.67 -109.04
CA LEU SA 110 -44.39 14.98 -110.43
C LEU SA 110 -43.70 13.82 -111.14
N LYS SA 111 -43.50 13.98 -112.45
CA LYS SA 111 -42.80 13.00 -113.26
C LYS SA 111 -41.30 13.25 -113.18
N SER SA 112 -40.54 12.19 -112.94
CA SER SA 112 -39.08 12.32 -112.87
C SER SA 112 -38.50 12.58 -114.25
N LYS SA 113 -37.61 13.56 -114.33
CA LYS SA 113 -37.12 14.04 -115.62
C LYS SA 113 -35.61 13.93 -115.75
N GLY SA 114 -34.88 14.22 -114.67
CA GLY SA 114 -33.44 14.41 -114.76
C GLY SA 114 -32.67 13.15 -115.12
N ALA SA 115 -33.03 12.03 -114.49
CA ALA SA 115 -32.30 10.78 -114.72
C ALA SA 115 -32.85 9.98 -115.89
N LEU SA 116 -33.97 10.39 -116.48
CA LEU SA 116 -34.61 9.59 -117.52
C LEU SA 116 -34.62 10.24 -118.89
N LEU SA 117 -34.25 11.53 -118.99
CA LEU SA 117 -34.23 12.16 -120.31
C LEU SA 117 -33.03 11.71 -121.14
N GLN SA 118 -31.90 11.42 -120.49
CA GLN SA 118 -30.74 10.92 -121.21
C GLN SA 118 -30.87 9.45 -121.61
N ASN SA 119 -31.80 8.72 -121.00
CA ASN SA 119 -32.01 7.32 -121.33
C ASN SA 119 -33.12 7.18 -122.38
N ALA TA 2 -16.23 -76.86 -39.96
CA ALA TA 2 -14.83 -77.23 -39.85
C ALA TA 2 -14.20 -76.60 -38.61
N ALA TA 3 -14.63 -75.38 -38.28
CA ALA TA 3 -14.11 -74.71 -37.10
C ALA TA 3 -14.85 -75.12 -35.83
N ALA TA 4 -16.14 -75.48 -35.97
CA ALA TA 4 -16.94 -75.86 -34.81
C ALA TA 4 -16.46 -77.17 -34.19
N LEU TA 5 -16.06 -78.14 -35.02
CA LEU TA 5 -15.48 -79.36 -34.50
C LEU TA 5 -14.07 -79.14 -33.96
N ALA TA 6 -13.34 -78.18 -34.54
CA ALA TA 6 -11.98 -77.92 -34.10
C ALA TA 6 -11.95 -77.25 -32.74
N ARG TA 7 -12.90 -76.34 -32.47
CA ARG TA 7 -12.91 -75.65 -31.19
C ARG TA 7 -13.37 -76.55 -30.04
N LEU TA 8 -14.15 -77.59 -30.34
CA LEU TA 8 -14.85 -78.33 -29.31
C LEU TA 8 -14.05 -79.50 -28.74
N GLY TA 9 -12.85 -79.77 -29.24
CA GLY TA 9 -12.05 -80.83 -28.66
C GLY TA 9 -12.54 -82.24 -28.96
N LEU TA 10 -12.36 -82.68 -30.21
CA LEU TA 10 -12.86 -83.98 -30.68
C LEU TA 10 -11.91 -85.14 -30.29
N ARG TA 11 -11.04 -84.95 -29.30
CA ARG TA 11 -10.11 -85.99 -28.86
C ARG TA 11 -10.79 -87.16 -28.17
N ALA TA 12 -12.07 -87.07 -27.84
CA ALA TA 12 -12.79 -88.17 -27.20
C ALA TA 12 -13.44 -89.11 -28.20
N VAL TA 13 -13.14 -88.98 -29.49
CA VAL TA 13 -13.78 -89.76 -30.54
C VAL TA 13 -12.81 -90.81 -31.06
N LYS TA 14 -13.31 -92.03 -31.23
CA LYS TA 14 -12.46 -93.16 -31.63
C LYS TA 14 -12.53 -93.42 -33.13
N GLN TA 15 -13.72 -93.70 -33.66
CA GLN TA 15 -13.81 -94.14 -35.04
C GLN TA 15 -14.90 -93.38 -35.79
N VAL TA 16 -14.58 -92.94 -37.01
CA VAL TA 16 -15.55 -92.30 -37.91
C VAL TA 16 -15.56 -93.06 -39.22
N ARG TA 17 -16.74 -93.35 -39.74
CA ARG TA 17 -16.89 -93.89 -41.09
C ARG TA 17 -18.02 -93.17 -41.83
N VAL TA 18 -17.79 -92.91 -43.11
CA VAL TA 18 -18.70 -92.16 -43.97
C VAL TA 18 -18.94 -93.03 -45.19
N GLN TA 19 -20.12 -93.62 -45.30
CA GLN TA 19 -20.43 -94.55 -46.38
C GLN TA 19 -21.42 -93.87 -47.33
N PHE TA 20 -21.01 -93.67 -48.58
CA PHE TA 20 -21.85 -92.90 -49.48
C PHE TA 20 -21.69 -93.38 -50.92
N CYS TA 21 -22.68 -93.01 -51.74
CA CYS TA 21 -22.70 -93.27 -53.18
C CYS TA 21 -22.64 -91.93 -53.90
N PRO TA 22 -21.51 -91.60 -54.53
CA PRO TA 22 -21.36 -90.26 -55.13
C PRO TA 22 -22.22 -90.01 -56.36
N PHE TA 23 -22.75 -91.05 -56.99
CA PHE TA 23 -23.53 -90.90 -58.21
C PHE TA 23 -24.99 -90.56 -57.95
N GLU TA 24 -25.40 -90.45 -56.70
CA GLU TA 24 -26.76 -90.04 -56.38
C GLU TA 24 -26.85 -88.53 -56.27
N LYS TA 25 -28.06 -88.04 -56.01
CA LYS TA 25 -28.33 -86.62 -56.00
C LYS TA 25 -28.47 -86.03 -54.60
N ASN TA 26 -28.66 -86.88 -53.59
CA ASN TA 26 -28.93 -86.45 -52.23
C ASN TA 26 -27.77 -86.67 -51.27
N VAL TA 27 -26.55 -86.82 -51.78
CA VAL TA 27 -25.40 -87.12 -50.93
C VAL TA 27 -24.46 -85.94 -50.74
N GLU TA 28 -24.84 -84.74 -51.21
CA GLU TA 28 -23.95 -83.58 -51.13
C GLU TA 28 -23.76 -83.11 -49.69
N SER TA 29 -24.78 -83.26 -48.86
CA SER TA 29 -24.64 -82.96 -47.44
C SER TA 29 -23.68 -83.94 -46.77
N THR TA 30 -23.73 -85.20 -47.19
CA THR TA 30 -22.78 -86.19 -46.69
C THR TA 30 -21.34 -85.87 -47.11
N ARG TA 31 -21.16 -85.42 -48.35
CA ARG TA 31 -19.83 -85.00 -48.82
C ARG TA 31 -19.33 -83.79 -48.05
N THR TA 32 -20.20 -82.81 -47.79
CA THR TA 32 -19.81 -81.62 -47.04
C THR TA 32 -19.47 -81.97 -45.59
N PHE TA 33 -20.23 -82.89 -44.99
CA PHE TA 33 -19.94 -83.32 -43.63
C PHE TA 33 -18.64 -84.11 -43.55
N LEU TA 34 -18.35 -84.92 -44.59
CA LEU TA 34 -17.08 -85.64 -44.65
C LEU TA 34 -15.91 -84.68 -44.79
N GLN TA 35 -16.07 -83.65 -45.63
CA GLN TA 35 -15.02 -82.64 -45.75
C GLN TA 35 -14.88 -81.79 -44.49
N ALA TA 36 -15.95 -81.66 -43.69
CA ALA TA 36 -15.85 -80.98 -42.41
C ALA TA 36 -15.11 -81.82 -41.38
N VAL TA 37 -15.42 -83.12 -41.29
CA VAL TA 37 -14.76 -83.95 -40.29
C VAL TA 37 -13.35 -84.34 -40.72
N SER TA 38 -13.02 -84.17 -42.00
CA SER TA 38 -11.69 -84.50 -42.48
C SER TA 38 -10.81 -83.28 -42.73
N SER TA 39 -11.16 -82.12 -42.16
CA SER TA 39 -10.31 -80.95 -42.31
C SER TA 39 -9.08 -81.07 -41.40
N GLU TA 40 -8.14 -80.12 -41.59
CA GLU TA 40 -6.81 -80.24 -40.99
C GLU TA 40 -6.82 -80.08 -39.48
N LYS TA 41 -7.55 -79.07 -38.96
CA LYS TA 41 -7.56 -78.81 -37.53
C LYS TA 41 -8.30 -79.91 -36.78
N VAL TA 42 -9.38 -80.42 -37.37
CA VAL TA 42 -10.10 -81.56 -36.82
C VAL TA 42 -9.22 -82.81 -36.81
N ARG TA 43 -8.40 -82.98 -37.85
CA ARG TA 43 -7.51 -84.11 -37.93
C ARG TA 43 -6.40 -84.03 -36.88
N CYS TA 44 -5.84 -82.83 -36.69
CA CYS TA 44 -4.75 -82.65 -35.73
C CYS TA 44 -5.23 -82.37 -34.32
N THR TA 45 -6.55 -82.36 -34.09
CA THR TA 45 -7.06 -82.34 -32.72
C THR TA 45 -6.63 -83.60 -31.96
N ASN TA 46 -6.71 -84.77 -32.61
CA ASN TA 46 -6.19 -86.00 -32.03
C ASN TA 46 -5.77 -86.93 -33.16
N LEU TA 47 -4.64 -87.62 -32.95
CA LEU TA 47 -4.08 -88.50 -33.96
C LEU TA 47 -4.50 -89.96 -33.81
N ASN TA 48 -5.25 -90.29 -32.76
CA ASN TA 48 -5.69 -91.65 -32.52
C ASN TA 48 -7.06 -91.95 -33.11
N CYS TA 49 -7.70 -90.99 -33.76
CA CYS TA 49 -9.01 -91.17 -34.36
C CYS TA 49 -8.85 -91.50 -35.84
N SER TA 50 -9.47 -92.58 -36.28
CA SER TA 50 -9.39 -93.03 -37.66
C SER TA 50 -10.69 -92.72 -38.38
N VAL TA 51 -10.57 -92.08 -39.55
CA VAL TA 51 -11.72 -91.76 -40.40
C VAL TA 51 -11.63 -92.62 -41.66
N ILE TA 52 -12.77 -93.16 -42.06
CA ILE TA 52 -12.88 -94.07 -43.20
C ILE TA 52 -13.90 -93.49 -44.17
N ALA TA 53 -13.56 -93.44 -45.45
CA ALA TA 53 -14.45 -92.92 -46.49
C ALA TA 53 -14.83 -94.05 -47.43
N ASP TA 54 -15.94 -94.72 -47.15
CA ASP TA 54 -16.42 -95.85 -47.94
C ASP TA 54 -17.23 -95.31 -49.11
N VAL TA 55 -16.83 -95.68 -50.32
CA VAL TA 55 -17.45 -95.23 -51.56
C VAL TA 55 -18.06 -96.44 -52.24
N ARG TA 56 -19.38 -96.38 -52.48
CA ARG TA 56 -20.07 -97.43 -53.20
C ARG TA 56 -20.84 -96.83 -54.36
N HIS TA 57 -21.46 -97.68 -55.18
CA HIS TA 57 -22.28 -97.15 -56.26
C HIS TA 57 -23.75 -97.50 -56.07
N ASP TA 58 -24.07 -98.79 -55.90
CA ASP TA 58 -25.43 -99.23 -55.71
C ASP TA 58 -25.73 -99.63 -54.27
N GLY TA 59 -24.97 -99.09 -53.30
CA GLY TA 59 -25.33 -99.27 -51.91
C GLY TA 59 -26.62 -98.55 -51.56
N SER TA 60 -26.86 -97.41 -52.20
CA SER TA 60 -28.10 -96.62 -52.17
C SER TA 60 -28.46 -96.10 -50.79
N GLU TA 61 -27.49 -95.98 -49.88
CA GLU TA 61 -27.73 -95.44 -48.55
C GLU TA 61 -26.59 -94.51 -48.18
N PRO TA 62 -26.80 -93.19 -48.19
CA PRO TA 62 -25.79 -92.28 -47.63
C PRO TA 62 -25.86 -92.25 -46.12
N CYS TA 63 -24.72 -92.37 -45.45
CA CYS TA 63 -24.71 -92.61 -44.03
C CYS TA 63 -23.39 -92.18 -43.41
N VAL TA 64 -23.43 -91.82 -42.12
CA VAL TA 64 -22.25 -91.61 -41.32
C VAL TA 64 -22.45 -92.33 -39.99
N ASP TA 65 -21.37 -92.92 -39.46
CA ASP TA 65 -21.42 -93.73 -38.26
C ASP TA 65 -20.13 -93.52 -37.48
N VAL TA 66 -20.25 -93.12 -36.22
CA VAL TA 66 -19.10 -92.87 -35.35
C VAL TA 66 -19.25 -93.74 -34.10
N LEU TA 67 -18.11 -94.19 -33.59
CA LEU TA 67 -18.02 -94.86 -32.30
C LEU TA 67 -17.11 -94.08 -31.39
N PHE TA 68 -17.57 -93.83 -30.16
CA PHE TA 68 -16.72 -93.18 -29.16
C PHE TA 68 -16.91 -93.83 -27.80
N GLY TA 69 -15.89 -93.63 -26.97
CA GLY TA 69 -15.61 -94.46 -25.80
C GLY TA 69 -16.45 -94.25 -24.56
N ASP TA 70 -17.60 -93.62 -24.71
CA ASP TA 70 -18.64 -93.69 -23.70
C ASP TA 70 -19.55 -94.89 -23.91
N GLY TA 71 -19.08 -95.91 -24.64
CA GLY TA 71 -19.91 -97.01 -25.06
C GLY TA 71 -20.90 -96.66 -26.15
N HIS TA 72 -20.64 -95.60 -26.91
CA HIS TA 72 -21.69 -95.02 -27.75
C HIS TA 72 -21.36 -95.11 -29.23
N ARG TA 73 -22.41 -95.30 -30.02
CA ARG TA 73 -22.32 -95.39 -31.47
C ARG TA 73 -23.43 -94.53 -32.06
N LEU TA 74 -23.04 -93.43 -32.70
CA LEU TA 74 -23.99 -92.51 -33.33
C LEU TA 74 -24.00 -92.79 -34.83
N ILE TA 75 -25.14 -93.25 -35.33
CA ILE TA 75 -25.32 -93.53 -36.75
C ILE TA 75 -26.46 -92.67 -37.27
N MET TA 76 -26.18 -91.86 -38.28
CA MET TA 76 -27.23 -91.03 -38.89
C MET TA 76 -27.09 -91.06 -40.40
N ARG TA 77 -28.21 -91.29 -41.07
CA ARG TA 77 -28.28 -91.50 -42.51
C ARG TA 77 -28.67 -90.18 -43.16
N GLY TA 78 -27.67 -89.46 -43.67
CA GLY TA 78 -27.93 -88.14 -44.22
C GLY TA 78 -28.36 -88.25 -45.66
N ALA TA 79 -29.66 -88.25 -45.92
CA ALA TA 79 -30.21 -88.29 -47.26
C ALA TA 79 -31.05 -87.05 -47.51
N HIS TA 80 -31.86 -86.68 -46.51
CA HIS TA 80 -32.61 -85.43 -46.54
C HIS TA 80 -32.05 -84.40 -45.58
N LEU TA 81 -31.19 -84.81 -44.65
CA LEU TA 81 -30.57 -83.88 -43.70
C LEU TA 81 -29.62 -82.93 -44.42
N THR TA 82 -29.51 -81.72 -43.89
CA THR TA 82 -28.53 -80.77 -44.39
C THR TA 82 -27.24 -80.88 -43.59
N ALA TA 83 -26.16 -80.33 -44.16
CA ALA TA 83 -24.83 -80.48 -43.58
C ALA TA 83 -24.71 -79.73 -42.26
N GLN TA 84 -25.36 -78.56 -42.17
CA GLN TA 84 -25.39 -77.80 -40.93
C GLN TA 84 -26.14 -78.55 -39.83
N GLU TA 85 -27.26 -79.19 -40.17
CA GLU TA 85 -28.00 -80.01 -39.21
C GLU TA 85 -27.18 -81.21 -38.74
N MET TA 86 -26.48 -81.86 -39.68
CA MET TA 86 -25.63 -83.00 -39.32
C MET TA 86 -24.49 -82.58 -38.42
N LEU TA 87 -23.84 -81.46 -38.73
CA LEU TA 87 -22.74 -80.95 -37.89
C LEU TA 87 -23.22 -80.54 -36.51
N THR TA 88 -24.39 -79.88 -36.44
CA THR TA 88 -24.93 -79.43 -35.16
C THR TA 88 -25.33 -80.61 -34.28
N ALA TA 89 -26.04 -81.59 -34.84
CA ALA TA 89 -26.43 -82.77 -34.08
C ALA TA 89 -25.21 -83.59 -33.67
N PHE TA 90 -24.22 -83.71 -34.56
CA PHE TA 90 -22.99 -84.45 -34.27
C PHE TA 90 -22.24 -83.81 -33.11
N ALA TA 91 -22.04 -82.49 -33.16
CA ALA TA 91 -21.31 -81.80 -32.10
C ALA TA 91 -22.08 -81.83 -30.78
N SER TA 92 -23.39 -81.54 -30.83
CA SER TA 92 -24.18 -81.44 -29.61
C SER TA 92 -24.43 -82.80 -28.97
N HIS TA 93 -24.22 -83.90 -29.71
CA HIS TA 93 -24.23 -85.20 -29.04
C HIS TA 93 -22.84 -85.62 -28.58
N ILE TA 94 -21.83 -85.49 -29.44
CA ILE TA 94 -20.54 -86.11 -29.18
C ILE TA 94 -19.68 -85.28 -28.22
N GLN TA 95 -20.03 -84.02 -27.97
CA GLN TA 95 -19.32 -83.24 -26.95
C GLN TA 95 -20.09 -83.23 -25.64
N ALA TA 96 -21.41 -83.42 -25.70
CA ALA TA 96 -22.19 -83.54 -24.47
C ALA TA 96 -22.01 -84.91 -23.83
N ARG TA 97 -21.74 -85.94 -24.63
CA ARG TA 97 -21.49 -87.28 -24.11
C ARG TA 97 -20.02 -87.62 -24.35
N GLY TA 98 -19.31 -87.95 -23.29
CA GLY TA 98 -17.90 -88.28 -23.39
C GLY TA 98 -16.99 -87.12 -23.08
N HIS UA 71 33.69 -64.29 -48.04
CA HIS UA 71 34.84 -64.35 -48.93
C HIS UA 71 34.81 -63.21 -49.95
N ALA UA 72 35.94 -62.99 -50.62
CA ALA UA 72 36.05 -61.94 -51.63
C ALA UA 72 36.74 -62.51 -52.86
N MET UA 73 36.15 -62.28 -54.03
CA MET UA 73 36.69 -62.77 -55.30
C MET UA 73 36.51 -61.69 -56.35
N GLY UA 74 37.57 -61.41 -57.10
CA GLY UA 74 37.55 -60.42 -58.18
C GLY UA 74 37.56 -61.17 -59.50
N VAL UA 75 36.68 -60.78 -60.43
CA VAL UA 75 36.57 -61.41 -61.73
C VAL UA 75 37.47 -60.71 -62.72
N ASN UA 76 38.39 -61.47 -63.33
CA ASN UA 76 39.31 -60.99 -64.34
C ASN UA 76 39.07 -61.75 -65.64
N ILE UA 77 39.96 -61.55 -66.62
CA ILE UA 77 39.87 -62.26 -67.89
C ILE UA 77 40.03 -63.77 -67.71
N TYR UA 78 40.90 -64.17 -66.79
CA TYR UA 78 41.06 -65.59 -66.49
C TYR UA 78 40.20 -66.00 -65.30
N LYS UA 79 40.00 -65.09 -64.34
CA LYS UA 79 39.30 -65.39 -63.10
C LYS UA 79 37.79 -65.41 -63.26
N GLU UA 80 37.25 -64.90 -64.36
CA GLU UA 80 35.82 -65.01 -64.59
C GLU UA 80 35.47 -66.30 -65.32
N GLY UA 81 36.46 -66.93 -65.95
CA GLY UA 81 36.23 -68.18 -66.67
C GLY UA 81 36.75 -69.39 -65.90
N GLN UA 82 37.70 -69.18 -64.98
CA GLN UA 82 38.25 -70.28 -64.19
C GLN UA 82 37.55 -70.46 -62.86
N ASP UA 83 36.64 -69.56 -62.49
CA ASP UA 83 35.88 -69.69 -61.26
C ASP UA 83 34.71 -70.66 -61.39
N VAL UA 84 34.34 -71.05 -62.61
CA VAL UA 84 33.24 -71.96 -62.86
C VAL UA 84 33.49 -72.71 -64.16
N VAL UA 85 32.53 -73.55 -64.53
CA VAL UA 85 32.58 -74.31 -65.78
C VAL UA 85 31.80 -73.53 -66.84
N LEU UA 86 32.52 -72.83 -67.70
CA LEU UA 86 31.91 -71.99 -68.73
C LEU UA 86 31.71 -72.83 -69.98
N LYS UA 87 30.48 -73.29 -70.19
CA LYS UA 87 30.17 -74.12 -71.35
C LYS UA 87 29.90 -73.24 -72.57
N PRO UA 88 30.15 -73.79 -73.77
CA PRO UA 88 29.73 -73.12 -75.00
C PRO UA 88 28.24 -72.83 -75.07
N ASP UA 89 27.90 -71.86 -75.93
CA ASP UA 89 26.51 -71.44 -76.09
C ASP UA 89 25.66 -72.49 -76.81
N SER UA 90 26.28 -73.35 -77.63
CA SER UA 90 25.52 -74.36 -78.37
C SER UA 90 25.04 -75.49 -77.47
N GLU UA 91 25.68 -75.70 -76.31
CA GLU UA 91 25.20 -76.68 -75.36
C GLU UA 91 23.92 -76.22 -74.67
N TYR UA 92 23.77 -74.92 -74.47
CA TYR UA 92 22.69 -74.21 -73.80
C TYR UA 92 21.44 -74.16 -74.67
N PRO UA 93 20.25 -74.21 -74.06
CA PRO UA 93 19.01 -74.20 -74.85
C PRO UA 93 18.69 -72.83 -75.45
N GLU UA 94 17.47 -72.72 -75.99
CA GLU UA 94 16.99 -71.45 -76.52
C GLU UA 94 16.26 -70.62 -75.46
N TRP UA 95 15.69 -71.27 -74.43
CA TRP UA 95 14.75 -70.55 -73.60
C TRP UA 95 15.42 -69.66 -72.55
N LEU UA 96 16.72 -69.77 -72.30
CA LEU UA 96 17.36 -68.76 -71.46
C LEU UA 96 17.55 -67.46 -72.23
N PHE UA 97 17.84 -67.56 -73.54
CA PHE UA 97 17.85 -66.39 -74.40
C PHE UA 97 16.45 -65.90 -74.74
N GLU UA 98 15.41 -66.71 -74.52
CA GLU UA 98 14.06 -66.30 -74.92
C GLU UA 98 13.47 -65.21 -74.03
N MET UA 99 13.57 -65.35 -72.70
CA MET UA 99 12.86 -64.43 -71.80
C MET UA 99 13.50 -63.05 -71.74
N ASN UA 100 12.68 -62.07 -71.33
CA ASN UA 100 13.11 -60.67 -71.22
C ASN UA 100 14.02 -60.50 -70.01
N VAL UA 101 14.71 -59.36 -69.95
CA VAL UA 101 15.66 -59.09 -68.88
C VAL UA 101 15.21 -57.93 -68.02
N GLY UA 102 15.02 -56.75 -68.62
CA GLY UA 102 15.02 -55.52 -67.87
C GLY UA 102 13.69 -54.83 -67.62
N PRO UA 103 12.82 -54.74 -68.62
CA PRO UA 103 11.45 -54.28 -68.36
C PRO UA 103 10.55 -55.44 -67.95
N PRO UA 104 9.91 -55.36 -66.78
CA PRO UA 104 8.81 -56.28 -66.49
C PRO UA 104 7.64 -56.03 -67.43
N LYS UA 105 6.88 -57.09 -67.70
CA LYS UA 105 5.74 -56.97 -68.61
C LYS UA 105 4.61 -56.17 -67.96
N LYS UA 106 4.09 -55.21 -68.72
CA LYS UA 106 2.99 -54.38 -68.27
C LYS UA 106 1.66 -54.98 -68.73
N LEU UA 107 0.56 -54.33 -68.32
CA LEU UA 107 -0.77 -54.87 -68.59
C LEU UA 107 -1.17 -54.71 -70.05
N GLU UA 108 -0.83 -53.57 -70.66
CA GLU UA 108 -1.26 -53.31 -72.03
C GLU UA 108 -0.46 -54.11 -73.05
N GLU UA 109 0.75 -54.54 -72.72
CA GLU UA 109 1.60 -55.23 -73.68
C GLU UA 109 1.11 -56.67 -73.91
N LEU UA 110 0.75 -57.37 -72.84
CA LEU UA 110 0.46 -58.79 -72.92
C LEU UA 110 -0.86 -59.06 -73.63
N ASP UA 111 -0.94 -60.25 -74.22
CA ASP UA 111 -2.15 -60.71 -74.91
C ASP UA 111 -3.25 -60.97 -73.90
N PRO UA 112 -4.51 -60.59 -74.19
CA PRO UA 112 -5.60 -60.85 -73.25
C PRO UA 112 -5.92 -62.34 -73.05
N GLU UA 113 -5.51 -63.22 -73.96
CA GLU UA 113 -5.76 -64.65 -73.83
C GLU UA 113 -4.55 -65.36 -73.22
N THR UA 114 -3.82 -64.68 -72.34
CA THR UA 114 -2.65 -65.24 -71.67
C THR UA 114 -2.91 -65.33 -70.18
N ARG UA 115 -2.54 -66.47 -69.58
CA ARG UA 115 -2.72 -66.66 -68.15
C ARG UA 115 -1.85 -65.71 -67.33
N GLU UA 116 -0.68 -65.34 -67.86
CA GLU UA 116 0.17 -64.37 -67.17
C GLU UA 116 -0.46 -62.98 -67.16
N TYR UA 117 -1.25 -62.65 -68.17
CA TYR UA 117 -1.99 -61.38 -68.17
C TYR UA 117 -3.02 -61.34 -67.06
N TRP UA 118 -3.76 -62.43 -66.86
CA TRP UA 118 -4.73 -62.48 -65.78
C TRP UA 118 -4.05 -62.57 -64.42
N ARG UA 119 -2.86 -63.17 -64.34
CA ARG UA 119 -2.08 -63.15 -63.12
C ARG UA 119 -1.63 -61.73 -62.77
N LEU UA 120 -1.21 -60.97 -63.77
CA LEU UA 120 -0.83 -59.57 -63.55
C LEU UA 120 -2.03 -58.72 -63.16
N LEU UA 121 -3.18 -58.97 -63.78
CA LEU UA 121 -4.41 -58.26 -63.41
C LEU UA 121 -4.84 -58.60 -61.99
N ARG UA 122 -4.67 -59.87 -61.59
CA ARG UA 122 -4.98 -60.27 -60.23
C ARG UA 122 -4.03 -59.61 -59.23
N LYS UA 123 -2.75 -59.50 -59.59
CA LYS UA 123 -1.78 -58.82 -58.74
C LYS UA 123 -2.11 -57.33 -58.60
N HIS UA 124 -2.54 -56.71 -59.69
CA HIS UA 124 -3.02 -55.33 -59.62
C HIS UA 124 -4.28 -55.21 -58.77
N ASN UA 125 -5.12 -56.25 -58.77
CA ASN UA 125 -6.30 -56.25 -57.91
C ASN UA 125 -5.93 -56.36 -56.43
N ILE UA 126 -4.90 -57.16 -56.09
CA ILE UA 126 -4.43 -57.20 -54.70
C ILE UA 126 -3.80 -55.86 -54.31
N TRP UA 127 -3.11 -55.21 -55.26
CA TRP UA 127 -2.57 -53.87 -55.00
C TRP UA 127 -3.68 -52.86 -54.74
N ARG UA 128 -4.76 -52.94 -55.52
CA ARG UA 128 -5.93 -52.09 -55.34
C ARG UA 128 -6.61 -52.34 -54.00
N HIS UA 129 -6.71 -53.62 -53.61
CA HIS UA 129 -7.33 -53.97 -52.33
C HIS UA 129 -6.48 -53.50 -51.15
N ASN UA 130 -5.15 -53.60 -51.28
CA ASN UA 130 -4.26 -53.14 -50.22
C ASN UA 130 -4.30 -51.62 -50.11
N ARG UA 131 -4.41 -50.92 -51.24
CA ARG UA 131 -4.54 -49.46 -51.18
C ARG UA 131 -5.89 -49.04 -50.60
N LEU UA 132 -6.93 -49.83 -50.87
CA LEU UA 132 -8.25 -49.51 -50.33
C LEU UA 132 -8.34 -49.81 -48.84
N SER UA 133 -7.63 -50.83 -48.37
CA SER UA 133 -7.70 -51.24 -46.97
C SER UA 133 -6.73 -50.49 -46.07
N LYS UA 134 -6.24 -49.32 -46.49
CA LYS UA 134 -5.37 -48.51 -45.64
C LYS UA 134 -6.14 -47.79 -44.54
N ASN UA 135 -7.47 -47.66 -44.67
CA ASN UA 135 -8.28 -46.97 -43.69
C ASN UA 135 -8.99 -47.91 -42.72
N ARG UA 136 -8.42 -49.07 -42.44
CA ARG UA 136 -9.05 -50.01 -41.51
C ARG UA 136 -8.94 -49.52 -40.07
N LYS UA 137 -10.08 -49.52 -39.37
CA LYS UA 137 -10.10 -49.15 -37.97
C LYS UA 137 -9.78 -50.31 -37.03
N PHE UA 138 -9.62 -51.51 -37.58
CA PHE UA 138 -9.43 -52.71 -36.76
C PHE UA 138 -7.95 -53.03 -36.60
N ARG VA 9 -45.01 -26.90 -16.96
CA ARG VA 9 -43.68 -27.47 -16.80
C ARG VA 9 -42.70 -26.86 -17.81
N ASN VA 10 -43.08 -26.93 -19.09
CA ASN VA 10 -42.26 -26.36 -20.16
C ASN VA 10 -42.85 -25.02 -20.61
N ARG VA 11 -41.98 -24.02 -20.76
CA ARG VA 11 -42.40 -22.66 -21.01
C ARG VA 11 -41.89 -22.17 -22.35
N ILE VA 12 -42.63 -21.23 -22.93
CA ILE VA 12 -42.16 -20.47 -24.09
C ILE VA 12 -41.50 -19.21 -23.55
N PRO VA 13 -40.22 -18.96 -23.87
CA PRO VA 13 -39.55 -17.80 -23.30
C PRO VA 13 -40.02 -16.50 -23.93
N GLY VA 14 -40.44 -15.57 -23.08
CA GLY VA 14 -40.92 -14.29 -23.58
C GLY VA 14 -42.35 -14.41 -24.07
N ARG VA 15 -42.66 -13.70 -25.16
CA ARG VA 15 -43.96 -13.81 -25.79
C ARG VA 15 -43.91 -14.90 -26.85
N GLN VA 16 -45.08 -15.48 -27.16
CA GLN VA 16 -45.17 -16.67 -27.98
C GLN VA 16 -44.74 -16.41 -29.42
N TRP VA 17 -45.18 -15.29 -29.99
CA TRP VA 17 -45.09 -15.07 -31.43
C TRP VA 17 -44.15 -13.93 -31.81
N ILE VA 18 -43.25 -13.52 -30.92
CA ILE VA 18 -42.31 -12.45 -31.24
C ILE VA 18 -40.90 -12.95 -31.46
N GLY VA 19 -40.31 -13.55 -30.44
CA GLY VA 19 -38.88 -13.47 -30.21
C GLY VA 19 -38.00 -14.36 -31.05
N LYS VA 20 -36.76 -14.51 -30.58
CA LYS VA 20 -35.83 -15.46 -31.18
C LYS VA 20 -36.34 -16.89 -31.04
N HIS VA 21 -36.89 -17.21 -29.88
CA HIS VA 21 -37.52 -18.52 -29.63
C HIS VA 21 -39.02 -18.32 -29.65
N ARG VA 22 -39.70 -18.93 -30.62
CA ARG VA 22 -41.13 -18.78 -30.79
C ARG VA 22 -41.83 -20.10 -30.50
N ARG VA 23 -43.14 -20.09 -30.63
CA ARG VA 23 -43.91 -21.32 -30.45
C ARG VA 23 -43.76 -22.20 -31.69
N PRO VA 24 -43.54 -23.50 -31.53
CA PRO VA 24 -43.25 -24.36 -32.69
C PRO VA 24 -44.47 -24.81 -33.51
N ARG VA 25 -45.60 -24.07 -33.40
CA ARG VA 25 -46.88 -24.30 -34.08
C ARG VA 25 -46.74 -24.68 -35.55
N PRO VA 26 -47.24 -25.85 -35.95
CA PRO VA 26 -46.98 -26.35 -37.29
C PRO VA 26 -48.04 -25.92 -38.29
N VAL VA 27 -47.80 -26.33 -39.54
CA VAL VA 27 -48.73 -26.07 -40.63
C VAL VA 27 -49.76 -27.20 -40.67
N SER VA 28 -50.97 -26.89 -41.13
CA SER VA 28 -52.05 -27.86 -41.17
C SER VA 28 -52.50 -28.13 -42.60
N ALA VA 29 -53.11 -29.30 -42.80
CA ALA VA 29 -53.57 -29.71 -44.12
C ALA VA 29 -54.72 -28.85 -44.61
N GLN VA 30 -55.55 -28.33 -43.70
CA GLN VA 30 -56.61 -27.40 -44.08
C GLN VA 30 -56.02 -26.12 -44.65
N ALA VA 31 -54.96 -25.61 -44.02
CA ALA VA 31 -54.25 -24.45 -44.55
C ALA VA 31 -53.60 -24.77 -45.88
N LYS VA 32 -53.13 -26.01 -46.04
CA LYS VA 32 -52.55 -26.43 -47.32
C LYS VA 32 -53.58 -26.40 -48.44
N GLN VA 33 -54.76 -27.01 -48.24
CA GLN VA 33 -55.80 -27.02 -49.27
C GLN VA 33 -56.34 -25.62 -49.54
N ASN VA 34 -56.39 -24.77 -48.51
CA ASN VA 34 -56.76 -23.37 -48.72
C ASN VA 34 -55.75 -22.65 -49.63
N MET VA 35 -54.46 -22.92 -49.41
CA MET VA 35 -53.43 -22.31 -50.24
C MET VA 35 -53.50 -22.78 -51.69
N ILE VA 36 -53.72 -24.09 -51.91
CA ILE VA 36 -53.83 -24.59 -53.29
C ILE VA 36 -55.08 -24.05 -53.98
N ARG VA 37 -56.18 -23.89 -53.22
CA ARG VA 37 -57.39 -23.31 -53.81
C ARG VA 37 -57.16 -21.86 -54.22
N ARG VA 38 -56.46 -21.09 -53.38
CA ARG VA 38 -56.16 -19.70 -53.70
C ARG VA 38 -55.20 -19.59 -54.89
N LEU VA 39 -54.23 -20.51 -54.98
CA LEU VA 39 -53.32 -20.56 -56.13
C LEU VA 39 -54.05 -20.90 -57.42
N GLU VA 40 -55.00 -21.84 -57.36
CA GLU VA 40 -55.77 -22.18 -58.56
C GLU VA 40 -56.64 -21.01 -59.01
N THR VA 41 -57.24 -20.29 -58.06
CA THR VA 41 -58.03 -19.11 -58.40
C THR VA 41 -57.18 -18.02 -59.05
N GLU VA 42 -55.99 -17.77 -58.49
CA GLU VA 42 -55.17 -16.70 -59.07
C GLU VA 42 -54.53 -17.14 -60.38
N ALA VA 43 -54.28 -18.44 -60.57
CA ALA VA 43 -53.80 -18.97 -61.84
C ALA VA 43 -54.86 -18.79 -62.93
N GLU VA 44 -56.14 -19.02 -62.58
CA GLU VA 44 -57.21 -18.74 -63.52
C GLU VA 44 -57.30 -17.24 -63.83
N ASN VA 45 -57.09 -16.39 -62.82
CA ASN VA 45 -57.11 -14.95 -63.01
C ASN VA 45 -56.02 -14.49 -63.97
N GLN VA 46 -54.81 -14.99 -63.79
CA GLN VA 46 -53.70 -14.60 -64.65
C GLN VA 46 -53.74 -15.30 -66.00
N TYR VA 47 -54.54 -16.36 -66.16
CA TYR VA 47 -54.87 -16.80 -67.51
C TYR VA 47 -55.81 -15.82 -68.19
N TRP VA 48 -56.86 -15.40 -67.48
CA TRP VA 48 -57.83 -14.49 -68.09
C TRP VA 48 -57.28 -13.09 -68.33
N LEU VA 49 -56.19 -12.73 -67.66
CA LEU VA 49 -55.53 -11.46 -67.90
C LEU VA 49 -54.49 -11.50 -69.01
N SER VA 50 -54.36 -12.62 -69.73
CA SER VA 50 -53.25 -12.77 -70.66
C SER VA 50 -53.48 -12.03 -71.97
N ARG VA 51 -54.58 -12.33 -72.67
CA ARG VA 51 -54.78 -11.85 -74.03
C ARG VA 51 -55.78 -10.69 -74.07
N PRO VA 52 -55.34 -9.48 -74.39
CA PRO VA 52 -56.28 -8.36 -74.50
C PRO VA 52 -57.10 -8.42 -75.79
N PHE VA 53 -58.22 -7.72 -75.77
CA PHE VA 53 -59.05 -7.60 -76.97
C PHE VA 53 -58.47 -6.55 -77.91
N LEU VA 54 -58.37 -5.31 -77.44
CA LEU VA 54 -57.65 -4.28 -78.16
C LEU VA 54 -56.21 -4.22 -77.67
N THR VA 55 -55.32 -3.79 -78.56
CA THR VA 55 -53.92 -3.61 -78.17
C THR VA 55 -53.73 -2.21 -77.57
N ALA VA 56 -52.47 -1.84 -77.38
CA ALA VA 56 -52.15 -0.56 -76.76
C ALA VA 56 -52.47 0.61 -77.68
N GLU VA 57 -52.28 0.42 -78.99
CA GLU VA 57 -52.52 1.50 -79.94
C GLU VA 57 -53.99 1.66 -80.31
N GLN VA 58 -54.77 0.57 -80.25
CA GLN VA 58 -56.19 0.65 -80.58
C GLN VA 58 -57.02 1.31 -79.48
N GLU VA 59 -56.45 1.47 -78.28
CA GLU VA 59 -57.13 2.11 -77.16
C GLU VA 59 -56.80 3.60 -77.04
N ARG VA 60 -56.05 4.14 -77.99
CA ARG VA 60 -55.57 5.52 -77.92
C ARG VA 60 -56.74 6.50 -78.09
N GLY VA 61 -57.19 7.05 -76.96
CA GLY VA 61 -58.28 8.01 -76.95
C GLY VA 61 -59.61 7.47 -77.41
N HIS VA 62 -59.89 6.20 -77.10
CA HIS VA 62 -61.12 5.58 -77.60
C HIS VA 62 -62.33 6.05 -76.81
N ALA VA 63 -62.17 6.36 -75.53
CA ALA VA 63 -63.24 6.89 -74.70
C ALA VA 63 -62.70 8.07 -73.90
N ALA VA 64 -62.71 9.25 -74.51
CA ALA VA 64 -62.30 10.48 -73.85
C ALA VA 64 -63.43 11.49 -73.71
N VAL VA 65 -64.43 11.41 -74.59
CA VAL VA 65 -65.60 12.28 -74.50
C VAL VA 65 -66.39 12.00 -73.23
N ARG VA 66 -66.49 10.72 -72.85
CA ARG VA 66 -67.18 10.35 -71.61
C ARG VA 66 -66.42 10.86 -70.39
N ARG VA 67 -65.09 10.78 -70.41
CA ARG VA 67 -64.29 11.26 -69.29
C ARG VA 67 -64.37 12.78 -69.17
N ALA VA 68 -64.38 13.48 -70.30
CA ALA VA 68 -64.56 14.94 -70.27
C ALA VA 68 -65.95 15.33 -69.80
N ALA VA 69 -66.98 14.57 -70.22
CA ALA VA 69 -68.34 14.83 -69.76
C ALA VA 69 -68.46 14.62 -68.25
N ALA VA 70 -67.81 13.57 -67.74
CA ALA VA 70 -67.79 13.33 -66.29
C ALA VA 70 -67.05 14.42 -65.53
N PHE VA 71 -65.94 14.92 -66.07
CA PHE VA 71 -65.17 15.92 -65.33
C PHE VA 71 -65.88 17.28 -65.32
N GLN VA 72 -66.42 17.71 -66.45
CA GLN VA 72 -67.23 18.95 -66.41
C GLN VA 72 -68.55 18.76 -65.67
N ALA VA 73 -69.07 17.54 -65.57
CA ALA VA 73 -70.21 17.28 -64.69
C ALA VA 73 -69.83 17.47 -63.22
N LEU VA 74 -68.64 16.97 -62.84
CA LEU VA 74 -68.14 17.16 -61.48
C LEU VA 74 -67.88 18.64 -61.20
N LYS VA 75 -67.34 19.36 -62.19
CA LYS VA 75 -67.10 20.79 -62.03
C LYS VA 75 -68.40 21.57 -61.88
N ALA VA 76 -69.43 21.21 -62.64
CA ALA VA 76 -70.73 21.87 -62.50
C ALA VA 76 -71.37 21.57 -61.15
N ALA VA 77 -71.26 20.33 -60.69
CA ALA VA 77 -71.81 19.95 -59.38
C ALA VA 77 -71.08 20.64 -58.24
N GLN VA 78 -69.76 20.84 -58.38
CA GLN VA 78 -69.00 21.53 -57.36
C GLN VA 78 -69.21 23.03 -57.41
N ALA VA 79 -69.41 23.61 -58.60
CA ALA VA 79 -69.61 25.05 -58.72
C ALA VA 79 -71.05 25.47 -58.45
N ALA VA 80 -71.98 24.53 -58.41
CA ALA VA 80 -73.36 24.86 -58.03
C ALA VA 80 -73.55 24.95 -56.52
N ARG VA 81 -72.51 24.71 -55.73
CA ARG VA 81 -72.62 24.80 -54.28
C ARG VA 81 -72.68 26.25 -53.85
N PHE VA 82 -73.78 26.64 -53.19
CA PHE VA 82 -74.04 28.01 -52.83
C PHE VA 82 -75.21 27.99 -51.84
N PRO VA 83 -75.31 28.97 -50.95
CA PRO VA 83 -76.44 29.00 -50.00
C PRO VA 83 -77.80 29.12 -50.68
N ALA VA 84 -78.78 28.43 -50.12
CA ALA VA 84 -80.08 28.26 -50.75
C ALA VA 84 -80.93 29.53 -50.60
N HIS VA 85 -82.10 29.49 -51.24
CA HIS VA 85 -83.00 30.62 -51.24
C HIS VA 85 -83.69 30.77 -49.88
N ARG VA 86 -84.03 32.01 -49.54
CA ARG VA 86 -84.79 32.32 -48.34
C ARG VA 86 -86.15 32.86 -48.74
N ARG VA 87 -87.20 32.29 -48.17
CA ARG VA 87 -88.56 32.61 -48.57
C ARG VA 87 -89.31 33.31 -47.44
N LEU VA 88 -90.41 33.97 -47.82
CA LEU VA 88 -91.24 34.68 -46.85
C LEU VA 88 -92.01 33.71 -45.96
N GLU VA 89 -92.32 32.53 -46.48
CA GLU VA 89 -93.23 31.61 -45.80
C GLU VA 89 -92.63 31.00 -44.53
N GLU VA 90 -91.30 30.89 -44.43
CA GLU VA 90 -90.70 30.44 -43.18
C GLU VA 90 -90.87 31.46 -42.07
N GLN VA 91 -90.57 32.72 -42.37
CA GLN VA 91 -90.71 33.80 -41.40
C GLN VA 91 -92.17 34.04 -41.05
N LEU VA 92 -93.07 33.82 -41.99
CA LEU VA 92 -94.50 34.01 -41.70
C LEU VA 92 -95.10 32.78 -41.04
N GLY VA 93 -94.51 31.60 -41.24
CA GLY VA 93 -95.03 30.40 -40.60
C GLY VA 93 -94.47 30.20 -39.20
N HIS VA 94 -93.44 30.98 -38.84
CA HIS VA 94 -93.09 31.06 -37.43
C HIS VA 94 -94.19 31.72 -36.60
N LEU VA 95 -94.97 32.62 -37.21
CA LEU VA 95 -96.06 33.28 -36.49
C LEU VA 95 -97.22 32.33 -36.21
N LEU VA 96 -97.25 31.16 -36.84
CA LEU VA 96 -98.32 30.19 -36.66
C LEU VA 96 -98.27 29.46 -35.33
N VAL VA 97 -97.23 29.69 -34.51
CA VAL VA 97 -97.08 29.00 -33.22
C VAL VA 97 -98.23 29.36 -32.28
N THR VA 98 -98.57 30.65 -32.23
CA THR VA 98 -99.62 31.13 -31.35
C THR VA 98 -100.97 31.19 -32.08
N ARG VA 99 -101.23 30.24 -32.97
CA ARG VA 99 -102.56 30.10 -33.56
C ARG VA 99 -103.53 29.58 -32.50
N LYS VA 100 -104.65 30.27 -32.33
CA LYS VA 100 -105.54 30.02 -31.22
C LYS VA 100 -106.96 29.83 -31.72
N TRP VA 101 -107.77 29.17 -30.88
CA TRP VA 101 -109.20 29.06 -31.10
C TRP VA 101 -109.89 30.28 -30.52
N SER VA 102 -110.91 30.76 -31.22
CA SER VA 102 -111.63 31.95 -30.77
C SER VA 102 -113.05 31.60 -30.33
N GLU WA 38 -62.45 92.20 -46.61
CA GLU WA 38 -61.82 93.49 -46.45
C GLU WA 38 -60.72 93.46 -45.40
N PHE WA 39 -60.53 92.29 -44.78
CA PHE WA 39 -59.52 92.14 -43.75
C PHE WA 39 -58.12 92.15 -44.35
N GLN WA 40 -57.20 92.81 -43.66
CA GLN WA 40 -55.83 92.95 -44.13
C GLN WA 40 -54.89 92.65 -42.98
N SER WA 41 -53.77 92.01 -43.29
CA SER WA 41 -52.76 91.66 -42.29
C SER WA 41 -51.39 92.04 -42.81
N ILE WA 42 -50.37 91.86 -41.96
CA ILE WA 42 -49.01 92.22 -42.33
C ILE WA 42 -48.42 91.19 -43.28
N TYR WA 43 -49.01 90.00 -43.34
CA TYR WA 43 -48.64 88.98 -44.31
C TYR WA 43 -49.60 88.90 -45.48
N SER WA 44 -50.40 89.94 -45.71
CA SER WA 44 -51.28 89.96 -46.87
C SER WA 44 -50.46 90.18 -48.14
N LEU WA 45 -51.07 89.82 -49.27
CA LEU WA 45 -50.33 89.79 -50.53
C LEU WA 45 -49.97 91.19 -51.02
N ASP WA 46 -50.85 92.17 -50.78
CA ASP WA 46 -50.58 93.55 -51.17
C ASP WA 46 -49.39 94.13 -50.39
N LYS WA 47 -49.25 93.79 -49.12
CA LYS WA 47 -48.13 94.30 -48.34
C LYS WA 47 -46.88 93.43 -48.41
N LEU WA 48 -46.98 92.20 -48.94
CA LEU WA 48 -45.76 91.46 -49.22
C LEU WA 48 -45.20 91.81 -50.60
N TYR WA 49 -46.06 92.09 -51.57
CA TYR WA 49 -45.65 92.44 -52.92
C TYR WA 49 -46.26 93.77 -53.27
N PRO WA 50 -45.58 94.89 -52.98
CA PRO WA 50 -46.20 96.20 -53.21
C PRO WA 50 -46.29 96.60 -54.68
N GLU WA 51 -45.58 95.91 -55.57
CA GLU WA 51 -45.62 96.26 -56.98
C GLU WA 51 -46.96 95.90 -57.61
N SER WA 52 -47.44 94.69 -57.35
CA SER WA 52 -48.74 94.23 -57.82
C SER WA 52 -49.72 94.24 -56.66
N ARG WA 53 -50.76 95.07 -56.77
CA ARG WA 53 -51.70 95.26 -55.67
C ARG WA 53 -53.12 94.83 -56.03
N GLY WA 54 -53.54 95.12 -57.26
CA GLY WA 54 -54.89 94.83 -57.70
C GLY WA 54 -55.20 93.35 -57.81
N SER WA 55 -56.45 92.97 -57.55
CA SER WA 55 -56.84 91.57 -57.67
C SER WA 55 -56.95 91.11 -59.12
N ASP WA 56 -57.14 92.03 -60.05
CA ASP WA 56 -57.25 91.73 -61.46
C ASP WA 56 -55.87 91.54 -62.11
N THR WA 57 -54.81 91.93 -61.41
CA THR WA 57 -53.45 91.88 -61.96
C THR WA 57 -52.99 90.43 -62.21
N ALA WA 58 -53.31 89.51 -61.31
CA ALA WA 58 -52.90 88.12 -61.46
C ALA WA 58 -53.66 87.38 -62.55
N TRP WA 59 -54.77 87.93 -63.04
CA TRP WA 59 -55.59 87.28 -64.05
C TRP WA 59 -55.48 87.94 -65.42
N ARG WA 60 -54.45 88.76 -65.64
CA ARG WA 60 -54.25 89.39 -66.94
C ARG WA 60 -53.76 88.36 -67.95
N LEU WA 61 -53.85 88.72 -69.23
CA LEU WA 61 -53.35 87.88 -70.31
C LEU WA 61 -52.24 88.61 -71.06
N PRO WA 62 -50.96 88.31 -70.77
CA PRO WA 62 -49.85 88.97 -71.49
C PRO WA 62 -49.57 88.36 -72.87
N ASP WA 63 -50.34 88.80 -73.86
CA ASP WA 63 -50.14 88.35 -75.23
C ASP WA 63 -48.86 88.91 -75.84
N ASP WA 64 -48.44 90.11 -75.43
CA ASP WA 64 -47.24 90.71 -76.01
C ASP WA 64 -45.96 90.15 -75.42
N ALA WA 65 -46.05 89.45 -74.28
CA ALA WA 65 -44.87 88.86 -73.67
C ALA WA 65 -44.35 87.68 -74.49
N LYS WA 66 -45.26 86.85 -74.99
CA LYS WA 66 -44.92 85.69 -75.81
C LYS WA 66 -45.70 85.81 -77.11
N GLN WA 67 -45.04 86.32 -78.15
CA GLN WA 67 -45.69 86.60 -79.43
C GLN WA 67 -45.28 85.64 -80.54
N ALA WA 68 -44.49 84.60 -80.22
CA ALA WA 68 -44.09 83.64 -81.23
C ALA WA 68 -45.27 82.78 -81.69
N ASN WA 69 -46.05 82.29 -80.74
CA ASN WA 69 -47.27 81.49 -80.95
C ASN WA 69 -46.99 80.23 -81.78
N ASP WA 70 -46.11 79.39 -81.23
CA ASP WA 70 -45.83 78.11 -81.87
C ASP WA 70 -46.98 77.13 -81.66
N ILE WA 71 -47.09 76.19 -82.59
CA ILE WA 71 -48.13 75.15 -82.66
C ILE WA 71 -49.53 75.75 -82.61
N PRO WA 72 -50.04 76.31 -83.72
CA PRO WA 72 -51.44 76.77 -83.74
C PRO WA 72 -52.42 75.60 -83.74
N VAL WA 73 -52.77 75.13 -82.54
CA VAL WA 73 -53.50 73.88 -82.30
C VAL WA 73 -54.91 73.88 -82.90
N ASP WA 74 -55.44 75.04 -83.25
CA ASP WA 74 -56.71 75.09 -83.97
C ASP WA 74 -56.57 74.62 -85.41
N ARG WA 75 -55.36 74.63 -85.97
CA ARG WA 75 -55.13 74.17 -87.33
C ARG WA 75 -54.83 72.68 -87.42
N LEU WA 76 -54.68 72.00 -86.28
CA LEU WA 76 -54.31 70.59 -86.27
C LEU WA 76 -55.54 69.72 -86.10
N THR WA 77 -55.51 68.53 -86.67
CA THR WA 77 -56.55 67.53 -86.49
C THR WA 77 -56.11 66.59 -85.37
N ILE WA 78 -56.90 66.56 -84.29
CA ILE WA 78 -56.55 65.81 -83.08
C ILE WA 78 -57.56 64.67 -82.95
N SER WA 79 -57.09 63.43 -83.00
CA SER WA 79 -57.99 62.29 -82.89
C SER WA 79 -57.60 61.41 -81.71
N TYR WA 80 -58.61 60.88 -81.03
CA TYR WA 80 -58.47 60.15 -79.77
C TYR WA 80 -59.05 58.76 -79.97
N CYS WA 81 -58.26 57.73 -79.69
CA CYS WA 81 -58.68 56.34 -79.79
C CYS WA 81 -58.41 55.67 -78.45
N ARG WA 82 -59.48 55.33 -77.72
CA ARG WA 82 -59.36 54.73 -76.39
C ARG WA 82 -59.42 53.21 -76.52
N SER WA 83 -58.35 52.54 -76.12
CA SER WA 83 -58.30 51.08 -76.09
C SER WA 83 -58.31 50.65 -74.62
N SER WA 84 -59.42 50.07 -74.18
CA SER WA 84 -59.60 49.63 -72.81
C SER WA 84 -59.60 48.11 -72.75
N GLY WA 85 -58.83 47.54 -71.84
CA GLY WA 85 -58.75 46.10 -71.68
C GLY WA 85 -58.09 45.67 -70.39
N LYS WA 93 -54.71 46.37 -71.00
CA LYS WA 93 -53.97 47.62 -70.86
C LYS WA 93 -54.77 48.79 -71.42
N VAL WA 94 -55.22 49.67 -70.53
CA VAL WA 94 -56.07 50.79 -70.91
C VAL WA 94 -55.17 51.96 -71.29
N ASN WA 95 -55.22 52.35 -72.56
CA ASN WA 95 -54.42 53.48 -73.04
C ASN WA 95 -55.20 54.27 -74.08
N SER WA 96 -54.95 55.58 -74.12
CA SER WA 96 -55.59 56.47 -75.08
C SER WA 96 -54.56 56.87 -76.13
N LYS WA 97 -54.64 56.24 -77.30
CA LYS WA 97 -53.87 56.67 -78.46
C LYS WA 97 -54.30 58.07 -78.87
N ALA WA 98 -53.35 59.00 -78.91
CA ALA WA 98 -53.62 60.34 -79.40
C ALA WA 98 -52.81 60.58 -80.67
N GLU WA 99 -53.49 60.91 -81.76
CA GLU WA 99 -52.82 61.16 -83.02
C GLU WA 99 -53.04 62.60 -83.45
N VAL WA 100 -51.95 63.24 -83.84
CA VAL WA 100 -51.92 64.62 -84.29
C VAL WA 100 -51.56 64.58 -85.76
N ARG WA 101 -52.44 65.09 -86.62
CA ARG WA 101 -52.24 65.04 -88.06
C ARG WA 101 -52.38 66.43 -88.65
N PHE WA 102 -51.38 66.84 -89.43
CA PHE WA 102 -51.47 68.13 -90.10
C PHE WA 102 -50.78 68.07 -91.46
N HIS WA 103 -51.29 68.88 -92.39
CA HIS WA 103 -50.75 68.88 -93.74
C HIS WA 103 -49.45 69.67 -93.76
N LEU WA 104 -48.36 69.03 -94.17
CA LEU WA 104 -47.03 69.60 -94.04
C LEU WA 104 -46.79 70.72 -95.06
N ALA WA 105 -47.31 70.56 -96.28
CA ALA WA 105 -47.11 71.56 -97.33
C ALA WA 105 -47.83 72.87 -97.05
N SER WA 106 -48.96 72.82 -96.35
CA SER WA 106 -49.72 74.01 -96.01
C SER WA 106 -49.45 74.50 -94.59
N ALA WA 107 -48.48 73.93 -93.90
CA ALA WA 107 -48.12 74.36 -92.54
C ALA WA 107 -47.38 75.70 -92.64
N ASP WA 108 -48.13 76.79 -92.49
CA ASP WA 108 -47.59 78.12 -92.72
C ASP WA 108 -46.97 78.75 -91.47
N TRP WA 109 -46.92 78.03 -90.35
CA TRP WA 109 -46.28 78.57 -89.15
C TRP WA 109 -44.80 78.22 -89.05
N ILE WA 110 -44.24 77.55 -90.06
CA ILE WA 110 -42.82 77.24 -90.11
C ILE WA 110 -42.25 77.79 -91.41
N ALA WA 111 -40.95 78.02 -91.42
CA ALA WA 111 -40.27 78.54 -92.59
C ALA WA 111 -40.11 77.46 -93.65
N GLU WA 112 -39.80 77.90 -94.87
CA GLU WA 112 -39.57 77.02 -96.03
C GLU WA 112 -38.39 76.05 -95.88
N PRO WA 113 -37.18 76.44 -95.40
CA PRO WA 113 -36.15 75.41 -95.18
C PRO WA 113 -36.50 74.39 -94.11
N VAL WA 114 -37.18 74.81 -93.05
CA VAL WA 114 -37.64 73.86 -92.03
C VAL WA 114 -38.71 72.94 -92.61
N ARG WA 115 -39.58 73.49 -93.45
CA ARG WA 115 -40.65 72.71 -94.06
C ARG WA 115 -40.09 71.65 -95.02
N LEU WA 116 -39.05 71.99 -95.78
CA LEU WA 116 -38.45 70.98 -96.65
C LEU WA 116 -37.60 69.99 -95.84
N LYS WA 117 -36.97 70.44 -94.76
CA LYS WA 117 -36.12 69.55 -93.98
C LYS WA 117 -36.93 68.53 -93.18
N LEU WA 118 -38.14 68.90 -92.74
CA LEU WA 118 -39.02 67.90 -92.12
C LEU WA 118 -39.43 66.82 -93.10
N ALA WA 119 -39.67 67.19 -94.36
CA ALA WA 119 -39.93 66.19 -95.39
C ALA WA 119 -38.68 65.38 -95.72
N VAL WA 120 -37.49 65.96 -95.58
CA VAL WA 120 -36.26 65.22 -95.84
C VAL WA 120 -36.02 64.15 -94.78
N LYS WA 121 -36.09 64.51 -93.50
CA LYS WA 121 -35.78 63.53 -92.45
C LYS WA 121 -36.99 62.66 -92.12
N HIS WA 122 -38.14 63.27 -91.88
CA HIS WA 122 -39.29 62.56 -91.33
C HIS WA 122 -40.28 62.10 -92.40
N LYS WA 123 -39.79 61.67 -93.56
CA LYS WA 123 -40.67 61.19 -94.63
C LYS WA 123 -41.32 59.85 -94.29
N ASN WA 124 -40.78 59.13 -93.32
CA ASN WA 124 -41.41 57.87 -92.89
C ASN WA 124 -42.70 58.10 -92.10
N ARG WA 125 -42.94 59.32 -91.61
CA ARG WA 125 -44.17 59.67 -90.93
C ARG WA 125 -45.15 60.41 -91.82
N ILE WA 126 -44.88 60.51 -93.12
CA ILE WA 126 -45.69 61.31 -94.04
C ILE WA 126 -46.65 60.40 -94.78
N ASN WA 127 -47.94 60.70 -94.70
CA ASN WA 127 -48.99 59.98 -95.40
C ASN WA 127 -48.95 60.34 -96.88
N ARG WA 128 -49.55 59.49 -97.72
CA ARG WA 128 -49.63 59.69 -99.16
C ARG WA 128 -50.33 61.00 -99.54
N SER WA 129 -51.25 61.50 -98.73
CA SER WA 129 -51.93 62.76 -98.99
C SER WA 129 -51.16 63.96 -98.44
N GLY WA 130 -49.89 63.81 -98.09
CA GLY WA 130 -49.09 64.89 -97.56
C GLY WA 130 -49.29 65.17 -96.09
N GLU WA 131 -49.90 64.25 -95.35
CA GLU WA 131 -50.24 64.48 -93.96
C GLU WA 131 -49.15 63.93 -93.05
N LEU WA 132 -48.58 64.79 -92.20
CA LEU WA 132 -47.70 64.32 -91.16
C LEU WA 132 -48.54 63.86 -89.98
N ILE WA 133 -48.26 62.64 -89.53
CA ILE WA 133 -49.04 61.95 -88.51
C ILE WA 133 -48.11 61.59 -87.37
N LEU WA 134 -48.48 61.99 -86.14
CA LEU WA 134 -47.70 61.71 -84.96
C LEU WA 134 -48.60 61.02 -83.94
N THR WA 135 -48.05 60.09 -83.18
CA THR WA 135 -48.85 59.19 -82.35
C THR WA 135 -48.23 59.08 -80.96
N SER WA 136 -49.06 59.24 -79.93
CA SER WA 136 -48.66 59.03 -78.55
C SER WA 136 -49.51 57.94 -77.90
N GLU WA 137 -48.85 57.13 -77.07
CA GLU WA 137 -49.41 55.91 -76.51
C GLU WA 137 -49.24 55.81 -75.00
N CYS WA 138 -48.20 56.47 -74.47
CA CYS WA 138 -47.62 56.18 -73.16
C CYS WA 138 -48.58 56.30 -71.98
N SER WA 139 -49.09 57.50 -71.73
CA SER WA 139 -49.92 57.69 -70.55
C SER WA 139 -51.37 57.31 -70.83
N ARG WA 140 -52.08 56.96 -69.76
CA ARG WA 140 -53.52 56.72 -69.86
C ARG WA 140 -54.28 58.01 -70.11
N TYR WA 141 -53.75 59.14 -69.66
CA TYR WA 141 -54.41 60.43 -69.80
C TYR WA 141 -54.07 61.04 -71.15
N GLN WA 142 -55.12 61.28 -71.95
CA GLN WA 142 -54.97 61.86 -73.28
C GLN WA 142 -54.46 63.30 -73.25
N PHE WA 143 -54.63 64.01 -72.14
CA PHE WA 143 -54.02 65.32 -71.98
C PHE WA 143 -52.49 65.20 -71.92
N ARG WA 144 -51.99 64.22 -71.17
CA ARG WA 144 -50.56 63.95 -71.14
C ARG WA 144 -50.06 63.45 -72.49
N ASN WA 145 -50.89 62.66 -73.18
CA ASN WA 145 -50.52 62.19 -74.52
C ASN WA 145 -50.41 63.36 -75.50
N LEU WA 146 -51.33 64.33 -75.41
CA LEU WA 146 -51.25 65.51 -76.27
C LEU WA 146 -50.06 66.38 -75.92
N ALA WA 147 -49.74 66.49 -74.62
CA ALA WA 147 -48.55 67.23 -74.21
C ALA WA 147 -47.27 66.59 -74.73
N ASP WA 148 -47.22 65.25 -74.72
CA ASP WA 148 -46.11 64.52 -75.33
C ASP WA 148 -46.05 64.75 -76.83
N CYS WA 149 -47.22 64.82 -77.49
CA CYS WA 149 -47.27 65.10 -78.92
C CYS WA 149 -46.69 66.47 -79.26
N LEU WA 150 -47.09 67.49 -78.49
CA LEU WA 150 -46.56 68.83 -78.77
C LEU WA 150 -45.09 68.95 -78.40
N GLN WA 151 -44.64 68.25 -77.36
CA GLN WA 151 -43.22 68.26 -77.02
C GLN WA 151 -42.38 67.59 -78.09
N LYS WA 152 -42.87 66.48 -78.64
CA LYS WA 152 -42.13 65.80 -79.71
C LYS WA 152 -42.17 66.61 -81.00
N LEU WA 153 -43.28 67.33 -81.24
CA LEU WA 153 -43.35 68.21 -82.40
C LEU WA 153 -42.38 69.39 -82.28
N ARG WA 154 -42.24 69.93 -81.07
CA ARG WA 154 -41.24 70.97 -80.82
C ARG WA 154 -39.83 70.41 -81.00
N ASP WA 155 -39.63 69.14 -80.64
CA ASP WA 155 -38.33 68.50 -80.85
C ASP WA 155 -38.01 68.33 -82.33
N MET WA 156 -39.02 67.98 -83.14
CA MET WA 156 -38.80 67.85 -84.58
C MET WA 156 -38.56 69.21 -85.24
N ILE WA 157 -39.36 70.21 -84.84
CA ILE WA 157 -39.24 71.57 -85.47
C ILE WA 157 -37.86 72.15 -85.14
N ALA WA 158 -37.49 72.19 -83.85
CA ALA WA 158 -36.20 72.79 -83.43
C ALA WA 158 -35.04 72.17 -84.22
N GLU WA 159 -35.04 70.84 -84.39
CA GLU WA 159 -33.91 70.13 -85.03
C GLU WA 159 -33.79 70.57 -86.49
N ALA WA 160 -34.91 70.55 -87.23
CA ALA WA 160 -34.88 70.91 -88.67
C ALA WA 160 -34.57 72.41 -88.82
N SER WA 161 -34.84 73.19 -87.78
CA SER WA 161 -34.61 74.64 -87.85
C SER WA 161 -33.18 75.03 -87.52
N GLN WA 162 -32.40 74.14 -86.90
CA GLN WA 162 -31.03 74.44 -86.53
C GLN WA 162 -30.10 74.03 -87.66
N PRO WA 163 -29.37 74.95 -88.29
CA PRO WA 163 -28.46 74.56 -89.37
C PRO WA 163 -27.18 73.91 -88.88
N ALA WA 164 -26.90 73.93 -87.58
CA ALA WA 164 -25.70 73.32 -87.03
C ALA WA 164 -25.87 71.83 -86.73
N LYS WA 165 -27.04 71.26 -87.01
CA LYS WA 165 -27.27 69.84 -86.79
C LYS WA 165 -26.54 69.03 -87.86
N GLU WA 166 -25.53 68.27 -87.44
CA GLU WA 166 -24.74 67.45 -88.35
C GLU WA 166 -25.32 66.08 -88.58
N PRO WA 167 -26.36 65.70 -87.81
CA PRO WA 167 -27.05 64.41 -87.88
C PRO WA 167 -26.09 63.23 -87.72
N SER WA 168 -25.47 63.16 -86.54
CA SER WA 168 -24.54 62.09 -86.23
C SER WA 168 -25.28 60.77 -86.08
N ARG WA 169 -24.77 59.73 -86.74
CA ARG WA 169 -25.42 58.42 -86.78
C ARG WA 169 -24.61 57.42 -85.96
N GLU WA 170 -25.33 56.64 -85.15
CA GLU WA 170 -24.70 55.62 -84.31
C GLU WA 170 -24.16 54.50 -85.17
N ASP WA 171 -22.99 53.99 -84.79
CA ASP WA 171 -22.31 52.95 -85.55
C ASP WA 171 -22.68 51.54 -85.09
N ALA WA 172 -23.25 51.40 -83.90
CA ALA WA 172 -23.53 50.07 -83.34
C ALA WA 172 -24.61 49.34 -84.14
N GLU WA 173 -25.62 50.09 -84.60
CA GLU WA 173 -26.66 49.51 -85.45
C GLU WA 173 -26.37 49.68 -86.94
N LEU WA 174 -25.29 50.36 -87.30
CA LEU WA 174 -25.00 50.67 -88.70
C LEU WA 174 -23.72 50.03 -89.22
N ARG WA 175 -22.98 49.28 -88.39
CA ARG WA 175 -21.82 48.55 -88.88
C ARG WA 175 -22.22 47.47 -89.88
N ARG WA 176 -23.33 46.79 -89.63
CA ARG WA 176 -23.86 45.80 -90.58
C ARG WA 176 -24.23 46.46 -91.90
N SER WA 177 -24.88 47.63 -91.83
CA SER WA 177 -25.30 48.34 -93.04
C SER WA 177 -24.10 48.87 -93.81
N ARG WA 178 -23.08 49.38 -93.11
CA ARG WA 178 -21.89 49.90 -93.77
C ARG WA 178 -21.08 48.78 -94.42
N ILE WA 179 -20.95 47.64 -93.73
CA ILE WA 179 -20.21 46.51 -94.28
C ILE WA 179 -20.94 45.91 -95.48
N GLU WA 180 -22.27 45.78 -95.39
CA GLU WA 180 -23.02 45.25 -96.52
C GLU WA 180 -23.12 46.27 -97.66
N ASN WA 181 -22.97 47.57 -97.36
CA ASN WA 181 -22.97 48.58 -98.40
C ASN WA 181 -21.67 48.54 -99.18
N MET WA 182 -20.54 48.43 -98.46
CA MET WA 182 -19.24 48.24 -99.12
C MET WA 182 -19.19 46.92 -99.89
N ASN WA 183 -19.80 45.88 -99.34
CA ASN WA 183 -19.78 44.58 -99.98
C ASN WA 183 -20.73 44.48 -101.17
N ARG WA 184 -21.82 45.26 -101.23
CA ARG WA 184 -22.50 45.31 -102.52
C ARG WA 184 -21.75 46.21 -103.50
N GLU WA 185 -21.03 47.21 -103.00
CA GLU WA 185 -20.21 48.05 -103.86
C GLU WA 185 -19.02 47.29 -104.46
N ARG WA 186 -18.61 46.18 -103.85
CA ARG WA 186 -17.59 45.34 -104.49
C ARG WA 186 -18.10 44.69 -105.78
N LEU WA 187 -19.30 44.10 -105.77
CA LEU WA 187 -19.83 43.54 -107.01
C LEU WA 187 -20.37 44.61 -107.95
N ARG WA 188 -20.65 45.81 -107.42
CA ARG WA 188 -21.13 46.93 -108.22
C ARG WA 188 -20.13 47.39 -109.28
N LYS WA 189 -18.83 47.16 -109.07
CA LYS WA 189 -17.75 47.87 -109.75
C LYS WA 189 -17.58 47.52 -111.22
N LYS WA 190 -18.24 46.50 -111.78
CA LYS WA 190 -17.99 46.16 -113.17
C LYS WA 190 -18.69 47.16 -114.08
N ARG WA 191 -18.04 47.50 -115.20
CA ARG WA 191 -18.47 48.60 -116.06
C ARG WA 191 -18.72 48.08 -117.47
N ILE WA 192 -19.96 47.71 -117.76
CA ILE WA 192 -20.40 47.37 -119.10
C ILE WA 192 -21.65 48.19 -119.40
N SER WA 193 -21.62 48.91 -120.51
CA SER WA 193 -22.75 49.77 -120.88
C SER WA 193 -23.97 48.93 -121.27
N SER WA 194 -25.14 49.44 -120.93
CA SER WA 194 -26.38 48.70 -121.10
C SER WA 194 -27.52 49.66 -121.41
N ALA WA 195 -28.61 49.09 -121.94
CA ALA WA 195 -29.87 49.79 -122.26
C ALA WA 195 -29.68 50.98 -123.20
N TYR XA 25 -102.66 52.82 -17.32
CA TYR XA 25 -101.92 53.75 -16.49
C TYR XA 25 -101.51 54.96 -17.32
N ARG XA 26 -100.88 55.92 -16.65
CA ARG XA 26 -100.36 57.12 -17.30
C ARG XA 26 -98.84 57.11 -17.28
N ALA XA 27 -98.25 57.52 -18.39
CA ALA XA 27 -96.80 57.55 -18.49
C ALA XA 27 -96.22 58.69 -17.65
N ARG XA 28 -94.95 58.52 -17.28
CA ARG XA 28 -94.22 59.55 -16.56
C ARG XA 28 -93.94 60.73 -17.48
N PRO XA 29 -93.69 61.92 -16.91
CA PRO XA 29 -93.21 63.04 -17.74
C PRO XA 29 -91.89 62.70 -18.40
N PRO XA 30 -91.71 63.07 -19.67
CA PRO XA 30 -90.50 62.70 -20.40
C PRO XA 30 -89.27 63.43 -19.88
N PRO XA 31 -88.10 62.80 -19.94
CA PRO XA 31 -86.87 63.51 -19.57
C PRO XA 31 -86.48 64.50 -20.65
N ARG XA 32 -86.35 65.77 -20.25
CA ARG XA 32 -86.01 66.85 -21.17
C ARG XA 32 -84.82 67.60 -20.65
N ARG XA 33 -83.91 67.98 -21.56
CA ARG XA 33 -82.71 68.71 -21.19
C ARG XA 33 -83.05 70.20 -21.15
N SER XA 34 -82.83 70.82 -19.98
CA SER XA 34 -83.17 72.22 -19.81
C SER XA 34 -82.18 73.11 -20.55
N GLN XA 35 -82.70 74.06 -21.32
CA GLN XA 35 -81.87 74.97 -22.09
C GLN XA 35 -81.42 76.18 -21.29
N GLU XA 36 -81.81 76.28 -20.03
CA GLU XA 36 -81.30 77.33 -19.15
C GLU XA 36 -79.84 77.06 -18.81
N PRO XA 37 -79.05 78.10 -18.55
CA PRO XA 37 -77.66 77.89 -18.11
C PRO XA 37 -77.59 77.23 -16.74
N ARG XA 38 -76.60 76.36 -16.57
CA ARG XA 38 -76.39 75.63 -15.32
C ARG XA 38 -75.05 76.08 -14.74
N TRP XA 39 -75.06 76.54 -13.50
CA TRP XA 39 -73.86 77.02 -12.85
C TRP XA 39 -73.63 76.28 -11.54
N PRO XA 40 -72.49 75.62 -11.36
CA PRO XA 40 -72.20 74.97 -10.08
C PRO XA 40 -71.79 75.98 -9.02
N ASP XA 41 -71.88 75.54 -7.77
CA ASP XA 41 -71.46 76.37 -6.65
C ASP XA 41 -69.95 76.25 -6.45
N PRO XA 42 -69.20 77.36 -6.55
CA PRO XA 42 -67.75 77.28 -6.37
C PRO XA 42 -67.33 77.01 -4.93
N ASP XA 43 -68.17 77.31 -3.94
CA ASP XA 43 -67.86 77.06 -2.55
C ASP XA 43 -68.17 75.62 -2.13
N ASP XA 44 -68.84 74.85 -2.98
CA ASP XA 44 -69.12 73.46 -2.70
C ASP XA 44 -67.86 72.64 -2.94
N PRO XA 45 -67.36 71.88 -1.96
CA PRO XA 45 -66.19 71.03 -2.21
C PRO XA 45 -66.49 69.82 -3.10
N LEU XA 46 -67.76 69.44 -3.24
CA LEU XA 46 -68.12 68.24 -3.97
C LEU XA 46 -68.23 68.46 -5.47
N THR XA 47 -68.18 69.70 -5.95
CA THR XA 47 -68.28 69.90 -7.39
C THR XA 47 -66.95 69.57 -8.06
N PRO XA 48 -66.99 69.04 -9.29
CA PRO XA 48 -65.75 68.80 -10.02
C PRO XA 48 -65.12 70.10 -10.50
N ARG XA 49 -63.80 70.05 -10.73
CA ARG XA 49 -63.06 71.26 -11.07
C ARG XA 49 -62.97 71.49 -12.58
N TRP XA 50 -63.55 70.61 -13.40
CA TRP XA 50 -63.75 70.97 -14.80
C TRP XA 50 -64.97 71.86 -14.99
N GLN XA 51 -65.86 71.90 -14.00
CA GLN XA 51 -67.02 72.77 -14.02
C GLN XA 51 -66.71 74.18 -13.52
N LEU XA 52 -65.54 74.38 -12.92
CA LEU XA 52 -65.11 75.69 -12.45
C LEU XA 52 -64.08 76.32 -13.36
N SER XA 53 -63.79 75.73 -14.52
CA SER XA 53 -62.80 76.22 -15.44
C SER XA 53 -63.31 77.44 -16.20
N PRO XA 54 -62.40 78.32 -16.65
CA PRO XA 54 -62.81 79.38 -17.59
C PRO XA 54 -63.32 78.85 -18.92
N ARG XA 55 -62.84 77.67 -19.32
CA ARG XA 55 -63.34 77.01 -20.52
C ARG XA 55 -64.81 76.65 -20.39
N TYR XA 56 -65.26 76.30 -19.17
CA TYR XA 56 -66.67 76.03 -18.94
C TYR XA 56 -67.51 77.30 -19.10
N ALA XA 57 -67.01 78.44 -18.63
CA ALA XA 57 -67.74 79.70 -18.78
C ALA XA 57 -67.78 80.14 -20.24
N ALA XA 58 -66.68 79.93 -20.97
CA ALA XA 58 -66.66 80.24 -22.40
C ALA XA 58 -67.60 79.34 -23.17
N LYS XA 59 -67.69 78.06 -22.78
CA LYS XA 59 -68.63 77.14 -23.41
C LYS XA 59 -70.07 77.52 -23.09
N GLN XA 60 -70.35 77.98 -21.87
CA GLN XA 60 -71.69 78.42 -21.53
C GLN XA 60 -72.07 79.70 -22.27
N PHE XA 61 -71.10 80.58 -22.56
CA PHE XA 61 -71.40 81.75 -23.38
C PHE XA 61 -71.64 81.34 -24.83
N ALA XA 62 -70.88 80.36 -25.33
CA ALA XA 62 -71.09 79.88 -26.68
C ALA XA 62 -72.43 79.16 -26.82
N ARG XA 63 -72.91 78.58 -25.72
CA ARG XA 63 -74.19 77.89 -25.74
C ARG XA 63 -75.35 78.88 -25.63
N HIS XA 64 -75.30 79.78 -24.63
CA HIS XA 64 -76.39 80.73 -24.44
C HIS XA 64 -75.95 82.18 -24.62
N GLY XA 65 -74.95 82.62 -23.84
CA GLY XA 65 -74.41 83.96 -23.94
C GLY XA 65 -75.26 85.05 -23.32
N ALA XA 66 -76.48 85.26 -23.80
CA ALA XA 66 -77.34 86.32 -23.27
C ALA XA 66 -77.84 85.98 -21.88
N ALA XA 67 -78.28 84.75 -21.67
CA ALA XA 67 -78.77 84.30 -20.38
C ALA XA 67 -77.69 83.72 -19.48
N SER XA 68 -76.46 83.61 -19.98
CA SER XA 68 -75.38 83.05 -19.18
C SER XA 68 -74.90 84.04 -18.11
N GLY XA 69 -75.02 85.33 -18.37
CA GLY XA 69 -74.62 86.34 -17.41
C GLY XA 69 -73.13 86.43 -17.16
N VAL XA 70 -72.33 86.29 -18.22
CA VAL XA 70 -70.89 86.44 -18.15
C VAL XA 70 -70.47 87.59 -19.05
N ALA XA 71 -69.34 88.20 -18.74
CA ALA XA 71 -68.83 89.30 -19.54
C ALA XA 71 -68.24 88.77 -20.84
N ALA XA 72 -68.50 89.48 -21.94
CA ALA XA 72 -67.92 89.09 -23.22
C ALA XA 72 -66.43 89.38 -23.30
N GLY XA 73 -65.92 90.30 -22.48
CA GLY XA 73 -64.50 90.59 -22.45
C GLY XA 73 -63.65 89.54 -21.76
N SER XA 74 -64.28 88.60 -21.05
CA SER XA 74 -63.55 87.51 -20.44
C SER XA 74 -63.13 86.43 -21.44
N LEU XA 75 -63.71 86.43 -22.64
CA LEU XA 75 -63.38 85.45 -23.66
C LEU XA 75 -62.03 85.69 -24.30
N TRP XA 76 -61.58 86.94 -24.33
CA TRP XA 76 -60.31 87.31 -24.95
C TRP XA 76 -59.19 87.14 -23.92
N PRO XA 77 -57.96 86.91 -24.36
CA PRO XA 77 -56.85 86.81 -23.42
C PRO XA 77 -56.56 88.16 -22.75
N SER XA 78 -56.04 88.09 -21.53
CA SER XA 78 -55.70 89.28 -20.77
C SER XA 78 -54.37 89.85 -21.25
N GLN XA 79 -53.86 90.82 -20.49
CA GLN XA 79 -52.59 91.47 -20.86
C GLN XA 79 -51.42 90.52 -20.70
N GLU XA 80 -51.37 89.78 -19.59
CA GLU XA 80 -50.27 88.84 -19.37
C GLU XA 80 -50.35 87.65 -20.33
N GLN XA 81 -51.56 87.18 -20.62
CA GLN XA 81 -51.74 86.12 -21.59
C GLN XA 81 -51.33 86.56 -22.99
N LEU XA 82 -51.66 87.81 -23.36
CA LEU XA 82 -51.26 88.35 -24.64
C LEU XA 82 -49.75 88.53 -24.73
N ARG XA 83 -49.12 88.96 -23.62
CA ARG XA 83 -47.67 89.13 -23.61
C ARG XA 83 -46.94 87.78 -23.72
N GLU XA 84 -47.44 86.75 -23.03
CA GLU XA 84 -46.79 85.44 -23.11
C GLU XA 84 -47.04 84.78 -24.45
N LEU XA 85 -48.21 85.02 -25.06
CA LEU XA 85 -48.46 84.55 -26.42
C LEU XA 85 -47.57 85.25 -27.43
N GLU XA 86 -47.33 86.56 -27.22
CA GLU XA 86 -46.42 87.30 -28.07
C GLU XA 86 -45.00 86.76 -27.93
N ALA XA 87 -44.59 86.43 -26.70
CA ALA XA 87 -43.26 85.85 -26.47
C ALA XA 87 -43.12 84.49 -27.13
N GLU XA 88 -44.14 83.64 -27.02
CA GLU XA 88 -44.08 82.30 -27.62
C GLU XA 88 -44.07 82.36 -29.14
N GLU XA 89 -44.94 83.19 -29.73
CA GLU XA 89 -45.01 83.27 -31.18
C GLU XA 89 -43.84 84.05 -31.76
N ARG XA 90 -43.19 84.90 -30.96
CA ARG XA 90 -41.99 85.57 -31.43
C ARG XA 90 -40.77 84.67 -31.34
N GLU XA 91 -40.74 83.78 -30.34
CA GLU XA 91 -39.59 82.88 -30.19
C GLU XA 91 -39.65 81.73 -31.18
N TRP XA 92 -40.76 80.98 -31.18
CA TRP XA 92 -40.79 79.70 -31.89
C TRP XA 92 -41.33 79.79 -33.31
N TYR XA 93 -41.98 80.90 -33.68
CA TYR XA 93 -42.61 81.04 -34.99
C TYR XA 93 -41.93 82.19 -35.72
N PRO XA 94 -40.93 81.90 -36.58
CA PRO XA 94 -40.12 82.98 -37.17
C PRO XA 94 -40.86 83.77 -38.24
N SER XA 95 -40.25 84.88 -38.67
CA SER XA 95 -40.81 85.69 -39.73
C SER XA 95 -40.51 85.07 -41.09
N LEU XA 96 -41.33 85.44 -42.08
CA LEU XA 96 -41.24 84.87 -43.42
C LEU XA 96 -39.93 85.24 -44.10
N ALA XA 97 -39.46 86.46 -43.89
CA ALA XA 97 -38.15 86.87 -44.40
C ALA XA 97 -37.04 86.06 -43.76
N ALA XA 98 -37.17 85.74 -42.48
CA ALA XA 98 -36.17 84.92 -41.79
C ALA XA 98 -36.14 83.50 -42.36
N MET XA 99 -37.31 82.90 -42.61
CA MET XA 99 -37.32 81.58 -43.26
C MET XA 99 -36.76 81.64 -44.67
N GLN XA 100 -37.08 82.70 -45.43
CA GLN XA 100 -36.58 82.81 -46.79
C GLN XA 100 -35.07 82.97 -46.84
N GLU XA 101 -34.50 83.76 -45.92
CA GLU XA 101 -33.04 83.89 -45.91
C GLU XA 101 -32.38 82.62 -45.36
N SER XA 102 -33.07 81.89 -44.48
CA SER XA 102 -32.53 80.63 -43.99
C SER XA 102 -32.44 79.58 -45.11
N LEU XA 103 -33.50 79.45 -45.90
CA LEU XA 103 -33.46 78.55 -47.06
C LEU XA 103 -32.49 79.04 -48.12
N ARG XA 104 -32.32 80.36 -48.27
CA ARG XA 104 -31.33 80.86 -49.23
C ARG XA 104 -29.91 80.51 -48.81
N VAL XA 105 -29.62 80.64 -47.50
CA VAL XA 105 -28.30 80.27 -46.98
C VAL XA 105 -28.06 78.77 -47.13
N GLN XA 106 -29.09 77.96 -46.85
CA GLN XA 106 -28.96 76.50 -46.98
C GLN XA 106 -28.75 76.08 -48.44
N GLN XA 107 -29.47 76.71 -49.37
CA GLN XA 107 -29.29 76.41 -50.79
C GLN XA 107 -27.92 76.87 -51.29
N LEU XA 108 -27.44 78.02 -50.81
CA LEU XA 108 -26.10 78.48 -51.18
C LEU XA 108 -25.03 77.54 -50.66
N ALA XA 109 -25.21 77.02 -49.44
CA ALA XA 109 -24.26 76.07 -48.86
C ALA XA 109 -24.24 74.75 -49.62
N GLU XA 110 -25.42 74.24 -50.01
CA GLU XA 110 -25.42 72.96 -50.73
C GLU XA 110 -24.92 73.12 -52.15
N GLU XA 111 -25.18 74.26 -52.80
CA GLU XA 111 -24.58 74.52 -54.11
C GLU XA 111 -23.07 74.67 -54.02
N GLN XA 112 -22.56 75.28 -52.93
CA GLN XA 112 -21.12 75.37 -52.72
C GLN XA 112 -20.51 73.99 -52.52
N LYS XA 113 -21.21 73.11 -51.80
CA LYS XA 113 -20.73 71.73 -51.60
C LYS XA 113 -20.71 70.96 -52.92
N ARG XA 114 -21.75 71.11 -53.74
CA ARG XA 114 -21.80 70.44 -55.03
C ARG XA 114 -20.71 70.94 -55.97
N GLN XA 115 -20.48 72.25 -56.00
CA GLN XA 115 -19.41 72.81 -56.83
C GLN XA 115 -18.02 72.41 -56.33
N ALA XA 116 -17.84 72.29 -55.01
CA ALA XA 116 -16.57 71.78 -54.48
C ALA XA 116 -16.34 70.33 -54.88
N ARG XA 117 -17.40 69.52 -54.85
CA ARG XA 117 -17.32 68.12 -55.29
C ARG XA 117 -16.95 68.04 -56.77
N GLU XA 118 -17.58 68.88 -57.61
CA GLU XA 118 -17.29 68.88 -59.04
C GLU XA 118 -15.87 69.34 -59.33
N GLN XA 119 -15.39 70.35 -58.59
CA GLN XA 119 -14.02 70.83 -58.77
C GLN XA 119 -13.00 69.77 -58.36
N LEU XA 120 -13.26 69.06 -57.26
CA LEU XA 120 -12.35 67.98 -56.85
C LEU XA 120 -12.37 66.83 -57.85
N ILE XA 121 -13.55 66.51 -58.42
CA ILE XA 121 -13.66 65.45 -59.42
C ILE XA 121 -12.87 65.81 -60.67
N GLU XA 122 -13.03 67.05 -61.16
CA GLU XA 122 -12.33 67.45 -62.38
C GLU XA 122 -10.83 67.64 -62.13
N GLU XA 123 -10.45 68.04 -60.92
CA GLU XA 123 -9.04 68.23 -60.60
C GLU XA 123 -8.31 66.90 -60.49
N CYS XA 124 -8.96 65.89 -59.89
CA CYS XA 124 -8.39 64.56 -59.81
C CYS XA 124 -8.52 63.78 -61.11
N MET XA 125 -9.42 64.18 -62.01
CA MET XA 125 -9.48 63.53 -63.31
C MET XA 125 -8.52 64.16 -64.32
N ALA XA 126 -8.09 65.40 -64.08
CA ALA XA 126 -7.07 66.00 -64.92
C ALA XA 126 -5.68 65.45 -64.67
N LYS XA 127 -5.47 64.75 -63.55
CA LYS XA 127 -4.17 64.20 -63.20
C LYS XA 127 -4.11 62.69 -63.36
N MET XA 128 -5.11 62.08 -63.98
CA MET XA 128 -5.27 60.62 -63.87
C MET XA 128 -4.36 59.80 -64.78
N PRO XA 129 -4.27 60.04 -66.12
CA PRO XA 129 -3.44 59.11 -66.93
C PRO XA 129 -1.95 59.17 -66.64
N GLN XA 130 -1.45 60.33 -66.20
CA GLN XA 130 -0.04 60.40 -65.81
C GLN XA 130 0.22 59.63 -64.52
N MET XA 131 -0.75 59.62 -63.59
CA MET XA 131 -0.65 58.79 -62.39
C MET XA 131 -0.70 57.31 -62.74
N ILE XA 132 -1.56 56.93 -63.70
CA ILE XA 132 -1.66 55.55 -64.16
C ILE XA 132 -0.36 55.09 -64.79
N GLU XA 133 0.23 55.92 -65.66
CA GLU XA 133 1.46 55.54 -66.34
C GLU XA 133 2.65 55.52 -65.38
N ASN XA 134 2.67 56.44 -64.40
CA ASN XA 134 3.75 56.42 -63.41
C ASN XA 134 3.67 55.21 -62.51
N TRP XA 135 2.47 54.80 -62.10
CA TRP XA 135 2.35 53.59 -61.28
C TRP XA 135 2.67 52.34 -62.08
N ARG XA 136 2.26 52.28 -63.35
CA ARG XA 136 2.60 51.14 -64.19
C ARG XA 136 4.10 51.05 -64.44
N GLN XA 137 4.75 52.21 -64.66
CA GLN XA 137 6.19 52.22 -64.85
C GLN XA 137 6.93 51.85 -63.57
N GLN XA 138 6.43 52.28 -62.42
CA GLN XA 138 7.04 51.92 -61.13
C GLN XA 138 6.95 50.42 -60.88
N GLN XA 139 5.78 49.82 -61.18
CA GLN XA 139 5.64 48.37 -61.03
C GLN XA 139 6.49 47.62 -62.04
N GLN XA 140 6.63 48.17 -63.26
CA GLN XA 140 7.48 47.54 -64.27
C GLN XA 140 8.95 47.54 -63.88
N GLU XA 141 9.45 48.67 -63.35
CA GLU XA 141 10.82 48.69 -62.87
C GLU XA 141 11.01 47.85 -61.61
N ARG XA 142 9.96 47.69 -60.80
CA ARG XA 142 10.04 46.75 -59.67
C ARG XA 142 10.20 45.31 -60.15
N ARG XA 143 9.42 44.92 -61.15
CA ARG XA 143 9.54 43.58 -61.73
C ARG XA 143 10.89 43.38 -62.39
N GLU XA 144 11.38 44.40 -63.11
CA GLU XA 144 12.69 44.30 -63.76
C GLU XA 144 13.82 44.24 -62.75
N LYS XA 145 13.69 44.96 -61.62
CA LYS XA 145 14.71 44.92 -60.58
C LYS XA 145 14.75 43.56 -59.90
N GLU XA 146 13.58 42.97 -59.62
CA GLU XA 146 13.54 41.64 -59.02
C GLU XA 146 14.09 40.58 -59.98
N GLN XA 147 13.71 40.65 -61.27
CA GLN XA 147 14.18 39.67 -62.24
C GLN XA 147 15.68 39.81 -62.49
N ALA XA 148 16.18 41.05 -62.51
CA ALA XA 148 17.61 41.28 -62.68
C ALA XA 148 18.41 40.84 -61.47
N ASP XA 149 17.86 41.02 -60.26
CA ASP XA 149 18.52 40.52 -59.06
C ASP XA 149 18.59 39.00 -59.05
N LYS XA 150 17.51 38.33 -59.47
CA LYS XA 150 17.53 36.88 -59.58
C LYS XA 150 18.51 36.40 -60.65
N ASP XA 151 18.59 37.11 -61.79
CA ASP XA 151 19.54 36.74 -62.83
C ASP XA 151 20.98 36.95 -62.38
N ARG XA 152 21.26 38.04 -61.65
CA ARG XA 152 22.59 38.27 -61.11
C ARG XA 152 22.98 37.24 -60.06
N ARG XA 153 22.05 36.85 -59.19
CA ARG XA 153 22.32 35.79 -58.21
C ARG XA 153 22.56 34.45 -58.90
N ALA XA 154 21.79 34.13 -59.93
CA ALA XA 154 22.00 32.88 -60.68
C ALA XA 154 23.33 32.89 -61.42
N ARG XA 155 23.70 34.03 -62.02
CA ARG XA 155 24.98 34.12 -62.72
C ARG XA 155 26.16 34.06 -61.76
N LEU XA 156 26.01 34.60 -60.55
CA LEU XA 156 27.08 34.48 -59.55
C LEU XA 156 27.18 33.06 -59.00
N GLN XA 157 26.06 32.39 -58.80
CA GLN XA 157 26.09 31.03 -58.26
C GLN XA 157 26.47 29.99 -59.30
N ALA XA 158 26.31 30.28 -60.59
CA ALA XA 158 26.67 29.30 -61.62
C ALA XA 158 28.18 29.19 -61.79
N GLU XA 159 28.90 30.28 -61.60
CA GLU XA 159 30.35 30.28 -61.76
C GLU XA 159 31.04 29.57 -60.60
N PRO YA 40 -52.25 -30.60 79.80
CA PRO YA 40 -53.51 -30.93 80.46
C PRO YA 40 -54.31 -29.69 80.84
N VAL YA 41 -53.85 -28.52 80.39
CA VAL YA 41 -54.51 -27.25 80.66
C VAL YA 41 -54.80 -26.58 79.32
N ALA YA 42 -55.96 -25.95 79.21
CA ALA YA 42 -56.34 -25.26 77.99
C ALA YA 42 -55.72 -23.88 77.96
N ARG YA 43 -55.05 -23.55 76.85
CA ARG YA 43 -54.40 -22.26 76.67
C ARG YA 43 -54.94 -21.61 75.41
N TYR YA 44 -55.67 -20.50 75.58
CA TYR YA 44 -56.28 -19.77 74.49
C TYR YA 44 -55.44 -18.54 74.13
N PRO YA 45 -55.45 -18.12 72.87
CA PRO YA 45 -54.86 -16.83 72.51
C PRO YA 45 -55.67 -15.68 73.08
N PRO YA 46 -55.06 -14.51 73.29
CA PRO YA 46 -55.82 -13.35 73.79
C PRO YA 46 -56.84 -12.86 72.77
N ILE YA 47 -57.86 -12.16 73.27
CA ILE YA 47 -59.03 -11.82 72.48
C ILE YA 47 -58.87 -10.37 72.00
N VAL YA 48 -57.62 -9.92 71.90
CA VAL YA 48 -57.37 -8.58 71.38
C VAL YA 48 -57.60 -8.54 69.87
N ALA YA 49 -57.68 -7.33 69.34
CA ALA YA 49 -57.95 -7.13 67.93
C ALA YA 49 -56.71 -7.43 67.09
N SER YA 50 -56.88 -7.38 65.78
CA SER YA 50 -55.76 -7.57 64.86
C SER YA 50 -54.86 -6.33 64.88
N LEU YA 51 -53.65 -6.49 64.32
CA LEU YA 51 -52.70 -5.39 64.35
C LEU YA 51 -52.62 -4.68 63.00
N THR YA 52 -52.77 -5.40 61.91
CA THR YA 52 -52.58 -4.84 60.57
C THR YA 52 -53.88 -4.59 59.82
N ALA YA 53 -55.03 -4.66 60.50
CA ALA YA 53 -56.30 -4.54 59.79
C ALA YA 53 -56.71 -3.09 59.63
N LYS YA 54 -57.65 -2.87 58.71
CA LYS YA 54 -58.22 -1.55 58.42
C LYS YA 54 -59.15 -1.07 59.53
N SER YA 55 -59.62 -1.96 60.39
CA SER YA 55 -60.71 -1.67 61.31
C SER YA 55 -60.30 -0.71 62.41
N LYS YA 56 -61.32 -0.12 63.06
CA LYS YA 56 -61.10 0.87 64.09
C LYS YA 56 -60.48 0.26 65.35
N ALA YA 57 -60.83 -0.99 65.65
CA ALA YA 57 -60.22 -1.68 66.78
C ALA YA 57 -58.74 -1.95 66.53
N ALA YA 58 -58.39 -2.29 65.28
CA ALA YA 58 -56.98 -2.45 64.91
C ALA YA 58 -56.24 -1.12 64.96
N ARG YA 59 -56.91 -0.04 64.55
CA ARG YA 59 -56.32 1.29 64.65
C ARG YA 59 -56.06 1.68 66.11
N GLN YA 60 -57.01 1.35 66.98
CA GLN YA 60 -56.85 1.62 68.41
C GLN YA 60 -55.75 0.76 69.02
N ARG YA 61 -55.56 -0.46 68.50
CA ARG YA 61 -54.46 -1.29 68.96
C ARG YA 61 -53.11 -0.73 68.52
N ARG YA 62 -53.04 -0.16 67.32
CA ARG YA 62 -51.81 0.51 66.89
C ARG YA 62 -51.54 1.76 67.73
N VAL YA 63 -52.61 2.49 68.09
CA VAL YA 63 -52.49 3.63 69.00
C VAL YA 63 -51.93 3.17 70.35
N GLU YA 64 -52.49 2.09 70.90
CA GLU YA 64 -52.02 1.57 72.19
C GLU YA 64 -50.60 1.03 72.09
N GLN YA 65 -50.19 0.58 70.89
CA GLN YA 65 -48.80 0.18 70.67
C GLN YA 65 -47.85 1.36 70.79
N TRP YA 66 -48.18 2.50 70.17
CA TRP YA 66 -47.24 3.62 70.31
C TRP YA 66 -47.34 4.30 71.68
N GLN YA 67 -48.51 4.23 72.34
CA GLN YA 67 -48.59 4.73 73.71
C GLN YA 67 -47.76 3.88 74.66
N ALA YA 68 -47.76 2.55 74.45
CA ALA YA 68 -46.87 1.67 75.21
C ALA YA 68 -45.41 1.88 74.84
N THR YA 69 -45.13 2.32 73.61
CA THR YA 69 -43.77 2.69 73.24
C THR YA 69 -43.29 3.91 74.04
N VAL YA 70 -44.17 4.90 74.22
CA VAL YA 70 -43.84 6.05 75.07
C VAL YA 70 -43.69 5.60 76.52
N HIS YA 71 -44.51 4.64 76.96
CA HIS YA 71 -44.38 4.05 78.29
C HIS YA 71 -43.03 3.36 78.48
N ALA YA 72 -42.58 2.62 77.47
CA ALA YA 72 -41.32 1.90 77.53
C ALA YA 72 -40.11 2.79 77.29
N ALA YA 73 -40.31 4.02 76.81
CA ALA YA 73 -39.21 4.98 76.72
C ALA YA 73 -38.74 5.36 78.13
N LYS YA 74 -37.44 5.62 78.24
CA LYS YA 74 -36.83 5.86 79.55
C LYS YA 74 -36.63 7.35 79.81
N SER YA 75 -35.92 8.04 78.92
CA SER YA 75 -35.64 9.45 79.14
C SER YA 75 -36.82 10.31 78.71
N VAL YA 76 -37.03 11.40 79.46
CA VAL YA 76 -38.17 12.27 79.19
C VAL YA 76 -37.93 13.10 77.93
N ASP YA 77 -36.66 13.25 77.52
CA ASP YA 77 -36.36 13.83 76.21
C ASP YA 77 -36.88 12.94 75.09
N GLU YA 78 -36.66 11.62 75.21
CA GLU YA 78 -37.20 10.68 74.24
C GLU YA 78 -38.73 10.64 74.30
N LYS YA 79 -39.30 10.78 75.51
CA LYS YA 79 -40.74 10.85 75.66
C LYS YA 79 -41.32 12.06 74.92
N LEU YA 80 -40.71 13.24 75.11
CA LEU YA 80 -41.17 14.45 74.43
C LEU YA 80 -40.97 14.36 72.93
N ARG YA 81 -39.87 13.70 72.50
CA ARG YA 81 -39.60 13.54 71.07
C ARG YA 81 -40.66 12.68 70.40
N ILE YA 82 -41.04 11.56 71.04
CA ILE YA 82 -42.06 10.70 70.46
C ILE YA 82 -43.45 11.35 70.53
N LEU YA 83 -43.73 12.09 71.61
CA LEU YA 83 -45.04 12.76 71.72
C LEU YA 83 -45.19 13.89 70.71
N THR YA 84 -44.13 14.66 70.46
CA THR YA 84 -44.23 15.82 69.59
C THR YA 84 -43.62 15.61 68.21
N LYS YA 85 -43.27 14.39 67.84
CA LYS YA 85 -42.67 14.18 66.53
C LYS YA 85 -43.67 14.22 65.38
N MET YA 86 -44.98 14.18 65.68
CA MET YA 86 -46.00 14.26 64.64
C MET YA 86 -46.39 15.71 64.40
N GLN YA 87 -46.70 16.04 63.15
CA GLN YA 87 -46.90 17.41 62.70
C GLN YA 87 -48.30 17.67 62.18
N PHE YA 88 -49.34 17.18 62.83
CA PHE YA 88 -50.69 17.41 62.33
C PHE YA 88 -51.21 18.80 62.69
N MET YA 89 -52.40 19.13 62.20
CA MET YA 89 -52.95 20.48 62.35
C MET YA 89 -53.36 20.75 63.79
N LYS YA 90 -53.27 22.02 64.20
CA LYS YA 90 -53.55 22.40 65.57
C LYS YA 90 -54.06 23.83 65.60
N TYR YA 91 -54.77 24.17 66.69
CA TYR YA 91 -55.22 25.53 66.92
C TYR YA 91 -54.15 26.30 67.69
N VAL YA 92 -53.88 27.52 67.25
CA VAL YA 92 -52.91 28.39 67.90
C VAL YA 92 -53.66 29.22 68.94
N VAL YA 93 -53.42 28.93 70.21
CA VAL YA 93 -54.13 29.57 71.31
C VAL YA 93 -53.27 30.74 71.81
N TYR YA 94 -53.80 31.95 71.74
CA TYR YA 94 -53.09 33.13 72.18
C TYR YA 94 -53.53 33.51 73.58
N PRO YA 95 -52.61 33.59 74.55
CA PRO YA 95 -53.00 34.11 75.88
C PRO YA 95 -53.47 35.56 75.87
N GLN YA 96 -52.85 36.40 75.04
CA GLN YA 96 -53.28 37.79 74.86
C GLN YA 96 -54.21 37.83 73.66
N THR YA 97 -55.51 37.91 73.92
CA THR YA 97 -56.52 37.73 72.88
C THR YA 97 -57.53 38.85 72.91
N PHE YA 98 -58.20 39.05 71.77
CA PHE YA 98 -59.26 40.04 71.63
C PHE YA 98 -60.64 39.41 71.56
N ALA YA 99 -60.78 38.13 71.91
CA ALA YA 99 -62.06 37.45 71.84
C ALA YA 99 -63.01 37.94 72.94
N LEU YA 100 -64.31 37.83 72.68
CA LEU YA 100 -65.32 38.39 73.56
C LEU YA 100 -65.48 37.56 74.83
N ASN YA 101 -65.86 36.30 74.69
CA ASN YA 101 -65.93 35.42 75.85
C ASN YA 101 -64.83 34.39 75.67
N ALA YA 102 -63.61 34.77 76.04
CA ALA YA 102 -62.46 33.90 75.83
C ALA YA 102 -62.15 33.02 77.02
N ASP YA 103 -62.51 33.46 78.24
CA ASP YA 103 -62.25 32.66 79.43
C ASP YA 103 -63.10 31.39 79.44
N ASN YA 104 -64.35 31.49 78.97
CA ASN YA 104 -65.22 30.32 78.93
C ASN YA 104 -64.74 29.30 77.89
N TRP YA 105 -64.31 29.78 76.73
CA TRP YA 105 -63.78 28.89 75.70
C TRP YA 105 -62.46 28.26 76.12
N TYR YA 106 -61.62 29.02 76.83
CA TYR YA 106 -60.37 28.46 77.33
C TYR YA 106 -60.64 27.45 78.43
N GLN YA 107 -61.66 27.68 79.26
CA GLN YA 107 -62.06 26.69 80.26
C GLN YA 107 -62.60 25.43 79.60
N SER YA 108 -63.29 25.58 78.46
CA SER YA 108 -63.77 24.42 77.73
C SER YA 108 -62.62 23.63 77.12
N PHE YA 109 -61.59 24.33 76.63
CA PHE YA 109 -60.44 23.64 76.05
C PHE YA 109 -59.56 23.01 77.14
N THR YA 110 -59.64 23.56 78.35
CA THR YA 110 -58.69 23.25 79.42
C THR YA 110 -59.25 22.26 80.46
N LYS YA 111 -60.59 22.14 80.55
CA LYS YA 111 -61.28 21.45 81.65
C LYS YA 111 -60.82 22.00 83.00
N THR YA 112 -60.91 23.32 83.14
CA THR YA 112 -60.60 24.00 84.38
C THR YA 112 -61.82 24.78 84.85
N VAL YA 113 -61.98 24.88 86.16
CA VAL YA 113 -63.06 25.65 86.76
C VAL YA 113 -62.48 26.90 87.41
N PHE YA 114 -63.14 28.02 87.21
CA PHE YA 114 -62.68 29.31 87.72
C PHE YA 114 -63.45 29.66 88.99
N LEU YA 115 -62.71 30.00 90.04
CA LEU YA 115 -63.29 30.44 91.30
C LEU YA 115 -62.80 31.85 91.61
N SER YA 116 -63.74 32.77 91.82
CA SER YA 116 -63.39 34.11 92.22
C SER YA 116 -62.91 34.14 93.67
N GLY YA 117 -61.95 34.99 93.94
CA GLY YA 117 -61.42 35.08 95.28
C GLY YA 117 -60.11 34.31 95.43
N LEU YA 118 -59.42 34.57 96.53
CA LEU YA 118 -58.15 33.92 96.79
C LEU YA 118 -58.35 32.46 97.18
N PRO YA 119 -57.32 31.62 96.99
CA PRO YA 119 -57.39 30.25 97.53
C PRO YA 119 -57.40 30.24 99.04
N PRO YA 120 -57.88 29.18 99.67
CA PRO YA 120 -57.89 29.11 101.14
C PRO YA 120 -56.48 29.13 101.71
N THR YA 121 -56.26 30.00 102.68
CA THR YA 121 -54.92 30.30 103.16
C THR YA 121 -54.39 29.18 104.03
N PRO YA 122 -53.17 28.69 103.76
CA PRO YA 122 -52.56 27.69 104.64
C PRO YA 122 -52.12 28.32 105.96
N ALA YA 123 -53.03 28.33 106.94
CA ALA YA 123 -52.86 29.07 108.19
C ALA YA 123 -51.89 28.41 109.17
N LYS YA 124 -51.13 27.41 108.75
CA LYS YA 124 -50.09 26.81 109.60
C LYS YA 124 -48.77 27.57 109.55
N LEU YA 125 -48.77 28.83 109.14
CA LEU YA 125 -47.54 29.60 108.97
C LEU YA 125 -46.94 29.98 110.31
N GLU YA 126 -45.60 29.98 110.36
CA GLU YA 126 -44.85 30.49 111.49
C GLU YA 126 -44.96 32.02 111.52
N PRO YA 127 -44.65 32.68 112.65
CA PRO YA 127 -44.65 34.15 112.66
C PRO YA 127 -43.54 34.77 111.82
N GLU YA 128 -43.72 34.67 110.50
CA GLU YA 128 -42.87 35.24 109.45
C GLU YA 128 -43.07 36.74 109.16
N PRO YA 129 -44.32 37.33 109.17
CA PRO YA 129 -44.40 38.78 108.85
C PRO YA 129 -43.79 39.71 109.90
N THR YA 130 -42.46 39.75 109.91
CA THR YA 130 -41.70 40.86 110.47
C THR YA 130 -41.34 41.88 109.38
N LEU YA 131 -42.19 41.99 108.36
CA LEU YA 131 -41.89 42.77 107.17
C LEU YA 131 -41.88 44.26 107.48
N ASP YA 132 -40.95 44.98 106.84
CA ASP YA 132 -40.95 46.42 106.88
C ASP YA 132 -41.63 46.95 105.61
N ILE YA 133 -42.83 47.50 105.78
CA ILE YA 133 -43.65 47.92 104.65
C ILE YA 133 -43.10 49.19 104.00
N THR YA 134 -42.47 50.06 104.78
CA THR YA 134 -42.01 51.37 104.29
C THR YA 134 -40.92 51.25 103.24
N ALA YA 135 -39.97 50.32 103.40
CA ALA YA 135 -38.91 50.16 102.42
C ALA YA 135 -39.42 49.55 101.12
N LEU YA 136 -40.36 48.59 101.22
CA LEU YA 136 -40.97 48.02 100.02
C LEU YA 136 -41.80 49.05 99.27
N ARG YA 137 -42.55 49.88 100.01
CA ARG YA 137 -43.31 50.96 99.40
C ARG YA 137 -42.39 51.99 98.77
N GLU YA 138 -41.26 52.29 99.43
CA GLU YA 138 -40.30 53.22 98.88
C GLU YA 138 -39.64 52.68 97.61
N ALA YA 139 -39.38 51.38 97.56
CA ALA YA 139 -38.81 50.77 96.36
C ALA YA 139 -39.80 50.80 95.20
N VAL YA 140 -41.06 50.46 95.47
CA VAL YA 140 -42.09 50.46 94.42
C VAL YA 140 -42.35 51.87 93.93
N CYS YA 141 -42.42 52.84 94.85
CA CYS YA 141 -42.59 54.24 94.46
C CYS YA 141 -41.38 54.78 93.72
N ASP YA 142 -40.17 54.29 94.04
CA ASP YA 142 -38.98 54.72 93.32
C ASP YA 142 -38.99 54.18 91.90
N CYS YA 143 -39.45 52.94 91.72
CA CYS YA 143 -39.62 52.38 90.37
C CYS YA 143 -40.66 53.17 89.57
N LEU YA 144 -41.78 53.53 90.20
CA LEU YA 144 -42.79 54.37 89.57
C LEU YA 144 -42.24 55.73 89.15
N LEU YA 145 -41.53 56.39 90.07
CA LEU YA 145 -40.98 57.71 89.76
C LEU YA 145 -39.87 57.64 88.72
N GLN YA 146 -39.13 56.53 88.66
CA GLN YA 146 -38.07 56.40 87.65
C GLN YA 146 -38.65 56.26 86.25
N GLU YA 147 -39.44 55.20 86.00
CA GLU YA 147 -39.96 55.05 84.64
C GLU YA 147 -41.17 55.95 84.34
N HIS YA 148 -41.63 56.78 85.29
CA HIS YA 148 -42.63 57.76 84.89
C HIS YA 148 -42.13 59.21 84.86
N PHE YA 149 -41.19 59.61 85.71
CA PHE YA 149 -40.83 61.03 85.77
C PHE YA 149 -39.33 61.20 85.52
N PHE YA 150 -38.52 60.38 86.19
CA PHE YA 150 -37.09 60.68 86.32
C PHE YA 150 -36.30 60.25 85.08
N LEU YA 151 -36.49 59.01 84.62
CA LEU YA 151 -35.77 58.52 83.45
C LEU YA 151 -36.30 59.17 82.17
N ARG YA 152 -35.47 59.96 81.51
CA ARG YA 152 -35.87 60.67 80.31
C ARG YA 152 -35.60 59.79 79.09
N ARG YA 153 -36.60 59.65 78.24
CA ARG YA 153 -36.48 58.94 76.97
C ARG YA 153 -35.83 59.83 75.91
N LYS YA 154 -35.49 59.20 74.79
CA LYS YA 154 -35.38 59.92 73.53
C LYS YA 154 -36.74 60.49 73.18
N LYS YA 155 -36.76 61.68 72.56
CA LYS YA 155 -37.97 62.49 72.47
C LYS YA 155 -39.04 61.81 71.63
N ARG YA 156 -40.23 61.68 72.21
CA ARG YA 156 -41.33 60.95 71.59
C ARG YA 156 -42.21 61.94 70.83
N ALA YA 157 -42.06 61.95 69.51
CA ALA YA 157 -42.82 62.81 68.60
C ALA YA 157 -44.31 62.49 68.42
N PRO YA 158 -44.79 61.22 68.49
CA PRO YA 158 -46.25 61.04 68.51
C PRO YA 158 -46.94 61.59 69.75
N VAL YA 159 -46.21 61.69 70.89
CA VAL YA 159 -46.60 62.34 72.15
C VAL YA 159 -47.68 61.50 72.87
N ILE YA 160 -48.07 60.37 72.27
CA ILE YA 160 -49.15 59.55 72.82
C ILE YA 160 -48.69 58.76 74.05
N GLN YA 161 -47.38 58.60 74.23
CA GLN YA 161 -46.75 57.97 75.40
C GLN YA 161 -47.25 56.54 75.60
N ASP YA 162 -46.84 55.69 74.65
CA ASP YA 162 -47.22 54.28 74.63
C ASP YA 162 -46.81 53.57 75.90
N ARG YA 163 -47.76 52.88 76.53
CA ARG YA 163 -47.54 52.33 77.87
C ARG YA 163 -46.73 51.05 77.87
N GLU YA 164 -46.47 50.45 76.70
CA GLU YA 164 -45.64 49.26 76.65
C GLU YA 164 -44.18 49.59 77.01
N ALA YA 165 -43.62 50.61 76.37
CA ALA YA 165 -42.25 51.02 76.67
C ALA YA 165 -42.16 51.72 78.02
N ILE YA 166 -43.28 52.22 78.53
CA ILE YA 166 -43.27 52.84 79.85
C ILE YA 166 -43.31 51.78 80.94
N ALA YA 167 -44.19 50.78 80.80
CA ALA YA 167 -44.43 49.86 81.90
C ALA YA 167 -43.60 48.58 81.81
N SER YA 168 -42.92 48.30 80.69
CA SER YA 168 -42.07 47.12 80.63
C SER YA 168 -40.86 47.21 81.56
N PRO YA 169 -39.98 48.24 81.52
CA PRO YA 169 -38.87 48.26 82.49
C PRO YA 169 -39.34 48.56 83.90
N PHE YA 170 -40.54 49.12 84.05
CA PHE YA 170 -41.20 49.18 85.35
C PHE YA 170 -41.43 47.78 85.92
N LEU YA 171 -41.89 46.84 85.09
CA LEU YA 171 -42.10 45.48 85.58
C LEU YA 171 -40.78 44.76 85.84
N ASP YA 172 -39.77 44.94 84.98
CA ASP YA 172 -38.48 44.30 85.27
C ASP YA 172 -37.84 44.84 86.53
N GLN YA 173 -37.91 46.17 86.74
CA GLN YA 173 -37.36 46.77 87.94
C GLN YA 173 -38.16 46.38 89.18
N LEU YA 174 -39.49 46.28 89.07
CA LEU YA 174 -40.31 45.85 90.19
C LEU YA 174 -39.99 44.41 90.59
N VAL YA 175 -39.87 43.51 89.61
CA VAL YA 175 -39.59 42.11 89.90
C VAL YA 175 -38.19 41.96 90.51
N ALA YA 176 -37.19 42.62 89.93
CA ALA YA 176 -35.82 42.53 90.43
C ALA YA 176 -35.68 43.16 91.83
N SER YA 177 -36.31 44.32 92.04
CA SER YA 177 -36.19 45.01 93.32
C SER YA 177 -36.94 44.27 94.42
N LEU YA 178 -38.13 43.73 94.10
CA LEU YA 178 -38.89 43.00 95.11
C LEU YA 178 -38.23 41.67 95.43
N THR YA 179 -37.61 41.02 94.44
CA THR YA 179 -36.85 39.81 94.70
C THR YA 179 -35.62 40.10 95.57
N GLY YA 180 -34.94 41.21 95.30
CA GLY YA 180 -33.77 41.58 96.10
C GLY YA 180 -34.13 41.95 97.53
N LEU YA 181 -35.25 42.65 97.71
CA LEU YA 181 -35.65 43.05 99.06
C LEU YA 181 -36.28 41.89 99.83
N LEU YA 182 -36.90 40.95 99.13
CA LEU YA 182 -37.52 39.81 99.82
C LEU YA 182 -36.62 38.60 99.91
N SER YA 183 -35.40 38.65 99.34
CA SER YA 183 -34.47 37.53 99.45
C SER YA 183 -33.98 37.35 100.89
N VAL YA 184 -33.99 38.41 101.70
CA VAL YA 184 -33.52 38.29 103.07
C VAL YA 184 -34.56 37.59 103.93
N HIS YA 185 -35.83 37.62 103.51
CA HIS YA 185 -36.86 36.89 104.22
C HIS YA 185 -37.06 35.50 103.63
N ASN YA 186 -36.93 35.35 102.32
CA ASN YA 186 -37.11 34.10 101.61
C ASN YA 186 -35.77 33.72 100.99
N PRO YA 187 -35.05 32.76 101.56
CA PRO YA 187 -33.75 32.36 100.97
C PRO YA 187 -33.88 31.60 99.67
N VAL YA 188 -35.09 31.12 99.34
CA VAL YA 188 -35.30 30.38 98.09
C VAL YA 188 -35.18 31.31 96.89
N LEU YA 189 -35.58 32.58 97.07
CA LEU YA 189 -35.50 33.56 95.98
C LEU YA 189 -34.06 33.89 95.60
N ALA YA 190 -33.11 33.74 96.50
CA ALA YA 190 -31.70 33.89 96.14
C ALA YA 190 -31.22 32.77 95.24
N ALA YA 191 -31.61 31.53 95.51
CA ALA YA 191 -31.24 30.39 94.69
C ALA YA 191 -32.12 30.23 93.46
N ALA YA 192 -33.18 31.02 93.35
CA ALA YA 192 -34.03 30.97 92.17
C ALA YA 192 -33.40 31.75 91.03
N ALA YA 193 -33.85 31.45 89.81
CA ALA YA 193 -33.38 32.11 88.60
C ALA YA 193 -34.47 33.02 88.05
N LEU YA 194 -34.05 34.07 87.35
CA LEU YA 194 -34.96 35.07 86.79
C LEU YA 194 -34.87 35.02 85.28
N ASP YA 195 -36.02 34.82 84.63
CA ASP YA 195 -36.10 34.86 83.18
C ASP YA 195 -36.81 36.12 82.73
N CYS YA 196 -36.32 36.73 81.65
CA CYS YA 196 -36.86 37.99 81.14
C CYS YA 196 -37.20 37.82 79.67
N LYS YA 197 -38.49 37.81 79.37
CA LYS YA 197 -39.06 37.76 78.00
C LYS YA 197 -38.58 36.52 77.25
N ARG YA 198 -38.83 35.35 77.85
CA ARG YA 198 -38.40 34.08 77.31
C ARG YA 198 -39.62 33.17 77.14
N PRO YA 199 -39.82 32.61 75.94
CA PRO YA 199 -41.11 32.01 75.61
C PRO YA 199 -41.37 30.70 76.35
N VAL YA 200 -42.67 30.41 76.54
CA VAL YA 200 -43.15 29.18 77.17
C VAL YA 200 -44.19 28.56 76.24
N HIS YA 201 -43.98 27.29 75.88
CA HIS YA 201 -44.83 26.60 74.90
C HIS YA 201 -45.41 25.35 75.53
N PHE YA 202 -46.61 24.98 75.08
CA PHE YA 202 -47.27 23.76 75.51
C PHE YA 202 -48.21 23.27 74.42
N PHE YA 203 -48.26 21.94 74.26
CA PHE YA 203 -49.06 21.29 73.23
C PHE YA 203 -49.82 20.13 73.87
N TRP YA 204 -51.12 20.06 73.59
CA TRP YA 204 -51.95 19.01 74.18
C TRP YA 204 -53.12 18.71 73.26
N LEU YA 205 -53.75 17.57 73.51
CA LEU YA 205 -54.90 17.11 72.76
C LEU YA 205 -56.15 17.20 73.63
N ARG YA 206 -57.27 17.57 73.03
CA ARG YA 206 -58.52 17.74 73.76
C ARG YA 206 -59.70 17.45 72.85
N GLY YA 207 -60.54 16.51 73.27
CA GLY YA 207 -61.78 16.22 72.59
C GLY YA 207 -61.56 15.47 71.28
N GLU YA 208 -62.62 15.44 70.47
CA GLU YA 208 -62.61 14.73 69.20
C GLU YA 208 -63.32 15.59 68.16
N GLU YA 209 -63.13 15.22 66.89
CA GLU YA 209 -63.77 15.92 65.79
C GLU YA 209 -63.88 14.98 64.60
N ILE YA 210 -65.01 15.05 63.91
CA ILE YA 210 -65.18 14.40 62.61
C ILE YA 210 -64.91 15.44 61.54
N ILE YA 211 -64.07 15.10 60.57
CA ILE YA 211 -63.62 16.03 59.55
C ILE YA 211 -64.77 16.33 58.59
N PRO YA 212 -65.16 17.60 58.42
CA PRO YA 212 -66.32 17.88 57.58
C PRO YA 212 -66.03 17.86 56.08
N ARG YA 213 -64.79 18.11 55.68
CA ARG YA 213 -64.46 18.33 54.29
C ARG YA 213 -63.12 17.69 53.95
N GLY YA 214 -62.88 17.52 52.65
CA GLY YA 214 -61.63 16.96 52.15
C GLY YA 214 -61.76 15.48 51.84
N HIS YA 215 -60.61 14.89 51.51
CA HIS YA 215 -60.55 13.46 51.24
C HIS YA 215 -60.59 12.63 52.52
N ARG YA 216 -60.40 13.25 53.68
CA ARG YA 216 -60.53 12.57 54.96
C ARG YA 216 -61.88 12.82 55.60
N LYS YA 217 -62.91 13.09 54.80
CA LYS YA 217 -64.23 13.44 55.32
C LYS YA 217 -64.90 12.22 55.94
N GLY YA 218 -65.46 12.40 57.13
CA GLY YA 218 -66.14 11.35 57.84
C GLY YA 218 -65.29 10.59 58.83
N ARG YA 219 -63.97 10.73 58.76
CA ARG YA 219 -63.08 10.06 59.69
C ARG YA 219 -62.95 10.89 60.97
N VAL YA 220 -62.40 10.28 62.01
CA VAL YA 220 -62.31 10.89 63.33
C VAL YA 220 -60.87 11.27 63.59
N ASP YA 221 -60.64 12.54 63.90
CA ASP YA 221 -59.31 13.04 64.23
C ASP YA 221 -59.43 14.01 65.38
N ALA YA 222 -58.51 13.89 66.33
CA ALA YA 222 -58.59 14.67 67.56
C ALA YA 222 -58.22 16.13 67.32
N LEU YA 223 -58.67 16.99 68.23
CA LEU YA 223 -58.37 18.42 68.18
C LEU YA 223 -57.09 18.69 68.96
N ARG YA 224 -56.16 19.40 68.34
CA ARG YA 224 -54.87 19.72 68.95
C ARG YA 224 -54.77 21.21 69.18
N TYR YA 225 -54.11 21.60 70.27
CA TYR YA 225 -53.96 23.00 70.65
C TYR YA 225 -52.50 23.31 70.96
N GLN YA 226 -52.09 24.53 70.64
CA GLN YA 226 -50.74 25.00 70.89
C GLN YA 226 -50.81 26.40 71.47
N ILE YA 227 -50.06 26.62 72.56
CA ILE YA 227 -49.98 27.92 73.21
C ILE YA 227 -48.57 28.46 73.02
N ASN YA 228 -48.46 29.55 72.28
CA ASN YA 228 -47.19 30.27 72.10
C ASN YA 228 -47.25 31.51 72.97
N ASP YA 229 -46.64 31.43 74.15
CA ASP YA 229 -46.74 32.48 75.16
C ASP YA 229 -45.36 33.03 75.46
N LYS YA 230 -45.30 34.35 75.62
CA LYS YA 230 -44.06 35.04 75.94
C LYS YA 230 -44.27 35.82 77.24
N PRO YA 231 -43.97 35.19 78.37
CA PRO YA 231 -44.12 35.88 79.66
C PRO YA 231 -43.11 37.01 79.82
N HIS YA 232 -43.51 38.05 80.55
CA HIS YA 232 -42.62 39.19 80.76
C HIS YA 232 -41.50 38.84 81.74
N ASN YA 233 -41.84 38.14 82.82
CA ASN YA 233 -40.86 37.74 83.81
C ASN YA 233 -41.24 36.38 84.36
N GLN YA 234 -40.22 35.63 84.81
CA GLN YA 234 -40.42 34.30 85.36
C GLN YA 234 -39.43 34.07 86.50
N ILE YA 235 -39.86 33.24 87.46
CA ILE YA 235 -39.02 32.80 88.56
C ILE YA 235 -39.08 31.28 88.60
N ARG YA 236 -37.92 30.64 88.64
CA ARG YA 236 -37.84 29.17 88.60
C ARG YA 236 -37.11 28.63 89.82
N ILE YA 237 -37.66 27.56 90.39
CA ILE YA 237 -37.20 26.98 91.64
C ILE YA 237 -36.83 25.52 91.37
N SER YA 238 -35.77 25.06 92.05
CA SER YA 238 -35.38 23.65 91.98
C SER YA 238 -36.44 22.73 92.58
N ARG YA 239 -37.24 23.22 93.52
CA ARG YA 239 -38.21 22.39 94.23
C ARG YA 239 -39.63 22.91 94.00
N GLN YA 240 -40.60 22.00 94.10
CA GLN YA 240 -41.99 22.31 93.79
C GLN YA 240 -42.64 23.12 94.91
N LEU YA 241 -43.53 24.03 94.51
CA LEU YA 241 -44.41 24.73 95.42
C LEU YA 241 -45.43 23.75 96.01
N PRO YA 242 -45.88 23.98 97.25
CA PRO YA 242 -46.84 23.06 97.87
C PRO YA 242 -48.24 23.20 97.29
N GLU YA 243 -49.07 22.20 97.57
CA GLU YA 243 -50.43 22.19 97.08
C GLU YA 243 -51.35 23.09 97.92
N PHE YA 244 -52.35 23.65 97.26
CA PHE YA 244 -53.37 24.43 97.97
C PHE YA 244 -54.55 23.56 98.38
N VAL YA 245 -55.01 22.70 97.49
CA VAL YA 245 -56.10 21.75 97.77
C VAL YA 245 -55.62 20.36 97.39
N PRO YA 246 -56.22 19.30 98.00
CA PRO YA 246 -55.83 17.94 97.63
C PRO YA 246 -56.20 17.55 96.21
N LEU YA 247 -55.71 16.37 95.79
CA LEU YA 247 -55.79 15.96 94.38
C LEU YA 247 -57.22 15.62 93.97
N ASP YA 248 -57.94 14.88 94.80
CA ASP YA 248 -59.31 14.47 94.51
C ASP YA 248 -60.34 15.44 95.06
N TYR YA 249 -59.96 16.69 95.32
CA TYR YA 249 -60.90 17.69 95.84
C TYR YA 249 -61.88 18.11 94.75
N SER YA 250 -63.17 17.99 95.07
CA SER YA 250 -64.23 18.19 94.10
C SER YA 250 -65.02 19.46 94.40
N ILE YA 251 -65.40 20.16 93.33
CA ILE YA 251 -66.13 21.42 93.42
C ILE YA 251 -67.49 21.21 92.75
N PRO YA 252 -68.59 21.70 93.33
CA PRO YA 252 -69.91 21.52 92.67
C PRO YA 252 -70.06 22.22 91.33
N ILE YA 253 -69.29 23.29 91.08
CA ILE YA 253 -69.39 23.96 89.80
C ILE YA 253 -68.66 23.10 88.75
N GLU YA 254 -69.17 23.13 87.52
CA GLU YA 254 -68.72 22.23 86.47
C GLU YA 254 -68.27 23.03 85.25
N VAL YA 255 -67.43 22.38 84.44
CA VAL YA 255 -66.70 23.01 83.33
C VAL YA 255 -67.67 23.42 82.23
N PRO YA 256 -67.67 24.69 81.81
CA PRO YA 256 -68.60 25.14 80.77
C PRO YA 256 -68.28 24.54 79.41
N VAL YA 257 -69.30 24.03 78.74
CA VAL YA 257 -69.16 23.36 77.46
C VAL YA 257 -69.85 24.21 76.40
N MET YA 258 -69.07 24.68 75.43
CA MET YA 258 -69.62 25.44 74.32
C MET YA 258 -70.09 24.50 73.23
N SER YA 259 -71.32 24.71 72.74
CA SER YA 259 -71.92 23.86 71.72
C SER YA 259 -71.64 24.46 70.34
N CYS YA 260 -70.36 24.74 70.07
CA CYS YA 260 -69.93 25.34 68.82
C CYS YA 260 -68.52 24.92 68.47
N LYS YA 261 -68.12 25.14 67.23
CA LYS YA 261 -66.76 24.85 66.81
C LYS YA 261 -65.80 25.91 67.34
N PRO YA 262 -64.54 25.55 67.58
CA PRO YA 262 -63.56 26.55 68.06
C PRO YA 262 -63.21 27.64 67.05
N ASP YA 263 -63.61 27.50 65.79
CA ASP YA 263 -63.35 28.55 64.80
C ASP YA 263 -64.19 29.79 65.04
N LYS YA 264 -65.26 29.70 65.83
CA LYS YA 264 -66.17 30.81 66.04
C LYS YA 264 -65.75 31.74 67.17
N LEU YA 265 -64.63 31.43 67.84
CA LEU YA 265 -64.16 32.28 68.94
C LEU YA 265 -63.75 33.69 68.52
N PRO YA 266 -62.93 33.92 67.46
CA PRO YA 266 -62.24 33.11 66.44
C PRO YA 266 -60.93 32.45 66.88
N LEU YA 267 -60.71 31.23 66.40
CA LEU YA 267 -59.42 30.57 66.43
C LEU YA 267 -59.17 29.96 65.06
N PHE YA 268 -57.89 29.83 64.71
CA PHE YA 268 -57.52 29.41 63.38
C PHE YA 268 -56.50 28.28 63.45
N LYS YA 269 -56.63 27.33 62.53
CA LYS YA 269 -55.73 26.19 62.47
C LYS YA 269 -54.46 26.56 61.72
N ARG YA 270 -53.32 26.18 62.30
CA ARG YA 270 -52.03 26.43 61.67
C ARG YA 270 -51.12 25.27 62.00
N GLN YA 271 -50.16 25.01 61.11
CA GLN YA 271 -49.26 23.88 61.24
C GLN YA 271 -47.81 24.35 61.28
N TYR YA 272 -47.11 23.97 62.32
CA TYR YA 272 -45.67 24.17 62.49
C TYR YA 272 -45.18 23.16 63.51
N GLU YA 273 -43.97 23.38 64.03
CA GLU YA 273 -43.36 22.41 64.93
C GLU YA 273 -44.03 22.41 66.29
N ASN YA 274 -44.05 21.24 66.93
CA ASN YA 274 -44.70 21.05 68.22
C ASN YA 274 -43.64 21.12 69.31
N THR YA 275 -43.67 22.19 70.10
CA THR YA 275 -42.71 22.41 71.17
C THR YA 275 -43.43 22.48 72.51
N ILE YA 276 -42.83 21.85 73.52
CA ILE YA 276 -43.28 21.95 74.90
C ILE YA 276 -42.10 22.51 75.68
N PHE YA 277 -42.26 23.74 76.18
CA PHE YA 277 -41.13 24.48 76.72
C PHE YA 277 -41.49 25.06 78.08
N ILE YA 278 -40.54 25.00 79.01
CA ILE YA 278 -40.71 25.54 80.35
C ILE YA 278 -40.10 26.93 80.50
N GLY YA 279 -39.30 27.36 79.54
CA GLY YA 279 -38.42 28.50 79.70
C GLY YA 279 -36.97 28.12 79.69
N SER YA 280 -36.70 26.81 79.66
CA SER YA 280 -35.37 26.24 79.53
C SER YA 280 -35.55 24.86 78.93
N LYS YA 281 -34.43 24.16 78.71
CA LYS YA 281 -34.55 22.78 78.27
C LYS YA 281 -34.63 21.84 79.45
N THR YA 282 -34.49 20.54 79.15
CA THR YA 282 -34.68 19.51 80.17
C THR YA 282 -33.50 19.44 81.13
N ALA YA 283 -32.28 19.65 80.63
CA ALA YA 283 -31.08 19.47 81.46
C ALA YA 283 -30.91 20.58 82.49
N ASP YA 284 -31.72 21.65 82.42
CA ASP YA 284 -31.76 22.63 83.49
C ASP YA 284 -32.34 22.01 84.75
N PRO YA 285 -31.65 22.13 85.89
CA PRO YA 285 -32.13 21.47 87.12
C PRO YA 285 -33.35 22.12 87.73
N LEU YA 286 -33.68 23.35 87.36
CA LEU YA 286 -34.82 24.07 87.91
C LEU YA 286 -36.03 23.76 87.04
N CYS YA 287 -36.69 22.64 87.34
CA CYS YA 287 -37.86 22.21 86.58
C CYS YA 287 -39.17 22.66 87.20
N TYR YA 288 -39.12 23.49 88.25
CA TYR YA 288 -40.31 24.02 88.88
C TYR YA 288 -40.20 25.54 88.92
N GLY YA 289 -41.31 26.20 89.28
CA GLY YA 289 -41.35 27.65 89.23
C GLY YA 289 -42.00 28.28 90.45
N HIS YA 290 -41.98 29.61 90.47
CA HIS YA 290 -42.66 30.39 91.51
C HIS YA 290 -43.84 31.20 90.98
N THR YA 291 -43.58 32.14 90.07
CA THR YA 291 -44.59 33.07 89.60
C THR YA 291 -44.39 33.38 88.12
N GLN YA 292 -45.45 33.95 87.55
CA GLN YA 292 -45.40 34.55 86.23
C GLN YA 292 -45.82 36.02 86.33
N PHE YA 293 -45.32 36.82 85.39
CA PHE YA 293 -45.71 38.22 85.25
C PHE YA 293 -46.05 38.46 83.78
N HIS YA 294 -47.19 39.10 83.54
CA HIS YA 294 -47.67 39.31 82.17
C HIS YA 294 -48.13 40.75 81.99
N LEU YA 295 -47.54 41.45 81.02
CA LEU YA 295 -47.94 42.81 80.69
C LEU YA 295 -49.01 42.77 79.61
N LEU YA 296 -50.06 43.58 79.78
CA LEU YA 296 -51.07 43.72 78.73
C LEU YA 296 -50.51 44.53 77.57
N PRO YA 297 -50.84 44.20 76.33
CA PRO YA 297 -50.36 44.99 75.19
C PRO YA 297 -51.15 46.27 75.02
N ASP YA 298 -50.80 47.00 73.95
CA ASP YA 298 -51.45 48.27 73.66
C ASP YA 298 -52.88 48.07 73.17
N LYS YA 299 -53.13 46.99 72.43
CA LYS YA 299 -54.44 46.78 71.83
C LYS YA 299 -55.49 46.38 72.86
N LEU YA 300 -55.07 45.86 74.01
CA LEU YA 300 -55.98 45.35 75.03
C LEU YA 300 -56.10 46.28 76.22
N LYS YA 301 -55.92 47.59 76.03
CA LYS YA 301 -56.02 48.54 77.13
C LYS YA 301 -57.48 48.77 77.50
N ARG YA 302 -57.69 49.25 78.73
CA ARG YA 302 -59.02 49.55 79.22
C ARG YA 302 -59.67 50.69 78.43
N GLU YA 303 -58.87 51.70 78.07
CA GLU YA 303 -59.36 52.80 77.26
C GLU YA 303 -59.78 52.31 75.87
N LYS YA 304 -59.01 51.38 75.30
CA LYS YA 304 -59.36 50.80 74.00
C LYS YA 304 -60.64 49.97 74.11
N LEU YA 305 -60.83 49.26 75.22
CA LEU YA 305 -62.06 48.50 75.41
C LEU YA 305 -63.27 49.40 75.58
N LEU YA 306 -63.12 50.50 76.33
CA LEU YA 306 -64.23 51.44 76.49
C LEU YA 306 -64.54 52.18 75.19
N LYS YA 307 -63.53 52.38 74.33
CA LYS YA 307 -63.82 52.86 72.98
C LYS YA 307 -64.51 51.80 72.14
N GLN YA 308 -64.17 50.52 72.34
CA GLN YA 308 -64.81 49.40 71.64
C GLN YA 308 -66.14 48.99 72.27
N ASN YA 309 -66.60 49.74 73.29
CA ASN YA 309 -67.84 49.46 74.05
C ASN YA 309 -67.77 48.09 74.72
N CYS YA 310 -66.84 47.93 75.65
CA CYS YA 310 -66.52 46.64 76.27
C CYS YA 310 -66.37 46.85 77.77
N ALA YA 311 -67.34 46.36 78.55
CA ALA YA 311 -67.35 46.58 80.00
C ALA YA 311 -66.71 45.41 80.75
N ASP YA 312 -67.28 44.21 80.60
CA ASP YA 312 -66.77 43.05 81.33
C ASP YA 312 -65.54 42.45 80.66
N GLN YA 313 -65.20 42.93 79.45
CA GLN YA 313 -64.05 42.42 78.73
C GLN YA 313 -62.75 42.73 79.43
N ILE YA 314 -62.74 43.77 80.27
CA ILE YA 314 -61.58 44.07 81.12
C ILE YA 314 -61.25 42.91 82.02
N GLU YA 315 -62.26 42.31 82.66
CA GLU YA 315 -62.01 41.14 83.49
C GLU YA 315 -61.78 39.89 82.64
N VAL YA 316 -62.47 39.80 81.50
CA VAL YA 316 -62.42 38.58 80.67
C VAL YA 316 -61.03 38.39 80.05
N VAL YA 317 -60.39 39.49 79.64
CA VAL YA 317 -59.05 39.40 79.02
C VAL YA 317 -58.01 38.93 80.03
N PHE YA 318 -58.05 39.48 81.25
CA PHE YA 318 -57.17 39.04 82.34
C PHE YA 318 -57.41 37.57 82.69
N ARG YA 319 -58.68 37.16 82.73
CA ARG YA 319 -59.05 35.77 83.01
C ARG YA 319 -58.49 34.83 81.95
N ALA YA 320 -58.64 35.19 80.68
CA ALA YA 320 -58.18 34.36 79.58
C ALA YA 320 -56.66 34.26 79.55
N ASN YA 321 -55.98 35.38 79.85
CA ASN YA 321 -54.52 35.39 79.91
C ASN YA 321 -54.00 34.46 80.99
N ALA YA 322 -54.61 34.52 82.17
CA ALA YA 322 -54.18 33.66 83.27
C ALA YA 322 -54.46 32.19 82.98
N ILE YA 323 -55.68 31.88 82.51
CA ILE YA 323 -56.10 30.51 82.22
C ILE YA 323 -55.27 29.88 81.11
N ALA YA 324 -54.86 30.69 80.12
CA ALA YA 324 -53.98 30.14 79.08
C ALA YA 324 -52.56 29.92 79.61
N SER YA 325 -51.93 30.98 80.13
CA SER YA 325 -50.50 30.95 80.46
C SER YA 325 -50.16 29.99 81.59
N LEU YA 326 -50.93 30.02 82.69
CA LEU YA 326 -50.59 29.21 83.85
C LEU YA 326 -50.84 27.74 83.58
N PHE YA 327 -51.89 27.41 82.81
CA PHE YA 327 -52.14 26.03 82.43
C PHE YA 327 -51.06 25.49 81.51
N ALA YA 328 -50.64 26.31 80.54
CA ALA YA 328 -49.58 25.90 79.62
C ALA YA 328 -48.28 25.65 80.35
N TRP YA 329 -47.97 26.49 81.33
CA TRP YA 329 -46.70 26.37 82.04
C TRP YA 329 -46.74 25.23 83.06
N THR YA 330 -47.90 24.96 83.66
CA THR YA 330 -48.00 23.80 84.55
C THR YA 330 -47.96 22.48 83.76
N GLY YA 331 -48.54 22.48 82.56
CA GLY YA 331 -48.40 21.31 81.70
C GLY YA 331 -46.96 21.10 81.23
N ALA YA 332 -46.24 22.20 81.02
CA ALA YA 332 -44.82 22.12 80.73
C ALA YA 332 -44.04 21.53 81.90
N GLN YA 333 -44.37 21.94 83.14
CA GLN YA 333 -43.74 21.34 84.31
C GLN YA 333 -44.04 19.85 84.39
N ALA YA 334 -45.30 19.48 84.12
CA ALA YA 334 -45.71 18.09 84.22
C ALA YA 334 -45.04 17.21 83.17
N MET YA 335 -44.79 17.75 81.98
CA MET YA 335 -44.19 16.92 80.93
C MET YA 335 -42.66 16.96 80.89
N TYR YA 336 -42.01 17.98 81.47
CA TYR YA 336 -40.61 17.76 81.83
C TYR YA 336 -40.43 16.88 83.06
N GLN YA 337 -41.47 16.71 83.90
CA GLN YA 337 -41.37 15.78 85.00
C GLN YA 337 -41.81 14.36 84.66
N GLY YA 338 -42.03 14.07 83.37
CA GLY YA 338 -42.32 12.72 82.94
C GLY YA 338 -43.77 12.32 82.95
N PHE YA 339 -44.67 13.16 83.45
CA PHE YA 339 -46.09 12.86 83.42
C PHE YA 339 -46.67 13.24 82.06
N TRP YA 340 -47.61 12.44 81.59
CA TRP YA 340 -48.21 12.65 80.28
C TRP YA 340 -49.63 12.08 80.33
N SER YA 341 -50.19 11.78 79.15
CA SER YA 341 -51.61 11.47 79.04
C SER YA 341 -52.01 10.17 79.75
N GLU YA 342 -51.22 9.11 79.58
CA GLU YA 342 -51.55 7.84 80.22
C GLU YA 342 -50.87 7.65 81.57
N ALA YA 343 -50.03 8.58 82.00
CA ALA YA 343 -49.47 8.54 83.34
C ALA YA 343 -50.24 9.42 84.31
N ASP YA 344 -51.11 10.30 83.79
CA ASP YA 344 -51.93 11.26 84.52
C ASP YA 344 -51.00 12.13 85.38
N VAL YA 345 -51.42 12.50 86.58
CA VAL YA 345 -50.60 13.35 87.47
C VAL YA 345 -50.66 12.75 88.87
N THR YA 346 -49.50 12.50 89.47
CA THR YA 346 -49.46 11.92 90.81
C THR YA 346 -49.78 12.96 91.88
N ARG YA 347 -49.08 14.09 91.86
CA ARG YA 347 -49.30 15.17 92.83
C ARG YA 347 -49.43 16.50 92.09
N PRO YA 348 -50.30 17.41 92.54
CA PRO YA 348 -50.74 18.53 91.70
C PRO YA 348 -49.66 19.56 91.44
N PHE YA 349 -49.85 20.36 90.39
CA PHE YA 349 -48.89 21.39 90.02
C PHE YA 349 -49.49 22.76 90.28
N VAL YA 350 -48.81 23.56 91.09
CA VAL YA 350 -49.35 24.80 91.64
C VAL YA 350 -48.52 25.98 91.14
N SER YA 351 -49.19 27.01 90.64
CA SER YA 351 -48.49 28.17 90.11
C SER YA 351 -49.24 29.45 90.47
N GLN YA 352 -48.48 30.56 90.46
CA GLN YA 352 -49.01 31.88 90.74
C GLN YA 352 -48.73 32.81 89.56
N GLY YA 353 -49.62 33.76 89.36
CA GLY YA 353 -49.50 34.66 88.22
C GLY YA 353 -49.96 36.05 88.57
N VAL YA 354 -49.23 37.04 88.06
CA VAL YA 354 -49.56 38.45 88.22
C VAL YA 354 -49.72 39.05 86.84
N ILE YA 355 -50.91 39.54 86.53
CA ILE YA 355 -51.24 40.10 85.23
C ILE YA 355 -51.46 41.59 85.41
N THR YA 356 -50.67 42.40 84.70
CA THR YA 356 -50.64 43.84 84.92
C THR YA 356 -50.97 44.58 83.64
N ASP YA 357 -51.92 45.50 83.73
CA ASP YA 357 -51.95 46.67 82.86
C ASP YA 357 -51.15 47.75 83.57
N GLY YA 358 -50.77 48.80 82.84
CA GLY YA 358 -49.88 49.84 83.31
C GLY YA 358 -50.25 50.55 84.61
N LYS YA 359 -51.53 50.50 84.98
CA LYS YA 359 -51.95 50.99 86.28
C LYS YA 359 -52.49 49.86 87.16
N TYR YA 360 -52.99 48.79 86.55
CA TYR YA 360 -53.85 47.84 87.24
C TYR YA 360 -53.19 46.48 87.40
N PHE YA 361 -53.40 45.86 88.55
CA PHE YA 361 -52.81 44.57 88.89
C PHE YA 361 -53.89 43.54 89.16
N SER YA 362 -53.62 42.29 88.77
CA SER YA 362 -54.52 41.19 89.06
C SER YA 362 -53.71 39.97 89.44
N PHE YA 363 -54.25 39.17 90.36
CA PHE YA 363 -53.55 38.05 90.96
C PHE YA 363 -54.33 36.76 90.75
N PHE YA 364 -53.64 35.72 90.27
CA PHE YA 364 -54.27 34.47 89.94
C PHE YA 364 -53.43 33.31 90.50
N CYS YA 365 -54.12 32.22 90.83
CA CYS YA 365 -53.48 30.98 91.23
C CYS YA 365 -54.04 29.85 90.40
N TYR YA 366 -53.20 28.88 90.06
CA TYR YA 366 -53.61 27.75 89.24
C TYR YA 366 -53.14 26.45 89.87
N GLN YA 367 -54.00 25.44 89.85
CA GLN YA 367 -53.64 24.08 90.23
C GLN YA 367 -54.07 23.13 89.11
N LEU YA 368 -53.10 22.42 88.56
CA LEU YA 368 -53.32 21.37 87.56
C LEU YA 368 -53.34 20.03 88.26
N ASN YA 369 -54.45 19.30 88.07
CA ASN YA 369 -54.56 17.89 88.43
C ASN YA 369 -54.71 17.01 87.19
N THR YA 370 -55.29 17.57 86.11
CA THR YA 370 -55.58 16.79 84.91
C THR YA 370 -54.55 17.10 83.85
N LEU YA 371 -53.88 16.07 83.36
CA LEU YA 371 -53.11 16.18 82.13
C LEU YA 371 -53.65 15.25 81.06
N ALA YA 372 -54.49 14.30 81.44
CA ALA YA 372 -55.18 13.40 80.52
C ALA YA 372 -56.40 14.12 79.97
N LEU YA 373 -56.18 15.02 79.03
CA LEU YA 373 -57.26 15.72 78.35
C LEU YA 373 -57.68 15.01 77.06
N THR YA 374 -57.04 13.89 76.74
CA THR YA 374 -57.44 13.09 75.58
C THR YA 374 -58.81 12.47 75.85
N ALA YA 375 -59.63 12.38 74.79
CA ALA YA 375 -61.03 11.99 74.94
C ALA YA 375 -61.17 10.53 75.35
N GLN YA 376 -60.21 9.68 74.97
CA GLN YA 376 -60.27 8.29 75.36
C GLN YA 376 -59.97 8.10 76.84
N ALA YA 377 -59.17 8.99 77.43
CA ALA YA 377 -58.88 8.93 78.85
C ALA YA 377 -59.77 9.85 79.69
N ASP YA 378 -60.60 10.68 79.06
CA ASP YA 378 -61.41 11.64 79.77
C ASP YA 378 -62.85 11.15 80.01
N GLN YA 379 -63.16 9.91 79.64
CA GLN YA 379 -64.50 9.38 79.88
C GLN YA 379 -64.72 9.12 81.37
N ASN YA 380 -63.74 8.54 82.04
CA ASN YA 380 -63.87 8.19 83.45
C ASN YA 380 -63.00 9.05 84.37
N ASN YA 381 -62.61 10.24 83.94
CA ASN YA 381 -61.74 11.09 84.75
C ASN YA 381 -62.57 12.07 85.58
N PRO YA 382 -62.62 11.94 86.91
CA PRO YA 382 -63.48 12.84 87.69
C PRO YA 382 -62.82 14.15 88.10
N ARG YA 383 -61.50 14.18 88.19
CA ARG YA 383 -60.80 15.35 88.71
C ARG YA 383 -60.81 16.50 87.69
N LYS YA 384 -60.56 17.71 88.20
CA LYS YA 384 -60.57 18.93 87.41
C LYS YA 384 -59.38 19.81 87.78
N ASN YA 385 -59.09 20.77 86.90
CA ASN YA 385 -58.12 21.82 87.19
C ASN YA 385 -58.84 23.01 87.82
N ILE YA 386 -58.14 23.76 88.66
CA ILE YA 386 -58.75 24.88 89.39
C ILE YA 386 -57.94 26.14 89.08
N CYS YA 387 -58.64 27.24 88.82
CA CYS YA 387 -58.02 28.55 88.69
C CYS YA 387 -58.73 29.54 89.61
N TRP YA 388 -58.03 29.98 90.66
CA TRP YA 388 -58.52 31.02 91.54
C TRP YA 388 -58.11 32.38 91.00
N GLY YA 389 -59.03 33.34 91.07
CA GLY YA 389 -58.79 34.64 90.48
C GLY YA 389 -59.02 35.76 91.47
N THR YA 390 -58.43 36.91 91.15
CA THR YA 390 -58.64 38.14 91.89
C THR YA 390 -59.12 39.22 90.93
N GLN YA 391 -60.10 40.01 91.38
CA GLN YA 391 -60.59 41.13 90.59
C GLN YA 391 -59.51 42.19 90.42
N SER YA 392 -59.54 42.88 89.29
CA SER YA 392 -58.52 43.85 88.95
C SER YA 392 -58.57 45.07 89.86
N LYS YA 393 -57.41 45.41 90.40
CA LYS YA 393 -57.27 46.52 91.35
C LYS YA 393 -56.09 47.38 90.97
N PRO YA 394 -56.25 48.70 90.92
CA PRO YA 394 -55.13 49.58 90.59
C PRO YA 394 -54.11 49.66 91.73
N LEU YA 395 -52.87 49.95 91.35
CA LEU YA 395 -51.80 50.08 92.34
C LEU YA 395 -51.62 51.53 92.75
N TYR YA 396 -51.46 52.42 91.78
CA TYR YA 396 -51.28 53.84 92.03
C TYR YA 396 -52.45 54.62 91.45
N GLU YA 397 -52.36 55.94 91.54
CA GLU YA 397 -53.40 56.84 91.04
C GLU YA 397 -52.79 58.21 90.80
N THR YA 398 -52.93 58.70 89.55
CA THR YA 398 -52.57 60.05 89.03
C THR YA 398 -51.22 60.54 89.54
N ILE YA 399 -50.18 59.80 89.13
CA ILE YA 399 -48.81 60.18 89.46
C ILE YA 399 -48.43 61.46 88.71
N GLU YA 400 -47.85 62.41 89.43
CA GLU YA 400 -47.54 63.73 88.89
C GLU YA 400 -46.42 64.39 89.69
N ASP YA 401 -45.31 64.69 89.02
CA ASP YA 401 -44.26 65.62 89.49
C ASP YA 401 -43.65 65.18 90.83
N ASN YA 402 -42.97 64.04 90.78
CA ASN YA 402 -42.26 63.30 91.86
C ASN YA 402 -43.12 63.04 93.10
N ASN YA 403 -44.45 63.03 92.99
CA ASN YA 403 -45.35 62.76 94.10
C ASN YA 403 -46.37 61.72 93.66
N VAL YA 404 -46.41 60.59 94.37
CA VAL YA 404 -47.42 59.57 94.12
C VAL YA 404 -48.67 59.93 94.93
N LYS YA 405 -49.76 60.24 94.24
CA LYS YA 405 -50.96 60.73 94.93
C LYS YA 405 -51.72 59.58 95.61
N GLY YA 406 -52.20 58.63 94.81
CA GLY YA 406 -52.89 57.48 95.35
C GLY YA 406 -52.01 56.24 95.37
N PHE YA 407 -52.22 55.39 96.36
CA PHE YA 407 -51.45 54.16 96.48
C PHE YA 407 -52.31 53.10 97.18
N ASN YA 408 -52.30 51.89 96.65
CA ASN YA 408 -53.03 50.76 97.22
C ASN YA 408 -52.04 49.84 97.91
N ASP YA 409 -52.14 49.77 99.24
CA ASP YA 409 -51.24 48.92 100.00
C ASP YA 409 -51.59 47.45 99.88
N ASP YA 410 -52.87 47.14 99.62
CA ASP YA 410 -53.32 45.75 99.62
C ASP YA 410 -52.78 44.98 98.41
N VAL YA 411 -52.58 45.68 97.29
CA VAL YA 411 -51.98 45.06 96.11
C VAL YA 411 -50.53 44.69 96.39
N LEU YA 412 -49.80 45.57 97.08
CA LEU YA 412 -48.43 45.28 97.47
C LEU YA 412 -48.36 44.14 98.49
N LEU YA 413 -49.33 44.10 99.41
CA LEU YA 413 -49.38 43.00 100.37
C LEU YA 413 -49.67 41.66 99.69
N GLN YA 414 -50.58 41.65 98.71
CA GLN YA 414 -50.85 40.43 97.96
C GLN YA 414 -49.64 39.99 97.14
N LEU YA 415 -48.92 40.95 96.58
CA LEU YA 415 -47.70 40.65 95.82
C LEU YA 415 -46.61 40.10 96.72
N VAL YA 416 -46.48 40.64 97.94
CA VAL YA 416 -45.49 40.13 98.88
C VAL YA 416 -45.87 38.75 99.38
N GLN YA 417 -47.16 38.49 99.60
CA GLN YA 417 -47.61 37.15 99.99
C GLN YA 417 -47.42 36.14 98.86
N PHE YA 418 -47.54 36.60 97.61
CA PHE YA 418 -47.24 35.74 96.48
C PHE YA 418 -45.75 35.45 96.38
N LEU YA 419 -44.92 36.45 96.63
CA LEU YA 419 -43.47 36.26 96.53
C LEU YA 419 -42.88 35.57 97.75
N LEU YA 420 -43.62 35.44 98.84
CA LEU YA 420 -43.12 34.82 100.07
C LEU YA 420 -43.46 33.34 100.17
N ASN YA 421 -44.04 32.75 99.13
CA ASN YA 421 -44.34 31.32 99.17
C ASN YA 421 -43.06 30.50 99.06
N ARG YA 422 -42.96 29.45 99.86
CA ARG YA 422 -41.78 28.63 99.97
C ARG YA 422 -42.15 27.17 99.76
N PRO YA 423 -41.24 26.38 99.19
CA PRO YA 423 -41.45 24.92 99.17
C PRO YA 423 -41.34 24.33 100.56
N LYS YA 424 -42.00 23.19 100.75
CA LYS YA 424 -41.97 22.51 102.03
C LYS YA 424 -40.60 21.92 102.30
N GLU YA 425 -40.20 21.93 103.56
CA GLU YA 425 -38.86 21.54 103.97
C GLU YA 425 -38.91 20.21 104.72
N ASP YA 426 -37.78 19.50 104.67
CA ASP YA 426 -37.64 18.23 105.37
C ASP YA 426 -36.17 17.96 105.66
N PHE ZA 35 -42.24 -80.60 -46.77
CA PHE ZA 35 -41.93 -80.38 -45.35
C PHE ZA 35 -41.16 -81.57 -44.80
N ARG ZA 36 -39.93 -81.32 -44.35
CA ARG ZA 36 -39.04 -82.38 -43.88
C ARG ZA 36 -38.92 -82.30 -42.37
N GLU ZA 37 -39.12 -83.42 -41.69
CA GLU ZA 37 -38.98 -83.49 -40.25
C GLU ZA 37 -37.81 -84.41 -39.89
N VAL ZA 38 -37.19 -84.13 -38.74
CA VAL ZA 38 -36.09 -84.97 -38.24
C VAL ZA 38 -36.59 -85.71 -37.00
N VAL ZA 39 -36.25 -87.00 -36.93
CA VAL ZA 39 -36.62 -87.86 -35.81
C VAL ZA 39 -35.33 -88.41 -35.21
N GLU ZA 40 -35.18 -88.24 -33.90
CA GLU ZA 40 -34.02 -88.72 -33.14
C GLU ZA 40 -34.47 -89.86 -32.23
N ILE ZA 41 -33.85 -91.03 -32.40
CA ILE ZA 41 -34.27 -92.26 -31.75
C ILE ZA 41 -33.11 -92.78 -30.91
N LEU ZA 42 -33.40 -93.11 -29.66
CA LEU ZA 42 -32.42 -93.69 -28.74
C LEU ZA 42 -32.83 -95.14 -28.44
N ASP ZA 43 -32.03 -96.09 -28.92
CA ASP ZA 43 -32.28 -97.51 -28.68
C ASP ZA 43 -31.00 -98.16 -28.16
N GLY ZA 44 -30.81 -98.09 -26.84
CA GLY ZA 44 -29.72 -98.80 -26.18
C GLY ZA 44 -28.33 -98.38 -26.57
N LYS ZA 45 -27.95 -97.13 -26.22
CA LYS ZA 45 -26.67 -96.50 -26.55
C LYS ZA 45 -26.42 -96.39 -28.05
N THR ZA 46 -27.48 -96.43 -28.86
CA THR ZA 46 -27.39 -96.20 -30.30
C THR ZA 46 -28.37 -95.10 -30.66
N THR ZA 47 -27.86 -94.05 -31.32
CA THR ZA 47 -28.65 -92.91 -31.70
C THR ZA 47 -28.85 -92.95 -33.21
N ILE ZA 48 -30.11 -92.85 -33.64
CA ILE ZA 48 -30.45 -92.82 -35.07
C ILE ZA 48 -31.16 -91.51 -35.35
N ILE ZA 49 -30.64 -90.74 -36.31
CA ILE ZA 49 -31.22 -89.46 -36.72
C ILE ZA 49 -31.68 -89.61 -38.17
N GLU ZA 50 -32.97 -89.39 -38.41
CA GLU ZA 50 -33.53 -89.62 -39.74
C GLU ZA 50 -34.34 -88.42 -40.20
N GLY ZA 51 -34.32 -88.19 -41.51
CA GLY ZA 51 -35.16 -87.15 -42.09
C GLY ZA 51 -36.24 -87.74 -42.97
N ARG ZA 52 -37.48 -87.34 -42.71
CA ARG ZA 52 -38.64 -87.90 -43.39
C ARG ZA 52 -39.44 -86.76 -44.04
N ILE ZA 53 -39.89 -87.01 -45.27
CA ILE ZA 53 -40.65 -86.03 -46.03
C ILE ZA 53 -42.14 -86.28 -45.81
N THR ZA 54 -42.86 -85.22 -45.43
CA THR ZA 54 -44.30 -85.23 -45.28
C THR ZA 54 -44.89 -84.38 -46.42
N GLU ZA 55 -46.04 -84.81 -46.95
CA GLU ZA 55 -46.70 -84.13 -48.06
C GLU ZA 55 -47.08 -82.71 -47.69
N THR ZA 56 -46.74 -81.78 -48.58
CA THR ZA 56 -46.91 -80.36 -48.32
C THR ZA 56 -47.99 -79.79 -49.23
N PRO ZA 57 -48.76 -78.80 -48.77
CA PRO ZA 57 -49.73 -78.15 -49.65
C PRO ZA 57 -49.04 -77.33 -50.73
N GLN ZA 58 -49.72 -77.19 -51.86
CA GLN ZA 58 -49.19 -76.51 -53.02
C GLN ZA 58 -49.88 -75.17 -53.22
N GLU ZA 59 -49.36 -74.39 -54.17
CA GLU ZA 59 -49.95 -73.12 -54.55
C GLU ZA 59 -51.30 -73.35 -55.24
N SER ZA 60 -52.23 -72.42 -55.03
CA SER ZA 60 -53.54 -72.44 -55.68
C SER ZA 60 -53.35 -72.28 -57.20
N PRO ZA 61 -54.18 -72.93 -58.01
CA PRO ZA 61 -53.85 -73.05 -59.45
C PRO ZA 61 -53.97 -71.77 -60.27
N ASN ZA 62 -54.94 -70.90 -59.96
CA ASN ZA 62 -55.22 -69.72 -60.78
C ASN ZA 62 -55.04 -68.44 -59.97
N PRO ZA 63 -53.86 -67.83 -60.01
CA PRO ZA 63 -53.71 -66.47 -59.50
C PRO ZA 63 -54.35 -65.48 -60.47
N PRO ZA 64 -54.90 -64.37 -59.95
CA PRO ZA 64 -55.53 -63.38 -60.83
C PRO ZA 64 -54.54 -62.61 -61.70
N ASN ZA 65 -53.28 -62.51 -61.28
CA ASN ZA 65 -52.26 -61.75 -62.02
C ASN ZA 65 -51.07 -62.68 -62.23
N PRO ZA 66 -51.11 -63.50 -63.28
CA PRO ZA 66 -50.06 -64.52 -63.46
C PRO ZA 66 -48.70 -63.95 -63.85
N THR ZA 67 -48.65 -62.76 -64.45
CA THR ZA 67 -47.38 -62.24 -64.90
C THR ZA 67 -46.57 -61.59 -63.78
N GLY ZA 68 -47.13 -61.45 -62.59
CA GLY ZA 68 -46.38 -60.94 -61.46
C GLY ZA 68 -45.37 -61.93 -60.92
N GLN ZA 69 -44.18 -61.45 -60.54
CA GLN ZA 69 -43.14 -62.34 -60.02
C GLN ZA 69 -43.45 -62.78 -58.58
N CYS ZA 70 -43.48 -61.84 -57.68
CA CYS ZA 70 -43.61 -61.89 -56.23
C CYS ZA 70 -44.96 -62.50 -55.84
N PRO ZA 71 -44.98 -63.36 -54.81
CA PRO ZA 71 -46.23 -64.06 -54.44
C PRO ZA 71 -47.39 -63.17 -53.99
N ILE ZA 72 -47.14 -62.13 -53.19
CA ILE ZA 72 -48.21 -61.22 -52.83
C ILE ZA 72 -48.62 -60.36 -54.02
N CYS ZA 73 -47.64 -59.84 -54.74
CA CYS ZA 73 -47.89 -58.90 -55.83
C CYS ZA 73 -48.43 -59.57 -57.08
N ARG ZA 74 -48.45 -60.91 -57.13
CA ARG ZA 74 -49.17 -61.62 -58.18
C ARG ZA 74 -50.55 -62.07 -57.74
N TRP ZA 75 -50.80 -62.14 -56.43
CA TRP ZA 75 -52.12 -62.41 -55.90
C TRP ZA 75 -52.89 -61.14 -55.58
N ASN ZA 76 -52.32 -59.97 -55.89
CA ASN ZA 76 -52.98 -58.66 -55.83
C ASN ZA 76 -53.38 -58.30 -54.40
N LEU ZA 77 -52.58 -58.73 -53.43
CA LEU ZA 77 -52.78 -58.37 -52.04
C LEU ZA 77 -51.87 -57.25 -51.60
N LYS ZA 78 -51.18 -56.59 -52.54
CA LYS ZA 78 -50.37 -55.43 -52.20
C LYS ZA 78 -51.26 -54.25 -51.81
N HIS ZA 79 -50.90 -53.60 -50.70
CA HIS ZA 79 -51.64 -52.49 -50.09
C HIS ZA 79 -53.08 -52.89 -49.73
N LYS ZA 80 -53.29 -54.17 -49.40
CA LYS ZA 80 -54.62 -54.65 -49.08
C LYS ZA 80 -54.67 -55.25 -47.68
N TYR ZA 81 -53.73 -56.13 -47.36
CA TYR ZA 81 -53.78 -56.86 -46.10
C TYR ZA 81 -53.37 -55.97 -44.93
N ASN ZA 82 -53.68 -56.43 -43.72
CA ASN ZA 82 -53.41 -55.70 -42.50
C ASN ZA 82 -52.96 -56.68 -41.41
N TYR ZA 83 -52.93 -56.25 -40.15
CA TYR ZA 83 -52.64 -57.16 -39.06
C TYR ZA 83 -53.80 -58.13 -38.83
N GLU ZA 84 -55.01 -57.72 -39.18
CA GLU ZA 84 -56.22 -58.50 -38.96
C GLU ZA 84 -56.28 -59.74 -39.84
N ASP ZA 85 -55.65 -59.71 -41.00
CA ASP ZA 85 -55.69 -60.83 -41.94
C ASP ZA 85 -54.84 -61.97 -41.40
N VAL ZA 86 -55.46 -62.82 -40.59
CA VAL ZA 86 -54.78 -63.95 -39.97
C VAL ZA 86 -54.49 -65.04 -41.00
N LEU ZA 87 -55.38 -65.19 -42.00
CA LEU ZA 87 -55.29 -66.30 -42.94
C LEU ZA 87 -54.09 -66.16 -43.88
N LEU ZA 88 -53.59 -64.96 -44.08
CA LEU ZA 88 -52.42 -64.79 -44.93
C LEU ZA 88 -51.13 -64.78 -44.10
N LEU ZA 89 -51.20 -64.23 -42.89
CA LEU ZA 89 -50.03 -64.22 -42.00
C LEU ZA 89 -49.71 -65.62 -41.49
N SER ZA 90 -50.69 -66.52 -41.49
CA SER ZA 90 -50.42 -67.90 -41.11
C SER ZA 90 -49.65 -68.64 -42.20
N GLN ZA 91 -49.63 -68.11 -43.43
CA GLN ZA 91 -48.95 -68.80 -44.51
C GLN ZA 91 -47.43 -68.66 -44.43
N PHE ZA 92 -46.92 -67.51 -43.95
CA PHE ZA 92 -45.48 -67.27 -43.94
C PHE ZA 92 -45.02 -67.15 -42.49
N ILE ZA 93 -44.97 -68.27 -41.78
CA ILE ZA 93 -44.57 -68.39 -40.36
C ILE ZA 93 -44.23 -69.84 -40.08
N ARG ZA 94 -43.46 -70.08 -39.02
CA ARG ZA 94 -43.16 -71.39 -38.49
C ARG ZA 94 -44.19 -71.81 -37.44
N PRO ZA 95 -44.33 -73.13 -37.17
CA PRO ZA 95 -45.21 -73.57 -36.07
C PRO ZA 95 -44.81 -73.08 -34.69
N HIS ZA 96 -43.54 -72.75 -34.48
CA HIS ZA 96 -43.10 -72.19 -33.20
C HIS ZA 96 -43.10 -70.67 -33.19
N GLY ZA 97 -43.83 -70.03 -34.10
CA GLY ZA 97 -43.92 -68.59 -34.12
C GLY ZA 97 -42.81 -67.87 -34.85
N GLY ZA 98 -41.83 -68.60 -35.39
CA GLY ZA 98 -40.74 -68.00 -36.12
C GLY ZA 98 -41.12 -67.64 -37.55
N MET ZA 99 -40.17 -67.00 -38.24
CA MET ZA 99 -40.41 -66.58 -39.61
C MET ZA 99 -39.51 -67.33 -40.58
N LEU ZA 100 -39.90 -67.33 -41.84
CA LEU ZA 100 -39.14 -67.98 -42.90
C LEU ZA 100 -38.34 -66.93 -43.69
N PRO ZA 101 -37.15 -67.27 -44.18
CA PRO ZA 101 -36.33 -66.27 -44.88
C PRO ZA 101 -36.89 -65.91 -46.25
N ARG ZA 102 -36.45 -64.76 -46.75
CA ARG ZA 102 -36.99 -64.19 -47.98
C ARG ZA 102 -36.55 -64.99 -49.20
N ARG ZA 103 -35.40 -65.67 -49.10
CA ARG ZA 103 -34.95 -66.58 -50.16
C ARG ZA 103 -35.90 -67.75 -50.32
N ILE ZA 104 -36.52 -68.21 -49.23
CA ILE ZA 104 -37.50 -69.29 -49.33
C ILE ZA 104 -38.86 -68.75 -49.74
N THR ZA 105 -39.29 -67.63 -49.14
CA THR ZA 105 -40.65 -67.14 -49.38
C THR ZA 105 -40.81 -66.52 -50.76
N GLY ZA 106 -39.75 -65.95 -51.32
CA GLY ZA 106 -39.81 -65.35 -52.63
C GLY ZA 106 -40.37 -63.95 -52.68
N LEU ZA 107 -40.62 -63.32 -51.54
CA LEU ZA 107 -41.28 -62.03 -51.49
C LEU ZA 107 -40.32 -60.91 -51.89
N CYS ZA 108 -40.88 -59.78 -52.32
CA CYS ZA 108 -40.08 -58.57 -52.45
C CYS ZA 108 -39.77 -58.04 -51.07
N GLN ZA 109 -38.68 -57.28 -50.94
CA GLN ZA 109 -38.09 -56.94 -49.65
C GLN ZA 109 -39.01 -56.08 -48.78
N GLU ZA 110 -39.64 -55.07 -49.38
CA GLU ZA 110 -40.53 -54.19 -48.64
C GLU ZA 110 -41.77 -54.94 -48.15
N GLU ZA 111 -42.29 -55.87 -48.97
CA GLU ZA 111 -43.47 -56.61 -48.55
C GLU ZA 111 -43.10 -57.69 -47.54
N HIS ZA 112 -41.87 -58.22 -47.60
CA HIS ZA 112 -41.38 -59.12 -46.56
C HIS ZA 112 -41.28 -58.40 -45.22
N LEU ZA 113 -40.80 -57.16 -45.24
CA LEU ZA 113 -40.75 -56.36 -44.02
C LEU ZA 113 -42.16 -56.05 -43.51
N LYS ZA 114 -43.10 -55.83 -44.43
CA LYS ZA 114 -44.49 -55.62 -44.04
C LYS ZA 114 -45.11 -56.87 -43.41
N ILE ZA 115 -44.82 -58.04 -43.98
CA ILE ZA 115 -45.24 -59.31 -43.39
C ILE ZA 115 -44.63 -59.51 -42.01
N GLU ZA 116 -43.35 -59.17 -41.84
CA GLU ZA 116 -42.68 -59.32 -40.55
C GLU ZA 116 -43.31 -58.42 -39.49
N GLU ZA 117 -43.59 -57.16 -39.87
CA GLU ZA 117 -44.21 -56.22 -38.94
C GLU ZA 117 -45.64 -56.65 -38.58
N CYS ZA 118 -46.39 -57.15 -39.56
CA CYS ZA 118 -47.76 -57.59 -39.29
C CYS ZA 118 -47.81 -58.86 -38.44
N VAL ZA 119 -46.85 -59.78 -38.65
CA VAL ZA 119 -46.77 -60.97 -37.81
C VAL ZA 119 -46.42 -60.60 -36.38
N LYS ZA 120 -45.48 -59.66 -36.20
CA LYS ZA 120 -45.15 -59.18 -34.85
C LYS ZA 120 -46.34 -58.48 -34.19
N MET ZA 121 -47.07 -57.68 -34.97
CA MET ZA 121 -48.24 -56.98 -34.44
C MET ZA 121 -49.35 -57.95 -34.04
N ALA ZA 122 -49.56 -59.00 -34.83
CA ALA ZA 122 -50.57 -60.01 -34.48
C ALA ZA 122 -50.15 -60.82 -33.27
N HIS ZA 123 -48.84 -61.13 -33.16
CA HIS ZA 123 -48.33 -61.89 -32.03
C HIS ZA 123 -48.49 -61.13 -30.72
N ARG ZA 124 -48.19 -59.82 -30.73
CA ARG ZA 124 -48.47 -59.03 -29.54
C ARG ZA 124 -49.95 -58.72 -29.37
N ALA ZA 125 -50.73 -58.76 -30.45
CA ALA ZA 125 -52.17 -58.52 -30.36
C ALA ZA 125 -52.94 -59.72 -29.85
N GLY ZA 126 -52.31 -60.89 -29.79
CA GLY ZA 126 -52.98 -62.04 -29.23
C GLY ZA 126 -53.57 -62.97 -30.25
N LEU ZA 127 -53.35 -62.69 -31.53
CA LEU ZA 127 -53.70 -63.59 -32.61
C LEU ZA 127 -52.65 -64.70 -32.69
N LEU ZA 128 -52.97 -65.73 -33.48
CA LEU ZA 128 -52.22 -66.99 -33.60
C LEU ZA 128 -51.95 -67.61 -32.22
N PRO ZA 129 -52.95 -68.15 -31.53
CA PRO ZA 129 -52.69 -68.71 -30.20
C PRO ZA 129 -52.07 -70.10 -30.23
N ASN ZA 130 -52.17 -70.81 -31.35
CA ASN ZA 130 -51.69 -72.18 -31.43
C ASN ZA 130 -50.23 -72.27 -31.88
N HIS ZA 131 -49.59 -71.16 -32.22
CA HIS ZA 131 -48.23 -71.20 -32.70
C HIS ZA 131 -47.22 -70.84 -31.62
N ARG ZA 132 -47.65 -70.78 -30.36
CA ARG ZA 132 -46.72 -70.66 -29.25
C ARG ZA 132 -46.06 -72.01 -28.98
N PRO ZA 133 -44.80 -72.01 -28.53
CA PRO ZA 133 -44.15 -73.28 -28.18
C PRO ZA 133 -44.77 -73.91 -26.94
N LYS ZA 134 -44.68 -75.24 -26.86
CA LYS ZA 134 -45.26 -75.98 -25.75
C LYS ZA 134 -44.21 -76.23 -24.68
N LEU ZA 135 -44.53 -75.85 -23.45
CA LEU ZA 135 -43.71 -76.12 -22.26
C LEU ZA 135 -44.70 -76.37 -21.13
N PRO ZA 136 -45.06 -77.64 -20.88
CA PRO ZA 136 -46.17 -77.95 -19.96
C PRO ZA 136 -45.92 -77.59 -18.50
N GLU ZA 137 -44.66 -77.38 -18.11
CA GLU ZA 137 -44.37 -76.98 -16.73
C GLU ZA 137 -44.74 -75.52 -16.50
N GLY ZA 138 -44.73 -74.71 -17.56
CA GLY ZA 138 -44.94 -73.28 -17.44
C GLY ZA 138 -46.35 -72.76 -17.61
N PHE ZA 139 -47.27 -73.55 -18.15
CA PHE ZA 139 -48.63 -73.05 -18.35
C PHE ZA 139 -49.42 -72.99 -17.05
N VAL ZA 140 -49.16 -73.91 -16.12
CA VAL ZA 140 -49.85 -73.97 -14.83
C VAL ZA 140 -49.58 -72.74 -13.94
N PRO ZA 141 -48.30 -72.25 -13.72
CA PRO ZA 141 -48.15 -71.06 -12.85
C PRO ZA 141 -48.64 -69.78 -13.49
N LYS ZA 142 -49.93 -69.50 -13.35
CA LYS ZA 142 -50.55 -68.32 -13.96
C LYS ZA 142 -50.00 -67.04 -13.35
N SER ZA 143 -50.04 -65.98 -14.15
CA SER ZA 143 -49.65 -64.62 -13.80
C SER ZA 143 -50.92 -63.77 -13.78
N LYS ZA 144 -50.73 -62.45 -13.73
CA LYS ZA 144 -51.83 -61.53 -13.96
C LYS ZA 144 -52.40 -61.75 -15.36
N PRO ZA 145 -53.71 -61.55 -15.56
CA PRO ZA 145 -54.34 -61.80 -16.87
C PRO ZA 145 -53.74 -60.95 -17.98
N ARG ZA 146 -53.73 -61.52 -19.19
CA ARG ZA 146 -53.12 -60.87 -20.34
C ARG ZA 146 -53.89 -59.63 -20.72
N LEU ZA 147 -53.18 -58.51 -20.80
CA LEU ZA 147 -53.78 -57.23 -21.16
C LEU ZA 147 -54.14 -57.26 -22.65
N ASN ZA 148 -55.39 -56.92 -22.96
CA ASN ZA 148 -55.83 -56.91 -24.34
C ASN ZA 148 -55.24 -55.70 -25.05
N ARG ZA 149 -54.64 -55.94 -26.21
CA ARG ZA 149 -53.94 -54.89 -26.94
C ARG ZA 149 -53.95 -55.25 -28.41
N TYR ZA 150 -53.72 -54.23 -29.24
CA TYR ZA 150 -53.62 -54.40 -30.68
C TYR ZA 150 -52.86 -53.20 -31.24
N LEU ZA 151 -52.43 -53.35 -32.50
CA LEU ZA 151 -51.76 -52.29 -33.27
C LEU ZA 151 -50.48 -51.80 -32.60
N THR ZA 152 -49.77 -52.73 -31.96
CA THR ZA 152 -48.59 -52.40 -31.16
C THR ZA 152 -47.37 -52.41 -32.06
N ARG ZA 153 -46.82 -51.22 -32.33
CA ARG ZA 153 -45.58 -51.14 -33.08
C ARG ZA 153 -44.40 -51.65 -32.27
N TRP ZA 154 -44.26 -51.20 -31.02
CA TRP ZA 154 -43.16 -51.64 -30.20
C TRP ZA 154 -43.53 -52.90 -29.43
N SER ZA 155 -42.62 -53.32 -28.55
CA SER ZA 155 -42.60 -54.39 -27.56
C SER ZA 155 -43.09 -53.86 -26.22
N PRO ZA 156 -43.86 -54.68 -25.49
CA PRO ZA 156 -44.33 -54.25 -24.16
C PRO ZA 156 -43.22 -54.02 -23.13
N ARG ZA 157 -42.12 -54.76 -23.22
CA ARG ZA 157 -41.13 -54.73 -22.15
C ARG ZA 157 -40.10 -53.62 -22.29
N SER ZA 158 -40.04 -52.94 -23.45
CA SER ZA 158 -38.95 -52.01 -23.69
C SER ZA 158 -39.39 -50.55 -23.81
N VAL ZA 159 -40.67 -50.25 -23.59
CA VAL ZA 159 -41.16 -48.88 -23.68
C VAL ZA 159 -41.21 -48.27 -22.28
N LYS ZA 160 -40.61 -47.10 -22.16
CA LYS ZA 160 -40.69 -46.36 -20.91
C LYS ZA 160 -42.03 -45.62 -20.85
N PRO ZA 161 -42.64 -45.50 -19.67
CA PRO ZA 161 -43.85 -44.69 -19.56
C PRO ZA 161 -43.54 -43.21 -19.73
N ILE ZA 162 -44.43 -42.50 -20.41
CA ILE ZA 162 -44.21 -41.08 -20.64
C ILE ZA 162 -44.70 -40.27 -19.42
N TYR ZA 163 -43.78 -40.10 -18.46
CA TYR ZA 163 -44.12 -39.37 -17.25
C TYR ZA 163 -44.22 -37.87 -17.52
N ASN ZA 164 -43.31 -37.34 -18.35
CA ASN ZA 164 -43.25 -35.90 -18.55
C ASN ZA 164 -44.34 -35.42 -19.49
N LYS ZA 165 -44.69 -36.24 -20.51
CA LYS ZA 165 -45.67 -35.92 -21.55
C LYS ZA 165 -45.28 -34.63 -22.27
N GLY ZA 166 -46.25 -33.77 -22.59
CA GLY ZA 166 -45.93 -32.47 -23.13
C GLY ZA 166 -47.19 -31.70 -23.49
N HIS ZA 167 -46.98 -30.42 -23.79
CA HIS ZA 167 -48.06 -29.56 -24.25
C HIS ZA 167 -48.27 -29.76 -25.76
N ARG ZA 168 -49.09 -28.88 -26.35
CA ARG ZA 168 -49.38 -29.06 -27.77
C ARG ZA 168 -48.22 -28.63 -28.66
N TRP ZA 169 -47.37 -27.71 -28.18
CA TRP ZA 169 -46.29 -27.23 -29.04
C TRP ZA 169 -45.07 -28.14 -28.97
N ASN ZA 170 -45.02 -29.06 -27.99
CA ASN ZA 170 -44.14 -30.23 -28.05
C ASN ZA 170 -44.84 -31.39 -27.34
N LYS ZA 171 -45.34 -32.35 -28.12
CA LYS ZA 171 -46.13 -33.45 -27.59
C LYS ZA 171 -45.43 -34.77 -27.89
N VAL ZA 172 -45.23 -35.59 -26.87
CA VAL ZA 172 -44.73 -36.95 -27.06
C VAL ZA 172 -45.91 -37.83 -27.42
N ARG ZA 173 -45.99 -38.24 -28.68
CA ARG ZA 173 -47.12 -38.97 -29.22
C ARG ZA 173 -46.84 -40.45 -29.17
N MET ZA 174 -47.80 -41.22 -28.65
CA MET ZA 174 -47.67 -42.67 -28.58
C MET ZA 174 -47.95 -43.25 -29.96
N PRO ZA 175 -47.01 -43.98 -30.56
CA PRO ZA 175 -47.25 -44.52 -31.90
C PRO ZA 175 -48.19 -45.72 -31.87
N VAL ZA 176 -49.17 -45.71 -32.77
CA VAL ZA 176 -50.12 -46.80 -32.93
C VAL ZA 176 -50.08 -47.25 -34.37
N GLY ZA 177 -49.72 -48.51 -34.59
CA GLY ZA 177 -49.46 -48.98 -35.93
C GLY ZA 177 -48.04 -48.64 -36.36
N SER ZA 178 -47.72 -48.99 -37.59
CA SER ZA 178 -46.35 -48.83 -38.04
C SER ZA 178 -46.27 -48.01 -39.32
N PRO ZA 179 -45.17 -47.26 -39.52
CA PRO ZA 179 -45.01 -46.51 -40.78
C PRO ZA 179 -44.81 -47.40 -42.00
N LEU ZA 180 -44.49 -48.68 -41.83
CA LEU ZA 180 -44.40 -49.59 -42.97
C LEU ZA 180 -45.74 -49.87 -43.60
N LEU ZA 181 -46.84 -49.63 -42.89
CA LEU ZA 181 -48.19 -49.89 -43.38
C LEU ZA 181 -48.97 -48.63 -43.71
N LYS ZA 182 -48.29 -47.51 -43.98
CA LYS ZA 182 -49.01 -46.31 -44.38
C LYS ZA 182 -49.45 -46.34 -45.83
N ASP ZA 183 -48.92 -47.28 -46.62
CA ASP ZA 183 -49.21 -47.35 -48.05
C ASP ZA 183 -50.46 -48.15 -48.38
N ASN ZA 184 -51.20 -48.60 -47.38
CA ASN ZA 184 -52.47 -49.28 -47.63
C ASN ZA 184 -53.50 -48.31 -48.19
N VAL ZA 185 -54.50 -48.85 -48.88
CA VAL ZA 185 -55.51 -48.01 -49.49
C VAL ZA 185 -56.43 -47.43 -48.42
N SER ZA 186 -56.94 -46.24 -48.68
CA SER ZA 186 -57.81 -45.53 -47.74
C SER ZA 186 -59.17 -45.33 -48.41
N TYR ZA 187 -60.16 -46.09 -47.95
CA TYR ZA 187 -61.50 -45.94 -48.48
C TYR ZA 187 -62.20 -44.68 -47.98
N SER ZA 188 -61.85 -44.22 -46.77
CA SER ZA 188 -62.36 -42.94 -46.31
C SER ZA 188 -61.66 -41.78 -47.01
N GLY ZA 189 -60.43 -42.00 -47.48
CA GLY ZA 189 -59.64 -40.96 -48.08
C GLY ZA 189 -58.72 -40.23 -47.12
N ARG ZA 190 -58.99 -40.32 -45.83
CA ARG ZA 190 -58.16 -39.70 -44.81
C ARG ZA 190 -56.92 -40.57 -44.55
N PRO ZA 191 -55.77 -39.96 -44.27
CA PRO ZA 191 -54.57 -40.74 -43.96
C PRO ZA 191 -54.67 -41.43 -42.61
N LEU ZA 192 -53.99 -42.57 -42.50
CA LEU ZA 192 -54.02 -43.34 -41.27
C LEU ZA 192 -53.16 -42.65 -40.22
N LEU ZA 193 -53.79 -42.29 -39.10
CA LEU ZA 193 -53.10 -41.57 -38.04
C LEU ZA 193 -52.23 -42.53 -37.25
N LEU ZA 194 -50.92 -42.47 -37.47
CA LEU ZA 194 -50.00 -43.45 -36.90
C LEU ZA 194 -49.50 -43.09 -35.51
N TYR ZA 195 -49.52 -41.80 -35.14
CA TYR ZA 195 -48.97 -41.37 -33.85
C TYR ZA 195 -50.06 -40.68 -33.05
N HIS ZA 196 -50.66 -41.40 -32.11
CA HIS ZA 196 -51.67 -40.81 -31.24
C HIS ZA 196 -51.72 -41.51 -29.88
N ASP BB 35 25.55 1.07 -97.13
CA ASP BB 35 24.51 1.28 -96.14
C ASP BB 35 25.09 1.92 -94.87
N CYS BB 36 26.39 2.15 -94.88
CA CYS BB 36 27.06 2.88 -93.80
C CYS BB 36 26.97 4.38 -93.95
N ASN BB 37 26.37 4.86 -95.04
CA ASN BB 37 26.25 6.28 -95.33
C ASN BB 37 24.90 6.85 -94.91
N ARG BB 38 24.08 6.06 -94.23
CA ARG BB 38 22.71 6.45 -93.89
C ARG BB 38 22.68 7.48 -92.78
N ALA BB 39 23.26 7.14 -91.62
CA ALA BB 39 23.25 8.02 -90.46
C ALA BB 39 24.47 8.93 -90.40
N LEU BB 40 25.35 8.88 -91.39
CA LEU BB 40 26.55 9.70 -91.37
C LEU BB 40 26.24 11.16 -91.72
N LEU BB 41 25.26 11.38 -92.58
CA LEU BB 41 24.92 12.73 -93.05
C LEU BB 41 24.03 13.40 -92.02
N THR BB 42 24.64 14.19 -91.14
CA THR BB 42 23.92 14.83 -90.04
C THR BB 42 24.73 16.02 -89.54
N ARG BB 43 24.06 16.86 -88.75
CA ARG BB 43 24.68 17.98 -88.08
C ARG BB 43 24.46 17.88 -86.58
N LEU BB 44 25.10 18.79 -85.84
CA LEU BB 44 24.75 18.98 -84.44
C LEU BB 44 23.51 19.87 -84.33
N HIS BB 45 22.50 19.38 -83.63
CA HIS BB 45 21.19 20.02 -83.59
C HIS BB 45 21.01 20.96 -82.39
N ARG BB 46 22.04 21.15 -81.58
CA ARG BB 46 21.92 21.98 -80.40
C ARG BB 46 21.98 23.47 -80.76
N GLN BB 47 21.55 24.30 -79.82
CA GLN BB 47 21.45 25.73 -80.06
C GLN BB 47 22.80 26.42 -79.98
N THR BB 48 23.46 26.32 -78.83
CA THR BB 48 24.75 26.95 -78.60
C THR BB 48 25.84 25.89 -78.53
N TYR BB 49 26.81 25.97 -79.46
CA TYR BB 49 27.89 25.00 -79.53
C TYR BB 49 29.05 25.63 -80.30
N ALA BB 50 30.25 25.20 -79.97
CA ALA BB 50 31.46 25.76 -80.56
C ALA BB 50 31.68 25.21 -81.97
N ARG BB 51 32.73 25.69 -82.63
CA ARG BB 51 33.07 25.27 -83.98
C ARG BB 51 33.91 23.99 -83.93
N LEU BB 52 33.47 22.98 -84.67
CA LEU BB 52 34.10 21.67 -84.68
C LEU BB 52 34.84 21.47 -86.01
N TYR BB 53 35.77 20.52 -86.02
CA TYR BB 53 36.60 20.31 -87.20
C TYR BB 53 36.70 18.83 -87.52
N PRO BB 54 36.79 18.48 -88.81
CA PRO BB 54 36.96 17.08 -89.19
C PRO BB 54 38.38 16.55 -88.99
N VAL BB 55 38.68 16.10 -87.77
CA VAL BB 55 39.99 15.58 -87.41
C VAL BB 55 40.03 14.07 -87.65
N LEU BB 56 41.13 13.59 -88.21
CA LEU BB 56 41.31 12.16 -88.48
C LEU BB 56 42.08 11.53 -87.32
N LEU BB 57 41.44 10.57 -86.65
CA LEU BB 57 42.04 9.91 -85.49
C LEU BB 57 42.49 8.49 -85.86
N VAL BB 58 43.63 8.08 -85.30
CA VAL BB 58 44.11 6.71 -85.46
C VAL BB 58 44.17 6.04 -84.08
N LYS BB 59 43.74 4.78 -84.03
CA LYS BB 59 43.85 3.91 -82.86
C LYS BB 59 45.19 3.17 -82.92
N GLN BB 60 45.30 2.06 -82.18
CA GLN BB 60 46.54 1.30 -82.06
C GLN BB 60 46.71 0.37 -83.27
N ASP BB 61 46.58 0.95 -84.45
CA ASP BB 61 46.46 0.23 -85.71
C ASP BB 61 46.51 1.25 -86.84
N GLY BB 62 46.37 0.81 -88.09
CA GLY BB 62 46.40 1.72 -89.21
C GLY BB 62 45.10 2.41 -89.56
N SER BB 63 44.02 2.13 -88.83
CA SER BB 63 42.71 2.65 -89.21
C SER BB 63 42.56 4.12 -88.84
N THR BB 64 41.79 4.84 -89.63
CA THR BB 64 41.49 6.24 -89.39
C THR BB 64 39.98 6.41 -89.28
N ILE BB 65 39.56 7.36 -88.43
CA ILE BB 65 38.16 7.72 -88.30
C ILE BB 65 38.03 9.24 -88.31
N HIS BB 66 37.11 9.74 -89.14
CA HIS BB 66 36.68 11.13 -89.12
C HIS BB 66 35.92 11.42 -87.83
N ILE BB 67 36.33 12.47 -87.13
CA ILE BB 67 35.74 12.85 -85.85
C ILE BB 67 35.62 14.36 -85.80
N ARG BB 68 34.42 14.86 -85.49
CA ARG BB 68 34.26 16.28 -85.18
C ARG BB 68 34.93 16.58 -83.83
N TYR BB 69 36.01 17.34 -83.88
CA TYR BB 69 36.86 17.61 -82.73
C TYR BB 69 37.45 19.01 -82.89
N ARG BB 70 37.64 19.71 -81.78
CA ARG BB 70 38.09 21.09 -81.84
C ARG BB 70 39.60 21.14 -82.12
N GLU BB 71 40.15 22.38 -82.07
CA GLU BB 71 41.59 22.69 -82.15
C GLU BB 71 42.10 22.16 -83.49
N PRO BB 72 41.90 22.92 -84.59
CA PRO BB 72 41.86 22.32 -85.94
C PRO BB 72 43.16 21.72 -86.44
N ARG BB 73 43.55 20.62 -85.82
CA ARG BB 73 44.65 19.79 -86.30
C ARG BB 73 44.09 18.74 -87.24
N ARG BB 74 44.89 18.37 -88.25
CA ARG BB 74 44.39 17.47 -89.28
C ARG BB 74 44.49 16.02 -88.83
N MET BB 75 45.40 15.72 -87.92
CA MET BB 75 45.70 14.35 -87.53
C MET BB 75 45.78 14.25 -86.02
N LEU BB 76 45.28 13.13 -85.49
CA LEU BB 76 45.35 12.82 -84.08
C LEU BB 76 45.66 11.32 -83.92
N THR BB 77 46.53 11.00 -82.95
CA THR BB 77 46.99 9.64 -82.75
C THR BB 77 46.71 9.18 -81.32
N MET BB 78 46.50 7.88 -81.15
CA MET BB 78 46.30 7.35 -79.82
C MET BB 78 47.49 6.46 -79.45
N PRO BB 79 48.05 6.57 -78.23
CA PRO BB 79 49.31 5.87 -77.92
C PRO BB 79 49.15 4.52 -77.24
N VAL BB 80 50.25 3.74 -77.21
CA VAL BB 80 50.24 2.42 -76.61
C VAL BB 80 50.25 2.54 -75.08
N ASP BB 81 49.38 1.79 -74.42
CA ASP BB 81 49.23 1.84 -72.97
C ASP BB 81 49.67 0.53 -72.33
N LEU BB 82 50.59 0.67 -71.35
CA LEU BB 82 50.92 -0.30 -70.30
C LEU BB 82 51.70 -1.52 -70.80
N ASP BB 83 51.79 -1.71 -72.13
CA ASP BB 83 52.41 -2.86 -72.81
C ASP BB 83 51.85 -4.15 -72.21
N SER BB 84 52.69 -5.09 -71.78
CA SER BB 84 52.26 -6.30 -71.10
C SER BB 84 53.41 -6.77 -70.22
N LEU BB 85 53.24 -7.94 -69.60
CA LEU BB 85 54.28 -8.48 -68.73
C LEU BB 85 55.53 -8.87 -69.51
N SER BB 86 55.35 -9.46 -70.69
CA SER BB 86 56.47 -9.79 -71.56
C SER BB 86 56.71 -8.72 -72.62
N PRO BB 87 55.90 -7.66 -72.64
CA PRO BB 87 56.04 -6.61 -73.65
C PRO BB 87 56.66 -5.34 -73.07
N GLU BB 88 56.68 -5.20 -71.74
CA GLU BB 88 57.36 -4.06 -71.13
C GLU BB 88 58.86 -4.12 -71.36
N GLU BB 89 59.44 -5.33 -71.31
CA GLU BB 89 60.86 -5.49 -71.60
C GLU BB 89 61.16 -5.21 -73.07
N ARG BB 90 60.24 -5.61 -73.96
CA ARG BB 90 60.42 -5.32 -75.39
C ARG BB 90 60.32 -3.83 -75.67
N ARG BB 91 59.40 -3.13 -74.98
CA ARG BB 91 59.29 -1.68 -75.13
C ARG BB 91 60.52 -0.98 -74.58
N ALA BB 92 61.06 -1.47 -73.46
CA ALA BB 92 62.30 -0.91 -72.91
C ALA BB 92 63.48 -1.13 -73.85
N ARG BB 93 63.54 -2.31 -74.48
CA ARG BB 93 64.61 -2.59 -75.43
C ARG BB 93 64.47 -1.73 -76.69
N PHE BB 94 63.24 -1.48 -77.12
CA PHE BB 94 63.02 -0.60 -78.27
C PHE BB 94 63.37 0.84 -77.95
N ARG BB 95 63.09 1.27 -76.71
CA ARG BB 95 63.47 2.62 -76.29
C ARG BB 95 64.99 2.75 -76.15
N LYS BB 96 65.65 1.68 -75.71
CA LYS BB 96 67.11 1.70 -75.61
C LYS BB 96 67.76 1.70 -77.00
N ARG BB 97 67.19 0.95 -77.93
CA ARG BB 97 67.71 0.91 -79.30
C ARG BB 97 67.08 2.00 -80.15
N ALA CB 79 -52.70 -6.31 11.42
CA ALA CB 79 -53.07 -6.44 10.00
C ALA CB 79 -54.30 -5.61 9.69
N ALA CB 80 -54.38 -5.11 8.46
CA ALA CB 80 -55.50 -4.30 8.03
C ALA CB 80 -56.39 -5.11 7.10
N PRO CB 81 -57.71 -4.91 7.16
CA PRO CB 81 -58.61 -5.60 6.23
C PRO CB 81 -58.42 -5.15 4.79
N LYS CB 82 -58.60 -6.08 3.87
CA LYS CB 82 -58.38 -5.80 2.45
C LYS CB 82 -59.63 -5.28 1.76
N ASN CB 83 -60.80 -5.80 2.11
CA ASN CB 83 -62.05 -5.35 1.53
C ASN CB 83 -63.13 -5.29 2.60
N ARG CB 84 -64.15 -4.49 2.33
CA ARG CB 84 -65.27 -4.36 3.26
C ARG CB 84 -66.13 -5.61 3.24
N ARG CB 85 -66.43 -6.13 4.44
CA ARG CB 85 -67.33 -7.27 4.55
C ARG CB 85 -68.75 -6.85 4.18
N SER CB 86 -69.39 -7.62 3.32
CA SER CB 86 -70.74 -7.29 2.92
C SER CB 86 -71.75 -7.77 3.96
N ILE CB 87 -72.98 -7.25 3.84
CA ILE CB 87 -74.01 -7.53 4.83
C ILE CB 87 -74.51 -8.96 4.71
N GLU CB 88 -74.34 -9.61 3.55
CA GLU CB 88 -74.70 -11.02 3.44
C GLU CB 88 -73.79 -11.89 4.30
N VAL CB 89 -72.47 -11.67 4.21
CA VAL CB 89 -71.51 -12.40 5.02
C VAL CB 89 -71.67 -12.04 6.49
N ASN CB 90 -71.97 -10.76 6.78
CA ASN CB 90 -72.19 -10.33 8.15
C ASN CB 90 -73.44 -10.97 8.75
N ARG CB 91 -74.51 -11.09 7.95
CA ARG CB 91 -75.72 -11.76 8.41
C ARG CB 91 -75.48 -13.24 8.66
N CYS CB 92 -74.70 -13.88 7.78
CA CYS CB 92 -74.33 -15.28 7.96
C CYS CB 92 -73.51 -15.48 9.23
N ARG CB 93 -72.64 -14.53 9.55
CA ARG CB 93 -71.84 -14.65 10.77
C ARG CB 93 -72.67 -14.40 12.02
N ARG CB 94 -73.49 -13.34 12.02
CA ARG CB 94 -74.18 -12.93 13.24
C ARG CB 94 -75.53 -13.59 13.45
N ARG CB 95 -76.02 -14.38 12.49
CA ARG CB 95 -77.27 -15.12 12.69
C ARG CB 95 -77.02 -16.61 12.77
N ASN CB 96 -75.77 -17.02 12.92
CA ASN CB 96 -75.42 -18.43 13.00
C ASN CB 96 -75.88 -18.99 14.36
N PRO CB 97 -76.39 -20.23 14.40
CA PRO CB 97 -77.01 -20.74 15.65
C PRO CB 97 -76.08 -20.91 16.84
N GLN CB 98 -74.77 -21.01 16.64
CA GLN CB 98 -73.87 -21.06 17.79
C GLN CB 98 -73.72 -19.70 18.47
N LYS CB 99 -74.01 -18.61 17.78
CA LYS CB 99 -74.00 -17.29 18.39
C LYS CB 99 -75.37 -16.84 18.89
N LEU CB 100 -76.42 -17.64 18.67
CA LEU CB 100 -77.74 -17.31 19.17
C LEU CB 100 -77.88 -17.71 20.64
N ILE CB 101 -78.90 -17.16 21.29
CA ILE CB 101 -79.19 -17.49 22.68
C ILE CB 101 -79.99 -18.77 22.72
N LYS CB 102 -79.49 -19.77 23.43
CA LYS CB 102 -80.13 -21.08 23.50
C LYS CB 102 -81.31 -21.04 24.46
N VAL CB 103 -82.30 -21.90 24.21
CA VAL CB 103 -83.47 -21.98 25.06
C VAL CB 103 -83.12 -22.75 26.33
N LYS CB 104 -83.83 -22.45 27.42
CA LYS CB 104 -83.63 -23.15 28.68
C LYS CB 104 -84.88 -23.97 28.99
N ASN CB 105 -84.69 -25.28 29.14
CA ASN CB 105 -85.79 -26.21 29.39
C ASN CB 105 -85.88 -26.65 30.85
N ASN CB 106 -85.13 -26.05 31.75
CA ASN CB 106 -85.16 -26.40 33.17
C ASN CB 106 -85.96 -25.41 34.00
N ILE CB 107 -86.85 -24.63 33.38
CA ILE CB 107 -87.66 -23.68 34.12
C ILE CB 107 -88.88 -24.38 34.67
N ASP CB 108 -89.15 -24.19 35.97
CA ASP CB 108 -90.20 -24.91 36.67
C ASP CB 108 -90.84 -23.91 37.63
N VAL CB 109 -92.06 -24.21 38.06
CA VAL CB 109 -92.80 -23.39 39.01
C VAL CB 109 -92.51 -23.89 40.42
N CYS CB 110 -92.38 -22.95 41.34
CA CYS CB 110 -92.11 -23.29 42.74
C CYS CB 110 -93.37 -23.83 43.39
N PRO CB 111 -93.30 -24.98 44.07
CA PRO CB 111 -94.52 -25.54 44.68
C PRO CB 111 -95.06 -24.73 45.85
N GLU CB 112 -94.24 -23.92 46.50
CA GLU CB 112 -94.69 -23.14 47.68
C GLU CB 112 -95.32 -21.81 47.26
N CYS CB 113 -94.60 -21.00 46.50
CA CYS CB 113 -95.05 -19.64 46.21
C CYS CB 113 -95.59 -19.47 44.79
N GLY CB 114 -95.39 -20.44 43.91
CA GLY CB 114 -95.91 -20.32 42.57
C GLY CB 114 -95.13 -19.43 41.63
N HIS CB 115 -93.93 -19.01 42.02
CA HIS CB 115 -93.06 -18.21 41.17
C HIS CB 115 -92.21 -19.15 40.32
N LEU CB 116 -91.18 -18.59 39.70
CA LEU CB 116 -90.37 -19.34 38.74
C LEU CB 116 -88.98 -19.60 39.29
N LYS CB 117 -88.48 -20.82 39.07
CA LYS CB 117 -87.13 -21.18 39.47
C LYS CB 117 -86.60 -22.25 38.54
N GLN CB 118 -85.27 -22.38 38.48
CA GLN CB 118 -84.68 -23.48 37.77
C GLN CB 118 -84.62 -24.71 38.66
N LYS CB 119 -84.46 -25.88 38.03
CA LYS CB 119 -84.64 -27.15 38.76
C LYS CB 119 -83.49 -27.43 39.72
N HIS CB 120 -82.29 -26.98 39.40
CA HIS CB 120 -81.12 -27.21 40.24
C HIS CB 120 -80.77 -26.01 41.11
N ILE CB 121 -81.58 -24.96 41.07
CA ILE CB 121 -81.30 -23.70 41.76
C ILE CB 121 -82.47 -23.39 42.69
N LEU CB 122 -82.15 -22.92 43.91
CA LEU CB 122 -83.16 -22.55 44.88
C LEU CB 122 -84.00 -21.38 44.37
N CYS CB 123 -85.23 -21.30 44.89
CA CYS CB 123 -86.15 -20.25 44.48
C CYS CB 123 -85.71 -18.91 45.03
N GLY CB 124 -85.67 -17.90 44.15
CA GLY CB 124 -85.24 -16.57 44.56
C GLY CB 124 -86.20 -15.90 45.53
N TYR CB 125 -87.50 -16.12 45.35
CA TYR CB 125 -88.51 -15.53 46.20
C TYR CB 125 -88.44 -16.11 47.62
N CYS CB 126 -88.37 -17.44 47.70
CA CYS CB 126 -88.27 -18.12 48.99
C CYS CB 126 -86.94 -17.79 49.69
N TYR CB 127 -85.85 -17.74 48.92
CA TYR CB 127 -84.58 -17.38 49.53
C TYR CB 127 -84.53 -15.91 49.93
N GLU CB 128 -85.30 -15.05 49.26
CA GLU CB 128 -85.41 -13.67 49.70
C GLU CB 128 -86.14 -13.57 51.03
N LYS CB 129 -87.18 -14.38 51.21
CA LYS CB 129 -87.87 -14.45 52.50
C LYS CB 129 -86.94 -14.93 53.61
N VAL CB 130 -86.19 -16.01 53.33
CA VAL CB 130 -85.27 -16.57 54.31
C VAL CB 130 -84.14 -15.60 54.62
N ARG CB 131 -83.65 -14.88 53.60
CA ARG CB 131 -82.57 -13.93 53.79
C ARG CB 131 -83.02 -12.71 54.58
N LYS CB 132 -84.25 -12.25 54.36
CA LYS CB 132 -84.75 -11.10 55.12
C LYS CB 132 -85.01 -11.47 56.58
N GLU CB 133 -85.54 -12.68 56.82
CA GLU CB 133 -85.73 -13.13 58.20
C GLU CB 133 -84.38 -13.35 58.90
N THR CB 134 -83.40 -13.85 58.15
CA THR CB 134 -82.06 -14.04 58.68
C THR CB 134 -81.39 -12.71 59.02
N ALA CB 135 -81.62 -11.70 58.17
CA ALA CB 135 -81.09 -10.36 58.42
C ALA CB 135 -81.73 -9.74 59.66
N GLU CB 136 -83.04 -9.96 59.83
CA GLU CB 136 -83.73 -9.46 61.02
C GLU CB 136 -83.22 -10.13 62.29
N ILE CB 137 -83.02 -11.46 62.24
CA ILE CB 137 -82.50 -12.22 63.38
C ILE CB 137 -81.09 -11.76 63.73
N ARG CB 138 -80.25 -11.58 62.70
CA ARG CB 138 -78.86 -11.19 62.92
C ARG CB 138 -78.76 -9.76 63.46
N ARG CB 139 -79.62 -8.86 62.97
CA ARG CB 139 -79.65 -7.50 63.50
C ARG CB 139 -80.09 -7.47 64.96
N GLN CB 140 -81.11 -8.28 65.31
CA GLN CB 140 -81.61 -8.21 66.68
C GLN CB 140 -80.66 -8.91 67.64
N MET CB 141 -79.90 -9.93 67.20
CA MET CB 141 -78.89 -10.51 68.08
C MET CB 141 -77.62 -9.67 68.13
N GLY CB 142 -77.36 -8.83 67.14
CA GLY CB 142 -76.26 -7.89 67.24
C GLY CB 142 -76.65 -6.71 68.10
N LYS CB 143 -77.95 -6.48 68.24
CA LYS CB 143 -78.43 -5.47 69.17
C LYS CB 143 -78.18 -5.86 70.62
N GLN CB 144 -78.32 -7.15 70.95
CA GLN CB 144 -78.15 -7.62 72.32
C GLN CB 144 -76.71 -7.56 72.80
N GLU CB 145 -75.74 -7.74 71.90
CA GLU CB 145 -74.34 -7.79 72.27
C GLU CB 145 -73.67 -6.51 71.79
N GLY CB 146 -73.09 -5.75 72.72
CA GLY CB 146 -72.53 -4.45 72.42
C GLY CB 146 -71.09 -4.44 71.95
N GLY CB 147 -70.50 -5.60 71.67
CA GLY CB 147 -69.12 -5.64 71.26
C GLY CB 147 -68.89 -6.50 70.03
N PRO CB 148 -67.92 -6.10 69.20
CA PRO CB 148 -67.62 -6.90 68.01
C PRO CB 148 -66.84 -8.16 68.32
N PHE CB 149 -66.09 -8.17 69.42
CA PHE CB 149 -65.22 -9.28 69.77
C PHE CB 149 -65.79 -10.15 70.88
N ARG CB 150 -67.08 -10.06 71.17
CA ARG CB 150 -67.72 -10.94 72.15
C ARG CB 150 -68.62 -11.91 71.41
N ALA CB 151 -68.37 -13.20 71.58
CA ALA CB 151 -69.04 -14.28 70.88
C ALA CB 151 -69.67 -15.22 71.90
N PRO CB 152 -70.77 -15.89 71.56
CA PRO CB 152 -71.41 -16.78 72.55
C PRO CB 152 -70.59 -18.04 72.82
N THR CB 153 -70.50 -18.39 74.10
CA THR CB 153 -69.89 -19.63 74.54
C THR CB 153 -70.83 -20.82 74.38
N THR CB 154 -72.14 -20.59 74.49
CA THR CB 154 -73.12 -21.65 74.37
C THR CB 154 -73.95 -21.47 73.11
N GLU CB 155 -74.89 -22.38 72.92
CA GLU CB 155 -75.71 -22.43 71.71
C GLU CB 155 -76.79 -21.35 71.77
N THR CB 156 -77.32 -20.99 70.60
CA THR CB 156 -78.31 -19.94 70.42
C THR CB 156 -79.63 -20.56 69.98
N VAL CB 157 -80.73 -20.12 70.59
CA VAL CB 157 -82.07 -20.50 70.16
C VAL CB 157 -82.90 -19.25 69.93
N VAL CB 158 -83.87 -19.35 69.03
CA VAL CB 158 -84.71 -18.23 68.64
C VAL CB 158 -86.18 -18.58 68.87
N LEU CB 159 -86.91 -17.66 69.51
CA LEU CB 159 -88.33 -17.78 69.78
C LEU CB 159 -89.05 -16.50 69.38
N TYR CB 160 -90.32 -16.65 69.00
CA TYR CB 160 -91.15 -15.55 68.57
C TYR CB 160 -92.11 -15.19 69.69
N SER CB 161 -92.97 -14.21 69.42
CA SER CB 161 -93.95 -13.76 70.40
C SER CB 161 -94.95 -14.85 70.74
N GLY CB 162 -95.25 -14.98 72.02
CA GLY CB 162 -96.16 -16.01 72.50
C GLY CB 162 -95.51 -17.36 72.69
N GLU CB 163 -94.19 -17.41 72.85
CA GLU CB 163 -93.46 -18.65 73.06
C GLU CB 163 -92.55 -18.51 74.27
N THR CB 164 -92.29 -19.65 74.92
CA THR CB 164 -91.44 -19.72 76.10
C THR CB 164 -90.30 -20.69 75.80
N PRO CB 165 -89.13 -20.49 76.39
CA PRO CB 165 -88.03 -21.45 76.19
C PRO CB 165 -88.32 -22.78 76.87
N SER CB 166 -87.96 -23.86 76.17
CA SER CB 166 -88.21 -25.19 76.69
C SER CB 166 -87.13 -25.59 77.69
N GLU CB 167 -87.36 -26.72 78.37
CA GLU CB 167 -86.39 -27.24 79.32
C GLU CB 167 -85.12 -27.72 78.61
N GLN CB 168 -85.27 -28.33 77.43
CA GLN CB 168 -84.10 -28.70 76.64
C GLN CB 168 -83.45 -27.49 75.99
N ASP CB 169 -84.19 -26.38 75.84
CA ASP CB 169 -83.64 -25.15 75.29
C ASP CB 169 -83.04 -24.24 76.35
N GLN CB 170 -83.23 -24.54 77.64
CA GLN CB 170 -82.58 -23.78 78.70
C GLN CB 170 -81.08 -24.05 78.71
N GLY CB 171 -80.33 -23.08 79.22
CA GLY CB 171 -78.89 -23.10 79.11
C GLY CB 171 -78.36 -22.56 77.80
N LYS CB 172 -79.24 -22.09 76.92
CA LYS CB 172 -78.88 -21.54 75.62
C LYS CB 172 -79.37 -20.10 75.56
N ARG CB 173 -78.70 -19.26 74.78
CA ARG CB 173 -79.07 -17.86 74.75
C ARG CB 173 -80.33 -17.67 73.92
N ILE CB 174 -81.10 -16.63 74.27
CA ILE CB 174 -82.48 -16.48 73.84
C ILE CB 174 -82.56 -15.33 72.84
N ILE CB 175 -83.21 -15.57 71.70
CA ILE CB 175 -83.43 -14.55 70.68
C ILE CB 175 -84.93 -14.34 70.55
N GLU CB 176 -85.42 -13.22 71.05
CA GLU CB 176 -86.85 -12.94 71.09
C GLU CB 176 -87.22 -12.06 69.90
N ARG CB 177 -88.28 -12.44 69.19
CA ARG CB 177 -88.77 -11.60 68.11
C ARG CB 177 -90.27 -11.32 68.29
N GLU CB 178 -90.69 -10.12 67.85
CA GLU CB 178 -92.05 -9.67 68.12
C GLU CB 178 -93.06 -10.21 67.12
N ARG CB 179 -92.63 -10.53 65.91
CA ARG CB 179 -93.54 -11.03 64.89
C ARG CB 179 -93.89 -12.50 65.16
N LYS CB 180 -94.98 -12.95 64.56
CA LYS CB 180 -95.42 -14.33 64.72
C LYS CB 180 -94.51 -15.29 63.97
N ARG CB 181 -94.42 -16.52 64.46
CA ARG CB 181 -93.61 -17.57 63.86
C ARG CB 181 -94.12 -17.93 62.47
N PRO CB 182 -93.24 -18.04 61.47
CA PRO CB 182 -93.68 -18.29 60.10
C PRO CB 182 -94.23 -19.70 59.91
N SER CB 183 -94.92 -19.87 58.79
CA SER CB 183 -95.43 -21.19 58.42
C SER CB 183 -94.29 -22.10 57.99
N TRP CB 184 -93.28 -21.55 57.31
CA TRP CB 184 -92.17 -22.38 56.85
C TRP CB 184 -91.23 -22.74 57.98
N PHE CB 185 -91.07 -21.87 58.97
CA PHE CB 185 -90.12 -22.09 60.05
C PHE CB 185 -90.82 -22.88 61.15
N THR CB 186 -90.26 -24.04 61.49
CA THR CB 186 -90.83 -24.92 62.50
C THR CB 186 -90.25 -24.60 63.88
N GLN CB 187 -90.77 -25.29 64.90
CA GLN CB 187 -90.31 -25.07 66.26
C GLN CB 187 -88.98 -25.76 66.52
N ASN CB 188 -88.95 -27.09 66.35
CA ASN CB 188 -87.79 -27.96 66.56
C ASN CB 188 -87.15 -27.81 67.94
N SER DB 13 1.76 32.71 -40.34
CA SER DB 13 1.63 33.97 -41.08
C SER DB 13 0.21 34.52 -40.97
N LYS DB 14 0.11 35.83 -40.75
CA LYS DB 14 -1.16 36.50 -40.59
C LYS DB 14 -1.38 37.50 -41.73
N THR DB 15 -2.64 37.77 -42.03
CA THR DB 15 -3.02 38.79 -42.99
C THR DB 15 -3.57 40.01 -42.24
N ILE DB 16 -3.67 41.13 -42.94
CA ILE DB 16 -4.18 42.38 -42.39
C ILE DB 16 -5.29 42.84 -43.31
N LEU DB 17 -6.28 43.56 -42.76
CA LEU DB 17 -7.36 44.13 -43.57
C LEU DB 17 -7.09 45.62 -43.73
N VAL DB 18 -7.04 46.09 -44.97
CA VAL DB 18 -6.72 47.47 -45.26
C VAL DB 18 -7.85 48.10 -46.05
N LYS DB 19 -8.17 49.35 -45.71
CA LYS DB 19 -9.19 50.11 -46.40
C LYS DB 19 -8.56 50.88 -47.55
N MET DB 20 -9.18 50.83 -48.73
CA MET DB 20 -8.69 51.50 -49.92
C MET DB 20 -9.64 52.61 -50.30
N MET DB 21 -9.06 53.80 -50.52
CA MET DB 21 -9.78 55.01 -50.86
C MET DB 21 -9.41 55.44 -52.28
N SER DB 22 -10.37 56.06 -52.95
CA SER DB 22 -10.20 56.41 -54.36
C SER DB 22 -9.27 57.61 -54.53
N GLN DB 23 -8.56 57.63 -55.65
CA GLN DB 23 -7.77 58.78 -56.07
C GLN DB 23 -8.49 59.62 -57.11
N ALA DB 24 -9.77 59.35 -57.37
CA ALA DB 24 -10.56 60.17 -58.29
C ALA DB 24 -11.25 61.33 -57.61
N GLY DB 25 -10.96 61.57 -56.32
CA GLY DB 25 -11.58 62.64 -55.58
C GLY DB 25 -12.87 62.26 -54.89
N THR DB 26 -13.61 61.31 -55.44
CA THR DB 26 -14.85 60.84 -54.82
C THR DB 26 -14.51 59.93 -53.65
N GLY DB 27 -15.28 60.03 -52.58
CA GLY DB 27 -15.12 59.13 -51.46
C GLY DB 27 -15.67 57.76 -51.80
N PHE DB 28 -14.81 56.74 -51.81
CA PHE DB 28 -15.24 55.36 -51.94
C PHE DB 28 -14.18 54.52 -51.23
N SER DB 29 -14.60 53.77 -50.22
CA SER DB 29 -13.71 52.95 -49.40
C SER DB 29 -14.13 51.50 -49.53
N PHE DB 30 -13.18 50.64 -49.87
CA PHE DB 30 -13.46 49.21 -49.93
C PHE DB 30 -12.32 48.44 -49.28
N ASN DB 31 -12.64 47.32 -48.65
CA ASN DB 31 -11.71 46.60 -47.79
C ASN DB 31 -11.05 45.46 -48.55
N THR DB 32 -9.76 45.24 -48.28
CA THR DB 32 -8.99 44.22 -48.99
C THR DB 32 -8.07 43.52 -47.99
N LYS DB 33 -8.04 42.19 -48.07
CA LYS DB 33 -7.05 41.41 -47.36
C LYS DB 33 -5.70 41.48 -48.08
N ARG DB 34 -4.65 41.70 -47.31
CA ARG DB 34 -3.29 41.80 -47.84
C ARG DB 34 -2.33 41.22 -46.81
N SER DB 35 -1.26 40.60 -47.31
CA SER DB 35 -0.31 39.92 -46.43
C SER DB 35 0.51 40.93 -45.64
N ARG DB 36 0.82 40.58 -44.38
CA ARG DB 36 1.38 41.53 -43.43
C ARG DB 36 2.80 41.95 -43.81
N LEU DB 37 3.61 41.02 -44.29
CA LEU DB 37 5.02 41.30 -44.60
C LEU DB 37 5.20 42.04 -45.92
N ARG DB 38 4.13 42.24 -46.69
CA ARG DB 38 4.21 42.97 -47.94
C ARG DB 38 4.19 44.48 -47.69
N GLU DB 39 4.47 45.23 -48.75
CA GLU DB 39 4.49 46.69 -48.66
C GLU DB 39 3.07 47.25 -48.77
N LYS DB 40 2.99 48.58 -48.85
CA LYS DB 40 1.74 49.28 -49.02
C LYS DB 40 1.16 48.98 -50.41
N LEU DB 41 -0.16 48.77 -50.46
CA LEU DB 41 -0.77 48.26 -51.67
C LEU DB 41 -1.40 49.36 -52.51
N THR DB 42 -1.36 49.17 -53.82
CA THR DB 42 -1.95 50.08 -54.79
C THR DB 42 -2.51 49.26 -55.95
N LEU DB 43 -3.81 49.40 -56.20
CA LEU DB 43 -4.50 48.56 -57.17
C LEU DB 43 -5.25 49.42 -58.18
N LEU DB 44 -5.87 48.75 -59.13
CA LEU DB 44 -6.69 49.38 -60.17
C LEU DB 44 -8.10 48.81 -60.07
N HIS DB 45 -9.02 49.58 -59.50
CA HIS DB 45 -10.38 49.12 -59.24
C HIS DB 45 -11.37 49.92 -60.08
N TYR DB 46 -12.65 49.65 -59.88
CA TYR DB 46 -13.73 50.29 -60.62
C TYR DB 46 -14.54 51.14 -59.63
N ASP DB 47 -14.72 52.43 -59.96
CA ASP DB 47 -15.52 53.31 -59.13
C ASP DB 47 -16.91 53.46 -59.75
N PRO DB 48 -17.97 53.04 -59.07
CA PRO DB 48 -19.32 53.13 -59.68
C PRO DB 48 -19.91 54.54 -59.69
N VAL DB 49 -19.19 55.55 -59.21
CA VAL DB 49 -19.70 56.92 -59.30
C VAL DB 49 -18.99 57.68 -60.43
N VAL DB 50 -17.79 57.24 -60.80
CA VAL DB 50 -17.06 57.87 -61.89
C VAL DB 50 -17.20 57.05 -63.18
N LYS DB 51 -17.54 55.76 -63.04
CA LYS DB 51 -17.67 54.78 -64.13
C LYS DB 51 -16.38 54.63 -64.94
N LYS DB 52 -15.23 54.87 -64.28
CA LYS DB 52 -13.93 54.79 -64.92
C LYS DB 52 -13.05 53.83 -64.13
N LYS DB 53 -11.90 53.50 -64.71
CA LYS DB 53 -10.90 52.64 -64.08
C LYS DB 53 -10.00 53.51 -63.19
N VAL DB 54 -10.11 53.34 -61.88
CA VAL DB 54 -9.55 54.26 -60.91
C VAL DB 54 -8.46 53.57 -60.10
N LEU DB 55 -7.32 54.24 -59.98
CA LEU DB 55 -6.23 53.83 -59.11
C LEU DB 55 -6.65 54.01 -57.67
N PHE DB 56 -6.45 52.97 -56.86
CA PHE DB 56 -6.77 52.98 -55.44
C PHE DB 56 -5.49 52.72 -54.64
N VAL DB 57 -5.38 53.36 -53.48
CA VAL DB 57 -4.21 53.22 -52.62
C VAL DB 57 -4.67 52.70 -51.26
N GLU DB 58 -3.75 52.11 -50.51
CA GLU DB 58 -4.03 51.74 -49.13
C GLU DB 58 -3.99 52.99 -48.26
N GLN DB 59 -5.06 53.22 -47.50
CA GLN DB 59 -5.13 54.42 -46.67
C GLN DB 59 -5.04 54.08 -45.18
N LYS DB 60 -5.88 53.17 -44.70
CA LYS DB 60 -5.95 52.84 -43.28
C LYS DB 60 -5.92 51.33 -43.09
N LYS DB 61 -5.59 50.92 -41.86
CA LYS DB 61 -5.58 49.52 -41.45
C LYS DB 61 -6.71 49.32 -40.44
N ILE DB 62 -7.56 48.31 -40.67
CA ILE DB 62 -8.73 48.14 -39.83
C ILE DB 62 -8.61 46.88 -38.96
N ARG DB 63 -8.49 45.71 -39.60
CA ARG DB 63 -8.63 44.44 -38.91
C ARG DB 63 -7.39 43.58 -39.14
N SER DB 64 -6.96 42.90 -38.07
CA SER DB 64 -5.91 41.89 -38.17
C SER DB 64 -6.52 40.51 -38.39
N LYS EB 50 -36.95 15.31 27.90
CA LYS EB 50 -37.52 14.05 28.36
C LYS EB 50 -38.91 13.87 27.74
N ALA EB 51 -39.95 13.97 28.55
CA ALA EB 51 -41.33 13.99 28.07
C ALA EB 51 -41.75 15.43 27.83
N ARG EB 52 -42.53 15.65 26.79
CA ARG EB 52 -42.95 16.99 26.41
C ARG EB 52 -44.47 17.09 26.47
N GLY EB 53 -44.95 18.31 26.26
CA GLY EB 53 -46.35 18.64 26.47
C GLY EB 53 -46.58 19.60 27.61
N ASN EB 54 -45.61 19.75 28.50
CA ASN EB 54 -45.73 20.61 29.68
C ASN EB 54 -44.83 21.84 29.62
N GLU EB 55 -44.72 22.50 28.45
CA GLU EB 55 -43.91 23.71 28.37
C GLU EB 55 -44.57 24.88 29.08
N TYR EB 56 -45.88 24.82 29.31
CA TYR EB 56 -46.60 25.89 29.99
C TYR EB 56 -46.59 25.61 31.49
N GLN EB 57 -45.70 26.29 32.20
CA GLN EB 57 -45.71 26.29 33.67
C GLN EB 57 -46.33 27.60 34.12
N PRO EB 58 -47.51 27.58 34.74
CA PRO EB 58 -48.30 28.81 34.90
C PRO EB 58 -47.72 29.73 35.98
N SER EB 59 -47.77 31.03 35.71
CA SER EB 59 -47.34 32.05 36.65
C SER EB 59 -48.06 33.36 36.31
N ASN EB 60 -48.85 33.86 37.26
CA ASN EB 60 -49.64 35.06 37.02
C ASN EB 60 -48.77 36.30 36.90
N ILE EB 61 -47.64 36.34 37.63
CA ILE EB 61 -46.71 37.46 37.53
C ILE EB 61 -46.13 37.56 36.13
N LYS EB 62 -45.66 36.42 35.59
CA LYS EB 62 -45.12 36.38 34.24
C LYS EB 62 -46.19 36.66 33.20
N ARG EB 63 -47.41 36.16 33.44
CA ARG EB 63 -48.51 36.38 32.50
C ARG EB 63 -48.89 37.85 32.41
N LYS EB 64 -49.04 38.52 33.56
CA LYS EB 64 -49.43 39.92 33.56
C LYS EB 64 -48.27 40.83 33.20
N HIS EB 65 -47.02 40.34 33.30
CA HIS EB 65 -45.89 41.17 32.93
C HIS EB 65 -45.56 41.04 31.44
N LYS EB 66 -45.90 39.91 30.83
CA LYS EB 66 -45.59 39.73 29.42
C LYS EB 66 -46.77 40.14 28.54
N HIS EB 67 -47.98 39.76 28.90
CA HIS EB 67 -49.15 40.02 28.08
C HIS EB 67 -50.13 41.00 28.72
N GLY EB 68 -49.68 41.79 29.69
CA GLY EB 68 -50.58 42.69 30.38
C GLY EB 68 -50.93 43.91 29.56
N TRP EB 69 -51.94 44.62 30.06
CA TRP EB 69 -52.43 45.85 29.45
C TRP EB 69 -51.36 46.93 29.46
N VAL EB 70 -50.65 47.06 30.59
CA VAL EB 70 -49.58 48.06 30.72
C VAL EB 70 -48.43 47.74 29.79
N ARG EB 71 -48.06 46.45 29.70
CA ARG EB 71 -46.98 46.04 28.81
C ARG EB 71 -47.37 46.24 27.34
N ARG EB 72 -48.66 46.05 27.03
CA ARG EB 72 -49.13 46.33 25.67
C ARG EB 72 -49.07 47.82 25.35
N LEU EB 73 -49.37 48.67 26.33
CA LEU EB 73 -49.41 50.11 26.05
C LEU EB 73 -48.08 50.82 26.24
N ARG EB 74 -47.05 50.18 26.80
CA ARG EB 74 -45.72 50.79 26.79
C ARG EB 74 -45.06 50.81 25.43
N THR EB 75 -45.53 50.01 24.47
CA THR EB 75 -44.90 49.92 23.17
C THR EB 75 -45.93 50.24 22.09
N PRO EB 76 -45.54 50.99 21.05
CA PRO EB 76 -46.48 51.29 19.95
C PRO EB 76 -46.95 50.07 19.19
N THR EB 77 -46.11 49.03 19.10
CA THR EB 77 -46.51 47.79 18.43
C THR EB 77 -47.59 47.08 19.22
N GLY EB 78 -47.48 47.06 20.55
CA GLY EB 78 -48.54 46.50 21.37
C GLY EB 78 -49.81 47.33 21.33
N VAL EB 79 -49.66 48.65 21.17
CA VAL EB 79 -50.82 49.52 20.96
C VAL EB 79 -51.54 49.14 19.67
N GLN EB 80 -50.78 48.93 18.59
CA GLN EB 80 -51.37 48.50 17.32
C GLN EB 80 -51.98 47.10 17.42
N VAL EB 81 -51.42 46.24 18.27
CA VAL EB 81 -52.04 44.95 18.56
C VAL EB 81 -53.42 45.14 19.19
N ILE EB 82 -53.51 46.09 20.14
CA ILE EB 82 -54.80 46.36 20.80
C ILE EB 82 -55.80 46.97 19.81
N LEU EB 83 -55.33 47.84 18.90
CA LEU EB 83 -56.23 48.39 17.89
C LEU EB 83 -56.70 47.31 16.90
N ARG EB 84 -55.83 46.34 16.57
CA ARG EB 84 -56.27 45.25 15.71
C ARG EB 84 -57.30 44.35 16.40
N ARG EB 85 -57.12 44.11 17.70
CA ARG EB 85 -58.10 43.32 18.44
C ARG EB 85 -59.42 44.07 18.58
N MET EB 86 -59.37 45.40 18.73
CA MET EB 86 -60.59 46.19 18.80
C MET EB 86 -61.30 46.23 17.45
N HIS EB 87 -60.54 46.29 16.35
CA HIS EB 87 -61.14 46.29 15.03
C HIS EB 87 -61.77 44.94 14.71
N LYS EB 88 -61.14 43.85 15.16
CA LYS EB 88 -61.77 42.54 15.04
C LYS EB 88 -62.95 42.39 15.98
N GLY EB 89 -62.98 43.14 17.08
CA GLY EB 89 -64.10 43.07 18.00
C GLY EB 89 -63.93 42.06 19.11
N ARG EB 90 -62.73 41.99 19.69
CA ARG EB 90 -62.43 40.96 20.67
C ARG EB 90 -63.12 41.24 22.00
N LYS EB 91 -63.56 40.16 22.65
CA LYS EB 91 -64.12 40.29 24.00
C LYS EB 91 -63.05 40.62 25.02
N SER EB 92 -61.86 40.01 24.89
CA SER EB 92 -60.74 40.28 25.76
C SER EB 92 -59.59 40.84 24.92
N LEU EB 93 -59.25 42.11 25.16
CA LEU EB 93 -58.18 42.73 24.39
C LEU EB 93 -56.81 42.23 24.83
N SER EB 94 -56.66 41.92 26.12
CA SER EB 94 -55.41 41.42 26.65
C SER EB 94 -55.70 40.61 27.91
N HIS EB 95 -54.64 40.21 28.59
CA HIS EB 95 -54.78 39.47 29.83
C HIS EB 95 -55.12 40.39 30.99
N ASN FB 55 125.41 -7.14 44.06
CA ASN FB 55 124.12 -7.77 44.33
C ASN FB 55 123.62 -7.40 45.72
N ASP FB 56 124.26 -7.99 46.74
CA ASP FB 56 123.95 -7.65 48.12
C ASP FB 56 124.33 -6.22 48.46
N LEU FB 57 125.45 -5.73 47.91
CA LEU FB 57 125.81 -4.33 48.07
C LEU FB 57 124.88 -3.40 47.31
N ARG FB 58 124.31 -3.84 46.18
CA ARG FB 58 123.26 -3.07 45.52
C ARG FB 58 121.97 -3.04 46.34
N ASP FB 59 121.64 -4.14 47.02
CA ASP FB 59 120.53 -4.11 47.96
C ASP FB 59 120.81 -3.16 49.13
N ARG FB 60 122.06 -3.10 49.58
CA ARG FB 60 122.47 -2.17 50.62
C ARG FB 60 122.33 -0.71 50.16
N ILE FB 61 122.76 -0.40 48.93
CA ILE FB 61 122.70 0.99 48.47
C ILE FB 61 121.27 1.38 48.13
N LEU FB 62 120.41 0.41 47.82
CA LEU FB 62 118.99 0.73 47.66
C LEU FB 62 118.29 0.92 49.00
N SER FB 63 118.65 0.12 50.01
CA SER FB 63 117.92 0.16 51.28
C SER FB 63 118.50 1.17 52.27
N GLU FB 64 119.65 1.77 51.95
CA GLU FB 64 120.28 2.71 52.87
C GLU FB 64 119.48 4.00 53.13
N PRO FB 65 118.96 4.73 52.12
CA PRO FB 65 118.24 5.97 52.46
C PRO FB 65 116.87 5.77 53.09
N LEU FB 66 116.32 4.56 53.07
CA LEU FB 66 114.97 4.34 53.57
C LEU FB 66 114.90 4.30 55.09
N LYS FB 67 116.04 4.20 55.78
CA LYS FB 67 116.06 4.19 57.23
C LYS FB 67 116.25 5.58 57.82
N HIS FB 68 116.45 6.60 56.99
CA HIS FB 68 116.69 7.97 57.45
C HIS FB 68 115.62 8.88 56.89
N ALA FB 69 114.94 9.61 57.78
CA ALA FB 69 113.90 10.54 57.33
C ALA FB 69 114.51 11.79 56.69
N ASP FB 70 115.62 12.27 57.24
CA ASP FB 70 116.28 13.47 56.76
C ASP FB 70 117.54 13.17 55.96
N PHE FB 71 117.52 12.11 55.13
CA PHE FB 71 118.68 11.65 54.38
C PHE FB 71 119.19 12.69 53.39
N PHE FB 72 118.28 13.37 52.69
CA PHE FB 72 118.67 14.36 51.69
C PHE FB 72 118.73 15.78 52.24
N ASN FB 73 118.39 15.97 53.52
CA ASN FB 73 118.50 17.25 54.25
C ASN FB 73 117.73 18.38 53.56
N LEU FB 74 116.46 18.08 53.26
CA LEU FB 74 115.61 19.03 52.56
C LEU FB 74 114.88 20.00 53.49
N LYS FB 75 114.96 19.78 54.81
CA LYS FB 75 114.23 20.61 55.76
C LYS FB 75 114.76 22.04 55.81
N GLU FB 76 116.02 22.22 55.44
CA GLU FB 76 116.61 23.56 55.35
C GLU FB 76 116.35 24.23 54.01
N LEU FB 77 115.68 23.55 53.07
CA LEU FB 77 115.42 24.13 51.75
C LEU FB 77 114.37 25.24 51.79
N PHE FB 78 113.37 25.13 52.64
CA PHE FB 78 112.23 26.05 52.62
C PHE FB 78 111.75 26.26 54.05
N SER FB 79 110.88 27.25 54.20
CA SER FB 79 110.31 27.58 55.50
C SER FB 79 108.97 28.26 55.26
N VAL FB 80 108.23 28.44 56.35
CA VAL FB 80 106.91 29.07 56.29
C VAL FB 80 107.02 30.52 55.84
N ARG FB 81 108.04 31.25 56.30
CA ARG FB 81 108.27 32.61 55.84
C ARG FB 81 108.70 32.63 54.37
N SER FB 82 109.45 31.61 53.94
CA SER FB 82 109.88 31.52 52.55
C SER FB 82 108.69 31.32 51.61
N LEU FB 83 107.72 30.50 52.02
CA LEU FB 83 106.51 30.33 51.23
C LEU FB 83 105.61 31.57 51.30
N PHE FB 84 105.55 32.19 52.49
CA PHE FB 84 104.66 33.33 52.70
C PHE FB 84 105.12 34.54 51.92
N ASP FB 85 106.44 34.71 51.75
CA ASP FB 85 106.96 35.79 50.93
C ASP FB 85 106.76 35.53 49.44
N ALA FB 86 106.53 34.29 49.04
CA ALA FB 86 106.24 33.95 47.65
C ALA FB 86 104.77 33.64 47.41
N ARG FB 87 103.90 33.95 48.39
CA ARG FB 87 102.44 34.01 48.27
C ARG FB 87 101.79 32.65 48.04
N VAL FB 88 102.25 31.60 48.70
CA VAL FB 88 101.63 30.29 48.55
C VAL FB 88 100.27 30.25 49.23
N HIS FB 89 100.07 31.07 50.26
CA HIS FB 89 98.88 30.97 51.10
C HIS FB 89 97.62 31.60 50.51
N LEU FB 90 97.65 32.12 49.29
CA LEU FB 90 96.45 32.72 48.71
C LEU FB 90 95.74 31.72 47.80
N GLY FB 91 94.41 31.83 47.74
CA GLY FB 91 93.62 31.08 46.79
C GLY FB 91 92.59 31.95 46.09
N HIS FB 92 91.64 31.29 45.44
CA HIS FB 92 90.59 31.96 44.68
C HIS FB 92 89.49 32.44 45.62
N LYS FB 93 88.35 32.83 45.05
CA LYS FB 93 87.22 33.27 45.85
C LYS FB 93 86.58 32.09 46.59
N ALA FB 94 85.78 32.42 47.61
CA ALA FB 94 85.17 31.41 48.46
C ALA FB 94 84.10 30.61 47.73
N GLY FB 95 83.45 31.18 46.73
CA GLY FB 95 82.53 30.42 45.91
C GLY FB 95 83.20 29.46 44.96
N CYS FB 96 84.49 29.66 44.69
CA CYS FB 96 85.27 28.77 43.86
C CYS FB 96 85.89 27.62 44.63
N ARG FB 97 85.67 27.57 45.94
CA ARG FB 97 86.30 26.58 46.79
C ARG FB 97 85.73 25.19 46.51
N HIS FB 98 86.59 24.28 46.11
CA HIS FB 98 86.19 22.89 45.92
C HIS FB 98 85.92 22.26 47.29
N ARG FB 99 85.04 21.26 47.31
CA ARG FB 99 84.58 20.69 48.56
C ARG FB 99 85.65 19.86 49.26
N PHE FB 100 86.69 19.45 48.54
CA PHE FB 100 87.77 18.67 49.14
C PHE FB 100 88.88 19.54 49.73
N MET FB 101 88.76 20.87 49.64
CA MET FB 101 89.78 21.77 50.16
C MET FB 101 89.45 22.38 51.52
N GLU FB 102 88.28 22.07 52.09
CA GLU FB 102 87.95 22.58 53.43
C GLU FB 102 88.88 22.12 54.54
N PRO FB 103 89.36 20.86 54.63
CA PRO FB 103 90.38 20.58 55.64
C PRO FB 103 91.72 21.24 55.38
N TYR FB 104 92.04 21.57 54.12
CA TYR FB 104 93.30 22.22 53.79
C TYR FB 104 93.22 23.74 53.85
N LEU FB 105 92.04 24.31 54.04
CA LEU FB 105 91.89 25.75 54.15
C LEU FB 105 91.96 26.17 55.60
N PHE FB 106 92.79 27.18 55.89
CA PHE FB 106 92.80 27.79 57.22
C PHE FB 106 91.52 28.59 57.45
N GLY FB 107 91.10 29.36 56.46
CA GLY FB 107 89.93 30.19 56.59
C GLY FB 107 89.71 31.02 55.35
N SER FB 108 88.78 31.95 55.46
CA SER FB 108 88.42 32.86 54.36
C SER FB 108 88.65 34.28 54.82
N ARG FB 109 89.40 35.05 54.03
CA ARG FB 109 89.65 36.46 54.32
C ARG FB 109 88.89 37.30 53.29
N LEU FB 110 87.73 37.80 53.71
CA LEU FB 110 86.84 38.67 52.91
C LEU FB 110 86.47 38.03 51.57
N GLY FB 111 86.09 36.75 51.63
CA GLY FB 111 85.71 36.00 50.46
C GLY FB 111 86.85 35.30 49.75
N GLN FB 112 88.09 35.55 50.16
CA GLN FB 112 89.26 34.93 49.54
C GLN FB 112 89.78 33.81 50.42
N ASP FB 113 90.05 32.66 49.81
CA ASP FB 113 90.51 31.50 50.53
C ASP FB 113 91.97 31.63 50.95
N ILE FB 114 92.25 31.25 52.19
CA ILE FB 114 93.59 31.30 52.76
C ILE FB 114 94.01 29.87 53.06
N ILE FB 115 95.12 29.44 52.45
CA ILE FB 115 95.58 28.06 52.56
C ILE FB 115 96.56 27.95 53.72
N ASP FB 116 96.38 26.93 54.55
CA ASP FB 116 97.21 26.75 55.74
C ASP FB 116 98.58 26.22 55.34
N LEU FB 117 99.59 27.08 55.45
CA LEU FB 117 100.93 26.69 55.04
C LEU FB 117 101.65 25.82 56.05
N GLU FB 118 101.12 25.68 57.27
CA GLU FB 118 101.59 24.60 58.15
C GLU FB 118 101.32 23.25 57.52
N GLN FB 119 100.08 23.05 57.03
CA GLN FB 119 99.73 21.83 56.32
C GLN FB 119 100.44 21.73 54.99
N THR FB 120 100.65 22.86 54.30
CA THR FB 120 101.40 22.85 53.05
C THR FB 120 102.85 22.42 53.25
N ALA FB 121 103.49 22.91 54.30
CA ALA FB 121 104.86 22.52 54.60
C ALA FB 121 104.94 21.06 55.04
N ALA FB 122 103.95 20.60 55.82
CA ALA FB 122 103.91 19.20 56.24
C ALA FB 122 103.71 18.26 55.07
N HIS FB 123 102.94 18.69 54.07
CA HIS FB 123 102.79 17.89 52.86
C HIS FB 123 104.03 17.99 51.97
N LEU FB 124 104.63 19.18 51.91
CA LEU FB 124 105.69 19.45 50.96
C LEU FB 124 107.00 18.80 51.37
N GLN FB 125 107.23 18.63 52.68
CA GLN FB 125 108.40 17.90 53.14
C GLN FB 125 108.35 16.45 52.67
N LEU FB 126 107.19 15.81 52.83
CA LEU FB 126 107.00 14.43 52.37
C LEU FB 126 107.07 14.34 50.85
N ALA FB 127 106.52 15.34 50.16
CA ALA FB 127 106.52 15.33 48.70
C ALA FB 127 107.93 15.48 48.13
N LEU FB 128 108.70 16.43 48.66
CA LEU FB 128 110.08 16.62 48.24
C LEU FB 128 110.95 15.43 48.60
N ASN FB 129 110.68 14.81 49.75
CA ASN FB 129 111.44 13.63 50.15
C ASN FB 129 111.14 12.44 49.24
N PHE FB 130 109.88 12.29 48.83
CA PHE FB 130 109.50 11.23 47.91
C PHE FB 130 110.12 11.45 46.54
N THR FB 131 110.13 12.71 46.09
CA THR FB 131 110.75 13.05 44.80
C THR FB 131 112.26 12.81 44.83
N ALA FB 132 112.91 13.15 45.95
CA ALA FB 132 114.34 12.91 46.10
C ALA FB 132 114.65 11.42 46.11
N HIS FB 133 113.81 10.62 46.77
CA HIS FB 133 114.06 9.18 46.82
C HIS FB 133 113.79 8.51 45.47
N VAL FB 134 112.78 8.98 44.72
CA VAL FB 134 112.48 8.36 43.43
C VAL FB 134 113.51 8.81 42.39
N ALA FB 135 114.15 9.97 42.61
CA ALA FB 135 115.27 10.34 41.76
C ALA FB 135 116.54 9.60 42.15
N TYR FB 136 116.68 9.27 43.44
CA TYR FB 136 117.80 8.47 43.92
C TYR FB 136 117.77 7.06 43.36
N ARG FB 137 116.58 6.45 43.27
CA ARG FB 137 116.46 5.09 42.78
C ARG FB 137 116.40 5.01 41.25
N GLU FB 138 116.82 6.07 40.55
CA GLU FB 138 116.94 6.15 39.09
C GLU FB 138 115.58 5.90 38.41
N GLY FB 139 114.67 6.84 38.65
CA GLY FB 139 113.33 6.75 38.10
C GLY FB 139 113.10 7.85 37.08
N ILE FB 140 112.02 7.67 36.32
CA ILE FB 140 111.63 8.62 35.29
C ILE FB 140 110.63 9.60 35.88
N ILE FB 141 110.95 10.89 35.80
CA ILE FB 141 110.20 11.95 36.46
C ILE FB 141 109.73 12.94 35.39
N LEU FB 142 108.41 13.19 35.38
CA LEU FB 142 107.74 13.98 34.34
C LEU FB 142 107.04 15.16 35.00
N PHE FB 143 107.34 16.36 34.52
CA PHE FB 143 106.68 17.58 34.99
C PHE FB 143 105.57 17.97 34.03
N VAL FB 144 104.35 18.07 34.54
CA VAL FB 144 103.17 18.44 33.74
C VAL FB 144 102.57 19.71 34.34
N SER FB 145 102.36 20.72 33.49
CA SER FB 145 101.65 21.92 33.86
C SER FB 145 101.03 22.51 32.60
N ARG FB 146 99.73 22.32 32.41
CA ARG FB 146 99.02 22.83 31.26
C ARG FB 146 98.60 24.25 31.60
N HIS FB 147 99.54 25.19 31.47
CA HIS FB 147 99.30 26.60 31.76
C HIS FB 147 100.28 27.39 30.91
N ARG FB 148 99.76 28.24 30.04
CA ARG FB 148 100.59 28.98 29.09
C ARG FB 148 100.95 30.34 29.69
N GLN FB 149 101.53 30.33 30.89
CA GLN FB 149 102.14 31.55 31.38
C GLN FB 149 103.51 31.21 31.95
N PHE FB 150 103.70 29.95 32.34
CA PHE FB 150 104.97 29.48 32.86
C PHE FB 150 105.59 28.34 32.05
N ALA FB 151 104.98 27.95 30.93
CA ALA FB 151 105.27 26.66 30.28
C ALA FB 151 106.73 26.55 29.82
N HIS FB 152 107.28 27.66 29.33
CA HIS FB 152 108.71 27.74 29.03
C HIS FB 152 109.55 27.56 30.30
N LEU FB 153 109.05 28.03 31.44
CA LEU FB 153 109.83 27.94 32.66
C LEU FB 153 109.83 26.53 33.24
N ILE FB 154 108.69 25.82 33.15
CA ILE FB 154 108.69 24.37 33.47
C ILE FB 154 109.61 23.62 32.53
N GLU FB 155 109.59 23.96 31.24
CA GLU FB 155 110.37 23.20 30.27
C GLU FB 155 111.87 23.42 30.45
N THR FB 156 112.28 24.66 30.76
CA THR FB 156 113.69 24.94 31.07
C THR FB 156 114.09 24.35 32.41
N THR FB 157 113.15 24.32 33.37
CA THR FB 157 113.38 23.68 34.68
C THR FB 157 113.69 22.20 34.52
N ALA FB 158 112.90 21.52 33.69
CA ALA FB 158 113.15 20.10 33.45
C ALA FB 158 114.40 19.87 32.61
N ARG FB 159 114.73 20.81 31.71
CA ARG FB 159 115.96 20.70 30.95
C ARG FB 159 117.20 20.80 31.86
N ASP FB 160 117.16 21.70 32.84
CA ASP FB 160 118.25 21.77 33.80
C ASP FB 160 118.23 20.63 34.81
N CYS FB 161 117.05 20.07 35.11
CA CYS FB 161 116.97 18.91 36.00
C CYS FB 161 117.46 17.63 35.34
N GLY FB 162 117.36 17.53 34.02
CA GLY FB 162 117.64 16.27 33.35
C GLY FB 162 116.47 15.32 33.35
N GLU FB 163 115.30 15.78 33.78
CA GLU FB 163 114.07 15.01 33.78
C GLU FB 163 113.17 15.56 32.68
N TYR FB 164 112.03 14.90 32.46
CA TYR FB 164 111.25 15.17 31.26
C TYR FB 164 109.99 15.97 31.60
N ALA FB 165 109.46 16.65 30.59
CA ALA FB 165 108.34 17.56 30.80
C ALA FB 165 107.31 17.40 29.68
N HIS FB 166 106.04 17.51 30.05
CA HIS FB 166 104.93 17.61 29.11
C HIS FB 166 104.07 18.79 29.57
N THR FB 167 104.39 19.98 29.08
CA THR FB 167 103.57 21.15 29.34
C THR FB 167 102.70 21.54 28.16
N ARG FB 168 102.73 20.76 27.07
CA ARG FB 168 101.91 20.99 25.90
C ARG FB 168 100.60 20.23 26.05
N TYR FB 169 99.87 20.06 24.93
CA TYR FB 169 98.64 19.29 24.95
C TYR FB 169 98.96 17.82 25.22
N PHE FB 170 98.29 17.27 26.22
CA PHE FB 170 98.39 15.85 26.54
C PHE FB 170 97.47 15.09 25.59
N LYS FB 171 98.05 14.24 24.75
CA LYS FB 171 97.26 13.39 23.88
C LYS FB 171 96.53 12.34 24.71
N GLY FB 172 95.42 11.83 24.17
CA GLY FB 172 94.47 11.08 24.99
C GLY FB 172 95.01 9.75 25.48
N GLY FB 173 95.56 8.95 24.57
CA GLY FB 173 96.03 7.64 24.96
C GLY FB 173 97.52 7.58 25.18
N LEU FB 174 98.10 8.59 25.82
CA LEU FB 174 99.55 8.65 25.93
C LEU FB 174 100.06 7.76 27.06
N LEU FB 175 99.64 8.02 28.29
CA LEU FB 175 100.05 7.17 29.41
C LEU FB 175 99.36 5.81 29.35
N THR FB 176 98.15 5.77 28.82
CA THR FB 176 97.38 4.52 28.82
C THR FB 176 97.81 3.60 27.68
N ASN FB 177 97.68 4.08 26.44
CA ASN FB 177 98.09 3.32 25.25
C ASN FB 177 99.48 3.78 24.85
N ALA FB 178 100.44 3.58 25.74
CA ALA FB 178 101.84 3.93 25.51
C ALA FB 178 102.54 3.26 24.32
N PRO FB 179 102.42 1.93 24.07
CA PRO FB 179 103.21 1.36 22.96
C PRO FB 179 102.79 1.82 21.56
N LEU FB 180 101.54 2.23 21.37
CA LEU FB 180 101.12 2.69 20.05
C LEU FB 180 101.60 4.12 19.79
N LEU FB 181 101.60 4.95 20.83
CA LEU FB 181 101.97 6.35 20.67
C LEU FB 181 103.49 6.53 20.65
N LEU FB 182 104.19 5.90 21.58
CA LEU FB 182 105.60 6.26 21.77
C LEU FB 182 106.55 5.34 21.01
N GLY FB 183 106.46 4.03 21.24
CA GLY FB 183 107.37 3.10 20.60
C GLY FB 183 107.08 1.66 20.98
N PRO FB 184 107.74 0.70 20.30
CA PRO FB 184 107.47 -0.73 20.55
C PRO FB 184 107.69 -1.20 21.98
N GLY FB 185 108.77 -0.80 22.63
CA GLY FB 185 108.94 -1.08 24.04
C GLY FB 185 109.33 0.19 24.77
N VAL FB 186 108.43 0.66 25.62
CA VAL FB 186 108.58 1.94 26.29
C VAL FB 186 108.42 1.73 27.79
N ARG FB 187 109.39 2.23 28.55
CA ARG FB 187 109.31 2.20 30.00
C ARG FB 187 108.55 3.43 30.46
N LEU FB 188 107.47 3.19 31.19
CA LEU FB 188 106.52 4.20 31.65
C LEU FB 188 107.18 5.11 32.69
N PRO FB 189 106.72 6.36 32.82
CA PRO FB 189 107.27 7.24 33.86
C PRO FB 189 106.98 6.73 35.26
N ASP FB 190 107.96 6.91 36.15
CA ASP FB 190 107.83 6.45 37.53
C ASP FB 190 107.19 7.48 38.44
N LEU FB 191 107.21 8.77 38.09
CA LEU FB 191 106.57 9.79 38.91
C LEU FB 191 106.24 11.00 38.06
N ILE FB 192 105.11 11.63 38.38
CA ILE FB 192 104.68 12.86 37.71
C ILE FB 192 104.45 13.96 38.76
N ILE FB 193 105.02 15.14 38.54
CA ILE FB 193 104.65 16.34 39.29
C ILE FB 193 103.70 17.15 38.42
N PHE FB 194 102.50 17.39 38.92
CA PHE FB 194 101.61 18.38 38.34
C PHE FB 194 101.81 19.70 39.07
N LEU FB 195 102.32 20.71 38.36
CA LEU FB 195 102.29 22.05 38.93
C LEU FB 195 100.91 22.66 38.84
N HIS FB 196 100.15 22.34 37.79
CA HIS FB 196 98.77 22.76 37.65
C HIS FB 196 97.93 21.54 37.34
N THR FB 197 97.02 21.21 38.24
CA THR FB 197 96.14 20.06 38.07
C THR FB 197 94.92 20.38 37.22
N LEU FB 198 94.77 21.63 36.80
CA LEU FB 198 93.67 22.04 35.94
C LEU FB 198 94.22 22.48 34.59
N ASN FB 199 93.42 22.24 33.56
CA ASN FB 199 93.73 22.67 32.21
C ASN FB 199 93.05 23.99 31.88
N ASN FB 200 93.14 24.39 30.61
CA ASN FB 200 92.70 25.73 30.20
C ASN FB 200 91.18 25.91 30.24
N VAL FB 201 90.40 24.83 30.17
CA VAL FB 201 88.95 24.94 30.28
C VAL FB 201 88.45 24.58 31.67
N PHE FB 202 89.30 24.67 32.69
CA PHE FB 202 88.99 24.51 34.11
C PHE FB 202 88.43 23.12 34.44
N GLU FB 203 88.89 22.10 33.75
CA GLU FB 203 88.63 20.71 34.06
C GLU FB 203 89.85 20.10 34.74
N PRO FB 204 89.67 19.05 35.55
CA PRO FB 204 90.84 18.35 36.09
C PRO FB 204 91.63 17.65 34.99
N HIS FB 205 92.94 17.54 35.20
CA HIS FB 205 93.86 17.14 34.15
C HIS FB 205 93.70 15.65 33.83
N VAL FB 206 93.91 15.32 32.55
CA VAL FB 206 93.70 13.95 32.06
C VAL FB 206 94.78 13.03 32.61
N ALA FB 207 96.01 13.53 32.70
CA ALA FB 207 97.13 12.70 33.10
C ALA FB 207 97.08 12.29 34.56
N VAL FB 208 96.34 13.02 35.40
CA VAL FB 208 96.11 12.58 36.78
C VAL FB 208 95.30 11.29 36.79
N ARG FB 209 94.21 11.26 36.02
CA ARG FB 209 93.37 10.08 35.91
C ARG FB 209 94.10 8.94 35.21
N ASP FB 210 94.92 9.27 34.21
CA ASP FB 210 95.68 8.24 33.50
C ASP FB 210 96.79 7.65 34.37
N ALA FB 211 97.39 8.48 35.23
CA ALA FB 211 98.40 7.96 36.16
C ALA FB 211 97.75 7.13 37.26
N ALA FB 212 96.54 7.49 37.66
CA ALA FB 212 95.78 6.66 38.59
C ALA FB 212 95.41 5.31 37.95
N LYS FB 213 95.12 5.30 36.65
CA LYS FB 213 94.90 4.04 35.94
C LYS FB 213 96.18 3.22 35.84
N MET FB 214 97.31 3.86 35.53
CA MET FB 214 98.56 3.17 35.24
C MET FB 214 99.43 2.98 36.47
N ASN FB 215 98.92 3.32 37.67
CA ASN FB 215 99.58 3.13 38.96
C ASN FB 215 100.90 3.89 39.03
N ILE FB 216 100.86 5.13 38.57
CA ILE FB 216 102.02 6.01 38.53
C ILE FB 216 101.87 7.08 39.61
N PRO FB 217 102.74 7.13 40.60
CA PRO FB 217 102.59 8.12 41.68
C PRO FB 217 102.87 9.55 41.23
N THR FB 218 102.28 10.47 41.96
CA THR FB 218 102.26 11.87 41.56
C THR FB 218 102.41 12.78 42.77
N VAL FB 219 102.94 13.97 42.50
CA VAL FB 219 102.97 15.10 43.42
C VAL FB 219 102.26 16.26 42.75
N GLY FB 220 101.17 16.73 43.35
CA GLY FB 220 100.36 17.74 42.71
C GLY FB 220 100.18 18.95 43.57
N ILE FB 221 100.38 20.12 42.97
CA ILE FB 221 100.07 21.39 43.62
C ILE FB 221 98.61 21.68 43.35
N VAL FB 222 97.79 21.59 44.40
CA VAL FB 222 96.35 21.76 44.30
C VAL FB 222 96.00 23.13 44.87
N ASP FB 223 95.18 23.87 44.14
CA ASP FB 223 94.69 25.17 44.60
C ASP FB 223 93.39 24.94 45.37
N THR FB 224 92.65 26.01 45.63
CA THR FB 224 91.42 25.87 46.40
C THR FB 224 90.27 25.33 45.55
N ASN FB 225 90.46 25.24 44.23
CA ASN FB 225 89.45 24.72 43.32
C ASN FB 225 89.84 23.40 42.68
N CYS FB 226 90.91 22.76 43.15
CA CYS FB 226 91.42 21.57 42.51
C CYS FB 226 90.92 20.30 43.19
N ASN FB 227 91.28 19.16 42.60
CA ASN FB 227 90.88 17.85 43.10
C ASN FB 227 92.08 17.11 43.69
N PRO FB 228 92.20 17.02 45.02
CA PRO FB 228 93.31 16.27 45.60
C PRO FB 228 92.98 14.81 45.87
N ALA FB 229 91.86 14.31 45.38
CA ALA FB 229 91.43 12.95 45.72
C ALA FB 229 92.28 11.90 45.02
N LEU FB 230 92.64 12.14 43.75
CA LEU FB 230 93.40 11.19 42.96
C LEU FB 230 94.91 11.32 43.17
N ILE FB 231 95.35 12.36 43.86
CA ILE FB 231 96.78 12.63 44.02
C ILE FB 231 97.26 11.96 45.31
N THR FB 232 98.30 11.13 45.19
CA THR FB 232 98.80 10.39 46.35
C THR FB 232 99.60 11.31 47.28
N TYR FB 233 100.19 12.36 46.73
CA TYR FB 233 100.96 13.33 47.50
C TYR FB 233 100.58 14.76 47.14
N PRO FB 234 99.42 15.25 47.58
CA PRO FB 234 99.04 16.62 47.23
C PRO FB 234 99.68 17.63 48.17
N VAL FB 235 99.97 18.81 47.62
CA VAL FB 235 100.37 19.95 48.45
C VAL FB 235 99.39 21.10 48.21
N PRO FB 236 98.66 21.53 49.24
CA PRO FB 236 97.72 22.64 49.05
C PRO FB 236 98.48 23.96 48.97
N GLY FB 237 98.43 24.57 47.79
CA GLY FB 237 99.21 25.78 47.58
C GLY FB 237 98.64 26.60 46.45
N ASN FB 238 99.38 27.65 46.09
CA ASN FB 238 98.97 28.57 45.05
C ASN FB 238 99.81 28.30 43.80
N ASP FB 239 99.13 28.01 42.69
CA ASP FB 239 99.79 27.74 41.42
C ASP FB 239 99.67 28.88 40.43
N ASP FB 240 99.18 30.05 40.86
CA ASP FB 240 98.97 31.14 39.92
C ASP FB 240 100.04 32.22 40.03
N SER FB 241 100.48 32.52 41.25
CA SER FB 241 101.45 33.59 41.45
C SER FB 241 102.85 33.15 41.03
N PRO FB 242 103.49 33.98 40.20
CA PRO FB 242 104.83 33.67 39.67
C PRO FB 242 105.91 33.45 40.73
N PRO FB 243 105.95 34.18 41.87
CA PRO FB 243 106.91 33.77 42.91
C PRO FB 243 106.67 32.38 43.48
N ALA FB 244 105.40 31.97 43.66
CA ALA FB 244 105.11 30.63 44.15
C ALA FB 244 105.51 29.57 43.14
N VAL FB 245 105.21 29.81 41.85
CA VAL FB 245 105.54 28.84 40.80
C VAL FB 245 107.05 28.72 40.65
N ARG FB 246 107.77 29.86 40.67
CA ARG FB 246 109.22 29.83 40.58
C ARG FB 246 109.86 29.18 41.80
N LEU FB 247 109.28 29.37 42.99
CA LEU FB 247 109.84 28.73 44.18
C LEU FB 247 109.61 27.22 44.15
N PHE FB 248 108.44 26.78 43.67
CA PHE FB 248 108.21 25.34 43.53
C PHE FB 248 109.15 24.71 42.53
N CYS FB 249 109.39 25.40 41.40
CA CYS FB 249 110.35 24.91 40.42
C CYS FB 249 111.77 24.88 40.99
N ARG FB 250 112.13 25.89 41.80
CA ARG FB 250 113.49 25.93 42.37
C ARG FB 250 113.69 24.82 43.41
N LEU FB 251 112.68 24.56 44.24
CA LEU FB 251 112.77 23.46 45.20
C LEU FB 251 112.81 22.10 44.51
N PHE FB 252 112.04 21.91 43.44
CA PHE FB 252 112.15 20.64 42.72
C PHE FB 252 113.48 20.52 41.99
N GLN FB 253 114.03 21.65 41.51
CA GLN FB 253 115.37 21.65 40.92
C GLN FB 253 116.44 21.21 41.91
N VAL FB 254 116.44 21.81 43.10
CA VAL FB 254 117.48 21.50 44.08
C VAL FB 254 117.27 20.10 44.65
N ALA FB 255 116.00 19.63 44.69
CA ALA FB 255 115.74 18.27 45.14
C ALA FB 255 116.27 17.24 44.16
N ILE FB 256 116.02 17.46 42.85
CA ILE FB 256 116.52 16.55 41.82
C ILE FB 256 118.05 16.56 41.78
N SER FB 257 118.65 17.76 41.86
CA SER FB 257 120.10 17.86 41.79
C SER FB 257 120.77 17.23 42.99
N ARG FB 258 120.23 17.47 44.20
CA ARG FB 258 120.75 16.87 45.42
C ARG FB 258 120.64 15.35 45.39
N ALA FB 259 119.51 14.84 44.88
CA ALA FB 259 119.30 13.40 44.79
C ALA FB 259 120.28 12.74 43.83
N LYS FB 260 120.47 13.33 42.64
CA LYS FB 260 121.36 12.73 41.66
C LYS FB 260 122.83 12.83 42.08
N GLU FB 261 123.24 13.96 42.67
CA GLU FB 261 124.61 14.09 43.14
C GLU FB 261 124.89 13.16 44.32
N LYS FB 262 123.93 13.01 45.24
CA LYS FB 262 124.13 12.09 46.35
C LYS FB 262 124.13 10.64 45.89
N ARG FB 263 123.34 10.33 44.85
CA ARG FB 263 123.41 9.00 44.24
C ARG FB 263 124.79 8.74 43.64
N ARG FB 264 125.37 9.77 43.01
CA ARG FB 264 126.71 9.65 42.45
C ARG FB 264 127.78 9.45 43.53
N GLN FB 265 127.68 10.18 44.65
CA GLN FB 265 128.66 10.03 45.71
C GLN FB 265 128.55 8.68 46.42
N VAL FB 266 127.33 8.19 46.66
CA VAL FB 266 127.21 6.88 47.30
C VAL FB 266 127.59 5.77 46.32
N GLU FB 267 127.40 5.98 45.01
CA GLU FB 267 127.90 5.04 44.01
C GLU FB 267 129.43 5.01 44.01
N ALA FB 268 130.07 6.17 44.15
CA ALA FB 268 131.53 6.22 44.22
C ALA FB 268 132.04 5.56 45.51
N LEU FB 269 131.29 5.72 46.59
CA LEU FB 269 131.65 5.07 47.86
C LEU FB 269 131.52 3.55 47.74
N TYR FB 270 130.49 3.09 47.03
CA TYR FB 270 130.34 1.66 46.76
C TYR FB 270 131.47 1.13 45.88
N ARG FB 271 131.90 1.93 44.90
CA ARG FB 271 133.03 1.54 44.06
C ARG FB 271 134.33 1.47 44.84
N LEU FB 272 134.57 2.42 45.76
CA LEU FB 272 135.82 2.37 46.53
C LEU FB 272 135.74 1.39 47.70
N GLN FB 273 134.55 0.88 48.03
CA GLN FB 273 134.45 -0.19 49.01
C GLN FB 273 135.14 -1.46 48.53
N GLY FB 274 134.95 -1.81 47.27
CA GLY FB 274 135.55 -3.03 46.73
C GLY FB 274 136.40 -2.81 45.50
N LYS GB 36 81.01 -0.39 -10.66
CA LYS GB 36 82.42 -0.25 -10.36
C LYS GB 36 83.26 -1.02 -11.36
N ASN GB 37 84.47 -0.52 -11.62
CA ASN GB 37 85.41 -1.22 -12.48
C ASN GB 37 86.01 -2.41 -11.75
N ARG GB 38 85.90 -3.60 -12.34
CA ARG GB 38 86.31 -4.84 -11.69
C ARG GB 38 87.35 -5.62 -12.47
N ALA GB 39 87.86 -5.10 -13.58
CA ALA GB 39 88.78 -5.87 -14.42
C ALA GB 39 90.18 -5.83 -13.84
N ALA GB 40 90.75 -7.03 -13.64
CA ALA GB 40 92.15 -7.25 -13.26
C ALA GB 40 92.53 -6.52 -11.97
N ARG GB 41 91.63 -6.56 -11.00
CA ARG GB 41 91.82 -5.88 -9.74
C ARG GB 41 91.63 -6.87 -8.59
N VAL GB 42 92.37 -6.63 -7.51
CA VAL GB 42 92.23 -7.40 -6.27
C VAL GB 42 91.37 -6.57 -5.31
N ARG GB 43 90.45 -7.23 -4.63
CA ARG GB 43 89.53 -6.52 -3.76
C ARG GB 43 90.17 -6.22 -2.40
N VAL GB 44 89.70 -5.15 -1.76
CA VAL GB 44 90.24 -4.72 -0.48
C VAL GB 44 89.64 -5.58 0.62
N SER GB 45 90.47 -6.40 1.25
CA SER GB 45 90.07 -7.23 2.38
C SER GB 45 90.38 -6.48 3.67
N LYS GB 46 90.44 -7.19 4.80
CA LYS GB 46 90.72 -6.61 6.10
C LYS GB 46 92.11 -6.00 6.22
N GLY GB 47 93.05 -6.37 5.35
CA GLY GB 47 94.40 -5.84 5.39
C GLY GB 47 95.47 -6.89 5.56
N ASP GB 48 95.21 -8.14 5.22
CA ASP GB 48 96.13 -9.24 5.48
C ASP GB 48 96.54 -9.98 4.22
N LYS GB 49 95.88 -9.77 3.09
CA LYS GB 49 96.22 -10.52 1.89
C LYS GB 49 97.49 -9.98 1.24
N PRO GB 50 98.48 -10.84 0.98
CA PRO GB 50 99.65 -10.37 0.23
C PRO GB 50 99.32 -10.17 -1.24
N VAL GB 51 99.99 -9.22 -1.86
CA VAL GB 51 99.71 -8.87 -3.25
C VAL GB 51 101.03 -8.65 -3.99
N THR GB 52 101.08 -9.11 -5.24
CA THR GB 52 102.23 -8.90 -6.10
C THR GB 52 102.04 -7.53 -6.77
N TYR GB 53 103.13 -6.96 -7.31
CA TYR GB 53 103.09 -5.64 -7.93
C TYR GB 53 102.15 -5.59 -9.13
N GLU GB 54 102.11 -6.66 -9.93
CA GLU GB 54 101.22 -6.69 -11.09
C GLU GB 54 99.76 -6.76 -10.68
N GLU GB 55 99.46 -7.52 -9.62
CA GLU GB 55 98.10 -7.59 -9.12
C GLU GB 55 97.71 -6.37 -8.30
N ALA GB 56 98.66 -5.58 -7.83
CA ALA GB 56 98.39 -4.41 -7.02
C ALA GB 56 98.12 -3.16 -7.85
N HIS GB 57 98.25 -3.23 -9.17
CA HIS GB 57 97.98 -2.09 -10.04
C HIS GB 57 96.80 -2.40 -10.95
N ALA GB 58 95.92 -1.42 -11.10
CA ALA GB 58 94.78 -1.47 -11.99
C ALA GB 58 95.24 -1.42 -13.45
N PRO GB 59 94.42 -1.92 -14.41
CA PRO GB 59 94.85 -1.95 -15.83
C PRO GB 59 95.11 -0.61 -16.47
N HIS GB 60 94.63 0.49 -15.88
CA HIS GB 60 94.99 1.80 -16.42
C HIS GB 60 96.38 2.26 -16.00
N TYR GB 61 97.12 1.43 -15.24
CA TYR GB 61 98.53 1.67 -15.00
C TYR GB 61 99.43 0.90 -15.96
N ILE GB 62 98.87 0.19 -16.94
CA ILE GB 62 99.69 -0.48 -17.94
C ILE GB 62 100.34 0.54 -18.84
N ALA GB 63 101.67 0.40 -19.01
CA ALA GB 63 102.61 1.33 -19.64
C ALA GB 63 102.71 2.67 -18.92
N HIS GB 64 102.17 2.79 -17.71
CA HIS GB 64 102.41 3.94 -16.84
C HIS GB 64 103.32 3.55 -15.68
N ARG GB 65 102.90 2.54 -14.90
CA ARG GB 65 103.67 2.06 -13.76
C ARG GB 65 104.10 0.61 -13.93
N LYS GB 66 103.23 -0.24 -14.48
CA LYS GB 66 103.61 -1.60 -14.82
C LYS GB 66 103.62 -1.80 -16.32
N GLY GB 67 104.36 -2.82 -16.77
CA GLY GB 67 104.59 -3.06 -18.18
C GLY GB 67 103.79 -4.20 -18.74
N TRP GB 68 104.26 -4.71 -19.88
CA TRP GB 68 103.58 -5.80 -20.58
C TRP GB 68 104.29 -7.12 -20.30
N LEU GB 69 103.51 -8.16 -20.02
CA LEU GB 69 104.06 -9.49 -19.73
C LEU GB 69 104.50 -10.22 -20.99
N SER GB 70 104.15 -9.74 -22.16
CA SER GB 70 104.61 -10.31 -23.41
C SER GB 70 105.04 -9.19 -24.34
N LEU GB 71 106.17 -9.40 -25.02
CA LEU GB 71 106.67 -8.46 -26.01
C LEU GB 71 106.89 -9.19 -27.32
N HIS GB 72 106.24 -8.71 -28.37
CA HIS GB 72 106.31 -9.30 -29.70
C HIS GB 72 105.97 -8.26 -30.74
N THR GB 73 106.25 -8.60 -31.99
CA THR GB 73 106.20 -7.66 -33.10
C THR GB 73 104.77 -7.41 -33.59
N GLY GB 74 103.89 -8.42 -33.52
CA GLY GB 74 102.69 -8.44 -34.33
C GLY GB 74 101.63 -7.42 -33.97
N ASN GB 75 101.80 -6.71 -32.85
CA ASN GB 75 100.85 -5.68 -32.45
C ASN GB 75 101.25 -4.27 -32.88
N LEU GB 76 102.13 -4.14 -33.88
CA LEU GB 76 102.51 -2.82 -34.35
C LEU GB 76 101.51 -2.31 -35.40
N ASP GB 77 101.89 -1.21 -36.06
CA ASP GB 77 100.95 -0.49 -36.92
C ASP GB 77 100.71 -1.23 -38.23
N GLY GB 78 101.77 -1.44 -39.01
CA GLY GB 78 101.61 -2.09 -40.30
C GLY GB 78 102.18 -3.49 -40.35
N GLU GB 79 101.98 -4.24 -39.27
CA GLU GB 79 102.56 -5.57 -39.14
C GLU GB 79 101.44 -6.61 -39.04
N ASP GB 80 101.71 -7.81 -39.57
CA ASP GB 80 100.74 -8.88 -39.63
C ASP GB 80 101.02 -9.91 -38.54
N HIS GB 81 100.17 -10.94 -38.50
CA HIS GB 81 100.30 -12.12 -37.64
C HIS GB 81 100.30 -11.75 -36.15
N ALA GB 82 99.14 -11.28 -35.67
CA ALA GB 82 98.99 -11.01 -34.24
C ALA GB 82 98.22 -12.13 -33.54
N ALA GB 83 97.27 -12.75 -34.24
CA ALA GB 83 96.36 -13.70 -33.60
C ALA GB 83 97.06 -15.01 -33.28
N GLU GB 84 97.97 -15.46 -34.16
CA GLU GB 84 98.73 -16.68 -33.90
C GLU GB 84 99.67 -16.49 -32.72
N ARG GB 85 100.29 -15.31 -32.62
CA ARG GB 85 101.11 -15.00 -31.44
C ARG GB 85 100.26 -14.91 -30.18
N THR GB 86 99.02 -14.43 -30.30
CA THR GB 86 98.12 -14.35 -29.16
C THR GB 86 97.73 -15.73 -28.64
N VAL GB 87 97.38 -16.65 -29.55
CA VAL GB 87 96.98 -17.98 -29.09
C VAL GB 87 98.19 -18.77 -28.59
N GLU GB 88 99.37 -18.51 -29.16
CA GLU GB 88 100.60 -19.10 -28.63
C GLU GB 88 100.90 -18.58 -27.23
N ASP GB 89 100.64 -17.28 -27.01
CA ASP GB 89 100.79 -16.66 -25.69
C ASP GB 89 99.88 -17.34 -24.66
N VAL GB 90 98.61 -17.55 -25.05
CA VAL GB 90 97.63 -18.18 -24.16
C VAL GB 90 98.04 -19.61 -23.79
N PHE GB 91 98.44 -20.38 -24.81
CA PHE GB 91 98.80 -21.78 -24.58
C PHE GB 91 100.07 -21.88 -23.74
N LEU GB 92 100.99 -20.92 -23.89
CA LEU GB 92 102.15 -20.86 -23.01
C LEU GB 92 101.77 -20.58 -21.56
N ARG GB 93 100.83 -19.65 -21.33
CA ARG GB 93 100.42 -19.34 -19.95
C ARG GB 93 99.79 -20.55 -19.26
N LYS GB 94 98.88 -21.24 -19.96
CA LYS GB 94 98.26 -22.42 -19.36
C LYS GB 94 99.24 -23.57 -19.18
N PHE GB 95 100.16 -23.75 -20.15
CA PHE GB 95 101.09 -24.87 -20.05
C PHE GB 95 102.10 -24.66 -18.93
N MET GB 96 102.62 -23.44 -18.76
CA MET GB 96 103.51 -23.20 -17.62
C MET GB 96 102.78 -23.25 -16.29
N LEU GB 97 101.53 -22.76 -16.24
CA LEU GB 97 100.74 -22.80 -15.01
C LEU GB 97 100.45 -24.23 -14.57
N GLY GB 98 100.23 -25.15 -15.51
CA GLY GB 98 100.03 -26.54 -15.14
C GLY GB 98 101.30 -27.36 -15.05
N THR GB 99 102.38 -26.88 -15.69
CA THR GB 99 103.64 -27.60 -15.67
C THR GB 99 104.41 -27.34 -14.38
N PHE GB 100 104.23 -26.16 -13.78
CA PHE GB 100 104.81 -25.85 -12.47
C PHE GB 100 103.65 -25.65 -11.48
N PRO GB 101 103.06 -26.73 -10.98
CA PRO GB 101 101.84 -26.58 -10.18
C PRO GB 101 102.16 -26.19 -8.74
N GLY GB 102 101.71 -25.00 -8.35
CA GLY GB 102 101.95 -24.48 -7.03
C GLY GB 102 103.29 -23.83 -6.80
N CYS GB 103 104.35 -24.32 -7.44
CA CYS GB 103 105.68 -23.71 -7.32
C CYS GB 103 105.88 -22.55 -8.29
N LEU GB 104 104.98 -22.34 -9.24
CA LEU GB 104 105.01 -21.14 -10.07
C LEU GB 104 104.44 -19.98 -9.27
N ALA GB 105 105.24 -18.92 -9.11
CA ALA GB 105 104.81 -17.80 -8.28
C ALA GB 105 103.78 -16.94 -8.99
N ASP GB 106 104.15 -16.38 -10.13
CA ASP GB 106 103.39 -15.33 -10.78
C ASP GB 106 103.54 -15.40 -12.30
N GLN GB 107 103.00 -14.38 -12.98
CA GLN GB 107 102.79 -14.44 -14.41
C GLN GB 107 104.10 -14.43 -15.19
N LEU GB 108 104.07 -15.03 -16.37
CA LEU GB 108 105.28 -15.28 -17.14
C LEU GB 108 105.68 -14.03 -17.93
N VAL GB 109 106.92 -14.02 -18.39
CA VAL GB 109 107.39 -12.98 -19.31
C VAL GB 109 107.76 -13.66 -20.62
N LEU GB 110 107.12 -13.25 -21.71
CA LEU GB 110 107.25 -13.94 -22.99
C LEU GB 110 107.84 -12.98 -24.03
N LYS GB 111 109.08 -13.23 -24.42
CA LYS GB 111 109.81 -12.35 -25.31
C LYS GB 111 110.01 -13.02 -26.67
N ARG GB 112 109.70 -12.31 -27.74
CA ARG GB 112 109.90 -12.82 -29.10
C ARG GB 112 110.92 -11.95 -29.82
N ARG GB 113 112.06 -12.55 -30.20
CA ARG GB 113 113.18 -11.82 -30.79
C ARG GB 113 113.86 -12.70 -31.84
N ALA GB 114 113.51 -12.52 -33.11
CA ALA GB 114 114.11 -13.20 -34.26
C ALA GB 114 114.01 -14.72 -34.12
N ASN GB 115 112.76 -15.18 -34.17
CA ASN GB 115 112.06 -16.47 -34.12
C ASN GB 115 112.38 -17.30 -32.88
N GLN GB 116 113.19 -16.82 -31.94
CA GLN GB 116 113.45 -17.57 -30.72
C GLN GB 116 112.61 -16.96 -29.61
N LEU GB 117 112.04 -17.83 -28.80
CA LEU GB 117 111.01 -17.47 -27.84
C LEU GB 117 111.51 -17.68 -26.43
N GLU GB 118 111.63 -16.59 -25.68
CA GLU GB 118 112.19 -16.64 -24.33
C GLU GB 118 111.06 -16.60 -23.31
N ILE GB 119 111.03 -17.60 -22.44
CA ILE GB 119 110.01 -17.77 -21.43
C ILE GB 119 110.67 -17.57 -20.07
N CYS GB 120 110.31 -16.49 -19.38
CA CYS GB 120 110.98 -16.07 -18.16
C CYS GB 120 110.02 -16.27 -17.00
N ALA GB 121 110.50 -16.97 -15.96
CA ALA GB 121 109.65 -17.45 -14.88
C ALA GB 121 110.23 -17.12 -13.52
N LEU GB 122 109.34 -16.92 -12.54
CA LEU GB 122 109.67 -16.92 -11.12
C LEU GB 122 109.10 -18.20 -10.53
N VAL GB 123 109.97 -19.09 -10.05
CA VAL GB 123 109.58 -20.37 -9.49
C VAL GB 123 110.01 -20.41 -8.03
N LEU GB 124 109.14 -20.93 -7.16
CA LEU GB 124 109.51 -21.08 -5.75
C LEU GB 124 110.50 -22.22 -5.57
N ARG GB 125 111.20 -22.20 -4.43
CA ARG GB 125 112.01 -23.33 -3.99
C ARG GB 125 111.09 -24.37 -3.38
N GLN GB 126 110.43 -25.17 -4.23
CA GLN GB 126 109.57 -26.24 -3.75
C GLN GB 126 110.09 -27.59 -4.19
N LEU GB 127 110.28 -27.75 -5.50
CA LEU GB 127 110.72 -29.02 -6.05
C LEU GB 127 112.25 -29.09 -6.04
N PRO GB 128 112.81 -30.30 -6.08
CA PRO GB 128 114.27 -30.44 -6.18
C PRO GB 128 114.81 -29.91 -7.50
N PRO GB 129 116.09 -29.50 -7.53
CA PRO GB 129 116.68 -29.04 -8.79
C PRO GB 129 116.80 -30.11 -9.85
N HIS GB 130 116.81 -31.39 -9.45
CA HIS GB 130 116.65 -32.51 -10.37
C HIS GB 130 115.37 -32.35 -11.17
N LYS GB 131 114.28 -32.07 -10.48
CA LYS GB 131 112.98 -31.95 -11.12
C LYS GB 131 112.85 -30.63 -11.88
N PHE GB 132 113.49 -29.56 -11.39
CA PHE GB 132 113.60 -28.33 -12.19
C PHE GB 132 114.30 -28.55 -13.52
N TYR GB 133 115.43 -29.24 -13.52
CA TYR GB 133 116.16 -29.45 -14.78
C TYR GB 133 115.45 -30.44 -15.69
N PHE GB 134 114.73 -31.41 -15.10
CA PHE GB 134 113.95 -32.37 -15.88
C PHE GB 134 112.83 -31.62 -16.61
N LEU GB 135 112.06 -30.79 -15.87
CA LEU GB 135 111.00 -30.02 -16.51
C LEU GB 135 111.53 -28.96 -17.47
N VAL GB 136 112.73 -28.41 -17.23
CA VAL GB 136 113.30 -27.42 -18.14
C VAL GB 136 113.65 -28.08 -19.48
N GLY GB 137 114.35 -29.22 -19.44
CA GLY GB 137 114.70 -29.90 -20.69
C GLY GB 137 113.48 -30.41 -21.43
N TYR GB 138 112.49 -30.94 -20.67
CA TYR GB 138 111.24 -31.41 -21.25
C TYR GB 138 110.47 -30.29 -21.93
N SER GB 139 110.32 -29.15 -21.26
CA SER GB 139 109.58 -28.01 -21.81
C SER GB 139 110.30 -27.43 -23.02
N GLU GB 140 111.64 -27.37 -22.96
CA GLU GB 140 112.44 -26.86 -24.07
C GLU GB 140 112.23 -27.69 -25.33
N THR GB 141 112.42 -29.00 -25.22
CA THR GB 141 112.34 -29.86 -26.41
C THR GB 141 110.90 -29.94 -26.93
N LEU GB 142 109.93 -30.01 -26.01
CA LEU GB 142 108.54 -30.13 -26.40
C LEU GB 142 108.03 -28.87 -27.09
N LEU GB 143 108.34 -27.69 -26.56
CA LEU GB 143 107.85 -26.47 -27.20
C LEU GB 143 108.63 -26.16 -28.47
N SER GB 144 109.92 -26.52 -28.53
CA SER GB 144 110.68 -26.36 -29.77
C SER GB 144 110.07 -27.20 -30.89
N HIS GB 145 109.75 -28.46 -30.60
CA HIS GB 145 109.13 -29.30 -31.60
C HIS GB 145 107.65 -29.01 -31.81
N PHE GB 146 107.01 -28.23 -30.94
CA PHE GB 146 105.57 -28.00 -31.11
C PHE GB 146 105.28 -26.70 -31.86
N TYR GB 147 106.01 -25.62 -31.55
CA TYR GB 147 105.91 -24.39 -32.33
C TYR GB 147 106.95 -24.28 -33.42
N LYS GB 148 107.83 -25.28 -33.57
CA LYS GB 148 108.83 -25.36 -34.64
C LYS GB 148 109.78 -24.17 -34.63
N CYS GB 149 110.12 -23.70 -33.43
CA CYS GB 149 110.98 -22.53 -33.26
C CYS GB 149 111.88 -22.77 -32.06
N PRO GB 150 113.07 -22.17 -32.03
CA PRO GB 150 113.94 -22.31 -30.86
C PRO GB 150 113.37 -21.59 -29.64
N VAL GB 151 113.48 -22.25 -28.49
CA VAL GB 151 112.87 -21.80 -27.24
C VAL GB 151 113.98 -21.66 -26.20
N HIS GB 152 113.89 -20.64 -25.37
CA HIS GB 152 114.70 -20.51 -24.16
C HIS GB 152 113.78 -20.52 -22.94
N LEU GB 153 114.21 -21.23 -21.90
CA LEU GB 153 113.53 -21.25 -20.60
C LEU GB 153 114.47 -20.63 -19.58
N HIS GB 154 114.14 -19.43 -19.11
CA HIS GB 154 114.96 -18.71 -18.15
C HIS GB 154 114.19 -18.61 -16.84
N LEU GB 155 114.83 -19.02 -15.75
CA LEU GB 155 114.18 -19.14 -14.46
C LEU GB 155 114.92 -18.33 -13.40
N GLN GB 156 114.16 -17.77 -12.47
CA GLN GB 156 114.71 -17.29 -11.21
C GLN GB 156 113.90 -17.93 -10.10
N THR GB 157 114.59 -18.55 -9.15
CA THR GB 157 113.94 -19.35 -8.13
C THR GB 157 114.06 -18.65 -6.78
N VAL GB 158 112.92 -18.45 -6.13
CA VAL GB 158 112.75 -17.52 -5.02
C VAL GB 158 112.27 -18.28 -3.79
N PRO GB 159 112.49 -17.75 -2.57
CA PRO GB 159 111.96 -18.45 -1.38
C PRO GB 159 110.44 -18.45 -1.27
N SER GB 160 109.79 -17.33 -1.58
CA SER GB 160 108.34 -17.23 -1.42
C SER GB 160 107.81 -16.21 -2.42
N LYS GB 161 106.50 -15.98 -2.35
CA LYS GB 161 105.86 -14.97 -3.18
C LYS GB 161 106.31 -13.58 -2.77
N VAL GB 162 106.70 -12.78 -3.76
CA VAL GB 162 107.18 -11.43 -3.49
C VAL GB 162 106.00 -10.52 -3.17
N VAL GB 163 106.07 -9.84 -2.03
CA VAL GB 163 104.96 -9.05 -1.50
C VAL GB 163 105.27 -7.58 -1.74
N TYR GB 164 104.34 -6.87 -2.39
CA TYR GB 164 104.53 -5.45 -2.66
C TYR GB 164 103.81 -4.57 -1.65
N LYS GB 165 102.57 -4.91 -1.30
CA LYS GB 165 101.76 -4.09 -0.41
C LYS GB 165 101.07 -4.97 0.62
N TYR GB 166 100.33 -4.31 1.51
CA TYR GB 166 99.49 -4.90 2.58
C TYR GB 166 100.41 -5.68 3.52
N ILE GB 167 100.01 -6.89 3.91
CA ILE GB 167 100.71 -7.84 4.80
C ILE GB 167 101.25 -7.20 6.09
N SER HB 88 89.08 -27.13 -26.92
CA SER HB 88 88.39 -26.73 -25.70
C SER HB 88 89.37 -26.56 -24.55
N PHE HB 89 90.66 -26.68 -24.85
CA PHE HB 89 91.67 -26.51 -23.81
C PHE HB 89 91.81 -25.05 -23.40
N PHE HB 90 91.66 -24.12 -24.34
CA PHE HB 90 91.74 -22.70 -24.02
C PHE HB 90 90.55 -22.21 -23.20
N THR HB 91 89.45 -22.96 -23.18
CA THR HB 91 88.21 -22.54 -22.55
C THR HB 91 88.27 -22.60 -21.02
N LYS HB 92 89.00 -23.56 -20.46
CA LYS HB 92 89.00 -23.85 -19.04
C LYS HB 92 89.79 -22.81 -18.26
N LEU HB 93 89.76 -22.91 -16.92
CA LEU HB 93 90.20 -21.83 -16.05
C LEU HB 93 91.14 -22.36 -14.97
N THR HB 94 91.40 -21.50 -13.98
CA THR HB 94 92.30 -21.79 -12.87
C THR HB 94 91.48 -22.22 -11.65
N ALA HB 95 92.08 -23.10 -10.83
CA ALA HB 95 91.37 -23.68 -9.69
C ALA HB 95 90.93 -22.64 -8.67
N ASP HB 96 91.72 -21.57 -8.52
CA ASP HB 96 91.32 -20.48 -7.62
C ASP HB 96 90.03 -19.81 -8.10
N GLU HB 97 89.95 -19.54 -9.40
CA GLU HB 97 88.72 -18.99 -9.98
C GLU HB 97 87.57 -19.97 -9.88
N LEU HB 98 87.84 -21.27 -10.08
CA LEU HB 98 86.80 -22.29 -9.98
C LEU HB 98 86.24 -22.40 -8.56
N TRP HB 99 87.12 -22.38 -7.55
CA TRP HB 99 86.66 -22.49 -6.17
C TRP HB 99 85.97 -21.22 -5.71
N LYS HB 100 86.46 -20.06 -6.18
CA LYS HB 100 85.82 -18.79 -5.84
C LYS HB 100 84.44 -18.66 -6.48
N GLY HB 101 84.26 -19.22 -7.68
CA GLY HB 101 82.92 -19.25 -8.26
C GLY HB 101 82.04 -20.33 -7.65
N ALA HB 102 82.67 -21.38 -7.11
CA ALA HB 102 81.90 -22.50 -6.58
C ALA HB 102 81.34 -22.24 -5.19
N LEU HB 103 82.20 -21.84 -4.23
CA LEU HB 103 81.73 -21.64 -2.87
C LEU HB 103 80.85 -20.42 -2.70
N ALA HB 104 81.00 -19.41 -3.57
CA ALA HB 104 80.21 -18.17 -3.57
C ALA HB 104 80.30 -17.43 -2.24
N GLU HB 105 81.53 -17.25 -1.75
CA GLU HB 105 81.73 -16.59 -0.47
C GLU HB 105 81.52 -15.08 -0.56
N SER HB 106 81.64 -14.51 -1.76
CA SER HB 106 81.46 -13.08 -1.96
C SER HB 106 80.07 -12.71 -2.48
N GLY HB 107 79.13 -13.66 -2.46
CA GLY HB 107 77.79 -13.41 -2.95
C GLY HB 107 76.98 -12.53 -2.00
N ALA HB 108 75.84 -12.06 -2.52
CA ALA HB 108 74.97 -11.18 -1.75
C ALA HB 108 74.18 -11.92 -0.68
N GLY HB 109 74.07 -13.23 -0.75
CA GLY HB 109 73.38 -14.01 0.25
C GLY HB 109 74.07 -14.02 1.60
N ALA HB 110 75.40 -14.08 1.59
CA ALA HB 110 76.15 -14.14 2.84
C ALA HB 110 76.44 -12.74 3.38
N ARG HB 111 76.15 -11.71 2.60
CA ARG HB 111 76.46 -10.33 2.95
C ARG HB 111 75.71 -9.83 4.18
N LYS HB 112 74.39 -9.69 4.07
CA LYS HB 112 73.60 -9.14 5.16
C LYS HB 112 73.38 -10.18 6.26
N GLY HB 113 73.19 -11.43 5.87
CA GLY HB 113 72.73 -12.44 6.80
C GLY HB 113 71.63 -13.27 6.18
N ARG HB 114 71.41 -13.06 4.88
CA ARG HB 114 70.38 -13.76 4.12
C ARG HB 114 70.71 -15.24 3.93
N GLY HB 115 71.97 -15.61 4.13
CA GLY HB 115 72.41 -16.97 3.95
C GLY HB 115 72.02 -17.89 5.10
N LYS HB 116 72.75 -19.01 5.19
CA LYS HB 116 72.60 -20.06 6.19
C LYS HB 116 71.20 -20.70 6.18
N ARG HB 117 70.50 -20.65 5.05
CA ARG HB 117 69.23 -21.37 4.97
C ARG HB 117 69.44 -22.75 4.35
N THR HB 118 69.94 -22.82 3.10
CA THR HB 118 70.47 -24.03 2.48
C THR HB 118 71.78 -23.62 1.81
N LYS HB 119 72.85 -23.55 2.61
CA LYS HB 119 74.16 -23.13 2.14
C LYS HB 119 75.27 -23.86 2.87
N LYS HB 120 75.93 -24.80 2.19
CA LYS HB 120 77.11 -25.45 2.74
C LYS HB 120 78.01 -25.94 1.61
N LYS HB 121 79.13 -25.26 1.39
CA LYS HB 121 80.10 -25.62 0.36
C LYS HB 121 81.44 -25.85 1.02
N ARG HB 122 82.10 -26.94 0.68
CA ARG HB 122 83.37 -27.31 1.28
C ARG HB 122 84.48 -27.23 0.25
N ARG HB 123 85.60 -26.64 0.64
CA ARG HB 123 86.74 -26.45 -0.24
C ARG HB 123 87.81 -27.48 0.07
N LYS HB 124 88.23 -28.23 -0.93
CA LYS HB 124 89.24 -29.27 -0.78
C LYS HB 124 90.39 -28.97 -1.74
N ASP HB 125 91.62 -28.97 -1.21
CA ASP HB 125 92.79 -28.76 -2.05
C ASP HB 125 93.07 -30.02 -2.86
N LEU HB 126 93.00 -29.90 -4.18
CA LEU HB 126 93.21 -31.03 -5.07
C LEU HB 126 94.68 -31.24 -5.43
N ASN HB 127 95.57 -30.37 -4.96
CA ASN HB 127 96.99 -30.49 -5.21
C ASN HB 127 97.76 -31.07 -4.03
N ARG HB 128 97.07 -31.74 -3.11
CA ARG HB 128 97.71 -32.21 -1.89
C ARG HB 128 98.51 -33.48 -2.14
N GLY HB 129 97.83 -34.54 -2.56
CA GLY HB 129 98.47 -35.85 -2.71
C GLY HB 129 99.05 -36.10 -4.09
N GLN HB 130 99.70 -35.10 -4.67
CA GLN HB 130 100.28 -35.24 -5.99
C GLN HB 130 101.78 -35.48 -5.89
N ILE HB 131 102.24 -36.55 -6.55
CA ILE HB 131 103.67 -36.87 -6.63
C ILE HB 131 104.27 -36.33 -7.94
N ILE HB 132 103.58 -35.38 -8.58
CA ILE HB 132 104.02 -34.57 -9.74
C ILE HB 132 104.18 -35.41 -11.01
N GLY HB 133 104.88 -36.54 -10.92
CA GLY HB 133 105.07 -37.40 -12.08
C GLY HB 133 104.10 -38.56 -12.15
N GLU HB 134 103.14 -38.60 -11.23
CA GLU HB 134 102.18 -39.68 -11.20
C GLU HB 134 101.18 -39.53 -12.35
N GLY HB 135 100.88 -40.64 -13.01
CA GLY HB 135 99.92 -40.63 -14.10
C GLY HB 135 99.12 -41.91 -14.09
N ARG HB 136 97.91 -41.84 -14.66
CA ARG HB 136 97.02 -42.99 -14.69
C ARG HB 136 97.45 -44.06 -15.68
N HIS HB 137 98.19 -43.69 -16.73
CA HIS HB 137 98.88 -44.71 -17.53
C HIS HB 137 100.00 -45.37 -16.73
N GLY HB 138 100.61 -44.64 -15.81
CA GLY HB 138 101.63 -45.21 -14.95
C GLY HB 138 103.03 -45.17 -15.49
N PHE HB 139 103.41 -44.06 -16.12
CA PHE HB 139 104.77 -43.96 -16.61
C PHE HB 139 105.71 -43.53 -15.50
N LEU HB 140 106.88 -44.17 -15.46
CA LEU HB 140 107.80 -44.10 -14.34
C LEU HB 140 109.00 -43.29 -14.79
N TRP HB 141 109.09 -42.05 -14.29
CA TRP HB 141 110.03 -41.11 -14.89
C TRP HB 141 111.30 -41.01 -14.07
N PRO HB 142 112.45 -40.90 -14.75
CA PRO HB 142 113.75 -40.95 -14.04
C PRO HB 142 114.06 -39.72 -13.19
N GLY HB 143 113.27 -38.66 -13.25
CA GLY HB 143 113.54 -37.51 -12.42
C GLY HB 143 112.42 -37.13 -11.46
N LEU HB 144 111.17 -37.41 -11.85
CA LEU HB 144 110.02 -37.04 -11.03
C LEU HB 144 109.62 -38.17 -10.09
N ASN HB 145 109.39 -39.36 -10.64
CA ASN HB 145 108.89 -40.46 -9.83
C ASN HB 145 110.02 -41.21 -9.13
N ILE HB 146 111.01 -41.66 -9.89
CA ILE HB 146 112.05 -42.52 -9.35
C ILE HB 146 113.40 -41.82 -9.55
N PRO HB 147 114.43 -42.06 -8.73
CA PRO HB 147 115.65 -41.25 -8.83
C PRO HB 147 116.47 -41.53 -10.08
N LEU HB 148 117.52 -40.73 -10.27
CA LEU HB 148 118.25 -40.75 -11.54
C LEU HB 148 119.11 -42.01 -11.68
N MET HB 149 119.82 -42.39 -10.62
CA MET HB 149 120.89 -43.37 -10.71
C MET HB 149 120.53 -44.61 -9.91
N ARG HB 150 120.72 -45.78 -10.53
CA ARG HB 150 120.59 -47.06 -9.86
C ARG HB 150 121.83 -47.89 -10.17
N ASN HB 151 122.53 -48.30 -9.10
CA ASN HB 151 123.78 -49.07 -9.16
C ASN HB 151 124.86 -48.34 -9.97
N GLY HB 152 124.84 -47.01 -9.94
CA GLY HB 152 125.80 -46.21 -10.68
C GLY HB 152 125.45 -46.00 -12.14
N ALA HB 153 124.38 -46.62 -12.64
CA ALA HB 153 124.01 -46.57 -14.04
C ALA HB 153 122.83 -45.64 -14.25
N VAL HB 154 122.51 -45.38 -15.52
CA VAL HB 154 121.42 -44.49 -15.90
C VAL HB 154 120.18 -45.32 -16.16
N GLN HB 155 119.08 -44.96 -15.49
CA GLN HB 155 117.83 -45.68 -15.66
C GLN HB 155 117.14 -45.31 -16.96
N THR HB 156 116.34 -46.25 -17.47
CA THR HB 156 115.57 -46.06 -18.69
C THR HB 156 114.12 -45.72 -18.34
N ILE HB 157 113.44 -45.00 -19.24
CA ILE HB 157 112.02 -44.70 -19.08
C ILE HB 157 111.22 -45.99 -19.14
N ALA HB 158 110.50 -46.29 -18.07
CA ALA HB 158 109.79 -47.56 -17.92
C ALA HB 158 108.36 -47.30 -17.49
N GLN HB 159 107.57 -48.38 -17.47
CA GLN HB 159 106.18 -48.34 -17.08
C GLN HB 159 105.91 -49.49 -16.13
N ARG HB 160 105.15 -49.22 -15.06
CA ARG HB 160 104.76 -50.28 -14.14
C ARG HB 160 103.72 -51.21 -14.78
N SER HB 161 103.48 -52.33 -14.09
CA SER HB 161 102.45 -53.24 -14.52
C SER HB 161 101.06 -52.69 -14.20
N LYS HB 162 100.05 -53.28 -14.85
CA LYS HB 162 98.66 -52.88 -14.62
C LYS HB 162 98.24 -53.18 -13.19
N GLU HB 163 98.70 -54.31 -12.64
CA GLU HB 163 98.41 -54.67 -11.26
C GLU HB 163 98.97 -53.65 -10.28
N ASP HB 164 100.20 -53.19 -10.54
CA ASP HB 164 100.77 -52.09 -9.79
C ASP HB 164 99.97 -50.80 -9.97
N GLN HB 165 99.32 -50.65 -11.12
CA GLN HB 165 98.49 -49.46 -11.33
C GLN HB 165 97.24 -49.47 -10.46
N GLU HB 166 96.53 -50.62 -10.34
CA GLU HB 166 95.38 -50.54 -9.41
C GLU HB 166 95.86 -50.54 -7.96
N LYS HB 167 97.06 -51.06 -7.68
CA LYS HB 167 97.60 -50.93 -6.31
C LYS HB 167 97.87 -49.47 -5.94
N VAL HB 168 98.52 -48.72 -6.84
CA VAL HB 168 98.83 -47.33 -6.53
C VAL HB 168 97.56 -46.47 -6.55
N GLU HB 169 96.59 -46.84 -7.40
CA GLU HB 169 95.31 -46.12 -7.43
C GLU HB 169 94.51 -46.41 -6.17
N ALA HB 170 94.58 -47.65 -5.67
CA ALA HB 170 93.93 -48.02 -4.42
C ALA HB 170 94.54 -47.27 -3.24
N ASP HB 171 95.87 -47.11 -3.25
CA ASP HB 171 96.53 -46.35 -2.20
C ASP HB 171 96.10 -44.88 -2.24
N MET HB 172 95.98 -44.30 -3.45
CA MET HB 172 95.51 -42.92 -3.57
C MET HB 172 94.07 -42.75 -3.08
N VAL HB 173 93.16 -43.64 -3.47
CA VAL HB 173 91.77 -43.44 -3.09
C VAL HB 173 91.58 -43.75 -1.60
N GLN HB 174 92.37 -44.67 -1.05
CA GLN HB 174 92.29 -44.92 0.38
C GLN HB 174 92.85 -43.75 1.17
N GLN HB 175 93.83 -43.04 0.61
CA GLN HB 175 94.23 -41.75 1.17
C GLN HB 175 93.09 -40.73 1.09
N ARG HB 176 92.28 -40.80 0.03
CA ARG HB 176 91.14 -39.88 -0.07
C ARG HB 176 90.06 -40.14 0.98
N GLU HB 177 89.64 -41.40 1.20
CA GLU HB 177 88.74 -41.60 2.34
C GLU HB 177 89.44 -41.48 3.70
N GLU HB 178 90.78 -41.56 3.77
CA GLU HB 178 91.44 -41.23 5.03
C GLU HB 178 91.33 -39.73 5.32
N TRP HB 179 91.51 -38.90 4.30
CA TRP HB 179 91.28 -37.46 4.44
C TRP HB 179 89.83 -37.14 4.76
N ASP HB 180 88.89 -37.85 4.12
CA ASP HB 180 87.47 -37.69 4.43
C ASP HB 180 87.12 -38.11 5.85
N ARG HB 181 87.70 -39.20 6.35
CA ARG HB 181 87.48 -39.64 7.71
C ARG HB 181 88.05 -38.64 8.73
N ARG HB 182 89.22 -38.07 8.42
CA ARG HB 182 89.77 -37.02 9.29
C ARG HB 182 88.92 -35.75 9.23
N ARG HB 183 88.34 -35.47 8.05
CA ARG HB 183 87.54 -34.27 7.86
C ARG HB 183 86.17 -34.34 8.52
N LYS HB 184 85.50 -35.48 8.47
CA LYS HB 184 84.17 -35.63 9.05
C LYS HB 184 84.19 -35.79 10.56
N MET HB 185 85.36 -35.96 11.17
CA MET HB 185 85.46 -36.02 12.62
C MET HB 185 85.34 -34.61 13.20
N LYS HB 186 84.48 -34.47 14.21
CA LYS HB 186 84.22 -33.19 14.83
C LYS HB 186 84.71 -33.21 16.28
N VAL HB 187 85.37 -32.14 16.70
CA VAL HB 187 85.83 -32.03 18.08
C VAL HB 187 84.63 -31.75 18.99
N LYS HB 188 84.59 -32.45 20.13
CA LYS HB 188 83.52 -32.28 21.09
C LYS HB 188 83.67 -30.93 21.80
N ARG HB 189 82.58 -30.16 21.85
CA ARG HB 189 82.56 -28.87 22.51
C ARG HB 189 82.12 -29.07 23.96
N GLU HB 190 82.96 -28.64 24.89
CA GLU HB 190 82.64 -28.78 26.31
C GLU HB 190 81.58 -27.76 26.71
N ARG HB 191 80.49 -28.24 27.29
CA ARG HB 191 79.37 -27.38 27.66
C ARG HB 191 79.61 -26.80 29.06
N GLY HB 192 79.39 -25.50 29.20
CA GLY HB 192 79.52 -24.85 30.49
C GLY HB 192 78.26 -24.94 31.31
N TRP HB 193 77.18 -24.34 30.82
CA TRP HB 193 75.90 -24.35 31.52
C TRP HB 193 74.85 -25.16 30.75
N SER HB 194 74.72 -24.94 29.45
CA SER HB 194 73.75 -25.62 28.62
C SER HB 194 74.41 -26.12 27.35
N GLY HB 195 73.62 -26.82 26.53
CA GLY HB 195 74.16 -27.46 25.34
C GLY HB 195 74.59 -26.48 24.27
N ASN HB 196 73.80 -25.41 24.06
CA ASN HB 196 74.04 -24.51 22.96
C ASN HB 196 74.62 -23.16 23.37
N THR HB 197 74.48 -22.76 24.63
CA THR HB 197 74.94 -21.45 25.06
C THR HB 197 76.45 -21.44 25.25
N TRP HB 198 77.02 -20.23 25.25
CA TRP HB 198 78.43 -20.06 25.54
C TRP HB 198 78.71 -19.70 26.99
N GLY HB 199 77.69 -19.66 27.83
CA GLY HB 199 77.90 -19.32 29.23
C GLY HB 199 78.59 -20.44 29.98
N GLY HB 200 79.65 -20.10 30.71
CA GLY HB 200 80.40 -21.05 31.48
C GLY HB 200 81.52 -21.74 30.72
N VAL HB 201 81.66 -21.48 29.42
CA VAL HB 201 82.71 -22.11 28.63
C VAL HB 201 84.03 -21.38 28.87
N SER HB 202 85.08 -22.16 29.08
CA SER HB 202 86.42 -21.63 29.29
C SER HB 202 87.15 -21.49 27.96
N LEU HB 203 88.04 -20.49 27.88
CA LEU HB 203 88.86 -20.29 26.70
C LEU HB 203 90.35 -20.46 26.96
N GLY HB 204 90.73 -21.04 28.09
CA GLY HB 204 92.13 -21.29 28.38
C GLY HB 204 92.82 -20.08 28.98
N PRO HB 205 94.15 -20.07 28.93
CA PRO HB 205 94.88 -18.92 29.46
C PRO HB 205 94.73 -17.71 28.55
N PRO HB 206 94.78 -16.50 29.11
CA PRO HB 206 94.79 -15.29 28.27
C PRO HB 206 96.11 -15.11 27.54
N ASP HB 207 96.11 -14.29 26.50
CA ASP HB 207 97.25 -14.04 25.63
C ASP HB 207 98.34 -13.29 26.38
N PRO HB 208 99.62 -13.55 26.06
CA PRO HB 208 100.71 -12.82 26.71
C PRO HB 208 100.74 -11.36 26.31
N GLY HB 209 101.25 -10.52 27.20
CA GLY HB 209 101.30 -9.09 26.98
C GLY HB 209 102.49 -8.67 26.14
N PRO HB 210 102.65 -7.35 25.95
CA PRO HB 210 103.77 -6.87 25.13
C PRO HB 210 105.11 -6.93 25.82
N ASN HB 211 105.13 -7.09 27.14
CA ASN HB 211 106.37 -7.10 27.92
C ASN HB 211 106.97 -8.50 28.05
N GLY HB 212 106.40 -9.50 27.38
CA GLY HB 212 106.84 -10.87 27.55
C GLY HB 212 106.24 -11.58 28.74
N GLU HB 213 105.34 -10.95 29.48
CA GLU HB 213 104.69 -11.59 30.61
C GLU HB 213 103.72 -12.66 30.12
N THR HB 214 103.79 -13.84 30.74
CA THR HB 214 103.02 -15.00 30.32
C THR HB 214 102.19 -15.48 31.51
N TYR HB 215 100.89 -15.67 31.28
CA TYR HB 215 99.95 -16.02 32.34
C TYR HB 215 99.26 -17.35 31.99
N ASP HB 216 99.82 -18.45 32.49
CA ASP HB 216 99.23 -19.76 32.34
C ASP HB 216 98.38 -20.18 33.53
N ASP HB 217 98.47 -19.45 34.65
CA ASP HB 217 97.70 -19.82 35.83
C ASP HB 217 96.27 -19.29 35.79
N PHE HB 218 96.04 -18.19 35.08
CA PHE HB 218 94.69 -17.68 34.90
C PHE HB 218 93.86 -18.58 33.99
N ASP HB 219 92.55 -18.58 34.23
CA ASP HB 219 91.57 -19.17 33.35
C ASP HB 219 90.50 -18.13 33.06
N THR HB 220 89.94 -18.17 31.85
CA THR HB 220 88.90 -17.24 31.45
C THR HB 220 87.64 -17.99 31.05
N ARG HB 221 86.50 -17.42 31.44
CA ARG HB 221 85.19 -18.02 31.24
C ARG HB 221 84.24 -16.98 30.66
N ILE HB 222 83.35 -17.43 29.79
CA ILE HB 222 82.34 -16.55 29.19
C ILE HB 222 81.08 -16.61 30.04
N LEU HB 223 80.56 -15.44 30.41
CA LEU HB 223 79.32 -15.40 31.19
C LEU HB 223 78.11 -15.06 30.31
N GLU HB 224 78.29 -14.18 29.33
CA GLU HB 224 77.20 -13.83 28.44
C GLU HB 224 77.72 -13.72 27.01
N VAL HB 225 77.00 -14.32 26.08
CA VAL HB 225 77.13 -14.03 24.65
C VAL HB 225 75.81 -13.43 24.17
N ARG HB 226 75.90 -12.37 23.37
CA ARG HB 226 74.70 -11.67 22.91
C ARG HB 226 74.98 -10.99 21.60
N ASN HB 227 74.19 -11.34 20.58
CA ASN HB 227 74.28 -10.69 19.27
C ASN HB 227 73.57 -9.34 19.34
N VAL HB 228 74.32 -8.27 19.16
CA VAL HB 228 73.80 -6.91 19.27
C VAL HB 228 73.82 -6.26 17.89
N PHE HB 229 72.69 -5.73 17.48
CA PHE HB 229 72.51 -5.18 16.15
C PHE HB 229 72.56 -3.66 16.17
N ASN HB 230 73.00 -3.08 15.06
CA ASN HB 230 73.08 -1.64 14.90
C ASN HB 230 72.51 -1.26 13.54
N MET HB 231 71.93 -0.07 13.47
CA MET HB 231 71.33 0.43 12.24
C MET HB 231 72.26 1.44 11.60
N THR HB 232 72.68 1.15 10.36
CA THR HB 232 73.61 1.98 9.62
C THR HB 232 72.94 2.54 8.37
N ALA HB 233 73.55 3.57 7.79
CA ALA HB 233 72.99 4.18 6.58
C ALA HB 233 73.14 3.29 5.37
N LYS HB 234 74.25 2.57 5.25
CA LYS HB 234 74.54 1.77 4.05
C LYS HB 234 74.10 0.33 4.25
N GLU HB 235 74.64 -0.35 5.27
CA GLU HB 235 74.41 -1.78 5.42
C GLU HB 235 73.04 -2.09 6.02
N GLY HB 236 72.36 -1.11 6.60
CA GLY HB 236 71.12 -1.41 7.29
C GLY HB 236 71.43 -1.99 8.66
N ARG HB 237 71.03 -3.25 8.86
CA ARG HB 237 71.37 -3.95 10.09
C ARG HB 237 72.85 -4.27 10.13
N LYS HB 238 73.50 -3.92 11.24
CA LYS HB 238 74.91 -4.23 11.45
C LYS HB 238 75.04 -5.03 12.74
N ARG HB 239 75.35 -6.31 12.60
CA ARG HB 239 75.44 -7.22 13.74
C ARG HB 239 76.81 -7.10 14.37
N SER HB 240 76.84 -6.81 15.67
CA SER HB 240 78.09 -6.70 16.43
C SER HB 240 77.99 -7.62 17.64
N VAL HB 241 78.81 -8.65 17.67
CA VAL HB 241 78.81 -9.60 18.79
C VAL HB 241 79.56 -8.98 19.95
N ARG HB 242 78.90 -8.88 21.10
CA ARG HB 242 79.54 -8.47 22.34
C ARG HB 242 79.48 -9.62 23.32
N VAL HB 243 80.57 -9.83 24.05
CA VAL HB 243 80.69 -10.91 25.02
C VAL HB 243 81.27 -10.35 26.31
N LEU HB 244 80.99 -11.02 27.42
CA LEU HB 244 81.54 -10.63 28.70
C LEU HB 244 82.25 -11.84 29.31
N VAL HB 245 83.51 -11.64 29.71
CA VAL HB 245 84.32 -12.73 30.23
C VAL HB 245 84.87 -12.35 31.59
N ALA HB 246 85.32 -13.38 32.31
CA ALA HB 246 86.00 -13.21 33.58
C ALA HB 246 87.27 -14.03 33.56
N VAL HB 247 88.34 -13.46 34.13
CA VAL HB 247 89.61 -14.15 34.33
C VAL HB 247 89.83 -14.33 35.82
N GLY HB 248 90.53 -15.42 36.16
CA GLY HB 248 90.85 -15.71 37.54
C GLY HB 248 91.82 -16.86 37.64
N ASN HB 249 92.78 -16.71 38.54
CA ASN HB 249 93.81 -17.72 38.74
C ASN HB 249 93.49 -18.70 39.86
N GLY HB 250 92.42 -18.48 40.61
CA GLY HB 250 92.08 -19.33 41.73
C GLY HB 250 92.78 -18.98 43.03
N LYS HB 251 93.63 -17.94 43.04
CA LYS HB 251 94.36 -17.54 44.22
C LYS HB 251 93.82 -16.27 44.85
N GLY HB 252 92.68 -15.76 44.38
CA GLY HB 252 92.08 -14.55 44.91
C GLY HB 252 92.12 -13.37 43.98
N ALA HB 253 92.77 -13.48 42.83
CA ALA HB 253 92.82 -12.41 41.85
C ALA HB 253 91.88 -12.73 40.70
N ALA HB 254 90.97 -11.81 40.41
CA ALA HB 254 90.00 -12.03 39.36
C ALA HB 254 89.58 -10.70 38.77
N GLY HB 255 89.01 -10.77 37.57
CA GLY HB 255 88.56 -9.59 36.88
C GLY HB 255 87.54 -9.93 35.82
N PHE HB 256 86.86 -8.91 35.33
CA PHE HB 256 85.82 -9.06 34.33
C PHE HB 256 85.97 -7.98 33.27
N ALA HB 257 85.53 -8.30 32.05
CA ALA HB 257 85.53 -7.30 30.99
C ALA HB 257 84.50 -7.65 29.94
N ILE HB 258 84.27 -6.69 29.05
CA ILE HB 258 83.40 -6.84 27.89
C ILE HB 258 84.24 -6.63 26.65
N GLY HB 259 83.85 -7.29 25.57
CA GLY HB 259 84.55 -7.17 24.30
C GLY HB 259 83.57 -7.29 23.16
N LYS HB 260 83.61 -6.30 22.27
CA LYS HB 260 82.64 -6.23 21.19
C LYS HB 260 83.37 -6.11 19.86
N ALA HB 261 83.00 -6.98 18.92
CA ALA HB 261 83.60 -7.00 17.60
C ALA HB 261 82.59 -7.59 16.62
N THR HB 262 82.91 -7.44 15.33
CA THR HB 262 82.06 -8.01 14.29
C THR HB 262 82.07 -9.54 14.33
N GLU HB 263 83.24 -10.13 14.56
CA GLU HB 263 83.42 -11.58 14.58
C GLU HB 263 83.49 -12.05 16.02
N ARG HB 264 82.93 -13.25 16.25
CA ARG HB 264 82.86 -13.82 17.60
C ARG HB 264 84.25 -14.11 18.15
N ALA HB 265 85.16 -14.63 17.31
CA ALA HB 265 86.51 -14.93 17.75
C ALA HB 265 87.28 -13.65 18.06
N ASP HB 266 87.05 -12.61 17.26
CA ASP HB 266 87.67 -11.30 17.52
C ASP HB 266 87.17 -10.70 18.82
N ALA HB 267 85.88 -10.85 19.10
CA ALA HB 267 85.33 -10.37 20.37
C ALA HB 267 85.86 -11.18 21.55
N PHE HB 268 86.07 -12.49 21.35
CA PHE HB 268 86.66 -13.34 22.38
C PHE HB 268 88.08 -12.89 22.70
N ARG HB 269 88.87 -12.63 21.66
CA ARG HB 269 90.26 -12.21 21.85
C ARG HB 269 90.34 -10.82 22.50
N LYS HB 270 89.46 -9.91 22.08
CA LYS HB 270 89.43 -8.57 22.68
C LYS HB 270 89.03 -8.62 24.14
N ALA HB 271 88.05 -9.47 24.47
CA ALA HB 271 87.63 -9.60 25.87
C ALA HB 271 88.71 -10.25 26.72
N LYS HB 272 89.42 -11.24 26.19
CA LYS HB 272 90.52 -11.87 26.91
C LYS HB 272 91.67 -10.89 27.16
N ASN HB 273 91.99 -10.06 26.16
CA ASN HB 273 93.07 -9.10 26.35
C ASN HB 273 92.65 -7.93 27.24
N ARG HB 274 91.36 -7.60 27.28
CA ARG HB 274 90.91 -6.50 28.13
C ARG HB 274 90.62 -6.94 29.56
N ALA HB 275 90.46 -8.24 29.80
CA ALA HB 275 90.11 -8.68 31.15
C ALA HB 275 91.31 -8.67 32.09
N VAL HB 276 92.52 -8.82 31.55
CA VAL HB 276 93.71 -8.83 32.40
C VAL HB 276 94.11 -7.42 32.82
N HIS HB 277 93.57 -6.41 32.14
CA HIS HB 277 93.87 -5.03 32.51
C HIS HB 277 93.10 -4.62 33.76
N TYR HB 278 91.89 -5.17 33.94
CA TYR HB 278 91.04 -4.84 35.08
C TYR HB 278 91.03 -6.04 36.02
N LEU HB 279 91.70 -5.91 37.16
CA LEU HB 279 91.82 -7.01 38.11
C LEU HB 279 91.49 -6.52 39.51
N HIS HB 280 90.82 -7.38 40.27
CA HIS HB 280 90.55 -7.15 41.68
C HIS HB 280 91.29 -8.19 42.52
N TYR HB 281 91.48 -7.87 43.79
CA TYR HB 281 91.88 -8.86 44.79
C TYR HB 281 90.74 -9.04 45.78
N ILE HB 282 90.33 -10.28 45.99
CA ILE HB 282 89.18 -10.59 46.81
C ILE HB 282 89.69 -11.31 48.05
N GLU HB 283 89.50 -10.69 49.21
CA GLU HB 283 89.95 -11.29 50.46
C GLU HB 283 89.05 -12.45 50.85
N ARG HB 284 89.67 -13.59 51.18
CA ARG HB 284 88.96 -14.83 51.45
C ARG HB 284 89.33 -15.30 52.86
N TYR HB 285 88.32 -15.47 53.71
CA TYR HB 285 88.57 -15.88 55.09
C TYR HB 285 88.89 -17.37 55.15
N GLU HB 286 90.13 -17.66 55.59
CA GLU HB 286 90.77 -18.98 55.51
C GLU HB 286 90.77 -19.56 54.09
N ASP HB 287 90.85 -18.66 53.10
CA ASP HB 287 91.02 -18.99 51.67
C ASP HB 287 89.86 -19.80 51.08
N HIS HB 288 88.70 -19.83 51.74
CA HIS HB 288 87.59 -20.60 51.19
C HIS HB 288 86.26 -19.84 51.17
N THR HB 289 86.05 -18.93 52.12
CA THR HB 289 84.79 -18.23 52.23
C THR HB 289 85.08 -16.74 52.42
N ILE HB 290 84.09 -15.87 52.24
CA ILE HB 290 84.25 -14.43 52.40
C ILE HB 290 84.10 -14.07 53.88
N TYR HB 291 84.50 -12.85 54.24
CA TYR HB 291 84.64 -12.47 55.64
C TYR HB 291 83.30 -12.33 56.35
N HIS HB 292 82.31 -11.67 55.74
CA HIS HB 292 81.06 -11.45 56.43
C HIS HB 292 79.92 -11.41 55.42
N ASP HB 293 78.70 -11.34 55.93
CA ASP HB 293 77.51 -11.32 55.10
C ASP HB 293 77.40 -9.99 54.36
N ILE HB 294 77.20 -10.06 53.04
CA ILE HB 294 77.18 -8.85 52.23
C ILE HB 294 75.85 -8.75 51.50
N SER HB 295 75.14 -7.64 51.73
CA SER HB 295 73.90 -7.37 51.03
C SER HB 295 74.00 -6.00 50.37
N LEU HB 296 73.65 -5.93 49.09
CA LEU HB 296 73.78 -4.67 48.38
C LEU HB 296 72.76 -4.61 47.25
N LYS HB 297 72.55 -3.39 46.76
CA LYS HB 297 71.71 -3.13 45.60
C LYS HB 297 72.50 -2.25 44.63
N PHE HB 298 72.97 -2.83 43.54
CA PHE HB 298 73.67 -2.09 42.50
C PHE HB 298 72.71 -1.89 41.34
N LYS HB 299 72.35 -0.63 41.08
CA LYS HB 299 71.34 -0.20 40.10
C LYS HB 299 70.03 -0.91 40.44
N ARG HB 300 69.52 -1.83 39.63
CA ARG HB 300 68.29 -2.55 39.93
C ARG HB 300 68.52 -4.02 40.24
N THR HB 301 69.71 -4.38 40.71
CA THR HB 301 70.06 -5.75 41.03
C THR HB 301 70.36 -5.86 42.52
N HIS HB 302 69.64 -6.71 43.23
CA HIS HB 302 69.84 -6.92 44.67
C HIS HB 302 70.62 -8.22 44.86
N ILE HB 303 71.82 -8.12 45.39
CA ILE HB 303 72.69 -9.28 45.60
C ILE HB 303 72.91 -9.45 47.10
N LYS HB 304 72.56 -10.63 47.61
CA LYS HB 304 72.78 -10.97 49.02
C LYS HB 304 73.59 -12.26 49.08
N MET HB 305 74.82 -12.16 49.55
CA MET HB 305 75.70 -13.31 49.70
C MET HB 305 75.97 -13.54 51.18
N LYS HB 306 75.97 -14.81 51.58
CA LYS HB 306 76.09 -15.22 52.96
C LYS HB 306 77.29 -16.16 53.16
N LYS HB 307 77.94 -15.99 54.30
CA LYS HB 307 79.11 -16.77 54.70
C LYS HB 307 78.67 -18.16 55.14
N GLN HB 308 79.45 -19.18 54.80
CA GLN HB 308 79.15 -20.56 55.13
C GLN HB 308 80.36 -21.24 55.76
N PRO HB 309 80.14 -22.30 56.53
CA PRO HB 309 81.28 -23.11 57.02
C PRO HB 309 81.91 -23.97 55.93
N ARG HB 310 82.84 -24.84 56.35
CA ARG HB 310 83.74 -25.49 55.41
C ARG HB 310 83.05 -26.53 54.54
N GLY HB 311 82.06 -27.23 55.09
CA GLY HB 311 81.61 -28.48 54.50
C GLY HB 311 80.54 -28.43 53.43
N TYR HB 312 79.78 -27.34 53.33
CA TYR HB 312 78.70 -27.24 52.36
C TYR HB 312 79.04 -26.07 51.45
N GLY HB 313 79.18 -26.36 50.15
CA GLY HB 313 79.80 -25.44 49.22
C GLY HB 313 79.00 -24.89 48.06
N LEU HB 314 79.08 -23.57 47.87
CA LEU HB 314 78.68 -22.86 46.66
C LEU HB 314 77.22 -23.03 46.26
N HIS HB 315 76.29 -22.53 47.08
CA HIS HB 315 74.88 -22.49 46.70
C HIS HB 315 74.64 -21.11 46.10
N CYS HB 316 74.89 -20.98 44.80
CA CYS HB 316 74.91 -19.69 44.16
C CYS HB 316 74.30 -19.81 42.77
N HIS HB 317 73.91 -18.67 42.22
CA HIS HB 317 73.58 -18.55 40.79
C HIS HB 317 74.80 -18.92 39.96
N ARG HB 318 74.58 -19.46 38.76
CA ARG HB 318 75.64 -20.13 37.99
C ARG HB 318 76.77 -19.19 37.60
N ALA HB 319 76.45 -17.93 37.31
CA ALA HB 319 77.48 -16.93 37.04
C ALA HB 319 78.31 -16.64 38.29
N ILE HB 320 77.64 -16.57 39.45
CA ILE HB 320 78.32 -16.39 40.73
C ILE HB 320 79.19 -17.59 41.07
N MET HB 321 78.73 -18.80 40.71
CA MET HB 321 79.52 -20.01 40.91
C MET HB 321 80.78 -19.99 40.05
N THR HB 322 80.65 -19.55 38.80
CA THR HB 322 81.81 -19.45 37.92
C THR HB 322 82.81 -18.41 38.42
N ILE HB 323 82.30 -17.24 38.84
CA ILE HB 323 83.18 -16.18 39.34
C ILE HB 323 83.86 -16.59 40.64
N CYS HB 324 83.13 -17.27 41.53
CA CYS HB 324 83.69 -17.73 42.78
C CYS HB 324 84.68 -18.87 42.58
N ARG HB 325 84.48 -19.69 41.56
CA ARG HB 325 85.47 -20.71 41.21
C ARG HB 325 86.74 -20.09 40.65
N LEU HB 326 86.62 -19.01 39.89
CA LEU HB 326 87.82 -18.34 39.38
C LEU HB 326 88.53 -17.54 40.48
N ILE HB 327 87.78 -17.03 41.46
CA ILE HB 327 88.40 -16.36 42.60
C ILE HB 327 89.12 -17.38 43.48
N GLY HB 328 88.46 -18.50 43.77
CA GLY HB 328 88.91 -19.42 44.78
C GLY HB 328 87.94 -19.63 45.91
N ILE HB 329 86.78 -18.98 45.87
CA ILE HB 329 85.76 -19.13 46.90
C ILE HB 329 85.04 -20.45 46.65
N LYS HB 330 85.09 -21.35 47.64
CA LYS HB 330 84.47 -22.66 47.50
C LYS HB 330 83.14 -22.77 48.23
N ASP HB 331 82.89 -21.93 49.23
CA ASP HB 331 81.64 -21.94 50.00
C ASP HB 331 81.06 -20.54 49.97
N LEU HB 332 79.79 -20.43 49.58
CA LEU HB 332 79.07 -19.17 49.60
C LEU HB 332 77.58 -19.48 49.46
N TYR HB 333 76.75 -18.53 49.90
CA TYR HB 333 75.34 -18.52 49.57
C TYR HB 333 75.07 -17.25 48.77
N ALA HB 334 74.28 -17.36 47.71
CA ALA HB 334 73.95 -16.16 46.95
C ALA HB 334 72.49 -16.17 46.55
N LYS HB 335 71.83 -15.03 46.72
CA LYS HB 335 70.49 -14.81 46.22
C LYS HB 335 70.44 -13.47 45.49
N VAL HB 336 69.92 -13.49 44.27
CA VAL HB 336 69.83 -12.30 43.43
C VAL HB 336 68.34 -12.00 43.18
N SER HB 337 67.99 -10.73 43.24
CA SER HB 337 66.61 -10.28 43.14
C SER HB 337 66.53 -9.08 42.19
N GLY HB 338 65.37 -8.92 41.58
CA GLY HB 338 65.17 -7.87 40.60
C GLY HB 338 65.65 -8.32 39.24
N SER HB 339 66.31 -7.41 38.52
CA SER HB 339 66.90 -7.77 37.24
C SER HB 339 68.12 -8.67 37.44
N VAL HB 340 68.25 -9.68 36.60
CA VAL HB 340 69.27 -10.71 36.77
C VAL HB 340 70.16 -10.51 35.52
N ASN HB 341 70.35 -9.24 35.16
CA ASN HB 341 71.25 -8.89 34.07
C ASN HB 341 72.68 -9.27 34.42
N MET HB 342 73.40 -9.80 33.41
CA MET HB 342 74.70 -10.42 33.67
C MET HB 342 75.78 -9.38 34.00
N LEU HB 343 75.83 -8.30 33.22
CA LEU HB 343 76.82 -7.25 33.46
C LEU HB 343 76.55 -6.51 34.77
N ASN HB 344 75.28 -6.23 35.05
CA ASN HB 344 74.91 -5.59 36.31
C ASN HB 344 75.22 -6.50 37.50
N LEU HB 345 74.95 -7.80 37.36
CA LEU HB 345 75.24 -8.76 38.42
C LEU HB 345 76.74 -8.87 38.67
N THR HB 346 77.54 -8.91 37.60
CA THR HB 346 79.00 -9.00 37.75
C THR HB 346 79.58 -7.74 38.37
N ARG HB 347 79.12 -6.56 37.93
CA ARG HB 347 79.60 -5.30 38.48
C ARG HB 347 79.22 -5.15 39.95
N GLY HB 348 77.97 -5.48 40.30
CA GLY HB 348 77.55 -5.41 41.69
C GLY HB 348 78.25 -6.42 42.56
N LEU HB 349 78.51 -7.63 42.03
CA LEU HB 349 79.23 -8.65 42.77
C LEU HB 349 80.66 -8.24 43.05
N PHE HB 350 81.34 -7.68 42.06
CA PHE HB 350 82.71 -7.25 42.26
C PHE HB 350 82.79 -6.02 43.16
N LEU HB 351 81.81 -5.12 43.09
CA LEU HB 351 81.77 -3.99 44.01
C LEU HB 351 81.53 -4.45 45.45
N GLY HB 352 80.61 -5.41 45.64
CA GLY HB 352 80.34 -5.91 46.97
C GLY HB 352 81.49 -6.70 47.56
N LEU HB 353 82.19 -7.47 46.74
CA LEU HB 353 83.34 -8.23 47.23
C LEU HB 353 84.61 -7.39 47.32
N SER HB 354 84.64 -6.21 46.69
CA SER HB 354 85.73 -5.26 46.88
C SER HB 354 85.48 -4.30 48.02
N ARG HB 355 84.23 -4.15 48.45
CA ARG HB 355 83.89 -3.35 49.62
C ARG HB 355 83.96 -4.20 50.90
N GLN HB 356 84.39 -5.46 50.75
CA GLN HB 356 84.52 -6.42 51.84
C GLN HB 356 85.50 -5.94 52.91
N GLU HB 357 85.09 -6.12 54.17
CA GLU HB 357 85.83 -5.61 55.32
C GLU HB 357 86.43 -6.80 56.05
N THR HB 358 87.75 -6.79 56.22
CA THR HB 358 88.44 -7.89 56.86
C THR HB 358 88.46 -7.71 58.37
N HIS HB 359 88.75 -8.82 59.06
CA HIS HB 359 88.80 -8.79 60.52
C HIS HB 359 89.97 -7.98 61.04
N GLN HB 360 91.08 -7.95 60.29
CA GLN HB 360 92.22 -7.12 60.66
C GLN HB 360 91.86 -5.64 60.57
N GLN HB 361 91.14 -5.24 59.52
CA GLN HB 361 90.69 -3.86 59.39
C GLN HB 361 89.66 -3.51 60.45
N LEU HB 362 88.78 -4.45 60.78
CA LEU HB 362 87.78 -4.21 61.83
C LEU HB 362 88.45 -4.04 63.20
N ALA HB 363 89.44 -4.88 63.49
CA ALA HB 363 90.17 -4.76 64.76
C ALA HB 363 91.01 -3.50 64.81
N ASP HB 364 91.57 -3.09 63.67
CA ASP HB 364 92.33 -1.84 63.64
C ASP HB 364 91.43 -0.61 63.77
N LYS HB 365 90.22 -0.65 63.22
CA LYS HB 365 89.34 0.51 63.31
C LYS HB 365 88.57 0.56 64.62
N LYS HB 366 88.48 -0.57 65.34
CA LYS HB 366 87.80 -0.56 66.63
C LYS HB 366 88.75 -0.56 67.83
N SER HB 367 90.03 -0.89 67.61
CA SER HB 367 91.07 -1.00 68.65
C SER HB 367 90.69 -2.02 69.73
N LEU HB 368 89.94 -3.05 69.33
CA LEU HB 368 89.52 -4.10 70.24
C LEU HB 368 89.83 -5.46 69.62
N HIS HB 369 89.93 -6.46 70.49
CA HIS HB 369 90.08 -7.83 70.02
C HIS HB 369 88.78 -8.33 69.40
N VAL HB 370 88.90 -9.10 68.33
CA VAL HB 370 87.75 -9.78 67.74
C VAL HB 370 87.91 -11.27 68.01
N VAL HB 371 86.84 -11.91 68.47
CA VAL HB 371 86.87 -13.29 68.90
C VAL HB 371 85.87 -14.08 68.07
N GLU HB 372 86.33 -15.21 67.51
CA GLU HB 372 85.50 -16.11 66.75
C GLU HB 372 85.01 -17.22 67.65
N PHE HB 373 83.69 -17.34 67.80
CA PHE HB 373 83.08 -18.39 68.61
C PHE HB 373 82.52 -19.46 67.69
N ARG HB 374 83.31 -20.49 67.44
CA ARG HB 374 82.86 -21.62 66.65
C ARG HB 374 81.85 -22.45 67.43
N GLU HB 375 80.84 -22.95 66.73
CA GLU HB 375 79.85 -23.80 67.38
C GLU HB 375 80.32 -25.24 67.53
N GLU HB 376 81.16 -25.74 66.62
CA GLU HB 376 81.67 -27.10 66.75
C GLU HB 376 82.81 -27.17 67.75
N CYS HB 377 83.45 -26.04 68.06
CA CYS HB 377 84.54 -25.99 69.02
C CYS HB 377 84.08 -25.65 70.43
N GLY HB 378 82.78 -25.47 70.64
CA GLY HB 378 82.26 -25.15 71.94
C GLY HB 378 82.52 -23.72 72.35
N PRO HB 379 82.63 -23.47 73.66
CA PRO HB 379 82.81 -22.09 74.14
C PRO HB 379 84.24 -21.58 74.09
N LEU HB 380 85.13 -22.22 73.33
CA LEU HB 380 86.53 -21.82 73.28
C LEU HB 380 86.67 -20.50 72.53
N PRO HB 381 87.32 -19.49 73.11
CA PRO HB 381 87.49 -18.18 72.46
C PRO HB 381 88.66 -18.09 71.47
N ILE HB 382 88.39 -18.49 70.22
CA ILE HB 382 89.42 -18.39 69.18
C ILE HB 382 89.60 -16.93 68.81
N VAL HB 383 90.81 -16.42 68.96
CA VAL HB 383 91.15 -15.07 68.54
C VAL HB 383 91.80 -15.13 67.16
N VAL HB 384 91.19 -14.46 66.19
CA VAL HB 384 91.64 -14.56 64.81
C VAL HB 384 92.40 -13.32 64.38
N ALA HB 385 92.13 -12.19 65.03
CA ALA HB 385 92.84 -10.95 64.75
C ALA HB 385 93.06 -10.17 66.03
N SER HB 386 94.16 -9.42 66.07
CA SER HB 386 94.50 -8.61 67.23
C SER HB 386 94.76 -7.17 66.79
N PRO HB 387 94.29 -6.18 67.55
CA PRO HB 387 94.51 -4.78 67.17
C PRO HB 387 95.94 -4.31 67.48
N GLN HB 388 96.70 -4.07 66.41
CA GLN HB 388 98.04 -3.50 66.57
C GLN HB 388 97.94 -2.04 66.98
N GLY HB 389 98.88 -1.59 67.78
CA GLY HB 389 98.83 -0.27 68.37
C GLY HB 389 98.30 -0.30 69.79
N ALA HB 390 97.63 0.78 70.16
CA ALA HB 390 97.08 0.92 71.50
C ALA HB 390 95.75 0.17 71.59
N LEU HB 391 95.65 -0.74 72.56
CA LEU HB 391 94.43 -1.49 72.80
C LEU HB 391 93.55 -0.72 73.77
N ARG HB 392 92.29 -0.51 73.40
CA ARG HB 392 91.38 0.27 74.24
C ARG HB 392 90.88 -0.55 75.42
N LYS HB 393 90.90 0.05 76.60
CA LYS HB 393 90.40 -0.57 77.82
C LYS HB 393 88.91 -0.36 78.04
N ASP HB 394 88.27 0.51 77.26
CA ASP HB 394 86.86 0.80 77.44
C ASP HB 394 86.04 -0.22 76.66
N PRO HB 395 85.08 -0.90 77.30
CA PRO HB 395 84.27 -1.90 76.59
C PRO HB 395 83.28 -1.24 75.65
N GLU HB 396 82.72 -2.07 74.76
CA GLU HB 396 81.68 -1.61 73.84
C GLU HB 396 80.40 -1.30 74.62
N PRO HB 397 79.65 -0.28 74.24
CA PRO HB 397 78.36 -0.03 74.89
C PRO HB 397 77.35 -1.13 74.56
N GLU HB 398 76.90 -1.82 75.58
CA GLU HB 398 75.99 -2.96 75.43
C GLU HB 398 74.57 -2.43 75.33
N ASP HB 399 74.01 -2.45 74.13
CA ASP HB 399 72.62 -2.06 73.91
C ASP HB 399 71.73 -3.27 74.12
N GLU HB 400 70.64 -3.08 74.87
CA GLU HB 400 69.70 -4.17 75.13
C GLU HB 400 68.99 -4.60 73.84
N VAL HB 401 68.56 -3.63 73.05
CA VAL HB 401 67.89 -3.88 71.77
C VAL HB 401 68.76 -3.26 70.67
N PRO HB 402 69.48 -4.05 69.89
CA PRO HB 402 70.32 -3.48 68.83
C PRO HB 402 69.50 -2.92 67.68
N ASP HB 403 70.07 -1.94 67.00
CA ASP HB 403 69.45 -1.28 65.85
C ASP HB 403 70.13 -1.79 64.59
N ILE HB 404 69.58 -2.84 63.99
CA ILE HB 404 70.14 -3.46 62.80
C ILE HB 404 69.02 -3.58 61.78
N THR HB 405 69.40 -3.57 60.50
CA THR HB 405 68.44 -3.73 59.41
C THR HB 405 68.26 -5.20 59.09
N LEU HB 406 67.05 -5.71 59.26
CA LEU HB 406 66.74 -7.11 59.07
C LEU HB 406 66.03 -7.31 57.73
N ASP HB 407 66.27 -8.46 57.11
CA ASP HB 407 65.60 -8.82 55.87
C ASP HB 407 64.50 -9.84 56.15
N TRP HB 408 63.32 -9.60 55.56
CA TRP HB 408 62.17 -10.46 55.80
C TRP HB 408 62.39 -11.86 55.25
N GLU HB 409 63.10 -12.00 54.12
CA GLU HB 409 63.43 -13.32 53.61
C GLU HB 409 64.32 -14.10 54.58
N ASP HB 410 65.31 -13.42 55.18
CA ASP HB 410 66.20 -14.07 56.12
C ASP HB 410 65.50 -14.44 57.43
N VAL HB 411 64.63 -13.56 57.94
CA VAL HB 411 63.89 -13.88 59.15
C VAL HB 411 62.85 -14.98 58.89
N LYS HB 412 62.24 -14.98 57.69
CA LYS HB 412 61.33 -16.05 57.32
C LYS HB 412 62.04 -17.39 57.17
N ALA HB 413 63.28 -17.38 56.68
CA ALA HB 413 64.06 -18.60 56.61
C ALA HB 413 64.46 -19.07 58.01
N ALA HB 414 64.75 -18.12 58.91
CA ALA HB 414 65.16 -18.48 60.26
C ALA HB 414 63.99 -19.04 61.07
N GLN HB 415 62.79 -18.50 60.87
CA GLN HB 415 61.60 -18.93 61.59
C GLN HB 415 60.95 -20.16 60.98
N GLY HB 416 61.48 -20.67 59.87
CA GLY HB 416 60.94 -21.88 59.27
C GLY HB 416 59.63 -21.72 58.53
N MET HB 417 59.30 -20.49 58.13
CA MET HB 417 58.09 -20.24 57.36
C MET HB 417 58.36 -20.29 55.85
N LYS HB 418 59.58 -20.62 55.44
CA LYS HB 418 59.91 -20.80 54.03
C LYS HB 418 59.58 -22.23 53.63
N ARG HB 419 58.34 -22.46 53.20
CA ARG HB 419 57.89 -23.77 52.73
C ARG HB 419 57.99 -23.95 51.23
N SER HB 420 58.85 -23.20 50.54
CA SER HB 420 59.00 -23.36 49.10
C SER HB 420 59.65 -24.69 48.77
N VAL HB 421 59.15 -25.34 47.71
CA VAL HB 421 59.64 -26.66 47.35
C VAL HB 421 60.99 -26.60 46.64
N TRP HB 422 61.42 -25.42 46.21
CA TRP HB 422 62.67 -25.30 45.47
C TRP HB 422 63.85 -25.01 46.38
N SER HB 423 63.62 -24.69 47.65
CA SER HB 423 64.71 -24.32 48.54
C SER HB 423 65.52 -25.54 48.96
N GLY HB 424 64.84 -26.65 49.25
CA GLY HB 424 65.49 -27.83 49.76
C GLY HB 424 65.81 -28.87 48.70
N LEU HB 425 65.89 -28.42 47.44
CA LEU HB 425 66.14 -29.34 46.34
C LEU HB 425 67.57 -29.85 46.37
N LYS HB 426 67.73 -31.16 46.20
CA LYS HB 426 69.05 -31.76 46.06
C LYS HB 426 69.53 -31.57 44.63
N ARG HB 427 70.76 -31.08 44.48
CA ARG HB 427 71.31 -30.73 43.19
C ARG HB 427 72.65 -31.44 43.00
N ALA HB 428 73.32 -31.09 41.89
CA ALA HB 428 74.53 -31.79 41.49
C ALA HB 428 75.74 -31.26 42.26
N ALA HB 429 76.92 -31.70 41.83
CA ALA HB 429 78.15 -31.29 42.47
C ALA HB 429 78.52 -29.85 42.10
N THR HB 430 79.46 -29.29 42.85
CA THR HB 430 79.87 -27.91 42.66
C THR HB 430 80.69 -27.73 41.38
N PRO IB 154 42.85 61.95 61.98
CA PRO IB 154 41.74 61.68 61.06
C PRO IB 154 41.56 60.19 60.79
N ARG IB 155 40.39 59.80 60.30
CA ARG IB 155 40.11 58.42 59.94
C ARG IB 155 39.75 58.27 58.47
N TYR IB 156 38.77 59.04 57.99
CA TYR IB 156 38.37 59.02 56.59
C TYR IB 156 38.76 60.35 55.95
N GLU IB 157 38.93 60.31 54.62
CA GLU IB 157 39.25 61.50 53.84
C GLU IB 157 38.29 61.54 52.65
N LEU IB 158 37.68 62.69 52.42
CA LEU IB 158 36.73 62.86 51.32
C LEU IB 158 37.42 63.66 50.21
N ALA IB 159 37.74 62.99 49.11
CA ALA IB 159 38.16 63.65 47.88
C ALA IB 159 36.91 64.15 47.19
N LEU IB 160 36.72 65.47 47.22
CA LEU IB 160 35.46 66.10 46.83
C LEU IB 160 35.75 67.08 45.71
N ILE IB 161 35.35 66.74 44.49
CA ILE IB 161 35.51 67.61 43.34
C ILE IB 161 34.16 68.25 43.06
N LEU IB 162 34.11 69.58 43.16
CA LEU IB 162 32.88 70.34 43.06
C LEU IB 162 32.76 71.00 41.69
N LYS IB 163 31.58 71.52 41.40
CA LYS IB 163 31.36 72.30 40.18
C LYS IB 163 32.06 73.64 40.28
N ALA IB 164 32.59 74.12 39.15
CA ALA IB 164 33.22 75.43 39.11
C ALA IB 164 32.14 76.51 39.16
N MET IB 165 32.08 77.23 40.27
CA MET IB 165 31.10 78.29 40.46
C MET IB 165 31.70 79.33 41.39
N GLN IB 166 30.93 80.38 41.67
CA GLN IB 166 31.46 81.54 42.37
C GLN IB 166 31.50 81.31 43.87
N ARG IB 167 32.05 82.30 44.57
CA ARG IB 167 32.30 82.24 46.01
C ARG IB 167 31.06 81.99 46.89
N PRO IB 168 29.93 82.71 46.73
CA PRO IB 168 28.85 82.51 47.74
C PRO IB 168 28.13 81.18 47.60
N GLU IB 169 27.78 80.74 46.39
CA GLU IB 169 27.15 79.43 46.28
C GLU IB 169 28.16 78.29 46.45
N THR IB 170 29.45 78.56 46.21
CA THR IB 170 30.47 77.57 46.56
C THR IB 170 30.54 77.36 48.07
N ALA IB 171 30.52 78.46 48.83
CA ALA IB 171 30.53 78.38 50.28
C ALA IB 171 29.24 77.78 50.81
N ALA IB 172 28.11 78.07 50.14
CA ALA IB 172 26.84 77.48 50.54
C ALA IB 172 26.80 75.98 50.29
N ALA IB 173 27.36 75.52 49.16
CA ALA IB 173 27.43 74.10 48.87
C ALA IB 173 28.34 73.38 49.85
N LEU IB 174 29.47 74.01 50.20
CA LEU IB 174 30.35 73.46 51.23
C LEU IB 174 29.64 73.42 52.59
N LYS IB 175 28.83 74.44 52.88
CA LYS IB 175 28.05 74.48 54.11
C LYS IB 175 27.09 73.30 54.21
N ARG IB 176 26.29 73.08 53.17
CA ARG IB 176 25.33 71.99 53.25
C ARG IB 176 26.00 70.62 53.16
N THR IB 177 27.16 70.52 52.51
CA THR IB 177 27.93 69.28 52.54
C THR IB 177 28.42 68.95 53.94
N LEU IB 178 28.96 69.94 54.65
CA LEU IB 178 29.43 69.68 56.02
C LEU IB 178 28.29 69.45 57.00
N GLU IB 179 27.14 70.11 56.82
CA GLU IB 179 25.99 69.76 57.68
C GLU IB 179 25.43 68.38 57.32
N ALA IB 180 25.56 67.96 56.05
CA ALA IB 180 25.19 66.59 55.71
C ALA IB 180 26.10 65.57 56.36
N LEU IB 181 27.40 65.87 56.45
CA LEU IB 181 28.34 65.03 57.19
C LEU IB 181 28.01 64.99 58.68
N MET IB 182 27.71 66.17 59.26
CA MET IB 182 27.40 66.23 60.69
C MET IB 182 26.06 65.61 61.04
N ASP IB 183 25.13 65.53 60.09
CA ASP IB 183 23.87 64.82 60.33
C ASP IB 183 24.06 63.31 60.39
N ARG IB 184 24.95 62.75 59.59
CA ARG IB 184 25.30 61.34 59.71
C ARG IB 184 26.25 61.09 60.88
N GLY IB 185 26.90 62.13 61.38
CA GLY IB 185 27.65 62.01 62.62
C GLY IB 185 29.14 62.08 62.50
N ALA IB 186 29.68 62.68 61.44
CA ALA IB 186 31.11 62.81 61.28
C ALA IB 186 31.64 63.94 62.15
N VAL IB 187 32.81 63.70 62.76
CA VAL IB 187 33.53 64.73 63.50
C VAL IB 187 34.64 65.22 62.57
N VAL IB 188 34.39 66.32 61.89
CA VAL IB 188 35.29 66.82 60.85
C VAL IB 188 36.44 67.58 61.50
N ARG IB 189 37.65 67.32 61.01
CA ARG IB 189 38.83 67.97 61.59
C ARG IB 189 39.05 69.35 60.98
N ASN IB 190 39.26 69.39 59.66
CA ASN IB 190 39.47 70.65 58.94
C ASN IB 190 39.01 70.48 57.51
N LEU IB 191 38.98 71.59 56.78
CA LEU IB 191 38.64 71.57 55.37
C LEU IB 191 39.84 72.10 54.61
N GLU IB 192 40.12 71.53 53.45
CA GLU IB 192 41.24 71.92 52.61
C GLU IB 192 40.74 72.31 51.23
N ASN IB 193 41.26 73.41 50.70
CA ASN IB 193 41.03 73.82 49.33
C ASN IB 193 42.31 73.61 48.53
N LEU IB 194 42.20 72.93 47.41
CA LEU IB 194 43.29 72.83 46.45
C LEU IB 194 43.12 73.80 45.29
N GLY IB 195 42.14 74.70 45.37
CA GLY IB 195 41.85 75.62 44.30
C GLY IB 195 40.97 75.00 43.23
N GLU IB 196 40.71 75.80 42.21
CA GLU IB 196 39.99 75.32 41.03
C GLU IB 196 40.99 75.03 39.92
N ARG IB 197 40.82 73.89 39.27
CA ARG IB 197 41.70 73.46 38.19
C ARG IB 197 40.85 72.94 37.04
N MET IB 198 41.44 72.95 35.84
CA MET IB 198 40.84 72.29 34.71
C MET IB 198 40.99 70.78 34.90
N LEU IB 199 39.92 70.04 34.68
CA LEU IB 199 39.89 68.62 34.99
C LEU IB 199 40.80 67.83 34.03
N PRO IB 200 41.32 66.68 34.48
CA PRO IB 200 42.10 65.82 33.58
C PRO IB 200 41.31 65.33 32.37
N TYR IB 201 40.03 65.08 32.55
CA TYR IB 201 39.15 64.63 31.49
C TYR IB 201 37.74 65.14 31.77
N LYS IB 202 36.93 65.19 30.72
CA LYS IB 202 35.56 65.66 30.85
C LYS IB 202 34.74 64.59 31.57
N ILE IB 203 34.04 65.00 32.63
CA ILE IB 203 33.30 64.08 33.46
C ILE IB 203 31.81 64.39 33.33
N SER IB 204 31.02 63.37 32.97
CA SER IB 204 29.58 63.55 32.83
C SER IB 204 28.90 63.24 34.16
N ALA IB 205 28.26 64.24 34.74
CA ALA IB 205 27.52 64.07 35.98
C ALA IB 205 26.35 65.03 35.99
N HIS IB 206 25.16 64.50 36.33
CA HIS IB 206 23.91 65.24 36.44
C HIS IB 206 23.56 65.97 35.14
N ASN IB 207 23.62 65.21 34.03
CA ASN IB 207 23.23 65.65 32.68
C ASN IB 207 24.04 66.85 32.20
N GLN IB 208 25.32 66.90 32.54
CA GLN IB 208 26.18 68.02 32.16
C GLN IB 208 27.59 67.54 31.90
N ARG IB 209 28.32 68.27 31.06
CA ARG IB 209 29.72 67.99 30.76
C ARG IB 209 30.55 69.15 31.30
N HIS IB 210 31.49 68.87 32.19
CA HIS IB 210 32.30 69.89 32.82
C HIS IB 210 33.77 69.70 32.48
N SER IB 211 34.50 70.82 32.43
CA SER IB 211 35.93 70.81 32.17
C SER IB 211 36.72 71.45 33.31
N ARG IB 212 36.14 72.42 33.99
CA ARG IB 212 36.78 73.06 35.13
C ARG IB 212 36.03 72.72 36.42
N GLY IB 213 36.78 72.57 37.51
CA GLY IB 213 36.19 72.27 38.79
C GLY IB 213 37.10 72.54 39.97
N GLY IB 214 36.51 72.75 41.14
CA GLY IB 214 37.30 72.99 42.33
C GLY IB 214 37.54 71.72 43.12
N TYR IB 215 38.71 71.62 43.73
CA TYR IB 215 39.12 70.45 44.47
C TYR IB 215 39.09 70.77 45.96
N PHE IB 216 38.38 69.94 46.73
CA PHE IB 216 38.25 70.15 48.16
C PHE IB 216 38.44 68.84 48.90
N LEU IB 217 38.95 68.94 50.13
CA LEU IB 217 39.22 67.79 50.96
C LEU IB 217 38.54 67.98 52.31
N VAL IB 218 37.77 66.99 52.74
CA VAL IB 218 37.18 66.95 54.08
C VAL IB 218 37.67 65.68 54.74
N ASP IB 219 38.31 65.81 55.90
CA ASP IB 219 38.75 64.67 56.69
C ASP IB 219 37.95 64.62 57.99
N PHE IB 220 37.60 63.41 58.42
CA PHE IB 220 36.65 63.26 59.52
C PHE IB 220 36.76 61.88 60.13
N TYR IB 221 36.20 61.75 61.33
CA TYR IB 221 35.98 60.47 61.98
C TYR IB 221 34.51 60.11 61.82
N ALA IB 222 34.24 58.97 61.21
CA ALA IB 222 32.86 58.59 60.94
C ALA IB 222 32.67 57.12 61.30
N PRO IB 223 31.48 56.72 61.75
CA PRO IB 223 31.19 55.29 61.92
C PRO IB 223 31.16 54.59 60.58
N ALA IB 224 31.43 53.28 60.62
CA ALA IB 224 31.57 52.50 59.41
C ALA IB 224 30.25 52.27 58.68
N THR IB 225 29.11 52.47 59.35
CA THR IB 225 27.82 52.19 58.73
C THR IB 225 27.29 53.40 57.96
N THR IB 226 27.72 54.61 58.30
CA THR IB 226 27.17 55.82 57.71
C THR IB 226 27.93 56.31 56.48
N VAL IB 227 28.99 55.61 56.08
CA VAL IB 227 29.76 55.99 54.89
C VAL IB 227 28.92 55.80 53.64
N GLU IB 228 28.08 54.75 53.63
CA GLU IB 228 27.17 54.50 52.52
C GLU IB 228 26.13 55.61 52.41
N SER IB 229 25.65 56.09 53.56
CA SER IB 229 24.67 57.19 53.56
C SER IB 229 25.31 58.49 53.07
N MET IB 230 26.56 58.73 53.47
CA MET IB 230 27.31 59.88 52.96
C MET IB 230 27.48 59.81 51.45
N MET IB 231 27.86 58.62 50.94
CA MET IB 231 28.08 58.47 49.51
C MET IB 231 26.77 58.59 48.73
N GLU IB 232 25.66 58.12 49.31
CA GLU IB 232 24.36 58.24 48.66
C GLU IB 232 23.91 59.70 48.59
N HIS IB 233 24.09 60.46 49.68
CA HIS IB 233 23.71 61.86 49.68
C HIS IB 233 24.58 62.68 48.74
N LEU IB 234 25.89 62.40 48.72
CA LEU IB 234 26.77 63.13 47.81
C LEU IB 234 26.63 62.65 46.38
N SER IB 235 26.02 61.48 46.16
CA SER IB 235 25.67 61.09 44.79
C SER IB 235 24.44 61.83 44.32
N ARG IB 236 23.45 62.01 45.20
CA ARG IB 236 22.26 62.78 44.84
C ARG IB 236 22.49 64.28 44.76
N ASP IB 237 23.54 64.80 45.40
CA ASP IB 237 23.88 66.21 45.32
C ASP IB 237 24.35 66.53 43.89
N ILE IB 238 23.86 67.64 43.33
CA ILE IB 238 24.13 67.97 41.93
C ILE IB 238 25.21 69.03 41.75
N ASP IB 239 25.55 69.79 42.79
CA ASP IB 239 26.62 70.77 42.69
C ASP IB 239 28.00 70.15 42.85
N VAL IB 240 28.06 68.86 43.15
CA VAL IB 240 29.31 68.11 43.22
C VAL IB 240 29.44 67.29 41.94
N ILE IB 241 30.64 67.23 41.37
CA ILE IB 241 30.82 66.37 40.21
C ILE IB 241 31.40 65.01 40.60
N ARG IB 242 32.31 64.95 41.59
CA ARG IB 242 32.78 63.62 41.97
C ARG IB 242 33.16 63.56 43.45
N PRO IB 243 32.35 62.88 44.26
CA PRO IB 243 32.76 62.53 45.62
C PRO IB 243 33.29 61.11 45.79
N ASN IB 244 34.38 61.01 46.57
CA ASN IB 244 34.94 59.72 46.90
C ASN IB 244 35.46 59.75 48.33
N ILE IB 245 35.31 58.64 49.04
CA ILE IB 245 35.73 58.54 50.44
C ILE IB 245 36.77 57.44 50.54
N VAL IB 246 37.94 57.77 51.06
CA VAL IB 246 39.03 56.83 51.23
C VAL IB 246 39.42 56.81 52.70
N LYS IB 247 40.15 55.78 53.08
CA LYS IB 247 40.82 55.81 54.38
C LYS IB 247 41.95 56.82 54.34
N HIS IB 248 42.09 57.59 55.41
CA HIS IB 248 43.04 58.69 55.43
C HIS IB 248 44.45 58.12 55.52
N PRO IB 249 45.40 58.60 54.71
CA PRO IB 249 46.75 57.99 54.71
C PRO IB 249 47.55 58.22 55.98
N LEU IB 250 47.13 59.14 56.85
CA LEU IB 250 47.83 59.32 58.12
C LEU IB 250 47.42 58.29 59.16
N THR IB 251 46.41 57.47 58.87
CA THR IB 251 46.07 56.35 59.76
C THR IB 251 47.18 55.30 59.73
N GLN IB 252 47.60 54.89 58.55
CA GLN IB 252 48.71 53.96 58.44
C GLN IB 252 50.03 54.69 58.69
N GLU IB 253 50.99 53.95 59.24
CA GLU IB 253 52.31 54.49 59.50
C GLU IB 253 53.29 53.91 58.49
N VAL IB 254 54.29 54.69 58.13
CA VAL IB 254 55.25 54.33 57.09
C VAL IB 254 56.16 53.22 57.61
N LYS IB 255 55.95 52.00 57.12
CA LYS IB 255 56.87 50.92 57.41
C LYS IB 255 58.19 51.16 56.69
N GLU IB 256 59.26 50.63 57.27
CA GLU IB 256 60.62 51.07 56.95
C GLU IB 256 61.10 50.44 55.65
N CYS IB 257 61.35 51.27 54.64
CA CYS IB 257 62.37 50.94 53.65
C CYS IB 257 63.74 50.97 54.30
N GLU IB 258 64.27 49.79 54.62
CA GLU IB 258 65.61 49.68 55.18
C GLU IB 258 66.69 49.53 54.12
N GLY IB 259 66.31 49.45 52.85
CA GLY IB 259 67.23 49.31 51.74
C GLY IB 259 66.83 48.14 50.88
N ILE IB 260 67.42 48.07 49.70
CA ILE IB 260 67.15 46.98 48.76
C ILE IB 260 68.09 45.82 49.12
N VAL IB 261 67.51 44.69 49.49
CA VAL IB 261 68.28 43.48 49.76
C VAL IB 261 68.68 42.88 48.41
N PRO IB 262 69.98 42.72 48.14
CA PRO IB 262 70.37 42.07 46.88
C PRO IB 262 70.11 40.57 46.94
N VAL IB 263 69.36 40.09 45.95
CA VAL IB 263 68.97 38.68 45.90
C VAL IB 263 70.08 37.90 45.22
N PRO IB 264 70.50 36.76 45.79
CA PRO IB 264 71.48 35.92 45.10
C PRO IB 264 70.84 35.23 43.91
N LEU IB 265 71.68 34.88 42.92
CA LEU IB 265 71.24 33.99 41.87
C LEU IB 265 71.06 32.60 42.46
N GLU IB 266 70.03 31.89 41.99
CA GLU IB 266 69.63 30.65 42.65
C GLU IB 266 70.51 29.48 42.23
N GLU IB 267 70.85 28.65 43.21
CA GLU IB 267 71.64 27.45 43.01
C GLU IB 267 70.73 26.22 43.00
N LYS IB 268 71.34 25.08 42.65
CA LYS IB 268 70.79 23.73 42.84
C LYS IB 268 69.47 23.50 42.11
N LEU IB 269 69.24 24.20 41.00
CA LEU IB 269 68.00 24.01 40.26
C LEU IB 269 68.02 22.75 39.42
N TYR IB 270 69.20 22.31 38.99
CA TYR IB 270 69.31 21.15 38.11
C TYR IB 270 70.33 20.17 38.67
N SER IB 271 70.26 18.93 38.19
CA SER IB 271 71.11 17.87 38.67
C SER IB 271 72.53 18.03 38.16
N THR IB 272 73.46 17.26 38.73
CA THR IB 272 74.87 17.33 38.38
C THR IB 272 75.21 16.25 37.35
N LYS IB 273 74.32 16.05 36.38
CA LYS IB 273 74.59 15.11 35.30
C LYS IB 273 75.44 15.78 34.23
N LYS IB 274 76.23 14.98 33.51
CA LYS IB 274 77.08 15.51 32.46
C LYS IB 274 76.32 15.49 31.13
N ARG IB 275 76.20 16.66 30.51
CA ARG IB 275 75.49 16.78 29.24
C ARG IB 275 76.36 16.33 28.08
N SER JB 35 86.58 26.25 -20.48
CA SER JB 35 87.43 27.37 -20.12
C SER JB 35 88.90 26.96 -20.05
N ARG JB 36 89.57 26.97 -21.21
CA ARG JB 36 90.99 26.66 -21.27
C ARG JB 36 91.87 27.74 -20.66
N TYR JB 37 91.34 28.96 -20.49
CA TYR JB 37 92.03 30.01 -19.77
C TYR JB 37 91.86 29.79 -18.28
N GLY JB 38 92.92 30.01 -17.52
CA GLY JB 38 92.86 29.92 -16.08
C GLY JB 38 92.21 31.15 -15.47
N PRO JB 39 92.02 31.13 -14.15
CA PRO JB 39 91.49 32.33 -13.48
C PRO JB 39 92.46 33.50 -13.44
N GLU JB 40 93.76 33.26 -13.66
CA GLU JB 40 94.74 34.34 -13.64
C GLU JB 40 94.71 35.16 -14.93
N TYR JB 41 94.11 34.62 -16.00
CA TYR JB 41 94.10 35.31 -17.28
C TYR JB 41 93.02 36.40 -17.27
N LYS JB 42 93.34 37.56 -17.84
CA LYS JB 42 92.36 38.63 -17.89
C LYS JB 42 91.98 38.96 -19.32
N ASP JB 43 90.95 39.79 -19.46
CA ASP JB 43 90.50 40.30 -20.75
C ASP JB 43 91.47 41.36 -21.26
N PRO JB 44 91.88 41.28 -22.52
CA PRO JB 44 92.83 42.26 -23.06
C PRO JB 44 92.18 43.63 -23.26
N GLN JB 45 93.02 44.66 -23.27
CA GLN JB 45 92.60 46.03 -23.55
C GLN JB 45 93.01 46.35 -24.99
N ILE JB 46 92.03 46.72 -25.81
CA ILE JB 46 92.24 46.79 -27.25
C ILE JB 46 92.44 48.23 -27.73
N ASP JB 47 91.89 49.21 -27.02
CA ASP JB 47 91.86 50.60 -27.49
C ASP JB 47 93.26 51.21 -27.52
N LYS JB 48 93.63 51.74 -28.69
CA LYS JB 48 94.98 52.25 -28.91
C LYS JB 48 95.20 53.60 -28.23
N GLU JB 49 94.14 54.42 -28.12
CA GLU JB 49 94.27 55.74 -27.50
C GLU JB 49 94.46 55.66 -25.99
N TYR JB 50 94.17 54.50 -25.38
CA TYR JB 50 94.50 54.31 -23.97
C TYR JB 50 96.01 54.24 -23.77
N TYR JB 51 96.73 53.69 -24.74
CA TYR JB 51 98.18 53.55 -24.61
C TYR JB 51 98.93 54.73 -25.23
N ARG JB 52 98.37 55.35 -26.27
CA ARG JB 52 99.16 56.29 -27.06
C ARG JB 52 99.33 57.65 -26.38
N LYS JB 53 98.49 57.98 -25.41
CA LYS JB 53 98.63 59.23 -24.65
C LYS JB 53 98.57 58.95 -23.14
N PRO JB 54 99.63 58.37 -22.57
CA PRO JB 54 99.56 57.99 -21.15
C PRO JB 54 100.00 59.09 -20.17
N LEU JB 55 100.78 60.07 -20.61
CA LEU JB 55 101.54 60.92 -19.70
C LEU JB 55 100.73 62.07 -19.10
N ALA JB 56 99.43 62.17 -19.38
CA ALA JB 56 98.64 63.30 -18.91
C ALA JB 56 97.87 63.04 -17.61
N GLU JB 57 98.01 61.86 -17.02
CA GLU JB 57 97.22 61.50 -15.84
C GLU JB 57 98.00 60.45 -15.06
N GLN JB 58 97.77 60.35 -13.75
CA GLN JB 58 98.66 59.56 -12.89
C GLN JB 58 98.06 58.21 -12.50
N THR JB 59 96.75 58.18 -12.16
CA THR JB 59 96.18 56.98 -11.54
C THR JB 59 96.06 55.82 -12.53
N GLU JB 60 95.68 56.08 -13.77
CA GLU JB 60 95.64 55.02 -14.77
C GLU JB 60 97.04 54.56 -15.15
N GLU JB 61 98.04 55.44 -15.07
CA GLU JB 61 99.43 55.00 -15.17
C GLU JB 61 99.76 53.98 -14.10
N GLU JB 62 99.50 54.33 -12.83
CA GLU JB 62 99.79 53.45 -11.70
C GLU JB 62 99.04 52.12 -11.82
N LYS JB 63 97.82 52.18 -12.36
CA LYS JB 63 97.06 50.99 -12.69
C LYS JB 63 97.79 50.12 -13.71
N TYR JB 64 98.35 50.71 -14.78
CA TYR JB 64 98.94 49.76 -15.72
C TYR JB 64 100.38 49.36 -15.37
N GLU JB 65 101.12 50.11 -14.53
CA GLU JB 65 102.37 49.48 -14.07
C GLU JB 65 102.08 48.40 -13.02
N ARG JB 66 100.95 48.50 -12.30
CA ARG JB 66 100.52 47.34 -11.54
C ARG JB 66 100.18 46.17 -12.46
N ASP JB 67 99.55 46.47 -13.60
CA ASP JB 67 99.12 45.46 -14.57
C ASP JB 67 100.32 44.71 -15.17
N PHE JB 68 101.40 45.41 -15.57
CA PHE JB 68 102.49 44.62 -16.13
C PHE JB 68 103.63 44.40 -15.12
N LYS JB 69 103.44 44.79 -13.87
CA LYS JB 69 104.41 44.41 -12.84
C LYS JB 69 103.88 43.34 -11.90
N LYS JB 70 102.62 42.93 -12.04
CA LYS JB 70 102.17 41.73 -11.34
C LYS JB 70 102.51 40.45 -12.10
N THR JB 71 103.14 40.55 -13.28
CA THR JB 71 103.43 39.44 -14.19
C THR JB 71 102.17 38.64 -14.51
N GLN JB 72 101.10 39.35 -14.83
CA GLN JB 72 99.79 38.76 -15.01
C GLN JB 72 99.59 38.26 -16.44
N LEU JB 73 98.96 37.10 -16.58
CA LEU JB 73 98.70 36.51 -17.88
C LEU JB 73 97.52 37.20 -18.56
N ILE JB 74 97.66 37.43 -19.86
CA ILE JB 74 96.64 38.08 -20.68
C ILE JB 74 96.14 37.06 -21.71
N LYS JB 75 94.81 37.02 -21.90
CA LYS JB 75 94.23 36.14 -22.90
C LYS JB 75 94.58 36.59 -24.31
N ALA JB 76 94.41 35.70 -25.26
CA ALA JB 76 94.57 36.05 -26.67
C ALA JB 76 93.42 36.94 -27.11
N ALA JB 77 93.67 37.76 -28.13
CA ALA JB 77 92.64 38.65 -28.62
C ALA JB 77 91.54 37.84 -29.33
N PRO JB 78 90.27 38.18 -29.10
CA PRO JB 78 89.19 37.44 -29.78
C PRO JB 78 89.16 37.74 -31.27
N ALA JB 79 88.61 36.79 -32.02
CA ALA JB 79 88.57 36.89 -33.47
C ALA JB 79 87.62 37.96 -33.98
N THR JB 80 86.63 38.37 -33.17
CA THR JB 80 85.69 39.38 -33.61
C THR JB 80 86.20 40.79 -33.31
N LYS JB 81 86.72 41.02 -32.11
CA LYS JB 81 87.16 42.33 -31.69
C LYS JB 81 88.55 42.63 -32.23
N THR JB 82 88.74 43.88 -32.68
CA THR JB 82 89.95 44.32 -33.37
C THR JB 82 90.07 45.82 -33.07
N SER JB 83 91.29 46.37 -33.11
CA SER JB 83 91.50 47.78 -32.81
C SER JB 83 91.15 48.72 -33.96
N SER JB 84 90.39 48.25 -34.95
CA SER JB 84 89.94 49.11 -36.03
C SER JB 84 88.97 50.16 -35.52
N VAL JB 85 89.07 51.37 -36.08
CA VAL JB 85 88.17 52.46 -35.70
C VAL JB 85 86.86 52.44 -36.47
N PHE JB 86 86.74 51.58 -37.47
CA PHE JB 86 85.49 51.43 -38.21
C PHE JB 86 84.59 50.34 -37.66
N GLU JB 87 85.03 49.56 -36.68
CA GLU JB 87 84.15 48.63 -36.01
C GLU JB 87 83.32 49.39 -34.99
N ASP JB 88 82.28 48.73 -34.45
CA ASP JB 88 81.54 49.30 -33.34
C ASP JB 88 80.92 48.15 -32.54
N PRO JB 89 80.99 48.16 -31.20
CA PRO JB 89 80.63 46.96 -30.43
C PRO JB 89 79.16 46.55 -30.48
N VAL JB 90 78.22 47.50 -30.54
CA VAL JB 90 76.82 47.09 -30.61
C VAL JB 90 76.50 46.55 -32.00
N ILE JB 91 77.23 47.02 -33.03
CA ILE JB 91 77.17 46.42 -34.36
C ILE JB 91 77.66 44.97 -34.31
N SER JB 92 78.76 44.73 -33.58
CA SER JB 92 79.31 43.38 -33.47
C SER JB 92 78.37 42.43 -32.74
N LYS JB 93 77.76 42.92 -31.64
CA LYS JB 93 76.80 42.10 -30.90
C LYS JB 93 75.54 41.82 -31.72
N PHE JB 94 75.09 42.83 -32.49
CA PHE JB 94 73.90 42.66 -33.31
C PHE JB 94 74.16 41.68 -34.44
N THR JB 95 75.37 41.68 -35.00
CA THR JB 95 75.74 40.71 -36.04
C THR JB 95 75.88 39.29 -35.46
N ASN JB 96 76.38 39.20 -34.23
CA ASN JB 96 76.46 37.91 -33.54
C ASN JB 96 75.07 37.34 -33.29
N MET JB 97 74.08 38.22 -33.07
CA MET JB 97 72.71 37.76 -32.92
C MET JB 97 72.01 37.57 -34.26
N MET JB 98 72.50 38.23 -35.31
CA MET JB 98 72.08 37.96 -36.69
C MET JB 98 72.42 36.55 -37.10
N MET JB 99 73.57 36.04 -36.65
CA MET JB 99 74.08 34.77 -37.15
C MET JB 99 73.25 33.59 -36.67
N LYS JB 100 72.88 32.72 -37.61
CA LYS JB 100 72.23 31.45 -37.33
C LYS JB 100 73.19 30.32 -37.66
N GLY JB 101 73.32 29.37 -36.75
CA GLY JB 101 74.28 28.30 -36.96
C GLY JB 101 75.69 28.79 -36.70
N GLY JB 102 76.51 28.82 -37.74
CA GLY JB 102 77.87 29.32 -37.61
C GLY JB 102 78.32 30.20 -38.75
N ASN JB 103 77.37 30.74 -39.51
CA ASN JB 103 77.68 31.52 -40.70
C ASN JB 103 77.93 32.98 -40.31
N LYS JB 104 79.15 33.28 -39.90
CA LYS JB 104 79.54 34.67 -39.60
C LYS JB 104 79.52 35.57 -40.83
N VAL JB 105 79.99 35.06 -41.97
CA VAL JB 105 80.09 35.88 -43.17
C VAL JB 105 78.71 36.19 -43.73
N LEU JB 106 77.74 35.29 -43.52
CA LEU JB 106 76.38 35.56 -43.97
C LEU JB 106 75.73 36.63 -43.11
N ALA JB 107 75.95 36.60 -41.80
CA ALA JB 107 75.42 37.62 -40.90
C ALA JB 107 76.06 38.98 -41.19
N ARG JB 108 77.37 38.98 -41.45
CA ARG JB 108 78.04 40.23 -41.77
C ARG JB 108 77.60 40.77 -43.14
N SER JB 109 77.28 39.88 -44.08
CA SER JB 109 76.73 40.31 -45.36
C SER JB 109 75.33 40.92 -45.19
N LEU JB 110 74.50 40.30 -44.34
CA LEU JB 110 73.18 40.85 -44.06
C LEU JB 110 73.27 42.21 -43.37
N MET JB 111 74.20 42.37 -42.43
CA MET JB 111 74.42 43.68 -41.81
C MET JB 111 74.95 44.69 -42.80
N THR JB 112 75.80 44.25 -43.73
CA THR JB 112 76.35 45.15 -44.74
C THR JB 112 75.28 45.67 -45.68
N GLN JB 113 74.42 44.78 -46.19
CA GLN JB 113 73.31 45.22 -47.04
C GLN JB 113 72.26 45.99 -46.24
N THR JB 114 72.13 45.72 -44.93
CA THR JB 114 71.22 46.50 -44.10
C THR JB 114 71.69 47.94 -43.96
N LEU JB 115 72.98 48.14 -43.66
CA LEU JB 115 73.52 49.49 -43.54
C LEU JB 115 73.53 50.20 -44.90
N GLU JB 116 73.77 49.45 -45.98
CA GLU JB 116 73.70 49.99 -47.33
C GLU JB 116 72.28 50.46 -47.67
N ALA JB 117 71.28 49.65 -47.29
CA ALA JB 117 69.89 50.02 -47.55
C ALA JB 117 69.46 51.22 -46.73
N VAL JB 118 69.92 51.31 -45.47
CA VAL JB 118 69.60 52.46 -44.62
C VAL JB 118 70.23 53.73 -45.20
N LYS JB 119 71.50 53.64 -45.61
CA LYS JB 119 72.21 54.79 -46.18
C LYS JB 119 71.58 55.26 -47.48
N ARG JB 120 71.21 54.32 -48.34
CA ARG JB 120 70.68 54.70 -49.65
C ARG JB 120 69.23 55.17 -49.54
N LYS JB 121 68.47 54.62 -48.59
CA LYS JB 121 67.13 55.14 -48.31
C LYS JB 121 67.19 56.57 -47.77
N GLN JB 122 68.13 56.84 -46.88
CA GLN JB 122 68.28 58.21 -46.36
C GLN JB 122 68.80 59.16 -47.42
N PHE JB 123 69.64 58.68 -48.35
CA PHE JB 123 70.07 59.52 -49.45
C PHE JB 123 68.93 59.83 -50.42
N ALA JB 124 68.07 58.84 -50.69
CA ALA JB 124 66.90 59.07 -51.53
C ALA JB 124 65.89 60.00 -50.86
N LYS JB 125 65.77 59.94 -49.54
CA LYS JB 125 64.95 60.90 -48.82
C LYS JB 125 65.58 62.29 -48.79
N TYR JB 126 66.91 62.37 -48.76
CA TYR JB 126 67.63 63.64 -48.82
C TYR JB 126 67.46 64.33 -50.16
N HIS JB 127 67.53 63.57 -51.26
CA HIS JB 127 67.48 64.17 -52.59
C HIS JB 127 66.10 64.70 -52.96
N ALA JB 128 65.04 64.22 -52.31
CA ALA JB 128 63.68 64.57 -52.67
C ALA JB 128 63.08 65.64 -51.75
N ALA JB 129 63.89 66.32 -50.95
CA ALA JB 129 63.39 67.25 -49.95
C ALA JB 129 63.87 68.68 -50.23
N SER JB 130 63.42 69.61 -49.40
CA SER JB 130 63.84 71.01 -49.46
C SER JB 130 64.96 71.23 -48.45
N ALA JB 131 65.36 72.51 -48.30
CA ALA JB 131 66.56 72.85 -47.54
C ALA JB 131 66.42 72.55 -46.05
N GLU JB 132 65.24 72.86 -45.48
CA GLU JB 132 65.04 72.64 -44.04
C GLU JB 132 64.96 71.15 -43.72
N GLU JB 133 64.35 70.36 -44.60
CA GLU JB 133 64.32 68.91 -44.39
C GLU JB 133 65.67 68.25 -44.66
N GLN JB 134 66.45 68.78 -45.61
CA GLN JB 134 67.81 68.32 -45.80
C GLN JB 134 68.72 68.64 -44.62
N ALA JB 135 68.51 69.78 -43.97
CA ALA JB 135 69.20 70.06 -42.72
C ALA JB 135 68.72 69.17 -41.58
N THR JB 136 67.43 68.80 -41.57
CA THR JB 136 66.88 67.95 -40.53
C THR JB 136 67.39 66.51 -40.62
N ILE JB 137 67.45 65.97 -41.84
CA ILE JB 137 67.66 64.53 -42.04
C ILE JB 137 69.10 64.15 -41.72
N GLU JB 138 69.26 63.13 -40.87
CA GLU JB 138 70.56 62.54 -40.57
C GLU JB 138 70.76 61.31 -41.46
N ARG JB 139 71.93 61.22 -42.08
CA ARG JB 139 72.21 60.16 -43.04
C ARG JB 139 73.15 59.09 -42.51
N ASN JB 140 73.64 59.21 -41.27
CA ASN JB 140 74.61 58.24 -40.79
C ASN JB 140 73.89 57.02 -40.21
N PRO JB 141 74.07 55.84 -40.81
CA PRO JB 141 73.36 54.64 -40.32
C PRO JB 141 73.83 54.19 -38.94
N TYR JB 142 75.06 54.54 -38.53
CA TYR JB 142 75.53 54.18 -37.20
C TYR JB 142 74.76 54.95 -36.13
N THR JB 143 74.61 56.26 -36.30
CA THR JB 143 73.83 57.04 -35.34
C THR JB 143 72.34 56.73 -35.44
N ILE JB 144 71.85 56.37 -36.63
CA ILE JB 144 70.46 55.94 -36.77
C ILE JB 144 70.23 54.64 -35.99
N PHE JB 145 71.16 53.70 -36.08
CA PHE JB 145 71.07 52.42 -35.37
C PHE JB 145 71.15 52.63 -33.85
N HIS JB 146 72.07 53.49 -33.41
CA HIS JB 146 72.23 53.77 -31.98
C HIS JB 146 71.00 54.47 -31.40
N GLN JB 147 70.47 55.46 -32.12
CA GLN JB 147 69.28 56.16 -31.62
C GLN JB 147 68.05 55.26 -31.68
N ALA JB 148 67.99 54.35 -32.67
CA ALA JB 148 66.90 53.40 -32.74
C ALA JB 148 66.91 52.45 -31.54
N LEU JB 149 68.09 51.95 -31.16
CA LEU JB 149 68.14 51.08 -29.98
C LEU JB 149 67.94 51.86 -28.68
N LYS JB 150 68.37 53.13 -28.64
CA LYS JB 150 68.17 53.92 -27.43
C LYS JB 150 66.70 54.26 -27.21
N ASN JB 151 65.94 54.48 -28.29
CA ASN JB 151 64.49 54.64 -28.12
C ASN JB 151 63.78 53.29 -28.06
N CYS JB 152 64.46 52.20 -28.45
CA CYS JB 152 63.89 50.87 -28.53
C CYS JB 152 63.98 50.08 -27.23
N GLU JB 153 64.98 50.33 -26.39
CA GLU JB 153 65.17 49.54 -25.18
C GLU JB 153 64.06 49.83 -24.16
N PRO JB 154 63.50 48.80 -23.52
CA PRO JB 154 62.51 49.03 -22.48
C PRO JB 154 63.15 49.53 -21.20
N VAL JB 155 62.40 50.31 -20.43
CA VAL JB 155 62.94 50.87 -19.20
C VAL JB 155 62.77 49.89 -18.04
N ILE JB 156 61.58 49.30 -17.91
CA ILE JB 156 61.21 48.43 -16.81
C ILE JB 156 60.87 47.05 -17.38
N GLY JB 157 60.92 46.03 -16.52
CA GLY JB 157 60.64 44.68 -16.98
C GLY JB 157 59.70 43.98 -16.03
N LEU JB 158 59.37 42.74 -16.36
CA LEU JB 158 58.46 41.92 -15.56
C LEU JB 158 59.13 40.61 -15.19
N VAL JB 159 58.82 40.10 -14.01
CA VAL JB 159 59.32 38.79 -13.58
C VAL JB 159 58.12 38.00 -13.04
N PRO JB 160 58.11 36.67 -13.19
CA PRO JB 160 57.09 35.87 -12.49
C PRO JB 160 57.58 35.44 -11.12
N ILE JB 161 56.76 35.70 -10.10
CA ILE JB 161 57.02 35.25 -8.73
C ILE JB 161 55.84 34.41 -8.26
N LEU JB 162 56.14 33.25 -7.69
CA LEU JB 162 55.14 32.36 -7.11
C LEU JB 162 54.84 32.79 -5.68
N LYS JB 163 53.57 33.09 -5.40
CA LYS JB 163 53.13 33.40 -4.05
C LYS JB 163 51.70 32.91 -3.88
N GLY JB 164 51.49 32.08 -2.86
CA GLY JB 164 50.19 31.49 -2.59
C GLY JB 164 49.71 30.54 -3.67
N GLY JB 165 50.65 29.83 -4.29
CA GLY JB 165 50.30 28.88 -5.32
C GLY JB 165 49.86 29.50 -6.63
N HIS JB 166 50.22 30.77 -6.88
CA HIS JB 166 49.91 31.43 -8.13
C HIS JB 166 51.11 32.26 -8.57
N PHE JB 167 51.25 32.39 -9.88
CA PHE JB 167 52.35 33.14 -10.48
C PHE JB 167 51.88 34.54 -10.81
N TYR JB 168 52.61 35.55 -10.31
CA TYR JB 168 52.24 36.94 -10.50
C TYR JB 168 53.37 37.68 -11.20
N GLN JB 169 53.00 38.55 -12.14
CA GLN JB 169 53.97 39.37 -12.85
C GLN JB 169 54.27 40.63 -12.05
N VAL JB 170 55.55 40.85 -11.77
CA VAL JB 170 55.98 41.95 -10.91
C VAL JB 170 57.01 42.78 -11.66
N PRO JB 171 56.85 44.11 -11.73
CA PRO JB 171 57.83 44.94 -12.43
C PRO JB 171 59.13 45.06 -11.64
N VAL JB 172 60.24 44.96 -12.36
CA VAL JB 172 61.59 45.08 -11.80
C VAL JB 172 62.40 46.06 -12.64
N PRO JB 173 63.29 46.83 -12.04
CA PRO JB 173 64.30 47.55 -12.83
C PRO JB 173 65.25 46.56 -13.50
N LEU JB 174 65.54 46.81 -14.76
CA LEU JB 174 66.35 45.90 -15.56
C LEU JB 174 67.78 46.44 -15.67
N ALA JB 175 68.73 45.52 -15.82
CA ALA JB 175 70.11 45.90 -16.11
C ALA JB 175 70.22 46.41 -17.54
N ASP JB 176 71.23 47.25 -17.78
CA ASP JB 176 71.39 47.94 -19.06
C ASP JB 176 71.65 46.95 -20.19
N ARG JB 177 72.45 45.92 -19.92
CA ARG JB 177 72.68 44.87 -20.90
C ARG JB 177 71.39 44.09 -21.19
N ARG JB 178 70.53 43.93 -20.19
CA ARG JB 178 69.26 43.24 -20.40
C ARG JB 178 68.31 44.09 -21.23
N ARG JB 179 68.32 45.42 -21.01
CA ARG JB 179 67.48 46.32 -21.80
C ARG JB 179 67.93 46.34 -23.26
N ARG JB 180 69.24 46.44 -23.49
CA ARG JB 180 69.77 46.43 -24.85
C ARG JB 180 69.52 45.08 -25.53
N PHE JB 181 69.65 44.00 -24.76
CA PHE JB 181 69.37 42.65 -25.25
C PHE JB 181 67.91 42.48 -25.64
N LEU JB 182 66.99 43.02 -24.83
CA LEU JB 182 65.57 42.90 -25.13
C LEU JB 182 65.22 43.70 -26.38
N ALA JB 183 65.87 44.86 -26.56
CA ALA JB 183 65.68 45.64 -27.78
C ALA JB 183 66.16 44.89 -29.01
N MET JB 184 67.36 44.31 -28.94
CA MET JB 184 67.93 43.54 -30.05
C MET JB 184 67.08 42.33 -30.39
N LYS JB 185 66.66 41.59 -29.35
CA LYS JB 185 65.88 40.37 -29.54
C LYS JB 185 64.50 40.68 -30.12
N TRP JB 186 63.91 41.81 -29.72
CA TRP JB 186 62.62 42.20 -30.29
C TRP JB 186 62.76 42.58 -31.75
N MET JB 187 63.87 43.26 -32.12
CA MET JB 187 64.12 43.59 -33.52
C MET JB 187 64.25 42.34 -34.39
N ILE JB 188 65.11 41.40 -33.97
CA ILE JB 188 65.29 40.15 -34.72
C ILE JB 188 64.01 39.33 -34.74
N ALA JB 189 63.25 39.32 -33.64
CA ALA JB 189 62.02 38.54 -33.58
C ALA JB 189 60.97 39.07 -34.53
N GLU JB 190 60.80 40.40 -34.59
CA GLU JB 190 59.80 40.96 -35.50
C GLU JB 190 60.20 40.76 -36.95
N CYS JB 191 61.44 41.12 -37.30
CA CYS JB 191 61.86 41.04 -38.69
C CYS JB 191 62.09 39.61 -39.16
N ARG JB 192 62.14 38.64 -38.25
CA ARG JB 192 62.15 37.24 -38.65
C ARG JB 192 60.73 36.71 -38.79
N GLU JB 193 59.81 37.17 -37.94
CA GLU JB 193 58.49 36.55 -37.95
C GLU JB 193 57.54 37.21 -38.96
N LYS JB 194 57.19 38.49 -38.77
CA LYS JB 194 56.06 38.97 -39.57
C LYS JB 194 56.46 39.59 -40.90
N LYS JB 195 57.68 39.38 -41.38
CA LYS JB 195 58.01 39.74 -42.74
C LYS JB 195 57.40 38.75 -43.72
N HIS JB 196 57.23 39.18 -44.96
CA HIS JB 196 56.76 38.30 -46.02
C HIS JB 196 57.95 37.53 -46.60
N ARG JB 197 57.63 36.44 -47.32
CA ARG JB 197 58.67 35.63 -47.95
C ARG JB 197 59.41 36.37 -49.06
N ARG JB 198 58.73 37.26 -49.77
CA ARG JB 198 59.36 37.93 -50.90
C ARG JB 198 60.20 39.13 -50.48
N VAL JB 199 59.83 39.81 -49.40
CA VAL JB 199 60.61 40.96 -48.95
C VAL JB 199 61.87 40.47 -48.28
N LEU JB 200 62.99 41.10 -48.62
CA LEU JB 200 64.27 40.60 -48.15
C LEU JB 200 64.55 41.05 -46.71
N MET JB 201 65.37 40.24 -46.05
CA MET JB 201 65.73 40.47 -44.65
C MET JB 201 66.45 41.80 -44.40
N PRO JB 202 67.47 42.24 -45.17
CA PRO JB 202 68.08 43.54 -44.84
C PRO JB 202 67.21 44.74 -45.15
N GLU JB 203 66.41 44.71 -46.21
CA GLU JB 203 65.51 45.84 -46.47
C GLU JB 203 64.38 45.89 -45.44
N LYS JB 204 63.93 44.72 -44.98
CA LYS JB 204 62.93 44.67 -43.91
C LYS JB 204 63.49 45.24 -42.61
N LEU JB 205 64.72 44.90 -42.26
CA LEU JB 205 65.29 45.41 -41.02
C LEU JB 205 65.67 46.88 -41.16
N SER JB 206 65.95 47.33 -42.39
CA SER JB 206 66.17 48.76 -42.63
C SER JB 206 64.88 49.55 -42.44
N GLN JB 207 63.76 49.02 -42.94
CA GLN JB 207 62.46 49.65 -42.75
C GLN JB 207 62.09 49.72 -41.27
N GLU JB 208 62.37 48.65 -40.53
CA GLU JB 208 62.07 48.66 -39.10
C GLU JB 208 63.03 49.56 -38.33
N LEU JB 209 64.27 49.71 -38.81
CA LEU JB 209 65.19 50.67 -38.20
C LEU JB 209 64.69 52.11 -38.38
N LEU JB 210 64.18 52.43 -39.56
CA LEU JB 210 63.64 53.77 -39.77
C LEU JB 210 62.36 53.99 -38.98
N GLU JB 211 61.52 52.95 -38.83
CA GLU JB 211 60.32 53.09 -38.02
C GLU JB 211 60.65 53.26 -36.54
N ALA JB 212 61.66 52.53 -36.03
CA ALA JB 212 62.09 52.72 -34.66
C ALA JB 212 62.82 54.04 -34.46
N PHE JB 213 63.46 54.56 -35.50
CA PHE JB 213 64.08 55.89 -35.43
C PHE JB 213 63.01 56.97 -35.34
N HIS JB 214 61.92 56.81 -36.07
CA HIS JB 214 60.81 57.76 -36.04
C HIS JB 214 59.79 57.43 -34.96
N ASN JB 215 60.06 56.42 -34.13
CA ASN JB 215 59.30 56.02 -32.93
C ASN JB 215 57.87 55.57 -33.24
N GLN JB 216 57.60 55.07 -34.44
CA GLN JB 216 56.28 54.57 -34.78
C GLN JB 216 56.27 53.06 -35.05
N GLY JB 217 57.33 52.36 -34.64
CA GLY JB 217 57.47 50.96 -34.95
C GLY JB 217 56.64 50.02 -34.10
N PRO JB 218 56.42 48.80 -34.60
CA PRO JB 218 55.69 47.81 -33.79
C PRO JB 218 56.51 47.28 -32.62
N VAL JB 219 57.85 47.38 -32.67
CA VAL JB 219 58.67 47.06 -31.50
C VAL JB 219 58.48 48.13 -30.43
N ILE JB 220 58.36 49.39 -30.86
CA ILE JB 220 58.04 50.48 -29.93
C ILE JB 220 56.65 50.28 -29.34
N LYS JB 221 55.70 49.80 -30.15
CA LYS JB 221 54.38 49.45 -29.64
C LYS JB 221 54.43 48.29 -28.65
N ARG JB 222 55.31 47.31 -28.90
CA ARG JB 222 55.46 46.17 -27.98
C ARG JB 222 56.09 46.61 -26.66
N LYS JB 223 57.06 47.53 -26.72
CA LYS JB 223 57.64 48.11 -25.52
C LYS JB 223 56.60 48.91 -24.73
N HIS JB 224 55.75 49.65 -25.44
CA HIS JB 224 54.65 50.36 -24.80
C HIS JB 224 53.64 49.39 -24.19
N ASP JB 225 53.41 48.23 -24.83
CA ASP JB 225 52.48 47.24 -24.28
C ASP JB 225 53.06 46.60 -23.02
N MET JB 226 54.38 46.38 -23.00
CA MET JB 226 55.05 45.93 -21.79
C MET JB 226 54.91 46.97 -20.69
N HIS JB 227 54.97 48.25 -21.05
CA HIS JB 227 54.75 49.32 -20.07
C HIS JB 227 53.30 49.34 -19.58
N LYS JB 228 52.34 49.04 -20.46
CA LYS JB 228 50.94 48.87 -20.05
C LYS JB 228 50.79 47.77 -19.01
N MET JB 229 51.40 46.61 -19.27
CA MET JB 229 51.32 45.50 -18.32
C MET JB 229 52.06 45.81 -17.03
N ALA JB 230 53.16 46.58 -17.11
CA ALA JB 230 53.87 47.01 -15.91
C ALA JB 230 53.05 47.96 -15.04
N GLU JB 231 52.33 48.90 -15.66
CA GLU JB 231 51.48 49.76 -14.84
C GLU JB 231 50.24 49.02 -14.34
N ALA JB 232 49.75 48.04 -15.11
CA ALA JB 232 48.63 47.23 -14.65
C ALA JB 232 49.03 46.33 -13.48
N ASN JB 233 50.31 45.95 -13.41
CA ASN JB 233 50.83 45.17 -12.29
C ASN JB 233 51.68 45.99 -11.33
N ARG JB 234 51.58 47.33 -11.39
CA ARG JB 234 52.25 48.21 -10.43
C ARG JB 234 51.92 47.88 -8.97
N ALA JB 235 50.70 47.45 -8.69
CA ALA JB 235 50.30 47.19 -7.31
C ALA JB 235 50.96 45.93 -6.76
N LEU JB 236 51.51 45.09 -7.63
CA LEU JB 236 52.17 43.86 -7.21
C LEU JB 236 53.66 44.08 -6.96
N ALA JB 237 54.13 45.32 -7.07
CA ALA JB 237 55.56 45.61 -6.97
C ALA JB 237 56.09 45.45 -5.55
N HIS JB 238 55.23 45.37 -4.54
CA HIS JB 238 55.68 45.13 -3.18
C HIS JB 238 55.96 43.66 -2.90
N TYR JB 239 55.66 42.78 -3.85
CA TYR JB 239 55.94 41.36 -3.67
C TYR JB 239 57.43 41.06 -3.85
N ARG JB 240 58.16 41.96 -4.51
CA ARG JB 240 59.59 41.79 -4.71
C ARG JB 240 60.34 42.02 -3.40
N THR KB 70 117.49 0.32 11.79
CA THR KB 70 117.77 0.13 10.37
C THR KB 70 118.95 0.97 9.92
N VAL KB 71 119.88 1.25 10.84
CA VAL KB 71 121.07 2.03 10.51
C VAL KB 71 122.07 1.18 9.74
N ASP KB 72 122.27 -0.08 10.16
CA ASP KB 72 123.19 -0.98 9.49
C ASP KB 72 122.73 -1.30 8.07
N PHE KB 73 121.41 -1.34 7.85
CA PHE KB 73 120.87 -1.48 6.50
C PHE KB 73 121.28 -0.30 5.62
N ILE KB 74 121.25 0.92 6.18
CA ILE KB 74 121.64 2.12 5.44
C ILE KB 74 123.13 2.07 5.09
N LYS KB 75 123.96 1.64 6.05
CA LYS KB 75 125.40 1.53 5.78
C LYS KB 75 125.70 0.45 4.73
N LYS KB 76 124.96 -0.67 4.78
CA LYS KB 76 125.11 -1.70 3.76
C LYS KB 76 124.70 -1.20 2.38
N GLN KB 77 123.60 -0.42 2.30
CA GLN KB 77 123.19 0.18 1.04
C GLN KB 77 124.23 1.16 0.51
N ILE KB 78 124.84 1.95 1.40
CA ILE KB 78 125.90 2.88 0.99
C ILE KB 78 127.10 2.14 0.40
N GLU KB 79 127.54 1.08 1.07
CA GLU KB 79 128.75 0.40 0.59
C GLU KB 79 128.49 -0.38 -0.70
N GLU KB 80 127.32 -1.02 -0.83
CA GLU KB 80 127.08 -1.75 -2.08
C GLU KB 80 126.70 -0.79 -3.20
N PHE KB 81 126.20 0.41 -2.87
CA PHE KB 81 126.03 1.44 -3.88
C PHE KB 81 127.37 1.93 -4.41
N ASN KB 82 128.37 2.07 -3.53
CA ASN KB 82 129.71 2.43 -3.97
C ASN KB 82 130.33 1.33 -4.85
N ILE KB 83 130.14 0.07 -4.45
CA ILE KB 83 130.65 -1.06 -5.24
C ILE KB 83 129.97 -1.14 -6.60
N GLY KB 84 128.64 -0.98 -6.63
CA GLY KB 84 127.91 -0.93 -7.89
C GLY KB 84 128.23 0.24 -8.77
N LYS KB 85 128.55 1.40 -8.17
CA LYS KB 85 129.06 2.53 -8.93
C LYS KB 85 130.40 2.21 -9.59
N ARG KB 86 131.26 1.48 -8.86
CA ARG KB 86 132.54 1.05 -9.43
C ARG KB 86 132.34 0.06 -10.58
N HIS KB 87 131.40 -0.88 -10.43
CA HIS KB 87 131.10 -1.79 -11.53
C HIS KB 87 130.47 -1.08 -12.72
N LEU KB 88 129.66 -0.05 -12.47
CA LEU KB 88 129.05 0.69 -13.57
C LEU KB 88 130.08 1.50 -14.34
N ALA KB 89 131.03 2.11 -13.61
CA ALA KB 89 132.15 2.78 -14.28
C ALA KB 89 133.03 1.80 -15.04
N ASN KB 90 133.19 0.58 -14.50
CA ASN KB 90 133.95 -0.45 -15.20
C ASN KB 90 133.25 -0.87 -16.49
N MET KB 91 131.94 -1.10 -16.43
CA MET KB 91 131.22 -1.63 -17.58
C MET KB 91 130.96 -0.56 -18.63
N MET KB 92 131.04 0.72 -18.26
CA MET KB 92 131.04 1.76 -19.28
C MET KB 92 132.44 2.08 -19.80
N GLY KB 93 133.48 1.86 -19.01
CA GLY KB 93 134.82 2.21 -19.44
C GLY KB 93 135.07 3.69 -19.35
N GLU KB 94 134.66 4.30 -18.24
CA GLU KB 94 134.88 5.72 -17.98
C GLU KB 94 135.82 5.85 -16.78
N ASP KB 95 136.09 7.09 -16.41
CA ASP KB 95 136.93 7.36 -15.24
C ASP KB 95 136.07 7.25 -13.99
N PRO KB 96 136.37 6.33 -13.06
CA PRO KB 96 135.52 6.18 -11.87
C PRO KB 96 135.61 7.32 -10.87
N GLU KB 97 136.65 8.15 -10.92
CA GLU KB 97 136.75 9.24 -9.97
C GLU KB 97 135.88 10.43 -10.36
N THR KB 98 135.76 10.72 -11.66
CA THR KB 98 134.89 11.78 -12.15
C THR KB 98 133.49 11.29 -12.48
N PHE KB 99 133.19 10.02 -12.20
CA PHE KB 99 131.92 9.43 -12.58
C PHE KB 99 130.82 9.93 -11.66
N THR KB 100 129.88 10.68 -12.22
CA THR KB 100 128.95 11.51 -11.45
C THR KB 100 127.51 11.03 -11.64
N GLN KB 101 126.57 11.79 -11.03
CA GLN KB 101 125.18 11.36 -10.95
C GLN KB 101 124.44 11.45 -12.28
N GLU KB 102 124.73 12.46 -13.11
CA GLU KB 102 124.12 12.52 -14.43
C GLU KB 102 124.69 11.44 -15.34
N ASP KB 103 125.95 11.08 -15.12
CA ASP KB 103 126.53 9.91 -15.79
C ASP KB 103 125.82 8.64 -15.36
N ILE KB 104 125.45 8.54 -14.07
CA ILE KB 104 124.66 7.41 -13.59
C ILE KB 104 123.29 7.40 -14.26
N ASP KB 105 122.67 8.57 -14.38
CA ASP KB 105 121.32 8.67 -14.94
C ASP KB 105 121.29 8.24 -16.40
N ARG KB 106 122.22 8.76 -17.22
CA ARG KB 106 122.25 8.33 -18.62
C ARG KB 106 122.76 6.89 -18.76
N ALA KB 107 123.58 6.42 -17.81
CA ALA KB 107 124.01 5.04 -17.81
C ALA KB 107 122.84 4.07 -17.60
N ILE KB 108 122.02 4.33 -16.58
CA ILE KB 108 120.87 3.47 -16.33
C ILE KB 108 119.83 3.63 -17.43
N ALA KB 109 119.65 4.85 -17.95
CA ALA KB 109 118.70 5.07 -19.05
C ALA KB 109 119.15 4.39 -20.34
N TYR KB 110 120.46 4.17 -20.51
CA TYR KB 110 120.91 3.38 -21.65
C TYR KB 110 120.75 1.88 -21.39
N LEU KB 111 121.24 1.40 -20.24
CA LEU KB 111 121.34 -0.05 -20.05
C LEU KB 111 119.98 -0.68 -19.76
N PHE KB 112 119.09 0.01 -19.05
CA PHE KB 112 117.74 -0.48 -18.77
C PHE KB 112 116.75 0.58 -19.25
N PRO KB 113 116.42 0.58 -20.54
CA PRO KB 113 115.55 1.63 -21.12
C PRO KB 113 114.06 1.39 -20.98
N SER KB 114 113.48 1.77 -19.84
CA SER KB 114 112.05 1.64 -19.62
C SER KB 114 111.36 2.85 -20.25
N GLY KB 115 110.50 2.59 -21.23
CA GLY KB 115 109.59 3.61 -21.72
C GLY KB 115 108.33 3.58 -20.90
N LEU KB 116 108.25 4.41 -19.86
CA LEU KB 116 107.11 4.44 -18.97
C LEU KB 116 106.69 5.88 -18.75
N PHE KB 117 105.38 6.11 -18.70
CA PHE KB 117 104.89 7.47 -18.64
C PHE KB 117 105.10 8.11 -17.27
N GLU KB 118 105.08 7.31 -16.20
CA GLU KB 118 105.42 7.81 -14.88
C GLU KB 118 106.93 7.88 -14.76
N LYS KB 119 107.46 9.09 -14.50
CA LYS KB 119 108.90 9.29 -14.42
C LYS KB 119 109.52 8.69 -13.16
N ARG KB 120 108.72 8.41 -12.13
CA ARG KB 120 109.25 7.79 -10.92
C ARG KB 120 109.30 6.27 -11.02
N ALA KB 121 108.69 5.68 -12.04
CA ALA KB 121 108.67 4.23 -12.22
C ALA KB 121 109.83 3.72 -13.06
N ARG KB 122 110.69 4.59 -13.53
CA ARG KB 122 111.86 4.26 -14.33
C ARG KB 122 112.97 3.72 -13.45
N PRO KB 123 113.90 2.89 -13.97
CA PRO KB 123 114.94 2.34 -13.11
C PRO KB 123 115.94 3.39 -12.66
N ILE KB 124 116.27 3.35 -11.37
CA ILE KB 124 117.14 4.32 -10.71
C ILE KB 124 118.14 3.58 -9.84
N MET KB 125 119.34 4.13 -9.74
CA MET KB 125 120.32 3.73 -8.73
C MET KB 125 120.99 5.02 -8.27
N LYS KB 126 120.67 5.47 -7.07
CA LYS KB 126 121.16 6.76 -6.59
C LYS KB 126 121.78 6.58 -5.22
N HIS KB 127 122.05 7.71 -4.57
CA HIS KB 127 122.50 7.74 -3.20
C HIS KB 127 121.41 7.17 -2.30
N PRO KB 128 121.70 6.15 -1.46
CA PRO KB 128 120.66 5.56 -0.59
C PRO KB 128 120.06 6.53 0.41
N GLU KB 129 120.80 7.58 0.76
CA GLU KB 129 120.25 8.67 1.56
C GLU KB 129 119.14 9.42 0.83
N GLU KB 130 119.27 9.62 -0.48
CA GLU KB 130 118.23 10.30 -1.24
C GLU KB 130 117.04 9.39 -1.51
N ILE KB 131 117.28 8.08 -1.66
CA ILE KB 131 116.19 7.18 -2.00
C ILE KB 131 115.41 6.76 -0.77
N PHE KB 132 116.10 6.27 0.25
CA PHE KB 132 115.45 5.89 1.49
C PHE KB 132 114.98 7.14 2.24
N PRO KB 133 113.79 7.10 2.83
CA PRO KB 133 113.33 8.24 3.63
C PRO KB 133 114.13 8.39 4.91
N LYS KB 134 114.23 9.63 5.38
CA LYS KB 134 114.99 9.91 6.58
C LYS KB 134 114.26 9.36 7.80
N GLN KB 135 114.99 8.61 8.62
CA GLN KB 135 114.40 7.77 9.65
C GLN KB 135 114.58 8.37 11.04
N ARG KB 136 113.67 8.04 11.93
CA ARG KB 136 113.79 8.40 13.34
C ARG KB 136 114.89 7.56 13.97
N ALA KB 137 115.73 8.20 14.79
CA ALA KB 137 116.78 7.47 15.47
C ALA KB 137 116.20 6.75 16.70
N ILE KB 138 117.09 6.04 17.41
CA ILE KB 138 116.68 5.39 18.65
C ILE KB 138 116.44 6.44 19.73
N GLN KB 139 115.31 6.31 20.43
CA GLN KB 139 114.83 7.37 21.31
C GLN KB 139 115.16 7.14 22.77
N TRP KB 140 115.85 6.05 23.10
CA TRP KB 140 116.13 5.71 24.49
C TRP KB 140 117.39 4.85 24.56
N GLY KB 141 117.95 4.76 25.76
CA GLY KB 141 119.09 3.91 25.99
C GLY KB 141 118.68 2.48 26.26
N GLU KB 142 119.67 1.67 26.68
CA GLU KB 142 119.42 0.30 27.06
C GLU KB 142 118.70 0.17 28.39
N ASP KB 143 118.75 1.21 29.23
CA ASP KB 143 118.06 1.21 30.51
C ASP KB 143 116.62 1.70 30.41
N GLY KB 144 116.20 2.21 29.26
CA GLY KB 144 114.86 2.69 29.06
C GLY KB 144 114.68 4.18 29.22
N ARG KB 145 115.69 4.88 29.72
CA ARG KB 145 115.59 6.32 29.90
C ARG KB 145 115.66 7.02 28.55
N PRO KB 146 114.73 7.93 28.23
CA PRO KB 146 114.77 8.64 26.96
C PRO KB 146 115.96 9.58 26.86
N PHE KB 147 116.47 9.73 25.63
CA PHE KB 147 117.59 10.62 25.38
C PHE KB 147 117.19 12.08 25.45
N HIS KB 148 116.07 12.44 24.83
CA HIS KB 148 115.63 13.82 24.74
C HIS KB 148 114.54 14.08 25.78
N PHE KB 149 114.53 15.30 26.30
CA PHE KB 149 113.71 15.62 27.46
C PHE KB 149 112.27 15.97 27.10
N LEU KB 150 111.91 15.92 25.82
CA LEU KB 150 110.53 16.11 25.38
C LEU KB 150 109.96 14.87 24.71
N PHE KB 151 110.47 13.68 25.06
CA PHE KB 151 110.01 12.46 24.40
C PHE KB 151 108.58 12.11 24.82
N TYR KB 152 108.19 12.51 26.02
CA TYR KB 152 106.87 12.17 26.53
C TYR KB 152 105.79 13.14 26.06
N THR KB 153 106.14 14.17 25.28
CA THR KB 153 105.13 14.99 24.64
C THR KB 153 104.54 14.32 23.41
N GLY KB 154 105.18 13.27 22.91
CA GLY KB 154 104.78 12.62 21.68
C GLY KB 154 105.48 13.17 20.44
N LYS KB 155 105.66 14.49 20.38
CA LYS KB 155 106.35 15.14 19.27
C LYS KB 155 107.56 15.86 19.85
N GLN KB 156 108.69 15.15 19.98
CA GLN KB 156 109.85 15.74 20.63
C GLN KB 156 110.55 16.78 19.75
N SER KB 157 110.70 16.52 18.44
CA SER KB 157 111.50 17.41 17.59
C SER KB 157 110.78 18.73 17.33
N TYR KB 158 109.47 18.66 17.04
CA TYR KB 158 108.70 19.87 16.77
C TYR KB 158 108.60 20.75 18.00
N TYR KB 159 108.33 20.15 19.16
CA TYR KB 159 108.24 20.94 20.38
C TYR KB 159 109.59 21.44 20.86
N SER KB 160 110.68 20.73 20.57
CA SER KB 160 112.01 21.27 20.83
C SER KB 160 112.31 22.45 19.93
N LEU KB 161 111.82 22.41 18.68
CA LEU KB 161 111.98 23.53 17.76
C LEU KB 161 111.21 24.76 18.25
N MET KB 162 109.97 24.56 18.72
CA MET KB 162 109.21 25.67 19.31
C MET KB 162 109.86 26.18 20.59
N HIS KB 163 110.46 25.29 21.37
CA HIS KB 163 111.18 25.67 22.59
C HIS KB 163 112.39 26.54 22.26
N ASP KB 164 113.15 26.15 21.24
CA ASP KB 164 114.32 26.93 20.82
C ASP KB 164 113.91 28.27 20.24
N THR KB 165 112.83 28.31 19.47
CA THR KB 165 112.33 29.56 18.90
C THR KB 165 111.84 30.51 19.99
N TYR KB 166 111.13 29.99 20.99
CA TYR KB 166 110.65 30.85 22.06
C TYR KB 166 111.79 31.29 22.97
N GLY KB 167 112.81 30.45 23.12
CA GLY KB 167 114.00 30.87 23.87
C GLY KB 167 114.75 31.98 23.16
N LYS KB 168 114.87 31.88 21.84
CA LYS KB 168 115.49 32.95 21.05
C LYS KB 168 114.67 34.24 21.11
N LEU KB 169 113.33 34.12 21.11
CA LEU KB 169 112.47 35.29 21.20
C LEU KB 169 112.59 35.96 22.57
N LEU KB 170 112.67 35.15 23.64
CA LEU KB 170 112.84 35.71 24.98
C LEU KB 170 114.21 36.36 25.14
N ASP KB 171 115.25 35.76 24.55
CA ASP KB 171 116.58 36.37 24.59
C ASP KB 171 116.62 37.67 23.81
N VAL KB 172 115.91 37.74 22.68
CA VAL KB 172 115.80 38.97 21.89
C VAL KB 172 115.08 40.05 22.71
N GLU KB 173 114.00 39.68 23.39
CA GLU KB 173 113.26 40.64 24.21
C GLU KB 173 114.09 41.14 25.39
N LYS KB 174 114.86 40.25 26.03
CA LYS KB 174 115.70 40.65 27.15
C LYS KB 174 116.84 41.56 26.67
N HIS KB 175 117.46 41.22 25.53
CA HIS KB 175 118.55 42.04 25.00
C HIS KB 175 118.05 43.39 24.52
N HIS KB 176 116.84 43.43 23.95
CA HIS KB 176 116.26 44.70 23.52
C HIS KB 176 115.83 45.56 24.70
N ASN KB 177 115.36 44.96 25.79
CA ASN KB 177 115.10 45.71 27.01
C ASN KB 177 116.39 46.26 27.62
N GLN KB 178 117.47 45.49 27.60
CA GLN KB 178 118.76 45.98 28.07
C GLN KB 178 119.27 47.13 27.20
N LEU KB 179 119.10 47.02 25.88
CA LEU KB 179 119.47 48.09 24.96
C LEU KB 179 118.59 49.32 25.12
N ARG KB 180 117.31 49.15 25.44
CA ARG KB 180 116.46 50.29 25.76
C ARG KB 180 116.89 50.96 27.06
N ALA KB 181 117.29 50.18 28.06
CA ALA KB 181 117.80 50.74 29.30
C ALA KB 181 119.12 51.48 29.10
N LYS KB 182 119.97 50.99 28.21
CA LYS KB 182 121.23 51.66 27.88
C LYS KB 182 121.07 52.72 26.78
N ASP KB 183 119.85 52.88 26.25
CA ASP KB 183 119.50 53.91 25.26
C ASP KB 183 120.31 53.75 23.96
N LEU KB 184 120.24 52.57 23.37
CA LEU KB 184 120.90 52.28 22.10
C LEU KB 184 119.99 51.40 21.25
N LEU KB 185 119.78 51.80 20.00
CA LEU KB 185 119.04 51.00 19.03
C LEU KB 185 119.97 50.72 17.84
N ALA KB 186 120.75 49.65 17.94
CA ALA KB 186 121.75 49.31 16.94
C ALA KB 186 121.29 48.24 15.97
N GLU KB 187 120.06 47.75 16.09
CA GLU KB 187 119.54 46.69 15.24
C GLU KB 187 118.71 47.31 14.11
N LYS KB 188 118.51 46.51 13.06
CA LYS KB 188 117.78 46.94 11.88
C LYS KB 188 116.76 45.88 11.49
N THR KB 189 115.73 46.31 10.76
CA THR KB 189 114.66 45.43 10.33
C THR KB 189 115.07 44.74 9.04
N LYS KB 190 115.41 43.46 9.12
CA LYS KB 190 115.79 42.67 7.98
C LYS KB 190 114.74 41.64 7.58
N ILE KB 191 113.47 41.89 7.90
CA ILE KB 191 112.41 40.95 7.57
C ILE KB 191 112.06 40.98 6.08
N LEU KB 192 112.30 42.11 5.42
CA LEU KB 192 111.90 42.30 4.03
C LEU KB 192 113.00 41.78 3.11
N LYS KB 193 112.88 40.52 2.71
CA LYS KB 193 113.75 39.91 1.72
C LYS KB 193 113.07 39.76 0.36
N ASP KB 194 112.12 40.63 0.05
CA ASP KB 194 111.34 40.65 -1.19
C ASP KB 194 112.16 40.77 -2.49
N PRO KB 195 113.25 41.56 -2.60
CA PRO KB 195 114.08 41.46 -3.82
C PRO KB 195 114.71 40.09 -4.04
N ILE KB 196 115.01 39.34 -2.97
CA ILE KB 196 115.46 37.96 -3.13
C ILE KB 196 114.30 37.05 -3.52
N GLY KB 197 113.07 37.40 -3.17
CA GLY KB 197 111.92 36.55 -3.43
C GLY KB 197 111.81 35.46 -2.39
N SER KB 198 111.63 35.85 -1.13
CA SER KB 198 111.67 34.94 -0.01
C SER KB 198 110.30 34.36 0.30
N ARG KB 199 110.26 33.07 0.59
CA ARG KB 199 109.07 32.40 1.09
C ARG KB 199 109.49 31.47 2.22
N TRP KB 200 108.55 31.20 3.11
CA TRP KB 200 108.83 30.29 4.21
C TRP KB 200 108.75 28.84 3.74
N LEU KB 201 108.98 27.92 4.67
CA LEU KB 201 108.93 26.50 4.33
C LEU KB 201 107.49 26.05 4.10
N ILE KB 202 107.33 25.10 3.17
CA ILE KB 202 106.07 24.40 2.97
C ILE KB 202 105.95 23.42 4.13
N LYS KB 203 104.72 23.03 4.48
CA LYS KB 203 104.50 22.04 5.54
C LYS KB 203 105.16 20.71 5.22
N GLU KB 204 105.20 20.32 3.95
CA GLU KB 204 105.90 19.10 3.54
C GLU KB 204 107.41 19.24 3.77
N GLU KB 205 107.97 20.40 3.46
CA GLU KB 205 109.40 20.64 3.68
C GLU KB 205 109.72 20.67 5.17
N LEU KB 206 108.83 21.24 5.98
CA LEU KB 206 109.06 21.27 7.42
C LEU KB 206 108.91 19.88 8.03
N GLU KB 207 108.01 19.06 7.48
CA GLU KB 207 107.91 17.66 7.88
C GLU KB 207 109.18 16.89 7.53
N GLU KB 208 109.74 17.15 6.35
CA GLU KB 208 110.99 16.52 5.94
C GLU KB 208 112.17 16.96 6.81
N MET KB 209 112.20 18.23 7.20
CA MET KB 209 113.27 18.72 8.08
C MET KB 209 113.12 18.15 9.49
N LEU KB 210 111.90 18.08 10.01
CA LEU KB 210 111.67 17.62 11.38
C LEU KB 210 111.48 16.11 11.48
N VAL KB 211 111.59 15.38 10.35
CA VAL KB 211 111.46 13.93 10.16
C VAL KB 211 110.23 13.35 10.89
N GLU KB 212 109.12 14.09 10.86
CA GLU KB 212 107.95 13.71 11.63
C GLU KB 212 106.72 14.38 10.99
N LYS KB 213 105.58 13.70 11.07
CA LYS KB 213 104.32 14.26 10.62
C LYS KB 213 103.87 15.41 11.52
N LEU KB 214 103.38 16.48 10.89
CA LEU KB 214 102.81 17.62 11.59
C LEU KB 214 101.38 17.86 11.13
N SER KB 215 100.81 18.97 11.58
CA SER KB 215 99.47 19.39 11.23
C SER KB 215 99.48 20.84 10.80
N ASP KB 216 98.39 21.26 10.16
CA ASP KB 216 98.28 22.62 9.63
C ASP KB 216 98.21 23.66 10.74
N GLN KB 217 97.52 23.34 11.84
CA GLN KB 217 97.46 24.26 12.97
C GLN KB 217 98.82 24.44 13.64
N ASP KB 218 99.57 23.34 13.81
CA ASP KB 218 100.92 23.41 14.37
C ASP KB 218 101.85 24.18 13.45
N TYR KB 219 101.71 23.98 12.13
CA TYR KB 219 102.51 24.72 11.16
C TYR KB 219 102.21 26.21 11.21
N ALA KB 220 100.93 26.58 11.29
CA ALA KB 220 100.56 27.99 11.37
C ALA KB 220 101.03 28.62 12.67
N GLN KB 221 101.00 27.86 13.76
CA GLN KB 221 101.52 28.31 15.05
C GLN KB 221 103.02 28.59 14.96
N PHE KB 222 103.77 27.69 14.32
CA PHE KB 222 105.21 27.86 14.20
C PHE KB 222 105.57 29.03 13.28
N ILE KB 223 104.83 29.20 12.18
CA ILE KB 223 105.09 30.31 11.27
C ILE KB 223 104.75 31.65 11.93
N ARG KB 224 103.68 31.72 12.73
CA ARG KB 224 103.37 33.00 13.35
C ARG KB 224 104.34 33.30 14.49
N LEU KB 225 104.87 32.26 15.16
CA LEU KB 225 105.97 32.47 16.10
C LEU KB 225 107.23 32.96 15.39
N LEU KB 226 107.50 32.44 14.20
CA LEU KB 226 108.62 32.91 13.40
C LEU KB 226 108.45 34.36 12.97
N GLU KB 227 107.24 34.77 12.60
CA GLU KB 227 106.94 36.16 12.31
C GLU KB 227 107.10 37.05 13.54
N ARG KB 228 106.70 36.55 14.71
CA ARG KB 228 106.90 37.27 15.96
C ARG KB 228 108.39 37.48 16.26
N LEU KB 229 109.20 36.45 15.98
CA LEU KB 229 110.64 36.58 16.15
C LEU KB 229 111.26 37.55 15.13
N SER KB 230 110.80 37.47 13.88
CA SER KB 230 111.39 38.28 12.82
C SER KB 230 110.93 39.73 12.82
N ALA KB 231 109.82 40.04 13.47
CA ALA KB 231 109.35 41.42 13.55
C ALA KB 231 109.99 42.22 14.67
N LEU KB 232 110.87 41.58 15.46
CA LEU KB 232 111.56 42.23 16.57
C LEU KB 232 112.90 42.77 16.08
N PRO KB 233 113.63 43.55 16.89
CA PRO KB 233 115.04 43.82 16.56
C PRO KB 233 115.86 42.54 16.47
N CYS KB 234 116.78 42.52 15.52
CA CYS KB 234 117.38 41.28 15.04
C CYS KB 234 118.82 41.16 15.52
N GLY KB 235 119.15 40.01 16.11
CA GLY KB 235 120.53 39.62 16.32
C GLY KB 235 121.01 38.70 15.21
N ALA KB 236 122.33 38.60 15.09
CA ALA KB 236 122.95 37.83 14.01
C ALA KB 236 122.68 36.34 14.15
N THR KB 237 122.76 35.80 15.38
CA THR KB 237 122.46 34.40 15.62
C THR KB 237 120.98 34.09 15.35
N GLU KB 238 120.09 35.01 15.71
CA GLU KB 238 118.67 34.79 15.47
C GLU KB 238 118.32 34.91 13.98
N GLU KB 239 119.00 35.79 13.26
CA GLU KB 239 118.81 35.86 11.82
C GLU KB 239 119.34 34.61 11.12
N ASP KB 240 120.47 34.07 11.60
CA ASP KB 240 120.96 32.80 11.10
C ASP KB 240 120.03 31.64 11.45
N PHE KB 241 119.34 31.70 12.59
CA PHE KB 241 118.33 30.71 12.92
C PHE KB 241 117.13 30.80 11.99
N VAL KB 242 116.66 32.03 11.74
CA VAL KB 242 115.50 32.26 10.87
C VAL KB 242 115.78 31.89 9.42
N ASN KB 243 116.95 32.20 8.89
CA ASN KB 243 117.28 31.99 7.48
C ASN KB 243 117.43 30.52 7.11
N ARG KB 244 117.47 29.60 8.08
CA ARG KB 244 117.36 28.18 7.76
C ARG KB 244 115.99 27.87 7.16
N PHE KB 245 114.94 28.53 7.65
CA PHE KB 245 113.57 28.27 7.23
C PHE KB 245 113.14 29.16 6.07
N ARG KB 246 114.06 29.93 5.49
CA ARG KB 246 113.76 30.81 4.38
C ARG KB 246 114.08 30.12 3.06
N ARG KB 247 113.16 30.19 2.11
CA ARG KB 247 113.35 29.64 0.78
C ARG KB 247 113.16 30.74 -0.26
N SER KB 248 113.90 30.60 -1.37
CA SER KB 248 113.92 31.61 -2.42
C SER KB 248 113.16 31.11 -3.64
N ILE KB 249 112.34 31.98 -4.22
CA ILE KB 249 111.60 31.67 -5.42
C ILE KB 249 112.50 31.89 -6.63
N PRO KB 250 112.22 31.27 -7.80
CA PRO KB 250 112.94 31.66 -9.01
C PRO KB 250 112.53 33.03 -9.54
N ILE KB 251 113.11 33.43 -10.68
CA ILE KB 251 112.87 34.77 -11.21
C ILE KB 251 111.46 34.85 -11.78
N GLN KB 252 110.69 35.81 -11.27
CA GLN KB 252 109.32 36.06 -11.75
C GLN KB 252 109.37 37.20 -12.77
N SER KB 253 109.11 36.84 -14.03
CA SER KB 253 109.14 37.79 -15.13
C SER KB 253 108.38 37.21 -16.31
N LYS KB 254 107.53 38.02 -16.93
CA LYS KB 254 106.88 37.65 -18.17
C LYS KB 254 107.40 38.40 -19.38
N LYS KB 255 108.59 39.00 -19.26
CA LYS KB 255 109.19 39.71 -20.40
C LYS KB 255 109.69 38.71 -21.43
N GLN KB 256 109.30 38.92 -22.68
CA GLN KB 256 109.72 38.04 -23.76
C GLN KB 256 111.16 38.37 -24.18
N LEU KB 257 111.78 37.45 -24.90
CA LEU KB 257 113.13 37.63 -25.43
C LEU KB 257 113.01 38.28 -26.80
N ILE KB 258 113.61 39.45 -26.95
CA ILE KB 258 113.54 40.17 -28.22
C ILE KB 258 114.50 39.52 -29.21
N GLU KB 259 113.97 39.06 -30.32
CA GLU KB 259 114.79 38.45 -31.36
C GLU KB 259 115.58 39.52 -32.10
N PRO KB 260 116.89 39.36 -32.26
CA PRO KB 260 117.68 40.37 -32.99
C PRO KB 260 117.34 40.37 -34.48
N LEU KB 261 117.53 41.52 -35.10
CA LEU KB 261 117.30 41.65 -36.54
C LEU KB 261 118.36 40.88 -37.32
N GLN KB 262 117.97 40.36 -38.47
CA GLN KB 262 118.85 39.55 -39.32
C GLN KB 262 119.07 40.29 -40.63
N TYR KB 263 120.32 40.36 -41.06
CA TYR KB 263 120.71 40.96 -42.34
C TYR KB 263 121.27 39.86 -43.23
N ASP KB 264 120.76 39.74 -44.45
CA ASP KB 264 121.14 38.65 -45.33
C ASP KB 264 121.09 39.11 -46.79
N GLU KB 265 122.25 39.08 -47.45
CA GLU KB 265 122.43 39.33 -48.89
C GLU KB 265 121.92 40.72 -49.29
N GLN KB 266 122.52 41.73 -48.65
CA GLN KB 266 122.25 43.17 -48.84
C GLN KB 266 120.81 43.58 -48.54
N GLY KB 267 120.07 42.71 -47.86
CA GLY KB 267 118.73 43.07 -47.43
C GLY KB 267 118.74 43.50 -45.97
N MET KB 268 118.09 44.63 -45.70
CA MET KB 268 118.15 45.27 -44.40
C MET KB 268 116.82 45.12 -43.68
N ALA KB 269 116.94 44.69 -42.42
CA ALA KB 269 115.85 44.68 -41.43
C ALA KB 269 114.67 43.82 -41.89
N PHE KB 270 114.93 42.51 -41.95
CA PHE KB 270 113.85 41.53 -42.13
C PHE KB 270 113.82 40.60 -40.93
N SER KB 271 112.62 40.23 -40.52
CA SER KB 271 112.39 39.45 -39.31
C SER KB 271 111.46 38.28 -39.61
N ARG KB 272 111.52 37.28 -38.72
CA ARG KB 272 110.86 36.00 -38.90
C ARG KB 272 109.98 35.69 -37.69
N GLY KB 273 108.80 35.13 -37.95
CA GLY KB 273 107.87 34.83 -36.88
C GLY KB 273 107.09 33.56 -37.15
N GLU KB 274 106.76 32.85 -36.07
CA GLU KB 274 105.99 31.62 -36.08
C GLU KB 274 104.70 31.81 -35.33
N GLY KB 275 103.60 31.37 -35.93
CA GLY KB 275 102.29 31.43 -35.30
C GLY KB 275 101.55 30.12 -35.39
N LYS KB 276 100.78 29.81 -34.36
CA LYS KB 276 100.03 28.55 -34.30
C LYS KB 276 98.70 28.81 -33.62
N ARG KB 277 97.61 28.56 -34.35
CA ARG KB 277 96.27 28.71 -33.81
C ARG KB 277 95.33 27.78 -34.56
N LYS KB 278 94.84 26.76 -33.87
CA LYS KB 278 93.83 25.80 -34.35
C LYS KB 278 94.29 25.11 -35.64
N THR KB 279 95.39 24.35 -35.47
CA THR KB 279 96.01 23.41 -36.41
C THR KB 279 96.76 24.15 -37.53
N ALA KB 280 96.60 25.47 -37.62
CA ALA KB 280 97.21 26.28 -38.67
C ALA KB 280 98.57 26.77 -38.19
N LYS KB 281 99.61 26.44 -38.95
CA LYS KB 281 100.97 26.89 -38.67
C LYS KB 281 101.39 27.91 -39.71
N ALA KB 282 101.94 29.04 -39.25
CA ALA KB 282 102.24 30.17 -40.11
C ALA KB 282 103.67 30.62 -39.91
N GLU KB 283 104.44 30.67 -40.99
CA GLU KB 283 105.73 31.34 -41.07
C GLU KB 283 105.49 32.70 -41.71
N VAL KB 284 105.97 33.76 -41.08
CA VAL KB 284 105.82 35.12 -41.60
C VAL KB 284 107.20 35.77 -41.60
N VAL KB 285 107.65 36.24 -42.77
CA VAL KB 285 108.89 36.99 -42.85
C VAL KB 285 108.60 38.37 -43.43
N VAL KB 286 109.10 39.39 -42.74
CA VAL KB 286 108.70 40.78 -42.96
C VAL KB 286 109.94 41.65 -43.18
N TYR KB 287 109.85 42.54 -44.16
CA TYR KB 287 110.90 43.47 -44.53
C TYR KB 287 110.46 44.88 -44.16
N GLY KB 288 111.34 45.62 -43.48
CA GLY KB 288 111.02 47.00 -43.15
C GLY KB 288 111.38 48.02 -44.20
N GLN KB 289 111.97 47.58 -45.31
CA GLN KB 289 112.46 48.49 -46.34
C GLN KB 289 111.52 48.64 -47.53
N GLY KB 290 110.35 48.00 -47.50
CA GLY KB 290 109.43 48.03 -48.62
C GLY KB 290 108.12 48.74 -48.30
N SER KB 291 107.25 48.75 -49.30
CA SER KB 291 105.92 49.32 -49.15
C SER KB 291 104.97 48.30 -48.52
N GLY KB 292 103.73 48.72 -48.31
CA GLY KB 292 102.78 47.90 -47.60
C GLY KB 292 102.07 46.93 -48.52
N ARG KB 293 102.52 45.67 -48.54
CA ARG KB 293 101.84 44.60 -49.24
C ARG KB 293 102.27 43.27 -48.63
N ILE KB 294 101.35 42.31 -48.66
CA ILE KB 294 101.55 41.00 -48.04
C ILE KB 294 101.30 39.93 -49.10
N ASP KB 295 102.26 39.02 -49.26
CA ASP KB 295 102.20 37.95 -50.24
C ASP KB 295 102.06 36.63 -49.51
N VAL KB 296 100.85 36.07 -49.50
CA VAL KB 296 100.55 34.84 -48.77
C VAL KB 296 100.53 33.68 -49.76
N ASN KB 297 101.45 32.74 -49.58
CA ASN KB 297 101.56 31.50 -50.37
C ASN KB 297 101.69 31.76 -51.87
N GLY KB 298 102.37 32.84 -52.23
CA GLY KB 298 102.59 33.16 -53.63
C GLY KB 298 101.48 33.95 -54.29
N VAL KB 299 100.36 34.19 -53.60
CA VAL KB 299 99.28 35.00 -54.14
C VAL KB 299 99.06 36.20 -53.22
N ASP KB 300 98.29 37.16 -53.72
CA ASP KB 300 98.02 38.38 -52.98
C ASP KB 300 97.08 38.07 -51.81
N TYR KB 301 97.22 38.86 -50.73
CA TYR KB 301 96.41 38.69 -49.53
C TYR KB 301 94.93 38.92 -49.81
N LEU KB 302 94.59 39.86 -50.70
CA LEU KB 302 93.20 40.10 -51.07
C LEU KB 302 92.58 38.91 -51.78
N LEU KB 303 93.34 38.25 -52.66
CA LEU KB 303 92.85 37.05 -53.32
C LEU KB 303 92.78 35.86 -52.38
N TYR KB 304 93.74 35.78 -51.44
CA TYR KB 304 93.78 34.63 -50.54
C TYR KB 304 92.72 34.71 -49.45
N PHE KB 305 92.40 35.92 -48.99
CA PHE KB 305 91.44 36.13 -47.90
C PHE KB 305 90.33 37.05 -48.40
N PRO KB 306 89.27 36.50 -48.97
CA PRO KB 306 88.14 37.36 -49.39
C PRO KB 306 87.36 37.94 -48.23
N VAL KB 307 87.49 37.37 -47.03
CA VAL KB 307 86.71 37.79 -45.87
C VAL KB 307 87.28 39.08 -45.31
N THR KB 308 86.41 40.08 -45.15
CA THR KB 308 86.83 41.38 -44.62
C THR KB 308 87.25 41.26 -43.17
N GLN KB 309 86.63 40.33 -42.42
CA GLN KB 309 87.05 40.07 -41.05
C GLN KB 309 88.45 39.48 -40.99
N ASP KB 310 88.77 38.57 -41.90
CA ASP KB 310 90.12 38.00 -41.94
C ASP KB 310 91.15 39.03 -42.40
N ARG KB 311 90.76 39.92 -43.31
CA ARG KB 311 91.66 41.02 -43.67
C ARG KB 311 91.84 41.99 -42.51
N GLU KB 312 90.82 42.13 -41.65
CA GLU KB 312 90.99 42.92 -40.43
C GLU KB 312 91.93 42.24 -39.45
N GLN KB 313 91.89 40.91 -39.37
CA GLN KB 313 92.86 40.17 -38.58
C GLN KB 313 94.28 40.36 -39.12
N LEU KB 314 94.43 40.42 -40.43
CA LEU KB 314 95.73 40.74 -41.00
C LEU KB 314 96.13 42.19 -40.74
N MET KB 315 95.17 43.11 -40.68
CA MET KB 315 95.42 44.50 -40.33
C MET KB 315 95.93 44.70 -38.91
N PHE KB 316 95.21 44.15 -37.92
CA PHE KB 316 95.23 44.43 -36.48
C PHE KB 316 96.59 44.74 -35.82
N PRO KB 317 97.68 44.00 -36.07
CA PRO KB 317 98.96 44.46 -35.48
C PRO KB 317 99.51 45.73 -36.11
N LEU KB 318 99.39 45.87 -37.44
CA LEU KB 318 99.92 47.05 -38.10
C LEU KB 318 99.12 48.30 -37.77
N HIS KB 319 97.80 48.17 -37.63
CA HIS KB 319 97.01 49.32 -37.19
C HIS KB 319 97.22 49.60 -35.71
N PHE KB 320 97.57 48.56 -34.93
CA PHE KB 320 97.92 48.81 -33.54
C PHE KB 320 99.23 49.57 -33.41
N LEU KB 321 100.19 49.31 -34.30
CA LEU KB 321 101.49 49.99 -34.23
C LEU KB 321 101.64 51.16 -35.19
N ASP KB 322 100.56 51.54 -35.90
CA ASP KB 322 100.53 52.67 -36.84
C ASP KB 322 101.55 52.53 -37.97
N ARG KB 323 101.86 51.30 -38.36
CA ARG KB 323 102.87 51.00 -39.36
C ARG KB 323 102.31 50.13 -40.49
N LEU KB 324 101.15 50.52 -41.03
CA LEU KB 324 100.41 49.75 -42.02
C LEU KB 324 101.14 49.60 -43.34
N GLY KB 325 101.78 50.66 -43.82
CA GLY KB 325 102.37 50.66 -45.15
C GLY KB 325 103.87 50.60 -45.18
N LYS KB 326 104.53 50.52 -44.03
CA LYS KB 326 105.98 50.55 -43.95
C LYS KB 326 106.61 49.16 -43.94
N HIS KB 327 105.84 48.10 -44.13
CA HIS KB 327 106.37 46.74 -44.09
C HIS KB 327 105.87 45.94 -45.27
N ASP KB 328 106.77 45.17 -45.87
CA ASP KB 328 106.45 44.24 -46.96
C ASP KB 328 106.60 42.83 -46.44
N MET KB 329 105.54 42.04 -46.50
CA MET KB 329 105.53 40.73 -45.87
C MET KB 329 105.34 39.64 -46.90
N THR KB 330 105.91 38.46 -46.62
CA THR KB 330 105.51 37.25 -47.32
C THR KB 330 105.36 36.10 -46.32
N CYS KB 331 104.43 35.20 -46.62
CA CYS KB 331 103.83 34.32 -45.64
C CYS KB 331 103.77 32.90 -46.19
N ALA KB 332 103.69 31.94 -45.27
CA ALA KB 332 103.47 30.54 -45.61
C ALA KB 332 102.69 29.90 -44.48
N VAL KB 333 101.40 29.64 -44.73
CA VAL KB 333 100.51 29.10 -43.70
C VAL KB 333 99.95 27.77 -44.20
N SER KB 334 99.80 26.81 -43.29
CA SER KB 334 99.37 25.48 -43.63
C SER KB 334 98.43 24.93 -42.56
N GLY KB 335 97.35 24.29 -43.00
CA GLY KB 335 96.43 23.62 -42.11
C GLY KB 335 95.26 24.51 -41.71
N GLY KB 336 94.16 23.85 -41.34
CA GLY KB 336 92.98 24.52 -40.84
C GLY KB 336 92.19 25.24 -41.92
N GLY KB 337 91.25 26.07 -41.47
CA GLY KB 337 90.41 26.86 -42.32
C GLY KB 337 90.85 28.30 -42.42
N ARG KB 338 89.97 29.14 -42.94
CA ARG KB 338 90.31 30.53 -43.27
C ARG KB 338 90.56 31.36 -42.00
N SER KB 339 89.69 31.21 -40.99
CA SER KB 339 89.83 32.01 -39.78
C SER KB 339 90.99 31.51 -38.92
N ALA KB 340 91.23 30.19 -38.92
CA ALA KB 340 92.38 29.64 -38.21
C ALA KB 340 93.69 30.10 -38.84
N GLN KB 341 93.73 30.11 -40.18
CA GLN KB 341 94.91 30.62 -40.89
C GLN KB 341 95.10 32.12 -40.65
N ALA KB 342 94.00 32.88 -40.60
CA ALA KB 342 94.09 34.31 -40.33
C ALA KB 342 94.60 34.59 -38.93
N GLY KB 343 94.12 33.82 -37.94
CA GLY KB 343 94.62 33.98 -36.58
C GLY KB 343 96.07 33.57 -36.42
N ALA KB 344 96.47 32.49 -37.11
CA ALA KB 344 97.87 32.06 -37.08
C ALA KB 344 98.79 33.10 -37.73
N VAL KB 345 98.34 33.69 -38.84
CA VAL KB 345 99.10 34.74 -39.51
C VAL KB 345 99.17 35.99 -38.63
N ARG KB 346 98.08 36.30 -37.93
CA ARG KB 346 98.06 37.44 -37.00
C ARG KB 346 99.06 37.26 -35.86
N LEU KB 347 99.08 36.05 -35.26
CA LEU KB 347 100.01 35.76 -34.18
C LEU KB 347 101.46 35.75 -34.69
N ALA KB 348 101.67 35.24 -35.91
CA ALA KB 348 103.02 35.18 -36.46
C ALA KB 348 103.55 36.57 -36.81
N MET KB 349 102.69 37.45 -37.34
CA MET KB 349 103.09 38.83 -37.56
C MET KB 349 103.39 39.55 -36.25
N ALA KB 350 102.58 39.28 -35.22
CA ALA KB 350 102.82 39.87 -33.91
C ALA KB 350 104.15 39.43 -33.32
N ARG KB 351 104.50 38.15 -33.48
CA ARG KB 351 105.77 37.67 -32.95
C ARG KB 351 106.95 38.11 -33.82
N ALA KB 352 106.73 38.30 -35.12
CA ALA KB 352 107.79 38.78 -36.00
C ALA KB 352 108.05 40.27 -35.84
N LEU KB 353 107.05 41.05 -35.43
CA LEU KB 353 107.22 42.50 -35.34
C LEU KB 353 107.94 42.96 -34.08
N CYS KB 354 108.29 42.05 -33.17
CA CYS KB 354 108.92 42.45 -31.91
C CYS KB 354 110.34 42.98 -32.10
N SER KB 355 111.00 42.62 -33.21
CA SER KB 355 112.37 43.07 -33.44
C SER KB 355 112.42 44.55 -33.78
N PHE KB 356 111.48 45.01 -34.61
CA PHE KB 356 111.45 46.41 -35.03
C PHE KB 356 110.99 47.34 -33.93
N VAL KB 357 110.21 46.83 -32.98
CA VAL KB 357 109.39 47.65 -32.12
C VAL KB 357 109.98 47.64 -30.71
N THR KB 358 110.02 48.81 -30.09
CA THR KB 358 110.69 49.01 -28.80
C THR KB 358 109.88 48.42 -27.64
N GLU KB 359 110.53 48.40 -26.47
CA GLU KB 359 110.16 47.47 -25.40
C GLU KB 359 108.83 47.82 -24.74
N ASP KB 360 108.53 49.11 -24.55
CA ASP KB 360 107.27 49.47 -23.92
C ASP KB 360 106.08 49.20 -24.86
N GLU KB 361 106.29 49.38 -26.15
CA GLU KB 361 105.25 49.01 -27.11
C GLU KB 361 105.12 47.49 -27.27
N VAL KB 362 106.18 46.73 -26.98
CA VAL KB 362 106.04 45.27 -26.89
C VAL KB 362 105.15 44.88 -25.73
N GLU KB 363 105.27 45.56 -24.59
CA GLU KB 363 104.37 45.30 -23.47
C GLU KB 363 102.95 45.78 -23.77
N TRP KB 364 102.83 46.87 -24.53
CA TRP KB 364 101.52 47.31 -25.01
C TRP KB 364 100.87 46.29 -25.92
N MET KB 365 101.67 45.64 -26.78
CA MET KB 365 101.23 44.49 -27.56
C MET KB 365 100.77 43.35 -26.67
N ARG KB 366 101.51 43.10 -25.58
CA ARG KB 366 101.16 42.01 -24.65
C ARG KB 366 99.81 42.25 -23.97
N GLN KB 367 99.56 43.47 -23.49
CA GLN KB 367 98.24 43.72 -22.92
C GLN KB 367 97.18 43.98 -23.98
N ALA KB 368 97.54 44.17 -25.24
CA ALA KB 368 96.55 44.08 -26.31
C ALA KB 368 96.24 42.64 -26.67
N GLY KB 369 97.08 41.70 -26.24
CA GLY KB 369 96.77 40.29 -26.42
C GLY KB 369 97.24 39.69 -27.72
N LEU KB 370 98.14 40.34 -28.44
CA LEU KB 370 98.65 39.81 -29.69
C LEU KB 370 99.62 38.66 -29.47
N LEU KB 371 100.51 38.78 -28.48
CA LEU KB 371 101.67 37.90 -28.37
C LEU KB 371 101.37 36.60 -27.64
N THR KB 372 100.19 36.46 -27.05
CA THR KB 372 99.83 35.25 -26.33
C THR KB 372 99.11 34.31 -27.27
N ALA KB 373 99.56 33.06 -27.34
CA ALA KB 373 98.95 32.07 -28.21
C ALA KB 373 97.57 31.69 -27.71
N ASP KB 374 96.71 31.25 -28.63
CA ASP KB 374 95.33 30.96 -28.31
C ASP KB 374 95.20 29.47 -28.01
N PRO KB 375 94.87 29.06 -26.78
CA PRO KB 375 94.88 27.63 -26.46
C PRO KB 375 93.58 26.92 -26.80
N ARG KB 376 92.60 27.62 -27.39
CA ARG KB 376 91.31 27.01 -27.66
C ARG KB 376 91.41 26.01 -28.80
N VAL KB 377 91.45 24.73 -28.45
CA VAL KB 377 91.58 23.63 -29.39
C VAL KB 377 90.34 22.75 -29.23
N ARG KB 378 89.83 22.24 -30.35
CA ARG KB 378 88.61 21.43 -30.37
C ARG KB 378 88.77 20.16 -29.53
N GLU KB 379 87.78 19.90 -28.68
CA GLU KB 379 87.83 18.80 -27.73
C GLU KB 379 87.55 17.47 -28.43
N ARG KB 380 87.83 16.38 -27.72
CA ARG KB 380 87.58 15.02 -28.21
C ARG KB 380 86.13 14.64 -27.96
N LYS KB 381 85.54 13.90 -28.89
CA LYS KB 381 84.19 13.39 -28.67
C LYS KB 381 84.23 12.26 -27.66
N LYS KB 382 83.36 12.35 -26.64
CA LYS KB 382 83.32 11.38 -25.56
C LYS KB 382 82.39 10.22 -25.94
N PRO KB 383 82.67 9.01 -25.46
CA PRO KB 383 81.77 7.89 -25.76
C PRO KB 383 80.47 7.98 -24.98
N GLY KB 384 79.37 7.67 -25.66
CA GLY KB 384 78.05 7.85 -25.09
C GLY KB 384 77.50 9.25 -25.21
N GLN KB 385 78.25 10.18 -25.81
CA GLN KB 385 77.83 11.55 -26.01
C GLN KB 385 77.82 11.86 -27.51
N GLU KB 386 77.32 13.05 -27.85
CA GLU KB 386 77.21 13.42 -29.25
C GLU KB 386 78.33 14.34 -29.71
N GLY KB 387 78.49 15.49 -29.04
CA GLY KB 387 79.42 16.48 -29.52
C GLY KB 387 80.36 17.03 -28.47
N ALA KB 388 80.79 16.17 -27.54
CA ALA KB 388 81.72 16.32 -26.42
C ALA KB 388 81.13 17.08 -25.24
N ARG KB 389 79.97 17.72 -25.37
CA ARG KB 389 79.26 18.21 -24.20
C ARG KB 389 77.85 17.65 -24.19
N ARG KB 390 77.19 17.72 -25.35
CA ARG KB 390 75.83 17.23 -25.49
C ARG KB 390 75.78 15.71 -25.39
N LYS KB 391 74.92 15.22 -24.50
CA LYS KB 391 74.65 13.80 -24.37
C LYS KB 391 73.39 13.46 -25.16
N PHE KB 392 73.02 12.19 -25.13
CA PHE KB 392 71.80 11.77 -25.80
C PHE KB 392 70.57 12.21 -25.00
N THR KB 393 69.41 12.06 -25.62
CA THR KB 393 68.16 12.48 -24.99
C THR KB 393 67.84 11.58 -23.81
N TRP KB 394 67.92 12.14 -22.60
CA TRP KB 394 67.72 11.41 -21.37
C TRP KB 394 66.24 11.36 -21.06
N LYS KB 395 65.66 10.17 -21.09
CA LYS KB 395 64.25 9.96 -20.83
C LYS KB 395 64.06 9.63 -19.35
N LYS KB 396 63.16 10.36 -18.69
CA LYS KB 396 62.99 10.22 -17.25
C LYS KB 396 62.27 8.91 -16.92
N ARG KB 397 61.36 8.48 -17.78
CA ARG KB 397 60.67 7.21 -17.60
C ARG KB 397 60.42 6.54 -18.94
N LEU LB 49 140.32 -10.46 -11.85
CA LEU LB 49 141.64 -10.61 -12.46
C LEU LB 49 141.72 -11.91 -13.27
N HIS LB 50 141.77 -11.77 -14.60
CA HIS LB 50 141.79 -12.91 -15.51
C HIS LB 50 143.21 -13.10 -16.01
N VAL LB 51 143.88 -14.15 -15.53
CA VAL LB 51 145.24 -14.42 -15.97
C VAL LB 51 145.30 -15.70 -16.81
N ASP LB 52 144.27 -16.55 -16.72
CA ASP LB 52 144.15 -17.70 -17.60
C ASP LB 52 143.71 -17.19 -18.97
N VAL LB 53 144.67 -16.98 -19.86
CA VAL LB 53 144.41 -16.41 -21.18
C VAL LB 53 144.51 -17.53 -22.20
N PRO LB 54 143.41 -17.94 -22.82
CA PRO LB 54 143.51 -18.84 -23.99
C PRO LB 54 144.16 -18.13 -25.16
N LYS LB 55 144.98 -18.88 -25.90
CA LYS LB 55 145.81 -18.34 -26.97
C LYS LB 55 145.20 -18.66 -28.33
N ASP LB 56 145.39 -17.73 -29.27
CA ASP LB 56 145.00 -17.85 -30.68
C ASP LB 56 143.49 -18.09 -30.82
N MET LB 57 142.74 -17.10 -30.35
CA MET LB 57 141.27 -17.14 -30.39
C MET LB 57 140.71 -16.83 -31.76
N THR LB 58 141.49 -16.22 -32.65
CA THR LB 58 141.00 -15.70 -33.92
C THR LB 58 141.16 -16.77 -35.00
N LYS LB 59 140.07 -17.05 -35.71
CA LYS LB 59 140.09 -17.97 -36.86
C LYS LB 59 139.07 -17.49 -37.89
N PRO LB 60 139.42 -16.47 -38.68
CA PRO LB 60 138.46 -15.94 -39.65
C PRO LB 60 138.53 -16.67 -40.99
N GLU LB 61 137.41 -16.67 -41.69
CA GLU LB 61 137.31 -17.25 -43.02
C GLU LB 61 136.72 -16.20 -43.96
N ILE LB 62 137.59 -15.52 -44.71
CA ILE LB 62 137.19 -14.50 -45.66
C ILE LB 62 137.76 -14.89 -47.02
N THR LB 63 136.89 -15.16 -47.98
CA THR LB 63 137.29 -15.49 -49.34
C THR LB 63 136.82 -14.39 -50.28
N ILE LB 64 137.76 -13.84 -51.05
CA ILE LB 64 137.51 -12.72 -51.94
C ILE LB 64 137.22 -13.27 -53.33
N SER LB 65 136.02 -13.02 -53.83
CA SER LB 65 135.66 -13.46 -55.17
C SER LB 65 136.11 -12.44 -56.22
N ASP LB 66 136.13 -12.88 -57.48
CA ASP LB 66 136.49 -12.01 -58.58
C ASP LB 66 135.33 -11.11 -59.01
N GLU LB 67 134.10 -11.43 -58.58
CA GLU LB 67 132.89 -10.69 -58.93
C GLU LB 67 132.92 -9.29 -58.31
N PRO LB 68 132.52 -8.26 -59.10
CA PRO LB 68 132.44 -6.90 -58.55
C PRO LB 68 131.40 -6.75 -57.44
N ASP LB 69 131.76 -6.04 -56.37
CA ASP LB 69 130.88 -5.91 -55.22
C ASP LB 69 129.72 -4.97 -55.52
N THR LB 70 128.56 -5.28 -54.95
CA THR LB 70 127.38 -4.45 -55.14
C THR LB 70 127.51 -3.16 -54.34
N LEU LB 71 127.19 -2.04 -54.99
CA LEU LB 71 127.21 -0.73 -54.34
C LEU LB 71 125.79 -0.25 -54.13
N TYR LB 72 125.51 0.24 -52.92
CA TYR LB 72 124.23 0.86 -52.59
C TYR LB 72 124.40 2.37 -52.44
N LYS LB 73 123.52 3.11 -53.13
CA LYS LB 73 123.45 4.55 -52.97
C LYS LB 73 123.02 4.90 -51.54
N ARG LB 74 121.94 4.29 -51.05
CA ARG LB 74 121.43 4.65 -49.74
C ARG LB 74 120.68 3.48 -49.16
N LEU LB 75 120.66 3.40 -47.83
CA LEU LB 75 119.98 2.30 -47.15
C LEU LB 75 119.26 2.91 -45.96
N SER LB 76 117.93 2.81 -45.96
CA SER LB 76 117.09 3.41 -44.93
C SER LB 76 116.67 2.33 -43.95
N VAL LB 77 116.91 2.55 -42.66
CA VAL LB 77 116.47 1.64 -41.61
C VAL LB 77 115.41 2.36 -40.80
N LEU LB 78 114.17 1.91 -40.92
CA LEU LB 78 113.07 2.48 -40.15
C LEU LB 78 112.67 1.49 -39.07
N VAL LB 79 112.95 1.85 -37.81
CA VAL LB 79 112.58 1.02 -36.66
C VAL LB 79 111.28 1.58 -36.09
N LYS LB 80 110.36 0.67 -35.78
CA LYS LB 80 109.11 0.99 -35.12
C LYS LB 80 109.03 0.23 -33.81
N GLY LB 81 108.59 0.91 -32.77
CA GLY LB 81 108.52 0.30 -31.45
C GLY LB 81 107.35 0.84 -30.67
N HIS LB 82 107.21 0.34 -29.44
CA HIS LB 82 106.12 0.76 -28.57
C HIS LB 82 106.58 1.81 -27.56
N ASP LB 83 107.82 1.68 -27.07
CA ASP LB 83 108.36 2.60 -26.08
C ASP LB 83 109.55 3.37 -26.62
N LYS LB 84 109.71 4.60 -26.13
CA LYS LB 84 110.67 5.54 -26.71
C LYS LB 84 112.09 5.26 -26.23
N ALA LB 85 112.24 4.76 -25.00
CA ALA LB 85 113.56 4.63 -24.39
C ALA LB 85 114.37 3.53 -25.07
N VAL LB 86 113.71 2.42 -25.42
CA VAL LB 86 114.38 1.33 -26.13
C VAL LB 86 114.87 1.79 -27.50
N LEU LB 87 114.03 2.56 -28.21
CA LEU LB 87 114.42 3.12 -29.49
C LEU LB 87 115.56 4.13 -29.36
N ASP LB 88 115.58 4.90 -28.27
CA ASP LB 88 116.65 5.88 -28.07
C ASP LB 88 117.98 5.20 -27.78
N SER LB 89 117.98 4.20 -26.89
CA SER LB 89 119.21 3.46 -26.60
C SER LB 89 119.68 2.66 -27.81
N TYR LB 90 118.75 2.13 -28.58
CA TYR LB 90 119.08 1.39 -29.78
C TYR LB 90 119.63 2.30 -30.86
N GLU LB 91 119.12 3.54 -30.92
CA GLU LB 91 119.69 4.56 -31.79
C GLU LB 91 121.13 4.89 -31.39
N TYR LB 92 121.37 5.02 -30.09
CA TYR LB 92 122.74 5.32 -29.62
C TYR LB 92 123.70 4.18 -29.96
N PHE LB 93 123.24 2.94 -29.79
CA PHE LB 93 124.02 1.76 -30.18
C PHE LB 93 124.33 1.75 -31.68
N ALA LB 94 123.32 2.03 -32.50
CA ALA LB 94 123.49 1.99 -33.95
C ALA LB 94 124.41 3.10 -34.44
N VAL LB 95 124.28 4.30 -33.87
CA VAL LB 95 125.15 5.42 -34.25
C VAL LB 95 126.58 5.18 -33.80
N LEU LB 96 126.78 4.58 -32.61
CA LEU LB 96 128.14 4.29 -32.15
C LEU LB 96 128.81 3.22 -33.03
N ALA LB 97 128.06 2.18 -33.41
CA ALA LB 97 128.57 1.18 -34.33
C ALA LB 97 128.85 1.79 -35.71
N ALA LB 98 128.01 2.72 -36.15
CA ALA LB 98 128.22 3.41 -37.42
C ALA LB 98 129.48 4.29 -37.41
N LYS LB 99 129.71 5.01 -36.31
CA LYS LB 99 130.91 5.85 -36.24
C LYS LB 99 132.17 5.01 -36.12
N GLU LB 100 132.10 3.85 -35.46
CA GLU LB 100 133.30 3.03 -35.40
C GLU LB 100 133.55 2.31 -36.72
N LEU LB 101 132.49 1.96 -37.45
CA LEU LB 101 132.64 1.41 -38.79
C LEU LB 101 132.97 2.46 -39.84
N GLY LB 102 132.79 3.74 -39.54
CA GLY LB 102 133.09 4.80 -40.48
C GLY LB 102 132.05 4.95 -41.57
N ILE LB 103 130.82 5.32 -41.18
CA ILE LB 103 129.71 5.40 -42.14
C ILE LB 103 129.19 6.83 -42.32
N SER LB 104 129.28 7.67 -41.28
CA SER LB 104 128.87 9.09 -41.30
C SER LB 104 127.39 9.26 -41.65
N ILE LB 105 126.55 8.84 -40.71
CA ILE LB 105 125.12 8.67 -40.92
C ILE LB 105 124.35 9.86 -40.35
N LYS LB 106 123.07 9.91 -40.72
CA LYS LB 106 122.11 10.88 -40.21
C LYS LB 106 120.85 10.16 -39.74
N VAL LB 107 120.38 10.52 -38.55
CA VAL LB 107 119.22 9.91 -37.93
C VAL LB 107 118.17 10.99 -37.67
N HIS LB 108 116.94 10.73 -38.09
CA HIS LB 108 115.82 11.63 -37.84
C HIS LB 108 114.64 10.82 -37.32
N GLU LB 109 113.72 11.51 -36.65
CA GLU LB 109 112.55 10.88 -36.05
C GLU LB 109 111.31 11.19 -36.87
N PRO LB 110 110.71 10.21 -37.55
CA PRO LB 110 109.43 10.43 -38.22
C PRO LB 110 108.32 10.63 -37.20
N PRO LB 111 107.25 11.35 -37.56
CA PRO LB 111 106.14 11.55 -36.62
C PRO LB 111 105.40 10.24 -36.34
N ARG LB 112 104.89 10.14 -35.12
CA ARG LB 112 104.18 8.95 -34.68
C ARG LB 112 102.74 8.95 -35.18
N LYS LB 113 102.14 7.77 -35.20
CA LYS LB 113 100.71 7.62 -35.41
C LYS LB 113 100.17 6.70 -34.33
N ILE LB 114 98.94 6.96 -33.89
CA ILE LB 114 98.28 6.20 -32.84
C ILE LB 114 96.99 5.63 -33.42
N GLU LB 115 96.80 4.33 -33.28
CA GLU LB 115 95.61 3.63 -33.79
C GLU LB 115 94.68 3.40 -32.61
N ARG LB 116 93.50 3.99 -32.67
CA ARG LB 116 92.57 4.05 -31.55
C ARG LB 116 91.28 3.32 -31.91
N PHE LB 117 90.70 2.59 -30.96
CA PHE LB 117 89.39 1.99 -31.18
C PHE LB 117 88.64 1.94 -29.85
N THR LB 118 87.34 1.64 -29.97
CA THR LB 118 86.40 1.68 -28.86
C THR LB 118 85.71 0.34 -28.71
N LEU LB 119 85.57 -0.13 -27.48
CA LEU LB 119 84.86 -1.38 -27.18
C LEU LB 119 83.82 -1.15 -26.09
N LEU LB 120 82.92 -2.11 -25.95
CA LEU LB 120 81.88 -2.06 -24.94
C LEU LB 120 82.47 -2.32 -23.57
N LYS LB 121 81.96 -1.62 -22.56
CA LYS LB 121 82.47 -1.76 -21.19
C LYS LB 121 81.99 -3.04 -20.52
N SER LB 122 80.75 -3.44 -20.73
CA SER LB 122 80.14 -4.52 -19.99
C SER LB 122 79.98 -5.77 -20.85
N VAL LB 123 79.47 -6.83 -20.24
CA VAL LB 123 79.22 -8.06 -20.97
C VAL LB 123 77.95 -7.93 -21.81
N HIS LB 124 76.82 -7.63 -21.19
CA HIS LB 124 75.58 -7.80 -21.91
C HIS LB 124 75.09 -6.53 -22.61
N ILE LB 125 74.57 -5.55 -21.85
CA ILE LB 125 73.97 -4.35 -22.45
C ILE LB 125 74.32 -3.04 -21.74
N PHE LB 126 75.43 -2.43 -22.15
CA PHE LB 126 75.74 -1.06 -21.71
C PHE LB 126 76.51 -0.39 -22.85
N LYS LB 127 75.80 0.30 -23.72
CA LYS LB 127 76.40 0.96 -24.87
C LYS LB 127 76.75 2.42 -24.59
N LYS LB 128 76.11 3.04 -23.60
CA LYS LB 128 76.46 4.39 -23.19
C LYS LB 128 77.87 4.46 -22.61
N HIS LB 129 78.27 3.46 -21.85
CA HIS LB 129 79.58 3.41 -21.22
C HIS LB 129 80.49 2.49 -22.02
N ARG LB 130 81.64 3.01 -22.42
CA ARG LB 130 82.58 2.32 -23.29
C ARG LB 130 83.97 2.31 -22.67
N VAL LB 131 84.77 1.34 -23.08
CA VAL LB 131 86.18 1.27 -22.74
C VAL LB 131 86.98 1.33 -24.03
N GLN LB 132 87.92 2.28 -24.11
CA GLN LB 132 88.71 2.52 -25.31
C GLN LB 132 90.12 1.98 -25.12
N TYR LB 133 90.72 1.52 -26.21
CA TYR LB 133 92.08 1.02 -26.20
C TYR LB 133 92.96 1.81 -27.16
N GLU LB 134 94.26 1.79 -26.89
CA GLU LB 134 95.24 2.59 -27.60
C GLU LB 134 96.49 1.77 -27.89
N MET LB 135 96.96 1.86 -29.14
CA MET LB 135 98.24 1.28 -29.52
C MET LB 135 99.15 2.40 -29.99
N ARG LB 136 100.35 2.47 -29.42
CA ARG LB 136 101.31 3.52 -29.71
C ARG LB 136 102.48 2.92 -30.46
N THR LB 137 102.78 3.46 -31.65
CA THR LB 137 103.97 3.09 -32.39
C THR LB 137 104.81 4.34 -32.62
N LEU LB 138 106.13 4.19 -32.46
CA LEU LB 138 107.09 5.27 -32.62
C LEU LB 138 108.15 4.85 -33.62
N TYR LB 139 108.61 5.82 -34.41
CA TYR LB 139 109.52 5.57 -35.52
C TYR LB 139 110.84 6.27 -35.30
N ARG LB 140 111.94 5.61 -35.66
CA ARG LB 140 113.24 6.24 -35.80
C ARG LB 140 113.86 5.77 -37.12
N CYS LB 141 114.39 6.71 -37.90
CA CYS LB 141 114.88 6.42 -39.23
C CYS LB 141 116.37 6.72 -39.32
N LEU LB 142 117.14 5.74 -39.79
CA LEU LB 142 118.57 5.89 -40.03
C LEU LB 142 118.81 5.93 -41.52
N GLU LB 143 119.56 6.93 -41.97
CA GLU LB 143 119.95 7.08 -43.37
C GLU LB 143 121.40 6.63 -43.50
N LEU LB 144 121.67 5.69 -44.39
CA LEU LB 144 123.02 5.22 -44.61
C LEU LB 144 123.46 5.56 -46.03
N GLU LB 145 124.54 6.35 -46.13
CA GLU LB 145 124.94 6.97 -47.39
C GLU LB 145 126.34 6.53 -47.78
N HIS LB 146 126.52 6.27 -49.09
CA HIS LB 146 127.82 5.98 -49.72
C HIS LB 146 128.46 4.73 -49.09
N LEU LB 147 127.84 3.59 -49.39
CA LEU LB 147 128.05 2.38 -48.63
C LEU LB 147 128.10 1.17 -49.57
N THR LB 148 128.88 0.16 -49.17
CA THR LB 148 129.21 -0.99 -50.01
C THR LB 148 128.45 -2.25 -49.58
N GLY LB 149 128.73 -3.35 -50.29
CA GLY LB 149 127.91 -4.54 -50.16
C GLY LB 149 128.23 -5.39 -48.95
N SER LB 150 129.51 -5.73 -48.77
CA SER LB 150 129.92 -6.53 -47.61
C SER LB 150 129.72 -5.74 -46.32
N THR LB 151 130.03 -4.44 -46.35
CA THR LB 151 129.77 -3.57 -45.20
C THR LB 151 128.28 -3.48 -44.92
N ALA LB 152 127.45 -3.43 -45.98
CA ALA LB 152 126.00 -3.45 -45.83
C ALA LB 152 125.53 -4.72 -45.14
N ASP LB 153 126.07 -5.86 -45.58
CA ASP LB 153 125.67 -7.14 -45.02
C ASP LB 153 126.05 -7.27 -43.56
N VAL LB 154 127.31 -6.97 -43.22
CA VAL LB 154 127.78 -7.18 -41.84
C VAL LB 154 127.13 -6.17 -40.89
N TYR LB 155 126.93 -4.92 -41.35
CA TYR LB 155 126.28 -3.92 -40.53
C TYR LB 155 124.82 -4.29 -40.30
N LEU LB 156 124.14 -4.76 -41.35
CA LEU LB 156 122.73 -5.11 -41.23
C LEU LB 156 122.53 -6.32 -40.34
N GLU LB 157 123.39 -7.33 -40.41
CA GLU LB 157 123.22 -8.49 -39.55
C GLU LB 157 123.63 -8.20 -38.10
N TYR LB 158 124.60 -7.29 -37.91
CA TYR LB 158 124.95 -6.87 -36.55
C TYR LB 158 123.81 -6.09 -35.91
N ILE LB 159 123.13 -5.27 -36.71
CA ILE LB 159 121.94 -4.56 -36.23
C ILE LB 159 120.78 -5.51 -36.01
N GLN LB 160 120.64 -6.51 -36.88
CA GLN LB 160 119.50 -7.43 -36.84
C GLN LB 160 119.59 -8.38 -35.66
N ARG LB 161 120.78 -8.91 -35.38
CA ARG LB 161 120.93 -9.81 -34.23
C ARG LB 161 120.84 -9.06 -32.91
N ASN LB 162 121.05 -7.75 -32.93
CA ASN LB 162 120.93 -6.92 -31.74
C ASN LB 162 119.62 -6.14 -31.69
N LEU LB 163 118.70 -6.43 -32.60
CA LEU LB 163 117.32 -5.96 -32.50
C LEU LB 163 116.68 -6.49 -31.23
N PRO LB 164 116.03 -5.66 -30.42
CA PRO LB 164 115.36 -6.16 -29.22
C PRO LB 164 114.03 -6.84 -29.54
N GLU LB 165 113.34 -7.24 -28.48
CA GLU LB 165 112.17 -8.10 -28.57
C GLU LB 165 110.91 -7.36 -29.02
N GLY LB 166 110.72 -6.10 -28.64
CA GLY LB 166 109.47 -5.45 -28.88
C GLY LB 166 109.37 -4.56 -30.10
N VAL LB 167 110.37 -4.58 -30.99
CA VAL LB 167 110.43 -3.64 -32.09
C VAL LB 167 110.48 -4.40 -33.41
N ALA LB 168 110.23 -3.67 -34.49
CA ALA LB 168 110.39 -4.14 -35.86
C ALA LB 168 111.14 -3.09 -36.66
N MET LB 169 111.58 -3.46 -37.86
CA MET LB 169 112.19 -2.49 -38.76
C MET LB 169 112.08 -2.93 -40.21
N GLU LB 170 112.07 -1.93 -41.11
CA GLU LB 170 112.18 -2.16 -42.54
C GLU LB 170 113.49 -1.56 -43.02
N VAL LB 171 114.18 -2.27 -43.92
CA VAL LB 171 115.33 -1.72 -44.61
C VAL LB 171 114.94 -1.48 -46.06
N THR LB 172 115.32 -0.32 -46.58
CA THR LB 172 115.03 0.07 -47.96
C THR LB 172 116.36 0.37 -48.62
N LYS LB 173 116.77 -0.47 -49.56
CA LYS LB 173 118.08 -0.37 -50.19
C LYS LB 173 117.91 0.18 -51.60
N THR LB 174 118.54 1.32 -51.88
CA THR LB 174 118.68 1.80 -53.25
C THR LB 174 120.15 1.68 -53.65
N LYS LB 175 120.38 1.04 -54.81
CA LYS LB 175 121.68 0.52 -55.18
C LYS LB 175 122.14 1.12 -56.50
N LEU LB 176 123.43 0.97 -56.77
CA LEU LB 176 124.04 1.54 -57.96
C LEU LB 176 124.26 0.47 -59.01
N GLU LB 177 123.74 0.73 -60.21
CA GLU LB 177 123.86 -0.17 -61.35
C GLU LB 177 123.88 0.72 -62.59
N GLN LB 178 124.89 0.54 -63.45
CA GLN LB 178 125.04 1.43 -64.59
C GLN LB 178 123.95 1.23 -65.66
N LEU LB 179 123.90 0.07 -66.31
CA LEU LB 179 122.98 -0.22 -67.40
C LEU LB 179 122.94 -1.73 -67.60
N PRO LB 180 121.84 -2.26 -68.15
CA PRO LB 180 121.86 -3.63 -68.65
C PRO LB 180 122.68 -3.72 -69.93
N GLU LB 181 122.91 -4.96 -70.36
CA GLU LB 181 123.85 -5.19 -71.46
C GLU LB 181 123.16 -5.04 -72.82
N HIS LB 182 121.84 -4.96 -72.84
CA HIS LB 182 121.09 -4.81 -74.09
C HIS LB 182 120.59 -3.40 -74.33
N ILE LB 183 121.17 -2.38 -73.67
CA ILE LB 183 120.68 -1.01 -73.82
C ILE LB 183 121.80 -0.03 -74.17
N ARG LB 184 123.08 -0.42 -73.96
CA ARG LB 184 124.21 0.49 -73.74
C ARG LB 184 124.41 1.51 -74.85
N LYS LB 185 124.85 1.06 -76.02
CA LYS LB 185 124.61 1.72 -77.30
C LYS LB 185 124.27 0.78 -78.47
N PRO LB 186 123.35 -0.20 -78.39
CA PRO LB 186 122.74 -0.71 -79.62
C PRO LB 186 121.40 -0.05 -79.90
N ILE LB 187 121.01 -0.11 -81.17
CA ILE LB 187 119.66 0.21 -81.60
C ILE LB 187 119.18 -1.00 -82.41
N TRP LB 188 118.33 -1.82 -81.79
CA TRP LB 188 117.80 -3.08 -82.35
C TRP LB 188 118.90 -4.03 -82.84
N SER MB 60 69.52 76.85 19.25
CA SER MB 60 68.27 76.39 18.64
C SER MB 60 67.61 75.31 19.48
N SER MB 61 66.96 75.72 20.57
CA SER MB 61 66.30 74.79 21.48
C SER MB 61 64.93 74.44 20.89
N PHE MB 62 64.77 73.19 20.45
CA PHE MB 62 63.52 72.71 19.89
C PHE MB 62 62.90 71.70 20.82
N SER MB 63 61.61 71.84 21.08
CA SER MB 63 60.88 70.90 21.92
C SER MB 63 59.96 70.04 21.06
N ILE MB 64 59.97 68.73 21.34
CA ILE MB 64 59.11 67.77 20.65
C ILE MB 64 57.64 67.98 20.97
N TYR MB 65 57.32 68.29 22.22
CA TYR MB 65 55.98 68.39 22.78
C TYR MB 65 55.24 69.59 22.17
N PRO MB 66 53.91 69.50 22.02
CA PRO MB 66 53.20 70.50 21.22
C PRO MB 66 53.08 71.82 21.95
N PRO MB 67 52.83 72.92 21.21
CA PRO MB 67 52.56 74.22 21.86
C PRO MB 67 51.16 74.31 22.46
N ILE MB 68 51.07 73.96 23.75
CA ILE MB 68 49.90 73.97 24.64
C ILE MB 68 48.95 75.12 24.37
N PRO MB 69 47.64 74.88 24.22
CA PRO MB 69 46.69 76.00 24.01
C PRO MB 69 46.61 76.98 25.17
N GLY MB 70 46.78 76.49 26.40
CA GLY MB 70 46.77 77.39 27.55
C GLY MB 70 48.06 78.13 27.78
N GLN MB 71 49.15 77.70 27.16
CA GLN MB 71 50.43 78.36 27.32
C GLN MB 71 50.51 79.59 26.42
N GLU MB 72 51.46 80.47 26.73
CA GLU MB 72 51.74 81.64 25.92
C GLU MB 72 52.86 81.39 24.90
N ASN MB 73 53.00 80.16 24.42
CA ASN MB 73 54.04 79.84 23.45
C ASN MB 73 53.72 80.49 22.11
N SER MB 74 54.74 81.07 21.47
CA SER MB 74 54.56 81.85 20.27
C SER MB 74 55.19 81.11 19.08
N LEU MB 75 54.44 80.20 18.49
CA LEU MB 75 54.80 79.56 17.23
C LEU MB 75 53.63 79.67 16.27
N ARG MB 76 53.89 80.18 15.07
CA ARG MB 76 52.89 80.30 14.02
C ARG MB 76 53.38 79.59 12.76
N TRP MB 77 52.42 79.09 11.98
CA TRP MB 77 52.68 78.54 10.66
C TRP MB 77 51.74 79.24 9.68
N ALA MB 78 52.32 80.11 8.85
CA ALA MB 78 51.59 80.94 7.86
C ALA MB 78 50.51 81.79 8.53
N GLY MB 79 50.85 82.37 9.69
CA GLY MB 79 50.01 83.38 10.32
C GLY MB 79 48.98 82.88 11.30
N LYS MB 80 48.69 81.58 11.32
CA LYS MB 80 47.67 81.06 12.22
C LYS MB 80 48.30 80.33 13.41
N LYS MB 81 47.53 80.19 14.47
CA LYS MB 81 48.00 79.50 15.67
C LYS MB 81 48.00 77.99 15.45
N PHE MB 82 48.44 77.25 16.49
CA PHE MB 82 48.62 75.82 16.37
C PHE MB 82 47.30 75.07 16.22
N GLU MB 83 46.28 75.48 16.98
CA GLU MB 83 44.99 74.79 16.90
C GLU MB 83 44.14 75.30 15.76
N GLU MB 84 44.59 76.33 15.03
CA GLU MB 84 43.88 76.79 13.84
C GLU MB 84 44.21 75.97 12.60
N ILE MB 85 45.24 75.14 12.67
CA ILE MB 85 45.73 74.41 11.50
C ILE MB 85 44.85 73.17 11.27
N PRO MB 86 44.44 72.90 10.03
CA PRO MB 86 43.58 71.74 9.76
C PRO MB 86 44.26 70.39 10.04
N ILE MB 87 43.44 69.33 9.98
CA ILE MB 87 43.77 68.02 10.51
C ILE MB 87 43.65 66.98 9.41
N ALA MB 88 44.64 66.10 9.30
CA ALA MB 88 44.63 65.00 8.33
C ALA MB 88 44.48 63.68 9.09
N HIS MB 89 43.27 63.13 9.10
CA HIS MB 89 43.00 61.82 9.70
C HIS MB 89 43.38 60.74 8.70
N ILE MB 90 44.21 59.80 9.14
CA ILE MB 90 44.76 58.74 8.29
C ILE MB 90 44.36 57.43 8.94
N LYS MB 91 43.29 56.80 8.48
CA LYS MB 91 42.91 55.49 8.99
C LYS MB 91 43.62 54.45 8.14
N ALA MB 92 44.66 53.82 8.71
CA ALA MB 92 45.48 52.86 7.99
C ALA MB 92 45.13 51.46 8.48
N SER MB 93 44.32 50.75 7.71
CA SER MB 93 43.94 49.38 8.04
C SER MB 93 44.82 48.40 7.29
N TYR MB 94 44.56 47.11 7.53
CA TYR MB 94 45.37 46.07 6.91
C TYR MB 94 44.94 45.78 5.48
N ASN MB 95 43.80 46.32 5.06
CA ASN MB 95 43.31 46.12 3.70
C ASN MB 95 43.00 47.43 2.98
N ASN MB 96 42.98 48.55 3.68
CA ASN MB 96 42.59 49.82 3.07
C ASN MB 96 43.24 50.95 3.86
N THR MB 97 43.34 52.11 3.21
CA THR MB 97 43.85 53.32 3.84
C THR MB 97 42.96 54.50 3.41
N GLN MB 98 42.28 55.10 4.38
CA GLN MB 98 41.34 56.19 4.12
C GLN MB 98 41.90 57.48 4.69
N ILE MB 99 41.91 58.53 3.87
CA ILE MB 99 42.58 59.77 4.20
C ILE MB 99 41.55 60.89 4.13
N GLN MB 100 41.45 61.69 5.20
CA GLN MB 100 40.49 62.78 5.21
C GLN MB 100 41.12 64.02 5.84
N VAL MB 101 41.14 65.13 5.12
CA VAL MB 101 41.55 66.40 5.69
C VAL MB 101 40.30 67.21 6.04
N VAL MB 102 40.26 67.68 7.29
CA VAL MB 102 39.13 68.38 7.88
C VAL MB 102 39.65 69.68 8.47
N SER MB 103 38.75 70.62 8.68
CA SER MB 103 39.15 71.94 9.18
C SER MB 103 39.42 71.89 10.68
N ALA MB 104 39.89 73.03 11.20
CA ALA MB 104 40.11 73.18 12.64
C ALA MB 104 38.80 73.20 13.41
N ALA MB 105 37.71 73.63 12.79
CA ALA MB 105 36.37 73.51 13.35
C ALA MB 105 35.71 72.20 12.96
N HIS MB 106 36.50 71.22 12.52
CA HIS MB 106 36.08 69.86 12.15
C HIS MB 106 35.05 69.88 11.02
N GLN MB 107 35.28 70.76 10.05
CA GLN MB 107 34.54 70.78 8.80
C GLN MB 107 35.35 70.05 7.75
N PRO MB 108 34.81 69.01 7.10
CA PRO MB 108 35.63 68.19 6.19
C PRO MB 108 35.98 68.94 4.91
N LEU MB 109 37.28 69.15 4.70
CA LEU MB 109 37.79 69.81 3.50
C LEU MB 109 37.84 68.88 2.31
N ALA MB 110 38.52 67.74 2.43
CA ALA MB 110 38.61 66.80 1.32
C ALA MB 110 38.78 65.40 1.85
N HIS MB 111 38.48 64.42 0.99
CA HIS MB 111 38.53 63.02 1.36
C HIS MB 111 38.99 62.19 0.17
N ALA MB 112 39.78 61.16 0.45
CA ALA MB 112 40.23 60.22 -0.56
C ALA MB 112 40.48 58.88 0.10
N SER MB 113 40.54 57.83 -0.72
CA SER MB 113 40.91 56.51 -0.23
C SER MB 113 41.47 55.69 -1.38
N CYS MB 114 42.04 54.54 -1.02
CA CYS MB 114 42.67 53.66 -2.00
C CYS MB 114 41.65 53.08 -2.98
N GLY MB 115 40.41 52.89 -2.53
CA GLY MB 115 39.34 52.49 -3.43
C GLY MB 115 38.91 53.62 -4.35
N THR MB 116 38.99 54.86 -3.87
CA THR MB 116 38.66 56.00 -4.71
C THR MB 116 39.74 56.28 -5.75
N GLU MB 117 40.98 55.88 -5.49
CA GLU MB 117 42.06 56.05 -6.45
C GLU MB 117 42.10 54.97 -7.54
N GLY MB 118 41.02 54.24 -7.74
CA GLY MB 118 40.94 53.30 -8.85
C GLY MB 118 41.56 51.95 -8.61
N PHE MB 119 42.08 51.71 -7.41
CA PHE MB 119 42.60 50.41 -7.04
C PHE MB 119 41.46 49.48 -6.68
N ARG MB 120 41.77 48.18 -6.63
CA ARG MB 120 40.79 47.17 -6.24
C ARG MB 120 41.35 46.42 -5.04
N ASN MB 121 40.69 45.32 -4.68
CA ASN MB 121 40.74 44.69 -3.36
C ASN MB 121 42.12 44.33 -2.80
N ALA MB 122 42.90 43.50 -3.48
CA ALA MB 122 44.25 43.22 -2.99
C ALA MB 122 45.20 44.35 -3.38
N LYS MB 123 44.85 45.11 -4.42
CA LYS MB 123 45.69 46.21 -4.86
C LYS MB 123 45.64 47.38 -3.90
N LYS MB 124 44.50 47.58 -3.23
CA LYS MB 124 44.34 48.72 -2.34
C LYS MB 124 44.93 48.49 -0.95
N GLY MB 125 45.39 47.27 -0.66
CA GLY MB 125 46.02 47.00 0.62
C GLY MB 125 47.50 47.31 0.62
N THR MB 126 48.08 47.46 -0.56
CA THR MB 126 49.50 47.75 -0.68
C THR MB 126 49.79 49.22 -0.39
N GLY MB 127 51.08 49.55 -0.30
CA GLY MB 127 51.46 50.90 0.05
C GLY MB 127 51.36 51.90 -1.09
N ILE MB 128 51.46 51.42 -2.33
CA ILE MB 128 51.47 52.32 -3.49
C ILE MB 128 50.11 52.98 -3.67
N ALA MB 129 49.04 52.25 -3.35
CA ALA MB 129 47.70 52.82 -3.36
C ALA MB 129 47.55 53.90 -2.30
N ALA MB 130 48.15 53.70 -1.12
CA ALA MB 130 48.10 54.70 -0.06
C ALA MB 130 48.94 55.92 -0.43
N GLN MB 131 50.03 55.70 -1.17
CA GLN MB 131 50.85 56.81 -1.64
C GLN MB 131 50.10 57.66 -2.65
N THR MB 132 49.41 57.02 -3.60
CA THR MB 132 48.61 57.74 -4.58
C THR MB 132 47.43 58.45 -3.91
N ALA MB 133 46.86 57.82 -2.87
CA ALA MB 133 45.80 58.46 -2.10
C ALA MB 133 46.30 59.69 -1.37
N GLY MB 134 47.51 59.64 -0.81
CA GLY MB 134 48.08 60.81 -0.16
C GLY MB 134 48.37 61.94 -1.14
N ILE MB 135 48.88 61.59 -2.33
CA ILE MB 135 49.14 62.60 -3.36
C ILE MB 135 47.84 63.26 -3.82
N ALA MB 136 46.80 62.46 -4.05
CA ALA MB 136 45.53 63.01 -4.53
C ALA MB 136 44.83 63.82 -3.45
N ALA MB 137 44.89 63.36 -2.19
CA ALA MB 137 44.26 64.09 -1.10
C ALA MB 137 44.99 65.41 -0.83
N ALA MB 138 46.32 65.42 -0.93
CA ALA MB 138 47.06 66.67 -0.81
C ALA MB 138 46.79 67.61 -1.98
N ALA MB 139 46.54 67.05 -3.17
CA ALA MB 139 46.16 67.89 -4.31
C ALA MB 139 44.80 68.54 -4.10
N LYS MB 140 43.83 67.78 -3.59
CA LYS MB 140 42.51 68.36 -3.31
C LYS MB 140 42.55 69.32 -2.11
N ALA MB 141 43.50 69.12 -1.19
CA ALA MB 141 43.66 70.06 -0.08
C ALA MB 141 44.30 71.36 -0.56
N THR MB 142 45.27 71.26 -1.48
CA THR MB 142 45.89 72.44 -2.06
C THR MB 142 44.90 73.20 -2.94
N GLY MB 143 43.98 72.49 -3.60
CA GLY MB 143 42.94 73.14 -4.37
C GLY MB 143 42.00 73.99 -3.53
N LYS MB 144 41.71 73.54 -2.30
CA LYS MB 144 40.96 74.36 -1.35
C LYS MB 144 41.85 75.34 -0.60
N GLY MB 145 43.16 75.22 -0.73
CA GLY MB 145 44.05 76.27 -0.24
C GLY MB 145 44.48 76.17 1.20
N VAL MB 146 45.15 75.08 1.56
CA VAL MB 146 45.75 74.91 2.87
C VAL MB 146 47.23 74.58 2.68
N THR MB 147 48.08 75.14 3.53
CA THR MB 147 49.52 74.94 3.40
C THR MB 147 50.05 73.93 4.41
N HIS MB 148 49.75 74.13 5.69
CA HIS MB 148 50.20 73.25 6.75
C HIS MB 148 49.04 72.42 7.26
N VAL MB 149 49.36 71.24 7.78
CA VAL MB 149 48.34 70.33 8.32
C VAL MB 149 48.98 69.53 9.46
N ARG MB 150 48.17 69.25 10.49
CA ARG MB 150 48.58 68.36 11.56
C ARG MB 150 47.98 66.99 11.28
N VAL MB 151 48.81 65.96 11.20
CA VAL MB 151 48.40 64.66 10.71
C VAL MB 151 48.27 63.71 11.90
N VAL MB 152 47.21 62.92 11.90
CA VAL MB 152 46.90 61.95 12.96
C VAL MB 152 46.65 60.62 12.28
N VAL MB 153 47.21 59.55 12.85
CA VAL MB 153 47.20 58.22 12.25
C VAL MB 153 46.45 57.28 13.17
N LYS MB 154 45.46 56.59 12.63
CA LYS MB 154 44.63 55.63 13.36
C LYS MB 154 44.89 54.23 12.82
N GLY MB 155 45.33 53.34 13.69
CA GLY MB 155 45.56 51.97 13.28
C GLY MB 155 46.93 51.77 12.65
N LEU MB 156 47.41 50.54 12.73
CA LEU MB 156 48.70 50.17 12.18
C LEU MB 156 48.44 49.41 10.88
N GLY MB 157 49.07 49.85 9.80
CA GLY MB 157 48.90 49.21 8.52
C GLY MB 157 50.16 49.33 7.68
N PRO MB 158 50.17 48.67 6.52
CA PRO MB 158 51.33 48.77 5.62
C PRO MB 158 51.43 50.11 4.91
N GLY MB 159 50.38 50.92 4.92
CA GLY MB 159 50.38 52.17 4.20
C GLY MB 159 50.62 53.42 5.04
N ARG MB 160 51.22 53.26 6.22
CA ARG MB 160 51.45 54.37 7.13
C ARG MB 160 52.53 55.31 6.60
N LEU MB 161 53.75 54.77 6.40
CA LEU MB 161 54.85 55.49 5.74
C LEU MB 161 54.43 56.07 4.39
N SER MB 162 53.72 55.26 3.60
CA SER MB 162 53.34 55.67 2.26
C SER MB 162 52.33 56.81 2.28
N ALA MB 163 51.37 56.77 3.22
CA ALA MB 163 50.40 57.85 3.36
C ALA MB 163 51.05 59.14 3.82
N ILE MB 164 51.98 59.08 4.79
CA ILE MB 164 52.66 60.28 5.25
C ILE MB 164 53.52 60.89 4.15
N LYS MB 165 54.29 60.05 3.44
CA LYS MB 165 55.12 60.63 2.39
C LYS MB 165 54.32 61.02 1.14
N GLY MB 166 53.15 60.41 0.92
CA GLY MB 166 52.26 60.89 -0.13
C GLY MB 166 51.68 62.25 0.19
N LEU MB 167 51.28 62.46 1.45
CA LEU MB 167 50.85 63.79 1.87
C LEU MB 167 51.98 64.81 1.80
N THR MB 168 53.22 64.35 2.01
CA THR MB 168 54.37 65.24 1.84
C THR MB 168 54.57 65.60 0.36
N MET MB 169 54.55 64.60 -0.52
CA MET MB 169 54.92 64.84 -1.92
C MET MB 169 53.76 65.40 -2.74
N GLY MB 170 52.55 65.40 -2.21
CA GLY MB 170 51.42 65.89 -2.98
C GLY MB 170 51.21 67.40 -2.92
N GLY MB 171 52.18 68.12 -2.37
CA GLY MB 171 52.08 69.56 -2.28
C GLY MB 171 51.41 70.00 -1.00
N LEU MB 172 51.77 69.37 0.12
CA LEU MB 172 51.23 69.73 1.42
C LEU MB 172 52.35 69.61 2.44
N GLU MB 173 52.26 70.42 3.49
CA GLU MB 173 53.28 70.47 4.53
C GLU MB 173 52.69 69.96 5.84
N VAL MB 174 53.45 69.14 6.55
CA VAL MB 174 53.05 68.62 7.85
C VAL MB 174 53.99 69.17 8.91
N ILE MB 175 53.46 69.40 10.12
CA ILE MB 175 54.26 69.97 11.19
C ILE MB 175 54.26 69.05 12.41
N SER MB 176 53.25 68.19 12.53
CA SER MB 176 53.08 67.35 13.70
C SER MB 176 52.33 66.09 13.31
N ILE MB 177 52.75 64.95 13.89
CA ILE MB 177 52.10 63.67 13.67
C ILE MB 177 51.71 63.09 15.03
N THR MB 178 50.45 62.70 15.15
CA THR MB 178 49.89 62.12 16.36
C THR MB 178 49.37 60.73 16.06
N ASP MB 179 49.84 59.74 16.80
CA ASP MB 179 49.37 58.36 16.62
C ASP MB 179 48.21 58.13 17.59
N ASN MB 180 47.00 58.19 17.07
CA ASN MB 180 45.80 57.92 17.88
C ASN MB 180 45.24 56.60 17.39
N THR MB 181 45.79 55.50 17.90
CA THR MB 181 45.40 54.15 17.56
C THR MB 181 44.47 53.64 18.65
N PRO MB 182 43.36 52.98 18.31
CA PRO MB 182 42.45 52.49 19.34
C PRO MB 182 43.08 51.37 20.15
N ILE MB 183 43.47 51.68 21.38
CA ILE MB 183 44.03 50.70 22.30
C ILE MB 183 43.03 50.44 23.43
N PRO MB 184 42.37 49.29 23.42
CA PRO MB 184 41.43 48.98 24.50
C PRO MB 184 42.18 48.56 25.75
N HIS MB 185 41.69 49.03 26.90
CA HIS MB 185 42.15 48.55 28.19
C HIS MB 185 41.44 47.27 28.61
N ASN MB 186 41.60 46.20 27.82
CA ASN MB 186 40.81 44.97 27.85
C ASN MB 186 39.32 45.28 27.78
N GLY MB 187 38.88 45.88 26.67
CA GLY MB 187 37.48 46.24 26.51
C GLY MB 187 36.69 45.20 25.75
N CYS MB 188 36.32 45.50 24.50
CA CYS MB 188 35.61 44.53 23.68
C CYS MB 188 36.52 43.37 23.30
N ARG MB 189 35.95 42.17 23.29
CA ARG MB 189 36.71 40.98 22.94
C ARG MB 189 36.87 40.91 21.42
N PRO MB 190 38.08 40.77 20.91
CA PRO MB 190 38.28 40.65 19.47
C PRO MB 190 37.93 39.25 18.97
N ARG MB 191 38.07 39.07 17.65
CA ARG MB 191 37.71 37.81 17.04
C ARG MB 191 38.77 36.74 17.34
N LYS MB 192 38.41 35.49 17.06
CA LYS MB 192 39.29 34.37 17.36
C LYS MB 192 40.46 34.31 16.37
N ALA MB 193 41.49 33.56 16.76
CA ALA MB 193 42.70 33.45 15.96
C ALA MB 193 42.51 32.47 14.80
N ARG MB 194 43.30 32.67 13.75
CA ARG MB 194 43.25 31.80 12.58
C ARG MB 194 44.07 30.54 12.83
N ARG MB 195 43.91 29.57 11.91
CA ARG MB 195 44.62 28.29 11.87
C ARG MB 195 44.38 27.50 13.17
N LEU MB 196 43.12 27.11 13.34
CA LEU MB 196 42.67 26.36 14.51
C LEU MB 196 43.34 25.00 14.65
N ALA NB 31 52.38 0.42 51.62
CA ALA NB 31 51.54 -0.42 52.47
C ALA NB 31 52.21 -0.64 53.81
N THR NB 32 51.85 0.20 54.79
CA THR NB 32 52.46 0.12 56.10
C THR NB 32 51.85 -1.04 56.91
N LEU NB 33 52.34 -1.18 58.14
CA LEU NB 33 52.01 -2.34 58.97
C LEU NB 33 50.54 -2.36 59.35
N ASN NB 34 49.94 -1.18 59.60
CA ASN NB 34 48.52 -1.09 59.90
C ASN NB 34 47.67 -1.52 58.72
N GLN NB 35 48.06 -1.12 57.50
CA GLN NB 35 47.30 -1.49 56.32
C GLN NB 35 47.45 -2.98 56.01
N MET NB 36 48.64 -3.55 56.23
CA MET NB 36 48.82 -4.98 56.03
C MET NB 36 48.07 -5.79 57.08
N HIS NB 37 47.97 -5.28 58.31
CA HIS NB 37 47.16 -5.94 59.33
C HIS NB 37 45.67 -5.86 58.98
N ARG NB 38 45.24 -4.72 58.44
CA ARG NB 38 43.84 -4.56 58.06
C ARG NB 38 43.46 -5.45 56.87
N LEU NB 39 44.37 -5.59 55.90
CA LEU NB 39 44.08 -6.34 54.69
C LEU NB 39 44.47 -7.82 54.78
N GLY NB 40 45.20 -8.23 55.81
CA GLY NB 40 45.60 -9.60 55.96
C GLY NB 40 46.75 -9.99 55.05
N PRO NB 41 47.27 -11.21 55.22
CA PRO NB 41 48.31 -11.69 54.30
C PRO NB 41 47.72 -12.00 52.94
N PRO NB 42 48.50 -11.88 51.87
CA PRO NB 42 48.00 -12.23 50.55
C PRO NB 42 47.86 -13.74 50.38
N LYS NB 43 46.68 -14.16 49.92
CA LYS NB 43 46.38 -15.58 49.71
C LYS NB 43 46.15 -15.81 48.23
N HIS NB 44 46.63 -16.95 47.72
CA HIS NB 44 46.53 -17.24 46.30
C HIS NB 44 45.08 -17.56 45.91
N PRO NB 45 44.62 -17.11 44.76
CA PRO NB 45 43.26 -17.41 44.33
C PRO NB 45 43.13 -18.87 43.91
N PRO NB 46 41.94 -19.44 44.01
CA PRO NB 46 41.75 -20.81 43.51
C PRO NB 46 41.81 -20.85 41.99
N GLY NB 47 42.25 -21.99 41.47
CA GLY NB 47 42.39 -22.18 40.04
C GLY NB 47 41.07 -22.21 39.30
N LYS NB 48 40.98 -21.46 38.21
CA LYS NB 48 39.79 -21.46 37.37
C LYS NB 48 39.67 -22.80 36.66
N MET NB 49 38.46 -23.37 36.66
CA MET NB 49 38.24 -24.64 36.00
C MET NB 49 38.35 -24.50 34.50
N GLY NB 50 38.86 -25.54 33.85
CA GLY NB 50 39.13 -25.50 32.43
C GLY NB 50 37.91 -25.84 31.61
N PRO NB 51 38.13 -26.17 30.33
CA PRO NB 51 37.00 -26.56 29.47
C PRO NB 51 36.40 -27.91 29.81
N THR NB 52 37.14 -28.76 30.54
CA THR NB 52 36.64 -30.05 30.97
C THR NB 52 36.08 -30.02 32.39
N ALA NB 53 35.93 -28.82 32.98
CA ALA NB 53 35.32 -28.58 34.29
C ALA NB 53 36.03 -29.33 35.43
N GLY NB 54 37.35 -29.44 35.34
CA GLY NB 54 38.14 -30.05 36.38
C GLY NB 54 38.37 -31.54 36.24
N ARG NB 55 37.57 -32.22 35.42
CA ARG NB 55 37.81 -33.62 35.18
C ARG NB 55 38.89 -33.81 34.13
N PRO NB 56 39.69 -34.87 34.23
CA PRO NB 56 40.81 -35.02 33.29
C PRO NB 56 40.39 -35.43 31.87
N GLN NB 57 39.51 -36.42 31.72
CA GLN NB 57 38.93 -36.71 30.40
C GLN NB 57 37.42 -36.61 30.47
N LEU NB 58 36.79 -36.60 29.30
CA LEU NB 58 35.35 -36.53 29.18
C LEU NB 58 34.90 -37.39 28.01
N LYS NB 59 33.77 -38.06 28.20
CA LYS NB 59 33.17 -38.86 27.14
C LYS NB 59 32.15 -38.01 26.38
N GLY NB 60 32.21 -38.06 25.05
CA GLY NB 60 31.31 -37.26 24.25
C GLY NB 60 30.82 -38.02 23.03
N VAL NB 61 29.75 -37.50 22.45
CA VAL NB 61 29.20 -38.04 21.20
C VAL NB 61 29.29 -36.96 20.14
N VAL NB 62 29.74 -37.35 18.96
CA VAL NB 62 30.05 -36.40 17.88
C VAL NB 62 28.76 -35.94 17.25
N LEU NB 63 28.56 -34.61 17.21
CA LEU NB 63 27.40 -34.05 16.53
C LEU NB 63 27.74 -33.65 15.09
N ARG NB 64 28.98 -33.21 14.87
CA ARG NB 64 29.37 -32.72 13.54
C ARG NB 64 30.88 -32.84 13.43
N THR NB 65 31.36 -32.93 12.19
CA THR NB 65 32.80 -32.83 11.91
C THR NB 65 33.02 -31.83 10.79
N PHE NB 66 34.17 -31.16 10.82
CA PHE NB 66 34.48 -30.08 9.88
C PHE NB 66 35.98 -29.82 9.91
N ILE NB 67 36.39 -28.75 9.23
CA ILE NB 67 37.77 -28.27 9.23
C ILE NB 67 37.78 -26.82 9.68
N ARG NB 68 38.91 -26.39 10.22
CA ARG NB 68 39.01 -25.06 10.80
C ARG NB 68 40.34 -24.42 10.43
N LYS NB 69 40.32 -23.11 10.22
CA LYS NB 69 41.48 -22.35 9.78
C LYS NB 69 42.34 -21.92 10.98
N PRO NB 70 43.66 -21.79 10.80
CA PRO NB 70 44.52 -21.28 11.87
C PRO NB 70 44.70 -19.77 11.86
N LYS NB 71 45.58 -19.28 12.73
CA LYS NB 71 45.81 -17.86 12.94
C LYS NB 71 46.81 -17.31 11.92
N LYS NB 72 47.34 -16.12 12.23
CA LYS NB 72 48.30 -15.39 11.38
C LYS NB 72 49.54 -16.17 10.92
N PRO NB 73 50.35 -16.82 11.78
CA PRO NB 73 51.70 -17.21 11.29
C PRO NB 73 51.71 -18.40 10.35
N ASN NB 74 50.66 -19.22 10.35
CA ASN NB 74 50.64 -20.44 9.56
C ASN NB 74 49.25 -20.66 8.98
N SER NB 75 49.20 -21.40 7.87
CA SER NB 75 47.97 -21.63 7.14
C SER NB 75 47.77 -23.12 6.90
N ALA NB 76 46.58 -23.61 7.24
CA ALA NB 76 46.21 -25.02 7.10
C ALA NB 76 44.69 -25.10 7.14
N ASN NB 77 44.18 -26.32 7.29
CA ASN NB 77 42.79 -26.57 7.63
C ASN NB 77 42.66 -27.86 8.44
N ARG NB 78 42.63 -27.71 9.76
CA ARG NB 78 42.75 -28.84 10.66
C ARG NB 78 41.41 -29.49 10.94
N LYS NB 79 41.45 -30.80 11.22
CA LYS NB 79 40.24 -31.61 11.39
C LYS NB 79 39.68 -31.42 12.79
N CYS NB 80 38.46 -30.88 12.87
CA CYS NB 80 37.82 -30.62 14.14
C CYS NB 80 36.42 -31.20 14.13
N CYS NB 81 35.81 -31.24 15.31
CA CYS NB 81 34.49 -31.82 15.49
C CYS NB 81 33.75 -31.06 16.56
N ARG NB 82 32.42 -31.04 16.43
CA ARG NB 82 31.54 -30.46 17.42
C ARG NB 82 30.85 -31.62 18.11
N VAL NB 83 31.04 -31.71 19.43
CA VAL NB 83 30.66 -32.89 20.20
C VAL NB 83 29.71 -32.48 21.32
N ARG NB 84 28.76 -33.37 21.62
CA ARG NB 84 27.94 -33.25 22.81
C ARG NB 84 28.54 -34.11 23.92
N LEU NB 85 28.96 -33.46 24.99
CA LEU NB 85 29.69 -34.11 26.07
C LEU NB 85 28.74 -34.76 27.05
N SER NB 86 29.30 -35.58 27.95
CA SER NB 86 28.49 -36.25 28.95
C SER NB 86 27.99 -35.30 30.03
N THR NB 87 28.64 -34.15 30.19
CA THR NB 87 28.17 -33.14 31.14
C THR NB 87 27.10 -32.24 30.55
N GLY NB 88 26.74 -32.43 29.28
CA GLY NB 88 25.64 -31.73 28.66
C GLY NB 88 26.05 -30.54 27.81
N ARG NB 89 27.28 -30.07 27.93
CA ARG NB 89 27.71 -28.90 27.16
C ARG NB 89 28.32 -29.34 25.84
N GLU NB 90 28.06 -28.53 24.80
CA GLU NB 90 28.48 -28.83 23.44
C GLU NB 90 29.76 -28.05 23.14
N ALA NB 91 30.76 -28.75 22.63
CA ALA NB 91 32.12 -28.22 22.57
C ALA NB 91 32.74 -28.46 21.21
N VAL NB 92 33.82 -27.72 20.95
CA VAL NB 92 34.62 -27.88 19.74
C VAL NB 92 35.93 -28.55 20.12
N CYS NB 93 36.26 -29.64 19.44
CA CYS NB 93 37.44 -30.43 19.74
C CYS NB 93 38.24 -30.68 18.47
N PHE NB 94 39.53 -30.97 18.64
CA PHE NB 94 40.44 -31.18 17.52
C PHE NB 94 40.91 -32.62 17.49
N ILE NB 95 40.96 -33.20 16.30
CA ILE NB 95 41.39 -34.59 16.12
C ILE NB 95 42.86 -34.57 15.74
N PRO NB 96 43.75 -35.11 16.58
CA PRO NB 96 45.17 -35.15 16.23
C PRO NB 96 45.48 -36.27 15.26
N GLY NB 97 46.75 -36.35 14.87
CA GLY NB 97 47.20 -37.38 13.96
C GLY NB 97 46.80 -37.09 12.53
N GLU NB 98 47.12 -38.05 11.67
CA GLU NB 98 46.79 -37.96 10.24
C GLU NB 98 45.80 -39.06 9.89
N GLY NB 99 44.68 -38.67 9.31
CA GLY NB 99 43.65 -39.62 8.91
C GLY NB 99 42.80 -40.08 10.07
N HIS NB 100 41.49 -40.14 9.81
CA HIS NB 100 40.52 -40.61 10.79
C HIS NB 100 39.28 -41.07 10.04
N SER NB 101 38.52 -41.95 10.69
CA SER NB 101 37.24 -42.42 10.17
C SER NB 101 36.19 -42.14 11.24
N LEU NB 102 35.66 -40.92 11.26
CA LEU NB 102 34.68 -40.52 12.25
C LEU NB 102 33.46 -39.95 11.55
N GLN NB 103 32.28 -40.44 11.91
CA GLN NB 103 31.02 -39.84 11.50
C GLN NB 103 30.16 -39.58 12.73
N GLU NB 104 28.94 -39.15 12.49
CA GLU NB 104 28.08 -38.66 13.57
C GLU NB 104 27.41 -39.85 14.26
N HIS NB 105 27.04 -39.65 15.52
CA HIS NB 105 26.74 -40.66 16.55
C HIS NB 105 27.92 -41.57 16.89
N HIS NB 106 29.16 -41.09 16.79
CA HIS NB 106 30.28 -41.84 17.32
C HIS NB 106 30.66 -41.32 18.70
N VAL NB 107 31.04 -42.24 19.59
CA VAL NB 107 31.46 -41.88 20.93
C VAL NB 107 32.99 -41.76 20.95
N VAL NB 108 33.48 -40.67 21.55
CA VAL NB 108 34.91 -40.37 21.63
C VAL NB 108 35.25 -39.99 23.06
N LEU NB 109 36.55 -40.05 23.37
CA LEU NB 109 37.09 -39.60 24.64
C LEU NB 109 38.00 -38.41 24.38
N VAL NB 110 37.77 -37.31 25.11
CA VAL NB 110 38.48 -36.07 24.89
C VAL NB 110 39.22 -35.68 26.16
N GLN NB 111 40.31 -34.95 25.99
CA GLN NB 111 41.17 -34.50 27.07
C GLN NB 111 41.51 -33.03 26.87
N GLY NB 112 42.01 -32.42 27.94
CA GLY NB 112 42.12 -30.96 28.01
C GLY NB 112 43.36 -30.34 27.41
N GLY NB 113 43.95 -30.98 26.40
CA GLY NB 113 45.03 -30.33 25.66
C GLY NB 113 44.47 -29.23 24.78
N ARG NB 114 45.18 -28.11 24.69
CA ARG NB 114 44.74 -26.98 23.90
C ARG NB 114 45.53 -26.93 22.60
N THR NB 115 44.86 -26.49 21.52
CA THR NB 115 45.54 -26.31 20.25
C THR NB 115 46.02 -24.87 20.12
N GLN NB 116 47.31 -24.70 19.81
CA GLN NB 116 47.92 -23.37 19.84
C GLN NB 116 47.51 -22.54 18.64
N ASP NB 117 47.39 -23.17 17.46
CA ASP NB 117 47.13 -22.41 16.24
C ASP NB 117 45.68 -21.94 16.18
N LEU NB 118 44.76 -22.74 16.71
CA LEU NB 118 43.34 -22.48 16.53
C LEU NB 118 42.75 -21.81 17.76
N PRO NB 119 42.20 -20.61 17.64
CA PRO NB 119 41.50 -20.00 18.79
C PRO NB 119 40.16 -20.67 19.02
N GLY NB 120 39.80 -20.84 20.29
CA GLY NB 120 38.53 -21.41 20.67
C GLY NB 120 38.53 -22.92 20.79
N VAL NB 121 39.62 -23.59 20.41
CA VAL NB 121 39.73 -25.04 20.49
C VAL NB 121 40.62 -25.37 21.68
N LYS NB 122 40.04 -26.02 22.69
CA LYS NB 122 40.75 -26.33 23.92
C LYS NB 122 40.68 -27.81 24.29
N LEU NB 123 40.28 -28.67 23.36
CA LEU NB 123 40.13 -30.09 23.61
C LEU NB 123 40.80 -30.90 22.51
N THR NB 124 41.38 -32.04 22.87
CA THR NB 124 41.91 -32.98 21.88
C THR NB 124 41.31 -34.36 22.12
N VAL NB 125 40.89 -35.02 21.05
CA VAL NB 125 40.44 -36.41 21.13
C VAL NB 125 41.66 -37.31 21.38
N VAL NB 126 41.58 -38.14 22.41
CA VAL NB 126 42.65 -39.10 22.64
C VAL NB 126 42.47 -40.26 21.65
N ARG NB 127 43.58 -40.68 21.03
CA ARG NB 127 43.52 -41.69 19.99
C ARG NB 127 43.64 -43.08 20.61
N GLY NB 128 42.84 -44.01 20.10
CA GLY NB 128 42.87 -45.39 20.57
C GLY NB 128 41.78 -45.77 21.54
N LYS NB 129 40.71 -44.99 21.64
CA LYS NB 129 39.61 -45.28 22.56
C LYS NB 129 38.28 -45.16 21.83
N TYR NB 130 37.38 -46.08 22.16
CA TYR NB 130 36.00 -46.14 21.66
C TYR NB 130 35.93 -46.25 20.14
N ASP NB 131 35.26 -45.29 19.49
CA ASP NB 131 35.04 -45.36 18.05
C ASP NB 131 36.18 -44.78 17.24
N CYS NB 132 37.23 -44.27 17.87
CA CYS NB 132 38.42 -43.79 17.17
C CYS NB 132 39.60 -44.65 17.57
N GLY NB 133 40.48 -44.93 16.61
CA GLY NB 133 41.65 -45.75 16.84
C GLY NB 133 42.94 -44.94 16.74
N HIS NB 134 44.05 -45.68 16.71
CA HIS NB 134 45.34 -45.06 16.52
C HIS NB 134 45.56 -44.71 15.05
N VAL NB 135 46.66 -44.02 14.77
CA VAL NB 135 46.98 -43.63 13.41
C VAL NB 135 47.38 -44.86 12.61
N GLN NB 136 46.97 -44.90 11.35
CA GLN NB 136 47.24 -46.06 10.51
C GLN NB 136 48.56 -45.87 9.78
N LYS NB 137 49.43 -46.88 9.88
CA LYS NB 137 50.65 -46.88 9.09
C LYS NB 137 50.32 -47.06 7.61
N LYS NB 138 51.10 -46.42 6.75
CA LYS NB 138 50.83 -46.48 5.32
C LYS NB 138 51.13 -47.86 4.75
N LYS NB 139 50.21 -48.37 3.94
CA LYS NB 139 50.31 -49.72 3.40
C LYS NB 139 49.87 -49.76 1.94
N TYR OB 28 88.55 -31.45 -28.82
CA TYR OB 28 87.22 -30.84 -28.86
C TYR OB 28 87.31 -29.35 -29.14
N TYR OB 29 86.49 -28.88 -30.07
CA TYR OB 29 86.17 -27.45 -30.13
C TYR OB 29 85.10 -27.16 -29.10
N VAL OB 30 84.98 -25.88 -28.74
CA VAL OB 30 84.14 -25.51 -27.60
C VAL OB 30 82.65 -25.66 -27.94
N ASP OB 31 82.30 -25.62 -29.22
CA ASP OB 31 80.89 -25.59 -29.58
C ASP OB 31 80.71 -26.28 -30.93
N TRP OB 32 79.49 -26.82 -31.11
CA TRP OB 32 79.14 -27.50 -32.36
C TRP OB 32 79.09 -26.52 -33.52
N LYS OB 33 78.75 -25.25 -33.24
CA LYS OB 33 78.80 -24.22 -34.27
C LYS OB 33 80.23 -23.99 -34.73
N MET OB 34 81.19 -24.00 -33.80
CA MET OB 34 82.60 -23.92 -34.15
C MET OB 34 83.03 -25.12 -34.98
N LEU OB 35 82.56 -26.32 -34.62
CA LEU OB 35 82.89 -27.52 -35.39
C LEU OB 35 82.34 -27.45 -36.81
N ARG OB 36 81.10 -26.98 -36.95
CA ARG OB 36 80.48 -26.84 -38.27
C ARG OB 36 81.19 -25.77 -39.09
N ASP OB 37 81.71 -24.72 -38.43
CA ASP OB 37 82.43 -23.70 -39.18
C ASP OB 37 83.80 -24.20 -39.64
N VAL OB 38 84.43 -25.08 -38.83
CA VAL OB 38 85.68 -25.74 -39.26
C VAL OB 38 85.43 -26.61 -40.49
N LYS OB 39 84.36 -27.41 -40.45
CA LYS OB 39 84.01 -28.24 -41.61
C LYS OB 39 83.66 -27.39 -42.83
N ARG OB 40 82.97 -26.26 -42.62
CA ARG OB 40 82.60 -25.37 -43.71
C ARG OB 40 83.83 -24.73 -44.35
N ARG OB 41 84.81 -24.33 -43.53
CA ARG OB 41 86.08 -23.84 -44.05
C ARG OB 41 86.83 -24.93 -44.80
N LYS OB 42 86.70 -26.18 -44.35
CA LYS OB 42 87.39 -27.29 -44.99
C LYS OB 42 86.83 -27.56 -46.39
N MET OB 43 85.50 -27.63 -46.52
CA MET OB 43 84.92 -27.80 -47.86
C MET OB 43 85.12 -26.55 -48.72
N ALA OB 44 85.19 -25.37 -48.10
CA ALA OB 44 85.52 -24.16 -48.85
C ALA OB 44 86.91 -24.20 -49.46
N TYR OB 45 87.92 -24.67 -48.70
CA TYR OB 45 89.26 -24.79 -49.25
C TYR OB 45 89.31 -25.93 -50.27
N GLU OB 46 88.54 -26.99 -50.05
CA GLU OB 46 88.58 -28.14 -50.97
C GLU OB 46 87.95 -27.79 -52.32
N TYR OB 47 86.90 -26.98 -52.32
CA TYR OB 47 86.23 -26.62 -53.56
C TYR OB 47 86.51 -25.19 -54.01
N ALA OB 48 87.51 -24.52 -53.43
CA ALA OB 48 87.74 -23.10 -53.69
C ALA OB 48 88.16 -22.81 -55.13
N ASP OB 49 88.90 -23.75 -55.74
CA ASP OB 49 89.39 -23.52 -57.10
C ASP OB 49 88.27 -23.67 -58.13
N GLU OB 50 87.37 -24.64 -57.93
CA GLU OB 50 86.31 -24.90 -58.89
C GLU OB 50 85.28 -23.78 -58.91
N ARG OB 51 85.01 -23.18 -57.75
CA ARG OB 51 84.13 -22.02 -57.68
C ARG OB 51 84.73 -20.84 -58.44
N LEU OB 52 86.04 -20.65 -58.33
CA LEU OB 52 86.75 -19.61 -59.09
C LEU OB 52 86.63 -19.87 -60.59
N ARG OB 53 86.84 -21.12 -61.00
CA ARG OB 53 86.82 -21.46 -62.42
C ARG OB 53 85.43 -21.30 -63.03
N ILE OB 54 84.38 -21.70 -62.30
CA ILE OB 54 83.02 -21.59 -62.83
C ILE OB 54 82.56 -20.14 -62.79
N ASN OB 55 82.87 -19.41 -61.71
CA ASN OB 55 82.45 -18.02 -61.61
C ASN OB 55 83.18 -17.12 -62.60
N SER OB 56 84.36 -17.52 -63.06
CA SER OB 56 85.02 -16.83 -64.16
C SER OB 56 84.19 -16.90 -65.44
N LEU OB 57 83.61 -18.06 -65.72
CA LEU OB 57 82.71 -18.19 -66.86
C LEU OB 57 81.41 -17.43 -66.63
N ARG OB 58 80.97 -17.38 -65.37
CA ARG OB 58 79.70 -16.73 -65.05
C ARG OB 58 79.77 -15.21 -65.20
N LYS OB 59 80.80 -14.58 -64.65
CA LYS OB 59 80.83 -13.13 -64.49
C LYS OB 59 81.36 -12.40 -65.73
N ASN OB 60 81.32 -13.02 -66.90
CA ASN OB 60 81.82 -12.40 -68.12
C ASN OB 60 80.73 -12.40 -69.17
N THR OB 61 80.49 -11.23 -69.77
CA THR OB 61 79.38 -11.07 -70.71
C THR OB 61 79.77 -11.38 -72.15
N ILE OB 62 81.05 -11.62 -72.41
CA ILE OB 62 81.46 -12.00 -73.75
C ILE OB 62 81.03 -13.42 -74.07
N LEU OB 63 80.85 -14.25 -73.05
CA LEU OB 63 80.49 -15.64 -73.21
C LEU OB 63 79.02 -15.76 -73.64
N PRO OB 64 78.67 -16.79 -74.41
CA PRO OB 64 77.28 -16.98 -74.82
C PRO OB 64 76.37 -17.32 -73.65
N LYS OB 65 75.14 -16.81 -73.73
CA LYS OB 65 74.15 -17.02 -72.67
C LYS OB 65 73.74 -18.48 -72.54
N ASP OB 66 73.77 -19.22 -73.66
CA ASP OB 66 73.52 -20.66 -73.61
C ASP OB 66 74.57 -21.38 -72.78
N LEU OB 67 75.81 -20.89 -72.81
CA LEU OB 67 76.84 -21.45 -71.95
C LEU OB 67 76.69 -20.94 -70.52
N GLN OB 68 76.25 -19.69 -70.36
CA GLN OB 68 76.16 -19.09 -69.02
C GLN OB 68 75.06 -19.71 -68.16
N GLU OB 69 73.90 -20.05 -68.75
CA GLU OB 69 72.87 -20.73 -67.96
C GLU OB 69 73.31 -22.13 -67.53
N VAL OB 70 74.09 -22.81 -68.38
CA VAL OB 70 74.68 -24.09 -67.98
C VAL OB 70 75.67 -23.88 -66.84
N ALA OB 71 76.49 -22.83 -66.92
CA ALA OB 71 77.46 -22.54 -65.87
C ALA OB 71 76.76 -22.22 -64.55
N ASP OB 72 75.60 -21.57 -64.61
CA ASP OB 72 74.75 -21.43 -63.43
C ASP OB 72 74.24 -22.78 -62.94
N GLU OB 73 74.02 -23.73 -63.86
CA GLU OB 73 73.54 -25.05 -63.42
C GLU OB 73 74.62 -25.82 -62.65
N GLU OB 74 75.87 -25.83 -63.14
CA GLU OB 74 76.89 -26.52 -62.31
C GLU OB 74 77.36 -25.67 -61.14
N ILE OB 75 77.05 -24.37 -61.11
CA ILE OB 75 77.42 -23.68 -59.86
C ILE OB 75 76.32 -23.92 -58.82
N ALA OB 76 75.08 -24.21 -59.26
CA ALA OB 76 74.02 -24.55 -58.33
C ALA OB 76 74.03 -26.01 -57.91
N SER OB 77 74.64 -26.89 -58.70
CA SER OB 77 74.74 -28.30 -58.31
C SER OB 77 75.90 -28.59 -57.37
N LEU OB 78 76.69 -27.58 -57.01
CA LEU OB 78 77.78 -27.76 -56.06
C LEU OB 78 77.24 -27.99 -54.66
N PRO OB 79 78.02 -28.60 -53.76
CA PRO OB 79 77.61 -28.71 -52.36
C PRO OB 79 77.47 -27.36 -51.69
N ARG OB 80 76.58 -27.31 -50.69
CA ARG OB 80 76.16 -26.03 -50.10
C ARG OB 80 77.26 -25.39 -49.26
N ASP OB 81 77.99 -26.19 -48.48
CA ASP OB 81 78.92 -25.67 -47.48
C ASP OB 81 80.28 -25.28 -48.05
N SER OB 82 80.43 -25.30 -49.38
CA SER OB 82 81.69 -24.92 -50.01
C SER OB 82 81.74 -23.45 -50.39
N CYS OB 83 80.74 -22.66 -50.00
CA CYS OB 83 80.62 -21.27 -50.42
C CYS OB 83 81.25 -20.35 -49.38
N PRO OB 84 81.90 -19.26 -49.82
CA PRO OB 84 82.61 -18.40 -48.84
C PRO OB 84 81.69 -17.54 -48.01
N VAL OB 85 80.44 -17.33 -48.43
CA VAL OB 85 79.52 -16.50 -47.67
C VAL OB 85 78.96 -17.20 -46.45
N ARG OB 86 79.12 -18.51 -46.36
CA ARG OB 86 78.70 -19.27 -45.19
C ARG OB 86 79.78 -19.31 -44.12
N ILE OB 87 80.92 -18.69 -44.36
CA ILE OB 87 82.03 -18.67 -43.41
C ILE OB 87 81.77 -17.57 -42.40
N ARG OB 88 81.68 -17.95 -41.13
CA ARG OB 88 81.42 -17.00 -40.05
C ARG OB 88 82.69 -16.79 -39.25
N ASN OB 89 83.02 -15.52 -39.01
CA ASN OB 89 84.20 -15.18 -38.21
C ASN OB 89 83.81 -15.19 -36.74
N ARG OB 90 84.24 -16.21 -36.02
CA ARG OB 90 83.95 -16.35 -34.60
C ARG OB 90 85.23 -16.15 -33.80
N CYS OB 91 85.06 -16.03 -32.48
CA CYS OB 91 86.21 -15.94 -31.59
C CYS OB 91 86.92 -17.28 -31.52
N VAL OB 92 88.24 -17.25 -31.50
CA VAL OB 92 88.99 -18.51 -31.49
C VAL OB 92 89.08 -19.07 -30.07
N MET OB 93 88.80 -18.25 -29.06
CA MET OB 93 88.80 -18.73 -27.69
C MET OB 93 87.46 -19.35 -27.30
N THR OB 94 86.40 -18.56 -27.35
CA THR OB 94 85.11 -18.95 -26.77
C THR OB 94 83.98 -19.05 -27.80
N SER OB 95 84.26 -18.85 -29.08
CA SER OB 95 83.34 -18.94 -30.21
C SER OB 95 82.13 -18.01 -30.10
N ARG OB 96 82.32 -16.74 -29.75
CA ARG OB 96 81.23 -15.79 -29.78
C ARG OB 96 80.93 -15.39 -31.23
N PRO OB 97 79.67 -15.44 -31.67
CA PRO OB 97 79.37 -15.16 -33.08
C PRO OB 97 79.60 -13.72 -33.51
N ARG OB 98 79.62 -12.76 -32.59
CA ARG OB 98 79.73 -11.35 -32.94
C ARG OB 98 80.43 -10.62 -31.82
N GLY OB 99 80.84 -9.38 -32.10
CA GLY OB 99 81.71 -8.65 -31.21
C GLY OB 99 83.16 -9.06 -31.33
N VAL OB 100 83.60 -9.48 -32.51
CA VAL OB 100 84.92 -10.04 -32.73
C VAL OB 100 85.76 -9.08 -33.55
N LYS OB 101 86.96 -8.78 -33.07
CA LYS OB 101 87.92 -7.98 -33.81
C LYS OB 101 88.62 -8.88 -34.83
N ARG OB 102 88.78 -8.37 -36.06
CA ARG OB 102 89.33 -9.19 -37.13
C ARG OB 102 90.83 -9.38 -36.98
N ARG OB 103 91.51 -8.45 -36.32
CA ARG OB 103 92.97 -8.53 -36.20
C ARG OB 103 93.39 -9.65 -35.26
N TRP OB 104 92.75 -9.74 -34.09
CA TRP OB 104 93.12 -10.72 -33.09
C TRP OB 104 92.29 -11.99 -33.16
N ARG OB 105 91.20 -11.99 -33.95
CA ARG OB 105 90.22 -13.07 -34.04
C ARG OB 105 89.62 -13.41 -32.67
N LEU OB 106 89.44 -12.39 -31.84
CA LEU OB 106 89.00 -12.56 -30.47
C LEU OB 106 87.73 -11.77 -30.23
N SER OB 107 86.88 -12.30 -29.35
CA SER OB 107 85.72 -11.55 -28.88
C SER OB 107 86.15 -10.39 -28.00
N ARG OB 108 85.24 -9.44 -27.79
CA ARG OB 108 85.62 -8.23 -27.06
C ARG OB 108 85.83 -8.51 -25.58
N ILE OB 109 85.12 -9.49 -25.01
CA ILE OB 109 85.26 -9.81 -23.59
C ILE OB 109 86.59 -10.50 -23.34
N VAL OB 110 86.94 -11.46 -24.21
CA VAL OB 110 88.21 -12.16 -24.07
C VAL OB 110 89.37 -11.22 -24.38
N PHE OB 111 89.18 -10.32 -25.35
CA PHE OB 111 90.20 -9.32 -25.67
C PHE OB 111 90.43 -8.38 -24.50
N ARG OB 112 89.34 -7.95 -23.84
CA ARG OB 112 89.47 -7.11 -22.66
C ARG OB 112 90.13 -7.87 -21.51
N HIS OB 113 89.82 -9.16 -21.39
CA HIS OB 113 90.38 -9.98 -20.31
C HIS OB 113 91.88 -10.15 -20.47
N LEU OB 114 92.36 -10.39 -21.69
CA LEU OB 114 93.79 -10.44 -21.92
C LEU OB 114 94.44 -9.06 -21.97
N ALA OB 115 93.68 -8.01 -22.27
CA ALA OB 115 94.29 -6.69 -22.40
C ALA OB 115 94.44 -6.00 -21.06
N ASP OB 116 93.51 -6.24 -20.13
CA ASP OB 116 93.61 -5.63 -18.82
C ASP OB 116 94.67 -6.28 -17.95
N HIS OB 117 95.05 -7.53 -18.26
CA HIS OB 117 96.13 -8.20 -17.56
C HIS OB 117 97.50 -7.89 -18.14
N GLY OB 118 97.56 -7.12 -19.22
CA GLY OB 118 98.84 -6.78 -19.82
C GLY OB 118 99.49 -7.89 -20.61
N GLN OB 119 98.73 -8.91 -21.02
CA GLN OB 119 99.29 -10.03 -21.74
C GLN OB 119 99.51 -9.74 -23.22
N LEU OB 120 98.94 -8.65 -23.75
CA LEU OB 120 99.11 -8.26 -25.14
C LEU OB 120 100.07 -7.09 -25.21
N SER OB 121 101.07 -7.19 -26.07
CA SER OB 121 102.04 -6.11 -26.22
C SER OB 121 101.40 -4.89 -26.89
N GLY OB 122 101.79 -3.70 -26.43
CA GLY OB 122 101.41 -2.46 -27.06
C GLY OB 122 99.99 -2.01 -26.83
N VAL OB 123 99.20 -2.77 -26.08
CA VAL OB 123 97.81 -2.41 -25.82
C VAL OB 123 97.69 -1.86 -24.41
N GLN OB 124 97.01 -0.72 -24.29
CA GLN OB 124 96.90 -0.01 -23.03
C GLN OB 124 95.52 0.65 -23.00
N ARG OB 125 95.08 1.02 -21.80
CA ARG OB 125 93.86 1.82 -21.70
C ARG OB 125 94.09 3.22 -22.25
N ALA OB 126 93.14 3.70 -23.03
CA ALA OB 126 93.33 4.87 -23.87
C ALA OB 126 93.02 6.15 -23.10
N MET OB 127 93.94 7.11 -23.17
CA MET OB 127 93.88 8.35 -22.41
C MET OB 127 94.38 9.48 -23.28
N TRP OB 128 93.48 10.34 -23.78
CA TRP OB 128 94.02 11.54 -24.42
C TRP OB 128 93.09 12.71 -24.12
N GLN PB 65 21.99 37.73 73.24
CA GLN PB 65 22.60 38.83 72.48
C GLN PB 65 22.89 40.01 73.39
N ASP PB 66 24.13 40.09 73.88
CA ASP PB 66 24.55 41.21 74.70
C ASP PB 66 24.68 42.47 73.85
N ASP PB 67 24.37 43.62 74.47
CA ASP PB 67 24.35 44.90 73.77
C ASP PB 67 25.34 45.85 74.40
N PRO PB 68 26.53 45.99 73.82
CA PRO PB 68 27.44 47.06 74.23
C PRO PB 68 26.82 48.42 74.01
N PRO PB 69 27.00 49.35 74.96
CA PRO PB 69 26.54 50.72 74.74
C PRO PB 69 27.40 51.42 73.71
N PRO PB 70 26.86 52.45 73.03
CA PRO PB 70 27.69 53.25 72.11
C PRO PB 70 28.80 54.03 72.82
N SER PB 71 28.61 54.32 74.10
CA SER PB 71 29.58 55.03 74.91
C SER PB 71 30.47 54.09 75.72
N MET PB 72 30.82 52.93 75.15
CA MET PB 72 31.55 51.87 75.84
C MET PB 72 32.98 52.25 76.24
N LEU PB 73 33.62 53.20 75.52
CA LEU PB 73 34.99 53.65 75.78
C LEU PB 73 35.96 52.48 75.66
N LEU PB 74 36.29 52.11 74.41
CA LEU PB 74 36.89 50.84 74.01
C LEU PB 74 38.18 50.49 74.76
N LEU PB 75 38.58 49.21 74.61
CA LEU PB 75 39.54 48.47 75.41
C LEU PB 75 40.90 49.14 75.66
N ASP PB 76 41.51 49.71 74.63
CA ASP PB 76 42.85 50.27 74.78
C ASP PB 76 42.84 51.57 75.59
N TYR PB 77 41.68 52.22 75.68
CA TYR PB 77 41.56 53.49 76.38
C TYR PB 77 40.64 53.42 77.59
N GLN PB 78 40.76 52.37 78.41
CA GLN PB 78 39.96 52.30 79.64
C GLN PB 78 40.79 52.67 80.86
N ASN PB 79 42.01 52.12 80.98
CA ASN PB 79 42.74 52.17 82.23
C ASN PB 79 43.62 53.40 82.36
N VAL PB 80 43.69 54.25 81.34
CA VAL PB 80 44.48 55.48 81.47
C VAL PB 80 43.73 56.48 82.35
N PRO PB 81 44.42 57.23 83.20
CA PRO PB 81 43.71 58.13 84.13
C PRO PB 81 43.23 59.39 83.45
N GLY PB 82 42.34 60.10 84.13
CA GLY PB 82 41.87 61.40 83.68
C GLY PB 82 41.02 61.38 82.43
N ILE PB 83 40.02 60.49 82.37
CA ILE PB 83 39.19 60.40 81.18
C ILE PB 83 37.92 61.22 81.35
N HIS PB 84 37.27 61.12 82.51
CA HIS PB 84 35.96 61.73 82.71
C HIS PB 84 36.01 63.25 82.83
N LYS PB 85 37.20 63.84 82.99
CA LYS PB 85 37.34 65.29 82.95
C LYS PB 85 37.50 65.83 81.55
N VAL PB 86 37.72 64.96 80.56
CA VAL PB 86 37.92 65.35 79.17
C VAL PB 86 36.54 65.48 78.52
N ASP PB 87 36.37 66.45 77.63
CA ASP PB 87 35.08 66.81 77.07
C ASP PB 87 34.48 65.71 76.19
N ASP PB 88 33.28 66.00 75.66
CA ASP PB 88 32.49 64.98 75.00
C ASP PB 88 33.03 64.63 73.62
N VAL PB 89 33.84 65.50 73.03
CA VAL PB 89 34.35 65.28 71.68
C VAL PB 89 35.34 64.13 71.66
N VAL PB 90 36.34 64.18 72.56
CA VAL PB 90 37.34 63.13 72.62
C VAL PB 90 36.76 61.82 73.15
N LYS PB 91 35.81 61.91 74.09
CA LYS PB 91 35.11 60.72 74.56
C LYS PB 91 34.30 60.07 73.45
N ARG PB 92 33.64 60.88 72.62
CA ARG PB 92 32.93 60.39 71.45
C ARG PB 92 33.87 59.75 70.44
N LEU PB 93 35.04 60.35 70.22
CA LEU PB 93 36.03 59.77 69.32
C LEU PB 93 36.57 58.44 69.84
N LEU PB 94 36.78 58.32 71.16
CA LEU PB 94 37.34 57.12 71.75
C LEU PB 94 36.29 56.08 72.12
N SER PB 95 35.01 56.39 71.91
CA SER PB 95 33.96 55.42 72.18
C SER PB 95 33.85 54.41 71.04
N LEU PB 96 32.83 53.55 71.13
CA LEU PB 96 32.64 52.50 70.14
C LEU PB 96 31.89 52.98 68.91
N GLU PB 97 31.48 54.25 68.86
CA GLU PB 97 30.69 54.75 67.74
C GLU PB 97 31.51 54.81 66.45
N MET PB 98 32.68 55.43 66.50
CA MET PB 98 33.58 55.42 65.35
C MET PB 98 34.60 54.28 65.39
N ALA PB 99 34.43 53.32 66.30
CA ALA PB 99 35.33 52.18 66.33
C ALA PB 99 34.99 51.21 65.21
N ASN PB 100 35.92 50.28 64.97
CA ASN PB 100 35.72 49.23 63.98
C ASN PB 100 34.96 48.06 64.62
N GLN PB 101 34.68 47.04 63.81
CA GLN PB 101 34.03 45.84 64.32
C GLN PB 101 34.98 45.03 65.21
N LYS PB 102 36.28 45.09 64.93
CA LYS PB 102 37.25 44.34 65.72
C LYS PB 102 37.40 44.90 67.13
N GLU PB 103 37.23 46.21 67.31
CA GLU PB 103 37.25 46.80 68.65
C GLU PB 103 36.06 46.32 69.47
N LYS PB 104 34.88 46.25 68.84
CA LYS PB 104 33.70 45.68 69.49
C LYS PB 104 33.89 44.20 69.79
N LEU PB 105 34.57 43.48 68.90
CA LEU PB 105 34.89 42.07 69.14
C LEU PB 105 35.80 41.90 70.36
N LYS PB 106 36.79 42.79 70.50
CA LYS PB 106 37.65 42.77 71.68
C LYS PB 106 36.87 43.10 72.94
N ILE PB 107 35.92 44.04 72.85
CA ILE PB 107 35.10 44.39 74.01
C ILE PB 107 34.23 43.21 74.45
N LYS PB 108 33.57 42.56 73.49
CA LYS PB 108 32.77 41.37 73.79
C LYS PB 108 33.62 40.22 74.33
N LYS PB 109 34.83 40.05 73.78
CA LYS PB 109 35.73 38.97 74.23
C LYS PB 109 36.20 39.22 75.66
N MET PB 110 36.54 40.47 75.98
CA MET PB 110 36.96 40.83 77.35
C MET PB 110 35.82 40.66 78.34
N GLN PB 111 34.62 41.13 77.99
CA GLN PB 111 33.48 40.97 78.89
C GLN PB 111 33.10 39.51 79.06
N LEU PB 112 33.26 38.70 78.01
CA LEU PB 112 32.85 37.30 78.13
C LEU PB 112 33.87 36.50 78.94
N MET PB 113 35.18 36.80 78.81
CA MET PB 113 36.14 36.11 79.66
C MET PB 113 36.02 36.56 81.11
N ASN PB 114 35.65 37.83 81.35
CA ASN PB 114 35.41 38.26 82.72
C ASN PB 114 34.12 37.66 83.27
N LYS PB 115 33.19 37.31 82.38
CA LYS PB 115 31.95 36.69 82.83
C LYS PB 115 32.15 35.23 83.21
N VAL PB 116 32.83 34.46 82.36
CA VAL PB 116 32.80 33.01 82.57
C VAL PB 116 34.12 32.49 83.15
N LEU PB 117 35.24 33.15 82.87
CA LEU PB 117 36.54 32.61 83.21
C LEU PB 117 36.82 32.72 84.71
N GLU PB 118 37.71 31.84 85.18
CA GLU PB 118 38.12 31.82 86.59
C GLU PB 118 39.30 32.75 86.83
N ASN PB 119 40.35 32.65 86.03
CA ASN PB 119 41.59 33.39 86.21
C ASN PB 119 41.87 33.98 84.83
N PRO PB 120 41.68 35.29 84.64
CA PRO PB 120 41.64 35.85 83.28
C PRO PB 120 43.01 36.03 82.61
N GLU PB 121 44.13 35.99 83.34
CA GLU PB 121 45.40 36.36 82.71
C GLU PB 121 45.93 35.25 81.84
N ASP PB 122 45.43 34.03 82.03
CA ASP PB 122 45.95 32.87 81.32
C ASP PB 122 45.25 32.78 79.97
N THR PB 123 45.99 33.07 78.89
CA THR PB 123 45.45 32.91 77.55
C THR PB 123 45.64 31.49 77.05
N SER PB 124 46.66 30.80 77.56
CA SER PB 124 47.00 29.45 77.12
C SER PB 124 46.02 28.39 77.61
N SER PB 125 45.11 28.72 78.51
CA SER PB 125 44.18 27.74 79.02
C SER PB 125 43.11 27.39 77.98
N LEU PB 126 42.70 26.11 78.00
CA LEU PB 126 41.78 25.58 77.00
C LEU PB 126 40.44 26.28 77.03
N GLU PB 127 39.95 26.60 78.23
CA GLU PB 127 38.69 27.32 78.37
C GLU PB 127 38.77 28.73 77.80
N ALA PB 128 39.92 29.42 77.97
CA ALA PB 128 40.08 30.75 77.37
C ALA PB 128 40.15 30.67 75.85
N ARG PB 129 40.78 29.61 75.32
CA ARG PB 129 40.79 29.41 73.87
C ARG PB 129 39.39 29.12 73.34
N ILE PB 130 38.58 28.37 74.11
CA ILE PB 130 37.18 28.13 73.73
C ILE PB 130 36.37 29.43 73.77
N VAL PB 131 36.68 30.31 74.73
CA VAL PB 131 36.03 31.61 74.80
C VAL PB 131 36.34 32.45 73.56
N ALA PB 132 37.62 32.51 73.17
CA ALA PB 132 38.01 33.25 71.98
C ALA PB 132 37.41 32.67 70.71
N LEU PB 133 37.38 31.33 70.61
CA LEU PB 133 36.79 30.67 69.46
C LEU PB 133 35.28 30.89 69.41
N THR PB 134 34.63 30.94 70.57
CA THR PB 134 33.19 31.18 70.63
C THR PB 134 32.86 32.60 70.18
N VAL PB 135 33.72 33.56 70.54
CA VAL PB 135 33.58 34.93 70.04
C VAL PB 135 33.70 34.95 68.51
N LYS PB 136 34.67 34.20 67.98
CA LYS PB 136 34.87 34.16 66.53
C LYS PB 136 33.70 33.47 65.81
N ILE PB 137 33.13 32.43 66.42
CA ILE PB 137 31.96 31.75 65.83
C ILE PB 137 30.74 32.67 65.85
N ARG PB 138 30.55 33.43 66.93
CA ARG PB 138 29.43 34.37 66.97
C ARG PB 138 29.57 35.46 65.91
N ASN PB 139 30.81 35.94 65.70
CA ASN PB 139 31.06 36.90 64.62
C ASN PB 139 30.80 36.28 63.25
N TYR PB 140 31.16 35.00 63.08
CA TYR PB 140 30.94 34.32 61.80
C TYR PB 140 29.46 34.08 61.54
N GLU PB 141 28.69 33.79 62.58
CA GLU PB 141 27.24 33.62 62.39
C GLU PB 141 26.56 34.95 62.10
N GLU PB 142 27.06 36.05 62.68
CA GLU PB 142 26.56 37.37 62.28
C GLU PB 142 26.89 37.65 60.82
N HIS PB 143 28.09 37.28 60.38
CA HIS PB 143 28.49 37.46 58.99
C HIS PB 143 27.65 36.60 58.05
N MET PB 144 27.25 35.41 58.51
CA MET PB 144 26.41 34.53 57.71
C MET PB 144 24.95 34.97 57.67
N GLN PB 145 24.46 35.59 58.75
CA GLN PB 145 23.14 36.19 58.67
C GLN PB 145 23.14 37.43 57.79
N LYS PB 146 24.30 38.08 57.64
CA LYS PB 146 24.38 39.16 56.65
C LYS PB 146 24.47 38.61 55.24
N HIS PB 147 25.56 37.92 54.90
CA HIS PB 147 25.81 37.40 53.56
C HIS PB 147 25.45 35.92 53.54
N ARG PB 148 24.59 35.51 52.60
CA ARG PB 148 24.22 34.11 52.53
C ARG PB 148 25.16 33.30 51.64
N LYS PB 149 25.67 33.90 50.57
CA LYS PB 149 26.33 33.17 49.50
C LYS PB 149 27.83 33.02 49.66
N ASP PB 150 28.41 33.47 50.77
CA ASP PB 150 29.84 33.32 51.00
C ASP PB 150 30.13 31.85 51.33
N LYS PB 151 31.14 31.28 50.67
CA LYS PB 151 31.48 29.89 50.93
C LYS PB 151 32.74 29.75 51.77
N ALA PB 152 33.67 30.69 51.61
CA ALA PB 152 34.91 30.66 52.39
C ALA PB 152 34.62 30.89 53.88
N HIS PB 153 33.80 31.88 54.19
CA HIS PB 153 33.44 32.15 55.58
C HIS PB 153 32.56 31.04 56.17
N LYS PB 154 31.75 30.39 55.33
CA LYS PB 154 30.98 29.24 55.80
C LYS PB 154 31.90 28.09 56.16
N ARG PB 155 32.94 27.87 55.33
CA ARG PB 155 33.94 26.87 55.65
C ARG PB 155 34.66 27.21 56.95
N PHE PB 156 35.03 28.49 57.12
CA PHE PB 156 35.69 28.93 58.36
C PHE PB 156 34.80 28.71 59.58
N LEU PB 157 33.49 28.94 59.42
CA LEU PB 157 32.54 28.71 60.51
C LEU PB 157 32.45 27.23 60.89
N LEU PB 158 32.40 26.34 59.89
CA LEU PB 158 32.32 24.91 60.20
C LEU PB 158 33.61 24.35 60.81
N MET PB 159 34.78 24.78 60.32
CA MET PB 159 36.01 24.32 60.99
C MET PB 159 36.18 24.96 62.36
N SER PB 160 35.68 26.18 62.56
CA SER PB 160 35.72 26.81 63.89
C SER PB 160 34.85 26.05 64.87
N ILE PB 161 33.66 25.63 64.42
CA ILE PB 161 32.77 24.79 65.23
C ILE PB 161 33.41 23.45 65.53
N ASP PB 162 34.10 22.87 64.54
CA ASP PB 162 34.78 21.58 64.73
C ASP PB 162 35.94 21.68 65.73
N GLN PB 163 36.73 22.75 65.65
CA GLN PB 163 37.81 22.95 66.62
C GLN PB 163 37.27 23.19 68.01
N ARG PB 164 36.17 23.94 68.13
CA ARG PB 164 35.55 24.14 69.44
C ARG PB 164 35.01 22.83 70.01
N LYS PB 165 34.46 21.97 69.13
CA LYS PB 165 33.97 20.66 69.56
C LYS PB 165 35.12 19.76 70.02
N LYS PB 166 36.23 19.79 69.29
CA LYS PB 166 37.41 19.00 69.64
C LYS PB 166 38.02 19.44 70.96
N MET PB 167 38.14 20.76 71.15
CA MET PB 167 38.68 21.26 72.41
C MET PB 167 37.71 21.07 73.56
N LEU PB 168 36.39 21.06 73.29
CA LEU PB 168 35.43 20.75 74.34
C LEU PB 168 35.52 19.29 74.75
N LYS PB 169 35.74 18.38 73.79
CA LYS PB 169 35.97 16.97 74.11
C LYS PB 169 37.25 16.78 74.91
N ASN PB 170 38.31 17.51 74.53
CA ASN PB 170 39.57 17.47 75.27
C ASN PB 170 39.42 18.01 76.69
N LEU PB 171 38.61 19.07 76.86
CA LEU PB 171 38.37 19.61 78.19
C LEU PB 171 37.51 18.66 79.02
N ARG PB 172 36.54 17.99 78.38
CA ARG PB 172 35.68 17.05 79.06
C ARG PB 172 36.44 15.81 79.54
N GLU PB 173 37.39 15.32 78.76
CA GLU PB 173 38.16 14.14 79.16
C GLU PB 173 39.23 14.44 80.21
N THR PB 174 39.44 15.71 80.57
CA THR PB 174 40.45 16.06 81.58
C THR PB 174 39.82 16.68 82.82
N ASN PB 175 39.00 17.71 82.69
CA ASN PB 175 38.47 18.46 83.82
C ASN PB 175 36.97 18.64 83.61
N TYR PB 176 36.16 17.93 84.40
CA TYR PB 176 34.72 17.86 84.14
C TYR PB 176 33.97 19.08 84.66
N ALA PB 177 34.40 19.62 85.81
CA ALA PB 177 33.65 20.70 86.44
C ALA PB 177 33.78 22.00 85.65
N VAL PB 178 34.98 22.31 85.18
CA VAL PB 178 35.20 23.50 84.36
C VAL PB 178 34.47 23.35 83.03
N PHE PB 179 34.48 22.14 82.45
CA PHE PB 179 33.77 21.87 81.22
C PHE PB 179 32.26 22.05 81.39
N GLU PB 180 31.73 21.60 82.54
CA GLU PB 180 30.31 21.76 82.83
C GLU PB 180 29.95 23.24 83.00
N LYS PB 181 30.88 24.00 83.62
CA LYS PB 181 30.66 25.44 83.80
C LYS PB 181 30.61 26.17 82.47
N ILE PB 182 31.57 25.89 81.56
CA ILE PB 182 31.56 26.52 80.23
C ILE PB 182 30.33 26.06 79.43
N CYS PB 183 29.99 24.77 79.53
CA CYS PB 183 28.86 24.21 78.79
C CYS PB 183 27.54 24.82 79.24
N LYS PB 184 27.40 25.11 80.53
CA LYS PB 184 26.18 25.76 81.01
C LYS PB 184 26.18 27.24 80.64
N GLU PB 185 27.32 27.91 80.79
CA GLU PB 185 27.34 29.37 80.67
C GLU PB 185 27.23 29.83 79.22
N LEU PB 186 27.94 29.17 78.30
CA LEU PB 186 27.97 29.64 76.92
C LEU PB 186 26.71 29.27 76.13
N GLY PB 187 25.86 28.41 76.67
CA GLY PB 187 24.73 27.90 75.92
C GLY PB 187 25.05 26.78 74.96
N ILE PB 188 26.30 26.33 74.92
CA ILE PB 188 26.68 25.26 74.01
C ILE PB 188 26.17 23.93 74.55
N GLU PB 189 25.53 23.14 73.70
CA GLU PB 189 25.10 21.80 74.04
C GLU PB 189 26.07 20.83 73.38
N TYR PB 190 26.86 20.14 74.19
CA TYR PB 190 27.81 19.16 73.67
C TYR PB 190 27.06 17.89 73.30
N THR PB 191 27.12 17.54 72.02
CA THR PB 191 26.45 16.35 71.49
C THR PB 191 27.50 15.31 71.19
N PHE PB 192 27.26 14.08 71.66
CA PHE PB 192 28.25 13.02 71.54
C PHE PB 192 28.33 12.57 70.08
N PRO PB 193 29.51 12.17 69.60
CA PRO PB 193 29.64 11.75 68.19
C PRO PB 193 28.97 10.41 67.96
N PRO PB 194 28.01 10.34 67.03
CA PRO PB 194 27.34 9.08 66.76
C PRO PB 194 28.24 8.15 65.95
N PRO PB 195 28.28 6.87 66.29
CA PRO PB 195 29.05 5.92 65.49
C PRO PB 195 28.36 5.62 64.17
N TYR PB 196 29.17 5.13 63.22
CA TYR PB 196 28.74 4.71 61.88
C TYR PB 196 28.06 5.83 61.11
N HIS PB 197 28.81 6.86 60.75
CA HIS PB 197 28.27 7.97 59.98
C HIS PB 197 27.94 7.51 58.56
N ARG PB 198 26.66 7.30 58.28
CA ARG PB 198 26.20 6.93 56.95
C ARG PB 198 25.20 7.95 56.45
N LYS PB 199 25.13 8.10 55.13
CA LYS PB 199 24.17 9.01 54.52
C LYS PB 199 22.79 8.40 54.60
N ALA PB 200 21.87 9.08 55.28
CA ALA PB 200 20.51 8.59 55.42
C ALA PB 200 19.74 8.89 54.14
N HIS PB 201 19.50 7.88 53.33
CA HIS PB 201 18.81 8.03 52.07
C HIS PB 201 17.34 7.66 52.23
N ARG PB 202 16.59 7.83 51.13
CA ARG PB 202 15.14 7.74 51.17
C ARG PB 202 14.65 6.33 51.49
N ARG PB 203 15.30 5.32 50.91
CA ARG PB 203 14.92 3.94 51.16
C ARG PB 203 15.17 3.55 52.62
N TRP PB 204 16.29 4.00 53.17
CA TRP PB 204 16.61 3.65 54.55
C TRP PB 204 15.70 4.37 55.54
N VAL PB 205 15.40 5.65 55.31
CA VAL PB 205 14.52 6.36 56.24
C VAL PB 205 13.09 5.84 56.13
N THR PB 206 12.69 5.41 54.92
CA THR PB 206 11.35 4.85 54.73
C THR PB 206 11.22 3.50 55.42
N LYS PB 207 12.24 2.64 55.29
CA LYS PB 207 12.20 1.34 55.95
C LYS PB 207 12.32 1.48 57.46
N LYS PB 208 13.09 2.45 57.95
CA LYS PB 208 13.19 2.67 59.40
C LYS PB 208 11.87 3.17 59.97
N ALA PB 209 11.20 4.09 59.26
CA ALA PB 209 9.90 4.59 59.69
C ALA PB 209 8.86 3.48 59.70
N LEU PB 210 8.87 2.63 58.66
CA LEU PB 210 7.95 1.49 58.61
C LEU PB 210 8.22 0.51 59.73
N CYS PB 211 9.50 0.23 60.02
CA CYS PB 211 9.84 -0.73 61.07
C CYS PB 211 9.44 -0.22 62.45
N THR PB 212 9.63 1.09 62.69
CA THR PB 212 9.17 1.67 63.95
C THR PB 212 7.65 1.61 64.09
N GLN PB 213 6.93 1.89 63.00
CA GLN PB 213 5.47 1.84 63.06
C GLN PB 213 4.95 0.41 63.26
N VAL PB 214 5.60 -0.57 62.62
CA VAL PB 214 5.24 -1.97 62.80
C VAL PB 214 5.53 -2.42 64.24
N PHE PB 215 6.64 -1.94 64.82
CA PHE PB 215 6.93 -2.26 66.22
C PHE PB 215 5.91 -1.67 67.17
N ARG PB 216 5.48 -0.42 66.90
CA ARG PB 216 4.43 0.20 67.71
C ARG PB 216 3.12 -0.56 67.59
N GLU PB 217 2.77 -1.03 66.38
CA GLU PB 217 1.52 -1.77 66.23
C GLU PB 217 1.60 -3.15 66.86
N VAL PB 218 2.79 -3.77 66.83
CA VAL PB 218 2.98 -5.07 67.50
C VAL PB 218 2.82 -4.93 69.00
N GLN PB 219 3.45 -3.90 69.58
CA GLN PB 219 3.33 -3.69 71.02
C GLN PB 219 1.93 -3.26 71.42
N LYS PB 220 1.24 -2.51 70.56
CA LYS PB 220 -0.13 -2.11 70.86
C LYS PB 220 -1.09 -3.30 70.81
N LEU PB 221 -0.94 -4.18 69.82
CA LEU PB 221 -1.76 -5.38 69.75
C LEU PB 221 -1.46 -6.34 70.89
N LYS PB 222 -0.19 -6.45 71.29
CA LYS PB 222 0.15 -7.26 72.45
C LYS PB 222 -0.42 -6.69 73.74
N LYS PB 223 -0.42 -5.36 73.89
CA LYS PB 223 -1.03 -4.74 75.07
C LYS PB 223 -2.54 -4.96 75.10
N GLN PB 224 -3.21 -4.83 73.94
CA GLN PB 224 -4.65 -5.08 73.88
C GLN PB 224 -4.99 -6.55 74.16
N LYS PB 225 -4.18 -7.48 73.64
CA LYS PB 225 -4.40 -8.89 73.91
C LYS PB 225 -4.17 -9.23 75.37
N ARG PB 226 -3.14 -8.62 75.99
CA ARG PB 226 -2.91 -8.83 77.41
C ARG PB 226 -4.02 -8.24 78.27
N ALA PB 227 -4.55 -7.08 77.89
CA ALA PB 227 -5.65 -6.48 78.64
C ALA PB 227 -6.92 -7.32 78.52
N LEU PB 228 -7.21 -7.84 77.31
CA LEU PB 228 -8.37 -8.70 77.14
C LEU PB 228 -8.20 -10.02 77.88
N ARG PB 229 -6.98 -10.57 77.89
CA ARG PB 229 -6.70 -11.79 78.64
C ARG PB 229 -6.86 -11.57 80.14
N ALA PB 230 -6.38 -10.43 80.65
CA ALA PB 230 -6.52 -10.13 82.08
C ALA PB 230 -7.98 -9.90 82.46
N ALA PB 231 -8.75 -9.26 81.57
CA ALA PB 231 -10.18 -9.08 81.81
C ALA PB 231 -10.90 -10.42 81.83
N ALA PB 232 -10.55 -11.33 80.92
CA ALA PB 232 -11.14 -12.67 80.92
C ALA PB 232 -10.75 -13.49 82.15
N VAL PB 233 -9.49 -13.38 82.60
CA VAL PB 233 -9.05 -14.04 83.82
C VAL PB 233 -9.80 -13.53 85.04
N ALA PB 234 -9.95 -12.21 85.17
CA ALA PB 234 -10.70 -11.64 86.29
C ALA PB 234 -12.18 -12.02 86.23
N ALA PB 235 -12.75 -12.04 85.01
CA ALA PB 235 -14.14 -12.40 84.83
C ALA PB 235 -14.44 -13.85 85.18
N HIS PB 236 -13.57 -14.80 84.81
CA HIS PB 236 -13.87 -16.19 85.15
C HIS PB 236 -13.46 -16.49 86.59
N LYS PB 237 -12.52 -15.73 87.14
CA LYS PB 237 -12.15 -15.94 88.54
C LYS PB 237 -13.19 -15.37 89.50
N GLN PB 238 -13.89 -14.31 89.13
CA GLN PB 238 -14.99 -13.81 89.95
C GLN PB 238 -16.16 -14.78 89.95
N GLY PB 239 -16.43 -15.41 88.81
CA GLY PB 239 -17.51 -16.36 88.70
C GLY PB 239 -18.49 -16.04 87.59
N ARG QB 10 33.75 -39.80 70.97
CA ARG QB 10 32.43 -39.19 70.93
C ARG QB 10 31.58 -39.63 72.11
N ALA QB 11 30.37 -39.09 72.19
CA ALA QB 11 29.48 -39.35 73.33
C ALA QB 11 28.76 -40.68 73.13
N TYR QB 12 28.84 -41.54 74.13
CA TYR QB 12 28.16 -42.84 74.13
C TYR QB 12 27.10 -42.86 75.22
N ARG QB 13 26.17 -43.82 75.09
CA ARG QB 13 25.07 -43.93 76.05
C ARG QB 13 25.53 -44.54 77.37
N GLY QB 14 26.56 -45.36 77.35
CA GLY QB 14 27.03 -46.02 78.53
C GLY QB 14 28.43 -46.56 78.38
N GLY QB 15 28.63 -47.76 78.89
CA GLY QB 15 29.91 -48.44 78.82
C GLY QB 15 30.74 -48.22 80.07
N HIS QB 16 31.90 -48.87 80.09
CA HIS QB 16 32.80 -48.83 81.23
C HIS QB 16 34.23 -48.65 80.75
N LEU QB 17 35.13 -48.41 81.70
CA LEU QB 17 36.55 -48.29 81.39
C LEU QB 17 37.19 -49.68 81.34
N THR QB 18 37.98 -49.92 80.31
CA THR QB 18 38.52 -51.24 80.06
C THR QB 18 40.02 -51.17 79.77
N ILE QB 19 40.78 -52.03 80.43
CA ILE QB 19 42.19 -52.26 80.09
C ILE QB 19 42.24 -53.52 79.25
N ARG QB 20 42.72 -53.38 78.01
CA ARG QB 20 42.63 -54.45 77.03
C ARG QB 20 43.85 -54.40 76.12
N LEU QB 21 43.79 -55.19 75.05
CA LEU QB 21 44.87 -55.30 74.07
C LEU QB 21 44.37 -54.70 72.76
N ALA QB 22 45.09 -53.74 72.21
CA ALA QB 22 44.77 -53.16 70.92
C ALA QB 22 45.68 -53.74 69.85
N LEU QB 23 45.07 -54.28 68.79
CA LEU QB 23 45.80 -54.89 67.69
C LEU QB 23 46.17 -53.84 66.65
N GLY QB 24 47.43 -53.44 66.67
CA GLY QB 24 48.02 -52.79 65.53
C GLY QB 24 49.09 -53.67 64.91
N GLY QB 25 49.82 -53.09 63.97
CA GLY QB 25 50.99 -53.75 63.45
C GLY QB 25 50.80 -54.11 61.98
N CYS QB 26 51.45 -55.20 61.60
CA CYS QB 26 51.80 -55.49 60.22
C CYS QB 26 51.20 -56.85 59.84
N THR QB 27 51.07 -57.09 58.54
CA THR QB 27 50.49 -58.35 58.10
C THR QB 27 51.46 -59.51 58.36
N ASN QB 28 50.98 -60.53 59.06
CA ASN QB 28 51.70 -61.66 59.65
C ASN QB 28 52.73 -61.23 60.69
N ARG QB 29 52.60 -60.03 61.24
CA ARG QB 29 53.47 -59.52 62.31
C ARG QB 29 52.54 -58.67 63.19
N PRO QB 30 51.81 -59.29 64.10
CA PRO QB 30 50.86 -58.54 64.92
C PRO QB 30 51.57 -57.82 66.06
N PHE QB 31 50.86 -56.86 66.65
CA PHE QB 31 51.39 -56.17 67.80
C PHE QB 31 50.22 -55.69 68.65
N TYR QB 32 50.29 -55.97 69.95
CA TYR QB 32 49.26 -55.54 70.88
C TYR QB 32 49.81 -54.47 71.80
N ARG QB 33 49.15 -53.32 71.81
CA ARG QB 33 49.43 -52.23 72.74
C ARG QB 33 48.46 -52.37 73.90
N ILE QB 34 48.99 -52.35 75.12
CA ILE QB 34 48.14 -52.46 76.30
C ILE QB 34 47.50 -51.11 76.55
N VAL QB 35 46.17 -51.07 76.50
CA VAL QB 35 45.43 -49.82 76.36
C VAL QB 35 44.34 -49.77 77.41
N ALA QB 36 44.35 -48.70 78.22
CA ALA QB 36 43.24 -48.40 79.11
C ALA QB 36 42.34 -47.39 78.40
N ALA QB 37 41.15 -47.83 78.03
CA ALA QB 37 40.24 -47.02 77.24
C ALA QB 37 38.81 -47.36 77.60
N HIS QB 38 37.88 -46.73 76.89
CA HIS QB 38 36.48 -47.00 77.06
C HIS QB 38 36.11 -48.33 76.42
N SER QB 39 35.02 -48.93 76.89
CA SER QB 39 34.61 -50.22 76.35
C SER QB 39 33.96 -50.09 74.98
N LYS QB 40 33.19 -49.02 74.77
CA LYS QB 40 32.37 -48.91 73.57
C LYS QB 40 33.10 -48.27 72.40
N CYS QB 41 34.33 -47.80 72.60
CA CYS QB 41 35.14 -47.28 71.52
C CYS QB 41 35.68 -48.44 70.69
N PRO QB 42 36.11 -48.18 69.44
CA PRO QB 42 36.73 -49.26 68.64
C PRO QB 42 38.07 -49.72 69.21
N ARG QB 43 38.54 -50.85 68.66
CA ARG QB 43 39.74 -51.49 69.17
C ARG QB 43 40.99 -50.63 68.94
N ASP QB 44 41.07 -49.99 67.79
CA ASP QB 44 42.15 -49.07 67.49
C ASP QB 44 41.73 -47.62 67.57
N GLY QB 45 40.63 -47.32 68.27
CA GLY QB 45 40.12 -45.97 68.36
C GLY QB 45 40.81 -45.16 69.42
N ARG QB 46 40.13 -44.06 69.80
CA ARG QB 46 40.64 -43.14 70.80
C ARG QB 46 40.68 -43.81 72.18
N PHE QB 47 41.78 -43.61 72.90
CA PHE QB 47 41.97 -44.23 74.20
C PHE QB 47 42.20 -43.16 75.26
N VAL QB 48 42.12 -43.59 76.52
CA VAL QB 48 42.47 -42.72 77.63
C VAL QB 48 43.97 -42.73 77.86
N GLU QB 49 44.55 -43.89 78.16
CA GLU QB 49 45.98 -43.97 78.38
C GLU QB 49 46.55 -45.28 77.85
N GLN QB 50 47.67 -45.19 77.15
CA GLN QB 50 48.43 -46.36 76.76
C GLN QB 50 49.34 -46.75 77.91
N LEU QB 51 49.14 -47.95 78.44
CA LEU QB 51 49.91 -48.39 79.61
C LEU QB 51 51.19 -49.11 79.19
N GLY QB 52 51.05 -50.20 78.44
CA GLY QB 52 52.19 -51.02 78.09
C GLY QB 52 52.15 -51.58 76.69
N SER QB 53 52.97 -52.59 76.46
CA SER QB 53 53.07 -53.25 75.16
C SER QB 53 53.36 -54.73 75.37
N TYR QB 54 53.08 -55.54 74.35
CA TYR QB 54 53.36 -56.97 74.42
C TYR QB 54 53.75 -57.45 73.03
N ASP QB 55 54.91 -58.11 72.94
CA ASP QB 55 55.42 -58.60 71.67
C ASP QB 55 54.96 -60.03 71.48
N PRO QB 56 54.17 -60.32 70.45
CA PRO QB 56 53.68 -61.70 70.30
C PRO QB 56 54.72 -62.65 69.71
N LEU QB 57 55.84 -62.13 69.25
CA LEU QB 57 56.81 -62.97 68.53
C LEU QB 57 58.12 -63.08 69.31
N PRO QB 58 58.76 -64.25 69.27
CA PRO QB 58 60.10 -64.37 69.87
C PRO QB 58 61.15 -63.62 69.06
N ASN QB 59 62.14 -63.08 69.75
CA ASN QB 59 63.21 -62.31 69.12
C ASN QB 59 64.38 -63.23 68.76
N SER QB 60 65.53 -62.62 68.45
CA SER QB 60 66.75 -63.40 68.24
C SER QB 60 67.24 -64.05 69.53
N HIS QB 61 66.93 -63.44 70.67
CA HIS QB 61 67.22 -64.02 71.97
C HIS QB 61 66.18 -65.03 72.42
N GLY QB 62 65.11 -65.21 71.65
CA GLY QB 62 64.06 -66.15 72.02
C GLY QB 62 63.20 -65.69 73.18
N GLU QB 63 62.86 -64.40 73.23
CA GLU QB 63 62.10 -63.84 74.32
C GLU QB 63 60.87 -63.12 73.79
N LYS QB 64 59.76 -63.27 74.51
CA LYS QB 64 58.54 -62.53 74.24
C LYS QB 64 58.46 -61.40 75.26
N LEU QB 65 58.39 -60.16 74.78
CA LEU QB 65 58.78 -59.00 75.58
C LEU QB 65 57.54 -58.21 75.98
N VAL QB 66 57.36 -58.01 77.29
CA VAL QB 66 56.13 -57.41 77.83
C VAL QB 66 56.53 -56.19 78.66
N ALA QB 67 55.84 -55.08 78.45
CA ALA QB 67 56.01 -53.87 79.24
C ALA QB 67 54.69 -53.45 79.89
N LEU QB 68 54.73 -53.21 81.20
CA LEU QB 68 53.57 -52.80 81.99
C LEU QB 68 53.92 -51.55 82.79
N ASN QB 69 52.99 -50.61 82.85
CA ASN QB 69 53.17 -49.37 83.59
C ASN QB 69 52.44 -49.51 84.92
N PHE QB 70 53.17 -50.02 85.94
CA PHE QB 70 52.61 -50.62 87.16
C PHE QB 70 51.71 -49.68 87.94
N ASP QB 71 52.20 -48.46 88.21
CA ASP QB 71 51.43 -47.51 89.03
C ASP QB 71 50.17 -47.05 88.32
N ARG QB 72 50.23 -46.85 87.01
CA ARG QB 72 49.05 -46.43 86.27
C ARG QB 72 48.05 -47.57 86.11
N ILE QB 73 48.53 -48.81 85.91
CA ILE QB 73 47.63 -49.96 85.83
C ILE QB 73 46.90 -50.17 87.15
N ARG QB 74 47.63 -50.12 88.27
CA ARG QB 74 46.97 -50.28 89.56
C ARG QB 74 46.10 -49.08 89.93
N HIS QB 75 46.41 -47.88 89.42
CA HIS QB 75 45.53 -46.74 89.62
C HIS QB 75 44.22 -46.90 88.85
N TRP QB 76 44.30 -47.39 87.61
CA TRP QB 76 43.09 -47.58 86.82
C TRP QB 76 42.22 -48.72 87.38
N ILE QB 77 42.86 -49.80 87.85
CA ILE QB 77 42.10 -50.88 88.49
C ILE QB 77 41.50 -50.41 89.81
N GLY QB 78 42.24 -49.61 90.57
CA GLY QB 78 41.71 -49.05 91.81
C GLY QB 78 40.55 -48.09 91.63
N CYS QB 79 40.55 -47.32 90.55
CA CYS QB 79 39.38 -46.50 90.27
C CYS QB 79 38.32 -47.23 89.43
N GLY QB 80 38.57 -48.48 89.07
CA GLY QB 80 37.52 -49.32 88.53
C GLY QB 80 37.58 -49.64 87.06
N ALA QB 81 38.75 -49.97 86.52
CA ALA QB 81 38.84 -50.40 85.14
C ALA QB 81 38.72 -51.92 85.05
N HIS QB 82 37.79 -52.39 84.22
CA HIS QB 82 37.65 -53.82 83.98
C HIS QB 82 38.80 -54.33 83.12
N LEU QB 83 39.14 -55.59 83.30
CA LEU QB 83 40.21 -56.24 82.56
C LEU QB 83 39.64 -57.35 81.68
N SER QB 84 40.25 -57.54 80.52
CA SER QB 84 39.86 -58.61 79.63
C SER QB 84 40.66 -59.88 79.92
N LYS QB 85 40.21 -60.99 79.32
CA LYS QB 85 40.84 -62.28 79.59
C LYS QB 85 42.31 -62.38 79.18
N PRO QB 86 42.77 -61.93 77.99
CA PRO QB 86 44.23 -62.00 77.74
C PRO QB 86 45.06 -61.11 78.63
N VAL QB 87 44.56 -59.96 79.10
CA VAL QB 87 45.40 -59.12 79.95
C VAL QB 87 45.41 -59.64 81.38
N GLU QB 88 44.33 -60.33 81.80
CA GLU QB 88 44.43 -61.07 83.06
C GLU QB 88 45.38 -62.25 82.95
N LYS QB 89 45.43 -62.92 81.78
CA LYS QB 89 46.43 -63.96 81.55
C LYS QB 89 47.84 -63.40 81.61
N LEU QB 90 48.05 -62.23 81.00
CA LEU QB 90 49.38 -61.60 80.97
C LEU QB 90 49.79 -61.16 82.37
N LEU QB 91 48.85 -60.63 83.15
CA LEU QB 91 49.14 -60.24 84.52
C LEU QB 91 49.38 -61.45 85.42
N GLY QB 92 48.69 -62.56 85.14
CA GLY QB 92 48.92 -63.78 85.90
C GLY QB 92 50.29 -64.37 85.64
N LEU QB 93 50.74 -64.33 84.39
CA LEU QB 93 52.13 -64.68 84.10
C LEU QB 93 53.11 -63.68 84.69
N SER QB 94 52.70 -62.41 84.79
CA SER QB 94 53.57 -61.41 85.41
C SER QB 94 53.77 -61.68 86.88
N GLY QB 95 52.74 -62.12 87.58
CA GLY QB 95 52.80 -62.28 89.01
C GLY QB 95 52.36 -61.06 89.80
N PHE QB 96 51.96 -59.99 89.12
CA PHE QB 96 51.22 -58.92 89.79
C PHE QB 96 49.85 -59.39 90.21
N TYR QB 97 49.26 -60.32 89.44
CA TYR QB 97 48.03 -61.02 89.74
C TYR QB 97 48.34 -62.51 89.82
N PRO QB 98 47.53 -63.28 90.55
CA PRO QB 98 47.70 -64.74 90.56
C PRO QB 98 47.37 -65.37 89.21
N LEU QB 99 47.77 -66.63 89.05
CA LEU QB 99 47.62 -67.35 87.79
C LEU QB 99 46.16 -67.54 87.42
N HIS QB 100 45.85 -67.30 86.15
CA HIS QB 100 44.47 -67.32 85.70
C HIS QB 100 44.01 -68.77 85.57
N PRO QB 101 42.83 -69.11 86.12
CA PRO QB 101 42.34 -70.50 86.00
C PRO QB 101 42.12 -70.98 84.57
N MET QB 102 41.96 -70.12 83.58
CA MET QB 102 42.01 -70.62 82.22
C MET QB 102 43.39 -71.11 81.81
N MET QB 103 44.46 -70.42 82.22
CA MET QB 103 45.81 -70.96 82.05
C MET QB 103 46.00 -72.25 82.82
N ILE QB 104 45.41 -72.33 84.02
CA ILE QB 104 45.49 -73.55 84.83
C ILE QB 104 44.83 -74.72 84.12
N THR QB 105 43.59 -74.53 83.67
CA THR QB 105 42.84 -75.64 83.08
C THR QB 105 43.35 -76.02 81.69
N ASN QB 106 43.76 -75.06 80.86
CA ASN QB 106 44.28 -75.51 79.56
C ASN QB 106 45.69 -76.09 79.71
N ALA QB 107 46.41 -75.72 80.77
CA ALA QB 107 47.66 -76.42 81.09
C ALA QB 107 47.40 -77.88 81.43
N GLU QB 108 46.42 -78.14 82.31
CA GLU QB 108 46.10 -79.54 82.64
C GLU QB 108 45.49 -80.27 81.44
N ARG QB 109 44.80 -79.54 80.55
CA ARG QB 109 44.30 -80.13 79.32
C ARG QB 109 45.44 -80.54 78.39
N LEU QB 110 46.50 -79.73 78.33
CA LEU QB 110 47.70 -80.13 77.57
C LEU QB 110 48.39 -81.32 78.21
N ARG QB 111 48.39 -81.40 79.56
CA ARG QB 111 48.92 -82.59 80.23
C ARG QB 111 48.14 -83.84 79.86
N ARG QB 112 46.81 -83.77 79.91
CA ARG QB 112 45.97 -84.92 79.56
C ARG QB 112 46.11 -85.30 78.09
N LYS QB 113 46.11 -84.31 77.19
CA LYS QB 113 46.23 -84.56 75.76
C LYS QB 113 47.59 -85.15 75.40
N ARG QB 114 48.66 -84.65 76.02
CA ARG QB 114 49.99 -85.12 75.65
C ARG QB 114 50.27 -86.49 76.28
N ALA QB 115 49.69 -86.76 77.46
CA ALA QB 115 49.78 -88.10 78.03
C ALA QB 115 48.99 -89.11 77.20
N ARG QB 116 47.81 -88.71 76.71
CA ARG QB 116 47.06 -89.57 75.81
C ARG QB 116 47.78 -89.79 74.48
N GLU QB 117 48.50 -88.77 74.00
CA GLU QB 117 49.32 -88.92 72.81
C GLU QB 117 50.49 -89.86 73.03
N VAL QB 118 51.10 -89.82 74.23
CA VAL QB 118 52.16 -90.77 74.59
C VAL QB 118 51.61 -92.20 74.63
N LEU QB 119 50.42 -92.38 75.21
CA LEU QB 119 49.79 -93.71 75.24
C LEU QB 119 49.42 -94.19 73.84
N LEU QB 120 48.93 -93.29 72.99
CA LEU QB 120 48.59 -93.65 71.61
C LEU QB 120 49.83 -94.01 70.80
N ALA QB 121 50.94 -93.28 71.00
CA ALA QB 121 52.20 -93.62 70.36
C ALA QB 121 52.75 -94.95 70.84
N SER QB 122 52.63 -95.24 72.14
CA SER QB 122 53.06 -96.52 72.68
C SER QB 122 52.22 -97.67 72.15
N GLN QB 123 50.91 -97.47 71.98
CA GLN QB 123 50.08 -98.50 71.37
C GLN QB 123 50.36 -98.67 69.89
N LYS QB 124 50.64 -97.59 69.17
CA LYS QB 124 50.95 -97.67 67.75
C LYS QB 124 52.35 -98.23 67.48
N THR QB 125 53.24 -98.16 68.48
CA THR QB 125 54.55 -98.79 68.33
C THR QB 125 54.41 -100.31 68.25
N ASP QB 126 53.54 -100.90 69.06
CA ASP QB 126 53.30 -102.34 69.04
C ASP QB 126 52.55 -102.76 67.79
N SER RB 2 32.26 -23.70 99.25
CA SER RB 2 32.82 -22.49 98.67
C SER RB 2 32.78 -22.54 97.14
N ILE RB 3 31.57 -22.65 96.58
CA ILE RB 3 31.38 -22.75 95.15
C ILE RB 3 30.70 -21.48 94.68
N ALA RB 4 31.51 -20.53 94.20
CA ALA RB 4 31.03 -19.32 93.54
C ALA RB 4 31.94 -19.07 92.35
N ARG RB 5 31.59 -19.66 91.20
CA ARG RB 5 32.47 -19.66 90.05
C ARG RB 5 31.68 -19.31 88.80
N SER RB 6 32.39 -18.81 87.80
CA SER RB 6 31.81 -18.47 86.51
C SER RB 6 32.46 -19.30 85.43
N SER RB 7 31.69 -19.59 84.37
CA SER RB 7 32.16 -20.41 83.27
C SER RB 7 32.92 -19.62 82.21
N VAL RB 8 33.00 -18.30 82.35
CA VAL RB 8 33.69 -17.46 81.37
C VAL RB 8 35.14 -17.31 81.78
N HIS RB 9 36.01 -17.05 80.81
CA HIS RB 9 37.42 -16.84 81.10
C HIS RB 9 37.72 -15.43 81.59
N ALA RB 10 36.79 -14.50 81.40
CA ALA RB 10 36.96 -13.12 81.84
C ALA RB 10 36.55 -12.90 83.29
N LYS RB 11 37.37 -13.35 84.25
CA LYS RB 11 37.04 -13.16 85.65
C LYS RB 11 37.13 -11.70 86.06
N TRP RB 12 38.20 -11.03 85.64
CA TRP RB 12 38.38 -9.61 85.90
C TRP RB 12 38.91 -8.95 84.63
N VAL RB 13 38.18 -7.96 84.12
CA VAL RB 13 38.61 -7.23 82.92
C VAL RB 13 38.46 -5.73 83.17
N VAL RB 14 39.02 -4.94 82.25
CA VAL RB 14 39.00 -3.48 82.34
C VAL RB 14 38.54 -2.93 80.99
N GLY RB 15 37.49 -2.10 81.01
CA GLY RB 15 36.91 -1.61 79.77
C GLY RB 15 36.49 -0.16 79.83
N LYS RB 16 36.45 0.45 78.65
CA LYS RB 16 35.95 1.82 78.52
C LYS RB 16 34.46 1.80 78.19
N VAL RB 17 33.72 2.74 78.79
CA VAL RB 17 32.27 2.80 78.72
C VAL RB 17 31.87 3.34 77.36
N ILE RB 18 31.00 2.61 76.65
CA ILE RB 18 30.50 3.08 75.37
C ILE RB 18 29.32 4.03 75.57
N GLY RB 19 28.29 3.56 76.25
CA GLY RB 19 27.09 4.35 76.43
C GLY RB 19 26.28 3.88 77.62
N THR RB 20 25.44 4.77 78.14
CA THR RB 20 24.55 4.46 79.24
C THR RB 20 23.09 4.72 78.82
N ALA RB 21 22.66 4.07 77.73
CA ALA RB 21 21.31 4.29 77.22
C ALA RB 21 20.27 3.54 78.05
N MET RB 22 20.55 2.28 78.40
CA MET RB 22 19.58 1.44 79.07
C MET RB 22 19.67 1.60 80.59
N GLN RB 23 18.62 1.14 81.27
CA GLN RB 23 18.54 1.32 82.71
C GLN RB 23 19.42 0.30 83.43
N LYS RB 24 20.23 0.80 84.38
CA LYS RB 24 21.00 0.03 85.36
C LYS RB 24 22.05 -0.88 84.70
N THR RB 25 22.43 -0.62 83.46
CA THR RB 25 23.42 -1.43 82.78
C THR RB 25 24.23 -0.53 81.84
N ALA RB 26 25.54 -0.61 81.94
CA ALA RB 26 26.46 0.15 81.10
C ALA RB 26 27.08 -0.77 80.05
N LYS RB 27 27.15 -0.29 78.82
CA LYS RB 27 27.87 -0.97 77.75
C LYS RB 27 29.32 -0.50 77.77
N VAL RB 28 30.23 -1.45 77.92
CA VAL RB 28 31.65 -1.16 78.10
C VAL RB 28 32.44 -1.85 76.99
N ARG RB 29 33.62 -1.34 76.71
CA ARG RB 29 34.41 -1.78 75.56
C ARG RB 29 35.80 -2.16 76.07
N VAL RB 30 36.09 -3.46 76.07
CA VAL RB 30 37.34 -3.99 76.59
C VAL RB 30 38.32 -4.08 75.41
N THR RB 31 39.59 -3.77 75.68
CA THR RB 31 40.63 -3.76 74.67
C THR RB 31 41.73 -4.73 75.08
N ARG RB 32 42.08 -5.65 74.18
CA ARG RB 32 43.09 -6.66 74.44
C ARG RB 32 44.17 -6.60 73.36
N LEU RB 33 45.33 -7.16 73.67
CA LEU RB 33 46.45 -7.23 72.72
C LEU RB 33 46.44 -8.60 72.07
N VAL RB 34 46.30 -8.63 70.75
CA VAL RB 34 46.23 -9.86 69.97
C VAL RB 34 47.37 -9.85 68.96
N LEU RB 35 48.11 -10.96 68.91
CA LEU RB 35 49.24 -11.11 68.00
C LEU RB 35 48.72 -11.50 66.63
N ASP RB 36 48.79 -10.57 65.69
CA ASP RB 36 48.63 -10.89 64.28
C ASP RB 36 49.85 -11.72 63.88
N PRO RB 37 49.65 -12.93 63.35
CA PRO RB 37 50.79 -13.86 63.23
C PRO RB 37 51.54 -13.75 61.92
N TYR RB 38 50.98 -13.09 60.91
CA TYR RB 38 51.75 -12.85 59.70
C TYR RB 38 52.78 -11.75 59.92
N LEU RB 39 52.39 -10.69 60.61
CA LEU RB 39 53.28 -9.58 60.94
C LEU RB 39 54.02 -9.78 62.25
N LEU RB 40 53.64 -10.80 63.03
CA LEU RB 40 54.13 -11.07 64.39
C LEU RB 40 53.99 -9.84 65.29
N LYS RB 41 52.86 -9.16 65.17
CA LYS RB 41 52.72 -7.87 65.83
C LYS RB 41 51.40 -7.79 66.59
N TYR RB 42 51.46 -7.15 67.76
CA TYR RB 42 50.31 -7.05 68.66
C TYR RB 42 49.47 -5.84 68.31
N PHE RB 43 48.16 -6.04 68.24
CA PHE RB 43 47.20 -4.99 67.91
C PHE RB 43 46.07 -5.00 68.93
N ASN RB 44 45.31 -3.90 68.93
CA ASN RB 44 44.22 -3.71 69.89
C ASN RB 44 42.93 -4.29 69.30
N LYS RB 45 42.41 -5.33 69.95
CA LYS RB 45 41.12 -5.90 69.59
C LYS RB 45 40.10 -5.47 70.63
N ARG RB 46 38.97 -4.92 70.19
CA ARG RB 46 37.94 -4.42 71.08
C ARG RB 46 36.79 -5.43 71.14
N LYS RB 47 36.11 -5.48 72.29
CA LYS RB 47 34.96 -6.35 72.49
C LYS RB 47 33.97 -5.67 73.41
N THR RB 48 32.68 -5.88 73.17
CA THR RB 48 31.62 -5.22 73.90
C THR RB 48 31.08 -6.11 75.01
N TYR RB 49 30.86 -5.50 76.19
CA TYR RB 49 30.32 -6.20 77.34
C TYR RB 49 29.20 -5.38 77.97
N PHE RB 50 28.35 -6.06 78.74
CA PHE RB 50 27.34 -5.41 79.57
C PHE RB 50 27.73 -5.54 81.03
N ALA RB 51 27.55 -4.47 81.79
CA ALA RB 51 27.86 -4.50 83.22
C ALA RB 51 26.74 -3.84 83.99
N HIS RB 52 26.26 -4.52 85.03
CA HIS RB 52 25.18 -4.00 85.85
C HIS RB 52 25.70 -2.91 86.78
N ASP RB 53 25.10 -1.72 86.71
CA ASP RB 53 25.38 -0.62 87.63
C ASP RB 53 24.13 -0.43 88.49
N ALA RB 54 24.21 -0.82 89.75
CA ALA RB 54 23.06 -0.73 90.64
C ALA RB 54 22.77 0.71 91.04
N LEU RB 55 23.79 1.55 91.12
CA LEU RB 55 23.64 2.91 91.60
C LEU RB 55 23.57 3.96 90.49
N GLN RB 56 23.67 3.53 89.22
CA GLN RB 56 23.71 4.40 88.03
C GLN RB 56 24.83 5.45 88.16
N GLN RB 57 26.06 4.97 88.26
CA GLN RB 57 27.22 5.82 88.51
C GLN RB 57 28.10 6.00 87.28
N CYS RB 58 27.66 5.56 86.11
CA CYS RB 58 28.48 5.58 84.91
C CYS RB 58 28.21 6.85 84.10
N THR RB 59 29.25 7.66 83.93
CA THR RB 59 29.28 8.68 82.90
C THR RB 59 30.14 8.18 81.75
N VAL RB 60 29.71 8.45 80.51
CA VAL RB 60 30.32 7.88 79.32
C VAL RB 60 31.74 8.42 79.17
N GLY RB 61 32.71 7.51 79.12
CA GLY RB 61 34.11 7.85 79.10
C GLY RB 61 34.89 7.35 80.30
N ASP RB 62 34.24 6.65 81.22
CA ASP RB 62 34.94 6.10 82.38
C ASP RB 62 35.74 4.86 82.00
N ILE RB 63 36.67 4.51 82.88
CA ILE RB 63 37.40 3.25 82.81
C ILE RB 63 36.92 2.40 83.97
N VAL RB 64 36.40 1.20 83.67
CA VAL RB 64 35.63 0.43 84.64
C VAL RB 64 36.21 -0.98 84.73
N LEU RB 65 36.45 -1.40 85.98
CA LEU RB 65 36.76 -2.79 86.30
C LEU RB 65 35.49 -3.62 86.32
N LEU RB 66 35.55 -4.81 85.72
CA LEU RB 66 34.41 -5.70 85.61
C LEU RB 66 34.76 -7.07 86.20
N LYS RB 67 33.85 -7.56 87.04
CA LYS RB 67 33.96 -8.86 87.68
C LYS RB 67 32.85 -9.77 87.17
N ALA RB 68 33.18 -11.05 86.99
CA ALA RB 68 32.25 -12.01 86.39
C ALA RB 68 31.21 -12.46 87.40
N LEU RB 69 29.94 -12.45 86.99
CA LEU RB 69 28.85 -13.01 87.79
C LEU RB 69 28.90 -14.53 87.72
N PRO RB 70 28.67 -15.24 88.83
CA PRO RB 70 28.67 -16.71 88.77
C PRO RB 70 27.54 -17.31 87.95
N VAL RB 71 26.30 -16.96 88.23
CA VAL RB 71 25.14 -17.42 87.47
C VAL RB 71 24.55 -16.22 86.76
N PRO RB 72 24.62 -16.15 85.43
CA PRO RB 72 24.18 -14.94 84.70
C PRO RB 72 22.67 -14.75 84.75
N ARG RB 73 22.25 -13.48 84.83
CA ARG RB 73 20.82 -13.18 84.78
C ARG RB 73 20.26 -13.42 83.38
N THR RB 74 21.03 -13.10 82.35
CA THR RB 74 20.59 -13.26 80.97
C THR RB 74 21.79 -13.63 80.10
N LYS RB 75 21.54 -13.73 78.79
CA LYS RB 75 22.58 -14.23 77.89
C LYS RB 75 23.63 -13.18 77.56
N HIS RB 76 23.33 -11.90 77.81
CA HIS RB 76 24.23 -10.84 77.42
C HIS RB 76 24.80 -10.04 78.59
N VAL RB 77 24.25 -10.17 79.79
CA VAL RB 77 24.76 -9.49 80.98
C VAL RB 77 25.37 -10.56 81.87
N LYS RB 78 26.70 -10.68 81.83
CA LYS RB 78 27.42 -11.63 82.66
C LYS RB 78 28.44 -10.97 83.57
N HIS RB 79 28.51 -9.64 83.59
CA HIS RB 79 29.51 -8.91 84.36
C HIS RB 79 28.85 -7.79 85.15
N GLU RB 80 29.57 -7.30 86.16
CA GLU RB 80 29.16 -6.15 86.96
C GLU RB 80 30.37 -5.27 87.23
N LEU RB 81 30.11 -4.00 87.56
CA LEU RB 81 31.16 -3.09 87.97
C LEU RB 81 31.75 -3.53 89.31
N ALA RB 82 33.08 -3.48 89.40
CA ALA RB 82 33.74 -3.66 90.68
C ALA RB 82 34.15 -2.31 91.24
N GLU RB 83 34.75 -1.48 90.40
CA GLU RB 83 35.12 -0.11 90.75
C GLU RB 83 35.22 0.76 89.51
N ILE RB 84 34.85 2.03 89.66
CA ILE RB 84 35.12 3.06 88.68
C ILE RB 84 36.58 3.45 88.83
N ILE RB 85 37.41 3.03 87.89
CA ILE RB 85 38.86 3.23 88.02
C ILE RB 85 39.24 4.69 87.78
N PHE RB 86 38.80 5.25 86.66
CA PHE RB 86 39.03 6.66 86.36
C PHE RB 86 37.71 7.29 85.96
N LYS RB 87 37.18 8.15 86.82
CA LYS RB 87 36.02 8.96 86.44
C LYS RB 87 36.44 9.99 85.40
N VAL RB 88 35.60 10.18 84.37
CA VAL RB 88 35.97 11.06 83.27
C VAL RB 88 35.90 12.52 83.73
N GLY RB 89 37.01 13.25 83.51
CA GLY RB 89 37.13 14.61 83.98
C GLY RB 89 37.46 14.79 85.44
N GLN RB 90 37.25 13.78 86.28
CA GLN RB 90 37.62 13.82 87.68
C GLN RB 90 38.51 12.63 87.96
N VAL RB 91 39.81 12.78 87.69
CA VAL RB 91 40.78 11.71 87.85
C VAL RB 91 41.66 12.05 89.05
N ILE RB 92 41.63 11.19 90.05
CA ILE RB 92 42.53 11.31 91.20
C ILE RB 92 43.71 10.38 90.97
N ASP RB 93 44.90 10.86 91.31
CA ASP RB 93 46.10 10.06 91.20
C ASP RB 93 46.10 9.03 92.33
N PRO RB 94 46.21 7.73 92.04
CA PRO RB 94 46.24 6.74 93.13
C PRO RB 94 47.51 6.77 93.96
N VAL RB 95 48.56 7.42 93.47
CA VAL RB 95 49.82 7.50 94.21
C VAL RB 95 49.72 8.56 95.30
N THR RB 96 49.41 9.79 94.89
CA THR RB 96 49.42 10.93 95.82
C THR RB 96 48.05 11.23 96.42
N GLY RB 97 46.98 10.64 95.89
CA GLY RB 97 45.66 10.91 96.42
C GLY RB 97 45.12 12.29 96.12
N LYS RB 98 45.58 12.91 95.03
CA LYS RB 98 45.18 14.27 94.70
C LYS RB 98 44.49 14.30 93.34
N PRO RB 99 43.49 15.15 93.16
CA PRO RB 99 42.90 15.31 91.82
C PRO RB 99 43.90 15.93 90.85
N CYS RB 100 43.79 15.52 89.58
CA CYS RB 100 44.69 15.99 88.53
C CYS RB 100 43.89 16.17 87.25
N ALA RB 101 44.42 16.99 86.35
CA ALA RB 101 43.82 17.23 85.04
C ALA RB 101 44.87 16.96 83.98
N GLY RB 102 45.01 15.69 83.59
CA GLY RB 102 45.99 15.34 82.58
C GLY RB 102 47.40 15.40 83.15
N THR RB 103 48.21 16.31 82.63
CA THR RB 103 49.57 16.52 83.09
C THR RB 103 49.64 17.45 84.30
N THR RB 104 48.77 18.45 84.37
CA THR RB 104 48.82 19.46 85.42
C THR RB 104 48.06 19.00 86.64
N TYR RB 105 48.69 19.12 87.82
CA TYR RB 105 48.02 18.89 89.07
C TYR RB 105 46.97 19.97 89.31
N LEU RB 106 45.77 19.54 89.72
CA LEU RB 106 44.74 20.50 90.10
C LEU RB 106 45.07 21.14 91.44
N GLU RB 107 45.53 20.34 92.40
CA GLU RB 107 45.98 20.84 93.70
C GLU RB 107 47.39 20.34 93.94
N SER RB 108 48.25 21.23 94.45
CA SER RB 108 49.64 20.87 94.67
C SER RB 108 49.77 19.92 95.86
N PRO RB 109 50.43 18.77 95.69
CA PRO RB 109 50.50 17.80 96.81
C PRO RB 109 51.50 18.17 97.88
N ILE RB 110 52.33 19.19 97.68
CA ILE RB 110 53.35 19.56 98.65
C ILE RB 110 52.85 20.67 99.55
N SER RB 111 51.54 20.93 99.52
CA SER RB 111 50.92 21.98 100.33
C SER RB 111 49.84 21.35 101.20
N PRO RB 112 50.20 20.82 102.36
CA PRO RB 112 49.16 20.26 103.25
C PRO RB 112 48.30 21.32 103.90
N GLU RB 113 48.83 22.53 104.07
CA GLU RB 113 48.08 23.62 104.70
C GLU RB 113 47.94 24.80 103.75
N SER SB 47 96.27 29.63 74.17
CA SER SB 47 97.39 30.50 74.50
C SER SB 47 97.83 31.32 73.29
N ASN SB 48 97.32 30.95 72.12
CA ASN SB 48 97.60 31.67 70.88
C ASN SB 48 96.57 32.79 70.72
N GLU SB 49 97.02 34.03 70.88
CA GLU SB 49 96.16 35.19 70.79
C GLU SB 49 96.04 35.75 69.38
N ASP SB 50 96.69 35.10 68.40
CA ASP SB 50 96.66 35.56 67.03
C ASP SB 50 95.59 34.87 66.19
N LEU SB 51 94.80 33.97 66.79
CA LEU SB 51 93.69 33.34 66.10
C LEU SB 51 92.57 34.35 65.87
N PRO SB 52 91.82 34.25 64.77
CA PRO SB 52 90.70 35.18 64.54
C PRO SB 52 89.56 34.92 65.51
N VAL SB 53 88.81 35.98 65.77
CA VAL SB 53 87.67 35.95 66.68
C VAL SB 53 86.41 35.68 65.87
N PRO SB 54 85.40 35.01 66.42
CA PRO SB 54 84.16 34.76 65.67
C PRO SB 54 83.20 35.93 65.68
N MET SB 55 83.62 37.06 65.13
CA MET SB 55 82.79 38.25 65.05
C MET SB 55 82.21 38.40 63.64
N GLU SB 56 81.24 39.30 63.51
CA GLU SB 56 80.63 39.56 62.22
C GLU SB 56 81.52 40.48 61.38
N ASN SB 57 81.10 40.69 60.14
CA ASN SB 57 81.85 41.51 59.20
C ASN SB 57 81.79 42.99 59.60
N PRO SB 58 82.93 43.65 59.79
CA PRO SB 58 82.88 45.08 60.12
C PRO SB 58 82.77 45.97 58.89
N TYR SB 59 83.13 45.46 57.71
CA TYR SB 59 83.17 46.27 56.49
C TYR SB 59 81.88 46.17 55.67
N LYS SB 60 80.77 45.80 56.28
CA LYS SB 60 79.51 45.76 55.54
C LYS SB 60 79.02 47.18 55.26
N GLU SB 61 79.23 47.63 54.03
CA GLU SB 61 78.66 48.86 53.55
C GLU SB 61 77.14 48.72 53.52
N PRO SB 62 76.41 49.72 54.02
CA PRO SB 62 74.95 49.56 54.20
C PRO SB 62 74.21 49.41 52.87
N LEU SB 63 73.03 48.81 52.97
CA LEU SB 63 72.26 48.40 51.81
C LEU SB 63 71.77 49.61 51.04
N LYS SB 64 71.86 49.53 49.70
CA LYS SB 64 71.47 50.64 48.85
C LYS SB 64 69.96 50.82 48.86
N LYS SB 65 69.54 52.08 48.78
CA LYS SB 65 68.18 52.48 49.08
C LYS SB 65 67.48 52.97 47.83
N CYS SB 66 66.15 52.92 47.85
CA CYS SB 66 65.37 53.41 46.72
C CYS SB 66 65.29 54.94 46.74
N ILE SB 67 64.65 55.51 45.71
CA ILE SB 67 64.58 56.96 45.57
C ILE SB 67 63.65 57.54 46.64
N LEU SB 68 62.55 56.86 46.93
CA LEU SB 68 61.60 57.28 47.94
C LEU SB 68 61.71 56.48 49.22
N CYS SB 69 62.93 56.26 49.71
CA CYS SB 69 63.13 55.21 50.70
C CYS SB 69 63.30 55.87 52.06
N GLU SB 70 62.52 55.39 53.03
CA GLU SB 70 62.09 56.16 54.21
C GLU SB 70 61.39 57.46 53.80
N LYS SB 71 60.46 57.36 52.86
CA LYS SB 71 59.61 58.47 52.46
C LYS SB 71 58.13 58.05 52.51
N HIS SB 72 57.25 58.98 52.18
CA HIS SB 72 55.80 58.76 52.24
C HIS SB 72 55.18 59.10 50.90
N VAL SB 73 54.49 58.14 50.30
CA VAL SB 73 53.84 58.33 49.01
C VAL SB 73 52.41 58.81 49.23
N ASP SB 74 51.80 59.36 48.18
CA ASP SB 74 50.46 59.91 48.27
C ASP SB 74 49.81 59.91 46.90
N TYR SB 75 48.47 59.97 46.90
CA TYR SB 75 47.72 60.11 45.66
C TYR SB 75 47.35 61.57 45.36
N LYS SB 76 47.59 62.48 46.29
CA LYS SB 76 47.21 63.87 46.10
C LYS SB 76 48.27 64.67 45.35
N ASN SB 77 49.53 64.27 45.43
CA ASN SB 77 50.60 64.94 44.71
C ASN SB 77 50.75 64.34 43.31
N VAL SB 78 50.34 65.11 42.30
CA VAL SB 78 50.34 64.61 40.93
C VAL SB 78 51.76 64.51 40.38
N GLN SB 79 52.66 65.40 40.80
CA GLN SB 79 54.01 65.49 40.23
C GLN SB 79 54.83 64.24 40.50
N LEU SB 80 54.82 63.78 41.76
CA LEU SB 80 55.62 62.62 42.15
C LEU SB 80 55.12 61.36 41.47
N LEU SB 81 53.80 61.20 41.38
CA LEU SB 81 53.24 60.04 40.69
C LEU SB 81 53.48 60.13 39.19
N SER SB 82 53.52 61.33 38.63
CA SER SB 82 53.63 61.50 37.20
C SER SB 82 55.08 61.51 36.71
N GLN SB 83 56.06 61.58 37.61
CA GLN SB 83 57.45 61.39 37.18
C GLN SB 83 57.72 59.98 36.68
N PHE SB 84 57.05 58.98 37.26
CA PHE SB 84 57.28 57.59 36.89
C PHE SB 84 56.39 57.13 35.74
N ILE SB 85 55.88 58.06 34.95
CA ILE SB 85 54.91 57.79 33.90
C ILE SB 85 55.47 58.30 32.57
N SER SB 86 55.29 57.51 31.52
CA SER SB 86 55.72 57.87 30.17
C SER SB 86 54.99 59.12 29.69
N PRO SB 87 55.70 60.11 29.13
CA PRO SB 87 55.02 61.37 28.77
C PRO SB 87 54.11 61.26 27.56
N PHE SB 88 54.45 60.41 26.59
CA PHE SB 88 53.69 60.36 25.35
C PHE SB 88 52.47 59.45 25.42
N THR SB 89 52.47 58.45 26.31
CA THR SB 89 51.46 57.41 26.29
C THR SB 89 50.72 57.29 27.61
N GLY SB 90 51.37 57.58 28.74
CA GLY SB 90 50.74 57.46 30.02
C GLY SB 90 50.97 56.14 30.72
N CYS SB 91 51.81 55.27 30.19
CA CYS SB 91 52.09 53.99 30.80
C CYS SB 91 52.95 54.16 32.06
N ILE SB 92 52.89 53.15 32.92
CA ILE SB 92 53.64 53.15 34.18
C ILE SB 92 54.89 52.30 33.98
N TYR SB 93 56.04 52.86 34.34
CA TYR SB 93 57.31 52.17 34.17
C TYR SB 93 57.48 51.08 35.23
N GLY SB 94 58.20 50.02 34.84
CA GLY SB 94 58.44 48.90 35.72
C GLY SB 94 59.63 49.13 36.63
N ARG SB 95 60.07 48.03 37.25
CA ARG SB 95 61.19 48.10 38.19
C ARG SB 95 62.51 48.39 37.48
N HIS SB 96 62.68 47.84 36.27
CA HIS SB 96 63.94 48.01 35.55
C HIS SB 96 64.15 49.42 35.03
N ILE SB 97 63.11 50.25 34.99
CA ILE SB 97 63.24 51.64 34.59
C ILE SB 97 63.20 52.52 35.84
N THR SB 98 62.31 52.18 36.78
CA THR SB 98 62.11 53.03 37.95
C THR SB 98 63.21 52.83 39.00
N GLY SB 99 63.41 51.59 39.45
CA GLY SB 99 64.47 51.27 40.39
C GLY SB 99 64.16 51.51 41.85
N LEU SB 100 63.10 50.89 42.36
CA LEU SB 100 62.68 51.07 43.74
C LEU SB 100 62.76 49.75 44.50
N CYS SB 101 62.57 49.83 45.82
CA CYS SB 101 62.19 48.64 46.57
C CYS SB 101 60.80 48.22 46.10
N GLY SB 102 60.51 46.92 46.22
CA GLY SB 102 59.24 46.40 45.72
C GLY SB 102 58.03 46.97 46.46
N LYS SB 103 58.23 47.27 47.75
CA LYS SB 103 57.20 47.94 48.55
C LYS SB 103 56.82 49.28 47.96
N LYS SB 104 57.83 50.13 47.69
CA LYS SB 104 57.54 51.44 47.11
C LYS SB 104 57.06 51.35 45.67
N GLN SB 105 57.50 50.34 44.92
CA GLN SB 105 57.00 50.17 43.55
C GLN SB 105 55.50 49.86 43.57
N LYS SB 106 55.08 49.00 44.51
CA LYS SB 106 53.66 48.69 44.64
C LYS SB 106 52.87 49.90 45.14
N GLU SB 107 53.44 50.68 46.08
CA GLU SB 107 52.75 51.87 46.57
C GLU SB 107 52.62 52.94 45.50
N ILE SB 108 53.65 53.13 44.67
CA ILE SB 108 53.54 54.06 43.54
C ILE SB 108 52.48 53.60 42.55
N THR SB 109 52.44 52.28 42.26
CA THR SB 109 51.45 51.76 41.32
C THR SB 109 50.02 51.96 41.83
N LYS SB 110 49.79 51.65 43.11
CA LYS SB 110 48.47 51.82 43.70
C LYS SB 110 48.09 53.30 43.82
N ALA SB 111 49.05 54.16 44.15
CA ALA SB 111 48.78 55.58 44.31
C ALA SB 111 48.46 56.23 42.97
N ILE SB 112 49.20 55.85 41.91
CA ILE SB 112 48.86 56.31 40.56
C ILE SB 112 47.47 55.86 40.18
N LYS SB 113 47.15 54.56 40.33
CA LYS SB 113 45.86 54.04 39.85
C LYS SB 113 44.68 54.63 40.63
N ARG SB 114 44.89 54.91 41.93
CA ARG SB 114 43.89 55.62 42.72
C ARG SB 114 43.71 57.04 42.19
N ALA SB 115 44.80 57.72 41.83
CA ALA SB 115 44.68 59.05 41.24
C ALA SB 115 44.08 59.02 39.84
N GLN SB 116 44.27 57.92 39.11
CA GLN SB 116 43.69 57.79 37.78
C GLN SB 116 42.17 57.67 37.86
N ILE SB 117 41.70 56.83 38.78
CA ILE SB 117 40.25 56.64 38.94
C ILE SB 117 39.60 57.86 39.58
N LEU SB 118 40.22 58.43 40.62
CA LEU SB 118 39.55 59.47 41.41
C LEU SB 118 39.54 60.83 40.73
N GLY SB 119 40.24 60.98 39.60
CA GLY SB 119 40.15 62.19 38.82
C GLY SB 119 41.18 63.26 39.12
N PHE SB 120 42.33 62.90 39.67
CA PHE SB 120 43.33 63.92 40.00
C PHE SB 120 44.37 64.06 38.89
N MET SB 121 44.61 63.02 38.11
CA MET SB 121 45.67 63.10 37.12
C MET SB 121 45.21 62.53 35.79
N PRO SB 122 45.80 62.98 34.68
CA PRO SB 122 45.40 62.49 33.35
C PRO SB 122 45.70 61.00 33.16
N VAL SB 123 45.05 60.39 32.16
CA VAL SB 123 45.32 58.99 31.88
C VAL SB 123 46.20 58.85 30.64
N THR SB 124 45.74 59.40 29.52
CA THR SB 124 46.32 59.17 28.20
C THR SB 124 47.65 59.91 28.03
N TYR SB 125 47.92 60.93 28.83
CA TYR SB 125 49.15 61.68 28.68
C TYR SB 125 49.67 62.10 30.05
N LYS SB 126 50.94 62.45 30.10
CA LYS SB 126 51.48 63.19 31.23
C LYS SB 126 50.87 64.59 31.21
N ASP SB 127 50.55 65.11 32.39
CA ASP SB 127 50.02 66.45 32.53
C ASP SB 127 51.13 67.44 32.12
N PRO SB 128 50.90 68.27 31.10
CA PRO SB 128 52.01 69.05 30.53
C PRO SB 128 52.52 70.18 31.41
N ALA SB 129 51.79 70.53 32.49
CA ALA SB 129 52.29 71.54 33.41
C ALA SB 129 53.47 71.03 34.20
N TYR SB 130 53.56 69.71 34.40
CA TYR SB 130 54.70 69.09 35.06
C TYR SB 130 55.61 68.36 34.09
N LEU SB 131 55.75 68.88 32.87
CA LEU SB 131 56.56 68.20 31.85
C LEU SB 131 58.04 68.36 32.11
N LYS SB 132 58.46 69.52 32.63
CA LYS SB 132 59.87 69.85 32.77
C LYS SB 132 60.43 69.47 34.14
N ASP SB 133 59.87 68.45 34.78
CA ASP SB 133 60.37 67.95 36.06
C ASP SB 133 61.70 67.23 35.84
N PRO SB 134 62.56 67.12 36.86
CA PRO SB 134 63.80 66.35 36.70
C PRO SB 134 63.52 64.87 36.45
N LYS SB 135 64.36 64.27 35.61
CA LYS SB 135 64.13 62.91 35.12
C LYS SB 135 64.83 61.93 36.05
N VAL SB 136 64.03 61.12 36.75
CA VAL SB 136 64.59 60.10 37.64
C VAL SB 136 64.71 58.76 36.91
N CYS SB 137 63.86 58.53 35.91
CA CYS SB 137 63.85 57.28 35.17
C CYS SB 137 65.05 57.20 34.23
N ASN SB 138 65.45 55.96 33.92
CA ASN SB 138 66.63 55.70 33.12
C ASN SB 138 66.32 55.39 31.65
N ILE SB 139 65.10 55.63 31.21
CA ILE SB 139 64.74 55.39 29.81
C ILE SB 139 65.13 56.62 28.99
N LYS SB 140 65.73 56.38 27.82
CA LYS SB 140 66.17 57.44 26.91
C LYS SB 140 65.35 57.32 25.63
N TYR SB 141 64.64 58.40 25.28
CA TYR SB 141 63.67 58.32 24.21
C TYR SB 141 64.25 58.82 22.89
N ARG SB 142 65.17 59.77 22.95
CA ARG SB 142 65.81 60.33 21.76
C ARG SB 142 67.17 59.67 21.56
N GLU SB 143 67.37 59.11 20.37
CA GLU SB 143 68.68 58.57 19.99
C GLU SB 143 69.16 59.16 18.68
N ALA TB 2 39.20 60.04 24.10
CA ALA TB 2 37.91 60.64 23.76
C ALA TB 2 37.60 61.81 24.70
N ASN TB 3 37.53 61.53 26.00
CA ASN TB 3 37.25 62.58 26.97
C ASN TB 3 38.47 63.44 27.26
N HIS TB 4 39.67 62.98 26.91
CA HIS TB 4 40.86 63.74 27.21
C HIS TB 4 41.10 64.84 26.18
N LEU TB 5 42.06 65.70 26.50
CA LEU TB 5 42.46 66.75 25.57
C LEU TB 5 43.20 66.14 24.38
N LYS TB 6 42.95 66.69 23.21
CA LYS TB 6 43.50 66.12 21.99
C LYS TB 6 44.93 66.59 21.75
N PHE TB 7 45.65 65.79 20.95
CA PHE TB 7 46.94 66.12 20.34
C PHE TB 7 48.07 66.35 21.33
N ILE TB 8 47.89 65.91 22.58
CA ILE TB 8 48.98 65.92 23.56
C ILE TB 8 49.69 64.57 23.61
N ALA TB 9 48.95 63.47 23.53
CA ALA TB 9 49.48 62.13 23.73
C ALA TB 9 49.92 61.51 22.41
N ARG TB 10 51.06 60.80 22.45
CA ARG TB 10 51.66 60.08 21.31
C ARG TB 10 51.91 61.02 20.13
N THR TB 11 52.38 62.23 20.44
CA THR TB 11 52.59 63.28 19.46
C THR TB 11 54.04 63.71 19.45
N VAL TB 12 54.63 63.73 18.25
CA VAL TB 12 55.95 64.31 18.04
C VAL TB 12 55.82 65.40 16.98
N MET TB 13 56.74 66.35 17.01
CA MET TB 13 56.75 67.46 16.08
C MET TB 13 57.99 67.38 15.20
N VAL TB 14 57.85 67.78 13.94
CA VAL TB 14 58.96 67.66 13.00
C VAL TB 14 59.95 68.80 13.24
N GLN TB 15 61.21 68.54 12.90
CA GLN TB 15 62.26 69.55 12.97
C GLN TB 15 62.78 69.83 11.57
N GLU TB 16 62.78 71.12 11.19
CA GLU TB 16 63.35 71.63 9.95
C GLU TB 16 62.73 71.03 8.69
N GLY TB 17 61.49 70.55 8.78
CA GLY TB 17 60.74 70.20 7.58
C GLY TB 17 60.84 68.78 7.09
N ASN TB 18 61.37 67.85 7.87
CA ASN TB 18 61.38 66.43 7.49
C ASN TB 18 60.50 65.63 8.46
N VAL TB 19 59.75 64.66 7.92
CA VAL TB 19 58.74 63.99 8.71
C VAL TB 19 59.13 62.54 9.00
N GLU TB 20 60.06 61.99 8.22
CA GLU TB 20 60.44 60.59 8.38
C GLU TB 20 61.21 60.38 9.68
N GLY TB 21 62.03 61.36 10.07
CA GLY TB 21 62.75 61.26 11.33
C GLY TB 21 61.83 61.33 12.53
N ALA TB 22 60.82 62.21 12.48
CA ALA TB 22 59.81 62.26 13.53
C ALA TB 22 58.98 60.98 13.55
N TYR TB 23 58.78 60.36 12.38
CA TYR TB 23 58.05 59.10 12.34
C TYR TB 23 58.84 57.96 12.98
N ARG TB 24 60.14 57.88 12.72
CA ARG TB 24 60.93 56.86 13.42
C ARG TB 24 61.06 57.17 14.90
N THR TB 25 61.04 58.45 15.27
CA THR TB 25 61.02 58.82 16.69
C THR TB 25 59.75 58.33 17.37
N LEU TB 26 58.59 58.53 16.70
CA LEU TB 26 57.31 58.06 17.22
C LEU TB 26 57.27 56.54 17.33
N ASN TB 27 57.83 55.85 16.33
CA ASN TB 27 57.88 54.40 16.36
C ASN TB 27 58.82 53.87 17.44
N ARG TB 28 59.91 54.60 17.74
CA ARG TB 28 60.73 54.21 18.89
C ARG TB 28 59.99 54.42 20.20
N ILE TB 29 59.20 55.50 20.33
CA ILE TB 29 58.41 55.72 21.54
C ILE TB 29 57.43 54.58 21.77
N LEU TB 30 56.71 54.19 20.71
CA LEU TB 30 55.77 53.06 20.84
C LEU TB 30 56.51 51.74 21.02
N THR TB 31 57.74 51.62 20.51
CA THR TB 31 58.48 50.39 20.65
C THR TB 31 58.99 50.18 22.07
N MET TB 32 59.55 51.22 22.70
CA MET TB 32 59.97 51.09 24.09
C MET TB 32 58.77 51.03 25.03
N ASP TB 33 57.65 51.64 24.64
CA ASP TB 33 56.45 51.51 25.45
C ASP TB 33 55.71 50.19 25.21
N GLY TB 34 56.10 49.43 24.18
CA GLY TB 34 55.52 48.14 23.93
C GLY TB 34 54.14 48.16 23.31
N LEU TB 35 53.70 49.30 22.77
CA LEU TB 35 52.36 49.36 22.21
C LEU TB 35 52.26 48.66 20.87
N ILE TB 36 53.38 48.56 20.14
CA ILE TB 36 53.37 47.97 18.80
C ILE TB 36 53.01 46.49 18.87
N GLU TB 37 53.67 45.75 19.77
CA GLU TB 37 53.34 44.34 19.99
C GLU TB 37 51.95 44.18 20.59
N ASP TB 38 51.47 45.18 21.32
CA ASP TB 38 50.11 45.14 21.85
C ASP TB 38 49.07 45.21 20.73
N ILE TB 39 49.29 46.07 19.73
CA ILE TB 39 48.39 46.14 18.58
C ILE TB 39 48.49 44.87 17.73
N LYS TB 40 49.70 44.31 17.61
CA LYS TB 40 49.84 43.04 16.90
C LYS TB 40 49.13 41.88 17.61
N ARG TB 41 49.17 41.85 18.95
CA ARG TB 41 48.55 40.77 19.70
C ARG TB 41 47.06 40.98 19.95
N ARG TB 42 46.54 42.20 19.80
CA ARG TB 42 45.13 42.46 19.98
C ARG TB 42 44.34 42.45 18.67
N ARG TB 43 44.97 42.08 17.56
CA ARG TB 43 44.24 41.90 16.31
C ARG TB 43 43.31 40.69 16.40
N TYR TB 44 43.77 39.62 17.04
CA TYR TB 44 42.98 38.45 17.34
C TYR TB 44 42.94 38.26 18.85
N TYR TB 45 42.12 37.32 19.30
CA TYR TB 45 42.03 37.04 20.72
C TYR TB 45 42.90 35.84 21.09
N GLU TB 46 43.63 36.00 22.19
CA GLU TB 46 44.46 34.92 22.73
C GLU TB 46 43.87 34.47 24.06
N LYS TB 47 43.79 33.16 24.23
CA LYS TB 47 43.22 32.60 25.45
C LYS TB 47 44.18 32.81 26.62
N PRO TB 48 43.66 32.80 27.87
CA PRO TB 48 44.55 32.96 29.04
C PRO TB 48 45.63 31.90 29.18
N CYS TB 49 45.37 30.67 28.72
CA CYS TB 49 46.42 29.65 28.70
C CYS TB 49 47.55 30.05 27.76
N ARG TB 50 47.20 30.55 26.57
CA ARG TB 50 48.21 31.02 25.63
C ARG TB 50 48.94 32.24 26.15
N ARG TB 51 48.23 33.11 26.88
CA ARG TB 51 48.85 34.27 27.50
C ARG TB 51 49.87 33.86 28.56
N ARG TB 52 49.52 32.88 29.40
CA ARG TB 52 50.43 32.40 30.42
C ARG TB 52 51.66 31.72 29.81
N GLN TB 53 51.45 30.93 28.76
CA GLN TB 53 52.57 30.28 28.08
C GLN TB 53 53.49 31.30 27.42
N ARG TB 54 52.91 32.35 26.81
CA ARG TB 54 53.71 33.37 26.16
C ARG TB 54 54.50 34.19 27.18
N GLU TB 55 53.88 34.51 28.32
CA GLU TB 55 54.59 35.26 29.36
C GLU TB 55 55.71 34.42 29.99
N SER TB 56 55.48 33.12 30.18
CA SER TB 56 56.53 32.25 30.71
C SER TB 56 57.69 32.12 29.73
N TYR TB 57 57.38 31.96 28.43
CA TYR TB 57 58.42 31.88 27.41
C TYR TB 57 59.20 33.19 27.30
N GLU TB 58 58.51 34.32 27.38
CA GLU TB 58 59.17 35.62 27.28
C GLU TB 58 60.05 35.88 28.50
N THR TB 59 59.59 35.48 29.69
CA THR TB 59 60.40 35.65 30.91
C THR TB 59 61.63 34.76 30.88
N CYS TB 60 61.48 33.50 30.40
CA CYS TB 60 62.62 32.60 30.29
C CYS TB 60 63.65 33.12 29.29
N ARG TB 61 63.16 33.60 28.14
CA ARG TB 61 64.06 34.13 27.12
C ARG TB 61 64.76 35.41 27.59
N ARG TB 62 64.04 36.26 28.33
CA ARG TB 62 64.63 37.49 28.84
C ARG TB 62 65.70 37.19 29.87
N ILE TB 63 65.45 36.22 30.76
CA ILE TB 63 66.42 35.84 31.78
C ILE TB 63 67.68 35.28 31.13
N TYR TB 64 67.49 34.37 30.16
CA TYR TB 64 68.64 33.75 29.48
C TYR TB 64 69.43 34.77 28.67
N ASN TB 65 68.74 35.68 27.97
CA ASN TB 65 69.43 36.66 27.14
C ASN TB 65 70.18 37.69 27.97
N MET TB 66 69.59 38.15 29.08
CA MET TB 66 70.29 39.14 29.90
C MET TB 66 71.47 38.51 30.65
N GLU TB 67 71.34 37.24 31.06
CA GLU TB 67 72.47 36.58 31.72
C GLU TB 67 73.58 36.26 30.72
N MET TB 68 73.21 35.91 29.49
CA MET TB 68 74.22 35.66 28.46
C MET TB 68 74.93 36.94 28.06
N ALA TB 69 74.20 38.05 27.97
CA ALA TB 69 74.82 39.34 27.69
C ALA TB 69 75.71 39.79 28.84
N ARG TB 70 75.33 39.44 30.07
CA ARG TB 70 76.20 39.70 31.22
C ARG TB 70 77.49 38.89 31.13
N LYS TB 71 77.40 37.64 30.66
CA LYS TB 71 78.62 36.85 30.47
C LYS TB 71 79.51 37.41 29.35
N ILE TB 72 78.90 37.91 28.27
CA ILE TB 72 79.67 38.57 27.20
C ILE TB 72 80.35 39.82 27.72
N ASN TB 73 79.64 40.63 28.51
CA ASN TB 73 80.23 41.84 29.06
C ASN TB 73 81.30 41.53 30.11
N PHE TB 74 81.18 40.37 30.78
CA PHE TB 74 82.20 39.95 31.72
C PHE TB 74 83.46 39.48 31.00
N LEU TB 75 83.29 38.77 29.88
CA LEU TB 75 84.42 38.18 29.17
C LEU TB 75 84.93 39.05 28.02
N MET TB 76 84.40 40.27 27.86
CA MET TB 76 84.83 41.14 26.76
C MET TB 76 86.28 41.58 26.89
N ARG TB 77 86.81 41.63 28.12
CA ARG TB 77 88.18 42.12 28.29
C ARG TB 77 89.22 41.07 27.94
N LYS TB 78 88.80 39.83 27.71
CA LYS TB 78 89.71 38.76 27.31
C LYS TB 78 89.81 38.57 25.81
N ASN TB 79 89.26 39.50 25.01
CA ASN TB 79 89.32 39.39 23.57
C ASN TB 79 90.61 39.95 22.99
N ARG TB 80 91.54 40.40 23.84
CA ARG TB 80 92.82 40.91 23.38
C ARG TB 80 93.68 39.78 22.82
N ALA TB 81 94.72 40.17 22.09
CA ALA TB 81 95.68 39.20 21.58
C ALA TB 81 96.48 38.58 22.72
N ASP TB 82 96.67 37.28 22.64
CA ASP TB 82 97.31 36.55 23.72
C ASP TB 82 98.81 36.82 23.74
N PRO TB 83 99.41 37.04 24.92
CA PRO TB 83 100.83 37.39 24.96
C PRO TB 83 101.76 36.20 24.92
N TRP TB 84 101.25 34.98 25.11
CA TRP TB 84 102.10 33.82 25.29
C TRP TB 84 102.00 32.84 24.13
N GLN TB 85 101.89 33.33 22.90
CA GLN TB 85 101.75 32.46 21.73
C GLN TB 85 103.04 31.71 21.45
N GLY TB 86 102.89 30.43 21.15
CA GLY TB 86 104.04 29.55 20.91
C GLY TB 86 104.91 29.33 22.12
N CYS TB 87 104.30 29.22 23.30
CA CYS TB 87 105.05 29.09 24.55
C CYS TB 87 105.70 27.71 24.69
N UNK WB 1 87.73 -2.06 -83.36
CA UNK WB 1 87.69 -2.23 -84.81
C UNK WB 1 89.09 -2.44 -85.38
N UNK WB 2 89.99 -1.51 -85.10
CA UNK WB 2 91.36 -1.61 -85.59
C UNK WB 2 92.12 -2.70 -84.83
N UNK WB 3 92.96 -3.44 -85.56
CA UNK WB 3 93.75 -4.52 -84.99
C UNK WB 3 95.22 -4.23 -85.25
N UNK WB 4 96.01 -4.16 -84.18
CA UNK WB 4 97.44 -3.92 -84.27
C UNK WB 4 98.20 -5.17 -83.82
N UNK WB 5 99.23 -5.51 -84.59
CA UNK WB 5 100.03 -6.71 -84.32
C UNK WB 5 101.42 -6.28 -83.83
N UNK WB 6 101.78 -6.76 -82.65
CA UNK WB 6 103.12 -6.56 -82.10
C UNK WB 6 103.71 -7.92 -81.76
N UNK WB 7 104.91 -8.19 -82.26
CA UNK WB 7 105.55 -9.49 -82.11
C UNK WB 7 106.24 -9.54 -80.75
N UNK WB 8 105.60 -10.22 -79.79
CA UNK WB 8 106.21 -10.40 -78.48
C UNK WB 8 107.29 -11.47 -78.53
N UNK WB 9 107.19 -12.39 -79.50
CA UNK WB 9 108.13 -13.51 -79.59
C UNK WB 9 109.52 -13.05 -80.01
N UNK WB 10 109.62 -12.05 -80.87
CA UNK WB 10 110.90 -11.48 -81.28
C UNK WB 10 111.61 -10.83 -80.09
N UNK WB 11 110.86 -10.07 -79.30
CA UNK WB 11 111.42 -9.45 -78.10
C UNK WB 11 111.79 -10.49 -77.06
N UNK WB 12 111.01 -11.58 -76.99
CA UNK WB 12 111.32 -12.69 -76.08
C UNK WB 12 112.61 -13.38 -76.46
N UNK WB 13 112.82 -13.61 -77.76
CA UNK WB 13 114.05 -14.24 -78.21
C UNK WB 13 115.23 -13.28 -78.14
N UNK WB 14 114.99 -11.97 -78.20
CA UNK WB 14 116.09 -11.01 -78.16
C UNK WB 14 116.53 -10.73 -76.73
N UNK WB 15 115.62 -10.25 -75.88
CA UNK WB 15 115.96 -9.77 -74.56
C UNK WB 15 115.68 -10.77 -73.44
N UNK WB 16 115.88 -12.07 -73.72
CA UNK WB 16 115.85 -13.16 -72.72
C UNK WB 16 114.50 -13.29 -72.00
N UNK WB 17 113.41 -13.19 -72.75
CA UNK WB 17 112.08 -13.42 -72.21
C UNK WB 17 111.38 -14.60 -72.84
N UNK WB 18 112.11 -15.58 -73.35
CA UNK WB 18 111.50 -16.76 -73.96
C UNK WB 18 111.03 -17.73 -72.89
N ARG XB 88 88.87 -47.96 106.23
CA ARG XB 88 89.07 -46.78 105.42
C ARG XB 88 90.08 -47.04 104.30
N LYS XB 89 89.65 -47.76 103.28
CA LYS XB 89 90.46 -47.91 102.09
C LYS XB 89 90.23 -46.72 101.16
N PRO XB 90 91.23 -46.31 100.38
CA PRO XB 90 91.02 -45.19 99.46
C PRO XB 90 90.10 -45.59 98.30
N THR XB 91 89.13 -44.71 98.02
CA THR XB 91 88.20 -44.90 96.93
C THR XB 91 88.38 -43.79 95.90
N PHE XB 92 87.72 -43.97 94.75
CA PHE XB 92 87.96 -43.07 93.61
C PHE XB 92 87.35 -41.69 93.83
N MET XB 93 86.32 -41.59 94.68
CA MET XB 93 85.62 -40.33 94.88
C MET XB 93 86.14 -39.53 96.07
N ASP XB 94 87.27 -39.93 96.65
CA ASP XB 94 87.88 -39.16 97.73
C ASP XB 94 88.45 -37.85 97.19
N GLU XB 95 88.42 -36.81 98.03
CA GLU XB 95 88.80 -35.48 97.57
C GLU XB 95 90.28 -35.38 97.25
N GLU XB 96 91.12 -36.08 98.01
CA GLU XB 96 92.57 -36.04 97.77
C GLU XB 96 92.92 -36.63 96.42
N VAL XB 97 92.37 -37.81 96.10
CA VAL XB 97 92.68 -38.46 94.83
C VAL XB 97 92.00 -37.72 93.68
N GLN XB 98 90.86 -37.07 93.93
CA GLN XB 98 90.22 -36.27 92.88
C GLN XB 98 91.04 -35.05 92.52
N ASN XB 99 91.54 -34.31 93.53
CA ASN XB 99 92.40 -33.16 93.21
C ASN XB 99 93.74 -33.60 92.62
N ILE XB 100 94.23 -34.78 93.03
CA ILE XB 100 95.46 -35.33 92.44
C ILE XB 100 95.25 -35.62 90.96
N LEU XB 101 94.11 -36.23 90.60
CA LEU XB 101 93.83 -36.52 89.20
C LEU XB 101 93.52 -35.26 88.39
N ILE XB 102 92.90 -34.25 89.01
CA ILE XB 102 92.65 -32.98 88.33
C ILE XB 102 93.95 -32.26 87.99
N LYS XB 103 94.90 -32.21 88.92
CA LYS XB 103 96.18 -31.60 88.59
C LYS XB 103 97.04 -32.54 87.75
N MET XB 104 96.68 -33.83 87.73
CA MET XB 104 97.38 -34.79 86.88
C MET XB 104 97.03 -34.62 85.41
N THR XB 105 95.75 -34.43 85.09
CA THR XB 105 95.33 -34.46 83.69
C THR XB 105 95.75 -33.21 82.94
N GLY XB 106 95.96 -32.11 83.66
CA GLY XB 106 96.35 -30.89 82.97
C GLY XB 106 95.18 -30.21 82.29
N LEU XB 107 95.47 -29.12 81.60
CA LEU XB 107 94.46 -28.36 80.86
C LEU XB 107 95.05 -27.90 79.54
N ASP XB 108 94.62 -28.53 78.44
CA ASP XB 108 94.97 -28.10 77.10
C ASP XB 108 93.69 -27.71 76.39
N LEU XB 109 93.48 -26.40 76.21
CA LEU XB 109 92.26 -25.87 75.63
C LEU XB 109 92.04 -26.30 74.18
N GLN XB 110 93.09 -26.27 73.36
CA GLN XB 110 92.99 -26.68 71.97
C GLN XB 110 92.71 -28.17 71.83
N LYS XB 111 93.23 -28.98 72.75
CA LYS XB 111 92.96 -30.41 72.68
C LYS XB 111 91.56 -30.75 73.18
N ILE XB 112 91.06 -30.06 74.21
CA ILE XB 112 89.74 -30.38 74.74
C ILE XB 112 88.65 -29.80 73.84
N PHE XB 113 88.96 -28.71 73.14
CA PHE XB 113 88.01 -28.09 72.22
C PHE XB 113 88.51 -28.30 70.80
N LYS XB 114 88.04 -29.37 70.17
CA LYS XB 114 88.47 -29.79 68.85
C LYS XB 114 87.29 -29.68 67.89
N PRO XB 115 87.53 -29.24 66.64
CA PRO XB 115 86.44 -29.15 65.66
C PRO XB 115 85.89 -30.51 65.30
N ALA XB 116 84.65 -30.76 65.68
CA ALA XB 116 84.06 -32.09 65.62
C ALA XB 116 83.38 -32.32 64.28
N LEU XB 117 82.97 -33.57 64.05
CA LEU XB 117 82.46 -34.01 62.77
C LEU XB 117 80.93 -34.06 62.69
N GLN XB 118 80.22 -33.17 63.38
CA GLN XB 118 78.80 -33.04 63.09
C GLN XB 118 78.57 -31.91 62.09
N GLU XB 119 77.29 -31.60 61.85
CA GLU XB 119 76.92 -30.58 60.88
C GLU XB 119 77.31 -29.19 61.38
N LEU XB 120 78.13 -28.50 60.59
CA LEU XB 120 78.69 -27.23 60.99
C LEU XB 120 77.71 -26.08 60.74
N LYS XB 121 77.91 -25.00 61.47
CA LYS XB 121 77.15 -23.77 61.36
C LYS XB 121 78.13 -22.60 61.29
N PRO XB 122 77.74 -21.47 60.70
CA PRO XB 122 78.64 -20.32 60.64
C PRO XB 122 78.90 -19.74 62.02
N PRO XB 123 80.17 -19.45 62.35
CA PRO XB 123 80.49 -18.94 63.69
C PRO XB 123 80.01 -17.51 63.90
N THR XB 124 79.96 -17.12 65.17
CA THR XB 124 79.52 -15.79 65.59
C THR XB 124 80.73 -14.99 66.06
N TYR XB 125 80.82 -13.74 65.59
CA TYR XB 125 81.92 -12.85 65.92
C TYR XB 125 81.42 -11.73 66.82
N LYS XB 126 82.32 -11.28 67.71
CA LYS XB 126 82.02 -10.14 68.56
C LYS XB 126 83.32 -9.43 68.89
N LEU XB 127 83.18 -8.16 69.28
CA LEU XB 127 84.31 -7.33 69.66
C LEU XB 127 84.46 -7.35 71.17
N MET XB 128 85.63 -7.77 71.65
CA MET XB 128 85.86 -7.93 73.08
C MET XB 128 87.09 -7.15 73.51
N THR XB 129 87.03 -6.65 74.75
CA THR XB 129 88.16 -6.02 75.41
C THR XB 129 89.03 -7.14 75.97
N GLN XB 130 90.25 -6.80 76.44
CA GLN XB 130 91.16 -7.79 77.02
C GLN XB 130 90.57 -8.46 78.24
N ALA XB 131 89.94 -7.69 79.13
CA ALA XB 131 89.32 -8.25 80.33
C ALA XB 131 88.18 -9.20 79.99
N GLN XB 132 87.40 -8.85 78.96
CA GLN XB 132 86.39 -9.76 78.45
C GLN XB 132 87.02 -11.00 77.82
N LEU XB 133 88.24 -10.87 77.29
CA LEU XB 133 88.91 -12.04 76.73
C LEU XB 133 89.34 -13.01 77.82
N GLU XB 134 89.88 -12.51 78.95
CA GLU XB 134 90.17 -13.46 80.04
C GLU XB 134 88.89 -13.97 80.69
N GLU XB 135 87.80 -13.19 80.64
CA GLU XB 135 86.52 -13.69 81.15
C GLU XB 135 86.00 -14.84 80.29
N ALA XB 136 86.07 -14.70 78.97
CA ALA XB 136 85.68 -15.78 78.07
C ALA XB 136 86.60 -16.99 78.22
N THR XB 137 87.90 -16.74 78.39
CA THR XB 137 88.86 -17.82 78.61
C THR XB 137 88.55 -18.57 79.90
N LYS XB 138 88.24 -17.85 80.98
CA LYS XB 138 87.99 -18.53 82.25
C LYS XB 138 86.64 -19.24 82.27
N GLN XB 139 85.60 -18.72 81.61
CA GLN XB 139 84.35 -19.48 81.55
C GLN XB 139 84.51 -20.70 80.65
N ALA XB 140 85.40 -20.62 79.66
CA ALA XB 140 85.83 -21.82 78.94
C ALA XB 140 86.61 -22.78 79.85
N VAL XB 141 87.32 -22.26 80.85
CA VAL XB 141 88.04 -23.14 81.79
C VAL XB 141 87.05 -23.95 82.64
N GLU XB 142 86.03 -23.31 83.23
CA GLU XB 142 85.06 -24.15 83.98
C GLU XB 142 84.20 -25.00 83.05
N ALA XB 143 84.02 -24.58 81.79
CA ALA XB 143 83.40 -25.47 80.81
C ALA XB 143 84.27 -26.69 80.55
N ALA XB 144 85.59 -26.51 80.52
CA ALA XB 144 86.51 -27.62 80.38
C ALA XB 144 86.49 -28.53 81.60
N LYS XB 145 86.34 -27.96 82.81
CA LYS XB 145 86.29 -28.79 84.01
C LYS XB 145 85.02 -29.64 84.06
N VAL XB 146 83.87 -29.04 83.69
CA VAL XB 146 82.64 -29.83 83.68
C VAL XB 146 82.62 -30.78 82.47
N ARG XB 147 83.47 -30.54 81.47
CA ARG XB 147 83.67 -31.57 80.44
C ARG XB 147 84.55 -32.71 80.95
N LEU XB 148 85.58 -32.41 81.75
CA LEU XB 148 86.41 -33.43 82.38
C LEU XB 148 85.88 -33.91 83.72
N LYS XB 149 84.58 -33.74 83.98
CA LYS XB 149 83.94 -34.56 85.00
C LYS XB 149 84.09 -36.03 84.63
N MET XB 150 84.93 -36.75 85.41
CA MET XB 150 85.40 -38.11 85.11
C MET XB 150 84.29 -39.14 85.32
N PRO XB 151 84.28 -40.20 84.53
CA PRO XB 151 83.33 -41.30 84.76
C PRO XB 151 83.69 -42.08 86.01
N PRO XB 152 82.70 -42.58 86.75
CA PRO XB 152 83.00 -43.42 87.90
C PRO XB 152 83.51 -44.79 87.47
N VAL XB 153 84.37 -45.37 88.32
CA VAL XB 153 84.87 -46.72 88.10
C VAL XB 153 84.48 -47.56 89.32
N LEU XB 154 83.91 -48.74 89.07
CA LEU XB 154 83.46 -49.63 90.12
C LEU XB 154 84.01 -51.04 89.88
N GLU XB 155 83.74 -51.92 90.84
CA GLU XB 155 84.13 -53.32 90.73
C GLU XB 155 83.08 -54.09 89.95
N GLU XB 156 83.33 -55.38 89.76
CA GLU XB 156 82.41 -56.24 89.03
C GLU XB 156 81.19 -56.55 89.87
N ARG XB 157 80.01 -56.42 89.27
CA ARG XB 157 78.77 -56.65 89.99
C ARG XB 157 78.54 -58.15 90.20
N ALA XB 158 77.74 -58.47 91.21
CA ALA XB 158 77.36 -59.85 91.48
C ALA XB 158 76.20 -60.26 90.58
N PRO XB 159 76.20 -61.48 90.05
CA PRO XB 159 75.06 -61.94 89.24
C PRO XB 159 73.80 -62.09 90.09
N ILE XB 160 72.66 -61.90 89.45
CA ILE XB 160 71.36 -61.99 90.12
C ILE XB 160 70.76 -63.35 89.80
N ASN XB 161 70.69 -64.21 90.82
CA ASN XB 161 70.07 -65.54 90.70
C ASN XB 161 69.04 -65.68 91.81
N ASP XB 162 67.82 -65.22 91.55
CA ASP XB 162 66.77 -65.25 92.54
C ASP XB 162 65.53 -65.69 91.76
N VAL XB 163 64.80 -66.65 92.33
CA VAL XB 163 63.57 -67.15 91.74
C VAL XB 163 62.43 -66.76 92.68
N LEU XB 164 61.46 -66.02 92.15
CA LEU XB 164 60.35 -65.53 92.96
C LEU XB 164 59.23 -66.55 93.10
N ALA XB 165 59.03 -67.41 92.11
CA ALA XB 165 58.00 -68.45 92.16
C ALA XB 165 58.41 -69.57 91.23
N GLU XB 166 58.02 -70.79 91.60
CA GLU XB 166 58.27 -71.97 90.78
C GLU XB 166 56.95 -72.65 90.50
N ASP XB 167 56.64 -72.84 89.22
CA ASP XB 167 55.39 -73.48 88.80
C ASP XB 167 55.73 -74.58 87.81
N LYS XB 168 55.64 -75.83 88.26
CA LYS XB 168 55.87 -76.98 87.38
C LYS XB 168 54.66 -77.32 86.53
N ILE XB 169 53.53 -76.64 86.76
CA ILE XB 169 52.32 -76.95 86.01
C ILE XB 169 52.32 -76.27 84.64
N LEU XB 170 53.13 -75.22 84.48
CA LEU XB 170 53.33 -74.59 83.19
C LEU XB 170 54.66 -74.98 82.55
N GLU XB 171 55.06 -76.24 82.68
CA GLU XB 171 56.37 -76.69 82.21
C GLU XB 171 56.44 -76.72 80.69
N GLY XB 172 55.32 -77.01 80.04
CA GLY XB 172 55.29 -77.14 78.59
C GLY XB 172 54.22 -76.36 77.86
N THR XB 173 53.63 -75.34 78.47
CA THR XB 173 52.58 -74.58 77.79
C THR XB 173 53.16 -73.63 76.75
N GLU XB 174 54.31 -73.03 77.03
CA GLU XB 174 54.93 -72.05 76.13
C GLU XB 174 56.30 -72.54 75.68
N THR XB 175 56.75 -72.07 74.52
CA THR XB 175 58.05 -72.45 74.01
C THR XB 175 59.11 -71.41 74.34
N ALA XB 176 58.78 -70.13 74.22
CA ALA XB 176 59.69 -69.04 74.50
C ALA XB 176 59.56 -68.62 75.96
N LYS XB 177 60.30 -67.58 76.33
CA LYS XB 177 60.28 -67.05 77.69
C LYS XB 177 59.74 -65.63 77.69
N TYR XB 178 59.09 -65.26 78.78
CA TYR XB 178 58.45 -63.95 78.89
C TYR XB 178 59.29 -63.03 79.75
N VAL XB 179 59.38 -61.76 79.35
CA VAL XB 179 60.08 -60.75 80.13
C VAL XB 179 59.10 -59.63 80.46
N PHE XB 180 58.94 -59.34 81.76
CA PHE XB 180 58.07 -58.28 82.24
C PHE XB 180 58.95 -57.17 82.79
N THR XB 181 58.67 -55.94 82.35
CA THR XB 181 59.55 -54.81 82.57
C THR XB 181 58.76 -53.69 83.26
N ASP XB 182 59.28 -53.19 84.38
CA ASP XB 182 58.66 -52.04 85.02
C ASP XB 182 59.05 -50.77 84.27
N ILE XB 183 58.05 -49.99 83.84
CA ILE XB 183 58.29 -48.73 83.15
C ILE XB 183 57.47 -47.62 83.82
N SER XB 184 58.15 -46.55 84.22
CA SER XB 184 57.56 -45.30 84.69
C SER XB 184 58.67 -44.26 84.71
N TYR XB 185 58.29 -42.98 84.72
CA TYR XB 185 59.30 -41.93 84.66
C TYR XB 185 59.94 -41.66 86.02
N SER XB 186 59.27 -42.02 87.12
CA SER XB 186 59.72 -41.60 88.44
C SER XB 186 60.61 -42.62 89.15
N ILE XB 187 60.70 -43.85 88.66
CA ILE XB 187 61.52 -44.89 89.28
C ILE XB 187 62.91 -44.85 88.66
N PRO XB 188 63.97 -44.79 89.48
CA PRO XB 188 65.32 -44.88 88.92
C PRO XB 188 65.61 -46.24 88.32
N HIS XB 189 66.58 -46.27 87.41
CA HIS XB 189 66.77 -47.43 86.53
C HIS XB 189 67.38 -48.61 87.29
N ARG XB 190 68.12 -48.36 88.37
CA ARG XB 190 68.65 -49.45 89.17
C ARG XB 190 67.57 -50.13 89.99
N GLU XB 191 66.46 -49.44 90.24
CA GLU XB 191 65.39 -49.93 91.09
C GLU XB 191 64.25 -50.57 90.31
N ARG XB 192 64.40 -50.74 89.00
CA ARG XB 192 63.32 -51.26 88.18
C ARG XB 192 63.23 -52.79 88.32
N PHE XB 193 62.03 -53.31 88.10
CA PHE XB 193 61.78 -54.75 88.21
C PHE XB 193 61.78 -55.37 86.82
N ILE XB 194 62.76 -56.22 86.55
CA ILE XB 194 62.93 -56.89 85.26
C ILE XB 194 62.88 -58.39 85.52
N VAL XB 195 61.74 -59.01 85.18
CA VAL XB 195 61.42 -60.35 85.69
C VAL XB 195 61.08 -61.29 84.54
N VAL XB 196 61.70 -62.48 84.54
CA VAL XB 196 61.59 -63.44 83.44
C VAL XB 196 60.79 -64.67 83.90
N ARG XB 197 59.76 -65.01 83.14
CA ARG XB 197 59.12 -66.32 83.19
C ARG XB 197 59.84 -67.25 82.22
N GLU XB 198 60.46 -68.29 82.77
CA GLU XB 198 61.11 -69.30 81.94
C GLU XB 198 60.05 -70.21 81.30
N PRO XB 199 60.36 -70.91 80.20
CA PRO XB 199 59.40 -71.88 79.65
C PRO XB 199 59.08 -73.04 80.57
N SER XB 200 59.98 -73.36 81.50
CA SER XB 200 59.71 -74.39 82.50
C SER XB 200 58.69 -73.95 83.55
N GLY XB 201 58.37 -72.66 83.62
CA GLY XB 201 57.36 -72.15 84.52
C GLY XB 201 57.91 -71.44 85.74
N THR XB 202 59.18 -71.06 85.75
CA THR XB 202 59.75 -70.38 86.91
C THR XB 202 59.69 -68.87 86.73
N LEU XB 203 59.17 -68.18 87.74
CA LEU XB 203 59.19 -66.73 87.83
C LEU XB 203 60.48 -66.32 88.53
N ARG XB 204 61.45 -65.81 87.79
CA ARG XB 204 62.76 -65.50 88.36
C ARG XB 204 63.19 -64.10 87.98
N LYS XB 205 64.24 -63.63 88.64
CA LYS XB 205 64.83 -62.33 88.31
C LYS XB 205 65.75 -62.47 87.11
N ALA XB 206 65.71 -61.46 86.24
CA ALA XB 206 66.54 -61.47 85.04
C ALA XB 206 68.00 -61.20 85.39
N SER XB 207 68.89 -61.68 84.53
CA SER XB 207 70.30 -61.39 84.71
C SER XB 207 70.61 -59.97 84.22
N TRP XB 208 71.85 -59.56 84.45
CA TRP XB 208 72.26 -58.17 84.25
C TRP XB 208 72.27 -57.77 82.79
N GLU XB 209 72.70 -58.67 81.89
CA GLU XB 209 72.79 -58.35 80.47
C GLU XB 209 71.41 -58.13 79.86
N GLU XB 210 70.48 -59.06 80.12
CA GLU XB 210 69.13 -58.91 79.60
C GLU XB 210 68.40 -57.77 80.30
N ARG XB 211 68.76 -57.49 81.56
CA ARG XB 211 68.19 -56.34 82.27
C ARG XB 211 68.60 -55.03 81.60
N ASP XB 212 69.89 -54.88 81.28
CA ASP XB 212 70.35 -53.67 80.60
C ASP XB 212 69.79 -53.59 79.19
N ARG XB 213 69.61 -54.74 78.53
CA ARG XB 213 68.98 -54.77 77.21
C ARG XB 213 67.53 -54.28 77.27
N MET XB 214 66.79 -54.70 78.30
CA MET XB 214 65.42 -54.21 78.47
C MET XB 214 65.37 -52.73 78.78
N ILE XB 215 66.33 -52.24 79.59
CA ILE XB 215 66.43 -50.82 79.88
C ILE XB 215 66.68 -50.02 78.59
N GLN XB 216 67.52 -50.55 77.71
CA GLN XB 216 67.79 -49.86 76.45
C GLN XB 216 66.60 -49.92 75.49
N VAL XB 217 65.90 -51.06 75.42
CA VAL XB 217 64.79 -51.19 74.48
C VAL XB 217 63.61 -50.31 74.89
N TYR XB 218 63.21 -50.38 76.16
CA TYR XB 218 62.08 -49.55 76.56
C TYR XB 218 62.49 -48.16 77.06
N PHE XB 219 63.78 -47.84 77.03
CA PHE XB 219 64.28 -46.47 77.17
C PHE XB 219 65.39 -46.22 76.17
N PRO XB 220 65.04 -45.70 74.98
CA PRO XB 220 66.07 -45.29 74.02
C PRO XB 220 66.98 -44.20 74.56
N ARG XB 221 68.27 -44.33 74.25
CA ARG XB 221 69.22 -43.24 74.38
C ARG XB 221 70.31 -43.43 73.34
N GLU XB 222 70.93 -42.32 72.92
CA GLU XB 222 71.90 -42.40 71.84
C GLU XB 222 73.22 -42.96 72.33
N GLY XB 223 73.84 -43.80 71.50
CA GLY XB 223 75.11 -44.41 71.81
C GLY XB 223 75.05 -45.88 72.14
N ARG XB 224 73.87 -46.39 72.48
CA ARG XB 224 73.70 -47.79 72.86
C ARG XB 224 73.01 -48.55 71.73
N ARG XB 225 73.62 -49.64 71.30
CA ARG XB 225 72.94 -50.62 70.46
C ARG XB 225 72.31 -51.69 71.35
N ILE XB 226 71.19 -52.24 70.89
CA ILE XB 226 70.48 -53.26 71.67
C ILE XB 226 71.30 -54.55 71.71
N LEU XB 227 71.79 -55.01 70.57
CA LEU XB 227 72.68 -56.16 70.51
C LEU XB 227 74.10 -55.71 70.81
N THR XB 228 74.96 -56.66 71.12
CA THR XB 228 76.38 -56.36 71.31
C THR XB 228 77.00 -56.01 69.97
N PRO XB 229 77.64 -54.86 69.83
CA PRO XB 229 78.18 -54.45 68.53
C PRO XB 229 79.38 -55.28 68.12
N VAL XB 230 79.65 -55.30 66.81
CA VAL XB 230 80.79 -56.02 66.26
C VAL XB 230 82.10 -55.30 66.57
N ILE XB 231 82.02 -53.99 66.89
CA ILE XB 231 83.19 -53.15 67.13
C ILE XB 231 83.99 -53.59 68.36
N PHE XB 232 83.35 -54.24 69.32
CA PHE XB 232 84.02 -54.63 70.55
C PHE XB 232 84.64 -56.03 70.47
N LYS XB 233 84.64 -56.64 69.29
CA LYS XB 233 85.43 -57.83 69.07
C LYS XB 233 86.91 -57.48 69.03
N GLU XB 234 87.75 -58.49 69.29
CA GLU XB 234 89.18 -58.24 69.51
C GLU XB 234 89.89 -57.82 68.23
N GLU XB 235 89.45 -58.32 67.07
CA GLU XB 235 90.04 -57.92 65.80
C GLU XB 235 89.75 -56.44 65.50
N ASN XB 236 88.51 -56.01 65.74
CA ASN XB 236 88.15 -54.61 65.51
C ASN XB 236 88.81 -53.69 66.54
N LEU XB 237 88.97 -54.17 67.78
CA LEU XB 237 89.72 -53.40 68.77
C LEU XB 237 91.18 -53.24 68.36
N GLN XB 238 91.79 -54.30 67.84
CA GLN XB 238 93.18 -54.19 67.38
C GLN XB 238 93.29 -53.30 66.15
N THR XB 239 92.25 -53.28 65.30
CA THR XB 239 92.22 -52.36 64.16
C THR XB 239 92.18 -50.91 64.61
N MET XB 240 91.28 -50.59 65.55
CA MET XB 240 91.20 -49.22 66.07
C MET XB 240 92.45 -48.84 66.87
N TYR XB 241 93.07 -49.80 67.54
CA TYR XB 241 94.26 -49.51 68.35
C TYR XB 241 95.49 -49.33 67.48
N SER XB 242 95.56 -50.03 66.34
CA SER XB 242 96.60 -49.74 65.36
C SER XB 242 96.34 -48.43 64.65
N GLN XB 243 95.06 -48.03 64.55
CA GLN XB 243 94.70 -46.69 64.10
C GLN XB 243 94.61 -45.69 65.25
N ASP XB 244 95.21 -46.02 66.41
CA ASP XB 244 95.29 -45.28 67.68
C ASP XB 244 94.02 -44.49 68.00
N GLN XB 245 92.90 -45.21 68.01
CA GLN XB 245 91.58 -44.64 68.29
C GLN XB 245 91.13 -44.88 69.72
N HIS XB 246 92.06 -44.88 70.68
CA HIS XB 246 91.81 -45.33 72.04
C HIS XB 246 90.79 -44.47 72.78
N VAL XB 247 90.83 -43.15 72.54
CA VAL XB 247 89.86 -42.25 73.17
C VAL XB 247 88.45 -42.52 72.64
N ASP XB 248 88.33 -42.81 71.35
CA ASP XB 248 87.02 -43.15 70.79
C ASP XB 248 86.55 -44.52 71.26
N VAL XB 249 87.47 -45.47 71.45
CA VAL XB 249 87.09 -46.79 71.97
C VAL XB 249 86.57 -46.67 73.40
N LEU XB 250 87.25 -45.89 74.24
CA LEU XB 250 86.79 -45.68 75.61
C LEU XB 250 85.47 -44.90 75.65
N ASN XB 251 85.29 -43.97 74.70
CA ASN XB 251 84.04 -43.21 74.67
C ASN XB 251 82.87 -44.09 74.23
N LEU XB 252 83.10 -44.98 73.25
CA LEU XB 252 82.09 -45.97 72.90
C LEU XB 252 81.81 -46.94 74.03
N CYS XB 253 82.84 -47.30 74.80
CA CYS XB 253 82.64 -48.22 75.92
C CYS XB 253 81.79 -47.59 77.02
N VAL XB 254 82.06 -46.34 77.37
CA VAL XB 254 81.29 -45.69 78.44
C VAL XB 254 79.90 -45.30 77.93
N ALA XB 255 79.76 -45.08 76.62
CA ALA XB 255 78.43 -44.80 76.08
C ALA XB 255 77.59 -46.07 75.97
N GLN XB 256 78.22 -47.21 75.66
CA GLN XB 256 77.47 -48.43 75.41
C GLN XB 256 77.17 -49.18 76.70
N PHE XB 257 78.21 -49.49 77.48
CA PHE XB 257 78.06 -50.35 78.64
C PHE XB 257 77.94 -49.51 79.92
N GLU XB 258 77.64 -50.18 81.01
CA GLU XB 258 77.51 -49.65 82.34
C GLU XB 258 78.81 -49.90 83.12
N PRO XB 259 79.27 -48.93 83.92
CA PRO XB 259 80.61 -49.06 84.55
C PRO XB 259 80.77 -50.20 85.54
N ASP XB 260 79.69 -50.80 86.05
CA ASP XB 260 79.81 -51.95 86.93
C ASP XB 260 79.70 -53.28 86.18
N SER XB 261 79.63 -53.24 84.85
CA SER XB 261 79.51 -54.46 84.06
C SER XB 261 80.88 -55.06 83.80
N ALA XB 262 80.88 -56.34 83.40
CA ALA XB 262 82.12 -57.05 83.15
C ALA XB 262 82.76 -56.66 81.82
N GLU XB 263 81.95 -56.39 80.79
CA GLU XB 263 82.47 -56.01 79.49
C GLU XB 263 83.17 -54.66 79.53
N TYR XB 264 82.60 -53.70 80.27
CA TYR XB 264 83.22 -52.39 80.48
C TYR XB 264 84.60 -52.55 81.12
N ILE XB 265 84.68 -53.41 82.16
CA ILE XB 265 85.93 -53.62 82.87
C ILE XB 265 86.97 -54.27 81.98
N LYS XB 266 86.59 -55.30 81.22
CA LYS XB 266 87.58 -56.01 80.41
C LYS XB 266 88.03 -55.17 79.21
N ILE XB 267 87.12 -54.37 78.64
CA ILE XB 267 87.48 -53.51 77.51
C ILE XB 267 88.40 -52.38 77.98
N HIS XB 268 88.09 -51.77 79.12
CA HIS XB 268 88.96 -50.75 79.69
C HIS XB 268 90.33 -51.31 80.06
N HIS XB 269 90.35 -52.52 80.65
CA HIS XB 269 91.62 -53.12 81.06
C HIS XB 269 92.48 -53.50 79.86
N HIS XB 270 91.87 -54.02 78.80
CA HIS XB 270 92.63 -54.36 77.60
C HIS XB 270 93.14 -53.10 76.92
N THR XB 271 92.35 -52.02 76.96
CA THR XB 271 92.79 -50.73 76.43
C THR XB 271 94.00 -50.20 77.19
N TYR XB 272 93.96 -50.28 78.54
CA TYR XB 272 95.07 -49.77 79.33
C TYR XB 272 96.30 -50.65 79.17
N GLU XB 273 96.12 -51.96 79.00
CA GLU XB 273 97.25 -52.85 78.72
C GLU XB 273 97.89 -52.54 77.38
N ASP XB 274 97.09 -52.25 76.35
CA ASP XB 274 97.68 -51.99 75.03
C ASP XB 274 98.35 -50.62 74.99
N ILE XB 275 97.78 -49.61 75.67
CA ILE XB 275 98.47 -48.32 75.70
C ILE XB 275 99.69 -48.38 76.62
N ASP XB 276 99.70 -49.31 77.58
CA ASP XB 276 100.91 -49.52 78.37
C ASP XB 276 102.00 -50.17 77.53
N LYS XB 277 101.62 -51.08 76.65
CA LYS XB 277 102.61 -51.75 75.79
C LYS XB 277 103.14 -50.80 74.72
N CYS XB 278 102.27 -49.93 74.18
CA CYS XB 278 102.67 -49.04 73.10
C CYS XB 278 103.21 -47.68 73.56
N GLY XB 279 103.03 -47.34 74.84
CA GLY XB 279 103.48 -46.03 75.32
C GLY XB 279 102.71 -44.86 74.75
N LYS XB 280 101.40 -44.98 74.63
CA LYS XB 280 100.55 -43.96 74.03
C LYS XB 280 99.83 -43.10 75.07
N TYR XB 281 100.50 -42.78 76.18
CA TYR XB 281 99.86 -42.06 77.27
C TYR XB 281 99.56 -40.61 76.92
N ASP XB 282 100.26 -40.07 75.91
CA ASP XB 282 100.05 -38.68 75.52
C ASP XB 282 98.71 -38.47 74.80
N LEU XB 283 98.08 -39.55 74.33
CA LEU XB 283 96.77 -39.43 73.70
C LEU XB 283 95.69 -39.10 74.72
N LEU XB 284 95.86 -39.54 75.96
CA LEU XB 284 94.82 -39.45 76.97
C LEU XB 284 95.13 -38.43 78.06
N ARG XB 285 96.02 -37.47 77.80
CA ARG XB 285 96.38 -36.46 78.79
C ARG XB 285 95.22 -35.55 79.18
N SER XB 286 94.71 -34.79 78.21
CA SER XB 286 93.60 -33.88 78.45
C SER XB 286 92.24 -34.53 78.25
N THR XB 287 92.21 -35.86 78.18
CA THR XB 287 90.96 -36.60 78.16
C THR XB 287 90.51 -36.90 79.58
N ARG XB 288 89.20 -36.89 79.81
CA ARG XB 288 88.59 -37.23 81.09
C ARG XB 288 88.83 -38.67 81.53
N HIS XB 289 89.27 -39.55 80.63
CA HIS XB 289 89.56 -40.94 80.96
C HIS XB 289 91.00 -41.16 81.43
N PHE XB 290 91.69 -40.10 81.86
CA PHE XB 290 93.06 -40.23 82.32
C PHE XB 290 93.10 -40.85 83.72
N GLY XB 291 92.13 -40.48 84.56
CA GLY XB 291 92.05 -40.98 85.93
C GLY XB 291 91.79 -42.47 86.01
N GLY XB 292 91.04 -43.03 85.07
CA GLY XB 292 90.80 -44.45 85.01
C GLY XB 292 92.05 -45.28 84.79
N MET XB 293 92.89 -44.88 83.83
CA MET XB 293 94.12 -45.61 83.61
C MET XB 293 95.15 -45.35 84.71
N ALA XB 294 95.11 -44.15 85.32
CA ALA XB 294 95.95 -43.89 86.49
C ALA XB 294 95.56 -44.79 87.66
N TRP XB 295 94.25 -44.97 87.87
CA TRP XB 295 93.76 -45.83 88.94
C TRP XB 295 94.08 -47.29 88.68
N TYR XB 296 93.93 -47.73 87.42
CA TYR XB 296 94.30 -49.10 87.06
C TYR XB 296 95.79 -49.33 87.22
N PHE XB 297 96.61 -48.32 86.90
CA PHE XB 297 98.05 -48.46 87.07
C PHE XB 297 98.45 -48.50 88.53
N VAL XB 298 97.80 -47.71 89.39
CA VAL XB 298 98.18 -47.69 90.80
C VAL XB 298 97.67 -48.94 91.51
N ASN XB 299 96.63 -49.60 90.98
CA ASN XB 299 96.26 -50.89 91.54
C ASN XB 299 97.00 -52.06 90.89
N LYS XB 300 97.52 -51.90 89.68
CA LYS XB 300 98.24 -52.96 89.00
C LYS XB 300 99.75 -52.86 89.16
N LYS XB 301 100.22 -51.85 89.91
CA LYS XB 301 101.63 -51.71 90.32
C LYS XB 301 102.57 -51.53 89.13
N LYS XB 302 102.09 -50.91 88.05
CA LYS XB 302 102.90 -50.61 86.87
C LYS XB 302 102.91 -49.11 86.66
N ILE XB 303 103.86 -48.43 87.32
CA ILE XB 303 104.00 -46.98 87.24
C ILE XB 303 105.22 -46.58 86.41
N ASP XB 304 106.02 -47.57 86.00
CA ASP XB 304 107.32 -47.42 85.35
C ASP XB 304 107.24 -46.63 84.04
N GLY XB 305 106.47 -47.15 83.07
CA GLY XB 305 106.40 -46.50 81.77
C GLY XB 305 105.71 -45.16 81.82
N LEU XB 306 104.71 -45.01 82.69
CA LEU XB 306 104.02 -43.74 82.85
C LEU XB 306 104.93 -42.68 83.44
N LEU XB 307 105.74 -43.07 84.43
CA LEU XB 307 106.70 -42.14 85.01
C LEU XB 307 107.79 -41.76 84.00
N ILE XB 308 108.22 -42.72 83.18
CA ILE XB 308 109.18 -42.45 82.10
C ILE XB 308 108.60 -41.44 81.12
N ASP XB 309 107.33 -41.62 80.76
CA ASP XB 309 106.67 -40.71 79.82
C ASP XB 309 106.52 -39.31 80.41
N GLN XB 310 106.19 -39.20 81.70
CA GLN XB 310 106.01 -37.89 82.31
C GLN XB 310 107.34 -37.15 82.46
N ILE XB 311 108.41 -37.86 82.83
CA ILE XB 311 109.71 -37.20 82.89
C ILE XB 311 110.21 -36.84 81.48
N GLN XB 312 109.87 -37.64 80.46
CA GLN XB 312 110.20 -37.27 79.08
C GLN XB 312 109.41 -36.05 78.60
N ARG XB 313 108.15 -35.89 79.02
CA ARG XB 313 107.38 -34.70 78.71
C ARG XB 313 107.64 -33.56 79.68
N ASP XB 314 108.56 -33.75 80.64
CA ASP XB 314 109.11 -32.69 81.50
C ASP XB 314 108.07 -32.09 82.43
N LEU XB 315 107.28 -32.94 83.08
CA LEU XB 315 106.27 -32.52 84.05
C LEU XB 315 106.48 -33.38 85.29
N VAL XB 316 107.23 -32.83 86.26
CA VAL XB 316 107.77 -33.61 87.36
C VAL XB 316 107.05 -33.34 88.68
N SER XB 317 106.44 -32.17 88.86
CA SER XB 317 105.56 -31.95 90.00
C SER XB 317 104.35 -32.86 89.94
N ASP XB 318 103.80 -33.07 88.75
CA ASP XB 318 102.72 -34.04 88.60
C ASP XB 318 103.23 -35.47 88.71
N ALA XB 319 104.51 -35.71 88.39
CA ALA XB 319 105.09 -37.04 88.57
C ALA XB 319 105.23 -37.40 90.04
N THR XB 320 105.70 -36.47 90.86
CA THR XB 320 105.75 -36.76 92.30
C THR XB 320 104.37 -36.68 92.93
N SER XB 321 103.42 -35.99 92.29
CA SER XB 321 102.02 -36.13 92.67
C SER XB 321 101.52 -37.56 92.42
N LEU XB 322 101.94 -38.16 91.31
CA LEU XB 322 101.62 -39.56 91.03
C LEU XB 322 102.27 -40.50 92.05
N VAL XB 323 103.50 -40.18 92.46
CA VAL XB 323 104.18 -40.99 93.48
C VAL XB 323 103.47 -40.85 94.84
N HIS XB 324 103.00 -39.65 95.15
CA HIS XB 324 102.22 -39.44 96.37
C HIS XB 324 100.87 -40.15 96.30
N LEU XB 325 100.29 -40.22 95.10
CA LEU XB 325 99.09 -41.04 94.87
C LEU XB 325 99.36 -42.52 95.11
N TYR XB 326 100.54 -42.98 94.66
CA TYR XB 326 100.94 -44.37 94.91
C TYR XB 326 101.10 -44.64 96.40
N HIS XB 327 101.71 -43.71 97.12
CA HIS XB 327 101.84 -43.83 98.57
C HIS XB 327 100.51 -43.75 99.31
N ILE XB 328 99.54 -43.00 98.79
CA ILE XB 328 98.21 -42.98 99.38
C ILE XB 328 97.50 -44.31 99.15
N LEU XB 329 97.52 -44.83 97.91
CA LEU XB 329 96.85 -46.10 97.62
C LEU XB 329 97.57 -47.32 98.19
N HIS XB 330 98.84 -47.20 98.56
CA HIS XB 330 99.56 -48.28 99.23
C HIS XB 330 100.18 -47.74 100.52
N PRO XB 331 99.40 -47.68 101.61
CA PRO XB 331 99.97 -47.20 102.89
C PRO XB 331 100.98 -48.17 103.48
N ASP XB 332 100.79 -49.46 103.29
CA ASP XB 332 101.75 -50.47 103.71
C ASP XB 332 102.62 -50.83 102.51
N GLY XB 333 103.53 -49.94 102.16
CA GLY XB 333 104.50 -50.20 101.12
C GLY XB 333 105.87 -49.77 101.61
N GLN XB 334 106.88 -50.55 101.23
CA GLN XB 334 108.23 -50.29 101.72
C GLN XB 334 108.78 -48.98 101.17
N SER XB 335 108.32 -48.56 99.98
CA SER XB 335 108.57 -47.20 99.52
C SER XB 335 107.94 -46.16 100.43
N ALA XB 336 106.73 -46.42 100.95
CA ALA XB 336 106.09 -45.46 101.85
C ALA XB 336 106.83 -45.36 103.18
N GLN XB 337 107.30 -46.50 103.71
CA GLN XB 337 108.09 -46.42 104.94
C GLN XB 337 109.46 -45.78 104.73
N GLU XB 338 110.10 -46.03 103.57
CA GLU XB 338 111.36 -45.35 103.29
C GLU XB 338 111.16 -43.85 103.10
N ALA XB 339 110.03 -43.47 102.49
CA ALA XB 339 109.66 -42.05 102.38
C ALA XB 339 109.43 -41.41 103.73
N LYS XB 340 108.75 -42.11 104.64
CA LYS XB 340 108.50 -41.58 105.97
C LYS XB 340 109.78 -41.50 106.79
N LYS XB 341 110.70 -42.45 106.57
CA LYS XB 341 111.98 -42.43 107.28
C LYS XB 341 112.85 -41.27 106.81
N GLN XB 342 112.94 -41.07 105.50
CA GLN XB 342 113.85 -40.04 104.99
C GLN XB 342 113.24 -38.64 105.00
N GLY XB 343 111.91 -38.51 105.03
CA GLY XB 343 111.28 -37.21 104.92
C GLY XB 343 111.52 -36.57 103.57
N ALA XB 344 111.32 -37.35 102.51
CA ALA XB 344 111.79 -36.98 101.18
C ALA XB 344 110.90 -35.93 100.54
N GLU XB 345 111.49 -35.06 99.73
CA GLU XB 345 110.77 -34.15 98.86
C GLU XB 345 110.34 -34.87 97.57
N GLY XB 346 109.98 -34.07 96.56
CA GLY XB 346 109.45 -34.64 95.33
C GLY XB 346 110.47 -35.43 94.53
N LEU XB 347 111.64 -34.84 94.27
CA LEU XB 347 112.63 -35.52 93.44
C LEU XB 347 113.27 -36.68 94.19
N HIS XB 348 113.53 -36.50 95.49
CA HIS XB 348 113.96 -37.61 96.35
C HIS XB 348 112.91 -38.70 96.44
N LEU XB 349 111.62 -38.35 96.42
CA LEU XB 349 110.53 -39.31 96.42
C LEU XB 349 110.55 -40.17 95.16
N ILE XB 350 110.76 -39.52 94.01
CA ILE XB 350 110.86 -40.24 92.74
C ILE XB 350 112.08 -41.15 92.74
N LYS XB 351 113.20 -40.69 93.30
CA LYS XB 351 114.41 -41.50 93.39
C LYS XB 351 114.22 -42.71 94.30
N VAL XB 352 113.51 -42.52 95.43
CA VAL XB 352 113.23 -43.63 96.35
C VAL XB 352 112.32 -44.66 95.69
N PHE XB 353 111.29 -44.19 94.97
CA PHE XB 353 110.36 -45.10 94.30
C PHE XB 353 111.10 -45.88 93.20
N ALA XB 354 111.98 -45.21 92.46
CA ALA XB 354 112.73 -45.85 91.39
C ALA XB 354 113.72 -46.87 91.94
N LYS XB 355 114.39 -46.55 93.05
CA LYS XB 355 115.35 -47.47 93.63
C LYS XB 355 114.66 -48.63 94.35
N THR XB 356 113.42 -48.43 94.78
CA THR XB 356 112.80 -49.40 95.68
C THR XB 356 111.84 -50.32 94.95
N GLU XB 357 110.80 -49.78 94.31
CA GLU XB 357 109.71 -50.63 93.84
C GLU XB 357 109.49 -50.55 92.34
N ALA XB 358 110.27 -49.74 91.62
CA ALA XB 358 110.19 -49.76 90.16
C ALA XB 358 110.80 -51.07 89.64
N GLN XB 359 110.10 -51.70 88.71
CA GLN XB 359 110.56 -52.98 88.16
C GLN XB 359 111.82 -52.78 87.32
N LYS XB 360 111.82 -51.77 86.46
CA LYS XB 360 113.02 -51.32 85.78
C LYS XB 360 113.34 -49.92 86.30
N GLY XB 361 114.00 -49.85 87.45
CA GLY XB 361 114.31 -48.59 88.07
C GLY XB 361 115.50 -47.89 87.43
N ALA XB 362 116.29 -48.67 86.67
CA ALA XB 362 117.45 -48.13 85.99
C ALA XB 362 117.04 -47.12 84.92
N TYR XB 363 115.98 -47.44 84.17
CA TYR XB 363 115.44 -46.51 83.18
C TYR XB 363 114.91 -45.23 83.77
N ILE XB 364 114.17 -45.31 84.89
CA ILE XB 364 113.65 -44.13 85.56
C ILE XB 364 114.79 -43.29 86.13
N GLU XB 365 115.81 -43.93 86.71
CA GLU XB 365 116.97 -43.23 87.23
C GLU XB 365 117.79 -42.53 86.14
N LEU XB 366 118.02 -43.19 85.00
CA LEU XB 366 118.77 -42.54 83.93
C LEU XB 366 117.97 -41.42 83.28
N THR XB 367 116.64 -41.60 83.16
CA THR XB 367 115.79 -40.55 82.61
C THR XB 367 115.72 -39.35 83.54
N LEU XB 368 115.64 -39.58 84.85
CA LEU XB 368 115.67 -38.48 85.82
C LEU XB 368 117.04 -37.79 85.85
N GLN XB 369 118.12 -38.56 85.68
CA GLN XB 369 119.46 -37.96 85.61
C GLN XB 369 119.60 -37.08 84.38
N ALA XB 370 119.08 -37.55 83.24
CA ALA XB 370 119.10 -36.76 82.01
C ALA XB 370 118.27 -35.49 82.15
N TYR XB 371 117.08 -35.60 82.77
CA TYR XB 371 116.26 -34.43 83.01
C TYR XB 371 116.94 -33.45 83.95
N GLN XB 372 117.60 -33.96 85.00
CA GLN XB 372 118.26 -33.10 85.98
C GLN XB 372 119.41 -32.34 85.36
N GLU XB 373 120.26 -33.04 84.59
CA GLU XB 373 121.40 -32.37 83.95
C GLU XB 373 120.93 -31.40 82.87
N ALA XB 374 119.84 -31.74 82.15
CA ALA XB 374 119.33 -30.85 81.11
C ALA XB 374 118.70 -29.60 81.72
N PHE XB 375 117.95 -29.76 82.82
CA PHE XB 375 117.27 -28.62 83.43
C PHE XB 375 118.27 -27.71 84.14
N ILE XB 376 119.30 -28.28 84.76
CA ILE XB 376 120.34 -27.48 85.37
C ILE XB 376 121.18 -26.75 84.30
N THR XB 377 121.46 -27.41 83.17
CA THR XB 377 122.22 -26.76 82.10
C THR XB 377 121.41 -25.65 81.43
N HIS XB 378 120.12 -25.88 81.20
CA HIS XB 378 119.29 -24.90 80.50
C HIS XB 378 118.66 -23.87 81.43
N SER XB 379 118.79 -24.03 82.75
CA SER XB 379 118.24 -23.04 83.68
C SER XB 379 119.25 -22.73 84.79
N ALA YB 2 98.90 -7.95 34.51
CA ALA YB 2 99.49 -6.72 33.98
C ALA YB 2 99.34 -5.58 34.97
N GLY YB 3 98.14 -5.45 35.54
CA GLY YB 3 97.90 -4.41 36.50
C GLY YB 3 96.41 -4.30 36.81
N SER YB 4 96.08 -3.32 37.66
CA SER YB 4 94.71 -3.01 38.01
C SER YB 4 94.43 -1.57 37.61
N ARG YB 5 93.52 -1.39 36.65
CA ARG YB 5 93.25 -0.08 36.08
C ARG YB 5 91.95 0.54 36.56
N LEU YB 6 91.36 0.02 37.64
CA LEU YB 6 90.13 0.59 38.15
C LEU YB 6 90.46 1.76 39.08
N GLU YB 7 89.90 2.92 38.78
CA GLU YB 7 90.24 4.15 39.48
C GLU YB 7 89.61 4.25 40.86
N THR YB 8 88.41 3.71 41.03
CA THR YB 8 87.60 3.95 42.22
C THR YB 8 87.70 2.85 43.26
N VAL YB 9 88.50 1.80 43.02
CA VAL YB 9 88.58 0.69 43.97
C VAL YB 9 89.35 1.13 45.22
N GLY YB 10 90.50 1.76 45.03
CA GLY YB 10 91.30 2.17 46.15
C GLY YB 10 92.55 2.89 45.70
N SER YB 11 93.49 3.02 46.63
CA SER YB 11 94.74 3.70 46.33
C SER YB 11 95.64 2.81 45.47
N ILE YB 12 96.59 3.46 44.79
CA ILE YB 12 97.56 2.75 43.96
C ILE YB 12 98.44 1.86 44.83
N PHE YB 13 98.74 2.30 46.06
CA PHE YB 13 99.49 1.49 47.01
C PHE YB 13 98.74 0.22 47.36
N SER YB 14 97.45 0.34 47.67
CA SER YB 14 96.63 -0.80 48.04
C SER YB 14 96.49 -1.77 46.87
N ARG YB 15 96.30 -1.23 45.66
CA ARG YB 15 96.18 -2.08 44.47
C ARG YB 15 97.48 -2.82 44.18
N THR YB 16 98.63 -2.14 44.27
CA THR YB 16 99.90 -2.79 43.99
C THR YB 16 100.24 -3.85 45.03
N ARG YB 17 100.00 -3.56 46.31
CA ARG YB 17 100.29 -4.55 47.34
C ARG YB 17 99.32 -5.73 47.28
N ASP YB 18 98.08 -5.49 46.85
CA ASP YB 18 97.12 -6.59 46.73
C ASP YB 18 97.41 -7.48 45.53
N LEU YB 19 97.81 -6.89 44.40
CA LEU YB 19 98.19 -7.70 43.25
C LEU YB 19 99.49 -8.49 43.49
N ILE YB 20 100.46 -7.89 44.18
CA ILE YB 20 101.67 -8.66 44.51
C ILE YB 20 101.38 -9.74 45.55
N ARG YB 21 100.48 -9.46 46.49
CA ARG YB 21 100.04 -10.47 47.45
C ARG YB 21 99.30 -11.62 46.77
N ALA YB 22 98.49 -11.31 45.76
CA ALA YB 22 97.82 -12.34 44.97
C ALA YB 22 98.80 -13.16 44.15
N GLY YB 23 99.80 -12.52 43.55
CA GLY YB 23 100.79 -13.22 42.77
C GLY YB 23 100.69 -13.03 41.28
N VAL YB 24 100.08 -11.93 40.83
CA VAL YB 24 100.03 -11.66 39.39
C VAL YB 24 101.23 -10.79 38.99
N LEU YB 25 101.72 -9.95 39.90
CA LEU YB 25 102.83 -9.05 39.63
C LEU YB 25 104.09 -9.59 40.30
N LYS YB 26 105.11 -9.91 39.51
CA LYS YB 26 106.36 -10.46 40.01
C LYS YB 26 107.51 -9.45 40.03
N GLU YB 27 107.29 -8.21 39.58
CA GLU YB 27 108.33 -7.19 39.63
C GLU YB 27 107.87 -6.09 40.57
N LYS YB 28 108.54 -6.00 41.72
CA LYS YB 28 108.15 -5.03 42.74
C LYS YB 28 108.61 -3.63 42.34
N PRO YB 29 107.72 -2.65 42.29
CA PRO YB 29 108.14 -1.29 42.00
C PRO YB 29 108.92 -0.66 43.14
N LEU YB 30 109.83 0.24 42.78
CA LEU YB 30 110.64 0.94 43.77
C LEU YB 30 109.80 1.94 44.55
N TRP YB 31 108.81 2.56 43.88
CA TRP YB 31 107.92 3.50 44.54
C TRP YB 31 107.06 2.83 45.60
N LEU YB 32 106.80 1.52 45.47
CA LEU YB 32 106.12 0.77 46.52
C LEU YB 32 106.94 0.72 47.80
N ASP YB 33 108.25 0.44 47.67
CA ASP YB 33 109.12 0.40 48.85
C ASP YB 33 109.26 1.77 49.49
N ILE YB 34 109.36 2.81 48.65
CA ILE YB 34 109.47 4.17 49.18
C ILE YB 34 108.16 4.57 49.85
N TYR YB 35 107.02 4.09 49.33
CA TYR YB 35 105.72 4.36 49.96
C TYR YB 35 105.61 3.64 51.30
N ASN YB 36 106.12 2.41 51.38
CA ASN YB 36 106.15 1.70 52.66
C ASN YB 36 107.03 2.43 53.68
N ALA YB 37 108.11 3.05 53.20
CA ALA YB 37 108.94 3.86 54.10
C ALA YB 37 108.20 5.11 54.56
N PHE YB 38 107.65 5.88 53.63
CA PHE YB 38 107.16 7.24 53.88
C PHE YB 38 105.71 7.38 53.43
N PRO YB 39 104.76 7.22 54.35
CA PRO YB 39 103.36 7.24 53.97
C PRO YB 39 102.83 8.67 53.91
N PRO YB 40 101.72 8.89 53.20
CA PRO YB 40 101.09 10.22 53.22
C PRO YB 40 100.28 10.45 54.48
N LEU YB 41 99.76 11.68 54.57
CA LEU YB 41 98.77 11.99 55.60
C LEU YB 41 97.42 11.36 55.26
N ARG YB 42 97.03 11.40 53.98
CA ARG YB 42 95.75 10.90 53.51
C ARG YB 42 95.96 9.87 52.40
N GLU YB 43 95.28 8.73 52.54
CA GLU YB 43 95.34 7.70 51.51
C GLU YB 43 94.54 8.14 50.28
N PRO YB 44 95.09 8.02 49.07
CA PRO YB 44 94.40 8.50 47.86
C PRO YB 44 93.31 7.55 47.38
N VAL YB 45 92.20 7.54 48.09
CA VAL YB 45 91.01 6.81 47.68
C VAL YB 45 90.08 7.78 46.96
N PHE YB 46 89.46 7.33 45.87
CA PHE YB 46 88.56 8.17 45.10
C PHE YB 46 87.30 8.47 45.90
N ARG YB 47 86.98 9.76 45.99
CA ARG YB 47 85.74 10.22 46.61
C ARG YB 47 84.99 11.09 45.61
N ARG YB 48 83.70 10.82 45.45
CA ARG YB 48 82.88 11.50 44.46
C ARG YB 48 82.48 12.88 44.99
N PRO YB 49 82.79 13.96 44.28
CA PRO YB 49 82.45 15.30 44.78
C PRO YB 49 80.98 15.62 44.67
N ARG YB 50 80.19 15.18 45.64
CA ARG YB 50 78.76 15.50 45.66
C ARG YB 50 78.54 16.97 45.96
N LEU YB 51 77.43 17.49 45.46
CA LEU YB 51 77.05 18.87 45.74
C LEU YB 51 76.23 18.92 47.03
N ARG YB 52 76.42 20.00 47.79
CA ARG YB 52 75.80 20.12 49.10
C ARG YB 52 74.43 20.77 49.00
N TYR YB 53 73.43 20.11 49.60
CA TYR YB 53 72.05 20.56 49.61
C TYR YB 53 71.61 20.78 51.05
N GLY YB 54 70.39 21.31 51.21
CA GLY YB 54 69.79 21.43 52.52
C GLY YB 54 70.38 22.54 53.38
N LYS YB 55 70.25 22.33 54.70
CA LYS YB 55 70.69 23.35 55.66
C LYS YB 55 72.20 23.28 55.90
N ALA YB 56 72.87 22.26 55.37
CA ALA YB 56 74.29 22.09 55.62
C ALA YB 56 75.11 23.12 54.84
N LYS YB 57 76.09 23.70 55.52
CA LYS YB 57 76.99 24.67 54.90
C LYS YB 57 78.45 24.29 55.12
N ALA YB 58 79.37 25.18 54.78
CA ALA YB 58 80.78 24.90 54.95
C ALA YB 58 81.22 25.17 56.38
N ALA YB 59 82.39 24.63 56.73
CA ALA YB 59 82.99 24.83 58.05
C ALA YB 59 84.10 25.86 58.03
N VAL YB 60 84.23 26.63 56.94
CA VAL YB 60 85.30 27.60 56.82
C VAL YB 60 84.96 28.85 57.63
N GLN YB 61 85.87 29.26 58.52
CA GLN YB 61 85.66 30.43 59.35
C GLN YB 61 86.20 31.68 58.66
N ASP YB 62 85.48 32.79 58.83
CA ASP YB 62 85.91 34.07 58.30
C ASP YB 62 87.01 34.66 59.16
N ILE YB 63 87.96 35.33 58.52
CA ILE YB 63 89.14 35.87 59.21
C ILE YB 63 88.84 37.33 59.55
N PHE YB 64 88.62 37.61 60.83
CA PHE YB 64 88.27 38.94 61.30
C PHE YB 64 88.99 39.22 62.61
N TYR YB 65 89.14 40.51 62.93
CA TYR YB 65 89.87 40.93 64.11
C TYR YB 65 89.28 42.22 64.68
N HIS YB 66 89.60 42.47 65.95
CA HIS YB 66 89.31 43.77 66.57
C HIS YB 66 90.10 44.87 65.88
N GLU YB 67 91.30 44.55 65.40
CA GLU YB 67 92.07 45.47 64.56
C GLU YB 67 91.32 45.78 63.27
N ASP YB 68 90.63 44.79 62.70
CA ASP YB 68 89.79 45.03 61.53
C ASP YB 68 88.57 45.87 61.88
N ARG YB 69 88.06 45.74 63.11
CA ARG YB 69 86.99 46.63 63.57
C ARG YB 69 87.47 48.07 63.65
N ILE YB 70 88.72 48.30 64.07
CA ILE YB 70 89.29 49.64 64.04
C ILE YB 70 89.50 50.12 62.60
N ARG YB 71 89.94 49.21 61.72
CA ARG YB 71 90.17 49.54 60.31
C ARG YB 71 88.89 49.93 59.59
N ALA YB 72 87.75 49.35 60.01
CA ALA YB 72 86.47 49.72 59.42
C ALA YB 72 86.11 51.17 59.69
N LYS YB 73 86.30 51.63 60.94
CA LYS YB 73 86.02 53.02 61.26
C LYS YB 73 87.03 53.96 60.61
N PHE YB 74 88.30 53.52 60.51
CA PHE YB 74 89.30 54.32 59.81
C PHE YB 74 88.96 54.51 58.33
N TYR YB 75 88.55 53.43 57.66
CA TYR YB 75 88.21 53.52 56.25
C TYR YB 75 86.87 54.24 56.04
N SER YB 76 85.99 54.21 57.05
CA SER YB 76 84.74 54.96 56.96
C SER YB 76 85.00 56.46 57.08
N ALA YB 77 85.87 56.85 58.00
CA ALA YB 77 86.09 58.28 58.24
C ALA YB 77 87.08 58.87 57.24
N TYR YB 78 88.32 58.39 57.26
CA TYR YB 78 89.38 58.99 56.46
C TYR YB 78 89.63 58.29 55.13
N GLY YB 79 89.04 57.12 54.91
CA GLY YB 79 89.28 56.44 53.64
C GLY YB 79 90.67 55.83 53.57
N SER YB 80 91.12 55.65 52.33
CA SER YB 80 92.44 55.09 52.09
C SER YB 80 93.54 56.09 52.43
N GLY YB 81 94.68 55.57 52.88
CA GLY YB 81 95.79 56.40 53.30
C GLY YB 81 96.53 57.04 52.15
N PRO YB 82 97.16 58.20 52.42
CA PRO YB 82 97.93 58.88 51.36
C PRO YB 82 99.28 58.24 51.05
N LYS YB 83 99.72 57.27 51.84
CA LYS YB 83 101.01 56.59 51.63
C LYS YB 83 100.96 55.56 50.51
N ALA YB 84 99.78 55.27 49.98
CA ALA YB 84 99.41 54.18 49.05
C ALA YB 84 99.74 52.85 49.74
N PHE YB 85 99.87 51.75 49.00
CA PHE YB 85 100.15 50.44 49.59
C PHE YB 85 101.30 49.81 48.82
N ASP YB 86 102.14 49.08 49.54
CA ASP YB 86 103.26 48.34 48.95
C ASP YB 86 103.20 46.91 49.46
N LEU YB 87 102.80 45.98 48.59
CA LEU YB 87 102.66 44.58 48.95
C LEU YB 87 103.93 43.76 48.73
N PHE YB 88 104.99 44.38 48.23
CA PHE YB 88 106.22 43.64 47.97
C PHE YB 88 107.12 43.57 49.19
N ASN YB 89 106.98 44.52 50.13
CA ASN YB 89 107.80 44.53 51.33
C ASN YB 89 107.07 43.81 52.46
N PRO YB 90 107.68 42.79 53.08
CA PRO YB 90 107.01 42.10 54.20
C PRO YB 90 106.80 42.99 55.42
N ASN YB 91 107.72 43.94 55.66
CA ASN YB 91 107.65 44.80 56.83
C ASN YB 91 107.02 46.16 56.53
N PHE YB 92 106.06 46.22 55.60
CA PHE YB 92 105.45 47.49 55.25
C PHE YB 92 104.47 47.91 56.33
N LYS YB 93 104.68 49.11 56.87
CA LYS YB 93 103.84 49.67 57.91
C LYS YB 93 102.93 50.72 57.30
N SER YB 94 101.64 50.42 57.21
CA SER YB 94 100.68 51.34 56.63
C SER YB 94 100.34 52.45 57.64
N THR YB 95 99.79 53.55 57.12
CA THR YB 95 99.19 54.56 57.98
C THR YB 95 98.00 53.99 58.74
N CYS YB 96 97.27 53.08 58.09
CA CYS YB 96 96.16 52.37 58.75
C CYS YB 96 96.66 51.52 59.92
N GLN YB 97 97.76 50.80 59.73
CA GLN YB 97 98.29 49.98 60.81
C GLN YB 97 98.95 50.83 61.88
N ARG YB 98 99.48 51.99 61.51
CA ARG YB 98 99.97 52.95 62.50
C ARG YB 98 98.82 53.47 63.36
N PHE YB 99 97.67 53.73 62.74
CA PHE YB 99 96.47 54.15 63.47
C PHE YB 99 95.99 53.03 64.38
N VAL YB 100 96.08 51.78 63.91
CA VAL YB 100 95.69 50.63 64.72
C VAL YB 100 96.59 50.48 65.95
N GLU YB 101 97.90 50.61 65.74
CA GLU YB 101 98.86 50.49 66.84
C GLU YB 101 98.70 51.61 67.86
N LYS YB 102 98.49 52.84 67.39
CA LYS YB 102 98.33 53.95 68.31
C LYS YB 102 96.96 53.92 68.99
N TYR YB 103 95.97 53.31 68.33
CA TYR YB 103 94.68 53.05 68.97
C TYR YB 103 94.82 52.05 70.11
N ILE YB 104 95.63 50.99 69.89
CA ILE YB 104 95.88 50.00 70.95
C ILE YB 104 96.63 50.64 72.11
N GLU YB 105 97.67 51.42 71.79
CA GLU YB 105 98.45 52.10 72.82
C GLU YB 105 97.64 53.15 73.56
N LEU YB 106 96.66 53.76 72.91
CA LEU YB 106 95.79 54.73 73.57
C LEU YB 106 94.69 54.07 74.41
N GLN YB 107 94.17 52.91 73.99
CA GLN YB 107 93.20 52.23 74.84
C GLN YB 107 93.88 51.52 76.01
N ARG YB 108 95.20 51.34 75.93
CA ARG YB 108 95.96 50.91 77.10
C ARG YB 108 96.07 51.98 78.18
N LEU YB 109 95.72 53.24 77.88
CA LEU YB 109 95.66 54.28 78.89
C LEU YB 109 94.38 54.24 79.73
N GLY YB 110 93.41 53.42 79.34
CA GLY YB 110 92.18 53.29 80.10
C GLY YB 110 91.01 54.11 79.62
N GLU YB 111 91.01 54.55 78.36
CA GLU YB 111 89.90 55.31 77.79
C GLU YB 111 88.98 54.35 77.03
N THR YB 112 87.70 54.33 77.43
CA THR YB 112 86.71 53.43 76.84
C THR YB 112 85.94 54.10 75.70
N ASP YB 113 85.78 55.42 75.74
CA ASP YB 113 84.95 56.15 74.79
C ASP YB 113 85.59 56.14 73.40
N GLU YB 114 84.83 55.64 72.42
CA GLU YB 114 85.34 55.51 71.06
C GLU YB 114 85.57 56.86 70.40
N GLU YB 115 84.73 57.86 70.70
CA GLU YB 115 84.94 59.20 70.17
C GLU YB 115 86.22 59.82 70.70
N LYS YB 116 86.49 59.66 72.00
CA LYS YB 116 87.73 60.16 72.58
C LYS YB 116 88.94 59.42 72.02
N LEU YB 117 88.82 58.10 71.85
CA LEU YB 117 89.90 57.29 71.28
C LEU YB 117 90.20 57.72 69.85
N PHE YB 118 89.16 57.95 69.06
CA PHE YB 118 89.34 58.32 67.65
C PHE YB 118 89.91 59.73 67.52
N VAL YB 119 89.43 60.67 68.35
CA VAL YB 119 89.91 62.05 68.27
C VAL YB 119 91.36 62.16 68.71
N GLU YB 120 91.71 61.53 69.86
CA GLU YB 120 93.09 61.59 70.30
C GLU YB 120 94.02 60.75 69.45
N ALA YB 121 93.52 59.69 68.80
CA ALA YB 121 94.33 58.99 67.80
C ALA YB 121 94.59 59.86 66.58
N GLY YB 122 93.59 60.62 66.13
CA GLY YB 122 93.80 61.54 65.01
C GLY YB 122 94.78 62.66 65.33
N LYS YB 123 94.68 63.22 66.54
CA LYS YB 123 95.65 64.25 66.94
C LYS YB 123 97.03 63.66 67.19
N ALA YB 124 97.12 62.41 67.62
CA ALA YB 124 98.42 61.75 67.74
C ALA YB 124 99.02 61.46 66.37
N LEU YB 125 98.18 61.18 65.37
CA LEU YB 125 98.66 61.11 63.99
C LEU YB 125 99.16 62.47 63.50
N LEU YB 126 98.42 63.54 63.82
CA LEU YB 126 98.80 64.88 63.38
C LEU YB 126 100.08 65.34 64.06
N ALA YB 127 100.33 64.89 65.29
CA ALA YB 127 101.58 65.21 65.97
C ALA YB 127 102.78 64.49 65.36
N GLU YB 128 102.56 63.37 64.67
CA GLU YB 128 103.64 62.63 64.02
C GLU YB 128 103.89 63.09 62.59
N GLY YB 129 103.10 64.03 62.08
CA GLY YB 129 103.36 64.67 60.81
C GLY YB 129 102.56 64.14 59.62
N VAL YB 130 101.86 63.02 59.76
CA VAL YB 130 101.09 62.48 58.64
C VAL YB 130 99.84 63.31 58.45
N THR YB 131 99.29 63.25 57.24
CA THR YB 131 98.19 64.12 56.84
C THR YB 131 96.89 63.33 56.78
N LEU YB 132 95.84 63.85 57.40
CA LEU YB 132 94.50 63.26 57.35
C LEU YB 132 93.60 64.20 56.55
N ARG YB 133 93.27 63.80 55.32
CA ARG YB 133 92.44 64.60 54.42
C ARG YB 133 90.96 64.45 54.71
N ARG YB 134 90.55 63.33 55.31
CA ARG YB 134 89.16 62.90 55.62
C ARG YB 134 88.40 62.73 54.30
N VAL YB 135 87.08 62.67 54.32
CA VAL YB 135 86.28 62.56 53.11
C VAL YB 135 85.26 63.69 53.12
N GLY YB 136 85.24 64.47 52.05
CA GLY YB 136 84.32 65.59 51.94
C GLY YB 136 82.90 65.18 51.62
N PRO ZB 2 61.47 -8.55 58.66
CA PRO ZB 2 60.87 -7.23 58.81
C PRO ZB 2 61.80 -6.09 58.41
N MET ZB 3 61.43 -5.37 57.35
CA MET ZB 3 62.16 -4.17 56.97
C MET ZB 3 61.53 -2.94 57.58
N LYS ZB 4 60.20 -2.92 57.67
CA LYS ZB 4 59.49 -1.76 58.19
C LYS ZB 4 59.57 -1.71 59.71
N GLY ZB 5 59.39 -0.52 60.26
CA GLY ZB 5 59.49 -0.30 61.68
C GLY ZB 5 60.81 0.37 62.07
N ARG ZB 6 60.76 1.11 63.18
CA ARG ZB 6 61.95 1.81 63.66
C ARG ZB 6 62.95 0.83 64.28
N PHE ZB 7 62.46 -0.14 65.04
CA PHE ZB 7 63.29 -1.22 65.60
C PHE ZB 7 62.72 -2.54 65.08
N PRO ZB 8 63.21 -3.02 63.95
CA PRO ZB 8 62.62 -4.22 63.34
C PRO ZB 8 62.92 -5.52 64.07
N ILE ZB 9 63.89 -5.52 64.99
CA ILE ZB 9 64.31 -6.76 65.64
C ILE ZB 9 63.32 -7.20 66.71
N ARG ZB 10 62.51 -6.28 67.24
CA ARG ZB 10 61.60 -6.63 68.31
C ARG ZB 10 60.35 -7.36 67.82
N ARG ZB 11 60.19 -7.51 66.51
CA ARG ZB 11 59.04 -8.19 65.93
C ARG ZB 11 59.37 -9.62 65.51
N THR ZB 12 60.51 -10.14 65.92
CA THR ZB 12 60.90 -11.50 65.56
C THR ZB 12 60.53 -12.48 66.68
N LEU ZB 13 60.48 -13.77 66.32
CA LEU ZB 13 60.09 -14.80 67.29
C LEU ZB 13 61.15 -15.00 68.37
N GLN ZB 14 62.41 -14.67 68.07
CA GLN ZB 14 63.46 -14.82 69.06
C GLN ZB 14 63.34 -13.77 70.16
N TYR ZB 15 63.00 -12.53 69.78
CA TYR ZB 15 62.82 -11.48 70.79
C TYR ZB 15 61.56 -11.71 71.61
N LEU ZB 16 60.48 -12.21 70.97
CA LEU ZB 16 59.25 -12.51 71.69
C LEU ZB 16 59.44 -13.69 72.64
N GLY ZB 17 60.31 -14.64 72.29
CA GLY ZB 17 60.53 -15.80 73.13
C GLY ZB 17 61.64 -15.66 74.14
N GLN ZB 18 62.52 -14.67 73.99
CA GLN ZB 18 63.63 -14.50 74.92
C GLN ZB 18 63.31 -13.58 76.08
N GLY ZB 19 62.18 -12.91 76.06
CA GLY ZB 19 61.76 -12.11 77.21
C GLY ZB 19 61.19 -13.02 78.29
N ASP ZB 20 61.82 -13.04 79.46
CA ASP ZB 20 61.48 -13.99 80.50
C ASP ZB 20 60.82 -13.26 81.67
N VAL ZB 21 59.52 -13.02 81.55
CA VAL ZB 21 58.66 -12.62 82.66
C VAL ZB 21 57.36 -13.41 82.53
N VAL ZB 22 57.10 -14.31 83.48
CA VAL ZB 22 55.90 -15.11 83.49
C VAL ZB 22 55.17 -14.87 84.80
N PHE ZB 23 53.95 -14.35 84.72
CA PHE ZB 23 53.18 -14.01 85.91
C PHE ZB 23 52.64 -15.26 86.61
N LYS ZB 24 52.18 -15.05 87.84
CA LYS ZB 24 51.46 -16.10 88.58
C LYS ZB 24 50.08 -16.31 87.96
N ASP ZB 25 49.44 -17.41 88.35
CA ASP ZB 25 48.14 -17.77 87.79
C ASP ZB 25 47.01 -16.88 88.27
N SER ZB 26 47.19 -16.16 89.38
CA SER ZB 26 46.15 -15.28 89.89
C SER ZB 26 46.14 -13.92 89.19
N VAL ZB 27 47.13 -13.64 88.35
CA VAL ZB 27 47.25 -12.33 87.72
C VAL ZB 27 46.29 -12.25 86.54
N LYS ZB 28 45.48 -11.18 86.51
CA LYS ZB 28 44.46 -11.03 85.47
C LYS ZB 28 44.69 -9.79 84.60
N VAL ZB 29 44.83 -8.60 85.20
CA VAL ZB 29 44.91 -7.36 84.44
C VAL ZB 29 46.21 -6.63 84.80
N MET ZB 30 46.91 -6.15 83.77
CA MET ZB 30 48.12 -5.37 83.92
C MET ZB 30 47.96 -4.07 83.13
N THR ZB 31 48.00 -2.93 83.82
CA THR ZB 31 47.62 -1.65 83.25
C THR ZB 31 48.79 -0.68 83.38
N VAL ZB 32 49.16 -0.05 82.26
CA VAL ZB 32 50.23 0.94 82.24
C VAL ZB 32 49.62 2.30 81.96
N ASN ZB 33 49.70 3.21 82.94
CA ASN ZB 33 49.40 4.61 82.72
C ASN ZB 33 50.73 5.33 82.51
N TYR ZB 34 50.87 6.03 81.39
CA TYR ZB 34 52.15 6.67 81.10
C TYR ZB 34 51.92 7.98 80.36
N ASN ZB 35 52.98 8.79 80.29
CA ASN ZB 35 52.97 10.07 79.61
C ASN ZB 35 53.96 10.04 78.45
N THR ZB 36 53.68 10.84 77.42
CA THR ZB 36 54.54 10.94 76.26
C THR ZB 36 55.37 12.21 76.24
N HIS ZB 37 55.40 12.96 77.33
CA HIS ZB 37 56.21 14.17 77.44
C HIS ZB 37 57.02 14.11 78.72
N GLY ZB 38 58.14 14.82 78.72
CA GLY ZB 38 59.01 14.87 79.88
C GLY ZB 38 60.06 13.79 79.90
N GLU ZB 39 61.20 14.06 80.55
CA GLU ZB 39 62.28 13.09 80.65
C GLU ZB 39 62.03 12.04 81.74
N LEU ZB 40 61.02 12.24 82.58
CA LEU ZB 40 60.76 11.33 83.68
C LEU ZB 40 60.15 10.03 83.18
N GLY ZB 41 59.25 10.12 82.20
CA GLY ZB 41 58.57 8.94 81.69
C GLY ZB 41 59.31 8.20 80.59
N GLU ZB 42 60.60 8.47 80.40
CA GLU ZB 42 61.42 7.85 79.36
C GLU ZB 42 61.54 6.35 79.58
N GLY ZB 43 61.75 5.93 80.83
CA GLY ZB 43 61.84 4.51 81.13
C GLY ZB 43 60.53 3.79 80.91
N ALA ZB 44 59.41 4.42 81.26
CA ALA ZB 44 58.09 3.82 81.02
C ALA ZB 44 57.80 3.73 79.53
N ARG ZB 45 58.19 4.75 78.76
CA ARG ZB 45 57.98 4.73 77.31
C ARG ZB 45 58.82 3.64 76.65
N LYS ZB 46 60.07 3.47 77.11
CA LYS ZB 46 60.90 2.37 76.60
C LYS ZB 46 60.33 1.02 77.01
N PHE ZB 47 59.74 0.94 78.20
CA PHE ZB 47 59.09 -0.30 78.66
C PHE ZB 47 57.92 -0.66 77.75
N VAL ZB 48 57.09 0.33 77.42
CA VAL ZB 48 55.96 0.12 76.50
C VAL ZB 48 56.45 -0.25 75.11
N PHE ZB 49 57.49 0.43 74.62
CA PHE ZB 49 58.01 0.16 73.29
C PHE ZB 49 58.72 -1.18 73.17
N PHE ZB 50 59.23 -1.75 74.27
CA PHE ZB 50 60.05 -2.96 74.15
C PHE ZB 50 59.43 -4.19 74.80
N ASN ZB 51 59.07 -4.16 76.09
CA ASN ZB 51 58.92 -5.41 76.82
C ASN ZB 51 57.50 -5.95 76.86
N ILE ZB 52 56.50 -5.09 76.72
CA ILE ZB 52 55.10 -5.55 76.79
C ILE ZB 52 54.71 -6.58 75.73
N PRO ZB 53 55.23 -6.55 74.49
CA PRO ZB 53 55.10 -7.76 73.64
C PRO ZB 53 55.67 -9.04 74.24
N GLN ZB 54 56.80 -8.98 74.93
CA GLN ZB 54 57.39 -10.19 75.52
C GLN ZB 54 56.55 -10.71 76.69
N ILE ZB 55 56.08 -9.81 77.55
CA ILE ZB 55 55.24 -10.21 78.69
C ILE ZB 55 53.89 -10.73 78.20
N GLN ZB 56 53.34 -10.12 77.14
CA GLN ZB 56 52.09 -10.58 76.60
C GLN ZB 56 52.24 -11.92 75.87
N TYR ZB 57 53.42 -12.17 75.29
CA TYR ZB 57 53.68 -13.48 74.68
C TYR ZB 57 53.83 -14.56 75.74
N LYS ZB 58 54.52 -14.27 76.84
CA LYS ZB 58 54.68 -15.26 77.89
C LYS ZB 58 53.43 -15.40 78.77
N ASN ZB 59 52.52 -14.43 78.73
CA ASN ZB 59 51.24 -14.50 79.45
C ASN ZB 59 50.14 -14.17 78.45
N PRO ZB 60 49.70 -15.15 77.66
CA PRO ZB 60 48.69 -14.84 76.63
C PRO ZB 60 47.30 -14.58 77.19
N TRP ZB 61 46.98 -15.15 78.35
CA TRP ZB 61 45.67 -14.99 78.94
C TRP ZB 61 45.54 -13.76 79.83
N VAL ZB 62 46.64 -13.10 80.15
CA VAL ZB 62 46.61 -11.92 81.01
C VAL ZB 62 46.35 -10.68 80.16
N GLN ZB 63 45.30 -9.94 80.50
CA GLN ZB 63 45.01 -8.68 79.82
C GLN ZB 63 46.08 -7.64 80.14
N ILE ZB 64 46.53 -6.91 79.12
CA ILE ZB 64 47.46 -5.80 79.29
C ILE ZB 64 46.90 -4.59 78.56
N THR ZB 65 46.78 -3.45 79.26
CA THR ZB 65 46.08 -2.29 78.75
C THR ZB 65 46.92 -1.02 78.93
N MET ZB 66 46.90 -0.15 77.91
CA MET ZB 66 47.61 1.13 77.92
C MET ZB 66 46.64 2.28 78.20
N PHE ZB 67 47.12 3.29 78.90
CA PHE ZB 67 46.45 4.59 79.00
C PHE ZB 67 47.51 5.68 78.96
N LYS ZB 68 47.21 6.75 78.21
CA LYS ZB 68 48.18 7.81 77.95
C LYS ZB 68 47.64 9.15 78.41
N ASN ZB 69 48.46 9.87 79.20
CA ASN ZB 69 48.29 11.29 79.51
C ASN ZB 69 46.99 11.58 80.27
N MET ZB 70 46.83 10.95 81.42
CA MET ZB 70 45.72 11.24 82.32
C MET ZB 70 46.20 11.60 83.73
N THR ZB 71 47.24 10.92 84.20
CA THR ZB 71 47.94 11.03 85.47
C THR ZB 71 49.36 11.57 85.22
N PRO ZB 72 49.78 12.60 85.96
CA PRO ZB 72 51.11 13.17 85.74
C PRO ZB 72 52.28 12.23 86.01
N SER ZB 73 52.11 11.21 86.84
CA SER ZB 73 53.19 10.26 87.05
C SER ZB 73 52.82 8.91 86.45
N PRO ZB 74 53.73 8.29 85.70
CA PRO ZB 74 53.44 6.96 85.17
C PRO ZB 74 53.42 5.91 86.26
N PHE ZB 75 52.60 4.88 86.07
CA PHE ZB 75 52.53 3.78 87.02
C PHE ZB 75 51.99 2.53 86.33
N LEU ZB 76 52.17 1.41 86.99
CA LEU ZB 76 51.61 0.13 86.57
C LEU ZB 76 50.70 -0.40 87.68
N ARG ZB 77 49.61 -1.04 87.27
CA ARG ZB 77 48.59 -1.46 88.22
C ARG ZB 77 48.16 -2.88 87.88
N PHE ZB 78 48.21 -3.76 88.87
CA PHE ZB 78 47.95 -5.18 88.71
C PHE ZB 78 46.65 -5.53 89.41
N TYR ZB 79 45.75 -6.15 88.68
CA TYR ZB 79 44.44 -6.58 89.20
C TYR ZB 79 44.43 -8.11 89.22
N LEU ZB 80 44.23 -8.67 90.42
CA LEU ZB 80 44.34 -10.09 90.68
C LEU ZB 80 42.96 -10.74 90.67
N ASP ZB 81 42.92 -12.02 91.00
CA ASP ZB 81 41.65 -12.74 91.10
C ASP ZB 81 40.89 -12.40 92.38
N SER ZB 82 41.60 -12.15 93.47
CA SER ZB 82 40.96 -11.90 94.76
C SER ZB 82 40.64 -10.43 94.99
N GLY ZB 83 40.51 -9.62 93.94
CA GLY ZB 83 40.27 -8.21 94.11
C GLY ZB 83 41.50 -7.42 94.53
N GLU ZB 84 42.68 -8.00 94.40
CA GLU ZB 84 43.90 -7.41 94.93
C GLU ZB 84 44.55 -6.51 93.88
N GLN ZB 85 44.95 -5.32 94.32
CA GLN ZB 85 45.46 -4.27 93.45
C GLN ZB 85 46.89 -3.94 93.86
N VAL ZB 86 47.83 -4.22 92.96
CA VAL ZB 86 49.25 -4.00 93.20
C VAL ZB 86 49.69 -2.78 92.40
N LEU ZB 87 50.17 -1.74 93.06
CA LEU ZB 87 50.61 -0.53 92.39
C LEU ZB 87 52.13 -0.50 92.37
N VAL ZB 88 52.70 -0.39 91.18
CA VAL ZB 88 54.13 -0.20 90.99
C VAL ZB 88 54.33 1.20 90.44
N ASP ZB 89 55.00 2.06 91.20
CA ASP ZB 89 55.21 3.44 90.80
C ASP ZB 89 56.58 3.58 90.15
N VAL ZB 90 56.62 4.14 88.95
CA VAL ZB 90 57.86 4.45 88.25
C VAL ZB 90 57.91 5.94 87.94
N GLU ZB 91 58.99 6.60 88.33
CA GLU ZB 91 59.15 8.01 88.02
C GLU ZB 91 60.52 8.28 87.42
N SER ZB 92 61.52 7.54 87.88
CA SER ZB 92 62.88 7.66 87.39
C SER ZB 92 63.55 6.31 87.15
N LYS ZB 93 62.85 5.21 87.41
CA LYS ZB 93 63.43 3.90 87.19
C LYS ZB 93 63.51 3.59 85.71
N SER ZB 94 64.63 3.00 85.28
CA SER ZB 94 64.80 2.67 83.88
C SER ZB 94 64.20 1.31 83.58
N ASN ZB 95 64.31 0.91 82.31
CA ASN ZB 95 63.55 -0.21 81.76
C ASN ZB 95 63.95 -1.55 82.38
N LYS ZB 96 65.25 -1.78 82.53
CA LYS ZB 96 65.72 -3.04 83.10
C LYS ZB 96 65.35 -3.14 84.57
N GLU ZB 97 65.39 -2.01 85.28
CA GLU ZB 97 64.98 -1.98 86.68
C GLU ZB 97 63.49 -2.24 86.83
N ILE ZB 98 62.68 -1.75 85.88
CA ILE ZB 98 61.26 -2.10 85.84
C ILE ZB 98 61.07 -3.61 85.62
N VAL ZB 99 61.89 -4.20 84.74
CA VAL ZB 99 61.75 -5.63 84.42
C VAL ZB 99 62.08 -6.49 85.64
N GLU ZB 100 63.22 -6.22 86.30
CA GLU ZB 100 63.55 -6.96 87.53
C GLU ZB 100 62.58 -6.64 88.66
N HIS ZB 101 62.02 -5.42 88.69
CA HIS ZB 101 61.11 -5.05 89.76
C HIS ZB 101 59.80 -5.82 89.65
N ILE ZB 102 59.25 -5.92 88.43
CA ILE ZB 102 58.05 -6.71 88.19
C ILE ZB 102 58.31 -8.18 88.43
N ARG ZB 103 59.46 -8.68 87.95
CA ARG ZB 103 59.78 -10.11 88.11
C ARG ZB 103 60.05 -10.47 89.56
N LYS ZB 104 60.41 -9.50 90.40
CA LYS ZB 104 60.67 -9.79 91.81
C LYS ZB 104 59.40 -9.63 92.64
N ILE ZB 105 58.54 -8.66 92.29
CA ILE ZB 105 57.26 -8.49 92.99
C ILE ZB 105 56.34 -9.67 92.69
N LEU ZB 106 56.05 -9.90 91.42
CA LEU ZB 106 55.16 -11.00 91.05
C LEU ZB 106 55.61 -11.54 89.69
N GLY ZB 107 56.25 -12.71 89.74
CA GLY ZB 107 56.61 -13.45 88.56
C GLY ZB 107 56.48 -14.92 88.88
N LYS ZB 108 57.24 -15.77 88.20
CA LYS ZB 108 57.33 -17.17 88.56
C LYS ZB 108 58.77 -17.46 88.92
N ASN ZB 109 58.98 -18.21 90.01
CA ASN ZB 109 60.32 -18.53 90.46
C ASN ZB 109 60.97 -19.48 89.46
N GLU ZB 110 62.31 -19.43 89.42
CA GLU ZB 110 63.07 -20.22 88.46
C GLU ZB 110 62.88 -21.71 88.70
N GLU ZB 111 62.90 -22.15 89.97
CA GLU ZB 111 62.69 -23.55 90.32
C GLU ZB 111 61.27 -24.00 89.94
N THR ZB 112 60.30 -23.09 90.06
CA THR ZB 112 58.95 -23.38 89.59
C THR ZB 112 58.92 -23.52 88.08
N LEU ZB 113 59.80 -22.78 87.39
CA LEU ZB 113 59.86 -22.91 85.93
C LEU ZB 113 60.41 -24.27 85.50
N GLU ZB 114 61.54 -24.73 86.09
CA GLU ZB 114 61.99 -26.05 85.61
C GLU ZB 114 61.10 -27.16 86.13
N LYS ZB 115 60.42 -26.99 87.28
CA LYS ZB 115 59.50 -28.03 87.69
C LYS ZB 115 58.25 -28.04 86.81
N GLU ZB 116 57.82 -26.87 86.32
CA GLU ZB 116 56.66 -26.80 85.44
C GLU ZB 116 56.96 -27.47 84.12
N GLU ZB 117 58.16 -27.23 83.56
CA GLU ZB 117 58.50 -27.99 82.36
C GLU ZB 117 58.88 -29.43 82.68
N GLN ZB 118 59.10 -29.78 83.96
CA GLN ZB 118 59.44 -31.15 84.28
C GLN ZB 118 58.18 -32.04 84.31
N GLU ZB 119 57.10 -31.58 84.96
CA GLU ZB 119 55.82 -32.28 84.73
C GLU ZB 119 55.24 -32.01 83.34
N LYS ZB 120 55.74 -31.01 82.61
CA LYS ZB 120 55.38 -30.97 81.20
C LYS ZB 120 56.10 -32.06 80.40
N LYS ZB 121 57.34 -32.38 80.73
CA LYS ZB 121 58.12 -33.41 80.06
C LYS ZB 121 57.75 -34.82 80.51
N GLN ZB 122 57.11 -34.98 81.68
CA GLN ZB 122 56.64 -36.30 82.05
C GLN ZB 122 55.52 -36.83 81.16
N LEU ZB 123 54.82 -35.95 80.44
CA LEU ZB 123 53.70 -36.39 79.61
C LEU ZB 123 54.18 -37.19 78.40
N SER ZB 124 55.35 -36.86 77.86
CA SER ZB 124 55.95 -37.60 76.76
C SER ZB 124 56.92 -38.62 77.34
N HIS ZB 125 56.42 -39.82 77.60
CA HIS ZB 125 57.20 -40.96 78.08
C HIS ZB 125 57.77 -41.71 76.89
N PRO ZB 126 59.05 -42.10 76.95
CA PRO ZB 126 59.67 -42.77 75.79
C PRO ZB 126 59.12 -44.16 75.50
N ALA ZB 127 58.45 -44.80 76.45
CA ALA ZB 127 58.05 -46.20 76.29
C ALA ZB 127 56.76 -46.37 75.51
N HIS ZB 128 56.07 -45.29 75.16
CA HIS ZB 128 54.84 -45.39 74.39
C HIS ZB 128 55.13 -45.55 72.90
N PHE ZB 129 54.13 -46.04 72.17
CA PHE ZB 129 54.23 -46.28 70.74
C PHE ZB 129 53.03 -45.67 70.05
N GLY ZB 130 53.21 -45.27 68.80
CA GLY ZB 130 52.12 -44.72 68.03
C GLY ZB 130 52.59 -43.85 66.89
N PRO ZB 131 51.89 -42.73 66.66
CA PRO ZB 131 52.28 -41.82 65.59
C PRO ZB 131 53.60 -41.12 65.89
N ARG ZB 132 54.23 -40.62 64.83
CA ARG ZB 132 55.50 -39.91 64.98
C ARG ZB 132 55.34 -38.57 65.69
N LYS ZB 133 54.15 -37.97 65.63
CA LYS ZB 133 53.95 -36.63 66.15
C LYS ZB 133 53.86 -36.64 67.68
N TYR ZB 134 53.41 -37.74 68.26
CA TYR ZB 134 53.40 -37.92 69.72
C TYR ZB 134 54.41 -38.92 70.24
N CYS ZB 135 54.77 -39.95 69.46
CA CYS ZB 135 55.60 -41.03 69.96
C CYS ZB 135 56.84 -41.21 69.08
N LEU ZB 136 57.89 -41.79 69.66
CA LEU ZB 136 59.15 -41.95 68.95
C LEU ZB 136 59.11 -43.09 67.94
N ARG ZB 137 58.39 -44.17 68.22
CA ARG ZB 137 58.38 -45.34 67.35
C ARG ZB 137 56.94 -45.64 66.94
N GLU ZB 138 56.81 -46.31 65.79
CA GLU ZB 138 55.50 -46.75 65.29
C GLU ZB 138 55.39 -48.27 65.32
N CYS ZB 139 56.25 -48.98 64.59
CA CYS ZB 139 56.28 -50.43 64.68
C CYS ZB 139 57.04 -50.83 65.94
N MET ZB 140 56.80 -52.06 66.40
CA MET ZB 140 57.75 -52.79 67.23
C MET ZB 140 58.82 -53.44 66.36
N CYS ZB 141 58.57 -53.49 65.05
CA CYS ZB 141 59.50 -54.03 64.06
C CYS ZB 141 60.81 -53.25 64.02
N GLU ZB 142 60.75 -51.93 64.21
CA GLU ZB 142 61.88 -51.03 64.07
C GLU ZB 142 62.94 -51.20 65.15
N VAL ZB 143 62.59 -51.84 66.25
CA VAL ZB 143 63.52 -52.14 67.33
C VAL ZB 143 64.47 -53.21 66.82
N GLU ZB 144 65.77 -53.05 67.12
CA GLU ZB 144 66.84 -53.81 66.48
C GLU ZB 144 66.72 -55.31 66.75
N GLY ZB 145 66.34 -55.69 67.98
CA GLY ZB 145 66.34 -57.09 68.33
C GLY ZB 145 65.12 -57.87 67.87
N GLN ZB 146 64.08 -57.21 67.39
CA GLN ZB 146 62.83 -57.89 67.08
C GLN ZB 146 62.80 -58.35 65.63
N VAL ZB 147 61.65 -58.84 65.20
CA VAL ZB 147 61.41 -59.32 63.84
C VAL ZB 147 61.35 -58.12 62.90
N PRO ZB 148 62.07 -58.13 61.77
CA PRO ZB 148 62.00 -57.02 60.82
C PRO ZB 148 60.64 -56.96 60.12
N CYS ZB 149 60.35 -55.77 59.61
CA CYS ZB 149 58.99 -55.47 59.19
C CYS ZB 149 58.74 -56.09 57.82
N PRO ZB 150 57.56 -56.69 57.58
CA PRO ZB 150 57.36 -57.42 56.31
C PRO ZB 150 57.33 -56.55 55.06
N GLY ZB 151 57.17 -55.24 55.19
CA GLY ZB 151 57.30 -54.38 54.04
C GLY ZB 151 58.73 -54.13 53.61
N LEU ZB 152 59.71 -54.45 54.44
CA LEU ZB 152 61.13 -54.26 54.12
C LEU ZB 152 61.86 -55.59 53.99
N VAL ZB 153 61.83 -56.43 55.02
CA VAL ZB 153 62.42 -57.75 54.99
C VAL ZB 153 61.29 -58.78 55.00
N PRO ZB 154 61.20 -59.61 53.97
CA PRO ZB 154 60.14 -60.63 53.93
C PRO ZB 154 60.32 -61.68 55.03
N LEU ZB 155 59.19 -62.16 55.54
CA LEU ZB 155 59.15 -63.17 56.58
C LEU ZB 155 59.45 -64.55 56.02
N PRO ZB 156 59.93 -65.48 56.85
CA PRO ZB 156 60.09 -66.87 56.39
C PRO ZB 156 58.75 -67.53 56.13
N LYS ZB 157 58.80 -68.62 55.34
CA LYS ZB 157 57.58 -69.28 54.89
C LYS ZB 157 56.84 -69.97 56.03
N GLU ZB 158 57.58 -70.51 57.00
CA GLU ZB 158 57.00 -71.30 58.08
C GLU ZB 158 56.12 -70.48 59.02
N MET ZB 159 56.31 -69.17 59.06
CA MET ZB 159 55.50 -68.27 59.88
C MET ZB 159 54.24 -67.81 59.15
N THR ZB 160 54.17 -68.03 57.84
CA THR ZB 160 53.16 -67.38 57.01
C THR ZB 160 51.81 -68.11 57.12
N GLY ZB 161 50.74 -67.32 57.25
CA GLY ZB 161 49.41 -67.88 57.48
C GLY ZB 161 48.86 -68.69 56.34
N LYS ZB 162 49.23 -68.35 55.09
CA LYS ZB 162 48.76 -69.14 53.95
C LYS ZB 162 49.42 -70.52 53.93
N TYR ZB 163 50.69 -70.60 54.35
CA TYR ZB 163 51.35 -71.90 54.45
C TYR ZB 163 50.75 -72.69 55.61
N LYS ZB 164 50.40 -72.00 56.70
CA LYS ZB 164 49.73 -72.67 57.82
C LYS ZB 164 48.37 -73.25 57.41
N ALA ZB 165 47.59 -72.48 56.63
CA ALA ZB 165 46.32 -72.97 56.13
C ALA ZB 165 46.51 -74.12 55.14
N ALA ZB 166 47.55 -74.05 54.30
CA ALA ZB 166 47.81 -75.12 53.35
C ALA ZB 166 48.24 -76.41 54.04
N LEU ZB 167 49.04 -76.32 55.10
CA LEU ZB 167 49.44 -77.53 55.82
C LEU ZB 167 48.31 -78.07 56.69
N LYS ZB 168 47.42 -77.20 57.17
CA LYS ZB 168 46.27 -77.69 57.93
C LYS ZB 168 45.25 -78.36 57.02
N ALA ZB 169 45.05 -77.82 55.82
CA ALA ZB 169 44.08 -78.41 54.90
C ALA ZB 169 44.58 -79.65 54.19
N THR ZB 170 45.88 -79.95 54.26
CA THR ZB 170 46.43 -81.13 53.61
C THR ZB 170 46.70 -82.23 54.63
N ARG AC 27 27.69 -53.87 61.70
CA ARG AC 27 27.09 -54.97 62.46
C ARG AC 27 25.59 -54.62 62.35
N LYS AC 28 24.67 -55.44 62.90
CA LYS AC 28 23.25 -55.20 62.68
C LYS AC 28 22.74 -54.04 63.55
N THR AC 29 21.42 -53.83 63.49
CA THR AC 29 20.78 -52.63 63.98
C THR AC 29 19.45 -53.09 64.61
N ARG AC 30 18.87 -52.24 65.45
CA ARG AC 30 17.64 -52.57 66.17
C ARG AC 30 16.47 -52.82 65.21
N HIS AC 31 16.39 -52.05 64.13
CA HIS AC 31 15.19 -52.05 63.29
C HIS AC 31 15.28 -53.02 62.11
N ASP AC 32 16.36 -53.77 61.95
CA ASP AC 32 16.43 -54.72 60.85
C ASP AC 32 15.85 -56.08 61.27
N PRO AC 33 15.27 -56.84 60.35
CA PRO AC 33 14.76 -58.18 60.73
C PRO AC 33 15.89 -59.18 60.88
N PRO AC 34 15.69 -60.21 61.71
CA PRO AC 34 16.72 -61.25 61.84
C PRO AC 34 16.71 -62.20 60.64
N ALA AC 35 17.69 -63.09 60.63
CA ALA AC 35 17.86 -64.02 59.52
C ALA AC 35 16.82 -65.14 59.57
N LYS AC 36 16.38 -65.55 58.38
CA LYS AC 36 15.38 -66.61 58.27
C LYS AC 36 15.94 -67.98 58.64
N SER AC 37 17.21 -68.23 58.33
CA SER AC 37 17.81 -69.52 58.67
C SER AC 37 18.02 -69.65 60.17
N LYS AC 38 18.39 -68.56 60.84
CA LYS AC 38 18.69 -68.56 62.26
C LYS AC 38 17.46 -68.23 63.11
N ALA AC 39 16.33 -67.91 62.46
CA ALA AC 39 15.09 -67.63 63.18
C ALA AC 39 14.56 -68.87 63.90
N GLY AC 40 14.70 -70.04 63.27
CA GLY AC 40 14.27 -71.28 63.89
C GLY AC 40 15.40 -72.02 64.59
N ARG AC 41 16.49 -71.32 64.86
CA ARG AC 41 17.70 -71.91 65.42
C ARG AC 41 17.89 -71.47 66.87
N VAL AC 42 18.16 -72.43 67.75
CA VAL AC 42 18.46 -72.16 69.15
C VAL AC 42 19.87 -72.66 69.45
N ALA AC 43 20.53 -71.99 70.38
CA ALA AC 43 21.93 -72.28 70.69
C ALA AC 43 22.05 -73.58 71.48
N THR AC 44 23.21 -74.23 71.35
CA THR AC 44 23.50 -75.48 72.04
C THR AC 44 24.68 -75.30 72.99
N PRO AC 45 24.49 -75.45 74.30
CA PRO AC 45 25.64 -75.47 75.20
C PRO AC 45 26.42 -76.76 75.05
N PRO AC 46 27.73 -76.74 75.31
CA PRO AC 46 28.55 -77.94 75.13
C PRO AC 46 28.41 -78.91 76.30
N ALA AC 47 29.03 -80.08 76.11
CA ALA AC 47 29.00 -81.13 77.11
C ALA AC 47 29.84 -80.74 78.32
N VAL AC 48 29.49 -81.28 79.48
CA VAL AC 48 30.07 -80.88 80.76
C VAL AC 48 30.87 -82.07 81.32
N ASP AC 49 32.12 -81.81 81.68
CA ASP AC 49 32.91 -82.73 82.48
C ASP AC 49 32.74 -82.33 83.94
N PRO AC 50 32.13 -83.16 84.79
CA PRO AC 50 31.63 -82.66 86.09
C PRO AC 50 32.71 -82.31 87.10
N THR AC 51 33.71 -83.18 87.29
CA THR AC 51 34.81 -82.93 88.21
C THR AC 51 35.65 -81.72 87.80
N GLU AC 52 35.89 -81.62 86.49
CA GLU AC 52 36.66 -80.51 85.93
C GLU AC 52 35.87 -79.21 86.07
N PHE AC 53 34.55 -79.28 85.89
CA PHE AC 53 33.67 -78.13 86.10
C PHE AC 53 33.69 -77.66 87.55
N PHE AC 54 33.68 -78.61 88.50
CA PHE AC 54 33.61 -78.22 89.91
C PHE AC 54 34.91 -77.56 90.38
N VAL AC 55 36.05 -78.15 89.99
CA VAL AC 55 37.33 -77.54 90.34
C VAL AC 55 37.51 -76.19 89.63
N LEU AC 56 37.00 -76.09 88.40
CA LEU AC 56 36.97 -74.83 87.66
C LEU AC 56 36.15 -73.76 88.38
N THR AC 57 34.98 -74.13 88.87
CA THR AC 57 34.09 -73.20 89.56
C THR AC 57 34.71 -72.71 90.85
N GLU AC 58 35.37 -73.61 91.60
CA GLU AC 58 36.11 -73.21 92.79
C GLU AC 58 37.22 -72.22 92.44
N ARG AC 59 38.00 -72.53 91.39
CA ARG AC 59 39.13 -71.68 90.98
C ARG AC 59 38.67 -70.26 90.61
N TYR AC 60 37.51 -70.14 89.95
CA TYR AC 60 36.88 -68.81 89.86
C TYR AC 60 36.48 -68.21 91.20
N ARG AC 61 35.97 -69.01 92.17
CA ARG AC 61 35.51 -68.39 93.42
C ARG AC 61 36.67 -67.76 94.22
N GLN AC 62 37.71 -68.53 94.53
CA GLN AC 62 38.82 -67.90 95.25
C GLN AC 62 39.76 -67.07 94.33
N TYR AC 63 39.68 -67.23 93.00
CA TYR AC 63 40.30 -66.25 92.11
C TYR AC 63 39.66 -64.88 92.23
N ARG AC 64 38.33 -64.82 92.10
CA ARG AC 64 37.63 -63.55 92.19
C ARG AC 64 37.68 -62.98 93.60
N GLN AC 65 37.80 -63.84 94.61
CA GLN AC 65 38.09 -63.38 95.97
C GLN AC 65 39.43 -62.65 96.05
N THR AC 66 40.50 -63.25 95.52
CA THR AC 66 41.83 -62.64 95.60
C THR AC 66 41.90 -61.36 94.78
N VAL AC 67 41.29 -61.37 93.58
CA VAL AC 67 41.29 -60.19 92.72
C VAL AC 67 40.45 -59.07 93.33
N ARG AC 68 39.35 -59.41 94.01
CA ARG AC 68 38.54 -58.41 94.70
C ARG AC 68 39.30 -57.79 95.85
N ALA AC 69 40.03 -58.60 96.62
CA ALA AC 69 40.82 -58.07 97.74
C ALA AC 69 41.94 -57.17 97.25
N LEU AC 70 42.60 -57.57 96.15
CA LEU AC 70 43.64 -56.74 95.55
C LEU AC 70 43.06 -55.44 95.00
N ARG AC 71 41.84 -55.50 94.45
CA ARG AC 71 41.24 -54.33 93.83
C ARG AC 71 40.77 -53.33 94.88
N LEU AC 72 40.26 -53.81 96.03
CA LEU AC 72 39.99 -52.88 97.13
C LEU AC 72 41.27 -52.37 97.79
N GLU AC 73 42.36 -53.15 97.74
CA GLU AC 73 43.65 -52.62 98.18
C GLU AC 73 44.13 -51.48 97.30
N PHE AC 74 43.99 -51.63 95.97
CA PHE AC 74 44.31 -50.54 95.06
C PHE AC 74 43.35 -49.37 95.21
N MET AC 75 42.09 -49.65 95.57
CA MET AC 75 41.14 -48.59 95.89
C MET AC 75 41.59 -47.79 97.10
N SER AC 76 42.07 -48.48 98.15
CA SER AC 76 42.60 -47.80 99.33
C SER AC 76 43.84 -47.01 99.00
N GLU AC 77 44.69 -47.54 98.11
CA GLU AC 77 45.86 -46.79 97.65
C GLU AC 77 45.47 -45.53 96.89
N VAL AC 78 44.44 -45.62 96.04
CA VAL AC 78 43.95 -44.46 95.29
C VAL AC 78 43.36 -43.42 96.24
N ARG AC 79 42.62 -43.88 97.27
CA ARG AC 79 42.07 -42.97 98.28
C ARG AC 79 43.17 -42.26 99.05
N LYS AC 80 44.23 -43.01 99.41
CA LYS AC 80 45.37 -42.47 100.15
C LYS AC 80 46.08 -41.41 99.32
N LYS AC 81 46.37 -41.73 98.05
CA LYS AC 81 47.09 -40.80 97.19
C LYS AC 81 46.26 -39.55 96.88
N LEU AC 82 44.95 -39.72 96.68
CA LEU AC 82 44.09 -38.57 96.38
C LEU AC 82 43.90 -37.69 97.61
N HIS AC 83 43.76 -38.30 98.78
CA HIS AC 83 43.62 -37.53 100.02
C HIS AC 83 44.90 -36.78 100.35
N GLU AC 84 46.07 -37.40 100.12
CA GLU AC 84 47.32 -36.67 100.28
C GLU AC 84 47.48 -35.56 99.25
N ALA AC 85 47.12 -35.80 97.99
CA ALA AC 85 47.26 -34.78 96.96
C ALA AC 85 46.31 -33.61 97.20
N ARG AC 86 45.20 -33.85 97.88
CA ARG AC 86 44.31 -32.74 98.26
C ARG AC 86 44.81 -32.01 99.51
N ALA AC 87 45.00 -32.73 100.62
CA ALA AC 87 45.28 -32.11 101.90
C ALA AC 87 46.57 -32.60 102.57
N GLY AC 88 47.68 -32.68 101.85
CA GLY AC 88 48.92 -33.10 102.46
C GLY AC 88 49.62 -31.95 103.16
N VAL AC 89 50.46 -32.34 104.13
CA VAL AC 89 51.15 -31.38 104.99
C VAL AC 89 52.08 -30.51 104.15
N GLN AC 90 52.67 -31.11 103.11
CA GLN AC 90 53.45 -30.37 102.13
C GLN AC 90 52.59 -29.32 101.41
N ALA AC 91 51.32 -29.64 101.13
CA ALA AC 91 50.45 -28.67 100.46
C ALA AC 91 50.12 -27.49 101.37
N GLU AC 92 49.92 -27.73 102.67
CA GLU AC 92 49.76 -26.55 103.55
C GLU AC 92 51.06 -25.75 103.70
N ARG AC 93 52.23 -26.41 103.68
CA ARG AC 93 53.48 -25.62 103.69
C ARG AC 93 53.62 -24.78 102.42
N LYS AC 94 53.25 -25.33 101.27
CA LYS AC 94 53.29 -24.56 100.02
C LYS AC 94 52.32 -23.38 100.05
N ALA AC 95 51.11 -23.60 100.58
CA ALA AC 95 50.13 -22.53 100.67
C ALA AC 95 50.57 -21.42 101.63
N GLN AC 96 51.08 -21.81 102.81
CA GLN AC 96 51.55 -20.83 103.78
C GLN AC 96 52.77 -20.07 103.26
N GLU AC 97 53.67 -20.76 102.54
CA GLU AC 97 54.85 -20.11 102.00
C GLU AC 97 54.49 -19.12 100.89
N ASP AC 98 53.56 -19.48 100.01
CA ASP AC 98 53.22 -18.56 98.92
C ASP AC 98 52.44 -17.35 99.45
N ALA AC 99 51.59 -17.56 100.46
CA ALA AC 99 50.90 -16.45 101.09
C ALA AC 99 51.88 -15.51 101.81
N ALA AC 100 52.86 -16.08 102.52
CA ALA AC 100 53.84 -15.29 103.23
C ALA AC 100 54.73 -14.50 102.27
N GLU AC 101 55.12 -15.13 101.15
CA GLU AC 101 55.92 -14.44 100.13
C GLU AC 101 55.14 -13.30 99.48
N HIS AC 102 53.85 -13.52 99.23
CA HIS AC 102 52.99 -12.48 98.67
C HIS AC 102 52.88 -11.29 99.63
N ARG AC 103 52.72 -11.57 100.93
CA ARG AC 103 52.60 -10.49 101.90
C ARG AC 103 53.90 -9.69 102.06
N GLU AC 104 55.06 -10.36 102.09
CA GLU AC 104 56.30 -9.62 102.26
C GLU AC 104 56.65 -8.81 101.01
N LEU AC 105 56.33 -9.34 99.82
CA LEU AC 105 56.53 -8.54 98.62
C LEU AC 105 55.56 -7.36 98.52
N MET AC 106 54.32 -7.51 99.01
CA MET AC 106 53.44 -6.35 99.14
C MET AC 106 53.98 -5.30 100.10
N ALA AC 107 54.56 -5.75 101.22
CA ALA AC 107 55.14 -4.82 102.19
C ALA AC 107 56.33 -4.07 101.60
N TRP AC 108 57.21 -4.78 100.88
CA TRP AC 108 58.37 -4.13 100.28
C TRP AC 108 57.95 -3.18 99.16
N ASN AC 109 56.90 -3.56 98.41
CA ASN AC 109 56.36 -2.67 97.38
C ASN AC 109 55.78 -1.39 97.97
N GLN AC 110 55.08 -1.52 99.10
CA GLN AC 110 54.51 -0.36 99.78
C GLN AC 110 55.62 0.56 100.29
N ALA AC 111 56.69 -0.02 100.83
CA ALA AC 111 57.84 0.78 101.28
C ALA AC 111 58.54 1.48 100.12
N GLU AC 112 58.65 0.79 98.98
CA GLU AC 112 59.26 1.38 97.79
C GLU AC 112 58.44 2.54 97.25
N ASN AC 113 57.11 2.38 97.22
CA ASN AC 113 56.24 3.45 96.77
C ASN AC 113 56.29 4.65 97.71
N GLN AC 114 56.42 4.40 99.02
CA GLN AC 114 56.58 5.51 99.96
C GLN AC 114 57.91 6.24 99.76
N ARG AC 115 58.98 5.50 99.47
CA ARG AC 115 60.28 6.11 99.24
C ARG AC 115 60.27 6.98 97.98
N LEU AC 116 59.69 6.46 96.89
CA LEU AC 116 59.58 7.26 95.67
C LEU AC 116 58.62 8.43 95.85
N HIS AC 117 57.63 8.29 96.72
CA HIS AC 117 56.74 9.42 97.04
C HIS AC 117 57.48 10.54 97.75
N GLU AC 118 58.36 10.18 98.70
CA GLU AC 118 59.17 11.18 99.39
C GLU AC 118 60.13 11.88 98.43
N LEU AC 119 60.73 11.11 97.51
CA LEU AC 119 61.60 11.70 96.48
C LEU AC 119 60.82 12.65 95.58
N ARG AC 120 59.60 12.26 95.20
CA ARG AC 120 58.74 13.10 94.38
C ARG AC 120 58.38 14.40 95.10
N LEU AC 121 58.06 14.31 96.40
CA LEU AC 121 57.69 15.49 97.18
C LEU AC 121 58.86 16.46 97.29
N ALA AC 122 60.07 15.95 97.54
CA ALA AC 122 61.26 16.81 97.63
C ALA AC 122 61.54 17.49 96.29
N ARG AC 123 61.46 16.74 95.19
CA ARG AC 123 61.77 17.31 93.88
C ARG AC 123 60.71 18.32 93.47
N LEU AC 124 59.44 18.08 93.83
CA LEU AC 124 58.40 19.07 93.54
C LEU AC 124 58.56 20.32 94.40
N ARG AC 125 59.15 20.20 95.60
CA ARG AC 125 59.51 21.41 96.34
C ARG AC 125 60.57 22.23 95.61
N GLN AC 126 61.57 21.56 95.02
CA GLN AC 126 62.55 22.27 94.20
C GLN AC 126 61.92 22.94 92.97
N GLU AC 127 61.03 22.23 92.27
CA GLU AC 127 60.39 22.85 91.11
C GLU AC 127 59.38 23.91 91.50
N ALA AC 128 58.83 23.85 92.72
CA ALA AC 128 57.98 24.93 93.21
C ALA AC 128 58.79 26.19 93.46
N LEU AC 129 60.00 26.04 94.03
CA LEU AC 129 60.88 27.19 94.22
C LEU AC 129 61.30 27.78 92.87
N GLU AC 130 61.60 26.91 91.89
CA GLU AC 130 61.93 27.38 90.55
C GLU AC 130 60.75 28.07 89.88
N GLN AC 131 59.53 27.55 90.07
CA GLN AC 131 58.34 28.16 89.50
C GLN AC 131 58.04 29.52 90.13
N GLU AC 132 58.33 29.67 91.43
CA GLU AC 132 58.22 30.99 92.05
C GLU AC 132 59.24 31.97 91.49
N ARG AC 133 60.46 31.50 91.19
CA ARG AC 133 61.46 32.36 90.55
C ARG AC 133 61.00 32.82 89.17
N ARG AC 134 60.48 31.89 88.36
CA ARG AC 134 59.99 32.24 87.03
C ARG AC 134 58.77 33.14 87.10
N GLN AC 135 57.93 32.96 88.12
CA GLN AC 135 56.78 33.83 88.33
C GLN AC 135 57.22 35.25 88.67
N ALA AC 136 58.27 35.39 89.49
CA ALA AC 136 58.80 36.71 89.82
C ALA AC 136 59.39 37.40 88.59
N GLU AC 137 60.14 36.65 87.78
CA GLU AC 137 60.73 37.23 86.57
C GLU AC 137 59.67 37.61 85.54
N GLU AC 138 58.62 36.78 85.40
CA GLU AC 138 57.53 37.11 84.51
C GLU AC 138 56.73 38.30 85.01
N ALA AC 139 56.64 38.46 86.34
CA ALA AC 139 55.99 39.64 86.92
C ALA AC 139 56.79 40.91 86.62
N VAL AC 140 58.13 40.83 86.68
CA VAL AC 140 58.98 41.97 86.34
C VAL AC 140 58.82 42.36 84.87
N LEU AC 141 58.83 41.37 83.98
CA LEU AC 141 58.67 41.64 82.55
C LEU AC 141 57.27 42.18 82.23
N GLN AC 142 56.24 41.64 82.90
CA GLN AC 142 54.87 42.10 82.69
C GLN AC 142 54.71 43.53 83.18
N ALA AC 143 55.34 43.87 84.32
CA ALA AC 143 55.28 45.24 84.83
C ALA AC 143 55.99 46.21 83.89
N ARG AC 144 57.12 45.78 83.32
CA ARG AC 144 57.84 46.61 82.36
C ARG AC 144 57.01 46.87 81.10
N GLU AC 145 56.38 45.82 80.56
CA GLU AC 145 55.58 45.99 79.35
C GLU AC 145 54.29 46.76 79.62
N ALA AC 146 53.71 46.60 80.80
CA ALA AC 146 52.51 47.36 81.15
C ALA AC 146 52.81 48.84 81.34
N GLN AC 147 53.95 49.15 81.96
CA GLN AC 147 54.33 50.55 82.13
C GLN AC 147 54.77 51.16 80.80
N ALA AC 148 55.27 50.33 79.88
CA ALA AC 148 55.57 50.82 78.54
C ALA AC 148 54.29 51.10 77.75
N TRP AC 149 53.29 50.24 77.90
CA TRP AC 149 52.05 50.42 77.14
C TRP AC 149 51.18 51.53 77.74
N ALA AC 150 51.38 51.84 79.02
CA ALA AC 150 50.56 52.86 79.66
C ALA AC 150 50.92 54.27 79.20
N GLN AC 151 52.19 54.47 78.82
CA GLN AC 151 52.65 55.80 78.43
C GLN AC 151 52.13 56.19 77.06
N LEU AC 152 52.06 55.23 76.14
CA LEU AC 152 51.70 55.51 74.75
C LEU AC 152 50.24 55.95 74.63
N LYS AC 153 49.33 55.28 75.34
CA LYS AC 153 47.92 55.64 75.26
C LYS AC 153 47.66 57.00 75.91
N GLU AC 154 48.42 57.33 76.96
CA GLU AC 154 48.36 58.66 77.55
C GLU AC 154 48.86 59.71 76.56
N GLN AC 155 49.90 59.37 75.79
CA GLN AC 155 50.41 60.28 74.77
C GLN AC 155 49.38 60.51 73.66
N GLU AC 156 48.68 59.45 73.23
CA GLU AC 156 47.67 59.61 72.20
C GLU AC 156 46.45 60.38 72.70
N VAL AC 157 46.04 60.19 73.96
CA VAL AC 157 44.88 60.91 74.45
C VAL AC 157 45.24 62.37 74.73
N LEU AC 158 46.50 62.65 75.06
CA LEU AC 158 46.92 64.03 75.20
C LEU AC 158 47.08 64.71 73.84
N GLN AC 159 47.45 63.94 72.81
CA GLN AC 159 47.47 64.48 71.46
C GLN AC 159 46.06 64.76 70.96
N LEU AC 160 45.12 63.86 71.26
CA LEU AC 160 43.73 64.05 70.83
C LEU AC 160 43.04 65.15 71.64
N GLN AC 161 43.57 65.46 72.83
CA GLN AC 161 43.03 66.57 73.60
C GLN AC 161 43.27 67.90 72.91
N GLU AC 162 44.47 68.10 72.36
CA GLU AC 162 44.78 69.38 71.73
C GLU AC 162 44.31 69.43 70.27
N GLU AC 163 44.07 68.27 69.64
CA GLU AC 163 43.55 68.27 68.28
C GLU AC 163 42.06 68.62 68.26
N ALA AC 164 41.37 68.43 69.38
CA ALA AC 164 39.94 68.69 69.43
C ALA AC 164 39.62 70.17 69.52
N LYS AC 165 40.60 71.02 69.83
CA LYS AC 165 40.35 72.45 69.92
C LYS AC 165 40.13 73.08 68.54
N THR AC 166 40.77 72.55 67.51
CA THR AC 166 40.65 73.10 66.16
C THR AC 166 39.59 72.41 65.32
N PHE AC 167 38.78 71.53 65.91
CA PHE AC 167 37.73 70.85 65.17
C PHE AC 167 36.63 71.81 64.76
N ILE AC 168 35.97 71.48 63.64
CA ILE AC 168 34.91 72.33 63.10
C ILE AC 168 33.63 72.04 63.85
N THR AC 169 33.00 73.09 64.40
CA THR AC 169 31.69 72.95 65.01
C THR AC 169 30.67 73.77 64.24
N ARG AC 170 29.44 73.84 64.76
CA ARG AC 170 28.37 74.59 64.11
C ARG AC 170 28.68 76.08 64.05
N GLU AC 171 29.26 76.62 65.12
CA GLU AC 171 29.67 78.03 65.12
C GLU AC 171 30.94 78.24 64.31
N ASN AC 172 31.82 77.22 64.30
CA ASN AC 172 33.14 77.36 63.71
C ASN AC 172 33.08 77.16 62.20
N LEU AC 173 31.95 76.62 61.69
CA LEU AC 173 31.85 76.20 60.30
C LEU AC 173 31.95 77.36 59.32
N GLU AC 174 31.31 78.49 59.63
CA GLU AC 174 31.33 79.65 58.73
C GLU AC 174 32.73 80.24 58.61
N ALA AC 175 33.40 80.40 59.75
CA ALA AC 175 34.75 80.96 59.75
C ALA AC 175 35.74 80.01 59.10
N ARG AC 176 35.54 78.70 59.29
CA ARG AC 176 36.45 77.74 58.67
C ARG AC 176 36.26 77.65 57.16
N VAL AC 177 35.01 77.75 56.69
CA VAL AC 177 34.74 77.77 55.26
C VAL AC 177 35.34 79.02 54.63
N GLU AC 178 35.17 80.17 55.30
CA GLU AC 178 35.71 81.43 54.78
C GLU AC 178 37.25 81.43 54.79
N GLU AC 179 37.86 80.81 55.79
CA GLU AC 179 39.32 80.73 55.84
C GLU AC 179 39.86 79.76 54.80
N ALA AC 180 39.19 78.62 54.61
CA ALA AC 180 39.67 77.63 53.67
C ALA AC 180 39.49 78.08 52.23
N LEU AC 181 38.43 78.84 51.95
CA LEU AC 181 38.27 79.38 50.59
C LEU AC 181 39.25 80.50 50.29
N ASP AC 182 39.88 81.08 51.31
CA ASP AC 182 40.89 82.11 51.11
C ASP AC 182 42.32 81.59 51.20
N SER AC 183 42.54 80.40 51.77
CA SER AC 183 43.88 79.85 51.93
C SER AC 183 44.02 78.51 51.21
N PRO AC 184 44.36 78.53 49.93
CA PRO AC 184 44.64 77.26 49.22
C PRO AC 184 46.02 76.72 49.61
N LYS AC 185 46.15 75.40 49.58
CA LYS AC 185 47.43 74.73 49.80
C LYS AC 185 47.50 73.45 48.96
N SER AC 186 48.72 73.10 48.54
CA SER AC 186 48.95 72.00 47.62
C SER AC 186 49.91 70.98 48.23
N TYR AC 187 49.66 69.70 47.94
CA TYR AC 187 50.53 68.61 48.36
C TYR AC 187 51.67 68.32 47.38
N ASN AC 188 51.79 69.08 46.30
CA ASN AC 188 52.72 68.71 45.23
C ASN AC 188 54.17 68.95 45.64
N TRP AC 189 55.01 67.95 45.40
CA TRP AC 189 56.45 68.09 45.49
C TRP AC 189 57.08 67.07 44.55
N ALA AC 190 58.34 67.31 44.20
CA ALA AC 190 59.07 66.46 43.27
C ALA AC 190 60.23 65.81 44.00
N ILE AC 191 60.76 64.74 43.42
CA ILE AC 191 61.89 64.04 44.01
C ILE AC 191 63.02 64.03 42.96
N THR AC 192 64.25 64.10 43.44
CA THR AC 192 65.41 64.13 42.57
C THR AC 192 66.07 62.76 42.51
N ARG AC 193 67.08 62.64 41.64
CA ARG AC 193 67.82 61.40 41.49
C ARG AC 193 68.67 61.10 42.72
N GLU AC 194 69.11 62.13 43.45
CA GLU AC 194 69.86 61.93 44.68
C GLU AC 194 68.98 61.64 45.88
N GLY AC 195 67.66 61.70 45.72
CA GLY AC 195 66.74 61.43 46.81
C GLY AC 195 66.27 62.63 47.58
N LEU AC 196 66.47 63.84 47.07
CA LEU AC 196 66.08 65.05 47.76
C LEU AC 196 64.78 65.61 47.21
N VAL AC 197 64.01 66.25 48.09
CA VAL AC 197 62.67 66.72 47.78
C VAL AC 197 62.76 68.17 47.31
N VAL AC 198 62.16 68.46 46.16
CA VAL AC 198 62.09 69.80 45.61
C VAL AC 198 60.66 70.31 45.73
N ARG AC 199 60.50 71.48 46.35
CA ARG AC 199 59.21 72.07 46.55
C ARG AC 199 58.93 73.14 45.50
N PRO AC 200 57.74 73.14 44.90
CA PRO AC 200 57.41 74.19 43.92
C PRO AC 200 56.93 75.49 44.56
N GLN AC 201 57.05 75.64 45.88
CA GLN AC 201 56.64 76.85 46.57
C GLN AC 201 57.59 78.02 46.34
N GLN AC 202 58.77 77.77 45.75
CA GLN AC 202 59.75 78.82 45.48
C GLN AC 202 59.44 79.60 44.21
N LYS AC 203 58.42 79.21 43.46
CA LYS AC 203 58.04 79.93 42.24
C LYS AC 203 57.38 81.26 42.58
N VAL BC 94 -46.99 40.07 -25.65
CA VAL BC 94 -48.02 41.01 -26.09
C VAL BC 94 -49.06 41.18 -24.99
N THR BC 95 -49.31 42.43 -24.61
CA THR BC 95 -50.31 42.74 -23.59
C THR BC 95 -51.67 42.86 -24.27
N TYR BC 96 -52.50 41.83 -24.09
CA TYR BC 96 -53.80 41.80 -24.73
C TYR BC 96 -54.78 42.76 -24.07
N PHE BC 97 -54.66 42.97 -22.77
CA PHE BC 97 -55.46 43.96 -22.04
C PHE BC 97 -54.54 44.75 -21.13
N SER BC 98 -54.43 46.05 -21.38
CA SER BC 98 -53.53 46.91 -20.62
C SER BC 98 -54.14 47.20 -19.25
N SER BC 99 -53.29 47.70 -18.35
CA SER BC 99 -53.73 47.96 -16.97
C SER BC 99 -54.25 49.39 -16.81
N ARG BC 100 -53.79 50.31 -17.66
CA ARG BC 100 -54.27 51.68 -17.60
C ARG BC 100 -55.56 51.85 -18.39
N LYS BC 101 -55.51 51.59 -19.69
CA LYS BC 101 -56.64 51.87 -20.57
C LYS BC 101 -57.49 50.64 -20.86
N GLY BC 102 -56.98 49.44 -20.61
CA GLY BC 102 -57.72 48.24 -20.94
C GLY BC 102 -57.74 47.90 -22.41
N LYS BC 103 -56.83 48.47 -23.19
CA LYS BC 103 -56.77 48.22 -24.63
C LYS BC 103 -55.69 47.18 -24.93
N ARG BC 104 -55.47 46.90 -26.21
CA ARG BC 104 -54.47 45.94 -26.65
C ARG BC 104 -53.24 46.71 -27.12
N LYS BC 105 -52.11 46.46 -26.48
CA LYS BC 105 -50.89 47.18 -26.82
C LYS BC 105 -50.21 46.55 -28.03
N THR BC 106 -49.15 47.21 -28.49
CA THR BC 106 -48.34 46.72 -29.59
C THR BC 106 -46.88 46.61 -29.15
N VAL BC 107 -46.10 45.89 -29.94
CA VAL BC 107 -44.68 45.69 -29.67
C VAL BC 107 -43.91 46.59 -30.63
N LYS BC 108 -43.05 47.46 -30.09
CA LYS BC 108 -42.34 48.42 -30.93
C LYS BC 108 -41.21 47.77 -31.72
N ALA BC 109 -40.82 46.55 -31.36
CA ALA BC 109 -39.86 45.80 -32.16
C ALA BC 109 -40.45 45.38 -33.50
N VAL BC 110 -41.77 45.35 -33.62
CA VAL BC 110 -42.41 45.17 -34.93
C VAL BC 110 -42.18 46.39 -35.82
N ILE BC 111 -42.46 47.58 -35.27
CA ILE BC 111 -42.46 48.81 -36.06
C ILE BC 111 -41.03 49.21 -36.42
N TYR BC 112 -40.08 48.92 -35.52
CA TYR BC 112 -38.73 49.43 -35.69
C TYR BC 112 -37.97 48.73 -36.82
N ARG BC 113 -38.51 47.63 -37.35
CA ARG BC 113 -37.86 46.94 -38.46
C ARG BC 113 -38.82 46.42 -39.52
N PHE BC 114 -40.13 46.61 -39.38
CA PHE BC 114 -41.07 46.07 -40.34
C PHE BC 114 -41.94 47.18 -40.93
N LEU BC 115 -42.41 46.94 -42.15
CA LEU BC 115 -43.32 47.83 -42.85
C LEU BC 115 -44.52 47.03 -43.33
N ARG BC 116 -45.72 47.54 -43.07
CA ARG BC 116 -46.95 46.88 -43.49
C ARG BC 116 -47.58 47.64 -44.65
N LEU BC 117 -47.77 46.94 -45.77
CA LEU BC 117 -48.52 47.49 -46.89
C LEU BC 117 -50.01 47.25 -46.65
N HIS BC 118 -50.85 47.92 -47.43
CA HIS BC 118 -52.29 47.83 -47.21
C HIS BC 118 -52.90 46.56 -47.77
N SER BC 119 -52.15 45.78 -48.55
CA SER BC 119 -52.67 44.50 -49.04
C SER BC 119 -52.51 43.39 -48.02
N GLY BC 120 -51.91 43.69 -46.86
CA GLY BC 120 -51.57 42.68 -45.88
C GLY BC 120 -50.14 42.22 -45.97
N LEU BC 121 -49.43 42.58 -47.03
CA LEU BC 121 -48.04 42.16 -47.19
C LEU BC 121 -47.13 42.92 -46.24
N TRP BC 122 -46.13 42.23 -45.72
CA TRP BC 122 -45.16 42.82 -44.81
C TRP BC 122 -43.78 42.82 -45.46
N LEU BC 123 -43.10 43.96 -45.35
CA LEU BC 123 -41.80 44.20 -45.95
C LEU BC 123 -40.73 44.19 -44.88
N ARG BC 124 -39.55 43.65 -45.23
CA ARG BC 124 -38.45 43.57 -44.28
C ARG BC 124 -37.13 43.56 -45.03
N ARG BC 125 -36.06 43.76 -44.27
CA ARG BC 125 -34.71 43.71 -44.80
C ARG BC 125 -34.13 42.31 -44.64
N LYS BC 126 -33.20 41.97 -45.51
CA LYS BC 126 -32.47 40.71 -45.37
C LYS BC 126 -31.51 40.79 -44.20
N ALA BC 127 -31.32 39.67 -43.53
CA ALA BC 127 -30.47 39.61 -42.35
C ALA BC 127 -28.99 39.63 -42.74
N GLY BC 128 -28.22 40.49 -42.07
CA GLY BC 128 -26.79 40.51 -42.27
C GLY BC 128 -26.28 41.38 -43.40
N TYR BC 129 -27.06 42.38 -43.83
CA TYR BC 129 -26.60 43.19 -44.97
C TYR BC 129 -25.54 44.20 -44.57
N LYS BC 130 -25.35 44.45 -43.27
CA LYS BC 130 -24.32 45.36 -42.79
C LYS BC 130 -23.16 44.63 -42.14
N LYS BC 131 -23.09 43.31 -42.26
CA LYS BC 131 -22.09 42.50 -41.58
C LYS BC 131 -21.18 41.83 -42.60
N LYS BC 132 -19.88 42.12 -42.51
CA LYS BC 132 -18.80 41.44 -43.23
C LYS BC 132 -18.97 41.53 -44.75
N LEU BC 133 -18.93 42.77 -45.24
CA LEU BC 133 -19.12 43.02 -46.67
C LEU BC 133 -17.88 42.65 -47.49
N TRP BC 134 -16.70 42.67 -46.88
CA TRP BC 134 -15.48 42.37 -47.63
C TRP BC 134 -15.37 40.88 -47.94
N LYS BC 135 -16.02 40.03 -47.14
CA LYS BC 135 -15.92 38.60 -47.29
C LYS BC 135 -16.91 38.04 -48.32
N LYS BC 136 -18.03 38.70 -48.54
CA LYS BC 136 -19.12 38.18 -49.36
C LYS BC 136 -18.98 38.67 -50.79
N THR BC 137 -19.57 37.91 -51.71
CA THR BC 137 -19.51 38.24 -53.12
C THR BC 137 -20.46 39.38 -53.47
N ALA BC 138 -20.35 39.86 -54.70
CA ALA BC 138 -21.19 40.99 -55.15
C ALA BC 138 -22.65 40.57 -55.29
N ALA BC 139 -22.89 39.34 -55.79
CA ALA BC 139 -24.25 38.83 -55.92
C ALA BC 139 -24.87 38.60 -54.55
N ARG BC 140 -24.08 38.10 -53.59
CA ARG BC 140 -24.58 37.92 -52.23
C ARG BC 140 -24.83 39.27 -51.57
N LYS BC 141 -23.99 40.27 -51.85
CA LYS BC 141 -24.19 41.61 -51.32
C LYS BC 141 -25.47 42.23 -51.86
N ARG BC 142 -25.74 42.04 -53.16
CA ARG BC 142 -26.99 42.53 -53.75
C ARG BC 142 -28.20 41.81 -53.17
N ARG BC 143 -28.07 40.50 -52.95
CA ARG BC 143 -29.15 39.71 -52.38
C ARG BC 143 -29.47 40.12 -50.95
N LEU BC 144 -28.45 40.46 -50.16
CA LEU BC 144 -28.69 40.98 -48.82
C LEU BC 144 -29.19 42.43 -48.84
N ARG BC 145 -28.79 43.22 -49.83
CA ARG BC 145 -29.30 44.58 -49.95
C ARG BC 145 -30.74 44.62 -50.44
N GLU BC 146 -31.24 43.55 -51.04
CA GLU BC 146 -32.62 43.52 -51.51
C GLU BC 146 -33.61 43.52 -50.33
N PHE BC 147 -34.73 44.21 -50.54
CA PHE BC 147 -35.90 44.10 -49.66
C PHE BC 147 -36.59 42.78 -49.95
N VAL BC 148 -37.23 42.20 -48.93
CA VAL BC 148 -37.96 40.96 -49.10
C VAL BC 148 -39.33 41.05 -48.42
N PHE BC 149 -40.22 40.16 -48.82
CA PHE BC 149 -41.57 40.06 -48.28
C PHE BC 149 -41.63 39.00 -47.19
N CYS BC 150 -42.75 39.00 -46.47
CA CYS BC 150 -43.03 37.98 -45.46
C CYS BC 150 -44.17 37.09 -45.93
N ASN BC 151 -44.08 35.81 -45.59
CA ASN BC 151 -45.10 34.84 -45.99
C ASN BC 151 -46.31 34.89 -45.05
N LYS BC 152 -47.17 33.87 -45.16
CA LYS BC 152 -48.47 33.89 -44.51
C LYS BC 152 -48.36 33.84 -42.98
N THR BC 153 -47.60 32.88 -42.45
CA THR BC 153 -47.55 32.67 -41.01
C THR BC 153 -46.87 33.84 -40.31
N GLN BC 154 -45.78 34.33 -40.89
CA GLN BC 154 -45.10 35.51 -40.38
C GLN BC 154 -45.98 36.76 -40.48
N SER BC 155 -46.69 36.92 -41.60
CA SER BC 155 -47.55 38.10 -41.76
C SER BC 155 -48.71 38.09 -40.77
N LYS BC 156 -49.26 36.91 -40.49
CA LYS BC 156 -50.33 36.82 -39.50
C LYS BC 156 -49.80 37.03 -38.09
N LEU BC 157 -48.56 36.61 -37.83
CA LEU BC 157 -47.94 36.86 -36.53
C LEU BC 157 -47.70 38.36 -36.31
N LEU BC 158 -47.21 39.05 -37.34
CA LEU BC 158 -47.04 40.50 -37.28
C LEU BC 158 -48.39 41.23 -37.14
N ASP BC 159 -49.43 40.76 -37.84
CA ASP BC 159 -50.75 41.36 -37.69
C ASP BC 159 -51.34 41.12 -36.31
N LYS BC 160 -51.03 39.97 -35.70
CA LYS BC 160 -51.50 39.70 -34.35
C LYS BC 160 -50.77 40.53 -33.32
N MET BC 161 -49.47 40.75 -33.50
CA MET BC 161 -48.69 41.57 -32.58
C MET BC 161 -48.80 43.07 -32.87
N THR BC 162 -49.44 43.45 -33.96
CA THR BC 162 -49.61 44.84 -34.34
C THR BC 162 -51.04 45.29 -34.05
N THR BC 163 -51.20 46.46 -33.45
CA THR BC 163 -52.52 47.01 -33.17
C THR BC 163 -53.15 47.56 -34.46
N SER BC 164 -54.35 48.12 -34.32
CA SER BC 164 -55.12 48.52 -35.51
C SER BC 164 -54.74 49.91 -35.99
N PHE BC 165 -53.82 50.58 -35.30
CA PHE BC 165 -53.37 51.90 -35.73
C PHE BC 165 -52.51 51.80 -37.00
N TRP BC 166 -51.67 50.77 -37.07
CA TRP BC 166 -50.73 50.64 -38.16
C TRP BC 166 -51.33 49.99 -39.40
N LYS BC 167 -52.57 49.51 -39.32
CA LYS BC 167 -53.26 48.94 -40.46
C LYS BC 167 -54.14 49.93 -41.19
N ARG BC 168 -54.09 51.21 -40.81
CA ARG BC 168 -54.91 52.21 -41.46
C ARG BC 168 -54.36 52.58 -42.83
N ARG BC 169 -55.18 53.24 -43.63
CA ARG BC 169 -54.75 53.72 -44.94
C ARG BC 169 -54.05 55.06 -44.80
N ASN BC 170 -52.83 55.14 -45.29
CA ASN BC 170 -51.98 56.31 -45.14
C ASN BC 170 -51.63 56.90 -46.50
N TRP BC 171 -51.73 58.22 -46.60
CA TRP BC 171 -51.44 58.96 -47.83
C TRP BC 171 -50.32 59.95 -47.54
N TYR BC 172 -49.08 59.51 -47.56
CA TYR BC 172 -47.96 60.41 -47.31
C TYR BC 172 -47.62 61.20 -48.56
N ALA BC 173 -47.10 62.40 -48.37
CA ALA BC 173 -46.51 63.15 -49.48
C ALA BC 173 -45.15 62.56 -49.83
N ASP BC 174 -44.94 62.34 -51.14
CA ASP BC 174 -43.75 61.73 -51.74
C ASP BC 174 -43.42 60.36 -51.17
N ASP BC 175 -44.41 59.53 -50.88
CA ASP BC 175 -44.16 58.22 -50.33
C ASP BC 175 -43.70 57.27 -51.44
N PRO BC 176 -42.53 56.62 -51.31
CA PRO BC 176 -42.12 55.66 -52.33
C PRO BC 176 -42.96 54.39 -52.34
N TYR BC 177 -43.55 54.02 -51.20
CA TYR BC 177 -44.37 52.83 -51.09
C TYR BC 177 -45.85 53.10 -51.39
N GLN BC 178 -46.19 54.35 -51.70
CA GLN BC 178 -47.56 54.69 -52.09
C GLN BC 178 -47.97 54.00 -53.39
N LYS BC 179 -47.00 53.77 -54.28
CA LYS BC 179 -47.28 53.02 -55.50
C LYS BC 179 -47.44 51.53 -55.18
N TYR BC 180 -46.83 51.06 -54.10
CA TYR BC 180 -46.88 49.67 -53.71
C TYR BC 180 -47.97 49.36 -52.68
N GLN BC 181 -48.77 50.35 -52.27
CA GLN BC 181 -49.79 50.13 -51.25
C GLN BC 181 -50.88 49.17 -51.71
N ASP BC 182 -51.30 49.28 -52.96
CA ASP BC 182 -52.45 48.51 -53.42
C ASP BC 182 -52.02 47.29 -54.23
N ARG BC 183 -52.93 46.33 -54.34
CA ARG BC 183 -52.73 45.12 -55.11
C ARG BC 183 -53.60 45.16 -56.37
N THR BC 184 -53.05 44.62 -57.46
CA THR BC 184 -53.75 44.58 -58.74
C THR BC 184 -53.47 43.26 -59.44
N ASN BC 185 -54.41 42.89 -60.32
CA ASN BC 185 -54.33 41.71 -61.19
C ASN BC 185 -54.16 40.41 -60.40
N LEU BC 186 -54.82 40.32 -59.25
CA LEU BC 186 -54.72 39.14 -58.39
C LEU BC 186 -55.90 38.23 -58.67
N LYS BC 187 -55.67 37.16 -59.42
CA LYS BC 187 -56.71 36.20 -59.79
C LYS BC 187 -56.56 34.98 -58.88
N VAL BC 188 -57.30 34.99 -57.77
CA VAL BC 188 -57.29 33.87 -56.84
C VAL BC 188 -58.71 33.35 -56.64
N CYS CC 68 -23.76 -84.08 112.49
CA CYS CC 68 -25.20 -83.88 112.61
C CYS CC 68 -25.52 -82.93 113.76
N LEU CC 69 -24.72 -83.02 114.83
CA LEU CC 69 -25.05 -82.34 116.06
C LEU CC 69 -24.74 -80.84 116.00
N LEU CC 70 -23.73 -80.46 115.20
CA LEU CC 70 -23.13 -79.13 115.34
C LEU CC 70 -24.07 -78.02 114.84
N SER CC 71 -24.59 -78.14 113.63
CA SER CC 71 -25.47 -77.10 113.12
C SER CC 71 -26.88 -77.24 113.69
N ALA CC 72 -27.23 -78.44 114.17
CA ALA CC 72 -28.51 -78.63 114.83
C ALA CC 72 -28.54 -77.92 116.18
N ALA CC 73 -27.41 -77.94 116.89
CA ALA CC 73 -27.33 -77.25 118.18
C ALA CC 73 -26.87 -75.81 118.07
N TYR CC 74 -26.32 -75.40 116.93
CA TYR CC 74 -25.88 -74.02 116.77
C TYR CC 74 -27.01 -73.04 116.53
N VAL CC 75 -28.08 -73.48 115.84
CA VAL CC 75 -29.20 -72.67 115.36
C VAL CC 75 -28.66 -71.54 114.48
N ASP CC 76 -28.30 -71.89 113.25
CA ASP CC 76 -27.66 -70.95 112.33
C ASP CC 76 -28.66 -69.98 111.72
N SER CC 77 -29.92 -70.42 111.58
CA SER CC 77 -30.87 -69.71 110.72
C SER CC 77 -31.29 -68.36 111.30
N HIS CC 78 -31.48 -68.29 112.63
CA HIS CC 78 -31.88 -67.04 113.26
C HIS CC 78 -30.76 -66.01 113.24
N LYS CC 79 -29.53 -66.45 113.46
CA LYS CC 79 -28.37 -65.56 113.34
C LYS CC 79 -28.21 -65.05 111.91
N TRP CC 80 -28.41 -65.94 110.94
CA TRP CC 80 -28.31 -65.52 109.54
C TRP CC 80 -29.41 -64.53 109.15
N GLU CC 81 -30.63 -64.75 109.65
CA GLU CC 81 -31.71 -63.82 109.36
C GLU CC 81 -31.54 -62.49 110.07
N ALA CC 82 -30.84 -62.48 111.21
CA ALA CC 82 -30.52 -61.23 111.87
C ALA CC 82 -29.30 -60.54 111.27
N ARG CC 83 -28.50 -61.26 110.47
CA ARG CC 83 -27.28 -60.67 109.89
C ARG CC 83 -27.56 -59.58 108.86
N ASP CC 84 -28.55 -59.76 107.98
CA ASP CC 84 -28.72 -58.89 106.81
C ASP CC 84 -29.35 -57.56 107.22
N LYS CC 85 -28.73 -56.46 106.82
CA LYS CC 85 -29.20 -55.11 107.15
C LYS CC 85 -29.16 -54.14 105.97
N GLU CC 86 -28.85 -54.60 104.75
CA GLU CC 86 -28.44 -53.67 103.69
C GLU CC 86 -29.62 -53.00 103.01
N ASP CC 87 -30.48 -53.79 102.35
CA ASP CC 87 -31.67 -53.33 101.61
C ASP CC 87 -31.29 -52.32 100.50
N CYS CC 88 -30.58 -52.82 99.49
CA CYS CC 88 -30.25 -52.04 98.30
C CYS CC 88 -31.01 -52.62 97.09
N HIS CC 89 -30.71 -52.07 95.91
CA HIS CC 89 -31.45 -52.42 94.69
C HIS CC 89 -30.58 -53.18 93.70
N LEU CC 90 -31.14 -54.30 93.22
CA LEU CC 90 -30.41 -55.24 92.36
C LEU CC 90 -30.05 -54.64 91.02
N ALA CC 91 -31.01 -54.04 90.33
CA ALA CC 91 -30.78 -53.46 89.02
C ALA CC 91 -29.84 -52.26 89.08
N ASP CC 92 -29.95 -51.46 90.14
CA ASP CC 92 -29.04 -50.33 90.33
C ASP CC 92 -27.60 -50.80 90.54
N LEU CC 93 -27.42 -51.81 91.41
CA LEU CC 93 -26.09 -52.36 91.64
C LEU CC 93 -25.50 -52.98 90.38
N ALA CC 94 -26.33 -53.74 89.65
CA ALA CC 94 -25.89 -54.40 88.43
C ALA CC 94 -25.50 -53.39 87.35
N SER CC 95 -26.36 -52.40 87.09
CA SER CC 95 -26.08 -51.39 86.08
C SER CC 95 -24.85 -50.56 86.43
N LEU CC 96 -24.70 -50.21 87.72
CA LEU CC 96 -23.53 -49.48 88.18
C LEU CC 96 -22.23 -50.26 87.98
N MET CC 97 -22.20 -51.55 88.33
CA MET CC 97 -20.93 -52.28 88.23
C MET CC 97 -20.62 -52.67 86.78
N ASP CC 98 -21.64 -52.89 85.94
CA ASP CC 98 -21.34 -53.11 84.53
C ASP CC 98 -20.89 -51.82 83.84
N LYS CC 99 -21.42 -50.66 84.25
CA LYS CC 99 -20.92 -49.39 83.74
C LYS CC 99 -19.48 -49.17 84.16
N THR CC 100 -19.15 -49.50 85.41
CA THR CC 100 -17.80 -49.37 85.93
C THR CC 100 -16.82 -50.34 85.23
N TYR CC 101 -17.26 -51.57 84.95
CA TYR CC 101 -16.41 -52.53 84.25
C TYR CC 101 -16.28 -52.21 82.76
N GLU CC 102 -17.29 -51.57 82.17
CA GLU CC 102 -17.15 -51.03 80.82
C GLU CC 102 -16.13 -49.90 80.80
N ARG CC 103 -16.10 -49.09 81.86
CA ARG CC 103 -15.07 -48.07 82.02
C ARG CC 103 -13.71 -48.67 82.39
N LYS CC 104 -13.69 -49.94 82.84
CA LYS CC 104 -12.51 -50.66 83.32
C LYS CC 104 -11.89 -49.92 84.51
N LEU CC 105 -12.67 -49.89 85.58
CA LEU CC 105 -12.38 -49.17 86.81
C LEU CC 105 -12.65 -50.10 87.98
N PRO CC 106 -11.85 -50.03 89.05
CA PRO CC 106 -12.03 -50.94 90.18
C PRO CC 106 -13.27 -50.61 91.00
N VAL CC 107 -13.72 -51.62 91.75
CA VAL CC 107 -14.90 -51.51 92.60
C VAL CC 107 -14.53 -52.02 93.99
N SER CC 108 -15.35 -51.67 94.97
CA SER CC 108 -15.23 -52.25 96.30
C SER CC 108 -15.80 -53.65 96.33
N SER CC 109 -15.51 -54.38 97.41
CA SER CC 109 -16.24 -55.60 97.70
C SER CC 109 -17.62 -55.31 98.29
N LEU CC 110 -17.86 -54.05 98.70
CA LEU CC 110 -19.12 -53.67 99.31
C LEU CC 110 -20.28 -53.78 98.34
N THR CC 111 -20.05 -53.44 97.07
CA THR CC 111 -21.12 -53.51 96.07
C THR CC 111 -21.54 -54.95 95.77
N ILE CC 112 -20.57 -55.84 95.56
CA ILE CC 112 -20.91 -57.24 95.31
C ILE CC 112 -21.44 -57.90 96.58
N SER CC 113 -21.03 -57.41 97.76
CA SER CC 113 -21.63 -57.92 98.99
C SER CC 113 -23.07 -57.47 99.16
N ARG CC 114 -23.40 -56.26 98.69
CA ARG CC 114 -24.81 -55.83 98.64
C ARG CC 114 -25.61 -56.68 97.67
N PHE CC 115 -25.02 -56.98 96.50
CA PHE CC 115 -25.68 -57.83 95.51
C PHE CC 115 -25.90 -59.24 96.03
N VAL CC 116 -24.96 -59.77 96.82
CA VAL CC 116 -25.12 -61.05 97.47
C VAL CC 116 -26.16 -60.99 98.61
N ASP CC 117 -26.16 -59.93 99.41
CA ASP CC 117 -27.10 -59.78 100.51
C ASP CC 117 -28.54 -59.66 100.01
N ASN CC 118 -28.72 -59.08 98.82
CA ASN CC 118 -30.05 -58.90 98.26
C ASN CC 118 -30.46 -60.04 97.32
N ILE CC 119 -29.93 -61.25 97.52
CA ILE CC 119 -30.31 -62.39 96.68
C ILE CC 119 -31.69 -62.89 97.11
N ALA CC 120 -32.59 -63.03 96.13
CA ALA CC 120 -33.93 -63.53 96.39
C ALA CC 120 -34.31 -64.75 95.54
N SER CC 121 -33.46 -65.17 94.60
CA SER CC 121 -33.80 -66.27 93.70
C SER CC 121 -32.54 -66.95 93.20
N ARG CC 122 -32.72 -68.18 92.69
CA ARG CC 122 -31.62 -68.97 92.14
C ARG CC 122 -31.01 -68.35 90.89
N GLU CC 123 -31.83 -67.70 90.06
CA GLU CC 123 -31.31 -66.93 88.94
C GLU CC 123 -30.46 -65.75 89.43
N ASP CC 124 -30.86 -65.15 90.55
CA ASP CC 124 -30.05 -64.10 91.16
C ASP CC 124 -28.74 -64.68 91.72
N ILE CC 125 -28.73 -65.92 92.18
CA ILE CC 125 -27.45 -66.54 92.55
C ILE CC 125 -26.60 -66.81 91.31
N ASP CC 126 -27.22 -67.12 90.17
CA ASP CC 126 -26.46 -67.28 88.93
C ASP CC 126 -25.83 -65.95 88.49
N HIS CC 127 -26.60 -64.86 88.61
CA HIS CC 127 -26.05 -63.51 88.44
C HIS CC 127 -24.90 -63.26 89.41
N ALA CC 128 -25.05 -63.71 90.66
CA ALA CC 128 -24.02 -63.50 91.68
C ALA CC 128 -22.75 -64.30 91.41
N GLU CC 129 -22.86 -65.51 90.87
CA GLU CC 129 -21.65 -66.29 90.63
C GLU CC 129 -20.91 -65.80 89.38
N TYR CC 130 -21.66 -65.36 88.35
CA TYR CC 130 -21.02 -64.65 87.24
C TYR CC 130 -20.38 -63.34 87.72
N TYR CC 131 -21.02 -62.66 88.66
CA TYR CC 131 -20.48 -61.42 89.18
C TYR CC 131 -19.28 -61.65 90.08
N LEU CC 132 -19.23 -62.79 90.77
CA LEU CC 132 -18.05 -63.18 91.53
C LEU CC 132 -16.89 -63.51 90.60
N TYR CC 133 -17.19 -64.12 89.45
CA TYR CC 133 -16.18 -64.36 88.41
C TYR CC 133 -15.61 -63.04 87.91
N LYS CC 134 -16.49 -62.08 87.62
CA LYS CC 134 -16.04 -60.81 87.07
C LYS CC 134 -15.37 -59.94 88.14
N PHE CC 135 -15.73 -60.12 89.41
CA PHE CC 135 -15.01 -59.48 90.50
C PHE CC 135 -13.66 -60.14 90.79
N ARG CC 136 -13.55 -61.44 90.53
CA ARG CC 136 -12.25 -62.10 90.62
C ARG CC 136 -11.31 -61.63 89.52
N HIS CC 137 -11.85 -61.30 88.36
CA HIS CC 137 -11.04 -60.69 87.31
C HIS CC 137 -11.12 -59.16 87.28
N SER CC 138 -11.75 -58.55 88.29
CA SER CC 138 -11.61 -57.14 88.60
C SER CC 138 -10.27 -56.89 89.27
N PRO CC 139 -9.79 -55.63 89.30
CA PRO CC 139 -8.52 -55.34 90.02
C PRO CC 139 -8.54 -55.64 91.52
N ASN CC 140 -9.70 -55.56 92.17
CA ASN CC 140 -9.79 -55.71 93.61
C ASN CC 140 -10.17 -57.12 94.05
N CYS CC 141 -9.60 -58.15 93.41
CA CYS CC 141 -9.91 -59.54 93.75
C CYS CC 141 -9.42 -59.90 95.15
N TRP CC 142 -8.29 -59.35 95.57
CA TRP CC 142 -7.74 -59.68 96.88
C TRP CC 142 -8.56 -59.10 98.03
N TYR CC 143 -9.30 -58.01 97.79
CA TYR CC 143 -10.01 -57.29 98.85
C TYR CC 143 -11.37 -57.89 99.18
N LEU CC 144 -11.59 -59.17 98.86
CA LEU CC 144 -12.79 -59.85 99.32
C LEU CC 144 -12.75 -60.02 100.83
N ARG CC 145 -13.78 -59.50 101.49
CA ARG CC 145 -13.92 -59.67 102.92
C ARG CC 145 -14.58 -61.02 103.19
N ASP CC 146 -14.33 -61.58 104.37
CA ASP CC 146 -14.77 -62.93 104.69
C ASP CC 146 -16.28 -63.04 104.84
N TRP CC 147 -16.94 -61.99 105.32
CA TRP CC 147 -18.38 -62.01 105.47
C TRP CC 147 -19.12 -62.01 104.13
N THR CC 148 -18.48 -61.54 103.05
CA THR CC 148 -19.11 -61.60 101.74
C THR CC 148 -19.26 -63.05 101.25
N ILE CC 149 -18.18 -63.82 101.35
CA ILE CC 149 -18.23 -65.25 101.01
C ILE CC 149 -19.11 -66.01 102.00
N HIS CC 150 -19.11 -65.58 103.27
CA HIS CC 150 -20.05 -66.12 104.25
C HIS CC 150 -21.51 -65.93 103.83
N THR CC 151 -21.85 -64.72 103.37
CA THR CC 151 -23.22 -64.44 102.94
C THR CC 151 -23.57 -65.20 101.66
N TRP CC 152 -22.60 -65.35 100.75
CA TRP CC 152 -22.86 -66.13 99.54
C TRP CC 152 -23.08 -67.60 99.83
N ILE CC 153 -22.31 -68.16 100.77
CA ILE CC 153 -22.51 -69.53 101.21
C ILE CC 153 -23.87 -69.69 101.88
N ARG CC 154 -24.28 -68.72 102.70
CA ARG CC 154 -25.59 -68.79 103.35
C ARG CC 154 -26.77 -68.69 102.36
N GLN CC 155 -26.69 -67.79 101.37
CA GLN CC 155 -27.73 -67.74 100.35
C GLN CC 155 -27.69 -68.94 99.42
N CYS CC 156 -26.55 -69.63 99.30
CA CYS CC 156 -26.55 -70.93 98.63
C CYS CC 156 -27.24 -71.99 99.47
N LEU CC 157 -26.95 -72.02 100.78
CA LEU CC 157 -27.51 -73.05 101.65
C LEU CC 157 -29.01 -72.87 101.87
N LYS CC 158 -29.52 -71.66 101.65
CA LYS CC 158 -30.96 -71.45 101.69
C LYS CC 158 -31.66 -72.17 100.54
N TYR CC 159 -31.12 -72.09 99.33
CA TYR CC 159 -31.84 -72.55 98.15
C TYR CC 159 -31.35 -73.92 97.73
N GLY CC 160 -30.09 -74.08 97.35
CA GLY CC 160 -29.68 -75.34 96.76
C GLY CC 160 -28.74 -76.19 97.59
N ALA CC 161 -27.77 -75.54 98.24
CA ALA CC 161 -26.88 -76.08 99.26
C ALA CC 161 -25.93 -77.19 98.80
N GLN CC 162 -26.00 -77.62 97.54
CA GLN CC 162 -25.22 -78.76 97.07
C GLN CC 162 -24.39 -78.47 95.82
N ASP CC 163 -24.91 -77.72 94.86
CA ASP CC 163 -24.33 -77.70 93.53
C ASP CC 163 -23.49 -76.47 93.25
N LYS CC 164 -24.01 -75.26 93.50
CA LYS CC 164 -23.31 -74.06 93.05
C LYS CC 164 -22.14 -73.70 93.96
N ALA CC 165 -22.24 -73.96 95.26
CA ALA CC 165 -21.11 -73.73 96.16
C ALA CC 165 -19.96 -74.66 95.84
N LEU CC 166 -20.27 -75.93 95.56
CA LEU CC 166 -19.19 -76.86 95.23
C LEU CC 166 -18.70 -76.63 93.80
N TYR CC 167 -19.52 -76.03 92.93
CA TYR CC 167 -19.04 -75.61 91.62
C TYR CC 167 -18.01 -74.48 91.76
N THR CC 168 -18.30 -73.51 92.64
CA THR CC 168 -17.33 -72.45 92.94
C THR CC 168 -16.05 -73.02 93.58
N LEU CC 169 -16.21 -73.95 94.52
CA LEU CC 169 -15.06 -74.56 95.18
C LEU CC 169 -14.29 -75.50 94.25
N LYS CC 170 -14.92 -75.99 93.20
CA LYS CC 170 -14.22 -76.81 92.20
C LYS CC 170 -13.49 -75.93 91.20
N ASN CC 171 -14.06 -74.77 90.89
CA ASN CC 171 -13.39 -73.85 89.98
C ASN CC 171 -12.21 -73.15 90.66
N LYS CC 172 -12.30 -72.92 91.97
CA LYS CC 172 -11.25 -72.34 92.82
C LYS CC 172 -10.77 -70.98 92.33
N VAL CC 173 -9.69 -70.99 91.56
CA VAL CC 173 -8.94 -69.81 91.13
C VAL CC 173 -9.80 -68.88 90.29
N GLN CC 174 -10.68 -69.47 89.47
CA GLN CC 174 -11.52 -68.70 88.56
C GLN CC 174 -12.52 -67.84 89.31
N TYR CC 175 -12.97 -68.31 90.49
CA TYR CC 175 -13.96 -67.55 91.24
C TYR CC 175 -13.38 -66.96 92.53
N GLY CC 176 -12.54 -67.73 93.23
CA GLY CC 176 -11.79 -67.22 94.36
C GLY CC 176 -12.54 -66.83 95.61
N ILE CC 177 -13.52 -67.63 96.02
CA ILE CC 177 -14.22 -67.34 97.27
C ILE CC 177 -13.34 -67.72 98.48
N PHE CC 178 -12.68 -68.89 98.41
CA PHE CC 178 -11.72 -69.48 99.36
C PHE CC 178 -12.06 -69.34 100.84
N PRO CC 179 -13.13 -69.98 101.34
CA PRO CC 179 -13.57 -69.73 102.73
C PRO CC 179 -12.95 -70.61 103.83
N ASP CC 180 -11.72 -70.31 104.21
CA ASP CC 180 -11.08 -70.97 105.34
C ASP CC 180 -11.72 -70.44 106.62
N ASN CC 181 -12.79 -71.11 107.06
CA ASN CC 181 -13.59 -70.68 108.19
C ASN CC 181 -14.41 -71.85 108.68
N TYR CC 182 -15.42 -71.58 109.52
CA TYR CC 182 -16.38 -72.60 109.93
C TYR CC 182 -17.45 -72.84 108.87
N THR CC 183 -17.41 -72.10 107.76
CA THR CC 183 -18.33 -72.34 106.65
C THR CC 183 -18.06 -73.70 105.99
N PHE CC 184 -16.81 -74.19 106.06
CA PHE CC 184 -16.53 -75.57 105.70
C PHE CC 184 -17.33 -76.55 106.54
N ASN CC 185 -17.37 -76.33 107.86
CA ASN CC 185 -18.13 -77.19 108.76
C ASN CC 185 -19.63 -77.08 108.47
N LEU CC 186 -20.10 -75.86 108.17
CA LEU CC 186 -21.52 -75.66 107.89
C LEU CC 186 -21.94 -76.35 106.60
N LEU CC 187 -21.14 -76.19 105.54
CA LEU CC 187 -21.43 -76.84 104.27
C LEU CC 187 -21.34 -78.36 104.38
N MET CC 188 -20.36 -78.85 105.17
CA MET CC 188 -20.22 -80.29 105.38
C MET CC 188 -21.41 -80.86 106.13
N ASP CC 189 -21.86 -80.17 107.19
CA ASP CC 189 -22.94 -80.71 108.00
C ASP CC 189 -24.29 -80.58 107.29
N TYR CC 190 -24.45 -79.57 106.43
CA TYR CC 190 -25.65 -79.53 105.59
C TYR CC 190 -25.57 -80.47 104.39
N PHE CC 191 -24.38 -80.98 104.05
CA PHE CC 191 -24.33 -82.17 103.21
C PHE CC 191 -24.82 -83.39 103.99
N ILE CC 192 -24.31 -83.58 105.21
CA ILE CC 192 -24.60 -84.75 106.04
C ILE CC 192 -26.08 -84.86 106.38
N LYS CC 193 -26.75 -83.73 106.67
CA LYS CC 193 -28.16 -83.75 107.07
C LYS CC 193 -29.07 -84.26 105.95
N LYS CC 194 -28.63 -84.17 104.70
CA LYS CC 194 -29.29 -84.86 103.59
C LYS CC 194 -28.32 -85.71 102.75
N GLU CC 195 -27.42 -86.45 103.42
CA GLU CC 195 -26.61 -87.57 102.92
C GLU CC 195 -25.52 -87.11 101.97
N ASN CC 196 -25.62 -87.49 100.68
CA ASN CC 196 -24.78 -86.97 99.59
C ASN CC 196 -23.30 -87.22 99.84
N TYR CC 197 -22.92 -88.50 99.76
CA TYR CC 197 -21.58 -88.93 100.15
C TYR CC 197 -20.49 -88.49 99.17
N LYS CC 198 -20.74 -88.58 97.86
CA LYS CC 198 -19.68 -88.42 96.88
C LYS CC 198 -19.21 -86.97 96.77
N ASP CC 199 -20.14 -86.02 96.71
CA ASP CC 199 -19.73 -84.63 96.69
C ASP CC 199 -19.19 -84.17 98.04
N ALA CC 200 -19.56 -84.87 99.12
CA ALA CC 200 -18.88 -84.68 100.39
C ALA CC 200 -17.42 -85.11 100.33
N LEU CC 201 -17.12 -86.23 99.66
CA LEU CC 201 -15.72 -86.63 99.44
C LEU CC 201 -14.97 -85.59 98.62
N SER CC 202 -15.63 -85.03 97.60
CA SER CC 202 -14.98 -84.02 96.78
C SER CC 202 -14.69 -82.74 97.56
N VAL CC 203 -15.63 -82.31 98.41
CA VAL CC 203 -15.39 -81.07 99.15
C VAL CC 203 -14.38 -81.31 100.27
N VAL CC 204 -14.29 -82.55 100.78
CA VAL CC 204 -13.20 -82.91 101.69
C VAL CC 204 -11.86 -82.81 100.98
N PHE CC 205 -11.78 -83.27 99.72
CA PHE CC 205 -10.57 -83.14 98.92
C PHE CC 205 -10.18 -81.67 98.72
N GLU CC 206 -11.16 -80.81 98.49
CA GLU CC 206 -10.84 -79.41 98.23
C GLU CC 206 -10.59 -78.59 99.50
N ILE CC 207 -11.13 -79.00 100.66
CA ILE CC 207 -10.67 -78.43 101.93
C ILE CC 207 -9.24 -78.90 102.24
N MET CC 208 -8.94 -80.17 101.93
CA MET CC 208 -7.59 -80.71 102.05
C MET CC 208 -6.59 -79.95 101.18
N MET CC 209 -7.01 -79.53 99.98
CA MET CC 209 -6.11 -78.76 99.11
C MET CC 209 -5.87 -77.36 99.67
N GLN CC 210 -6.80 -76.82 100.47
CA GLN CC 210 -6.63 -75.50 101.05
C GLN CC 210 -6.08 -75.52 102.47
N GLU CC 211 -5.92 -76.72 103.07
CA GLU CC 211 -5.39 -77.01 104.41
C GLU CC 211 -5.85 -76.04 105.51
N ALA CC 212 -7.16 -75.99 105.75
CA ALA CC 212 -7.76 -75.06 106.72
C ALA CC 212 -7.94 -75.68 108.10
N PHE CC 213 -7.08 -76.61 108.50
CA PHE CC 213 -7.28 -77.38 109.72
C PHE CC 213 -6.64 -76.67 110.90
N GLU CC 214 -7.19 -75.50 111.24
CA GLU CC 214 -6.93 -74.83 112.51
C GLU CC 214 -8.17 -74.78 113.38
N VAL CC 215 -9.35 -74.61 112.77
CA VAL CC 215 -10.63 -74.84 113.41
C VAL CC 215 -10.77 -76.36 113.48
N PRO CC 216 -11.35 -76.95 114.54
CA PRO CC 216 -11.45 -78.41 114.61
C PRO CC 216 -12.37 -79.05 113.59
N SER CC 217 -11.99 -78.99 112.31
CA SER CC 217 -12.66 -79.75 111.27
C SER CC 217 -11.98 -81.09 111.02
N THR CC 218 -10.90 -81.38 111.77
CA THR CC 218 -10.04 -82.53 111.54
C THR CC 218 -10.79 -83.85 111.71
N GLN CC 219 -11.45 -84.02 112.85
CA GLN CC 219 -12.15 -85.28 113.12
C GLN CC 219 -13.40 -85.40 112.25
N LEU CC 220 -14.01 -84.27 111.89
CA LEU CC 220 -15.22 -84.30 111.06
C LEU CC 220 -14.90 -84.74 109.64
N LEU CC 221 -13.82 -84.22 109.06
CA LEU CC 221 -13.41 -84.69 107.74
C LEU CC 221 -12.88 -86.11 107.79
N SER CC 222 -12.14 -86.45 108.85
CA SER CC 222 -11.49 -87.77 108.94
C SER CC 222 -12.52 -88.88 109.14
N LEU CC 223 -13.63 -88.60 109.82
CA LEU CC 223 -14.67 -89.59 110.04
C LEU CC 223 -15.33 -90.06 108.74
N TYR CC 224 -15.64 -89.12 107.85
CA TYR CC 224 -16.28 -89.50 106.59
C TYR CC 224 -15.25 -89.97 105.57
N VAL CC 225 -13.99 -89.56 105.73
CA VAL CC 225 -12.91 -90.18 104.96
C VAL CC 225 -12.77 -91.65 105.32
N LEU CC 226 -12.84 -91.97 106.63
CA LEU CC 226 -12.72 -93.37 107.04
C LEU CC 226 -13.99 -94.15 106.75
N TYR CC 227 -15.14 -93.48 106.68
CA TYR CC 227 -16.36 -94.11 106.17
C TYR CC 227 -16.21 -94.49 104.70
N HIS CC 228 -15.56 -93.63 103.92
CA HIS CC 228 -15.26 -94.06 102.55
C HIS CC 228 -14.13 -95.07 102.48
N CYS CC 229 -13.24 -95.12 103.47
CA CYS CC 229 -12.29 -96.23 103.58
C CYS CC 229 -12.98 -97.56 103.82
N LEU CC 230 -14.05 -97.56 104.63
CA LEU CC 230 -14.96 -98.70 104.68
C LEU CC 230 -15.60 -98.97 103.32
N ALA CC 231 -16.11 -97.93 102.67
CA ALA CC 231 -16.88 -98.09 101.44
C ALA CC 231 -16.03 -98.47 100.23
N GLU CC 232 -14.71 -98.31 100.28
CA GLU CC 232 -13.86 -98.57 99.12
C GLU CC 232 -13.48 -100.05 99.06
N LYS CC 233 -13.98 -100.73 98.03
CA LYS CC 233 -13.43 -101.99 97.58
C LYS CC 233 -13.26 -101.86 96.08
N THR CC 234 -12.17 -101.22 95.66
CA THR CC 234 -11.95 -100.81 94.27
C THR CC 234 -10.45 -100.73 94.04
N ASP CC 235 -10.02 -101.19 92.87
CA ASP CC 235 -8.63 -101.05 92.44
C ASP CC 235 -8.41 -99.61 91.98
N LEU CC 236 -7.89 -98.78 92.87
CA LEU CC 236 -7.79 -97.34 92.66
C LEU CC 236 -6.64 -97.00 91.72
N SER CC 237 -6.72 -95.83 91.09
CA SER CC 237 -5.78 -95.41 90.05
C SER CC 237 -4.78 -94.40 90.62
N TRP CC 238 -4.01 -93.77 89.72
CA TRP CC 238 -2.99 -92.79 90.10
C TRP CC 238 -3.60 -91.57 90.78
N GLU CC 239 -4.53 -90.90 90.10
CA GLU CC 239 -5.13 -89.68 90.60
C GLU CC 239 -5.93 -89.96 91.86
N GLU CC 240 -6.65 -91.09 91.87
CA GLU CC 240 -7.45 -91.48 93.03
C GLU CC 240 -6.58 -91.77 94.25
N GLU CC 241 -5.51 -92.55 94.08
CA GLU CC 241 -4.66 -92.92 95.20
C GLU CC 241 -3.91 -91.72 95.76
N ARG CC 242 -3.47 -90.81 94.88
CA ARG CC 242 -2.84 -89.57 95.34
C ARG CC 242 -3.83 -88.71 96.12
N ASN CC 243 -5.08 -88.63 95.64
CA ASN CC 243 -6.14 -87.90 96.35
C ASN CC 243 -6.42 -88.49 97.73
N PHE CC 244 -6.61 -89.82 97.83
CA PHE CC 244 -6.84 -90.43 99.14
C PHE CC 244 -5.65 -90.29 100.07
N GLY CC 245 -4.41 -90.53 99.60
CA GLY CC 245 -3.26 -90.44 100.47
C GLY CC 245 -3.03 -89.04 101.02
N ALA CC 246 -3.25 -88.02 100.19
CA ALA CC 246 -3.17 -86.67 100.72
C ALA CC 246 -4.36 -86.32 101.63
N SER CC 247 -5.54 -86.91 101.42
CA SER CC 247 -6.64 -86.71 102.34
C SER CC 247 -6.47 -87.48 103.66
N LEU CC 248 -5.53 -88.42 103.71
CA LEU CC 248 -5.14 -89.01 104.99
C LEU CC 248 -4.05 -88.21 105.68
N LEU CC 249 -3.14 -87.60 104.92
CA LEU CC 249 -2.11 -86.79 105.57
C LEU CC 249 -2.62 -85.44 106.05
N LEU CC 250 -3.23 -84.65 105.18
CA LEU CC 250 -3.44 -83.24 105.51
C LEU CC 250 -4.56 -83.01 106.52
N PRO CC 251 -5.70 -83.72 106.49
CA PRO CC 251 -6.54 -83.74 107.71
C PRO CC 251 -5.86 -84.38 108.92
N GLY CC 252 -5.08 -85.43 108.71
CA GLY CC 252 -4.52 -86.19 109.82
C GLY CC 252 -3.45 -85.47 110.63
N LEU CC 253 -3.82 -85.04 111.83
CA LEU CC 253 -2.93 -84.30 112.72
C LEU CC 253 -3.06 -84.73 114.18
N LYS CC 254 -4.08 -85.53 114.50
CA LYS CC 254 -4.47 -85.78 115.89
C LYS CC 254 -3.44 -86.64 116.62
N GLN CC 255 -2.65 -86.02 117.49
CA GLN CC 255 -1.83 -86.74 118.44
C GLN CC 255 -2.60 -87.14 119.69
N LYS CC 256 -3.77 -86.54 119.92
CA LYS CC 256 -4.64 -86.94 121.03
C LYS CC 256 -5.22 -88.33 120.81
N ASN CC 257 -5.65 -88.63 119.60
CA ASN CC 257 -6.32 -89.88 119.29
C ASN CC 257 -5.41 -90.75 118.43
N SER CC 258 -5.51 -92.07 118.65
CA SER CC 258 -4.74 -93.02 117.87
C SER CC 258 -5.28 -93.23 116.47
N VAL CC 259 -6.54 -92.86 116.23
CA VAL CC 259 -7.13 -93.03 114.90
C VAL CC 259 -6.52 -92.04 113.91
N GLY CC 260 -6.09 -90.87 114.39
CA GLY CC 260 -5.35 -89.96 113.52
C GLY CC 260 -3.99 -90.49 113.14
N LEU CC 261 -3.30 -91.15 114.09
CA LEU CC 261 -2.03 -91.79 113.79
C LEU CC 261 -2.20 -92.95 112.83
N SER CC 262 -3.29 -93.71 112.98
CA SER CC 262 -3.62 -94.78 112.05
C SER CC 262 -3.92 -94.27 110.65
N SER CC 263 -4.66 -93.16 110.54
CA SER CC 263 -4.90 -92.54 109.23
C SER CC 263 -3.61 -92.00 108.61
N GLN CC 264 -2.72 -91.42 109.43
CA GLN CC 264 -1.42 -90.97 108.94
C GLN CC 264 -0.58 -92.13 108.43
N LEU CC 265 -0.59 -93.25 109.15
CA LEU CC 265 0.15 -94.44 108.74
C LEU CC 265 -0.43 -95.04 107.47
N TYR CC 266 -1.76 -95.03 107.36
CA TYR CC 266 -2.44 -95.61 106.20
C TYR CC 266 -2.18 -94.74 104.97
N GLY CC 267 -2.09 -93.42 105.17
CA GLY CC 267 -1.69 -92.52 104.10
C GLY CC 267 -0.23 -92.69 103.70
N TYR CC 268 0.64 -92.93 104.69
CA TYR CC 268 2.04 -93.26 104.38
C TYR CC 268 2.17 -94.53 103.56
N ALA CC 269 1.36 -95.55 103.86
CA ALA CC 269 1.37 -96.77 103.07
C ALA CC 269 0.85 -96.53 101.65
N LEU CC 270 -0.22 -95.72 101.53
CA LEU CC 270 -0.76 -95.38 100.21
C LEU CC 270 0.26 -94.62 99.36
N LEU CC 271 0.91 -93.60 99.95
CA LEU CC 271 1.90 -92.83 99.20
C LEU CC 271 3.20 -93.60 99.01
N GLY CC 272 3.52 -94.56 99.86
CA GLY CC 272 4.62 -95.47 99.58
C GLY CC 272 4.35 -96.36 98.39
N LYS CC 273 3.11 -96.82 98.23
CA LYS CC 273 2.70 -97.50 97.01
C LYS CC 273 2.84 -96.60 95.79
N VAL CC 274 2.41 -95.34 95.92
CA VAL CC 274 2.50 -94.37 94.83
C VAL CC 274 3.95 -94.11 94.41
N GLU CC 275 4.85 -93.90 95.37
CA GLU CC 275 6.23 -93.58 95.02
C GLU CC 275 6.99 -94.83 94.57
N LEU CC 276 6.71 -96.00 95.17
CA LEU CC 276 7.46 -97.20 94.81
C LEU CC 276 6.99 -97.85 93.52
N GLN CC 277 5.74 -97.64 93.08
CA GLN CC 277 5.31 -98.39 91.91
C GLN CC 277 5.55 -97.61 90.62
N GLN CC 278 5.18 -96.33 90.59
CA GLN CC 278 5.51 -95.49 89.44
C GLN CC 278 6.43 -94.30 89.71
N GLY CC 279 6.16 -93.42 90.67
CA GLY CC 279 7.09 -92.31 90.84
C GLY CC 279 6.76 -91.37 91.97
N LEU CC 280 7.76 -90.52 92.28
CA LEU CC 280 7.71 -89.60 93.41
C LEU CC 280 7.20 -88.22 93.02
N ARG CC 281 7.29 -87.86 91.74
CA ARG CC 281 7.07 -86.47 91.32
C ARG CC 281 5.62 -86.00 91.48
N ALA CC 282 4.65 -86.76 90.97
CA ALA CC 282 3.28 -86.27 90.98
C ALA CC 282 2.61 -86.47 92.33
N VAL CC 283 3.32 -87.05 93.30
CA VAL CC 283 2.91 -87.03 94.69
C VAL CC 283 2.82 -85.57 95.13
N TYR CC 284 3.83 -84.78 94.79
CA TYR CC 284 3.93 -83.39 95.24
C TYR CC 284 3.80 -82.36 94.11
N CYS CC 285 3.47 -82.77 92.88
CA CYS CC 285 3.26 -81.81 91.79
C CYS CC 285 2.15 -80.79 92.03
N ASN CC 286 0.96 -81.23 92.40
CA ASN CC 286 -0.16 -80.31 92.60
C ASN CC 286 -0.55 -80.11 94.05
N MET CC 287 0.17 -80.72 94.99
CA MET CC 287 -0.36 -80.71 96.35
C MET CC 287 0.66 -80.21 97.35
N PRO CC 288 0.22 -79.66 98.51
CA PRO CC 288 1.17 -79.33 99.57
C PRO CC 288 1.71 -80.57 100.28
N LEU CC 289 2.60 -81.30 99.64
CA LEU CC 289 3.22 -82.49 100.20
C LEU CC 289 4.74 -82.35 100.11
N LEU CC 290 5.43 -83.34 100.66
CA LEU CC 290 6.88 -83.28 100.81
C LEU CC 290 7.55 -84.07 99.68
N TRP CC 291 8.56 -83.44 99.08
CA TRP CC 291 9.32 -84.03 97.99
C TRP CC 291 10.49 -84.88 98.46
N GLN CC 292 10.71 -84.99 99.77
CA GLN CC 292 11.72 -85.92 100.27
C GLN CC 292 11.23 -87.36 100.05
N PRO CC 293 12.12 -88.27 99.64
CA PRO CC 293 11.66 -89.62 99.27
C PRO CC 293 11.21 -90.47 100.45
N GLY CC 294 11.62 -90.14 101.67
CA GLY CC 294 11.32 -90.99 102.80
C GLY CC 294 9.90 -90.82 103.28
N TYR CC 295 9.02 -91.75 102.92
CA TYR CC 295 7.65 -91.82 103.43
C TYR CC 295 7.47 -93.08 104.28
N LEU CC 296 7.91 -94.22 103.75
CA LEU CC 296 7.90 -95.46 104.53
C LEU CC 296 8.85 -95.40 105.70
N HIS CC 297 9.95 -94.66 105.56
CA HIS CC 297 10.89 -94.45 106.66
C HIS CC 297 10.23 -93.67 107.79
N ARG CC 298 9.46 -92.63 107.46
CA ARG CC 298 8.74 -91.90 108.50
C ARG CC 298 7.57 -92.70 109.04
N ALA CC 299 6.98 -93.58 108.22
CA ALA CC 299 5.94 -94.50 108.71
C ALA CC 299 6.50 -95.46 109.75
N LEU CC 300 7.68 -96.03 109.49
CA LEU CC 300 8.34 -96.87 110.47
C LEU CC 300 8.80 -96.08 111.69
N GLN CC 301 9.15 -94.80 111.51
CA GLN CC 301 9.44 -93.94 112.66
C GLN CC 301 8.22 -93.70 113.54
N VAL CC 302 7.04 -93.50 112.94
CA VAL CC 302 5.80 -93.42 113.72
C VAL CC 302 5.46 -94.75 114.38
N MET CC 303 5.67 -95.88 113.71
CA MET CC 303 5.50 -97.18 114.33
C MET CC 303 6.52 -97.46 115.43
N GLU CC 304 7.67 -96.79 115.41
CA GLU CC 304 8.66 -96.90 116.46
C GLU CC 304 8.44 -95.88 117.57
N LYS CC 305 7.38 -95.08 117.51
CA LYS CC 305 7.00 -94.18 118.59
C LYS CC 305 6.12 -94.86 119.62
N VAL CC 306 5.88 -96.17 119.49
CA VAL CC 306 5.00 -96.93 120.37
C VAL CC 306 5.84 -97.42 121.54
N ALA CC 307 7.16 -97.22 121.45
CA ALA CC 307 8.05 -97.50 122.57
C ALA CC 307 7.78 -96.56 123.74
N SER CC 308 7.23 -95.37 123.47
CA SER CC 308 6.85 -94.43 124.51
C SER CC 308 5.36 -94.11 124.52
N SER CC 309 4.60 -94.58 123.54
CA SER CC 309 3.17 -94.28 123.45
C SER CC 309 2.36 -95.57 123.41
N PRO CC 310 1.24 -95.64 124.12
CA PRO CC 310 0.51 -96.91 124.21
C PRO CC 310 -0.43 -97.19 123.03
N GLU CC 311 -0.99 -96.15 122.41
CA GLU CC 311 -2.21 -96.29 121.61
C GLU CC 311 -1.92 -96.33 120.12
N ASP CC 312 -2.59 -97.26 119.43
CA ASP CC 312 -2.62 -97.37 117.97
C ASP CC 312 -4.00 -97.87 117.54
N GLY CC 313 -4.33 -97.65 116.27
CA GLY CC 313 -5.53 -98.23 115.68
C GLY CC 313 -5.23 -99.52 114.96
N GLN CC 314 -4.24 -99.45 114.06
CA GLN CC 314 -3.39 -100.54 113.58
C GLN CC 314 -4.04 -101.52 112.59
N LEU CC 315 -5.38 -101.49 112.44
CA LEU CC 315 -6.03 -102.59 111.71
C LEU CC 315 -5.88 -102.44 110.19
N CYS CC 316 -6.49 -101.41 109.61
CA CYS CC 316 -6.35 -101.21 108.18
C CYS CC 316 -4.94 -100.72 107.82
N GLY CC 317 -4.23 -100.15 108.81
CA GLY CC 317 -2.81 -99.88 108.59
C GLY CC 317 -2.01 -101.14 108.35
N GLU CC 318 -2.24 -102.17 109.17
CA GLU CC 318 -1.63 -103.48 108.94
C GLU CC 318 -2.12 -104.09 107.63
N ALA CC 319 -3.40 -103.90 107.31
CA ALA CC 319 -3.97 -104.47 106.09
C ALA CC 319 -3.34 -103.87 104.84
N LEU CC 320 -3.19 -102.54 104.80
CA LEU CC 320 -2.60 -101.91 103.63
C LEU CC 320 -1.08 -102.09 103.62
N ASP CC 321 -0.47 -102.28 104.79
CA ASP CC 321 0.94 -102.65 104.81
C ASP CC 321 1.17 -104.05 104.24
N VAL CC 322 0.27 -105.00 104.52
CA VAL CC 322 0.31 -106.30 103.87
C VAL CC 322 0.00 -106.19 102.38
N LEU CC 323 -0.89 -105.26 101.99
CA LEU CC 323 -1.15 -105.02 100.57
C LEU CC 323 0.09 -104.48 99.86
N ASP CC 324 0.81 -103.56 100.51
CA ASP CC 324 2.07 -103.04 100.01
C ASP CC 324 3.11 -104.15 99.90
N ARG CC 325 3.15 -105.01 100.93
CA ARG CC 325 4.06 -106.16 100.93
C ARG CC 325 3.76 -107.13 99.80
N VAL CC 326 2.49 -107.41 99.55
CA VAL CC 326 2.07 -108.30 98.48
C VAL CC 326 2.44 -107.72 97.12
N LEU CC 327 2.13 -106.42 96.90
CA LEU CC 327 2.46 -105.81 95.62
C LEU CC 327 3.96 -105.69 95.37
N LYS CC 328 4.75 -105.30 96.37
CA LYS CC 328 6.19 -105.24 96.18
C LYS CC 328 6.85 -106.62 96.18
N ALA CC 329 6.16 -107.64 96.68
CA ALA CC 329 6.72 -108.99 96.67
C ALA CC 329 6.37 -109.72 95.37
N VAL CC 330 5.32 -109.26 94.68
CA VAL CC 330 5.00 -109.81 93.37
C VAL CC 330 5.73 -109.03 92.28
N THR CC 331 5.94 -107.72 92.50
CA THR CC 331 6.52 -106.84 91.49
C THR CC 331 7.97 -107.20 91.16
N ALA CC 332 8.78 -107.57 92.18
CA ALA CC 332 10.20 -107.79 91.93
C ALA CC 332 10.51 -109.07 91.14
N PRO CC 333 9.97 -110.26 91.48
CA PRO CC 333 10.29 -111.40 90.60
C PRO CC 333 9.45 -111.49 89.34
N ALA CC 334 8.20 -111.02 89.38
CA ALA CC 334 7.30 -111.09 88.23
C ALA CC 334 7.24 -109.72 87.58
N GLN CC 335 8.22 -109.42 86.72
CA GLN CC 335 8.25 -108.16 86.00
C GLN CC 335 7.26 -108.12 84.86
N GLY CC 336 6.84 -109.27 84.34
CA GLY CC 336 5.89 -109.32 83.25
C GLY CC 336 4.45 -109.27 83.71
N THR CC 337 4.23 -109.39 85.01
CA THR CC 337 2.86 -109.39 85.54
C THR CC 337 2.46 -108.02 86.08
N SER CC 338 3.25 -107.47 87.00
CA SER CC 338 2.87 -106.23 87.65
C SER CC 338 3.57 -105.02 87.05
N GLU CC 339 4.79 -105.20 86.56
CA GLU CC 339 5.59 -104.10 86.01
C GLU CC 339 5.39 -103.92 84.51
N GLU CC 340 4.48 -104.66 83.89
CA GLU CC 340 4.21 -104.56 82.47
C GLU CC 340 2.98 -103.75 82.15
N GLN CC 341 2.45 -102.99 83.12
CA GLN CC 341 1.23 -102.22 82.90
C GLN CC 341 1.48 -100.91 82.16
N PRO CC 342 2.74 -100.50 82.01
CA PRO CC 342 3.08 -99.24 81.37
C PRO CC 342 3.55 -99.52 79.94
N GLN CC 343 2.69 -99.22 78.97
CA GLN CC 343 3.01 -99.38 77.56
C GLN CC 343 2.58 -98.19 76.71
N GLU CC 344 2.48 -97.00 77.30
CA GLU CC 344 2.00 -95.83 76.58
C GLU CC 344 3.05 -95.29 75.62
N GLY CC 345 4.20 -94.87 76.14
CA GLY CC 345 5.25 -94.24 75.34
C GLY CC 345 6.59 -94.86 75.71
N GLU CC 346 7.37 -95.22 74.69
CA GLU CC 346 8.70 -95.79 74.94
C GLU CC 346 9.80 -94.80 74.60
N GLU CC 347 9.80 -94.25 73.38
CA GLU CC 347 10.84 -93.33 72.96
C GLU CC 347 10.67 -91.95 73.61
N SER CC 348 9.43 -91.47 73.69
CA SER CC 348 9.16 -90.16 74.29
C SER CC 348 9.47 -90.12 75.78
N GLN CC 349 9.15 -91.19 76.51
CA GLN CC 349 9.47 -91.28 77.93
C GLN CC 349 10.98 -91.32 78.17
N ARG CC 350 11.74 -92.04 77.34
CA ARG CC 350 13.19 -92.05 77.47
C ARG CC 350 13.80 -90.70 77.08
N SER CC 351 13.21 -90.01 76.11
CA SER CC 351 13.71 -88.70 75.72
C SER CC 351 13.41 -87.63 76.77
N GLU CC 352 12.25 -87.72 77.42
CA GLU CC 352 11.85 -86.76 78.44
C GLU CC 352 12.00 -87.28 79.86
N GLU CC 353 12.82 -88.32 80.06
CA GLU CC 353 13.07 -88.84 81.40
C GLU CC 353 13.83 -87.83 82.25
N LEU CC 354 13.33 -87.60 83.46
CA LEU CC 354 13.94 -86.68 84.41
C LEU CC 354 14.27 -87.45 85.68
N VAL CC 355 15.51 -87.32 86.14
CA VAL CC 355 15.99 -88.03 87.32
C VAL CC 355 16.08 -87.00 88.45
N GLU CC 356 15.08 -87.02 89.35
CA GLU CC 356 15.08 -86.10 90.47
C GLU CC 356 16.05 -86.53 91.56
N GLN CC 357 16.22 -87.83 91.75
CA GLN CC 357 17.09 -88.34 92.80
C GLN CC 357 18.55 -88.26 92.39
N LEU CC 358 19.43 -88.37 93.37
CA LEU CC 358 20.87 -88.35 93.13
C LEU CC 358 21.36 -89.76 92.79
N ASP CC 359 22.67 -89.89 92.64
CA ASP CC 359 23.29 -91.20 92.46
C ASP CC 359 23.63 -91.84 93.80
N VAL CC 360 23.49 -91.10 94.90
CA VAL CC 360 23.84 -91.58 96.23
C VAL CC 360 22.64 -91.66 97.16
N GLU CC 361 21.45 -91.25 96.71
CA GLU CC 361 20.29 -91.13 97.58
C GLU CC 361 19.58 -92.45 97.88
N GLU CC 362 20.12 -93.58 97.42
CA GLU CC 362 19.67 -94.93 97.78
C GLU CC 362 18.21 -95.19 97.45
N THR CC 363 17.90 -95.33 96.15
CA THR CC 363 16.55 -95.51 95.64
C THR CC 363 15.85 -96.69 96.31
N GLU CC 364 14.59 -96.45 96.72
CA GLU CC 364 13.88 -97.26 97.70
C GLU CC 364 13.53 -98.68 97.22
N GLN CC 365 13.70 -98.99 95.94
CA GLN CC 365 13.48 -100.33 95.43
C GLN CC 365 14.51 -101.33 95.98
N SER CC 366 15.70 -100.88 96.34
CA SER CC 366 16.69 -101.73 96.98
C SER CC 366 16.57 -101.76 98.50
N LYS CC 367 15.73 -100.90 99.07
CA LYS CC 367 15.52 -100.85 100.52
C LYS CC 367 14.39 -101.77 100.97
N LEU CC 368 13.86 -102.59 100.07
CA LEU CC 368 12.78 -103.52 100.42
C LEU CC 368 13.14 -104.57 101.48
N PRO CC 369 14.32 -105.24 101.49
CA PRO CC 369 14.60 -106.16 102.61
C PRO CC 369 14.69 -105.49 103.97
N GLN CC 370 15.05 -104.21 104.04
CA GLN CC 370 14.96 -103.48 105.29
C GLN CC 370 13.51 -103.24 105.69
N TYR CC 371 12.67 -102.90 104.70
CA TYR CC 371 11.26 -102.61 104.96
C TYR CC 371 10.51 -103.83 105.45
N LEU CC 372 10.77 -105.00 104.84
CA LEU CC 372 10.09 -106.22 105.25
C LEU CC 372 10.49 -106.65 106.66
N GLU CC 373 11.78 -106.55 106.99
CA GLU CC 373 12.23 -106.92 108.33
C GLU CC 373 11.74 -105.93 109.38
N ARG CC 374 11.70 -104.64 109.03
CA ARG CC 374 11.17 -103.64 109.96
C ARG CC 374 9.68 -103.84 110.20
N PHE CC 375 8.92 -104.19 109.15
CA PHE CC 375 7.50 -104.46 109.33
C PHE CC 375 7.27 -105.73 110.14
N GLU CC 376 8.10 -106.77 109.92
CA GLU CC 376 8.00 -108.00 110.71
C GLU CC 376 8.30 -107.76 112.18
N ALA CC 377 9.28 -106.89 112.47
CA ALA CC 377 9.58 -106.55 113.86
C ALA CC 377 8.45 -105.73 114.48
N LEU CC 378 7.99 -104.68 113.80
CA LEU CC 378 7.08 -103.73 114.42
C LEU CC 378 5.66 -104.27 114.51
N ARG CC 379 5.19 -105.04 113.52
CA ARG CC 379 3.82 -105.56 113.58
C ARG CC 379 3.69 -106.68 114.61
N SER CC 380 4.81 -107.27 115.03
CA SER CC 380 4.80 -108.17 116.17
C SER CC 380 4.97 -107.43 117.49
N LYS CC 381 5.78 -106.37 117.52
CA LYS CC 381 5.99 -105.61 118.74
C LYS CC 381 4.78 -104.77 119.15
N LEU CC 382 3.94 -104.35 118.19
CA LEU CC 382 2.71 -103.66 118.57
C LEU CC 382 1.73 -104.59 119.27
N GLN CC 383 1.68 -105.85 118.86
CA GLN CC 383 0.85 -106.84 119.55
C GLN CC 383 1.48 -107.27 120.87
N ALA CC 384 2.81 -107.36 120.93
CA ALA CC 384 3.49 -107.79 122.14
C ALA CC 384 3.55 -106.72 123.22
N LEU CC 385 3.54 -105.44 122.84
CA LEU CC 385 3.72 -104.36 123.81
C LEU CC 385 2.49 -103.47 123.90
N GLY CC 386 1.88 -103.10 122.77
CA GLY CC 386 0.78 -102.15 122.81
C GLY CC 386 -0.52 -102.77 123.29
N LYS CC 387 -0.92 -103.89 122.67
CA LYS CC 387 -2.20 -104.58 122.90
C LYS CC 387 -3.40 -103.65 122.73
N VAL CC 388 -3.38 -102.82 121.70
CA VAL CC 388 -4.40 -101.80 121.47
C VAL CC 388 -5.08 -101.97 120.13
N GLU CC 389 -5.19 -103.21 119.63
CA GLU CC 389 -5.78 -103.44 118.31
C GLU CC 389 -7.28 -103.27 118.34
N SER CC 390 -7.80 -102.44 117.45
CA SER CC 390 -9.22 -102.20 117.32
C SER CC 390 -9.90 -103.40 116.69
N GLU CC 391 -11.19 -103.58 117.00
CA GLU CC 391 -12.00 -104.50 116.22
C GLU CC 391 -12.33 -103.91 114.85
N SER CC 392 -12.46 -102.59 114.80
CA SER CC 392 -12.67 -101.83 113.58
C SER CC 392 -12.35 -100.38 113.89
N LEU CC 393 -11.72 -99.69 112.93
CA LEU CC 393 -11.40 -98.28 113.13
C LEU CC 393 -12.64 -97.40 113.10
N LEU CC 394 -13.66 -97.79 112.34
CA LEU CC 394 -14.78 -96.91 112.03
C LEU CC 394 -15.67 -96.67 113.24
N THR CC 395 -15.92 -97.73 114.04
CA THR CC 395 -16.73 -97.60 115.24
C THR CC 395 -16.04 -96.74 116.28
N LEU CC 396 -14.73 -96.96 116.47
CA LEU CC 396 -13.98 -96.20 117.46
C LEU CC 396 -13.84 -94.73 117.05
N SER CC 397 -13.60 -94.48 115.76
CA SER CC 397 -13.56 -93.11 115.26
C SER CC 397 -14.92 -92.44 115.37
N THR CC 398 -15.99 -93.21 115.19
CA THR CC 398 -17.35 -92.69 115.35
C THR CC 398 -17.60 -92.24 116.79
N GLN CC 399 -17.22 -93.08 117.78
CA GLN CC 399 -17.57 -92.70 119.15
C GLN CC 399 -16.65 -91.60 119.65
N LEU CC 400 -15.39 -91.60 119.21
CA LEU CC 400 -14.46 -90.51 119.55
C LEU CC 400 -14.92 -89.18 118.95
N ALA CC 401 -15.35 -89.20 117.69
CA ALA CC 401 -15.84 -87.97 117.05
C ALA CC 401 -17.12 -87.47 117.69
N LYS CC 402 -18.06 -88.39 118.00
CA LYS CC 402 -19.32 -87.96 118.58
C LYS CC 402 -19.18 -87.61 120.05
N ALA CC 403 -18.08 -88.01 120.69
CA ALA CC 403 -17.81 -87.56 122.06
C ALA CC 403 -17.10 -86.20 122.07
N GLN CC 404 -16.14 -85.98 121.16
CA GLN CC 404 -15.40 -84.73 121.15
C GLN CC 404 -16.15 -83.61 120.42
N LEU CC 405 -17.18 -83.95 119.64
CA LEU CC 405 -17.92 -82.96 118.85
C LEU CC 405 -18.66 -81.87 119.64
N PRO CC 406 -19.42 -82.15 120.73
CA PRO CC 406 -20.12 -81.03 121.40
C PRO CC 406 -19.22 -80.00 122.04
N THR CC 407 -18.06 -80.40 122.58
CA THR CC 407 -17.13 -79.43 123.14
C THR CC 407 -16.52 -78.54 122.06
N CYS CC 408 -16.17 -79.11 120.91
CA CYS CC 408 -15.65 -78.32 119.81
C CYS CC 408 -16.73 -77.42 119.21
N GLU CC 409 -17.98 -77.87 119.24
CA GLU CC 409 -19.09 -77.04 118.81
C GLU CC 409 -19.29 -75.86 119.76
N ALA CC 410 -19.16 -76.12 121.07
CA ALA CC 410 -19.36 -75.07 122.06
C ALA CC 410 -18.22 -74.05 122.06
N GLU CC 411 -17.01 -74.49 121.73
CA GLU CC 411 -15.86 -73.58 121.74
C GLU CC 411 -15.90 -72.61 120.57
N ASP CC 412 -16.54 -72.98 119.46
CA ASP CC 412 -16.50 -72.15 118.26
C ASP CC 412 -17.55 -71.05 118.29
N ILE CC 413 -18.48 -71.09 119.25
CA ILE CC 413 -19.58 -70.13 119.30
C ILE CC 413 -19.07 -68.73 119.63
N ALA CC 414 -18.22 -68.63 120.65
CA ALA CC 414 -17.73 -67.33 121.09
C ALA CC 414 -16.79 -66.71 120.07
N VAL CC 415 -16.04 -67.55 119.35
CA VAL CC 415 -15.19 -67.04 118.28
C VAL CC 415 -16.05 -66.56 117.10
N TYR CC 416 -17.06 -67.37 116.73
CA TYR CC 416 -17.87 -67.08 115.55
C TYR CC 416 -18.72 -65.82 115.75
N GLU CC 417 -19.26 -65.63 116.95
CA GLU CC 417 -20.07 -64.44 117.22
C GLU CC 417 -19.22 -63.17 117.22
N GLN CC 418 -17.98 -63.28 117.71
CA GLN CC 418 -17.08 -62.13 117.67
C GLN CC 418 -16.63 -61.81 116.25
N ARG CC 419 -16.43 -62.83 115.40
CA ARG CC 419 -16.15 -62.57 113.99
C ARG CC 419 -17.36 -61.93 113.30
N LEU CC 420 -18.57 -62.36 113.67
CA LEU CC 420 -19.79 -61.74 113.14
C LEU CC 420 -19.91 -60.28 113.57
N GLN CC 421 -19.48 -59.96 114.80
CA GLN CC 421 -19.51 -58.57 115.24
C GLN CC 421 -18.44 -57.72 114.57
N GLN CC 422 -17.25 -58.30 114.36
CA GLN CC 422 -16.18 -57.56 113.69
C GLN CC 422 -16.51 -57.31 112.22
N TRP CC 423 -17.22 -58.25 111.58
CA TRP CC 423 -17.67 -58.02 110.21
C TRP CC 423 -18.73 -56.92 110.13
N HIS CC 424 -19.59 -56.84 111.14
CA HIS CC 424 -20.59 -55.76 111.20
C HIS CC 424 -19.87 -54.43 111.39
N GLY CC 425 -18.83 -54.41 112.23
CA GLY CC 425 -18.03 -53.21 112.39
C GLY CC 425 -17.29 -52.78 111.14
N GLU CC 426 -16.77 -53.76 110.38
CA GLU CC 426 -16.11 -53.46 109.11
C GLU CC 426 -17.12 -52.94 108.08
N ARG CC 427 -18.35 -53.47 108.12
CA ARG CC 427 -19.43 -52.95 107.28
C ARG CC 427 -19.73 -51.49 107.60
N VAL CC 428 -19.82 -51.17 108.90
CA VAL CC 428 -20.10 -49.80 109.33
C VAL CC 428 -18.98 -48.86 108.90
N ARG CC 429 -17.73 -49.32 109.03
CA ARG CC 429 -16.58 -48.52 108.64
C ARG CC 429 -16.54 -48.25 107.14
N LEU CC 430 -16.82 -49.29 106.33
CA LEU CC 430 -16.80 -49.13 104.87
C LEU CC 430 -17.91 -48.20 104.40
N ILE CC 431 -19.11 -48.33 104.98
CA ILE CC 431 -20.24 -47.47 104.59
C ILE CC 431 -19.98 -46.01 104.99
N GLN CC 432 -19.44 -45.78 106.20
CA GLN CC 432 -19.21 -44.40 106.62
C GLN CC 432 -18.08 -43.76 105.83
N ARG CC 433 -17.06 -44.55 105.45
CA ARG CC 433 -15.98 -44.00 104.62
C ARG CC 433 -16.48 -43.66 103.22
N GLU CC 434 -17.29 -44.54 102.62
CA GLU CC 434 -17.84 -44.29 101.29
C GLU CC 434 -18.76 -43.08 101.30
N GLN CC 435 -19.57 -42.94 102.35
CA GLN CC 435 -20.41 -41.76 102.51
C GLN CC 435 -19.56 -40.50 102.68
N GLU CC 436 -18.44 -40.61 103.41
CA GLU CC 436 -17.56 -39.46 103.64
C GLU CC 436 -16.95 -38.97 102.33
N GLN CC 437 -16.53 -39.89 101.46
CA GLN CC 437 -16.08 -39.46 100.14
C GLN CC 437 -17.25 -38.93 99.31
N ARG CC 438 -18.48 -39.38 99.58
CA ARG CC 438 -19.62 -38.87 98.83
C ARG CC 438 -19.93 -37.40 99.16
N GLU CC 439 -20.02 -37.04 100.45
CA GLU CC 439 -20.17 -35.60 100.75
C GLU CC 439 -18.91 -34.80 100.40
N ARG CC 440 -17.72 -35.42 100.45
CA ARG CC 440 -16.52 -34.68 100.07
C ARG CC 440 -16.55 -34.32 98.59
N ALA CC 441 -16.92 -35.29 97.74
CA ALA CC 441 -16.99 -35.04 96.31
C ALA CC 441 -18.15 -34.11 95.96
N ARG CC 442 -19.28 -34.21 96.68
CA ARG CC 442 -20.40 -33.32 96.38
C ARG CC 442 -20.08 -31.89 96.77
N GLN CC 443 -19.43 -31.67 97.92
CA GLN CC 443 -19.05 -30.33 98.33
C GLN CC 443 -17.96 -29.76 97.42
N ASP CC 444 -17.03 -30.61 96.97
CA ASP CC 444 -15.98 -30.15 96.05
C ASP CC 444 -16.58 -29.75 94.71
N TYR CC 445 -17.53 -30.55 94.19
CA TYR CC 445 -18.20 -30.23 92.93
C TYR CC 445 -19.06 -28.97 93.06
N GLU CC 446 -19.76 -28.80 94.18
CA GLU CC 446 -20.56 -27.60 94.38
C GLU CC 446 -19.71 -26.34 94.53
N ALA CC 447 -18.57 -26.45 95.22
CA ALA CC 447 -17.64 -25.32 95.33
C ALA CC 447 -17.00 -24.97 93.99
N ARG CC 448 -16.73 -25.97 93.14
CA ARG CC 448 -16.21 -25.67 91.80
C ARG CC 448 -17.29 -25.12 90.88
N ARG CC 449 -18.55 -25.53 91.06
CA ARG CC 449 -19.64 -25.00 90.24
C ARG CC 449 -20.03 -23.58 90.65
N ALA CC 450 -19.86 -23.23 91.93
CA ALA CC 450 -20.14 -21.88 92.38
C ALA CC 450 -19.10 -20.89 91.83
N ALA CC 451 -17.83 -21.28 91.85
CA ALA CC 451 -16.74 -20.47 91.32
C ALA CC 451 -15.91 -21.35 90.40
N LYS CC 452 -16.04 -21.14 89.09
CA LYS CC 452 -15.35 -21.94 88.09
C LYS CC 452 -14.00 -21.30 87.79
N ALA CC 453 -12.94 -21.85 88.39
CA ALA CC 453 -11.57 -21.39 88.17
C ALA CC 453 -10.83 -22.47 87.39
N SER CC 454 -10.58 -22.21 86.11
CA SER CC 454 -9.90 -23.17 85.24
C SER CC 454 -8.80 -22.46 84.46
N ALA CC 455 -7.73 -23.19 84.19
CA ALA CC 455 -6.60 -22.64 83.45
C ALA CC 455 -6.88 -22.65 81.95
N VAL DC 78 110.56 30.91 66.67
CA VAL DC 78 109.84 30.55 65.45
C VAL DC 78 108.45 31.18 65.48
N GLU DC 79 108.13 31.95 64.44
CA GLU DC 79 106.88 32.68 64.35
C GLU DC 79 105.77 31.76 63.86
N SER DC 80 104.58 31.89 64.45
CA SER DC 80 103.43 31.13 64.02
C SER DC 80 102.76 31.81 62.83
N PHE DC 81 101.97 31.03 62.10
CA PHE DC 81 101.42 31.50 60.82
C PHE DC 81 100.26 32.47 61.03
N ALA DC 82 99.53 32.34 62.14
CA ALA DC 82 98.49 33.31 62.46
C ALA DC 82 99.08 34.69 62.74
N SER DC 83 100.27 34.74 63.36
CA SER DC 83 100.97 35.99 63.58
C SER DC 83 101.39 36.65 62.27
N MET DC 84 101.79 35.84 61.29
CA MET DC 84 102.17 36.37 59.98
C MET DC 84 100.95 36.84 59.19
N LEU DC 85 99.82 36.15 59.33
CA LEU DC 85 98.59 36.63 58.72
C LEU DC 85 98.11 37.92 59.37
N ARG DC 86 98.36 38.08 60.67
CA ARG DC 86 97.91 39.27 61.38
C ARG DC 86 98.69 40.51 60.93
N HIS DC 87 99.96 40.33 60.56
CA HIS DC 87 100.82 41.43 60.17
C HIS DC 87 101.12 41.47 58.68
N SER DC 88 100.45 40.65 57.87
CA SER DC 88 100.58 40.75 56.42
C SER DC 88 99.94 42.04 55.92
N PRO DC 89 100.50 42.66 54.87
CA PRO DC 89 99.89 43.87 54.29
C PRO DC 89 98.53 43.63 53.67
N LEU DC 90 98.26 42.43 53.15
CA LEU DC 90 96.97 42.14 52.53
C LEU DC 90 95.86 42.08 53.58
N THR DC 91 96.20 41.67 54.80
CA THR DC 91 95.24 41.78 55.90
C THR DC 91 94.99 43.23 56.28
N GLN DC 92 96.04 44.07 56.21
CA GLN DC 92 95.89 45.49 56.49
C GLN DC 92 95.13 46.21 55.38
N MET DC 93 95.02 45.60 54.20
CA MET DC 93 94.26 46.19 53.09
C MET DC 93 92.78 46.33 53.42
N GLY DC 94 92.17 45.31 54.01
CA GLY DC 94 90.75 45.30 54.25
C GLY DC 94 89.97 45.15 52.96
N PRO DC 95 89.05 46.08 52.72
CA PRO DC 95 88.34 46.13 51.44
C PRO DC 95 89.27 46.21 50.24
N ALA DC 96 88.89 45.54 49.16
CA ALA DC 96 89.61 45.65 47.91
C ALA DC 96 89.12 46.81 47.05
N LYS DC 97 88.12 47.56 47.51
CA LYS DC 97 87.55 48.65 46.74
C LYS DC 97 88.22 49.97 47.10
N ASN DC 98 88.62 50.72 46.07
CA ASN DC 98 89.20 52.07 46.18
C ASN DC 98 90.48 52.09 47.03
N LYS DC 99 91.41 51.19 46.74
CA LYS DC 99 92.70 51.17 47.42
C LYS DC 99 93.81 51.53 46.46
N LEU DC 100 94.65 52.48 46.87
CA LEU DC 100 95.78 52.92 46.07
C LEU DC 100 96.96 52.00 46.31
N VAL DC 101 97.35 51.25 45.28
CA VAL DC 101 98.39 50.23 45.38
C VAL DC 101 99.39 50.46 44.24
N ILE DC 102 100.68 50.52 44.59
CA ILE DC 102 101.70 50.60 43.55
C ILE DC 102 101.99 49.21 43.02
N GLY DC 103 102.25 49.12 41.72
CA GLY DC 103 102.49 47.86 41.07
C GLY DC 103 103.65 47.95 40.10
N GLN DC 104 104.01 46.80 39.53
CA GLN DC 104 105.16 46.70 38.66
C GLN DC 104 104.77 45.97 37.38
N ILE DC 105 105.16 46.53 36.23
CA ILE DC 105 104.82 45.95 34.93
C ILE DC 105 105.90 44.94 34.57
N PHE DC 106 105.47 43.73 34.20
CA PHE DC 106 106.40 42.65 33.88
C PHE DC 106 106.29 42.13 32.45
N HIS DC 107 105.33 42.62 31.67
CA HIS DC 107 105.16 42.14 30.30
C HIS DC 107 104.51 43.26 29.50
N ILE DC 108 105.02 43.48 28.28
CA ILE DC 108 104.55 44.56 27.42
C ILE DC 108 103.88 43.98 26.19
N VAL DC 109 102.58 44.24 26.06
CA VAL DC 109 101.82 44.03 24.85
C VAL DC 109 101.49 45.43 24.31
N GLU DC 110 101.41 45.57 22.97
CA GLU DC 110 101.55 46.87 22.30
C GLU DC 110 100.54 47.94 22.75
N ASP DC 111 99.37 47.52 23.21
CA ASP DC 111 98.45 48.40 23.89
C ASP DC 111 98.10 47.93 25.30
N ASP DC 112 98.53 46.73 25.68
CA ASP DC 112 98.09 46.09 26.92
C ASP DC 112 99.27 45.99 27.89
N LEU DC 113 99.12 46.54 29.07
CA LEU DC 113 100.14 46.47 30.12
C LEU DC 113 99.73 45.43 31.14
N TYR DC 114 100.59 44.43 31.35
CA TYR DC 114 100.35 43.37 32.31
C TYR DC 114 101.10 43.72 33.58
N ILE DC 115 100.37 44.13 34.61
CA ILE DC 115 100.95 44.73 35.81
C ILE DC 115 100.74 43.78 36.98
N ASP DC 116 101.84 43.39 37.61
CA ASP DC 116 101.79 42.57 38.82
C ASP DC 116 101.86 43.53 40.01
N PHE DC 117 100.70 43.82 40.61
CA PHE DC 117 100.66 44.67 41.79
C PHE DC 117 101.00 43.91 43.07
N GLY DC 118 101.21 42.60 42.99
CA GLY DC 118 101.79 41.84 44.06
C GLY DC 118 100.81 41.08 44.93
N GLY DC 119 99.50 41.31 44.77
CA GLY DC 119 98.58 40.59 45.63
C GLY DC 119 98.43 39.12 45.28
N LYS DC 120 97.64 38.79 44.26
CA LYS DC 120 97.60 37.42 43.76
C LYS DC 120 97.82 37.37 42.25
N PHE DC 121 97.09 38.19 41.52
CA PHE DC 121 96.99 38.10 40.06
C PHE DC 121 97.55 39.36 39.42
N HIS DC 122 97.95 39.23 38.16
CA HIS DC 122 98.24 40.40 37.35
C HIS DC 122 96.95 41.05 36.87
N CYS DC 123 97.00 42.36 36.70
CA CYS DC 123 95.93 43.11 36.07
C CYS DC 123 96.36 43.53 34.68
N VAL DC 124 95.39 43.85 33.83
CA VAL DC 124 95.66 44.28 32.46
C VAL DC 124 95.08 45.68 32.30
N CYS DC 125 95.92 46.62 31.90
CA CYS DC 125 95.50 48.00 31.66
C CYS DC 125 95.82 48.40 30.23
N LYS DC 126 95.26 49.53 29.82
CA LYS DC 126 95.54 50.08 28.50
C LYS DC 126 96.59 51.17 28.61
N ARG DC 127 97.42 51.30 27.58
CA ARG DC 127 98.47 52.30 27.57
C ARG DC 127 97.85 53.68 27.41
N PRO DC 128 98.14 54.63 28.31
CA PRO DC 128 97.53 55.96 28.20
C PRO DC 128 98.14 56.76 27.07
N GLU DC 129 97.40 57.80 26.67
CA GLU DC 129 97.82 58.63 25.54
C GLU DC 129 98.94 59.59 25.94
N VAL DC 130 99.09 59.87 27.22
CA VAL DC 130 100.18 60.72 27.69
C VAL DC 130 101.29 59.87 28.33
N ASP DC 131 102.54 60.19 27.98
CA ASP DC 131 103.77 59.59 28.53
C ASP DC 131 103.86 58.08 28.27
N GLY DC 132 103.20 57.65 27.18
CA GLY DC 132 103.08 56.24 26.86
C GLY DC 132 104.38 55.57 26.51
N GLU DC 133 105.43 56.34 26.19
CA GLU DC 133 106.76 55.81 25.98
C GLU DC 133 107.45 55.35 27.26
N LYS DC 134 107.16 55.95 28.41
CA LYS DC 134 107.93 55.55 29.59
C LYS DC 134 107.29 54.43 30.40
N TYR DC 135 106.28 53.74 29.85
CA TYR DC 135 105.75 52.52 30.45
C TYR DC 135 106.41 51.33 29.77
N GLN DC 136 107.42 50.76 30.42
CA GLN DC 136 108.18 49.66 29.87
C GLN DC 136 108.19 48.50 30.88
N LYS DC 137 109.02 47.50 30.59
CA LYS DC 137 109.17 46.37 31.50
C LYS DC 137 109.91 46.81 32.76
N GLY DC 138 109.41 46.39 33.92
CA GLY DC 138 109.98 46.76 35.19
C GLY DC 138 109.51 48.10 35.74
N THR DC 139 108.71 48.83 34.98
CA THR DC 139 108.26 50.15 35.39
C THR DC 139 107.22 50.03 36.50
N ARG DC 140 107.35 50.87 37.52
CA ARG DC 140 106.40 50.92 38.62
C ARG DC 140 105.34 51.98 38.37
N VAL DC 141 104.08 51.61 38.59
CA VAL DC 141 102.93 52.45 38.35
C VAL DC 141 102.05 52.46 39.59
N ARG DC 142 100.97 53.22 39.53
CA ARG DC 142 99.99 53.31 40.61
C ARG DC 142 98.64 52.83 40.11
N LEU DC 143 97.88 52.18 40.98
CA LEU DC 143 96.60 51.58 40.64
C LEU DC 143 95.57 51.88 41.71
N ARG DC 144 94.31 51.92 41.31
CA ARG DC 144 93.19 51.96 42.24
C ARG DC 144 92.43 50.64 42.10
N LEU DC 145 92.51 49.80 43.13
CA LEU DC 145 91.90 48.49 43.06
C LEU DC 145 90.40 48.57 43.27
N LEU DC 146 89.66 47.77 42.50
CA LEU DC 146 88.23 47.59 42.70
C LEU DC 146 87.91 46.15 43.08
N ASP DC 147 88.34 45.19 42.28
CA ASP DC 147 88.20 43.77 42.58
C ASP DC 147 89.56 43.11 42.47
N LEU DC 148 89.94 42.33 43.49
CA LEU DC 148 91.23 41.66 43.46
C LEU DC 148 91.20 40.48 42.48
N GLU DC 149 90.03 39.86 42.32
CA GLU DC 149 89.85 38.80 41.34
C GLU DC 149 88.44 38.86 40.78
N LEU DC 150 88.33 39.01 39.46
CA LEU DC 150 87.04 39.09 38.80
C LEU DC 150 86.48 37.69 38.61
N THR DC 151 85.30 37.46 39.19
CA THR DC 151 84.73 36.14 39.39
C THR DC 151 83.23 36.29 39.62
N SER DC 152 82.44 35.54 38.86
CA SER DC 152 80.99 35.69 38.92
C SER DC 152 80.31 34.34 38.79
N ARG DC 153 79.02 34.32 39.14
CA ARG DC 153 78.16 33.15 38.98
C ARG DC 153 77.10 33.40 37.91
N PHE DC 154 76.95 32.42 37.02
CA PHE DC 154 75.92 32.39 35.99
C PHE DC 154 75.01 31.20 36.28
N LEU DC 155 73.78 31.23 35.77
CA LEU DC 155 72.84 30.18 36.11
C LEU DC 155 73.17 28.89 35.38
N GLY DC 156 73.02 27.77 36.09
CA GLY DC 156 73.43 26.48 35.58
C GLY DC 156 74.90 26.16 35.77
N ALA DC 157 75.55 26.84 36.72
CA ALA DC 157 76.96 26.62 36.99
C ALA DC 157 77.14 26.20 38.44
N THR DC 158 77.84 25.08 38.65
CA THR DC 158 78.14 24.63 40.01
C THR DC 158 79.20 25.50 40.66
N THR DC 159 80.25 25.82 39.93
CA THR DC 159 81.38 26.60 40.41
C THR DC 159 81.38 27.95 39.69
N ASP DC 160 81.93 28.96 40.35
CA ASP DC 160 82.04 30.30 39.78
C ASP DC 160 83.02 30.30 38.61
N THR DC 161 83.01 31.39 37.84
CA THR DC 161 83.86 31.56 36.67
C THR DC 161 84.92 32.60 36.98
N THR DC 162 86.11 32.15 37.36
CA THR DC 162 87.25 33.04 37.50
C THR DC 162 87.69 33.50 36.12
N ILE DC 163 88.14 34.76 36.01
CA ILE DC 163 88.73 35.17 34.74
C ILE DC 163 90.26 35.02 34.81
N LEU DC 164 90.79 34.69 35.99
CA LEU DC 164 92.23 34.63 36.30
C LEU DC 164 92.91 35.98 36.02
N GLU DC 165 92.24 37.06 36.42
CA GLU DC 165 92.77 38.41 36.29
C GLU DC 165 92.36 39.25 37.49
N ALA DC 166 92.79 40.52 37.47
CA ALA DC 166 92.38 41.52 38.45
C ALA DC 166 91.87 42.74 37.71
N ASP DC 167 91.17 43.60 38.44
CA ASP DC 167 90.57 44.81 37.89
C ASP DC 167 91.20 46.02 38.57
N ALA DC 168 91.89 46.86 37.79
CA ALA DC 168 92.52 48.07 38.29
C ALA DC 168 92.76 49.00 37.11
N VAL DC 169 92.71 50.31 37.38
CA VAL DC 169 92.89 51.32 36.33
C VAL DC 169 94.13 52.13 36.63
N LEU DC 170 94.69 52.76 35.59
CA LEU DC 170 95.91 53.54 35.73
C LEU DC 170 95.60 54.94 36.24
N LEU DC 171 96.39 55.41 37.20
CA LEU DC 171 96.37 56.82 37.62
C LEU DC 171 97.60 57.53 37.07
N GLY DC 172 98.78 57.00 37.38
CA GLY DC 172 100.04 57.54 36.93
C GLY DC 172 101.14 56.54 37.21
N LEU DC 173 102.39 56.97 37.05
CA LEU DC 173 103.54 56.11 37.27
C LEU DC 173 104.51 56.78 38.24
N GLN DC 174 104.50 56.29 39.49
CA GLN DC 174 105.54 56.46 40.53
C GLN DC 174 106.06 57.90 40.66
N GLU DC 175 105.16 58.80 41.05
CA GLU DC 175 105.51 60.22 41.13
C GLU DC 175 106.50 60.46 42.27
N SER DC 176 107.75 60.68 41.92
CA SER DC 176 108.81 60.89 42.88
C SER DC 176 109.72 62.05 42.47
N ARG EC 58 92.49 68.40 -50.64
CA ARG EC 58 93.14 69.28 -51.61
C ARG EC 58 93.27 68.59 -52.96
N ALA EC 59 92.83 67.33 -53.03
CA ALA EC 59 92.95 66.56 -54.25
C ALA EC 59 91.92 67.02 -55.29
N ILE EC 60 92.22 66.76 -56.54
CA ILE EC 60 91.37 67.16 -57.66
C ILE EC 60 90.53 65.97 -58.08
N SER EC 61 89.20 66.14 -58.03
CA SER EC 61 88.30 65.03 -58.32
C SER EC 61 87.45 65.27 -59.56
N ARG EC 62 86.71 66.38 -59.60
CA ARG EC 62 85.74 66.64 -60.65
C ARG EC 62 85.96 67.99 -61.34
N THR EC 63 87.14 68.58 -61.20
CA THR EC 63 87.44 69.85 -61.84
C THR EC 63 87.64 69.71 -63.35
N SER EC 64 88.02 68.52 -63.82
CA SER EC 64 88.26 68.28 -65.24
C SER EC 64 86.97 68.36 -66.04
N GLU EC 65 87.07 68.99 -67.21
CA GLU EC 65 85.91 69.21 -68.08
C GLU EC 65 85.57 67.95 -68.84
N ASP EC 66 84.28 67.77 -69.12
CA ASP EC 66 83.74 66.54 -69.70
C ASP EC 66 83.68 66.58 -71.24
N ASP EC 67 84.66 65.94 -71.87
CA ASP EC 67 84.70 65.76 -73.32
C ASP EC 67 85.53 64.54 -73.64
N PRO EC 68 84.92 63.50 -74.22
CA PRO EC 68 85.67 62.28 -74.53
C PRO EC 68 86.73 62.45 -75.62
N ALA EC 69 86.61 63.47 -76.47
CA ALA EC 69 87.55 63.65 -77.56
C ALA EC 69 88.90 64.17 -77.08
N LYS EC 70 88.90 65.01 -76.04
CA LYS EC 70 90.12 65.67 -75.60
C LYS EC 70 90.62 65.18 -74.24
N HIS EC 71 90.30 63.94 -73.86
CA HIS EC 71 90.89 63.37 -72.65
C HIS EC 71 92.36 63.03 -72.89
N ARG EC 72 93.24 63.65 -72.10
CA ARG EC 72 94.67 63.51 -72.27
C ARG EC 72 95.27 62.75 -71.10
N GLU EC 73 96.59 62.54 -71.17
CA GLU EC 73 97.27 61.63 -70.24
C GLU EC 73 97.44 62.23 -68.86
N GLN EC 74 97.65 63.54 -68.78
CA GLN EC 74 97.81 64.23 -67.49
C GLN EC 74 96.47 64.59 -66.84
N HIS EC 75 95.35 64.22 -67.45
CA HIS EC 75 94.06 64.23 -66.79
C HIS EC 75 93.76 62.91 -66.08
N GLU EC 76 94.79 62.17 -65.67
CA GLU EC 76 94.64 60.84 -65.11
C GLU EC 76 93.96 60.86 -63.75
N GLY EC 77 93.00 59.95 -63.56
CA GLY EC 77 92.34 59.81 -62.29
C GLY EC 77 91.26 60.82 -62.01
N GLN EC 78 90.64 61.38 -63.03
CA GLN EC 78 89.64 62.43 -62.88
C GLN EC 78 88.26 61.92 -63.24
N HIS EC 79 87.25 62.48 -62.56
CA HIS EC 79 85.85 62.14 -62.77
C HIS EC 79 85.22 63.19 -63.67
N TYR EC 80 84.57 62.75 -64.75
CA TYR EC 80 83.80 63.65 -65.58
C TYR EC 80 82.31 63.31 -65.47
N ASN EC 81 81.47 64.31 -65.74
CA ASN EC 81 80.04 64.21 -65.60
C ASN EC 81 79.43 63.79 -66.94
N ILE EC 82 78.35 63.02 -66.86
CA ILE EC 82 77.57 62.61 -68.02
C ILE EC 82 76.08 62.70 -67.66
N SER EC 83 75.31 63.25 -68.60
CA SER EC 83 73.92 63.62 -68.33
C SER EC 83 73.03 62.38 -68.28
N LEU EC 84 71.83 62.56 -67.70
CA LEU EC 84 70.89 61.45 -67.52
C LEU EC 84 70.26 61.02 -68.84
N GLN EC 85 69.81 61.98 -69.66
CA GLN EC 85 69.32 61.65 -70.99
C GLN EC 85 70.43 61.11 -71.89
N GLU EC 86 71.67 61.55 -71.68
CA GLU EC 86 72.79 61.03 -72.44
C GLU EC 86 73.09 59.60 -72.04
N LEU EC 87 72.94 59.28 -70.74
CA LEU EC 87 72.94 57.89 -70.27
C LEU EC 87 71.82 57.08 -70.89
N LYS EC 88 70.64 57.67 -71.04
CA LYS EC 88 69.50 56.98 -71.62
C LYS EC 88 69.76 56.63 -73.09
N THR EC 89 70.39 57.54 -73.83
CA THR EC 89 70.61 57.29 -75.26
C THR EC 89 71.90 56.53 -75.53
N VAL EC 90 72.81 56.44 -74.55
CA VAL EC 90 74.05 55.70 -74.79
C VAL EC 90 73.98 54.29 -74.20
N PHE EC 91 73.44 54.14 -72.98
CA PHE EC 91 73.31 52.83 -72.34
C PHE EC 91 71.83 52.50 -72.12
N PRO EC 92 71.16 51.92 -73.13
CA PRO EC 92 69.91 51.21 -72.82
C PRO EC 92 70.14 49.74 -72.57
N HIS EC 93 71.37 49.26 -72.74
CA HIS EC 93 71.74 47.88 -72.46
C HIS EC 93 72.05 47.72 -70.97
N GLY EC 94 72.68 46.62 -70.61
CA GLY EC 94 72.97 46.36 -69.22
C GLY EC 94 74.18 47.15 -68.74
N LEU EC 95 73.92 48.16 -67.91
CA LEU EC 95 74.93 48.83 -67.13
C LEU EC 95 75.31 47.93 -65.96
N PRO EC 96 76.51 48.05 -65.40
CA PRO EC 96 76.84 47.32 -64.16
C PRO EC 96 75.91 47.69 -63.03
N PRO EC 97 75.44 46.70 -62.26
CA PRO EC 97 74.40 46.98 -61.24
C PRO EC 97 74.89 47.83 -60.08
N ARG EC 98 76.15 47.66 -59.67
CA ARG EC 98 76.71 48.50 -58.61
C ARG EC 98 76.80 49.95 -59.04
N PHE EC 99 77.24 50.21 -60.28
CA PHE EC 99 77.31 51.56 -60.79
C PHE EC 99 75.93 52.15 -61.03
N ALA EC 100 74.96 51.33 -61.45
CA ALA EC 100 73.60 51.80 -61.66
C ALA EC 100 72.92 52.18 -60.35
N MET EC 101 73.13 51.39 -59.30
CA MET EC 101 72.55 51.74 -58.01
C MET EC 101 73.31 52.91 -57.38
N GLN EC 102 74.60 53.03 -57.70
CA GLN EC 102 75.40 54.18 -57.25
C GLN EC 102 74.92 55.48 -57.88
N VAL EC 103 74.61 55.46 -59.18
CA VAL EC 103 74.15 56.68 -59.82
C VAL EC 103 72.70 56.97 -59.46
N LYS EC 104 71.92 55.92 -59.16
CA LYS EC 104 70.57 56.13 -58.64
C LYS EC 104 70.60 56.77 -57.26
N THR EC 105 71.60 56.43 -56.44
CA THR EC 105 71.78 57.08 -55.15
C THR EC 105 72.27 58.52 -55.31
N PHE EC 106 73.30 58.72 -56.15
CA PHE EC 106 74.00 60.01 -56.16
C PHE EC 106 73.28 61.09 -56.96
N ASN EC 107 72.55 60.68 -58.02
CA ASN EC 107 71.71 61.49 -58.92
C ASN EC 107 72.65 62.32 -59.83
N GLU EC 108 73.96 62.07 -59.73
CA GLU EC 108 74.95 62.65 -60.62
C GLU EC 108 75.83 61.52 -61.14
N ALA EC 109 76.01 61.46 -62.45
CA ALA EC 109 76.76 60.38 -63.08
C ALA EC 109 78.17 60.86 -63.37
N CYS EC 110 79.13 60.31 -62.63
CA CYS EC 110 80.55 60.67 -62.77
C CYS EC 110 81.34 59.41 -63.05
N LEU EC 111 82.20 59.46 -64.06
CA LEU EC 111 83.05 58.34 -64.40
C LEU EC 111 84.51 58.79 -64.32
N MET EC 112 85.35 57.97 -63.70
CA MET EC 112 86.75 58.31 -63.52
C MET EC 112 87.61 57.60 -64.57
N VAL EC 113 88.50 58.35 -65.19
CA VAL EC 113 89.32 57.84 -66.29
C VAL EC 113 90.44 56.98 -65.72
N ARG EC 114 91.02 56.13 -66.56
CA ARG EC 114 92.10 55.23 -66.20
C ARG EC 114 93.09 55.13 -67.36
N LYS EC 115 94.30 54.65 -67.06
CA LYS EC 115 95.31 54.46 -68.10
C LYS EC 115 94.94 53.46 -69.20
N PRO EC 116 94.35 52.27 -68.94
CA PRO EC 116 93.88 51.46 -70.08
C PRO EC 116 92.80 52.13 -70.92
N ALA EC 117 91.91 52.90 -70.30
CA ALA EC 117 90.89 53.62 -71.05
C ALA EC 117 91.51 54.70 -71.93
N LEU EC 118 92.48 55.45 -71.38
CA LEU EC 118 93.16 56.49 -72.15
C LEU EC 118 93.99 55.89 -73.28
N GLU EC 119 94.62 54.74 -73.02
CA GLU EC 119 95.42 54.09 -74.04
C GLU EC 119 94.54 53.52 -75.16
N LEU EC 120 93.33 53.06 -74.82
CA LEU EC 120 92.44 52.59 -75.88
C LEU EC 120 91.81 53.74 -76.63
N LEU EC 121 91.59 54.90 -75.99
CA LEU EC 121 91.28 56.12 -76.75
C LEU EC 121 92.41 56.47 -77.71
N HIS EC 122 93.66 56.34 -77.27
CA HIS EC 122 94.79 56.65 -78.13
C HIS EC 122 94.90 55.68 -79.31
N TYR EC 123 94.53 54.42 -79.11
CA TYR EC 123 94.45 53.49 -80.23
C TYR EC 123 93.22 53.69 -81.11
N LEU EC 124 92.14 54.24 -80.59
CA LEU EC 124 90.96 54.52 -81.41
C LEU EC 124 91.06 55.82 -82.21
N LYS EC 125 91.89 56.77 -81.79
CA LYS EC 125 92.16 57.92 -82.66
C LYS EC 125 92.96 57.51 -83.90
N ASN EC 126 93.89 56.57 -83.75
CA ASN EC 126 94.77 56.17 -84.84
C ASN EC 126 94.23 54.99 -85.65
N THR EC 127 92.91 54.78 -85.65
CA THR EC 127 92.35 53.69 -86.43
C THR EC 127 92.32 54.04 -87.91
N ASN EC 128 92.79 53.11 -88.74
CA ASN EC 128 92.69 53.22 -90.19
C ASN EC 128 91.53 52.34 -90.64
N PHE EC 129 90.51 52.97 -91.22
CA PHE EC 129 89.30 52.24 -91.61
C PHE EC 129 89.48 51.46 -92.91
N ALA EC 130 90.53 51.74 -93.68
CA ALA EC 130 90.85 50.88 -94.82
C ALA EC 130 91.39 49.54 -94.33
N HIS EC 131 92.07 49.53 -93.20
CA HIS EC 131 92.55 48.30 -92.59
C HIS EC 131 91.36 47.47 -92.08
N PRO EC 132 91.53 46.16 -91.91
CA PRO EC 132 90.44 45.36 -91.32
C PRO EC 132 90.21 45.68 -89.85
N ALA EC 133 89.18 45.04 -89.29
CA ALA EC 133 88.73 45.35 -87.94
C ALA EC 133 89.77 44.95 -86.90
N VAL EC 134 90.03 45.84 -85.96
CA VAL EC 134 91.11 45.69 -84.99
C VAL EC 134 90.53 45.15 -83.70
N ARG EC 135 91.21 44.14 -83.14
CA ARG EC 135 90.76 43.40 -81.97
C ARG EC 135 91.47 43.91 -80.72
N TYR EC 136 90.71 44.43 -79.76
CA TYR EC 136 91.24 44.74 -78.45
C TYR EC 136 90.53 43.89 -77.42
N VAL EC 137 91.27 43.38 -76.43
CA VAL EC 137 90.64 42.68 -75.31
C VAL EC 137 91.14 43.30 -74.01
N LEU EC 138 90.30 43.27 -72.99
CA LEU EC 138 90.61 43.82 -71.67
C LEU EC 138 90.65 42.65 -70.69
N TYR EC 139 91.76 42.52 -69.98
CA TYR EC 139 91.93 41.44 -69.01
C TYR EC 139 92.46 41.99 -67.69
N GLY EC 140 92.10 41.32 -66.61
CA GLY EC 140 92.54 41.72 -65.29
C GLY EC 140 91.80 40.92 -64.23
N GLU EC 141 92.17 41.19 -62.98
CA GLU EC 141 91.52 40.52 -61.86
C GLU EC 141 90.16 41.15 -61.59
N LYS EC 142 89.43 40.52 -60.67
CA LYS EC 142 88.02 40.83 -60.48
C LYS EC 142 87.82 42.17 -59.79
N GLY EC 143 86.92 42.98 -60.33
CA GLY EC 143 86.53 44.22 -59.70
C GLY EC 143 87.44 45.40 -59.94
N THR EC 144 88.12 45.45 -61.08
CA THR EC 144 89.03 46.53 -61.41
C THR EC 144 88.42 47.56 -62.35
N GLY EC 145 87.14 47.44 -62.68
CA GLY EC 145 86.50 48.41 -63.54
C GLY EC 145 86.66 48.16 -65.03
N LYS EC 146 86.73 46.90 -65.44
CA LYS EC 146 86.82 46.56 -66.85
C LYS EC 146 85.54 46.90 -67.60
N THR EC 147 84.39 46.63 -66.99
CA THR EC 147 83.11 46.97 -67.60
C THR EC 147 82.91 48.48 -67.70
N LEU EC 148 83.34 49.23 -66.69
CA LEU EC 148 83.22 50.69 -66.76
C LEU EC 148 84.23 51.29 -67.74
N SER EC 149 85.41 50.69 -67.87
CA SER EC 149 86.34 51.12 -68.91
C SER EC 149 85.79 50.80 -70.30
N LEU EC 150 85.04 49.72 -70.44
CA LEU EC 150 84.35 49.43 -71.69
C LEU EC 150 83.22 50.42 -71.96
N CYS EC 151 82.50 50.81 -70.92
CA CYS EC 151 81.40 51.77 -71.07
C CYS EC 151 81.93 53.16 -71.39
N HIS EC 152 83.15 53.47 -70.93
CA HIS EC 152 83.87 54.67 -71.35
C HIS EC 152 84.09 54.70 -72.86
N ILE EC 153 84.52 53.58 -73.42
CA ILE EC 153 84.76 53.46 -74.86
C ILE EC 153 83.44 53.54 -75.61
N LEU EC 154 82.40 52.94 -75.04
CA LEU EC 154 81.06 52.95 -75.62
C LEU EC 154 80.52 54.37 -75.70
N HIS EC 155 80.72 55.16 -74.64
CA HIS EC 155 80.27 56.54 -74.64
C HIS EC 155 81.12 57.42 -75.55
N PHE EC 156 82.42 57.14 -75.66
CA PHE EC 156 83.28 57.87 -76.58
C PHE EC 156 82.85 57.64 -78.03
N CYS EC 157 82.60 56.39 -78.41
CA CYS EC 157 82.14 56.10 -79.76
C CYS EC 157 80.72 56.58 -80.03
N ALA EC 158 79.84 56.58 -79.02
CA ALA EC 158 78.51 57.15 -79.21
C ALA EC 158 78.54 58.67 -79.33
N LYS EC 159 79.49 59.34 -78.66
CA LYS EC 159 79.69 60.76 -78.88
C LYS EC 159 80.29 61.04 -80.25
N GLN EC 160 81.13 60.14 -80.75
CA GLN EC 160 81.66 60.23 -82.11
C GLN EC 160 80.72 59.63 -83.15
N ASN EC 161 79.50 59.26 -82.75
CA ASN EC 161 78.42 58.76 -83.62
C ASN EC 161 78.85 57.50 -84.38
N TRP EC 162 79.10 56.45 -83.59
CA TRP EC 162 79.47 55.16 -84.14
C TRP EC 162 78.26 54.22 -84.13
N LEU EC 163 78.33 53.17 -84.93
CA LEU EC 163 77.33 52.11 -84.93
C LEU EC 163 77.68 51.15 -83.81
N ILE EC 164 76.84 51.13 -82.78
CA ILE EC 164 77.13 50.43 -81.53
C ILE EC 164 76.51 49.04 -81.59
N LEU EC 165 77.34 48.03 -81.33
CA LEU EC 165 76.86 46.66 -81.12
C LEU EC 165 77.39 46.22 -79.76
N HIS EC 166 76.58 46.38 -78.72
CA HIS EC 166 77.04 46.22 -77.35
C HIS EC 166 76.45 44.97 -76.73
N ILE EC 167 77.33 44.11 -76.21
CA ILE EC 167 76.95 42.92 -75.46
C ILE EC 167 77.30 43.18 -74.01
N PRO EC 168 76.32 43.34 -73.13
CA PRO EC 168 76.63 43.72 -71.73
C PRO EC 168 77.15 42.56 -70.91
N ASP EC 169 76.58 41.37 -71.09
CA ASP EC 169 77.07 40.11 -70.53
C ASP EC 169 76.67 39.00 -71.49
N ALA EC 170 77.67 38.36 -72.10
CA ALA EC 170 77.38 37.21 -72.94
C ALA EC 170 77.16 35.94 -72.12
N HIS EC 171 77.44 36.00 -70.82
CA HIS EC 171 77.13 34.89 -69.92
C HIS EC 171 75.63 34.67 -69.79
N ILE EC 172 74.82 35.72 -69.98
CA ILE EC 172 73.38 35.60 -69.97
C ILE EC 172 72.88 34.68 -71.08
N TRP EC 173 73.48 34.76 -72.27
CA TRP EC 173 73.12 33.86 -73.36
C TRP EC 173 73.61 32.44 -73.16
N VAL EC 174 74.45 32.17 -72.15
CA VAL EC 174 74.95 30.83 -71.92
C VAL EC 174 74.30 30.16 -70.72
N LYS EC 175 74.01 30.90 -69.65
CA LYS EC 175 73.43 30.29 -68.46
C LYS EC 175 72.04 30.86 -68.23
N ASN EC 176 71.19 30.01 -67.62
CA ASN EC 176 69.85 30.37 -67.14
C ASN EC 176 68.94 30.88 -68.26
N CYS EC 177 68.65 30.01 -69.21
CA CYS EC 177 67.73 30.30 -70.30
C CYS EC 177 66.42 29.55 -70.03
N ARG EC 178 65.31 30.30 -70.02
CA ARG EC 178 64.03 29.71 -69.64
C ARG EC 178 63.41 28.94 -70.80
N ASP EC 179 63.32 29.60 -71.96
CA ASP EC 179 62.77 28.98 -73.16
C ASP EC 179 63.92 28.60 -74.07
N LEU EC 180 64.03 27.30 -74.36
CA LEU EC 180 65.08 26.78 -75.23
C LEU EC 180 64.39 26.16 -76.44
N LEU EC 181 64.22 26.96 -77.49
CA LEU EC 181 63.46 26.56 -78.66
C LEU EC 181 64.40 26.00 -79.73
N GLN EC 182 64.00 24.89 -80.31
CA GLN EC 182 64.77 24.27 -81.38
C GLN EC 182 64.43 24.93 -82.71
N SER EC 183 65.37 24.84 -83.65
CA SER EC 183 65.19 25.40 -84.99
C SER EC 183 66.06 24.61 -85.96
N ASN EC 184 65.43 23.86 -86.86
CA ASN EC 184 66.16 23.12 -87.88
C ASN EC 184 66.48 23.97 -89.11
N TYR EC 185 66.02 25.22 -89.14
CA TYR EC 185 66.34 26.11 -90.25
C TYR EC 185 67.81 26.50 -90.24
N ASN EC 186 68.42 26.58 -89.06
CA ASN EC 186 69.82 26.89 -88.91
C ASN EC 186 70.67 25.64 -88.68
N LYS EC 187 70.23 24.50 -89.22
CA LYS EC 187 70.89 23.19 -89.12
C LYS EC 187 71.09 22.75 -87.68
N GLN EC 188 69.98 22.49 -86.97
CA GLN EC 188 69.93 22.08 -85.56
C GLN EC 188 70.65 23.08 -84.65
N ARG EC 189 70.12 24.29 -84.62
CA ARG EC 189 70.64 25.33 -83.74
C ARG EC 189 69.52 25.87 -82.87
N PHE EC 190 69.75 25.89 -81.56
CA PHE EC 190 68.74 26.24 -80.58
C PHE EC 190 68.60 27.75 -80.47
N ASP EC 191 67.50 28.19 -79.85
CA ASP EC 191 67.09 29.59 -79.87
C ASP EC 191 66.84 30.09 -78.45
N GLN EC 192 67.05 31.39 -78.25
CA GLN EC 192 66.85 32.05 -76.96
C GLN EC 192 66.00 33.32 -77.15
N PRO EC 193 64.68 33.16 -77.25
CA PRO EC 193 63.81 34.29 -77.62
C PRO EC 193 63.74 35.43 -76.62
N LEU EC 194 63.78 35.14 -75.31
CA LEU EC 194 63.62 36.18 -74.30
C LEU EC 194 64.81 37.14 -74.30
N GLU EC 195 66.03 36.58 -74.24
CA GLU EC 195 67.22 37.42 -74.25
C GLU EC 195 67.45 38.04 -75.63
N ALA EC 196 67.02 37.34 -76.70
CA ALA EC 196 67.10 37.92 -78.03
C ALA EC 196 66.18 39.16 -78.16
N SER EC 197 64.96 39.06 -77.64
CA SER EC 197 64.03 40.18 -77.70
C SER EC 197 64.48 41.32 -76.78
N THR EC 198 65.09 40.98 -75.64
CA THR EC 198 65.64 42.01 -74.75
C THR EC 198 66.78 42.77 -75.45
N TRP EC 199 67.66 42.04 -76.13
CA TRP EC 199 68.74 42.67 -76.87
C TRP EC 199 68.23 43.51 -78.02
N LEU EC 200 67.17 43.04 -78.70
CA LEU EC 200 66.58 43.82 -79.80
C LEU EC 200 65.92 45.10 -79.28
N LYS EC 201 65.24 45.01 -78.13
CA LYS EC 201 64.61 46.19 -77.56
C LYS EC 201 65.64 47.20 -77.07
N ASN EC 202 66.80 46.73 -76.58
CA ASN EC 202 67.85 47.68 -76.24
C ASN EC 202 68.50 48.28 -77.48
N PHE EC 203 68.70 47.46 -78.53
CA PHE EC 203 69.39 47.94 -79.72
C PHE EC 203 68.54 48.89 -80.54
N LYS EC 204 67.21 48.75 -80.46
CA LYS EC 204 66.30 49.68 -81.15
C LYS EC 204 66.43 51.09 -80.57
N THR EC 205 66.48 51.20 -79.25
CA THR EC 205 66.59 52.51 -78.61
C THR EC 205 68.04 52.95 -78.42
N ALA EC 206 69.01 52.11 -78.78
CA ALA EC 206 70.42 52.50 -78.77
C ALA EC 206 70.70 53.63 -79.75
N ASN EC 207 70.18 53.51 -80.97
CA ASN EC 207 70.31 54.55 -82.00
C ASN EC 207 69.15 54.42 -82.98
N GLU EC 208 68.72 55.55 -83.54
CA GLU EC 208 67.57 55.56 -84.43
C GLU EC 208 67.87 56.13 -85.81
N HIS EC 209 68.93 56.92 -85.95
CA HIS EC 209 69.26 57.53 -87.24
C HIS EC 209 69.76 56.48 -88.22
N PHE EC 210 70.69 55.62 -87.78
CA PHE EC 210 71.17 54.53 -88.61
C PHE EC 210 70.07 53.51 -88.91
N LEU EC 211 69.16 53.27 -87.96
CA LEU EC 211 68.12 52.25 -88.13
C LEU EC 211 67.13 52.62 -89.24
N SER EC 212 67.01 53.90 -89.57
CA SER EC 212 66.29 54.30 -90.77
C SER EC 212 67.23 54.55 -91.94
N GLN EC 213 68.52 54.74 -91.67
CA GLN EC 213 69.46 55.05 -92.75
C GLN EC 213 69.82 53.81 -93.57
N ILE EC 214 69.99 52.65 -92.93
CA ILE EC 214 70.45 51.45 -93.62
C ILE EC 214 69.32 50.84 -94.45
N LYS EC 215 69.64 50.43 -95.67
CA LYS EC 215 68.73 49.67 -96.53
C LYS EC 215 69.25 48.24 -96.63
N VAL EC 216 68.35 47.27 -96.39
CA VAL EC 216 68.69 45.85 -96.49
C VAL EC 216 68.43 45.39 -97.92
N GLN EC 217 69.44 44.76 -98.53
CA GLN EC 217 69.35 44.34 -99.94
C GLN EC 217 69.51 42.83 -100.07
N GLU EC 218 68.46 42.09 -99.71
CA GLU EC 218 68.29 40.64 -99.88
C GLU EC 218 66.82 40.25 -99.82
N LYS EC 219 66.52 38.97 -100.04
CA LYS EC 219 65.18 38.43 -99.90
C LYS EC 219 65.18 37.47 -98.70
N TYR EC 220 64.49 37.86 -97.64
CA TYR EC 220 64.43 37.13 -96.37
C TYR EC 220 62.99 36.73 -96.06
N VAL EC 221 62.81 35.48 -95.65
CA VAL EC 221 61.51 34.89 -95.39
C VAL EC 221 61.42 34.59 -93.90
N TRP EC 222 60.39 35.14 -93.24
CA TRP EC 222 60.15 34.81 -91.85
C TRP EC 222 59.25 33.58 -91.73
N ASN EC 223 58.03 33.68 -92.26
CA ASN EC 223 57.09 32.57 -92.29
C ASN EC 223 56.55 32.45 -93.71
N LYS EC 224 55.58 31.55 -93.89
CA LYS EC 224 55.00 31.38 -95.22
C LYS EC 224 53.99 32.49 -95.53
N ARG EC 225 53.56 33.25 -94.52
CA ARG EC 225 52.60 34.31 -94.74
C ARG EC 225 53.26 35.69 -94.80
N GLU EC 226 54.40 35.89 -94.14
CA GLU EC 226 55.05 37.18 -94.12
C GLU EC 226 56.52 37.02 -94.51
N SER EC 227 57.02 37.97 -95.29
CA SER EC 227 58.42 38.00 -95.69
C SER EC 227 58.84 39.45 -95.90
N THR EC 228 60.15 39.68 -95.81
CA THR EC 228 60.71 41.02 -95.96
C THR EC 228 61.58 41.04 -97.21
N GLU EC 229 61.26 41.93 -98.14
CA GLU EC 229 61.98 42.07 -99.39
C GLU EC 229 63.04 43.14 -99.26
N LYS EC 230 63.85 43.28 -100.32
CA LYS EC 230 64.96 44.22 -100.29
C LYS EC 230 64.48 45.66 -100.45
N GLY EC 231 65.31 46.59 -99.99
CA GLY EC 231 65.01 48.01 -100.01
C GLY EC 231 64.37 48.53 -98.75
N ARG EC 232 63.93 47.66 -97.85
CA ARG EC 232 63.27 48.10 -96.63
C ARG EC 232 64.30 48.61 -95.63
N PRO EC 233 63.94 49.58 -94.79
CA PRO EC 233 64.84 50.00 -93.70
C PRO EC 233 64.99 48.90 -92.66
N LEU EC 234 66.15 48.89 -91.99
CA LEU EC 234 66.44 47.83 -91.03
C LEU EC 234 65.69 48.05 -89.73
N GLY EC 235 65.17 49.27 -89.52
CA GLY EC 235 64.32 49.53 -88.38
C GLY EC 235 63.01 48.76 -88.42
N GLU EC 236 62.45 48.56 -89.61
CA GLU EC 236 61.27 47.71 -89.75
C GLU EC 236 61.60 46.27 -89.42
N VAL EC 237 62.81 45.83 -89.77
CA VAL EC 237 63.26 44.46 -89.46
C VAL EC 237 63.41 44.27 -87.96
N VAL EC 238 64.00 45.26 -87.27
CA VAL EC 238 64.22 45.10 -85.84
C VAL EC 238 62.90 45.25 -85.08
N GLU EC 239 61.96 46.04 -85.63
CA GLU EC 239 60.64 46.10 -85.01
C GLU EC 239 59.83 44.83 -85.24
N GLN EC 240 59.98 44.19 -86.40
CA GLN EC 240 59.36 42.88 -86.61
C GLN EC 240 59.97 41.84 -85.70
N GLY EC 241 61.27 41.88 -85.47
CA GLY EC 241 61.92 40.99 -84.53
C GLY EC 241 61.50 41.22 -83.09
N ILE EC 242 61.21 42.48 -82.74
CA ILE EC 242 60.70 42.80 -81.41
C ILE EC 242 59.28 42.25 -81.25
N MET EC 243 58.42 42.47 -82.25
CA MET EC 243 57.02 42.06 -82.14
C MET EC 243 56.86 40.54 -82.22
N ARG EC 244 57.67 39.88 -83.03
CA ARG EC 244 57.63 38.42 -83.15
C ARG EC 244 58.80 37.84 -82.37
N VAL EC 245 58.53 37.33 -81.17
CA VAL EC 245 59.60 36.79 -80.35
C VAL EC 245 60.03 35.41 -80.82
N ARG EC 246 59.20 34.74 -81.63
CA ARG EC 246 59.59 33.45 -82.20
C ARG EC 246 60.74 33.60 -83.20
N ASN EC 247 60.68 34.64 -84.03
CA ASN EC 247 61.73 34.92 -85.00
C ASN EC 247 62.71 35.98 -84.53
N ALA EC 248 62.74 36.27 -83.22
CA ALA EC 248 63.64 37.30 -82.69
C ALA EC 248 65.10 36.90 -82.80
N THR EC 249 65.41 35.62 -82.56
CA THR EC 249 66.78 35.13 -82.66
C THR EC 249 67.29 35.21 -84.09
N ASP EC 250 66.46 34.76 -85.04
CA ASP EC 250 66.77 34.89 -86.46
C ASP EC 250 66.88 36.34 -86.87
N ALA EC 251 66.09 37.22 -86.26
CA ALA EC 251 66.20 38.66 -86.53
C ALA EC 251 67.54 39.21 -86.06
N VAL EC 252 68.02 38.75 -84.90
CA VAL EC 252 69.35 39.15 -84.42
C VAL EC 252 70.43 38.70 -85.40
N GLY EC 253 70.34 37.46 -85.86
CA GLY EC 253 71.32 36.95 -86.81
C GLY EC 253 71.31 37.71 -88.13
N ILE EC 254 70.12 38.01 -88.64
CA ILE EC 254 69.95 38.81 -89.86
C ILE EC 254 70.50 40.22 -89.69
N VAL EC 255 70.22 40.87 -88.56
CA VAL EC 255 70.65 42.25 -88.35
C VAL EC 255 72.17 42.34 -88.28
N LEU EC 256 72.81 41.46 -87.51
CA LEU EC 256 74.28 41.52 -87.43
C LEU EC 256 74.94 41.11 -88.75
N LYS EC 257 74.37 40.14 -89.48
CA LYS EC 257 75.03 39.76 -90.73
C LYS EC 257 74.83 40.83 -91.80
N GLU EC 258 73.72 41.56 -91.76
CA GLU EC 258 73.54 42.71 -92.65
C GLU EC 258 74.52 43.82 -92.31
N LEU EC 259 74.73 44.10 -91.02
CA LEU EC 259 75.73 45.09 -90.64
C LEU EC 259 77.14 44.66 -91.03
N LYS EC 260 77.46 43.37 -90.88
CA LYS EC 260 78.77 42.86 -91.28
C LYS EC 260 78.98 42.95 -92.80
N ARG EC 261 77.95 42.70 -93.59
CA ARG EC 261 78.12 42.84 -95.04
C ARG EC 261 78.24 44.31 -95.44
N GLN EC 262 77.43 45.19 -94.84
CA GLN EC 262 77.40 46.58 -95.25
C GLN EC 262 78.46 47.44 -94.57
N SER EC 263 79.27 46.85 -93.67
CA SER EC 263 80.32 47.60 -92.99
C SER EC 263 81.45 48.03 -93.92
N SER EC 264 81.59 47.38 -95.08
CA SER EC 264 82.70 47.70 -95.99
C SER EC 264 82.54 49.08 -96.62
N LEU EC 265 81.33 49.62 -96.66
CA LEU EC 265 81.11 50.96 -97.20
C LEU EC 265 81.58 52.01 -96.21
N GLY EC 266 81.61 53.26 -96.67
CA GLY EC 266 82.01 54.38 -95.86
C GLY EC 266 80.92 54.97 -95.00
N ILE EC 267 79.73 54.37 -94.99
CA ILE EC 267 78.61 54.87 -94.20
C ILE EC 267 78.72 54.47 -92.73
N PHE EC 268 79.61 53.53 -92.39
CA PHE EC 268 79.63 52.92 -91.07
C PHE EC 268 80.94 53.24 -90.36
N HIS EC 269 80.86 53.51 -89.06
CA HIS EC 269 81.98 53.43 -88.15
C HIS EC 269 81.57 52.43 -87.07
N LEU EC 270 81.87 51.15 -87.29
CA LEU EC 270 81.34 50.07 -86.47
C LEU EC 270 82.18 49.92 -85.20
N LEU EC 271 81.52 49.91 -84.06
CA LEU EC 271 82.12 49.47 -82.80
C LEU EC 271 81.32 48.24 -82.34
N VAL EC 272 82.02 47.14 -82.11
CA VAL EC 272 81.40 45.97 -81.49
C VAL EC 272 82.09 45.76 -80.14
N ALA EC 273 81.35 45.99 -79.07
CA ALA EC 273 81.87 45.98 -77.70
C ALA EC 273 81.23 44.84 -76.94
N VAL EC 274 82.03 43.83 -76.59
CA VAL EC 274 81.53 42.56 -76.07
C VAL EC 274 82.10 42.35 -74.67
N ASP EC 275 81.21 42.03 -73.72
CA ASP EC 275 81.63 41.53 -72.41
C ASP EC 275 81.21 40.07 -72.28
N GLY EC 276 82.10 39.26 -71.70
CA GLY EC 276 81.83 37.84 -71.53
C GLY EC 276 82.29 37.01 -72.72
N VAL EC 277 83.51 37.28 -73.19
CA VAL EC 277 84.01 36.69 -74.43
C VAL EC 277 84.29 35.20 -74.25
N ASN EC 278 84.81 34.80 -73.08
CA ASN EC 278 85.19 33.41 -72.84
C ASN EC 278 83.97 32.48 -72.80
N ALA EC 279 82.78 33.03 -72.56
CA ALA EC 279 81.56 32.23 -72.58
C ALA EC 279 81.17 31.82 -73.99
N LEU EC 280 81.69 32.48 -75.02
CA LEU EC 280 81.40 32.08 -76.39
C LEU EC 280 82.06 30.75 -76.73
N TRP EC 281 83.32 30.57 -76.31
CA TRP EC 281 84.08 29.36 -76.58
C TRP EC 281 84.15 28.42 -75.38
N GLY EC 282 83.48 28.74 -74.29
CA GLY EC 282 83.49 27.89 -73.11
C GLY EC 282 82.53 26.71 -73.23
N ARG EC 283 81.97 26.32 -72.10
CA ARG EC 283 81.04 25.22 -72.01
C ARG EC 283 79.67 25.73 -71.58
N THR EC 284 78.63 25.22 -72.23
CA THR EC 284 77.27 25.68 -71.99
C THR EC 284 76.60 24.82 -70.92
N THR EC 285 76.04 25.48 -69.92
CA THR EC 285 75.32 24.81 -68.83
C THR EC 285 73.96 24.30 -69.28
N LEU EC 286 73.38 24.88 -70.34
CA LEU EC 286 72.08 24.49 -70.86
C LEU EC 286 72.08 23.05 -71.36
N LYS EC 287 70.99 22.35 -71.05
CA LYS EC 287 70.87 20.93 -71.35
C LYS EC 287 69.54 20.69 -72.06
N ARG EC 288 69.51 19.63 -72.85
CA ARG EC 288 68.27 19.25 -73.50
C ARG EC 288 67.42 18.38 -72.57
N GLU EC 289 66.42 17.74 -73.16
CA GLU EC 289 65.62 16.73 -72.47
C GLU EC 289 66.32 15.37 -72.45
N ASP EC 290 67.46 15.23 -73.13
CA ASP EC 290 68.39 14.14 -72.85
C ASP EC 290 69.13 14.33 -71.53
N LYS EC 291 69.11 15.54 -70.98
CA LYS EC 291 69.95 16.07 -69.90
C LYS EC 291 71.43 16.10 -70.25
N SER EC 292 71.78 15.97 -71.53
CA SER EC 292 73.17 16.11 -71.94
C SER EC 292 73.47 17.57 -72.23
N PRO EC 293 74.67 18.06 -71.91
CA PRO EC 293 75.00 19.45 -72.24
C PRO EC 293 75.16 19.64 -73.74
N ILE EC 294 74.85 20.85 -74.19
CA ILE EC 294 74.95 21.22 -75.60
C ILE EC 294 76.25 21.98 -75.81
N ALA EC 295 76.81 21.86 -77.01
CA ALA EC 295 77.95 22.66 -77.38
C ALA EC 295 77.52 24.11 -77.56
N PRO EC 296 78.43 25.06 -77.36
CA PRO EC 296 78.08 26.47 -77.67
C PRO EC 296 77.88 26.73 -79.16
N GLU EC 297 78.34 25.83 -80.04
CA GLU EC 297 78.04 25.94 -81.45
C GLU EC 297 76.56 25.75 -81.72
N GLU EC 298 75.87 24.97 -80.88
CA GLU EC 298 74.45 24.68 -81.06
C GLU EC 298 73.55 25.84 -80.68
N LEU EC 299 74.08 26.90 -80.08
CA LEU EC 299 73.29 28.09 -79.82
C LEU EC 299 73.47 29.06 -80.99
N ALA EC 300 72.34 29.49 -81.56
CA ALA EC 300 72.36 30.29 -82.79
C ALA EC 300 72.95 31.67 -82.54
N LEU EC 301 72.65 32.25 -81.38
CA LEU EC 301 73.15 33.59 -81.06
C LEU EC 301 74.66 33.59 -80.86
N ILE EC 302 75.17 32.57 -80.17
CA ILE EC 302 76.62 32.44 -79.96
C ILE EC 302 77.31 32.14 -81.28
N HIS EC 303 76.71 31.28 -82.11
CA HIS EC 303 77.28 30.94 -83.41
C HIS EC 303 77.32 32.14 -84.35
N ASN EC 304 76.28 32.98 -84.30
CA ASN EC 304 76.27 34.18 -85.12
C ASN EC 304 77.17 35.28 -84.58
N LEU EC 305 77.36 35.34 -83.26
CA LEU EC 305 78.31 36.29 -82.68
C LEU EC 305 79.76 35.86 -82.91
N ARG EC 306 80.01 34.55 -83.07
CA ARG EC 306 81.37 34.08 -83.37
C ARG EC 306 81.84 34.50 -84.75
N LYS EC 307 80.90 34.72 -85.68
CA LYS EC 307 81.25 35.25 -86.99
C LYS EC 307 81.75 36.69 -86.91
N MET EC 308 81.48 37.38 -85.79
CA MET EC 308 81.64 38.82 -85.72
C MET EC 308 82.88 39.21 -84.94
N VAL EC 309 83.82 38.28 -84.81
CA VAL EC 309 85.17 38.58 -84.35
C VAL EC 309 86.22 38.12 -85.35
N LYS EC 310 85.81 37.80 -86.58
CA LYS EC 310 86.65 37.19 -87.60
C LYS EC 310 87.27 38.20 -88.56
N ASN EC 311 87.09 39.51 -88.30
CA ASN EC 311 87.47 40.71 -89.10
C ASN EC 311 87.39 40.49 -90.62
N ASP EC 312 86.30 39.88 -91.09
CA ASP EC 312 86.07 39.78 -92.53
C ASP EC 312 85.35 41.00 -93.10
N TRP EC 313 85.07 42.00 -92.27
CA TRP EC 313 84.48 43.25 -92.70
C TRP EC 313 85.50 44.36 -92.49
N GLN EC 314 85.20 45.54 -93.02
CA GLN EC 314 86.10 46.67 -92.99
C GLN EC 314 85.46 47.82 -92.23
N GLY EC 315 86.28 48.82 -91.88
CA GLY EC 315 85.80 50.05 -91.32
C GLY EC 315 85.34 49.98 -89.88
N GLY EC 316 85.60 48.86 -89.19
CA GLY EC 316 85.13 48.65 -87.84
C GLY EC 316 86.26 48.41 -86.85
N ALA EC 317 85.86 48.31 -85.59
CA ALA EC 317 86.77 47.98 -84.49
C ALA EC 317 85.98 47.20 -83.45
N ILE EC 318 86.60 46.17 -82.87
CA ILE EC 318 85.93 45.37 -81.86
C ILE EC 318 86.74 45.48 -80.56
N VAL EC 319 86.03 45.86 -79.50
CA VAL EC 319 86.57 46.00 -78.15
C VAL EC 319 85.88 44.95 -77.29
N LEU EC 320 86.69 44.14 -76.61
CA LEU EC 320 86.24 42.95 -75.92
C LEU EC 320 86.79 42.98 -74.52
N THR EC 321 86.13 42.27 -73.60
CA THR EC 321 86.71 42.08 -72.28
C THR EC 321 86.42 40.67 -71.78
N VAL EC 322 87.41 40.05 -71.18
CA VAL EC 322 87.24 38.70 -70.63
C VAL EC 322 86.88 38.81 -69.16
N SER EC 323 85.94 37.96 -68.72
CA SER EC 323 85.33 38.10 -67.41
C SER EC 323 85.53 36.83 -66.60
N GLN EC 324 85.43 36.98 -65.28
CA GLN EC 324 85.48 35.88 -64.33
C GLN EC 324 84.18 35.78 -63.54
N THR EC 325 83.46 36.88 -63.40
CA THR EC 325 82.27 36.94 -62.55
C THR EC 325 81.13 36.06 -63.05
N GLY EC 326 80.79 36.17 -64.32
CA GLY EC 326 79.76 35.34 -64.91
C GLY EC 326 80.27 34.12 -65.64
N SER EC 327 81.56 33.82 -65.54
CA SER EC 327 82.15 32.73 -66.31
C SER EC 327 81.71 31.38 -65.76
N LEU EC 328 81.76 30.37 -66.62
CA LEU EC 328 81.28 29.03 -66.31
C LEU EC 328 82.43 28.05 -66.43
N PHE EC 329 82.53 27.13 -65.47
CA PHE EC 329 83.54 26.08 -65.34
C PHE EC 329 84.96 26.63 -65.29
N LYS EC 330 85.18 27.83 -64.74
CA LYS EC 330 86.51 28.40 -64.56
C LYS EC 330 86.76 28.65 -63.07
N PRO EC 331 87.99 28.50 -62.60
CA PRO EC 331 88.28 28.77 -61.19
C PRO EC 331 88.26 30.26 -60.88
N ARG EC 332 88.21 30.57 -59.58
CA ARG EC 332 88.10 31.96 -59.13
C ARG EC 332 89.37 32.76 -59.43
N ASN EC 333 90.54 32.14 -59.28
CA ASN EC 333 91.80 32.84 -59.43
C ASN EC 333 92.26 32.97 -60.88
N ALA EC 334 91.47 32.46 -61.83
CA ALA EC 334 91.82 32.53 -63.24
C ALA EC 334 91.34 33.86 -63.80
N TYR EC 335 92.29 34.74 -64.12
CA TYR EC 335 92.00 36.04 -64.70
C TYR EC 335 92.74 36.29 -66.01
N LEU EC 336 93.62 35.38 -66.40
CA LEU EC 336 94.46 35.49 -67.59
C LEU EC 336 93.73 34.92 -68.81
N PRO EC 337 93.88 35.61 -69.96
CA PRO EC 337 93.01 35.32 -71.12
C PRO EC 337 93.12 33.91 -71.67
N GLN EC 338 94.29 33.29 -71.60
CA GLN EC 338 94.44 31.96 -72.19
C GLN EC 338 93.70 30.88 -71.42
N GLU EC 339 93.74 30.89 -70.09
CA GLU EC 339 92.95 29.88 -69.38
C GLU EC 339 91.51 30.33 -69.18
N LEU EC 340 91.21 31.61 -69.39
CA LEU EC 340 89.79 31.97 -69.51
C LEU EC 340 89.18 31.44 -70.80
N LEU EC 341 89.91 31.55 -71.92
CA LEU EC 341 89.35 31.25 -73.23
C LEU EC 341 89.49 29.78 -73.60
N GLY EC 342 90.54 29.11 -73.12
CA GLY EC 342 90.83 27.77 -73.58
C GLY EC 342 91.62 27.79 -74.88
N LYS EC 343 91.80 26.59 -75.43
CA LYS EC 343 92.49 26.46 -76.71
C LYS EC 343 91.65 27.03 -77.85
N GLU EC 344 90.36 26.67 -77.88
CA GLU EC 344 89.48 27.11 -78.96
C GLU EC 344 89.18 28.59 -78.85
N GLY EC 345 89.26 29.16 -77.65
CA GLY EC 345 89.04 30.58 -77.50
C GLY EC 345 90.19 31.42 -78.01
N PHE EC 346 91.39 31.17 -77.47
CA PHE EC 346 92.56 31.96 -77.84
C PHE EC 346 92.99 31.70 -79.28
N ASP EC 347 92.85 30.45 -79.75
CA ASP EC 347 93.27 30.09 -81.09
C ASP EC 347 92.40 30.80 -82.14
N ALA EC 348 91.10 30.88 -81.89
CA ALA EC 348 90.20 31.58 -82.79
C ALA EC 348 90.12 33.08 -82.52
N LEU EC 349 90.62 33.54 -81.38
CA LEU EC 349 90.64 34.98 -81.10
C LEU EC 349 91.96 35.62 -81.52
N ASP EC 350 92.98 34.80 -81.91
CA ASP EC 350 94.13 34.95 -82.82
C ASP EC 350 94.87 36.26 -82.43
N PRO EC 351 95.57 37.08 -83.26
CA PRO EC 351 96.12 38.32 -82.67
C PRO EC 351 95.08 39.33 -82.21
N PHE EC 352 95.18 39.69 -80.93
CA PHE EC 352 94.44 40.80 -80.36
C PHE EC 352 95.43 41.74 -79.68
N ILE EC 353 94.90 42.77 -79.03
CA ILE EC 353 95.70 43.63 -78.17
C ILE EC 353 95.27 43.39 -76.73
N PRO EC 354 96.08 42.67 -75.92
CA PRO EC 354 95.66 42.32 -74.55
C PRO EC 354 95.97 43.37 -73.50
N ILE EC 355 95.08 44.33 -73.30
CA ILE EC 355 95.34 45.41 -72.36
C ILE EC 355 94.96 44.98 -70.94
N LEU EC 356 95.88 45.20 -70.01
CA LEU EC 356 95.65 44.91 -68.60
C LEU EC 356 94.94 46.07 -67.93
N VAL EC 357 93.91 45.76 -67.15
CA VAL EC 357 93.26 46.71 -66.27
C VAL EC 357 93.73 46.40 -64.86
N SER EC 358 94.45 47.36 -64.26
CA SER EC 358 95.12 47.14 -62.99
C SER EC 358 94.37 47.85 -61.87
N ASN EC 359 94.95 47.81 -60.68
CA ASN EC 359 94.33 48.38 -59.50
C ASN EC 359 94.54 49.89 -59.46
N TYR EC 360 94.11 50.50 -58.36
CA TYR EC 360 94.32 51.93 -58.16
C TYR EC 360 95.79 52.23 -57.90
N ASN EC 361 96.20 53.43 -58.28
CA ASN EC 361 97.42 54.04 -57.76
C ASN EC 361 97.02 54.89 -56.57
N PRO EC 362 97.98 55.38 -55.76
CA PRO EC 362 97.62 56.32 -54.69
C PRO EC 362 96.91 57.59 -55.14
N LYS EC 363 97.24 58.12 -56.32
CA LYS EC 363 96.55 59.29 -56.84
C LYS EC 363 95.09 58.98 -57.15
N GLU EC 364 94.83 57.83 -57.78
CA GLU EC 364 93.46 57.43 -58.06
C GLU EC 364 92.69 57.12 -56.78
N PHE EC 365 93.37 56.56 -55.77
CA PHE EC 365 92.73 56.28 -54.49
C PHE EC 365 92.32 57.57 -53.80
N GLU EC 366 93.22 58.56 -53.74
CA GLU EC 366 92.89 59.84 -53.12
C GLU EC 366 91.81 60.58 -53.91
N SER EC 367 91.84 60.46 -55.24
CA SER EC 367 90.80 61.08 -56.07
C SER EC 367 89.44 60.46 -55.82
N CYS EC 368 89.37 59.13 -55.71
CA CYS EC 368 88.10 58.45 -55.47
C CYS EC 368 87.56 58.76 -54.09
N ILE EC 369 88.45 58.78 -53.08
CA ILE EC 369 88.02 59.07 -51.71
C ILE EC 369 87.55 60.52 -51.58
N GLN EC 370 88.26 61.46 -52.21
CA GLN EC 370 87.85 62.85 -52.14
C GLN EC 370 86.58 63.09 -52.94
N TYR EC 371 86.37 62.32 -54.02
CA TYR EC 371 85.09 62.36 -54.74
C TYR EC 371 83.95 61.87 -53.86
N TYR EC 372 84.20 60.80 -53.08
CA TYR EC 372 83.18 60.28 -52.18
C TYR EC 372 82.85 61.26 -51.05
N LEU EC 373 83.86 61.96 -50.53
CA LEU EC 373 83.59 63.01 -49.53
C LEU EC 373 83.00 64.28 -50.13
N GLU EC 374 83.24 64.58 -51.42
CA GLU EC 374 82.47 65.64 -52.08
C GLU EC 374 81.01 65.26 -52.22
N ASN EC 375 80.71 63.99 -52.47
CA ASN EC 375 79.33 63.51 -52.44
C ASN EC 375 78.85 63.11 -51.06
N ASN EC 376 79.67 63.36 -50.02
CA ASN EC 376 79.52 63.01 -48.60
C ASN EC 376 78.96 61.60 -48.39
N TRP EC 377 79.48 60.65 -49.16
CA TRP EC 377 79.01 59.27 -49.08
C TRP EC 377 79.53 58.54 -47.85
N LEU EC 378 80.68 58.94 -47.32
CA LEU EC 378 81.25 58.34 -46.12
C LEU EC 378 80.71 59.08 -44.91
N GLN EC 379 79.72 58.50 -44.23
CA GLN EC 379 79.06 59.14 -43.11
C GLN EC 379 79.70 58.79 -41.77
N HIS EC 380 80.76 57.99 -41.76
CA HIS EC 380 81.47 57.69 -40.52
C HIS EC 380 82.28 58.91 -40.09
N GLU EC 381 82.43 59.08 -38.77
CA GLU EC 381 83.03 60.29 -38.23
C GLU EC 381 84.53 60.35 -38.49
N LYS EC 382 85.26 59.26 -38.24
CA LYS EC 382 86.71 59.27 -38.39
C LYS EC 382 87.13 58.80 -39.79
N ALA EC 383 86.16 58.56 -40.68
CA ALA EC 383 86.46 58.27 -42.08
C ALA EC 383 87.04 59.45 -42.84
N HIS EC 384 86.89 60.67 -42.31
CA HIS EC 384 87.49 61.84 -42.93
C HIS EC 384 88.97 61.98 -42.60
N THR EC 385 89.48 61.21 -41.65
CA THR EC 385 90.87 61.31 -41.25
C THR EC 385 91.75 60.38 -42.10
N GLU EC 386 93.07 60.51 -41.92
CA GLU EC 386 94.02 59.73 -42.69
C GLU EC 386 94.09 58.27 -42.24
N GLU EC 387 93.77 58.00 -40.97
CA GLU EC 387 93.76 56.64 -40.46
C GLU EC 387 92.67 55.81 -41.13
N GLY EC 388 91.50 56.43 -41.37
CA GLY EC 388 90.44 55.75 -42.09
C GLY EC 388 90.81 55.47 -43.54
N LYS EC 389 91.55 56.38 -44.17
CA LYS EC 389 92.05 56.17 -45.53
C LYS EC 389 93.06 55.02 -45.57
N LYS EC 390 93.93 54.94 -44.55
CA LYS EC 390 94.88 53.84 -44.46
C LYS EC 390 94.17 52.50 -44.27
N GLU EC 391 93.14 52.48 -43.42
CA GLU EC 391 92.35 51.27 -43.23
C GLU EC 391 91.60 50.86 -44.49
N LEU EC 392 91.05 51.84 -45.22
CA LEU EC 392 90.39 51.57 -46.49
C LEU EC 392 91.36 51.01 -47.51
N LEU EC 393 92.58 51.56 -47.55
CA LEU EC 393 93.61 51.05 -48.46
C LEU EC 393 94.02 49.62 -48.12
N PHE EC 394 94.14 49.30 -46.82
CA PHE EC 394 94.57 47.96 -46.45
C PHE EC 394 93.48 46.93 -46.71
N LEU EC 395 92.22 47.25 -46.38
CA LEU EC 395 91.15 46.27 -46.63
C LEU EC 395 90.82 46.14 -48.10
N SER EC 396 90.78 47.24 -48.85
CA SER EC 396 90.47 47.16 -50.27
C SER EC 396 91.62 46.64 -51.11
N ASN EC 397 92.87 46.77 -50.62
CA ASN EC 397 94.10 46.55 -51.39
C ASN EC 397 94.07 47.36 -52.70
N ARG EC 398 93.66 48.62 -52.57
CA ARG EC 398 93.41 49.61 -53.64
C ARG EC 398 92.68 49.01 -54.84
N ASN EC 399 91.62 48.25 -54.55
CA ASN EC 399 90.75 47.70 -55.58
C ASN EC 399 89.43 48.45 -55.58
N PRO EC 400 88.95 48.93 -56.74
CA PRO EC 400 87.73 49.78 -56.74
C PRO EC 400 86.44 49.06 -56.38
N GLY EC 401 86.29 47.80 -56.79
CA GLY EC 401 85.08 47.07 -56.43
C GLY EC 401 84.99 46.78 -54.94
N GLN EC 402 86.11 46.38 -54.34
CA GLN EC 402 86.16 46.20 -52.90
C GLN EC 402 85.99 47.51 -52.16
N LEU EC 403 86.53 48.61 -52.72
CA LEU EC 403 86.33 49.93 -52.14
C LEU EC 403 84.86 50.32 -52.16
N GLU EC 404 84.16 50.00 -53.24
CA GLU EC 404 82.72 50.27 -53.32
C GLU EC 404 81.95 49.42 -52.30
N ARG EC 405 82.36 48.16 -52.13
CA ARG EC 405 81.68 47.28 -51.19
C ARG EC 405 81.88 47.72 -49.74
N LEU EC 406 83.07 48.21 -49.40
CA LEU EC 406 83.26 48.79 -48.06
C LEU EC 406 82.55 50.12 -47.89
N CYS EC 407 82.61 51.01 -48.90
CA CYS EC 407 81.99 52.31 -48.73
C CYS EC 407 80.48 52.29 -48.86
N ALA EC 408 79.89 51.17 -49.29
CA ALA EC 408 78.44 51.05 -49.30
C ALA EC 408 77.86 51.05 -47.88
N TYR EC 409 78.49 50.33 -46.95
CA TYR EC 409 77.97 50.21 -45.60
C TYR EC 409 78.67 51.09 -44.59
N LEU EC 410 79.83 51.67 -44.93
CA LEU EC 410 80.56 52.51 -44.00
C LEU EC 410 79.86 53.85 -43.78
N SER FC 268 126.58 -48.12 -46.81
CA SER FC 268 127.73 -48.21 -45.90
C SER FC 268 127.36 -47.73 -44.50
N LEU FC 269 126.83 -48.63 -43.69
CA LEU FC 269 126.44 -48.31 -42.32
C LEU FC 269 127.64 -48.04 -41.43
N TRP FC 270 128.78 -48.68 -41.69
CA TRP FC 270 129.94 -48.54 -40.82
C TRP FC 270 130.62 -47.18 -40.97
N ASP FC 271 130.56 -46.58 -42.16
CA ASP FC 271 131.03 -45.21 -42.31
C ASP FC 271 130.16 -44.23 -41.54
N ILE FC 272 128.84 -44.45 -41.52
CA ILE FC 272 127.94 -43.61 -40.76
C ILE FC 272 128.18 -43.80 -39.25
N GLU FC 273 128.43 -45.03 -38.83
CA GLU FC 273 128.75 -45.30 -37.43
C GLU FC 273 130.08 -44.68 -37.02
N PHE FC 274 131.08 -44.70 -37.91
CA PHE FC 274 132.35 -44.03 -37.65
C PHE FC 274 132.18 -42.52 -37.55
N ALA FC 275 131.36 -41.94 -38.44
CA ALA FC 275 131.08 -40.51 -38.39
C ALA FC 275 130.34 -40.13 -37.11
N LYS FC 276 129.40 -40.96 -36.67
CA LYS FC 276 128.67 -40.68 -35.43
C LYS FC 276 129.55 -40.85 -34.19
N GLN FC 277 130.43 -41.85 -34.17
CA GLN FC 277 131.37 -42.01 -33.06
C GLN FC 277 132.42 -40.91 -33.03
N LEU FC 278 132.82 -40.38 -34.18
CA LEU FC 278 133.72 -39.23 -34.18
C LEU FC 278 133.00 -37.95 -33.77
N ALA FC 279 131.75 -37.78 -34.22
CA ALA FC 279 130.95 -36.61 -33.89
C ALA FC 279 130.50 -36.59 -32.43
N ALA FC 280 130.38 -37.75 -31.78
CA ALA FC 280 130.11 -37.76 -30.35
C ALA FC 280 131.30 -37.27 -29.56
N VAL FC 281 132.51 -37.59 -30.02
CA VAL FC 281 133.72 -37.03 -29.42
C VAL FC 281 133.81 -35.54 -29.68
N THR FC 282 133.51 -35.13 -30.92
CA THR FC 282 133.61 -33.73 -31.31
C THR FC 282 132.60 -32.84 -30.61
N GLU FC 283 131.34 -33.29 -30.46
CA GLU FC 283 130.29 -32.48 -29.86
C GLU FC 283 130.52 -32.42 -28.35
N ARG FC 284 130.03 -31.39 -27.75
CA ARG FC 284 130.11 -31.14 -26.32
C ARG FC 284 128.85 -30.43 -25.84
N PRO FC 285 128.56 -30.46 -24.53
CA PRO FC 285 127.62 -29.50 -23.96
C PRO FC 285 128.10 -28.07 -24.20
N PHE FC 286 127.14 -27.17 -24.46
CA PHE FC 286 127.47 -25.84 -24.93
C PHE FC 286 128.09 -24.98 -23.82
N GLN FC 287 129.22 -24.36 -24.15
CA GLN FC 287 129.94 -23.52 -23.20
C GLN FC 287 129.73 -22.04 -23.46
N ASN FC 288 129.09 -21.67 -24.56
CA ASN FC 288 128.89 -20.26 -24.86
C ASN FC 288 127.60 -20.08 -25.64
N GLY FC 289 126.99 -18.90 -25.45
CA GLY FC 289 125.80 -18.55 -26.19
C GLY FC 289 126.05 -18.46 -27.69
N PHE FC 290 127.20 -17.92 -28.08
CA PHE FC 290 127.57 -17.86 -29.50
C PHE FC 290 127.75 -19.26 -30.08
N GLU FC 291 128.23 -20.20 -29.26
CA GLU FC 291 128.31 -21.59 -29.69
C GLU FC 291 126.92 -22.18 -29.89
N GLU FC 292 125.96 -21.79 -29.04
CA GLU FC 292 124.57 -22.20 -29.24
C GLU FC 292 124.00 -21.64 -30.55
N MET FC 293 124.31 -20.37 -30.85
CA MET FC 293 123.81 -19.78 -32.10
C MET FC 293 124.44 -20.40 -33.34
N ILE FC 294 125.75 -20.72 -33.30
CA ILE FC 294 126.36 -21.31 -34.49
C ILE FC 294 125.87 -22.75 -34.69
N GLN FC 295 125.61 -23.48 -33.60
CA GLN FC 295 125.11 -24.83 -33.73
C GLN FC 295 123.67 -24.81 -34.26
N TRP FC 296 122.86 -23.86 -33.79
CA TRP FC 296 121.48 -23.78 -34.30
C TRP FC 296 121.42 -23.29 -35.73
N THR FC 297 122.35 -22.40 -36.13
CA THR FC 297 122.35 -21.93 -37.51
C THR FC 297 122.83 -23.02 -38.47
N LYS FC 298 123.86 -23.77 -38.07
CA LYS FC 298 124.31 -24.91 -38.87
C LYS FC 298 123.28 -26.03 -38.93
N GLU FC 299 122.50 -26.22 -37.85
CA GLU FC 299 121.45 -27.22 -37.88
C GLU FC 299 120.26 -26.75 -38.72
N GLY FC 300 119.99 -25.45 -38.75
CA GLY FC 300 118.86 -24.89 -39.46
C GLY FC 300 117.78 -24.33 -38.57
N LYS FC 301 117.95 -24.40 -37.25
CA LYS FC 301 116.96 -23.88 -36.32
C LYS FC 301 116.84 -22.36 -36.41
N LEU FC 302 117.97 -21.67 -36.54
CA LEU FC 302 117.99 -20.23 -36.53
C LEU FC 302 118.02 -19.69 -37.96
N TRP FC 303 117.48 -18.49 -38.13
CA TRP FC 303 117.48 -17.76 -39.39
C TRP FC 303 118.89 -17.43 -39.84
N GLU FC 304 119.07 -17.32 -41.15
CA GLU FC 304 120.37 -16.99 -41.74
C GLU FC 304 120.49 -15.48 -41.88
N PHE FC 305 121.45 -14.89 -41.16
CA PHE FC 305 121.54 -13.44 -41.13
C PHE FC 305 122.60 -12.94 -42.11
N PRO FC 306 122.31 -11.86 -42.87
CA PRO FC 306 121.11 -11.01 -42.88
C PRO FC 306 119.90 -11.65 -43.56
N ILE FC 307 118.71 -11.28 -43.10
CA ILE FC 307 117.49 -12.00 -43.50
C ILE FC 307 117.02 -11.47 -44.85
N ASN FC 308 116.63 -12.38 -45.74
CA ASN FC 308 115.84 -12.06 -46.90
C ASN FC 308 114.54 -12.86 -46.78
N ASN FC 309 113.44 -12.28 -47.23
CA ASN FC 309 112.13 -12.88 -46.98
C ASN FC 309 111.90 -14.12 -47.83
N GLU FC 310 112.62 -14.28 -48.93
CA GLU FC 310 112.47 -15.44 -49.80
C GLU FC 310 113.53 -16.51 -49.53
N ALA FC 311 114.00 -16.65 -48.29
CA ALA FC 311 115.03 -17.63 -47.99
C ALA FC 311 114.45 -19.04 -47.94
N GLY FC 312 114.88 -19.89 -48.87
CA GLY FC 312 114.43 -21.26 -48.96
C GLY FC 312 113.35 -21.51 -50.00
N PHE FC 313 112.81 -20.46 -50.61
CA PHE FC 313 111.76 -20.58 -51.62
C PHE FC 313 112.29 -20.01 -52.93
N ASP FC 314 112.62 -20.89 -53.87
CA ASP FC 314 113.10 -20.48 -55.18
C ASP FC 314 112.03 -20.56 -56.26
N ASP FC 315 110.82 -20.99 -55.89
CA ASP FC 315 109.67 -21.18 -56.80
C ASP FC 315 110.02 -22.09 -57.96
N ASP FC 316 110.65 -23.22 -57.60
CA ASP FC 316 111.07 -24.29 -58.51
C ASP FC 316 112.04 -23.79 -59.59
N GLY FC 317 112.82 -22.76 -59.27
CA GLY FC 317 113.79 -22.23 -60.21
C GLY FC 317 113.20 -21.50 -61.40
N SER FC 318 111.92 -21.12 -61.32
CA SER FC 318 111.26 -20.48 -62.46
C SER FC 318 111.70 -19.04 -62.60
N GLU FC 319 111.62 -18.53 -63.83
CA GLU FC 319 111.96 -17.15 -64.13
C GLU FC 319 110.70 -16.36 -64.43
N PHE FC 320 110.89 -15.07 -64.74
CA PHE FC 320 109.75 -14.18 -64.92
C PHE FC 320 109.03 -14.43 -66.24
N HIS FC 321 109.73 -14.99 -67.23
CA HIS FC 321 109.10 -15.21 -68.53
C HIS FC 321 108.12 -16.37 -68.52
N GLU FC 322 108.30 -17.33 -67.61
CA GLU FC 322 107.30 -18.39 -67.45
C GLU FC 322 106.09 -17.92 -66.65
N HIS FC 323 106.22 -16.83 -65.90
CA HIS FC 323 105.11 -16.30 -65.09
C HIS FC 323 104.30 -15.27 -65.85
N ILE FC 324 104.96 -14.42 -66.63
CA ILE FC 324 104.26 -13.30 -67.26
C ILE FC 324 103.62 -13.73 -68.57
N PHE FC 325 104.42 -14.24 -69.50
CA PHE FC 325 103.97 -14.51 -70.86
C PHE FC 325 103.41 -15.92 -70.93
N LEU FC 326 102.09 -16.03 -71.11
CA LEU FC 326 101.40 -17.31 -71.20
C LEU FC 326 100.96 -17.62 -72.63
N ASP FC 327 101.64 -17.06 -73.63
CA ASP FC 327 101.18 -17.21 -75.01
C ASP FC 327 101.45 -18.60 -75.56
N LYS FC 328 102.43 -19.31 -75.01
CA LYS FC 328 102.79 -20.61 -75.56
C LYS FC 328 101.80 -21.70 -75.14
N TYR FC 329 100.99 -21.44 -74.12
CA TYR FC 329 99.91 -22.35 -73.75
C TYR FC 329 98.57 -21.96 -74.37
N LEU FC 330 98.55 -20.90 -75.17
CA LEU FC 330 97.36 -20.53 -75.93
C LEU FC 330 97.43 -20.97 -77.38
N GLN FC 331 98.24 -21.97 -77.70
CA GLN FC 331 98.49 -22.33 -79.10
C GLN FC 331 97.29 -23.01 -79.74
N ASP FC 332 96.64 -23.92 -79.01
CA ASP FC 332 95.49 -24.66 -79.53
C ASP FC 332 94.19 -23.99 -79.05
N PHE FC 333 93.86 -22.86 -79.65
CA PHE FC 333 92.63 -22.13 -79.33
C PHE FC 333 92.03 -21.52 -80.60
N PRO FC 334 90.71 -21.30 -80.65
CA PRO FC 334 90.13 -20.58 -81.78
C PRO FC 334 90.60 -19.13 -81.80
N LYS FC 335 91.32 -18.76 -82.86
CA LYS FC 335 92.13 -17.55 -82.87
C LYS FC 335 91.33 -16.26 -82.99
N GLN FC 336 90.08 -16.34 -83.45
CA GLN FC 336 89.34 -15.13 -83.81
C GLN FC 336 88.03 -14.96 -83.07
N GLY FC 337 87.66 -15.92 -82.22
CA GLY FC 337 86.37 -15.86 -81.56
C GLY FC 337 86.41 -15.21 -80.19
N PRO FC 338 85.32 -15.37 -79.42
CA PRO FC 338 85.35 -14.88 -78.03
C PRO FC 338 86.16 -15.75 -77.09
N ILE FC 339 86.57 -16.94 -77.54
CA ILE FC 339 87.45 -17.80 -76.76
C ILE FC 339 88.80 -17.12 -76.54
N ARG FC 340 89.34 -16.47 -77.59
CA ARG FC 340 90.59 -15.74 -77.45
C ARG FC 340 90.44 -14.55 -76.52
N HIS FC 341 89.30 -13.85 -76.58
CA HIS FC 341 88.96 -12.76 -75.67
C HIS FC 341 89.01 -13.22 -74.22
N PHE FC 342 88.30 -14.32 -73.94
CA PHE FC 342 88.20 -14.86 -72.60
C PHE FC 342 89.56 -15.34 -72.09
N MET FC 343 90.33 -16.00 -72.97
CA MET FC 343 91.63 -16.52 -72.56
C MET FC 343 92.67 -15.42 -72.39
N GLU FC 344 92.59 -14.31 -73.13
CA GLU FC 344 93.58 -13.27 -72.86
C GLU FC 344 93.24 -12.51 -71.59
N LEU FC 345 91.95 -12.36 -71.26
CA LEU FC 345 91.60 -11.84 -69.93
C LEU FC 345 92.08 -12.77 -68.81
N VAL FC 346 91.90 -14.09 -68.99
CA VAL FC 346 92.32 -15.06 -67.97
C VAL FC 346 93.84 -15.07 -67.82
N THR FC 347 94.57 -15.05 -68.93
CA THR FC 347 96.03 -15.10 -68.86
C THR FC 347 96.61 -13.77 -68.38
N CYS FC 348 95.91 -12.66 -68.63
CA CYS FC 348 96.31 -11.39 -68.03
C CYS FC 348 96.15 -11.42 -66.52
N GLY FC 349 95.05 -12.03 -66.04
CA GLY FC 349 94.89 -12.21 -64.60
C GLY FC 349 95.94 -13.12 -64.00
N LEU FC 350 96.28 -14.20 -64.71
CA LEU FC 350 97.31 -15.13 -64.22
C LEU FC 350 98.69 -14.49 -64.23
N SER FC 351 98.95 -13.61 -65.20
CA SER FC 351 100.21 -12.87 -65.22
C SER FC 351 100.27 -11.85 -64.10
N LYS FC 352 99.15 -11.21 -63.79
CA LYS FC 352 99.10 -10.25 -62.70
C LYS FC 352 99.14 -10.89 -61.31
N ASN FC 353 98.71 -12.15 -61.19
CA ASN FC 353 98.60 -12.79 -59.88
C ASN FC 353 99.97 -13.15 -59.35
N PRO FC 354 100.35 -12.70 -58.14
CA PRO FC 354 101.67 -13.05 -57.60
C PRO FC 354 101.68 -14.34 -56.79
N TYR FC 355 100.54 -14.80 -56.28
CA TYR FC 355 100.51 -15.82 -55.25
C TYR FC 355 100.43 -17.25 -55.80
N LEU FC 356 100.34 -17.41 -57.12
CA LEU FC 356 99.99 -18.69 -57.70
C LEU FC 356 101.16 -19.21 -58.53
N SER FC 357 101.42 -20.52 -58.42
CA SER FC 357 102.60 -21.10 -59.04
C SER FC 357 102.32 -21.43 -60.52
N VAL FC 358 103.40 -21.62 -61.28
CA VAL FC 358 103.30 -21.75 -62.73
C VAL FC 358 102.66 -23.10 -63.10
N LYS FC 359 102.88 -24.13 -62.27
CA LYS FC 359 102.27 -25.43 -62.52
C LYS FC 359 100.76 -25.35 -62.32
N GLN FC 360 100.33 -24.57 -61.33
CA GLN FC 360 98.89 -24.39 -61.11
C GLN FC 360 98.27 -23.49 -62.18
N LYS FC 361 99.04 -22.54 -62.73
CA LYS FC 361 98.54 -21.78 -63.88
C LYS FC 361 98.35 -22.68 -65.10
N VAL FC 362 99.30 -23.60 -65.33
CA VAL FC 362 99.16 -24.60 -66.39
C VAL FC 362 97.94 -25.49 -66.13
N GLU FC 363 97.70 -25.81 -64.85
CA GLU FC 363 96.52 -26.59 -64.49
C GLU FC 363 95.22 -25.83 -64.76
N HIS FC 364 95.22 -24.51 -64.55
CA HIS FC 364 94.04 -23.70 -64.85
C HIS FC 364 93.78 -23.63 -66.35
N ILE FC 365 94.85 -23.44 -67.15
CA ILE FC 365 94.70 -23.39 -68.60
C ILE FC 365 94.26 -24.75 -69.15
N GLU FC 366 94.80 -25.85 -68.61
CA GLU FC 366 94.39 -27.17 -69.05
C GLU FC 366 92.99 -27.52 -68.58
N TRP FC 367 92.55 -27.00 -67.43
CA TRP FC 367 91.17 -27.15 -67.01
C TRP FC 367 90.22 -26.43 -67.98
N PHE FC 368 90.61 -25.24 -68.43
CA PHE FC 368 89.76 -24.51 -69.36
C PHE FC 368 89.72 -25.21 -70.72
N ARG FC 369 90.86 -25.76 -71.14
CA ARG FC 369 90.95 -26.56 -72.36
C ARG FC 369 90.07 -27.80 -72.27
N ASN FC 370 90.11 -28.48 -71.11
CA ASN FC 370 89.30 -29.67 -70.87
C ASN FC 370 87.81 -29.34 -70.87
N TYR FC 371 87.43 -28.23 -70.23
CA TYR FC 371 86.04 -27.78 -70.20
C TYR FC 371 85.50 -27.49 -71.60
N PHE FC 372 86.28 -26.75 -72.39
CA PHE FC 372 85.84 -26.43 -73.75
C PHE FC 372 85.94 -27.65 -74.67
N ASN FC 373 86.71 -28.68 -74.25
CA ASN FC 373 86.74 -29.92 -75.00
C ASN FC 373 85.53 -30.81 -74.72
N GLU FC 374 85.07 -30.89 -73.46
CA GLU FC 374 83.86 -31.66 -73.19
C GLU FC 374 82.62 -30.96 -73.74
N LYS FC 375 82.49 -29.66 -73.52
CA LYS FC 375 81.35 -28.92 -74.06
C LYS FC 375 81.69 -28.41 -75.46
N ARG FC 376 81.15 -29.10 -76.47
CA ARG FC 376 81.37 -28.80 -77.88
C ARG FC 376 80.10 -28.39 -78.60
N VAL FC 377 78.97 -29.02 -78.28
CA VAL FC 377 77.73 -28.80 -79.04
C VAL FC 377 77.16 -27.41 -78.74
N ILE FC 378 77.27 -26.96 -77.48
CA ILE FC 378 76.71 -25.67 -77.08
C ILE FC 378 77.44 -24.51 -77.75
N LEU FC 379 78.71 -24.67 -78.10
CA LEU FC 379 79.40 -23.68 -78.93
C LEU FC 379 78.86 -23.68 -80.35
N LYS FC 380 78.35 -24.83 -80.83
CA LYS FC 380 77.77 -24.86 -82.17
C LYS FC 380 76.39 -24.21 -82.18
N GLU FC 381 75.56 -24.45 -81.16
CA GLU FC 381 74.28 -23.74 -81.15
C GLU FC 381 74.38 -22.34 -80.56
N SER FC 382 75.56 -21.91 -80.12
CA SER FC 382 75.76 -20.51 -79.75
C SER FC 382 75.55 -19.55 -80.92
N GLY FC 383 75.95 -19.94 -82.13
CA GLY FC 383 75.82 -19.09 -83.29
C GLY FC 383 77.14 -18.73 -83.95
N ILE FC 384 78.27 -19.01 -83.30
CA ILE FC 384 79.59 -18.79 -83.90
C ILE FC 384 80.36 -20.11 -83.84
N GLN FC 385 81.02 -20.44 -84.95
CA GLN FC 385 81.72 -21.71 -85.02
C GLN FC 385 83.15 -21.56 -84.48
N LEU FC 386 83.50 -22.38 -83.50
CA LEU FC 386 84.80 -22.32 -82.86
C LEU FC 386 85.43 -23.70 -82.87
N ASN FC 387 86.76 -23.73 -83.01
CA ASN FC 387 87.50 -24.98 -83.03
C ASN FC 387 87.97 -25.35 -81.63
N LEU GC 4 90.89 12.98 -77.56
CA LEU GC 4 90.91 11.56 -77.83
C LEU GC 4 91.09 11.29 -79.33
N SER GC 5 92.22 10.71 -79.69
CA SER GC 5 92.55 10.44 -81.08
C SER GC 5 92.95 8.97 -81.26
N GLU GC 6 93.00 8.55 -82.52
CA GLU GC 6 93.35 7.17 -82.87
C GLU GC 6 94.83 6.91 -82.58
N TYR GC 7 95.66 7.95 -82.67
CA TYR GC 7 97.03 7.89 -82.19
C TYR GC 7 97.09 7.57 -80.70
N ALA GC 8 96.23 8.21 -79.91
CA ALA GC 8 96.18 7.95 -78.47
C ALA GC 8 95.66 6.55 -78.19
N VAL GC 9 94.75 6.06 -79.05
CA VAL GC 9 94.28 4.68 -78.95
C VAL GC 9 95.43 3.71 -79.18
N ARG GC 10 96.26 3.98 -80.19
CA ARG GC 10 97.40 3.10 -80.47
C ARG GC 10 98.45 3.18 -79.37
N MET GC 11 98.66 4.36 -78.81
CA MET GC 11 99.61 4.52 -77.71
C MET GC 11 99.15 3.78 -76.46
N SER GC 12 97.85 3.89 -76.14
CA SER GC 12 97.30 3.17 -74.98
C SER GC 12 97.34 1.66 -75.20
N ARG GC 13 97.02 1.20 -76.41
CA ARG GC 13 97.06 -0.22 -76.72
C ARG GC 13 98.49 -0.77 -76.66
N LEU GC 14 99.45 0.00 -77.18
CA LEU GC 14 100.86 -0.41 -77.12
C LEU GC 14 101.38 -0.45 -75.69
N SER GC 15 100.99 0.55 -74.88
CA SER GC 15 101.38 0.57 -73.47
C SER GC 15 100.79 -0.61 -72.72
N ALA GC 16 99.54 -0.97 -73.05
CA ALA GC 16 98.92 -2.15 -72.44
C ALA GC 16 99.64 -3.43 -72.86
N ARG GC 17 100.06 -3.52 -74.12
CA ARG GC 17 100.79 -4.71 -74.57
C ARG GC 17 102.17 -4.84 -73.91
N LEU GC 18 102.91 -3.74 -73.77
CA LEU GC 18 104.22 -3.84 -73.13
C LEU GC 18 104.11 -4.04 -71.62
N PHE GC 19 103.22 -3.30 -70.94
CA PHE GC 19 103.13 -3.42 -69.50
C PHE GC 19 102.25 -4.58 -69.04
N GLY GC 20 101.61 -5.30 -69.96
CA GLY GC 20 100.92 -6.52 -69.60
C GLY GC 20 99.45 -6.38 -69.25
N GLU GC 21 98.84 -5.24 -69.53
CA GLU GC 21 97.41 -5.08 -69.29
C GLU GC 21 96.63 -5.59 -70.51
N VAL GC 22 95.32 -5.38 -70.51
CA VAL GC 22 94.49 -5.83 -71.64
C VAL GC 22 94.49 -4.73 -72.69
N ALA GC 23 94.88 -5.10 -73.91
CA ALA GC 23 95.05 -4.11 -74.98
C ALA GC 23 93.72 -3.71 -75.61
N ARG GC 24 92.93 -4.70 -76.02
CA ARG GC 24 91.66 -4.46 -76.65
C ARG GC 24 90.64 -3.94 -75.62
N PRO GC 25 89.63 -3.17 -76.06
CA PRO GC 25 88.68 -2.61 -75.09
C PRO GC 25 87.81 -3.67 -74.44
N THR GC 26 87.59 -3.51 -73.14
CA THR GC 26 86.95 -4.50 -72.28
C THR GC 26 85.98 -3.77 -71.36
N ASP GC 27 84.84 -4.40 -71.11
CA ASP GC 27 83.80 -3.80 -70.27
C ASP GC 27 84.22 -3.77 -68.81
N SER GC 28 83.58 -2.87 -68.05
CA SER GC 28 83.82 -2.81 -66.62
C SER GC 28 83.27 -4.05 -65.91
N LYS GC 29 82.20 -4.64 -66.44
CA LYS GC 29 81.74 -5.93 -65.95
C LYS GC 29 82.73 -7.03 -66.33
N SER GC 30 83.36 -6.89 -67.49
CA SER GC 30 84.25 -7.95 -67.98
C SER GC 30 85.66 -7.84 -67.42
N MET GC 31 85.97 -6.76 -66.68
CA MET GC 31 87.25 -6.69 -65.99
C MET GC 31 87.22 -7.47 -64.68
N LYS GC 32 86.03 -7.96 -64.30
CA LYS GC 32 85.88 -8.74 -63.08
C LYS GC 32 86.68 -10.03 -63.12
N VAL GC 33 86.67 -10.74 -64.24
CA VAL GC 33 87.36 -12.03 -64.35
C VAL GC 33 88.87 -11.83 -64.27
N VAL GC 34 89.36 -10.70 -64.78
CA VAL GC 34 90.75 -10.29 -64.62
C VAL GC 34 91.04 -10.04 -63.15
N LYS GC 35 90.08 -9.41 -62.46
CA LYS GC 35 90.28 -9.12 -61.04
C LYS GC 35 90.33 -10.40 -60.18
N LEU GC 36 89.44 -11.36 -60.45
CA LEU GC 36 89.50 -12.61 -59.67
C LEU GC 36 90.71 -13.46 -60.02
N PHE GC 37 91.14 -13.49 -61.27
CA PHE GC 37 92.37 -14.21 -61.59
C PHE GC 37 93.62 -13.49 -61.15
N SER GC 38 93.56 -12.18 -60.92
CA SER GC 38 94.71 -11.44 -60.40
C SER GC 38 94.80 -11.48 -58.88
N GLU GC 39 93.68 -11.54 -58.18
CA GLU GC 39 93.66 -11.57 -56.73
C GLU GC 39 93.63 -13.01 -56.24
N GLN GC 40 94.05 -13.20 -54.99
CA GLN GC 40 93.85 -14.48 -54.33
C GLN GC 40 92.37 -14.65 -54.01
N PRO GC 41 91.78 -15.82 -54.28
CA PRO GC 41 90.38 -16.03 -53.88
C PRO GC 41 90.24 -16.07 -52.37
N LEU GC 42 89.02 -15.77 -51.91
CA LEU GC 42 88.79 -15.50 -50.49
C LEU GC 42 88.97 -16.76 -49.63
N ALA GC 43 88.54 -17.91 -50.15
CA ALA GC 43 88.61 -19.15 -49.39
C ALA GC 43 90.03 -19.71 -49.28
N LYS GC 44 90.94 -19.29 -50.16
CA LYS GC 44 92.31 -19.80 -50.13
C LYS GC 44 93.25 -18.95 -49.29
N ARG GC 45 92.77 -17.84 -48.73
CA ARG GC 45 93.64 -16.98 -47.92
C ARG GC 45 93.93 -17.63 -46.57
N LYS GC 46 95.16 -17.45 -46.10
CA LYS GC 46 95.62 -18.09 -44.87
C LYS GC 46 94.87 -17.57 -43.66
N GLU GC 47 94.49 -16.29 -43.66
CA GLU GC 47 93.57 -15.74 -42.67
C GLU GC 47 92.21 -16.45 -42.66
N THR GC 48 91.76 -16.94 -43.81
CA THR GC 48 90.49 -17.63 -43.91
C THR GC 48 90.59 -19.10 -43.47
N TYR GC 49 91.49 -19.90 -44.07
CA TYR GC 49 91.44 -21.32 -43.70
C TYR GC 49 92.20 -21.59 -42.40
N ASP GC 50 93.26 -20.84 -42.11
CA ASP GC 50 94.01 -21.01 -40.87
C ASP GC 50 93.51 -20.08 -39.78
N TRP GC 51 92.22 -19.74 -39.80
CA TRP GC 51 91.60 -18.87 -38.81
C TRP GC 51 91.59 -19.51 -37.42
N TYR GC 52 91.27 -20.79 -37.36
CA TYR GC 52 91.13 -21.47 -36.09
C TYR GC 52 92.40 -22.24 -35.74
N PRO GC 53 92.82 -22.21 -34.48
CA PRO GC 53 93.81 -23.19 -34.00
C PRO GC 53 93.17 -24.57 -33.93
N ASN GC 54 94.02 -25.59 -34.04
CA ASN GC 54 93.54 -26.97 -34.07
C ASN GC 54 93.22 -27.40 -32.63
N HIS GC 55 92.00 -27.06 -32.19
CA HIS GC 55 91.56 -27.31 -30.82
C HIS GC 55 91.52 -28.78 -30.47
N ASN GC 56 91.24 -29.64 -31.46
CA ASN GC 56 91.22 -31.08 -31.24
C ASN GC 56 92.60 -31.60 -30.86
N THR GC 57 93.63 -31.17 -31.61
CA THR GC 57 94.99 -31.61 -31.31
C THR GC 57 95.50 -31.00 -30.02
N TYR GC 58 95.10 -29.75 -29.73
CA TYR GC 58 95.47 -29.11 -28.47
C TYR GC 58 94.89 -29.87 -27.28
N PHE GC 59 93.59 -30.15 -27.32
CA PHE GC 59 92.92 -30.86 -26.23
C PHE GC 59 93.45 -32.28 -26.08
N ALA GC 60 93.70 -32.96 -27.22
CA ALA GC 60 94.18 -34.34 -27.16
C ALA GC 60 95.61 -34.41 -26.62
N LEU GC 61 96.48 -33.51 -27.06
CA LEU GC 61 97.85 -33.46 -26.55
C LEU GC 61 97.87 -33.17 -25.06
N MET GC 62 97.05 -32.21 -24.62
CA MET GC 62 97.13 -31.83 -23.22
C MET GC 62 96.47 -32.87 -22.32
N GLY GC 63 95.45 -33.59 -22.83
CA GLY GC 63 94.90 -34.70 -22.09
C GLY GC 63 95.86 -35.88 -21.97
N THR GC 64 96.62 -36.16 -23.04
CA THR GC 64 97.62 -37.22 -22.98
C THR GC 64 98.74 -36.87 -22.01
N LEU GC 65 99.14 -35.59 -21.98
CA LEU GC 65 100.13 -35.17 -20.99
C LEU GC 65 99.56 -35.23 -19.57
N ARG GC 66 98.26 -34.95 -19.41
CA ARG GC 66 97.62 -35.07 -18.10
C ARG GC 66 97.61 -36.50 -17.60
N PHE GC 67 97.29 -37.46 -18.46
CA PHE GC 67 97.33 -38.85 -18.03
C PHE GC 67 98.75 -39.41 -17.95
N LEU GC 68 99.70 -38.79 -18.61
CA LEU GC 68 101.08 -39.23 -18.49
C LEU GC 68 101.83 -38.49 -17.38
N GLY GC 69 101.16 -37.57 -16.69
CA GLY GC 69 101.67 -36.99 -15.47
C GLY GC 69 102.88 -36.08 -15.64
N LEU GC 70 102.89 -35.31 -16.73
CA LEU GC 70 103.88 -34.27 -16.92
C LEU GC 70 103.24 -32.89 -16.81
N TYR GC 71 101.97 -32.78 -17.18
CA TYR GC 71 101.17 -31.60 -16.89
C TYR GC 71 100.02 -32.00 -15.97
N ARG GC 72 99.69 -31.12 -15.03
CA ARG GC 72 98.64 -31.36 -14.05
C ARG GC 72 97.51 -30.37 -14.29
N ASP GC 73 96.29 -30.87 -14.50
CA ASP GC 73 95.17 -30.03 -14.91
C ASP GC 73 94.17 -29.91 -13.77
N GLU GC 74 94.14 -28.74 -13.14
CA GLU GC 74 93.28 -28.49 -12.01
C GLU GC 74 91.80 -28.49 -12.38
N HIS GC 75 91.47 -28.08 -13.62
CA HIS GC 75 90.07 -27.99 -14.01
C HIS GC 75 89.45 -29.37 -14.21
N GLN GC 76 90.17 -30.28 -14.89
CA GLN GC 76 89.67 -31.65 -15.01
C GLN GC 76 89.77 -32.39 -13.69
N ASP GC 77 90.71 -32.00 -12.82
CA ASP GC 77 90.71 -32.50 -11.45
C ASP GC 77 89.43 -32.09 -10.72
N PHE GC 78 88.99 -30.85 -10.95
CA PHE GC 78 87.76 -30.35 -10.33
C PHE GC 78 86.53 -31.08 -10.85
N ARG GC 79 86.48 -31.29 -12.18
CA ARG GC 79 85.38 -32.07 -12.75
C ARG GC 79 85.36 -33.51 -12.26
N ASP GC 80 86.53 -34.13 -12.14
CA ASP GC 80 86.62 -35.51 -11.66
C ASP GC 80 86.17 -35.61 -10.20
N GLU GC 81 86.57 -34.63 -9.38
CA GLU GC 81 86.17 -34.64 -7.97
C GLU GC 81 84.68 -34.37 -7.81
N GLN GC 82 84.13 -33.47 -8.62
CA GLN GC 82 82.70 -33.18 -8.53
C GLN GC 82 81.85 -34.34 -9.02
N LEU GC 83 82.28 -35.02 -10.10
CA LEU GC 83 81.58 -36.20 -10.57
C LEU GC 83 81.71 -37.36 -9.58
N ARG GC 84 82.86 -37.48 -8.91
CA ARG GC 84 83.04 -38.47 -7.87
C ARG GC 84 82.11 -38.22 -6.69
N LEU GC 85 81.97 -36.94 -6.30
CA LEU GC 85 81.05 -36.60 -5.22
C LEU GC 85 79.60 -36.83 -5.61
N LYS GC 86 79.24 -36.54 -6.86
CA LYS GC 86 77.89 -36.80 -7.35
C LYS GC 86 77.57 -38.30 -7.37
N LYS GC 87 78.54 -39.12 -7.80
CA LYS GC 87 78.32 -40.56 -7.80
C LYS GC 87 78.33 -41.14 -6.39
N LEU GC 88 79.09 -40.52 -5.47
CA LEU GC 88 79.05 -40.93 -4.06
C LEU GC 88 77.71 -40.59 -3.43
N ARG GC 89 77.13 -39.43 -3.78
CA ARG GC 89 75.77 -39.10 -3.38
C ARG GC 89 74.74 -40.01 -4.02
N GLY GC 90 74.98 -40.51 -5.23
CA GLY GC 90 74.14 -41.50 -5.85
C GLY GC 90 73.49 -41.07 -7.15
N LYS GC 91 73.64 -39.80 -7.54
CA LYS GC 91 72.99 -39.28 -8.74
C LYS GC 91 74.04 -39.17 -9.85
N GLY GC 92 74.17 -40.24 -10.63
CA GLY GC 92 75.17 -40.32 -11.67
C GLY GC 92 74.57 -40.31 -13.07
N LYS GC 93 75.43 -40.62 -14.04
CA LYS GC 93 75.04 -40.62 -15.44
C LYS GC 93 74.55 -42.02 -15.81
N PRO GC 94 73.32 -42.17 -16.30
CA PRO GC 94 72.80 -43.51 -16.61
C PRO GC 94 73.43 -44.11 -17.85
N ARG GC 95 73.18 -45.41 -18.04
CA ARG GC 95 73.53 -46.07 -19.29
C ARG GC 95 72.71 -45.54 -20.46
N LYS GC 96 73.24 -45.69 -21.66
CA LYS GC 96 72.54 -45.30 -22.86
C LYS GC 96 71.43 -46.30 -23.18
N GLY GC 97 70.18 -45.88 -23.01
CA GLY GC 97 69.02 -46.70 -23.36
C GLY GC 97 68.18 -47.13 -22.18
N GLU GC 98 68.54 -46.74 -20.96
CA GLU GC 98 67.81 -47.23 -19.79
C GLU GC 98 66.93 -46.15 -19.17
N GLY GC 99 67.13 -44.89 -19.55
CA GLY GC 99 66.50 -43.77 -18.89
C GLY GC 99 64.99 -43.63 -18.99
N LYS GC 100 64.43 -43.82 -20.19
CA LYS GC 100 63.05 -43.46 -20.43
C LYS GC 100 62.07 -44.57 -20.09
N ARG GC 101 62.32 -45.78 -20.60
CA ARG GC 101 61.37 -46.88 -20.42
C ARG GC 101 61.41 -47.41 -18.98
N ALA GC 102 62.58 -47.37 -18.35
CA ALA GC 102 62.71 -47.84 -16.97
C ALA GC 102 62.65 -46.68 -15.99
N MET HC 1 26.87 -27.44 70.60
CA MET HC 1 27.22 -26.14 71.18
C MET HC 1 26.16 -25.09 70.84
N ALA HC 2 26.47 -23.82 71.10
CA ALA HC 2 25.56 -22.71 70.89
C ALA HC 2 26.10 -21.83 69.76
N ARG HC 3 25.25 -21.54 68.78
CA ARG HC 3 25.58 -20.63 67.69
C ARG HC 3 24.45 -19.65 67.50
N LYS HC 4 24.70 -18.60 66.70
CA LYS HC 4 23.70 -17.57 66.46
C LYS HC 4 22.68 -17.97 65.40
N LYS HC 5 22.89 -19.08 64.70
CA LYS HC 5 22.00 -19.53 63.64
C LYS HC 5 21.21 -20.77 64.00
N VAL HC 6 21.01 -21.04 65.30
CA VAL HC 6 20.28 -22.23 65.70
C VAL HC 6 18.79 -22.02 65.47
N ARG HC 7 18.12 -23.06 64.96
CA ARG HC 7 16.70 -22.93 64.64
C ARG HC 7 15.86 -23.76 65.60
N PRO HC 8 14.68 -23.25 66.02
CA PRO HC 8 13.90 -23.94 67.06
C PRO HC 8 13.16 -25.18 66.58
N ARG HC 9 13.83 -26.32 66.63
CA ARG HC 9 13.18 -27.61 66.35
C ARG HC 9 12.11 -27.89 67.41
N LEU HC 10 10.92 -28.29 66.95
CA LEU HC 10 9.84 -28.62 67.87
C LEU HC 10 9.41 -30.08 67.72
N ILE HC 11 9.61 -30.65 66.53
CA ILE HC 11 9.10 -31.98 66.21
C ILE HC 11 9.83 -33.08 66.97
N ALA HC 12 11.10 -32.88 67.33
CA ALA HC 12 11.80 -33.88 68.13
C ALA HC 12 11.23 -33.97 69.54
N GLU HC 13 10.99 -32.82 70.18
CA GLU HC 13 10.36 -32.78 71.49
C GLU HC 13 8.93 -33.33 71.44
N LEU HC 14 8.20 -32.98 70.37
CA LEU HC 14 6.83 -33.47 70.21
C LEU HC 14 6.82 -34.99 69.99
N ALA HC 15 7.79 -35.51 69.25
CA ALA HC 15 7.86 -36.95 68.99
C ALA HC 15 8.25 -37.71 70.25
N ARG HC 16 9.15 -37.17 71.06
CA ARG HC 16 9.50 -37.79 72.34
C ARG HC 16 8.28 -37.77 73.27
N ARG HC 17 7.51 -36.68 73.22
CA ARG HC 17 6.28 -36.55 74.00
C ARG HC 17 5.24 -37.60 73.60
N VAL HC 18 5.00 -37.74 72.29
CA VAL HC 18 4.02 -38.71 71.79
C VAL HC 18 4.50 -40.14 72.04
N ARG HC 19 5.81 -40.38 71.92
CA ARG HC 19 6.36 -41.70 72.19
C ARG HC 19 6.20 -42.10 73.65
N ALA HC 20 6.48 -41.17 74.58
CA ALA HC 20 6.27 -41.43 75.99
C ALA HC 20 4.80 -41.64 76.32
N LEU HC 21 3.92 -40.82 75.71
CA LEU HC 21 2.48 -40.99 75.89
C LEU HC 21 2.00 -42.35 75.39
N ARG HC 22 2.51 -42.79 74.24
CA ARG HC 22 2.10 -44.06 73.67
C ARG HC 22 2.62 -45.24 74.45
N GLU HC 23 3.84 -45.17 75.01
CA GLU HC 23 4.30 -46.32 75.81
C GLU HC 23 3.59 -46.35 77.16
N GLN HC 24 3.26 -45.19 77.72
CA GLN HC 24 2.49 -45.17 78.96
C GLN HC 24 1.06 -45.64 78.76
N ARG HC 25 0.50 -45.39 77.57
CA ARG HC 25 -0.87 -45.84 77.29
C ARG HC 25 -0.90 -47.32 76.95
N GLU HC 26 -0.03 -47.75 76.03
CA GLU HC 26 0.01 -49.13 75.57
C GLU HC 26 1.14 -49.93 76.20
N ARG HC 27 1.46 -49.68 77.47
CA ARG HC 27 2.34 -50.55 78.22
C ARG HC 27 1.74 -51.95 78.31
N PRO HC 28 2.46 -52.99 77.90
CA PRO HC 28 1.85 -54.33 77.84
C PRO HC 28 1.61 -54.91 79.23
N ARG HC 29 0.47 -55.58 79.38
CA ARG HC 29 0.20 -56.33 80.59
C ARG HC 29 1.12 -57.54 80.67
N ASP HC 30 1.41 -57.98 81.90
CA ASP HC 30 2.29 -59.12 82.13
C ASP HC 30 1.72 -60.43 81.58
N SER HC 31 0.40 -60.58 81.54
CA SER HC 31 -0.20 -61.81 81.03
C SER HC 31 0.05 -61.97 79.53
N GLN HC 32 -0.26 -60.94 78.74
CA GLN HC 32 -0.01 -61.02 77.31
C GLN HC 32 1.47 -60.89 76.98
N ARG HC 33 2.25 -60.30 77.89
CA ARG HC 33 3.69 -60.18 77.68
C ARG HC 33 4.37 -61.54 77.87
N TYR HC 34 3.92 -62.30 78.86
CA TYR HC 34 4.59 -63.50 79.35
C TYR HC 34 3.81 -64.79 79.10
N ALA HC 35 2.74 -64.75 78.30
CA ALA HC 35 2.06 -65.97 77.92
C ALA HC 35 2.93 -66.80 77.01
N LEU HC 36 2.86 -68.12 77.15
CA LEU HC 36 3.81 -69.02 76.51
C LEU HC 36 3.10 -70.10 75.72
N ASP HC 37 3.64 -70.40 74.54
CA ASP HC 37 3.22 -71.52 73.71
C ASP HC 37 4.12 -72.71 74.05
N TYR HC 38 3.51 -73.79 74.54
CA TYR HC 38 4.24 -74.86 75.20
C TYR HC 38 4.83 -75.91 74.25
N GLU HC 39 4.50 -75.85 72.96
CA GLU HC 39 5.11 -76.78 72.02
C GLU HC 39 6.32 -76.17 71.31
N THR HC 40 6.18 -74.96 70.80
CA THR HC 40 7.27 -74.30 70.09
C THR HC 40 8.32 -73.75 71.05
N MET HC 41 7.95 -73.52 72.31
CA MET HC 41 8.74 -72.76 73.30
C MET HC 41 9.19 -71.41 72.74
N MET HC 42 8.22 -70.67 72.20
CA MET HC 42 8.44 -69.39 71.54
C MET HC 42 7.43 -68.39 72.07
N ARG HC 43 7.90 -67.20 72.39
CA ARG HC 43 7.09 -66.18 73.03
C ARG HC 43 6.27 -65.42 71.99
N PRO HC 44 4.93 -65.42 72.08
CA PRO HC 44 4.13 -64.68 71.08
C PRO HC 44 4.32 -63.18 71.12
N HIS HC 45 4.67 -62.62 72.28
CA HIS HC 45 4.81 -61.17 72.38
C HIS HC 45 6.21 -60.72 71.95
N SER HC 46 7.25 -61.27 72.58
CA SER HC 46 8.62 -60.83 72.35
C SER HC 46 9.32 -61.55 71.19
N GLY HC 47 8.78 -62.66 70.71
CA GLY HC 47 9.41 -63.37 69.61
C GLY HC 47 10.64 -64.18 69.97
N ASN HC 48 10.88 -64.41 71.26
CA ASN HC 48 12.09 -65.10 71.71
C ASN HC 48 11.82 -66.58 71.93
N ARG HC 49 12.81 -67.40 71.57
CA ARG HC 49 12.74 -68.84 71.79
C ARG HC 49 13.50 -69.19 73.07
N LEU HC 50 12.91 -70.08 73.89
CA LEU HC 50 13.48 -70.46 75.16
C LEU HC 50 14.79 -71.26 74.99
N PRO HC 51 15.72 -71.10 75.92
CA PRO HC 51 16.93 -71.95 75.90
C PRO HC 51 16.59 -73.40 76.24
N MET HC 52 17.45 -74.30 75.76
CA MET HC 52 17.14 -75.73 75.87
C MET HC 52 17.38 -76.25 77.28
N ARG HC 53 18.19 -75.55 78.08
CA ARG HC 53 18.38 -75.97 79.47
C ARG HC 53 17.17 -75.67 80.33
N ALA HC 54 16.28 -74.78 79.89
CA ALA HC 54 15.02 -74.53 80.56
C ALA HC 54 13.85 -75.23 79.88
N TRP HC 55 14.11 -76.14 78.94
CA TRP HC 55 13.02 -76.78 78.20
C TRP HC 55 12.25 -77.76 79.07
N ALA HC 56 12.96 -78.56 79.87
CA ALA HC 56 12.30 -79.61 80.64
C ALA HC 56 11.50 -79.03 81.80
N ASP HC 57 12.03 -77.99 82.44
CA ASP HC 57 11.39 -77.40 83.61
C ASP HC 57 10.13 -76.62 83.28
N VAL HC 58 9.92 -76.24 82.02
CA VAL HC 58 8.65 -75.64 81.62
C VAL HC 58 7.52 -76.67 81.72
N ARG HC 59 7.74 -77.85 81.16
CA ARG HC 59 6.71 -78.88 81.19
C ARG HC 59 6.66 -79.62 82.52
N HIS HC 60 7.74 -79.56 83.31
CA HIS HC 60 7.81 -80.37 84.53
C HIS HC 60 7.60 -79.58 85.81
N GLU HC 61 7.28 -78.29 85.74
CA GLU HC 61 7.14 -77.48 86.95
C GLU HC 61 6.20 -76.30 86.68
N SER HC 62 5.68 -75.69 87.75
CA SER HC 62 4.76 -74.57 87.68
C SER HC 62 5.37 -73.36 88.38
N ARG HC 63 4.91 -72.17 88.01
CA ARG HC 63 5.48 -70.93 88.53
C ARG HC 63 4.85 -70.54 89.88
N LEU HC 64 5.31 -69.40 90.39
CA LEU HC 64 4.89 -68.93 91.72
C LEU HC 64 3.40 -68.57 91.73
N LEU HC 65 2.96 -67.76 90.77
CA LEU HC 65 1.53 -67.47 90.69
C LEU HC 65 0.69 -68.61 90.14
N GLN HC 66 1.31 -69.67 89.59
CA GLN HC 66 0.55 -70.87 89.28
C GLN HC 66 0.30 -71.69 90.54
N LEU HC 67 1.27 -71.75 91.44
CA LEU HC 67 1.09 -72.47 92.70
C LEU HC 67 0.48 -71.62 93.81
N LEU HC 68 0.38 -70.31 93.62
CA LEU HC 68 -0.04 -69.39 94.65
C LEU HC 68 -1.49 -68.94 94.50
N ASN HC 69 -2.06 -69.04 93.29
CA ASN HC 69 -3.40 -68.55 93.01
C ASN HC 69 -4.49 -69.33 93.73
N ARG HC 70 -4.22 -70.58 94.12
CA ARG HC 70 -5.18 -71.41 94.82
C ARG HC 70 -5.10 -71.25 96.34
N LEU HC 71 -4.14 -70.49 96.85
CA LEU HC 71 -4.01 -70.25 98.28
C LEU HC 71 -5.13 -69.35 98.79
N PRO HC 72 -5.63 -69.62 100.01
CA PRO HC 72 -6.87 -68.94 100.47
C PRO HC 72 -6.77 -67.43 100.62
N LEU HC 73 -5.82 -66.93 101.41
CA LEU HC 73 -5.57 -65.51 101.54
C LEU HC 73 -4.57 -65.00 100.50
N PHE HC 74 -4.43 -65.73 99.39
CA PHE HC 74 -3.53 -65.44 98.27
C PHE HC 74 -2.07 -65.37 98.73
N GLY HC 75 -1.73 -66.20 99.72
CA GLY HC 75 -0.35 -66.40 100.14
C GLY HC 75 0.33 -65.23 100.81
N LEU HC 76 -0.07 -64.89 102.04
CA LEU HC 76 0.65 -63.92 102.85
C LEU HC 76 1.27 -64.63 104.04
N GLY HC 77 2.58 -64.44 104.22
CA GLY HC 77 3.31 -65.14 105.25
C GLY HC 77 3.72 -66.55 104.89
N ARG HC 78 3.40 -67.01 103.68
CA ARG HC 78 3.74 -68.35 103.26
C ARG HC 78 5.20 -68.41 102.80
N LEU HC 79 5.76 -69.61 102.86
CA LEU HC 79 7.13 -69.85 102.43
C LEU HC 79 7.13 -70.54 101.08
N VAL HC 80 7.84 -69.95 100.12
CA VAL HC 80 7.94 -70.49 98.77
C VAL HC 80 9.41 -70.72 98.45
N THR HC 81 9.74 -71.93 98.03
CA THR HC 81 11.10 -72.27 97.66
C THR HC 81 11.18 -72.51 96.15
N ARG HC 82 12.42 -72.75 95.69
CA ARG HC 82 12.75 -72.85 94.28
C ARG HC 82 13.59 -74.11 94.04
N LYS HC 83 13.33 -74.75 92.89
CA LYS HC 83 14.00 -75.98 92.52
C LYS HC 83 15.51 -75.75 92.35
N SER HC 84 15.91 -74.52 92.01
CA SER HC 84 17.32 -74.20 91.85
C SER HC 84 18.09 -74.34 93.16
N TRP HC 85 17.59 -73.72 94.24
CA TRP HC 85 18.26 -73.89 95.52
C TRP HC 85 18.08 -75.30 96.08
N LEU HC 86 16.94 -75.96 95.82
CA LEU HC 86 16.82 -77.35 96.25
C LEU HC 86 17.82 -78.29 95.56
N TRP HC 87 18.08 -78.11 94.27
CA TRP HC 87 19.02 -78.99 93.59
C TRP HC 87 20.47 -78.65 93.90
N GLN HC 88 20.82 -77.38 94.11
CA GLN HC 88 22.25 -77.15 94.30
C GLN HC 88 22.65 -77.13 95.78
N HIS HC 89 21.84 -76.59 96.68
CA HIS HC 89 22.20 -76.54 98.09
C HIS HC 89 21.39 -77.53 98.93
N ASP HC 90 22.07 -78.16 99.88
CA ASP HC 90 21.39 -78.99 100.86
C ASP HC 90 20.63 -78.15 101.88
N GLU HC 91 21.13 -76.95 102.20
CA GLU HC 91 20.43 -76.06 103.11
C GLU HC 91 19.14 -75.55 102.49
N PRO HC 92 18.09 -75.41 103.30
CA PRO HC 92 16.83 -74.87 102.77
C PRO HC 92 16.95 -73.40 102.44
N CYS HC 93 16.34 -72.99 101.33
CA CYS HC 93 16.25 -71.60 100.95
C CYS HC 93 14.82 -71.32 100.54
N TYR HC 94 14.21 -70.31 101.15
CA TYR HC 94 12.80 -70.05 101.00
C TYR HC 94 12.57 -68.56 101.10
N TRP HC 95 11.41 -68.14 100.62
CA TRP HC 95 10.99 -66.75 100.70
C TRP HC 95 9.71 -66.68 101.52
N ARG HC 96 9.67 -65.77 102.49
CA ARG HC 96 8.46 -65.50 103.26
C ARG HC 96 7.73 -64.32 102.63
N LEU HC 97 6.57 -64.60 102.02
CA LEU HC 97 5.90 -63.61 101.18
C LEU HC 97 5.23 -62.54 102.03
N THR HC 98 5.50 -61.27 101.71
CA THR HC 98 4.91 -60.15 102.44
C THR HC 98 3.63 -59.66 101.77
N ARG HC 99 3.71 -59.29 100.50
CA ARG HC 99 2.56 -58.77 99.76
C ARG HC 99 2.67 -59.13 98.28
N VAL HC 100 1.52 -59.31 97.65
CA VAL HC 100 1.44 -59.78 96.26
C VAL HC 100 0.27 -59.10 95.55
N ARG HC 101 0.50 -58.66 94.32
CA ARG HC 101 -0.52 -58.07 93.45
C ARG HC 101 -0.52 -58.82 92.13
N PRO HC 102 -1.55 -59.63 91.86
CA PRO HC 102 -1.65 -60.30 90.56
C PRO HC 102 -2.13 -59.32 89.49
N ASP HC 103 -2.13 -59.78 88.24
CA ASP HC 103 -2.75 -59.00 87.18
C ASP HC 103 -4.08 -59.63 86.80
N TYR HC 104 -5.05 -58.79 86.42
CA TYR HC 104 -6.39 -59.29 86.16
C TYR HC 104 -6.62 -59.67 84.70
N ALA HC 105 -5.66 -59.41 83.82
CA ALA HC 105 -5.86 -59.71 82.40
C ALA HC 105 -5.76 -61.20 82.11
N ALA HC 106 -5.05 -61.97 82.94
CA ALA HC 106 -4.95 -63.40 82.75
C ALA HC 106 -6.28 -64.07 83.13
N GLU HC 107 -6.80 -64.90 82.23
CA GLU HC 107 -8.06 -65.59 82.52
C GLU HC 107 -7.87 -66.70 83.53
N ASN HC 108 -6.65 -67.22 83.66
CA ASN HC 108 -6.34 -68.22 84.68
C ASN HC 108 -5.70 -67.62 85.92
N LEU HC 109 -5.41 -66.31 85.91
CA LEU HC 109 -4.76 -65.57 87.00
C LEU HC 109 -3.43 -66.21 87.41
N ASP HC 110 -2.53 -66.36 86.44
CA ASP HC 110 -1.25 -67.00 86.68
C ASP HC 110 -0.08 -66.04 86.64
N HIS HC 111 -0.31 -64.72 86.65
CA HIS HC 111 0.77 -63.75 86.59
C HIS HC 111 0.57 -62.65 87.62
N GLY HC 112 1.68 -62.13 88.12
CA GLY HC 112 1.62 -61.02 89.06
C GLY HC 112 2.99 -60.65 89.57
N LYS HC 113 3.01 -59.55 90.34
CA LYS HC 113 4.21 -59.06 90.99
C LYS HC 113 4.12 -59.35 92.49
N ALA HC 114 5.22 -59.82 93.07
CA ALA HC 114 5.21 -60.26 94.45
C ALA HC 114 6.45 -59.77 95.19
N TRP HC 115 6.34 -59.67 96.51
CA TRP HC 115 7.42 -59.21 97.38
C TRP HC 115 7.65 -60.28 98.44
N GLY HC 116 8.68 -60.11 99.25
CA GLY HC 116 8.92 -61.07 100.30
C GLY HC 116 10.22 -60.84 101.02
N ILE HC 117 10.42 -61.64 102.06
CA ILE HC 117 11.60 -61.62 102.92
C ILE HC 117 12.54 -62.74 102.50
N LEU HC 118 13.81 -62.43 102.35
CA LEU HC 118 14.82 -63.35 101.84
C LEU HC 118 15.51 -64.15 102.95
N THR HC 119 15.53 -65.46 102.78
CA THR HC 119 16.37 -66.37 103.54
C THR HC 119 17.18 -67.21 102.56
N PHE HC 120 18.49 -66.97 102.51
CA PHE HC 120 19.39 -67.69 101.62
C PHE HC 120 20.50 -68.25 102.51
N LYS HC 121 20.78 -69.56 102.36
CA LYS HC 121 21.78 -70.31 103.12
C LYS HC 121 21.52 -70.29 104.63
N GLY HC 122 20.26 -70.11 105.02
CA GLY HC 122 19.88 -70.01 106.41
C GLY HC 122 20.00 -68.62 107.00
N LYS HC 123 20.75 -67.73 106.35
CA LYS HC 123 20.86 -66.35 106.82
C LYS HC 123 19.63 -65.57 106.38
N THR HC 124 18.99 -64.91 107.34
CA THR HC 124 17.75 -64.19 107.10
C THR HC 124 18.02 -62.70 107.03
N GLU HC 125 17.63 -62.08 105.91
CA GLU HC 125 17.75 -60.64 105.78
C GLU HC 125 16.53 -59.96 106.38
N SER HC 126 16.72 -58.72 106.83
CA SER HC 126 15.72 -58.02 107.62
C SER HC 126 14.84 -57.07 106.82
N GLU HC 127 14.94 -57.05 105.48
CA GLU HC 127 14.19 -56.11 104.67
C GLU HC 127 13.34 -56.86 103.65
N ALA HC 128 12.25 -56.21 103.24
CA ALA HC 128 11.36 -56.75 102.21
C ALA HC 128 11.83 -56.31 100.84
N ARG HC 129 11.72 -57.20 99.86
CA ARG HC 129 12.27 -56.95 98.53
C ARG HC 129 11.41 -57.65 97.48
N GLU HC 130 11.25 -56.97 96.34
CA GLU HC 130 10.44 -57.49 95.24
C GLU HC 130 11.08 -58.74 94.64
N ILE HC 131 10.24 -59.76 94.39
CA ILE HC 131 10.76 -61.06 94.03
C ILE HC 131 11.19 -61.08 92.57
N GLU HC 132 12.43 -61.50 92.32
CA GLU HC 132 12.94 -61.69 90.98
C GLU HC 132 12.61 -63.10 90.52
N GLN HC 133 12.40 -63.25 89.20
CA GLN HC 133 12.14 -64.52 88.52
C GLN HC 133 10.90 -65.22 89.07
N VAL HC 134 9.82 -64.44 89.21
CA VAL HC 134 8.51 -64.98 89.54
C VAL HC 134 7.99 -65.88 88.42
N MET HC 135 8.23 -65.48 87.18
CA MET HC 135 7.66 -66.10 85.99
C MET HC 135 8.32 -67.41 85.62
N TYR HC 136 9.38 -67.79 86.32
CA TYR HC 136 10.10 -69.01 85.99
C TYR HC 136 9.28 -70.21 86.39
N HIS HC 137 9.36 -71.27 85.58
CA HIS HC 137 8.70 -72.54 85.88
C HIS HC 137 9.66 -73.37 86.72
N ASP HC 138 9.96 -72.88 87.92
CA ASP HC 138 10.90 -73.51 88.83
C ASP HC 138 10.57 -73.37 90.32
N TRP HC 139 9.39 -72.85 90.67
CA TRP HC 139 9.02 -72.63 92.06
C TRP HC 139 8.30 -73.83 92.66
N ARG HC 140 8.44 -73.99 93.99
CA ARG HC 140 7.75 -75.03 94.75
C ARG HC 140 7.25 -74.45 96.07
N LEU HC 141 6.21 -75.07 96.61
CA LEU HC 141 5.57 -74.61 97.84
C LEU HC 141 5.73 -75.65 98.94
N VAL HC 142 6.15 -75.21 100.12
CA VAL HC 142 6.34 -76.13 101.25
C VAL HC 142 4.99 -76.36 101.93
N PRO HC 143 4.79 -77.50 102.60
CA PRO HC 143 3.56 -77.68 103.38
C PRO HC 143 3.68 -77.03 104.75
N LYS HC 144 2.52 -76.89 105.40
CA LYS HC 144 2.45 -76.28 106.73
C LYS HC 144 3.12 -77.14 107.79
N HIS HC 145 2.98 -78.48 107.70
CA HIS HC 145 3.63 -79.34 108.68
C HIS HC 145 5.12 -79.51 108.42
N GLU HC 146 5.58 -79.17 107.21
CA GLU HC 146 7.01 -79.15 106.91
C GLU HC 146 7.60 -77.75 106.99
N GLU HC 147 6.78 -76.74 107.33
CA GLU HC 147 7.25 -75.37 107.46
C GLU HC 147 8.31 -75.23 108.56
N GLU HC 148 8.02 -75.72 109.76
CA GLU HC 148 9.00 -75.71 110.84
C GLU HC 148 10.11 -76.73 110.65
N ALA HC 149 9.90 -77.74 109.81
CA ALA HC 149 10.98 -78.66 109.46
C ALA HC 149 12.02 -77.99 108.58
N PHE HC 150 11.58 -77.17 107.61
CA PHE HC 150 12.53 -76.44 106.78
C PHE HC 150 13.01 -75.16 107.45
N THR HC 151 12.28 -74.68 108.45
CA THR HC 151 12.70 -73.47 109.16
C THR HC 151 13.91 -73.72 110.05
N ALA HC 152 14.00 -74.89 110.70
CA ALA HC 152 15.07 -75.18 111.63
C ALA HC 152 16.40 -75.33 110.90
N PHE HC 153 17.46 -74.75 111.46
CA PHE HC 153 18.77 -74.70 110.83
C PHE HC 153 19.86 -75.11 111.79
N THR HC 154 20.89 -75.76 111.26
CA THR HC 154 22.13 -76.03 111.98
C THR HC 154 23.20 -75.08 111.45
N LEU HC 155 23.61 -74.12 112.28
CA LEU HC 155 24.57 -73.12 111.86
C LEU HC 155 25.98 -73.71 111.83
N VAL HC 156 26.64 -73.58 110.69
CA VAL HC 156 27.98 -74.15 110.50
C VAL HC 156 28.98 -73.03 110.32
N PRO HC 157 30.06 -72.99 111.10
CA PRO HC 157 31.08 -71.95 110.90
C PRO HC 157 31.88 -72.18 109.62
N GLU HC 158 32.47 -71.09 109.14
CA GLU HC 158 33.23 -71.09 107.90
C GLU HC 158 34.70 -71.36 108.20
N ASP HC 159 35.33 -72.20 107.38
CA ASP HC 159 36.73 -72.56 107.54
C ASP HC 159 37.63 -71.91 106.48
N THR HC 160 37.13 -70.91 105.76
CA THR HC 160 37.94 -70.23 104.75
C THR HC 160 39.01 -69.37 105.42
N PRO HC 161 40.20 -69.25 104.83
CA PRO HC 161 41.22 -68.38 105.41
C PRO HC 161 40.86 -66.91 105.29
N LEU HC 162 41.08 -66.16 106.37
CA LEU HC 162 40.83 -64.74 106.38
C LEU HC 162 41.97 -63.93 105.75
N SER HC 163 43.13 -64.55 105.56
CA SER HC 163 44.26 -63.86 104.96
C SER HC 163 45.02 -64.84 104.06
N VAL HC 164 45.47 -64.31 102.91
CA VAL HC 164 46.24 -65.10 101.95
C VAL HC 164 47.58 -64.44 101.71
N PRO HC 165 48.57 -65.20 101.24
CA PRO HC 165 49.79 -64.58 100.75
C PRO HC 165 49.53 -63.73 99.51
N TYR HC 166 50.35 -62.70 99.34
CA TYR HC 166 50.28 -61.85 98.16
C TYR HC 166 50.70 -62.62 96.91
N PRO HC 167 50.28 -62.16 95.73
CA PRO HC 167 50.96 -62.57 94.50
C PRO HC 167 52.42 -62.20 94.56
N PRO HC 168 53.32 -63.05 94.04
CA PRO HC 168 54.75 -62.97 94.41
C PRO HC 168 55.48 -61.68 94.02
N LEU HC 169 55.21 -61.14 92.84
CA LEU HC 169 55.95 -59.94 92.42
C LEU HC 169 55.41 -58.69 93.11
N LEU HC 170 54.10 -58.66 93.40
CA LEU HC 170 53.57 -57.60 94.27
C LEU HC 170 54.13 -57.69 95.67
N ARG HC 171 54.33 -58.92 96.16
CA ARG HC 171 54.99 -59.15 97.45
C ARG HC 171 56.43 -58.65 97.40
N ALA HC 172 57.07 -58.80 96.24
CA ALA HC 172 58.40 -58.26 96.03
C ALA HC 172 58.42 -56.73 96.07
N MET HC 173 57.42 -56.05 95.49
CA MET HC 173 57.36 -54.59 95.68
C MET HC 173 57.11 -54.20 97.14
N ILE HC 174 56.31 -54.98 97.87
CA ILE HC 174 56.07 -54.66 99.28
C ILE HC 174 57.37 -54.78 100.09
N LEU HC 175 58.13 -55.85 99.87
CA LEU HC 175 59.43 -56.03 100.53
C LEU HC 175 60.43 -54.97 100.10
N ALA HC 176 60.45 -54.63 98.81
CA ALA HC 176 61.37 -53.60 98.32
C ALA HC 176 61.04 -52.22 98.86
N GLN HC 177 59.75 -51.88 98.96
CA GLN HC 177 59.35 -50.58 99.45
C GLN HC 177 59.58 -50.45 100.95
N ARG HC 178 59.38 -51.54 101.71
CA ARG HC 178 59.70 -51.43 103.13
C ARG HC 178 61.20 -51.49 103.39
N GLN HC 179 61.98 -52.15 102.54
CA GLN HC 179 63.43 -52.13 102.68
C GLN HC 179 64.00 -50.77 102.27
N LYS HC 180 63.34 -50.10 101.32
CA LYS HC 180 63.77 -48.76 100.91
C LYS HC 180 63.59 -47.75 102.03
N TYR HC 181 62.48 -47.84 102.76
CA TYR HC 181 62.22 -46.96 103.90
C TYR HC 181 62.81 -47.51 105.19
N GLY HC 182 63.41 -48.69 105.17
CA GLY HC 182 64.20 -49.16 106.28
C GLY HC 182 63.49 -50.06 107.27
N ASP HC 183 62.34 -50.62 106.91
CA ASP HC 183 61.63 -51.53 107.80
C ASP HC 183 62.36 -52.87 107.81
N THR HC 184 63.02 -53.18 108.92
CA THR HC 184 63.83 -54.38 109.08
C THR HC 184 62.97 -55.62 109.27
N SER HC 185 61.73 -55.46 109.73
CA SER HC 185 60.88 -56.58 110.11
C SER HC 185 60.50 -57.43 108.91
N THR HC 186 60.83 -58.72 108.98
CA THR HC 186 60.63 -59.66 107.89
C THR HC 186 59.32 -60.42 107.99
N GLU HC 187 58.29 -59.82 108.58
CA GLU HC 187 56.99 -60.48 108.66
C GLU HC 187 56.35 -60.56 107.28
N GLU HC 188 55.63 -61.64 107.03
CA GLU HC 188 55.04 -61.85 105.72
C GLU HC 188 53.79 -60.99 105.57
N PRO HC 189 53.70 -60.14 104.56
CA PRO HC 189 52.49 -59.33 104.36
C PRO HC 189 51.33 -60.20 103.89
N MET HC 190 50.15 -59.96 104.48
CA MET HC 190 49.00 -60.83 104.28
C MET HC 190 47.85 -60.01 103.73
N LEU HC 191 47.24 -60.50 102.65
CA LEU HC 191 46.07 -59.88 102.04
C LEU HC 191 44.83 -60.36 102.76
N ASN HC 192 44.05 -59.42 103.29
CA ASN HC 192 42.91 -59.73 104.15
C ASN HC 192 41.62 -59.74 103.34
N LEU HC 193 40.76 -60.72 103.62
CA LEU HC 193 39.64 -61.04 102.73
C LEU HC 193 38.27 -60.84 103.36
N GLU HC 194 38.15 -60.00 104.40
CA GLU HC 194 36.84 -59.85 105.03
C GLU HC 194 35.91 -58.99 104.18
N ARG HC 195 36.46 -58.14 103.34
CA ARG HC 195 35.69 -57.40 102.34
C ARG HC 195 35.65 -58.10 100.99
N ALA HC 196 36.28 -59.28 100.88
CA ALA HC 196 36.35 -60.01 99.62
C ALA HC 196 35.30 -61.10 99.49
N ARG HC 197 34.32 -61.14 100.40
CA ARG HC 197 33.29 -62.16 100.37
C ARG HC 197 32.38 -61.93 99.16
N ILE HC 198 32.23 -62.95 98.33
CA ILE HC 198 31.47 -62.82 97.09
C ILE HC 198 30.26 -63.74 97.15
N ASP HC 199 29.09 -63.12 97.11
CA ASP HC 199 27.82 -63.82 97.13
C ASP HC 199 27.63 -64.49 95.76
N PRO HC 200 27.38 -65.81 95.74
CA PRO HC 200 27.35 -66.53 94.46
C PRO HC 200 26.14 -66.21 93.59
N TRP HC 201 26.05 -66.93 92.47
CA TRP HC 201 25.35 -66.42 91.29
C TRP HC 201 23.83 -66.48 91.42
N ASP HC 202 23.29 -67.43 92.18
CA ASP HC 202 21.84 -67.57 92.23
C ASP HC 202 21.19 -66.69 93.28
N TYR HC 203 21.92 -65.75 93.86
CA TYR HC 203 21.28 -64.67 94.61
C TYR HC 203 20.46 -63.79 93.68
N PRO HC 204 19.22 -63.45 94.03
CA PRO HC 204 18.41 -62.60 93.16
C PRO HC 204 18.82 -61.14 93.28
N ALA HC 205 19.09 -60.51 92.13
CA ALA HC 205 19.58 -59.14 92.13
C ALA HC 205 18.47 -58.17 92.52
N LYS HC 206 18.87 -57.02 93.04
CA LYS HC 206 17.91 -56.03 93.51
C LYS HC 206 17.36 -55.24 92.33
N LEU HC 207 16.08 -55.45 92.02
CA LEU HC 207 15.42 -54.74 90.93
C LEU HC 207 14.85 -53.40 91.34
N GLU HC 208 14.82 -53.10 92.64
CA GLU HC 208 14.44 -51.77 93.10
C GLU HC 208 15.58 -50.80 92.82
N ALA HC 209 15.23 -49.55 92.51
CA ALA HC 209 16.23 -48.54 92.23
C ALA HC 209 16.96 -48.14 93.51
N LYS HC 210 18.29 -48.18 93.46
CA LYS HC 210 19.09 -47.83 94.63
C LYS HC 210 19.11 -46.32 94.83
N THR HC 211 18.89 -45.89 96.07
CA THR HC 211 18.95 -44.47 96.39
C THR HC 211 20.39 -44.02 96.53
N LYS HC 212 20.75 -42.98 95.78
CA LYS HC 212 22.12 -42.47 95.74
C LYS HC 212 22.42 -41.74 97.04
N THR HC 213 23.54 -42.09 97.68
CA THR HC 213 23.93 -41.47 98.93
C THR HC 213 25.28 -40.79 98.82
N ARG IC 51 115.76 -30.82 1.93
CA ARG IC 51 117.09 -30.21 1.97
C ARG IC 51 117.15 -28.96 1.09
N ARG IC 52 117.12 -27.80 1.74
CA ARG IC 52 117.19 -26.53 1.05
C ARG IC 52 118.62 -26.01 1.02
N LYS IC 53 119.02 -25.45 -0.11
CA LYS IC 53 120.35 -24.90 -0.28
C LYS IC 53 120.24 -23.47 -0.82
N ALA IC 54 121.06 -22.58 -0.28
CA ALA IC 54 121.09 -21.19 -0.71
C ALA IC 54 122.53 -20.75 -0.87
N LEU IC 55 122.84 -20.12 -2.01
CA LEU IC 55 124.18 -19.67 -2.33
C LEU IC 55 124.19 -18.16 -2.53
N PRO IC 56 125.24 -17.45 -2.15
CA PRO IC 56 125.34 -16.04 -2.51
C PRO IC 56 125.54 -15.90 -4.01
N PRO IC 57 125.09 -14.77 -4.59
CA PRO IC 57 125.19 -14.60 -6.04
C PRO IC 57 126.60 -14.30 -6.50
N ARG IC 58 126.71 -13.99 -7.80
CA ARG IC 58 128.02 -13.76 -8.41
C ARG IC 58 128.59 -12.40 -8.07
N THR IC 59 127.80 -11.54 -7.41
CA THR IC 59 128.25 -10.19 -7.06
C THR IC 59 129.41 -10.22 -6.06
N GLU IC 60 129.38 -11.12 -5.08
CA GLU IC 60 130.45 -11.22 -4.11
C GLU IC 60 131.73 -11.76 -4.75
N LYS IC 61 131.61 -12.68 -5.70
CA LYS IC 61 132.77 -13.21 -6.41
C LYS IC 61 133.21 -12.32 -7.56
N MET IC 62 132.46 -11.29 -7.90
CA MET IC 62 132.82 -10.43 -9.01
C MET IC 62 133.96 -9.49 -8.63
N ALA IC 63 134.96 -9.41 -9.50
CA ALA IC 63 136.10 -8.55 -9.26
C ALA IC 63 135.79 -7.12 -9.68
N VAL IC 64 136.66 -6.20 -9.27
CA VAL IC 64 136.50 -4.79 -9.61
C VAL IC 64 136.76 -4.57 -11.10
N ASP IC 65 137.80 -5.20 -11.63
CA ASP IC 65 138.28 -4.91 -12.99
C ASP IC 65 137.94 -6.01 -13.99
N GLN IC 66 136.95 -6.85 -13.71
CA GLN IC 66 136.54 -7.85 -14.68
C GLN IC 66 135.74 -7.21 -15.82
N ASP IC 67 135.79 -7.83 -16.99
CA ASP IC 67 135.13 -7.27 -18.15
C ASP IC 67 133.71 -7.81 -18.30
N TRP IC 68 132.81 -6.94 -18.79
CA TRP IC 68 131.39 -7.32 -18.90
C TRP IC 68 131.03 -8.18 -20.11
N PRO IC 69 131.57 -7.98 -21.33
CA PRO IC 69 131.20 -8.88 -22.44
C PRO IC 69 131.57 -10.34 -22.25
N SER IC 70 132.57 -10.66 -21.41
CA SER IC 70 132.81 -12.03 -21.05
C SER IC 70 131.69 -12.61 -20.20
N VAL IC 71 131.01 -11.78 -19.41
CA VAL IC 71 129.89 -12.25 -18.60
C VAL IC 71 128.64 -12.35 -19.45
N TYR IC 72 128.39 -11.36 -20.32
CA TYR IC 72 127.16 -11.28 -21.12
C TYR IC 72 127.52 -11.30 -22.60
N PRO IC 73 127.58 -12.47 -23.23
CA PRO IC 73 127.87 -12.51 -24.66
C PRO IC 73 126.71 -12.10 -25.55
N VAL IC 74 125.50 -12.58 -25.26
CA VAL IC 74 124.36 -12.47 -26.16
C VAL IC 74 123.19 -11.87 -25.40
N ALA IC 75 122.02 -11.86 -26.05
CA ALA IC 75 120.79 -11.35 -25.46
C ALA IC 75 120.39 -12.14 -24.23
N ALA IC 76 120.05 -11.43 -23.16
CA ALA IC 76 119.82 -12.02 -21.86
C ALA IC 76 118.53 -11.48 -21.25
N PRO IC 77 117.87 -12.25 -20.38
CA PRO IC 77 116.61 -11.78 -19.78
C PRO IC 77 116.78 -10.86 -18.59
N PHE IC 78 117.97 -10.29 -18.37
CA PHE IC 78 118.39 -9.62 -17.14
C PHE IC 78 118.20 -10.58 -15.97
N LYS IC 79 119.01 -11.61 -15.93
CA LYS IC 79 119.12 -12.42 -14.73
C LYS IC 79 119.79 -11.60 -13.61
N PRO IC 80 119.17 -11.45 -12.45
CA PRO IC 80 119.66 -10.46 -11.48
C PRO IC 80 120.84 -10.95 -10.65
N SER IC 81 121.09 -12.26 -10.61
CA SER IC 81 122.17 -12.78 -9.78
C SER IC 81 123.53 -12.44 -10.37
N ALA IC 82 123.63 -12.41 -11.70
CA ALA IC 82 124.91 -12.15 -12.35
C ALA IC 82 125.19 -10.66 -12.53
N VAL IC 83 124.24 -9.79 -12.18
CA VAL IC 83 124.42 -8.36 -12.36
C VAL IC 83 124.82 -7.71 -11.04
N PRO IC 84 126.00 -7.10 -10.95
CA PRO IC 84 126.44 -6.58 -9.65
C PRO IC 84 125.79 -5.25 -9.27
N LEU IC 85 125.11 -4.60 -10.20
CA LEU IC 85 124.52 -3.29 -9.93
C LEU IC 85 123.27 -3.43 -9.08
N PRO IC 86 123.16 -2.73 -7.94
CA PRO IC 86 121.87 -2.65 -7.26
C PRO IC 86 120.95 -1.66 -7.96
N VAL IC 87 119.97 -2.20 -8.68
CA VAL IC 87 119.09 -1.40 -9.53
C VAL IC 87 117.68 -1.51 -8.99
N ARG IC 88 116.96 -0.38 -8.94
CA ARG IC 88 115.64 -0.29 -8.34
C ARG IC 88 114.68 0.29 -9.37
N MET IC 89 113.57 -0.41 -9.60
CA MET IC 89 112.50 0.09 -10.44
C MET IC 89 111.16 -0.41 -9.92
N GLY IC 90 110.17 0.47 -9.98
CA GLY IC 90 108.86 0.23 -9.41
C GLY IC 90 108.34 1.45 -8.67
N TYR IC 91 107.02 1.59 -8.66
CA TYR IC 91 106.42 2.69 -7.95
C TYR IC 91 106.50 2.44 -6.44
N PRO IC 92 107.06 3.38 -5.67
CA PRO IC 92 107.22 3.15 -4.24
C PRO IC 92 105.94 3.35 -3.44
N VAL IC 93 105.99 2.89 -2.19
CA VAL IC 93 104.95 3.14 -1.20
C VAL IC 93 105.32 4.48 -0.56
N LYS IC 94 104.31 5.17 0.02
CA LYS IC 94 104.51 6.48 0.63
C LYS IC 94 105.56 6.46 1.74
N ARG IC 95 105.66 5.34 2.46
CA ARG IC 95 106.78 5.14 3.36
C ARG IC 95 107.84 4.23 2.75
N GLY IC 96 107.50 3.53 1.67
CA GLY IC 96 108.38 2.53 1.11
C GLY IC 96 109.33 3.06 0.07
N VAL IC 97 110.13 2.14 -0.47
CA VAL IC 97 111.15 2.40 -1.47
C VAL IC 97 110.85 1.53 -2.69
N PRO IC 98 111.38 1.85 -3.88
CA PRO IC 98 111.25 0.93 -5.01
C PRO IC 98 111.97 -0.39 -4.75
N MET IC 99 111.47 -1.44 -5.39
CA MET IC 99 111.94 -2.80 -5.15
C MET IC 99 113.35 -3.02 -5.68
N ALA IC 100 114.08 -3.92 -5.03
CA ALA IC 100 115.44 -4.25 -5.42
C ALA IC 100 115.42 -5.26 -6.58
N LYS IC 101 116.61 -5.74 -6.96
CA LYS IC 101 116.74 -6.53 -8.18
C LYS IC 101 116.26 -7.97 -8.01
N GLU IC 102 116.16 -8.47 -6.79
CA GLU IC 102 115.71 -9.84 -6.58
C GLU IC 102 114.19 -9.90 -6.49
N GLY IC 103 113.60 -10.86 -7.22
CA GLY IC 103 112.17 -11.08 -7.17
C GLY IC 103 111.31 -10.01 -7.84
N ASN IC 104 111.90 -9.25 -8.75
CA ASN IC 104 111.19 -8.17 -9.42
C ASN IC 104 110.92 -8.57 -10.88
N LEU IC 105 109.64 -8.54 -11.27
CA LEU IC 105 109.32 -8.87 -12.66
C LEU IC 105 109.45 -7.70 -13.62
N GLU IC 106 109.50 -6.45 -13.12
CA GLU IC 106 109.64 -5.33 -14.04
C GLU IC 106 111.02 -5.29 -14.68
N LEU IC 107 112.07 -5.60 -13.91
CA LEU IC 107 113.41 -5.80 -14.46
C LEU IC 107 113.50 -7.03 -15.34
N LEU IC 108 112.60 -8.00 -15.15
CA LEU IC 108 112.55 -9.15 -16.05
C LEU IC 108 111.81 -8.81 -17.33
N LYS IC 109 110.82 -7.91 -17.24
CA LYS IC 109 110.05 -7.46 -18.39
C LYS IC 109 110.88 -6.59 -19.32
N ILE IC 110 111.71 -5.71 -18.74
CA ILE IC 110 112.41 -4.67 -19.49
C ILE IC 110 113.46 -5.30 -20.42
N PRO IC 111 113.60 -4.82 -21.64
CA PRO IC 111 114.76 -5.22 -22.46
C PRO IC 111 116.03 -4.65 -21.87
N ASN IC 112 117.13 -5.38 -22.04
CA ASN IC 112 118.42 -4.99 -21.49
C ASN IC 112 119.43 -4.71 -22.59
N PHE IC 113 120.31 -3.75 -22.35
CA PHE IC 113 121.41 -3.44 -23.23
C PHE IC 113 122.75 -3.86 -22.63
N LEU IC 114 122.73 -4.83 -21.70
CA LEU IC 114 123.94 -5.22 -20.98
C LEU IC 114 124.96 -5.91 -21.87
N HIS IC 115 124.49 -6.62 -22.90
CA HIS IC 115 125.41 -7.18 -23.88
C HIS IC 115 125.86 -6.17 -24.92
N LEU IC 116 125.28 -4.96 -24.90
CA LEU IC 116 125.69 -3.88 -25.79
C LEU IC 116 126.36 -2.74 -25.05
N THR IC 117 127.22 -3.04 -24.09
CA THR IC 117 128.03 -2.02 -23.44
C THR IC 117 129.02 -1.44 -24.45
N PRO IC 118 129.40 -0.16 -24.34
CA PRO IC 118 130.26 0.47 -25.37
C PRO IC 118 131.62 -0.17 -25.55
N VAL IC 119 132.23 -0.71 -24.50
CA VAL IC 119 133.51 -1.41 -24.64
C VAL IC 119 133.33 -2.69 -25.45
N ALA IC 120 132.21 -3.39 -25.22
CA ALA IC 120 131.86 -4.55 -26.04
C ALA IC 120 131.57 -4.15 -27.48
N ILE IC 121 131.01 -2.96 -27.69
CA ILE IC 121 130.80 -2.45 -29.05
C ILE IC 121 132.14 -2.21 -29.75
N LYS IC 122 133.12 -1.65 -29.03
CA LYS IC 122 134.45 -1.47 -29.61
C LYS IC 122 135.11 -2.81 -29.95
N ARG IC 123 134.98 -3.81 -29.07
CA ARG IC 123 135.56 -5.12 -29.33
C ARG IC 123 134.90 -5.81 -30.53
N HIS IC 124 133.56 -5.78 -30.58
CA HIS IC 124 132.82 -6.43 -31.66
C HIS IC 124 133.06 -5.74 -32.99
N CYS IC 125 133.11 -4.41 -33.01
CA CYS IC 125 133.34 -3.72 -34.27
C CYS IC 125 134.80 -3.82 -34.73
N GLU IC 126 135.75 -3.94 -33.79
CA GLU IC 126 137.11 -4.28 -34.17
C GLU IC 126 137.19 -5.70 -34.75
N ALA IC 127 136.30 -6.60 -34.31
CA ALA IC 127 136.19 -7.89 -34.98
C ALA IC 127 135.58 -7.80 -36.38
N LEU IC 128 134.51 -7.02 -36.57
CA LEU IC 128 133.92 -6.83 -37.90
C LEU IC 128 134.72 -5.95 -38.84
N LYS IC 129 135.78 -5.28 -38.36
CA LYS IC 129 136.62 -4.47 -39.24
C LYS IC 129 137.29 -5.28 -40.35
N ASP IC 130 137.57 -6.56 -40.13
CA ASP IC 130 138.18 -7.38 -41.17
C ASP IC 130 137.21 -7.71 -42.30
N PHE IC 131 135.91 -7.64 -42.03
CA PHE IC 131 134.91 -8.05 -43.03
C PHE IC 131 134.46 -6.91 -43.95
N CYS IC 132 134.75 -5.66 -43.60
CA CYS IC 132 134.24 -4.54 -44.40
C CYS IC 132 135.23 -4.14 -45.47
N THR IC 133 134.71 -3.53 -46.54
CA THR IC 133 135.49 -3.08 -47.67
C THR IC 133 135.27 -1.59 -47.91
N GLU IC 134 136.22 -0.96 -48.60
CA GLU IC 134 136.25 0.48 -48.72
C GLU IC 134 135.39 0.95 -49.89
N TRP IC 135 134.76 2.15 -49.72
CA TRP IC 135 133.94 2.85 -50.70
C TRP IC 135 134.84 3.64 -51.63
N PRO IC 136 134.55 3.67 -52.94
CA PRO IC 136 135.46 4.33 -53.89
C PRO IC 136 135.52 5.83 -53.70
N ALA IC 137 136.71 6.39 -53.90
CA ALA IC 137 136.94 7.81 -53.67
C ALA IC 137 136.33 8.67 -54.76
N ALA IC 138 136.25 8.12 -55.98
CA ALA IC 138 135.73 8.88 -57.11
C ALA IC 138 134.22 9.05 -57.03
N LEU IC 139 133.52 8.13 -56.36
CA LEU IC 139 132.07 8.21 -56.23
C LEU IC 139 131.63 8.92 -54.96
N ASP IC 140 132.40 9.89 -54.47
CA ASP IC 140 132.06 10.55 -53.21
C ASP IC 140 130.86 11.49 -53.35
N SER IC 141 130.63 12.01 -54.56
CA SER IC 141 129.61 13.02 -54.76
C SER IC 141 128.39 12.46 -55.50
N ASP IC 142 127.23 13.05 -55.19
CA ASP IC 142 125.96 12.62 -55.77
C ASP IC 142 125.93 12.83 -57.29
N GLU IC 143 126.55 13.91 -57.76
CA GLU IC 143 126.54 14.19 -59.19
C GLU IC 143 127.41 13.19 -59.95
N LYS IC 144 128.55 12.79 -59.38
CA LYS IC 144 129.40 11.82 -60.06
C LYS IC 144 128.77 10.43 -60.00
N CYS IC 145 128.04 10.14 -58.91
CA CYS IC 145 127.22 8.93 -58.88
C CYS IC 145 126.14 8.97 -59.95
N GLU IC 146 125.59 10.16 -60.23
CA GLU IC 146 124.56 10.30 -61.25
C GLU IC 146 125.12 10.07 -62.66
N LYS IC 147 126.32 10.58 -62.94
CA LYS IC 147 126.92 10.26 -64.24
C LYS IC 147 127.36 8.80 -64.34
N HIS IC 148 127.90 8.21 -63.27
CA HIS IC 148 128.47 6.88 -63.41
C HIS IC 148 127.40 5.78 -63.33
N PHE IC 149 126.57 5.80 -62.29
CA PHE IC 149 125.51 4.80 -62.17
C PHE IC 149 124.15 5.48 -62.22
N PRO IC 150 123.49 5.51 -63.38
CA PRO IC 150 122.23 6.27 -63.48
C PRO IC 150 121.02 5.54 -62.96
N ILE IC 151 121.03 4.22 -62.91
CA ILE IC 151 119.88 3.41 -62.53
C ILE IC 151 119.96 3.10 -61.05
N GLU IC 152 118.89 3.39 -60.32
CA GLU IC 152 118.81 3.00 -58.91
C GLU IC 152 117.58 2.11 -58.71
N ILE IC 153 117.71 1.13 -57.83
CA ILE IC 153 116.69 0.10 -57.64
C ILE IC 153 116.36 0.02 -56.15
N ASP IC 154 115.12 0.35 -55.80
CA ASP IC 154 114.62 0.24 -54.44
C ASP IC 154 114.09 -1.18 -54.22
N THR IC 155 114.66 -1.86 -53.23
CA THR IC 155 114.20 -3.17 -52.78
C THR IC 155 114.06 -3.14 -51.27
N ALA IC 156 113.24 -4.04 -50.74
CA ALA IC 156 112.92 -4.05 -49.31
C ALA IC 156 113.07 -5.45 -48.74
N ASP IC 157 113.61 -5.52 -47.53
CA ASP IC 157 113.67 -6.75 -46.76
C ASP IC 157 113.11 -6.46 -45.38
N TYR IC 158 112.30 -7.37 -44.86
CA TYR IC 158 111.57 -7.15 -43.61
C TYR IC 158 111.93 -8.21 -42.59
N VAL IC 159 111.98 -7.81 -41.33
CA VAL IC 159 112.29 -8.71 -40.21
C VAL IC 159 111.18 -8.59 -39.19
N SER IC 160 110.72 -9.73 -38.67
CA SER IC 160 109.67 -9.77 -37.67
C SER IC 160 109.91 -10.95 -36.74
N ALA IC 161 109.36 -10.86 -35.54
CA ALA IC 161 109.51 -11.93 -34.56
C ALA IC 161 108.40 -12.95 -34.77
N GLY IC 162 108.76 -14.11 -35.30
CA GLY IC 162 107.82 -15.18 -35.54
C GLY IC 162 108.42 -16.30 -36.37
N PRO IC 163 107.74 -17.44 -36.43
CA PRO IC 163 108.24 -18.56 -37.24
C PRO IC 163 108.19 -18.31 -38.74
N SER IC 164 107.38 -17.35 -39.19
CA SER IC 164 107.20 -17.08 -40.61
C SER IC 164 108.10 -15.92 -41.03
N ILE IC 165 108.82 -16.12 -42.14
CA ILE IC 165 109.70 -15.07 -42.67
C ILE IC 165 108.98 -14.16 -43.65
N ARG IC 166 108.04 -14.69 -44.44
CA ARG IC 166 107.59 -14.04 -45.66
C ARG IC 166 106.62 -12.91 -45.35
N ASN IC 167 106.93 -11.73 -45.87
CA ASN IC 167 105.99 -10.61 -45.89
C ASN IC 167 105.61 -10.33 -47.34
N PRO IC 168 104.32 -10.28 -47.68
CA PRO IC 168 103.91 -10.08 -49.09
C PRO IC 168 104.35 -8.75 -49.68
N LYS IC 169 104.67 -7.75 -48.87
CA LYS IC 169 105.19 -6.49 -49.36
C LYS IC 169 106.67 -6.55 -49.73
N ALA IC 170 107.34 -7.68 -49.47
CA ALA IC 170 108.76 -7.79 -49.79
C ALA IC 170 109.00 -8.09 -51.27
N ARG IC 171 107.96 -8.32 -52.05
CA ARG IC 171 108.12 -8.68 -53.45
C ARG IC 171 108.36 -7.47 -54.33
N VAL IC 172 108.17 -6.27 -53.78
CA VAL IC 172 108.12 -5.07 -54.60
C VAL IC 172 109.51 -4.69 -55.09
N VAL IC 173 109.60 -4.17 -56.32
CA VAL IC 173 110.85 -3.65 -56.85
C VAL IC 173 110.55 -2.32 -57.53
N THR IC 174 111.26 -1.25 -57.14
CA THR IC 174 111.01 0.08 -57.67
C THR IC 174 112.25 0.59 -58.40
N LEU IC 175 112.22 0.56 -59.72
CA LEU IC 175 113.37 0.92 -60.53
C LEU IC 175 113.23 2.36 -61.04
N ARG IC 176 114.21 3.21 -60.72
CA ARG IC 176 114.18 4.62 -61.06
C ARG IC 176 115.38 4.96 -61.94
N VAL IC 177 115.11 5.66 -63.04
CA VAL IC 177 116.11 6.02 -64.05
C VAL IC 177 115.98 7.51 -64.34
N LYS IC 178 117.09 8.23 -64.28
CA LYS IC 178 117.11 9.58 -64.83
C LYS IC 178 117.20 9.53 -66.34
N LEU IC 179 116.28 10.23 -67.01
CA LEU IC 179 116.15 10.12 -68.46
C LEU IC 179 117.22 10.92 -69.21
N SER IC 180 117.94 11.81 -68.54
CA SER IC 180 118.96 12.61 -69.22
C SER IC 180 120.22 11.81 -69.51
N SER IC 181 120.38 10.65 -68.89
CA SER IC 181 121.58 9.83 -69.03
C SER IC 181 121.50 8.86 -70.19
N LEU IC 182 120.39 8.83 -70.92
CA LEU IC 182 120.17 7.87 -71.99
C LEU IC 182 120.36 8.55 -73.34
N ASN IC 183 120.38 7.73 -74.39
CA ASN IC 183 120.54 8.21 -75.75
C ASN IC 183 119.22 8.35 -76.49
N LEU IC 184 118.14 8.70 -75.79
CA LEU IC 184 116.86 8.94 -76.44
C LEU IC 184 116.94 10.20 -77.31
N ASP IC 185 116.35 10.12 -78.50
CA ASP IC 185 116.26 11.27 -79.37
C ASP IC 185 115.11 12.17 -78.94
N ASP IC 186 114.84 13.20 -79.75
CA ASP IC 186 113.72 14.09 -79.47
C ASP IC 186 112.39 13.37 -79.67
N HIS IC 187 112.17 12.85 -80.88
CA HIS IC 187 110.91 12.17 -81.20
C HIS IC 187 110.77 10.88 -80.40
N ALA IC 188 111.87 10.15 -80.22
CA ALA IC 188 111.85 8.94 -79.40
C ALA IC 188 111.57 9.26 -77.94
N LYS IC 189 112.05 10.43 -77.47
CA LYS IC 189 111.78 10.84 -76.10
C LYS IC 189 110.30 11.19 -75.90
N LYS IC 190 109.72 11.93 -76.84
CA LYS IC 190 108.29 12.25 -76.77
C LYS IC 190 107.44 10.99 -76.86
N LYS IC 191 107.83 10.04 -77.72
CA LYS IC 191 107.13 8.77 -77.80
C LYS IC 191 107.28 7.98 -76.50
N LEU IC 192 108.42 8.14 -75.81
CA LEU IC 192 108.62 7.47 -74.53
C LEU IC 192 107.69 8.04 -73.45
N ILE IC 193 107.54 9.37 -73.39
CA ILE IC 193 106.62 9.97 -72.42
C ILE IC 193 105.17 9.59 -72.73
N LYS IC 194 104.77 9.66 -73.99
CA LYS IC 194 103.40 9.25 -74.33
C LYS IC 194 103.19 7.74 -74.24
N LEU IC 195 104.26 6.96 -74.19
CA LEU IC 195 104.14 5.52 -74.03
C LEU IC 195 104.02 5.13 -72.56
N VAL IC 196 104.77 5.80 -71.66
CA VAL IC 196 104.79 5.34 -70.28
C VAL IC 196 103.76 6.11 -69.44
N GLY IC 197 103.44 7.35 -69.81
CA GLY IC 197 102.42 8.09 -69.12
C GLY IC 197 102.77 8.60 -67.72
N ASP IC 198 102.12 8.03 -66.70
CA ASP IC 198 102.17 8.62 -65.37
C ASP IC 198 103.46 8.29 -64.62
N ARG IC 199 104.24 7.32 -65.13
CA ARG IC 199 105.44 6.88 -64.41
C ARG IC 199 106.62 7.84 -64.55
N TYR IC 200 106.50 8.86 -65.38
CA TYR IC 200 107.56 9.83 -65.60
C TYR IC 200 107.17 11.15 -64.95
N CYS IC 201 108.10 11.72 -64.17
CA CYS IC 201 107.88 13.00 -63.54
C CYS IC 201 108.31 14.10 -64.51
N LYS IC 202 107.41 15.07 -64.74
CA LYS IC 202 107.72 16.14 -65.69
C LYS IC 202 108.64 17.19 -65.07
N SER IC 203 108.74 17.24 -63.74
CA SER IC 203 109.56 18.26 -63.10
C SER IC 203 111.00 17.77 -62.91
N THR IC 204 111.18 16.67 -62.18
CA THR IC 204 112.52 16.17 -61.87
C THR IC 204 113.07 15.24 -62.95
N ASP IC 205 112.30 14.97 -64.00
CA ASP IC 205 112.72 14.23 -65.19
C ASP IC 205 113.20 12.81 -64.87
N VAL IC 206 112.50 12.11 -63.99
CA VAL IC 206 112.86 10.76 -63.59
C VAL IC 206 111.73 9.80 -63.98
N LEU IC 207 112.08 8.56 -64.27
CA LEU IC 207 111.12 7.52 -64.60
C LEU IC 207 111.15 6.46 -63.51
N THR IC 208 109.98 6.14 -62.96
CA THR IC 208 109.87 5.21 -61.84
C THR IC 208 108.91 4.09 -62.22
N ILE IC 209 109.41 2.87 -62.26
CA ILE IC 209 108.62 1.69 -62.60
C ILE IC 209 108.57 0.80 -61.36
N LYS IC 210 107.37 0.60 -60.83
CA LYS IC 210 107.17 -0.27 -59.68
C LYS IC 210 106.54 -1.57 -60.15
N THR IC 211 107.19 -2.68 -59.84
CA THR IC 211 106.68 -4.00 -60.20
C THR IC 211 106.41 -4.82 -58.95
N ASP IC 212 105.31 -5.58 -59.01
CA ASP IC 212 104.72 -6.24 -57.86
C ASP IC 212 104.37 -7.69 -58.19
N ARG IC 213 104.15 -7.96 -59.47
CA ARG IC 213 103.46 -9.15 -59.94
C ARG IC 213 104.26 -10.45 -59.78
N CYS IC 214 105.58 -10.35 -59.71
CA CYS IC 214 106.34 -11.59 -59.63
C CYS IC 214 106.45 -12.08 -58.18
N PRO IC 215 106.44 -13.40 -57.96
CA PRO IC 215 106.58 -13.92 -56.58
C PRO IC 215 107.90 -13.59 -55.90
N LEU IC 216 109.00 -13.51 -56.66
CA LEU IC 216 110.32 -13.33 -56.08
C LEU IC 216 110.87 -11.95 -56.46
N LYS IC 217 111.76 -11.45 -55.59
CA LYS IC 217 112.37 -10.15 -55.85
C LYS IC 217 113.35 -10.20 -57.02
N ARG IC 218 113.98 -11.35 -57.26
CA ARG IC 218 114.85 -11.48 -58.43
C ARG IC 218 114.04 -11.51 -59.73
N GLN IC 219 112.87 -12.15 -59.70
CA GLN IC 219 112.01 -12.17 -60.88
C GLN IC 219 111.41 -10.81 -61.13
N ASN IC 220 111.08 -10.07 -60.06
CA ASN IC 220 110.61 -8.70 -60.20
C ASN IC 220 111.71 -7.79 -60.75
N TYR IC 221 112.96 -7.99 -60.32
CA TYR IC 221 114.07 -7.21 -60.84
C TYR IC 221 114.30 -7.49 -62.33
N ASP IC 222 114.23 -8.76 -62.73
CA ASP IC 222 114.36 -9.10 -64.14
C ASP IC 222 113.21 -8.54 -64.97
N TYR IC 223 111.99 -8.56 -64.43
CA TYR IC 223 110.85 -8.02 -65.18
C TYR IC 223 110.92 -6.50 -65.27
N ALA IC 224 111.44 -5.83 -64.24
CA ALA IC 224 111.58 -4.38 -64.27
C ALA IC 224 112.65 -3.95 -65.27
N VAL IC 225 113.80 -4.65 -65.28
CA VAL IC 225 114.85 -4.28 -66.22
C VAL IC 225 114.46 -4.69 -67.64
N TYR IC 226 113.61 -5.71 -67.76
CA TYR IC 226 113.04 -6.07 -69.05
C TYR IC 226 112.08 -5.00 -69.55
N LEU IC 227 111.28 -4.42 -68.64
CA LEU IC 227 110.39 -3.32 -69.00
C LEU IC 227 111.19 -2.11 -69.46
N LEU IC 228 112.29 -1.82 -68.77
CA LEU IC 228 113.15 -0.70 -69.16
C LEU IC 228 113.76 -0.92 -70.54
N THR IC 229 114.26 -2.12 -70.82
CA THR IC 229 114.91 -2.33 -72.11
C THR IC 229 113.89 -2.44 -73.25
N VAL IC 230 112.67 -2.93 -72.97
CA VAL IC 230 111.70 -2.98 -74.06
C VAL IC 230 111.12 -1.60 -74.32
N LEU IC 231 111.04 -0.74 -73.30
CA LEU IC 231 110.69 0.66 -73.54
C LEU IC 231 111.76 1.38 -74.35
N TYR IC 232 113.04 1.07 -74.07
CA TYR IC 232 114.12 1.67 -74.84
C TYR IC 232 114.10 1.22 -76.30
N HIS IC 233 113.85 -0.07 -76.53
CA HIS IC 233 113.80 -0.55 -77.91
C HIS IC 233 112.54 -0.13 -78.66
N GLU IC 234 111.40 0.02 -77.99
CA GLU IC 234 110.18 0.41 -78.68
C GLU IC 234 109.97 1.92 -78.72
N SER IC 235 110.80 2.70 -78.03
CA SER IC 235 110.68 4.15 -78.14
C SER IC 235 111.26 4.67 -79.46
N TRP IC 236 112.27 3.99 -80.01
CA TRP IC 236 112.91 4.48 -81.23
C TRP IC 236 112.17 4.08 -82.50
N LYS IC 237 111.21 3.17 -82.41
CA LYS IC 237 110.56 2.64 -83.60
C LYS IC 237 109.54 3.65 -84.12
N THR IC 238 109.70 4.05 -85.38
CA THR IC 238 108.74 4.90 -86.07
C THR IC 238 107.89 4.03 -87.00
N GLU IC 239 106.58 4.00 -86.75
CA GLU IC 239 105.68 3.10 -87.44
C GLU IC 239 104.78 3.91 -88.38
N GLU IC 240 103.89 3.21 -89.09
CA GLU IC 240 103.12 3.84 -90.16
C GLU IC 240 102.07 4.81 -89.60
N TRP IC 241 101.53 4.53 -88.42
CA TRP IC 241 100.51 5.41 -87.86
C TRP IC 241 101.11 6.58 -87.08
N GLU IC 242 102.44 6.68 -87.01
CA GLU IC 242 103.08 7.79 -86.31
C GLU IC 242 103.23 9.04 -87.17
N LYS IC 243 102.95 8.94 -88.48
CA LYS IC 243 103.04 10.09 -89.36
C LYS IC 243 101.73 10.85 -89.51
N LYS IC 244 100.65 10.38 -88.88
CA LYS IC 244 99.32 10.96 -89.01
C LYS IC 244 99.11 12.07 -87.98
N LYS IC 245 100.13 12.35 -87.17
CA LYS IC 245 100.00 12.87 -85.81
C LYS IC 245 99.21 14.17 -85.71
N THR IC 246 98.10 14.09 -84.98
CA THR IC 246 97.15 15.19 -84.80
C THR IC 246 97.80 16.33 -84.01
N GLU IC 247 97.56 17.56 -84.47
CA GLU IC 247 98.12 18.75 -83.85
C GLU IC 247 97.60 18.98 -82.43
N ALA IC 248 96.41 18.49 -82.10
CA ALA IC 248 95.91 18.57 -80.73
C ALA IC 248 96.59 17.57 -79.80
N ASP IC 249 97.24 16.54 -80.35
CA ASP IC 249 97.94 15.55 -79.54
C ASP IC 249 99.39 15.93 -79.27
N MET IC 250 99.87 17.04 -79.81
CA MET IC 250 101.24 17.47 -79.59
C MET IC 250 101.39 18.07 -78.19
N GLU IC 251 102.54 17.79 -77.58
CA GLU IC 251 102.85 18.37 -76.27
C GLU IC 251 103.32 19.81 -76.35
N GLU IC 252 103.73 20.26 -77.54
CA GLU IC 252 104.21 21.61 -77.73
C GLU IC 252 103.49 22.25 -78.92
N TYR IC 253 103.66 23.57 -79.04
CA TYR IC 253 103.06 24.34 -80.12
C TYR IC 253 104.09 24.50 -81.24
N ILE IC 254 103.76 23.97 -82.41
CA ILE IC 254 104.55 24.19 -83.62
C ILE IC 254 103.87 25.29 -84.42
N TRP IC 255 104.65 26.25 -84.90
CA TRP IC 255 104.09 27.39 -85.62
C TRP IC 255 103.66 27.01 -87.03
N GLU IC 256 104.39 26.09 -87.68
CA GLU IC 256 104.09 25.71 -89.05
C GLU IC 256 102.79 24.92 -89.13
N ASN IC 257 101.97 25.24 -90.14
CA ASN IC 257 100.63 24.70 -90.37
C ASN IC 257 99.72 24.89 -89.16
N SER IC 258 99.55 26.12 -88.71
CA SER IC 258 98.66 26.41 -87.60
C SER IC 258 97.51 27.32 -88.05
N THR IC 259 96.46 27.36 -87.24
CA THR IC 259 95.35 28.27 -87.49
C THR IC 259 95.75 29.72 -87.28
N SER IC 260 96.63 29.97 -86.30
CA SER IC 260 97.16 31.31 -86.10
C SER IC 260 97.97 31.79 -87.30
N GLU IC 261 98.73 30.88 -87.93
CA GLU IC 261 99.48 31.22 -89.14
C GLU IC 261 98.55 31.60 -90.29
N LYS IC 262 97.45 30.86 -90.45
CA LYS IC 262 96.47 31.19 -91.48
C LYS IC 262 95.79 32.52 -91.19
N ASN IC 263 95.59 32.84 -89.92
CA ASN IC 263 95.04 34.14 -89.55
C ASN IC 263 96.03 35.27 -89.84
N ILE IC 264 97.33 35.04 -89.64
CA ILE IC 264 98.36 36.00 -90.05
C ILE IC 264 98.34 36.21 -91.57
N LEU IC 265 98.22 35.12 -92.34
CA LEU IC 265 98.14 35.25 -93.79
C LEU IC 265 96.91 36.04 -94.23
N GLU IC 266 95.73 35.75 -93.67
CA GLU IC 266 94.51 36.45 -94.02
C GLU IC 266 94.58 37.93 -93.65
N THR IC 267 95.06 38.22 -92.43
CA THR IC 267 95.16 39.60 -91.97
C THR IC 267 96.17 40.40 -92.78
N LEU IC 268 97.34 39.80 -93.07
CA LEU IC 268 98.38 40.53 -93.80
C LEU IC 268 98.02 40.72 -95.27
N LEU IC 269 97.34 39.74 -95.89
CA LEU IC 269 96.87 39.95 -97.26
C LEU IC 269 95.80 41.03 -97.30
N GLN IC 270 94.97 41.11 -96.24
CA GLN IC 270 93.98 42.19 -96.19
C GLN IC 270 94.64 43.55 -95.98
N ILE IC 271 95.74 43.62 -95.21
CA ILE IC 271 96.47 44.87 -95.02
C ILE IC 271 97.14 45.31 -96.32
N LYS IC 272 97.75 44.37 -97.06
CA LYS IC 272 98.31 44.70 -98.37
C LYS IC 272 97.23 45.12 -99.38
N ALA IC 273 96.06 44.48 -99.33
CA ALA IC 273 94.96 44.93 -100.18
C ALA IC 273 94.42 46.30 -99.77
N ALA IC 274 94.51 46.64 -98.48
CA ALA IC 274 94.14 47.96 -98.01
C ALA IC 274 95.12 49.03 -98.46
N GLU IC 275 96.42 48.71 -98.41
CA GLU IC 275 97.46 49.65 -98.84
C GLU IC 275 97.68 49.64 -100.34
N LYS IC 276 96.97 48.77 -101.07
CA LYS IC 276 97.05 48.63 -102.53
C LYS IC 276 98.46 48.29 -103.01
N ASN IC 277 99.19 47.53 -102.20
CA ASN IC 277 100.48 46.99 -102.60
C ASN IC 277 100.24 45.64 -103.26
N LEU IC 278 100.57 45.55 -104.55
CA LEU IC 278 100.22 44.38 -105.36
C LEU IC 278 101.19 43.23 -105.18
N GLU IC 279 102.23 43.39 -104.39
CA GLU IC 279 103.17 42.31 -104.12
C GLU IC 279 102.54 41.30 -103.16
N LEU IC 280 102.44 40.05 -103.61
CA LEU IC 280 101.87 38.97 -102.80
C LEU IC 280 102.72 37.73 -102.97
N SER IC 281 103.42 37.34 -101.91
CA SER IC 281 104.21 36.12 -101.90
C SER IC 281 104.31 35.61 -100.47
N LYS IC 282 104.11 34.29 -100.32
CA LYS IC 282 104.10 33.68 -99.00
C LYS IC 282 105.49 33.74 -98.36
N GLU IC 283 106.54 33.57 -99.17
CA GLU IC 283 107.91 33.72 -98.67
C GLU IC 283 108.17 35.14 -98.19
N GLU IC 284 107.64 36.13 -98.91
CA GLU IC 284 107.80 37.53 -98.52
C GLU IC 284 107.08 37.84 -97.22
N LEU IC 285 105.83 37.37 -97.08
CA LEU IC 285 105.05 37.72 -95.90
C LEU IC 285 105.47 36.91 -94.67
N LEU IC 286 105.98 35.69 -94.86
CA LEU IC 286 106.48 34.92 -93.73
C LEU IC 286 107.96 35.13 -93.45
N GLY IC 287 108.68 35.85 -94.31
CA GLY IC 287 110.07 36.15 -94.05
C GLY IC 287 110.33 37.42 -93.28
N THR IC 288 109.27 38.09 -92.84
CA THR IC 288 109.39 39.37 -92.15
C THR IC 288 109.88 39.16 -90.72
N LYS IC 289 110.78 40.07 -90.29
CA LYS IC 289 111.29 40.06 -88.91
C LYS IC 289 110.18 40.24 -87.89
N GLU IC 290 109.14 41.01 -88.21
CA GLU IC 290 108.00 41.16 -87.32
C GLU IC 290 107.24 39.85 -87.17
N VAL IC 291 107.08 39.10 -88.26
CA VAL IC 291 106.46 37.79 -88.20
C VAL IC 291 107.33 36.79 -87.45
N GLU IC 292 108.65 36.90 -87.56
CA GLU IC 292 109.55 36.05 -86.77
C GLU IC 292 109.43 36.36 -85.27
N ASP IC 293 109.32 37.64 -84.93
CA ASP IC 293 109.09 38.04 -83.53
C ASP IC 293 107.74 37.53 -83.02
N TYR IC 294 106.72 37.58 -83.89
CA TYR IC 294 105.41 37.02 -83.54
C TYR IC 294 105.50 35.51 -83.33
N ARG IC 295 106.30 34.82 -84.16
CA ARG IC 295 106.51 33.38 -84.02
C ARG IC 295 107.13 33.05 -82.67
N LYS IC 296 108.18 33.81 -82.29
CA LYS IC 296 108.83 33.61 -81.00
C LYS IC 296 107.88 33.90 -79.84
N SER IC 297 107.08 34.97 -79.98
CA SER IC 297 106.17 35.36 -78.90
C SER IC 297 105.06 34.34 -78.70
N VAL IC 298 104.47 33.83 -79.79
CA VAL IC 298 103.40 32.84 -79.65
C VAL IC 298 103.94 31.49 -79.19
N VAL IC 299 105.13 31.09 -79.64
CA VAL IC 299 105.75 29.86 -79.15
C VAL IC 299 106.05 29.95 -77.65
N SER IC 300 106.60 31.08 -77.19
CA SER IC 300 106.83 31.29 -75.76
C SER IC 300 105.53 31.36 -74.96
N LEU IC 301 104.48 31.99 -75.51
CA LEU IC 301 103.22 32.11 -74.79
C LEU IC 301 102.49 30.78 -74.69
N LYS IC 302 102.63 29.92 -75.70
CA LYS IC 302 101.89 28.67 -75.69
C LYS IC 302 102.65 27.56 -74.97
N ASN IC 303 103.99 27.63 -74.96
CA ASN IC 303 104.73 26.61 -74.23
C ASN IC 303 105.01 27.02 -72.79
N GLU IC 304 105.52 28.24 -72.58
CA GLU IC 304 105.83 28.70 -71.23
C GLU IC 304 104.56 29.02 -70.44
N GLY IC 305 103.58 29.64 -71.09
CA GLY IC 305 102.36 30.06 -70.42
C GLY IC 305 102.25 31.57 -70.34
N ASP IC 306 101.19 32.00 -69.65
CA ASP IC 306 100.93 33.43 -69.51
C ASP IC 306 101.86 34.05 -68.48
N ASN IC 307 102.44 35.18 -68.83
CA ASN IC 307 103.33 35.92 -67.94
C ASN IC 307 103.26 37.38 -68.37
N GLU IC 308 103.65 38.28 -67.46
CA GLU IC 308 103.62 39.71 -67.75
C GLU IC 308 104.57 40.06 -68.89
N ASN IC 309 105.80 39.53 -68.84
CA ASN IC 309 106.77 39.82 -69.89
C ASN IC 309 106.40 39.19 -71.24
N THR IC 310 105.83 37.99 -71.21
CA THR IC 310 105.43 37.32 -72.45
C THR IC 310 104.23 38.01 -73.07
N LEU IC 311 103.27 38.44 -72.24
CA LEU IC 311 102.15 39.24 -72.72
C LEU IC 311 102.60 40.60 -73.25
N SER IC 312 103.63 41.20 -72.64
CA SER IC 312 104.18 42.45 -73.17
C SER IC 312 104.86 42.23 -74.52
N GLN IC 313 105.54 41.09 -74.67
CA GLN IC 313 106.13 40.72 -75.95
C GLN IC 313 105.05 40.57 -77.02
N TYR IC 314 103.93 39.94 -76.66
CA TYR IC 314 102.78 39.83 -77.55
C TYR IC 314 102.21 41.21 -77.90
N LYS IC 315 102.17 42.10 -76.91
CA LYS IC 315 101.66 43.46 -77.12
C LYS IC 315 102.50 44.23 -78.13
N GLU IC 316 103.83 44.26 -77.96
CA GLU IC 316 104.69 44.95 -78.90
C GLU IC 316 104.69 44.27 -80.27
N SER IC 317 104.56 42.92 -80.29
CA SER IC 317 104.52 42.22 -81.57
C SER IC 317 103.27 42.57 -82.37
N VAL IC 318 102.11 42.59 -81.72
CA VAL IC 318 100.88 42.98 -82.40
C VAL IC 318 100.90 44.46 -82.80
N LYS IC 319 101.48 45.33 -81.97
CA LYS IC 319 101.56 46.75 -82.32
C LYS IC 319 102.45 46.99 -83.53
N ARG IC 320 103.62 46.36 -83.58
CA ARG IC 320 104.50 46.57 -84.73
C ARG IC 320 103.99 45.83 -85.97
N LEU IC 321 103.20 44.77 -85.78
CA LEU IC 321 102.62 44.10 -86.95
C LEU IC 321 101.45 44.90 -87.53
N LEU IC 322 100.64 45.52 -86.67
CA LEU IC 322 99.46 46.24 -87.09
C LEU IC 322 99.68 47.75 -87.17
N ASN IC 323 100.93 48.21 -87.12
CA ASN IC 323 101.42 49.56 -87.42
C ASN IC 323 100.96 50.60 -86.40
N LEU IC 324 100.38 50.21 -85.27
CA LEU IC 324 100.00 51.17 -84.24
C LEU IC 324 101.14 51.34 -83.25
N ALA IC 325 101.41 52.58 -82.87
CA ALA IC 325 102.48 52.88 -81.94
C ALA IC 325 101.97 53.73 -80.78
N ALA JC 2 69.39 44.60 35.26
CA ALA JC 2 69.27 43.68 36.37
C ALA JC 2 68.45 42.45 35.98
N THR JC 3 68.99 41.26 36.29
CA THR JC 3 68.41 39.96 35.97
C THR JC 3 67.10 39.77 36.74
N PRO JC 4 66.04 39.31 36.10
CA PRO JC 4 64.81 38.96 36.83
C PRO JC 4 65.04 37.82 37.80
N SER JC 5 64.31 37.86 38.92
CA SER JC 5 64.54 36.92 40.01
C SER JC 5 64.08 35.52 39.64
N LEU JC 6 64.81 34.53 40.15
CA LEU JC 6 64.58 33.13 39.82
C LEU JC 6 64.12 32.31 41.04
N ARG JC 7 63.94 32.97 42.19
CA ARG JC 7 63.50 32.28 43.40
C ARG JC 7 62.03 31.88 43.31
N GLY JC 8 61.74 30.61 43.55
CA GLY JC 8 60.38 30.13 43.62
C GLY JC 8 59.68 30.01 42.27
N ARG JC 9 60.46 30.03 41.19
CA ARG JC 9 59.86 30.01 39.86
C ARG JC 9 59.72 28.59 39.34
N LEU JC 10 60.79 27.79 39.44
CA LEU JC 10 60.80 26.45 38.87
C LEU JC 10 60.02 25.48 39.74
N ALA JC 11 59.69 24.33 39.15
CA ALA JC 11 58.98 23.28 39.85
C ALA JC 11 59.97 22.35 40.54
N ARG JC 12 60.08 22.47 41.86
CA ARG JC 12 60.99 21.65 42.64
C ARG JC 12 60.25 21.06 43.82
N LEU JC 13 60.89 20.09 44.49
CA LEU JC 13 60.28 19.46 45.66
C LEU JC 13 60.27 20.42 46.84
N GLY JC 14 61.28 21.29 46.95
CA GLY JC 14 61.35 22.19 48.08
C GLY JC 14 60.50 23.44 47.92
N ASN JC 15 59.94 23.64 46.74
CA ASN JC 15 59.13 24.83 46.47
C ASN JC 15 57.73 24.65 47.04
N PRO JC 16 57.28 25.49 47.97
CA PRO JC 16 55.92 25.31 48.50
C PRO JC 16 54.84 25.93 47.61
N ARG JC 17 55.18 26.97 46.85
CA ARG JC 17 54.20 27.69 46.04
C ARG JC 17 54.06 26.98 44.69
N ARG JC 18 53.11 27.43 43.86
CA ARG JC 18 52.93 26.85 42.55
C ARG JC 18 54.02 27.33 41.59
N PRO JC 19 54.37 26.52 40.59
CA PRO JC 19 55.38 26.94 39.61
C PRO JC 19 54.90 28.12 38.77
N ILE JC 20 55.84 28.99 38.43
CA ILE JC 20 55.53 30.18 37.64
C ILE JC 20 56.04 30.01 36.22
N LEU JC 21 57.31 29.67 36.09
CA LEU JC 21 57.96 29.55 34.80
C LEU JC 21 58.10 28.08 34.43
N LYS JC 22 57.69 27.73 33.21
CA LYS JC 22 57.79 26.37 32.71
C LYS JC 22 58.68 26.36 31.47
N PRO JC 23 59.99 26.15 31.61
CA PRO JC 23 60.87 26.18 30.44
C PRO JC 23 60.72 24.92 29.60
N ASN JC 24 60.80 25.10 28.28
CA ASN JC 24 60.79 23.97 27.36
C ASN JC 24 62.07 23.16 27.48
N LYS JC 25 63.22 23.85 27.45
CA LYS JC 25 64.54 23.29 27.60
C LYS JC 25 65.16 23.83 28.88
N PRO JC 26 66.09 23.10 29.51
CA PRO JC 26 66.66 23.56 30.80
C PRO JC 26 67.47 24.84 30.65
N LEU JC 27 67.44 25.64 31.71
CA LEU JC 27 68.08 26.95 31.73
C LEU JC 27 69.57 26.77 31.97
N ILE JC 28 70.29 26.34 30.93
CA ILE JC 28 71.72 26.09 30.99
C ILE JC 28 72.37 26.88 29.87
N LEU JC 29 73.40 27.67 30.19
CA LEU JC 29 74.13 28.38 29.14
C LEU JC 29 75.01 27.39 28.38
N ALA JC 30 74.79 27.31 27.07
CA ALA JC 30 75.67 26.52 26.22
C ALA JC 30 76.98 27.26 26.01
N ASN JC 31 77.95 26.55 25.44
CA ASN JC 31 79.26 27.14 25.18
C ASN JC 31 79.33 27.86 23.84
N HIS JC 32 78.19 28.15 23.22
CA HIS JC 32 78.12 28.83 21.94
C HIS JC 32 76.92 29.75 21.93
N VAL JC 33 77.04 30.84 21.16
CA VAL JC 33 75.92 31.76 20.99
C VAL JC 33 75.25 31.47 19.66
N GLY JC 34 74.03 31.96 19.49
CA GLY JC 34 73.31 31.77 18.25
C GLY JC 34 73.86 32.61 17.12
N GLU JC 35 73.68 32.12 15.90
CA GLU JC 35 74.12 32.85 14.71
C GLU JC 35 73.20 34.05 14.48
N ARG JC 36 73.74 35.03 13.77
CA ARG JC 36 72.97 36.23 13.44
C ARG JC 36 71.89 35.90 12.42
N ARG JC 37 70.77 36.61 12.50
CA ARG JC 37 69.68 36.39 11.55
C ARG JC 37 69.84 37.32 10.36
N ARG JC 38 69.75 36.74 9.15
CA ARG JC 38 69.82 37.55 7.94
C ARG JC 38 68.56 38.41 7.81
N GLU JC 39 68.75 39.67 7.44
CA GLU JC 39 67.65 40.60 7.34
C GLU JC 39 66.79 40.27 6.13
N LYS JC 40 65.48 40.22 6.33
CA LYS JC 40 64.55 39.93 5.26
C LYS JC 40 64.49 41.11 4.29
N GLY JC 41 64.64 40.82 3.00
CA GLY JC 41 64.68 41.89 2.02
C GLY JC 41 63.31 42.49 1.75
N GLU JC 42 63.32 43.76 1.38
CA GLU JC 42 62.11 44.49 1.04
C GLU JC 42 62.30 45.19 -0.29
N ALA JC 43 61.18 45.65 -0.87
CA ALA JC 43 61.20 46.23 -2.20
C ALA JC 43 61.86 47.61 -2.18
N THR JC 44 62.58 47.91 -3.26
CA THR JC 44 63.28 49.18 -3.42
C THR JC 44 62.74 49.93 -4.63
N CYS JC 45 63.09 51.21 -4.71
CA CYS JC 45 62.75 52.17 -5.77
C CYS JC 45 61.25 52.36 -5.96
N ILE JC 46 60.45 52.21 -4.90
CA ILE JC 46 58.99 52.22 -5.03
C ILE JC 46 58.48 53.62 -5.36
N THR JC 47 59.02 54.65 -4.69
CA THR JC 47 58.57 56.02 -4.91
C THR JC 47 58.96 56.52 -6.29
N GLU JC 48 60.20 56.20 -6.72
CA GLU JC 48 60.66 56.58 -8.05
C GLU JC 48 59.88 55.85 -9.13
N MET JC 49 59.55 54.57 -8.88
CA MET JC 49 58.70 53.82 -9.80
C MET JC 49 57.29 54.43 -9.87
N SER JC 50 56.78 54.91 -8.73
CA SER JC 50 55.45 55.50 -8.70
C SER JC 50 55.40 56.82 -9.48
N VAL JC 51 56.42 57.67 -9.35
CA VAL JC 51 56.39 58.93 -10.10
C VAL JC 51 56.74 58.68 -11.58
N MET JC 52 57.47 57.60 -11.86
CA MET JC 52 57.68 57.16 -13.23
C MET JC 52 56.38 56.73 -13.89
N MET JC 53 55.56 55.97 -13.16
CA MET JC 53 54.22 55.63 -13.66
C MET JC 53 53.31 56.85 -13.68
N ALA JC 54 53.58 57.84 -12.84
CA ALA JC 54 52.79 59.08 -12.85
C ALA JC 54 53.00 59.85 -14.16
N CYS JC 55 54.26 60.04 -14.57
CA CYS JC 55 54.50 60.54 -15.93
C CYS JC 55 53.92 59.66 -17.03
N TRP JC 56 54.03 58.34 -16.90
CA TRP JC 56 53.55 57.49 -18.00
C TRP JC 56 52.03 57.58 -18.16
N LYS JC 57 51.29 57.61 -17.05
CA LYS JC 57 49.85 57.73 -17.15
C LYS JC 57 49.42 59.16 -17.51
N GLN JC 58 50.19 60.16 -17.08
CA GLN JC 58 49.80 61.54 -17.33
C GLN JC 58 50.10 61.95 -18.77
N ASN JC 59 51.18 61.44 -19.35
CA ASN JC 59 51.62 61.86 -20.67
C ASN JC 59 51.56 60.75 -21.71
N GLU JC 60 50.87 59.64 -21.41
CA GLU JC 60 50.53 58.57 -22.37
C GLU JC 60 51.78 57.91 -22.95
N PHE JC 61 52.72 57.56 -22.07
CA PHE JC 61 53.83 56.64 -22.34
C PHE JC 61 54.81 57.20 -23.40
N ARG JC 62 55.16 58.46 -23.28
CA ARG JC 62 56.23 59.04 -24.07
C ARG JC 62 57.38 59.43 -23.15
N ASP JC 63 58.59 58.96 -23.48
CA ASP JC 63 59.74 59.21 -22.63
C ASP JC 63 60.26 60.64 -22.80
N GLU JC 64 59.86 61.31 -23.90
CA GLU JC 64 60.42 62.61 -24.22
C GLU JC 64 59.84 63.74 -23.38
N ALA JC 65 58.76 63.46 -22.63
CA ALA JC 65 58.14 64.50 -21.81
C ALA JC 65 58.96 64.80 -20.56
N CYS JC 66 59.15 63.79 -19.71
CA CYS JC 66 59.92 63.90 -18.48
C CYS JC 66 60.93 62.77 -18.45
N ARG JC 67 62.23 63.13 -18.47
CA ARG JC 67 63.33 62.16 -18.42
C ARG JC 67 64.05 62.18 -17.08
N LYS JC 68 63.76 63.17 -16.24
CA LYS JC 68 64.43 63.31 -14.95
C LYS JC 68 64.09 62.14 -14.02
N GLU JC 69 62.84 61.68 -14.02
CA GLU JC 69 62.48 60.58 -13.13
C GLU JC 69 63.01 59.26 -13.65
N ILE JC 70 63.23 59.16 -14.98
CA ILE JC 70 63.83 57.96 -15.55
C ILE JC 70 65.31 57.88 -15.16
N GLN JC 71 65.99 59.04 -15.21
CA GLN JC 71 67.37 59.10 -14.73
C GLN JC 71 67.44 58.83 -13.23
N ASP JC 72 66.47 59.34 -12.47
CA ASP JC 72 66.45 59.08 -11.02
C ASP JC 72 66.14 57.62 -10.71
N PHE JC 73 65.29 56.98 -11.52
CA PHE JC 73 64.99 55.57 -11.33
C PHE JC 73 66.18 54.69 -11.67
N PHE JC 74 66.91 55.05 -12.73
CA PHE JC 74 68.13 54.33 -13.08
C PHE JC 74 69.21 54.52 -12.01
N ASP JC 75 69.30 55.73 -11.46
CA ASP JC 75 70.24 55.99 -10.36
C ASP JC 75 69.83 55.22 -9.09
N CYS JC 76 68.52 55.10 -8.85
CA CYS JC 76 68.02 54.31 -7.73
C CYS JC 76 68.36 52.84 -7.90
N ALA JC 77 68.20 52.32 -9.12
CA ALA JC 77 68.53 50.93 -9.39
C ALA JC 77 70.02 50.67 -9.25
N SER JC 78 70.86 51.59 -9.74
CA SER JC 78 72.31 51.44 -9.61
C SER JC 78 72.74 51.55 -8.16
N ARG JC 79 72.10 52.46 -7.40
CA ARG JC 79 72.40 52.60 -5.98
C ARG JC 79 72.00 51.36 -5.20
N ALA JC 80 70.85 50.76 -5.54
CA ALA JC 80 70.42 49.53 -4.89
C ALA JC 80 71.34 48.37 -5.22
N GLU JC 81 71.80 48.29 -6.49
CA GLU JC 81 72.73 47.24 -6.88
C GLU JC 81 74.07 47.37 -6.17
N ALA JC 82 74.59 48.60 -6.09
CA ALA JC 82 75.85 48.83 -5.37
C ALA JC 82 75.69 48.60 -3.88
N ALA JC 83 74.52 48.94 -3.32
CA ALA JC 83 74.26 48.74 -1.90
C ALA JC 83 74.17 47.26 -1.56
N ARG JC 84 73.50 46.48 -2.40
CA ARG JC 84 73.43 45.04 -2.13
C ARG JC 84 74.75 44.35 -2.45
N LYS JC 85 75.60 44.99 -3.26
CA LYS JC 85 76.94 44.47 -3.46
C LYS JC 85 77.81 44.68 -2.22
N MET JC 86 77.80 45.90 -1.67
CA MET JC 86 78.76 46.21 -0.60
C MET JC 86 78.24 45.91 0.80
N ARG JC 87 76.92 45.93 1.02
CA ARG JC 87 76.38 45.76 2.36
C ARG JC 87 76.48 44.32 2.83
N SER JC 88 76.41 43.36 1.89
CA SER JC 88 76.59 41.96 2.23
C SER JC 88 78.01 41.68 2.72
N ILE JC 89 78.99 42.32 2.09
CA ILE JC 89 80.38 42.18 2.53
C ILE JC 89 80.60 42.90 3.85
N GLN JC 90 80.05 44.13 3.97
CA GLN JC 90 80.34 44.96 5.15
C GLN JC 90 79.61 44.49 6.39
N GLU JC 91 78.45 43.83 6.24
CA GLU JC 91 77.72 43.35 7.41
C GLU JC 91 78.21 41.98 7.87
N ASN JC 92 79.00 41.29 7.04
CA ASN JC 92 79.55 40.00 7.46
C ASN JC 92 80.65 40.17 8.48
N LEU JC 93 81.50 41.19 8.30
CA LEU JC 93 82.65 41.37 9.18
C LEU JC 93 82.32 42.29 10.35
N GLY JC 94 81.74 43.46 10.05
CA GLY JC 94 81.50 44.46 11.08
C GLY JC 94 80.31 44.11 11.93
N GLU JC 95 80.49 44.09 13.25
CA GLU JC 95 79.40 43.88 14.20
C GLU JC 95 79.17 45.08 15.11
N LEU JC 96 79.70 46.26 14.73
CA LEU JC 96 79.61 47.53 15.47
C LEU JC 96 80.25 47.33 16.84
N GLY JC 97 79.53 47.55 17.93
CA GLY JC 97 80.09 47.37 19.26
C GLY JC 97 80.15 45.94 19.74
N SER JC 98 79.68 44.99 18.96
CA SER JC 98 79.67 43.58 19.33
C SER JC 98 80.84 42.85 18.67
N LEU JC 99 80.86 41.53 18.80
CA LEU JC 99 81.92 40.66 18.32
C LEU JC 99 81.32 39.62 17.36
N PRO JC 100 82.07 39.19 16.36
CA PRO JC 100 81.60 38.09 15.49
C PRO JC 100 81.36 36.81 16.25
N PRO JC 101 80.34 36.04 15.83
CA PRO JC 101 79.95 34.82 16.57
C PRO JC 101 81.01 33.73 16.63
N LYS JC 102 81.90 33.64 15.64
CA LYS JC 102 82.97 32.65 15.71
C LYS JC 102 83.94 32.95 16.85
N LYS JC 103 84.32 34.23 17.00
CA LYS JC 103 85.19 34.61 18.11
C LYS JC 103 84.45 34.55 19.44
N LEU JC 104 83.14 34.79 19.43
CA LEU JC 104 82.34 34.55 20.64
C LEU JC 104 82.33 33.07 21.02
N ASN JC 105 82.22 32.17 20.04
CA ASN JC 105 82.26 30.74 20.32
C ASN JC 105 83.62 30.31 20.84
N LYS JC 106 84.70 30.88 20.29
CA LYS JC 106 86.04 30.59 20.79
C LYS JC 106 86.23 31.11 22.21
N LEU JC 107 85.68 32.30 22.51
CA LEU JC 107 85.79 32.87 23.85
C LEU JC 107 85.02 32.03 24.88
N LEU JC 108 83.80 31.60 24.53
CA LEU JC 108 83.01 30.79 25.46
C LEU JC 108 83.49 29.34 25.51
N HIS JC 109 84.23 28.89 24.50
CA HIS JC 109 84.89 27.59 24.62
C HIS JC 109 86.12 27.68 25.50
N ARG JC 110 86.81 28.83 25.48
CA ARG JC 110 87.90 29.07 26.42
C ARG JC 110 87.38 29.17 27.85
N PHE JC 111 86.22 29.79 28.05
CA PHE JC 111 85.62 29.94 29.37
C PHE JC 111 84.27 29.24 29.38
N PRO JC 112 84.24 27.94 29.65
CA PRO JC 112 82.99 27.20 29.55
C PRO JC 112 82.14 27.33 30.81
N ASN JC 113 80.94 26.77 30.74
CA ASN JC 113 80.02 26.71 31.86
C ASN JC 113 80.08 25.29 32.39
N LYS JC 114 79.90 25.13 33.69
CA LYS JC 114 80.04 23.82 34.34
C LYS JC 114 78.73 23.37 34.96
N PRO JC 115 77.90 22.61 34.25
CA PRO JC 115 76.75 21.98 34.93
C PRO JC 115 77.16 20.81 35.79
N HIS JC 116 78.25 20.13 35.43
CA HIS JC 116 78.71 18.97 36.18
C HIS JC 116 79.58 19.39 37.35
N VAL JC 117 80.14 18.37 38.03
CA VAL JC 117 80.90 18.40 39.30
C VAL JC 117 80.53 19.52 40.28
N LYS KC 128 53.84 7.11 22.61
CA LYS KC 128 54.00 7.02 24.06
C LYS KC 128 52.65 6.87 24.74
N ASN KC 129 52.33 7.81 25.64
CA ASN KC 129 51.06 7.75 26.37
C ASN KC 129 49.90 8.22 25.48
N ILE KC 130 50.23 8.84 24.34
CA ILE KC 130 49.21 9.34 23.41
C ILE KC 130 48.46 8.17 22.78
N LEU KC 131 49.10 6.99 22.68
CA LEU KC 131 48.41 5.80 22.17
C LEU KC 131 47.29 5.37 23.10
N LYS KC 132 47.58 5.32 24.42
CA LYS KC 132 46.56 4.98 25.41
C LYS KC 132 45.46 6.04 25.46
N ILE KC 133 45.87 7.31 25.36
CA ILE KC 133 44.91 8.42 25.38
C ILE KC 133 43.98 8.35 24.17
N ARG KC 134 44.54 8.05 23.00
CA ARG KC 134 43.74 7.96 21.78
C ARG KC 134 42.83 6.74 21.79
N ARG KC 135 43.29 5.64 22.40
CA ARG KC 135 42.43 4.46 22.54
C ARG KC 135 41.24 4.74 23.46
N ARG KC 136 41.49 5.42 24.58
CA ARG KC 136 40.39 5.79 25.48
C ARG KC 136 39.46 6.82 24.83
N LYS KC 137 40.04 7.71 24.02
CA LYS KC 137 39.25 8.69 23.27
C LYS KC 137 38.32 8.01 22.27
N MET KC 138 38.84 7.01 21.55
CA MET KC 138 38.05 6.31 20.55
C MET KC 138 36.95 5.49 21.22
N ASN KC 139 37.27 4.88 22.37
CA ASN KC 139 36.27 4.12 23.13
C ASN KC 139 35.16 5.02 23.64
N HIS KC 140 35.51 6.21 24.15
CA HIS KC 140 34.51 7.13 24.67
C HIS KC 140 33.64 7.71 23.56
N HIS KC 141 34.26 7.99 22.40
CA HIS KC 141 33.51 8.50 21.26
C HIS KC 141 32.53 7.45 20.72
N LYS KC 142 32.96 6.19 20.66
CA LYS KC 142 32.10 5.11 20.20
C LYS KC 142 30.96 4.86 21.20
N TYR KC 143 31.25 4.99 22.50
CA TYR KC 143 30.20 4.83 23.51
C TYR KC 143 29.19 5.97 23.45
N ARG KC 144 29.66 7.19 23.18
CA ARG KC 144 28.75 8.33 23.04
C ARG KC 144 27.86 8.18 21.81
N LYS KC 145 28.43 7.68 20.71
CA LYS KC 145 27.62 7.40 19.52
C LYS KC 145 26.62 6.28 19.78
N LEU KC 146 27.00 5.28 20.56
CA LEU KC 146 26.08 4.21 20.95
C LEU KC 146 24.92 4.74 21.79
N VAL KC 147 25.23 5.63 22.74
CA VAL KC 147 24.21 6.23 23.59
C VAL KC 147 23.25 7.09 22.76
N LYS KC 148 23.80 7.88 21.83
CA LYS KC 148 22.96 8.71 20.97
C LYS KC 148 22.11 7.89 20.01
N ARG KC 149 22.63 6.77 19.49
CA ARG KC 149 21.85 5.96 18.56
C ARG KC 149 20.79 5.13 19.27
N THR KC 150 21.11 4.59 20.45
CA THR KC 150 20.17 3.78 21.22
C THR KC 150 19.71 4.48 22.50
N ARG KC 151 19.40 5.77 22.42
CA ARG KC 151 18.92 6.54 23.57
C ARG KC 151 17.62 5.98 24.14
N PHE KC 152 16.60 5.81 23.30
CA PHE KC 152 15.26 5.52 23.79
C PHE KC 152 15.09 4.08 24.25
N LEU KC 153 15.85 3.16 23.67
CA LEU KC 153 15.88 1.79 24.18
C LEU KC 153 16.46 1.76 25.59
N ARG KC 154 17.50 2.54 25.84
CA ARG KC 154 18.06 2.66 27.18
C ARG KC 154 17.09 3.33 28.13
N ARG KC 155 16.29 4.28 27.62
CA ARG KC 155 15.25 4.89 28.44
C ARG KC 155 14.18 3.89 28.86
N LYS KC 156 13.77 3.02 27.92
CA LYS KC 156 12.79 1.98 28.23
C LYS KC 156 13.35 0.97 29.23
N VAL KC 157 14.62 0.59 29.06
CA VAL KC 157 15.27 -0.33 29.98
C VAL KC 157 15.40 0.28 31.38
N ARG KC 158 15.78 1.56 31.45
CA ARG KC 158 15.90 2.25 32.73
C ARG KC 158 14.55 2.40 33.42
N GLU KC 159 13.49 2.68 32.64
CA GLU KC 159 12.15 2.81 33.21
C GLU KC 159 11.65 1.48 33.75
N GLY KC 160 11.90 0.39 33.03
CA GLY KC 160 11.53 -0.93 33.53
C GLY KC 160 12.34 -1.34 34.74
N ARG KC 161 13.62 -0.93 34.78
CA ARG KC 161 14.46 -1.23 35.94
C ARG KC 161 14.00 -0.47 37.17
N LEU KC 162 13.56 0.77 37.00
CA LEU KC 162 13.00 1.54 38.11
C LEU KC 162 11.67 0.96 38.57
N ARG KC 163 10.88 0.41 37.64
CA ARG KC 163 9.65 -0.29 38.00
C ARG KC 163 9.94 -1.51 38.86
N GLN KC 164 10.91 -2.33 38.45
CA GLN KC 164 11.26 -3.51 39.22
C GLN KC 164 11.90 -3.12 40.56
N LYS KC 165 12.61 -1.99 40.60
CA LYS KC 165 13.14 -1.46 41.85
C LYS KC 165 12.02 -1.12 42.83
N GLN KC 166 11.01 -0.39 42.36
CA GLN KC 166 9.89 -0.01 43.22
C GLN KC 166 9.08 -1.24 43.65
N VAL KC 167 8.90 -2.20 42.73
CA VAL KC 167 8.15 -3.42 43.05
C VAL KC 167 8.89 -4.25 44.08
N LYS KC 168 10.21 -4.38 43.94
CA LYS KC 168 11.02 -5.12 44.91
C LYS KC 168 11.02 -4.44 46.28
N PHE KC 169 11.01 -3.10 46.29
CA PHE KC 169 10.88 -2.36 47.54
C PHE KC 169 9.54 -2.62 48.21
N GLU KC 170 8.45 -2.66 47.42
CA GLU KC 170 7.13 -2.97 47.96
C GLU KC 170 7.06 -4.38 48.52
N ARG KC 171 7.66 -5.35 47.82
CA ARG KC 171 7.67 -6.73 48.31
C ARG KC 171 8.50 -6.87 49.58
N ASP KC 172 9.61 -6.13 49.66
CA ASP KC 172 10.44 -6.16 50.87
C ASP KC 172 9.69 -5.59 52.07
N LEU KC 173 9.03 -4.45 51.90
CA LEU KC 173 8.26 -3.85 53.00
C LEU KC 173 7.08 -4.73 53.39
N LYS KC 174 6.42 -5.35 52.38
CA LYS KC 174 5.32 -6.28 52.66
C LYS KC 174 5.80 -7.49 53.46
N ARG KC 175 7.00 -7.98 53.14
CA ARG KC 175 7.59 -9.05 53.93
C ARG KC 175 7.87 -8.61 55.37
N ILE KC 176 8.30 -7.34 55.54
CA ILE KC 176 8.52 -6.82 56.89
C ILE KC 176 7.23 -6.79 57.70
N TRP KC 177 6.12 -6.32 57.11
CA TRP KC 177 4.93 -6.33 57.96
C TRP KC 177 4.25 -7.69 58.06
N GLN KC 178 4.51 -8.63 57.14
CA GLN KC 178 3.91 -9.95 57.31
C GLN KC 178 4.68 -10.79 58.33
N LYS KC 179 6.01 -10.68 58.36
CA LYS KC 179 6.77 -11.54 59.26
C LYS KC 179 6.69 -11.12 60.72
N ALA KC 180 6.13 -9.95 61.02
CA ALA KC 180 5.91 -9.53 62.39
C ALA KC 180 4.56 -9.96 62.94
N GLY KC 181 3.73 -10.61 62.12
CA GLY KC 181 2.46 -11.14 62.56
C GLY KC 181 1.23 -10.39 62.06
N LEU KC 182 1.40 -9.20 61.50
CA LEU KC 182 0.26 -8.44 61.02
C LEU KC 182 -0.25 -9.00 59.70
N LYS KC 183 -1.50 -8.65 59.39
CA LYS KC 183 -2.10 -8.98 58.10
C LYS KC 183 -2.10 -7.78 57.18
N GLU KC 184 -2.53 -6.62 57.68
CA GLU KC 184 -2.55 -5.39 56.92
C GLU KC 184 -1.41 -4.47 57.40
N ALA KC 185 -1.00 -3.56 56.51
CA ALA KC 185 0.04 -2.59 56.87
C ALA KC 185 -0.51 -1.60 57.91
N PRO KC 186 0.36 -1.00 58.73
CA PRO KC 186 -0.09 -0.05 59.75
C PRO KC 186 -0.78 1.18 59.14
N ALA KC 187 -1.74 1.72 59.91
CA ALA KC 187 -2.64 2.74 59.39
C ALA KC 187 -1.91 4.06 59.16
N GLY KC 188 -2.24 4.71 58.05
CA GLY KC 188 -1.59 5.95 57.69
C GLY KC 188 -0.27 5.76 56.95
N TRP KC 189 -0.03 4.56 56.42
CA TRP KC 189 1.18 4.28 55.66
C TRP KC 189 0.80 4.10 54.20
N GLN KC 190 1.18 5.07 53.37
CA GLN KC 190 0.79 5.09 51.96
C GLN KC 190 1.86 4.54 51.02
N THR KC 191 3.01 4.05 51.57
CA THR KC 191 4.20 3.49 50.91
C THR KC 191 4.62 4.29 49.67
N PRO KC 192 5.21 5.47 49.87
CA PRO KC 192 5.42 6.41 48.76
C PRO KC 192 6.45 5.94 47.76
N LYS KC 193 6.30 6.42 46.52
CA LYS KC 193 7.16 6.04 45.40
C LYS KC 193 8.40 6.92 45.47
N ILE KC 194 9.54 6.32 45.83
CA ILE KC 194 10.79 7.05 45.98
C ILE KC 194 11.65 6.94 44.73
N TYR KC 195 11.41 5.93 43.90
CA TYR KC 195 12.21 5.76 42.69
C TYR KC 195 11.50 6.28 41.44
N LEU KC 196 10.17 6.22 41.42
CA LEU KC 196 9.39 6.63 40.25
C LEU KC 196 9.02 8.10 40.28
N LYS KC 197 9.81 8.94 40.94
CA LYS KC 197 9.57 10.37 41.00
C LYS KC 197 9.74 11.01 39.62
N ASN KC 198 8.97 12.07 39.38
CA ASN KC 198 8.99 12.73 38.09
C ASN KC 198 10.29 13.50 37.90
N GLN KC 199 10.75 13.57 36.65
CA GLN KC 199 12.02 14.20 36.33
C GLN KC 199 11.92 15.73 36.40
N GLU LC 55 136.50 5.67 -66.75
CA GLU LC 55 137.90 5.39 -66.45
C GLU LC 55 138.19 5.56 -64.96
N GLU LC 56 137.48 6.50 -64.33
CA GLU LC 56 137.65 6.73 -62.91
C GLU LC 56 136.78 5.82 -62.05
N VAL LC 57 136.02 4.91 -62.66
CA VAL LC 57 135.17 3.99 -61.92
C VAL LC 57 136.04 2.95 -61.23
N VAL LC 58 135.99 2.92 -59.90
CA VAL LC 58 136.71 1.95 -59.10
C VAL LC 58 135.70 1.07 -58.37
N ILE LC 59 135.74 -0.22 -58.64
CA ILE LC 59 134.82 -1.16 -57.99
C ILE LC 59 135.63 -2.15 -57.17
N PRO LC 60 135.47 -2.18 -55.85
CA PRO LC 60 136.17 -3.19 -55.05
C PRO LC 60 135.56 -4.57 -55.23
N LYS LC 61 136.29 -5.61 -54.88
CA LYS LC 61 135.81 -6.98 -55.03
C LYS LC 61 135.05 -7.40 -53.78
N LYS LC 62 134.15 -8.36 -53.94
CA LYS LC 62 133.28 -8.81 -52.88
C LYS LC 62 133.94 -9.93 -52.07
N LYS LC 63 133.44 -10.12 -50.85
CA LYS LC 63 133.93 -11.15 -49.95
C LYS LC 63 132.82 -12.17 -49.71
N THR LC 64 133.16 -13.46 -49.78
CA THR LC 64 132.22 -14.55 -49.58
C THR LC 64 132.54 -15.21 -48.24
N TRP LC 65 131.54 -15.30 -47.36
CA TRP LC 65 131.72 -15.92 -46.06
C TRP LC 65 130.59 -16.91 -45.78
N ASP LC 66 130.90 -17.91 -44.97
CA ASP LC 66 129.88 -18.77 -44.41
C ASP LC 66 129.14 -18.00 -43.32
N LYS LC 67 127.88 -18.40 -43.07
CA LYS LC 67 126.92 -17.61 -42.30
C LYS LC 67 127.36 -17.38 -40.85
N VAL LC 68 128.16 -18.30 -40.29
CA VAL LC 68 128.52 -18.24 -38.89
C VAL LC 68 129.95 -17.78 -38.63
N ALA LC 69 130.71 -17.44 -39.68
CA ALA LC 69 132.09 -17.01 -39.52
C ALA LC 69 132.17 -15.70 -38.74
N ILE LC 70 131.18 -14.83 -38.93
CA ILE LC 70 131.08 -13.61 -38.13
C ILE LC 70 130.76 -13.93 -36.67
N LEU LC 71 130.06 -15.04 -36.44
CA LEU LC 71 129.69 -15.37 -35.06
C LEU LC 71 130.87 -15.97 -34.32
N GLN LC 72 131.73 -16.73 -35.02
CA GLN LC 72 133.00 -17.10 -34.41
C GLN LC 72 133.95 -15.90 -34.32
N ALA LC 73 133.77 -14.90 -35.18
CA ALA LC 73 134.56 -13.67 -35.04
C ALA LC 73 134.18 -12.90 -33.77
N LEU LC 74 132.89 -12.92 -33.40
CA LEU LC 74 132.48 -12.37 -32.11
C LEU LC 74 132.88 -13.26 -30.94
N ALA LC 75 132.83 -14.58 -31.13
CA ALA LC 75 133.23 -15.51 -30.07
C ALA LC 75 134.74 -15.50 -29.84
N SER LC 76 135.51 -15.02 -30.81
CA SER LC 76 136.93 -14.78 -30.59
C SER LC 76 137.16 -13.65 -29.59
N THR LC 77 136.35 -12.59 -29.67
CA THR LC 77 136.47 -11.50 -28.71
C THR LC 77 135.87 -11.84 -27.36
N VAL LC 78 134.76 -12.58 -27.33
CA VAL LC 78 134.10 -12.96 -26.08
C VAL LC 78 134.76 -14.23 -25.56
N HIS LC 79 135.56 -14.09 -24.51
CA HIS LC 79 136.29 -15.21 -23.94
C HIS LC 79 135.49 -15.84 -22.80
N ARG LC 80 136.12 -16.76 -22.07
CA ARG LC 80 135.45 -17.44 -20.96
C ARG LC 80 135.28 -16.50 -19.78
N ASP LC 81 134.29 -16.80 -18.95
CA ASP LC 81 134.00 -15.98 -17.77
C ASP LC 81 134.56 -16.66 -16.54
N SER LC 82 135.25 -15.88 -15.70
CA SER LC 82 135.95 -16.43 -14.54
C SER LC 82 134.98 -16.84 -13.45
N THR LC 83 133.98 -16.01 -13.18
CA THR LC 83 133.08 -16.24 -12.05
C THR LC 83 131.87 -17.10 -12.40
N ALA LC 84 131.62 -17.37 -13.68
CA ALA LC 84 130.36 -17.96 -14.09
C ALA LC 84 130.35 -19.47 -13.93
N ALA LC 85 129.14 -20.03 -13.95
CA ALA LC 85 128.93 -21.47 -13.97
C ALA LC 85 129.07 -21.97 -15.41
N PRO LC 86 129.05 -23.29 -15.62
CA PRO LC 86 128.86 -23.82 -16.98
C PRO LC 86 127.55 -23.35 -17.59
N TYR LC 87 127.58 -23.18 -18.92
CA TYR LC 87 126.51 -22.47 -19.63
C TYR LC 87 125.23 -23.30 -19.72
N VAL LC 88 125.35 -24.62 -19.68
CA VAL LC 88 124.17 -25.49 -19.79
C VAL LC 88 123.28 -25.36 -18.57
N PHE LC 89 123.87 -25.35 -17.38
CA PHE LC 89 123.12 -25.21 -16.15
C PHE LC 89 122.65 -23.76 -15.99
N GLN LC 90 121.50 -23.61 -15.33
CA GLN LC 90 121.06 -22.28 -14.95
C GLN LC 90 121.95 -21.75 -13.83
N ASP LC 91 122.35 -20.48 -13.98
CA ASP LC 91 123.31 -19.90 -13.05
C ASP LC 91 122.64 -19.22 -11.86
N ASP LC 92 121.34 -19.45 -11.68
CA ASP LC 92 120.65 -19.09 -10.46
C ASP LC 92 121.29 -19.85 -9.30
N PRO LC 93 121.58 -19.17 -8.18
CA PRO LC 93 122.30 -19.84 -7.07
C PRO LC 93 121.59 -21.03 -6.44
N TYR LC 94 120.26 -21.14 -6.58
CA TYR LC 94 119.60 -22.38 -6.18
C TYR LC 94 119.91 -23.50 -7.16
N LEU LC 95 120.10 -23.17 -8.44
CA LEU LC 95 120.37 -24.15 -9.47
C LEU LC 95 121.84 -24.29 -9.84
N ILE LC 96 122.73 -23.54 -9.19
CA ILE LC 96 124.16 -23.75 -9.41
C ILE LC 96 124.58 -25.05 -8.72
N PRO LC 97 125.20 -25.99 -9.44
CA PRO LC 97 125.62 -27.25 -8.81
C PRO LC 97 126.78 -27.03 -7.84
N THR LC 98 126.63 -27.58 -6.63
CA THR LC 98 127.64 -27.41 -5.59
C THR LC 98 128.85 -28.29 -5.83
N SER LC 99 128.65 -29.51 -6.30
CA SER LC 99 129.72 -30.47 -6.50
C SER LC 99 129.63 -31.08 -7.90
N SER LC 100 130.67 -31.85 -8.26
CA SER LC 100 130.73 -32.48 -9.57
C SER LC 100 129.67 -33.57 -9.73
N VAL LC 101 129.31 -34.24 -8.63
CA VAL LC 101 128.20 -35.18 -8.64
C VAL LC 101 126.90 -34.46 -8.95
N GLU LC 102 126.71 -33.27 -8.36
CA GLU LC 102 125.52 -32.46 -8.67
C GLU LC 102 125.53 -31.95 -10.10
N SER LC 103 126.73 -31.63 -10.63
CA SER LC 103 126.84 -31.20 -12.03
C SER LC 103 126.44 -32.31 -12.99
N HIS LC 104 126.95 -33.51 -12.75
CA HIS LC 104 126.61 -34.67 -13.58
C HIS LC 104 125.12 -35.00 -13.43
N SER LC 105 124.59 -34.87 -12.21
CA SER LC 105 123.18 -35.09 -11.95
C SER LC 105 122.30 -34.11 -12.72
N PHE LC 106 122.67 -32.83 -12.75
CA PHE LC 106 121.85 -31.83 -13.42
C PHE LC 106 121.93 -31.99 -14.94
N LEU LC 107 123.12 -32.30 -15.46
CA LEU LC 107 123.28 -32.49 -16.90
C LEU LC 107 122.53 -33.73 -17.38
N LEU LC 108 122.61 -34.83 -16.61
CA LEU LC 108 121.87 -36.04 -16.99
C LEU LC 108 120.37 -35.87 -16.77
N ALA LC 109 119.96 -35.02 -15.83
CA ALA LC 109 118.54 -34.71 -15.68
C ALA LC 109 118.00 -33.95 -16.89
N LYS LC 110 118.78 -32.98 -17.39
CA LYS LC 110 118.38 -32.25 -18.59
C LYS LC 110 118.37 -33.16 -19.82
N LYS LC 111 119.35 -34.06 -19.91
CA LYS LC 111 119.39 -35.00 -21.02
C LYS LC 111 118.24 -36.00 -20.95
N SER LC 112 117.85 -36.43 -19.74
CA SER LC 112 116.70 -37.30 -19.58
C SER LC 112 115.40 -36.57 -19.92
N GLY LC 113 115.34 -35.26 -19.64
CA GLY LC 113 114.20 -34.48 -20.08
C GLY LC 113 114.10 -34.38 -21.60
N GLU LC 114 115.24 -34.18 -22.26
CA GLU LC 114 115.30 -34.18 -23.72
C GLU LC 114 114.85 -35.52 -24.29
N ASN LC 115 115.35 -36.62 -23.72
CA ASN LC 115 114.99 -37.95 -24.19
C ASN LC 115 113.51 -38.26 -23.93
N ALA LC 116 112.98 -37.83 -22.79
CA ALA LC 116 111.58 -38.07 -22.47
C ALA LC 116 110.66 -37.30 -23.41
N ALA LC 117 110.98 -36.02 -23.68
CA ALA LC 117 110.15 -35.23 -24.57
C ALA LC 117 110.22 -35.75 -26.01
N LYS LC 118 111.42 -36.18 -26.45
CA LYS LC 118 111.52 -36.79 -27.78
C LYS LC 118 110.81 -38.14 -27.84
N PHE LC 119 110.73 -38.85 -26.71
CA PHE LC 119 109.92 -40.06 -26.66
C PHE LC 119 108.44 -39.74 -26.81
N ILE LC 120 107.99 -38.63 -26.23
CA ILE LC 120 106.60 -38.18 -26.41
C ILE LC 120 106.34 -37.83 -27.88
N ILE LC 121 107.30 -37.16 -28.52
CA ILE LC 121 107.18 -36.77 -29.93
C ILE LC 121 107.10 -38.01 -30.82
N ASN LC 122 107.97 -38.99 -30.59
CA ASN LC 122 107.93 -40.22 -31.36
C ASN LC 122 106.76 -41.14 -30.99
N SER LC 123 106.17 -40.96 -29.81
CA SER LC 123 105.02 -41.78 -29.44
C SER LC 123 103.74 -41.25 -30.06
N TYR LC 124 103.57 -39.92 -30.11
CA TYR LC 124 102.38 -39.29 -30.68
C TYR LC 124 102.82 -38.30 -31.76
N PRO LC 125 103.08 -38.77 -32.99
CA PRO LC 125 103.57 -37.86 -34.02
C PRO LC 125 102.47 -37.00 -34.65
N LYS LC 126 101.19 -37.36 -34.46
CA LYS LC 126 100.12 -36.66 -35.15
C LYS LC 126 99.85 -35.30 -34.55
N TYR LC 127 100.27 -35.07 -33.29
CA TYR LC 127 100.04 -33.78 -32.66
C TYR LC 127 101.05 -32.74 -33.13
N PHE LC 128 102.15 -33.17 -33.74
CA PHE LC 128 103.21 -32.28 -34.19
C PHE LC 128 103.29 -32.18 -35.70
N GLN LC 129 102.26 -32.62 -36.42
CA GLN LC 129 102.31 -32.66 -37.88
C GLN LC 129 102.16 -31.26 -38.48
N LYS LC 130 101.46 -30.38 -37.77
CA LYS LC 130 101.23 -29.03 -38.28
C LYS LC 130 102.50 -28.20 -38.20
N ASP LC 131 102.86 -27.56 -39.31
CA ASP LC 131 104.06 -26.75 -39.40
C ASP LC 131 103.71 -25.27 -39.40
N ILE LC 132 104.36 -24.52 -38.53
CA ILE LC 132 104.15 -23.09 -38.41
C ILE LC 132 105.34 -22.39 -39.05
N ALA LC 133 106.53 -22.96 -38.85
CA ALA LC 133 107.73 -22.44 -39.45
C ALA LC 133 107.74 -22.69 -40.95
N GLU LC 134 107.72 -21.60 -41.73
CA GLU LC 134 107.71 -21.72 -43.18
C GLU LC 134 109.03 -22.21 -43.79
N PRO LC 135 110.22 -21.84 -43.29
CA PRO LC 135 111.44 -22.47 -43.84
C PRO LC 135 111.62 -23.96 -43.57
N HIS LC 136 110.71 -24.59 -42.82
CA HIS LC 136 110.53 -26.05 -42.77
C HIS LC 136 111.76 -26.80 -42.29
N ILE LC 137 112.09 -26.63 -41.01
CA ILE LC 137 113.23 -27.32 -40.38
C ILE LC 137 112.95 -28.81 -40.36
N PRO LC 138 113.82 -29.64 -40.95
CA PRO LC 138 113.52 -31.08 -41.05
C PRO LC 138 113.74 -31.84 -39.75
N CYS LC 139 114.61 -31.35 -38.85
CA CYS LC 139 114.86 -32.05 -37.61
C CYS LC 139 113.73 -31.87 -36.60
N LEU LC 140 112.92 -30.82 -36.77
CA LEU LC 140 111.83 -30.52 -35.85
C LEU LC 140 110.59 -31.35 -36.12
N MET LC 141 110.49 -32.01 -37.28
CA MET LC 141 109.42 -32.95 -37.57
C MET LC 141 109.55 -34.19 -36.70
N PRO LC 142 108.44 -34.82 -36.33
CA PRO LC 142 108.53 -36.12 -35.65
C PRO LC 142 109.09 -37.19 -36.59
N GLU LC 143 109.82 -38.13 -36.02
CA GLU LC 143 110.47 -39.19 -36.76
C GLU LC 143 109.63 -40.45 -36.72
N TYR LC 144 109.49 -41.11 -37.87
CA TYR LC 144 108.72 -42.34 -38.00
C TYR LC 144 109.67 -43.52 -37.88
N PHE LC 145 109.41 -44.39 -36.92
CA PHE LC 145 110.16 -45.63 -36.74
C PHE LC 145 109.41 -46.85 -37.24
N GLU LC 146 108.41 -46.64 -38.10
CA GLU LC 146 107.58 -47.73 -38.60
C GLU LC 146 107.97 -48.08 -40.03
N PRO LC 147 107.85 -49.36 -40.41
CA PRO LC 147 108.03 -49.71 -41.83
C PRO LC 147 106.87 -49.20 -42.66
N GLN LC 148 107.17 -48.84 -43.91
CA GLN LC 148 106.16 -48.23 -44.76
C GLN LC 148 105.24 -49.26 -45.40
N ILE LC 149 105.81 -50.27 -46.05
CA ILE LC 149 105.04 -51.34 -46.69
C ILE LC 149 105.28 -52.62 -45.92
N GLU LC 150 104.19 -53.33 -45.59
CA GLU LC 150 104.28 -54.49 -44.70
C GLU LC 150 104.77 -55.74 -45.42
N ASP LC 151 104.03 -56.19 -46.43
CA ASP LC 151 104.25 -57.52 -47.00
C ASP LC 151 105.17 -57.54 -48.21
N VAL LC 152 105.56 -56.38 -48.75
CA VAL LC 152 106.51 -56.37 -49.85
C VAL LC 152 107.92 -56.53 -49.31
N SER LC 153 108.61 -57.57 -49.76
CA SER LC 153 109.90 -57.94 -49.19
C SER LC 153 110.99 -56.93 -49.55
N GLU LC 154 111.06 -56.53 -50.82
CA GLU LC 154 112.15 -55.69 -51.32
C GLU LC 154 112.15 -54.29 -50.71
N ALA LC 155 111.04 -53.83 -50.16
CA ALA LC 155 111.02 -52.55 -49.43
C ALA LC 155 111.06 -52.78 -47.93
N ALA LC 156 110.29 -53.76 -47.44
CA ALA LC 156 110.15 -54.00 -46.01
C ALA LC 156 111.46 -54.47 -45.38
N LEU LC 157 112.29 -55.19 -46.15
CA LEU LC 157 113.62 -55.61 -45.73
C LEU LC 157 114.46 -54.42 -45.32
N GLN LC 158 114.72 -53.51 -46.26
CA GLN LC 158 115.55 -52.34 -45.99
C GLN LC 158 114.90 -51.39 -44.98
N GLU LC 159 113.56 -51.33 -44.95
CA GLU LC 159 112.87 -50.50 -43.97
C GLU LC 159 113.10 -51.01 -42.54
N ARG LC 160 113.10 -52.33 -42.35
CA ARG LC 160 113.38 -52.86 -41.01
C ARG LC 160 114.86 -53.02 -40.72
N ILE LC 161 115.72 -53.00 -41.74
CA ILE LC 161 117.16 -52.90 -41.49
C ILE LC 161 117.53 -51.51 -40.98
N LYS LC 162 116.98 -50.46 -41.59
CA LYS LC 162 117.38 -49.10 -41.23
C LYS LC 162 116.90 -48.65 -39.85
N LEU LC 163 116.01 -49.40 -39.21
CA LEU LC 163 115.64 -49.11 -37.82
C LEU LC 163 116.66 -49.69 -36.85
N GLN LC 201 117.37 -55.10 -35.37
CA GLN LC 201 117.87 -56.43 -35.07
C GLN LC 201 116.77 -57.48 -35.20
N GLU LC 202 115.75 -57.38 -34.35
CA GLU LC 202 114.63 -58.30 -34.41
C GLU LC 202 113.75 -58.02 -35.64
N PRO LC 203 113.55 -56.74 -35.97
CA PRO LC 203 112.75 -56.38 -37.13
C PRO LC 203 113.42 -56.79 -38.44
N SER LC 204 114.75 -56.63 -38.52
CA SER LC 204 115.48 -57.05 -39.71
C SER LC 204 115.44 -58.57 -39.87
N ALA LC 205 115.56 -59.31 -38.76
CA ALA LC 205 115.42 -60.76 -38.78
C ALA LC 205 114.03 -61.21 -39.18
N ASN LC 206 112.98 -60.54 -38.69
CA ASN LC 206 111.62 -60.84 -39.10
C ASN LC 206 111.38 -60.54 -40.58
N TYR LC 207 111.93 -59.44 -41.08
CA TYR LC 207 111.83 -59.13 -42.51
C TYR LC 207 112.57 -60.14 -43.37
N ASN LC 208 113.76 -60.59 -42.92
CA ASN LC 208 114.48 -61.64 -43.62
C ASN LC 208 113.74 -62.96 -43.61
N PHE LC 209 113.12 -63.32 -42.49
CA PHE LC 209 112.32 -64.54 -42.40
C PHE LC 209 111.08 -64.48 -43.30
N GLN LC 210 110.41 -63.32 -43.35
CA GLN LC 210 109.28 -63.11 -44.25
C GLN LC 210 109.69 -63.12 -45.72
N GLN LC 211 110.88 -62.64 -46.04
CA GLN LC 211 111.38 -62.74 -47.42
C GLN LC 211 111.74 -64.18 -47.78
N ARG LC 212 112.31 -64.93 -46.84
CA ARG LC 212 112.72 -66.30 -47.09
C ARG LC 212 111.55 -67.28 -47.12
N GLU LC 213 110.47 -67.02 -46.39
CA GLU LC 213 109.33 -67.93 -46.37
C GLU LC 213 108.48 -67.86 -47.63
N GLN LC 214 108.60 -66.78 -48.41
CA GLN LC 214 107.86 -66.64 -49.65
C GLN LC 214 108.73 -66.92 -50.88
N SER LC 215 109.89 -67.55 -50.68
CA SER LC 215 110.89 -67.86 -51.72
C SER LC 215 111.34 -66.62 -52.49
N GLU LC 216 111.46 -65.50 -51.79
CA GLU LC 216 111.96 -64.26 -52.40
C GLU LC 216 113.46 -64.17 -52.13
N GLU LC 217 114.25 -64.10 -53.20
CA GLU LC 217 115.69 -64.16 -53.08
C GLU LC 217 116.26 -62.78 -52.77
N LEU LC 218 116.95 -62.68 -51.64
CA LEU LC 218 117.61 -61.43 -51.26
C LEU LC 218 118.90 -61.27 -52.02
N GLU LC 219 119.12 -60.07 -52.57
CA GLU LC 219 120.28 -59.82 -53.41
C GLU LC 219 121.53 -59.60 -52.56
N GLU LC 220 122.61 -59.18 -53.22
CA GLU LC 220 123.88 -58.96 -52.53
C GLU LC 220 123.91 -57.65 -51.75
N ALA LC 221 122.90 -56.79 -51.94
CA ALA LC 221 122.86 -55.53 -51.19
C ALA LC 221 121.96 -55.63 -49.96
N THR LC 222 120.80 -56.28 -50.11
CA THR LC 222 119.89 -56.46 -48.97
C THR LC 222 120.48 -57.36 -47.91
N GLU LC 223 121.13 -58.45 -48.32
CA GLU LC 223 121.87 -59.33 -47.41
C GLU LC 223 123.04 -58.62 -46.75
N ALA LC 224 123.75 -57.75 -47.48
CA ALA LC 224 124.81 -56.93 -46.90
C ALA LC 224 124.29 -55.98 -45.84
N ASP LC 225 123.16 -55.31 -46.11
CA ASP LC 225 122.56 -54.41 -45.14
C ASP LC 225 122.06 -55.15 -43.90
N ASN LC 226 121.44 -56.33 -44.09
CA ASN LC 226 120.99 -57.15 -42.97
C ASN LC 226 122.14 -57.68 -42.14
N GLU LC 227 123.24 -58.11 -42.78
CA GLU LC 227 124.41 -58.56 -42.05
C GLU LC 227 125.06 -57.41 -41.28
N LYS LC 228 125.11 -56.21 -41.89
CA LYS LC 228 125.64 -55.04 -41.21
C LYS LC 228 124.78 -54.63 -40.01
N SER LC 229 123.46 -54.71 -40.15
CA SER LC 229 122.54 -54.46 -39.05
C SER LC 229 122.66 -55.48 -37.93
N LYS LC 230 122.91 -56.76 -38.26
CA LYS LC 230 123.14 -57.76 -37.24
C LYS LC 230 124.48 -57.54 -36.53
N THR LC 231 125.51 -57.13 -37.27
CA THR LC 231 126.83 -56.93 -36.67
C THR LC 231 126.89 -55.66 -35.83
N LYS LC 232 126.14 -54.62 -36.22
CA LYS LC 232 126.15 -53.38 -35.46
C LYS LC 232 125.41 -53.52 -34.13
N ALA LC 233 124.41 -54.40 -34.06
CA ALA LC 233 123.65 -54.58 -32.84
C ALA LC 233 124.26 -55.68 -31.97
N GLY LC 234 124.37 -56.88 -32.53
CA GLY LC 234 124.91 -58.02 -31.78
C GLY LC 234 126.36 -58.27 -32.14
N THR LC 240 126.10 -66.36 -29.10
CA THR LC 240 127.02 -66.32 -30.24
C THR LC 240 126.65 -67.37 -31.28
N TRP LC 241 125.63 -68.18 -30.99
CA TRP LC 241 125.18 -69.18 -31.95
C TRP LC 241 124.37 -68.55 -33.07
N ARG LC 242 123.67 -67.45 -32.78
CA ARG LC 242 122.99 -66.69 -33.81
C ARG LC 242 123.96 -66.05 -34.80
N THR LC 243 125.19 -65.76 -34.37
CA THR LC 243 126.21 -65.29 -35.31
C THR LC 243 126.59 -66.36 -36.32
N LYS LC 244 126.71 -67.62 -35.87
CA LYS LC 244 126.98 -68.72 -36.79
C LYS LC 244 125.78 -69.01 -37.67
N ASN LC 245 124.57 -68.83 -37.13
CA ASN LC 245 123.35 -68.96 -37.93
C ASN LC 245 123.30 -67.88 -39.02
N ASN LC 246 123.70 -66.65 -38.67
CA ASN LC 246 123.76 -65.57 -39.66
C ASN LC 246 124.88 -65.82 -40.67
N ALA LC 247 125.97 -66.46 -40.26
CA ALA LC 247 127.02 -66.85 -41.19
C ALA LC 247 126.53 -67.88 -42.20
N GLU LC 248 125.76 -68.87 -41.72
CA GLU LC 248 125.15 -69.84 -42.62
C GLU LC 248 124.10 -69.20 -43.51
N ARG LC 249 123.40 -68.19 -43.02
CA ARG LC 249 122.51 -67.38 -43.85
C ARG LC 249 123.25 -66.61 -44.93
N ILE LC 250 124.42 -66.07 -44.61
CA ILE LC 250 125.22 -65.30 -45.56
C ILE LC 250 125.75 -66.20 -46.66
N PHE LC 251 126.35 -67.35 -46.31
CA PHE LC 251 127.05 -68.13 -47.32
C PHE LC 251 126.22 -69.26 -47.92
N ALA LC 252 125.26 -69.82 -47.18
CA ALA LC 252 124.54 -71.00 -47.66
C ALA LC 252 123.53 -70.67 -48.76
N LEU LC 253 122.83 -69.54 -48.65
CA LEU LC 253 121.79 -69.22 -49.62
C LEU LC 253 122.38 -68.61 -50.89
N MET LC 254 123.05 -67.47 -50.76
CA MET LC 254 123.63 -66.82 -51.93
C MET LC 254 125.14 -66.77 -51.84
N PRO LC 255 125.83 -66.77 -52.98
CA PRO LC 255 127.26 -66.37 -53.00
C PRO LC 255 127.42 -64.86 -52.85
N GLU LC 256 127.23 -64.39 -51.62
CA GLU LC 256 127.28 -62.97 -51.32
C GLU LC 256 128.70 -62.44 -51.46
N LYS LC 257 128.84 -61.19 -51.88
CA LYS LC 257 130.14 -60.61 -52.19
C LYS LC 257 131.02 -60.51 -50.96
N ASN LC 258 132.33 -60.67 -51.20
CA ASN LC 258 133.32 -60.69 -50.13
C ASN LC 258 133.36 -59.34 -49.40
N ALA LC 259 133.44 -58.24 -50.16
CA ALA LC 259 133.69 -56.89 -49.63
C ALA LC 259 132.62 -56.41 -48.66
N HIS LC 260 131.48 -57.09 -48.59
CA HIS LC 260 130.53 -56.94 -47.50
C HIS LC 260 130.63 -58.09 -46.50
N SER LC 261 130.78 -59.34 -46.99
CA SER LC 261 130.63 -60.49 -46.10
C SER LC 261 131.80 -60.63 -45.12
N TYR LC 262 133.05 -60.58 -45.61
CA TYR LC 262 134.18 -60.66 -44.68
C TYR LC 262 134.28 -59.42 -43.83
N CYS LC 263 133.89 -58.25 -44.36
CA CYS LC 263 133.90 -57.01 -43.59
C CYS LC 263 133.01 -57.12 -42.36
N THR LC 264 131.75 -57.53 -42.59
CA THR LC 264 130.79 -57.72 -41.51
C THR LC 264 131.23 -58.78 -40.52
N MET LC 265 131.64 -59.96 -41.02
CA MET LC 265 131.97 -61.05 -40.11
C MET LC 265 133.28 -60.84 -39.35
N ILE LC 266 134.29 -60.27 -39.99
CA ILE LC 266 135.56 -60.04 -39.31
C ILE LC 266 135.42 -58.93 -38.26
N ARG LC 267 134.59 -57.89 -38.51
CA ARG LC 267 134.36 -57.00 -37.36
C ARG LC 267 133.35 -57.57 -36.37
N GLY LC 268 132.59 -58.60 -36.75
CA GLY LC 268 131.71 -59.25 -35.81
C GLY LC 268 132.45 -60.12 -34.80
N MET LC 269 133.36 -60.95 -35.28
CA MET LC 269 134.10 -61.81 -34.35
C MET LC 269 135.24 -61.11 -33.64
N VAL LC 270 135.48 -59.82 -33.91
CA VAL LC 270 136.27 -59.03 -32.97
C VAL LC 270 135.54 -58.92 -31.63
N LYS LC 271 134.25 -58.59 -31.66
CA LYS LC 271 133.46 -58.56 -30.43
C LYS LC 271 133.09 -59.97 -29.97
N HIS LC 272 132.91 -60.90 -30.90
CA HIS LC 272 132.47 -62.26 -30.55
C HIS LC 272 133.60 -63.25 -30.32
N GLN LC 273 134.87 -62.78 -30.35
CA GLN LC 273 136.04 -63.52 -29.84
C GLN LC 273 136.28 -64.84 -30.61
N ALA LC 274 136.57 -64.71 -31.91
CA ALA LC 274 136.88 -65.86 -32.76
C ALA LC 274 137.76 -65.42 -33.93
N PRO LC 275 139.09 -65.45 -33.75
CA PRO LC 275 139.99 -65.00 -34.84
C PRO LC 275 140.29 -66.07 -35.89
N THR LC 276 140.08 -67.35 -35.58
CA THR LC 276 140.39 -68.41 -36.53
C THR LC 276 139.45 -68.37 -37.74
N GLN LC 277 138.16 -68.12 -37.50
CA GLN LC 277 137.21 -67.96 -38.60
C GLN LC 277 137.50 -66.71 -39.42
N ALA LC 278 137.98 -65.64 -38.78
CA ALA LC 278 138.40 -64.44 -39.51
C ALA LC 278 139.60 -64.72 -40.41
N LEU LC 279 140.58 -65.49 -39.93
CA LEU LC 279 141.69 -65.91 -40.77
C LEU LC 279 141.25 -66.83 -41.90
N ASN LC 280 140.28 -67.71 -41.65
CA ASN LC 280 139.73 -68.55 -42.70
C ASN LC 280 139.02 -67.73 -43.77
N LEU LC 281 138.26 -66.72 -43.38
CA LEU LC 281 137.66 -65.79 -44.34
C LEU LC 281 138.69 -64.96 -45.07
N TYR LC 282 139.80 -64.60 -44.42
CA TYR LC 282 140.92 -63.94 -45.09
C TYR LC 282 141.52 -64.82 -46.19
N THR LC 283 141.68 -66.11 -45.90
CA THR LC 283 142.16 -67.06 -46.89
C THR LC 283 141.16 -67.21 -48.05
N VAL LC 284 139.87 -67.29 -47.72
CA VAL LC 284 138.82 -67.42 -48.74
C VAL LC 284 138.77 -66.17 -49.62
N LEU LC 285 138.99 -64.99 -49.02
CA LEU LC 285 139.14 -63.75 -49.78
C LEU LC 285 140.32 -63.81 -50.74
N LEU LC 286 141.48 -64.29 -50.27
CA LEU LC 286 142.64 -64.32 -51.15
C LEU LC 286 142.61 -65.44 -52.17
N ASN LC 287 141.70 -66.41 -52.04
CA ASN LC 287 141.48 -67.32 -53.16
C ASN LC 287 140.69 -66.66 -54.28
N ASN LC 288 139.82 -65.70 -53.94
CA ASN LC 288 138.80 -65.21 -54.86
C ASN LC 288 139.15 -63.88 -55.53
N ARG LC 289 140.45 -63.54 -55.64
CA ARG LC 289 141.04 -62.47 -56.43
C ARG LC 289 140.69 -61.06 -55.93
N LEU LC 290 139.87 -60.88 -54.90
CA LEU LC 290 139.50 -59.55 -54.46
C LEU LC 290 140.50 -59.03 -53.44
N ARG LC 291 140.65 -57.71 -53.38
CA ARG LC 291 141.65 -57.09 -52.52
C ARG LC 291 141.10 -56.88 -51.11
N ALA LC 292 142.03 -56.56 -50.20
CA ALA LC 292 141.70 -56.36 -48.80
C ALA LC 292 141.89 -54.89 -48.44
N ASP LC 293 140.85 -54.27 -47.88
CA ASP LC 293 140.86 -52.84 -47.63
C ASP LC 293 141.60 -52.53 -46.32
N VAL LC 294 141.47 -51.28 -45.86
CA VAL LC 294 142.23 -50.84 -44.68
C VAL LC 294 141.65 -51.45 -43.40
N TYR LC 295 140.32 -51.48 -43.28
CA TYR LC 295 139.67 -52.06 -42.11
C TYR LC 295 139.84 -53.57 -42.03
N THR LC 296 140.05 -54.22 -43.18
CA THR LC 296 140.38 -55.64 -43.22
C THR LC 296 141.65 -55.93 -42.45
N PHE LC 297 142.75 -55.28 -42.82
CA PHE LC 297 144.01 -55.44 -42.11
C PHE LC 297 143.98 -54.85 -40.71
N ASN LC 298 143.10 -53.86 -40.45
CA ASN LC 298 142.89 -53.38 -39.08
C ASN LC 298 142.41 -54.50 -38.17
N SER LC 299 141.23 -55.05 -38.47
CA SER LC 299 140.64 -56.08 -37.64
C SER LC 299 141.41 -57.39 -37.70
N LEU LC 300 142.09 -57.68 -38.81
CA LEU LC 300 142.87 -58.92 -38.89
C LEU LC 300 144.21 -58.83 -38.17
N ILE LC 301 144.89 -57.68 -38.19
CA ILE LC 301 146.08 -57.49 -37.36
C ILE LC 301 145.69 -57.54 -35.89
N GLU LC 302 144.52 -56.96 -35.54
CA GLU LC 302 144.00 -57.09 -34.18
C GLU LC 302 143.70 -58.54 -33.80
N ALA LC 303 143.06 -59.30 -34.69
CA ALA LC 303 142.72 -60.70 -34.43
C ALA LC 303 143.94 -61.60 -34.31
N THR LC 304 144.96 -61.39 -35.16
CA THR LC 304 146.18 -62.17 -35.06
C THR LC 304 146.99 -61.80 -33.82
N ALA LC 305 147.01 -60.51 -33.45
CA ALA LC 305 147.82 -60.09 -32.32
C ALA LC 305 147.21 -60.47 -30.98
N LEU LC 306 145.89 -60.30 -30.83
CA LEU LC 306 145.23 -60.40 -29.53
C LEU LC 306 145.32 -61.79 -28.90
N VAL LC 307 145.46 -62.84 -29.70
CA VAL LC 307 145.63 -64.20 -29.19
C VAL LC 307 147.11 -64.52 -29.25
N VAL LC 308 147.74 -64.61 -28.07
CA VAL LC 308 149.15 -64.97 -27.95
C VAL LC 308 149.25 -66.21 -27.09
N ASN LC 309 149.87 -67.26 -27.62
CA ASN LC 309 150.12 -68.49 -26.87
C ASN LC 309 151.63 -68.59 -26.66
N GLU LC 310 152.13 -67.89 -25.63
CA GLU LC 310 153.50 -67.94 -25.12
C GLU LC 310 154.57 -67.51 -26.12
N LYS LC 311 154.18 -66.94 -27.27
CA LYS LC 311 155.11 -66.50 -28.30
C LYS LC 311 154.57 -65.22 -28.92
N PHE LC 312 155.24 -64.09 -28.64
CA PHE LC 312 154.81 -62.81 -29.17
C PHE LC 312 155.42 -62.53 -30.55
N GLU LC 313 156.59 -63.11 -30.82
CA GLU LC 313 157.27 -62.88 -32.09
C GLU LC 313 156.52 -63.51 -33.27
N GLU LC 314 155.83 -64.63 -33.03
CA GLU LC 314 155.04 -65.25 -34.08
C GLU LC 314 153.84 -64.41 -34.49
N LYS LC 315 153.34 -63.56 -33.59
CA LYS LC 315 152.26 -62.64 -33.94
C LYS LC 315 152.80 -61.33 -34.52
N TRP LC 316 153.98 -60.90 -34.02
CA TRP LC 316 154.59 -59.70 -34.57
C TRP LC 316 155.04 -59.89 -36.02
N ASN LC 317 155.62 -61.07 -36.32
CA ASN LC 317 156.00 -61.37 -37.69
C ASN LC 317 154.79 -61.53 -38.60
N ASN LC 318 153.69 -62.05 -38.07
CA ASN LC 318 152.43 -62.09 -38.82
C ASN LC 318 151.88 -60.69 -39.10
N ILE LC 319 152.01 -59.77 -38.14
CA ILE LC 319 151.65 -58.37 -38.39
C ILE LC 319 152.54 -57.77 -39.48
N LEU LC 320 153.83 -58.10 -39.46
CA LEU LC 320 154.74 -57.63 -40.52
C LEU LC 320 154.38 -58.20 -41.89
N ASP LC 321 154.01 -59.47 -41.96
CA ASP LC 321 153.59 -60.05 -43.24
C ASP LC 321 152.26 -59.48 -43.71
N LEU LC 322 151.34 -59.20 -42.80
CA LEU LC 322 150.09 -58.54 -43.21
C LEU LC 322 150.35 -57.11 -43.68
N LEU LC 323 151.33 -56.42 -43.09
CA LEU LC 323 151.71 -55.09 -43.58
C LEU LC 323 152.35 -55.16 -44.96
N LYS LC 324 153.18 -56.17 -45.19
CA LYS LC 324 153.80 -56.37 -46.50
C LYS LC 324 152.76 -56.70 -47.56
N GLN LC 325 151.77 -57.53 -47.22
CA GLN LC 325 150.70 -57.82 -48.17
C GLN LC 325 149.74 -56.63 -48.33
N MET LC 326 149.62 -55.78 -47.31
CA MET LC 326 148.90 -54.51 -47.44
C MET LC 326 149.54 -53.61 -48.47
N VAL LC 327 150.88 -53.53 -48.45
CA VAL LC 327 151.58 -52.82 -49.53
C VAL LC 327 151.43 -53.55 -50.87
N THR LC 328 151.41 -54.88 -50.87
CA THR LC 328 151.34 -55.68 -52.09
C THR LC 328 150.02 -55.53 -52.85
N GLN LC 329 148.88 -55.55 -52.16
CA GLN LC 329 147.58 -55.55 -52.84
C GLN LC 329 147.11 -54.18 -53.30
N ASN LC 330 148.02 -53.21 -53.48
CA ASN LC 330 147.81 -51.86 -54.02
C ASN LC 330 146.86 -51.02 -53.18
N VAL LC 331 146.68 -51.32 -51.90
CA VAL LC 331 145.85 -50.50 -51.02
C VAL LC 331 146.77 -49.61 -50.20
N LYS LC 332 146.51 -48.30 -50.24
CA LYS LC 332 147.30 -47.35 -49.46
C LYS LC 332 147.00 -47.54 -47.97
N PRO LC 333 148.01 -47.80 -47.14
CA PRO LC 333 147.74 -48.00 -45.71
C PRO LC 333 147.40 -46.67 -45.03
N ASN LC 334 146.28 -46.66 -44.32
CA ASN LC 334 145.72 -45.43 -43.78
C ASN LC 334 146.39 -45.07 -42.46
N LEU LC 335 145.90 -43.99 -41.85
CA LEU LC 335 146.31 -43.57 -40.51
C LEU LC 335 145.97 -44.62 -39.46
N GLN LC 336 144.73 -45.10 -39.47
CA GLN LC 336 144.26 -46.04 -38.47
C GLN LC 336 144.81 -47.44 -38.67
N THR LC 337 145.41 -47.75 -39.82
CA THR LC 337 146.11 -49.02 -39.99
C THR LC 337 147.32 -49.12 -39.06
N PHE LC 338 148.23 -48.15 -39.16
CA PHE LC 338 149.38 -48.14 -38.27
C PHE LC 338 148.99 -47.80 -36.84
N ASN LC 339 147.91 -47.04 -36.65
CA ASN LC 339 147.38 -46.83 -35.30
C ASN LC 339 146.90 -48.14 -34.68
N THR LC 340 146.25 -49.00 -35.48
CA THR LC 340 145.79 -50.30 -34.99
C THR LC 340 146.95 -51.23 -34.70
N ILE LC 341 148.01 -51.15 -35.52
CA ILE LC 341 149.24 -51.91 -35.22
C ILE LC 341 149.85 -51.47 -33.90
N LEU LC 342 149.85 -50.17 -33.61
CA LEU LC 342 150.32 -49.71 -32.30
C LEU LC 342 149.42 -50.18 -31.16
N LYS LC 343 148.09 -50.14 -31.37
CA LYS LC 343 147.14 -50.65 -30.38
C LYS LC 343 147.38 -52.12 -30.08
N CYS LC 344 147.75 -52.89 -31.10
CA CYS LC 344 148.21 -54.26 -30.90
C CYS LC 344 149.49 -54.32 -30.09
N LEU LC 345 150.41 -53.39 -30.34
CA LEU LC 345 151.70 -53.39 -29.65
C LEU LC 345 151.60 -53.01 -28.18
N ARG LC 346 150.49 -52.38 -27.75
CA ARG LC 346 150.46 -51.82 -26.39
C ARG LC 346 150.44 -52.86 -25.28
N ARG LC 347 149.57 -53.86 -25.37
CA ARG LC 347 149.26 -54.68 -24.21
C ARG LC 347 150.16 -55.90 -24.03
N PHE LC 348 151.32 -55.94 -24.71
CA PHE LC 348 152.18 -57.12 -24.65
C PHE LC 348 153.54 -56.81 -24.03
N TYR LC 349 154.31 -55.88 -24.59
CA TYR LC 349 155.65 -55.57 -24.12
C TYR LC 349 155.78 -54.11 -23.75
N ALA LC 350 156.49 -53.85 -22.63
CA ALA LC 350 156.91 -52.50 -22.32
C ALA LC 350 158.08 -52.06 -23.17
N PHE LC 351 158.90 -53.00 -23.64
CA PHE LC 351 160.03 -52.71 -24.50
C PHE LC 351 159.73 -52.94 -25.98
N GLY LC 352 158.46 -52.94 -26.36
CA GLY LC 352 158.07 -53.05 -27.76
C GLY LC 352 157.87 -51.70 -28.41
N LYS LC 353 158.45 -50.67 -27.80
CA LYS LC 353 158.32 -49.30 -28.29
C LYS LC 353 159.31 -48.95 -29.40
N LEU LC 354 160.35 -49.77 -29.61
CA LEU LC 354 161.22 -49.56 -30.77
C LEU LC 354 160.52 -49.77 -32.11
N PRO LC 355 159.78 -50.88 -32.37
CA PRO LC 355 159.01 -50.92 -33.63
C PRO LC 355 157.86 -49.93 -33.66
N ALA LC 356 157.35 -49.50 -32.52
CA ALA LC 356 156.40 -48.40 -32.47
C ALA LC 356 157.02 -47.08 -32.94
N LEU LC 357 158.26 -46.79 -32.54
CA LEU LC 357 158.96 -45.61 -33.04
C LEU LC 357 159.25 -45.71 -34.54
N GLN LC 358 159.62 -46.91 -35.01
CA GLN LC 358 159.80 -47.09 -36.46
C GLN LC 358 158.49 -46.94 -37.22
N THR LC 359 157.38 -47.40 -36.64
CA THR LC 359 156.05 -47.18 -37.21
C THR LC 359 155.70 -45.70 -37.26
N LEU LC 360 156.04 -44.95 -36.20
CA LEU LC 360 155.76 -43.53 -36.14
C LEU LC 360 156.58 -42.76 -37.17
N ARG LC 361 157.84 -43.14 -37.37
CA ARG LC 361 158.66 -42.52 -38.41
C ARG LC 361 158.22 -42.92 -39.82
N GLU LC 362 157.72 -44.15 -39.99
CA GLU LC 362 157.15 -44.55 -41.27
C GLU LC 362 155.87 -43.77 -41.58
N MET LC 363 155.12 -43.39 -40.55
CA MET LC 363 154.03 -42.43 -40.73
C MET LC 363 154.49 -41.06 -41.19
N LYS LC 364 155.58 -40.53 -40.61
CA LYS LC 364 156.04 -39.21 -40.99
C LYS LC 364 156.74 -39.22 -42.35
N ALA LC 365 157.21 -40.38 -42.80
CA ALA LC 365 157.83 -40.48 -44.12
C ALA LC 365 156.80 -40.34 -45.25
N ILE LC 366 155.63 -40.95 -45.11
CA ILE LC 366 154.69 -41.03 -46.23
C ILE LC 366 153.85 -39.79 -46.41
N GLY LC 367 153.86 -38.86 -45.45
CA GLY LC 367 153.20 -37.58 -45.62
C GLY LC 367 151.84 -37.45 -44.95
N ILE LC 368 151.24 -38.53 -44.47
CA ILE LC 368 149.96 -38.45 -43.78
C ILE LC 368 150.19 -37.86 -42.39
N GLU LC 369 149.38 -36.88 -42.02
CA GLU LC 369 149.50 -36.22 -40.72
C GLU LC 369 149.12 -37.21 -39.62
N PRO LC 370 149.96 -37.40 -38.60
CA PRO LC 370 149.71 -38.45 -37.61
C PRO LC 370 148.54 -38.11 -36.68
N SER LC 371 148.00 -39.13 -36.03
CA SER LC 371 146.81 -38.96 -35.23
C SER LC 371 147.15 -38.83 -33.75
N LEU LC 372 146.24 -38.17 -33.04
CA LEU LC 372 146.40 -37.96 -31.61
C LEU LC 372 146.11 -39.22 -30.81
N ALA LC 373 145.31 -40.14 -31.33
CA ALA LC 373 145.20 -41.46 -30.73
C ALA LC 373 146.53 -42.21 -30.80
N THR LC 374 147.19 -42.16 -31.96
CA THR LC 374 148.53 -42.71 -32.13
C THR LC 374 149.53 -42.07 -31.17
N TYR LC 375 149.44 -40.75 -31.02
CA TYR LC 375 150.37 -40.04 -30.15
C TYR LC 375 150.11 -40.37 -28.68
N HIS LC 376 148.83 -40.50 -28.30
CA HIS LC 376 148.45 -41.00 -26.98
C HIS LC 376 149.00 -42.39 -26.70
N TYR LC 377 148.92 -43.29 -27.68
CA TYR LC 377 149.38 -44.64 -27.45
C TYR LC 377 150.91 -44.72 -27.37
N VAL LC 378 151.59 -43.85 -28.12
CA VAL LC 378 153.05 -43.71 -28.00
C VAL LC 378 153.41 -43.21 -26.59
N ILE LC 379 152.67 -42.20 -26.11
CA ILE LC 379 152.81 -41.72 -24.73
C ILE LC 379 152.49 -42.83 -23.72
N GLN LC 380 151.58 -43.75 -24.05
CA GLN LC 380 151.25 -44.84 -23.12
C GLN LC 380 152.41 -45.82 -22.96
N LEU LC 381 153.00 -46.28 -24.08
CA LEU LC 381 154.21 -47.11 -23.95
C LEU LC 381 155.38 -46.38 -23.31
N PHE LC 382 155.63 -45.14 -23.67
CA PHE LC 382 156.77 -44.45 -23.09
C PHE LC 382 156.52 -44.03 -21.65
N TYR LC 383 155.26 -43.94 -21.22
CA TYR LC 383 154.91 -43.81 -19.80
C TYR LC 383 155.13 -45.11 -19.05
N GLN LC 384 154.83 -46.25 -19.68
CA GLN LC 384 155.14 -47.54 -19.07
C GLN LC 384 156.65 -47.74 -18.93
N HIS LC 385 157.42 -47.16 -19.85
CA HIS LC 385 158.88 -47.16 -19.76
C HIS LC 385 159.43 -46.04 -18.88
N GLU LC 386 158.61 -45.05 -18.54
CA GLU LC 386 159.05 -43.89 -17.76
C GLU LC 386 159.42 -44.26 -16.32
N SER LC 387 158.67 -45.19 -15.70
CA SER LC 387 158.94 -45.56 -14.31
C SER LC 387 160.32 -46.17 -14.07
N PRO LC 388 160.85 -47.10 -14.91
CA PRO LC 388 162.26 -47.46 -14.70
C PRO LC 388 163.25 -46.37 -15.05
N SER LC 389 163.16 -45.77 -16.25
CA SER LC 389 164.15 -44.81 -16.72
C SER LC 389 163.47 -43.64 -17.39
N LYS LC 390 164.13 -42.47 -17.38
CA LYS LC 390 163.55 -41.23 -17.86
C LYS LC 390 163.95 -40.89 -19.30
N GLY LC 391 164.66 -41.78 -19.99
CA GLY LC 391 164.97 -41.56 -21.39
C GLY LC 391 163.72 -41.55 -22.26
N SER LC 392 162.79 -42.46 -21.97
CA SER LC 392 161.47 -42.42 -22.60
C SER LC 392 160.72 -41.14 -22.31
N SER LC 393 160.85 -40.61 -21.08
CA SER LC 393 160.22 -39.35 -20.72
C SER LC 393 160.81 -38.18 -21.52
N LEU LC 394 162.13 -38.16 -21.71
CA LEU LC 394 162.71 -37.07 -22.50
C LEU LC 394 162.38 -37.21 -23.99
N ILE LC 395 162.18 -38.45 -24.48
CA ILE LC 395 161.66 -38.62 -25.84
C ILE LC 395 160.24 -38.07 -25.95
N ILE LC 396 159.40 -38.32 -24.93
CA ILE LC 396 158.06 -37.73 -24.87
C ILE LC 396 158.14 -36.21 -24.93
N TYR LC 397 159.04 -35.63 -24.15
CA TYR LC 397 159.10 -34.18 -24.04
C TYR LC 397 159.64 -33.54 -25.32
N ASP LC 398 160.58 -34.22 -25.99
CA ASP LC 398 161.03 -33.77 -27.31
C ASP LC 398 159.92 -33.83 -28.35
N ILE LC 399 159.14 -34.92 -28.37
CA ILE LC 399 158.13 -35.04 -29.44
C ILE LC 399 156.95 -34.10 -29.17
N MET LC 400 156.58 -33.85 -27.90
CA MET LC 400 155.56 -32.83 -27.64
C MET LC 400 156.08 -31.42 -27.88
N ASN LC 401 157.40 -31.20 -27.72
CA ASN LC 401 157.99 -29.93 -28.14
C ASN LC 401 157.90 -29.75 -29.64
N GLU LC 402 158.01 -30.83 -30.40
CA GLU LC 402 157.70 -30.77 -31.83
C GLU LC 402 156.20 -30.55 -32.09
N VAL LC 403 155.35 -31.09 -31.22
CA VAL LC 403 153.89 -31.01 -31.41
C VAL LC 403 153.37 -29.59 -31.23
N MET LC 404 153.82 -28.88 -30.17
CA MET LC 404 153.11 -27.75 -29.57
C MET LC 404 152.85 -26.55 -30.48
N GLY LC 405 153.36 -26.53 -31.71
CA GLY LC 405 153.19 -25.39 -32.58
C GLY LC 405 152.12 -25.47 -33.66
N LYS LC 406 151.15 -26.37 -33.56
CA LYS LC 406 150.18 -26.59 -34.62
C LYS LC 406 148.76 -26.43 -34.13
N ARG LC 407 147.89 -25.90 -34.98
CA ARG LC 407 146.45 -25.90 -34.73
C ARG LC 407 145.88 -27.27 -35.07
N PHE LC 408 144.95 -27.75 -34.25
CA PHE LC 408 144.54 -29.15 -34.27
C PHE LC 408 143.13 -29.35 -34.79
N SER LC 409 142.95 -30.42 -35.56
CA SER LC 409 141.65 -30.86 -36.08
C SER LC 409 141.43 -32.31 -35.66
N PRO LC 410 140.60 -32.56 -34.64
CA PRO LC 410 140.43 -33.94 -34.16
C PRO LC 410 139.57 -34.79 -35.07
N ARG LC 411 140.18 -35.36 -36.11
CA ARG LC 411 139.49 -36.19 -37.07
C ARG LC 411 139.55 -37.69 -36.74
N ASP LC 412 139.94 -38.04 -35.53
CA ASP LC 412 140.04 -39.42 -35.10
C ASP LC 412 139.13 -39.70 -33.92
N PRO LC 413 138.56 -40.90 -33.83
CA PRO LC 413 137.57 -41.15 -32.77
C PRO LC 413 138.18 -41.41 -31.40
N ASP LC 414 139.43 -41.86 -31.34
CA ASP LC 414 140.03 -42.29 -30.09
C ASP LC 414 140.97 -41.24 -29.48
N ASP LC 415 140.63 -39.96 -29.60
CA ASP LC 415 141.53 -38.90 -29.14
C ASP LC 415 141.23 -38.47 -27.72
N ASP LC 416 140.39 -39.22 -27.00
CA ASP LC 416 139.91 -38.83 -25.67
C ASP LC 416 141.00 -38.81 -24.61
N MET LC 417 141.82 -39.86 -24.53
CA MET LC 417 142.73 -40.00 -23.40
C MET LC 417 144.09 -39.36 -23.66
N PHE LC 418 144.27 -38.69 -24.81
CA PHE LC 418 145.50 -37.97 -25.15
C PHE LC 418 145.91 -36.95 -24.11
N PHE LC 419 144.99 -36.06 -23.74
CA PHE LC 419 145.29 -35.04 -22.75
C PHE LC 419 145.33 -35.61 -21.34
N GLN LC 420 144.68 -36.76 -21.13
CA GLN LC 420 144.82 -37.50 -19.87
C GLN LC 420 146.24 -38.01 -19.68
N SER LC 421 146.78 -38.69 -20.68
CA SER LC 421 148.10 -39.31 -20.57
C SER LC 421 149.24 -38.30 -20.68
N ALA LC 422 149.09 -37.26 -21.51
CA ALA LC 422 150.13 -36.24 -21.61
C ALA LC 422 150.21 -35.39 -20.35
N MET LC 423 149.15 -35.38 -19.54
CA MET LC 423 149.23 -34.78 -18.22
C MET LC 423 149.62 -35.80 -17.16
N ARG LC 424 149.37 -37.09 -17.41
CA ARG LC 424 149.77 -38.12 -16.47
C ARG LC 424 151.29 -38.26 -16.41
N VAL LC 425 151.96 -38.12 -17.57
CA VAL LC 425 153.43 -38.17 -17.58
C VAL LC 425 154.02 -36.95 -16.86
N CYS LC 426 153.39 -35.78 -17.03
CA CYS LC 426 153.85 -34.56 -16.36
C CYS LC 426 153.60 -34.62 -14.85
N SER LC 427 152.48 -35.21 -14.43
CA SER LC 427 152.23 -35.40 -13.00
C SER LC 427 153.16 -36.45 -12.41
N SER LC 428 153.55 -37.45 -13.20
CA SER LC 428 154.49 -38.46 -12.73
C SER LC 428 155.89 -37.90 -12.54
N LEU LC 429 156.37 -37.10 -13.49
CA LEU LC 429 157.75 -36.64 -13.40
C LEU LC 429 157.89 -35.22 -12.85
N ARG LC 430 156.79 -34.57 -12.48
CA ARG LC 430 156.75 -33.30 -11.73
C ARG LC 430 157.50 -32.17 -12.45
N ASP LC 431 156.93 -31.74 -13.56
CA ASP LC 431 157.43 -30.64 -14.38
C ASP LC 431 156.26 -29.74 -14.80
N LEU LC 432 156.52 -28.44 -15.00
CA LEU LC 432 155.38 -27.52 -15.09
C LEU LC 432 155.42 -26.61 -16.32
N GLU LC 433 156.60 -26.31 -16.87
CA GLU LC 433 156.65 -25.48 -18.09
C GLU LC 433 156.05 -26.24 -19.28
N LEU LC 434 156.26 -27.55 -19.31
CA LEU LC 434 155.53 -28.45 -20.18
C LEU LC 434 154.03 -28.37 -19.97
N ALA LC 435 153.57 -28.30 -18.71
CA ALA LC 435 152.15 -28.16 -18.43
C ALA LC 435 151.60 -26.83 -18.92
N TYR LC 436 152.41 -25.77 -18.82
CA TYR LC 436 152.07 -24.47 -19.39
C TYR LC 436 151.82 -24.55 -20.89
N GLN LC 437 152.77 -25.16 -21.63
CA GLN LC 437 152.59 -25.16 -23.08
C GLN LC 437 151.56 -26.19 -23.54
N VAL LC 438 151.33 -27.25 -22.76
CA VAL LC 438 150.24 -28.18 -23.10
C VAL LC 438 148.87 -27.56 -22.79
N HIS LC 439 148.78 -26.74 -21.73
CA HIS LC 439 147.56 -25.95 -21.52
C HIS LC 439 147.32 -24.95 -22.64
N GLY LC 440 148.39 -24.32 -23.13
CA GLY LC 440 148.29 -23.51 -24.33
C GLY LC 440 147.89 -24.30 -25.57
N LEU LC 441 148.35 -25.54 -25.68
CA LEU LC 441 147.95 -26.42 -26.78
C LEU LC 441 146.47 -26.76 -26.71
N LEU LC 442 145.96 -26.97 -25.49
CA LEU LC 442 144.52 -27.16 -25.30
C LEU LC 442 143.75 -25.91 -25.68
N ASN LC 443 144.28 -24.74 -25.32
CA ASN LC 443 143.59 -23.49 -25.59
C ASN LC 443 143.70 -23.03 -27.05
N THR LC 444 144.65 -23.54 -27.82
CA THR LC 444 144.98 -22.94 -29.11
C THR LC 444 143.96 -23.21 -30.21
N GLY LC 445 143.80 -24.48 -30.62
CA GLY LC 445 142.93 -24.79 -31.72
C GLY LC 445 141.45 -24.73 -31.36
N ASP LC 446 141.03 -25.65 -30.50
CA ASP LC 446 139.66 -25.71 -30.02
C ASP LC 446 139.65 -26.33 -28.62
N ASN LC 447 138.90 -25.71 -27.71
CA ASN LC 447 139.09 -25.96 -26.28
C ASN LC 447 138.52 -27.31 -25.87
N TRP LC 448 137.33 -27.65 -26.35
CA TRP LC 448 136.54 -28.67 -25.69
C TRP LC 448 136.49 -30.00 -26.43
N LYS LC 449 136.81 -30.01 -27.72
CA LYS LC 449 136.59 -31.20 -28.54
C LYS LC 449 137.68 -32.25 -28.45
N LEU LC 450 138.76 -32.01 -27.69
CA LEU LC 450 139.82 -33.01 -27.59
C LEU LC 450 139.77 -33.86 -26.32
N ILE LC 451 138.99 -33.46 -25.32
CA ILE LC 451 138.82 -34.27 -24.11
C ILE LC 451 137.41 -34.83 -24.14
N GLY LC 452 137.31 -36.15 -24.07
CA GLY LC 452 136.03 -36.83 -24.22
C GLY LC 452 135.05 -36.67 -23.08
N SER LC 453 135.52 -36.87 -21.85
CA SER LC 453 134.64 -36.97 -20.70
C SER LC 453 134.99 -35.96 -19.61
N ASP LC 454 133.97 -35.61 -18.83
CA ASP LC 454 134.19 -34.79 -17.64
C ASP LC 454 135.06 -35.49 -16.61
N HIS LC 455 135.02 -36.83 -16.57
CA HIS LC 455 135.82 -37.60 -15.62
C HIS LC 455 137.31 -37.43 -15.86
N ARG LC 456 137.75 -37.68 -17.10
CA ARG LC 456 139.14 -37.44 -17.46
C ARG LC 456 139.47 -35.96 -17.52
N ARG LC 457 138.46 -35.09 -17.60
CA ARG LC 457 138.73 -33.66 -17.57
C ARG LC 457 139.02 -33.18 -16.14
N ASN LC 458 138.34 -33.73 -15.11
CA ASN LC 458 138.75 -33.35 -13.76
C ASN LC 458 140.02 -34.08 -13.32
N PHE LC 459 140.30 -35.27 -13.88
CA PHE LC 459 141.64 -35.86 -13.68
C PHE LC 459 142.74 -34.92 -14.17
N TYR LC 460 142.54 -34.36 -15.37
CA TYR LC 460 143.46 -33.39 -15.97
C TYR LC 460 143.66 -32.20 -15.06
N TYR LC 461 142.56 -31.59 -14.60
CA TYR LC 461 142.69 -30.38 -13.79
C TYR LC 461 143.20 -30.66 -12.38
N SER LC 462 142.92 -31.85 -11.82
CA SER LC 462 143.42 -32.20 -10.51
C SER LC 462 144.94 -32.38 -10.52
N LYS LC 463 145.46 -33.11 -11.52
CA LYS LC 463 146.91 -33.28 -11.58
C LYS LC 463 147.58 -32.00 -12.06
N PHE LC 464 146.85 -31.17 -12.80
CA PHE LC 464 147.37 -29.87 -13.25
C PHE LC 464 147.59 -28.93 -12.06
N PHE LC 465 146.63 -28.88 -11.13
CA PHE LC 465 146.85 -28.09 -9.93
C PHE LC 465 147.85 -28.75 -8.99
N ASN LC 466 147.92 -30.10 -8.99
CA ASN LC 466 148.93 -30.84 -8.24
C ASN LC 466 150.35 -30.42 -8.64
N LEU LC 467 150.53 -30.12 -9.94
CA LEU LC 467 151.82 -29.60 -10.38
C LEU LC 467 151.96 -28.11 -10.06
N LEU LC 468 150.93 -27.32 -10.37
CA LEU LC 468 151.03 -25.86 -10.39
C LEU LC 468 151.09 -25.27 -8.98
N CYS LC 469 150.61 -26.01 -7.99
CA CYS LC 469 150.57 -25.51 -6.62
C CYS LC 469 151.98 -25.34 -6.04
N PHE LC 470 152.82 -26.37 -6.18
CA PHE LC 470 154.11 -26.29 -5.51
C PHE LC 470 155.25 -25.97 -6.48
N MET LC 471 155.05 -26.12 -7.80
CA MET LC 471 156.15 -25.68 -8.65
C MET LC 471 156.00 -24.25 -9.18
N GLU LC 472 154.95 -23.54 -8.80
CA GLU LC 472 154.90 -22.10 -9.01
C GLU LC 472 154.62 -21.37 -7.70
N GLN LC 473 154.65 -20.04 -7.79
CA GLN LC 473 154.56 -19.22 -6.59
C GLN LC 473 153.10 -18.89 -6.29
N ILE LC 474 152.88 -18.35 -5.08
CA ILE LC 474 151.53 -18.11 -4.55
C ILE LC 474 150.77 -17.07 -5.37
N ASP LC 475 151.49 -16.09 -5.93
CA ASP LC 475 150.85 -14.98 -6.65
C ASP LC 475 150.15 -15.46 -7.92
N VAL LC 476 150.68 -16.49 -8.58
CA VAL LC 476 149.98 -17.05 -9.73
C VAL LC 476 149.12 -18.24 -9.30
N THR LC 477 149.47 -18.88 -8.19
CA THR LC 477 148.70 -20.04 -7.71
C THR LC 477 147.31 -19.65 -7.25
N LEU LC 478 147.19 -18.58 -6.45
CA LEU LC 478 145.88 -18.10 -6.03
C LEU LC 478 145.10 -17.47 -7.18
N LYS LC 479 145.78 -16.94 -8.19
CA LYS LC 479 145.11 -16.32 -9.34
C LYS LC 479 144.51 -17.37 -10.28
N TRP LC 480 145.21 -18.51 -10.46
CA TRP LC 480 144.59 -19.62 -11.19
C TRP LC 480 143.69 -20.46 -10.31
N TYR LC 481 143.77 -20.31 -8.98
CA TYR LC 481 142.83 -20.95 -8.06
C TYR LC 481 141.41 -20.41 -8.28
N LYS LC 482 141.27 -19.10 -8.40
CA LYS LC 482 139.95 -18.51 -8.60
C LYS LC 482 139.50 -18.64 -10.06
N ASP LC 483 140.41 -19.00 -10.96
CA ASP LC 483 140.04 -19.19 -12.36
C ASP LC 483 139.59 -20.62 -12.62
N LEU LC 484 140.19 -21.60 -11.92
CA LEU LC 484 139.92 -22.99 -12.25
C LEU LC 484 138.91 -23.64 -11.31
N ILE LC 485 139.13 -23.52 -10.00
CA ILE LC 485 138.33 -24.20 -8.97
C ILE LC 485 136.86 -23.78 -8.93
N PRO LC 486 136.46 -22.49 -8.87
CA PRO LC 486 135.02 -22.24 -8.81
C PRO LC 486 134.34 -22.30 -10.18
N SER LC 487 135.10 -22.47 -11.26
CA SER LC 487 134.50 -22.45 -12.59
C SER LC 487 134.50 -23.83 -13.23
N VAL LC 488 135.67 -24.45 -13.37
CA VAL LC 488 135.83 -25.57 -14.28
C VAL LC 488 135.37 -26.88 -13.66
N PHE LC 489 136.03 -27.31 -12.57
CA PHE LC 489 135.53 -28.40 -11.74
C PHE LC 489 135.77 -28.11 -10.27
N PHE LC 490 134.98 -28.78 -9.44
CA PHE LC 490 135.06 -28.67 -8.00
C PHE LC 490 136.00 -29.75 -7.47
N PRO LC 491 136.73 -29.46 -6.38
CA PRO LC 491 137.88 -30.32 -6.02
C PRO LC 491 137.51 -31.71 -5.51
N HIS LC 492 138.42 -32.64 -5.74
CA HIS LC 492 138.45 -33.97 -5.13
C HIS LC 492 139.45 -33.90 -3.96
N SER LC 493 139.71 -35.02 -3.29
CA SER LC 493 140.54 -35.01 -2.08
C SER LC 493 142.02 -34.81 -2.40
N GLN LC 494 142.48 -35.33 -3.55
CA GLN LC 494 143.89 -35.20 -3.92
C GLN LC 494 144.25 -33.74 -4.21
N THR LC 495 143.34 -33.00 -4.81
CA THR LC 495 143.52 -31.56 -4.97
C THR LC 495 142.97 -30.76 -3.80
N MET LC 496 142.37 -31.43 -2.79
CA MET LC 496 142.01 -30.75 -1.56
C MET LC 496 143.17 -30.69 -0.58
N ILE LC 497 143.92 -31.79 -0.45
CA ILE LC 497 145.05 -31.89 0.47
C ILE LC 497 146.22 -30.99 0.04
N ASP LC 498 146.31 -30.66 -1.24
CA ASP LC 498 147.59 -30.21 -1.77
C ASP LC 498 147.70 -28.68 -1.63
N LEU LC 499 146.58 -27.97 -1.72
CA LEU LC 499 146.57 -26.54 -1.38
C LEU LC 499 146.87 -26.34 0.11
N LEU LC 500 146.40 -27.28 0.95
CA LEU LC 500 146.71 -27.23 2.38
C LEU LC 500 148.19 -27.42 2.64
N GLN LC 501 148.83 -28.37 1.93
CA GLN LC 501 150.27 -28.52 2.15
C GLN LC 501 151.07 -27.40 1.50
N ALA LC 502 150.55 -26.80 0.42
CA ALA LC 502 151.23 -25.68 -0.25
C ALA LC 502 151.22 -24.42 0.60
N LEU LC 503 150.08 -24.07 1.22
CA LEU LC 503 150.05 -22.92 2.11
C LEU LC 503 150.88 -23.15 3.37
N ASP LC 504 150.96 -24.39 3.85
CA ASP LC 504 151.83 -24.70 4.97
C ASP LC 504 153.31 -24.57 4.60
N VAL LC 505 153.68 -24.95 3.38
CA VAL LC 505 155.04 -24.73 2.91
C VAL LC 505 155.34 -23.24 2.76
N ALA LC 506 154.43 -22.49 2.14
CA ALA LC 506 154.67 -21.09 1.81
C ALA LC 506 154.40 -20.14 2.97
N ASN LC 507 153.90 -20.63 4.10
CA ASN LC 507 153.61 -19.86 5.32
C ASN LC 507 152.64 -18.71 5.05
N ARG LC 508 151.45 -19.08 4.57
CA ARG LC 508 150.41 -18.12 4.24
C ARG LC 508 149.18 -18.46 5.08
N LEU LC 509 148.96 -17.66 6.13
CA LEU LC 509 147.88 -17.90 7.09
C LEU LC 509 146.63 -17.10 6.78
N ASP LC 510 146.73 -16.03 5.99
CA ASP LC 510 145.56 -15.22 5.67
C ASP LC 510 144.61 -15.92 4.71
N MET LC 511 145.09 -16.90 3.95
CA MET LC 511 144.35 -17.46 2.83
C MET LC 511 143.40 -18.58 3.28
N VAL LC 512 143.52 -19.04 4.51
CA VAL LC 512 142.78 -20.19 5.04
C VAL LC 512 141.25 -20.05 5.09
N PRO LC 513 140.64 -18.95 5.60
CA PRO LC 513 139.17 -18.97 5.75
C PRO LC 513 138.37 -18.99 4.46
N GLN LC 514 138.86 -18.32 3.41
CA GLN LC 514 138.14 -18.29 2.14
C GLN LC 514 138.13 -19.66 1.47
N ILE LC 515 139.29 -20.35 1.49
CA ILE LC 515 139.32 -21.69 0.93
C ILE LC 515 138.60 -22.68 1.83
N TRP LC 516 138.54 -22.42 3.14
CA TRP LC 516 137.68 -23.24 4.01
C TRP LC 516 136.21 -23.10 3.64
N LYS LC 517 135.76 -21.87 3.39
CA LYS LC 517 134.38 -21.65 2.98
C LYS LC 517 134.10 -22.24 1.61
N ASP LC 525 135.11 -22.28 0.73
CA ASP LC 525 134.95 -22.96 -0.55
C ASP LC 525 134.84 -24.47 -0.37
N SER LC 526 135.75 -25.06 0.39
CA SER LC 526 135.75 -26.51 0.64
C SER LC 526 134.56 -26.98 1.45
N LYS LC 527 133.91 -26.09 2.21
CA LYS LC 527 132.63 -26.44 2.83
C LYS LC 527 131.57 -26.68 1.77
N GLU LC 528 131.60 -25.91 0.68
CA GLU LC 528 130.67 -26.14 -0.42
C GLU LC 528 131.04 -27.39 -1.20
N TYR LC 529 132.26 -27.43 -1.74
CA TYR LC 529 132.55 -28.48 -2.73
C TYR LC 529 132.98 -29.80 -2.09
N GLY LC 530 133.41 -29.80 -0.83
CA GLY LC 530 134.04 -30.97 -0.25
C GLY LC 530 133.36 -31.59 0.94
N HIS LC 531 132.02 -31.71 0.91
CA HIS LC 531 131.30 -32.26 2.05
C HIS LC 531 131.58 -33.75 2.22
N THR LC 532 131.88 -34.46 1.14
CA THR LC 532 132.16 -35.89 1.22
C THR LC 532 133.50 -36.18 1.89
N PHE LC 533 134.55 -35.44 1.51
CA PHE LC 533 135.89 -35.70 2.02
C PHE LC 533 136.21 -34.95 3.29
N ARG LC 534 135.25 -34.18 3.83
CA ARG LC 534 135.53 -33.24 4.91
C ARG LC 534 135.92 -33.96 6.20
N ASN LC 535 135.18 -35.02 6.55
CA ASN LC 535 135.48 -35.78 7.76
C ASN LC 535 136.78 -36.54 7.63
N GLU LC 536 137.13 -36.98 6.42
CA GLU LC 536 138.41 -37.64 6.22
C GLU LC 536 139.58 -36.66 6.25
N LEU LC 537 139.33 -35.38 5.95
CA LEU LC 537 140.41 -34.41 5.87
C LEU LC 537 140.32 -33.30 6.91
N LYS LC 538 139.55 -33.49 8.01
CA LYS LC 538 139.52 -32.51 9.11
C LYS LC 538 140.90 -32.23 9.68
N GLU LC 539 141.64 -33.30 10.03
CA GLU LC 539 142.96 -33.13 10.66
C GLU LC 539 143.95 -32.52 9.68
N GLU LC 540 143.83 -32.88 8.41
CA GLU LC 540 144.77 -32.42 7.40
C GLU LC 540 144.45 -30.99 6.96
N ILE LC 541 143.20 -30.55 7.16
CA ILE LC 541 142.88 -29.13 7.04
C ILE LC 541 143.46 -28.37 8.22
N LEU LC 542 143.27 -28.89 9.42
CA LEU LC 542 143.56 -28.13 10.63
C LEU LC 542 145.03 -28.17 11.05
N MET LC 543 145.85 -29.05 10.47
CA MET LC 543 147.25 -29.20 10.87
C MET LC 543 148.10 -27.98 10.52
N LEU LC 544 147.66 -27.15 9.58
CA LEU LC 544 148.31 -25.89 9.25
C LEU LC 544 148.25 -24.87 10.38
N MET LC 545 147.29 -25.00 11.30
CA MET LC 545 146.97 -23.92 12.22
C MET LC 545 147.96 -23.79 13.37
N ALA LC 546 148.74 -24.83 13.66
CA ALA LC 546 149.71 -24.75 14.75
C ALA LC 546 151.13 -24.59 14.24
N ARG LC 547 151.34 -24.80 12.94
CA ARG LC 547 152.67 -24.64 12.37
C ARG LC 547 153.14 -23.19 12.35
N ASP LC 548 152.25 -22.26 12.06
CA ASP LC 548 152.60 -20.85 12.00
C ASP LC 548 152.42 -20.19 13.38
N GLN LC 549 152.83 -18.93 13.48
CA GLN LC 549 152.61 -18.12 14.66
C GLN LC 549 151.44 -17.18 14.37
N HIS LC 550 150.74 -16.77 15.43
CA HIS LC 550 149.49 -16.03 15.27
C HIS LC 550 149.62 -14.60 15.75
N PRO LC 551 149.72 -13.61 14.86
CA PRO LC 551 149.62 -12.22 15.27
C PRO LC 551 148.18 -11.89 15.68
N PRO LC 552 147.99 -10.87 16.53
CA PRO LC 552 146.64 -10.63 17.08
C PRO LC 552 145.65 -9.94 16.13
N GLU LC 553 145.90 -9.91 14.82
CA GLU LC 553 144.95 -9.22 13.94
C GLU LC 553 143.90 -10.17 13.37
N LEU LC 554 144.19 -11.47 13.31
CA LEU LC 554 143.34 -12.43 12.62
C LEU LC 554 142.51 -13.28 13.56
N GLN LC 555 142.37 -12.87 14.82
CA GLN LC 555 141.76 -13.74 15.84
C GLN LC 555 140.26 -13.87 15.60
N VAL LC 556 139.64 -12.88 14.96
CA VAL LC 556 138.24 -12.99 14.54
C VAL LC 556 138.07 -14.12 13.52
N ALA LC 557 138.98 -14.18 12.53
CA ALA LC 557 138.92 -15.23 11.51
C ALA LC 557 139.20 -16.60 12.11
N PHE LC 558 140.17 -16.69 13.04
CA PHE LC 558 140.44 -17.95 13.73
C PHE LC 558 139.26 -18.40 14.57
N ALA LC 559 138.63 -17.48 15.29
CA ALA LC 559 137.48 -17.81 16.13
C ALA LC 559 136.28 -18.26 15.29
N ASP LC 560 136.05 -17.61 14.14
CA ASP LC 560 134.95 -18.03 13.26
C ASP LC 560 135.22 -19.39 12.62
N CYS LC 561 136.45 -19.62 12.15
CA CYS LC 561 136.80 -20.90 11.53
C CYS LC 561 136.75 -22.04 12.55
N ALA LC 562 137.06 -21.76 13.80
CA ALA LC 562 136.88 -22.77 14.83
C ALA LC 562 135.40 -22.96 15.17
N ALA LC 563 134.65 -21.87 15.26
CA ALA LC 563 133.29 -21.91 15.80
C ALA LC 563 132.33 -22.61 14.85
N ASP LC 564 132.50 -22.40 13.54
CA ASP LC 564 131.61 -23.05 12.58
C ASP LC 564 131.80 -24.57 12.57
N ILE LC 565 133.06 -25.02 12.55
CA ILE LC 565 133.38 -26.45 12.57
C ILE LC 565 132.89 -27.09 13.87
N LYS LC 566 133.19 -26.45 15.00
CA LYS LC 566 132.87 -27.05 16.29
C LYS LC 566 131.46 -26.74 16.75
N SER LC 567 130.67 -26.01 15.96
CA SER LC 567 129.23 -25.99 16.15
C SER LC 567 128.53 -27.01 15.28
N THR LC 568 128.98 -27.16 14.03
CA THR LC 568 128.40 -28.15 13.12
C THR LC 568 128.65 -29.57 13.60
N TYR LC 569 129.85 -29.86 14.11
CA TYR LC 569 130.16 -31.21 14.54
C TYR LC 569 130.00 -31.43 16.04
N GLU LC 570 129.41 -30.48 16.76
CA GLU LC 570 128.83 -30.75 18.08
C GLU LC 570 127.32 -30.65 18.07
N SER LC 571 126.71 -30.16 16.99
CA SER LC 571 125.27 -30.18 16.84
C SER LC 571 124.75 -31.48 16.26
N GLN LC 572 125.63 -32.40 15.89
CA GLN LC 572 125.23 -33.70 15.36
C GLN LC 572 125.20 -34.76 16.47
N PRO LC 579 130.29 -38.96 13.99
CA PRO LC 579 131.05 -37.72 13.88
C PRO LC 579 132.27 -37.69 14.78
N GLU LC 580 133.36 -38.30 14.32
CA GLU LC 580 134.59 -38.34 15.10
C GLU LC 580 135.27 -36.98 15.04
N TRP LC 581 135.68 -36.48 16.21
CA TRP LC 581 136.30 -35.17 16.32
C TRP LC 581 137.58 -35.26 17.16
N PRO LC 582 138.75 -35.05 16.57
CA PRO LC 582 140.00 -35.38 17.26
C PRO LC 582 140.43 -34.31 18.25
N ALA LC 583 141.44 -34.66 19.06
CA ALA LC 583 141.96 -33.74 20.07
C ALA LC 583 143.03 -32.81 19.51
N SER LC 584 143.51 -33.08 18.29
CA SER LC 584 144.43 -32.17 17.63
C SER LC 584 143.77 -30.83 17.37
N SER LC 585 142.50 -30.85 16.95
CA SER LC 585 141.72 -29.63 16.79
C SER LC 585 141.51 -28.91 18.11
N LEU LC 586 141.45 -29.66 19.22
CA LEU LC 586 141.37 -29.03 20.54
C LEU LC 586 142.67 -28.31 20.88
N ASN LC 587 143.81 -28.92 20.53
CA ASN LC 587 145.10 -28.26 20.69
C ASN LC 587 145.18 -26.98 19.87
N TYR LC 588 144.71 -27.03 18.63
CA TYR LC 588 144.74 -25.87 17.74
C TYR LC 588 143.83 -24.76 18.24
N VAL LC 589 142.61 -25.10 18.67
CA VAL LC 589 141.67 -24.08 19.13
C VAL LC 589 142.13 -23.48 20.46
N ALA LC 590 142.82 -24.26 21.29
CA ALA LC 590 143.29 -23.72 22.55
C ALA LC 590 144.49 -22.81 22.36
N VAL LC 591 145.39 -23.14 21.42
CA VAL LC 591 146.51 -22.22 21.19
C VAL LC 591 146.03 -20.97 20.44
N LEU LC 592 144.95 -21.10 19.64
CA LEU LC 592 144.37 -19.93 19.01
C LEU LC 592 143.74 -18.97 20.01
N PHE LC 593 142.93 -19.46 20.95
CA PHE LC 593 142.46 -18.56 21.99
C PHE LC 593 143.52 -18.19 23.02
N LEU LC 594 144.63 -18.94 23.12
CA LEU LC 594 145.74 -18.47 23.93
C LEU LC 594 146.40 -17.25 23.31
N ARG LC 595 146.61 -17.26 22.00
CA ARG LC 595 147.12 -16.10 21.30
C ARG LC 595 146.09 -14.98 21.16
N ALA LC 596 144.79 -15.31 21.27
CA ALA LC 596 143.74 -14.30 21.21
C ALA LC 596 143.38 -13.71 22.57
N GLY LC 597 143.81 -14.33 23.67
CA GLY LC 597 143.51 -13.80 24.98
C GLY LC 597 142.10 -14.01 25.45
N ARG LC 598 141.48 -15.12 25.07
CA ARG LC 598 140.11 -15.47 25.48
C ARG LC 598 140.18 -16.78 26.23
N THR LC 599 139.80 -16.76 27.51
CA THR LC 599 139.96 -17.95 28.34
C THR LC 599 138.66 -18.72 28.49
N GLN LC 600 137.53 -18.01 28.62
CA GLN LC 600 136.27 -18.66 28.99
C GLN LC 600 135.71 -19.52 27.87
N GLU LC 601 135.75 -19.04 26.63
CA GLU LC 601 135.27 -19.83 25.50
C GLU LC 601 136.15 -21.05 25.22
N ALA LC 602 137.47 -20.92 25.37
CA ALA LC 602 138.36 -22.07 25.26
C ALA LC 602 138.11 -23.09 26.36
N TRP LC 603 137.87 -22.62 27.60
CA TRP LC 603 137.54 -23.52 28.70
C TRP LC 603 136.22 -24.24 28.45
N LYS LC 604 135.23 -23.51 27.92
CA LYS LC 604 133.95 -24.12 27.55
C LYS LC 604 134.12 -25.15 26.45
N MET LC 605 135.00 -24.89 25.49
CA MET LC 605 135.23 -25.83 24.40
C MET LC 605 135.91 -27.11 24.88
N LEU LC 606 136.92 -26.97 25.75
CA LEU LC 606 137.56 -28.15 26.34
C LEU LC 606 136.60 -28.94 27.24
N GLY LC 607 135.77 -28.23 28.01
CA GLY LC 607 134.74 -28.89 28.79
C GLY LC 607 133.69 -29.62 27.96
N LEU LC 608 133.33 -29.07 26.80
CA LEU LC 608 132.45 -29.74 25.87
C LEU LC 608 133.10 -30.94 25.20
N PHE LC 609 134.42 -30.90 24.95
CA PHE LC 609 135.10 -32.09 24.46
C PHE LC 609 135.22 -33.18 25.53
N ARG LC 610 135.38 -32.81 26.79
CA ARG LC 610 135.48 -33.84 27.82
C ARG LC 610 134.12 -34.31 28.32
N LYS LC 611 133.03 -33.81 27.73
CA LYS LC 611 131.73 -34.44 27.85
C LYS LC 611 131.47 -35.44 26.73
N HIS LC 612 132.42 -35.61 25.81
CA HIS LC 612 132.30 -36.54 24.69
C HIS LC 612 132.92 -37.90 24.99
N ASN LC 613 133.15 -38.20 26.27
CA ASN LC 613 133.62 -39.51 26.75
C ASN LC 613 135.01 -39.88 26.21
N LYS LC 614 135.85 -38.88 25.96
CA LYS LC 614 137.24 -39.10 25.60
C LYS LC 614 138.03 -37.86 25.99
N ILE LC 615 139.35 -38.02 26.06
CA ILE LC 615 140.23 -37.00 26.63
C ILE LC 615 141.32 -36.70 25.62
N PRO LC 616 141.87 -35.48 25.66
CA PRO LC 616 143.10 -35.20 24.92
C PRO LC 616 144.34 -35.69 25.66
N ARG LC 617 145.50 -35.35 25.10
CA ARG LC 617 146.75 -35.62 25.80
C ARG LC 617 147.05 -34.51 26.79
N ALA LC 618 147.97 -34.79 27.72
CA ALA LC 618 148.26 -33.91 28.84
C ALA LC 618 149.07 -32.67 28.45
N GLU LC 619 149.67 -32.65 27.25
CA GLU LC 619 150.33 -31.43 26.78
C GLU LC 619 149.33 -30.29 26.56
N LEU LC 620 148.14 -30.60 26.04
CA LEU LC 620 147.05 -29.63 25.96
C LEU LC 620 146.63 -29.14 27.34
N LEU LC 621 146.56 -30.07 28.30
CA LEU LC 621 146.19 -29.74 29.67
C LEU LC 621 147.21 -28.80 30.32
N ASN LC 622 148.50 -29.06 30.09
CA ASN LC 622 149.55 -28.15 30.56
C ASN LC 622 149.54 -26.82 29.83
N GLU LC 623 149.18 -26.81 28.54
CA GLU LC 623 149.13 -25.56 27.77
C GLU LC 623 148.00 -24.66 28.27
N PHE LC 624 146.81 -25.20 28.47
CA PHE LC 624 145.73 -24.43 29.06
C PHE LC 624 145.95 -24.16 30.54
N LEU LC 625 146.74 -24.98 31.23
CA LEU LC 625 147.15 -24.67 32.59
C LEU LC 625 148.06 -23.45 32.63
N ASP LC 626 148.97 -23.32 31.67
CA ASP LC 626 149.76 -22.11 31.51
C ASP LC 626 148.88 -20.91 31.14
N SER LC 627 147.85 -21.14 30.31
CA SER LC 627 146.89 -20.09 29.98
C SER LC 627 146.12 -19.59 31.21
N ALA LC 628 145.67 -20.50 32.07
CA ALA LC 628 145.01 -20.12 33.31
C ALA LC 628 145.97 -19.59 34.37
N LYS LC 629 147.25 -19.95 34.28
CA LYS LC 629 148.26 -19.42 35.18
C LYS LC 629 148.62 -17.98 34.84
N ALA LC 630 148.64 -17.66 33.55
CA ALA LC 630 148.83 -16.29 33.11
C ALA LC 630 147.62 -15.40 33.42
N SER LC 631 146.43 -15.99 33.58
CA SER LC 631 145.22 -15.23 33.87
C SER LC 631 144.71 -15.40 35.29
N SER LC 632 145.36 -16.25 36.09
CA SER LC 632 145.06 -16.49 37.52
C SER LC 632 143.62 -16.99 37.72
N SER LC 633 143.34 -18.16 37.16
CA SER LC 633 142.04 -18.82 37.30
C SER LC 633 142.24 -20.17 37.99
N PRO LC 634 141.96 -20.25 39.30
CA PRO LC 634 142.21 -21.51 40.01
C PRO LC 634 141.14 -22.58 39.83
N ALA LC 635 139.87 -22.20 39.66
CA ALA LC 635 138.79 -23.19 39.59
C ALA LC 635 138.85 -23.99 38.31
N GLN LC 636 139.28 -23.36 37.21
CA GLN LC 636 139.49 -24.06 35.95
C GLN LC 636 140.59 -25.10 36.09
N ALA LC 637 141.67 -24.75 36.80
CA ALA LC 637 142.76 -25.70 37.05
C ALA LC 637 142.31 -26.86 37.94
N ILE LC 638 141.46 -26.57 38.93
CA ILE LC 638 140.89 -27.61 39.79
C ILE LC 638 140.06 -28.58 38.96
N GLU LC 639 139.22 -28.06 38.06
CA GLU LC 639 138.39 -28.91 37.21
C GLU LC 639 139.25 -29.73 36.24
N LEU LC 640 140.30 -29.10 35.67
CA LEU LC 640 141.20 -29.78 34.75
C LEU LC 640 141.91 -30.95 35.42
N VAL LC 641 142.51 -30.71 36.59
CA VAL LC 641 143.24 -31.75 37.29
C VAL LC 641 142.33 -32.83 37.85
N LYS LC 642 141.13 -32.46 38.33
CA LYS LC 642 140.20 -33.47 38.84
C LYS LC 642 139.70 -34.39 37.73
N LEU LC 643 139.28 -33.84 36.60
CA LEU LC 643 138.82 -34.67 35.49
C LEU LC 643 139.95 -35.26 34.67
N ALA LC 644 141.20 -34.88 34.94
CA ALA LC 644 142.33 -35.58 34.35
C ALA LC 644 142.75 -36.77 35.21
N SER LC 645 142.75 -36.59 36.53
CA SER LC 645 143.05 -37.68 37.45
C SER LC 645 141.96 -38.74 37.46
N ALA LC 646 140.71 -38.34 37.22
CA ALA LC 646 139.64 -39.33 37.10
C ALA LC 646 139.73 -40.10 35.80
N PHE LC 647 140.45 -39.58 34.80
CA PHE LC 647 140.57 -40.22 33.49
C PHE LC 647 141.97 -40.77 33.23
N SER LC 648 142.88 -40.67 34.21
CA SER LC 648 144.22 -41.28 34.26
C SER LC 648 145.15 -40.83 33.12
N LEU LC 649 145.49 -39.55 33.04
CA LEU LC 649 146.47 -39.10 32.07
C LEU LC 649 147.87 -39.57 32.51
N PRO LC 650 148.79 -39.81 31.57
CA PRO LC 650 150.13 -40.27 31.97
C PRO LC 650 150.99 -39.18 32.62
N VAL LC 651 150.66 -37.90 32.43
CA VAL LC 651 151.50 -36.82 32.93
C VAL LC 651 150.65 -36.11 34.00
N CYS LC 652 149.85 -36.90 34.72
CA CYS LC 652 149.14 -36.38 35.89
C CYS LC 652 150.09 -35.92 36.98
N GLU LC 653 151.27 -36.53 37.08
CA GLU LC 653 152.30 -36.05 38.02
C GLU LC 653 152.77 -34.64 37.64
N GLY LC 654 153.01 -34.41 36.36
CA GLY LC 654 153.35 -33.09 35.87
C GLY LC 654 152.24 -32.07 36.05
N LEU LC 655 150.98 -32.45 35.80
CA LEU LC 655 149.86 -31.57 36.05
C LEU LC 655 149.71 -31.22 37.53
N THR LC 656 149.91 -32.20 38.40
CA THR LC 656 149.81 -31.98 39.85
C THR LC 656 150.92 -31.06 40.35
N ARG LC 657 152.17 -31.28 39.90
CA ARG LC 657 153.26 -30.38 40.26
C ARG LC 657 153.04 -28.98 39.70
N ARG LC 658 152.50 -28.88 38.48
CA ARG LC 658 152.17 -27.58 37.91
C ARG LC 658 151.07 -26.86 38.66
N VAL LC 659 150.09 -27.56 39.24
CA VAL LC 659 149.10 -26.84 40.04
C VAL LC 659 149.52 -26.58 41.48
N MET LC 660 150.47 -27.34 42.04
CA MET LC 660 151.12 -26.78 43.23
C MET LC 660 151.89 -25.51 42.91
N ALA LC 661 152.56 -25.44 41.75
CA ALA LC 661 153.19 -24.20 41.32
C ALA LC 661 152.19 -23.06 41.10
N GLU LC 662 151.06 -23.36 40.45
CA GLU LC 662 149.98 -22.40 40.22
C GLU LC 662 149.36 -21.90 41.52
N PHE LC 663 149.04 -22.80 42.45
CA PHE LC 663 148.42 -22.41 43.69
C PHE LC 663 149.41 -21.79 44.68
N THR LC 664 150.71 -22.06 44.53
CA THR LC 664 151.72 -21.30 45.25
C THR LC 664 151.86 -19.89 44.70
N LEU LC 665 151.75 -19.73 43.37
CA LEU LC 665 151.78 -18.40 42.77
C LEU LC 665 150.55 -17.57 43.16
N THR LC 666 149.38 -18.20 43.18
CA THR LC 666 148.14 -17.51 43.52
C THR LC 666 147.77 -17.61 44.99
N GLN LC 667 148.65 -18.20 45.82
CA GLN LC 667 148.44 -18.40 47.27
C GLN LC 667 147.17 -19.18 47.56
N GLU LC 668 146.93 -20.21 46.76
CA GLU LC 668 145.80 -21.11 46.93
C GLU LC 668 146.22 -22.47 47.50
N GLN LC 669 147.15 -22.47 48.46
CA GLN LC 669 147.70 -23.72 48.97
C GLN LC 669 146.70 -24.52 49.79
N ARG LC 670 145.70 -23.86 50.36
CA ARG LC 670 144.63 -24.59 51.04
C ARG LC 670 143.81 -25.44 50.07
N GLU LC 671 143.44 -24.88 48.92
CA GLU LC 671 142.79 -25.66 47.88
C GLU LC 671 143.75 -26.63 47.20
N ALA LC 672 145.06 -26.36 47.21
CA ALA LC 672 146.03 -27.35 46.74
C ALA LC 672 146.05 -28.59 47.63
N LEU LC 673 146.07 -28.39 48.95
CA LEU LC 673 145.97 -29.51 49.89
C LEU LC 673 144.61 -30.18 49.84
N GLY LC 674 143.54 -29.43 49.56
CA GLY LC 674 142.24 -30.05 49.33
C GLY LC 674 142.22 -30.93 48.08
N GLU LC 675 142.87 -30.49 47.00
CA GLU LC 675 143.00 -31.32 45.81
C GLU LC 675 143.83 -32.56 46.08
N LEU LC 676 144.90 -32.43 46.89
CA LEU LC 676 145.69 -33.59 47.29
C LEU LC 676 144.88 -34.57 48.13
N THR LC 677 144.03 -34.06 49.04
CA THR LC 677 143.12 -34.90 49.81
C THR LC 677 142.10 -35.59 48.93
N ALA LC 678 141.62 -34.91 47.89
CA ALA LC 678 140.72 -35.53 46.93
C ALA LC 678 141.41 -36.61 46.11
N LEU LC 679 142.67 -36.40 45.72
CA LEU LC 679 143.40 -37.40 44.94
C LEU LC 679 143.77 -38.62 45.77
N THR LC 680 144.10 -38.43 47.05
CA THR LC 680 144.49 -39.57 47.87
C THR LC 680 143.28 -40.37 48.36
N SER LC 681 142.07 -39.88 48.15
CA SER LC 681 140.87 -40.58 48.56
C SER LC 681 140.32 -41.44 47.42
N SER MC 49 87.14 -59.17 37.66
CA SER MC 49 88.29 -58.34 38.02
C SER MC 49 89.41 -59.18 38.60
N PRO MC 50 90.66 -58.89 38.22
CA PRO MC 50 91.79 -59.64 38.78
C PRO MC 50 92.07 -59.30 40.24
N TYR MC 51 91.60 -58.15 40.71
CA TYR MC 51 91.86 -57.70 42.08
C TYR MC 51 91.04 -58.50 43.08
N LYS MC 52 89.71 -58.42 42.97
CA LYS MC 52 88.74 -59.17 43.78
C LYS MC 52 88.88 -58.94 45.27
N ASP MC 53 89.62 -59.84 45.94
CA ASP MC 53 89.66 -59.85 47.40
C ASP MC 53 90.42 -58.66 47.99
N GLU MC 54 91.25 -58.00 47.19
CA GLU MC 54 91.90 -56.75 47.60
C GLU MC 54 91.45 -55.62 46.68
N PRO MC 55 90.51 -54.80 47.14
CA PRO MC 55 90.14 -53.60 46.37
C PRO MC 55 91.07 -52.43 46.58
N TRP MC 56 91.84 -52.40 47.68
CA TRP MC 56 92.71 -51.24 47.90
C TRP MC 56 93.98 -51.31 47.08
N LYS MC 57 94.28 -52.45 46.45
CA LYS MC 57 95.44 -52.54 45.58
C LYS MC 57 95.27 -51.72 44.31
N TYR MC 58 94.05 -51.66 43.74
CA TYR MC 58 93.83 -50.79 42.60
C TYR MC 58 93.81 -49.32 43.02
N LEU MC 59 93.39 -49.05 44.26
CA LEU MC 59 93.50 -47.69 44.79
C LEU MC 59 94.95 -47.26 44.94
N ASP MC 60 95.82 -48.18 45.34
CA ASP MC 60 97.25 -47.91 45.43
C ASP MC 60 97.97 -48.05 44.09
N SER MC 61 97.26 -48.52 43.06
CA SER MC 61 97.89 -48.77 41.77
C SER MC 61 98.23 -47.48 41.03
N GLU MC 62 99.10 -47.60 40.04
CA GLU MC 62 99.56 -46.46 39.26
C GLU MC 62 98.50 -45.99 38.27
N GLU MC 63 97.65 -46.90 37.79
CA GLU MC 63 96.63 -46.53 36.81
C GLU MC 63 95.56 -45.63 37.40
N TYR MC 64 95.23 -45.82 38.69
CA TYR MC 64 94.30 -44.92 39.37
C TYR MC 64 94.87 -43.51 39.46
N GLN MC 65 96.16 -43.40 39.78
CA GLN MC 65 96.80 -42.09 39.86
C GLN MC 65 96.91 -41.44 38.48
N ASN MC 66 97.13 -42.27 37.44
CA ASN MC 66 97.24 -41.76 36.08
C ASN MC 66 95.90 -41.26 35.56
N ARG MC 67 94.82 -41.99 35.86
CA ARG MC 67 93.52 -41.63 35.31
C ARG MC 67 92.82 -40.57 36.16
N TYR MC 68 92.60 -40.88 37.44
CA TYR MC 68 91.82 -39.99 38.30
C TYR MC 68 92.65 -38.93 38.99
N GLY MC 69 93.87 -39.26 39.43
CA GLY MC 69 94.67 -38.30 40.15
C GLY MC 69 94.18 -38.08 41.57
N SER MC 70 94.57 -36.94 42.14
CA SER MC 70 94.21 -36.59 43.51
C SER MC 70 92.75 -36.18 43.65
N ARG MC 71 92.09 -35.79 42.57
CA ARG MC 71 90.68 -35.45 42.61
C ARG MC 71 89.85 -36.73 42.75
N PRO MC 72 88.63 -36.63 43.32
CA PRO MC 72 87.79 -37.83 43.47
C PRO MC 72 87.30 -38.43 42.16
N VAL MC 73 86.69 -39.62 42.27
CA VAL MC 73 86.21 -40.35 41.09
C VAL MC 73 85.06 -39.62 40.41
N TRP MC 74 84.13 -39.07 41.19
CA TRP MC 74 82.93 -38.44 40.68
C TRP MC 74 83.12 -36.98 40.29
N ALA MC 75 84.37 -36.49 40.28
CA ALA MC 75 84.60 -35.08 39.96
C ALA MC 75 84.41 -34.80 38.48
N ASP MC 76 84.80 -35.72 37.61
CA ASP MC 76 84.75 -35.51 36.17
C ASP MC 76 83.47 -36.02 35.53
N TYR MC 77 82.51 -36.50 36.32
CA TYR MC 77 81.26 -37.03 35.79
C TYR MC 77 80.17 -35.97 35.87
N ARG MC 78 79.43 -35.82 34.77
CA ARG MC 78 78.32 -34.88 34.69
C ARG MC 78 77.07 -35.64 34.29
N ARG MC 79 75.98 -35.42 35.03
CA ARG MC 79 74.73 -36.13 34.81
C ARG MC 79 73.87 -35.36 33.81
N ASN MC 80 73.36 -36.06 32.81
CA ASN MC 80 72.47 -35.46 31.83
C ASN MC 80 71.02 -35.56 32.29
N HIS MC 81 70.32 -34.43 32.28
CA HIS MC 81 68.94 -34.40 32.77
C HIS MC 81 68.13 -33.39 31.96
N LYS MC 82 66.89 -33.19 32.39
CA LYS MC 82 65.88 -32.56 31.55
C LYS MC 82 65.90 -31.04 31.55
N GLY MC 83 66.55 -30.41 32.51
CA GLY MC 83 66.51 -28.96 32.59
C GLY MC 83 67.62 -28.38 33.42
N GLY MC 84 67.28 -27.29 34.13
CA GLY MC 84 68.24 -26.65 35.01
C GLY MC 84 68.32 -27.26 36.39
N ILE MC 85 67.39 -28.13 36.74
CA ILE MC 85 67.32 -28.77 38.05
C ILE MC 85 67.31 -30.27 37.83
N PRO MC 86 68.26 -31.02 38.41
CA PRO MC 86 68.22 -32.47 38.27
C PRO MC 86 67.09 -33.07 39.08
N PRO MC 87 66.59 -34.24 38.69
CA PRO MC 87 65.58 -34.91 39.51
C PRO MC 87 66.15 -35.38 40.84
N GLN MC 88 65.28 -35.46 41.85
CA GLN MC 88 65.66 -35.87 43.19
C GLN MC 88 66.14 -37.31 43.27
N ARG MC 89 65.68 -38.17 42.37
CA ARG MC 89 66.08 -39.57 42.36
C ARG MC 89 66.84 -39.84 41.07
N THR MC 90 68.00 -40.48 41.19
CA THR MC 90 68.81 -40.80 40.02
C THR MC 90 68.26 -42.04 39.32
N ARG MC 91 69.03 -42.54 38.37
CA ARG MC 91 68.66 -43.81 37.74
C ARG MC 91 68.79 -44.95 38.74
N LYS MC 92 67.81 -45.86 38.72
CA LYS MC 92 67.73 -46.97 39.66
C LYS MC 92 68.91 -47.91 39.52
N MET MC 93 69.05 -48.53 38.35
CA MET MC 93 70.14 -49.44 38.07
C MET MC 93 70.61 -49.21 36.65
N CYS MC 94 71.93 -49.15 36.47
CA CYS MC 94 72.53 -48.72 35.22
C CYS MC 94 72.91 -49.89 34.32
N ILE MC 95 73.35 -51.00 34.89
CA ILE MC 95 73.67 -52.21 34.15
C ILE MC 95 72.59 -53.25 34.43
N ARG MC 96 71.95 -53.72 33.35
CA ARG MC 96 70.89 -54.71 33.43
C ARG MC 96 71.34 -55.93 32.64
N GLY MC 97 71.71 -56.98 33.36
CA GLY MC 97 72.29 -58.14 32.69
C GLY MC 97 73.68 -57.81 32.19
N ASN MC 98 73.90 -58.02 30.90
CA ASN MC 98 75.18 -57.70 30.28
C ASN MC 98 75.19 -56.33 29.63
N LYS MC 99 74.08 -55.60 29.67
CA LYS MC 99 73.93 -54.37 28.90
C LYS MC 99 74.20 -53.16 29.81
N VAL MC 100 75.13 -52.31 29.40
CA VAL MC 100 75.37 -51.05 30.09
C VAL MC 100 74.55 -49.96 29.40
N ALA MC 101 73.68 -49.31 30.17
CA ALA MC 101 72.72 -48.38 29.59
C ALA MC 101 73.26 -46.96 29.62
N GLY MC 102 73.65 -46.44 28.44
CA GLY MC 102 73.98 -45.03 28.30
C GLY MC 102 75.28 -44.66 28.98
N ASN MC 103 75.30 -43.46 29.56
CA ASN MC 103 76.47 -42.95 30.26
C ASN MC 103 76.54 -43.64 31.62
N PRO MC 104 77.60 -44.38 31.93
CA PRO MC 104 77.66 -45.09 33.20
C PRO MC 104 77.98 -44.16 34.36
N CYS MC 105 77.81 -44.70 35.56
CA CYS MC 105 78.06 -44.01 36.81
C CYS MC 105 79.57 -43.89 37.04
N PRO MC 106 80.02 -42.97 37.91
CA PRO MC 106 81.47 -42.91 38.21
C PRO MC 106 82.05 -44.18 38.82
N ILE MC 107 81.31 -44.86 39.69
CA ILE MC 107 81.76 -46.16 40.17
C ILE MC 107 81.63 -47.20 39.06
N CYS MC 108 80.51 -47.19 38.34
CA CYS MC 108 80.12 -48.29 37.48
C CYS MC 108 80.80 -48.26 36.11
N ARG MC 109 81.46 -47.16 35.75
CA ARG MC 109 82.19 -47.11 34.49
C ARG MC 109 83.56 -47.74 34.61
N ASP MC 110 84.05 -47.93 35.83
CA ASP MC 110 85.32 -48.59 36.10
C ASP MC 110 85.02 -49.85 36.90
N GLN MC 111 85.03 -51.00 36.23
CA GLN MC 111 84.60 -52.25 36.86
C GLN MC 111 85.63 -52.82 37.84
N LYS MC 112 86.83 -52.25 37.89
CA LYS MC 112 87.80 -52.63 38.91
C LYS MC 112 87.54 -51.95 40.25
N LEU MC 113 86.62 -50.99 40.31
CA LEU MC 113 86.19 -50.42 41.57
C LEU MC 113 85.26 -51.39 42.28
N HIS MC 114 85.55 -51.68 43.54
CA HIS MC 114 84.73 -52.56 44.35
C HIS MC 114 84.27 -51.81 45.59
N VAL MC 115 82.96 -51.86 45.85
CA VAL MC 115 82.38 -51.19 47.00
C VAL MC 115 82.39 -52.18 48.16
N ASP MC 116 83.33 -52.00 49.09
CA ASP MC 116 83.51 -52.88 50.22
C ASP MC 116 83.90 -52.07 51.44
N PHE MC 117 83.86 -52.71 52.61
CA PHE MC 117 84.31 -52.07 53.83
C PHE MC 117 85.82 -52.11 54.00
N ARG MC 118 86.53 -52.91 53.20
CA ARG MC 118 87.96 -53.07 53.36
C ARG MC 118 88.73 -51.85 52.88
N ASN MC 119 88.31 -51.24 51.77
CA ASN MC 119 88.94 -50.04 51.27
C ASN MC 119 88.30 -48.80 51.89
N VAL MC 120 89.16 -47.90 52.40
CA VAL MC 120 88.66 -46.70 53.06
C VAL MC 120 88.86 -45.49 52.16
N LYS MC 121 89.84 -45.58 51.24
CA LYS MC 121 90.16 -44.46 50.36
C LYS MC 121 89.06 -44.21 49.34
N LEU MC 122 88.39 -45.26 48.88
CA LEU MC 122 87.25 -45.10 47.99
C LEU MC 122 86.04 -44.55 48.72
N LEU MC 123 85.77 -45.07 49.93
CA LEU MC 123 84.58 -44.66 50.67
C LEU MC 123 84.71 -43.26 51.26
N GLU MC 124 85.94 -42.77 51.43
CA GLU MC 124 86.14 -41.42 51.94
C GLU MC 124 85.72 -40.36 50.92
N GLN MC 125 85.77 -40.69 49.63
CA GLN MC 125 85.40 -39.74 48.58
C GLN MC 125 83.90 -39.43 48.57
N PHE MC 126 83.07 -40.29 49.16
CA PHE MC 126 81.65 -40.05 49.26
C PHE MC 126 81.23 -39.56 50.65
N VAL MC 127 82.19 -39.26 51.52
CA VAL MC 127 81.92 -38.76 52.85
C VAL MC 127 82.56 -37.38 52.99
N CYS MC 128 81.78 -36.42 53.48
CA CYS MC 128 82.27 -35.06 53.68
C CYS MC 128 83.34 -35.03 54.77
N ALA MC 129 84.41 -34.28 54.53
CA ALA MC 129 85.51 -34.23 55.48
C ALA MC 129 85.15 -33.40 56.70
N HIS MC 130 84.46 -32.29 56.49
CA HIS MC 130 84.14 -31.39 57.60
C HIS MC 130 82.80 -31.75 58.25
N THR MC 131 81.75 -31.87 57.43
CA THR MC 131 80.42 -32.17 57.93
C THR MC 131 80.30 -33.62 58.43
N GLY MC 132 80.95 -34.57 57.77
CA GLY MC 132 80.93 -35.95 58.20
C GLY MC 132 79.62 -36.68 57.98
N ILE MC 133 78.99 -36.43 56.83
CA ILE MC 133 77.77 -37.13 56.43
C ILE MC 133 78.01 -37.77 55.07
N ILE MC 134 77.16 -38.75 54.75
CA ILE MC 134 77.22 -39.39 53.43
C ILE MC 134 76.59 -38.46 52.41
N PHE MC 135 77.29 -38.24 51.30
CA PHE MC 135 76.77 -37.46 50.20
C PHE MC 135 75.60 -38.16 49.54
N HIS MC 136 74.57 -37.38 49.19
CA HIS MC 136 73.41 -37.95 48.52
C HIS MC 136 73.75 -38.28 47.07
N ALA MC 137 72.95 -39.15 46.48
CA ALA MC 137 73.15 -39.63 45.11
C ALA MC 137 73.12 -38.55 44.03
N PRO MC 138 72.23 -37.52 44.06
CA PRO MC 138 72.39 -36.45 43.07
C PRO MC 138 73.66 -35.64 43.21
N TYR MC 139 74.27 -35.60 44.39
CA TYR MC 139 75.52 -34.85 44.57
C TYR MC 139 76.68 -35.55 43.86
N THR MC 140 76.75 -36.88 43.97
CA THR MC 140 77.84 -37.61 43.35
C THR MC 140 77.52 -37.96 41.90
N GLY MC 141 76.44 -38.71 41.68
CA GLY MC 141 76.04 -39.13 40.35
C GLY MC 141 75.91 -40.62 40.15
N VAL MC 142 76.00 -41.41 41.22
CA VAL MC 142 75.93 -42.85 41.08
C VAL MC 142 74.47 -43.30 41.01
N CYS MC 143 74.26 -44.54 40.58
CA CYS MC 143 72.93 -45.10 40.53
C CYS MC 143 72.43 -45.45 41.93
N MET MC 144 71.13 -45.75 42.03
CA MET MC 144 70.51 -45.95 43.33
C MET MC 144 70.94 -47.26 43.98
N LYS MC 145 71.18 -48.30 43.17
CA LYS MC 145 71.64 -49.59 43.70
C LYS MC 145 73.02 -49.46 44.31
N GLN MC 146 73.93 -48.80 43.58
CA GLN MC 146 75.27 -48.57 44.12
C GLN MC 146 75.27 -47.54 45.24
N HIS MC 147 74.29 -46.63 45.28
CA HIS MC 147 74.20 -45.72 46.42
C HIS MC 147 73.75 -46.44 47.68
N LYS MC 148 72.83 -47.39 47.55
CA LYS MC 148 72.44 -48.24 48.67
C LYS MC 148 73.60 -49.11 49.12
N LYS MC 149 74.35 -49.64 48.15
CA LYS MC 149 75.55 -50.44 48.47
C LYS MC 149 76.60 -49.60 49.17
N LEU MC 150 76.77 -48.34 48.73
CA LEU MC 150 77.70 -47.41 49.38
C LEU MC 150 77.26 -47.08 50.79
N THR MC 151 75.95 -46.88 51.01
CA THR MC 151 75.44 -46.59 52.34
C THR MC 151 75.67 -47.76 53.28
N GLN MC 152 75.42 -48.98 52.81
CA GLN MC 152 75.67 -50.17 53.60
C GLN MC 152 77.17 -50.36 53.88
N ALA MC 153 78.01 -50.02 52.90
CA ALA MC 153 79.46 -50.17 53.07
C ALA MC 153 80.02 -49.17 54.07
N ILE MC 154 79.54 -47.92 54.01
CA ILE MC 154 79.99 -46.92 54.99
C ILE MC 154 79.46 -47.25 56.38
N GLN MC 155 78.24 -47.78 56.48
CA GLN MC 155 77.70 -48.20 57.77
C GLN MC 155 78.51 -49.36 58.36
N LYS MC 156 78.87 -50.33 57.52
CA LYS MC 156 79.68 -51.45 58.00
C LYS MC 156 81.10 -51.02 58.33
N ALA MC 157 81.66 -50.06 57.59
CA ALA MC 157 83.00 -49.55 57.90
C ALA MC 157 83.01 -48.76 59.20
N ARG MC 158 81.96 -47.98 59.47
CA ARG MC 158 81.88 -47.27 60.74
C ARG MC 158 81.62 -48.22 61.89
N ASP MC 159 80.87 -49.31 61.65
CA ASP MC 159 80.68 -50.33 62.68
C ASP MC 159 81.90 -51.19 62.90
N HIS MC 160 82.79 -51.29 61.91
CA HIS MC 160 84.05 -52.00 62.06
C HIS MC 160 85.22 -51.11 62.41
N GLY MC 161 84.99 -49.80 62.53
CA GLY MC 161 86.01 -48.88 62.99
C GLY MC 161 87.02 -48.44 61.96
N LEU MC 162 86.83 -48.80 60.69
CA LEU MC 162 87.79 -48.43 59.66
C LEU MC 162 87.63 -46.99 59.20
N LEU MC 163 86.52 -46.34 59.55
CA LEU MC 163 86.25 -44.97 59.13
C LEU MC 163 86.00 -44.11 60.36
N ARG MC 164 86.67 -42.97 60.44
CA ARG MC 164 86.47 -42.05 61.55
C ARG MC 164 85.13 -41.34 61.41
N TYR MC 165 84.41 -41.24 62.54
CA TYR MC 165 83.16 -40.49 62.58
C TYR MC 165 82.98 -39.98 64.01
N HIS MC 166 82.06 -39.03 64.18
CA HIS MC 166 81.92 -38.29 65.42
C HIS MC 166 81.27 -39.15 66.50
N ILE MC 167 81.91 -39.21 67.67
CA ILE MC 167 81.37 -39.88 68.85
C ILE MC 167 81.24 -38.83 69.95
N PRO MC 168 80.03 -38.43 70.32
CA PRO MC 168 79.88 -37.43 71.38
C PRO MC 168 80.16 -38.02 72.76
N GLN MC 169 80.56 -37.15 73.67
CA GLN MC 169 80.88 -37.55 75.03
C GLN MC 169 79.57 -37.71 75.80
N VAL MC 170 79.33 -38.91 76.32
CA VAL MC 170 78.08 -39.26 76.96
C VAL MC 170 78.30 -39.43 78.45
N GLU MC 171 77.42 -38.81 79.24
CA GLU MC 171 77.40 -38.93 80.69
C GLU MC 171 77.03 -40.35 81.11
N PRO MC 172 77.37 -40.78 82.32
CA PRO MC 172 76.92 -42.10 82.79
C PRO MC 172 75.40 -42.18 82.91
N ARG MC 173 74.89 -43.41 82.77
CA ARG MC 173 73.47 -43.64 82.57
C ARG MC 173 72.64 -43.30 83.81
N ASP MC 174 73.13 -43.65 84.99
CA ASP MC 174 72.40 -43.41 86.22
C ASP MC 174 73.15 -42.43 87.11
N LEU MC 175 72.42 -41.82 88.04
CA LEU MC 175 73.00 -40.85 88.96
C LEU MC 175 73.70 -41.54 90.12
N ASP MC 176 72.99 -42.43 90.79
CA ASP MC 176 73.53 -43.19 91.92
C ASP MC 176 73.63 -44.66 91.54
N PHE MC 177 74.76 -45.27 91.89
CA PHE MC 177 75.09 -46.64 91.51
C PHE MC 177 74.96 -47.52 92.75
N SER MC 178 73.76 -48.07 92.96
CA SER MC 178 73.46 -48.81 94.18
C SER MC 178 72.84 -50.15 93.84
N THR MC 179 73.33 -51.22 94.47
CA THR MC 179 72.81 -52.56 94.34
C THR MC 179 71.94 -52.92 95.56
N THR MC 180 71.81 -51.99 96.50
CA THR MC 180 71.23 -52.27 97.81
C THR MC 180 69.72 -52.53 97.72
N HIS MC 181 69.06 -51.98 96.70
CA HIS MC 181 67.63 -52.12 96.56
C HIS MC 181 67.26 -53.57 96.20
N GLY MC 182 66.04 -53.96 96.58
CA GLY MC 182 65.57 -55.33 96.42
C GLY MC 182 65.21 -55.71 95.00
N ALA MC 183 65.22 -54.75 94.07
CA ALA MC 183 64.99 -55.08 92.66
C ALA MC 183 66.16 -55.87 92.09
N VAL MC 184 67.39 -55.52 92.49
CA VAL MC 184 68.56 -56.22 91.98
C VAL MC 184 69.13 -57.18 93.03
N SER MC 185 68.94 -56.87 94.31
CA SER MC 185 69.40 -57.75 95.38
C SER MC 185 68.33 -58.78 95.70
N SER MC 186 68.76 -59.93 96.21
CA SER MC 186 67.85 -61.03 96.46
C SER MC 186 66.97 -60.76 97.68
N THR MC 187 65.68 -61.07 97.54
CA THR MC 187 64.70 -61.01 98.60
C THR MC 187 64.70 -62.32 99.39
N PRO MC 188 64.30 -62.29 100.66
CA PRO MC 188 64.11 -63.55 101.41
C PRO MC 188 63.00 -64.38 100.81
N PRO MC 189 63.17 -65.71 100.78
CA PRO MC 189 62.21 -66.56 100.07
C PRO MC 189 60.90 -66.70 100.83
N ALA MC 190 59.87 -67.15 100.11
CA ALA MC 190 58.56 -67.33 100.69
C ALA MC 190 58.51 -68.60 101.53
N PRO MC 191 57.65 -68.63 102.56
CA PRO MC 191 57.40 -69.91 103.26
C PRO MC 191 56.81 -70.99 102.38
N THR MC 192 56.03 -70.62 101.36
CA THR MC 192 55.61 -71.61 100.37
C THR MC 192 56.71 -71.93 99.36
N LEU MC 193 57.74 -71.09 99.25
CA LEU MC 193 58.82 -71.35 98.31
C LEU MC 193 59.84 -72.31 98.92
N VAL MC 194 60.13 -72.16 100.21
CA VAL MC 194 61.07 -73.06 100.87
C VAL MC 194 60.46 -74.45 101.05
N SER MC 195 59.14 -74.54 101.23
CA SER MC 195 58.51 -75.84 101.43
C SER MC 195 58.35 -76.62 100.13
N GLY MC 196 58.48 -75.96 98.99
CA GLY MC 196 58.32 -76.60 97.70
C GLY MC 196 56.90 -76.74 97.21
N ASP MC 197 55.92 -76.31 98.00
CA ASP MC 197 54.51 -76.30 97.66
C ASP MC 197 54.25 -75.16 96.69
N PRO MC 198 53.27 -75.32 95.79
CA PRO MC 198 52.75 -74.19 95.00
C PRO MC 198 52.39 -72.97 95.83
N TRP MC 199 52.32 -71.82 95.15
CA TRP MC 199 52.08 -70.54 95.83
C TRP MC 199 50.71 -70.49 96.48
N TYR MC 200 49.73 -71.17 95.91
CA TYR MC 200 48.41 -71.23 96.52
C TYR MC 200 48.01 -72.69 96.69
N PRO MC 201 47.18 -73.01 97.69
CA PRO MC 201 46.72 -74.41 97.83
C PRO MC 201 45.89 -74.92 96.67
N TRP MC 202 45.24 -74.01 95.93
CA TRP MC 202 44.38 -74.36 94.82
C TRP MC 202 45.12 -74.42 93.49
N TYR MC 203 46.44 -74.21 93.48
CA TYR MC 203 47.20 -74.36 92.25
C TYR MC 203 47.27 -75.82 91.82
N SER MC 204 47.25 -76.75 92.78
CA SER MC 204 47.22 -78.17 92.45
C SER MC 204 45.79 -78.66 92.25
N TRP MC 205 45.67 -79.97 92.08
CA TRP MC 205 44.37 -80.61 91.86
C TRP MC 205 43.91 -81.28 93.14
N LYS MC 206 42.62 -81.17 93.45
CA LYS MC 206 42.04 -81.74 94.65
C LYS MC 206 40.81 -82.56 94.26
N GLN MC 207 40.69 -83.74 94.85
CA GLN MC 207 39.61 -84.66 94.50
C GLN MC 207 38.29 -84.15 95.08
N PRO MC 208 37.29 -83.87 94.25
CA PRO MC 208 36.06 -83.23 94.74
C PRO MC 208 35.15 -84.23 95.45
N PRO MC 209 34.22 -83.75 96.28
CA PRO MC 209 33.32 -84.68 96.96
C PRO MC 209 32.31 -85.34 96.02
N GLU MC 210 32.08 -86.63 96.29
CA GLU MC 210 31.24 -87.46 95.43
C GLU MC 210 29.79 -86.98 95.40
N ARG MC 211 29.32 -86.35 96.48
CA ARG MC 211 27.98 -85.78 96.46
C ARG MC 211 27.90 -84.59 95.52
N GLU MC 212 28.98 -83.80 95.41
CA GLU MC 212 29.02 -82.72 94.43
C GLU MC 212 29.13 -83.25 93.00
N LEU MC 213 29.89 -84.34 92.78
CA LEU MC 213 29.85 -84.98 91.46
C LEU MC 213 28.47 -85.50 91.11
N SER MC 214 27.76 -86.11 92.06
CA SER MC 214 26.42 -86.62 91.81
C SER MC 214 25.43 -85.48 91.58
N ARG MC 215 25.62 -84.36 92.28
CA ARG MC 215 24.77 -83.19 92.06
C ARG MC 215 24.98 -82.59 90.68
N LEU MC 216 26.23 -82.51 90.23
CA LEU MC 216 26.49 -82.00 88.89
C LEU MC 216 26.02 -82.98 87.81
N ARG MC 217 26.12 -84.28 88.06
CA ARG MC 217 25.54 -85.27 87.15
C ARG MC 217 24.03 -85.17 87.08
N ARG MC 218 23.36 -84.90 88.20
CA ARG MC 218 21.91 -84.69 88.20
C ARG MC 218 21.54 -83.44 87.43
N LEU MC 219 22.30 -82.36 87.59
CA LEU MC 219 21.92 -81.09 86.97
C LEU MC 219 22.26 -81.10 85.47
N TYR MC 220 23.35 -81.79 85.09
CA TYR MC 220 23.74 -81.90 83.69
C TYR MC 220 23.56 -83.31 83.13
N GLN MC 221 22.53 -84.04 83.59
CA GLN MC 221 22.18 -85.30 82.97
C GLN MC 221 21.69 -85.09 81.54
N GLY MC 222 21.93 -86.10 80.69
CA GLY MC 222 21.63 -86.02 79.29
C GLY MC 222 22.70 -85.37 78.44
N ARG MC 223 23.32 -84.30 78.93
CA ARG MC 223 24.42 -83.63 78.24
C ARG MC 223 25.76 -83.86 78.92
N LEU MC 224 25.93 -84.99 79.60
CA LEU MC 224 27.14 -85.25 80.36
C LEU MC 224 28.27 -85.73 79.44
N ARG MC 225 29.50 -85.55 79.92
CA ARG MC 225 30.70 -86.01 79.25
C ARG MC 225 31.49 -86.85 80.24
N GLU MC 226 32.28 -87.79 79.71
CA GLU MC 226 32.99 -88.74 80.54
C GLU MC 226 34.06 -88.06 81.40
N GLU MC 227 34.09 -88.43 82.68
CA GLU MC 227 34.99 -87.77 83.63
C GLU MC 227 36.42 -88.28 83.45
N SER MC 228 37.36 -87.51 83.98
CA SER MC 228 38.77 -87.85 83.96
C SER MC 228 39.34 -87.78 85.37
N GLY MC 229 40.45 -88.50 85.58
CA GLY MC 229 41.06 -88.56 86.88
C GLY MC 229 42.05 -87.44 87.13
N PRO MC 230 43.04 -87.69 87.99
CA PRO MC 230 44.04 -86.67 88.26
C PRO MC 230 44.96 -86.48 87.06
N PRO MC 231 45.47 -85.28 86.86
CA PRO MC 231 46.40 -85.03 85.75
C PRO MC 231 47.79 -85.56 86.08
N PRO MC 232 48.59 -85.90 85.06
CA PRO MC 232 49.96 -86.33 85.31
C PRO MC 232 50.84 -85.19 85.82
N GLU MC 233 51.87 -85.55 86.58
CA GLU MC 233 52.77 -84.55 87.14
C GLU MC 233 53.71 -83.99 86.08
N LEU MC 234 54.38 -84.87 85.33
CA LEU MC 234 55.33 -84.47 84.29
C LEU MC 234 54.98 -85.16 82.99
N MET MC 235 55.00 -84.41 81.89
CA MET MC 235 54.72 -84.99 80.57
C MET MC 235 55.94 -85.72 80.04
N PRO MC 236 55.78 -86.89 79.43
CA PRO MC 236 56.83 -87.43 78.57
C PRO MC 236 56.79 -86.78 77.19
N GLU MC 237 57.87 -86.97 76.45
CA GLU MC 237 58.04 -86.37 75.14
C GLU MC 237 57.82 -87.44 74.07
N VAL MC 238 57.35 -87.02 72.89
CA VAL MC 238 57.16 -87.93 71.77
C VAL MC 238 58.52 -88.31 71.17
N PHE NC 63 -19.52 -50.51 -19.02
CA PHE NC 63 -20.15 -49.91 -20.18
C PHE NC 63 -19.68 -48.49 -20.43
N LYS NC 64 -19.88 -48.03 -21.67
CA LYS NC 64 -19.66 -46.64 -22.02
C LYS NC 64 -20.88 -46.14 -22.79
N THR NC 65 -21.43 -45.01 -22.34
CA THR NC 65 -22.63 -44.44 -22.96
C THR NC 65 -22.21 -43.44 -24.04
N LYS NC 66 -22.63 -43.69 -25.28
CA LYS NC 66 -22.17 -42.91 -26.42
C LYS NC 66 -23.34 -42.53 -27.33
N GLY NC 67 -23.07 -41.57 -28.22
CA GLY NC 67 -24.07 -41.14 -29.17
C GLY NC 67 -24.05 -41.89 -30.48
N VAL NC 68 -22.87 -42.21 -31.01
CA VAL NC 68 -22.72 -43.01 -32.22
C VAL NC 68 -21.88 -44.22 -31.83
N LEU NC 69 -22.10 -45.35 -32.48
CA LEU NC 69 -21.50 -46.60 -32.06
C LEU NC 69 -20.59 -47.13 -33.16
N LYS NC 70 -19.45 -47.69 -32.76
CA LYS NC 70 -18.55 -48.33 -33.71
C LYS NC 70 -17.88 -49.51 -33.05
N LYS NC 71 -17.38 -50.42 -33.88
CA LYS NC 71 -16.65 -51.59 -33.39
C LYS NC 71 -15.18 -51.24 -33.26
N ARG NC 72 -14.64 -51.38 -32.04
CA ARG NC 72 -13.22 -51.15 -31.83
C ARG NC 72 -12.36 -52.34 -32.21
N CYS NC 73 -12.97 -53.52 -32.39
CA CYS NC 73 -12.28 -54.68 -32.94
C CYS NC 73 -13.32 -55.50 -33.71
N ARG NC 74 -12.86 -56.56 -34.35
CA ARG NC 74 -13.71 -57.35 -35.22
C ARG NC 74 -14.65 -58.29 -34.46
N ASP NC 75 -14.46 -58.47 -33.16
CA ASP NC 75 -15.30 -59.37 -32.38
C ASP NC 75 -16.51 -58.66 -31.77
N CYS NC 76 -16.60 -57.34 -31.89
CA CYS NC 76 -17.77 -56.63 -31.39
C CYS NC 76 -18.97 -56.88 -32.29
N TYR NC 77 -20.15 -56.91 -31.67
CA TYR NC 77 -21.38 -57.09 -32.43
C TYR NC 77 -22.45 -56.14 -31.94
N LEU NC 78 -23.39 -55.86 -32.85
CA LEU NC 78 -24.55 -55.01 -32.66
C LEU NC 78 -25.69 -55.87 -32.15
N VAL NC 79 -26.35 -55.45 -31.08
CA VAL NC 79 -27.61 -56.08 -30.69
C VAL NC 79 -28.59 -55.02 -30.22
N LYS NC 80 -29.85 -55.17 -30.60
CA LYS NC 80 -30.91 -54.26 -30.19
C LYS NC 80 -31.63 -54.86 -28.99
N ARG NC 81 -31.34 -54.33 -27.81
CA ARG NC 81 -31.95 -54.80 -26.57
C ARG NC 81 -32.53 -53.61 -25.83
N ARG NC 82 -33.74 -53.82 -25.28
CA ARG NC 82 -34.49 -52.81 -24.51
C ARG NC 82 -34.72 -51.53 -25.30
N GLY NC 83 -34.89 -51.69 -26.62
CA GLY NC 83 -35.08 -50.56 -27.50
C GLY NC 83 -33.84 -49.75 -27.81
N ARG NC 84 -32.66 -50.22 -27.41
CA ARG NC 84 -31.42 -49.47 -27.62
C ARG NC 84 -30.38 -50.37 -28.26
N TRP NC 85 -29.37 -49.74 -28.86
CA TRP NC 85 -28.33 -50.44 -29.59
C TRP NC 85 -27.08 -50.61 -28.74
N PHE NC 86 -26.48 -51.80 -28.83
CA PHE NC 86 -25.39 -52.24 -27.97
C PHE NC 86 -24.24 -52.77 -28.80
N ILE NC 87 -23.03 -52.26 -28.50
CA ILE NC 87 -21.77 -52.90 -28.85
C ILE NC 87 -21.43 -53.86 -27.73
N TYR NC 88 -21.48 -55.15 -28.02
CA TYR NC 88 -21.06 -56.17 -27.07
C TYR NC 88 -19.83 -56.89 -27.61
N CYS NC 89 -18.86 -57.13 -26.74
CA CYS NC 89 -17.59 -57.74 -27.13
C CYS NC 89 -17.20 -58.76 -26.08
N LYS NC 90 -16.76 -59.95 -26.52
CA LYS NC 90 -16.48 -61.02 -25.59
C LYS NC 90 -15.00 -61.11 -25.24
N THR NC 91 -14.12 -60.98 -26.24
CA THR NC 91 -12.68 -61.10 -25.99
C THR NC 91 -12.15 -59.90 -25.23
N ASN NC 92 -12.58 -58.70 -25.60
CA ASN NC 92 -12.22 -57.49 -24.88
C ASN NC 92 -13.47 -56.88 -24.27
N PRO NC 93 -13.75 -57.12 -22.98
CA PRO NC 93 -14.98 -56.57 -22.38
C PRO NC 93 -14.99 -55.06 -22.21
N LYS NC 94 -13.84 -54.40 -22.39
CA LYS NC 94 -13.76 -52.94 -22.31
C LYS NC 94 -14.45 -52.24 -23.48
N HIS NC 95 -14.83 -52.96 -24.52
CA HIS NC 95 -15.49 -52.39 -25.69
C HIS NC 95 -17.01 -52.37 -25.54
N LYS NC 96 -17.54 -52.56 -24.34
CA LYS NC 96 -18.99 -52.57 -24.16
C LYS NC 96 -19.54 -51.15 -24.24
N GLN NC 97 -20.33 -50.87 -25.28
CA GLN NC 97 -20.86 -49.53 -25.49
C GLN NC 97 -22.36 -49.57 -25.71
N ARG NC 98 -23.03 -48.48 -25.35
CA ARG NC 98 -24.49 -48.37 -25.35
C ARG NC 98 -24.89 -47.03 -25.94
N GLN NC 99 -25.85 -47.03 -26.87
CA GLN NC 99 -26.30 -45.75 -27.41
C GLN NC 99 -27.20 -45.04 -26.41
N MET NC 100 -27.18 -43.72 -26.45
CA MET NC 100 -28.05 -42.93 -25.58
C MET NC 100 -29.17 -42.28 -26.36
MG MG PC . -22.90 12.09 -45.01
MG MG QC . -12.22 11.09 -113.25
MG MG RC . -6.25 39.69 43.97
MG MG SC . -12.94 40.95 38.30
MG MG TC . -8.07 29.35 26.13
MG MG UC . -38.55 -12.49 25.67
MG MG VC . -43.92 29.64 -17.17
MG MG WC . -58.45 59.84 -43.93
MG MG XC . -63.79 14.77 -25.76
MG MG YC . -56.45 -33.50 29.13
MG MG ZC . -61.34 -0.10 -42.93
MG MG AD . -62.80 -3.39 -41.91
MG MG BD . -53.64 37.05 45.62
MG MG CD . -68.51 42.13 -47.15
MG MG DD . -44.19 -15.63 -21.42
MG MG ED . -40.02 -14.96 -26.99
ZN ZN FD . -43.61 -58.15 -54.50
N1 SPM GD . 48.05 20.75 56.64
C2 SPM GD . 46.91 19.82 56.53
C3 SPM GD . 47.04 18.93 55.30
C4 SPM GD . 45.95 17.86 55.33
N5 SPM GD . 45.75 17.25 54.02
C6 SPM GD . 44.66 16.25 54.09
C7 SPM GD . 43.30 16.90 53.86
C8 SPM GD . 42.21 15.83 53.86
C9 SPM GD . 41.77 15.55 52.41
N10 SPM GD . 40.35 15.23 52.35
C11 SPM GD . 39.99 14.87 50.97
C12 SPM GD . 38.50 14.55 50.86
C13 SPM GD . 38.23 13.84 49.54
N14 SPM GD . 36.88 13.26 49.52
MG MG HD . 71.26 -29.92 23.17
MG MG ID . 36.42 15.89 23.45
MG MG JD . 23.05 36.25 22.06
MG MG KD . 34.70 10.87 32.47
MG MG LD . 49.53 -30.66 22.65
MG MG MD . 30.77 22.70 12.04
MG MG ND . 16.05 -38.20 58.34
MG MG OD . 40.49 -47.06 40.34
MG MG PD . 43.01 -47.62 35.20
MG MG QD . 46.53 13.44 8.64
MG MG RD . 27.49 -51.70 37.71
MG MG SD . 61.17 1.87 18.01
MG MG TD . 59.18 19.61 27.33
MG MG UD . 26.65 28.94 33.44
MG MG VD . 28.72 4.61 33.72
MG MG WD . 46.87 13.22 52.87
MG MG XD . 44.79 23.86 37.02
MG MG YD . 30.84 23.50 39.33
MG MG ZD . 43.99 16.94 13.41
MG MG AE . 42.99 16.57 59.53
MG MG BE . 77.86 0.42 -43.94
MG MG CE . 57.54 13.10 -35.18
MG MG DE . 19.36 -45.16 49.75
MG MG EE . 78.50 -13.48 -42.88
MG MG FE . 92.40 11.31 -8.91
MG MG GE . 28.93 -30.81 51.34
MG MG HE . 27.03 -6.56 39.03
MG MG IE . 66.08 -11.25 -15.39
MG MG JE . 30.74 41.59 -4.49
MG MG KE . 68.02 -18.02 -41.15
MG MG LE . 62.00 -30.24 20.40
MG MG ME . 59.23 19.27 -32.89
MG MG NE . 67.02 -9.75 -9.84
MG MG OE . 69.23 -27.09 -28.27
MG MG PE . 68.36 -23.85 -42.21
MG MG QE . 53.26 -1.42 3.68
MG MG RE . 50.34 6.35 35.49
MG MG SE . 76.83 19.63 -32.38
MG MG TE . 36.22 -53.77 34.53
MG MG UE . 44.30 19.04 5.59
MG MG VE . 72.17 -9.81 -9.49
MG MG WE . 64.06 -32.98 2.39
MG MG XE . 69.89 5.44 -27.69
MG MG YE . 21.37 -50.07 58.62
MG MG ZE . 42.82 47.27 33.59
MG MG AF . 29.58 -30.21 77.93
MG MG BF . 74.10 -11.52 -60.40
MG MG CF . 32.56 27.84 11.21
MG MG DF . 52.51 8.01 2.80
MG MG EF . 30.88 -66.99 56.91
MG MG FF . 61.08 -36.55 13.33
MG MG GF . 33.06 56.01 26.78
MG MG HF . 48.00 16.49 44.57
MG MG IF . 42.33 22.33 19.52
MG MG JF . 33.06 -41.92 60.55
MG MG KF . 60.77 -12.73 33.32
MG MG LF . 61.94 -8.45 -27.88
MG MG MF . 40.55 11.38 38.53
MG MG NF . 94.35 3.92 8.90
MG MG OF . 46.78 17.68 12.63
MG MG PF . 45.16 30.20 59.49
MG MG QF . 56.11 15.53 20.95
MG MG RF . 51.71 17.04 17.64
MG MG SF . 28.34 25.73 3.70
MG MG TF . 54.98 -6.55 41.83
MG MG UF . 62.82 -10.53 17.45
MG MG VF . 56.84 -3.18 22.83
MG MG WF . 36.40 -64.57 68.24
MG MG XF . 36.89 -66.95 71.51
MG MG YF . 27.25 39.16 43.72
MG MG ZF . 18.28 32.07 30.10
MG MG AG . 17.69 -38.49 57.97
MG MG BG . 57.52 3.06 -35.49
MG MG CG . 21.49 49.14 24.15
MG MG DG . 16.90 -61.59 75.51
MG MG EG . 31.82 37.06 13.89
MG MG FG . 75.37 -23.17 -19.48
MG MG GG . 29.06 -35.08 87.63
MG MG HG . 85.26 7.99 -17.00
MG MG IG . 54.33 -22.23 7.38
MG MG JG . 42.15 -8.93 33.48
MG MG KG . 28.24 -52.39 49.37
MG MG LG . 54.27 22.51 8.64
MG MG MG . 45.27 11.36 38.56
MG MG NG . 89.18 11.65 5.14
MG MG OG . 67.74 19.55 -51.11
MG MG PG . 49.65 28.62 49.03
MG MG QG . 94.60 19.41 -13.26
MG MG RG . 102.46 16.50 -18.53
MG MG SG . 46.66 -53.65 58.46
MG MG TG . 24.19 -22.14 52.94
MG MG UG . 61.73 -10.99 -19.82
MG MG VG . 43.03 2.86 0.49
MG MG WG . 83.46 3.70 17.32
MG MG XG . 74.68 7.17 29.08
MG MG YG . 54.67 -48.06 39.13
MG MG ZG . 55.73 -36.01 17.87
MG MG AH . 65.74 -0.94 -12.98
MG MG BH . 67.03 -18.19 -20.08
MG MG CH . 60.73 21.07 -57.03
MG MG DH . 79.57 -25.63 -24.52
MG MG EH . 33.40 -54.63 35.35
MG MG FH . 69.82 21.73 -17.89
MG MG GH . 65.64 19.21 -36.74
ZN ZN HH . -90.50 -20.22 45.78
MG MG IH . 94.46 28.80 40.44
MG MG JH . 37.90 -50.63 27.73
MG MG KH . 42.11 -48.49 23.53
ZN ZN LH . 63.03 51.87 49.70
ZN ZN MH . 56.15 -53.22 60.89
PG GTP NH . 84.34 41.92 -63.22
O1G GTP NH . 82.89 42.00 -63.64
O2G GTP NH . 84.55 40.71 -62.35
O3G GTP NH . 85.22 41.81 -64.44
O3B GTP NH . 84.75 43.24 -62.38
PB GTP NH . 84.75 44.70 -63.06
O1B GTP NH . 83.87 44.72 -64.28
O2B GTP NH . 86.16 45.11 -63.41
O3A GTP NH . 84.13 45.68 -61.94
PA GTP NH . 82.90 46.66 -62.29
O1A GTP NH . 83.29 47.61 -63.39
O2A GTP NH . 81.67 45.88 -62.68
O5' GTP NH . 82.64 47.48 -60.93
C5' GTP NH . 83.75 48.03 -60.25
C4' GTP NH . 83.32 49.05 -59.21
O4' GTP NH . 84.43 49.86 -58.95
C3' GTP NH . 82.22 49.95 -59.74
O3' GTP NH . 80.99 49.69 -59.09
C2' GTP NH . 82.68 51.36 -59.40
O2' GTP NH . 82.02 51.83 -58.26
C1' GTP NH . 84.18 51.24 -59.15
N9 GTP NH . 84.91 51.64 -60.36
C8 GTP NH . 85.75 50.83 -61.07
N7 GTP NH . 86.26 51.51 -62.10
C5 GTP NH . 85.77 52.76 -62.08
C6 GTP NH . 85.98 53.86 -62.90
O6 GTP NH . 86.73 53.75 -63.87
N1 GTP NH . 85.34 55.05 -62.64
C2 GTP NH . 84.49 55.14 -61.54
N2 GTP NH . 83.87 56.28 -61.29
N3 GTP NH . 84.30 54.05 -60.73
C4 GTP NH . 84.92 52.87 -60.98
MG MG OH . 82.52 43.39 -65.19
MG MG PH . 68.24 24.55 21.73
MG MG QH . 38.41 0.16 20.97
ZN ZN RH . 75.62 -47.44 38.18
ZN ZN SH . -14.15 -55.65 -29.40
MG MG TH . -18.35 19.13 14.41
MG MG UH . -29.01 0.21 -19.73
MG MG VH . -38.61 0.55 -17.14
MG MG WH . -28.11 7.56 24.61
MG MG XH . -50.48 27.68 -1.91
MG MG YH . -51.15 27.64 -9.86
MG MG ZH . -39.85 13.51 -2.31
MG MG AI . -28.69 12.23 -3.22
MG MG BI . -33.87 -13.55 0.63
MG MG CI . -42.83 -12.13 4.88
MG MG DI . -67.06 -19.54 -2.21
MG MG EI . -48.22 -18.24 -13.45
MG MG FI . -25.88 -29.23 40.36
MG MG GI . -47.97 7.93 -11.51
MG MG HI . -50.72 1.25 -3.31
MG MG II . -56.68 8.55 -10.59
MG MG JI . -57.09 2.84 -2.29
MG MG KI . -46.95 6.56 -10.38
MG MG LI . -11.55 0.03 31.21
MG MG MI . -24.66 -7.66 32.04
MG MG NI . -15.83 -12.31 37.78
MG MG OI . -32.20 41.64 -6.91
MG MG PI . -59.58 -8.88 25.68
MG MG QI . -67.81 -9.30 26.10
MG MG RI . -64.37 5.07 10.41
MG MG SI . -37.11 -3.87 -29.11
MG MG TI . -39.42 6.51 -23.55
MG MG UI . -39.84 20.08 -19.76
MG MG VI . -41.92 15.89 -26.93
MG MG WI . -46.36 15.91 -23.00
MG MG XI . -27.13 -10.91 -22.97
MG MG YI . -73.88 30.14 7.36
MG MG ZI . -58.21 6.36 2.94
MG MG AJ . -17.04 11.33 33.17
MG MG BJ . -12.45 11.15 28.73
MG MG CJ . -71.81 24.27 -11.54
MG MG DJ . -50.41 -19.45 -5.94
MG MG EJ . -22.98 2.53 23.82
MG MG FJ . -34.17 -23.45 23.58
MG MG GJ . -70.86 -3.32 14.96
MG MG HJ . -67.69 3.63 15.29
MG MG IJ . -54.60 14.46 -16.68
MG MG JJ . -60.84 -10.37 14.69
MG MG KJ . -33.56 21.96 -19.24
MG MG LJ . -30.37 11.43 21.75
MG MG MJ . -61.23 -22.59 -16.69
MG MG NJ . -83.31 2.98 2.76
MG MG OJ . -31.42 -6.40 -12.40
MG MG PJ . -72.50 -19.32 -13.55
MG MG QJ . -46.84 -2.62 1.11
MG MG RJ . -41.37 -7.12 13.04
MG MG SJ . 7.52 22.27 13.59
MG MG TJ . -38.98 22.86 -54.96
MG MG UJ . -60.92 -16.09 -29.02
MG MG VJ . -66.07 11.34 -16.87
MG MG WJ . -29.53 29.20 -26.65
MG MG XJ . -40.38 -17.67 30.97
MG MG YJ . -3.86 12.42 37.91
MG MG ZJ . -50.56 13.73 25.69
MG MG AK . -23.69 5.59 -18.88
MG MG BK . -42.71 11.11 -5.29
MG MG CK . -60.09 38.72 56.43
MG MG DK . -32.73 -9.93 6.73
MG MG EK . -43.31 23.61 17.08
MG MG FK . -67.35 8.40 -37.62
MG MG GK . -33.61 27.46 -10.84
MG MG HK . -44.09 3.42 -40.37
MG MG IK . -25.46 21.29 -13.64
MG MG JK . -16.91 15.91 -18.92
MG MG KK . -69.89 31.91 1.28
MG MG LK . 0.28 -62.81 8.14
MG MG MK . -38.20 34.67 -14.49
MG MG NK . -28.64 16.17 29.21
MG MG OK . -72.38 -18.13 -40.01
MG MG PK . -73.97 13.63 -6.04
MG MG QK . -33.11 37.80 -24.77
MG MG RK . -27.86 15.96 -18.39
MG MG SK . -25.48 39.62 -69.58
MG MG TK . -48.02 -19.93 28.72
MG MG UK . -34.43 -5.27 19.93
MG MG VK . -33.26 -35.16 -0.09
MG MG WK . -55.77 -8.64 -6.19
MG MG XK . -55.29 -1.02 -8.93
MG MG YK . -30.19 -72.42 -33.58
MG MG ZK . -47.96 -8.28 -13.61
MG MG AL . -35.79 -30.74 2.75
MG MG BL . -48.09 1.77 -6.24
MG MG CL . -53.89 6.27 2.87
MG MG DL . -21.20 -22.05 17.06
MG MG EL . 7.82 23.01 28.21
MG MG FL . -55.44 -7.43 -21.53
MG MG GL . 1.51 16.51 25.22
MG MG HL . -17.56 -19.04 20.78
MG MG IL . -37.40 -42.54 20.47
MG MG JL . -48.31 32.66 3.90
MG MG KL . -36.41 -8.55 -2.84
MG MG LL . -56.19 35.49 1.92
MG MG ML . -72.49 19.07 43.82
MG MG NL . -29.79 -40.64 -12.85
MG MG OL . -22.25 13.71 53.05
MG MG PL . -37.90 36.73 30.34
MG MG QL . -28.27 24.60 -39.13
MG MG RL . -41.44 -8.53 -10.04
MG MG SL . -4.06 -0.50 5.83
MG MG TL . -22.19 -46.13 -2.99
MG MG UL . -77.06 -9.05 -38.61
MG MG VL . -71.30 -37.97 27.66
MG MG WL . -33.42 -18.55 39.32
MG MG XL . -44.06 -8.38 0.53
MG MG YL . -9.97 17.12 22.67
MG MG ZL . -24.18 23.59 27.86
MG MG AM . -52.65 31.43 47.26
MG MG BM . -10.70 23.73 20.16
MG MG CM . 1.81 13.31 5.38
MG MG DM . -20.08 0.28 13.63
MG MG EM . -42.86 45.64 -7.13
MG MG FM . 0.02 24.12 10.99
MG MG GM . -39.36 -4.12 20.13
MG MG HM . 10.00 0.09 17.51
MG MG IM . -0.42 -25.07 22.70
MG MG JM . -16.00 13.26 45.07
MG MG KM . -21.75 5.59 42.31
MG MG LM . -35.78 -5.61 -37.98
MG MG MM . -35.06 36.87 -5.50
MG MG NM . -36.47 31.57 32.82
MG MG OM . -18.11 -10.83 35.62
MG MG PM . -17.28 -4.65 35.40
MG MG QM . -56.31 30.25 26.49
MG MG RM . -41.63 3.45 -67.80
MG MG SM . -63.52 42.22 -34.49
MG MG TM . -60.05 -16.54 11.55
MG MG UM . -54.72 65.90 -20.97
MG MG VM . -1.41 14.16 10.13
MG MG WM . -60.71 -8.69 34.94
MG MG XM . -58.02 -13.83 38.57
MG MG YM . -58.73 -3.41 41.67
MG MG ZM . -50.21 12.78 -64.99
MG MG AN . -50.15 -12.83 15.14
MG MG BN . -49.19 22.56 23.70
MG MG CN . -15.95 7.44 40.84
MG MG DN . -55.73 -49.80 3.66
MG MG EN . -15.77 2.57 4.76
MG MG FN . -28.28 15.07 -40.59
MG MG GN . -49.88 -14.90 5.74
MG MG HN . -69.24 29.31 7.85
MG MG IN . -27.42 24.99 -30.32
MG MG JN . -36.04 32.26 -7.76
MG MG KN . -36.72 30.68 -11.34
MG MG LN . -67.97 30.05 -23.58
MG MG MN . 6.05 35.63 2.48
MG MG NN . 9.48 37.19 1.81
MG MG ON . -14.70 37.46 -7.63
MG MG PN . -58.78 23.33 34.48
MG MG QN . -56.92 24.24 53.55
MG MG RN . -72.76 5.10 33.25
MG MG SN . -19.98 -29.38 -38.28
MG MG TN . -29.08 -14.29 -7.99
MG MG UN . -26.39 -7.60 -9.27
MG MG VN . -17.46 7.38 29.60
MG MG WN . -29.79 53.66 -24.73
MG MG XN . -35.85 3.95 35.21
MG MG YN . -38.63 -29.55 34.37
MG MG ZN . -55.15 -34.35 -16.91
MG MG AO . -25.92 31.61 -1.53
MG MG BO . -23.22 33.02 -0.61
MG MG CO . -85.41 27.95 -23.05
MG MG DO . -60.26 -20.46 -15.22
MG MG EO . -55.02 5.04 -34.12
MG MG FO . -80.09 -4.16 -46.71
MG MG GO . -9.38 -65.32 -47.26
MG MG HO . -32.13 3.54 41.53
MG MG IO . -24.58 -67.33 -25.26
MG MG JO . -21.28 9.82 30.00
MG MG KO . -32.65 36.67 -24.17
MG MG LO . -32.51 -16.28 -10.11
MG MG MO . -26.49 33.36 13.74
MG MG NO . -31.17 33.42 2.47
MG MG OO . -34.77 -9.67 35.84
MG MG PO . -26.87 -38.93 -16.96
MG MG QO . -29.90 -22.13 -24.52
MG MG RO . 1.65 -67.28 -59.46
MG MG SO . 1.76 -41.66 -27.23
MG MG TO . -54.58 48.14 64.00
MG MG UO . -19.66 -59.87 6.82
MG MG VO . -26.87 26.34 -26.20
MG MG WO . -48.64 -3.61 -14.01
MG MG XO . -65.60 25.96 -28.57
MG MG YO . -34.69 4.34 1.45
MG MG ZO . -50.02 8.98 -26.18
MG MG AP . -49.04 25.05 -37.22
P 5GP BP . -16.31 44.76 -23.54
O1P 5GP BP . -15.70 45.83 -22.66
O2P 5GP BP . -15.58 44.51 -24.83
O3P 5GP BP . -16.72 43.51 -22.80
O5' 5GP BP . -17.70 45.40 -23.99
C5' 5GP BP . -18.43 44.85 -25.09
C4' 5GP BP . -19.78 44.35 -24.65
O4' 5GP BP . -20.69 44.35 -25.79
C3' 5GP BP . -19.80 42.92 -24.09
O3' 5GP BP . -20.77 42.83 -23.04
C2' 5GP BP . -20.29 42.10 -25.29
O2' 5GP BP . -20.89 40.88 -24.95
C1' 5GP BP . -21.26 43.07 -25.95
N9 5GP BP . -21.49 42.83 -27.38
C8 5GP BP . -22.71 42.64 -27.92
N7 5GP BP . -22.58 42.46 -29.25
C5 5GP BP . -21.26 42.55 -29.55
C6 5GP BP . -20.55 42.44 -30.73
O6 5GP BP . -21.15 42.23 -31.81
N1 5GP BP . -19.22 42.58 -30.72
C2 5GP BP . -18.57 42.81 -29.57
N2 5GP BP . -17.23 42.94 -29.59
N3 5GP BP . -19.24 42.92 -28.40
C4 5GP BP . -20.58 42.79 -28.36
P 5GP CP . -56.05 3.86 -28.47
O1P 5GP CP . -56.34 3.50 -27.04
O2P 5GP CP . -57.05 4.80 -29.08
O3P 5GP CP . -55.69 2.68 -29.34
O5' 5GP CP . -54.71 4.71 -28.38
C5' 5GP CP . -54.68 5.96 -27.70
C4' 5GP CP . -53.28 6.50 -27.58
O4' 5GP CP . -52.68 6.58 -28.90
C3' 5GP CP . -53.17 7.89 -26.98
O3' 5GP CP . -51.94 8.01 -26.27
C2' 5GP CP . -53.13 8.78 -28.22
O2' 5GP CP . -52.53 10.04 -28.03
C1' 5GP CP . -52.31 7.91 -29.18
N9 5GP CP . -52.58 8.17 -30.59
C8 5GP CP . -53.59 7.65 -31.30
N7 5GP CP . -53.51 8.09 -32.58
C5 5GP CP . -52.42 8.88 -32.67
C6 5GP CP . -51.85 9.59 -33.71
O6 5GP CP . -52.36 9.55 -34.85
N1 5GP CP . -50.72 10.29 -33.49
C2 5GP CP . -50.17 10.32 -32.28
N2 5GP CP . -49.04 11.05 -32.09
N3 5GP CP . -50.71 9.64 -31.24
C4 5GP CP . -51.82 8.91 -31.42
N1 SPM DP . -54.22 4.76 26.05
C2 SPM DP . -55.68 4.83 26.21
C3 SPM DP . -56.07 6.08 26.99
C4 SPM DP . -55.61 5.95 28.44
N5 SPM DP . -56.27 6.94 29.29
C6 SPM DP . -57.69 6.61 29.43
C7 SPM DP . -57.97 6.01 30.81
C8 SPM DP . -59.44 6.24 31.17
C9 SPM DP . -59.71 7.75 31.29
N10 SPM DP . -61.11 8.06 31.02
C11 SPM DP . -61.29 9.51 30.89
C12 SPM DP . -62.50 9.83 30.03
C13 SPM DP . -62.65 11.35 29.90
N14 SPM DP . -63.51 11.70 28.77
N1 SPM EP . -59.93 -30.21 35.80
C2 SPM EP . -58.78 -30.23 36.71
C3 SPM EP . -58.75 -29.01 37.60
C4 SPM EP . -60.12 -28.85 38.28
N5 SPM EP . -60.15 -27.71 39.20
C6 SPM EP . -61.38 -27.75 39.99
C7 SPM EP . -61.39 -28.96 40.94
C8 SPM EP . -62.83 -29.29 41.35
C9 SPM EP . -63.02 -28.98 42.83
N10 SPM EP . -62.49 -30.06 43.66
C11 SPM EP . -63.47 -31.15 43.73
C12 SPM EP . -62.83 -32.50 43.41
C13 SPM EP . -63.85 -33.62 43.58
N14 SPM EP . -63.30 -34.91 43.15
MG MG FP . -65.52 12.58 -4.16
MG MG GP . -70.86 -3.47 -43.49
MG MG HP . -39.60 0.79 -6.26
MG MG IP . -43.55 1.94 -19.19
MG MG JP . -28.41 -27.04 35.69
MG MG KP . -21.80 17.83 10.16
MG MG LP . -20.69 12.74 8.90
#